data_9P8I
#
_entry.id   9P8I
#
_cell.length_a   1.00
_cell.length_b   1.00
_cell.length_c   1.00
_cell.angle_alpha   90.00
_cell.angle_beta   90.00
_cell.angle_gamma   90.00
#
_symmetry.space_group_name_H-M   'P 1'
#
loop_
_entity.id
_entity.type
_entity.pdbx_description
1 polymer 'P site tRNA [Homo sapiens]'
2 polymer '28S rRNA [Homo sapiens]'
3 polymer '5S rRNA [Homo sapiens]'
4 polymer '5.8S rRNA [Homo sapiens]'
5 polymer '60S ribosomal protein L8'
6 polymer 'Large ribosomal subunit protein uL3'
7 polymer '60S ribosomal protein L4'
8 polymer 'Large ribosomal subunit protein uL18'
9 polymer 'Large ribosomal subunit protein eL6'
10 polymer '60S ribosomal protein L7'
11 polymer '60S ribosomal protein L7a'
12 polymer '60S ribosomal protein L9'
13 polymer 'Ribosomal protein uL16-like'
14 polymer '60S ribosomal protein L11'
15 polymer 'Large ribosomal subunit protein eL13'
16 polymer '60S ribosomal protein L14'
17 polymer '60S ribosomal protein L15'
18 polymer '60S ribosomal protein L13a'
19 polymer '60S ribosomal protein L17'
20 polymer '60S ribosomal protein L18'
21 polymer '60S ribosomal protein L19'
22 polymer '60S ribosomal protein L18a'
23 polymer '60S ribosomal protein L21'
24 polymer 'Heparin-binding protein HBp15'
25 polymer '60S ribosomal protein L23'
26 polymer 'Ribosomal protein L24'
27 polymer '60S ribosomal protein L23a'
28 polymer '60S ribosomal protein L26'
29 polymer '60S ribosomal protein L27'
30 polymer '60S ribosomal protein L27a'
31 polymer 'Large ribosomal subunit protein eL29'
32 polymer '60S ribosomal protein L30'
33 polymer '60S ribosomal protein L31'
34 polymer '60S ribosomal protein L32'
35 polymer '60S ribosomal protein L35a'
36 polymer '60S ribosomal protein L34'
37 polymer '60S ribosomal protein L35'
38 polymer '60S ribosomal protein L36'
39 polymer '60S ribosomal protein L37'
40 polymer '60S ribosomal protein L38'
41 polymer '60S ribosomal protein L39'
42 polymer 'Large ribosomal subunit protein eL40'
43 polymer '60S ribosomal protein L41'
44 polymer '60S ribosomal protein L36a'
45 polymer '60S ribosomal protein L37a'
46 polymer '60S ribosomal protein L28'
47 polymer '60S acidic ribosomal protein P0'
48 polymer 'Large ribosomal subunit protein uL11'
49 polymer 'Small ribosomal subunit protein uS3'
50 polymer '40S ribosomal protein S5'
51 polymer '40S ribosomal protein S10'
52 polymer 'Small ribosomal subunit protein eS12'
53 polymer 'Small ribosomal subunit protein uS19'
54 polymer 'Small ribosomal subunit protein uS9'
55 polymer 'Small ribosomal subunit protein eS17'
56 polymer '40S ribosomal protein S18'
57 polymer '40S ribosomal protein S19'
58 polymer '40S ribosomal protein S20'
59 polymer 'Small ribosomal subunit protein eS25'
60 polymer '40S ribosomal protein S28'
61 polymer '40S ribosomal protein S29'
62 polymer 'Ubiquitin-40S ribosomal protein S27a'
63 polymer 'Receptor of activated protein C kinase 1'
64 polymer '40S ribosomal protein SA'
65 polymer '40S ribosomal protein S3a'
66 polymer '40S ribosomal protein S2'
67 polymer 'Small ribosomal subunit protein eS4, X isoform'
68 polymer '40S ribosomal protein S6'
69 polymer 'Small ribosomal subunit protein eS7'
70 polymer '40S ribosomal protein S8'
71 polymer '40S ribosomal protein S9'
72 polymer '40S ribosomal protein S11'
73 polymer '40S ribosomal protein S13'
74 polymer 'Small ribosomal subunit protein uS11'
75 polymer 'Small ribosomal subunit protein eS21'
76 polymer '40S ribosomal protein S15a'
77 polymer '40S ribosomal protein S23'
78 polymer '40S ribosomal protein S24'
79 polymer '40S ribosomal protein S26'
80 polymer 'Small ribosomal subunit protein eS27'
81 polymer 'Small ribosomal subunit protein eS30'
82 polymer '18S rRNA [Homo sapiens]'
83 polymer 'Z site tRNA [Homo sapiens]'
84 polymer 'Transcription factor BTF3'
85 non-polymer 'MAGNESIUM ION'
86 non-polymer SPERMINE
87 non-polymer SPERMIDINE
88 non-polymer 4-{(2R)-2-[(1S,3S,5S)-3,5-dimethyl-2-oxocyclohexyl]-2-hydroxyethyl}piperidine-2,6-dione
89 non-polymer (3beta)-O~3~-[(2R)-2,6-dihydroxy-2-(2-methoxy-2-oxoethyl)-6-methylheptanoyl]cephalotaxine
90 non-polymer 'ZINC ION'
#
loop_
_entity_poly.entity_id
_entity_poly.type
_entity_poly.pdbx_seq_one_letter_code
_entity_poly.pdbx_strand_id
1 'polyribonucleotide' GUCUCCGUAGUGUAGGGUAUCACGUUCGCCUAACACGCGAAAGGUCCUCGGUUCGAAACCGGGCGGAAACACCA Pt
2 'polyribonucleotide'
;CGCGACCUCAGAUCAGACGUGGCGACCCGCUGAAUUUAAGCAUAUUAGUCAGCGGAGGAGAAGAAACUAACCAGGAUUCC
CUCAGUAACGGCGAGUGAACAGGGAAGAGCCCAGCGCCGAAUCCCCGCCCCGCGGCGGGGCGCGGGACAUGUGGCGUACG
GAAGACCCGCUCCCCGGCGCCGCUCGUGGGGGGCCCAAGUCCUUCUGAUCGAGGCCCAGCCCGUGGACGGUGUGAGGCCG
GUAGCGGCCCCCGGCGCGCCGGGCCCGGGUCUUCCCGGAGUCGGGUUGCUUGGGAAUGCAGCCCAAAGCGGGUGGUAAAC
UCCAUCUAAGGCUAAAUACCGGCACGAGACCGAUAGUCAACAAGUACCGUAAGGGAAAGUUGAAAAGAACUUUGAAG
(A2M)G(A2M)GAGUUCAAGAGGGCGUGAAACCGUUAAGAGGUAAACGGGUGGGGUCCGCGCAGUCCGCCCGGAGGAUUC
AACCCGGCGGCGGGUCCGGCCGUGUCGGCGGCCCGGCGGAUCUUUCCCGCGCGGGGGACCGUCCCCCGACCGGCGACCGG
CCGCCGCCGGGCGCAUUUCCACCGCGGCGGUGCGCCGCGACCGGCUCCGGGACGGCUGGGAAGGCCCGGCGGGGAAGGUG
GCUCGGGGGCCCCCGAGUGUUACAGCCCCCCCGGCAGCAGCACUCGCCGAAUCCCGGGGCCGAGGGAGCGAGACCCGUCG
CCGCGCUCUCCCCCCUCGGGGGGGCCGGGCCACCCCUCCCACGGCGCGACCGCUCGGGGCGGACUGUCCCCAGUGCGCCC
CGGGCGGGUCGCGCCGUCGGGCCCGGGGGAGGCCACGCGCGCGUCCCCCGAAGAGGGGGACGGCGGAGCGAGCGCACGGG
GUCGGCGGCGACGUCGGCUACCCACCCGACCC(OMG)UCUUG(1MA)(A2M)AC(A2M)CGGACCAAGGAGU(OMC)UAA
CACGUGCGCGAGUCGGGGGCUCGCACGAAAGCCGCCGUGGCGCAAUGAAGGUGAAGGCCGGCGCGCUCGCCGGCCGAGGU
GGGAUCCCGAGGCCUCUCCAGUCCGCCGAGGGCGCACCACCGGCCCGUCUCGCCCGCCGCGCCGGGGAGGUGGAGCACGA
GCGCACGUGUUAGGACCC(OMG)A(A2M)AGAUGGUGA(A2M)C(PSU)AUGCCUGGGCAGGGCGAAGCCAGAGGAAACU
CUGGUGGAGGUCCG(PSU)AGCGGUCCUGACGUGCAAAUCGGUCGUCCGACCUGGGUAUAG(OMG)GGCGAAAGACUAAU
CGAACCAUCUAGUAGCUGGUUCCCUCCGAAGUUUCCC(PSU)CAGGA(PSU)AGCUGGCGCUCUCGCAGACCCGAGCCAC
GCAGUUUUAUCCGGUAAAGCGAA(PSU)GAUUAGAGGUCUUGGGGCCGAAACGAUCUCAACCUA(PSU)(PSU)CUCAAA
CUU(PSU)AAAUGGGUAAGAAGCCCGGCUCGCUGGCGUGGAGCCGGGCGUGGAAUGCGAGUGCCUAGUGGGCCAC(PSU)
U(PSU)UGGUAAGC(A2M)GAACUGGCGCUGCGGGAUGAACCGAACGCCGGGUUAAGGCGCCCGAUGCCGACGCUCAUCA
GACCCCAGAAAAGGUGUUGGUUGAUAUAGACAGCAGGACGGUGGCCAUGGAAGUCGGAAUCCGCUAAGGAGUGUGUAACA
ACUCACCUGCCGAAUCAACUAGCCCUGAAAAUGGAUGGCGCUGGAGCGUCGGGCCCAUACCCGGCCGUCGCCGGCAGUCG
AGAGUGGACGGGAGCGGCGGCCGGAGCCCCGCGGACGCUACGCCGCGACGAGUAGGAGGGCCGCUGCGGUGAGCCUUGAA
GCCUAGGGCGCGGGCCCGGGUGGAGCCGCCGCAGGUGCAGAU(OMC)UUGGUGGUAGU(A2M)(OMG)(OMC)AAAUAUU
CAAACGAGAACUUUGAAGGCCGAAGUGG(A2M)GAAGGGUUCCAUGUGAACAG(OMC)A(OMG)UUGAACAUGGGUCAGU
CGGUCCUGAGAGAUGGGCGAGCGCCGUUCCGAAGGGACGGGCGAUGGCCUCCGUUGCCCUCGGCCGAUCGAAAGGGAGUC
GGGUUCAGAUCCCCGAAUCCGGAGUGGCGGAGAUGGGCGCCGCGAGGCGUCCAGUGCGGUAACGCGACCGAUCCCGGAGA
AGCCGGCGGGAGCCCCGGGGAGAGUUCUCUU(PSU)UCUUUGUGAAGGGCAGGGCGCCCUGGAAUGGGUUCGCCCCGAGA
GAGGGGCCCGUGCCUUGGAAAGCGUCGCGGUUCCGGCGGCGUCCGGUGAGCUCUCGCUGGCCCUUGAAAAUCCGGGGGAG
AGGGUGUAAAUCUCGCGCCGGGCCGUACCC(A2M)UAUCCGCAGCAGGUCU(OMC)CAAGGUGAAC(A2M)GCCUCUGG
(OMC)AUGUUGGAACAA(OMU)G(PSU)AGGUAAGGGAAGUCGGCAAGC(OMC)GGAUCCGUAACUUC(OMG)GGAUAAG
GAUUGGCUCUAAGGGCUGGGUCGGUCGCGGCCGGCGCCUAGCAGCCGACUUAGAACUGGUGCGGACCAGG(OMG)GAAUC
CGAC(PSU)G(PSU)UUAAUUAAAACAAAGCAUCGCGAAGGCCCGCGGCGGGUGUUGACGCGAUGUGAUU(PSU)CUGCC
(OMC)AGUGCUCUGAAUGUCA(A2M)AGUGAAGAAAUUCAAUGAAGCGCGG(OMG)UAAACGGCGGGAGUAACUAUGACU
CUCUUAAGGUAGC(5MC)AA(A2M)UGCCUC(OMG)UCAUCUAAUUAGUGA(OMC)GCGCAUGAA(UY1)GGA(PSU)GA
(A2M)CGAG(A2M)UUCCCACUGU(OMC)CC(PSU)ACCUAC(PSU)A(PSU)CCAGCGAAACCAC(A2M)G(OMC)CAA
GGGAACGGGCU(PSU)GG(OMC)GGAAUCAGCGG(OMG)GAAAGAAGACCCUGUUGAGC(PSU)UGAC(OMU)CUAGUCU
GGCACGGUGAAGAGACAUGAGAACUCUGAUCGUUUUUUCACUGACCCGGUGAGGCGGGGGGGCGAGCCCCGAGGGGCUCU
CGCUUCUGGCGCCAAGCGCCCGGCCGCGCGCCGGCCGGGCGCGACCCGCUCCGGGGACAGUGCCAGGUGGGGAGUUUGAC
UG(OMG)GGCGGUACACCUGUCAAACGGUA(6MZ)CGCAGG(OMU)(OMG)UCCUAAGGCGAGCUCAGGGAGGACAGAAA
CCUCCCGUGGAGCAGAAGGGCAAAAGCUCGCUUGA(PSU)CU(PSU)GA(PSU)UUUCAG(OMU)ACGAA(PSU)ACAGA
CCGUGAAAGCGGGGCCUCACGAUCCUUCUGACCUU(PSU)UGGGUUU(PSU)AAGCAGGA(OMG)GUGUCAGAAAAGUUA
CCACAG(OMG)GAUAACUGGC(PSU)UGUGGCGGCCAAGCGUUCAUAGCGACG(PSU)CGCUUUUUGA(PSU)CCUU
(5MC)GAUGUCGG(OMC)(PSU)CUUCCUAUCAUUG(PSU)GAAGCAGAAUUCACCAAGCGU(PSU)(OMG)GAU(OMU)
(OMG)(PSU)UCACCCACUAAUAGGGAACG(PSU)G(A2M)GCUGGG(UR3)U(PSU)AGA(OMC)CGUCGUGAGACAGG
U(PSU)AGUUUUACCCUACUGAUG(A2M)UGUG(PSU)UG(PSU)UGCCAUGGUA(A2M)UCCUGCUCAGUACGAGAGGA
ACCGCAG(OMG)U(OMU)CA(OMG)ACAU(PSU)UGGUGUA(PSU)(OMG)UGCUUGGCUGAGGAGCCAAUGGGGCGAAG
CUACCA(PSU)CUGUGGGAUUAUGAC(PSU)GAACGCCUCUAAGUCAGAAUCCCGCCCAGGCGGAACGAUACGGCAGCGC
CGCGGAGCCUCGGUUGGCCUCGGAUAGCCGGUCCCCCGCCGGGGUCCGGUGCGGAGUGCCCUUCGUCCUGGGAAACGGGG
CGCGGCCGGAGAGGCGGCCGCCCCCUCGCCCGUCACGCACCGCACGUUCGUGGGGAACCUGGCGCUAAACCA(PSU)
(PSU)CGUAGACGACCUGCUUCUGGGUCGGGG(PSU)UUCGUACG(PSU)AGCAGAGCAGCUCCCUCGCUGCGAUCUAUU
GAAAGUCAGCCCUCGACACAAGGGUUUGU
;
L5
3 'polyribonucleotide'
;GUCUACGGCCAUACCACCCUGAACGCGCCCGAUCUCGUCUGAUCUCGGAAGCUAAGCAGGGUCGGGCCUGGUUAGUACUU
GGAUGGGAGACCGCCUGGGAAUACCGGGUGCUGUAGGCUU
;
L7
4 'polyribonucleotide'
;CGACUCUUAGCGGUGGAUCACUCGGCUCGUGCGUCGAUGAAGAACGCAGCUAGC(PSU)GCGAGAAUUAAUG(PSU)GAA
UU(OMG)CAGGACACAUUGAUCAUCGACACUUCGAACGCACUUGCGGCCCCGGGUUCCUCCCGGGGCUACGCCUGUCUGA
GCGUCGCU
;
L8
5 'polypeptide(L)'
;GRVIRGQRKGAGSVFRAHVKHRKGAARLRAVDFAERHGYIKGIVKDIIHDPGRGAPLAKVVFRDPYRFKKRTELFIAAEG
IHTGQFVYCGKKAQLNIGNVLPVGTMPEGTIVCCLEEKPGDRGKLARASGNYATVISHNPETKKTRVKLPSGSKKVISSA
NRAVVGVVAGGGRIDKPILKAGRAYHKYKAKRNCWPRVRGVAMNPVEHPFGGGNHQHIGKPSTIRRDAPAGRKVGLIAAR
RTGRLRGT
;
LA
6 'polypeptide(L)'
;SHRKFSAPRHGSLGFLPRKRSSRHRGKVKSFPKDDPSKPVHLTAFLGYKAGMTHIVREVDRPGSKVNKKEVVEAVTIVET
PPMVVVGIVGYVETPRGLRTFKTVFAEHISDECKRRFYKNWHKSKKKAFTKYCKKWQDEDGKKQLEKDFSSMKKYCQVIR
VIAHTQMRLLPLRQKKAHLMEIQVNGGTVAEKLDWARERLEQQVPVNQVFGQDEMIDVIGVTKGKGYKGVTSRWHTKKLP
RKTHRGLRKVACIGAWHPARVAFSVARAGQKGYHHRTEINKKIYKIGQGYLIKDGKLIKNNASTDYDLSDKSINPLGGFV
HYGEVTNDFVMLKGCVVGTKKRVLTLRKSLLVQTKRRALEKIDLKFIDTTSKFGHGRFQTMEEKKAFMGPLKKDRIAKEE
GA
;
LB
7 'polypeptide(L)'
;MACARPLISVYSEKGESSGKNVTLPAVFKAPIRPDIVNFVHTNLRKNNRQPYAVSELAGHQTSAESWGTGRAVARIPRVR
GGGTHRSGQGAFGNMCRGGRMFAPTKTWRRWHRRVNTTQKRYAICSALAASALPALVMSKGHRIEEVPELPLVVEDKVEG
YKKTKEAVLLLKKLKAWNDIKKVYASQRMRAGKGKMRNRRRIQRRGPCIIYNEDNGIIKAFRNIPGITLLNVSKLNILKL
APGGHVGRFCIWTESAFRKLDELYGTWRKAASLKSNYNLPMHKMINTDLSRILKSPEIQRALRAPRKKIHRRVLKKNPLK
NLRIMLKLNPYAKTMRRNTILRQARNHKLRVDKAAAAAAALQAKSDEK
;
LC
8 'polypeptide(L)'
;GFVKVVKNKAYFKRYQVKFRRRREGKTDYYARKRLVIQDKNKYNTPKYRMIVRVTNRDIICQIAYARIEGDMIVCAAYAH
ELPKYGVKVGLTNYAAAYCTGLLLARRLLNRFGMDKIYEGQVEVTGDEYNVESIDGQPGAFTCYLDAGLARTTTGNKVFG
ALKGAVDGGLSIPHSTKRFPGYDSESKEFNAEVHRKHIMGQNVADYMRYLMEEDEDAYKKQFSQYIKNSVTPDMMEEMYK
KAHAAIRENPVYEKKPKKEVKKKRWNRPKMSLAQKKDRVAQKKASFLRAQERA
;
LD
9 'polypeptide(L)'
;KGKPHCSRNPVLVRGIGRYSRSAMYSRKAMYKRKYSAAKSKVEKKKKEKVLATVTKPVGGDKNGGTRVVKLRKMPRYYPT
EDVPRKLLSHGKKPFSQHVRKLRASITPGTILIILTGRHRGKRVVFLKQLASGLLLVTGPLVLNRVPLRRTHQKFVIATS
TKIDISNVKIPKHLTDAYFKKKKLRKPRHQEGEIFDTEKEKYEITEQRKIDQKAVDSQILPKIKAIPQLQGYLRSVFALT
NGIYPHKLVF
;
LE
10 'polypeptide(L)'
;NFAELKIKRLRKKFAQKMLRKARRKLIYEKAKHYHKEYRQMYRTEIRMARMARKAGNFYVPAEPKLAFVIRIRGINGVSP
KVRKVLQLLRLRQIFNGTFVKLNKASINMLRIVEPYIAWGYPNLKSVNELIYKRGYGKINKKRIALTDNALIARSLGKYG
IICMEDLIHEIYTVGKRFKEANNFLWPFKLSSPRGGMKKKTTHFVEGGDAGNREDQINRLIRRMN
;
LF
11 'polypeptide(L)'
;KVVNPLFEKRPKNFGIGQDIQPKRDLTRFVKWPRYIRLQRQRAILYKRLKVPPAINQFTQALDRQTATQLLKLAHKYRPE
TKQEKKQRLLARAEKKAAGKGDVPTKRPPVLRAGVNTVTTLVENKKAQLVVIAHDVDPIELVVFLPALCRKMGVPYCIIK
GKARLGRLVHRKTCTTVAFTQVNSEDKGALAKLVEAIRTNYNDRYDEIRRHWGGNVLGPKSVARIAKLEKAKAKELATKL
G
;
LG
12 'polypeptide(L)'
;MKTILSNQTVDIPENVDITLKGRTVIVKGPRGTLRRDFNHINVELSLLGKKKKRLRVDKWWGNRKELATVRTICSHVQNM
IKGVTLGFRYKMRSVYAHFPINVVIQENGSLVEIRNFLGEKYIRRVRMRPGVACSVSQAQKDELILEGNDIELVSNSAAL
IQQATTVKNKDIRKFLDGIYVSEKGTVQQA
;
LH
13 'polypeptide(L)'
;GRRPARCYRYCKNKPYPKSRFCRGVPDAKIRIFDLGRKKAKVDEFPLGGHMVSDEYEQLSSEALEAARICANKYMVKSCG
RDGFHMRVRLHPFHVIRINKMLSCAGADRLQTGMRGAFGKPQGTVARVHIGQVIMSIRTKLQNEEHVIEALRRAKFKFPG
RQKIHISKKWGFTKFNADEFEDMVAKKCLIPDGCGVKYVPSHGPLDKWRVLHS
;
LI
14 'polypeptide(L)'
;QDQGEKENPMRELRIRKLCLNICVGESGDRLTRAAKVLEQLTGQTPVFSKARYTVRSFGIRRNEKIAVHCTVRGAKAEEI
LEKGLKVREYELRKNNFSDTGNFGFGIQEHIDLGIKYDPSIGIYGLDFYVVLGRPGFSIADKKRRTGCIGAKHRISKEEA
MRWFQQKYDGIILPGK
;
LJ
15 'polypeptide(L)'
;APSRNGMVLKPHFHKDWQRRVATWFNQPARKIRRRKARQAKARRIAPRPASGPIRPIVRCPTVRYHTKVRAGRGFSLEEL
RVAGIHKKVARTIGISVDPRRRNKSTESLQANVQRLKEYRSKLILFPRKPSAPKKGDSSAEELKLATQLTGPVMPVRNVY
KKEKARVITEEEKNFKAFASLRMARANARLFGIRAKRAKEAAEQDVEKKK
;
LL
16 'polypeptide(L)'
;VFRRFVEVGRVAYVSFGPHAGKLVAIVDVIDQNRALVDGPCTQVRRQAMPFKCMQLTDFILKFPHSAHQKYVRQAWQKAD
INTKWAATRWAKKIEARERKAKMTDFDRFKVMKAKKMRNRIIKNEVKKLQKAALLKASP
;
LM
17 'polypeptide(L)'
;GAYKYIQELWRKKQSDVMRFLLRVRCWQYRQLSALHRAPRPTRPDKARRLGYKAKQGYVIYRIRVRRGGRKRPVPKGATY
GKPVHHGVNQLKFARSLQSVAEERAGRHCGALRVLNSYWVGEDSTYKFFEVILIDPFHKAIRRNPDTQWITKPVHKHREM
RGLTSAGRKSRGLGKGHKFHHTIGGSRRAAWRRRNTLQLHRYR
;
LN
18 'polypeptide(L)'
;EVQVLVLDGRGHLLGRLAAIVAKQVLLGRKVVVVRCEGINISGNFYRNKLKYLAFLRKRMNTNPSRGPYHFRAPSRIFWR
TVRGMLPHKTKRGQAALDRLKVFDGIPPPYDKKKRMVVPAALKVVRLKPTRKFAYLGRLAHEVGWKYQAVTATLEEKRKE
KAKIHYRKKKQLMRLRKQAEKNVEKKIDKYTEVLKTHGLLV
;
LO
19 'polypeptide(L)'
;VRYSLDPENPTKSCKSRGSNLRVHFKNTRETAQAIKGMHIRKATKYLKDVTLQKQCVPFRRYNGGVGRCAQAKQWGWTQG
RWPKKSAEFLLHMLKNAESNAELKGLDVDSLVIEHIQVNKAPKMRRRTYRAHGRINPYMSSPCHIEMILTEKE
;
LP
20 'polypeptide(L)'
;GVDIRHNKDRKVRRKEPKSQDIYLRLLVKLYRFLARRTNSTFNQVVLKRLFMSRTNRPPLSLSRMIRKMKLPGRENKTAV
VVGTITDDVRVQEVPKLKVCALRVTSRARSRILRAGGKILTFDQLALDSPKGCGTVLLSGPRKGREVYRHFGKAPGTPHS
HTKPYVRSKGRKFERARGRRASRGYKN
;
LQ
21 'polypeptide(L)'
;SMLRLQKRLASSVLRCGKKKVWLDPNETNEIANANSRQQIRKLIKDGLIIRKPVTVHSRARCRKNTLARRKGRHMGIGKR
KGTANARMPEKVTWMRRMRILRRLLRRYRESKKIDRHMYHSLYLKVKGNVFKNKRILMEHIHKLKADKARKKLLADQAEA
RRSKTKEARKRREERLQAKKEEIIKTL
;
LR
22 'polypeptide(L)'
;KASGTLREYKVVGRCLPTPKCHTPPLYRMRIFAPNHVVAKSRFWYFVSQLKKMKKSSGEIVYCGQVFEKSPLRVKNFGIW
LRYDSRSGTHNMYREYRDLTTAGAVTQCYRDMGARHRARAHSIQIMKVEEIAASKCRRPAVKQFHDSKIKFPLPHRVLRR
QHKPRFTTKRPNTFF
;
LS
23 'polypeptide(L)'
;TNTKGKRRGTRYMFSRPFRKHGVVPLATYMRIYKKGDIVDIKGMGTVQKGMPHKCYHGKTGRVYNVTQHAVGIVVNKQVK
GKILAKRINVRIEHIKHSKSRDSFLKRVKENDQKKKEAKEKGTWVQLKRQPAPPREAHFVRTNGKEPELLEPIPYEFMA
;
LT
24 'polypeptide(L)'
;QVLKFTLDCTHPVEDGIMDAANFEQFLQERIKVNGKAGNLGGGVVTIERSKSKITVTSEVPFSKRYLKYLTKKYLKKNNL
RDWLRVVANSKESYELRYFQI
;
LU
25 'polypeptide(L)'
;SGAKFRISLGLPVGAVINCADNTGAKNLYIISVKGIKGRLNRLPAAGVGDMVMATVKKGKPELRKKVHPAVVIRQRKSYR
RKDGVFLYFEDNAGVIVNNKGEMKGSAITGPVAKECADLWPRIASNAGSIA
;
LV
26 'polypeptide(L)'
;MKVELCSFSGYKIYPGHGRRYARTDGKVFQFLNAKCESAFLSKRNPRQINWTVLYRRKHKKGQSEEIQKKRTRRAVKFQR
AITGASLADIMAKRNQKPEVRKAQREQAIRAAKEAKKAKQASKK
;
LW
27 'polypeptide(L)'
;KKKIRTSPTFRRPKTLRLRRQPKYPRKSAPRRNKLDHYAIIKFPLTTESAMKKIEDNNTLVFIVDVKANKHQIKQAVKKL
YDIDVAKVNTLIRPDGEKKAYVRLAPDYDALDVANKIGII
;
LX
28 'polypeptide(L)'
;MKFNPFVTSDRSKNRKRHFNAPSHIRRKIMSSPLSKELRQKYNVRSMPIRKDDEVQVVRGHYKGQQIGKVVQVYRKKYVI
YIERVQREKANGTTVHVGIHPSKVVITRLKLDKDRKKILERKAKSRQVGKEKGK
;
LY
29 'polypeptide(L)'
;GKFMKPGKVVLVLAGRYSGRKAVIVKNIDDGTSDRPYSHALVAGIDRYPRKVTAAMGKKKIAKRSKIKSFVKVYNYNHLM
PTRYSVDIPLDKTVVNKDVFRDPALKRKARREAKVKFEERYKTGKNKWFFQKLRF
;
LZ
30 'polypeptide(L)'
;PSRLRKTRKLRGHVSHGHGRIGKHRKHPGGRGNAGGLHHHRINFDKYHPGYFGKVGMKHYHLKRNQSFCPTVNLDKLWTL
VSEQTRVNAAKNKTGAAPIIDVVRSGYYKVLGKGKLPKQPVIVKAKFFSRRAEEKIKSVGGACVLVA
;
La
31 'polypeptide(L)'
;AKSKNHTTHNQSRKWHRNGIKKPRSQRYESLKGVDPKFLRNMRFAKKHNKKGLKKMQANNAKAMSARAEAIKALVKPKEV
KPKIPKGVSRKLDRLAYIAHPKLGKRARARIAKGLRLCRPK
;
Lb
32 'polypeptide(L)'
;KSLESINSRLQLVMKSGKYVLGYKQTLKMIRQGKAKLVILANNCPALRKSEIEYYAMLAKTGVHHYSGNNIELGTACGKY
YRVCTLAIIDPGDSDIIR
;
Lc
33 'polypeptide(L)'
;NEVVTREYTINIHKRIHGVGFKKRAPRALKEIRKFAMKEMGTPDVRIDTRLNKAVWAKGIRNVPYRIRVRLSRKRNEDED
SPNKLYTLVTYVPVTTFKNLQTVNVDE
;
Ld
34 'polypeptide(L)'
;AALRPLVKPKIVKKRTKKFIRHQSDRYVKIKRNWRKPRGIDNRVRRRFKGQILMPNIGYGSNKKTKHMLPSGFRKFLVHN
VKELEVLLMCNKSYCAEIAHNVSSKNRKAIVERAAQLAIRVTNPNARL
;
Le
35 'polypeptide(L)'
;SGRLWSKAIFAGYKRGLRNQREHTALLKIEGVYARDETEFYLGKRCAYVYKAKNNTVTPGGKPNKTRVIWGKVTRAHGNS
GMVRAKFRSNLPAKAIGHRIRVMLYPSRI
;
Lf
36 'polypeptide(L)'
;VQRLTYRRRLSYNTASNKTRLSRTPGNRIVYLYTKKVGKAPKSACGVCPGRLRGVRAVRPKVLMRLSKTKKHVSRAYGGS
MCAKCVRDRIKRAFLIEEQKIVVKVLKAQAQSQK
;
Lg
37 'polypeptide(L)'
;AKIKARDLRGKKKEELLKQLDDLKVELSQLRVAKVTGGAASKLSKIRVVRKSIARVLTVINQTQKENLRKFYKGKKYKPL
DLRPKKTRAMRRRLNKHEENLKTKKQQRKERLYPLRKYAVKA
;
Lh
38 'polypeptide(L)'
;ALRYPMAVGLNKGHKVTKNVSKPRHSRRRGRLTKHTKFVRDMIREVCGFAPYERRAMELLKVSKDKRALKFIKKRVGTHI
RAKRKREELSNVLAAMRKAAAK
;
Li
39 'polypeptide(L)'
;TKGTSSFGKRRNKTHTLCRRCGSKAYHLQKSTCGKCGYPAKRKRKYNWSAKAKRRNTTGTGRMRHLKIVYRRFRHGFREG
TTPKPK
;
Lj
40 'polypeptide(L)' PRKIEEIKDFLLTARRKDAKSVKIKKNKDNVKFKVRCSRYLYTLVITDKEKAEKLKQSLPPGLAVKELK Lk
41 'polypeptide(L)' SSHKTFRIKRFLAKKQKQNRPIPQWIRMKTGNKIRYNSKRRHWRRTKLGL Ll
42 'polypeptide(L)' IIEPSLRQLAQKYNCDKMICRKCYARLHPRAVNCRKKKCGHTNNLRPKKKVK Lm
43 'polypeptide(L)' MRAKWRKKRMRRLKRKRRKMRQRS Ln
44 'polypeptide(L)'
;VNVPKTRRTFCKKCGKHQPHKVTQYKKGKDSLYAQGKRRYDRKQSGYGGQTKPIFRKKAKTTKKIVLRLECVEPNCRSKR
MLAIKRCKHFELGGDKKRKGQVIQF
;
Lo
45 'polypeptide(L)'
;AKRTKKVGIVGKYGTRYGASLRKMVKKIEISQHAKYTCSFCGKTKMKRRAVGIWHCGSCMKTVAGGAWTYNTTSAVTVKS
AIRRLKELKDQ
;
Lp
46 'polypeptide(L)'
;SAHLQWMVVRNCSSFLIKRNKQTYSTEPNNLKARNSFRYNGLIHRKTVGVEPAADGKGVVVVIKRRSGQRKPATSYVRTT
INKNARATLSSIRHMIRKNKYRPDLRMAAIRRASAILRSQKPVMV
;
Lr
47 'polypeptide(L)'
;DRATWKSNYFLKIIQLLDDYPKCFIVGADNVGSKQMQQIRMSLRGKAVVLMGKNTMMRKAIRGHLENNPALEKLLPHIRG
NVGFVFTKEDLTEIRDMLLANKVPAAARAGAIAPCEVTVPAQNTGLGPEKTSFFQALGITTKISRGTIEILSDVQLIKTG
DKVGASEATLLNMLNISPFSFGLVIQQVFDNGSIYN
;
Ls
48 'polypeptide(L)'
;PNEIKVVYLRCTGGEVGATSALAPKIGPLGLSPKKVGDDIAKATGDWKGLRITVKLTIQNRQAQIEVVPSASALIIKALK
EPPRDRKKQKNIKHSGNITFDEIVNIARQMRHRSLARELSGTIKEILGTAQSVGCNVDGRHPHDIIDDINSGAVECP
;
Lt
49 'polypeptide(L)'
;MAVQISKKRKFVADGIFKAELNEFLTRELAEDGYSGVEVRVTPTRTEIIILATRTQNVLGEKGRRIRELTAVVQKRFGFP
EGSVELYAEKVATRGLCAIAQAESLRYKLLGGLAVRRACYGVLRFIMESGAKGCEVVVSGKLRGQRAKSMKFVDGLMIHS
GDPVNYYVDTAVRHVLLRQGVLGIKVKIMLPWDPTGKIGPKKPLPDHVSIVEPKDEILPTTPISEQK
;
SD
50 'polypeptide(L)'
;DIKLFGKWSTDDVQINDISLQDYIAVKEKYAKYLPHSAGRYAAKRFRKAQCPIVERLTNSMMMHGRNNGKKLMTVRIVKH
AFEIIHLLTGENPLQVLVNAIINSGPREDSTRIGRAGTVRRQAVDVSPLRRVNQAIWLLCTGAREAAFRNIKTIAECLAD
ELINAAKGSSNSYAIKKKDELERVAKSNR
;
SF
51 'polypeptide(L)'
;MLMPKKNRIAIYELLFKEGVMVAKKDVHMPKHPELADKNVPNLHVMKAMQSLKSRGYVKEQFAWRHFYWYLTNEGIQYLR
DYLHLPPEIVPATLRRSR
;
SK
52 'polypeptide(L)'
;VMDVNTALQEVLKTALIHDGLARGIREAAKALDKRQAHLCVLASNCDEPMYVKLVEALCAEHQINLIKVDDNKKLGEWVG
LCKIDREGKPRKVVGCSCVVVKDYGKESQAKDVIEEYFKCKK
;
SM
53 'polypeptide(L)'
;TYRGVDLDQLLDMSYEQLMQLYSARQRRRLNRGLRRKQHSLLKRLRKAKKEAPPMEKPEVVKTHLRDMIILPEMVGSMVG
VYNGKTFNQVEIKPEMIGHYLGEFSITYKPVKHGRPGIGAT
;
SP
54 'polypeptide(L)'
;SKGPLQSVQVFGRKKTATAVAHCKRGNGLIKVNGRPLEMIEPRTLQYKLLEPVLLLGKERFAGVDIRVRVKGGGHVAQIY
AIRQSISKALVAYYQKYVDEASKKEIKDILIQYDRTLLVADPRRCESKKFGGPGARARYQKSYR
;
SQ
55 'polypeptide(L)'
;MGRVRTKTVKKAARVIIEKYYTRLGNDFHTNKRVCEEIAIIPSKKLRNKIAGYVTHLMKRIQRGPVRGISIKLQEEERER
RDNYVPEVSALDQEIIEVDPDTKEMLKLLDFGSLSNLQVTQPTVGMNFKTPRGPV
;
SR
56 'polypeptide(L)'
;MSLVIPEKFQHILRVLNTNIDGRRKIAFAITAIKGVGRRYAHVVLRKADIDLTKRAGELTEDEVERVITIMQNPRQYKIP
DWFLNRQKDVKDGKYSQVLANGLDNKLREDLERLKKIRAHRGLRHFWGLRVRGQHTKTTGRRGRT
;
SS
57 'polypeptide(L)'
;PGVTVKDVNQQEFVRALAAFLKKSGKLKVPEWVDTVKLAKHKELAPYDENWFYTRAASTARHLYLRGGAGVGSMTKIYGG
RQRNGVMPSHFSRGSKSVARRVLQALEGLKMVEKDQDGGRKLTPQGQRDLDRIAGQVAAANKK
;
ST
58 'polypeptide(L)'
;AIHRIRITLTSRNVKSLEKVCADLIRGAKEKNLKVKGPVRMPTKTLRITTRKTPCGEGSKTWDRFQMRIHKRLIDLHSPS
EIVKQITSISIEPGVEVEVTIADA
;
SU
59 'polypeptide(L)' RDKLNNLVLFDKATYDKLCKEVPNYKLITPAVVSERLKIRGSLARAALQELLSKGLIKLVSKHRAQVIYTRNTKG SZ
60 'polypeptide(L)' RVQPIKLARVTKVLGRTGSQGQCTQVRVEFMDDTSRSIIRNVKGPVREGDVLTLLESEREARRL Sc
61 'polypeptide(L)' GHQQLYWSHPRKFGQGSRSCRVCSNRHGLIRKYGLNMCRQCFRQYAKDIGFIKLD Sd
62 'polypeptide(L)' YTTPKKNKHKRKKVKLAVLKYYKVDENGKISRLRRECPSDECGAGVFMASHFDRHYCGKCCLTYCFN Sf
63 'polypeptide(L)'
;TEQMTLRGTLKGHNGWVTQIATTPQFPDMILSASRDKTIIMWKLTRDETNYGIPQRALRGHSHFVSDVVISSDGQFALSG
SWDGTLRLWDLTTGTTTRRFVGHTKDVLSVAFSSDNRQIVSGSRDKTIKLWNTLGVCKYTVQDESHSEWVSCVRFSPNSS
NPIIVSCGWDKLVKVWNLANCKLKTNHIGHTGYLNTVTVSPDGSLCASGGKDGQAMLWDLNEGKHLYTLDGGDIINALCF
SPNRYWLCAATGPSIKIWDLEGKIIVDELKQEVISTSSKAEPPQCTSLAWSADGQTLFAGYTDNLVRVWQVTI
;
Sg
64 'polypeptide(L)'
;GALDVLQMKEEDVLKFLAAGTHLGGTNLDFQMEQYIYKRKSDGIYIINLKRTWEKLLLAARAIVAIENPADVSVISSRNT
GQRAVLKFAAATGATPIAGRFTPGTFTNQIQAAFREPRLLVVTDPRADHQPLTEASYVNLPTIALCNTDSPLRYVDIAIP
CNNKGAHSVGLMWWMLAREVLRMRGTISREHPWEVMPDLYFYRDPEEIEKEEQAAAEKAVT
;
SA
65 'polypeptide(L)'
;VVDPFSKKDWYDVKAPAMFNIRNIGKTLVTRTQGTKIASDGLKGRVFEVSLADLQNDEVAFRKFKLITEDVQGKNCLTNF
HGMDLTRDKMCSMVKKWQTMIEAHVDVKTTDGYLLRLFCVGFTKKRNNQIRKTSYAQHQQVRQIRKKMMEIMTREVQTND
LKEVVNKLIPDSIGKDIEKACQSIYPLHDVFVRKVKMLKKPKFELGKLMELHGE
;
SB
66 'polypeptide(L)'
;EWMPVTKLGRLVKDMKIKSLEEIYLFSLPIKESEIIDFFLGASLKDEVLKIMPVQKQTRAGQRTRFKAFVAIGDYNGHVG
LGVKCSKEVATAIRGAIILAKLSIVPVRRGYWGNKIGKPHTVPCKVTGRCGSVLVRLIPAPRGTGIVSAPVPKKLLMMAG
IDDCYTSARGCTATLGNFAKATFDAISKTYSYLTPDLWKETVFTKSPYQEFTDHLVKTHTRV
;
SC
67 'polypeptide(L)'
;ARGPKKHLKRVAAPKHWMLDKLTGVFAPRPSTGPHKLRECLPLIIFLRNRLKYALTGDEVKKICMQRFIKIDGKVRTDIT
YPAGFMDVISIDKTGENFRLIYDTKGRFAVHRITPEEAKYKLCKVRKIFVGTKGIPHLVTHDARTIRYPDPLIKVNDTIQ
IDLETGKITDFIKFDTGNLCMVTGGANLGRIGVITNRERHPGSFDVVHVKDANGNSFATRLSNIFVIGKGNKPWISLPRG
KGIRLTIAEERDKRLAAKQSSG
;
SE
68 'polypeptide(L)'
;MKLNISFPATGCQKLIEVDDERKLRTFYEKRMATEVAADALGEEWKGYVVRISGGNDKQGFPMKQGVLTHGRVRLLLSKG
HSCYRPRRTGERKRKSVRGCIVDANLSVLNLVIVKKGEKDIPGLTDTTVPRRLGPKRASRIRKLFNLSKEDDVRQYVVRK
PLNKEGKKPRTKAPKIQRLVTPRVLQHKRRRIALKKQRTKKNKEEAAEYAKLLAKRMKEAKEKRQEQIAKRRRLSSL
;
SG
69 'polypeptide(L)'
;SAKIVKPNGEKPDEFESGISQALLELEMNSDLKAQLRELNITAAKEIEVGGGRKAIIIFVPVPQLKSFQKIQVRLVRELE
KKFSGKHVVFIAQRRILPKPTRKSRTKNKQKRPRSRTLTAVHDAILEDLVFPSEIVGKRIRVKLDGSRLIKVHLDKAQQN
NVEHKVETFSGVYKKLTGKDVNFEFPEFQ
;
SH
70 'polypeptide(L)'
;GISRDNWHKRRKTGGKRKPYHKKRKYELGRPAANTKIGPRRIHTVRVRGGNKKYRALRLDVGNFSWGSECCTRKTRIIDV
VYNASNNELVRTKTLVKNCIVLIDSTPYRQWYESHYALPLGRKKGAKLTPEEEEILNKKRSKKIQKKYDERKKNAKISSL
LEEQFQQGKLLACIASRPGQCGRADGYVLEGKELEFYLRKIKARKG
;
SI
71 'polypeptide(L)'
;PVARSWVCRKTYVTPRRPFEKSRLDQELKLIGEYGLRNKREVWRVKFTLAKIRKAARELLTLDEKDPRRLFEGNALLRRL
VRIGVLDEGKMKLDYILGLKIEDFLERRLQTQVFKLGLAKSIHHARVLIRQRHIRVRKQVVNIPSFIVRLDSQKHIDFSL
RSPYGGGRPGRVKRKNAKKGQGGAG
;
SJ
72 'polypeptide(L)'
;ADIQTERAYQKQPTIFQNKKRVLLGETGKEKLPRYYKNIGLGFKTPKEAIEGTYIDKKCPFTGNVSIRGRILSGVVTKMK
MQRTIVIRRDYLHYIRKYNRFEKRHKNMSVHLSPCFRDVQIGDIVTVGECRPLSKTVRFNVLKVTKAAGTKKQ
;
SL
73 'polypeptide(L)'
;GRMHAPGKGLSQSALPYRRSVPTWLKLTSDDVKEQIYKLAKKGLTPSQIGVILRDSHGVAQVRFVTGNKILRILKSKGLA
PDLPEDLYHLIKKAVAVRKHLERNRKDKDAKFRLILIESRIHRLARYYKTKRVLPPNWKYESSTASALVA
;
SN
74 'polypeptide(L)'
;EQVISLGPQVAEGENVFGVCHIFASFNDTFVHVTDLSGKETICRVTGGMKVKADRDESSPYAAMLAAQDVAQRCKELGIT
ALHIKLRATGGNRTKTPGPGAQSALRALARSGMKIGRIEDVTPIPSDSTRRKGGRRGRRL
;
SO
75 'polypeptide(L)'
;MQNDAGEFVDLYVPRKCSASNRIIGAKDHASIQMNVAEVDKVTGRFNGQFKTYAICGAIRRMGESDDSILRLAKADGIVS
KNF
;
SV
76 'polypeptide(L)'
;VRMNVLADALKSINNAEKRGKRQVLIRPCSKVIVRFLTVMMKHGYIGEFEIIDDHRAGKIVVNLTGRLNKCGVISPRFDV
QLKDLEKWQNNLLPSRQFGFIVLTTSAGIMDHEEARRKHTGGKILGFFF
;
SW
77 'polypeptide(L)'
;GKCRGLRTARKLRSHRRDQKWHDKQYKKAHLGTALKANPFGGASHAKGIVLEKVGVEAKQPNSAIRKCVRVQLIKNGKKI
TAFVPNDGCLNFIEENDEVLVAGFGRKGHAVGDIPGVRFKVVKVANVSLLALYKGKKERPR
;
SX
78 'polypeptide(L)'
;NDTVTIRTRKFMTNRLLQRKQMVIDVLHPGKATVPKTEIREKLAKMYKTTPDVIFVFGFRTHFGGGKTTGFGMIYDSLDY
AKKNEPKHRLARHGLYEKKKTSRKQRKERKNRMKKVRGTAKANVGAGKKPK
;
SY
79 'polypeptide(L)'
;TKKRRNNGRAKKGRGHVQPIRCTNCARCVPKDKAIKKFVIRNIVEAAAVRDISEASVFDAYVLPKLYVKLHYCVSCAIHS
KVVRNRSREARKDRTPPPRFRP
;
Sa
80 'polypeptide(L)'
;PLAKDLLHPSPEEEKRKHKKKRLVQSPNSYFMDVKCPGCYKITTVFSHAQTVVLCVGCSTVLCQPTGGKARLTEGCSFRR
KQH
;
Sb
81 'polypeptide(L)' VHGSLARAGKVRGQTPKVAKQEKKKKKTGRAKRRMQYNRRFVNVVPTFGKKKGPNANS Se
82 'polyribonucleotide'
;UACCUGGUUGAUCCUGCCAGUAGCAU(A2M)UGCUUGUCUCAAAGAUUAAGCCAUGCAUGUCUAAGUACGCACGGCCGGU
ACAGUGAAACUGCGAA(PSU)GGCUC(A2M)UUAAA(PSU)CAG(PSU)UAUGGU(OMU)CCUU(OMU)GGUCGCUCGCU
CCUCUCCCACUUGGAUAACUGUGGUA(A2M)UUCUAG(A2M)GCUAA(OMU)A(OMC)AUGCCGACGGGCGCUGACCCCC
UUCGCGGGGGGGAUGCGUGCAUUUAUCAGUGGUGACUCUAGAUAACCUCGGGCCGAUCGCACGCCCCCCGUGGCGGCGAC
GACCCAUUCGAACGUC(OMU)GCCCUAUCAACUUUCGAUGGUAGUCGCCGUGCCUACCAUGGUGACCACGGG(PSU)GAC
GGGGAAUCAGGGUUCGAU(OMU)CCGGAGA(OMG)GGAGCCUGAGAAACGGCUACCACAU(OMC)CAAGG(A2M)AGGCA
GCAGGCGCGC(A2M)AAUUACCCACUCCCGACCCGGGGA(OMG)GUAGUGA(OMC)GAAAAAUAACAAUACAGGACUCUU
UCGAGGCCCUGUAAUUGGAAUGAGUCCACUUUAA(A2M)UCCUUUAACGAGGAUCCAUUGGAG(OMG)GCAAGUCUGGUG
CCAGCAGCCGCGG(OMU)AAUUCCAGCUCCAAUA(OMG)CGUA(PSU)A(PSU)UAAAGUUGCUGCAGUU(A2M)AAAAG
CUCGUAG(PSU)U(OMG)GA(PSU)CUUGGGAGCGGGCGUCCCCGCCCUCUCGGCCGGGGCCCGAAGCG(OMU)U(PSU)
ACUUUGAAAAAA(PSU)UAGAGUGUUCAAAGCAGGCCCGAGCCGCCUGGAUACCGCAGCUAGGAA(PSU)AA(PSU)
(OMG)GAAUAGGACCGCGGUUCUAUUUUGUUGGUUUUCGGAACUGAGGCCAUGAUUAAGAGGGACGGCCGGGGGCAUUCG
UAUUGCGCCGCUAGAGGUGAAAU(PSU)CUUGGACCGGCGCAAGACGGACCAGAGCGAAAGCAUU(PSU)GCCAAGAAUG
UUUUCAUUAAUCAAGA(A2M)CGAAAGUCGGAGG(PSU)(PSU)CGAAGACGA(PSU)CAGAUACCGUCGUAGUUCCGAC
CA(PSU)AAACGAUGCCGACCGGCGAUGCGGCGGCGUUAUUCCCAUGACCCGCCGGGCAGCUUCCGGGAAACCAAAGUCU
UUGGGUUCCGGGGGGAGUA(PSU)GG(PSU)UGCAAAGCUGAAACUUAAAGGAAUUGACGGAAGGGCACCACCAGGAGUG
GAGCC(PSU)GCGGCUUAAUU(PSU)GAC(B8N)CAACACGGGAAACCUCACCCGGC(OMC)CGGACACGGACAGGA
(OMU)UGACAGAUUGAUAGCUCUUUCUCGAUUCCGUGGGUGG(OMU)G(OMG)UGCAUGGC(4AC)GUUCUUAGUUGGUG
GAGCGAUUUGUCUGG(PSU)UAAUUCCGAUAACGA(A2M)CGAGACU(OMC)UGGCAUGCUAACUAGUUACGCGACCCCC
GAGCGGUCGGCGUCCCCCAACU(OMU)CUUAGAGGGACAAGUGGCGUUCAGCCACCCGAGAUUGAGCAAUAACA(OMG)G
UCUGUGAUGCCCUUAGAUGUCCGGGGCUGCACGCGCGCUACACUGACUGGCUCAGCGUGUGCCUACCCUACGCCGGCAGG
CGCGGGUAACCCGUUGAACCCCAUUCGUGAUGGGGAUCGGGGAUUGCAAUUAUUCCCCAUGAACGAG(G7M)AAUUCCCA
GUAAGUGCGGGUCAUAAGCUUGCGUUGAUUAAGUCCCUGCCCUUUGUACACACCG(OMC)CCGUCGCUACUACCGAUUGG
AUGGUUUAGUGAGGCCCUCGGAUCGGCCCCGCCGGGGUCGGCCCACGGCCCUGGCGGAGCGCUGAGAAGACGGUCGAACU
UGACUAUCUAGAGGAAGUAAAAGUCGUA(6MZ)CAAGGUUUC(4AC)GUAGGUG(MA6)(MA6)CCUGCGGAAGGAUCAU
UA
;
S2
83 'polyribonucleotide' GCCCGGAUAGCUCAGCUGUAGAGCAUCAGACUUUUAAUCUGAGGGUCCAGGGUUCAAGUCCCUGUUCGGGCGCCA Zt
84 'polypeptide(L)' IMNQEKLAKLQAQVRIGGKGTARRKKKVVHR CI
#
loop_
_chem_comp.id
_chem_comp.type
_chem_comp.name
_chem_comp.formula
1MA RNA linking 6-HYDRO-1-METHYLADENOSINE-5'-MONOPHOSPHATE 'C11 H16 N5 O7 P'
3HE non-polymer 4-{(2R)-2-[(1S,3S,5S)-3,5-dimethyl-2-oxocyclohexyl]-2-hydroxyethyl}piperidine-2,6-dione 'C15 H23 N O4'
4AC RNA linking N(4)-ACETYLCYTIDINE-5'-MONOPHOSPHATE 'C11 H16 N3 O9 P'
5MC RNA linking 5-METHYLCYTIDINE-5'-MONOPHOSPHATE 'C10 H16 N3 O8 P'
6MZ RNA linking N6-METHYLADENOSINE-5'-MONOPHOSPHATE 'C11 H16 N5 O7 P'
A RNA linking ADENOSINE-5'-MONOPHOSPHATE 'C10 H14 N5 O7 P'
A2M RNA linking '2'-O-methyladenosine 5'-(dihydrogen phosphate)' 'C11 H16 N5 O7 P'
B8N RNA linking '(2~{R})-2-azanyl-4-[5-[(2~{S},3~{R},4~{S},5~{R})-3,4-bis(oxidanyl)-5-(phosphonooxymethyl)oxolan-2-yl]-3-methyl-2,6-bis(oxidanylidene)pyrimidin-1-yl]butanoic acid' 'C14 H22 N3 O11 P'
C RNA linking CYTIDINE-5'-MONOPHOSPHATE 'C9 H14 N3 O8 P'
G RNA linking GUANOSINE-5'-MONOPHOSPHATE 'C10 H14 N5 O8 P'
G7M RNA linking N7-METHYL-GUANOSINE-5'-MONOPHOSPHATE 'C11 H17 N5 O8 P 1'
HMT non-polymer (3beta)-O~3~-[(2R)-2,6-dihydroxy-2-(2-methoxy-2-oxoethyl)-6-methylheptanoyl]cephalotaxine 'C29 H39 N O9'
MA6 RNA linking 6N-DIMETHYLADENOSINE-5'-MONOPHOSHATE 'C12 H18 N5 O7 P'
MG non-polymer 'MAGNESIUM ION' 'Mg 2'
OMC RNA linking O2'-METHYLYCYTIDINE-5'-MONOPHOSPHATE 'C10 H16 N3 O8 P'
OMG RNA linking O2'-METHYLGUANOSINE-5'-MONOPHOSPHATE 'C11 H16 N5 O8 P'
OMU RNA linking 'O2'-METHYLURIDINE 5'-MONOPHOSPHATE' 'C10 H15 N2 O9 P'
PSU RNA linking PSEUDOURIDINE-5'-MONOPHOSPHATE 'C9 H13 N2 O9 P'
SPD non-polymer SPERMIDINE 'C7 H19 N3'
SPM non-polymer SPERMINE 'C10 H26 N4'
U RNA linking URIDINE-5'-MONOPHOSPHATE 'C9 H13 N2 O9 P'
UR3 RNA linking 3-METHYLURIDINE-5'-MONOPHOSHATE 'C10 H15 N2 O9 P'
UY1 RNA linking 2'-O-methylpseudouridine-5'-monophosphate 'C10 H15 N2 O9 P'
ZN non-polymer 'ZINC ION' 'Zn 2'
#
# COMPACT_ATOMS: atom_id res chain seq x y z
P A2M B 398 -33.67 58.73 64.67
OP1 A2M B 398 -33.44 57.39 65.28
O5' A2M B 398 -32.33 59.91 64.90
C5' A2M B 398 -31.18 59.63 64.29
C4' A2M B 398 -30.54 60.91 63.79
O4' A2M B 398 -31.52 61.67 63.11
C3' A2M B 398 -30.04 61.75 64.94
O3' A2M B 398 -28.90 61.14 65.44
C2' A2M B 398 -29.98 63.13 64.29
O2' A2M B 398 -28.92 63.28 63.39
C1' A2M B 398 -31.32 63.01 63.54
CM' A2M B 398 -28.83 64.61 62.98
N9 A2M B 398 -32.48 63.46 64.27
C8 A2M B 398 -33.58 62.79 64.82
N7 A2M B 398 -34.44 63.62 65.43
C5 A2M B 398 -33.86 64.87 65.27
C6 A2M B 398 -34.21 66.15 65.66
N6 A2M B 398 -35.36 66.40 66.37
N1 A2M B 398 -33.44 67.24 65.37
C2 A2M B 398 -32.30 66.99 64.67
N3 A2M B 398 -31.81 65.83 64.22
C4 A2M B 398 -32.64 64.80 64.55
OP2 A2M B 398 -34.69 59.65 65.27
P A2M B 400 -26.43 66.43 71.02
OP1 A2M B 400 -25.06 65.97 71.44
O5' A2M B 400 -26.84 68.12 71.44
C5' A2M B 400 -26.18 69.08 70.77
C4' A2M B 400 -26.73 70.42 71.17
O4' A2M B 400 -27.95 70.62 70.51
C3' A2M B 400 -26.99 70.44 72.66
O3' A2M B 400 -25.77 70.72 73.25
C2' A2M B 400 -28.13 71.45 72.79
O2' A2M B 400 -27.69 72.78 72.74
C1' A2M B 400 -28.86 71.09 71.47
CM' A2M B 400 -28.75 73.63 72.43
N9 A2M B 400 -29.95 70.14 71.55
C8 A2M B 400 -30.06 68.80 71.21
N7 A2M B 400 -31.29 68.28 71.46
C5 A2M B 400 -31.98 69.37 72.01
C6 A2M B 400 -33.27 69.54 72.47
N6 A2M B 400 -34.19 68.51 72.47
N1 A2M B 400 -33.71 70.72 72.96
C2 A2M B 400 -32.81 71.73 72.96
N3 A2M B 400 -31.53 71.75 72.54
C4 A2M B 400 -31.17 70.53 72.07
OP2 A2M B 400 -27.63 65.86 71.72
P OMG B 902 11.19 29.88 61.43
OP1 OMG B 902 11.53 29.61 62.88
OP2 OMG B 902 12.30 29.90 60.37
O5' OMG B 902 10.11 28.79 60.99
C5' OMG B 902 9.05 28.43 61.86
C4' OMG B 902 7.96 27.68 61.14
O4' OMG B 902 7.40 28.50 60.10
C3' OMG B 902 8.40 26.42 60.43
O3' OMG B 902 8.53 25.32 61.32
C2' OMG B 902 7.30 26.23 59.39
O2' OMG B 902 6.17 25.61 59.97
CM2 OMG B 902 5.04 25.58 59.13
C1' OMG B 902 6.94 27.68 59.04
N9 OMG B 902 7.57 28.13 57.79
C8 OMG B 902 8.52 29.11 57.67
N7 OMG B 902 8.88 29.29 56.44
C5 OMG B 902 8.14 28.39 55.72
C6 OMG B 902 8.12 28.14 54.32
O6 OMG B 902 8.76 28.67 53.43
N1 OMG B 902 7.21 27.12 54.03
C2 OMG B 902 6.43 26.45 54.93
N2 OMG B 902 5.62 25.50 54.45
N3 OMG B 902 6.46 26.70 56.22
C4 OMG B 902 7.32 27.66 56.55
P 1MA B 908 18.97 24.65 53.84
OP1 1MA B 908 19.52 25.21 55.14
OP2 1MA B 908 18.08 23.41 53.85
O5' 1MA B 908 18.18 25.81 53.11
C5' 1MA B 908 18.85 27.00 52.70
C4' 1MA B 908 17.88 28.09 52.32
O4' 1MA B 908 17.13 27.68 51.15
C3' 1MA B 908 16.85 28.44 53.39
O3' 1MA B 908 16.63 29.85 53.41
C2' 1MA B 908 15.58 27.73 52.90
O2' 1MA B 908 14.37 28.33 53.32
C1' 1MA B 908 15.75 27.83 51.38
N9 1MA B 908 15.04 26.79 50.64
C8 1MA B 908 14.48 25.65 51.17
N7 1MA B 908 13.92 24.92 50.25
C5 1MA B 908 14.11 25.59 49.08
C6 1MA B 908 13.70 25.26 47.75
N6 1MA B 908 13.06 24.20 47.44
N1 1MA B 908 14.12 26.24 46.84
CM1 1MA B 908 13.79 26.05 45.44
C2 1MA B 908 14.82 27.35 47.20
N3 1MA B 908 15.19 27.67 48.39
C4 1MA B 908 14.81 26.75 49.31
P A2M B 909 17.47 30.77 54.41
OP1 A2M B 909 18.95 30.65 54.18
O5' A2M B 909 16.78 32.43 54.20
C5' A2M B 909 15.46 32.55 54.40
C4' A2M B 909 14.84 33.35 53.27
O4' A2M B 909 15.81 34.25 52.81
C3' A2M B 909 14.43 32.46 52.12
O3' A2M B 909 13.17 31.97 52.44
C2' A2M B 909 14.55 33.38 50.92
O2' A2M B 909 13.43 34.21 50.76
C1' A2M B 909 15.76 34.21 51.40
CM' A2M B 909 13.76 35.51 50.31
N9 A2M B 909 17.07 33.90 50.89
C8 A2M B 909 18.22 33.38 51.47
N7 A2M B 909 19.26 33.29 50.61
C5 A2M B 909 18.72 33.79 49.43
C6 A2M B 909 19.22 33.98 48.16
N6 A2M B 909 20.52 33.65 47.83
N1 A2M B 909 18.47 34.49 47.14
C2 A2M B 909 17.20 34.81 47.47
N3 A2M B 909 16.56 34.70 48.63
C4 A2M B 909 17.37 34.17 49.58
OP2 A2M B 909 16.94 30.67 55.81
P A2M B 912 12.39 28.30 42.50
OP1 A2M B 912 13.53 28.60 43.42
O5' A2M B 912 11.18 28.18 43.86
C5' A2M B 912 9.89 28.07 43.49
C4' A2M B 912 9.27 26.82 44.12
O4' A2M B 912 10.26 26.18 44.90
C3' A2M B 912 8.09 27.18 44.99
O3' A2M B 912 6.98 27.22 44.14
C2' A2M B 912 8.13 26.13 46.09
O2' A2M B 912 7.50 24.92 45.74
C1' A2M B 912 9.67 25.92 46.15
CM' A2M B 912 8.02 23.83 46.46
N9 A2M B 912 10.42 26.62 47.17
C8 A2M B 912 11.26 27.74 47.12
N7 A2M B 912 11.79 28.06 48.31
C5 A2M B 912 11.25 27.12 49.17
C6 A2M B 912 11.37 26.87 50.52
N6 A2M B 912 12.16 27.67 51.33
N1 A2M B 912 10.73 25.85 51.15
C2 A2M B 912 9.95 25.09 50.34
N3 A2M B 912 9.73 25.17 49.02
C4 A2M B 912 10.41 26.21 48.48
OP2 A2M B 912 12.46 27.10 41.60
N1 OMC B 926 -8.15 6.46 76.03
C2 OMC B 926 -8.28 5.45 75.06
N3 OMC B 926 -7.25 5.23 74.22
C4 OMC B 926 -6.14 5.93 74.29
C5 OMC B 926 -5.97 6.96 75.25
C6 OMC B 926 -7.01 7.17 76.08
O2 OMC B 926 -9.31 4.79 75.00
N4 OMC B 926 -5.16 5.66 73.43
C1' OMC B 926 -9.23 6.80 76.99
C2' OMC B 926 -9.34 5.79 78.15
O2' OMC B 926 -10.70 5.74 78.56
CM2 OMC B 926 -11.61 5.39 77.55
C3' OMC B 926 -8.49 6.47 79.21
C4' OMC B 926 -8.80 7.94 78.99
O4' OMC B 926 -8.94 8.06 77.55
O3' OMC B 926 -8.77 6.04 80.52
C5' OMC B 926 -7.76 8.91 79.47
O5' OMC B 926 -6.48 8.59 78.93
P OMC B 926 -5.28 9.61 79.05
OP1 OMC B 926 -5.18 10.04 80.50
OP2 OMC B 926 -4.07 8.99 78.36
P OMG B 1108 -11.37 13.59 57.55
OP1 OMG B 1108 -12.86 13.55 57.30
OP2 OMG B 1108 -10.72 12.50 58.39
O5' OMG B 1108 -10.63 13.64 56.15
C5' OMG B 1108 -10.97 14.61 55.16
C4' OMG B 1108 -9.99 14.63 54.03
O4' OMG B 1108 -8.69 15.10 54.49
C3' OMG B 1108 -9.67 13.28 53.42
O3' OMG B 1108 -10.68 12.83 52.54
C2' OMG B 1108 -8.33 13.55 52.74
O2' OMG B 1108 -8.52 14.31 51.55
CM2 OMG B 1108 -7.63 13.96 50.53
C1' OMG B 1108 -7.67 14.44 53.78
N9 OMG B 1108 -6.87 13.64 54.74
C8 OMG B 1108 -7.22 13.28 56.01
N7 OMG B 1108 -6.30 12.56 56.58
C5 OMG B 1108 -5.31 12.44 55.64
C6 OMG B 1108 -4.06 11.75 55.69
O6 OMG B 1108 -3.57 11.11 56.61
N1 OMG B 1108 -3.37 11.89 54.50
C2 OMG B 1108 -3.81 12.58 53.40
N2 OMG B 1108 -2.99 12.60 52.34
N3 OMG B 1108 -4.95 13.20 53.35
C4 OMG B 1108 -5.65 13.09 54.49
P A2M B 1110 -13.64 10.37 46.87
OP1 A2M B 1110 -14.82 11.27 46.86
O5' A2M B 1110 -13.14 9.71 45.26
C5' A2M B 1110 -12.12 10.36 44.67
C4' A2M B 1110 -11.44 9.41 43.70
O4' A2M B 1110 -10.27 8.91 44.29
C3' A2M B 1110 -12.34 8.25 43.41
O3' A2M B 1110 -13.32 8.72 42.55
C2' A2M B 1110 -11.35 7.17 42.93
O2' A2M B 1110 -11.16 7.19 41.54
C1' A2M B 1110 -10.05 7.67 43.65
CM' A2M B 1110 -11.51 5.94 40.99
N9 A2M B 1110 -9.40 6.75 44.56
C8 A2M B 1110 -8.28 5.92 44.41
N7 A2M B 1110 -8.00 5.21 45.50
C5 A2M B 1110 -8.98 5.60 46.41
C6 A2M B 1110 -9.26 5.26 47.72
N6 A2M B 1110 -8.50 4.34 48.41
N1 A2M B 1110 -10.31 5.80 48.40
C2 A2M B 1110 -11.05 6.70 47.71
N3 A2M B 1110 -10.92 7.15 46.45
C4 A2M B 1110 -9.86 6.55 45.84
OP2 A2M B 1110 -13.75 9.00 47.48
P A2M B 1120 -41.53 14.23 33.23
OP1 A2M B 1120 -42.48 13.94 34.36
O5' A2M B 1120 -40.47 15.29 34.26
C5' A2M B 1120 -41.09 15.99 35.23
C4' A2M B 1120 -41.28 17.43 34.77
O4' A2M B 1120 -41.87 18.16 35.83
C3' A2M B 1120 -39.96 18.09 34.43
O3' A2M B 1120 -40.25 18.99 33.41
C2' A2M B 1120 -39.51 18.62 35.78
O2' A2M B 1120 -38.65 19.72 35.70
C1' A2M B 1120 -40.90 19.06 36.27
CM' A2M B 1120 -37.47 19.40 34.99
N9 A2M B 1120 -41.07 19.29 37.68
C8 A2M B 1120 -41.06 18.44 38.78
N7 A2M B 1120 -41.27 19.08 39.95
C5 A2M B 1120 -41.44 20.39 39.56
C6 A2M B 1120 -41.69 21.57 40.24
N6 A2M B 1120 -41.83 21.59 41.61
N1 A2M B 1120 -41.81 22.77 39.62
C2 A2M B 1120 -41.67 22.73 38.27
N3 A2M B 1120 -41.43 21.71 37.45
C4 A2M B 1120 -41.32 20.55 38.16
OP2 A2M B 1120 -42.07 14.86 31.99
N1 PSU B 1122 -37.26 14.83 29.47
C2 PSU B 1122 -37.19 13.75 30.32
N3 PSU B 1122 -35.97 13.19 30.63
C4 PSU B 1122 -34.82 13.71 30.07
C5 PSU B 1122 -34.91 14.80 29.21
C6 PSU B 1122 -36.15 15.35 28.92
O2 PSU B 1122 -38.22 13.31 30.81
O4 PSU B 1122 -33.74 13.22 30.34
C1' PSU B 1122 -33.67 15.38 28.59
C2' PSU B 1122 -33.23 14.57 27.37
O2' PSU B 1122 -31.82 14.61 27.29
C3' PSU B 1122 -33.85 15.37 26.24
C4' PSU B 1122 -33.73 16.79 26.73
O3' PSU B 1122 -33.23 15.17 24.99
O4' PSU B 1122 -33.94 16.70 28.16
C5' PSU B 1122 -34.70 17.77 26.13
O5' PSU B 1122 -34.99 18.83 27.00
P PSU B 1122 -36.50 19.21 27.33
OP1 PSU B 1122 -36.96 20.15 26.29
OP2 PSU B 1122 -37.28 17.98 27.60
N1 PSU B 1168 -40.72 30.18 5.60
C2 PSU B 1168 -41.78 29.66 6.30
N3 PSU B 1168 -42.60 30.48 7.03
C4 PSU B 1168 -42.37 31.84 7.06
C5 PSU B 1168 -41.28 32.37 6.37
C6 PSU B 1168 -40.48 31.51 5.63
O2 PSU B 1168 -42.00 28.44 6.27
O4 PSU B 1168 -43.14 32.52 7.74
C1' PSU B 1168 -40.91 33.83 6.32
C2' PSU B 1168 -40.82 34.48 7.70
O2' PSU B 1168 -41.03 35.87 7.57
C3' PSU B 1168 -39.38 34.19 8.07
C4' PSU B 1168 -38.66 34.34 6.74
O3' PSU B 1168 -38.86 35.04 9.07
O4' PSU B 1168 -39.62 33.87 5.75
C5' PSU B 1168 -37.37 33.57 6.61
O5' PSU B 1168 -36.85 33.67 5.30
P PSU B 1168 -35.37 33.21 4.97
OP1 PSU B 1168 -34.43 34.11 5.68
OP2 PSU B 1168 -35.27 31.75 5.20
P OMG B 1211 -27.03 -0.21 40.54
OP1 OMG B 1211 -28.18 -0.83 41.34
OP2 OMG B 1211 -25.89 0.48 41.28
O5' OMG B 1211 -26.41 -1.32 39.61
C5' OMG B 1211 -27.24 -2.36 39.07
C4' OMG B 1211 -27.10 -2.46 37.57
O4' OMG B 1211 -26.37 -1.30 37.09
C3' OMG B 1211 -26.33 -3.67 37.07
O3' OMG B 1211 -26.78 -4.02 35.77
C2' OMG B 1211 -24.90 -3.15 37.00
O2' OMG B 1211 -24.08 -3.84 36.08
CM2 OMG B 1211 -23.79 -5.17 36.45
C1' OMG B 1211 -25.10 -1.69 36.58
N9 OMG B 1211 -24.11 -0.78 37.14
C8 OMG B 1211 -24.36 0.28 37.98
N7 OMG B 1211 -23.28 0.92 38.32
C5 OMG B 1211 -22.27 0.25 37.69
C6 OMG B 1211 -20.86 0.49 37.70
O6 OMG B 1211 -20.24 1.36 38.28
N1 OMG B 1211 -20.19 -0.44 36.91
C2 OMG B 1211 -20.77 -1.46 36.21
N2 OMG B 1211 -19.95 -2.25 35.52
N3 OMG B 1211 -22.06 -1.68 36.21
C4 OMG B 1211 -22.75 -0.81 36.95
N1 PSU B 1263 12.20 -7.39 48.88
C2 PSU B 1263 13.47 -7.28 48.37
N3 PSU B 1263 14.11 -6.06 48.38
C4 PSU B 1263 13.46 -4.96 48.89
C5 PSU B 1263 12.19 -5.08 49.40
C6 PSU B 1263 11.56 -6.32 49.38
O2 PSU B 1263 14.04 -8.27 47.91
O4 PSU B 1263 14.02 -3.86 48.90
C1' PSU B 1263 11.48 -3.90 49.96
C2' PSU B 1263 10.37 -3.51 48.99
O2' PSU B 1263 10.84 -2.63 48.00
C3' PSU B 1263 9.34 -2.88 49.93
C4' PSU B 1263 9.50 -3.70 51.21
O3' PSU B 1263 9.70 -1.53 50.19
O4' PSU B 1263 10.83 -4.28 51.15
C5' PSU B 1263 8.49 -4.78 51.44
O5' PSU B 1263 8.07 -5.39 50.22
P PSU B 1263 6.53 -5.64 49.94
OP1 PSU B 1263 6.05 -6.84 50.67
OP2 PSU B 1263 5.87 -4.33 50.18
N1 PSU B 1269 15.46 -2.94 62.36
C2 PSU B 1269 16.37 -2.27 61.58
N3 PSU B 1269 17.53 -2.90 61.16
C4 PSU B 1269 17.77 -4.19 61.55
C5 PSU B 1269 16.86 -4.86 62.35
C6 PSU B 1269 15.70 -4.22 62.75
O2 PSU B 1269 16.14 -1.12 61.23
O4 PSU B 1269 18.80 -4.75 61.18
C1' PSU B 1269 17.10 -6.29 62.79
C2' PSU B 1269 18.15 -6.32 63.89
O2' PSU B 1269 18.82 -7.57 63.82
C3' PSU B 1269 17.27 -6.27 65.13
C4' PSU B 1269 16.09 -7.12 64.73
O3' PSU B 1269 17.91 -6.73 66.31
O4' PSU B 1269 15.91 -6.82 63.33
C5' PSU B 1269 14.81 -6.86 65.48
O5' PSU B 1269 14.55 -5.47 65.57
P PSU B 1269 13.08 -4.92 65.82
OP1 PSU B 1269 12.61 -5.39 67.14
OP2 PSU B 1269 13.05 -3.48 65.52
N1 PSU B 1321 56.66 -14.92 30.91
C2 PSU B 1321 56.16 -13.64 31.01
N3 PSU B 1321 54.81 -13.43 31.16
C4 PSU B 1321 53.96 -14.52 31.21
C5 PSU B 1321 54.47 -15.80 31.10
C6 PSU B 1321 55.84 -15.99 30.96
O2 PSU B 1321 56.92 -12.67 30.96
O4 PSU B 1321 52.75 -14.35 31.34
C1' PSU B 1321 53.56 -17.00 31.17
C2' PSU B 1321 52.80 -17.28 29.88
O2' PSU B 1321 51.48 -17.70 30.22
C3' PSU B 1321 53.59 -18.42 29.26
C4' PSU B 1321 54.11 -19.17 30.48
O3' PSU B 1321 52.82 -19.25 28.42
O4' PSU B 1321 54.34 -18.14 31.46
C5' PSU B 1321 55.38 -19.95 30.25
O5' PSU B 1321 56.36 -19.15 29.60
P PSU B 1321 57.81 -19.74 29.28
OP1 PSU B 1321 57.66 -21.03 28.60
OP2 PSU B 1321 58.60 -18.66 28.66
N1 PSU B 1358 68.96 -12.13 21.64
C2 PSU B 1358 68.22 -11.46 20.70
N3 PSU B 1358 68.70 -10.27 20.19
C4 PSU B 1358 69.90 -9.77 20.61
C5 PSU B 1358 70.64 -10.45 21.58
C6 PSU B 1358 70.14 -11.66 22.07
O2 PSU B 1358 67.15 -11.90 20.32
O4 PSU B 1358 70.29 -8.71 20.13
C1' PSU B 1358 71.98 -9.97 22.08
C2' PSU B 1358 71.87 -8.62 22.79
O2' PSU B 1358 73.07 -7.90 22.56
C3' PSU B 1358 71.78 -9.05 24.26
C4' PSU B 1358 72.69 -10.26 24.31
O3' PSU B 1358 72.17 -8.03 25.16
O4' PSU B 1358 72.48 -10.90 23.02
C5' PSU B 1358 72.39 -11.23 25.42
O5' PSU B 1358 73.49 -12.10 25.67
P PSU B 1358 73.29 -13.45 26.48
OP1 PSU B 1358 73.94 -13.35 27.80
OP2 PSU B 1358 71.86 -13.82 26.41
N1 PSU B 1359 67.62 -8.77 23.00
C2 PSU B 1359 66.42 -8.99 22.38
N3 PSU B 1359 65.91 -8.07 21.48
C4 PSU B 1359 66.63 -6.91 21.23
C5 PSU B 1359 67.84 -6.70 21.87
C6 PSU B 1359 68.33 -7.65 22.76
O2 PSU B 1359 65.78 -10.02 22.61
O4 PSU B 1359 66.18 -6.09 20.43
C1' PSU B 1359 68.65 -5.46 21.59
C2' PSU B 1359 68.07 -4.24 22.32
O2' PSU B 1359 68.31 -3.09 21.52
C3' PSU B 1359 68.92 -4.20 23.57
C4' PSU B 1359 70.28 -4.69 23.10
O3' PSU B 1359 69.00 -2.92 24.17
O4' PSU B 1359 69.96 -5.67 22.07
C5' PSU B 1359 71.13 -5.34 24.16
O5' PSU B 1359 70.37 -6.30 24.89
P PSU B 1359 71.07 -7.22 25.99
OP1 PSU B 1359 71.77 -6.37 26.98
OP2 PSU B 1359 70.05 -8.19 26.44
N1 PSU B 1369 59.09 -10.19 42.92
C2 PSU B 1369 58.65 -8.89 42.85
N3 PSU B 1369 59.52 -7.85 43.07
C4 PSU B 1369 60.83 -8.11 43.37
C5 PSU B 1369 61.28 -9.43 43.45
C6 PSU B 1369 60.38 -10.46 43.22
O2 PSU B 1369 57.48 -8.66 42.58
O4 PSU B 1369 61.58 -7.15 43.56
C1' PSU B 1369 62.71 -9.78 43.78
C2' PSU B 1369 63.04 -9.32 45.19
O2' PSU B 1369 64.43 -9.00 45.25
C3' PSU B 1369 62.75 -10.58 45.99
C4' PSU B 1369 63.25 -11.67 45.05
O3' PSU B 1369 63.37 -10.60 47.26
O4' PSU B 1369 62.88 -11.18 43.74
C5' PSU B 1369 62.69 -13.05 45.28
O5' PSU B 1369 61.30 -13.10 44.98
P PSU B 1369 60.52 -14.50 45.02
OP1 PSU B 1369 61.13 -15.25 46.12
OP2 PSU B 1369 59.07 -14.21 45.02
N1 PSU B 1437 41.12 12.77 47.91
C2 PSU B 1437 40.37 11.74 48.43
N3 PSU B 1437 41.00 10.71 49.11
C4 PSU B 1437 42.37 10.73 49.27
C5 PSU B 1437 43.12 11.77 48.73
C6 PSU B 1437 42.46 12.79 48.05
O2 PSU B 1437 39.15 11.73 48.29
O4 PSU B 1437 42.93 9.82 49.87
C1' PSU B 1437 44.61 11.79 48.89
C2' PSU B 1437 45.29 10.90 47.86
O2' PSU B 1437 46.45 10.35 48.43
C3' PSU B 1437 45.64 11.92 46.78
C4' PSU B 1437 46.00 13.14 47.59
O3' PSU B 1437 46.70 11.50 45.93
O4' PSU B 1437 45.09 13.10 48.72
C5' PSU B 1437 45.85 14.46 46.87
O5' PSU B 1437 44.56 14.56 46.28
P PSU B 1437 44.00 15.98 45.81
OP1 PSU B 1437 44.95 16.54 44.82
OP2 PSU B 1437 42.58 15.79 45.44
N1 PSU B 1439 41.45 8.71 42.72
C2 PSU B 1439 40.20 9.30 42.70
N3 PSU B 1439 39.07 8.53 42.64
C4 PSU B 1439 39.18 7.15 42.60
C5 PSU B 1439 40.43 6.56 42.62
C6 PSU B 1439 41.57 7.37 42.69
O2 PSU B 1439 40.11 10.52 42.74
O4 PSU B 1439 38.17 6.46 42.54
C1' PSU B 1439 40.58 5.06 42.58
C2' PSU B 1439 40.35 4.53 41.16
O2' PSU B 1439 39.69 3.27 41.27
C3' PSU B 1439 41.78 4.34 40.68
C4' PSU B 1439 42.52 3.93 41.94
O3' PSU B 1439 41.91 3.37 39.64
O4' PSU B 1439 41.88 4.69 42.98
C5' PSU B 1439 44.00 4.20 41.93
O5' PSU B 1439 44.29 5.55 41.64
P PSU B 1439 45.72 6.17 41.91
OP1 PSU B 1439 46.72 5.28 41.27
OP2 PSU B 1439 45.71 7.60 41.58
P A2M B 1448 26.07 13.07 40.64
OP1 A2M B 1448 24.92 13.45 41.54
O5' A2M B 1448 26.26 11.29 40.32
C5' A2M B 1448 25.21 10.69 39.72
C4' A2M B 1448 25.61 9.29 39.28
O4' A2M B 1448 26.54 9.39 38.23
C3' A2M B 1448 26.26 8.49 40.38
O3' A2M B 1448 25.27 8.09 41.25
C2' A2M B 1448 27.01 7.44 39.60
O2' A2M B 1448 26.19 6.45 39.06
C1' A2M B 1448 27.49 8.37 38.47
CM' A2M B 1448 26.96 5.34 38.66
N9 A2M B 1448 28.77 8.97 38.68
C8 A2M B 1448 29.17 10.29 38.88
N7 A2M B 1448 30.50 10.42 39.04
C5 A2M B 1448 30.96 9.10 38.95
C6 A2M B 1448 32.20 8.52 39.03
N6 A2M B 1448 33.34 9.27 39.25
N1 A2M B 1448 32.38 7.18 38.90
C2 A2M B 1448 31.27 6.46 38.70
N3 A2M B 1448 30.00 6.85 38.59
C4 A2M B 1448 29.90 8.19 38.73
OP2 A2M B 1448 27.47 13.20 41.16
N1 OMC B 1792 -6.69 26.20 60.27
C2 OMC B 1792 -7.15 26.06 61.60
N3 OMC B 1792 -6.87 27.04 62.48
C4 OMC B 1792 -6.18 28.10 62.13
C5 OMC B 1792 -5.68 28.28 60.80
C6 OMC B 1792 -5.97 27.30 59.94
O2 OMC B 1792 -7.79 25.08 61.94
N4 OMC B 1792 -5.93 29.03 63.05
C1' OMC B 1792 -6.92 25.20 59.22
C2' OMC B 1792 -8.40 25.02 58.87
O2' OMC B 1792 -8.61 23.67 58.46
CM2 OMC B 1792 -8.22 22.70 59.40
C3' OMC B 1792 -8.56 25.95 57.69
C4' OMC B 1792 -7.23 25.82 56.97
O4' OMC B 1792 -6.27 25.63 58.04
O3' OMC B 1792 -9.66 25.63 56.86
C5' OMC B 1792 -6.82 26.98 56.11
O5' OMC B 1792 -7.75 27.19 55.06
P OMC B 1792 -7.58 28.40 54.04
OP1 OMC B 1792 -8.59 28.22 52.92
OP2 OMC B 1792 -7.59 29.68 54.85
P A2M B 1804 -12.74 53.56 37.35
OP1 A2M B 1804 -12.30 54.33 36.14
O5' A2M B 1804 -13.11 51.80 37.08
C5' A2M B 1804 -12.10 51.03 36.64
C4' A2M B 1804 -12.55 49.58 36.48
O4' A2M B 1804 -12.70 49.00 37.76
C3' A2M B 1804 -13.88 49.47 35.76
O3' A2M B 1804 -13.61 49.55 34.41
C2' A2M B 1804 -14.45 48.19 36.31
O2' A2M B 1804 -13.86 47.04 35.77
C1' A2M B 1804 -13.95 48.37 37.76
CM' A2M B 1804 -14.85 46.14 35.33
N9 A2M B 1804 -14.82 49.08 38.65
C8 A2M B 1804 -14.74 50.33 39.25
N7 A2M B 1804 -15.79 50.60 40.04
C5 A2M B 1804 -16.58 49.47 39.93
C6 A2M B 1804 -17.78 49.09 40.48
N6 A2M B 1804 -18.48 49.92 41.33
N1 A2M B 1804 -18.36 47.89 40.21
C2 A2M B 1804 -17.67 47.09 39.36
N3 A2M B 1804 -16.50 47.29 38.75
C4 A2M B 1804 -15.99 48.50 39.07
OP2 A2M B 1804 -14.10 53.84 37.93
P OMG B 1805 -14.33 50.66 33.50
OP1 OMG B 1805 -14.27 50.20 32.05
OP2 OMG B 1805 -13.79 52.02 33.90
O5' OMG B 1805 -15.87 50.60 33.96
C5' OMG B 1805 -16.67 49.49 33.63
C4' OMG B 1805 -17.65 49.16 34.73
O4' OMG B 1805 -17.12 49.65 35.98
C3' OMG B 1805 -19.01 49.81 34.63
O3' OMG B 1805 -19.88 49.10 33.76
C2' OMG B 1805 -19.50 49.83 36.07
O2' OMG B 1805 -20.11 48.59 36.40
CM2 OMG B 1805 -20.58 48.50 37.73
C1' OMG B 1805 -18.19 49.94 36.86
N9 OMG B 1805 -17.95 51.26 37.46
C8 OMG B 1805 -16.85 52.06 37.24
N7 OMG B 1805 -16.88 53.17 37.91
C5 OMG B 1805 -18.04 53.11 38.62
C6 OMG B 1805 -18.60 54.05 39.53
O6 OMG B 1805 -18.17 55.12 39.88
N1 OMG B 1805 -19.83 53.58 40.03
C2 OMG B 1805 -20.41 52.40 39.71
N2 OMG B 1805 -21.59 52.13 40.31
N3 OMG B 1805 -19.89 51.53 38.88
C4 OMG B 1805 -18.72 51.93 38.37
N1 OMC B 1806 -22.94 52.52 36.76
C2 OMC B 1806 -23.14 53.58 37.68
N3 OMC B 1806 -22.19 54.53 37.76
C4 OMC B 1806 -21.11 54.50 37.02
C5 OMC B 1806 -20.87 53.45 36.09
C6 OMC B 1806 -21.82 52.50 36.01
O2 OMC B 1806 -24.14 53.59 38.36
N4 OMC B 1806 -20.21 55.47 37.16
C1' OMC B 1806 -23.92 51.43 36.60
C2' OMC B 1806 -25.13 51.85 35.76
O2' OMC B 1806 -26.27 51.19 36.26
CM2 OMC B 1806 -26.65 51.60 37.56
C3' OMC B 1806 -24.75 51.28 34.40
C4' OMC B 1806 -24.02 50.01 34.76
O4' OMC B 1806 -23.29 50.36 35.95
O3' OMC B 1806 -25.87 51.07 33.56
C5' OMC B 1806 -23.09 49.45 33.72
O5' OMC B 1806 -22.03 50.36 33.43
P OMC B 1806 -20.73 49.88 32.65
OP1 OMC B 1806 -21.18 48.85 31.62
OP2 OMC B 1806 -19.94 51.11 32.22
P A2M B 1842 -57.35 43.30 28.11
OP1 A2M B 1842 -58.45 43.71 29.05
O5' A2M B 1842 -58.19 41.76 27.64
C5' A2M B 1842 -57.76 40.63 28.23
C4' A2M B 1842 -58.29 39.41 27.48
O4' A2M B 1842 -57.62 39.32 26.23
C3' A2M B 1842 -58.04 38.14 28.26
O3' A2M B 1842 -59.04 38.06 29.23
C2' A2M B 1842 -57.97 37.09 27.17
O2' A2M B 1842 -59.21 36.66 26.70
C1' A2M B 1842 -57.28 37.95 26.09
CM' A2M B 1842 -59.56 35.45 27.33
N9 A2M B 1842 -55.84 37.83 26.01
C8 A2M B 1842 -54.80 38.75 26.15
N7 A2M B 1842 -53.58 38.18 26.01
C5 A2M B 1842 -53.88 36.84 25.76
C6 A2M B 1842 -53.12 35.72 25.53
N6 A2M B 1842 -51.74 35.76 25.49
N1 A2M B 1842 -53.67 34.49 25.29
C2 A2M B 1842 -55.02 34.45 25.34
N3 A2M B 1842 -55.90 35.43 25.55
C4 A2M B 1842 -55.27 36.61 25.76
OP2 A2M B 1842 -55.96 43.14 28.64
N1 OMC B 1863 -30.24 56.85 39.91
C2 OMC B 1863 -31.14 57.77 39.32
N3 OMC B 1863 -32.10 57.29 38.49
C4 OMC B 1863 -32.19 56.00 38.24
C5 OMC B 1863 -31.31 55.05 38.80
C6 OMC B 1863 -30.35 55.53 39.61
O2 OMC B 1863 -31.04 58.96 39.56
N4 OMC B 1863 -33.17 55.61 37.42
C1' OMC B 1863 -29.14 57.26 40.80
C2' OMC B 1863 -29.63 57.66 42.19
O2' OMC B 1863 -28.87 58.79 42.63
CM2 OMC B 1863 -29.07 59.96 41.87
C3' OMC B 1863 -29.26 56.44 43.02
C4' OMC B 1863 -28.00 55.94 42.34
O4' OMC B 1863 -28.25 56.19 40.93
O3' OMC B 1863 -29.05 56.74 44.39
C5' OMC B 1863 -27.68 54.48 42.54
O5' OMC B 1863 -28.81 53.76 42.98
P OMC B 1863 -28.68 52.67 44.13
OP1 OMC B 1863 -27.62 53.15 45.10
OP2 OMC B 1863 -30.08 52.37 44.64
P OMG B 1865 -34.95 59.93 47.15
OP1 OMG B 1865 -34.93 60.93 48.31
OP2 OMG B 1865 -34.68 58.46 47.40
O5' OMG B 1865 -36.37 60.05 46.44
C5' OMG B 1865 -36.86 61.31 45.98
C4' OMG B 1865 -38.01 61.11 45.01
O4' OMG B 1865 -37.52 60.43 43.83
C3' OMG B 1865 -39.15 60.24 45.53
O3' OMG B 1865 -40.11 60.98 46.26
C2' OMG B 1865 -39.71 59.61 44.26
O2' OMG B 1865 -40.57 60.53 43.59
CM2 OMG B 1865 -41.61 59.89 42.90
C1' OMG B 1865 -38.45 59.44 43.43
N9 OMG B 1865 -37.83 58.11 43.62
C8 OMG B 1865 -36.91 57.74 44.56
N7 OMG B 1865 -36.57 56.49 44.46
C5 OMG B 1865 -37.30 56.01 43.40
C6 OMG B 1865 -37.36 54.72 42.83
O6 OMG B 1865 -36.75 53.72 43.15
N1 OMG B 1865 -38.26 54.70 41.76
C2 OMG B 1865 -39.00 55.75 41.31
N2 OMG B 1865 -39.80 55.51 40.27
N3 OMG B 1865 -38.94 56.94 41.84
C4 OMG B 1865 -38.09 57.02 42.87
N1 PSU B 2073 -65.50 68.55 2.05
C2 PSU B 2073 -65.09 69.19 3.21
N3 PSU B 2073 -63.77 69.55 3.37
C4 PSU B 2073 -62.87 69.29 2.37
C5 PSU B 2073 -63.29 68.64 1.21
C6 PSU B 2073 -64.62 68.28 1.07
O2 PSU B 2073 -65.90 69.43 4.11
O4 PSU B 2073 -61.69 69.62 2.49
C1' PSU B 2073 -62.30 68.36 0.12
C2' PSU B 2073 -61.52 67.08 0.41
O2' PSU B 2073 -60.19 67.25 -0.04
C3' PSU B 2073 -62.25 66.06 -0.47
C4' PSU B 2073 -62.63 66.91 -1.68
O3' PSU B 2073 -61.46 64.95 -0.82
O4' PSU B 2073 -62.96 68.20 -1.12
C5' PSU B 2073 -63.78 66.40 -2.51
O5' PSU B 2073 -64.81 65.85 -1.69
P PSU B 2073 -66.34 66.05 -2.07
OP1 PSU B 2073 -66.47 65.93 -3.53
OP2 PSU B 2073 -67.16 65.20 -1.19
P A2M B 2228 -48.34 37.76 27.74
OP1 A2M B 2228 -49.32 38.80 28.16
O5' A2M B 2228 -46.93 38.72 28.32
C5' A2M B 2228 -45.77 38.03 28.44
C4' A2M B 2228 -44.83 38.74 29.39
O4' A2M B 2228 -44.95 38.16 30.68
C3' A2M B 2228 -43.39 38.62 28.90
O3' A2M B 2228 -43.11 39.77 28.17
C2' A2M B 2228 -42.55 38.27 30.15
O2' A2M B 2228 -41.83 39.35 30.73
C1' A2M B 2228 -43.67 37.74 31.10
CM' A2M B 2228 -42.64 40.25 31.44
N9 A2M B 2228 -43.67 36.31 31.28
C8 A2M B 2228 -42.89 35.29 30.74
N7 A2M B 2228 -43.23 34.07 31.17
C5 A2M B 2228 -44.29 34.32 32.05
C6 A2M B 2228 -45.10 33.52 32.82
N6 A2M B 2228 -44.94 32.15 32.85
N1 A2M B 2228 -46.08 34.02 33.60
C2 A2M B 2228 -46.23 35.38 33.56
N3 A2M B 2228 -45.55 36.30 32.87
C4 A2M B 2228 -44.58 35.71 32.12
OP2 A2M B 2228 -48.28 37.35 26.31
N1 OMC B 2245 -55.22 33.46 20.90
C2 OMC B 2245 -55.48 34.48 21.83
N3 OMC B 2245 -54.44 35.18 22.32
C4 OMC B 2245 -53.20 34.92 21.96
C5 OMC B 2245 -52.89 33.89 21.01
C6 OMC B 2245 -53.94 33.20 20.53
O2 OMC B 2245 -56.63 34.71 22.17
N4 OMC B 2245 -52.22 35.65 22.47
C1' OMC B 2245 -56.29 32.63 20.32
C2' OMC B 2245 -56.99 33.31 19.13
O2' OMC B 2245 -58.37 33.04 19.20
CM2 OMC B 2245 -59.10 34.09 19.80
C3' OMC B 2245 -56.36 32.58 17.95
C4' OMC B 2245 -56.12 31.19 18.50
O4' OMC B 2245 -55.73 31.42 19.87
O3' OMC B 2245 -57.18 32.56 16.79
C5' OMC B 2245 -55.05 30.40 17.80
O5' OMC B 2245 -53.86 31.15 17.67
P OMC B 2245 -52.47 30.44 17.38
OP1 OMC B 2245 -52.54 29.79 16.00
OP2 OMC B 2245 -51.34 31.41 17.69
P A2M B 2256 -45.58 40.55 6.34
OP1 A2M B 2256 -44.81 41.28 7.41
O5' A2M B 2256 -44.06 39.89 5.56
C5' A2M B 2256 -43.26 39.15 6.35
C4' A2M B 2256 -41.90 38.96 5.68
O4' A2M B 2256 -42.07 38.68 4.30
C3' A2M B 2256 -41.01 40.18 5.83
O3' A2M B 2256 -40.42 40.09 7.11
C2' A2M B 2256 -40.12 40.08 4.60
O2' A2M B 2256 -39.05 39.19 4.74
C1' A2M B 2256 -41.16 39.49 3.60
CM' A2M B 2256 -37.84 39.80 4.38
N9 A2M B 2256 -41.92 40.42 2.79
C8 A2M B 2256 -43.29 40.48 2.48
N7 A2M B 2256 -43.61 41.53 1.70
C5 A2M B 2256 -42.39 42.16 1.50
C6 A2M B 2256 -42.01 43.29 0.80
N6 A2M B 2256 -42.93 44.04 0.10
N1 A2M B 2256 -40.74 43.73 0.76
C2 A2M B 2256 -39.84 42.99 1.44
N3 A2M B 2256 -40.02 41.88 2.17
C4 A2M B 2256 -41.33 41.50 2.17
OP2 A2M B 2256 -46.48 41.33 5.43
N1 OMC B 2265 -45.22 53.81 25.03
C2 OMC B 2265 -44.47 54.42 24.01
N3 OMC B 2265 -45.09 55.28 23.18
C4 OMC B 2265 -46.38 55.54 23.30
C5 OMC B 2265 -47.18 54.93 24.30
C6 OMC B 2265 -46.55 54.08 25.12
O2 OMC B 2265 -43.28 54.18 23.90
N4 OMC B 2265 -46.92 56.40 22.44
C1' OMC B 2265 -44.67 52.81 25.99
C2' OMC B 2265 -43.83 53.43 27.11
O2' OMC B 2265 -42.67 52.63 27.30
CM2 OMC B 2265 -41.87 52.43 26.16
C3' OMC B 2265 -44.75 53.29 28.32
C4' OMC B 2265 -45.58 52.06 28.00
O4' OMC B 2265 -45.75 52.12 26.56
O3' OMC B 2265 -44.05 53.13 29.55
C5' OMC B 2265 -46.94 52.00 28.65
O5' OMC B 2265 -47.75 53.10 28.23
P OMC B 2265 -49.31 53.09 28.50
OP1 OMC B 2265 -49.54 52.86 29.99
OP2 OMC B 2265 -49.90 54.33 27.82
N1 OMU B 2278 -8.54 52.87 22.42
C2 OMU B 2278 -9.72 52.59 23.29
N3 OMU B 2278 -10.91 53.50 23.27
C4 OMU B 2278 -10.89 54.67 22.40
C5 OMU B 2278 -9.71 54.94 21.53
C6 OMU B 2278 -8.55 54.03 21.55
O2 OMU B 2278 -9.72 51.61 24.02
O4 OMU B 2278 -11.78 55.37 22.38
C1' OMU B 2278 -7.39 51.95 22.44
C2' OMU B 2278 -7.67 50.69 21.61
O2' OMU B 2278 -6.92 49.62 22.17
CM2 OMU B 2278 -7.34 49.22 23.44
C3' OMU B 2278 -7.11 51.09 20.26
C4' OMU B 2278 -5.85 51.84 20.66
O3' OMU B 2278 -6.88 50.02 19.38
O4' OMU B 2278 -6.27 52.59 21.84
C5' OMU B 2278 -5.28 52.78 19.63
O5' OMU B 2278 -6.30 53.56 19.02
P OMU B 2278 -5.94 54.90 18.26
OP1 OMU B 2278 -4.96 54.59 17.18
OP2 OMU B 2278 -7.23 55.63 17.93
N1 PSU B 2280 -15.00 50.05 18.37
C2 PSU B 2280 -15.86 51.13 18.40
N3 PSU B 2280 -17.10 51.01 19.00
C4 PSU B 2280 -17.46 49.81 19.58
C5 PSU B 2280 -16.59 48.73 19.53
C6 PSU B 2280 -15.35 48.88 18.93
O2 PSU B 2280 -15.54 52.19 17.88
O4 PSU B 2280 -18.56 49.70 20.11
C1' PSU B 2280 -16.99 47.43 20.16
C2' PSU B 2280 -17.78 46.56 19.19
O2' PSU B 2280 -18.76 45.85 19.92
C3' PSU B 2280 -16.70 45.61 18.68
C4' PSU B 2280 -15.83 45.42 19.90
O3' PSU B 2280 -17.21 44.40 18.17
O4' PSU B 2280 -15.84 46.71 20.55
C5' PSU B 2280 -14.41 45.00 19.62
O5' PSU B 2280 -13.89 45.69 18.49
P PSU B 2280 -12.33 45.72 18.21
OP1 PSU B 2280 -11.88 44.33 17.97
OP2 PSU B 2280 -11.98 46.77 17.22
N1 OMC B 2302 -24.39 39.56 -6.47
C2 OMC B 2302 -25.30 38.72 -5.80
N3 OMC B 2302 -25.44 38.89 -4.46
C4 OMC B 2302 -24.76 39.79 -3.79
C5 OMC B 2302 -23.84 40.65 -4.44
C6 OMC B 2302 -23.69 40.49 -5.77
O2 OMC B 2302 -25.95 37.87 -6.38
N4 OMC B 2302 -24.95 39.89 -2.49
C1' OMC B 2302 -24.09 39.50 -7.93
C2' OMC B 2302 -25.34 39.65 -8.81
O2' OMC B 2302 -25.22 38.75 -9.91
CM2 OMC B 2302 -25.05 37.40 -9.56
C3' OMC B 2302 -25.21 41.09 -9.29
C4' OMC B 2302 -23.71 41.27 -9.40
O4' OMC B 2302 -23.20 40.54 -8.26
O3' OMC B 2302 -25.88 41.33 -10.52
C5' OMC B 2302 -23.21 42.70 -9.35
O5' OMC B 2302 -23.29 43.23 -8.04
P OMC B 2302 -22.57 44.60 -7.68
OP1 OMC B 2302 -22.81 45.57 -8.83
OP2 OMC B 2302 -22.99 45.00 -6.26
P OMG B 2317 -36.92 11.71 -19.36
OP1 OMG B 2317 -37.42 10.27 -19.24
OP2 OMG B 2317 -37.24 12.53 -20.59
O5' OMG B 2317 -37.43 12.52 -18.09
C5' OMG B 2317 -36.76 13.68 -17.63
C4' OMG B 2317 -36.77 13.76 -16.12
O4' OMG B 2317 -35.98 12.69 -15.59
C3' OMG B 2317 -36.17 15.00 -15.50
O3' OMG B 2317 -37.06 16.11 -15.52
C2' OMG B 2317 -35.81 14.54 -14.09
O2' OMG B 2317 -36.92 14.68 -13.22
CM2 OMG B 2317 -36.76 15.69 -12.25
C1' OMG B 2317 -35.55 13.04 -14.29
N9 OMG B 2317 -34.13 12.68 -14.14
C8 OMG B 2317 -33.59 11.89 -13.16
N7 OMG B 2317 -32.31 11.74 -13.29
C5 OMG B 2317 -31.98 12.45 -14.40
C6 OMG B 2317 -30.72 12.65 -15.03
O6 OMG B 2317 -29.63 12.21 -14.69
N1 OMG B 2317 -30.84 13.45 -16.16
C2 OMG B 2317 -32.00 14.00 -16.62
N2 OMG B 2317 -31.91 14.74 -17.73
N3 OMG B 2317 -33.16 13.81 -16.04
C4 OMG B 2317 -33.09 13.05 -14.95
P OMG B 2395 -23.10 31.56 -6.90
OP1 OMG B 2395 -24.48 30.98 -7.20
OP2 OMG B 2395 -22.25 30.95 -5.80
O5' OMG B 2395 -22.26 31.55 -8.26
C5' OMG B 2395 -22.89 31.81 -9.49
C4' OMG B 2395 -21.88 31.93 -10.61
O4' OMG B 2395 -20.81 32.83 -10.24
C3' OMG B 2395 -21.16 30.66 -11.02
O3' OMG B 2395 -21.94 29.78 -11.80
C2' OMG B 2395 -19.93 31.20 -11.73
O2' OMG B 2395 -20.28 31.63 -13.04
CM2 OMG B 2395 -19.23 32.24 -13.74
C1' OMG B 2395 -19.62 32.43 -10.88
N9 OMG B 2395 -18.60 32.14 -9.86
C8 OMG B 2395 -18.81 31.97 -8.51
N7 OMG B 2395 -17.70 31.70 -7.88
C5 OMG B 2395 -16.74 31.69 -8.85
C6 OMG B 2395 -15.33 31.45 -8.76
O6 OMG B 2395 -14.66 31.21 -7.78
N1 OMG B 2395 -14.74 31.54 -10.02
C2 OMG B 2395 -15.37 31.80 -11.19
N2 OMG B 2395 -14.61 31.84 -12.29
N3 OMG B 2395 -16.66 32.02 -11.26
C4 OMG B 2395 -17.28 31.96 -10.09
N1 PSU B 2405 -31.02 11.61 3.80
C2 PSU B 2405 -31.78 10.91 4.71
N3 PSU B 2405 -33.11 11.21 4.91
C4 PSU B 2405 -33.67 12.24 4.21
C5 PSU B 2405 -32.91 12.95 3.28
C6 PSU B 2405 -31.57 12.63 3.10
O2 PSU B 2405 -31.28 9.99 5.34
O4 PSU B 2405 -34.86 12.49 4.39
C1' PSU B 2405 -33.52 14.10 2.53
C2' PSU B 2405 -33.64 15.22 3.56
O2' PSU B 2405 -34.76 16.03 3.24
C3' PSU B 2405 -32.34 15.97 3.32
C4' PSU B 2405 -32.22 15.90 1.80
O3' PSU B 2405 -32.35 17.28 3.84
O4' PSU B 2405 -32.69 14.56 1.49
C5' PSU B 2405 -30.85 16.11 1.23
O5' PSU B 2405 -29.87 15.32 1.88
P PSU B 2405 -28.32 15.53 1.58
OP1 PSU B 2405 -28.07 16.98 1.53
OP2 PSU B 2405 -27.50 14.69 2.48
N1 PSU B 2407 -28.19 14.29 9.77
C2 PSU B 2407 -26.86 13.91 9.84
N3 PSU B 2407 -26.43 13.07 10.83
C4 PSU B 2407 -27.33 12.61 11.76
C5 PSU B 2407 -28.66 12.99 11.70
C6 PSU B 2407 -29.07 13.84 10.69
O2 PSU B 2407 -26.06 14.32 9.00
O4 PSU B 2407 -26.93 11.85 12.65
C1' PSU B 2407 -29.66 12.49 12.70
C2' PSU B 2407 -29.48 13.13 14.08
O2' PSU B 2407 -29.74 12.15 15.06
C3' PSU B 2407 -30.58 14.19 14.07
C4' PSU B 2407 -31.67 13.53 13.25
O3' PSU B 2407 -31.02 14.56 15.35
O4' PSU B 2407 -30.96 12.76 12.25
C5' PSU B 2407 -32.62 14.48 12.57
O5' PSU B 2407 -31.92 15.55 11.96
P PSU B 2407 -32.66 16.54 10.96
OP1 PSU B 2407 -33.66 17.34 11.69
OP2 PSU B 2407 -31.63 17.22 10.16
N1 PSU B 2463 -22.54 -2.65 -9.93
C2 PSU B 2463 -21.62 -2.65 -8.89
N3 PSU B 2463 -20.30 -2.95 -9.14
C4 PSU B 2463 -19.90 -3.23 -10.42
C5 PSU B 2463 -20.83 -3.23 -11.46
C6 PSU B 2463 -22.15 -2.93 -11.18
O2 PSU B 2463 -21.99 -2.40 -7.74
O4 PSU B 2463 -18.71 -3.49 -10.65
C1' PSU B 2463 -20.40 -3.51 -12.88
C2' PSU B 2463 -20.16 -4.99 -13.20
O2' PSU B 2463 -19.01 -5.09 -14.03
C3' PSU B 2463 -21.41 -5.35 -13.98
C4' PSU B 2463 -21.74 -4.05 -14.71
O3' PSU B 2463 -21.24 -6.43 -14.89
O4' PSU B 2463 -21.37 -3.02 -13.77
C5' PSU B 2463 -23.18 -3.91 -15.10
O5' PSU B 2463 -24.03 -4.34 -14.06
P PSU B 2463 -25.59 -4.05 -14.11
OP1 PSU B 2463 -26.05 -4.75 -15.33
OP2 PSU B 2463 -26.21 -4.34 -12.80
N1 OMC B 2469 -12.95 -23.69 5.67
C2 OMC B 2469 -13.22 -23.12 4.40
N3 OMC B 2469 -14.20 -22.21 4.32
C4 OMC B 2469 -14.90 -21.84 5.36
C5 OMC B 2469 -14.66 -22.40 6.65
C6 OMC B 2469 -13.68 -23.30 6.73
O2 OMC B 2469 -12.58 -23.44 3.41
N4 OMC B 2469 -15.85 -20.94 5.19
C1' OMC B 2469 -11.90 -24.69 5.88
C2' OMC B 2469 -12.08 -25.98 5.08
O2' OMC B 2469 -12.92 -26.89 5.75
CM2 OMC B 2469 -13.36 -27.95 4.93
C3' OMC B 2469 -10.64 -26.46 4.89
C4' OMC B 2469 -9.81 -25.18 4.96
O4' OMC B 2469 -10.68 -24.14 5.44
O3' OMC B 2469 -10.26 -27.34 5.95
C5' OMC B 2469 -9.20 -24.75 3.65
O5' OMC B 2469 -9.50 -25.67 2.60
P OMC B 2469 -9.69 -25.16 1.11
OP1 OMC B 2469 -9.65 -26.38 0.19
OP2 OMC B 2469 -10.91 -24.25 1.09
P A2M B 2486 -17.98 -40.21 40.53
OP1 A2M B 2486 -17.52 -40.29 41.95
O5' A2M B 2486 -19.72 -39.98 41.02
C5' A2M B 2486 -19.96 -38.99 41.89
C4' A2M B 2486 -21.43 -38.62 41.85
O4' A2M B 2486 -21.75 -38.11 40.57
C3' A2M B 2486 -22.31 -39.82 42.11
O3' A2M B 2486 -22.28 -40.05 43.48
C2' A2M B 2486 -23.61 -39.37 41.46
O2' A2M B 2486 -24.30 -38.41 42.22
C1' A2M B 2486 -22.97 -38.71 40.22
CM' A2M B 2486 -25.20 -37.70 41.41
N9 A2M B 2486 -22.74 -39.59 39.10
C8 A2M B 2486 -21.59 -40.09 38.49
N7 A2M B 2486 -21.85 -40.91 37.46
C5 A2M B 2486 -23.24 -40.94 37.41
C6 A2M B 2486 -24.16 -41.58 36.60
N6 A2M B 2486 -23.76 -42.41 35.57
N1 A2M B 2486 -25.49 -41.44 36.77
C2 A2M B 2486 -25.88 -40.64 37.78
N3 A2M B 2486 -25.14 -39.94 38.66
C4 A2M B 2486 -23.81 -40.13 38.42
OP2 A2M B 2486 -17.72 -41.36 39.61
P OMG B 2512 -15.86 -31.75 3.24
OP1 OMG B 2512 -15.70 -32.00 1.73
OP2 OMG B 2512 -14.65 -31.35 4.07
O5' OMG B 2512 -17.00 -30.66 3.44
C5' OMG B 2512 -18.34 -30.94 3.08
C4' OMG B 2512 -19.27 -29.91 3.68
O4' OMG B 2512 -19.49 -30.21 5.07
C3' OMG B 2512 -18.76 -28.49 3.68
O3' OMG B 2512 -18.94 -27.83 2.43
C2' OMG B 2512 -19.56 -27.85 4.81
O2' OMG B 2512 -20.87 -27.52 4.37
CM2 OMG B 2512 -21.76 -27.15 5.41
C1' OMG B 2512 -19.66 -29.02 5.80
N9 OMG B 2512 -18.62 -28.95 6.86
C8 OMG B 2512 -17.50 -29.74 6.98
N7 OMG B 2512 -16.81 -29.45 8.03
C5 OMG B 2512 -17.48 -28.43 8.63
C6 OMG B 2512 -17.19 -27.70 9.81
O6 OMG B 2512 -16.25 -27.83 10.58
N1 OMG B 2512 -18.16 -26.73 10.05
C2 OMG B 2512 -19.27 -26.49 9.28
N2 OMG B 2512 -20.08 -25.52 9.69
N3 OMG B 2512 -19.53 -27.17 8.19
C4 OMG B 2512 -18.62 -28.10 7.91
P 5MC B 2550 -5.94 4.94 -10.59
OP1 5MC B 2550 -6.41 6.34 -11.00
OP2 5MC B 2550 -5.30 4.02 -11.62
O5' 5MC B 2550 -4.93 5.12 -9.37
C5' 5MC B 2550 -5.27 5.91 -8.24
C4' 5MC B 2550 -4.33 5.68 -7.09
O4' 5MC B 2550 -4.12 4.26 -6.91
C3' 5MC B 2550 -2.93 6.24 -7.27
O3' 5MC B 2550 -2.86 7.63 -6.98
C2' 5MC B 2550 -2.11 5.38 -6.31
O2' 5MC B 2550 -2.19 5.88 -4.99
C1' 5MC B 2550 -2.84 4.03 -6.37
N1 5MC B 2550 -2.14 3.04 -7.21
C2 5MC B 2550 -0.92 2.45 -6.82
O2 5MC B 2550 -0.40 2.75 -5.76
N3 5MC B 2550 -0.37 1.55 -7.66
C4 5MC B 2550 -0.94 1.23 -8.80
N4 5MC B 2550 -0.33 0.33 -9.57
C5 5MC B 2550 -2.18 1.79 -9.23
C6 5MC B 2550 -2.72 2.69 -8.38
CM5 5MC B 2550 -2.83 1.41 -10.53
P A2M B 2553 -4.56 12.69 -1.43
OP1 A2M B 2553 -5.42 13.91 -1.24
O5' A2M B 2553 -5.00 12.03 0.19
C5' A2M B 2553 -6.30 11.99 0.48
C4' A2M B 2553 -6.48 11.40 1.86
O4' A2M B 2553 -7.84 11.43 2.21
C3' A2M B 2553 -6.00 9.95 1.89
O3' A2M B 2553 -4.81 9.92 2.62
C2' A2M B 2553 -7.20 9.16 2.40
O2' A2M B 2553 -6.90 8.22 3.40
C1' A2M B 2553 -7.96 10.32 3.03
CM' A2M B 2553 -7.66 7.05 3.24
N9 A2M B 2553 -9.31 10.06 3.40
C8 A2M B 2553 -10.36 9.38 2.77
N7 A2M B 2553 -11.47 9.34 3.52
C5 A2M B 2553 -11.11 10.04 4.67
C6 A2M B 2553 -11.76 10.37 5.84
N6 A2M B 2553 -13.07 10.01 6.07
N1 A2M B 2553 -11.16 11.07 6.84
C2 A2M B 2553 -9.87 11.41 6.61
N3 A2M B 2553 -9.09 11.17 5.56
C4 A2M B 2553 -9.76 10.48 4.62
OP2 A2M B 2553 -3.09 12.86 -1.67
P OMG B 2560 8.09 13.88 -4.24
OP1 OMG B 2560 8.25 14.05 -5.76
OP2 OMG B 2560 6.71 13.68 -3.65
O5' OMG B 2560 9.00 12.65 -3.81
C5' OMG B 2560 10.34 12.55 -4.27
C4' OMG B 2560 10.55 11.28 -5.05
O4' OMG B 2560 9.52 10.32 -4.72
C3' OMG B 2560 10.46 11.43 -6.55
O3' OMG B 2560 11.67 11.90 -7.11
C2' OMG B 2560 10.09 10.02 -7.01
O2' OMG B 2560 11.24 9.19 -7.09
CM2 OMG B 2560 11.05 8.07 -7.92
C1' OMG B 2560 9.22 9.53 -5.85
N9 OMG B 2560 7.77 9.65 -6.12
C8 OMG B 2560 6.87 10.33 -5.34
N7 OMG B 2560 5.67 10.26 -5.81
C5 OMG B 2560 5.77 9.52 -6.96
C6 OMG B 2560 4.76 9.13 -7.89
O6 OMG B 2560 3.58 9.37 -7.87
N1 OMG B 2560 5.32 8.38 -8.93
C2 OMG B 2560 6.63 8.05 -9.05
N2 OMG B 2560 6.98 7.32 -10.12
N3 OMG B 2560 7.55 8.41 -8.19
C4 OMG B 2560 7.07 9.13 -7.17
N1 OMC B 2576 3.28 5.67 -13.01
C2 OMC B 2576 4.14 5.80 -11.89
N3 OMC B 2576 3.73 6.56 -10.86
C4 OMC B 2576 2.58 7.19 -10.88
C5 OMC B 2576 1.70 7.11 -11.99
C6 OMC B 2576 2.12 6.35 -13.02
O2 OMC B 2576 5.20 5.21 -11.86
N4 OMC B 2576 2.24 7.93 -9.82
C1' OMC B 2576 3.61 4.92 -14.24
C2' OMC B 2576 3.67 3.39 -14.08
O2' OMC B 2576 4.86 2.92 -14.69
CM2 OMC B 2576 6.00 2.93 -13.86
C3' OMC B 2576 2.46 2.93 -14.89
C4' OMC B 2576 2.29 4.01 -15.93
O4' OMC B 2576 2.63 5.22 -15.22
O3' OMC B 2576 2.66 1.66 -15.49
C5' OMC B 2576 0.90 4.15 -16.50
O5' OMC B 2576 -0.04 4.49 -15.50
P OMC B 2576 -1.55 4.81 -15.88
OP1 OMC B 2576 -2.09 3.66 -16.73
OP2 OMC B 2576 -2.29 5.21 -14.61
C1' UY1 B 2586 -13.45 -6.30 6.67
C2 UY1 B 2586 -9.56 -7.13 4.50
C2' UY1 B 2586 -13.83 -4.81 6.65
C3' UY1 B 2586 -14.96 -4.77 5.63
C4 UY1 B 2586 -10.93 -7.11 6.67
C4' UY1 B 2586 -15.60 -6.14 5.77
C5 UY1 B 2586 -12.11 -6.58 5.90
C5' UY1 B 2586 -16.33 -6.66 4.55
C6 UY1 B 2586 -12.00 -6.34 4.44
CM2 UY1 B 2586 -13.32 -4.41 8.88
N1 UY1 B 2586 -10.76 -6.61 3.74
N3 UY1 B 2586 -9.66 -7.39 5.97
O2 UY1 B 2586 -8.56 -7.36 3.95
O2' UY1 B 2586 -14.32 -4.46 7.93
O3' UY1 B 2586 -15.88 -3.73 5.85
O4 UY1 B 2586 -11.02 -7.29 7.82
O4' UY1 B 2586 -14.49 -7.02 6.06
O5' UY1 B 2586 -16.89 -7.94 4.80
OP1 UY1 B 2586 -18.74 -9.56 5.27
OP2 UY1 B 2586 -18.78 -7.15 6.20
P UY1 B 2586 -18.43 -8.10 5.11
N1 PSU B 2590 -17.45 3.38 -7.49
C2 PSU B 2590 -18.74 2.91 -7.37
N3 PSU B 2590 -19.55 2.78 -8.48
C4 PSU B 2590 -19.05 3.14 -9.72
C5 PSU B 2590 -17.77 3.64 -9.82
C6 PSU B 2590 -16.97 3.74 -8.70
O2 PSU B 2590 -19.17 2.58 -6.27
O4 PSU B 2590 -19.77 3.03 -10.71
C1' PSU B 2590 -17.20 4.01 -11.16
C2' PSU B 2590 -17.72 5.27 -11.87
O2' PSU B 2590 -18.20 4.90 -13.14
C3' PSU B 2590 -16.46 6.14 -11.99
C4' PSU B 2590 -15.30 5.17 -11.89
O3' PSU B 2590 -16.40 6.88 -13.21
O4' PSU B 2590 -15.80 4.11 -11.05
C5' PSU B 2590 -14.04 5.74 -11.31
O5' PSU B 2590 -13.19 4.72 -10.83
P PSU B 2590 -12.58 4.78 -9.36
OP1 PSU B 2590 -11.46 5.74 -9.37
OP2 PSU B 2590 -13.71 4.98 -8.42
P A2M B 2593 -24.47 16.51 -11.72
OP1 A2M B 2593 -24.13 17.72 -12.54
O5' A2M B 2593 -25.74 16.76 -10.46
C5' A2M B 2593 -27.00 16.87 -10.90
C4' A2M B 2593 -27.96 16.67 -9.74
O4' A2M B 2593 -28.11 15.29 -9.52
C3' A2M B 2593 -27.40 17.31 -8.49
O3' A2M B 2593 -27.72 18.66 -8.56
C2' A2M B 2593 -27.99 16.44 -7.39
O2' A2M B 2593 -29.32 16.73 -7.07
C1' A2M B 2593 -27.92 15.10 -8.14
CM' A2M B 2593 -29.92 15.66 -6.40
N9 A2M B 2593 -26.72 14.32 -7.95
C8 A2M B 2593 -25.67 13.97 -8.81
N7 A2M B 2593 -24.74 13.20 -8.20
C5 A2M B 2593 -25.22 13.08 -6.91
C6 A2M B 2593 -24.77 12.42 -5.77
N6 A2M B 2593 -23.58 11.72 -5.77
N1 A2M B 2593 -25.44 12.46 -4.58
C2 A2M B 2593 -26.60 13.16 -4.59
N3 A2M B 2593 -27.19 13.84 -5.59
C4 A2M B 2593 -26.45 13.75 -6.73
OP2 A2M B 2593 -23.48 15.99 -10.73
P A2M B 2598 -14.84 22.09 5.40
OP1 A2M B 2598 -14.53 23.08 6.49
O5' A2M B 2598 -13.41 21.29 4.64
C5' A2M B 2598 -12.62 20.58 5.45
C4' A2M B 2598 -11.58 19.83 4.64
O4' A2M B 2598 -12.18 18.69 4.09
C3' A2M B 2598 -11.05 20.67 3.51
O3' A2M B 2598 -10.17 21.59 4.04
C2' A2M B 2598 -10.55 19.59 2.56
O2' A2M B 2598 -9.36 18.98 2.99
C1' A2M B 2598 -11.73 18.63 2.75
CM' A2M B 2598 -9.11 17.82 2.23
N9 A2M B 2598 -12.83 18.84 1.88
C8 A2M B 2598 -14.12 19.35 2.06
N7 A2M B 2598 -14.84 19.38 0.91
C5 A2M B 2598 -13.96 18.85 -0.03
C6 A2M B 2598 -14.04 18.60 -1.38
N6 A2M B 2598 -15.19 18.87 -2.09
N1 A2M B 2598 -13.01 18.07 -2.10
C2 A2M B 2598 -11.89 17.82 -1.39
N3 A2M B 2598 -11.62 18.00 -0.09
C4 A2M B 2598 -12.70 18.52 0.54
OP2 A2M B 2598 -15.35 22.59 4.09
N1 OMC B 2609 -3.47 44.44 1.06
C2 OMC B 2609 -3.50 44.74 -0.31
N3 OMC B 2609 -4.61 45.31 -0.82
C4 OMC B 2609 -5.65 45.56 -0.06
C5 OMC B 2609 -5.66 45.27 1.34
C6 OMC B 2609 -4.55 44.71 1.83
O2 OMC B 2609 -2.53 44.50 -1.00
N4 OMC B 2609 -6.73 46.13 -0.62
C1' OMC B 2609 -2.31 43.80 1.73
C2' OMC B 2609 -1.14 44.78 1.98
O2' OMC B 2609 0.06 44.08 1.76
CM2 OMC B 2609 0.26 43.65 0.43
C3' OMC B 2609 -1.31 45.09 3.46
C4' OMC B 2609 -1.89 43.80 4.03
O4' OMC B 2609 -2.73 43.29 2.97
O3' OMC B 2609 -0.09 45.45 4.09
C5' OMC B 2609 -2.70 43.96 5.28
O5' OMC B 2609 -3.91 44.66 5.03
P OMC B 2609 -5.05 44.77 6.14
OP1 OMC B 2609 -4.37 45.00 7.48
OP2 OMC B 2609 -6.09 45.77 5.65
N1 PSU B 2612 -4.76 50.73 6.56
C2 PSU B 2612 -5.88 51.06 5.82
N3 PSU B 2612 -5.94 52.24 5.13
C4 PSU B 2612 -4.87 53.11 5.18
C5 PSU B 2612 -3.74 52.78 5.93
C6 PSU B 2612 -3.71 51.57 6.61
O2 PSU B 2612 -6.83 50.28 5.78
O4 PSU B 2612 -4.92 54.17 4.56
C1' PSU B 2612 -2.57 53.71 5.99
C2' PSU B 2612 -2.85 54.90 6.91
O2' PSU B 2612 -2.15 56.03 6.41
C3' PSU B 2612 -2.24 54.43 8.22
C4' PSU B 2612 -1.03 53.64 7.75
O3' PSU B 2612 -1.91 55.48 9.10
O4' PSU B 2612 -1.45 53.02 6.52
C5' PSU B 2612 -0.53 52.59 8.71
O5' PSU B 2612 0.71 52.04 8.29
P PSU B 2612 0.77 50.60 7.61
OP1 PSU B 2612 2.20 50.22 7.48
OP2 PSU B 2612 -0.14 49.71 8.36
N1 PSU B 2619 -17.21 56.32 23.27
C2 PSU B 2619 -15.96 55.99 22.82
N3 PSU B 2619 -15.33 54.85 23.29
C4 PSU B 2619 -15.96 54.05 24.21
C5 PSU B 2619 -17.23 54.40 24.66
C6 PSU B 2619 -17.84 55.53 24.17
O2 PSU B 2619 -15.39 56.70 22.00
O4 PSU B 2619 -15.39 53.04 24.61
C1' PSU B 2619 -17.97 53.53 25.66
C2' PSU B 2619 -17.35 53.46 27.05
O2' PSU B 2619 -17.44 52.13 27.52
C3' PSU B 2619 -18.26 54.37 27.86
C4' PSU B 2619 -19.61 54.17 27.20
O3' PSU B 2619 -18.29 54.06 29.24
O4' PSU B 2619 -19.30 53.99 25.80
C5' PSU B 2619 -20.59 55.30 27.36
O5' PSU B 2619 -21.91 54.88 27.06
P PSU B 2619 -22.95 55.85 26.35
OP1 PSU B 2619 -24.02 56.20 27.31
OP2 PSU B 2619 -22.17 56.93 25.70
N1 PSU B 2621 -15.44 59.06 28.91
C2 PSU B 2621 -16.24 60.18 28.93
N3 PSU B 2621 -15.71 61.40 29.29
C4 PSU B 2621 -14.38 61.50 29.62
C5 PSU B 2621 -13.58 60.36 29.61
C6 PSU B 2621 -14.13 59.14 29.23
O2 PSU B 2621 -17.44 60.09 28.63
O4 PSU B 2621 -13.96 62.61 29.94
C1' PSU B 2621 -12.10 60.38 29.94
C2' PSU B 2621 -11.81 60.93 31.34
O2' PSU B 2621 -10.62 61.70 31.27
C3' PSU B 2621 -11.58 59.66 32.14
C4' PSU B 2621 -10.93 58.73 31.13
O3' PSU B 2621 -10.77 59.85 33.29
O4' PSU B 2621 -11.58 59.07 29.88
C5' PSU B 2621 -11.10 57.27 31.42
O5' PSU B 2621 -12.39 57.00 31.95
P PSU B 2621 -12.75 55.56 32.52
OP1 PSU B 2621 -11.72 55.19 33.50
OP2 PSU B 2621 -14.17 55.56 32.92
P A2M B 2635 3.25 45.90 53.46
OP1 A2M B 2635 2.11 46.51 54.21
O5' A2M B 2635 4.47 47.07 52.79
C5' A2M B 2635 4.52 47.20 51.45
C4' A2M B 2635 5.93 46.92 50.98
O4' A2M B 2635 6.16 45.55 51.04
C3' A2M B 2635 6.16 47.38 49.56
O3' A2M B 2635 6.39 48.74 49.64
C2' A2M B 2635 7.31 46.47 49.12
O2' A2M B 2635 8.56 46.93 49.58
C1' A2M B 2635 6.90 45.20 49.90
CM' A2M B 2635 9.54 45.95 49.44
N9 A2M B 2635 6.17 44.18 49.19
C8 A2M B 2635 4.90 43.62 49.38
N7 A2M B 2635 4.61 42.66 48.48
C5 A2M B 2635 5.74 42.62 47.67
C6 A2M B 2635 6.11 41.87 46.57
N6 A2M B 2635 5.27 40.93 46.03
N1 A2M B 2635 7.30 42.03 45.95
C2 A2M B 2635 8.12 42.97 46.48
N3 A2M B 2635 7.94 43.77 47.53
C4 A2M B 2635 6.72 43.56 48.10
OP2 A2M B 2635 3.00 45.27 52.12
N1 OMC B 2637 15.55 50.95 41.74
C2 OMC B 2637 16.86 51.39 41.55
N3 OMC B 2637 17.80 51.05 42.46
C4 OMC B 2637 17.50 50.32 43.51
C5 OMC B 2637 16.18 49.84 43.74
C6 OMC B 2637 15.25 50.19 42.83
O2 OMC B 2637 17.13 52.08 40.58
N4 OMC B 2637 18.47 50.01 44.37
C1' OMC B 2637 14.48 51.28 40.78
C2' OMC B 2637 14.46 50.31 39.60
O2' OMC B 2637 14.04 51.02 38.45
CM2 OMC B 2637 15.12 51.33 37.58
C3' OMC B 2637 13.39 49.33 40.04
C4' OMC B 2637 12.39 50.22 40.76
O4' OMC B 2637 13.23 51.20 41.43
O3' OMC B 2637 12.81 48.58 38.99
C5' OMC B 2637 11.53 49.53 41.79
O5' OMC B 2637 12.29 49.15 42.92
P OMC B 2637 11.79 49.46 44.39
OP1 OMC B 2637 12.88 49.06 45.37
OP2 OMC B 2637 11.24 50.88 44.41
N1 PSU B 2652 26.22 45.49 46.42
C2 PSU B 2652 25.59 45.34 45.19
N3 PSU B 2652 26.34 45.17 44.05
C4 PSU B 2652 27.72 45.15 44.13
C5 PSU B 2652 28.34 45.31 45.36
C6 PSU B 2652 27.56 45.47 46.50
O2 PSU B 2652 24.36 45.37 45.13
O4 PSU B 2652 28.39 44.99 43.12
C1' PSU B 2652 29.84 45.27 45.43
C2' PSU B 2652 30.41 46.67 45.19
O2' PSU B 2652 31.64 46.54 44.52
C3' PSU B 2652 30.62 47.16 46.61
C4' PSU B 2652 31.05 45.90 47.33
O3' PSU B 2652 31.54 48.22 46.74
O4' PSU B 2652 30.28 44.85 46.71
C5' PSU B 2652 30.83 45.88 48.82
O5' PSU B 2652 29.52 46.32 49.15
P PSU B 2652 28.90 46.03 50.58
OP1 PSU B 2652 29.78 46.61 51.61
OP2 PSU B 2652 27.46 46.39 50.53
N1 OMC B 2655 22.52 56.53 43.90
C2 OMC B 2655 21.85 56.31 45.12
N3 OMC B 2655 22.29 56.96 46.21
C4 OMC B 2655 23.31 57.78 46.16
C5 OMC B 2655 24.02 58.03 44.96
C6 OMC B 2655 23.58 57.38 43.87
O2 OMC B 2655 20.90 55.55 45.18
N4 OMC B 2655 23.69 58.40 47.28
C1' OMC B 2655 22.12 55.87 42.64
C2' OMC B 2655 20.77 56.35 42.13
O2' OMC B 2655 20.17 55.31 41.38
CM2 OMC B 2655 19.35 54.46 42.15
C3' OMC B 2655 21.20 57.49 41.22
C4' OMC B 2655 22.45 56.94 40.57
O4' OMC B 2655 23.08 56.18 41.64
O3' OMC B 2655 20.20 57.87 40.28
C5' OMC B 2655 23.41 57.95 40.02
O5' OMC B 2655 24.31 57.36 39.11
P OMC B 2655 25.86 57.25 39.44
OP1 OMC B 2655 26.60 58.31 38.62
OP2 OMC B 2655 26.01 57.22 40.95
P OMG B 2667 7.67 39.42 30.37
OP1 OMG B 2667 7.62 38.04 29.74
OP2 OMG B 2667 6.43 39.98 31.08
O5' OMG B 2667 8.88 39.48 31.39
C5' OMG B 2667 8.75 38.96 32.70
C4' OMG B 2667 9.17 39.95 33.74
O4' OMG B 2667 8.85 41.30 33.30
C3' OMG B 2667 8.46 39.84 35.08
O3' OMG B 2667 9.01 38.82 35.88
C2' OMG B 2667 8.66 41.23 35.67
O2' OMG B 2667 9.98 41.38 36.17
CM2 OMG B 2667 10.14 42.54 36.95
C1' OMG B 2667 8.51 42.10 34.42
N9 OMG B 2667 7.15 42.61 34.24
C8 OMG B 2667 6.38 42.49 33.11
N7 OMG B 2667 5.21 43.05 33.22
C5 OMG B 2667 5.20 43.56 34.48
C6 OMG B 2667 4.19 44.28 35.17
O6 OMG B 2667 3.09 44.61 34.78
N1 OMG B 2667 4.60 44.63 36.47
C2 OMG B 2667 5.80 44.32 37.01
N2 OMG B 2667 6.01 44.73 38.27
N3 OMG B 2667 6.73 43.66 36.38
C4 OMG B 2667 6.40 43.31 35.13
N1 PSU B 2688 -12.00 -6.31 30.46
C2 PSU B 2688 -10.89 -6.93 30.98
N3 PSU B 2688 -9.93 -7.45 30.13
C4 PSU B 2688 -10.09 -7.33 28.77
C5 PSU B 2688 -11.22 -6.72 28.25
C6 PSU B 2688 -12.16 -6.20 29.13
O2 PSU B 2688 -10.74 -7.02 32.19
O4 PSU B 2688 -9.23 -7.79 28.02
C1' PSU B 2688 -11.41 -6.57 26.77
C2' PSU B 2688 -11.75 -7.89 26.07
O2' PSU B 2688 -11.08 -7.93 24.83
C3' PSU B 2688 -13.25 -7.77 25.86
C4' PSU B 2688 -13.46 -6.28 25.65
O3' PSU B 2688 -13.73 -8.54 24.77
O4' PSU B 2688 -12.47 -5.66 26.51
C5' PSU B 2688 -14.83 -5.76 26.00
O5' PSU B 2688 -15.17 -6.11 27.34
P PSU B 2688 -16.47 -5.51 28.03
OP1 PSU B 2688 -17.63 -5.89 27.21
OP2 PSU B 2688 -16.40 -5.89 29.45
N1 OMU B 2693 -11.41 -17.46 39.73
C2 OMU B 2693 -12.50 -16.43 39.64
N3 OMU B 2693 -12.83 -15.79 38.33
C4 OMU B 2693 -12.08 -16.17 37.14
C5 OMU B 2693 -11.00 -17.20 37.24
C6 OMU B 2693 -10.67 -17.82 38.55
O2 OMU B 2693 -13.12 -16.11 40.65
O4 OMU B 2693 -12.33 -15.70 36.15
C1' OMU B 2693 -11.08 -18.08 41.03
C2' OMU B 2693 -12.02 -19.25 41.37
O2' OMU B 2693 -12.23 -19.27 42.77
CM2 OMU B 2693 -13.01 -18.21 43.22
C3' OMU B 2693 -11.17 -20.44 40.93
C4' OMU B 2693 -9.76 -20.00 41.29
O3' OMU B 2693 -11.53 -21.66 41.56
O4' OMU B 2693 -9.76 -18.58 40.98
C5' OMU B 2693 -8.66 -20.68 40.51
O5' OMU B 2693 -8.98 -20.76 39.14
P OMU B 2693 -7.89 -21.23 38.08
OP1 OMU B 2693 -7.41 -22.58 38.50
OP2 OMU B 2693 -8.46 -21.02 36.69
P OMG B 2863 17.91 7.85 33.14
OP1 OMG B 2863 17.98 6.97 31.90
OP2 OMG B 2863 18.16 9.35 33.03
O5' OMG B 2863 16.48 7.63 33.79
C5' OMG B 2863 16.24 7.97 35.15
C4' OMG B 2863 14.77 8.10 35.40
O4' OMG B 2863 14.24 9.21 34.64
C3' OMG B 2863 13.93 6.90 34.98
O3' OMG B 2863 13.89 5.89 35.96
C2' OMG B 2863 12.57 7.53 34.72
O2' OMG B 2863 11.89 7.79 35.94
CM2 OMG B 2863 10.71 8.54 35.81
C1' OMG B 2863 12.97 8.87 34.11
N9 OMG B 2863 13.09 8.80 32.64
C8 OMG B 2863 14.24 8.95 31.89
N7 OMG B 2863 14.02 8.84 30.62
C5 OMG B 2863 12.67 8.61 30.50
C6 OMG B 2863 11.86 8.42 29.36
O6 OMG B 2863 12.19 8.39 28.18
N1 OMG B 2863 10.53 8.22 29.72
C2 OMG B 2863 10.04 8.22 30.99
N2 OMG B 2863 8.72 8.02 31.14
N3 OMG B 2863 10.79 8.40 32.05
C4 OMG B 2863 12.09 8.60 31.76
C2 6MZ B 2887 32.22 1.55 38.51
C4 6MZ B 2887 30.54 0.22 39.41
C5 6MZ B 2887 31.45 -0.68 39.79
O1P 6MZ B 2887 27.88 -3.35 41.98
O2P 6MZ B 2887 25.55 -3.62 42.83
N9 6MZ B 2887 29.35 -0.25 39.80
N3 6MZ B 2887 30.92 1.34 38.78
N1 6MZ B 2887 33.16 0.65 38.89
C6 6MZ B 2887 32.79 -0.44 39.52
N6 6MZ B 2887 33.85 -1.40 39.91
C9 6MZ B 2887 35.09 -1.45 39.15
N7 6MZ B 2887 30.83 -1.68 40.40
C8 6MZ B 2887 29.52 -1.42 40.40
O5' 6MZ B 2887 26.46 -1.19 42.41
C5' 6MZ B 2887 25.46 -0.97 41.37
C4' 6MZ B 2887 25.99 -0.22 40.34
O4' 6MZ B 2887 27.38 0.37 40.73
C1' 6MZ B 2887 28.05 0.38 39.61
C2' 6MZ B 2887 27.20 -0.47 38.49
O2' 6MZ B 2887 26.53 0.43 37.60
C3' 6MZ B 2887 26.34 -1.16 39.18
O3' 6MZ B 2887 25.10 -1.41 38.37
P 6MZ B 2887 26.83 -2.76 42.85
N1 OMU B 2894 26.15 -21.31 37.20
C2 OMU B 2894 25.70 -20.58 38.44
N3 OMU B 2894 25.21 -19.17 38.34
C4 OMU B 2894 25.16 -18.52 37.03
C5 OMU B 2894 25.61 -19.26 35.81
C6 OMU B 2894 26.11 -20.65 35.92
O2 OMU B 2894 25.75 -21.14 39.52
O4 OMU B 2894 24.78 -17.45 36.95
C1' OMU B 2894 26.64 -22.70 37.31
C2' OMU B 2894 25.53 -23.73 37.13
O2' OMU B 2894 25.70 -24.76 38.08
CM2 OMU B 2894 25.17 -24.45 39.33
C3' OMU B 2894 25.81 -24.26 35.72
C4' OMU B 2894 27.31 -24.15 35.61
O3' OMU B 2894 25.35 -25.58 35.50
O4' OMU B 2894 27.61 -22.91 36.29
C5' OMU B 2894 27.86 -24.11 34.20
O5' OMU B 2894 27.28 -23.05 33.46
P OMU B 2894 27.87 -22.66 32.03
OP1 OMU B 2894 27.81 -23.87 31.15
OP2 OMU B 2894 27.19 -21.38 31.59
P OMG B 2895 23.94 -25.84 34.79
OP1 OMG B 2895 23.97 -27.21 34.14
OP2 OMG B 2895 23.60 -24.61 33.96
O5' OMG B 2895 22.94 -25.89 36.03
C5' OMG B 2895 23.18 -26.75 37.12
C4' OMG B 2895 22.01 -26.82 38.06
O4' OMG B 2895 21.85 -25.53 38.72
C3' OMG B 2895 20.67 -27.12 37.40
O3' OMG B 2895 19.83 -27.79 38.34
C2' OMG B 2895 20.11 -25.72 37.16
O2' OMG B 2895 18.72 -25.66 36.99
CM2 OMG B 2895 18.31 -26.08 35.69
C1' OMG B 2895 20.58 -25.00 38.42
N9 OMG B 2895 20.72 -23.55 38.26
C8 OMG B 2895 21.39 -22.86 37.29
N7 OMG B 2895 21.31 -21.57 37.46
C5 OMG B 2895 20.56 -21.41 38.59
C6 OMG B 2895 20.14 -20.22 39.27
O6 OMG B 2895 20.37 -19.06 38.99
N1 OMG B 2895 19.39 -20.56 40.40
C2 OMG B 2895 19.08 -21.81 40.82
N2 OMG B 2895 18.33 -21.93 41.92
N3 OMG B 2895 19.47 -22.89 40.18
C4 OMG B 2895 20.20 -22.63 39.10
N1 PSU B 2960 29.29 -43.74 57.13
C2 PSU B 2960 29.86 -44.56 58.07
N3 PSU B 2960 29.39 -45.84 58.25
C4 PSU B 2960 28.34 -46.29 57.50
C5 PSU B 2960 27.76 -45.47 56.55
C6 PSU B 2960 28.25 -44.18 56.37
O2 PSU B 2960 30.80 -44.15 58.75
O4 PSU B 2960 27.91 -47.43 57.65
C1' PSU B 2960 26.62 -45.99 55.74
C2' PSU B 2960 25.28 -45.71 56.43
O2' PSU B 2960 24.40 -46.78 56.15
C3' PSU B 2960 24.84 -44.44 55.72
C4' PSU B 2960 25.33 -44.67 54.29
O3' PSU B 2960 23.45 -44.21 55.78
O4' PSU B 2960 26.58 -45.38 54.46
C5' PSU B 2960 25.59 -43.42 53.49
O5' PSU B 2960 26.80 -42.81 53.87
P PSU B 2960 27.21 -41.37 53.32
OP1 PSU B 2960 26.04 -40.47 53.50
OP2 PSU B 2960 28.49 -41.03 53.97
N1 PSU B 2963 26.88 -37.34 66.44
C2 PSU B 2963 28.14 -36.91 66.78
N3 PSU B 2963 28.40 -36.43 68.03
C4 PSU B 2963 27.39 -36.38 68.97
C5 PSU B 2963 26.12 -36.81 68.63
C6 PSU B 2963 25.88 -37.30 67.36
O2 PSU B 2963 29.04 -36.95 65.94
O4 PSU B 2963 27.62 -35.95 70.09
C1' PSU B 2963 25.02 -36.77 69.64
C2' PSU B 2963 24.41 -35.37 69.77
O2' PSU B 2963 24.09 -35.15 71.13
C3' PSU B 2963 23.16 -35.49 68.93
C4' PSU B 2963 22.73 -36.92 69.18
O3' PSU B 2963 22.15 -34.56 69.26
O4' PSU B 2963 23.98 -37.65 69.29
C5' PSU B 2963 21.87 -37.53 68.10
O5' PSU B 2963 22.07 -36.87 66.86
P PSU B 2963 21.64 -37.57 65.50
OP1 PSU B 2963 20.21 -37.31 65.22
OP2 PSU B 2963 22.66 -37.25 64.48
N1 PSU B 2966 29.59 -26.16 64.86
C2 PSU B 2966 29.56 -26.56 63.54
N3 PSU B 2966 30.69 -26.47 62.76
C4 PSU B 2966 31.85 -25.99 63.31
C5 PSU B 2966 31.87 -25.59 64.64
C6 PSU B 2966 30.73 -25.69 65.41
O2 PSU B 2966 28.51 -26.99 63.05
O4 PSU B 2966 32.87 -25.92 62.61
C1' PSU B 2966 33.15 -25.07 65.26
C2' PSU B 2966 33.42 -23.63 64.79
O2' PSU B 2966 34.82 -23.46 64.70
C3' PSU B 2966 32.85 -22.83 65.96
C4' PSU B 2966 33.19 -23.69 67.15
O3' PSU B 2966 33.37 -21.52 66.05
O4' PSU B 2966 33.04 -25.05 66.66
C5' PSU B 2966 32.32 -23.47 68.36
O5' PSU B 2966 30.95 -23.44 68.00
P PSU B 2966 29.83 -23.79 69.07
OP1 PSU B 2966 29.75 -22.67 70.04
OP2 PSU B 2966 28.62 -24.21 68.34
N1 OMU B 2973 20.16 -15.66 61.72
C2 OMU B 2973 19.34 -15.85 60.47
N3 OMU B 2973 19.87 -15.39 59.15
C4 OMU B 2973 21.18 -14.75 59.08
C5 OMU B 2973 21.98 -14.57 60.33
C6 OMU B 2973 21.45 -15.03 61.62
O2 OMU B 2973 18.25 -16.38 60.52
O4 OMU B 2973 21.57 -14.41 58.08
C1' OMU B 2973 19.64 -16.13 63.02
C2' OMU B 2973 19.71 -17.65 63.13
O2' OMU B 2973 18.70 -18.06 64.02
CM2 OMU B 2973 17.44 -18.18 63.44
C3' OMU B 2973 21.08 -17.82 63.75
C4' OMU B 2973 21.13 -16.67 64.74
O3' OMU B 2973 21.26 -19.09 64.37
O4' OMU B 2973 20.45 -15.59 64.04
C5' OMU B 2973 22.50 -16.21 65.17
O5' OMU B 2973 22.41 -15.20 66.15
P OMU B 2973 23.61 -14.95 67.16
OP1 OMU B 2973 23.30 -13.72 67.95
OP2 OMU B 2973 23.90 -16.24 67.89
N1 PSU B 2979 32.89 -30.08 59.26
C2 PSU B 2979 32.48 -29.85 60.54
N3 PSU B 2979 33.31 -29.20 61.43
C4 PSU B 2979 34.55 -28.78 61.01
C5 PSU B 2979 34.97 -29.02 59.70
C6 PSU B 2979 34.11 -29.67 58.84
O2 PSU B 2979 31.37 -30.23 60.91
O4 PSU B 2979 35.29 -28.20 61.80
C1' PSU B 2979 36.31 -28.55 59.24
C2' PSU B 2979 37.45 -29.45 59.76
O2' PSU B 2979 38.54 -28.64 60.11
C3' PSU B 2979 37.77 -30.28 58.52
C4' PSU B 2979 37.53 -29.30 57.39
O3' PSU B 2979 39.10 -30.78 58.51
O4' PSU B 2979 36.38 -28.53 57.83
C5' PSU B 2979 37.25 -29.92 56.05
O5' PSU B 2979 36.25 -30.92 56.13
P PSU B 2979 35.46 -31.39 54.83
OP1 PSU B 2979 36.40 -32.13 53.97
OP2 PSU B 2979 34.19 -32.02 55.22
N1 PSU B 3020 -5.31 -45.40 70.16
C2 PSU B 3020 -5.23 -45.98 68.91
N3 PSU B 3020 -5.89 -45.41 67.84
C4 PSU B 3020 -6.63 -44.26 68.03
C5 PSU B 3020 -6.71 -43.69 69.29
C6 PSU B 3020 -6.04 -44.28 70.35
O2 PSU B 3020 -4.58 -47.00 68.74
O4 PSU B 3020 -7.22 -43.75 67.08
C1' PSU B 3020 -7.50 -42.43 69.51
C2' PSU B 3020 -9.00 -42.73 69.62
O2' PSU B 3020 -9.71 -41.66 69.00
C3' PSU B 3020 -9.22 -42.70 71.13
C4' PSU B 3020 -8.23 -41.65 71.60
O3' PSU B 3020 -10.54 -42.39 71.50
O4' PSU B 3020 -7.09 -41.80 70.71
C5' PSU B 3020 -7.77 -41.77 73.03
O5' PSU B 3020 -7.18 -43.04 73.28
P PSU B 3020 -6.38 -43.34 74.61
OP1 PSU B 3020 -7.21 -42.96 75.78
OP2 PSU B 3020 -5.83 -44.71 74.53
N1 PSU B 3028 -6.07 -47.93 63.47
C2 PSU B 3028 -6.23 -47.07 64.53
N3 PSU B 3028 -7.11 -46.02 64.44
C4 PSU B 3028 -7.84 -45.83 63.29
C5 PSU B 3028 -7.66 -46.70 62.21
C6 PSU B 3028 -6.77 -47.75 62.34
O2 PSU B 3028 -5.59 -47.23 65.57
O4 PSU B 3028 -8.62 -44.88 63.22
C1' PSU B 3028 -8.44 -46.52 60.94
C2' PSU B 3028 -7.93 -45.28 60.19
O2' PSU B 3028 -9.04 -44.69 59.52
C3' PSU B 3028 -6.98 -45.91 59.19
C4' PSU B 3028 -7.68 -47.20 58.83
O3' PSU B 3028 -6.71 -45.09 58.07
O4' PSU B 3028 -8.26 -47.64 60.08
C5' PSU B 3028 -6.80 -48.28 58.25
O5' PSU B 3028 -5.72 -48.61 59.14
P PSU B 3028 -4.92 -49.97 58.97
OP1 PSU B 3028 -4.43 -50.08 57.57
OP2 PSU B 3028 -3.95 -50.07 60.09
P OMG B 3037 12.94 -33.36 46.79
OP1 OMG B 3037 13.77 -32.98 45.57
OP2 OMG B 3037 13.05 -32.52 48.07
O5' OMG B 3037 11.41 -33.40 46.35
C5' OMG B 3037 10.97 -34.27 45.32
C4' OMG B 3037 9.47 -34.24 45.20
O4' OMG B 3037 8.87 -34.84 46.37
C3' OMG B 3037 8.84 -32.86 45.12
O3' OMG B 3037 8.88 -32.31 43.81
C2' OMG B 3037 7.43 -33.10 45.63
O2' OMG B 3037 6.63 -33.68 44.61
CM2 OMG B 3037 5.64 -32.82 44.09
C1' OMG B 3037 7.67 -34.15 46.70
N9 OMG B 3037 7.83 -33.57 48.05
C8 OMG B 3037 9.00 -33.34 48.72
N7 OMG B 3037 8.80 -32.83 49.90
C5 OMG B 3037 7.44 -32.72 50.02
C6 OMG B 3037 6.63 -32.24 51.09
O6 OMG B 3037 6.99 -31.80 52.17
N1 OMG B 3037 5.29 -32.33 50.77
C2 OMG B 3037 4.77 -32.81 49.60
N2 OMG B 3037 3.43 -32.81 49.48
N3 OMG B 3037 5.51 -33.25 48.62
C4 OMG B 3037 6.82 -33.19 48.88
P OMG B 3059 4.25 16.20 46.97
OP1 OMG B 3059 4.77 17.08 48.10
OP2 OMG B 3059 3.38 16.81 45.88
O5' OMG B 3059 5.50 15.51 46.27
C5' OMG B 3059 6.26 14.51 46.93
C4' OMG B 3059 7.13 13.76 45.96
O4' OMG B 3059 6.29 12.90 45.14
C3' OMG B 3059 7.89 14.62 44.97
O3' OMG B 3059 9.12 15.10 45.49
C2' OMG B 3059 8.07 13.70 43.78
O2' OMG B 3059 9.15 12.81 43.99
CM2 OMG B 3059 9.40 11.96 42.91
C1' OMG B 3059 6.77 12.88 43.82
N9 OMG B 3059 5.73 13.45 42.94
C8 OMG B 3059 4.66 14.23 43.32
N7 OMG B 3059 3.90 14.56 42.31
C5 OMG B 3059 4.50 13.98 41.23
C6 OMG B 3059 4.12 14.00 39.85
O6 OMG B 3059 3.17 14.55 39.32
N1 OMG B 3059 5.03 13.26 39.08
C2 OMG B 3059 6.12 12.60 39.57
N2 OMG B 3059 6.86 11.94 38.65
N3 OMG B 3059 6.47 12.58 40.83
C4 OMG B 3059 5.63 13.28 41.60
N1 PSU B 3070 27.83 21.34 29.74
C2 PSU B 3070 27.11 20.68 28.78
N3 PSU B 3070 27.66 19.61 28.11
C4 PSU B 3070 28.95 19.21 28.41
C5 PSU B 3070 29.68 19.90 29.37
C6 PSU B 3070 29.09 20.96 30.03
O2 PSU B 3070 25.95 21.04 28.52
O4 PSU B 3070 29.44 18.26 27.81
C1' PSU B 3070 31.06 19.48 29.76
C2' PSU B 3070 32.21 19.75 28.79
O2' PSU B 3070 33.03 18.58 28.75
C3' PSU B 3070 32.96 20.89 29.47
C4' PSU B 3070 32.70 20.66 30.95
O3' PSU B 3070 34.34 20.92 29.16
O4' PSU B 3070 31.38 20.06 31.00
C5' PSU B 3070 32.73 21.89 31.82
O5' PSU B 3070 31.80 22.86 31.37
P PSU B 3070 31.80 24.34 31.94
OP1 PSU B 3070 33.21 24.76 32.11
OP2 PSU B 3070 30.88 25.14 31.11
N1 PSU B 3098 46.01 17.43 14.68
C2 PSU B 3098 45.55 18.62 14.16
N3 PSU B 3098 46.09 19.82 14.59
C4 PSU B 3098 47.08 19.82 15.55
C5 PSU B 3098 47.52 18.63 16.07
C6 PSU B 3098 46.98 17.43 15.63
O2 PSU B 3098 44.67 18.62 13.31
O4 PSU B 3098 47.55 20.89 15.92
C1' PSU B 3098 48.61 18.61 17.11
C2' PSU B 3098 48.05 18.97 18.50
O2' PSU B 3098 49.05 19.67 19.21
C3' PSU B 3098 47.84 17.57 19.09
C4' PSU B 3098 49.02 16.79 18.53
O3' PSU B 3098 47.82 17.56 20.51
O4' PSU B 3098 49.18 17.33 17.18
C5' PSU B 3098 48.81 15.30 18.46
O5' PSU B 3098 47.52 14.99 17.99
P PSU B 3098 47.20 13.57 17.35
OP1 PSU B 3098 47.36 12.58 18.44
OP2 PSU B 3098 45.94 13.66 16.60
N1 PSU B 3109 21.86 15.75 30.45
C2 PSU B 3109 21.76 17.12 30.59
N3 PSU B 3109 22.17 17.72 31.77
C4 PSU B 3109 22.66 16.95 32.80
C5 PSU B 3109 22.73 15.57 32.65
C6 PSU B 3109 22.34 14.99 31.45
O2 PSU B 3109 21.32 17.80 29.69
O4 PSU B 3109 23.01 17.48 33.85
C1' PSU B 3109 23.32 14.71 33.73
C2' PSU B 3109 22.42 14.24 34.89
O2' PSU B 3109 23.09 14.54 36.11
C3' PSU B 3109 22.35 12.73 34.67
C4' PSU B 3109 23.61 12.40 33.89
O3' PSU B 3109 22.30 12.00 35.88
O4' PSU B 3109 23.89 13.60 33.12
C5' PSU B 3109 23.49 11.23 32.96
O5' PSU B 3109 22.31 11.34 32.16
P PSU B 3109 22.11 10.46 30.87
OP1 PSU B 3109 22.00 9.05 31.29
OP2 PSU B 3109 21.07 11.04 30.00
P 5MC B 3114 7.35 22.47 42.29
OP1 5MC B 3114 6.27 23.11 43.15
OP2 5MC B 3114 8.58 21.86 42.94
O5' 5MC B 3114 6.68 21.36 41.38
C5' 5MC B 3114 5.81 21.73 40.32
C4' 5MC B 3114 4.86 20.61 39.97
O4' 5MC B 3114 5.49 19.70 39.01
C3' 5MC B 3114 4.39 19.72 41.13
O3' 5MC B 3114 2.97 19.69 41.27
C2' 5MC B 3114 5.01 18.35 40.85
O2' 5MC B 3114 4.09 17.31 41.17
C1' 5MC B 3114 5.15 18.39 39.33
N1 5MC B 3114 6.21 17.50 38.83
C2 5MC B 3114 6.50 17.47 37.46
O2 5MC B 3114 5.87 18.18 36.70
N3 5MC B 3114 7.46 16.64 37.02
C4 5MC B 3114 8.13 15.88 37.85
N4 5MC B 3114 9.07 15.08 37.35
C5 5MC B 3114 7.88 15.86 39.27
C6 5MC B 3114 6.91 16.70 39.68
CM5 5MC B 3114 8.65 14.98 40.18
N1 OMC B 3123 4.10 38.00 13.74
C2 OMC B 3123 3.93 38.56 15.03
N3 OMC B 3123 4.63 38.06 16.06
C4 OMC B 3123 5.46 37.05 15.89
C5 OMC B 3123 5.68 36.46 14.62
C6 OMC B 3123 4.97 36.97 13.59
O2 OMC B 3123 3.15 39.49 15.19
N4 OMC B 3123 6.13 36.60 16.94
C1' OMC B 3123 3.39 38.45 12.53
C2' OMC B 3123 3.75 39.87 12.10
O2' OMC B 3123 2.60 40.49 11.56
CM2 OMC B 3123 1.63 40.80 12.53
C3' OMC B 3123 4.78 39.61 11.01
C4' OMC B 3123 4.27 38.33 10.38
O4' OMC B 3123 3.70 37.58 11.48
O3' OMC B 3123 4.88 40.66 10.08
C5' OMC B 3123 5.31 37.50 9.69
O5' OMC B 3123 6.39 37.20 10.55
P OMC B 3123 7.51 36.16 10.13
OP1 OMC B 3123 8.14 36.65 8.84
OP2 OMC B 3123 8.41 35.90 11.35
N1 PSU B 3124 6.98 39.84 14.71
C2 PSU B 3124 7.39 39.57 16.00
N3 PSU B 3124 7.01 40.38 17.03
C4 PSU B 3124 6.22 41.48 16.77
C5 PSU B 3124 5.83 41.76 15.47
C6 PSU B 3124 6.21 40.91 14.45
O2 PSU B 3124 8.10 38.58 16.23
O4 PSU B 3124 5.88 42.21 17.70
C1' PSU B 3124 4.93 42.93 15.17
C2' PSU B 3124 5.61 44.30 15.10
O2' PSU B 3124 4.74 45.26 15.66
C3' PSU B 3124 5.74 44.51 13.59
C4' PSU B 3124 4.51 43.81 13.04
O3' PSU B 3124 5.78 45.87 13.22
O4' PSU B 3124 4.30 42.69 13.94
C5' PSU B 3124 4.65 43.31 11.63
O5' PSU B 3124 5.83 42.52 11.50
P PSU B 3124 6.11 41.70 10.16
OP1 PSU B 3124 5.95 42.70 9.10
OP2 PSU B 3124 7.37 40.94 10.33
N1 PSU B 3138 40.54 49.28 2.51
C2 PSU B 3138 40.59 47.91 2.69
N3 PSU B 3138 41.59 47.34 3.42
C4 PSU B 3138 42.58 48.13 3.98
C5 PSU B 3138 42.54 49.52 3.77
C6 PSU B 3138 41.50 50.06 3.04
O2 PSU B 3138 39.71 47.21 2.20
O4 PSU B 3138 43.47 47.59 4.62
C1' PSU B 3138 43.56 50.46 4.35
C2' PSU B 3138 45.00 50.16 3.89
O2' PSU B 3138 45.88 50.53 4.93
C3' PSU B 3138 45.12 51.12 2.71
C4' PSU B 3138 44.32 52.32 3.15
O3' PSU B 3138 46.47 51.45 2.41
O4' PSU B 3138 43.23 51.76 3.92
C5' PSU B 3138 43.77 53.17 2.03
O5' PSU B 3138 43.31 54.43 2.50
P PSU B 3138 42.24 55.27 1.67
OP1 PSU B 3138 42.94 56.42 1.04
OP2 PSU B 3138 41.49 54.33 0.83
N1 PSU B 3160 16.23 39.81 0.48
C2 PSU B 3160 16.09 39.48 -0.85
N3 PSU B 3160 15.41 40.32 -1.71
C4 PSU B 3160 14.88 41.50 -1.23
C5 PSU B 3160 15.03 41.83 0.10
C6 PSU B 3160 15.71 40.96 0.95
O2 PSU B 3160 16.55 38.42 -1.27
O4 PSU B 3160 14.30 42.25 -2.02
C1' PSU B 3160 14.47 43.11 0.64
C2' PSU B 3160 12.95 42.99 0.77
O2' PSU B 3160 12.38 44.26 0.54
C3' PSU B 3160 12.81 42.58 2.23
C4' PSU B 3160 13.90 43.39 2.89
O3' PSU B 3160 11.52 42.84 2.76
O4' PSU B 3160 14.98 43.38 1.92
C5' PSU B 3160 14.40 42.86 4.22
O5' PSU B 3160 14.91 41.54 4.10
P PSU B 3160 16.26 41.11 4.84
OP1 PSU B 3160 16.26 41.73 6.18
OP2 PSU B 3160 16.43 39.65 4.69
P OMG B 3161 10.37 41.73 2.66
OP1 OMG B 3161 9.19 42.20 3.50
OP2 OMG B 3161 11.00 40.37 2.94
O5' OMG B 3161 9.94 41.75 1.14
C5' OMG B 3161 9.37 42.92 0.55
C4' OMG B 3161 8.84 42.62 -0.83
O4' OMG B 3161 9.95 42.41 -1.74
C3' OMG B 3161 8.02 41.35 -0.94
O3' OMG B 3161 6.67 41.55 -0.56
C2' OMG B 3161 8.19 40.97 -2.40
O2' OMG B 3161 7.32 41.73 -3.22
CM2 OMG B 3161 7.36 41.37 -4.58
C1' OMG B 3161 9.62 41.42 -2.68
N9 OMG B 3161 10.60 40.33 -2.55
C8 OMG B 3161 11.50 40.15 -1.52
N7 OMG B 3161 12.22 39.08 -1.69
C5 OMG B 3161 11.80 38.54 -2.87
C6 OMG B 3161 12.22 37.36 -3.55
O6 OMG B 3161 13.09 36.57 -3.23
N1 OMG B 3161 11.50 37.18 -4.72
C2 OMG B 3161 10.51 38.00 -5.18
N2 OMG B 3161 9.93 37.65 -6.33
N3 OMG B 3161 10.11 39.08 -4.55
C4 OMG B 3161 10.78 39.29 -3.41
N1 OMU B 3165 5.77 25.32 2.53
C2 OMU B 3165 7.10 25.84 3.02
N3 OMU B 3165 7.39 27.31 2.98
C4 OMU B 3165 6.39 28.22 2.47
C5 OMU B 3165 5.08 27.69 1.99
C6 OMU B 3165 4.79 26.24 2.03
O2 OMU B 3165 7.93 25.06 3.45
O4 OMU B 3165 6.61 29.34 2.43
C1' OMU B 3165 5.48 23.87 2.58
C2' OMU B 3165 4.75 23.46 3.86
O2' OMU B 3165 5.25 22.18 4.27
CM2 OMU B 3165 5.35 22.05 5.65
C3' OMU B 3165 3.32 23.34 3.37
C4' OMU B 3165 3.49 22.84 1.95
O3' OMU B 3165 2.51 22.48 4.16
O4' OMU B 3165 4.67 23.53 1.48
C5' OMU B 3165 2.35 23.09 1.01
O5' OMU B 3165 1.98 24.47 1.00
P OMU B 3165 1.37 25.13 -0.30
OP1 OMU B 3165 0.07 24.44 -0.59
OP2 OMU B 3165 1.40 26.63 -0.14
P OMG B 3166 1.22 23.07 4.92
OP1 OMG B 3166 0.86 22.11 6.04
OP2 OMG B 3166 0.17 23.46 3.88
O5' OMG B 3166 1.76 24.40 5.60
C5' OMG B 3166 0.88 25.32 6.22
C4' OMG B 3166 1.39 25.74 7.57
O4' OMG B 3166 1.21 24.66 8.51
C3' OMG B 3166 2.88 26.05 7.65
O3' OMG B 3166 3.18 27.36 7.19
C2' OMG B 3166 3.17 25.85 9.13
O2' OMG B 3166 2.71 26.95 9.89
CM2 OMG B 3166 3.62 27.39 10.87
C1' OMG B 3166 2.26 24.66 9.46
N9 OMG B 3166 2.98 23.37 9.35
C8 OMG B 3166 2.92 22.47 8.31
N7 OMG B 3166 3.66 21.42 8.54
C5 OMG B 3166 4.23 21.64 9.77
C6 OMG B 3166 5.13 20.83 10.53
O6 OMG B 3166 5.60 19.75 10.25
N1 OMG B 3166 5.43 21.45 11.74
C2 OMG B 3166 4.96 22.66 12.16
N2 OMG B 3166 5.38 23.09 13.36
N3 OMG B 3166 4.14 23.40 11.46
C4 OMG B 3166 3.81 22.84 10.29
N1 PSU B 3167 8.92 22.36 7.06
C2 PSU B 3167 9.33 21.45 8.02
N3 PSU B 3167 9.03 21.63 9.35
C4 PSU B 3167 8.31 22.75 9.73
C5 PSU B 3167 7.89 23.67 8.77
C6 PSU B 3167 8.22 23.45 7.44
O2 PSU B 3167 9.98 20.46 7.67
O4 PSU B 3167 8.03 22.92 10.91
C1' PSU B 3167 7.11 24.87 9.20
C2' PSU B 3167 8.04 26.04 9.52
O2' PSU B 3167 7.47 26.79 10.58
C3' PSU B 3167 7.99 26.82 8.21
C4' PSU B 3167 6.55 26.64 7.77
O3' PSU B 3167 8.34 28.19 8.37
O4' PSU B 3167 6.24 25.28 8.16
C5' PSU B 3167 6.29 26.82 6.31
O5' PSU B 3167 5.39 27.87 6.07
P PSU B 3167 3.86 27.57 5.74
OP1 PSU B 3167 3.29 28.76 5.08
OP2 PSU B 3167 3.87 26.27 5.05
N1 PSU B 3188 9.70 35.66 20.28
C2 PSU B 3188 9.74 36.32 19.06
N3 PSU B 3188 9.27 37.61 18.97
C4 PSU B 3188 8.76 38.24 20.09
C5 PSU B 3188 8.72 37.57 21.30
C6 PSU B 3188 9.21 36.27 21.38
O2 PSU B 3188 10.20 35.75 18.08
O4 PSU B 3188 8.34 39.38 20.00
C1' PSU B 3188 8.18 38.25 22.54
C2' PSU B 3188 6.69 38.01 22.77
O2' PSU B 3188 6.15 39.21 23.32
C3' PSU B 3188 6.71 36.91 23.81
C4' PSU B 3188 7.96 37.22 24.63
O3' PSU B 3188 5.55 36.86 24.61
O4' PSU B 3188 8.88 37.79 23.66
C5' PSU B 3188 8.60 36.04 25.31
O5' PSU B 3188 8.79 34.98 24.38
P PSU B 3188 9.86 33.84 24.65
OP1 PSU B 3188 9.50 33.19 25.93
OP2 PSU B 3188 9.99 33.02 23.43
P A2M B 3190 0.84 36.59 27.52
OP1 A2M B 3190 2.24 36.79 28.00
O5' A2M B 3190 -0.36 37.81 28.10
C5' A2M B 3190 -1.48 37.91 27.39
C4' A2M B 3190 -2.60 38.50 28.24
O4' A2M B 3190 -2.55 38.00 29.54
C3' A2M B 3190 -2.49 40.01 28.36
O3' A2M B 3190 -2.70 40.57 27.12
C2' A2M B 3190 -3.51 40.24 29.45
O2' A2M B 3190 -4.82 40.02 29.02
C1' A2M B 3190 -3.04 39.06 30.35
CM' A2M B 3190 -5.73 40.35 30.03
N9 A2M B 3190 -2.05 39.41 31.33
C8 A2M B 3190 -0.65 39.41 31.31
N7 A2M B 3190 -0.12 39.84 32.47
C5 A2M B 3190 -1.23 40.13 33.25
C6 A2M B 3190 -1.41 40.61 34.53
N6 A2M B 3190 -0.33 40.90 35.34
N1 A2M B 3190 -2.63 40.81 35.08
C2 A2M B 3190 -3.69 40.51 34.27
N3 A2M B 3190 -3.71 40.05 33.02
C4 A2M B 3190 -2.44 39.87 32.56
OP2 A2M B 3190 0.03 35.45 28.06
P UR3 B 3197 -0.37 17.34 13.65
OP1 UR3 B 3197 -0.25 15.98 13.09
OP2 UR3 B 3197 -1.73 17.93 13.92
O5' UR3 B 3197 0.48 17.40 14.99
C5' UR3 B 3197 1.81 16.91 15.05
C4' UR3 B 3197 2.46 17.22 16.37
O4' UR3 B 3197 2.56 18.64 16.55
C1' UR3 B 3197 2.43 18.97 17.92
N1 UR3 B 3197 1.28 19.89 18.07
C6 UR3 B 3197 0.28 19.98 17.03
C2 UR3 B 3197 1.15 20.71 19.30
O2 UR3 B 3197 1.95 20.64 20.14
N3 UR3 B 3197 -0.02 21.65 19.44
C3U UR3 B 3197 -0.14 22.48 20.69
C4 UR3 B 3197 -1.00 21.74 18.41
O4 UR3 B 3197 -1.94 22.50 18.53
C5 UR3 B 3197 -0.87 20.92 17.19
C2' UR3 B 3197 2.21 17.66 18.69
O2' UR3 B 3197 3.48 17.21 19.14
C3' UR3 B 3197 1.68 16.75 17.59
O3' UR3 B 3197 1.86 15.37 17.86
N1 PSU B 3199 -8.60 18.54 22.75
C2 PSU B 3199 -9.86 18.79 23.21
N3 PSU B 3199 -10.40 18.01 24.22
C4 PSU B 3199 -9.67 16.98 24.76
C5 PSU B 3199 -8.39 16.74 24.29
C6 PSU B 3199 -7.87 17.53 23.27
O2 PSU B 3199 -10.53 19.71 22.73
O4 PSU B 3199 -10.16 16.30 25.66
C1' PSU B 3199 -7.56 15.61 24.85
C2' PSU B 3199 -8.13 14.28 24.36
O2' PSU B 3199 -7.87 13.30 25.34
C3' PSU B 3199 -7.29 14.04 23.11
C4' PSU B 3199 -5.93 14.55 23.54
O3' PSU B 3199 -7.27 12.69 22.69
O4' PSU B 3199 -6.24 15.70 24.37
C5' PSU B 3199 -5.00 14.96 22.43
O5' PSU B 3199 -5.60 15.96 21.60
P PSU B 3199 -4.82 16.52 20.34
OP1 PSU B 3199 -4.47 15.37 19.48
OP2 PSU B 3199 -5.62 17.64 19.78
N1 OMC B 3203 -10.68 7.62 9.37
C2 OMC B 3203 -9.32 7.80 9.09
N3 OMC B 3203 -8.47 7.97 10.12
C4 OMC B 3203 -8.89 7.98 11.37
C5 OMC B 3203 -10.26 7.78 11.69
C6 OMC B 3203 -11.10 7.62 10.65
O2 OMC B 3203 -8.91 7.79 7.94
N4 OMC B 3203 -8.00 8.16 12.33
C1' OMC B 3203 -11.70 7.41 8.31
C2' OMC B 3203 -11.51 6.07 7.59
O2' OMC B 3203 -12.01 6.21 6.27
CM2 OMC B 3203 -11.05 6.68 5.36
C3' OMC B 3203 -12.45 5.18 8.40
C4' OMC B 3203 -13.62 6.11 8.64
O4' OMC B 3203 -12.98 7.39 8.91
O3' OMC B 3203 -12.80 3.98 7.74
C5' OMC B 3203 -14.54 5.74 9.77
O5' OMC B 3203 -13.83 5.41 10.95
P OMC B 3203 -14.59 5.32 12.34
OP1 OMC B 3203 -15.62 4.20 12.25
OP2 OMC B 3203 -13.54 5.29 13.45
N1 PSU B 3219 -7.48 14.90 11.02
C2 PSU B 3219 -8.09 14.44 12.17
N3 PSU B 3219 -9.46 14.38 12.23
C4 PSU B 3219 -10.22 14.77 11.15
C5 PSU B 3219 -9.59 15.23 10.00
C6 PSU B 3219 -8.21 15.28 9.96
O2 PSU B 3219 -7.42 14.10 13.13
O4 PSU B 3219 -11.45 14.71 11.22
C1' PSU B 3219 -10.40 15.66 8.81
C2' PSU B 3219 -10.96 17.07 9.01
O2' PSU B 3219 -12.24 17.14 8.41
C3' PSU B 3219 -9.95 17.91 8.22
C4' PSU B 3219 -9.61 17.00 7.05
O3' PSU B 3219 -10.47 19.16 7.80
O4' PSU B 3219 -9.60 15.68 7.64
C5' PSU B 3219 -8.29 17.28 6.38
O5' PSU B 3219 -7.24 17.41 7.32
P PSU B 3219 -5.73 17.51 6.82
OP1 PSU B 3219 -5.59 18.63 5.88
OP2 PSU B 3219 -4.85 17.47 8.02
P A2M B 3238 3.80 73.10 43.19
OP1 A2M B 3238 3.21 74.31 43.84
O5' A2M B 3238 4.84 72.07 44.24
C5' A2M B 3238 4.19 71.31 45.14
C4' A2M B 3238 5.05 70.13 45.53
O4' A2M B 3238 5.18 69.27 44.40
C3' A2M B 3238 6.44 70.58 45.94
O3' A2M B 3238 6.32 71.00 47.26
C2' A2M B 3238 7.30 69.38 45.59
O2' A2M B 3238 7.25 68.34 46.54
C1' A2M B 3238 6.55 68.95 44.31
CM' A2M B 3238 8.44 67.60 46.51
N9 A2M B 3238 7.07 69.47 43.09
C8 A2M B 3238 6.62 70.46 42.20
N7 A2M B 3238 7.44 70.63 41.15
C5 A2M B 3238 8.44 69.69 41.38
C6 A2M B 3238 9.60 69.35 40.69
N6 A2M B 3238 9.95 69.95 39.51
N1 A2M B 3238 10.44 68.38 41.14
C2 A2M B 3238 10.09 67.78 42.30
N3 A2M B 3238 9.02 67.99 43.09
C4 A2M B 3238 8.24 68.96 42.57
OP2 A2M B 3238 4.89 73.27 42.17
N1 PSU B 3243 9.43 87.38 46.53
C2 PSU B 3243 9.27 88.44 45.66
N3 PSU B 3243 8.00 88.75 45.21
C4 PSU B 3243 6.91 88.01 45.62
C5 PSU B 3243 7.10 86.94 46.48
C6 PSU B 3243 8.38 86.65 46.93
O2 PSU B 3243 10.23 89.09 45.30
O4 PSU B 3243 5.79 88.30 45.20
C1' PSU B 3243 5.95 86.12 46.99
C2' PSU B 3243 5.23 85.24 45.96
O2' PSU B 3243 3.85 85.22 46.28
C3' PSU B 3243 5.85 83.88 46.22
C4' PSU B 3243 6.15 83.89 47.71
O3' PSU B 3243 5.00 82.79 45.86
O4' PSU B 3243 6.45 85.27 48.01
C5' PSU B 3243 7.30 83.02 48.14
O5' PSU B 3243 8.48 83.36 47.42
P PSU B 3243 9.87 82.66 47.76
OP1 PSU B 3243 9.62 81.21 47.67
OP2 PSU B 3243 10.92 83.28 46.92
N1 PSU B 3246 10.25 85.44 35.22
C2 PSU B 3246 11.57 85.77 35.45
N3 PSU B 3246 12.18 86.76 34.71
C4 PSU B 3246 11.46 87.42 33.75
C5 PSU B 3246 10.13 87.09 33.51
C6 PSU B 3246 9.55 86.09 34.28
O2 PSU B 3246 12.21 85.16 36.32
O4 PSU B 3246 12.02 88.31 33.10
C1' PSU B 3246 9.32 87.82 32.47
C2' PSU B 3246 9.74 87.41 31.05
O2' PSU B 3246 9.62 88.55 30.21
C3' PSU B 3246 8.68 86.38 30.70
C4' PSU B 3246 7.44 86.94 31.37
O3' PSU B 3246 8.50 86.19 29.30
O4' PSU B 3246 7.94 87.52 32.60
C5' PSU B 3246 6.36 85.95 31.67
O5' PSU B 3246 6.86 84.86 32.44
P PSU B 3246 5.87 83.91 33.24
OP1 PSU B 3246 4.96 83.31 32.24
OP2 PSU B 3246 6.67 83.04 34.13
P A2M B 3257 24.14 63.48 11.97
OP1 A2M B 3257 25.11 63.35 13.12
O5' A2M B 3257 24.80 63.02 10.35
C5' A2M B 3257 23.91 62.87 9.36
C4' A2M B 3257 23.31 61.48 9.42
O4' A2M B 3257 21.91 61.58 9.56
C3' A2M B 3257 23.59 60.68 8.17
O3' A2M B 3257 24.93 60.29 8.23
C2' A2M B 3257 22.49 59.63 8.23
O2' A2M B 3257 22.72 58.63 9.19
C1' A2M B 3257 21.37 60.58 8.73
CM' A2M B 3257 21.53 57.97 9.52
N9 A2M B 3257 20.61 61.19 7.69
C8 A2M B 3257 20.46 62.52 7.26
N7 A2M B 3257 19.62 62.63 6.21
C5 A2M B 3257 19.22 61.33 5.97
C6 A2M B 3257 18.37 60.72 5.07
N6 A2M B 3257 17.70 61.45 4.10
N1 A2M B 3257 18.15 59.39 5.03
C2 A2M B 3257 18.81 58.67 5.97
N3 A2M B 3257 19.65 59.07 6.93
C4 A2M B 3257 19.82 60.42 6.88
OP2 A2M B 3257 23.76 64.85 11.50
P OMG B 3285 14.83 63.43 -7.31
OP1 OMG B 3285 13.45 64.05 -7.22
OP2 OMG B 3285 15.72 63.41 -6.07
O5' OMG B 3285 14.67 61.94 -7.83
C5' OMG B 3285 14.18 60.94 -6.96
C4' OMG B 3285 14.95 59.65 -7.12
O4' OMG B 3285 16.34 59.93 -7.41
C3' OMG B 3285 15.01 58.77 -5.88
O3' OMG B 3285 13.81 58.04 -5.68
C2' OMG B 3285 16.23 57.91 -6.15
O2' OMG B 3285 15.92 56.90 -7.10
CM2 OMG B 3285 16.54 55.67 -6.80
C1' OMG B 3285 17.16 58.93 -6.82
N9 OMG B 3285 18.05 59.59 -5.85
C8 OMG B 3285 18.23 60.95 -5.72
N7 OMG B 3285 19.08 61.26 -4.78
C5 OMG B 3285 19.48 60.07 -4.27
C6 OMG B 3285 20.40 59.79 -3.21
O6 OMG B 3285 21.04 60.57 -2.53
N1 OMG B 3285 20.52 58.41 -3.01
C2 OMG B 3285 19.87 57.45 -3.71
N2 OMG B 3285 20.09 56.17 -3.37
N3 OMG B 3285 19.02 57.71 -4.67
C4 OMG B 3285 18.86 59.02 -4.91
N1 OMU B 3287 15.89 55.46 2.51
C2 OMU B 3287 16.71 56.42 3.34
N3 OMU B 3287 16.85 57.84 2.90
C4 OMU B 3287 16.21 58.30 1.68
C5 OMU B 3287 15.41 57.34 0.87
C6 OMU B 3287 15.26 55.93 1.30
O2 OMU B 3287 17.25 56.04 4.37
O4 OMU B 3287 16.31 59.37 1.35
C1' OMU B 3287 15.75 54.05 2.94
C2' OMU B 3287 14.78 53.89 4.10
O2' OMU B 3287 15.22 52.80 4.90
CM2 OMU B 3287 16.43 53.03 5.55
C3' OMU B 3287 13.50 53.53 3.37
C4' OMU B 3287 14.00 52.67 2.23
O3' OMU B 3287 12.54 52.87 4.18
O4' OMU B 3287 15.25 53.29 1.85
C5' OMU B 3287 13.09 52.56 1.03
O5' OMU B 3287 12.59 53.83 0.66
P OMU B 3287 11.98 54.06 -0.79
OP1 OMU B 3287 10.81 53.14 -0.95
OP2 OMU B 3287 11.82 55.54 -1.01
P OMG B 3290 10.03 61.13 13.29
OP1 OMG B 3290 9.66 60.59 14.66
OP2 OMG B 3290 9.26 60.64 12.05
O5' OMG B 3290 9.93 62.70 13.33
C5' OMG B 3290 11.00 63.48 13.85
C4' OMG B 3290 11.02 64.85 13.24
O4' OMG B 3290 11.70 64.84 11.97
C3' OMG B 3290 9.65 65.42 12.89
O3' OMG B 3290 8.98 65.92 14.03
C2' OMG B 3290 9.98 66.46 11.84
O2' OMG B 3290 10.43 67.66 12.46
CM2 OMG B 3290 10.64 68.70 11.53
C1' OMG B 3290 11.15 65.81 11.12
N9 OMG B 3290 10.75 65.15 9.85
C8 OMG B 3290 10.60 63.80 9.63
N7 OMG B 3290 10.24 63.54 8.41
C5 OMG B 3290 10.15 64.76 7.80
C6 OMG B 3290 9.79 65.09 6.46
O6 OMG B 3290 9.49 64.36 5.55
N1 OMG B 3290 9.82 66.48 6.28
C2 OMG B 3290 10.16 67.40 7.23
N2 OMG B 3290 10.13 68.68 6.84
N3 OMG B 3290 10.48 67.09 8.45
C4 OMG B 3290 10.46 65.77 8.68
N1 PSU B 3295 -1.36 71.60 -1.76
C2 PSU B 3295 -0.86 70.32 -1.66
N3 PSU B 3295 -0.66 69.58 -2.79
C4 PSU B 3295 -0.96 70.11 -4.03
C5 PSU B 3295 -1.48 71.39 -4.11
C6 PSU B 3295 -1.67 72.12 -2.95
O2 PSU B 3295 -0.59 69.86 -0.56
O4 PSU B 3295 -0.78 69.43 -5.03
C1' PSU B 3295 -1.81 72.06 -5.42
C2' PSU B 3295 -2.97 71.40 -6.16
O2' PSU B 3295 -2.73 71.49 -7.55
C3' PSU B 3295 -4.15 72.29 -5.76
C4' PSU B 3295 -3.52 73.65 -5.64
O3' PSU B 3295 -5.21 72.26 -6.71
O4' PSU B 3295 -2.18 73.40 -5.16
C5' PSU B 3295 -4.20 74.63 -4.71
O5' PSU B 3295 -4.34 74.09 -3.40
P PSU B 3295 -4.97 74.95 -2.22
OP1 PSU B 3295 -6.23 75.56 -2.68
OP2 PSU B 3295 -4.98 74.11 -0.99
N1 PSU B 3303 -30.20 65.76 9.32
C2 PSU B 3303 -30.72 64.74 8.53
N3 PSU B 3303 -29.92 64.14 7.57
C4 PSU B 3303 -28.62 64.56 7.41
C5 PSU B 3303 -28.12 65.57 8.21
C6 PSU B 3303 -28.93 66.17 9.17
O2 PSU B 3303 -31.88 64.37 8.69
O4 PSU B 3303 -27.90 64.04 6.56
C1' PSU B 3303 -26.71 66.02 8.00
C2' PSU B 3303 -26.69 67.37 7.28
O2' PSU B 3303 -25.70 67.32 6.27
C3' PSU B 3303 -26.28 68.32 8.39
C4' PSU B 3303 -25.38 67.47 9.26
O3' PSU B 3303 -25.63 69.49 7.92
O4' PSU B 3303 -25.98 66.16 9.20
C5' PSU B 3303 -25.26 67.91 10.70
O5' PSU B 3303 -24.77 69.24 10.79
P PSU B 3303 -23.44 69.59 11.57
OP1 PSU B 3303 -23.82 70.43 12.74
OP2 PSU B 3303 -22.70 68.34 11.79
P OMG B 3304 -26.46 70.84 7.70
OP1 OMG B 3304 -26.12 71.80 8.83
OP2 OMG B 3304 -27.92 70.48 7.42
O5' OMG B 3304 -25.84 71.44 6.36
C5' OMG B 3304 -25.70 72.84 6.20
C4' OMG B 3304 -25.25 73.17 4.80
O4' OMG B 3304 -24.07 72.40 4.47
C3' OMG B 3304 -26.21 72.83 3.69
O3' OMG B 3304 -27.26 73.78 3.57
C2' OMG B 3304 -25.31 72.77 2.47
O2' OMG B 3304 -25.06 74.07 1.96
CM2 OMG B 3304 -24.06 74.15 0.98
C1' OMG B 3304 -24.01 72.22 3.07
N9 OMG B 3304 -23.80 70.79 2.79
C8 OMG B 3304 -23.81 69.76 3.69
N7 OMG B 3304 -23.58 68.62 3.12
C5 OMG B 3304 -23.41 68.90 1.79
C6 OMG B 3304 -23.14 68.03 0.70
O6 OMG B 3304 -22.98 66.82 0.68
N1 OMG B 3304 -23.04 68.77 -0.49
C2 OMG B 3304 -23.19 70.11 -0.60
N2 OMG B 3304 -23.05 70.63 -1.83
N3 OMG B 3304 -23.43 70.91 0.40
C4 OMG B 3304 -23.54 70.25 1.57
N1 PSU B 3340 4.80 65.52 -0.27
C2 PSU B 3340 4.86 65.54 1.10
N3 PSU B 3340 4.90 66.75 1.77
C4 PSU B 3340 4.90 67.93 1.05
C5 PSU B 3340 4.85 67.90 -0.33
C6 PSU B 3340 4.80 66.67 -0.98
O2 PSU B 3340 4.86 64.49 1.74
O4 PSU B 3340 4.94 69.00 1.64
C1' PSU B 3340 4.84 69.16 -1.13
C2' PSU B 3340 6.24 69.76 -1.28
O2' PSU B 3340 6.13 71.17 -1.34
C3' PSU B 3340 6.65 69.21 -2.64
C4' PSU B 3340 5.35 69.20 -3.43
O3' PSU B 3340 7.66 69.98 -3.28
O4' PSU B 3340 4.35 68.88 -2.42
C5' PSU B 3340 5.29 68.20 -4.55
O5' PSU B 3340 5.56 66.89 -4.10
P PSU B 3340 5.22 65.62 -5.00
OP1 PSU B 3340 5.87 65.83 -6.31
OP2 PSU B 3340 5.53 64.39 -4.23
N1 PSU B 3356 62.27 59.18 11.16
C2 PSU B 3356 62.06 58.62 12.39
N3 PSU B 3356 62.45 59.30 13.53
C4 PSU B 3356 63.06 60.53 13.43
C5 PSU B 3356 63.29 61.07 12.18
C6 PSU B 3356 62.89 60.37 11.06
O2 PSU B 3356 61.51 57.54 12.47
O4 PSU B 3356 63.41 61.12 14.45
C1' PSU B 3356 63.96 62.42 12.02
C2' PSU B 3356 65.45 62.28 12.27
O2' PSU B 3356 65.93 63.49 12.83
C3' PSU B 3356 65.98 62.12 10.86
C4' PSU B 3356 65.08 63.02 10.05
O3' PSU B 3356 67.36 62.44 10.72
O4' PSU B 3356 63.78 62.89 10.71
C5' PSU B 3356 64.95 62.72 8.58
O5' PSU B 3356 64.63 61.36 8.36
P PSU B 3356 64.10 60.87 6.94
OP1 PSU B 3356 65.01 61.30 5.86
OP2 PSU B 3356 63.76 59.44 7.06
N1 PSU B 3558 -12.29 82.03 33.81
C2 PSU B 3558 -11.25 82.71 33.20
N3 PSU B 3558 -11.53 83.77 32.36
C4 PSU B 3558 -12.83 84.14 32.12
C5 PSU B 3558 -13.86 83.44 32.74
C6 PSU B 3558 -13.56 82.38 33.59
O2 PSU B 3558 -10.09 82.38 33.41
O4 PSU B 3558 -13.08 85.07 31.37
C1' PSU B 3558 -15.30 83.82 32.54
C2' PSU B 3558 -15.89 83.48 31.16
O2' PSU B 3558 -16.75 84.54 30.77
C3' PSU B 3558 -16.70 82.23 31.47
C4' PSU B 3558 -17.18 82.47 32.90
O3' PSU B 3558 -17.77 82.03 30.58
O4' PSU B 3558 -16.09 83.19 33.52
C5' PSU B 3558 -17.49 81.23 33.69
O5' PSU B 3558 -16.39 80.32 33.67
P PSU B 3558 -16.39 79.04 34.62
OP1 PSU B 3558 -17.64 78.26 34.41
OP2 PSU B 3558 -15.08 78.36 34.46
N1 PSU B 3559 -12.56 81.53 29.97
C2 PSU B 3559 -11.18 81.70 29.98
N3 PSU B 3559 -10.61 82.65 29.18
C4 PSU B 3559 -11.39 83.43 28.36
C5 PSU B 3559 -12.76 83.26 28.34
C6 PSU B 3559 -13.33 82.29 29.16
O2 PSU B 3559 -10.49 81.00 30.71
O4 PSU B 3559 -10.87 84.29 27.64
C1' PSU B 3559 -13.62 84.12 27.47
C2' PSU B 3559 -13.74 83.56 26.05
O2' PSU B 3559 -13.79 84.65 25.14
C3' PSU B 3559 -15.10 82.87 26.10
C4' PSU B 3559 -15.90 83.76 27.05
O3' PSU B 3559 -15.72 82.72 24.84
O4' PSU B 3559 -14.92 84.21 28.02
C5' PSU B 3559 -17.04 83.08 27.75
O5' PSU B 3559 -16.63 81.86 28.34
P PSU B 3559 -17.61 81.05 29.30
OP1 PSU B 3559 -18.91 80.97 28.63
OP2 PSU B 3559 -16.95 79.82 29.77
N1 PSU B 3587 -18.87 85.53 -0.07
C2 PSU B 3587 -19.45 84.56 0.72
N3 PSU B 3587 -18.69 83.53 1.21
C4 PSU B 3587 -17.35 83.47 0.93
C5 PSU B 3587 -16.76 84.44 0.14
C6 PSU B 3587 -17.55 85.48 -0.35
O2 PSU B 3587 -20.65 84.61 0.97
O4 PSU B 3587 -16.69 82.54 1.37
C1' PSU B 3587 -15.30 84.41 -0.19
C2' PSU B 3587 -14.92 83.27 -1.14
O2' PSU B 3587 -13.63 82.80 -0.79
C3' PSU B 3587 -14.88 83.98 -2.48
C4' PSU B 3587 -14.35 85.36 -2.11
O3' PSU B 3587 -14.08 83.33 -3.45
O4' PSU B 3587 -14.91 85.62 -0.81
C5' PSU B 3587 -14.72 86.46 -3.07
O5' PSU B 3587 -16.12 86.47 -3.29
P PSU B 3587 -16.85 87.80 -3.79
OP1 PSU B 3587 -16.39 88.07 -5.16
OP2 PSU B 3587 -18.29 87.65 -3.50
N1 PSU B 3596 -44.86 80.71 -12.16
C2 PSU B 3596 -43.60 80.99 -12.61
N3 PSU B 3596 -43.20 82.29 -12.80
C4 PSU B 3596 -44.08 83.31 -12.54
C5 PSU B 3596 -45.36 83.03 -12.09
C6 PSU B 3596 -45.74 81.71 -11.89
O2 PSU B 3596 -42.81 80.07 -12.84
O4 PSU B 3596 -43.74 84.48 -12.70
C1' PSU B 3596 -46.31 84.15 -11.80
C2' PSU B 3596 -47.23 84.45 -12.98
O2' PSU B 3596 -47.46 85.85 -13.03
C3' PSU B 3596 -48.50 83.72 -12.58
C4' PSU B 3596 -48.52 83.85 -11.07
O3' PSU B 3596 -49.68 84.24 -13.18
O4' PSU B 3596 -47.12 83.82 -10.69
C5' PSU B 3596 -49.27 82.77 -10.33
O5' PSU B 3596 -48.76 81.49 -10.67
P PSU B 3596 -49.02 80.23 -9.72
OP1 PSU B 3596 -50.47 80.02 -9.58
OP2 PSU B 3596 -48.17 79.13 -10.20
N1 PSU D 55 -49.47 27.35 70.06
C2 PSU D 55 -50.57 28.16 70.17
N3 PSU D 55 -50.97 28.62 71.41
C4 PSU D 55 -50.26 28.28 72.53
C5 PSU D 55 -49.14 27.46 72.41
C6 PSU D 55 -48.76 27.01 71.15
O2 PSU D 55 -51.20 28.47 69.17
O4 PSU D 55 -50.61 28.70 73.63
C1' PSU D 55 -48.36 27.08 73.63
C2' PSU D 55 -49.00 25.88 74.34
O2' PSU D 55 -48.77 26.00 75.74
C3' PSU D 55 -48.20 24.72 73.76
C4' PSU D 55 -46.81 25.32 73.61
O3' PSU D 55 -48.22 23.55 74.57
O4' PSU D 55 -47.05 26.71 73.27
C5' PSU D 55 -45.95 24.67 72.56
O5' PSU D 55 -46.61 24.63 71.30
P PSU D 55 -45.81 24.37 69.96
OP1 PSU D 55 -45.01 23.13 70.11
OP2 PSU D 55 -46.76 24.47 68.83
N1 PSU D 69 -61.14 25.11 95.79
C2 PSU D 69 -61.39 26.06 94.83
N3 PSU D 69 -60.42 26.98 94.50
C4 PSU D 69 -59.21 26.96 95.15
C5 PSU D 69 -58.97 26.01 96.14
C6 PSU D 69 -59.96 25.09 96.43
O2 PSU D 69 -62.47 26.08 94.24
O4 PSU D 69 -58.36 27.80 94.86
C1' PSU D 69 -57.65 25.93 96.86
C2' PSU D 69 -57.27 27.09 97.77
O2' PSU D 69 -55.90 27.39 97.55
C3' PSU D 69 -57.46 26.50 99.16
C4' PSU D 69 -57.14 25.03 98.97
O3' PSU D 69 -56.64 27.10 100.14
O4' PSU D 69 -57.59 24.74 97.62
C5' PSU D 69 -57.81 24.09 99.95
O5' PSU D 69 -59.22 24.27 99.92
P PSU D 69 -60.19 23.08 100.35
OP1 PSU D 69 -60.02 22.82 101.79
OP2 PSU D 69 -61.54 23.39 99.82
P OMG D 75 -48.92 41.80 81.30
OP1 OMG D 75 -48.07 41.50 80.07
OP2 OMG D 75 -48.36 41.50 82.69
O5' OMG D 75 -49.34 43.32 81.25
C5' OMG D 75 -48.48 44.29 80.66
C4' OMG D 75 -49.19 45.04 79.56
O4' OMG D 75 -49.28 44.20 78.38
C3' OMG D 75 -50.62 45.43 79.82
O3' OMG D 75 -50.75 46.57 80.66
C2' OMG D 75 -51.16 45.65 78.41
O2' OMG D 75 -50.73 46.92 77.92
CM2 OMG D 75 -50.89 47.09 76.53
C1' OMG D 75 -50.43 44.56 77.64
N9 OMG D 75 -51.26 43.35 77.45
C8 OMG D 75 -51.10 42.12 78.04
N7 OMG D 75 -52.01 41.28 77.66
C5 OMG D 75 -52.80 41.96 76.79
C6 OMG D 75 -53.95 41.55 76.06
O6 OMG D 75 -54.50 40.46 76.04
N1 OMG D 75 -54.44 42.60 75.28
C2 OMG D 75 -53.93 43.85 75.21
N2 OMG D 75 -54.55 44.72 74.40
N3 OMG D 75 -52.87 44.23 75.88
C4 OMG D 75 -52.35 43.26 76.64
N GLY E 1 -20.67 -3.83 30.64
CA GLY E 1 -21.57 -4.10 31.73
C GLY E 1 -22.94 -3.49 31.55
N ARG E 2 -23.23 -3.02 30.34
CA ARG E 2 -24.51 -2.42 30.02
C ARG E 2 -25.36 -3.42 29.25
N VAL E 3 -26.63 -3.49 29.61
CA VAL E 3 -27.56 -4.39 28.93
C VAL E 3 -27.67 -3.97 27.47
N ILE E 4 -27.50 -4.94 26.57
CA ILE E 4 -27.44 -4.63 25.15
C ILE E 4 -28.86 -4.57 24.57
N ARG E 5 -28.95 -3.97 23.39
CA ARG E 5 -30.22 -3.96 22.68
C ARG E 5 -30.57 -5.38 22.22
N GLY E 6 -31.85 -5.71 22.28
CA GLY E 6 -32.27 -7.07 22.07
C GLY E 6 -32.48 -7.76 23.40
N GLN E 7 -31.55 -7.53 24.33
CA GLN E 7 -31.79 -7.93 25.71
C GLN E 7 -32.82 -7.02 26.35
N ARG E 8 -32.83 -5.74 25.98
CA ARG E 8 -33.81 -4.80 26.49
C ARG E 8 -35.19 -5.02 25.91
N LYS E 9 -35.30 -5.76 24.81
CA LYS E 9 -36.58 -5.97 24.16
C LYS E 9 -37.49 -6.88 24.97
N GLY E 10 -36.92 -7.73 25.83
CA GLY E 10 -37.73 -8.67 26.58
C GLY E 10 -38.69 -8.04 27.54
N ALA E 11 -38.28 -6.95 28.19
CA ALA E 11 -39.22 -6.22 29.04
C ALA E 11 -40.36 -5.64 28.22
N GLY E 12 -40.06 -5.10 27.04
CA GLY E 12 -41.06 -4.62 26.13
C GLY E 12 -41.59 -3.23 26.44
N SER E 13 -41.11 -2.60 27.51
CA SER E 13 -41.70 -1.36 28.02
C SER E 13 -41.81 -0.30 26.94
N VAL E 14 -40.85 -0.27 26.03
CA VAL E 14 -40.94 0.58 24.85
C VAL E 14 -41.27 -0.25 23.61
N PHE E 15 -40.93 -1.53 23.62
CA PHE E 15 -40.96 -2.37 22.43
C PHE E 15 -42.26 -3.16 22.27
N ARG E 16 -43.26 -2.91 23.10
CA ARG E 16 -44.55 -3.57 22.90
C ARG E 16 -45.17 -3.17 21.57
N ALA E 17 -45.86 -4.12 20.95
CA ALA E 17 -46.46 -3.90 19.64
C ALA E 17 -47.55 -2.83 19.73
N HIS E 18 -47.65 -2.04 18.67
CA HIS E 18 -48.58 -0.91 18.62
C HIS E 18 -49.93 -1.43 18.15
N VAL E 19 -50.79 -1.78 19.10
CA VAL E 19 -52.08 -2.37 18.80
C VAL E 19 -53.22 -1.42 19.15
N LYS E 20 -52.97 -0.11 19.11
CA LYS E 20 -54.03 0.85 19.40
C LYS E 20 -55.13 0.82 18.34
N HIS E 21 -54.74 0.89 17.07
CA HIS E 21 -55.69 0.99 15.98
C HIS E 21 -55.94 -0.34 15.27
N ARG E 22 -55.39 -1.44 15.78
CA ARG E 22 -55.64 -2.74 15.16
C ARG E 22 -57.08 -3.17 15.41
N LYS E 23 -57.66 -3.82 14.41
CA LYS E 23 -59.09 -4.07 14.37
C LYS E 23 -59.50 -5.32 15.16
N GLY E 24 -58.57 -6.02 15.76
CA GLY E 24 -58.87 -7.21 16.53
C GLY E 24 -58.02 -8.40 16.12
N ALA E 25 -58.04 -9.42 16.97
CA ALA E 25 -57.29 -10.63 16.69
C ALA E 25 -57.96 -11.39 15.56
N ALA E 26 -57.16 -11.79 14.56
CA ALA E 26 -57.67 -12.50 13.40
C ALA E 26 -57.73 -13.99 13.72
N ARG E 27 -58.94 -14.53 13.79
CA ARG E 27 -59.13 -15.91 14.19
C ARG E 27 -60.31 -16.50 13.41
N LEU E 28 -60.30 -17.83 13.29
CA LEU E 28 -61.47 -18.52 12.80
C LEU E 28 -62.54 -18.59 13.89
N ARG E 29 -63.73 -19.02 13.51
CA ARG E 29 -64.79 -19.12 14.50
C ARG E 29 -64.55 -20.31 15.42
N ALA E 30 -65.21 -20.28 16.57
CA ALA E 30 -65.08 -21.37 17.53
C ALA E 30 -65.70 -22.65 16.95
N VAL E 31 -65.02 -23.78 17.18
CA VAL E 31 -65.55 -25.06 16.73
C VAL E 31 -66.77 -25.42 17.56
N ASP E 32 -67.80 -25.93 16.90
CA ASP E 32 -69.05 -26.27 17.57
C ASP E 32 -69.69 -27.44 16.83
N PHE E 33 -70.97 -27.67 17.11
CA PHE E 33 -71.68 -28.81 16.52
C PHE E 33 -71.81 -28.65 15.02
N ALA E 34 -72.10 -27.43 14.56
CA ALA E 34 -72.28 -27.19 13.12
C ALA E 34 -70.99 -27.47 12.35
N GLU E 35 -69.86 -26.99 12.86
CA GLU E 35 -68.58 -27.27 12.22
C GLU E 35 -68.28 -28.77 12.25
N ARG E 36 -68.58 -29.42 13.38
CA ARG E 36 -68.19 -30.81 13.57
C ARG E 36 -69.06 -31.76 12.76
N HIS E 37 -70.26 -31.36 12.37
CA HIS E 37 -71.15 -32.26 11.67
C HIS E 37 -71.66 -31.74 10.33
N GLY E 38 -71.91 -30.44 10.20
CA GLY E 38 -72.47 -29.92 8.96
C GLY E 38 -71.74 -28.71 8.43
N TYR E 39 -72.50 -27.67 8.08
CA TYR E 39 -71.91 -26.39 7.70
C TYR E 39 -72.87 -25.27 8.09
N ILE E 40 -72.31 -24.09 8.32
CA ILE E 40 -73.09 -22.90 8.62
C ILE E 40 -72.67 -21.80 7.66
N LYS E 41 -73.66 -21.12 7.09
CA LYS E 41 -73.43 -20.14 6.03
C LYS E 41 -73.20 -18.76 6.64
N GLY E 42 -72.15 -18.08 6.17
CA GLY E 42 -71.89 -16.73 6.58
C GLY E 42 -71.75 -15.83 5.37
N ILE E 43 -71.97 -14.54 5.59
CA ILE E 43 -71.93 -13.53 4.54
C ILE E 43 -70.83 -12.53 4.86
N VAL E 44 -70.04 -12.18 3.84
CA VAL E 44 -68.96 -11.21 4.02
C VAL E 44 -69.56 -9.81 4.03
N LYS E 45 -69.54 -9.16 5.19
CA LYS E 45 -70.05 -7.81 5.29
C LYS E 45 -69.03 -6.75 4.91
N ASP E 46 -67.76 -6.95 5.25
CA ASP E 46 -66.77 -5.91 5.03
C ASP E 46 -65.39 -6.53 4.91
N ILE E 47 -64.54 -5.85 4.14
CA ILE E 47 -63.12 -6.16 4.05
C ILE E 47 -62.36 -4.91 4.48
N ILE E 48 -61.51 -5.05 5.49
CA ILE E 48 -60.84 -3.92 6.11
C ILE E 48 -59.34 -4.17 6.17
N HIS E 49 -58.60 -3.09 6.38
CA HIS E 49 -57.15 -3.13 6.47
C HIS E 49 -56.73 -3.04 7.93
N ASP E 50 -56.14 -4.11 8.44
CA ASP E 50 -55.64 -4.11 9.81
C ASP E 50 -54.25 -3.52 9.83
N PRO E 51 -54.00 -2.43 10.56
CA PRO E 51 -52.66 -1.83 10.58
C PRO E 51 -51.63 -2.78 11.17
N GLY E 52 -50.41 -2.68 10.67
CA GLY E 52 -49.32 -3.52 11.10
C GLY E 52 -49.16 -4.82 10.34
N ARG E 53 -50.09 -5.14 9.45
CA ARG E 53 -50.00 -6.34 8.63
C ARG E 53 -50.41 -6.01 7.20
N GLY E 54 -49.91 -6.82 6.26
CA GLY E 54 -50.28 -6.66 4.87
C GLY E 54 -51.50 -7.43 4.43
N ALA E 55 -51.90 -8.44 5.20
CA ALA E 55 -53.05 -9.26 4.81
C ALA E 55 -54.34 -8.53 5.18
N PRO E 56 -55.23 -8.30 4.23
CA PRO E 56 -56.53 -7.71 4.57
C PRO E 56 -57.38 -8.66 5.39
N LEU E 57 -58.24 -8.08 6.23
CA LEU E 57 -59.12 -8.86 7.08
C LEU E 57 -60.54 -8.82 6.54
N ALA E 58 -61.24 -9.94 6.66
CA ALA E 58 -62.62 -10.07 6.21
C ALA E 58 -63.54 -10.13 7.41
N LYS E 59 -64.57 -9.29 7.40
CA LYS E 59 -65.55 -9.26 8.48
C LYS E 59 -66.77 -10.06 8.04
N VAL E 60 -66.99 -11.20 8.70
CA VAL E 60 -68.02 -12.15 8.31
C VAL E 60 -69.02 -12.27 9.46
N VAL E 61 -70.30 -12.29 9.12
CA VAL E 61 -71.38 -12.36 10.11
C VAL E 61 -71.99 -13.75 10.05
N PHE E 62 -72.12 -14.37 11.21
CA PHE E 62 -72.76 -15.67 11.34
C PHE E 62 -74.01 -15.56 12.21
N ARG E 63 -74.89 -16.55 12.07
CA ARG E 63 -76.08 -16.65 12.89
C ARG E 63 -75.80 -17.59 14.05
N ASP E 64 -76.15 -17.16 15.25
CA ASP E 64 -75.98 -18.01 16.42
C ASP E 64 -76.99 -19.14 16.37
N PRO E 65 -76.57 -20.41 16.33
CA PRO E 65 -77.53 -21.51 16.19
C PRO E 65 -78.28 -21.84 17.47
N TYR E 66 -77.89 -21.26 18.61
CA TYR E 66 -78.50 -21.61 19.88
C TYR E 66 -79.31 -20.49 20.50
N ARG E 67 -78.93 -19.23 20.27
CA ARG E 67 -79.71 -18.09 20.73
C ARG E 67 -79.97 -17.18 19.55
N PHE E 68 -80.99 -16.33 19.68
CA PHE E 68 -81.26 -15.33 18.65
C PHE E 68 -80.25 -14.20 18.71
N LYS E 69 -79.16 -14.31 17.95
CA LYS E 69 -78.12 -13.30 17.95
C LYS E 69 -77.28 -13.45 16.69
N LYS E 70 -76.60 -12.37 16.33
CA LYS E 70 -75.68 -12.36 15.20
C LYS E 70 -74.25 -12.37 15.73
N ARG E 71 -73.46 -13.31 15.25
CA ARG E 71 -72.05 -13.41 15.61
C ARG E 71 -71.22 -12.86 14.45
N THR E 72 -70.34 -11.92 14.75
CA THR E 72 -69.50 -11.27 13.75
C THR E 72 -68.05 -11.68 13.97
N GLU E 73 -67.40 -12.17 12.92
CA GLU E 73 -66.03 -12.67 13.01
C GLU E 73 -65.11 -11.82 12.14
N LEU E 74 -63.82 -12.12 12.25
CA LEU E 74 -62.74 -11.32 11.68
C LEU E 74 -61.79 -12.20 10.88
N PHE E 75 -62.36 -12.99 9.97
CA PHE E 75 -61.58 -13.95 9.19
C PHE E 75 -60.52 -13.24 8.35
N ILE E 76 -59.40 -13.92 8.14
CA ILE E 76 -58.36 -13.41 7.27
C ILE E 76 -58.81 -13.57 5.82
N ALA E 77 -58.79 -12.46 5.08
CA ALA E 77 -59.39 -12.43 3.76
C ALA E 77 -58.49 -13.13 2.74
N ALA E 78 -58.89 -14.32 2.31
CA ALA E 78 -58.23 -14.97 1.19
C ALA E 78 -58.53 -14.21 -0.09
N GLU E 79 -57.56 -14.16 -0.99
CA GLU E 79 -57.73 -13.39 -2.22
C GLU E 79 -58.78 -14.05 -3.10
N GLY E 80 -59.65 -13.23 -3.70
CA GLY E 80 -60.75 -13.70 -4.51
C GLY E 80 -62.11 -13.51 -3.88
N ILE E 81 -62.17 -13.25 -2.58
CA ILE E 81 -63.44 -13.03 -1.91
C ILE E 81 -63.86 -11.58 -2.07
N HIS E 82 -65.14 -11.30 -1.84
CA HIS E 82 -65.70 -9.97 -2.03
C HIS E 82 -66.88 -9.79 -1.09
N THR E 83 -67.30 -8.54 -0.93
CA THR E 83 -68.45 -8.22 -0.11
C THR E 83 -69.72 -8.83 -0.69
N GLY E 84 -70.61 -9.24 0.19
CA GLY E 84 -71.85 -9.86 -0.23
C GLY E 84 -71.73 -11.31 -0.63
N GLN E 85 -70.56 -11.91 -0.50
CA GLN E 85 -70.37 -13.31 -0.86
C GLN E 85 -70.72 -14.21 0.32
N PHE E 86 -71.37 -15.33 0.02
CA PHE E 86 -71.66 -16.33 1.03
C PHE E 86 -70.50 -17.30 1.16
N VAL E 87 -69.97 -17.42 2.38
CA VAL E 87 -68.92 -18.37 2.69
C VAL E 87 -69.50 -19.45 3.59
N TYR E 88 -69.03 -20.67 3.42
CA TYR E 88 -69.54 -21.81 4.17
C TYR E 88 -68.42 -22.42 5.00
N CYS E 89 -68.67 -22.55 6.30
CA CYS E 89 -67.70 -23.10 7.24
C CYS E 89 -68.28 -24.36 7.85
N GLY E 90 -67.54 -25.44 7.78
CA GLY E 90 -68.00 -26.70 8.35
C GLY E 90 -67.45 -27.87 7.57
N LYS E 91 -67.73 -29.07 8.10
CA LYS E 91 -67.22 -30.28 7.47
C LYS E 91 -67.87 -30.54 6.13
N LYS E 92 -69.15 -30.20 6.00
CA LYS E 92 -69.89 -30.43 4.75
C LYS E 92 -69.73 -29.27 3.77
N ALA E 93 -68.91 -28.27 4.08
CA ALA E 93 -68.73 -27.15 3.18
C ALA E 93 -68.00 -27.59 1.91
N GLN E 94 -68.41 -27.03 0.78
CA GLN E 94 -67.82 -27.35 -0.50
C GLN E 94 -66.53 -26.56 -0.72
N LEU E 95 -65.78 -26.98 -1.73
CA LEU E 95 -64.45 -26.42 -2.00
C LEU E 95 -64.60 -25.13 -2.79
N ASN E 96 -64.73 -24.01 -2.10
CA ASN E 96 -64.77 -22.70 -2.73
C ASN E 96 -63.86 -21.77 -1.97
N ILE E 97 -63.39 -20.72 -2.65
CA ILE E 97 -62.51 -19.76 -2.01
C ILE E 97 -63.27 -19.05 -0.90
N GLY E 98 -62.68 -19.00 0.28
CA GLY E 98 -63.33 -18.46 1.45
C GLY E 98 -64.01 -19.50 2.32
N ASN E 99 -64.18 -20.72 1.83
CA ASN E 99 -64.79 -21.76 2.63
C ASN E 99 -63.79 -22.33 3.63
N VAL E 100 -64.30 -22.78 4.76
CA VAL E 100 -63.49 -23.36 5.83
C VAL E 100 -64.00 -24.77 6.07
N LEU E 101 -63.10 -25.74 6.08
CA LEU E 101 -63.44 -27.14 6.27
C LEU E 101 -62.20 -27.87 6.77
N PRO E 102 -62.36 -29.03 7.41
CA PRO E 102 -61.17 -29.75 7.90
C PRO E 102 -60.30 -30.24 6.76
N VAL E 103 -59.00 -30.36 7.06
CA VAL E 103 -58.02 -30.71 6.03
C VAL E 103 -58.20 -32.13 5.53
N GLY E 104 -58.60 -33.06 6.41
CA GLY E 104 -58.78 -34.43 6.00
C GLY E 104 -59.84 -34.60 4.92
N THR E 105 -60.84 -33.73 4.92
CA THR E 105 -61.89 -33.73 3.91
C THR E 105 -61.46 -33.06 2.62
N MET E 106 -60.20 -32.79 2.45
CA MET E 106 -59.76 -32.08 1.26
C MET E 106 -58.87 -32.97 0.40
N PRO E 107 -58.84 -32.73 -0.93
CA PRO E 107 -58.08 -33.62 -1.82
C PRO E 107 -56.57 -33.57 -1.62
N GLU E 108 -55.86 -34.36 -2.42
CA GLU E 108 -54.43 -34.60 -2.24
C GLU E 108 -53.55 -33.46 -2.73
N GLY E 109 -54.10 -32.49 -3.44
CA GLY E 109 -53.27 -31.44 -4.00
C GLY E 109 -53.75 -30.04 -3.69
N THR E 110 -54.80 -29.93 -2.87
CA THR E 110 -55.37 -28.63 -2.57
C THR E 110 -54.44 -27.82 -1.68
N ILE E 111 -54.68 -26.51 -1.63
CA ILE E 111 -53.91 -25.62 -0.79
C ILE E 111 -54.87 -24.79 0.05
N VAL E 112 -54.36 -24.27 1.17
CA VAL E 112 -55.20 -23.60 2.16
C VAL E 112 -54.57 -22.26 2.54
N CYS E 113 -55.33 -21.49 3.32
CA CYS E 113 -54.95 -20.12 3.68
C CYS E 113 -54.59 -19.98 5.15
N CYS E 114 -55.51 -20.31 6.05
CA CYS E 114 -55.32 -20.08 7.48
C CYS E 114 -55.48 -21.41 8.18
N LEU E 115 -54.36 -22.05 8.49
CA LEU E 115 -54.36 -23.42 8.97
C LEU E 115 -54.27 -23.48 10.49
N GLU E 116 -55.12 -24.31 11.08
CA GLU E 116 -55.08 -24.58 12.51
C GLU E 116 -53.87 -25.43 12.85
N GLU E 117 -53.03 -24.92 13.75
CA GLU E 117 -51.90 -25.71 14.20
C GLU E 117 -52.35 -26.92 15.01
N LYS E 118 -53.49 -26.82 15.67
CA LYS E 118 -54.02 -27.89 16.49
C LYS E 118 -55.49 -28.12 16.16
N PRO E 119 -56.00 -29.33 16.38
CA PRO E 119 -57.42 -29.59 16.11
C PRO E 119 -58.32 -28.98 17.17
N GLY E 120 -58.69 -27.71 17.00
CA GLY E 120 -59.59 -27.08 17.93
C GLY E 120 -59.32 -25.61 18.18
N ASP E 121 -58.12 -25.13 17.89
CA ASP E 121 -57.88 -23.71 17.98
C ASP E 121 -58.30 -23.02 16.69
N ARG E 122 -57.93 -21.76 16.55
CA ARG E 122 -58.26 -21.01 15.36
C ARG E 122 -57.11 -21.14 14.36
N GLY E 123 -57.15 -20.33 13.29
CA GLY E 123 -56.12 -20.39 12.29
C GLY E 123 -54.79 -19.88 12.83
N LYS E 124 -53.71 -20.60 12.49
CA LYS E 124 -52.39 -20.25 12.98
C LYS E 124 -51.32 -20.20 11.90
N LEU E 125 -51.48 -20.87 10.77
CA LEU E 125 -50.40 -21.01 9.80
C LEU E 125 -50.75 -20.32 8.49
N ALA E 126 -49.70 -19.88 7.80
CA ALA E 126 -49.81 -19.22 6.49
C ALA E 126 -50.70 -17.98 6.56
N ARG E 127 -50.59 -17.23 7.65
CA ARG E 127 -51.46 -16.08 7.86
C ARG E 127 -50.94 -14.82 7.20
N ALA E 128 -49.62 -14.69 7.02
CA ALA E 128 -49.06 -13.51 6.39
C ALA E 128 -49.47 -13.42 4.93
N SER E 129 -49.52 -12.19 4.42
CA SER E 129 -50.03 -11.94 3.07
C SER E 129 -49.17 -12.63 2.02
N GLY E 130 -49.83 -13.15 0.99
CA GLY E 130 -49.16 -13.80 -0.10
C GLY E 130 -48.71 -15.23 0.14
N ASN E 131 -48.98 -15.79 1.33
CA ASN E 131 -48.52 -17.12 1.68
C ASN E 131 -49.68 -18.09 1.78
N TYR E 132 -49.36 -19.37 1.69
CA TYR E 132 -50.35 -20.44 1.68
C TYR E 132 -49.68 -21.76 2.03
N ALA E 133 -50.50 -22.73 2.39
CA ALA E 133 -50.03 -24.06 2.75
C ALA E 133 -50.71 -25.10 1.87
N THR E 134 -49.96 -26.13 1.50
CA THR E 134 -50.42 -27.16 0.58
C THR E 134 -50.67 -28.47 1.30
N VAL E 135 -51.86 -29.04 1.07
CA VAL E 135 -52.21 -30.35 1.61
C VAL E 135 -51.61 -31.41 0.68
N ILE E 136 -50.91 -32.37 1.26
CA ILE E 136 -50.16 -33.34 0.46
C ILE E 136 -50.79 -34.72 0.51
N SER E 137 -50.85 -35.33 1.69
CA SER E 137 -51.23 -36.73 1.78
C SER E 137 -52.24 -36.93 2.91
N HIS E 138 -52.98 -38.03 2.81
CA HIS E 138 -53.96 -38.42 3.81
C HIS E 138 -53.75 -39.89 4.19
N ASN E 139 -54.04 -40.19 5.46
CA ASN E 139 -54.23 -41.57 5.87
C ASN E 139 -55.45 -41.65 6.76
N PRO E 140 -56.50 -42.35 6.33
CA PRO E 140 -57.68 -42.50 7.19
C PRO E 140 -57.36 -43.12 8.54
N GLU E 141 -56.41 -44.05 8.58
CA GLU E 141 -55.90 -44.54 9.85
C GLU E 141 -55.08 -43.44 10.52
N THR E 142 -55.20 -43.36 11.85
CA THR E 142 -54.49 -42.42 12.73
C THR E 142 -54.91 -40.97 12.51
N LYS E 143 -55.77 -40.73 11.52
CA LYS E 143 -56.41 -39.43 11.29
C LYS E 143 -55.39 -38.30 11.17
N LYS E 144 -54.32 -38.57 10.41
CA LYS E 144 -53.24 -37.61 10.23
C LYS E 144 -53.31 -37.00 8.84
N THR E 145 -52.63 -35.87 8.68
CA THR E 145 -52.57 -35.16 7.42
C THR E 145 -51.21 -34.48 7.27
N ARG E 146 -50.55 -34.72 6.16
CA ARG E 146 -49.26 -34.12 5.86
C ARG E 146 -49.46 -32.88 5.00
N VAL E 147 -48.86 -31.77 5.41
CA VAL E 147 -49.04 -30.49 4.73
C VAL E 147 -47.68 -29.88 4.42
N LYS E 148 -47.69 -28.91 3.52
CA LYS E 148 -46.50 -28.17 3.13
C LYS E 148 -46.68 -26.72 3.55
N LEU E 149 -45.95 -26.30 4.57
CA LEU E 149 -46.03 -24.93 5.06
C LEU E 149 -45.33 -23.98 4.10
N PRO E 150 -45.61 -22.68 4.21
CA PRO E 150 -44.93 -21.70 3.33
C PRO E 150 -43.42 -21.75 3.43
N SER E 151 -42.86 -22.14 4.58
CA SER E 151 -41.42 -22.30 4.70
C SER E 151 -40.89 -23.46 3.87
N GLY E 152 -41.75 -24.31 3.35
CA GLY E 152 -41.32 -25.49 2.63
C GLY E 152 -41.14 -26.71 3.50
N SER E 153 -41.17 -26.56 4.82
CA SER E 153 -41.08 -27.69 5.71
C SER E 153 -42.37 -28.51 5.66
N LYS E 154 -42.25 -29.79 5.99
CA LYS E 154 -43.38 -30.71 6.00
C LYS E 154 -43.79 -30.96 7.43
N LYS E 155 -45.09 -30.82 7.70
CA LYS E 155 -45.64 -31.05 9.02
C LYS E 155 -46.81 -32.03 8.92
N VAL E 156 -46.95 -32.86 9.93
CA VAL E 156 -48.09 -33.77 10.03
C VAL E 156 -49.02 -33.24 11.10
N ILE E 157 -50.27 -33.02 10.73
CA ILE E 157 -51.27 -32.44 11.62
C ILE E 157 -52.51 -33.32 11.61
N SER E 158 -53.36 -33.13 12.63
CA SER E 158 -54.59 -33.89 12.71
C SER E 158 -55.53 -33.53 11.57
N SER E 159 -56.24 -34.55 11.08
CA SER E 159 -57.09 -34.38 9.91
C SER E 159 -58.28 -33.45 10.15
N ALA E 160 -58.62 -33.19 11.41
CA ALA E 160 -59.79 -32.39 11.72
C ALA E 160 -59.51 -30.89 11.71
N ASN E 161 -58.27 -30.47 11.48
CA ASN E 161 -57.95 -29.05 11.54
C ASN E 161 -58.61 -28.29 10.40
N ARG E 162 -59.37 -27.26 10.75
CA ARG E 162 -60.04 -26.43 9.76
C ARG E 162 -59.04 -25.49 9.10
N ALA E 163 -59.37 -25.07 7.87
CA ALA E 163 -58.51 -24.16 7.14
C ALA E 163 -59.33 -23.45 6.07
N VAL E 164 -58.82 -22.31 5.63
CA VAL E 164 -59.49 -21.48 4.64
C VAL E 164 -58.95 -21.83 3.25
N VAL E 165 -59.86 -22.09 2.32
CA VAL E 165 -59.47 -22.49 0.97
C VAL E 165 -58.96 -21.28 0.21
N GLY E 166 -57.83 -21.44 -0.46
CA GLY E 166 -57.26 -20.40 -1.30
C GLY E 166 -56.01 -19.80 -0.69
N VAL E 167 -55.52 -18.76 -1.35
CA VAL E 167 -54.36 -18.01 -0.89
C VAL E 167 -54.84 -16.72 -0.27
N VAL E 168 -54.15 -16.28 0.78
CA VAL E 168 -54.47 -15.02 1.44
C VAL E 168 -54.24 -13.86 0.48
N ALA E 169 -55.03 -12.81 0.63
CA ALA E 169 -54.85 -11.61 -0.19
C ALA E 169 -53.55 -10.90 0.19
N GLY E 170 -53.30 -9.78 -0.49
CA GLY E 170 -52.10 -9.02 -0.26
C GLY E 170 -50.98 -9.30 -1.23
N GLY E 171 -51.05 -10.39 -1.99
CA GLY E 171 -50.12 -10.68 -3.06
C GLY E 171 -48.65 -10.60 -2.71
N GLY E 172 -47.83 -10.18 -3.67
CA GLY E 172 -46.42 -9.99 -3.44
C GLY E 172 -46.10 -8.60 -2.93
N ARG E 173 -46.44 -8.33 -1.66
CA ARG E 173 -46.19 -7.01 -1.10
C ARG E 173 -44.70 -6.69 -1.04
N ILE E 174 -43.85 -7.71 -0.84
CA ILE E 174 -42.41 -7.49 -0.76
C ILE E 174 -41.78 -7.17 -2.10
N ASP E 175 -42.53 -7.26 -3.21
CA ASP E 175 -41.95 -6.97 -4.51
C ASP E 175 -41.57 -5.50 -4.63
N LYS E 176 -42.39 -4.61 -4.11
CA LYS E 176 -42.12 -3.18 -4.22
C LYS E 176 -40.98 -2.78 -3.30
N PRO E 177 -39.90 -2.20 -3.81
CA PRO E 177 -38.88 -1.63 -2.93
C PRO E 177 -39.46 -0.47 -2.13
N ILE E 178 -38.99 -0.36 -0.89
CA ILE E 178 -39.52 0.66 0.02
C ILE E 178 -39.11 2.05 -0.47
N LEU E 179 -37.90 2.18 -1.01
CA LEU E 179 -37.42 3.31 -1.79
C LEU E 179 -37.12 4.55 -0.96
N LYS E 180 -37.50 4.56 0.31
CA LYS E 180 -37.34 5.74 1.15
C LYS E 180 -37.25 5.32 2.60
N ALA E 181 -36.48 6.08 3.38
CA ALA E 181 -36.49 5.87 4.82
C ALA E 181 -37.85 6.20 5.41
N GLY E 182 -38.55 7.17 4.81
CA GLY E 182 -39.84 7.57 5.35
C GLY E 182 -40.90 6.49 5.23
N ARG E 183 -40.92 5.78 4.11
CA ARG E 183 -41.88 4.70 3.95
C ARG E 183 -41.67 3.61 4.99
N ALA E 184 -40.41 3.25 5.23
CA ALA E 184 -40.12 2.25 6.26
C ALA E 184 -40.47 2.77 7.65
N TYR E 185 -40.21 4.06 7.91
CA TYR E 185 -40.56 4.63 9.20
C TYR E 185 -42.06 4.56 9.44
N HIS E 186 -42.86 4.94 8.44
CA HIS E 186 -44.30 4.85 8.58
C HIS E 186 -44.76 3.41 8.69
N LYS E 187 -44.10 2.49 7.98
CA LYS E 187 -44.47 1.07 8.05
C LYS E 187 -44.28 0.53 9.46
N TYR E 188 -43.10 0.73 10.03
CA TYR E 188 -42.83 0.24 11.38
C TYR E 188 -43.48 1.08 12.46
N LYS E 189 -43.99 2.27 12.13
CA LYS E 189 -44.75 3.04 13.11
C LYS E 189 -46.01 2.30 13.52
N ALA E 190 -46.57 1.49 12.63
CA ALA E 190 -47.78 0.75 12.90
C ALA E 190 -47.52 -0.63 13.49
N LYS E 191 -46.26 -1.03 13.69
CA LYS E 191 -45.96 -2.35 14.21
C LYS E 191 -45.34 -2.30 15.61
N ARG E 192 -44.21 -1.62 15.77
CA ARG E 192 -43.43 -1.59 17.00
C ARG E 192 -42.19 -0.72 16.78
N ASN E 193 -41.45 -0.48 17.85
CA ASN E 193 -40.25 0.35 17.81
C ASN E 193 -39.03 -0.53 17.58
N CYS E 194 -38.78 -0.86 16.31
CA CYS E 194 -37.59 -1.63 15.96
C CYS E 194 -36.93 -1.21 14.65
N TRP E 195 -37.37 -0.13 14.00
CA TRP E 195 -36.94 0.11 12.64
C TRP E 195 -35.53 0.67 12.53
N PRO E 196 -35.19 1.83 13.14
CA PRO E 196 -33.83 2.34 12.94
C PRO E 196 -32.84 1.45 13.66
N ARG E 197 -32.11 0.64 12.89
CA ARG E 197 -31.33 -0.45 13.43
C ARG E 197 -29.86 -0.09 13.33
N VAL E 198 -29.22 0.11 14.46
CA VAL E 198 -27.82 0.50 14.50
C VAL E 198 -26.97 -0.76 14.54
N ARG E 199 -25.97 -0.82 13.66
CA ARG E 199 -25.07 -1.96 13.64
C ARG E 199 -24.24 -2.00 14.92
N GLY E 200 -24.04 -3.21 15.44
CA GLY E 200 -23.30 -3.34 16.69
C GLY E 200 -21.85 -2.94 16.57
N VAL E 201 -21.28 -3.07 15.36
CA VAL E 201 -19.90 -2.68 15.14
C VAL E 201 -19.72 -1.18 15.31
N ALA E 202 -20.78 -0.40 15.12
CA ALA E 202 -20.72 1.04 15.35
C ALA E 202 -20.87 1.41 16.81
N MET E 203 -21.22 0.44 17.67
CA MET E 203 -21.44 0.68 19.07
C MET E 203 -20.12 0.65 19.84
N ASN E 204 -20.18 1.04 21.10
CA ASN E 204 -19.08 0.89 22.04
C ASN E 204 -19.11 -0.50 22.65
N PRO E 205 -17.97 -1.01 23.13
CA PRO E 205 -17.95 -2.40 23.65
C PRO E 205 -18.87 -2.64 24.83
N VAL E 206 -19.22 -1.60 25.59
CA VAL E 206 -20.00 -1.81 26.80
C VAL E 206 -21.45 -2.16 26.46
N GLU E 207 -21.91 -1.80 25.26
CA GLU E 207 -23.29 -2.08 24.87
C GLU E 207 -23.42 -3.10 23.76
N HIS E 208 -22.32 -3.73 23.33
CA HIS E 208 -22.39 -4.78 22.33
C HIS E 208 -21.08 -5.55 22.31
N PRO E 209 -21.13 -6.86 22.13
CA PRO E 209 -19.87 -7.62 22.01
C PRO E 209 -19.03 -7.20 20.82
N PHE E 210 -19.66 -6.81 19.72
CA PHE E 210 -18.96 -6.40 18.52
C PHE E 210 -18.36 -5.00 18.63
N GLY E 211 -18.81 -4.19 19.57
CA GLY E 211 -18.43 -2.80 19.60
C GLY E 211 -16.97 -2.59 19.97
N GLY E 212 -16.45 -1.45 19.54
CA GLY E 212 -15.09 -1.05 19.86
C GLY E 212 -14.11 -1.36 18.75
N GLY E 213 -12.89 -0.91 18.98
CA GLY E 213 -11.82 -1.03 18.01
C GLY E 213 -11.63 0.23 17.20
N ASN E 214 -10.38 0.52 16.85
CA ASN E 214 -10.08 1.71 16.06
C ASN E 214 -10.61 1.61 14.64
N HIS E 215 -10.98 0.41 14.18
CA HIS E 215 -11.65 0.22 12.91
C HIS E 215 -12.94 -0.55 13.16
N GLN E 216 -13.95 -0.28 12.34
CA GLN E 216 -15.25 -0.93 12.48
C GLN E 216 -15.11 -2.37 12.02
N HIS E 217 -14.49 -3.19 12.86
CA HIS E 217 -14.29 -4.60 12.58
C HIS E 217 -14.89 -5.41 13.71
N ILE E 218 -15.41 -6.60 13.36
CA ILE E 218 -16.04 -7.44 14.37
C ILE E 218 -15.00 -7.99 15.33
N GLY E 219 -13.90 -8.51 14.78
CA GLY E 219 -12.78 -8.96 15.59
C GLY E 219 -12.91 -10.35 16.16
N LYS E 220 -14.11 -10.93 16.16
CA LYS E 220 -14.35 -12.28 16.65
C LYS E 220 -15.30 -12.96 15.69
N PRO E 221 -15.29 -14.30 15.65
CA PRO E 221 -16.20 -15.01 14.73
C PRO E 221 -17.65 -14.65 14.98
N SER E 222 -18.34 -14.28 13.90
CA SER E 222 -19.74 -13.87 14.01
C SER E 222 -20.66 -15.02 14.38
N THR E 223 -20.36 -16.23 13.93
CA THR E 223 -21.16 -17.38 14.31
C THR E 223 -20.99 -17.65 15.79
N ILE E 224 -22.10 -17.94 16.48
CA ILE E 224 -22.10 -18.13 17.92
C ILE E 224 -22.88 -19.39 18.24
N ARG E 225 -22.53 -20.04 19.34
CA ARG E 225 -23.15 -21.30 19.71
C ARG E 225 -24.61 -21.09 20.11
N ARG E 226 -25.39 -22.17 19.98
CA ARG E 226 -26.81 -22.11 20.28
C ARG E 226 -27.05 -21.80 21.76
N ASP E 227 -26.30 -22.44 22.64
CA ASP E 227 -26.50 -22.28 24.07
C ASP E 227 -25.69 -21.12 24.65
N ALA E 228 -25.35 -20.12 23.84
CA ALA E 228 -24.61 -18.99 24.33
C ALA E 228 -25.47 -18.19 25.31
N PRO E 229 -24.88 -17.56 26.32
CA PRO E 229 -25.67 -16.74 27.25
C PRO E 229 -26.28 -15.55 26.56
N ALA E 230 -27.41 -15.09 27.11
CA ALA E 230 -28.03 -13.87 26.61
C ALA E 230 -27.10 -12.69 26.82
N GLY E 231 -27.08 -11.78 25.84
CA GLY E 231 -26.11 -10.71 25.82
C GLY E 231 -24.83 -11.05 25.11
N ARG E 232 -24.68 -12.28 24.63
CA ARG E 232 -23.52 -12.71 23.87
C ARG E 232 -23.88 -13.22 22.49
N LYS E 233 -24.98 -13.96 22.36
CA LYS E 233 -25.37 -14.54 21.08
C LYS E 233 -25.95 -13.44 20.19
N VAL E 234 -25.05 -12.80 19.45
CA VAL E 234 -25.41 -11.77 18.49
C VAL E 234 -24.76 -12.14 17.15
N GLY E 235 -25.31 -11.57 16.08
CA GLY E 235 -24.86 -11.93 14.75
C GLY E 235 -25.54 -13.18 14.25
N LEU E 236 -24.78 -14.05 13.59
CA LEU E 236 -25.33 -15.31 13.07
C LEU E 236 -25.41 -16.29 14.23
N ILE E 237 -26.63 -16.66 14.60
CA ILE E 237 -26.86 -17.49 15.77
C ILE E 237 -27.03 -18.94 15.35
N ALA E 238 -26.12 -19.81 15.82
CA ALA E 238 -26.19 -21.24 15.57
C ALA E 238 -26.27 -21.55 14.08
N ALA E 239 -25.46 -20.85 13.29
CA ALA E 239 -25.52 -20.99 11.85
C ALA E 239 -24.95 -22.34 11.41
N ARG E 240 -25.70 -23.06 10.59
CA ARG E 240 -25.21 -24.30 10.02
C ARG E 240 -24.20 -24.06 8.92
N ARG E 241 -24.30 -22.94 8.20
CA ARG E 241 -23.35 -22.59 7.16
C ARG E 241 -23.42 -21.08 6.97
N THR E 242 -22.40 -20.54 6.31
CA THR E 242 -22.34 -19.12 5.98
C THR E 242 -21.96 -18.98 4.52
N GLY E 243 -22.22 -17.81 3.96
CA GLY E 243 -21.75 -17.53 2.62
C GLY E 243 -22.79 -16.98 1.66
N ARG E 244 -22.96 -17.68 0.54
CA ARG E 244 -23.71 -17.14 -0.59
C ARG E 244 -24.95 -17.96 -0.94
N LEU E 245 -25.07 -19.19 -0.44
CA LEU E 245 -26.19 -20.09 -0.75
C LEU E 245 -26.29 -20.36 -2.25
N ARG E 246 -25.24 -20.98 -2.78
CA ARG E 246 -25.16 -21.31 -4.19
C ARG E 246 -25.55 -22.77 -4.37
N GLY E 247 -26.77 -23.00 -4.85
CA GLY E 247 -27.19 -24.35 -5.17
C GLY E 247 -28.58 -24.72 -4.68
N THR E 248 -28.98 -24.21 -3.53
CA THR E 248 -30.28 -24.55 -2.96
C THR E 248 -30.84 -23.42 -2.12
N SER F 1 16.12 34.93 20.27
CA SER F 1 16.64 34.74 18.92
C SER F 1 16.59 36.04 18.14
N HIS F 2 17.35 36.09 17.04
CA HIS F 2 17.31 37.26 16.18
C HIS F 2 15.96 37.37 15.48
N ARG F 3 15.55 38.60 15.21
CA ARG F 3 14.36 38.81 14.39
C ARG F 3 14.66 38.34 12.96
N LYS F 4 13.63 37.77 12.32
CA LYS F 4 13.88 36.98 11.12
C LYS F 4 14.33 37.86 9.95
N PHE F 5 13.92 39.12 9.93
CA PHE F 5 14.37 40.06 8.92
C PHE F 5 14.63 41.42 9.55
N SER F 6 15.67 42.09 9.07
CA SER F 6 16.04 43.40 9.58
C SER F 6 15.12 44.47 9.01
N ALA F 7 14.94 45.54 9.78
CA ALA F 7 14.08 46.64 9.37
C ALA F 7 14.50 47.91 10.08
N PRO F 8 14.47 49.06 9.41
CA PRO F 8 14.84 50.31 10.06
C PRO F 8 13.88 50.67 11.18
N ARG F 9 14.43 51.35 12.20
CA ARG F 9 13.66 51.70 13.37
C ARG F 9 12.58 52.71 13.05
N HIS F 10 11.43 52.56 13.71
CA HIS F 10 10.33 53.50 13.58
C HIS F 10 10.61 54.73 14.43
N GLY F 11 10.57 55.90 13.82
CA GLY F 11 10.78 57.13 14.54
C GLY F 11 12.24 57.42 14.79
N SER F 12 12.49 58.56 15.43
CA SER F 12 13.84 59.03 15.70
C SER F 12 14.10 59.05 17.21
N LEU F 13 15.31 58.68 17.60
CA LEU F 13 15.75 58.81 18.98
C LEU F 13 16.29 60.20 19.29
N GLY F 14 16.42 61.06 18.29
CA GLY F 14 16.85 62.42 18.53
C GLY F 14 15.77 63.35 19.01
N PHE F 15 14.54 62.86 19.09
CA PHE F 15 13.41 63.64 19.58
C PHE F 15 12.64 62.83 20.63
N LEU F 16 13.38 62.13 21.49
CA LEU F 16 12.74 61.22 22.44
C LEU F 16 11.77 61.89 23.41
N PRO F 17 12.07 63.03 24.04
CA PRO F 17 11.04 63.64 24.89
C PRO F 17 9.88 64.16 24.07
N ARG F 18 9.04 63.24 23.60
CA ARG F 18 7.90 63.56 22.75
C ARG F 18 6.78 64.17 23.60
N LYS F 19 7.03 65.38 24.05
CA LYS F 19 6.18 66.06 25.02
C LYS F 19 5.75 67.42 24.47
N ARG F 20 4.71 67.97 25.09
CA ARG F 20 4.34 69.35 24.80
C ARG F 20 5.49 70.27 25.12
N SER F 21 5.74 71.25 24.25
CA SER F 21 6.81 72.20 24.48
C SER F 21 6.54 73.02 25.73
N SER F 22 7.56 73.17 26.55
CA SER F 22 7.44 74.01 27.74
C SER F 22 7.27 75.48 27.40
N ARG F 23 7.54 75.87 26.15
CA ARG F 23 7.40 77.24 25.71
C ARG F 23 6.51 77.27 24.47
N HIS F 24 5.74 78.34 24.35
CA HIS F 24 4.89 78.56 23.19
C HIS F 24 5.59 79.27 22.05
N ARG F 25 6.67 80.01 22.34
CA ARG F 25 7.34 80.79 21.32
C ARG F 25 8.24 79.92 20.45
N GLY F 26 9.24 79.28 21.05
CA GLY F 26 10.25 78.56 20.30
C GLY F 26 11.59 79.27 20.36
N LYS F 27 12.47 78.81 21.24
CA LYS F 27 13.72 79.51 21.51
C LYS F 27 14.81 79.07 20.54
N VAL F 28 15.86 79.87 20.48
CA VAL F 28 16.86 79.72 19.43
C VAL F 28 17.81 78.56 19.76
N LYS F 29 18.35 78.55 20.99
CA LYS F 29 19.22 77.52 21.55
C LYS F 29 20.63 77.54 20.94
N SER F 30 20.83 78.28 19.85
CA SER F 30 22.16 78.41 19.26
C SER F 30 22.14 79.58 18.29
N PHE F 31 22.85 80.63 18.62
CA PHE F 31 22.98 81.73 17.67
C PHE F 31 24.18 81.52 16.77
N PRO F 32 24.20 82.13 15.59
CA PRO F 32 25.34 81.96 14.70
C PRO F 32 26.63 82.46 15.33
N LYS F 33 27.73 81.79 14.99
CA LYS F 33 29.03 82.12 15.57
C LYS F 33 29.44 83.53 15.19
N ASP F 34 29.77 84.33 16.19
CA ASP F 34 30.06 85.74 16.00
C ASP F 34 31.53 85.94 15.63
N ASP F 35 31.79 86.90 14.75
CA ASP F 35 33.14 87.34 14.46
C ASP F 35 33.15 88.87 14.44
N PRO F 36 34.17 89.51 15.01
CA PRO F 36 34.25 90.98 14.93
C PRO F 36 34.45 91.51 13.52
N SER F 37 34.89 90.67 12.58
CA SER F 37 35.17 91.13 11.23
C SER F 37 33.92 91.66 10.52
N LYS F 38 32.79 90.98 10.67
CA LYS F 38 31.58 91.38 9.98
C LYS F 38 31.03 92.67 10.55
N PRO F 39 30.21 93.39 9.78
CA PRO F 39 29.50 94.55 10.33
C PRO F 39 28.40 94.12 11.30
N VAL F 40 27.96 95.07 12.10
CA VAL F 40 26.94 94.80 13.12
C VAL F 40 25.64 94.41 12.45
N HIS F 41 25.06 93.30 12.88
CA HIS F 41 23.83 92.81 12.29
C HIS F 41 23.11 91.93 13.31
N LEU F 42 21.78 91.98 13.27
CA LEU F 42 20.98 91.10 14.09
C LEU F 42 21.00 89.69 13.49
N THR F 43 20.76 88.70 14.35
CA THR F 43 20.83 87.30 13.95
C THR F 43 19.50 86.58 13.98
N ALA F 44 18.43 87.23 14.41
CA ALA F 44 17.15 86.54 14.56
C ALA F 44 16.00 87.53 14.40
N PHE F 45 14.81 86.99 14.20
CA PHE F 45 13.62 87.79 14.00
C PHE F 45 12.40 86.95 14.37
N LEU F 46 11.27 87.64 14.55
CA LEU F 46 10.02 86.99 14.91
C LEU F 46 9.02 87.17 13.78
N GLY F 47 8.24 86.11 13.51
CA GLY F 47 7.22 86.17 12.49
C GLY F 47 6.02 85.35 12.90
N TYR F 48 4.94 85.52 12.13
CA TYR F 48 3.68 84.83 12.38
C TYR F 48 3.22 84.15 11.11
N LYS F 49 2.84 82.88 11.22
CA LYS F 49 2.48 82.08 10.05
C LYS F 49 1.13 82.57 9.52
N ALA F 50 1.17 83.42 8.50
CA ALA F 50 -0.06 83.97 7.94
C ALA F 50 -0.80 82.94 7.11
N GLY F 51 -0.09 82.19 6.29
CA GLY F 51 -0.73 81.22 5.44
C GLY F 51 0.24 80.71 4.38
N MET F 52 -0.32 79.94 3.45
CA MET F 52 0.44 79.31 2.39
C MET F 52 -0.17 79.60 1.03
N THR F 53 0.67 79.54 0.01
CA THR F 53 0.25 79.67 -1.38
C THR F 53 1.37 79.10 -2.25
N HIS F 54 1.23 79.26 -3.56
CA HIS F 54 2.23 78.77 -4.50
C HIS F 54 2.53 79.82 -5.53
N ILE F 55 3.73 79.75 -6.11
CA ILE F 55 4.23 80.76 -7.03
C ILE F 55 4.74 80.06 -8.28
N VAL F 56 5.02 80.87 -9.30
CA VAL F 56 5.58 80.40 -10.56
C VAL F 56 6.87 81.17 -10.83
N ARG F 57 7.96 80.45 -11.05
CA ARG F 57 9.24 81.08 -11.30
C ARG F 57 10.02 80.26 -12.32
N GLU F 58 11.08 80.86 -12.85
CA GLU F 58 11.96 80.18 -13.78
C GLU F 58 13.27 79.81 -13.09
N VAL F 59 13.72 78.58 -13.30
CA VAL F 59 14.88 78.03 -12.62
C VAL F 59 16.10 78.20 -13.50
N ASP F 60 17.23 78.56 -12.89
CA ASP F 60 18.46 78.83 -13.61
C ASP F 60 19.52 77.83 -13.16
N ARG F 61 19.16 76.55 -13.13
CA ARG F 61 20.06 75.50 -12.65
C ARG F 61 20.58 74.71 -13.85
N PRO F 62 21.81 74.97 -14.31
CA PRO F 62 22.33 74.23 -15.46
C PRO F 62 22.50 72.74 -15.15
N GLY F 63 22.34 71.93 -16.19
CA GLY F 63 22.46 70.49 -16.05
C GLY F 63 21.22 69.79 -15.55
N SER F 64 20.16 70.52 -15.27
CA SER F 64 18.93 69.95 -14.74
C SER F 64 17.86 69.86 -15.83
N LYS F 65 16.93 68.93 -15.62
CA LYS F 65 15.80 68.79 -16.53
C LYS F 65 14.93 70.04 -16.52
N VAL F 66 14.86 70.74 -15.40
CA VAL F 66 14.02 71.91 -15.26
C VAL F 66 14.79 73.20 -15.53
N ASN F 67 15.96 73.10 -16.16
CA ASN F 67 16.75 74.29 -16.45
C ASN F 67 16.03 75.18 -17.43
N LYS F 68 15.94 76.47 -17.11
CA LYS F 68 15.24 77.47 -17.93
C LYS F 68 13.80 77.06 -18.19
N LYS F 69 13.14 76.50 -17.20
CA LYS F 69 11.76 76.06 -17.31
C LYS F 69 10.92 76.74 -16.23
N GLU F 70 9.61 76.52 -16.29
CA GLU F 70 8.70 77.07 -15.31
C GLU F 70 8.33 76.00 -14.29
N VAL F 71 8.38 76.37 -13.01
CA VAL F 71 8.05 75.47 -11.92
C VAL F 71 7.01 76.15 -11.03
N VAL F 72 6.27 75.32 -10.30
CA VAL F 72 5.30 75.79 -9.31
C VAL F 72 5.74 75.26 -7.96
N GLU F 73 6.05 76.16 -7.04
CA GLU F 73 6.55 75.80 -5.72
C GLU F 73 5.67 76.43 -4.65
N ALA F 74 5.29 75.62 -3.66
CA ALA F 74 4.52 76.13 -2.54
C ALA F 74 5.36 77.09 -1.71
N VAL F 75 4.74 78.16 -1.24
CA VAL F 75 5.41 79.11 -0.36
C VAL F 75 4.52 79.38 0.83
N THR F 76 5.14 79.89 1.90
CA THR F 76 4.46 80.19 3.14
C THR F 76 4.57 81.67 3.45
N ILE F 77 3.44 82.29 3.80
CA ILE F 77 3.38 83.72 4.09
C ILE F 77 3.59 83.92 5.58
N VAL F 78 4.59 84.72 5.93
CA VAL F 78 4.91 85.03 7.32
C VAL F 78 4.85 86.54 7.50
N GLU F 79 3.76 87.03 8.07
CA GLU F 79 3.64 88.45 8.34
C GLU F 79 4.62 88.86 9.42
N THR F 80 5.43 89.87 9.13
CA THR F 80 6.50 90.33 10.03
C THR F 80 6.43 91.85 10.18
N PRO F 81 5.60 92.35 11.10
CA PRO F 81 5.68 93.76 11.46
C PRO F 81 7.01 94.05 12.14
N PRO F 82 7.52 95.27 12.01
CA PRO F 82 8.87 95.57 12.53
C PRO F 82 8.94 95.37 14.05
N MET F 83 10.07 94.84 14.50
CA MET F 83 10.30 94.66 15.92
C MET F 83 10.70 95.97 16.57
N VAL F 84 10.43 96.07 17.87
CA VAL F 84 10.80 97.24 18.66
C VAL F 84 11.77 96.80 19.74
N VAL F 85 13.02 97.22 19.61
CA VAL F 85 14.07 96.89 20.57
C VAL F 85 13.90 97.79 21.79
N VAL F 86 13.74 97.17 22.96
CA VAL F 86 13.44 97.90 24.18
C VAL F 86 14.45 97.66 25.29
N GLY F 87 15.48 96.85 25.06
CA GLY F 87 16.45 96.60 26.11
C GLY F 87 17.67 95.92 25.56
N ILE F 88 18.70 95.85 26.40
CA ILE F 88 19.97 95.21 26.07
C ILE F 88 20.40 94.34 27.24
N VAL F 89 20.75 93.08 26.95
CA VAL F 89 21.33 92.16 27.93
C VAL F 89 22.77 91.89 27.53
N GLY F 90 23.67 91.97 28.49
CA GLY F 90 25.06 91.59 28.30
C GLY F 90 25.35 90.29 29.04
N TYR F 91 25.99 89.35 28.34
CA TYR F 91 26.37 88.08 28.93
C TYR F 91 27.88 88.02 29.10
N VAL F 92 28.31 87.30 30.12
CA VAL F 92 29.72 87.09 30.40
C VAL F 92 30.01 85.59 30.40
N GLU F 93 31.16 85.22 29.85
CA GLU F 93 31.55 83.82 29.80
C GLU F 93 32.10 83.37 31.14
N THR F 94 31.64 82.22 31.60
CA THR F 94 32.13 81.59 32.83
C THR F 94 32.48 80.15 32.50
N PRO F 95 33.34 79.52 33.31
CA PRO F 95 33.51 78.07 33.17
C PRO F 95 32.24 77.28 33.44
N ARG F 96 31.26 77.88 34.12
CA ARG F 96 29.94 77.30 34.28
C ARG F 96 29.02 77.63 33.11
N GLY F 97 29.52 78.34 32.10
CA GLY F 97 28.73 78.68 30.94
C GLY F 97 28.38 80.17 30.91
N LEU F 98 27.62 80.54 29.89
CA LEU F 98 27.16 81.91 29.77
C LEU F 98 26.15 82.23 30.87
N ARG F 99 26.27 83.42 31.45
CA ARG F 99 25.35 83.89 32.47
C ARG F 99 25.04 85.35 32.26
N THR F 100 23.85 85.75 32.69
CA THR F 100 23.39 87.12 32.51
C THR F 100 24.16 88.06 33.43
N PHE F 101 24.91 88.99 32.86
CA PHE F 101 25.68 89.92 33.66
C PHE F 101 24.82 91.09 34.13
N LYS F 102 24.28 91.86 33.19
CA LYS F 102 23.51 93.06 33.52
C LYS F 102 22.47 93.29 32.43
N THR F 103 21.31 93.79 32.83
CA THR F 103 20.22 94.08 31.92
C THR F 103 19.80 95.54 32.06
N VAL F 104 19.64 96.22 30.93
CA VAL F 104 19.21 97.61 30.90
C VAL F 104 17.97 97.70 30.04
N PHE F 105 16.89 98.24 30.60
CA PHE F 105 15.66 98.46 29.87
C PHE F 105 15.51 99.92 29.50
N ALA F 106 15.03 100.16 28.29
CA ALA F 106 14.88 101.52 27.80
C ALA F 106 13.69 102.21 28.45
N GLU F 107 13.66 103.53 28.35
CA GLU F 107 12.52 104.30 28.79
C GLU F 107 11.35 104.11 27.83
N HIS F 108 10.16 104.45 28.32
CA HIS F 108 8.93 104.42 27.53
C HIS F 108 8.71 103.06 26.87
N ILE F 109 8.56 102.05 27.71
CA ILE F 109 8.24 100.71 27.23
C ILE F 109 6.86 100.73 26.59
N SER F 110 6.74 100.11 25.42
CA SER F 110 5.48 100.11 24.69
C SER F 110 4.38 99.43 25.51
N ASP F 111 3.16 99.90 25.33
CA ASP F 111 2.04 99.42 26.14
C ASP F 111 1.78 97.94 25.92
N GLU F 112 1.86 97.48 24.66
CA GLU F 112 1.69 96.06 24.38
C GLU F 112 2.80 95.23 24.98
N CYS F 113 4.03 95.77 25.05
CA CYS F 113 5.14 95.06 25.65
C CYS F 113 4.91 94.85 27.15
N LYS F 114 4.34 95.86 27.82
CA LYS F 114 4.07 95.75 29.25
C LYS F 114 3.01 94.71 29.56
N ARG F 115 2.24 94.29 28.56
CA ARG F 115 1.20 93.29 28.77
C ARG F 115 1.79 91.90 29.02
N ARG F 116 3.00 91.65 28.53
CA ARG F 116 3.64 90.35 28.72
C ARG F 116 3.91 90.05 30.18
N PHE F 117 4.26 91.06 30.98
CA PHE F 117 4.62 90.88 32.37
C PHE F 117 3.43 90.54 33.26
N TYR F 118 2.21 90.64 32.75
CA TYR F 118 1.01 90.44 33.57
C TYR F 118 0.22 89.25 33.02
N LYS F 119 -0.08 88.30 33.90
CA LYS F 119 -1.01 87.23 33.52
C LYS F 119 -2.41 87.78 33.31
N ASN F 120 -2.83 88.72 34.15
CA ASN F 120 -4.14 89.36 34.06
C ASN F 120 -3.94 90.85 33.85
N TRP F 121 -3.90 91.27 32.58
CA TRP F 121 -3.77 92.68 32.26
C TRP F 121 -5.03 93.45 32.64
N HIS F 122 -6.18 92.78 32.63
CA HIS F 122 -7.44 93.44 32.96
C HIS F 122 -7.46 93.91 34.40
N LYS F 123 -6.95 93.09 35.31
CA LYS F 123 -6.99 93.41 36.74
C LYS F 123 -5.74 94.13 37.23
N SER F 124 -4.78 94.40 36.35
CA SER F 124 -3.52 94.99 36.76
C SER F 124 -3.67 96.47 37.05
N LYS F 125 -2.78 96.98 37.90
CA LYS F 125 -2.61 98.41 38.10
C LYS F 125 -1.69 99.02 37.06
N LYS F 126 -1.14 98.21 36.16
CA LYS F 126 -0.22 98.67 35.11
C LYS F 126 1.00 99.36 35.72
N LYS F 127 1.50 98.81 36.82
CA LYS F 127 2.63 99.39 37.54
C LYS F 127 3.98 98.90 37.04
N ALA F 128 4.01 98.05 36.02
CA ALA F 128 5.27 97.47 35.56
C ALA F 128 6.22 98.54 35.05
N PHE F 129 7.47 98.49 35.54
CA PHE F 129 8.56 99.36 35.13
C PHE F 129 8.29 100.83 35.42
N THR F 130 7.33 101.13 36.30
CA THR F 130 7.03 102.53 36.60
C THR F 130 8.17 103.19 37.39
N LYS F 131 8.65 102.54 38.44
CA LYS F 131 9.75 103.09 39.21
C LYS F 131 11.08 102.94 38.48
N TYR F 132 11.20 101.92 37.63
CA TYR F 132 12.44 101.75 36.86
C TYR F 132 12.65 102.91 35.90
N CYS F 133 11.60 103.33 35.19
CA CYS F 133 11.77 104.37 34.19
C CYS F 133 12.12 105.72 34.79
N LYS F 134 11.87 105.90 36.09
CA LYS F 134 12.23 107.16 36.75
C LYS F 134 13.74 107.33 36.85
N LYS F 135 14.51 106.25 36.79
CA LYS F 135 15.96 106.38 36.85
C LYS F 135 16.57 106.81 35.53
N TRP F 136 15.77 106.95 34.47
CA TRP F 136 16.25 107.55 33.23
C TRP F 136 16.21 109.07 33.25
N GLN F 137 15.74 109.68 34.33
CA GLN F 137 15.62 111.13 34.41
C GLN F 137 16.57 111.74 35.43
N ASP F 138 16.63 111.21 36.64
CA ASP F 138 17.53 111.75 37.64
C ASP F 138 18.98 111.54 37.23
N GLU F 139 19.82 112.50 37.61
CA GLU F 139 21.24 112.43 37.26
C GLU F 139 21.92 111.21 37.88
N ASP F 140 21.54 110.85 39.11
CA ASP F 140 22.11 109.66 39.74
C ASP F 140 21.71 108.41 38.95
N GLY F 141 20.47 108.37 38.48
CA GLY F 141 20.04 107.24 37.68
C GLY F 141 20.78 107.13 36.37
N LYS F 142 21.03 108.26 35.70
CA LYS F 142 21.78 108.20 34.45
C LYS F 142 23.24 107.85 34.71
N LYS F 143 23.80 108.29 35.83
CA LYS F 143 25.15 107.85 36.18
C LYS F 143 25.19 106.35 36.40
N GLN F 144 24.16 105.80 37.07
CA GLN F 144 24.06 104.36 37.26
C GLN F 144 23.97 103.64 35.92
N LEU F 145 23.18 104.19 35.00
CA LEU F 145 23.01 103.57 33.68
C LEU F 145 24.32 103.59 32.90
N GLU F 146 25.05 104.71 32.95
CA GLU F 146 26.33 104.79 32.27
C GLU F 146 27.35 103.84 32.89
N LYS F 147 27.33 103.69 34.22
CA LYS F 147 28.21 102.73 34.87
C LYS F 147 27.88 101.30 34.44
N ASP F 148 26.59 100.98 34.32
CA ASP F 148 26.20 99.67 33.81
C ASP F 148 26.67 99.47 32.37
N PHE F 149 26.56 100.51 31.55
CA PHE F 149 27.03 100.41 30.17
C PHE F 149 28.53 100.18 30.12
N SER F 150 29.30 100.88 30.97
CA SER F 150 30.75 100.69 31.00
C SER F 150 31.11 99.30 31.50
N SER F 151 30.37 98.79 32.50
CA SER F 151 30.61 97.43 32.97
C SER F 151 30.37 96.42 31.86
N MET F 152 29.28 96.60 31.11
CA MET F 152 29.00 95.73 29.97
C MET F 152 30.10 95.85 28.92
N LYS F 153 30.59 97.07 28.70
CA LYS F 153 31.65 97.29 27.72
C LYS F 153 32.93 96.55 28.09
N LYS F 154 33.35 96.63 29.35
CA LYS F 154 34.64 96.09 29.75
C LYS F 154 34.59 94.64 30.22
N TYR F 155 33.40 94.07 30.43
CA TYR F 155 33.32 92.72 30.95
C TYR F 155 32.54 91.74 30.09
N CYS F 156 31.44 92.15 29.47
CA CYS F 156 30.59 91.23 28.74
C CYS F 156 31.25 90.77 27.45
N GLN F 157 30.93 89.55 27.04
CA GLN F 157 31.45 88.97 25.81
C GLN F 157 30.45 89.09 24.66
N VAL F 158 29.22 88.62 24.85
CA VAL F 158 28.17 88.72 23.86
C VAL F 158 27.02 89.50 24.47
N ILE F 159 26.36 90.31 23.64
CA ILE F 159 25.21 91.09 24.08
C ILE F 159 24.02 90.76 23.19
N ARG F 160 22.83 90.86 23.78
CA ARG F 160 21.59 90.59 23.07
C ARG F 160 20.58 91.69 23.40
N VAL F 161 19.69 91.94 22.45
CA VAL F 161 18.71 93.01 22.57
C VAL F 161 17.32 92.40 22.77
N ILE F 162 16.53 93.01 23.65
CA ILE F 162 15.16 92.59 23.85
C ILE F 162 14.29 93.32 22.84
N ALA F 163 13.54 92.57 22.04
CA ALA F 163 12.65 93.14 21.06
C ALA F 163 11.27 92.53 21.21
N HIS F 164 10.24 93.34 20.95
CA HIS F 164 8.86 92.87 21.05
C HIS F 164 8.13 93.17 19.76
N THR F 165 7.11 92.35 19.50
CA THR F 165 6.30 92.49 18.30
C THR F 165 5.24 93.58 18.51
N GLN F 166 4.31 93.65 17.56
CA GLN F 166 3.28 94.69 17.55
C GLN F 166 1.94 94.02 17.25
N MET F 167 1.19 93.72 18.31
CA MET F 167 -0.13 93.09 18.14
C MET F 167 -1.10 94.04 17.47
N ARG F 168 -0.98 95.34 17.72
CA ARG F 168 -1.91 96.30 17.13
C ARG F 168 -1.82 96.34 15.62
N LEU F 169 -0.71 95.87 15.05
CA LEU F 169 -0.58 95.75 13.60
C LEU F 169 -1.07 94.41 13.08
N LEU F 170 -1.51 93.53 13.96
CA LEU F 170 -1.87 92.19 13.52
C LEU F 170 -3.35 91.91 13.79
N PRO F 171 -3.99 91.11 12.97
CA PRO F 171 -5.43 90.84 13.14
C PRO F 171 -5.76 89.77 14.16
N LEU F 172 -4.82 89.41 15.04
CA LEU F 172 -5.09 88.39 16.05
C LEU F 172 -5.87 88.99 17.21
N ARG F 173 -6.52 88.11 17.98
CA ARG F 173 -7.20 88.55 19.19
C ARG F 173 -6.20 89.04 20.23
N GLN F 174 -5.06 88.36 20.33
CA GLN F 174 -4.11 88.62 21.40
C GLN F 174 -3.48 90.00 21.24
N LYS F 175 -3.55 90.80 22.30
CA LYS F 175 -2.87 92.08 22.35
C LYS F 175 -1.52 92.00 23.05
N LYS F 176 -1.16 90.84 23.58
CA LYS F 176 0.08 90.67 24.35
C LYS F 176 1.25 90.52 23.38
N ALA F 177 2.23 91.41 23.48
CA ALA F 177 3.39 91.36 22.60
C ALA F 177 4.27 90.16 22.96
N HIS F 178 5.09 89.75 21.99
CA HIS F 178 6.01 88.64 22.15
C HIS F 178 7.42 89.18 22.39
N LEU F 179 7.98 88.86 23.55
CA LEU F 179 9.33 89.30 23.87
C LEU F 179 10.34 88.24 23.45
N MET F 180 11.56 88.70 23.16
CA MET F 180 12.61 87.81 22.70
C MET F 180 13.96 88.49 22.85
N GLU F 181 14.97 87.72 23.23
CA GLU F 181 16.36 88.15 23.16
C GLU F 181 16.90 87.82 21.77
N ILE F 182 17.50 88.81 21.12
CA ILE F 182 18.09 88.63 19.80
C ILE F 182 19.56 88.99 19.89
N GLN F 183 20.42 88.08 19.46
CA GLN F 183 21.86 88.32 19.54
C GLN F 183 22.30 89.37 18.52
N VAL F 184 23.21 90.23 18.94
CA VAL F 184 23.82 91.23 18.08
C VAL F 184 25.24 90.80 17.79
N ASN F 185 25.53 90.54 16.52
CA ASN F 185 26.83 90.03 16.12
C ASN F 185 27.55 91.02 15.22
N GLY F 186 28.82 90.75 14.95
CA GLY F 186 29.57 91.50 13.97
C GLY F 186 30.24 92.76 14.45
N GLY F 187 31.15 92.65 15.41
CA GLY F 187 31.95 93.79 15.80
C GLY F 187 32.45 93.62 17.22
N THR F 188 33.19 94.64 17.67
CA THR F 188 33.66 94.65 19.04
C THR F 188 32.49 94.91 19.98
N VAL F 189 32.72 94.59 21.27
CA VAL F 189 31.66 94.73 22.27
C VAL F 189 31.21 96.18 22.39
N ALA F 190 32.15 97.12 22.39
CA ALA F 190 31.79 98.52 22.47
C ALA F 190 30.98 98.95 21.26
N GLU F 191 31.38 98.53 20.06
CA GLU F 191 30.65 98.91 18.85
C GLU F 191 29.22 98.40 18.87
N LYS F 192 29.02 97.12 19.20
CA LYS F 192 27.66 96.60 19.23
C LYS F 192 26.84 97.17 20.37
N LEU F 193 27.46 97.48 21.52
CA LEU F 193 26.72 98.13 22.59
C LEU F 193 26.24 99.51 22.18
N ASP F 194 27.12 100.29 21.55
CA ASP F 194 26.71 101.61 21.07
C ASP F 194 25.63 101.48 20.00
N TRP F 195 25.78 100.51 19.09
CA TRP F 195 24.80 100.32 18.03
C TRP F 195 23.43 99.96 18.59
N ALA F 196 23.40 99.08 19.60
CA ALA F 196 22.14 98.78 20.27
C ALA F 196 21.58 99.99 20.98
N ARG F 197 22.43 100.80 21.61
CA ARG F 197 21.96 101.99 22.29
C ARG F 197 21.35 103.00 21.32
N GLU F 198 21.86 103.05 20.09
CA GLU F 198 21.26 103.94 19.11
C GLU F 198 19.95 103.40 18.55
N ARG F 199 19.62 102.15 18.83
CA ARG F 199 18.38 101.56 18.35
C ARG F 199 17.35 101.33 19.45
N LEU F 200 17.60 101.83 20.65
CA LEU F 200 16.60 101.74 21.70
C LEU F 200 15.38 102.58 21.34
N GLU F 201 14.20 102.07 21.67
CA GLU F 201 12.90 102.65 21.35
C GLU F 201 12.63 102.72 19.85
N GLN F 202 13.47 102.10 19.02
CA GLN F 202 13.33 102.23 17.58
C GLN F 202 12.67 100.99 16.98
N GLN F 203 12.35 101.08 15.69
CA GLN F 203 11.78 99.99 14.92
C GLN F 203 12.84 99.38 14.01
N VAL F 204 12.94 98.06 14.03
CA VAL F 204 13.83 97.33 13.15
C VAL F 204 12.99 96.59 12.13
N PRO F 205 12.88 97.11 10.91
CA PRO F 205 12.15 96.38 9.87
C PRO F 205 12.89 95.11 9.48
N VAL F 206 12.11 94.13 9.01
CA VAL F 206 12.64 92.80 8.74
C VAL F 206 13.68 92.81 7.62
N ASN F 207 13.67 93.81 6.74
CA ASN F 207 14.65 93.87 5.66
C ASN F 207 16.06 94.13 6.17
N GLN F 208 16.23 94.86 7.27
CA GLN F 208 17.54 95.15 7.82
C GLN F 208 18.26 93.93 8.35
N VAL F 209 17.55 92.85 8.65
CA VAL F 209 18.15 91.65 9.19
C VAL F 209 18.31 90.57 8.14
N PHE F 210 17.23 90.23 7.45
CA PHE F 210 17.25 89.21 6.40
C PHE F 210 17.12 89.88 5.05
N GLY F 211 17.78 89.29 4.05
CA GLY F 211 17.81 89.81 2.71
C GLY F 211 17.09 88.90 1.73
N GLN F 212 17.08 89.35 0.47
CA GLN F 212 16.45 88.58 -0.60
C GLN F 212 17.23 87.30 -0.85
N ASP F 213 16.52 86.29 -1.35
CA ASP F 213 17.03 84.98 -1.82
C ASP F 213 18.21 84.46 -1.00
N GLU F 214 18.03 84.51 0.32
CA GLU F 214 18.96 83.89 1.26
C GLU F 214 18.19 82.88 2.09
N MET F 215 18.90 81.87 2.58
CA MET F 215 18.28 80.72 3.23
C MET F 215 18.44 80.85 4.74
N ILE F 216 17.33 80.75 5.45
CA ILE F 216 17.30 80.94 6.89
C ILE F 216 16.80 79.67 7.57
N ASP F 217 16.82 79.66 8.91
CA ASP F 217 16.33 78.55 9.70
C ASP F 217 15.07 78.98 10.44
N VAL F 218 14.12 78.06 10.55
CA VAL F 218 12.84 78.32 11.18
C VAL F 218 12.74 77.52 12.47
N ILE F 219 12.38 78.20 13.55
CA ILE F 219 12.20 77.59 14.86
C ILE F 219 10.77 77.82 15.31
N GLY F 220 10.06 76.75 15.64
CA GLY F 220 8.69 76.89 16.05
C GLY F 220 8.18 75.63 16.72
N VAL F 221 6.93 75.69 17.16
CA VAL F 221 6.25 74.59 17.82
C VAL F 221 5.17 74.06 16.89
N THR F 222 5.17 72.75 16.67
CA THR F 222 4.32 72.14 15.66
C THR F 222 2.85 72.16 16.08
N LYS F 223 1.99 71.71 15.17
CA LYS F 223 0.56 71.61 15.46
C LYS F 223 0.32 70.56 16.52
N GLY F 224 -0.54 70.89 17.48
CA GLY F 224 -0.91 69.91 18.50
C GLY F 224 -1.89 68.88 17.94
N LYS F 225 -1.67 67.63 18.31
CA LYS F 225 -2.56 66.55 17.91
C LYS F 225 -3.28 65.90 19.08
N GLY F 226 -3.06 66.39 20.30
CA GLY F 226 -3.65 65.73 21.44
C GLY F 226 -2.99 64.39 21.71
N TYR F 227 -3.73 63.53 22.38
CA TYR F 227 -3.23 62.20 22.71
C TYR F 227 -3.40 61.28 21.51
N LYS F 228 -2.30 60.73 21.03
CA LYS F 228 -2.31 59.92 19.81
C LYS F 228 -1.69 58.55 20.08
N GLY F 229 -2.21 57.54 19.39
CA GLY F 229 -1.72 56.19 19.53
C GLY F 229 -0.45 55.94 18.72
N VAL F 230 0.10 54.75 18.90
CA VAL F 230 1.38 54.40 18.27
C VAL F 230 1.27 54.40 16.76
N THR F 231 0.07 54.17 16.23
CA THR F 231 -0.11 54.12 14.78
C THR F 231 0.17 55.48 14.15
N SER F 232 -0.25 56.56 14.81
CA SER F 232 0.01 57.89 14.28
C SER F 232 1.22 58.55 14.91
N ARG F 233 1.54 58.19 16.16
CA ARG F 233 2.64 58.84 16.86
C ARG F 233 4.00 58.38 16.32
N TRP F 234 4.09 57.11 15.91
CA TRP F 234 5.34 56.53 15.46
C TRP F 234 5.25 55.90 14.08
N HIS F 235 4.07 55.89 13.46
CA HIS F 235 3.85 55.26 12.16
C HIS F 235 4.28 53.80 12.17
N THR F 236 3.87 53.07 13.20
CA THR F 236 4.12 51.65 13.27
C THR F 236 3.16 50.88 12.37
N LYS F 237 3.41 49.59 12.22
CA LYS F 237 2.57 48.77 11.36
C LYS F 237 1.29 48.37 12.09
N LYS F 238 0.17 48.49 11.39
CA LYS F 238 -1.10 48.05 11.94
C LYS F 238 -1.15 46.53 11.98
N LEU F 239 -1.62 45.99 13.10
CA LEU F 239 -1.80 44.56 13.23
C LEU F 239 -2.94 44.09 12.32
N PRO F 240 -2.95 42.80 11.96
CA PRO F 240 -4.00 42.30 11.08
C PRO F 240 -5.38 42.36 11.73
N ARG F 241 -6.41 42.23 10.89
CA ARG F 241 -7.79 42.38 11.33
C ARG F 241 -8.17 41.31 12.35
N LYS F 242 -7.57 40.13 12.27
CA LYS F 242 -7.92 39.03 13.15
C LYS F 242 -7.48 39.25 14.60
N THR F 243 -6.71 40.29 14.88
CA THR F 243 -6.16 40.50 16.22
C THR F 243 -7.29 40.75 17.22
N HIS F 244 -7.15 40.16 18.41
CA HIS F 244 -8.26 40.14 19.36
C HIS F 244 -8.35 41.44 20.16
N ARG F 245 -7.32 41.75 20.95
CA ARG F 245 -7.36 42.87 21.86
C ARG F 245 -6.89 44.17 21.23
N GLY F 246 -6.98 44.30 19.92
CA GLY F 246 -6.65 45.56 19.29
C GLY F 246 -5.60 45.45 18.22
N LEU F 247 -5.80 46.18 17.11
CA LEU F 247 -4.88 46.14 15.99
C LEU F 247 -4.04 47.40 15.84
N ARG F 248 -4.40 48.49 16.52
CA ARG F 248 -3.58 49.70 16.53
C ARG F 248 -2.64 49.73 17.73
N LYS F 249 -1.80 48.70 17.86
CA LYS F 249 -0.87 48.60 18.98
C LYS F 249 0.48 48.10 18.47
N VAL F 250 1.45 48.12 19.36
CA VAL F 250 2.74 47.49 19.13
C VAL F 250 2.70 46.10 19.77
N ALA F 251 2.94 45.06 18.97
CA ALA F 251 2.71 43.70 19.43
C ALA F 251 3.68 43.31 20.54
N CYS F 252 4.96 43.57 20.35
CA CYS F 252 5.98 43.25 21.35
C CYS F 252 6.65 44.54 21.80
N ILE F 253 6.48 44.88 23.08
CA ILE F 253 7.08 46.09 23.63
C ILE F 253 8.44 45.79 24.26
N GLY F 254 8.97 44.60 24.05
CA GLY F 254 10.25 44.21 24.60
C GLY F 254 10.27 42.73 24.94
N ALA F 255 11.48 42.21 25.07
CA ALA F 255 11.66 40.79 25.36
C ALA F 255 11.45 40.52 26.86
N TRP F 256 11.63 39.26 27.24
CA TRP F 256 11.57 38.90 28.65
C TRP F 256 12.65 39.63 29.45
N HIS F 257 13.85 39.71 28.90
CA HIS F 257 14.90 40.47 29.53
C HIS F 257 15.34 41.60 28.63
N PRO F 258 15.76 42.76 29.17
CA PRO F 258 16.08 43.08 30.57
C PRO F 258 14.92 43.32 31.55
N ALA F 259 13.75 42.69 31.37
CA ALA F 259 12.66 42.73 32.34
C ALA F 259 12.14 44.14 32.58
N ARG F 260 12.35 45.02 31.60
CA ARG F 260 11.85 46.39 31.67
C ARG F 260 11.49 46.81 30.26
N VAL F 261 10.61 47.81 30.18
CA VAL F 261 10.24 48.39 28.89
C VAL F 261 11.29 49.42 28.51
N ALA F 262 11.89 49.25 27.34
CA ALA F 262 12.98 50.11 26.92
C ALA F 262 12.49 51.51 26.60
N PHE F 263 13.41 52.47 26.69
CA PHE F 263 13.11 53.84 26.33
C PHE F 263 12.94 54.04 24.84
N SER F 264 13.36 53.07 24.03
CA SER F 264 13.27 53.15 22.58
C SER F 264 12.01 52.49 22.02
N VAL F 265 11.12 52.03 22.88
CA VAL F 265 9.92 51.32 22.44
C VAL F 265 8.81 52.32 22.19
N ALA F 266 8.20 52.22 21.01
CA ALA F 266 7.11 53.12 20.66
C ALA F 266 5.91 52.84 21.55
N ARG F 267 5.40 53.89 22.20
CA ARG F 267 4.27 53.77 23.11
C ARG F 267 3.36 54.97 22.95
N ALA F 268 2.10 54.79 23.34
CA ALA F 268 1.10 55.84 23.18
C ALA F 268 1.43 57.03 24.06
N GLY F 269 1.08 58.22 23.57
CA GLY F 269 1.33 59.43 24.32
C GLY F 269 1.09 60.66 23.46
N GLN F 270 1.67 61.78 23.90
CA GLN F 270 1.46 63.06 23.25
C GLN F 270 2.09 63.07 21.86
N LYS F 271 1.37 63.62 20.90
CA LYS F 271 1.88 63.87 19.55
C LYS F 271 1.66 65.33 19.20
N GLY F 272 2.66 65.93 18.59
CA GLY F 272 2.55 67.31 18.15
C GLY F 272 2.84 68.30 19.27
N TYR F 273 2.77 69.58 18.90
CA TYR F 273 3.15 70.68 19.78
C TYR F 273 4.54 70.47 20.36
N HIS F 274 5.49 70.12 19.48
CA HIS F 274 6.87 69.90 19.86
C HIS F 274 7.74 71.00 19.29
N HIS F 275 8.75 71.39 20.03
CA HIS F 275 9.68 72.42 19.58
C HIS F 275 10.56 71.84 18.48
N ARG F 276 10.49 72.44 17.29
CA ARG F 276 11.24 71.95 16.14
C ARG F 276 12.01 73.10 15.49
N THR F 277 13.17 72.75 14.96
CA THR F 277 14.04 73.69 14.26
C THR F 277 14.31 73.14 12.87
N GLU F 278 13.81 73.82 11.85
CA GLU F 278 14.03 73.43 10.46
C GLU F 278 14.97 74.44 9.82
N ILE F 279 15.92 73.95 9.04
CA ILE F 279 16.93 74.78 8.41
C ILE F 279 16.72 74.76 6.90
N ASN F 280 17.52 75.56 6.19
CA ASN F 280 17.51 75.64 4.73
C ASN F 280 16.13 76.02 4.19
N LYS F 281 15.69 77.22 4.52
CA LYS F 281 14.44 77.77 4.03
C LYS F 281 14.76 79.06 3.28
N LYS F 282 14.64 79.01 1.96
CA LYS F 282 15.00 80.15 1.11
C LYS F 282 13.94 81.23 1.18
N ILE F 283 14.37 82.49 1.12
CA ILE F 283 13.47 83.63 1.16
C ILE F 283 13.18 84.04 -0.28
N TYR F 284 11.98 83.73 -0.76
CA TYR F 284 11.64 84.06 -2.14
C TYR F 284 11.29 85.53 -2.31
N LYS F 285 10.59 86.12 -1.35
CA LYS F 285 10.19 87.51 -1.49
C LYS F 285 10.03 88.13 -0.11
N ILE F 286 10.43 89.39 0.01
CA ILE F 286 10.23 90.17 1.22
C ILE F 286 9.19 91.24 0.88
N GLY F 287 8.03 91.17 1.52
CA GLY F 287 6.98 92.11 1.24
C GLY F 287 7.29 93.51 1.73
N GLN F 288 6.82 94.50 0.98
CA GLN F 288 7.02 95.89 1.33
C GLN F 288 5.91 96.43 2.22
N GLY F 289 4.76 95.77 2.26
CA GLY F 289 3.67 96.19 3.12
C GLY F 289 2.83 97.28 2.50
N TYR F 290 1.80 97.68 3.25
CA TYR F 290 0.88 98.71 2.77
C TYR F 290 1.44 100.10 3.04
N LEU F 291 1.16 101.03 2.13
CA LEU F 291 1.51 102.43 2.31
C LEU F 291 0.30 103.28 1.96
N ILE F 292 0.19 104.43 2.63
CA ILE F 292 -0.78 105.45 2.28
C ILE F 292 -0.01 106.75 2.15
N LYS F 293 0.43 107.06 0.93
CA LYS F 293 1.02 108.36 0.62
C LYS F 293 -0.01 109.28 -0.03
N ASP F 294 -0.66 108.80 -1.09
CA ASP F 294 -1.82 109.43 -1.68
C ASP F 294 -3.02 108.49 -1.68
N GLY F 295 -2.80 107.23 -2.03
CA GLY F 295 -3.80 106.19 -1.83
C GLY F 295 -3.12 104.94 -1.29
N LYS F 296 -3.95 103.99 -0.85
CA LYS F 296 -3.42 102.75 -0.32
C LYS F 296 -2.74 101.95 -1.43
N LEU F 297 -1.55 101.43 -1.14
CA LEU F 297 -0.74 100.71 -2.11
C LEU F 297 -0.71 99.22 -1.73
N ILE F 298 -1.15 98.37 -2.65
CA ILE F 298 -1.11 96.94 -2.46
C ILE F 298 -0.34 96.30 -3.61
N LYS F 299 0.03 97.12 -4.58
CA LYS F 299 0.73 96.61 -5.76
C LYS F 299 2.08 96.00 -5.41
N ASN F 300 2.75 96.53 -4.39
CA ASN F 300 4.10 96.09 -4.07
C ASN F 300 4.14 94.76 -3.35
N ASN F 301 3.03 94.04 -3.22
CA ASN F 301 3.00 92.77 -2.51
C ASN F 301 3.01 91.58 -3.46
N ALA F 302 2.05 91.51 -4.37
CA ALA F 302 1.88 90.35 -5.23
C ALA F 302 2.30 90.58 -6.67
N SER F 303 2.36 91.82 -7.13
CA SER F 303 2.72 92.09 -8.51
C SER F 303 4.21 91.84 -8.72
N THR F 304 4.52 90.89 -9.60
CA THR F 304 5.90 90.57 -9.94
C THR F 304 6.34 91.43 -11.12
N ASP F 305 7.48 91.10 -11.70
CA ASP F 305 7.99 91.81 -12.87
C ASP F 305 7.28 91.40 -14.15
N TYR F 306 6.40 90.42 -14.10
CA TYR F 306 5.68 89.95 -15.28
C TYR F 306 4.17 89.94 -15.11
N ASP F 307 3.66 90.33 -13.94
CA ASP F 307 2.22 90.33 -13.68
C ASP F 307 1.64 91.73 -13.79
N LEU F 308 2.25 92.71 -13.09
CA LEU F 308 1.83 94.11 -13.12
C LEU F 308 0.37 94.28 -12.73
N SER F 309 -0.10 93.48 -11.78
CA SER F 309 -1.49 93.53 -11.33
C SER F 309 -1.52 94.16 -9.93
N ASP F 310 -2.34 95.20 -9.77
CA ASP F 310 -2.44 95.93 -8.51
C ASP F 310 -3.20 95.06 -7.51
N LYS F 311 -2.48 94.09 -6.95
CA LYS F 311 -3.07 93.13 -6.02
C LYS F 311 -2.08 92.84 -4.90
N SER F 312 -2.62 92.59 -3.72
CA SER F 312 -1.83 92.29 -2.54
C SER F 312 -1.61 90.78 -2.43
N ILE F 313 -0.74 90.41 -1.49
CA ILE F 313 -0.44 88.99 -1.27
C ILE F 313 -1.62 88.26 -0.66
N ASN F 314 -2.54 88.97 -0.02
CA ASN F 314 -3.70 88.32 0.57
C ASN F 314 -4.57 87.69 -0.50
N PRO F 315 -5.04 86.46 -0.31
CA PRO F 315 -5.86 85.81 -1.33
C PRO F 315 -7.26 86.40 -1.37
N LEU F 316 -8.06 85.87 -2.28
CA LEU F 316 -9.44 86.31 -2.42
C LEU F 316 -10.23 85.88 -1.18
N GLY F 317 -10.91 86.84 -0.56
CA GLY F 317 -11.65 86.56 0.66
C GLY F 317 -10.83 86.58 1.93
N GLY F 318 -9.53 86.83 1.82
CA GLY F 318 -8.67 86.87 3.00
C GLY F 318 -8.06 85.52 3.31
N PHE F 319 -7.08 85.55 4.22
CA PHE F 319 -6.41 84.33 4.63
C PHE F 319 -7.34 83.46 5.47
N VAL F 320 -7.29 82.16 5.24
CA VAL F 320 -8.10 81.23 6.01
C VAL F 320 -7.58 81.19 7.44
N HIS F 321 -8.47 81.41 8.40
CA HIS F 321 -8.22 81.32 9.84
C HIS F 321 -7.21 82.34 10.37
N TYR F 322 -6.69 83.23 9.52
CA TYR F 322 -5.70 84.21 9.98
C TYR F 322 -6.20 85.64 9.92
N GLY F 323 -6.64 86.11 8.76
CA GLY F 323 -7.04 87.50 8.64
C GLY F 323 -6.44 88.13 7.41
N GLU F 324 -6.02 89.38 7.56
CA GLU F 324 -5.48 90.18 6.48
C GLU F 324 -4.05 90.61 6.82
N VAL F 325 -3.18 90.57 5.81
CA VAL F 325 -1.79 90.98 5.96
C VAL F 325 -1.67 92.39 5.41
N THR F 326 -1.17 93.30 6.24
CA THR F 326 -0.94 94.67 5.83
C THR F 326 0.50 95.12 6.04
N ASN F 327 1.27 94.42 6.86
CA ASN F 327 2.63 94.82 7.21
C ASN F 327 3.62 94.10 6.30
N ASP F 328 4.89 94.23 6.63
CA ASP F 328 5.93 93.52 5.89
C ASP F 328 5.79 92.01 6.10
N PHE F 329 6.09 91.26 5.06
CA PHE F 329 6.04 89.80 5.14
C PHE F 329 7.21 89.20 4.38
N VAL F 330 7.55 87.98 4.75
CA VAL F 330 8.64 87.23 4.13
C VAL F 330 8.05 85.98 3.49
N MET F 331 8.35 85.77 2.21
CA MET F 331 7.85 84.61 1.46
C MET F 331 8.89 83.51 1.56
N LEU F 332 8.62 82.50 2.37
CA LEU F 332 9.53 81.38 2.53
C LEU F 332 9.16 80.24 1.59
N LYS F 333 10.17 79.49 1.17
CA LYS F 333 9.97 78.34 0.29
C LYS F 333 9.60 77.13 1.11
N GLY F 334 8.52 76.45 0.71
CA GLY F 334 8.10 75.25 1.39
C GLY F 334 7.17 75.51 2.56
N CYS F 335 7.01 74.49 3.39
CA CYS F 335 6.09 74.53 4.52
C CYS F 335 6.85 74.84 5.81
N VAL F 336 6.11 75.38 6.79
CA VAL F 336 6.67 75.86 8.04
C VAL F 336 5.86 75.26 9.18
N VAL F 337 6.56 74.85 10.25
CA VAL F 337 5.90 74.24 11.40
C VAL F 337 4.87 75.17 12.02
N GLY F 338 3.94 74.58 12.76
CA GLY F 338 2.95 75.33 13.51
C GLY F 338 1.65 75.50 12.73
N THR F 339 0.62 75.87 13.48
CA THR F 339 -0.70 76.10 12.90
C THR F 339 -0.73 77.48 12.25
N LYS F 340 -1.91 77.91 11.83
CA LYS F 340 -2.08 79.30 11.43
C LYS F 340 -1.93 80.20 12.65
N LYS F 341 -1.64 81.48 12.38
CA LYS F 341 -1.39 82.53 13.37
C LYS F 341 -0.53 82.05 14.54
N ARG F 342 0.48 81.23 14.24
CA ARG F 342 1.43 80.76 15.24
C ARG F 342 2.73 81.52 15.09
N VAL F 343 3.26 82.01 16.22
CA VAL F 343 4.50 82.79 16.19
C VAL F 343 5.64 81.90 15.71
N LEU F 344 6.51 82.46 14.86
CA LEU F 344 7.66 81.76 14.34
C LEU F 344 8.92 82.58 14.56
N THR F 345 10.04 81.87 14.72
CA THR F 345 11.34 82.48 14.90
C THR F 345 12.18 82.25 13.65
N LEU F 346 12.70 83.32 13.07
CA LEU F 346 13.53 83.25 11.87
C LEU F 346 14.96 83.62 12.25
N ARG F 347 15.90 82.76 11.90
CA ARG F 347 17.28 82.87 12.36
C ARG F 347 18.23 82.74 11.18
N LYS F 348 19.34 83.48 11.24
CA LYS F 348 20.40 83.33 10.26
C LYS F 348 20.95 81.91 10.28
N SER F 349 21.32 81.43 9.09
CA SER F 349 21.84 80.08 8.97
C SER F 349 23.17 79.94 9.70
N LEU F 350 23.33 78.86 10.45
CA LEU F 350 24.57 78.63 11.19
C LEU F 350 25.70 78.18 10.29
N LEU F 351 25.39 77.75 9.06
CA LEU F 351 26.36 77.12 8.19
C LEU F 351 26.88 78.12 7.16
N VAL F 352 27.73 77.62 6.26
CA VAL F 352 28.25 78.40 5.15
C VAL F 352 27.56 77.93 3.88
N GLN F 353 26.98 78.87 3.13
CA GLN F 353 26.15 78.54 1.98
C GLN F 353 27.02 78.57 0.73
N THR F 354 27.35 77.38 0.21
CA THR F 354 28.12 77.26 -1.02
C THR F 354 27.47 76.37 -2.07
N LYS F 355 26.46 75.59 -1.71
CA LYS F 355 25.78 74.75 -2.69
C LYS F 355 25.00 75.60 -3.68
N ARG F 356 24.81 75.05 -4.87
CA ARG F 356 24.15 75.79 -5.94
C ARG F 356 22.65 75.91 -5.71
N ARG F 357 22.08 75.12 -4.81
CA ARG F 357 20.75 75.41 -4.29
C ARG F 357 20.71 76.78 -3.63
N ALA F 358 21.68 77.05 -2.75
CA ALA F 358 21.84 78.38 -2.22
C ALA F 358 22.48 79.29 -3.26
N LEU F 359 22.71 80.55 -2.87
CA LEU F 359 23.31 81.58 -3.70
C LEU F 359 22.66 81.68 -5.09
N GLU F 360 21.41 81.27 -5.21
CA GLU F 360 20.72 81.22 -6.49
C GLU F 360 19.67 82.33 -6.54
N LYS F 361 19.73 83.12 -7.61
CA LYS F 361 18.78 84.22 -7.78
C LYS F 361 17.38 83.67 -8.00
N ILE F 362 16.40 84.32 -7.40
CA ILE F 362 14.99 83.93 -7.53
C ILE F 362 14.24 85.08 -8.15
N ASP F 363 13.58 84.83 -9.28
CA ASP F 363 12.83 85.86 -10.01
C ASP F 363 11.40 85.37 -10.16
N LEU F 364 10.49 85.95 -9.41
CA LEU F 364 9.10 85.51 -9.42
C LEU F 364 8.41 85.96 -10.70
N LYS F 365 7.53 85.11 -11.22
CA LYS F 365 6.69 85.46 -12.34
C LYS F 365 5.22 85.57 -11.98
N PHE F 366 4.70 84.67 -11.15
CA PHE F 366 3.29 84.70 -10.79
C PHE F 366 3.12 84.24 -9.35
N ILE F 367 2.13 84.81 -8.68
CA ILE F 367 1.77 84.43 -7.32
C ILE F 367 0.28 84.17 -7.30
N ASP F 368 -0.12 82.99 -6.84
CA ASP F 368 -1.54 82.63 -6.77
C ASP F 368 -2.22 83.47 -5.69
N THR F 369 -3.40 83.97 -6.00
CA THR F 369 -4.19 84.78 -5.07
C THR F 369 -5.63 84.28 -5.01
N THR F 370 -5.86 83.05 -5.46
CA THR F 370 -7.21 82.49 -5.44
C THR F 370 -7.67 82.24 -4.01
N SER F 371 -8.98 82.12 -3.85
CA SER F 371 -9.55 81.91 -2.53
C SER F 371 -9.21 80.53 -2.02
N LYS F 372 -8.51 80.47 -0.88
CA LYS F 372 -8.16 79.20 -0.27
C LYS F 372 -9.26 78.65 0.62
N PHE F 373 -10.37 79.38 0.76
CA PHE F 373 -11.56 78.88 1.45
C PHE F 373 -12.42 78.05 0.52
N GLY F 374 -11.81 77.06 -0.11
CA GLY F 374 -12.42 76.24 -1.13
C GLY F 374 -11.57 76.24 -2.38
N HIS F 375 -12.12 75.66 -3.45
CA HIS F 375 -11.43 75.61 -4.73
C HIS F 375 -11.61 76.96 -5.43
N GLY F 376 -10.76 77.90 -5.06
CA GLY F 376 -10.81 79.21 -5.68
C GLY F 376 -10.42 79.15 -7.14
N ARG F 377 -10.97 80.07 -7.93
CA ARG F 377 -10.75 80.05 -9.37
C ARG F 377 -10.54 81.44 -9.96
N PHE F 378 -10.48 82.48 -9.14
CA PHE F 378 -10.24 83.83 -9.63
C PHE F 378 -9.14 84.47 -8.80
N GLN F 379 -8.39 85.38 -9.43
CA GLN F 379 -7.25 85.97 -8.73
C GLN F 379 -7.63 87.22 -7.97
N THR F 380 -8.38 88.13 -8.60
CA THR F 380 -8.72 89.42 -8.01
C THR F 380 -10.23 89.65 -8.10
N MET F 381 -10.69 90.64 -7.35
CA MET F 381 -12.11 91.00 -7.37
C MET F 381 -12.53 91.47 -8.76
N GLU F 382 -11.70 92.32 -9.38
CA GLU F 382 -12.07 92.88 -10.68
C GLU F 382 -12.13 91.81 -11.75
N GLU F 383 -11.21 90.85 -11.72
CA GLU F 383 -11.25 89.77 -12.71
C GLU F 383 -12.52 88.94 -12.57
N LYS F 384 -12.89 88.62 -11.33
CA LYS F 384 -14.11 87.86 -11.09
C LYS F 384 -15.35 88.64 -11.56
N LYS F 385 -15.41 89.93 -11.23
CA LYS F 385 -16.56 90.73 -11.66
C LYS F 385 -16.62 90.85 -13.18
N ALA F 386 -15.47 91.06 -13.82
CA ALA F 386 -15.44 91.19 -15.27
C ALA F 386 -15.86 89.89 -15.95
N PHE F 387 -15.42 88.75 -15.42
CA PHE F 387 -15.82 87.48 -16.00
C PHE F 387 -17.29 87.20 -15.75
N MET F 388 -17.82 87.64 -14.60
CA MET F 388 -19.19 87.36 -14.24
C MET F 388 -20.16 88.48 -14.60
N GLY F 389 -19.70 89.70 -14.75
CA GLY F 389 -20.57 90.81 -15.03
C GLY F 389 -21.46 91.14 -13.85
N PRO F 390 -22.53 91.89 -14.09
CA PRO F 390 -23.46 92.20 -13.00
C PRO F 390 -24.21 90.97 -12.55
N LEU F 391 -24.67 91.01 -11.30
CA LEU F 391 -25.45 89.93 -10.72
C LEU F 391 -26.76 90.49 -10.17
N LYS F 392 -27.58 89.59 -9.62
CA LYS F 392 -28.90 89.98 -9.15
C LYS F 392 -28.82 90.97 -8.01
N LYS F 393 -27.95 90.73 -7.03
CA LYS F 393 -27.79 91.68 -5.94
C LYS F 393 -27.21 92.99 -6.45
N ASP F 394 -26.28 92.94 -7.39
CA ASP F 394 -25.77 94.17 -7.98
C ASP F 394 -26.86 94.90 -8.75
N ARG F 395 -27.72 94.15 -9.44
CA ARG F 395 -28.82 94.76 -10.18
C ARG F 395 -29.78 95.49 -9.24
N ILE F 396 -30.18 94.83 -8.14
CA ILE F 396 -31.11 95.48 -7.22
C ILE F 396 -30.43 96.64 -6.49
N ALA F 397 -29.12 96.53 -6.20
CA ALA F 397 -28.41 97.64 -5.57
C ALA F 397 -28.33 98.84 -6.50
N LYS F 398 -28.11 98.60 -7.79
CA LYS F 398 -28.13 99.70 -8.76
C LYS F 398 -29.53 100.29 -8.90
N GLU F 399 -30.57 99.46 -8.78
CA GLU F 399 -31.93 99.98 -8.78
C GLU F 399 -32.18 100.88 -7.57
N GLU F 400 -31.69 100.48 -6.40
CA GLU F 400 -31.79 101.35 -5.22
C GLU F 400 -30.91 102.58 -5.35
N GLY F 401 -29.85 102.50 -6.17
CA GLY F 401 -28.97 103.62 -6.39
C GLY F 401 -29.35 104.54 -7.53
N ALA F 402 -30.48 104.28 -8.19
CA ALA F 402 -30.97 105.08 -9.32
C ALA F 402 -29.94 105.26 -10.42
N MET G 1 9.56 4.92 123.54
CA MET G 1 8.38 5.79 123.56
C MET G 1 7.13 5.05 123.11
N ALA G 2 7.29 4.21 122.08
CA ALA G 2 6.15 3.45 121.56
C ALA G 2 5.62 2.46 122.61
N CYS G 3 6.52 1.82 123.36
CA CYS G 3 6.11 0.85 124.36
C CYS G 3 5.48 1.51 125.59
N ALA G 4 5.68 2.81 125.79
CA ALA G 4 5.12 3.52 126.92
C ALA G 4 3.72 4.03 126.55
N ARG G 5 2.73 3.59 127.31
CA ARG G 5 1.34 3.96 127.05
C ARG G 5 0.78 4.70 128.27
N PRO G 6 0.63 6.01 128.20
CA PRO G 6 0.20 6.77 129.39
C PRO G 6 -1.27 6.60 129.72
N LEU G 7 -1.73 7.35 130.70
CA LEU G 7 -3.12 7.32 131.15
C LEU G 7 -3.79 8.63 130.77
N ILE G 8 -4.98 8.55 130.19
CA ILE G 8 -5.74 9.73 129.78
C ILE G 8 -6.95 9.87 130.69
N SER G 9 -7.08 11.03 131.32
CA SER G 9 -8.26 11.31 132.12
C SER G 9 -9.48 11.46 131.24
N VAL G 10 -10.59 10.89 131.69
CA VAL G 10 -11.88 11.06 131.01
C VAL G 10 -12.54 12.31 131.56
N TYR G 11 -12.90 13.23 130.67
CA TYR G 11 -13.45 14.50 131.07
C TYR G 11 -14.97 14.44 131.12
N SER G 12 -15.54 14.92 132.22
CA SER G 12 -16.97 15.00 132.36
C SER G 12 -17.55 16.04 131.41
N GLU G 13 -18.87 16.02 131.26
CA GLU G 13 -19.54 16.94 130.36
C GLU G 13 -19.40 18.40 130.81
N LYS G 14 -19.05 18.65 132.05
CA LYS G 14 -18.76 20.00 132.51
C LYS G 14 -17.36 20.46 132.13
N GLY G 15 -16.51 19.57 131.62
CA GLY G 15 -15.20 19.93 131.14
C GLY G 15 -14.04 19.54 132.02
N GLU G 16 -14.29 19.22 133.28
CA GLU G 16 -13.22 18.83 134.20
C GLU G 16 -12.99 17.32 134.13
N SER G 17 -11.84 16.89 134.65
CA SER G 17 -11.53 15.47 134.69
C SER G 17 -12.44 14.76 135.67
N SER G 18 -12.99 13.63 135.24
CA SER G 18 -13.89 12.84 136.06
C SER G 18 -13.16 11.85 136.96
N GLY G 19 -11.82 11.84 136.93
CA GLY G 19 -11.05 10.92 137.73
C GLY G 19 -10.88 9.55 137.14
N LYS G 20 -11.44 9.29 135.97
CA LYS G 20 -11.34 7.99 135.33
C LYS G 20 -10.26 8.03 134.25
N ASN G 21 -9.38 7.03 134.30
CA ASN G 21 -8.22 6.97 133.42
C ASN G 21 -8.34 5.80 132.47
N VAL G 22 -8.04 6.04 131.20
CA VAL G 22 -8.02 5.01 130.17
C VAL G 22 -6.60 4.89 129.63
N THR G 23 -6.09 3.65 129.60
CA THR G 23 -4.79 3.40 129.00
C THR G 23 -4.81 3.80 127.53
N LEU G 24 -3.77 4.50 127.10
CA LEU G 24 -3.67 4.93 125.71
C LEU G 24 -3.64 3.71 124.79
N PRO G 25 -4.57 3.62 123.83
CA PRO G 25 -4.49 2.52 122.86
C PRO G 25 -3.18 2.58 122.08
N ALA G 26 -2.62 1.40 121.82
CA ALA G 26 -1.34 1.32 121.12
C ALA G 26 -1.44 1.83 119.70
N VAL G 27 -2.64 1.89 119.13
CA VAL G 27 -2.82 2.39 117.77
C VAL G 27 -2.40 3.85 117.67
N PHE G 28 -2.43 4.59 118.77
CA PHE G 28 -1.97 5.98 118.76
C PHE G 28 -0.46 6.08 118.69
N LYS G 29 0.27 4.98 118.92
CA LYS G 29 1.71 4.93 118.74
C LYS G 29 2.10 4.31 117.40
N ALA G 30 1.15 4.17 116.48
CA ALA G 30 1.44 3.57 115.19
C ALA G 30 2.38 4.45 114.39
N PRO G 31 3.14 3.87 113.46
CA PRO G 31 4.01 4.68 112.61
C PRO G 31 3.20 5.65 111.74
N ILE G 32 3.42 6.94 111.97
CA ILE G 32 2.73 7.98 111.20
C ILE G 32 3.37 8.03 109.82
N ARG G 33 2.56 7.83 108.79
CA ARG G 33 3.04 7.71 107.41
C ARG G 33 2.24 8.65 106.51
N PRO G 34 2.61 9.93 106.46
CA PRO G 34 1.85 10.88 105.65
C PRO G 34 1.80 10.55 104.17
N ASP G 35 2.87 9.99 103.61
CA ASP G 35 2.86 9.67 102.19
C ASP G 35 1.87 8.57 101.87
N ILE G 36 1.84 7.51 102.67
CA ILE G 36 0.87 6.43 102.47
C ILE G 36 -0.55 6.95 102.67
N VAL G 37 -0.75 7.82 103.67
CA VAL G 37 -2.07 8.38 103.91
C VAL G 37 -2.53 9.20 102.72
N ASN G 38 -1.64 10.02 102.17
CA ASN G 38 -1.98 10.80 100.98
C ASN G 38 -2.28 9.90 99.79
N PHE G 39 -1.51 8.84 99.63
CA PHE G 39 -1.76 7.89 98.54
C PHE G 39 -3.14 7.26 98.67
N VAL G 40 -3.47 6.77 99.86
CA VAL G 40 -4.76 6.12 100.08
C VAL G 40 -5.90 7.11 99.93
N HIS G 41 -5.71 8.33 100.43
CA HIS G 41 -6.73 9.37 100.28
C HIS G 41 -6.97 9.70 98.82
N THR G 42 -5.90 9.80 98.02
CA THR G 42 -6.05 10.08 96.61
C THR G 42 -6.78 8.95 95.90
N ASN G 43 -6.39 7.71 96.17
CA ASN G 43 -7.03 6.59 95.49
C ASN G 43 -8.49 6.41 95.88
N LEU G 44 -8.82 6.58 97.16
CA LEU G 44 -10.20 6.37 97.59
C LEU G 44 -11.12 7.52 97.25
N ARG G 45 -10.60 8.74 97.08
CA ARG G 45 -11.48 9.84 96.73
C ARG G 45 -12.00 9.73 95.32
N LYS G 46 -11.41 8.87 94.50
CA LYS G 46 -11.92 8.63 93.15
C LYS G 46 -13.08 7.67 93.12
N ASN G 47 -13.31 6.91 94.18
CA ASN G 47 -14.36 5.88 94.16
C ASN G 47 -15.76 6.46 94.24
N ASN G 48 -15.96 7.54 94.98
CA ASN G 48 -17.27 8.15 95.09
C ASN G 48 -17.59 9.07 93.91
N ARG G 49 -16.71 9.13 92.91
CA ARG G 49 -16.91 9.99 91.76
C ARG G 49 -18.07 9.50 90.91
N GLN G 50 -18.67 10.43 90.18
CA GLN G 50 -19.80 10.16 89.32
C GLN G 50 -19.42 10.41 87.87
N PRO G 51 -19.63 9.45 86.97
CA PRO G 51 -19.05 9.55 85.63
C PRO G 51 -19.65 10.69 84.82
N TYR G 52 -18.83 11.22 83.91
CA TYR G 52 -19.28 12.21 82.96
C TYR G 52 -18.72 11.86 81.59
N ALA G 53 -19.49 12.17 80.55
CA ALA G 53 -19.06 11.91 79.19
C ALA G 53 -19.84 12.81 78.25
N VAL G 54 -19.34 12.92 77.03
CA VAL G 54 -20.05 13.67 75.98
C VAL G 54 -20.87 12.69 75.16
N SER G 55 -21.91 13.19 74.52
CA SER G 55 -22.76 12.36 73.69
C SER G 55 -21.98 11.80 72.52
N GLU G 56 -22.14 10.49 72.29
CA GLU G 56 -21.46 9.84 71.17
C GLU G 56 -22.03 10.25 69.82
N LEU G 57 -23.20 10.88 69.79
CA LEU G 57 -23.75 11.44 68.57
C LEU G 57 -23.41 12.91 68.39
N ALA G 58 -22.77 13.53 69.36
CA ALA G 58 -22.45 14.95 69.27
C ALA G 58 -21.39 15.18 68.21
N GLY G 59 -21.69 16.05 67.26
CA GLY G 59 -20.77 16.37 66.19
C GLY G 59 -20.67 15.32 65.10
N HIS G 60 -21.50 14.27 65.15
CA HIS G 60 -21.44 13.19 64.17
C HIS G 60 -22.83 12.85 63.66
N GLN G 61 -23.67 13.86 63.48
CA GLN G 61 -25.02 13.70 62.95
C GLN G 61 -25.27 14.74 61.88
N THR G 62 -24.30 14.88 60.98
CA THR G 62 -24.27 15.92 59.99
C THR G 62 -24.30 15.41 58.55
N SER G 63 -23.71 14.23 58.29
CA SER G 63 -23.58 13.67 56.95
C SER G 63 -22.81 14.60 56.03
N ALA G 64 -21.86 15.34 56.60
CA ALA G 64 -20.98 16.18 55.81
C ALA G 64 -19.94 15.33 55.08
N GLU G 65 -19.34 15.92 54.05
CA GLU G 65 -18.28 15.23 53.32
C GLU G 65 -17.41 16.27 52.62
N SER G 66 -16.24 15.82 52.18
CA SER G 66 -15.27 16.71 51.57
C SER G 66 -15.74 17.18 50.20
N TRP G 67 -15.31 18.38 49.82
CA TRP G 67 -15.65 18.95 48.52
C TRP G 67 -14.75 18.45 47.40
N GLY G 68 -13.70 17.71 47.72
CA GLY G 68 -12.70 17.38 46.74
C GLY G 68 -11.43 18.15 47.02
N THR G 69 -10.67 18.49 45.98
CA THR G 69 -9.42 19.21 46.15
C THR G 69 -9.22 20.37 45.19
N GLY G 70 -10.07 20.54 44.19
CA GLY G 70 -9.85 21.59 43.21
C GLY G 70 -10.70 22.83 43.43
N ARG G 71 -11.11 23.08 44.67
CA ARG G 71 -12.03 24.18 44.95
C ARG G 71 -11.42 25.21 45.89
N ALA G 72 -10.09 25.23 46.02
CA ALA G 72 -9.36 26.27 46.75
C ALA G 72 -9.82 26.40 48.20
N VAL G 73 -10.27 25.30 48.80
CA VAL G 73 -10.70 25.28 50.19
C VAL G 73 -10.09 24.08 50.87
N ALA G 74 -10.08 24.11 52.20
CA ALA G 74 -9.50 23.04 52.99
C ALA G 74 -10.29 21.74 52.77
N ARG G 75 -9.58 20.62 52.87
CA ARG G 75 -10.17 19.31 52.59
C ARG G 75 -11.03 18.78 53.73
N ILE G 76 -11.38 19.62 54.69
CA ILE G 76 -12.27 19.23 55.78
C ILE G 76 -13.64 18.93 55.19
N PRO G 77 -14.38 17.97 55.72
CA PRO G 77 -15.76 17.75 55.25
C PRO G 77 -16.64 18.98 55.47
N ARG G 78 -17.52 19.23 54.51
CA ARG G 78 -18.40 20.38 54.53
C ARG G 78 -19.85 19.92 54.54
N VAL G 79 -20.71 20.69 55.20
CA VAL G 79 -22.13 20.38 55.24
C VAL G 79 -22.74 20.61 53.86
N ARG G 80 -23.46 19.61 53.37
CA ARG G 80 -24.02 19.63 52.03
C ARG G 80 -25.19 20.59 51.95
N GLY G 81 -25.73 20.75 50.74
CA GLY G 81 -26.90 21.58 50.54
C GLY G 81 -26.56 23.06 50.47
N GLY G 82 -27.61 23.87 50.61
CA GLY G 82 -27.48 25.31 50.59
C GLY G 82 -28.67 25.99 51.22
N GLY G 83 -28.78 27.31 51.06
CA GLY G 83 -29.89 28.04 51.62
C GLY G 83 -29.83 28.24 53.12
N THR G 84 -28.72 27.93 53.75
CA THR G 84 -28.57 28.14 55.19
C THR G 84 -27.12 28.44 55.50
N HIS G 85 -26.90 29.05 56.66
CA HIS G 85 -25.53 29.40 57.06
C HIS G 85 -24.72 28.16 57.37
N ARG G 86 -25.38 27.04 57.67
CA ARG G 86 -24.66 25.83 58.03
C ARG G 86 -24.01 25.15 56.83
N SER G 87 -24.57 25.31 55.63
CA SER G 87 -24.03 24.67 54.44
C SER G 87 -22.66 25.22 54.12
N GLY G 88 -21.77 24.35 53.64
CA GLY G 88 -20.43 24.75 53.30
C GLY G 88 -19.50 24.97 54.48
N GLN G 89 -19.90 24.55 55.67
CA GLN G 89 -19.09 24.75 56.87
C GLN G 89 -18.40 23.46 57.26
N GLY G 90 -17.24 23.59 57.89
CA GLY G 90 -16.48 22.42 58.30
C GLY G 90 -17.17 21.66 59.42
N ALA G 91 -16.89 20.36 59.47
CA ALA G 91 -17.47 19.49 60.49
C ALA G 91 -16.59 18.27 60.67
N PHE G 92 -16.96 17.44 61.65
CA PHE G 92 -16.32 16.15 61.93
C PHE G 92 -14.88 16.31 62.42
N GLY G 93 -14.44 17.52 62.66
CA GLY G 93 -13.09 17.78 63.14
C GLY G 93 -13.08 18.57 64.43
N ASN G 94 -12.09 18.29 65.28
CA ASN G 94 -11.98 18.99 66.55
C ASN G 94 -11.60 20.46 66.35
N MET G 95 -11.10 20.82 65.17
CA MET G 95 -10.80 22.20 64.85
C MET G 95 -12.01 22.96 64.30
N CYS G 96 -13.10 22.28 64.02
CA CYS G 96 -14.28 22.90 63.43
C CYS G 96 -15.26 23.33 64.52
N ARG G 97 -15.91 24.46 64.30
CA ARG G 97 -16.98 24.88 65.20
C ARG G 97 -18.18 23.96 65.02
N GLY G 98 -18.64 23.38 66.13
CA GLY G 98 -19.72 22.43 66.09
C GLY G 98 -19.33 21.03 65.71
N GLY G 99 -18.05 20.77 65.44
CA GLY G 99 -17.58 19.44 65.13
C GLY G 99 -17.33 18.62 66.38
N ARG G 100 -16.96 17.37 66.16
CA ARG G 100 -16.69 16.45 67.26
C ARG G 100 -15.36 16.79 67.91
N MET G 101 -15.37 16.89 69.23
CA MET G 101 -14.14 17.14 69.96
C MET G 101 -13.20 15.95 69.83
N PHE G 102 -11.90 16.22 69.89
CA PHE G 102 -10.91 15.16 69.79
C PHE G 102 -10.99 14.27 71.02
N ALA G 103 -10.97 12.95 70.77
CA ALA G 103 -11.02 11.92 71.81
C ALA G 103 -12.20 12.18 72.74
N PRO G 104 -13.43 11.92 72.30
CA PRO G 104 -14.60 12.23 73.13
C PRO G 104 -14.54 11.48 74.45
N THR G 105 -14.91 12.18 75.52
CA THR G 105 -14.89 11.59 76.85
C THR G 105 -15.91 10.46 76.91
N LYS G 106 -15.49 9.32 77.45
CA LYS G 106 -16.31 8.13 77.48
C LYS G 106 -16.47 7.65 78.91
N THR G 107 -17.58 6.95 79.16
CA THR G 107 -17.94 6.58 80.52
C THR G 107 -16.92 5.64 81.16
N TRP G 108 -16.35 4.71 80.40
CA TRP G 108 -15.41 3.75 80.96
C TRP G 108 -14.02 4.37 81.09
N ARG G 109 -13.93 5.39 81.94
CA ARG G 109 -12.67 6.07 82.21
C ARG G 109 -11.86 5.38 83.30
N ARG G 110 -12.40 4.32 83.92
CA ARG G 110 -11.86 3.72 85.13
C ARG G 110 -11.79 4.75 86.26
N TRP G 111 -12.99 5.21 86.63
CA TRP G 111 -13.12 6.23 87.65
C TRP G 111 -12.68 5.74 89.02
N HIS G 112 -12.76 4.44 89.26
CA HIS G 112 -12.49 3.89 90.58
C HIS G 112 -11.10 3.27 90.65
N ARG G 113 -10.57 3.23 91.87
CA ARG G 113 -9.33 2.54 92.18
C ARG G 113 -9.55 1.68 93.40
N ARG G 114 -8.98 0.48 93.41
CA ARG G 114 -9.07 -0.42 94.55
C ARG G 114 -7.75 -0.39 95.31
N VAL G 115 -7.85 -0.34 96.63
CA VAL G 115 -6.69 -0.21 97.51
C VAL G 115 -6.60 -1.44 98.40
N ASN G 116 -5.36 -1.88 98.64
CA ASN G 116 -5.15 -3.03 99.51
C ASN G 116 -5.71 -2.76 100.89
N THR G 117 -6.43 -3.74 101.43
CA THR G 117 -7.10 -3.57 102.70
C THR G 117 -6.10 -3.31 103.82
N THR G 118 -4.97 -4.01 103.78
CA THR G 118 -3.93 -3.77 104.78
C THR G 118 -3.37 -2.37 104.66
N GLN G 119 -3.21 -1.86 103.43
CA GLN G 119 -2.75 -0.49 103.26
C GLN G 119 -3.77 0.52 103.78
N LYS G 120 -5.06 0.23 103.57
CA LYS G 120 -6.10 1.12 104.09
C LYS G 120 -6.09 1.14 105.62
N ARG G 121 -5.92 -0.03 106.23
CA ARG G 121 -5.81 -0.08 107.69
C ARG G 121 -4.55 0.62 108.18
N TYR G 122 -3.46 0.53 107.42
CA TYR G 122 -2.25 1.26 107.75
C TYR G 122 -2.50 2.77 107.71
N ALA G 123 -3.22 3.23 106.70
CA ALA G 123 -3.57 4.65 106.61
C ALA G 123 -4.45 5.08 107.78
N ILE G 124 -5.42 4.24 108.17
CA ILE G 124 -6.26 4.54 109.31
C ILE G 124 -5.42 4.66 110.58
N CYS G 125 -4.50 3.72 110.79
CA CYS G 125 -3.67 3.74 111.99
C CYS G 125 -2.78 4.97 112.01
N SER G 126 -2.18 5.32 110.87
CA SER G 126 -1.33 6.50 110.81
C SER G 126 -2.13 7.77 111.06
N ALA G 127 -3.34 7.85 110.50
CA ALA G 127 -4.16 9.03 110.73
C ALA G 127 -4.56 9.16 112.19
N LEU G 128 -4.90 8.03 112.83
CA LEU G 128 -5.26 8.08 114.25
C LEU G 128 -4.07 8.48 115.10
N ALA G 129 -2.88 7.97 114.78
CA ALA G 129 -1.70 8.28 115.57
C ALA G 129 -1.33 9.75 115.46
N ALA G 130 -1.45 10.34 114.27
CA ALA G 130 -1.11 11.74 114.10
C ALA G 130 -2.13 12.66 114.80
N SER G 131 -3.31 12.14 115.10
CA SER G 131 -4.31 12.91 115.84
C SER G 131 -3.95 13.04 117.32
N ALA G 132 -2.95 12.31 117.80
CA ALA G 132 -2.54 12.36 119.20
C ALA G 132 -1.33 13.24 119.44
N LEU G 133 -0.88 14.00 118.44
CA LEU G 133 0.27 14.88 118.58
C LEU G 133 -0.17 16.33 118.51
N PRO G 134 0.05 17.12 119.55
CA PRO G 134 -0.50 18.48 119.59
C PRO G 134 -0.06 19.37 118.44
N ALA G 135 1.19 19.26 118.00
CA ALA G 135 1.69 20.14 116.96
C ALA G 135 1.01 19.88 115.62
N LEU G 136 0.82 18.60 115.27
CA LEU G 136 0.29 18.25 113.95
C LEU G 136 -1.14 18.76 113.79
N VAL G 137 -1.97 18.62 114.83
CA VAL G 137 -3.33 19.13 114.77
C VAL G 137 -3.32 20.65 114.72
N MET G 138 -2.39 21.27 115.44
CA MET G 138 -2.23 22.71 115.35
C MET G 138 -1.81 23.13 113.94
N SER G 139 -0.95 22.33 113.31
CA SER G 139 -0.55 22.58 111.93
C SER G 139 -1.72 22.50 110.96
N LYS G 140 -2.81 21.86 111.35
CA LYS G 140 -4.04 21.89 110.57
C LYS G 140 -4.92 23.09 110.93
N GLY G 141 -4.46 23.92 111.86
CA GLY G 141 -5.19 25.13 112.24
C GLY G 141 -6.51 24.87 112.93
N HIS G 142 -6.57 23.81 113.75
CA HIS G 142 -7.83 23.43 114.38
C HIS G 142 -8.10 24.18 115.67
N ARG G 143 -7.22 25.10 116.06
CA ARG G 143 -7.37 25.92 117.27
C ARG G 143 -7.51 25.04 118.51
N ILE G 144 -6.50 24.23 118.77
CA ILE G 144 -6.36 23.54 120.05
C ILE G 144 -5.33 24.33 120.86
N GLU G 145 -5.81 25.34 121.58
CA GLU G 145 -5.01 26.07 122.54
C GLU G 145 -5.56 25.97 123.94
N GLU G 146 -6.82 25.57 124.09
CA GLU G 146 -7.46 25.49 125.39
C GLU G 146 -8.00 24.09 125.67
N VAL G 147 -7.71 23.12 124.82
CA VAL G 147 -8.13 21.74 125.06
C VAL G 147 -7.32 21.18 126.22
N PRO G 148 -7.97 20.67 127.27
CA PRO G 148 -7.22 20.18 128.44
C PRO G 148 -6.30 19.01 128.13
N GLU G 149 -6.68 18.16 127.18
CA GLU G 149 -5.88 16.99 126.85
C GLU G 149 -6.22 16.55 125.44
N LEU G 150 -5.20 16.46 124.59
CA LEU G 150 -5.46 16.24 123.15
C LEU G 150 -6.20 14.94 122.86
N PRO G 151 -5.82 13.77 123.41
CA PRO G 151 -6.72 12.61 123.24
C PRO G 151 -7.98 12.81 124.05
N LEU G 152 -8.85 13.71 123.56
CA LEU G 152 -9.99 14.20 124.33
C LEU G 152 -11.03 13.09 124.42
N VAL G 153 -11.18 12.52 125.60
CA VAL G 153 -12.14 11.45 125.84
C VAL G 153 -13.17 11.95 126.84
N VAL G 154 -14.44 11.88 126.44
CA VAL G 154 -15.55 12.36 127.27
C VAL G 154 -16.32 11.15 127.79
N GLU G 155 -17.16 11.42 128.79
CA GLU G 155 -17.97 10.36 129.36
C GLU G 155 -19.05 9.92 128.37
N ASP G 156 -19.59 8.72 128.63
CA ASP G 156 -20.59 8.14 127.74
C ASP G 156 -21.92 8.87 127.76
N LYS G 157 -22.11 9.80 128.70
CA LYS G 157 -23.33 10.61 128.75
C LYS G 157 -23.53 11.40 127.46
N VAL G 158 -22.45 11.71 126.74
CA VAL G 158 -22.54 12.54 125.54
C VAL G 158 -23.39 11.86 124.48
N GLU G 159 -23.22 10.54 124.29
CA GLU G 159 -23.97 9.82 123.25
C GLU G 159 -25.48 9.89 123.46
N GLY G 160 -25.93 10.08 124.69
CA GLY G 160 -27.34 10.17 124.99
C GLY G 160 -27.95 11.53 124.80
N TYR G 161 -27.19 12.50 124.30
CA TYR G 161 -27.72 13.83 124.08
C TYR G 161 -28.81 13.83 123.02
N LYS G 162 -29.72 14.79 123.12
CA LYS G 162 -30.85 14.91 122.22
C LYS G 162 -30.96 16.27 121.57
N LYS G 163 -30.63 17.34 122.28
CA LYS G 163 -30.77 18.69 121.76
C LYS G 163 -29.45 19.24 121.22
N THR G 164 -29.57 20.32 120.46
CA THR G 164 -28.39 20.98 119.92
C THR G 164 -27.74 21.91 120.94
N LYS G 165 -28.55 22.54 121.80
CA LYS G 165 -28.02 23.47 122.78
C LYS G 165 -27.10 22.77 123.77
N GLU G 166 -27.45 21.57 124.20
CA GLU G 166 -26.57 20.81 125.07
C GLU G 166 -25.28 20.40 124.35
N ALA G 167 -25.35 20.14 123.05
CA ALA G 167 -24.11 19.87 122.30
C ALA G 167 -23.22 21.11 122.24
N VAL G 168 -23.82 22.28 122.02
CA VAL G 168 -23.05 23.52 122.02
C VAL G 168 -22.45 23.76 123.38
N LEU G 169 -23.20 23.45 124.44
CA LEU G 169 -22.68 23.57 125.80
C LEU G 169 -21.50 22.63 126.01
N LEU G 170 -21.59 21.41 125.50
CA LEU G 170 -20.48 20.47 125.61
C LEU G 170 -19.24 20.99 124.90
N LEU G 171 -19.42 21.55 123.70
CA LEU G 171 -18.28 22.11 122.98
C LEU G 171 -17.68 23.30 123.74
N LYS G 172 -18.53 24.15 124.32
CA LYS G 172 -18.04 25.32 125.04
C LYS G 172 -17.27 24.92 126.30
N LYS G 173 -17.79 23.96 127.06
CA LYS G 173 -17.11 23.54 128.28
C LYS G 173 -15.84 22.76 127.95
N LEU G 174 -15.80 22.12 126.79
CA LEU G 174 -14.59 21.49 126.31
C LEU G 174 -13.64 22.47 125.66
N LYS G 175 -14.03 23.75 125.58
CA LYS G 175 -13.24 24.81 124.94
C LYS G 175 -12.95 24.48 123.48
N ALA G 176 -13.79 23.66 122.85
CA ALA G 176 -13.71 23.36 121.44
C ALA G 176 -14.57 24.29 120.60
N TRP G 177 -15.27 25.22 121.24
CA TRP G 177 -16.11 26.18 120.52
C TRP G 177 -15.31 27.09 119.62
N ASN G 178 -14.01 27.27 119.89
CA ASN G 178 -13.18 28.13 119.05
C ASN G 178 -13.09 27.61 117.64
N ASP G 179 -12.97 26.29 117.45
CA ASP G 179 -12.95 25.73 116.12
C ASP G 179 -14.26 25.99 115.39
N ILE G 180 -15.38 25.86 116.09
CA ILE G 180 -16.68 26.13 115.49
C ILE G 180 -16.78 27.59 115.06
N LYS G 181 -16.34 28.51 115.92
CA LYS G 181 -16.36 29.92 115.56
C LYS G 181 -15.44 30.20 114.38
N LYS G 182 -14.33 29.46 114.29
CA LYS G 182 -13.43 29.61 113.15
C LYS G 182 -14.09 29.16 111.86
N VAL G 183 -14.87 28.06 111.93
CA VAL G 183 -15.62 27.61 110.76
C VAL G 183 -16.64 28.66 110.34
N TYR G 184 -17.32 29.26 111.32
CA TYR G 184 -18.33 30.27 111.00
C TYR G 184 -17.71 31.47 110.30
N ALA G 185 -16.54 31.90 110.74
CA ALA G 185 -15.83 32.95 110.03
C ALA G 185 -15.34 32.50 108.67
N SER G 186 -15.28 31.19 108.43
CA SER G 186 -14.78 30.62 107.20
C SER G 186 -15.87 30.35 106.17
N GLN G 187 -17.13 30.60 106.50
CA GLN G 187 -18.22 30.32 105.57
C GLN G 187 -18.26 31.43 104.52
N ARG G 188 -17.50 31.23 103.43
CA ARG G 188 -17.54 32.20 102.34
C ARG G 188 -18.00 31.53 101.06
N MET G 189 -17.97 32.26 99.96
CA MET G 189 -18.45 31.79 98.68
C MET G 189 -17.32 31.10 97.93
N ARG G 190 -17.59 29.90 97.40
CA ARG G 190 -16.61 29.21 96.58
C ARG G 190 -16.35 30.00 95.29
N ALA G 191 -15.10 29.97 94.84
CA ALA G 191 -14.68 30.68 93.64
C ALA G 191 -14.58 29.69 92.49
N GLY G 192 -15.26 29.99 91.38
CA GLY G 192 -15.16 29.17 90.20
C GLY G 192 -16.48 28.73 89.62
N LYS G 193 -16.44 27.75 88.71
CA LYS G 193 -17.65 27.27 88.05
C LYS G 193 -18.49 26.36 88.94
N GLY G 194 -17.98 25.93 90.09
CA GLY G 194 -18.71 25.04 90.95
C GLY G 194 -19.96 25.65 91.55
N LYS G 195 -20.09 26.98 91.50
CA LYS G 195 -21.30 27.62 91.99
C LYS G 195 -22.51 27.23 91.15
N MET G 196 -22.32 27.10 89.84
CA MET G 196 -23.39 26.63 88.97
C MET G 196 -23.68 25.14 89.14
N ARG G 197 -22.81 24.40 89.82
CA ARG G 197 -22.92 22.96 89.93
C ARG G 197 -23.20 22.54 91.37
N ASN G 198 -23.96 23.36 92.09
CA ASN G 198 -24.52 23.09 93.41
C ASN G 198 -23.48 23.02 94.51
N ARG G 199 -22.20 23.17 94.22
CA ARG G 199 -21.18 23.27 95.27
C ARG G 199 -20.96 24.74 95.62
N ARG G 200 -22.07 25.36 96.05
CA ARG G 200 -22.10 26.81 96.18
C ARG G 200 -21.26 27.31 97.34
N ARG G 201 -21.30 26.61 98.47
CA ARG G 201 -20.67 27.09 99.69
C ARG G 201 -19.59 26.13 100.16
N ILE G 202 -18.53 26.70 100.73
CA ILE G 202 -17.44 25.94 101.33
C ILE G 202 -17.23 26.45 102.75
N GLN G 203 -16.61 25.61 103.57
CA GLN G 203 -16.42 25.95 104.97
C GLN G 203 -15.24 25.16 105.53
N ARG G 204 -14.67 25.70 106.60
CA ARG G 204 -13.59 25.04 107.33
C ARG G 204 -14.08 23.73 107.94
N ARG G 205 -13.22 22.73 107.91
CA ARG G 205 -13.52 21.47 108.57
C ARG G 205 -13.51 21.65 110.08
N GLY G 206 -14.57 21.18 110.72
CA GLY G 206 -14.69 21.27 112.16
C GLY G 206 -14.16 20.03 112.85
N PRO G 207 -14.20 20.03 114.18
CA PRO G 207 -13.71 18.86 114.92
C PRO G 207 -14.59 17.64 114.70
N CYS G 208 -13.99 16.47 114.88
CA CYS G 208 -14.67 15.21 114.64
C CYS G 208 -15.14 14.65 115.98
N ILE G 209 -16.36 14.11 115.99
CA ILE G 209 -16.93 13.45 117.16
C ILE G 209 -17.04 11.96 116.83
N ILE G 210 -16.35 11.13 117.61
CA ILE G 210 -16.32 9.70 117.40
C ILE G 210 -17.11 9.04 118.51
N TYR G 211 -18.07 8.20 118.13
CA TYR G 211 -18.94 7.50 119.05
C TYR G 211 -18.93 6.01 118.75
N ASN G 212 -19.52 5.24 119.66
CA ASN G 212 -19.69 3.81 119.45
C ASN G 212 -21.14 3.42 119.25
N GLU G 213 -22.06 4.02 120.02
CA GLU G 213 -23.48 3.73 119.92
C GLU G 213 -24.25 5.04 119.78
N ASP G 214 -25.28 5.03 118.95
CA ASP G 214 -26.12 6.20 118.76
C ASP G 214 -27.25 6.17 119.79
N ASN G 215 -27.36 7.25 120.56
CA ASN G 215 -28.50 7.52 121.43
C ASN G 215 -28.95 8.95 121.26
N GLY G 216 -29.09 9.38 120.00
CA GLY G 216 -29.46 10.74 119.68
C GLY G 216 -28.28 11.66 119.47
N ILE G 217 -27.06 11.16 119.51
CA ILE G 217 -25.88 12.01 119.34
C ILE G 217 -25.84 12.59 117.93
N ILE G 218 -26.19 11.79 116.93
CA ILE G 218 -26.25 12.30 115.57
C ILE G 218 -27.31 13.38 115.44
N LYS G 219 -28.47 13.17 116.04
CA LYS G 219 -29.51 14.19 115.98
C LYS G 219 -29.13 15.40 116.81
N ALA G 220 -28.56 15.20 117.99
CA ALA G 220 -28.17 16.32 118.84
C ALA G 220 -27.11 17.18 118.16
N PHE G 221 -26.08 16.55 117.61
CA PHE G 221 -25.12 17.21 116.74
C PHE G 221 -25.68 17.26 115.33
N ARG G 222 -24.81 17.46 114.33
CA ARG G 222 -25.04 17.45 112.89
C ARG G 222 -25.71 18.73 112.39
N ASN G 223 -26.18 19.60 113.28
CA ASN G 223 -26.63 20.92 112.86
C ASN G 223 -25.52 21.96 112.99
N ILE G 224 -24.39 21.58 113.56
CA ILE G 224 -23.23 22.46 113.72
C ILE G 224 -22.36 22.34 112.47
N PRO G 225 -22.06 23.44 111.77
CA PRO G 225 -21.22 23.35 110.59
C PRO G 225 -19.83 22.84 110.93
N GLY G 226 -19.26 22.06 110.02
CA GLY G 226 -17.94 21.49 110.17
C GLY G 226 -17.90 20.24 111.03
N ILE G 227 -18.84 20.07 111.95
CA ILE G 227 -18.85 18.93 112.83
C ILE G 227 -19.14 17.67 112.02
N THR G 228 -18.28 16.65 112.17
CA THR G 228 -18.44 15.39 111.47
C THR G 228 -18.45 14.26 112.50
N LEU G 229 -19.48 13.42 112.44
CA LEU G 229 -19.61 12.28 113.33
C LEU G 229 -19.15 11.03 112.61
N LEU G 230 -18.64 10.06 113.37
CA LEU G 230 -18.07 8.85 112.80
C LEU G 230 -18.14 7.72 113.81
N ASN G 231 -18.76 6.61 113.42
CA ASN G 231 -18.78 5.43 114.27
C ASN G 231 -17.38 4.84 114.37
N VAL G 232 -17.01 4.39 115.57
CA VAL G 232 -15.68 3.84 115.77
C VAL G 232 -15.50 2.53 115.00
N SER G 233 -16.59 1.80 114.76
CA SER G 233 -16.50 0.56 114.00
C SER G 233 -16.43 0.78 112.51
N LYS G 234 -16.64 2.02 112.04
CA LYS G 234 -16.70 2.34 110.62
C LYS G 234 -15.84 3.57 110.34
N LEU G 235 -14.60 3.53 110.82
CA LEU G 235 -13.71 4.67 110.68
C LEU G 235 -13.39 4.95 109.22
N ASN G 236 -13.42 6.23 108.84
CA ASN G 236 -13.24 6.66 107.47
C ASN G 236 -11.92 7.41 107.35
N ILE G 237 -11.06 6.93 106.45
CA ILE G 237 -9.81 7.64 106.19
C ILE G 237 -10.07 8.98 105.52
N LEU G 238 -11.18 9.11 104.79
CA LEU G 238 -11.51 10.37 104.15
C LEU G 238 -11.83 11.47 105.16
N LYS G 239 -12.57 11.14 106.20
CA LYS G 239 -12.88 12.10 107.26
C LYS G 239 -11.71 12.36 108.18
N LEU G 240 -10.91 11.34 108.49
CA LEU G 240 -9.80 11.53 109.41
C LEU G 240 -8.69 12.39 108.81
N ALA G 241 -8.54 12.36 107.49
CA ALA G 241 -7.60 13.23 106.78
C ALA G 241 -8.39 13.93 105.68
N PRO G 242 -9.07 15.02 106.02
CA PRO G 242 -10.02 15.62 105.06
C PRO G 242 -9.40 16.03 103.74
N GLY G 243 -8.18 16.56 103.76
CA GLY G 243 -7.48 16.93 102.56
C GLY G 243 -6.31 16.04 102.22
N GLY G 244 -6.27 14.81 102.73
CA GLY G 244 -5.10 13.98 102.60
C GLY G 244 -3.99 14.30 103.56
N HIS G 245 -4.20 15.26 104.45
CA HIS G 245 -3.21 15.65 105.44
C HIS G 245 -3.68 15.19 106.81
N VAL G 246 -2.84 14.42 107.49
CA VAL G 246 -3.20 13.90 108.81
C VAL G 246 -3.25 15.04 109.82
N GLY G 247 -4.02 14.82 110.89
CA GLY G 247 -4.04 15.77 111.97
C GLY G 247 -5.37 16.47 112.18
N ARG G 248 -6.48 15.81 111.85
CA ARG G 248 -7.78 16.38 112.15
C ARG G 248 -8.09 16.24 113.64
N PHE G 249 -8.52 17.33 114.25
CA PHE G 249 -8.94 17.29 115.64
C PHE G 249 -10.14 16.37 115.78
N CYS G 250 -10.08 15.45 116.74
CA CYS G 250 -11.12 14.46 116.94
C CYS G 250 -11.47 14.37 118.41
N ILE G 251 -12.74 14.13 118.71
CA ILE G 251 -13.23 13.97 120.08
C ILE G 251 -13.76 12.55 120.21
N TRP G 252 -13.32 11.85 121.26
CA TRP G 252 -13.63 10.45 121.44
C TRP G 252 -14.63 10.24 122.56
N THR G 253 -15.57 9.34 122.33
CA THR G 253 -16.41 8.84 123.41
C THR G 253 -15.67 7.72 124.14
N GLU G 254 -15.92 7.61 125.45
CA GLU G 254 -15.23 6.63 126.26
C GLU G 254 -15.48 5.21 125.75
N SER G 255 -16.73 4.89 125.43
CA SER G 255 -17.02 3.58 124.85
C SER G 255 -16.32 3.39 123.52
N ALA G 256 -16.31 4.43 122.67
CA ALA G 256 -15.56 4.34 121.42
C ALA G 256 -14.07 4.26 121.68
N PHE G 257 -13.57 4.98 122.70
CA PHE G 257 -12.14 4.95 122.98
C PHE G 257 -11.68 3.57 123.42
N ARG G 258 -12.44 2.93 124.31
CA ARG G 258 -12.03 1.63 124.83
C ARG G 258 -12.02 0.53 123.77
N LYS G 259 -12.81 0.70 122.71
CA LYS G 259 -12.94 -0.32 121.67
C LYS G 259 -11.76 -0.32 120.70
N LEU G 260 -10.89 0.69 120.77
CA LEU G 260 -9.79 0.79 119.81
C LEU G 260 -8.82 -0.38 119.94
N ASP G 261 -8.57 -0.83 121.17
CA ASP G 261 -7.65 -1.95 121.37
C ASP G 261 -8.17 -3.21 120.71
N GLU G 262 -9.47 -3.50 120.83
CA GLU G 262 -10.02 -4.65 120.14
C GLU G 262 -10.05 -4.45 118.64
N LEU G 263 -10.29 -3.23 118.19
CA LEU G 263 -10.47 -2.96 116.76
C LEU G 263 -9.16 -3.05 116.00
N TYR G 264 -8.06 -2.59 116.59
CA TYR G 264 -6.79 -2.56 115.89
C TYR G 264 -5.66 -3.29 116.58
N GLY G 265 -5.90 -3.86 117.76
CA GLY G 265 -4.92 -4.69 118.41
C GLY G 265 -3.79 -3.89 119.03
N THR G 266 -3.06 -4.56 119.91
CA THR G 266 -1.82 -4.04 120.46
C THR G 266 -0.68 -4.60 119.60
N TRP G 267 0.56 -4.25 119.90
CA TRP G 267 1.66 -5.00 119.30
C TRP G 267 1.88 -6.33 119.98
N ARG G 268 1.20 -6.58 121.10
CA ARG G 268 1.23 -7.87 121.76
C ARG G 268 0.00 -8.71 121.40
N LYS G 269 -1.16 -8.08 121.29
CA LYS G 269 -2.40 -8.75 120.89
C LYS G 269 -2.89 -8.22 119.56
N ALA G 270 -3.21 -9.13 118.65
CA ALA G 270 -3.84 -8.77 117.40
C ALA G 270 -5.27 -8.30 117.65
N ALA G 271 -5.84 -7.62 116.66
CA ALA G 271 -7.19 -7.10 116.79
C ALA G 271 -8.19 -8.24 116.90
N SER G 272 -9.10 -8.13 117.87
CA SER G 272 -10.11 -9.16 118.09
C SER G 272 -11.37 -8.93 117.27
N LEU G 273 -11.50 -7.78 116.61
CA LEU G 273 -12.66 -7.51 115.77
C LEU G 273 -12.32 -7.58 114.30
N LYS G 274 -11.12 -8.00 113.95
CA LYS G 274 -10.72 -8.12 112.56
C LYS G 274 -10.10 -9.48 112.23
N SER G 275 -9.68 -10.25 113.23
CA SER G 275 -9.42 -11.69 113.13
C SER G 275 -8.18 -12.05 112.32
N ASN G 276 -7.60 -11.09 111.62
CA ASN G 276 -6.33 -11.36 110.95
C ASN G 276 -5.41 -10.16 110.94
N TYR G 277 -5.76 -9.04 111.57
CA TYR G 277 -4.99 -7.82 111.49
C TYR G 277 -4.20 -7.59 112.77
N ASN G 278 -3.04 -6.95 112.64
CA ASN G 278 -2.20 -6.59 113.76
C ASN G 278 -1.60 -5.22 113.49
N LEU G 279 -1.10 -4.60 114.56
CA LEU G 279 -0.49 -3.29 114.41
C LEU G 279 0.78 -3.38 113.58
N PRO G 280 0.95 -2.48 112.61
CA PRO G 280 2.16 -2.50 111.79
C PRO G 280 3.39 -2.14 112.61
N MET G 281 4.54 -2.60 112.14
CA MET G 281 5.79 -2.50 112.89
C MET G 281 6.58 -1.27 112.48
N HIS G 282 7.20 -0.64 113.46
CA HIS G 282 8.08 0.50 113.24
C HIS G 282 9.39 0.00 112.62
N LYS G 283 9.87 0.73 111.61
CA LYS G 283 11.22 0.51 111.11
C LYS G 283 12.24 1.42 111.80
N MET G 284 11.79 2.20 112.78
CA MET G 284 12.69 3.04 113.58
C MET G 284 12.04 3.19 114.95
N ILE G 285 12.58 2.48 115.95
CA ILE G 285 11.99 2.52 117.28
C ILE G 285 12.15 3.90 117.90
N ASN G 286 13.35 4.46 117.84
CA ASN G 286 13.65 5.76 118.42
C ASN G 286 13.82 6.76 117.28
N THR G 287 12.86 7.68 117.15
CA THR G 287 12.90 8.69 116.12
C THR G 287 13.51 10.00 116.59
N ASP G 288 13.99 10.07 117.84
CA ASP G 288 14.62 11.27 118.36
C ASP G 288 16.05 11.32 117.85
N LEU G 289 16.26 12.06 116.77
CA LEU G 289 17.59 12.20 116.20
C LEU G 289 18.53 12.93 117.16
N SER G 290 18.01 13.92 117.88
CA SER G 290 18.86 14.77 118.72
C SER G 290 19.52 13.96 119.83
N ARG G 291 18.76 13.09 120.50
CA ARG G 291 19.32 12.31 121.58
C ARG G 291 20.21 11.18 121.08
N ILE G 292 19.90 10.64 119.90
CA ILE G 292 20.75 9.61 119.30
C ILE G 292 22.12 10.19 118.96
N LEU G 293 22.14 11.38 118.36
CA LEU G 293 23.41 11.97 117.94
C LEU G 293 24.25 12.41 119.13
N LYS G 294 23.61 12.76 120.24
CA LYS G 294 24.33 13.30 121.40
C LYS G 294 24.73 12.22 122.41
N SER G 295 24.46 10.96 122.13
CA SER G 295 24.82 9.91 123.07
C SER G 295 26.34 9.76 123.14
N PRO G 296 26.90 9.47 124.31
CA PRO G 296 28.37 9.38 124.42
C PRO G 296 28.97 8.30 123.55
N GLU G 297 28.29 7.16 123.38
CA GLU G 297 28.84 6.09 122.56
C GLU G 297 28.92 6.49 121.09
N ILE G 298 27.98 7.31 120.62
CA ILE G 298 28.07 7.83 119.26
C ILE G 298 29.21 8.83 119.17
N GLN G 299 29.32 9.73 120.15
CA GLN G 299 30.29 10.81 120.06
C GLN G 299 31.72 10.32 120.20
N ARG G 300 31.94 9.20 120.89
CA ARG G 300 33.28 8.65 120.99
C ARG G 300 33.78 8.15 119.64
N ALA G 301 32.89 7.62 118.81
CA ALA G 301 33.28 7.00 117.55
C ALA G 301 33.46 7.99 116.41
N LEU G 302 33.21 9.28 116.64
CA LEU G 302 33.34 10.27 115.60
C LEU G 302 34.74 10.89 115.60
N ARG G 303 35.20 11.26 114.42
CA ARG G 303 36.39 12.08 114.32
C ARG G 303 36.07 13.52 114.71
N ALA G 304 37.12 14.29 114.94
CA ALA G 304 36.93 15.69 115.32
C ALA G 304 36.29 16.46 114.17
N PRO G 305 35.30 17.31 114.45
CA PRO G 305 34.69 18.10 113.37
C PRO G 305 35.69 19.07 112.77
N ARG G 306 35.57 19.27 111.46
CA ARG G 306 36.44 20.18 110.72
C ARG G 306 35.58 21.38 110.33
N LYS G 307 35.57 22.40 111.20
CA LYS G 307 34.68 23.53 111.05
C LYS G 307 35.35 24.75 110.44
N LYS G 308 36.62 24.66 110.04
CA LYS G 308 37.31 25.78 109.44
C LYS G 308 37.09 25.77 107.93
N ILE G 309 36.70 26.92 107.39
CA ILE G 309 36.42 27.06 105.97
C ILE G 309 37.69 27.46 105.25
N HIS G 310 38.06 26.71 104.21
CA HIS G 310 39.25 26.98 103.42
C HIS G 310 38.80 27.60 102.10
N ARG G 311 38.66 28.92 102.10
CA ARG G 311 38.29 29.62 100.88
C ARG G 311 39.45 29.62 99.89
N ARG G 312 39.16 29.98 98.65
CA ARG G 312 40.18 29.96 97.62
C ARG G 312 41.20 31.07 97.85
N VAL G 313 42.39 30.88 97.29
CA VAL G 313 43.51 31.78 97.50
C VAL G 313 43.92 32.37 96.17
N LEU G 314 43.97 33.69 96.10
CA LEU G 314 44.46 34.36 94.90
C LEU G 314 45.96 34.10 94.75
N LYS G 315 46.38 33.68 93.57
CA LYS G 315 47.78 33.35 93.36
C LYS G 315 48.63 34.60 93.19
N LYS G 316 49.25 35.07 94.26
CA LYS G 316 50.24 36.12 94.13
C LYS G 316 51.47 35.58 93.41
N ASN G 317 51.98 36.36 92.48
CA ASN G 317 53.00 35.85 91.56
C ASN G 317 54.36 35.82 92.25
N PRO G 318 55.00 34.65 92.34
CA PRO G 318 56.44 34.63 92.60
C PRO G 318 57.17 35.18 91.39
N LEU G 319 58.43 35.56 91.60
CA LEU G 319 59.29 36.33 90.71
C LEU G 319 58.84 37.80 90.66
N LYS G 320 57.69 38.15 91.20
CA LYS G 320 57.19 39.50 91.27
C LYS G 320 56.78 39.91 92.67
N ASN G 321 56.36 38.95 93.50
CA ASN G 321 56.09 39.19 94.91
C ASN G 321 57.21 38.55 95.72
N LEU G 322 58.05 39.40 96.33
CA LEU G 322 59.26 38.91 96.97
C LEU G 322 58.93 38.05 98.19
N ARG G 323 58.00 38.49 99.02
CA ARG G 323 57.64 37.71 100.21
C ARG G 323 57.01 36.38 99.83
N ILE G 324 56.20 36.36 98.77
CA ILE G 324 55.62 35.10 98.31
C ILE G 324 56.70 34.15 97.82
N MET G 325 57.68 34.69 97.08
CA MET G 325 58.78 33.86 96.61
C MET G 325 59.59 33.32 97.78
N LEU G 326 59.82 34.13 98.81
CA LEU G 326 60.52 33.65 99.99
C LEU G 326 59.73 32.58 100.70
N LYS G 327 58.41 32.73 100.77
CA LYS G 327 57.57 31.69 101.35
C LYS G 327 57.69 30.37 100.59
N LEU G 328 57.69 30.45 99.26
CA LEU G 328 57.88 29.24 98.46
C LEU G 328 59.32 28.77 98.47
N ASN G 329 60.27 29.70 98.50
CA ASN G 329 61.71 29.37 98.43
C ASN G 329 62.48 30.38 99.26
N PRO G 330 62.78 30.04 100.52
CA PRO G 330 63.53 30.97 101.38
C PRO G 330 64.92 31.29 100.86
N TYR G 331 65.55 30.37 100.12
CA TYR G 331 66.91 30.62 99.64
C TYR G 331 66.95 31.71 98.58
N ALA G 332 65.79 32.07 98.02
CA ALA G 332 65.76 33.13 97.01
C ALA G 332 66.22 34.48 97.56
N LYS G 333 66.10 34.69 98.87
CA LYS G 333 66.56 35.94 99.46
C LYS G 333 68.06 36.11 99.31
N THR G 334 68.83 35.10 99.72
CA THR G 334 70.28 35.22 99.70
C THR G 334 70.84 35.29 98.29
N MET G 335 70.24 34.58 97.34
CA MET G 335 70.68 34.70 95.95
C MET G 335 70.46 36.11 95.43
N ARG G 336 69.29 36.69 95.73
CA ARG G 336 69.01 38.06 95.29
C ARG G 336 69.97 39.06 95.93
N ARG G 337 70.21 38.91 97.23
CA ARG G 337 71.13 39.82 97.92
C ARG G 337 72.55 39.69 97.39
N ASN G 338 73.02 38.47 97.15
CA ASN G 338 74.34 38.27 96.58
C ASN G 338 74.42 38.86 95.18
N THR G 339 73.35 38.71 94.39
CA THR G 339 73.33 39.28 93.05
C THR G 339 73.42 40.80 93.10
N ILE G 340 72.67 41.43 94.00
CA ILE G 340 72.69 42.89 94.08
C ILE G 340 74.05 43.38 94.56
N LEU G 341 74.62 42.71 95.57
CA LEU G 341 75.94 43.11 96.04
C LEU G 341 77.00 42.92 94.96
N ARG G 342 76.93 41.82 94.22
CA ARG G 342 77.86 41.58 93.13
C ARG G 342 77.74 42.64 92.05
N GLN G 343 76.52 43.00 91.70
CA GLN G 343 76.32 44.05 90.69
C GLN G 343 76.83 45.39 91.19
N ALA G 344 76.61 45.72 92.46
CA ALA G 344 77.13 46.97 93.00
C ALA G 344 78.65 47.00 92.98
N ARG G 345 79.28 45.89 93.37
CA ARG G 345 80.74 45.82 93.35
C ARG G 345 81.27 45.93 91.94
N ASN G 346 80.65 45.23 90.99
CA ASN G 346 81.10 45.29 89.60
C ASN G 346 80.91 46.69 89.03
N HIS G 347 79.79 47.34 89.34
CA HIS G 347 79.55 48.69 88.86
C HIS G 347 80.59 49.65 89.42
N LYS G 348 80.89 49.54 90.71
CA LYS G 348 81.90 50.41 91.31
C LYS G 348 83.28 50.16 90.69
N LEU G 349 83.63 48.89 90.47
CA LEU G 349 84.92 48.58 89.86
C LEU G 349 85.02 49.14 88.45
N ARG G 350 83.98 48.97 87.65
CA ARG G 350 84.01 49.47 86.28
C ARG G 350 84.01 51.00 86.24
N VAL G 351 83.28 51.64 87.15
CA VAL G 351 83.28 53.10 87.23
C VAL G 351 84.67 53.60 87.59
N ASP G 352 85.32 52.97 88.58
CA ASP G 352 86.66 53.37 88.97
C ASP G 352 87.66 53.13 87.85
N LYS G 353 87.52 52.02 87.12
CA LYS G 353 88.42 51.73 86.01
C LYS G 353 88.26 52.77 84.90
N ALA G 354 87.02 53.13 84.57
CA ALA G 354 86.79 54.13 83.54
C ALA G 354 87.33 55.50 83.99
N ALA G 355 87.12 55.85 85.26
CA ALA G 355 87.63 57.13 85.76
C ALA G 355 89.16 57.14 85.73
N ALA G 356 89.79 56.03 86.07
CA ALA G 356 91.24 55.94 86.01
C ALA G 356 91.73 56.06 84.57
N ALA G 357 91.02 55.45 83.63
CA ALA G 357 91.40 55.58 82.22
C ALA G 357 91.28 57.02 81.74
N ALA G 358 90.20 57.71 82.14
CA ALA G 358 90.03 59.11 81.77
C ALA G 358 91.12 59.98 82.37
N ALA G 359 91.45 59.75 83.64
CA ALA G 359 92.53 60.51 84.27
C ALA G 359 93.88 60.22 83.62
N ALA G 360 94.12 58.97 83.23
CA ALA G 360 95.36 58.64 82.54
C ALA G 360 95.45 59.32 81.19
N LEU G 361 94.33 59.38 80.46
CA LEU G 361 94.31 60.12 79.20
C LEU G 361 94.56 61.60 79.43
N GLN G 362 93.97 62.17 80.49
CA GLN G 362 94.21 63.57 80.81
C GLN G 362 95.68 63.83 81.14
N ALA G 363 96.30 62.92 81.88
CA ALA G 363 97.71 63.08 82.24
C ALA G 363 98.61 62.93 81.02
N LYS G 364 98.39 61.90 80.21
CA LYS G 364 99.23 61.66 79.05
C LYS G 364 98.95 62.60 77.89
N SER G 365 97.88 63.39 77.98
CA SER G 365 97.63 64.45 77.00
C SER G 365 98.14 65.81 77.46
N ASP G 366 97.99 66.13 78.74
CA ASP G 366 98.46 67.40 79.30
C ASP G 366 99.67 67.19 80.21
N GLU G 367 100.59 66.33 79.80
CA GLU G 367 101.79 66.06 80.61
C GLU G 367 102.73 67.25 80.67
N LYS G 368 102.62 68.19 79.73
CA LYS G 368 103.42 69.41 79.68
C LYS G 368 104.92 69.13 79.68
N GLY H 1 72.48 -26.96 17.55
CA GLY H 1 71.17 -27.52 17.81
C GLY H 1 70.05 -26.72 17.19
N PHE H 2 69.03 -27.42 16.69
CA PHE H 2 67.88 -26.78 16.07
C PHE H 2 66.61 -26.95 16.90
N VAL H 3 66.67 -27.68 17.99
CA VAL H 3 65.63 -27.72 19.00
C VAL H 3 66.04 -26.79 20.13
N LYS H 4 65.05 -26.12 20.73
CA LYS H 4 65.31 -25.26 21.87
C LYS H 4 66.02 -26.03 22.98
N VAL H 5 67.05 -25.41 23.55
CA VAL H 5 67.82 -26.04 24.61
C VAL H 5 66.90 -26.21 25.82
N VAL H 6 66.63 -27.45 26.19
CA VAL H 6 65.71 -27.73 27.29
C VAL H 6 66.28 -27.23 28.60
N LYS H 7 67.53 -27.56 28.89
CA LYS H 7 68.16 -27.22 30.15
C LYS H 7 68.95 -25.92 30.02
N ASN H 8 68.25 -24.85 29.66
CA ASN H 8 68.86 -23.56 29.47
C ASN H 8 69.00 -22.84 30.82
N LYS H 9 69.31 -21.55 30.78
CA LYS H 9 69.48 -20.79 32.01
C LYS H 9 68.18 -20.73 32.81
N ALA H 10 67.05 -20.46 32.13
CA ALA H 10 65.78 -20.34 32.83
C ALA H 10 65.36 -21.65 33.48
N TYR H 11 65.67 -22.78 32.85
CA TYR H 11 65.31 -24.07 33.41
C TYR H 11 65.96 -24.29 34.76
N PHE H 12 67.24 -23.96 34.88
CA PHE H 12 67.91 -24.09 36.17
C PHE H 12 67.53 -22.97 37.13
N LYS H 13 67.14 -21.80 36.62
CA LYS H 13 66.66 -20.74 37.50
C LYS H 13 65.37 -21.14 38.19
N ARG H 14 64.44 -21.75 37.47
CA ARG H 14 63.15 -22.13 38.03
C ARG H 14 63.12 -23.55 38.56
N TYR H 15 64.21 -24.29 38.46
CA TYR H 15 64.22 -25.67 38.92
C TYR H 15 64.10 -25.72 40.44
N GLN H 16 63.17 -26.54 40.93
CA GLN H 16 63.02 -26.78 42.36
C GLN H 16 63.50 -28.19 42.64
N VAL H 17 64.48 -28.31 43.53
CA VAL H 17 65.06 -29.61 43.83
C VAL H 17 64.18 -30.36 44.82
N LYS H 18 64.21 -31.69 44.72
CA LYS H 18 63.52 -32.52 45.70
C LYS H 18 64.38 -32.64 46.96
N PHE H 19 63.86 -33.36 47.95
CA PHE H 19 64.62 -33.60 49.17
C PHE H 19 65.84 -34.44 48.86
N ARG H 20 66.89 -34.25 49.67
CA ARG H 20 68.15 -34.95 49.43
C ARG H 20 67.96 -36.46 49.44
N ARG H 21 67.26 -36.99 50.44
CA ARG H 21 67.01 -38.41 50.48
C ARG H 21 66.04 -38.87 49.40
N ARG H 22 65.16 -37.97 48.93
CA ARG H 22 64.31 -38.31 47.81
C ARG H 22 65.13 -38.42 46.52
N ARG H 23 66.00 -37.44 46.26
CA ARG H 23 66.84 -37.48 45.07
C ARG H 23 67.78 -38.68 45.08
N GLU H 24 68.21 -39.11 46.26
CA GLU H 24 69.08 -40.27 46.35
C GLU H 24 68.32 -41.59 46.25
N GLY H 25 67.00 -41.54 46.14
CA GLY H 25 66.21 -42.76 46.00
C GLY H 25 66.27 -43.66 47.22
N LYS H 26 66.15 -43.08 48.42
CA LYS H 26 66.30 -43.83 49.66
C LYS H 26 65.06 -43.81 50.52
N THR H 27 64.31 -42.70 50.53
CA THR H 27 63.20 -42.51 51.43
C THR H 27 61.93 -42.24 50.65
N ASP H 28 60.85 -42.93 51.00
CA ASP H 28 59.52 -42.64 50.47
C ASP H 28 58.81 -41.78 51.50
N TYR H 29 58.87 -40.46 51.32
CA TYR H 29 58.27 -39.54 52.27
C TYR H 29 56.76 -39.68 52.37
N TYR H 30 56.11 -40.15 51.30
CA TYR H 30 54.67 -40.39 51.38
C TYR H 30 54.34 -41.44 52.42
N ALA H 31 55.14 -42.52 52.47
CA ALA H 31 54.95 -43.51 53.52
C ALA H 31 55.51 -43.04 54.85
N ARG H 32 56.61 -42.28 54.82
CA ARG H 32 57.23 -41.83 56.06
C ARG H 32 56.30 -40.93 56.85
N LYS H 33 55.60 -40.03 56.18
CA LYS H 33 54.70 -39.10 56.87
C LYS H 33 53.59 -39.85 57.59
N ARG H 34 53.05 -40.90 56.97
CA ARG H 34 52.04 -41.71 57.62
C ARG H 34 52.65 -42.67 58.65
N LEU H 35 53.95 -42.93 58.58
CA LEU H 35 54.59 -43.91 59.45
C LEU H 35 55.15 -43.34 60.74
N VAL H 36 55.81 -42.19 60.69
CA VAL H 36 56.61 -41.72 61.81
C VAL H 36 55.93 -40.64 62.65
N ILE H 37 54.77 -40.14 62.22
CA ILE H 37 54.17 -38.97 62.85
C ILE H 37 53.20 -39.43 63.92
N GLN H 38 53.40 -38.93 65.14
CA GLN H 38 52.53 -39.22 66.27
C GLN H 38 51.37 -38.23 66.30
N ASP H 39 50.20 -38.72 66.71
CA ASP H 39 49.06 -37.84 66.90
C ASP H 39 49.36 -36.81 67.98
N LYS H 40 48.94 -35.58 67.73
CA LYS H 40 49.35 -34.47 68.60
C LYS H 40 48.76 -34.57 69.99
N ASN H 41 47.66 -35.31 70.16
CA ASN H 41 47.09 -35.49 71.48
C ASN H 41 47.85 -36.52 72.31
N LYS H 42 48.84 -37.18 71.72
CA LYS H 42 49.75 -38.04 72.48
C LYS H 42 51.06 -37.34 72.82
N TYR H 43 51.28 -36.13 72.31
CA TYR H 43 52.34 -35.22 72.74
C TYR H 43 53.69 -35.87 72.44
N ASN H 44 54.61 -35.98 73.41
CA ASN H 44 55.94 -36.53 73.18
C ASN H 44 56.00 -38.03 73.42
N THR H 45 54.88 -38.72 73.33
CA THR H 45 54.91 -40.17 73.42
C THR H 45 55.53 -40.71 72.14
N PRO H 46 56.63 -41.45 72.22
CA PRO H 46 57.33 -41.87 71.00
C PRO H 46 56.56 -42.95 70.25
N LYS H 47 56.42 -42.75 68.94
CA LYS H 47 55.83 -43.73 68.04
C LYS H 47 56.96 -44.51 67.40
N TYR H 48 57.29 -45.65 67.98
CA TYR H 48 58.43 -46.43 67.53
C TYR H 48 58.11 -47.16 66.23
N ARG H 49 59.09 -47.19 65.33
CA ARG H 49 59.02 -48.00 64.13
C ARG H 49 60.27 -48.84 64.03
N MET H 50 60.15 -49.99 63.36
CA MET H 50 61.27 -50.90 63.14
C MET H 50 61.68 -50.80 61.68
N ILE H 51 62.89 -50.33 61.44
CA ILE H 51 63.39 -50.15 60.08
C ILE H 51 64.14 -51.41 59.65
N VAL H 52 63.78 -51.95 58.49
CA VAL H 52 64.46 -53.08 57.89
C VAL H 52 64.97 -52.65 56.53
N ARG H 53 66.26 -52.89 56.28
CA ARG H 53 66.88 -52.57 55.00
C ARG H 53 67.65 -53.78 54.51
N VAL H 54 67.21 -54.33 53.38
CA VAL H 54 67.89 -55.45 52.75
C VAL H 54 69.03 -54.92 51.90
N THR H 55 70.23 -55.41 52.13
CA THR H 55 71.42 -54.98 51.42
C THR H 55 71.96 -56.16 50.61
N ASN H 56 72.73 -55.85 49.56
CA ASN H 56 73.22 -56.87 48.65
C ASN H 56 74.10 -57.89 49.36
N ARG H 57 74.73 -57.51 50.48
CA ARG H 57 75.49 -58.45 51.27
C ARG H 57 75.22 -58.33 52.77
N ASP H 58 74.11 -57.74 53.17
CA ASP H 58 73.85 -57.51 54.59
C ASP H 58 72.35 -57.31 54.81
N ILE H 59 71.96 -57.40 56.08
CA ILE H 59 70.60 -57.10 56.52
C ILE H 59 70.70 -56.15 57.70
N ILE H 60 69.97 -55.03 57.63
CA ILE H 60 70.00 -54.00 58.66
C ILE H 60 68.62 -53.95 59.31
N CYS H 61 68.59 -54.02 60.64
CA CYS H 61 67.36 -53.92 61.41
C CYS H 61 67.56 -52.89 62.50
N GLN H 62 66.82 -51.79 62.42
CA GLN H 62 66.94 -50.71 63.38
C GLN H 62 65.56 -50.39 63.96
N ILE H 63 65.55 -49.96 65.23
CA ILE H 63 64.35 -49.48 65.88
C ILE H 63 64.59 -48.03 66.25
N ALA H 64 63.71 -47.14 65.80
CA ALA H 64 63.90 -45.72 65.98
C ALA H 64 62.57 -44.99 66.04
N TYR H 65 62.64 -43.74 66.48
CA TYR H 65 61.48 -42.86 66.53
C TYR H 65 61.89 -41.49 66.03
N ALA H 66 60.89 -40.68 65.66
CA ALA H 66 61.16 -39.41 65.00
C ALA H 66 61.40 -38.29 66.01
N ARG H 67 62.39 -37.47 65.72
CA ARG H 67 62.64 -36.21 66.43
C ARG H 67 62.98 -35.12 65.43
N ILE H 68 62.80 -33.88 65.88
CA ILE H 68 62.91 -32.72 64.99
C ILE H 68 64.33 -32.61 64.42
N GLU H 69 65.34 -32.73 65.27
CA GLU H 69 66.72 -32.67 64.82
C GLU H 69 67.14 -33.91 64.05
N GLY H 70 66.35 -34.99 64.07
CA GLY H 70 66.69 -36.21 63.39
C GLY H 70 66.20 -37.43 64.14
N ASP H 71 66.10 -38.57 63.45
CA ASP H 71 65.61 -39.77 64.10
C ASP H 71 66.58 -40.25 65.15
N MET H 72 66.04 -40.75 66.26
CA MET H 72 66.83 -41.28 67.36
C MET H 72 66.72 -42.80 67.33
N ILE H 73 67.86 -43.47 67.15
CA ILE H 73 67.90 -44.92 67.09
C ILE H 73 68.23 -45.46 68.47
N VAL H 74 67.37 -46.35 68.97
CA VAL H 74 67.56 -46.92 70.30
C VAL H 74 68.15 -48.32 70.28
N CYS H 75 68.03 -49.04 69.17
CA CYS H 75 68.59 -50.39 69.07
C CYS H 75 68.79 -50.73 67.60
N ALA H 76 69.89 -51.42 67.32
CA ALA H 76 70.22 -51.81 65.96
C ALA H 76 70.77 -53.23 65.94
N ALA H 77 70.46 -53.96 64.87
CA ALA H 77 70.99 -55.28 64.65
C ALA H 77 71.47 -55.39 63.21
N TYR H 78 72.47 -56.24 62.99
CA TYR H 78 73.04 -56.43 61.67
C TYR H 78 73.23 -57.92 61.41
N ALA H 79 73.28 -58.26 60.12
CA ALA H 79 73.59 -59.64 59.76
C ALA H 79 75.08 -59.92 59.78
N HIS H 80 75.92 -58.90 59.85
CA HIS H 80 77.36 -59.11 59.88
C HIS H 80 77.88 -59.46 61.26
N GLU H 81 77.09 -59.26 62.32
CA GLU H 81 77.47 -59.70 63.65
C GLU H 81 77.01 -61.12 63.96
N LEU H 82 76.18 -61.70 63.08
CA LEU H 82 75.81 -63.10 63.24
C LEU H 82 77.01 -64.05 63.24
N PRO H 83 78.05 -63.89 62.41
CA PRO H 83 79.21 -64.80 62.51
C PRO H 83 79.89 -64.81 63.87
N LYS H 84 79.50 -63.95 64.82
CA LYS H 84 80.05 -64.04 66.16
C LYS H 84 79.70 -65.37 66.82
N TYR H 85 78.52 -65.91 66.53
CA TYR H 85 78.12 -67.20 67.08
C TYR H 85 77.12 -67.86 66.16
N GLY H 86 77.22 -69.18 66.01
CA GLY H 86 76.28 -69.93 65.20
C GLY H 86 76.48 -69.77 63.70
N VAL H 87 75.54 -69.10 63.04
CA VAL H 87 75.58 -68.97 61.59
C VAL H 87 76.73 -68.04 61.19
N LYS H 88 77.47 -68.43 60.16
CA LYS H 88 78.53 -67.61 59.60
C LYS H 88 78.41 -67.40 58.10
N VAL H 89 77.81 -68.34 57.36
CA VAL H 89 77.65 -68.24 55.92
C VAL H 89 76.15 -68.33 55.64
N GLY H 90 75.76 -67.95 54.43
CA GLY H 90 74.37 -67.92 54.09
C GLY H 90 73.65 -66.77 54.75
N LEU H 91 74.29 -65.60 54.74
CA LEU H 91 73.65 -64.37 55.19
C LEU H 91 72.69 -63.90 54.11
N THR H 92 72.18 -62.68 54.27
CA THR H 92 71.32 -61.96 53.30
C THR H 92 70.19 -62.82 52.74
N ASN H 93 69.78 -63.87 53.47
CA ASN H 93 68.65 -64.70 53.07
C ASN H 93 67.56 -64.62 54.13
N TYR H 94 66.48 -65.37 53.89
CA TYR H 94 65.30 -65.27 54.74
C TYR H 94 65.60 -65.71 56.17
N ALA H 95 66.33 -66.82 56.33
CA ALA H 95 66.65 -67.30 57.67
C ALA H 95 67.56 -66.31 58.40
N ALA H 96 68.48 -65.68 57.69
CA ALA H 96 69.30 -64.64 58.31
C ALA H 96 68.45 -63.47 58.75
N ALA H 97 67.45 -63.09 57.95
CA ALA H 97 66.54 -62.03 58.35
C ALA H 97 65.79 -62.39 59.63
N TYR H 98 65.30 -63.63 59.70
CA TYR H 98 64.62 -64.06 60.93
C TYR H 98 65.58 -64.03 62.12
N CYS H 99 66.81 -64.49 61.91
CA CYS H 99 67.79 -64.53 63.00
C CYS H 99 68.11 -63.14 63.50
N THR H 100 68.36 -62.20 62.59
CA THR H 100 68.70 -60.85 63.03
C THR H 100 67.49 -60.14 63.63
N GLY H 101 66.27 -60.47 63.17
CA GLY H 101 65.10 -59.92 63.83
C GLY H 101 64.95 -60.41 65.25
N LEU H 102 65.18 -61.71 65.46
CA LEU H 102 65.14 -62.24 66.81
C LEU H 102 66.22 -61.62 67.69
N LEU H 103 67.42 -61.44 67.13
CA LEU H 103 68.50 -60.83 67.87
C LEU H 103 68.16 -59.39 68.25
N LEU H 104 67.60 -58.63 67.32
CA LEU H 104 67.19 -57.26 67.62
C LEU H 104 66.13 -57.24 68.71
N ALA H 105 65.17 -58.15 68.64
CA ALA H 105 64.11 -58.22 69.64
C ALA H 105 64.69 -58.49 71.02
N ARG H 106 65.55 -59.52 71.12
CA ARG H 106 66.13 -59.86 72.41
C ARG H 106 67.03 -58.75 72.94
N ARG H 107 67.79 -58.10 72.06
CA ARG H 107 68.67 -57.01 72.49
C ARG H 107 67.88 -55.83 73.01
N LEU H 108 66.82 -55.42 72.29
CA LEU H 108 65.99 -54.33 72.75
C LEU H 108 65.31 -54.67 74.07
N LEU H 109 64.86 -55.91 74.20
CA LEU H 109 64.25 -56.33 75.46
C LEU H 109 65.25 -56.29 76.61
N ASN H 110 66.50 -56.69 76.36
CA ASN H 110 67.49 -56.69 77.44
C ASN H 110 67.89 -55.28 77.83
N ARG H 111 68.03 -54.36 76.87
CA ARG H 111 68.37 -53.00 77.23
C ARG H 111 67.28 -52.37 78.10
N PHE H 112 66.02 -52.64 77.77
CA PHE H 112 64.92 -52.23 78.62
C PHE H 112 64.73 -53.14 79.82
N GLY H 113 65.48 -54.24 79.90
CA GLY H 113 65.36 -55.15 81.02
C GLY H 113 64.05 -55.88 81.13
N MET H 114 63.44 -56.25 80.01
CA MET H 114 62.24 -57.07 79.99
C MET H 114 62.59 -58.38 79.31
N ASP H 115 63.18 -59.30 80.09
CA ASP H 115 63.65 -60.57 79.56
C ASP H 115 62.88 -61.75 80.13
N LYS H 116 62.77 -61.84 81.46
CA LYS H 116 61.94 -62.88 82.06
C LYS H 116 60.47 -62.71 81.64
N ILE H 117 59.99 -61.48 81.64
CA ILE H 117 58.67 -61.18 81.11
C ILE H 117 58.75 -61.09 79.59
N TYR H 118 57.71 -61.58 78.92
CA TYR H 118 57.63 -61.60 77.46
C TYR H 118 58.80 -62.37 76.85
N GLU H 119 58.85 -63.67 77.16
CA GLU H 119 59.86 -64.53 76.56
C GLU H 119 59.58 -64.80 75.09
N GLY H 120 58.38 -64.48 74.61
CA GLY H 120 58.05 -64.70 73.22
C GLY H 120 57.89 -66.18 72.90
N GLN H 121 57.86 -66.46 71.60
CA GLN H 121 57.72 -67.84 71.11
C GLN H 121 59.09 -68.49 71.08
N VAL H 122 59.36 -69.30 72.12
CA VAL H 122 60.64 -70.01 72.19
C VAL H 122 60.71 -71.09 71.12
N GLU H 123 59.65 -71.90 71.00
CA GLU H 123 59.60 -72.98 70.02
C GLU H 123 59.20 -72.40 68.67
N VAL H 124 60.13 -72.35 67.74
CA VAL H 124 59.90 -71.68 66.46
C VAL H 124 59.00 -72.55 65.59
N THR H 125 57.85 -71.99 65.22
CA THR H 125 56.99 -72.60 64.22
C THR H 125 56.45 -71.50 63.32
N GLY H 126 56.05 -71.89 62.12
CA GLY H 126 55.62 -70.91 61.14
C GLY H 126 54.29 -70.26 61.40
N ASP H 127 53.50 -70.78 62.34
CA ASP H 127 52.20 -70.20 62.64
C ASP H 127 52.35 -68.84 63.29
N GLU H 128 51.28 -68.05 63.23
CA GLU H 128 51.32 -66.69 63.72
C GLU H 128 51.32 -66.68 65.25
N TYR H 129 51.84 -65.58 65.80
CA TYR H 129 51.95 -65.40 67.24
C TYR H 129 51.96 -63.91 67.53
N ASN H 130 51.35 -63.54 68.65
CA ASN H 130 51.31 -62.14 69.09
C ASN H 130 51.57 -62.11 70.59
N VAL H 131 52.72 -61.57 70.98
CA VAL H 131 53.01 -61.42 72.40
C VAL H 131 52.00 -60.46 73.02
N GLU H 132 51.48 -60.83 74.17
CA GLU H 132 50.37 -60.13 74.80
C GLU H 132 50.85 -59.47 76.08
N SER H 133 50.41 -58.23 76.32
CA SER H 133 50.83 -57.51 77.51
C SER H 133 50.33 -58.18 78.77
N ILE H 134 51.19 -58.23 79.78
CA ILE H 134 50.85 -58.82 81.07
C ILE H 134 50.44 -57.70 82.02
N ASP H 135 49.21 -57.77 82.53
CA ASP H 135 48.74 -56.79 83.49
C ASP H 135 49.51 -56.93 84.81
N GLY H 136 49.69 -55.80 85.49
CA GLY H 136 50.56 -55.75 86.64
C GLY H 136 52.03 -55.75 86.31
N GLN H 137 52.38 -55.63 85.04
CA GLN H 137 53.74 -55.64 84.53
C GLN H 137 53.88 -54.53 83.52
N PRO H 138 55.10 -54.08 83.23
CA PRO H 138 55.29 -53.14 82.12
C PRO H 138 54.80 -53.74 80.82
N GLY H 139 54.14 -52.93 80.01
CA GLY H 139 53.52 -53.42 78.80
C GLY H 139 54.53 -53.88 77.78
N ALA H 140 54.07 -54.79 76.91
CA ALA H 140 54.91 -55.29 75.84
C ALA H 140 55.23 -54.18 74.86
N PHE H 141 56.48 -54.16 74.39
CA PHE H 141 56.91 -53.11 73.48
C PHE H 141 56.19 -53.23 72.15
N THR H 142 55.82 -52.09 71.58
CA THR H 142 55.06 -52.05 70.34
C THR H 142 55.77 -51.13 69.35
N CYS H 143 55.99 -51.64 68.13
CA CYS H 143 56.54 -50.86 67.05
C CYS H 143 55.91 -51.32 65.75
N TYR H 144 56.32 -50.70 64.65
CA TYR H 144 55.75 -50.99 63.34
C TYR H 144 56.85 -51.19 62.31
N LEU H 145 56.55 -52.00 61.30
CA LEU H 145 57.53 -52.34 60.28
C LEU H 145 57.71 -51.17 59.32
N ASP H 146 58.95 -50.84 59.02
CA ASP H 146 59.30 -49.82 58.04
C ASP H 146 59.92 -50.55 56.86
N ALA H 147 59.12 -50.75 55.80
CA ALA H 147 59.56 -51.57 54.68
C ALA H 147 60.39 -50.80 53.67
N GLY H 148 60.38 -49.47 53.71
CA GLY H 148 61.09 -48.71 52.71
C GLY H 148 60.44 -48.89 51.34
N LEU H 149 61.26 -48.84 50.29
CA LEU H 149 60.79 -49.02 48.93
C LEU H 149 60.76 -50.49 48.51
N ALA H 150 61.14 -51.41 49.39
CA ALA H 150 61.11 -52.82 49.05
C ALA H 150 59.67 -53.26 48.77
N ARG H 151 59.49 -53.95 47.66
CA ARG H 151 58.16 -54.37 47.23
C ARG H 151 57.66 -55.45 48.17
N THR H 152 56.60 -55.14 48.92
CA THR H 152 56.10 -56.02 49.96
C THR H 152 55.13 -57.04 49.37
N THR H 153 55.70 -58.01 48.69
CA THR H 153 54.92 -59.16 48.24
C THR H 153 55.06 -60.30 49.23
N THR H 154 54.39 -61.41 48.94
CA THR H 154 54.42 -62.56 49.83
C THR H 154 55.80 -63.18 49.85
N GLY H 155 56.37 -63.30 51.05
CA GLY H 155 57.66 -63.96 51.20
C GLY H 155 58.87 -63.07 51.22
N ASN H 156 58.69 -61.74 51.36
CA ASN H 156 59.84 -60.85 51.43
C ASN H 156 60.61 -61.07 52.72
N LYS H 157 61.93 -60.90 52.64
CA LYS H 157 62.79 -61.09 53.81
C LYS H 157 62.49 -60.08 54.91
N VAL H 158 61.93 -58.92 54.57
CA VAL H 158 61.51 -57.98 55.60
C VAL H 158 60.45 -58.61 56.50
N PHE H 159 59.59 -59.46 55.94
CA PHE H 159 58.60 -60.14 56.74
C PHE H 159 59.23 -61.26 57.58
N GLY H 160 60.31 -61.86 57.11
CA GLY H 160 61.08 -62.75 57.97
C GLY H 160 61.68 -62.02 59.15
N ALA H 161 62.20 -60.82 58.92
CA ALA H 161 62.70 -60.00 60.02
C ALA H 161 61.59 -59.65 61.00
N LEU H 162 60.41 -59.30 60.48
CA LEU H 162 59.26 -59.03 61.34
C LEU H 162 58.88 -60.26 62.15
N LYS H 163 58.89 -61.44 61.52
CA LYS H 163 58.54 -62.66 62.23
C LYS H 163 59.54 -62.94 63.35
N GLY H 164 60.83 -62.75 63.07
CA GLY H 164 61.82 -62.91 64.13
C GLY H 164 61.63 -61.91 65.26
N ALA H 165 61.30 -60.67 64.91
CA ALA H 165 61.08 -59.65 65.93
C ALA H 165 59.88 -59.99 66.81
N VAL H 166 58.77 -60.42 66.20
CA VAL H 166 57.58 -60.72 67.00
C VAL H 166 57.76 -62.03 67.76
N ASP H 167 58.63 -62.91 67.28
CA ASP H 167 58.96 -64.10 68.05
C ASP H 167 59.87 -63.79 69.22
N GLY H 168 60.69 -62.74 69.11
CA GLY H 168 61.53 -62.33 70.22
C GLY H 168 60.78 -61.68 71.37
N GLY H 169 59.58 -61.14 71.11
CA GLY H 169 58.79 -60.58 72.18
C GLY H 169 58.26 -59.18 71.96
N LEU H 170 58.30 -58.71 70.70
CA LEU H 170 57.78 -57.39 70.37
C LEU H 170 56.41 -57.50 69.70
N SER H 171 55.53 -56.56 70.04
CA SER H 171 54.16 -56.53 69.54
C SER H 171 54.12 -55.65 68.30
N ILE H 172 54.29 -56.27 67.14
CA ILE H 172 54.14 -55.59 65.86
C ILE H 172 52.84 -56.09 65.22
N PRO H 173 51.83 -55.24 65.08
CA PRO H 173 50.59 -55.69 64.44
C PRO H 173 50.84 -56.04 62.98
N HIS H 174 50.31 -57.20 62.57
CA HIS H 174 50.57 -57.71 61.23
C HIS H 174 49.56 -58.80 60.92
N SER H 175 49.70 -59.39 59.73
CA SER H 175 48.93 -60.55 59.32
C SER H 175 49.87 -61.51 58.61
N THR H 176 49.39 -62.72 58.37
CA THR H 176 50.17 -63.75 57.72
C THR H 176 50.05 -63.73 56.21
N LYS H 177 49.43 -62.69 55.65
CA LYS H 177 49.19 -62.66 54.21
C LYS H 177 50.48 -62.61 53.41
N ARG H 178 51.56 -62.09 54.00
CA ARG H 178 52.81 -61.91 53.27
C ARG H 178 53.87 -62.92 53.67
N PHE H 179 53.59 -63.80 54.63
CA PHE H 179 54.53 -64.84 54.94
C PHE H 179 54.59 -65.87 53.81
N PRO H 180 55.74 -66.52 53.61
CA PRO H 180 55.85 -67.49 52.51
C PRO H 180 54.85 -68.63 52.59
N GLY H 181 54.39 -68.99 53.79
CA GLY H 181 53.45 -70.08 53.92
C GLY H 181 52.05 -69.77 53.42
N TYR H 182 51.75 -68.50 53.17
CA TYR H 182 50.43 -68.13 52.70
C TYR H 182 50.20 -68.65 51.28
N ASP H 183 49.01 -69.16 51.02
CA ASP H 183 48.60 -69.59 49.70
C ASP H 183 47.68 -68.53 49.11
N SER H 184 48.08 -67.93 47.99
CA SER H 184 47.25 -66.92 47.36
C SER H 184 46.01 -67.51 46.70
N GLU H 185 46.07 -68.76 46.25
CA GLU H 185 44.94 -69.36 45.55
C GLU H 185 43.85 -69.80 46.51
N SER H 186 44.21 -70.56 47.54
CA SER H 186 43.25 -71.03 48.52
C SER H 186 42.99 -70.02 49.62
N LYS H 187 43.67 -68.88 49.61
CA LYS H 187 43.55 -67.84 50.63
C LYS H 187 43.79 -68.41 52.03
N GLU H 188 44.81 -69.28 52.13
CA GLU H 188 45.11 -69.96 53.37
C GLU H 188 46.60 -69.84 53.68
N PHE H 189 46.93 -70.08 54.95
CA PHE H 189 48.30 -70.01 55.44
C PHE H 189 48.75 -71.42 55.84
N ASN H 190 49.87 -71.87 55.26
CA ASN H 190 50.33 -73.23 55.53
C ASN H 190 50.87 -73.37 56.95
N ALA H 191 51.58 -72.35 57.44
CA ALA H 191 52.13 -72.30 58.79
C ALA H 191 53.13 -73.42 59.05
N GLU H 192 53.52 -74.16 58.02
CA GLU H 192 54.55 -75.18 58.12
C GLU H 192 55.73 -74.94 57.20
N VAL H 193 55.48 -74.66 55.92
CA VAL H 193 56.56 -74.30 55.00
C VAL H 193 57.15 -72.94 55.34
N HIS H 194 56.40 -72.08 56.03
CA HIS H 194 56.99 -70.85 56.54
C HIS H 194 58.06 -71.16 57.57
N ARG H 195 57.85 -72.16 58.42
CA ARG H 195 58.89 -72.61 59.33
C ARG H 195 60.06 -73.22 58.56
N LYS H 196 59.78 -73.89 57.44
CA LYS H 196 60.85 -74.40 56.59
C LYS H 196 61.72 -73.27 56.06
N HIS H 197 61.09 -72.18 55.63
CA HIS H 197 61.85 -71.01 55.20
C HIS H 197 62.61 -70.39 56.36
N ILE H 198 62.01 -70.35 57.54
CA ILE H 198 62.67 -69.81 58.72
C ILE H 198 63.90 -70.65 59.06
N MET H 199 63.78 -71.97 58.97
CA MET H 199 64.91 -72.85 59.17
C MET H 199 65.71 -73.06 57.89
N GLY H 200 65.37 -72.34 56.82
CA GLY H 200 66.15 -72.41 55.60
C GLY H 200 66.12 -73.75 54.89
N GLN H 201 64.97 -74.41 54.85
CA GLN H 201 64.89 -75.70 54.19
C GLN H 201 64.97 -75.58 52.68
N ASN H 202 64.51 -74.46 52.13
CA ASN H 202 64.57 -74.28 50.68
C ASN H 202 66.01 -74.18 50.21
N VAL H 203 66.88 -73.52 50.98
CA VAL H 203 68.28 -73.41 50.60
C VAL H 203 68.96 -74.78 50.64
N ALA H 204 68.67 -75.56 51.68
CA ALA H 204 69.23 -76.90 51.77
C ALA H 204 68.74 -77.78 50.63
N ASP H 205 67.45 -77.67 50.29
CA ASP H 205 66.91 -78.41 49.17
C ASP H 205 67.56 -77.97 47.86
N TYR H 206 67.85 -76.69 47.72
CA TYR H 206 68.55 -76.20 46.53
C TYR H 206 69.95 -76.77 46.46
N MET H 207 70.65 -76.83 47.59
CA MET H 207 72.00 -77.39 47.60
C MET H 207 71.99 -78.85 47.20
N ARG H 208 71.12 -79.65 47.82
CA ARG H 208 71.05 -81.06 47.46
C ARG H 208 70.50 -81.27 46.07
N TYR H 209 69.73 -80.30 45.54
CA TYR H 209 69.23 -80.36 44.18
C TYR H 209 70.34 -80.07 43.18
N LEU H 210 71.26 -79.18 43.54
CA LEU H 210 72.40 -78.90 42.69
C LEU H 210 73.43 -80.02 42.75
N MET H 211 73.50 -80.74 43.88
CA MET H 211 74.41 -81.88 43.95
C MET H 211 74.03 -82.97 42.95
N GLU H 212 72.74 -83.29 42.86
CA GLU H 212 72.29 -84.39 42.02
C GLU H 212 72.42 -84.11 40.53
N GLU H 213 72.37 -82.85 40.11
CA GLU H 213 72.30 -82.54 38.69
C GLU H 213 73.59 -81.93 38.16
N ASP H 214 74.08 -80.84 38.75
CA ASP H 214 75.21 -80.11 38.18
C ASP H 214 76.15 -79.76 39.33
N GLU H 215 77.19 -80.56 39.51
CA GLU H 215 78.08 -80.41 40.66
C GLU H 215 78.94 -79.15 40.55
N ASP H 216 79.44 -78.86 39.34
CA ASP H 216 80.23 -77.64 39.16
C ASP H 216 79.42 -76.39 39.43
N ALA H 217 78.15 -76.36 39.03
CA ALA H 217 77.30 -75.24 39.38
C ALA H 217 77.03 -75.17 40.87
N TYR H 218 76.98 -76.33 41.53
CA TYR H 218 76.83 -76.35 42.98
C TYR H 218 78.03 -75.70 43.67
N LYS H 219 79.25 -76.02 43.20
CA LYS H 219 80.43 -75.34 43.72
C LYS H 219 80.43 -73.86 43.37
N LYS H 220 79.96 -73.53 42.17
CA LYS H 220 79.93 -72.14 41.73
C LYS H 220 79.01 -71.30 42.59
N GLN H 221 77.83 -71.82 42.92
CA GLN H 221 76.90 -71.06 43.74
C GLN H 221 77.34 -71.05 45.21
N PHE H 222 77.39 -72.22 45.84
CA PHE H 222 77.66 -72.30 47.27
C PHE H 222 79.14 -72.55 47.53
N SER H 223 79.96 -71.63 47.05
CA SER H 223 81.41 -71.75 47.25
C SER H 223 81.78 -71.54 48.71
N GLN H 224 81.27 -70.47 49.33
CA GLN H 224 81.58 -70.21 50.73
C GLN H 224 80.91 -71.21 51.66
N TYR H 225 79.82 -71.84 51.22
CA TYR H 225 79.23 -72.92 52.01
C TYR H 225 80.20 -74.08 52.19
N ILE H 226 80.94 -74.42 51.13
CA ILE H 226 81.94 -75.48 51.22
C ILE H 226 82.99 -75.12 52.26
N LYS H 227 83.38 -73.85 52.33
CA LYS H 227 84.30 -73.41 53.36
C LYS H 227 83.68 -73.59 54.73
N ASN H 228 84.45 -74.17 55.65
CA ASN H 228 84.02 -74.63 56.97
C ASN H 228 82.99 -75.75 56.90
N SER H 229 82.73 -76.29 55.71
CA SER H 229 81.92 -77.49 55.51
C SER H 229 80.50 -77.33 56.07
N VAL H 230 79.77 -76.38 55.49
CA VAL H 230 78.36 -76.18 55.83
C VAL H 230 77.54 -77.04 54.89
N THR H 231 76.80 -78.01 55.45
CA THR H 231 76.08 -78.99 54.68
C THR H 231 74.57 -78.86 54.91
N PRO H 232 73.75 -79.27 53.94
CA PRO H 232 72.29 -79.07 54.07
C PRO H 232 71.68 -79.74 55.28
N ASP H 233 72.22 -80.86 55.74
CA ASP H 233 71.63 -81.56 56.88
C ASP H 233 71.73 -80.75 58.16
N MET H 234 72.87 -80.10 58.41
CA MET H 234 73.13 -79.42 59.67
C MET H 234 72.81 -77.94 59.64
N MET H 235 72.29 -77.41 58.52
CA MET H 235 71.93 -76.00 58.48
C MET H 235 70.78 -75.68 59.43
N GLU H 236 69.76 -76.54 59.46
CA GLU H 236 68.63 -76.31 60.35
C GLU H 236 69.05 -76.37 61.81
N GLU H 237 69.90 -77.33 62.15
CA GLU H 237 70.45 -77.40 63.50
C GLU H 237 71.29 -76.16 63.81
N MET H 238 72.03 -75.67 62.82
CA MET H 238 72.81 -74.45 63.00
C MET H 238 71.89 -73.28 63.33
N TYR H 239 70.77 -73.16 62.62
CA TYR H 239 69.83 -72.09 62.90
C TYR H 239 69.19 -72.24 64.27
N LYS H 240 68.87 -73.47 64.66
CA LYS H 240 68.28 -73.71 65.98
C LYS H 240 69.23 -73.28 67.09
N LYS H 241 70.49 -73.72 67.01
CA LYS H 241 71.42 -73.34 68.06
C LYS H 241 71.81 -71.88 67.98
N ALA H 242 71.74 -71.27 66.79
CA ALA H 242 71.93 -69.83 66.69
C ALA H 242 70.82 -69.08 67.41
N HIS H 243 69.57 -69.53 67.23
CA HIS H 243 68.46 -68.92 67.96
C HIS H 243 68.64 -69.09 69.46
N ALA H 244 69.07 -70.27 69.90
CA ALA H 244 69.30 -70.49 71.33
C ALA H 244 70.39 -69.57 71.86
N ALA H 245 71.48 -69.41 71.09
CA ALA H 245 72.55 -68.51 71.50
C ALA H 245 72.07 -67.07 71.55
N ILE H 246 71.19 -66.68 70.63
CA ILE H 246 70.61 -65.33 70.65
C ILE H 246 69.81 -65.14 71.92
N ARG H 247 69.00 -66.14 72.28
CA ARG H 247 68.24 -66.07 73.54
C ARG H 247 69.15 -66.01 74.75
N GLU H 248 70.32 -66.64 74.68
CA GLU H 248 71.20 -66.68 75.85
C GLU H 248 71.86 -65.32 76.07
N ASN H 249 72.38 -64.68 75.03
CA ASN H 249 73.10 -63.42 75.16
C ASN H 249 72.87 -62.57 73.92
N PRO H 250 72.02 -61.55 74.00
CA PRO H 250 71.80 -60.67 72.85
C PRO H 250 72.65 -59.41 72.90
N VAL H 251 73.41 -59.24 73.97
CA VAL H 251 74.09 -57.97 74.20
C VAL H 251 75.19 -57.76 73.17
N TYR H 252 75.17 -56.60 72.53
CA TYR H 252 76.22 -56.20 71.60
C TYR H 252 77.31 -55.44 72.34
N GLU H 253 78.55 -55.71 71.98
CA GLU H 253 79.69 -54.94 72.46
C GLU H 253 80.43 -54.37 71.25
N LYS H 254 80.93 -53.16 71.41
CA LYS H 254 81.61 -52.50 70.31
C LYS H 254 83.08 -52.92 70.26
N LYS H 255 83.68 -52.75 69.09
CA LYS H 255 85.07 -53.09 68.90
C LYS H 255 85.91 -51.83 68.95
N PRO H 256 87.03 -51.83 69.70
CA PRO H 256 87.82 -50.60 69.83
C PRO H 256 88.87 -50.46 68.73
N LYS H 257 88.99 -49.23 68.22
CA LYS H 257 90.04 -48.91 67.26
C LYS H 257 90.32 -47.42 67.36
N LYS H 258 91.43 -47.05 67.98
CA LYS H 258 91.82 -45.66 68.12
C LYS H 258 93.26 -45.39 67.70
N GLU H 259 94.06 -46.42 67.45
CA GLU H 259 95.44 -46.24 67.03
C GLU H 259 95.56 -46.00 65.53
N VAL H 260 94.76 -45.06 65.03
CA VAL H 260 94.71 -44.73 63.61
C VAL H 260 95.25 -43.32 63.43
N LYS H 261 96.28 -43.19 62.60
CA LYS H 261 96.80 -41.87 62.25
C LYS H 261 95.77 -41.11 61.43
N LYS H 262 95.70 -39.80 61.66
CA LYS H 262 94.75 -38.92 60.97
C LYS H 262 95.27 -38.66 59.56
N LYS H 263 95.02 -39.61 58.66
CA LYS H 263 95.45 -39.52 57.27
C LYS H 263 94.27 -39.17 56.38
N ARG H 264 94.48 -38.19 55.51
CA ARG H 264 93.45 -37.67 54.63
C ARG H 264 93.56 -38.35 53.26
N TRP H 265 92.47 -38.96 52.81
CA TRP H 265 92.44 -39.68 51.54
C TRP H 265 91.72 -38.93 50.44
N ASN H 266 91.26 -37.71 50.69
CA ASN H 266 90.55 -36.92 49.69
C ASN H 266 91.28 -35.61 49.45
N ARG H 267 91.23 -35.16 48.20
CA ARG H 267 91.91 -33.91 47.85
C ARG H 267 91.25 -32.74 48.58
N PRO H 268 92.00 -31.91 49.26
CA PRO H 268 91.41 -30.73 49.90
C PRO H 268 90.92 -29.73 48.87
N LYS H 269 89.88 -28.99 49.25
CA LYS H 269 89.30 -28.00 48.35
C LYS H 269 90.29 -26.87 48.09
N MET H 270 90.45 -26.52 46.82
CA MET H 270 91.41 -25.49 46.43
C MET H 270 90.94 -24.11 46.86
N SER H 271 91.91 -23.23 47.13
CA SER H 271 91.62 -21.88 47.58
C SER H 271 91.39 -20.95 46.38
N LEU H 272 90.90 -19.76 46.69
CA LEU H 272 90.66 -18.75 45.66
C LEU H 272 91.96 -18.33 44.96
N ALA H 273 93.02 -18.11 45.73
CA ALA H 273 94.28 -17.69 45.15
C ALA H 273 94.83 -18.75 44.19
N GLN H 274 94.67 -20.03 44.54
CA GLN H 274 95.13 -21.09 43.66
C GLN H 274 94.35 -21.11 42.36
N LYS H 275 93.03 -20.87 42.43
CA LYS H 275 92.22 -20.82 41.22
C LYS H 275 92.64 -19.64 40.33
N LYS H 276 92.86 -18.47 40.94
CA LYS H 276 93.32 -17.33 40.14
C LYS H 276 94.70 -17.59 39.55
N ASP H 277 95.56 -18.28 40.30
CA ASP H 277 96.87 -18.65 39.79
C ASP H 277 96.75 -19.57 38.58
N ARG H 278 95.83 -20.54 38.65
CA ARG H 278 95.64 -21.45 37.52
C ARG H 278 95.10 -20.71 36.31
N VAL H 279 94.18 -19.76 36.53
CA VAL H 279 93.66 -18.97 35.43
C VAL H 279 94.77 -18.16 34.77
N ALA H 280 95.62 -17.51 35.57
CA ALA H 280 96.72 -16.73 35.02
C ALA H 280 97.70 -17.62 34.29
N GLN H 281 98.00 -18.80 34.84
CA GLN H 281 98.91 -19.72 34.17
C GLN H 281 98.36 -20.18 32.83
N LYS H 282 97.06 -20.50 32.77
CA LYS H 282 96.46 -20.91 31.51
C LYS H 282 96.50 -19.78 30.49
N LYS H 283 96.21 -18.54 30.92
CA LYS H 283 96.28 -17.41 30.00
C LYS H 283 97.69 -17.23 29.48
N ALA H 284 98.69 -17.29 30.36
CA ALA H 284 100.07 -17.10 29.95
C ALA H 284 100.52 -18.21 29.01
N SER H 285 100.14 -19.45 29.30
CA SER H 285 100.52 -20.57 28.44
C SER H 285 99.87 -20.45 27.06
N PHE H 286 98.61 -20.04 27.00
CA PHE H 286 97.95 -19.92 25.72
C PHE H 286 98.56 -18.78 24.90
N LEU H 287 98.87 -17.66 25.56
CA LEU H 287 99.55 -16.57 24.88
C LEU H 287 100.93 -16.98 24.40
N ARG H 288 101.64 -17.79 25.20
CA ARG H 288 102.94 -18.30 24.77
C ARG H 288 102.81 -19.17 23.54
N ALA H 289 101.81 -20.07 23.54
CA ALA H 289 101.58 -20.93 22.39
C ALA H 289 101.26 -20.11 21.15
N GLN H 290 100.52 -19.02 21.31
CA GLN H 290 100.27 -18.12 20.18
C GLN H 290 101.57 -17.47 19.70
N GLU H 291 102.33 -16.87 20.62
CA GLU H 291 103.47 -16.06 20.19
C GLU H 291 104.62 -16.90 19.65
N ARG H 292 104.69 -18.19 19.99
CA ARG H 292 105.66 -19.04 19.31
C ARG H 292 105.35 -19.18 17.83
N ALA H 293 104.07 -19.20 17.48
CA ALA H 293 103.61 -19.27 16.08
C ALA H 293 104.19 -20.47 15.33
N LYS I 1 64.85 48.00 131.06
CA LYS I 1 64.67 48.33 129.65
C LYS I 1 65.92 49.00 129.08
N GLY I 2 66.15 48.76 127.79
CA GLY I 2 67.33 49.32 127.14
C GLY I 2 66.98 50.40 126.13
N LYS I 3 67.93 51.28 125.85
CA LYS I 3 67.68 52.34 124.88
C LYS I 3 67.54 51.78 123.48
N PRO I 4 66.57 52.24 122.69
CA PRO I 4 66.46 51.79 121.31
C PRO I 4 67.67 52.16 120.49
N HIS I 5 68.04 51.25 119.60
CA HIS I 5 69.18 51.40 118.71
C HIS I 5 68.71 51.52 117.27
N CYS I 6 69.63 51.90 116.39
CA CYS I 6 69.34 51.87 114.97
C CYS I 6 69.18 50.42 114.50
N SER I 7 68.73 50.26 113.26
CA SER I 7 68.41 48.94 112.74
C SER I 7 69.64 48.04 112.68
N ARG I 8 70.82 48.62 112.48
CA ARG I 8 72.08 47.88 112.38
C ARG I 8 72.10 46.91 111.19
N ASN I 9 71.04 46.92 110.40
CA ASN I 9 70.92 46.08 109.21
C ASN I 9 70.47 46.99 108.08
N PRO I 10 71.41 47.65 107.40
CA PRO I 10 71.03 48.62 106.37
C PRO I 10 70.26 47.97 105.23
N VAL I 11 69.33 48.72 104.68
CA VAL I 11 68.57 48.25 103.53
C VAL I 11 69.25 48.74 102.26
N LEU I 12 69.27 47.90 101.24
CA LEU I 12 69.80 48.24 99.94
C LEU I 12 68.74 48.21 98.85
N VAL I 13 67.77 47.30 98.97
CA VAL I 13 66.55 47.30 98.20
C VAL I 13 65.42 47.06 99.21
N ARG I 14 64.27 47.68 98.96
CA ARG I 14 63.14 47.55 99.87
C ARG I 14 62.78 46.09 100.11
N GLY I 15 62.72 45.71 101.39
CA GLY I 15 62.42 44.35 101.77
C GLY I 15 63.61 43.44 101.94
N ILE I 16 64.81 43.89 101.59
CA ILE I 16 66.02 43.08 101.72
C ILE I 16 67.05 43.86 102.53
N GLY I 17 67.57 43.22 103.58
CA GLY I 17 68.65 43.80 104.35
C GLY I 17 70.02 43.52 103.75
N ARG I 18 71.00 44.32 104.16
CA ARG I 18 72.35 44.17 103.61
C ARG I 18 73.07 42.96 104.17
N TYR I 19 72.73 42.53 105.37
CA TYR I 19 73.45 41.45 106.03
C TYR I 19 72.56 40.21 106.15
N SER I 20 73.18 39.05 106.20
CA SER I 20 72.47 37.79 106.26
C SER I 20 72.09 37.47 107.70
N ARG I 21 71.60 36.25 107.93
CA ARG I 21 71.12 35.87 109.25
C ARG I 21 72.26 35.76 110.26
N SER I 22 73.31 35.04 109.91
CA SER I 22 74.42 34.86 110.84
C SER I 22 75.18 36.16 111.04
N ALA I 23 75.26 36.99 110.00
CA ALA I 23 75.92 38.28 110.13
C ALA I 23 75.20 39.15 111.16
N MET I 24 73.88 39.23 111.08
CA MET I 24 73.13 40.02 112.06
C MET I 24 73.15 39.35 113.44
N TYR I 25 73.19 38.02 113.47
CA TYR I 25 73.28 37.31 114.74
C TYR I 25 74.58 37.67 115.46
N SER I 26 75.69 37.73 114.74
CA SER I 26 76.94 38.15 115.34
C SER I 26 76.95 39.64 115.66
N ARG I 27 76.36 40.47 114.78
CA ARG I 27 76.34 41.90 115.01
C ARG I 27 75.50 42.26 116.22
N LYS I 28 74.41 41.51 116.47
CA LYS I 28 73.58 41.73 117.63
C LYS I 28 74.14 41.09 118.90
N ALA I 29 75.19 40.28 118.77
CA ALA I 29 75.73 39.48 119.88
C ALA I 29 74.64 38.64 120.54
N MET I 30 73.83 38.01 119.70
CA MET I 30 72.79 37.12 120.19
C MET I 30 73.36 35.88 120.88
N TYR I 31 74.63 35.57 120.66
CA TYR I 31 75.27 34.45 121.34
C TYR I 31 75.32 34.67 122.85
N LYS I 32 75.28 35.91 123.31
CA LYS I 32 75.25 36.18 124.74
C LYS I 32 73.92 36.70 125.23
N ARG I 33 73.05 37.19 124.35
CA ARG I 33 71.71 37.61 124.75
C ARG I 33 70.75 36.44 124.63
N LYS I 34 70.89 35.52 125.56
CA LYS I 34 70.10 34.29 125.58
C LYS I 34 69.24 34.27 126.84
N TYR I 35 67.95 34.00 126.67
CA TYR I 35 67.00 34.00 127.76
C TYR I 35 66.24 32.68 127.76
N SER I 36 65.95 32.17 128.95
CA SER I 36 65.26 30.90 129.10
C SER I 36 63.86 31.06 129.69
N ALA I 37 63.75 31.68 130.86
CA ALA I 37 62.48 31.86 131.54
C ALA I 37 62.61 33.04 132.50
N ALA I 38 61.62 33.18 133.38
CA ALA I 38 61.63 34.26 134.37
C ALA I 38 62.46 33.87 135.58
N LYS I 49 42.96 43.65 135.14
CA LYS I 49 43.63 44.90 134.87
C LYS I 49 42.67 46.08 134.86
N VAL I 50 41.81 46.14 133.85
CA VAL I 50 40.86 47.23 133.69
C VAL I 50 39.76 47.08 134.75
N LEU I 51 39.47 48.18 135.44
CA LEU I 51 38.40 48.19 136.43
C LEU I 51 37.07 48.42 135.71
N ALA I 52 36.39 47.33 135.36
CA ALA I 52 35.10 47.45 134.70
C ALA I 52 34.02 47.96 135.66
N THR I 53 34.10 47.55 136.92
CA THR I 53 33.12 47.93 137.94
C THR I 53 33.80 48.80 138.99
N VAL I 54 33.08 49.80 139.48
CA VAL I 54 33.58 50.73 140.49
C VAL I 54 32.61 50.73 141.67
N THR I 55 33.17 50.70 142.88
CA THR I 55 32.37 50.76 144.10
C THR I 55 32.19 52.22 144.50
N LYS I 56 30.93 52.64 144.66
CA LYS I 56 30.64 54.03 144.98
C LYS I 56 29.72 54.10 146.20
N PRO I 57 29.99 55.02 147.13
CA PRO I 57 29.06 55.22 148.25
C PRO I 57 27.71 55.74 147.75
N VAL I 58 26.67 54.92 147.92
CA VAL I 58 25.37 55.25 147.35
C VAL I 58 24.75 56.45 148.07
N GLY I 59 24.98 56.56 149.37
CA GLY I 59 24.36 57.61 150.16
C GLY I 59 22.97 57.21 150.64
N GLY I 60 22.54 57.90 151.69
CA GLY I 60 21.26 57.61 152.31
C GLY I 60 21.32 56.40 153.23
N ASP I 61 20.55 56.44 154.32
CA ASP I 61 20.55 55.33 155.26
C ASP I 61 19.89 54.10 154.64
N LYS I 62 20.32 52.92 155.12
CA LYS I 62 19.85 51.60 154.71
C LYS I 62 19.62 51.48 153.20
N ASN I 63 20.49 52.11 152.42
CA ASN I 63 20.60 51.86 150.99
C ASN I 63 21.73 50.91 150.66
N GLY I 64 22.09 50.03 151.60
CA GLY I 64 23.30 49.27 151.47
C GLY I 64 24.50 50.15 151.76
N GLY I 65 25.64 49.49 151.91
CA GLY I 65 26.87 50.23 152.13
C GLY I 65 27.23 51.06 150.92
N THR I 66 27.40 50.38 149.78
CA THR I 66 27.75 51.01 148.52
C THR I 66 26.97 50.35 147.41
N ARG I 67 27.37 50.61 146.18
CA ARG I 67 26.85 49.92 144.99
C ARG I 67 28.01 49.42 144.16
N VAL I 68 27.78 48.28 143.49
CA VAL I 68 28.73 47.75 142.52
C VAL I 68 28.29 48.30 141.16
N VAL I 69 28.72 49.51 140.84
CA VAL I 69 28.38 50.16 139.59
C VAL I 69 29.42 49.80 138.55
N LYS I 70 28.99 49.21 137.45
CA LYS I 70 29.90 48.84 136.37
C LYS I 70 29.86 49.89 135.28
N LEU I 71 30.96 49.98 134.54
CA LEU I 71 31.03 50.84 133.37
C LEU I 71 30.50 50.09 132.15
N ARG I 72 30.04 50.86 131.16
CA ARG I 72 29.64 50.32 129.86
C ARG I 72 28.53 49.27 130.00
N LYS I 73 27.38 49.76 130.46
CA LYS I 73 26.22 48.90 130.66
C LYS I 73 25.81 48.22 129.36
N MET I 74 25.02 47.16 129.51
CA MET I 74 24.58 46.37 128.36
C MET I 74 23.68 47.21 127.46
N PRO I 75 23.71 46.95 126.15
CA PRO I 75 22.87 47.74 125.22
C PRO I 75 21.40 47.59 125.53
N ARG I 76 20.67 48.70 125.40
CA ARG I 76 19.25 48.72 125.68
C ARG I 76 18.42 48.10 124.56
N TYR I 77 18.84 48.26 123.31
CA TYR I 77 18.09 47.79 122.16
C TYR I 77 19.03 47.06 121.22
N TYR I 78 18.50 46.03 120.55
CA TYR I 78 19.27 45.26 119.60
C TYR I 78 18.56 45.28 118.24
N PRO I 79 19.24 45.65 117.17
CA PRO I 79 18.62 45.60 115.85
C PRO I 79 18.28 44.18 115.46
N THR I 80 17.28 44.06 114.58
CA THR I 80 16.75 42.75 114.21
C THR I 80 17.79 41.87 113.54
N GLU I 81 18.74 42.45 112.80
CA GLU I 81 19.79 41.67 112.17
C GLU I 81 20.99 42.57 111.94
N ASP I 82 22.17 41.97 111.93
CA ASP I 82 23.43 42.68 111.74
C ASP I 82 24.18 42.10 110.55
N VAL I 83 25.38 42.64 110.32
CA VAL I 83 26.26 42.22 109.24
C VAL I 83 27.49 41.61 109.89
N PRO I 84 27.96 40.45 109.45
CA PRO I 84 29.18 39.88 110.02
C PRO I 84 30.39 40.76 109.75
N ARG I 85 31.35 40.69 110.68
CA ARG I 85 32.51 41.56 110.63
C ARG I 85 33.39 41.24 109.42
N LYS I 86 34.23 42.20 109.05
CA LYS I 86 35.08 42.06 107.89
C LYS I 86 36.29 41.19 108.22
N LEU I 87 37.00 40.79 107.17
CA LEU I 87 38.25 40.07 107.34
C LEU I 87 39.40 41.05 107.55
N LEU I 88 40.62 40.52 107.59
CA LEU I 88 41.80 41.30 107.87
C LEU I 88 42.67 41.39 106.62
N SER I 89 43.10 42.60 106.28
CA SER I 89 43.72 42.86 104.99
C SER I 89 45.22 43.12 105.04
N HIS I 90 45.83 43.06 106.23
CA HIS I 90 47.28 43.17 106.43
C HIS I 90 47.89 44.38 105.70
N GLY I 91 47.08 45.41 105.52
CA GLY I 91 47.50 46.58 104.80
C GLY I 91 46.38 47.58 104.69
N LYS I 92 46.29 48.27 103.55
CA LYS I 92 45.29 49.30 103.30
C LYS I 92 45.29 50.35 104.41
N LYS I 93 46.46 50.94 104.61
CA LYS I 93 46.67 51.91 105.67
C LYS I 93 45.87 53.16 105.41
N PRO I 94 45.49 53.89 106.46
CA PRO I 94 44.76 55.15 106.28
C PRO I 94 45.61 56.19 105.56
N PHE I 95 44.91 57.15 104.96
CA PHE I 95 45.58 58.11 104.08
C PHE I 95 46.62 58.94 104.80
N SER I 96 46.42 59.19 106.10
CA SER I 96 47.40 59.94 106.87
C SER I 96 48.73 59.20 106.99
N GLN I 97 48.75 57.88 106.84
CA GLN I 97 49.98 57.11 106.90
C GLN I 97 50.53 56.75 105.53
N HIS I 98 49.90 57.20 104.45
CA HIS I 98 50.43 56.92 103.12
C HIS I 98 51.73 57.66 102.88
N VAL I 99 52.61 57.04 102.11
CA VAL I 99 53.86 57.67 101.72
C VAL I 99 53.57 58.72 100.65
N ARG I 100 54.23 59.87 100.76
CA ARG I 100 54.00 60.97 99.83
C ARG I 100 55.11 61.02 98.81
N LYS I 101 54.76 60.81 97.54
CA LYS I 101 55.71 60.79 96.45
C LYS I 101 55.71 62.13 95.74
N LEU I 102 56.88 62.53 95.22
CA LEU I 102 57.06 63.79 94.53
C LEU I 102 57.75 63.55 93.19
N ARG I 103 57.28 64.23 92.15
CA ARG I 103 57.92 64.13 90.85
C ARG I 103 59.31 64.76 90.90
N ALA I 104 60.27 64.11 90.24
CA ALA I 104 61.65 64.56 90.28
C ALA I 104 61.85 65.90 89.60
N SER I 105 61.02 66.26 88.63
CA SER I 105 61.13 67.53 87.94
C SER I 105 60.77 68.72 88.82
N ILE I 106 60.17 68.49 89.98
CA ILE I 106 59.74 69.56 90.87
C ILE I 106 60.70 69.62 92.04
N THR I 107 61.37 70.76 92.19
CA THR I 107 62.24 71.08 93.31
C THR I 107 61.82 72.41 93.89
N PRO I 108 62.17 72.70 95.15
CA PRO I 108 61.85 74.01 95.72
C PRO I 108 62.45 75.14 94.89
N GLY I 109 61.58 76.03 94.41
CA GLY I 109 61.94 77.09 93.49
C GLY I 109 61.47 76.89 92.07
N THR I 110 60.90 75.73 91.75
CA THR I 110 60.44 75.46 90.40
C THR I 110 59.18 76.28 90.09
N ILE I 111 59.12 76.82 88.89
CA ILE I 111 57.93 77.52 88.43
C ILE I 111 56.92 76.49 87.91
N LEU I 112 55.69 76.56 88.41
CA LEU I 112 54.64 75.63 88.02
C LEU I 112 53.55 76.35 87.25
N ILE I 113 52.75 75.57 86.53
CA ILE I 113 51.65 76.10 85.74
C ILE I 113 50.37 75.39 86.19
N ILE I 114 49.41 76.17 86.67
CA ILE I 114 48.18 75.60 87.21
C ILE I 114 47.27 75.20 86.06
N LEU I 115 46.54 74.08 86.24
CA LEU I 115 45.70 73.52 85.19
C LEU I 115 44.22 73.53 85.52
N THR I 116 43.85 73.75 86.78
CA THR I 116 42.45 73.85 87.18
C THR I 116 42.28 75.02 88.12
N GLY I 117 41.08 75.14 88.69
CA GLY I 117 40.78 76.22 89.61
C GLY I 117 40.58 77.53 88.88
N ARG I 118 40.24 78.56 89.67
CA ARG I 118 40.07 79.89 89.10
C ARG I 118 41.39 80.49 88.66
N HIS I 119 42.51 79.93 89.10
CA HIS I 119 43.84 80.39 88.73
C HIS I 119 44.40 79.62 87.55
N ARG I 120 43.53 79.18 86.65
CA ARG I 120 43.93 78.32 85.54
C ARG I 120 44.87 79.06 84.59
N GLY I 121 45.94 78.38 84.18
CA GLY I 121 46.88 78.95 83.24
C GLY I 121 47.88 79.90 83.84
N LYS I 122 47.82 80.16 85.13
CA LYS I 122 48.78 81.05 85.77
C LYS I 122 50.07 80.32 86.08
N ARG I 123 51.13 81.08 86.30
CA ARG I 123 52.44 80.54 86.62
C ARG I 123 52.79 80.93 88.06
N VAL I 124 53.09 79.93 88.88
CA VAL I 124 53.27 80.12 90.31
C VAL I 124 54.66 79.62 90.70
N VAL I 125 55.00 79.86 91.97
CA VAL I 125 56.30 79.50 92.53
C VAL I 125 56.09 78.44 93.59
N PHE I 126 56.74 77.29 93.42
CA PHE I 126 56.63 76.18 94.36
C PHE I 126 57.45 76.46 95.61
N LEU I 127 56.93 76.07 96.76
CA LEU I 127 57.65 76.26 98.03
C LEU I 127 58.04 74.94 98.68
N LYS I 128 57.06 74.08 99.00
CA LYS I 128 57.37 72.84 99.70
C LYS I 128 56.21 71.88 99.54
N GLN I 129 56.49 70.61 99.84
CA GLN I 129 55.44 69.60 99.92
C GLN I 129 54.89 69.53 101.34
N LEU I 130 53.57 69.51 101.45
CA LEU I 130 52.94 69.53 102.75
C LEU I 130 52.72 68.11 103.27
N ALA I 131 51.97 68.00 104.37
CA ALA I 131 51.77 66.71 105.01
C ALA I 131 50.97 65.75 104.14
N SER I 132 49.98 66.25 103.41
CA SER I 132 49.14 65.41 102.55
C SER I 132 49.71 65.28 101.15
N GLY I 133 50.88 65.85 100.89
CA GLY I 133 51.49 65.82 99.58
C GLY I 133 51.07 66.95 98.68
N LEU I 134 50.12 67.79 99.10
CA LEU I 134 49.72 68.92 98.30
C LEU I 134 50.81 69.97 98.29
N LEU I 135 51.14 70.48 97.11
CA LEU I 135 52.16 71.52 97.01
C LEU I 135 51.59 72.87 97.45
N LEU I 136 52.32 73.54 98.33
CA LEU I 136 51.99 74.90 98.74
C LEU I 136 52.75 75.85 97.83
N VAL I 137 52.02 76.63 97.04
CA VAL I 137 52.63 77.52 96.06
C VAL I 137 52.05 78.91 96.22
N THR I 138 52.82 79.90 95.80
CA THR I 138 52.33 81.27 95.69
C THR I 138 53.19 82.04 94.68
N GLY I 139 52.68 82.17 93.47
CA GLY I 139 53.14 83.22 92.60
C GLY I 139 52.61 84.50 93.19
N PRO I 140 53.51 85.42 93.55
CA PRO I 140 53.16 86.46 94.53
C PRO I 140 51.92 87.25 94.16
N LEU I 141 51.10 87.53 95.17
CA LEU I 141 49.78 88.14 94.93
C LEU I 141 49.92 89.51 94.28
N VAL I 142 51.05 90.19 94.50
CA VAL I 142 51.33 91.44 93.81
C VAL I 142 51.70 91.24 92.35
N LEU I 143 51.90 89.99 91.92
CA LEU I 143 52.29 89.69 90.54
C LEU I 143 51.15 89.11 89.73
N ASN I 144 50.54 88.02 90.21
CA ASN I 144 49.50 87.35 89.44
C ASN I 144 48.35 86.86 90.32
N ARG I 145 48.13 87.49 91.48
CA ARG I 145 46.93 87.28 92.30
C ARG I 145 46.78 85.83 92.75
N VAL I 146 47.90 85.18 93.09
CA VAL I 146 47.87 83.81 93.58
C VAL I 146 48.44 83.82 95.00
N PRO I 147 47.62 83.80 96.03
CA PRO I 147 48.16 83.81 97.40
C PRO I 147 48.75 82.47 97.80
N LEU I 148 49.15 82.35 99.06
CA LEU I 148 49.52 81.06 99.61
C LEU I 148 48.36 80.09 99.47
N ARG I 149 48.51 79.10 98.60
CA ARG I 149 47.40 78.24 98.24
C ARG I 149 47.92 76.84 97.98
N ARG I 150 47.14 75.83 98.38
CA ARG I 150 47.51 74.46 98.11
C ARG I 150 47.15 74.09 96.66
N THR I 151 47.82 73.05 96.17
CA THR I 151 47.52 72.50 94.86
C THR I 151 48.04 71.07 94.81
N HIS I 152 47.62 70.34 93.79
CA HIS I 152 47.97 68.95 93.63
C HIS I 152 49.04 68.83 92.55
N GLN I 153 50.08 68.03 92.82
CA GLN I 153 51.20 67.93 91.89
C GLN I 153 50.79 67.31 90.56
N LYS I 154 49.70 66.55 90.53
CA LYS I 154 49.29 65.91 89.29
C LYS I 154 48.67 66.91 88.33
N PHE I 155 48.19 68.05 88.84
CA PHE I 155 47.50 69.05 88.03
C PHE I 155 48.35 70.29 87.78
N VAL I 156 49.67 70.16 87.86
CA VAL I 156 50.58 71.25 87.54
C VAL I 156 51.69 70.72 86.63
N ILE I 157 52.28 71.64 85.88
CA ILE I 157 53.35 71.34 84.94
C ILE I 157 54.60 72.06 85.41
N ALA I 158 55.68 71.30 85.62
CA ALA I 158 56.92 71.84 86.14
C ALA I 158 57.77 72.35 84.99
N THR I 159 58.00 73.65 84.96
CA THR I 159 58.88 74.23 83.96
C THR I 159 60.34 74.04 84.36
N SER I 160 61.24 74.25 83.41
CA SER I 160 62.66 74.08 83.70
C SER I 160 63.22 75.26 84.49
N THR I 161 62.66 76.45 84.31
CA THR I 161 63.19 77.63 84.99
C THR I 161 62.88 77.57 86.49
N LYS I 162 63.90 77.80 87.31
CA LYS I 162 63.79 77.75 88.76
C LYS I 162 64.61 78.89 89.36
N ILE I 163 64.26 79.26 90.59
CA ILE I 163 65.01 80.24 91.36
C ILE I 163 65.43 79.61 92.67
N ASP I 164 66.59 80.01 93.17
CA ASP I 164 67.12 79.46 94.43
C ASP I 164 66.35 80.05 95.59
N ILE I 165 65.31 79.34 96.03
CA ILE I 165 64.53 79.76 97.18
C ILE I 165 65.02 79.10 98.46
N SER I 166 66.25 78.61 98.47
CA SER I 166 66.82 78.05 99.68
C SER I 166 67.01 79.14 100.73
N ASN I 167 67.28 78.69 101.96
CA ASN I 167 67.63 79.52 103.13
C ASN I 167 66.64 80.66 103.36
N VAL I 168 65.40 80.52 102.90
CA VAL I 168 64.32 81.43 103.24
C VAL I 168 63.49 80.76 104.32
N LYS I 169 62.70 81.56 105.03
CA LYS I 169 61.93 81.07 106.17
C LYS I 169 60.49 80.85 105.74
N ILE I 170 60.11 79.59 105.57
CA ILE I 170 58.71 79.20 105.45
C ILE I 170 58.15 79.09 106.86
N PRO I 171 57.11 79.83 107.21
CA PRO I 171 56.56 79.75 108.57
C PRO I 171 56.07 78.35 108.89
N LYS I 172 56.28 77.94 110.13
CA LYS I 172 55.99 76.56 110.52
C LYS I 172 54.49 76.32 110.68
N HIS I 173 53.72 77.34 111.01
CA HIS I 173 52.27 77.16 111.18
C HIS I 173 51.55 76.95 109.86
N LEU I 174 52.23 77.14 108.73
CA LEU I 174 51.62 76.92 107.43
C LEU I 174 51.50 75.43 107.13
N THR I 175 50.50 74.78 107.72
CA THR I 175 50.30 73.35 107.57
C THR I 175 49.04 73.09 106.77
N ASP I 176 48.73 71.80 106.59
CA ASP I 176 47.53 71.41 105.85
C ASP I 176 46.27 71.85 106.58
N ALA I 177 46.25 71.70 107.92
CA ALA I 177 45.10 72.14 108.69
C ALA I 177 44.93 73.64 108.63
N TYR I 178 46.03 74.38 108.45
CA TYR I 178 45.94 75.82 108.25
C TYR I 178 45.18 76.16 106.98
N PHE I 179 45.44 75.43 105.90
CA PHE I 179 44.83 75.71 104.60
C PHE I 179 43.55 74.94 104.36
N LYS I 180 43.10 74.13 105.32
CA LYS I 180 41.86 73.41 105.15
C LYS I 180 40.68 74.37 105.15
N LYS I 181 39.66 74.06 104.35
CA LYS I 181 38.50 74.94 104.23
C LYS I 181 37.72 74.98 105.54
N LYS I 182 36.95 76.06 105.70
CA LYS I 182 36.13 76.27 106.89
C LYS I 182 34.67 76.37 106.49
N LYS I 183 33.78 75.90 107.35
CA LYS I 183 32.36 75.89 107.09
C LYS I 183 31.59 76.34 108.33
N LEU I 184 30.35 76.76 108.12
CA LEU I 184 29.47 77.19 109.20
C LEU I 184 28.25 76.28 109.36
N ARG I 185 27.51 76.06 108.28
CA ARG I 185 26.29 75.26 108.32
C ARG I 185 26.60 73.81 108.66
N LYS I 186 25.65 73.14 109.33
CA LYS I 186 24.34 73.64 109.76
C LYS I 186 23.93 73.16 111.15
N PRO I 187 24.43 73.82 112.19
CA PRO I 187 23.96 73.53 113.54
C PRO I 187 22.67 74.26 113.85
N ARG I 188 21.99 73.81 114.91
CA ARG I 188 20.76 74.36 115.47
C ARG I 188 19.73 74.78 114.41
N HIS I 189 19.69 74.04 113.30
CA HIS I 189 18.76 74.34 112.21
C HIS I 189 18.63 73.08 111.36
N GLN I 190 17.42 72.55 111.26
CA GLN I 190 17.17 71.31 110.53
C GLN I 190 16.42 71.56 109.23
N GLU I 191 15.28 72.24 109.28
CA GLU I 191 14.48 72.54 108.10
C GLU I 191 14.73 73.98 107.68
N GLY I 192 15.12 74.17 106.43
CA GLY I 192 15.46 75.49 105.93
C GLY I 192 14.26 76.25 105.40
N GLU I 193 13.70 77.14 106.22
CA GLU I 193 12.62 78.02 105.79
C GLU I 193 13.07 79.44 105.55
N ILE I 194 14.02 79.94 106.34
CA ILE I 194 14.65 81.23 106.13
C ILE I 194 16.03 80.96 105.55
N PHE I 195 16.39 81.69 104.50
CA PHE I 195 17.61 81.40 103.75
C PHE I 195 18.84 81.57 104.63
N ASP I 196 19.70 80.55 104.63
CA ASP I 196 20.93 80.54 105.41
C ASP I 196 22.15 80.88 104.58
N THR I 197 21.99 81.76 103.59
CA THR I 197 23.06 82.09 102.65
C THR I 197 24.08 83.07 103.22
N GLU I 198 23.99 83.40 104.51
CA GLU I 198 24.97 84.27 105.13
C GLU I 198 26.31 83.55 105.26
N LYS I 199 27.36 84.33 105.54
CA LYS I 199 28.73 83.86 105.76
C LYS I 199 29.33 83.31 104.47
N GLU I 200 28.55 83.28 103.39
CA GLU I 200 29.02 82.69 102.15
C GLU I 200 30.18 83.47 101.55
N LYS I 201 30.30 84.74 101.89
CA LYS I 201 31.45 85.54 101.49
C LYS I 201 32.65 85.10 102.32
N TYR I 202 33.53 84.29 101.73
CA TYR I 202 34.72 83.84 102.43
C TYR I 202 35.61 85.04 102.74
N GLU I 203 36.03 85.15 103.99
CA GLU I 203 36.75 86.32 104.46
C GLU I 203 38.23 86.02 104.54
N ILE I 204 39.05 86.93 104.03
CA ILE I 204 40.49 86.75 104.07
C ILE I 204 40.99 87.11 105.47
N THR I 205 41.57 86.14 106.16
CA THR I 205 42.06 86.37 107.50
C THR I 205 43.27 87.30 107.51
N GLU I 206 43.33 88.16 108.53
CA GLU I 206 44.51 89.00 108.71
C GLU I 206 45.76 88.17 108.90
N GLN I 207 45.64 86.99 109.51
CA GLN I 207 46.78 86.09 109.65
C GLN I 207 47.30 85.66 108.29
N ARG I 208 46.39 85.32 107.38
CA ARG I 208 46.79 84.96 106.03
C ARG I 208 47.48 86.14 105.33
N LYS I 209 46.96 87.35 105.53
CA LYS I 209 47.58 88.52 104.93
C LYS I 209 48.99 88.74 105.46
N ILE I 210 49.18 88.60 106.77
CA ILE I 210 50.50 88.76 107.36
C ILE I 210 51.46 87.70 106.82
N ASP I 211 51.00 86.44 106.75
CA ASP I 211 51.85 85.37 106.25
C ASP I 211 52.24 85.61 104.80
N GLN I 212 51.27 85.98 103.95
CA GLN I 212 51.56 86.22 102.55
C GLN I 212 52.50 87.40 102.38
N LYS I 213 52.31 88.46 103.17
CA LYS I 213 53.21 89.61 103.11
C LYS I 213 54.62 89.22 103.48
N ALA I 214 54.78 88.46 104.57
CA ALA I 214 56.11 88.06 105.02
C ALA I 214 56.78 87.15 104.01
N VAL I 215 56.03 86.24 103.41
CA VAL I 215 56.62 85.33 102.42
C VAL I 215 57.03 86.10 101.17
N ASP I 216 56.13 86.94 100.64
CA ASP I 216 56.44 87.68 99.42
C ASP I 216 57.59 88.65 99.64
N SER I 217 57.75 89.16 100.86
CA SER I 217 58.84 90.10 101.14
C SER I 217 60.20 89.48 100.92
N GLN I 218 60.34 88.17 101.14
CA GLN I 218 61.61 87.49 100.91
C GLN I 218 61.62 86.68 99.62
N ILE I 219 60.48 86.51 98.96
CA ILE I 219 60.46 85.89 97.65
C ILE I 219 60.76 86.90 96.54
N LEU I 220 60.20 88.09 96.64
CA LEU I 220 60.29 89.07 95.55
C LEU I 220 61.71 89.49 95.18
N PRO I 221 62.62 89.79 96.14
CA PRO I 221 63.98 90.19 95.72
C PRO I 221 64.70 89.15 94.89
N LYS I 222 64.47 87.87 95.17
CA LYS I 222 65.06 86.82 94.33
C LYS I 222 64.39 86.75 92.97
N ILE I 223 63.11 87.12 92.87
CA ILE I 223 62.44 87.19 91.59
C ILE I 223 63.06 88.29 90.73
N LYS I 224 63.27 89.47 91.33
CA LYS I 224 63.86 90.58 90.59
C LYS I 224 65.32 90.34 90.26
N ALA I 225 65.95 89.30 90.84
CA ALA I 225 67.36 89.04 90.61
C ALA I 225 67.65 88.70 89.15
N ILE I 226 66.82 87.88 88.51
CA ILE I 226 67.07 87.49 87.13
C ILE I 226 66.20 88.35 86.21
N PRO I 227 66.66 88.66 85.00
CA PRO I 227 65.90 89.56 84.13
C PRO I 227 64.56 88.98 83.72
N GLN I 228 63.56 89.87 83.62
CA GLN I 228 62.22 89.62 83.09
C GLN I 228 61.61 88.28 83.47
N LEU I 229 61.84 87.84 84.72
CA LEU I 229 61.09 86.72 85.26
C LEU I 229 59.71 87.15 85.74
N GLN I 230 59.63 88.37 86.30
CA GLN I 230 58.35 88.87 86.80
C GLN I 230 57.33 89.03 85.68
N GLY I 231 57.79 89.45 84.50
CA GLY I 231 56.90 89.49 83.36
C GLY I 231 56.40 88.12 82.96
N TYR I 232 57.27 87.12 83.04
CA TYR I 232 56.86 85.75 82.76
C TYR I 232 55.82 85.27 83.77
N LEU I 233 56.01 85.62 85.05
CA LEU I 233 55.03 85.27 86.06
C LEU I 233 53.71 85.98 85.87
N ARG I 234 53.74 87.24 85.42
CA ARG I 234 52.50 87.97 85.15
C ARG I 234 51.71 87.34 84.01
N SER I 235 52.38 86.88 82.96
CA SER I 235 51.71 86.32 81.80
C SER I 235 51.09 84.97 82.13
N VAL I 236 50.15 84.54 81.28
CA VAL I 236 49.46 83.28 81.46
C VAL I 236 49.79 82.35 80.30
N PHE I 237 49.84 81.05 80.61
CA PHE I 237 50.16 80.06 79.59
C PHE I 237 48.95 79.77 78.72
N ALA I 238 49.20 79.56 77.43
CA ALA I 238 48.14 79.31 76.48
C ALA I 238 48.65 78.35 75.41
N LEU I 239 47.71 77.77 74.68
CA LEU I 239 48.03 76.83 73.61
C LEU I 239 47.76 77.51 72.27
N THR I 240 48.84 77.89 71.59
CA THR I 240 48.73 78.48 70.27
C THR I 240 48.36 77.40 69.25
N ASN I 241 47.75 77.82 68.15
CA ASN I 241 47.26 76.87 67.15
C ASN I 241 48.38 76.06 66.53
N GLY I 242 49.60 76.60 66.49
CA GLY I 242 50.69 75.94 65.81
C GLY I 242 51.57 75.07 66.70
N ILE I 243 51.42 75.18 68.02
CA ILE I 243 52.28 74.49 68.96
C ILE I 243 51.53 73.29 69.53
N TYR I 244 52.31 72.27 69.93
CA TYR I 244 51.76 71.05 70.50
C TYR I 244 52.53 70.72 71.78
N PRO I 245 51.84 70.28 72.83
CA PRO I 245 52.55 69.98 74.09
C PRO I 245 53.58 68.89 73.97
N HIS I 246 53.37 67.88 73.12
CA HIS I 246 54.32 66.78 73.03
C HIS I 246 55.65 67.20 72.45
N LYS I 247 55.71 68.34 71.77
CA LYS I 247 56.98 68.89 71.31
C LYS I 247 57.43 70.08 72.13
N LEU I 248 56.60 70.57 73.05
CA LEU I 248 57.02 71.64 73.95
C LEU I 248 58.00 71.09 74.99
N VAL I 249 59.05 71.85 75.25
CA VAL I 249 59.97 71.55 76.35
C VAL I 249 59.67 72.53 77.46
N PHE I 250 59.34 72.01 78.63
CA PHE I 250 58.90 72.85 79.73
C PHE I 250 60.05 73.08 80.73
N ASN J 1 43.60 21.42 137.11
CA ASN J 1 44.28 20.74 136.02
C ASN J 1 44.48 21.66 134.81
N PHE J 2 44.08 22.93 134.96
CA PHE J 2 44.20 23.89 133.87
C PHE J 2 45.66 24.15 133.51
N ALA J 3 46.52 24.25 134.51
CA ALA J 3 47.93 24.52 134.24
C ALA J 3 48.56 23.40 133.41
N GLU J 4 48.22 22.15 133.73
CA GLU J 4 48.78 21.02 133.00
C GLU J 4 48.36 21.04 131.54
N LEU J 5 47.09 21.32 131.25
CA LEU J 5 46.65 21.34 129.86
C LEU J 5 47.19 22.55 129.11
N LYS J 6 47.36 23.68 129.80
CA LYS J 6 48.02 24.82 129.18
C LYS J 6 49.45 24.48 128.80
N ILE J 7 50.17 23.80 129.70
CA ILE J 7 51.53 23.37 129.39
C ILE J 7 51.53 22.39 128.24
N LYS J 8 50.55 21.49 128.20
CA LYS J 8 50.44 20.55 127.07
C LYS J 8 50.29 21.29 125.75
N ARG J 9 49.38 22.26 125.68
CA ARG J 9 49.18 22.97 124.42
C ARG J 9 50.41 23.80 124.05
N LEU J 10 51.05 24.43 125.04
CA LEU J 10 52.26 25.18 124.76
C LEU J 10 53.36 24.28 124.21
N ARG J 11 53.58 23.11 124.82
CA ARG J 11 54.59 22.18 124.35
C ARG J 11 54.28 21.68 122.94
N LYS J 12 53.02 21.34 122.68
CA LYS J 12 52.65 20.86 121.35
C LYS J 12 52.89 21.92 120.30
N LYS J 13 52.46 23.15 120.57
CA LYS J 13 52.62 24.23 119.60
C LYS J 13 54.10 24.55 119.37
N PHE J 14 54.90 24.55 120.45
CA PHE J 14 56.32 24.84 120.30
C PHE J 14 57.03 23.73 119.53
N ALA J 15 56.66 22.47 119.77
CA ALA J 15 57.26 21.38 119.01
C ALA J 15 56.92 21.48 117.54
N GLN J 16 55.67 21.83 117.22
CA GLN J 16 55.30 22.01 115.81
C GLN J 16 56.07 23.16 115.18
N LYS J 17 56.25 24.25 115.93
CA LYS J 17 57.03 25.37 115.41
C LYS J 17 58.48 24.98 115.16
N MET J 18 59.07 24.20 116.07
CA MET J 18 60.45 23.74 115.86
C MET J 18 60.55 22.83 114.64
N LEU J 19 59.56 21.96 114.45
CA LEU J 19 59.54 21.12 113.26
C LEU J 19 59.47 21.95 111.99
N ARG J 20 58.63 22.99 111.98
CA ARG J 20 58.55 23.87 110.83
C ARG J 20 59.88 24.58 110.58
N LYS J 21 60.53 25.03 111.65
CA LYS J 21 61.80 25.73 111.50
C LYS J 21 62.86 24.82 110.92
N ALA J 22 62.92 23.58 111.39
CA ALA J 22 63.88 22.62 110.84
C ALA J 22 63.58 22.34 109.37
N ARG J 23 62.31 22.18 109.02
CA ARG J 23 61.96 21.93 107.62
C ARG J 23 62.32 23.12 106.73
N ARG J 24 62.09 24.33 107.20
CA ARG J 24 62.45 25.52 106.44
C ARG J 24 63.96 25.58 106.21
N LYS J 25 64.74 25.28 107.24
CA LYS J 25 66.19 25.28 107.09
C LYS J 25 66.62 24.21 106.09
N LEU J 26 65.96 23.04 106.14
CA LEU J 26 66.27 21.98 105.19
C LEU J 26 65.99 22.41 103.76
N ILE J 27 64.85 23.08 103.53
CA ILE J 27 64.52 23.55 102.18
C ILE J 27 65.54 24.56 101.71
N TYR J 28 65.95 25.48 102.60
CA TYR J 28 66.97 26.47 102.25
C TYR J 28 68.25 25.80 101.81
N GLU J 29 68.73 24.82 102.59
CA GLU J 29 69.98 24.16 102.25
C GLU J 29 69.86 23.30 101.00
N LYS J 30 68.72 22.66 100.78
CA LYS J 30 68.53 21.88 99.56
C LYS J 30 68.54 22.78 98.32
N ALA J 31 67.93 23.97 98.43
CA ALA J 31 67.98 24.91 97.33
C ALA J 31 69.40 25.39 97.07
N LYS J 32 70.18 25.62 98.13
CA LYS J 32 71.58 25.99 97.96
C LYS J 32 72.37 24.89 97.24
N HIS J 33 72.12 23.64 97.63
CA HIS J 33 72.78 22.50 96.97
C HIS J 33 72.39 22.42 95.50
N TYR J 34 71.11 22.65 95.20
CA TYR J 34 70.68 22.64 93.81
C TYR J 34 71.36 23.74 93.00
N HIS J 35 71.49 24.94 93.58
CA HIS J 35 72.20 26.01 92.89
C HIS J 35 73.64 25.61 92.61
N LYS J 36 74.30 24.99 93.59
CA LYS J 36 75.68 24.54 93.37
C LYS J 36 75.76 23.52 92.25
N GLU J 37 74.84 22.55 92.23
CA GLU J 37 74.86 21.54 91.19
C GLU J 37 74.58 22.13 89.81
N TYR J 38 73.66 23.09 89.74
CA TYR J 38 73.37 23.75 88.47
C TYR J 38 74.59 24.46 87.93
N ARG J 39 75.27 25.25 88.75
CA ARG J 39 76.44 25.95 88.24
C ARG J 39 77.56 24.97 87.92
N GLN J 40 77.63 23.85 88.65
CA GLN J 40 78.63 22.84 88.31
C GLN J 40 78.39 22.27 86.92
N MET J 41 77.15 21.90 86.60
CA MET J 41 76.88 21.36 85.26
C MET J 41 77.09 22.43 84.19
N TYR J 42 76.66 23.66 84.47
CA TYR J 42 76.77 24.72 83.47
C TYR J 42 78.23 25.03 83.15
N ARG J 43 79.09 25.03 84.16
CA ARG J 43 80.52 25.21 83.91
C ARG J 43 81.14 23.95 83.31
N THR J 44 80.61 22.77 83.64
CA THR J 44 81.17 21.53 83.12
C THR J 44 80.99 21.45 81.61
N GLU J 45 79.84 21.90 81.11
CA GLU J 45 79.63 21.92 79.66
C GLU J 45 80.69 22.74 78.95
N ILE J 46 80.92 23.96 79.42
CA ILE J 46 81.87 24.86 78.77
C ILE J 46 83.29 24.32 78.93
N ARG J 47 83.60 23.71 80.07
CA ARG J 47 84.93 23.18 80.30
C ARG J 47 85.22 21.99 79.39
N MET J 48 84.23 21.11 79.21
CA MET J 48 84.39 20.01 78.26
C MET J 48 84.58 20.53 76.84
N ALA J 49 83.78 21.53 76.45
CA ALA J 49 83.94 22.11 75.12
C ALA J 49 85.31 22.72 74.94
N ARG J 50 85.82 23.41 75.96
CA ARG J 50 87.11 24.06 75.87
C ARG J 50 88.25 23.04 75.77
N MET J 51 88.19 21.98 76.59
CA MET J 51 89.25 20.98 76.52
C MET J 51 89.20 20.20 75.22
N ALA J 52 88.02 20.03 74.62
CA ALA J 52 87.96 19.37 73.32
C ALA J 52 88.50 20.28 72.21
N ARG J 53 88.15 21.57 72.26
CA ARG J 53 88.62 22.50 71.24
C ARG J 53 90.12 22.73 71.35
N LYS J 54 90.68 22.61 72.55
CA LYS J 54 92.12 22.77 72.71
C LYS J 54 92.88 21.70 71.95
N ALA J 55 92.39 20.46 72.01
CA ALA J 55 93.06 19.33 71.34
C ALA J 55 92.70 19.22 69.87
N GLY J 56 91.85 20.10 69.36
CA GLY J 56 91.46 20.02 67.97
C GLY J 56 90.35 19.03 67.66
N ASN J 57 89.78 18.40 68.67
CA ASN J 57 88.69 17.46 68.49
C ASN J 57 87.36 18.17 68.69
N PHE J 58 86.28 17.41 68.71
CA PHE J 58 84.93 17.95 68.89
C PHE J 58 84.28 17.29 70.09
N TYR J 59 83.57 18.09 70.88
CA TYR J 59 82.82 17.60 72.03
C TYR J 59 81.34 17.59 71.67
N VAL J 60 80.76 16.40 71.57
CA VAL J 60 79.32 16.25 71.36
C VAL J 60 78.67 16.20 72.75
N PRO J 61 77.88 17.20 73.13
CA PRO J 61 77.19 17.15 74.42
C PRO J 61 76.13 16.06 74.41
N ALA J 62 75.69 15.72 75.62
CA ALA J 62 74.64 14.72 75.76
C ALA J 62 73.36 15.22 75.10
N GLU J 63 72.70 14.32 74.38
CA GLU J 63 71.42 14.66 73.78
C GLU J 63 70.42 14.99 74.88
N PRO J 64 69.68 16.09 74.77
CA PRO J 64 68.80 16.49 75.87
C PRO J 64 67.75 15.43 76.16
N LYS J 65 67.50 15.20 77.45
CA LYS J 65 66.50 14.23 77.89
C LYS J 65 65.29 14.90 78.50
N LEU J 66 65.14 16.21 78.34
CA LEU J 66 63.96 16.95 78.78
C LEU J 66 63.50 17.85 77.65
N ALA J 67 62.20 17.78 77.35
CA ALA J 67 61.61 18.61 76.33
C ALA J 67 60.28 19.19 76.79
N PHE J 68 59.98 20.38 76.32
CA PHE J 68 58.72 21.06 76.58
C PHE J 68 57.92 21.13 75.28
N VAL J 69 56.68 20.67 75.32
CA VAL J 69 55.83 20.57 74.14
C VAL J 69 54.67 21.53 74.30
N ILE J 70 54.43 22.36 73.28
CA ILE J 70 53.33 23.31 73.26
C ILE J 70 52.46 23.01 72.07
N ARG J 71 51.18 22.72 72.32
CA ARG J 71 50.22 22.53 71.24
C ARG J 71 49.91 23.88 70.63
N ILE J 72 49.93 23.95 69.30
CA ILE J 72 49.75 25.22 68.60
C ILE J 72 48.53 25.26 67.70
N ARG J 73 47.94 24.12 67.38
CA ARG J 73 46.74 24.10 66.55
C ARG J 73 45.50 23.88 67.39
N GLY J 74 44.36 24.22 66.83
CA GLY J 74 43.09 24.11 67.51
C GLY J 74 42.60 22.68 67.60
N ILE J 75 41.31 22.55 67.84
CA ILE J 75 40.67 21.26 68.06
C ILE J 75 39.69 20.91 66.94
N ASN J 76 39.64 21.70 65.87
CA ASN J 76 38.77 21.44 64.74
C ASN J 76 39.50 20.58 63.72
N GLY J 77 38.86 19.48 63.31
CA GLY J 77 39.39 18.65 62.26
C GLY J 77 40.70 17.97 62.58
N VAL J 78 40.68 17.00 63.50
CA VAL J 78 41.88 16.30 63.94
C VAL J 78 41.70 14.81 63.63
N SER J 79 42.70 14.23 62.99
CA SER J 79 42.69 12.79 62.72
C SER J 79 42.73 12.02 64.04
N PRO J 80 42.12 10.83 64.09
CA PRO J 80 42.01 10.12 65.37
C PRO J 80 43.34 9.79 66.02
N LYS J 81 44.37 9.46 65.24
CA LYS J 81 45.67 9.14 65.82
C LYS J 81 46.30 10.37 66.46
N VAL J 82 46.27 11.51 65.76
CA VAL J 82 46.82 12.74 66.31
C VAL J 82 46.04 13.15 67.55
N ARG J 83 44.71 13.02 67.51
CA ARG J 83 43.89 13.34 68.68
C ARG J 83 44.25 12.46 69.87
N LYS J 84 44.43 11.16 69.63
CA LYS J 84 44.76 10.24 70.71
C LYS J 84 46.11 10.58 71.32
N VAL J 85 47.10 10.89 70.48
CA VAL J 85 48.42 11.24 70.99
C VAL J 85 48.35 12.54 71.79
N LEU J 86 47.62 13.54 71.28
CA LEU J 86 47.50 14.79 72.02
C LEU J 86 46.76 14.62 73.33
N GLN J 87 45.82 13.67 73.39
CA GLN J 87 45.22 13.32 74.67
C GLN J 87 46.23 12.66 75.59
N LEU J 88 47.11 11.81 75.05
CA LEU J 88 48.15 11.19 75.86
C LEU J 88 49.17 12.20 76.38
N LEU J 89 49.34 13.32 75.69
CA LEU J 89 50.27 14.36 76.14
C LEU J 89 49.58 15.40 77.02
N ARG J 90 48.33 15.15 77.41
CA ARG J 90 47.55 16.08 78.23
C ARG J 90 47.36 17.43 77.54
N LEU J 91 47.44 17.44 76.21
CA LEU J 91 47.28 18.68 75.44
C LEU J 91 45.92 18.61 74.75
N ARG J 92 44.89 19.04 75.47
CA ARG J 92 43.53 19.09 74.95
C ARG J 92 43.09 20.51 74.63
N GLN J 93 44.01 21.47 74.69
CA GLN J 93 43.70 22.86 74.39
C GLN J 93 44.89 23.48 73.68
N ILE J 94 44.60 24.50 72.87
CA ILE J 94 45.68 25.20 72.18
C ILE J 94 46.51 25.98 73.20
N PHE J 95 47.81 26.10 72.92
CA PHE J 95 48.77 26.76 73.80
C PHE J 95 48.82 26.11 75.19
N ASN J 96 48.59 24.81 75.24
CA ASN J 96 48.82 24.04 76.45
C ASN J 96 50.24 23.47 76.41
N GLY J 97 50.95 23.60 77.52
CA GLY J 97 52.33 23.18 77.59
C GLY J 97 52.54 22.05 78.58
N THR J 98 53.49 21.18 78.26
CA THR J 98 53.78 20.04 79.11
C THR J 98 55.23 19.62 78.93
N PHE J 99 55.94 19.48 80.05
CA PHE J 99 57.27 18.89 80.04
C PHE J 99 57.17 17.41 79.67
N VAL J 100 58.02 16.97 78.75
CA VAL J 100 58.00 15.60 78.27
C VAL J 100 59.41 15.03 78.36
N LYS J 101 59.55 13.88 79.01
CA LYS J 101 60.82 13.19 79.07
C LYS J 101 61.13 12.58 77.71
N LEU J 102 62.38 12.74 77.25
CA LEU J 102 62.75 12.33 75.91
C LEU J 102 63.31 10.92 75.89
N ASN J 103 62.77 10.09 75.01
CA ASN J 103 63.32 8.79 74.66
C ASN J 103 62.79 8.44 73.28
N LYS J 104 63.06 7.21 72.82
CA LYS J 104 62.68 6.84 71.47
C LYS J 104 61.17 6.86 71.28
N ALA J 105 60.42 6.31 72.24
CA ALA J 105 58.96 6.29 72.13
C ALA J 105 58.37 7.70 72.13
N SER J 106 58.83 8.54 73.06
CA SER J 106 58.35 9.91 73.11
C SER J 106 58.76 10.71 71.87
N ILE J 107 59.97 10.49 71.37
CA ILE J 107 60.40 11.16 70.15
C ILE J 107 59.51 10.78 68.98
N ASN J 108 59.18 9.49 68.86
CA ASN J 108 58.30 9.06 67.79
C ASN J 108 56.90 9.65 67.95
N MET J 109 56.39 9.70 69.17
CA MET J 109 55.08 10.31 69.41
C MET J 109 55.10 11.79 69.02
N LEU J 110 56.18 12.49 69.35
CA LEU J 110 56.31 13.87 68.91
C LEU J 110 56.37 13.97 67.40
N ARG J 111 57.03 13.01 66.75
CA ARG J 111 57.07 12.99 65.29
C ARG J 111 55.67 12.85 64.70
N ILE J 112 54.80 12.06 65.32
CA ILE J 112 53.47 11.85 64.76
C ILE J 112 52.65 13.14 64.80
N VAL J 113 52.71 13.87 65.91
CA VAL J 113 51.89 15.08 66.07
C VAL J 113 52.72 16.31 65.71
N GLU J 114 53.76 16.10 64.91
CA GLU J 114 54.63 17.21 64.51
C GLU J 114 53.88 18.38 63.88
N PRO J 115 52.93 18.20 62.95
CA PRO J 115 52.23 19.38 62.42
C PRO J 115 51.40 20.13 63.45
N TYR J 116 50.98 19.49 64.54
CA TYR J 116 50.08 20.11 65.50
C TYR J 116 50.79 20.73 66.70
N ILE J 117 52.08 20.52 66.86
CA ILE J 117 52.78 20.95 68.06
C ILE J 117 54.01 21.77 67.69
N ALA J 118 54.52 22.49 68.69
CA ALA J 118 55.82 23.13 68.64
C ALA J 118 56.52 22.81 69.94
N TRP J 119 57.75 22.31 69.86
CA TRP J 119 58.45 21.85 71.05
C TRP J 119 59.95 22.06 70.91
N GLY J 120 60.63 21.99 72.05
CA GLY J 120 62.06 22.18 72.06
C GLY J 120 62.65 21.80 73.40
N TYR J 121 63.88 22.25 73.64
CA TYR J 121 64.59 21.92 74.86
C TYR J 121 64.67 23.13 75.76
N PRO J 122 63.85 23.22 76.80
CA PRO J 122 63.91 24.38 77.69
C PRO J 122 65.19 24.40 78.50
N ASN J 123 65.61 25.62 78.87
CA ASN J 123 66.73 25.78 79.77
C ASN J 123 66.22 25.90 81.20
N LEU J 124 67.15 26.10 82.14
CA LEU J 124 66.79 26.16 83.55
C LEU J 124 65.87 27.34 83.84
N LYS J 125 66.16 28.50 83.23
CA LYS J 125 65.35 29.69 83.49
C LYS J 125 63.92 29.50 83.01
N SER J 126 63.75 28.85 81.85
CA SER J 126 62.40 28.63 81.34
C SER J 126 61.59 27.77 82.31
N VAL J 127 62.21 26.72 82.84
CA VAL J 127 61.52 25.89 83.83
C VAL J 127 61.18 26.71 85.06
N ASN J 128 62.12 27.54 85.53
CA ASN J 128 61.86 28.37 86.69
C ASN J 128 60.66 29.28 86.47
N GLU J 129 60.65 30.02 85.35
CA GLU J 129 59.57 30.95 85.07
C GLU J 129 58.25 30.21 84.95
N LEU J 130 58.23 29.08 84.24
CA LEU J 130 56.99 28.36 84.01
C LEU J 130 56.42 27.83 85.32
N ILE J 131 57.23 27.14 86.11
CA ILE J 131 56.75 26.54 87.35
C ILE J 131 56.33 27.63 88.33
N TYR J 132 57.05 28.75 88.39
CA TYR J 132 56.70 29.77 89.35
C TYR J 132 55.45 30.54 88.94
N LYS J 133 55.29 30.87 87.66
CA LYS J 133 54.18 31.74 87.28
C LYS J 133 52.90 30.97 86.98
N ARG J 134 53.00 29.79 86.38
CA ARG J 134 51.80 29.03 86.01
C ARG J 134 51.81 27.62 86.58
N GLY J 135 52.45 27.43 87.74
CA GLY J 135 52.49 26.12 88.35
C GLY J 135 51.19 25.75 89.05
N TYR J 136 50.47 24.77 88.49
CA TYR J 136 49.25 24.28 89.08
C TYR J 136 49.37 22.78 89.33
N GLY J 137 48.97 22.35 90.52
CA GLY J 137 49.07 20.95 90.91
C GLY J 137 47.73 20.24 90.84
N LYS J 138 47.77 19.00 90.38
CA LYS J 138 46.58 18.15 90.30
C LYS J 138 46.46 17.38 91.60
N ILE J 139 45.94 18.05 92.61
CA ILE J 139 45.73 17.47 93.93
C ILE J 139 44.27 17.06 94.04
N ASN J 140 44.03 15.78 94.33
CA ASN J 140 42.69 15.24 94.51
C ASN J 140 41.84 15.47 93.27
N LYS J 141 42.46 15.36 92.09
CA LYS J 141 41.85 15.63 90.80
C LYS J 141 41.27 17.05 90.71
N LYS J 142 41.95 18.01 91.32
CA LYS J 142 41.61 19.42 91.20
C LYS J 142 42.83 20.20 90.73
N ARG J 143 42.59 21.25 89.96
CA ARG J 143 43.65 22.13 89.50
C ARG J 143 43.87 23.18 90.59
N ILE J 144 44.92 23.01 91.38
CA ILE J 144 45.21 23.87 92.52
C ILE J 144 46.49 24.65 92.25
N ALA J 145 46.45 25.95 92.46
CA ALA J 145 47.64 26.77 92.33
C ALA J 145 48.63 26.42 93.44
N LEU J 146 49.92 26.35 93.07
CA LEU J 146 50.97 25.94 94.00
C LEU J 146 51.43 27.15 94.80
N THR J 147 50.62 27.51 95.79
CA THR J 147 50.89 28.68 96.61
C THR J 147 51.63 28.37 97.90
N ASP J 148 51.87 27.09 98.22
CA ASP J 148 52.57 26.74 99.44
C ASP J 148 53.27 25.40 99.25
N ASN J 149 54.40 25.23 99.93
CA ASN J 149 55.19 24.02 99.81
C ASN J 149 54.47 22.80 100.39
N ALA J 150 53.55 23.02 101.34
CA ALA J 150 52.80 21.90 101.88
C ALA J 150 51.94 21.23 100.82
N LEU J 151 51.49 22.00 99.82
CA LEU J 151 50.73 21.42 98.72
C LEU J 151 51.55 20.38 97.96
N ILE J 152 52.83 20.69 97.70
CA ILE J 152 53.70 19.72 97.05
C ILE J 152 54.02 18.58 98.01
N ALA J 153 54.26 18.90 99.27
CA ALA J 153 54.71 17.88 100.23
C ALA J 153 53.65 16.82 100.47
N ARG J 154 52.39 17.22 100.61
CA ARG J 154 51.34 16.27 100.96
C ARG J 154 51.06 15.26 99.86
N SER J 155 51.48 15.55 98.62
CA SER J 155 51.26 14.63 97.51
C SER J 155 52.54 13.99 97.00
N LEU J 156 53.71 14.56 97.31
CA LEU J 156 54.97 14.07 96.78
C LEU J 156 56.04 13.93 97.86
N GLY J 157 55.67 14.04 99.13
CA GLY J 157 56.65 13.88 100.19
C GLY J 157 57.26 12.49 100.21
N LYS J 158 56.47 11.47 99.89
CA LYS J 158 56.98 10.10 99.88
C LYS J 158 58.06 9.89 98.83
N TYR J 159 58.13 10.75 97.82
CA TYR J 159 59.17 10.70 96.81
C TYR J 159 60.29 11.69 97.07
N GLY J 160 60.29 12.35 98.23
CA GLY J 160 61.37 13.24 98.59
C GLY J 160 61.28 14.64 97.99
N ILE J 161 60.23 14.93 97.24
CA ILE J 161 60.03 16.27 96.70
C ILE J 161 59.02 17.00 97.58
N ILE J 162 59.48 18.05 98.25
CA ILE J 162 58.65 18.75 99.23
C ILE J 162 58.65 20.26 99.04
N CYS J 163 59.29 20.78 97.99
CA CYS J 163 59.28 22.23 97.79
C CYS J 163 59.27 22.52 96.30
N MET J 164 59.13 23.81 95.99
CA MET J 164 59.22 24.25 94.60
C MET J 164 60.59 23.95 94.01
N GLU J 165 61.65 24.12 94.79
CA GLU J 165 62.99 23.88 94.29
C GLU J 165 63.22 22.40 94.00
N ASP J 166 62.73 21.53 94.88
CA ASP J 166 62.83 20.10 94.63
C ASP J 166 62.08 19.71 93.36
N LEU J 167 60.89 20.27 93.16
CA LEU J 167 60.12 20.00 91.95
C LEU J 167 60.85 20.49 90.72
N ILE J 168 61.45 21.68 90.80
CA ILE J 168 62.20 22.23 89.68
C ILE J 168 63.40 21.34 89.36
N HIS J 169 64.09 20.87 90.39
CA HIS J 169 65.24 19.98 90.16
C HIS J 169 64.81 18.68 89.53
N GLU J 170 63.68 18.12 89.96
CA GLU J 170 63.20 16.89 89.34
C GLU J 170 62.79 17.11 87.89
N ILE J 171 62.16 18.24 87.58
CA ILE J 171 61.74 18.50 86.21
C ILE J 171 62.95 18.70 85.31
N TYR J 172 63.88 19.56 85.73
CA TYR J 172 65.05 19.85 84.90
C TYR J 172 65.98 18.65 84.84
N THR J 173 66.53 18.25 85.97
CA THR J 173 67.33 17.03 86.04
C THR J 173 66.36 15.86 86.20
N VAL J 174 66.21 15.07 85.14
CA VAL J 174 65.20 14.02 85.13
C VAL J 174 65.61 12.95 86.13
N GLY J 175 64.95 12.95 87.29
CA GLY J 175 65.26 12.03 88.36
C GLY J 175 64.50 10.73 88.24
N LYS J 176 64.56 9.95 89.33
CA LYS J 176 63.93 8.64 89.33
C LYS J 176 62.41 8.78 89.35
N ARG J 177 61.89 9.81 90.01
CA ARG J 177 60.45 10.01 90.15
C ARG J 177 59.95 11.10 89.22
N PHE J 178 60.49 11.19 87.99
CA PHE J 178 60.09 12.24 87.08
C PHE J 178 58.64 12.11 86.65
N LYS J 179 58.18 10.89 86.42
CA LYS J 179 56.80 10.68 85.96
C LYS J 179 55.79 11.20 86.98
N GLU J 180 55.99 10.87 88.26
CA GLU J 180 55.06 11.31 89.29
C GLU J 180 55.06 12.82 89.43
N ALA J 181 56.25 13.43 89.40
CA ALA J 181 56.33 14.89 89.52
C ALA J 181 55.68 15.58 88.33
N ASN J 182 55.89 15.05 87.12
CA ASN J 182 55.33 15.68 85.93
C ASN J 182 53.82 15.54 85.89
N ASN J 183 53.30 14.34 86.17
CA ASN J 183 51.87 14.14 86.17
C ASN J 183 51.19 14.84 87.35
N PHE J 184 51.95 15.15 88.40
CA PHE J 184 51.42 15.98 89.48
C PHE J 184 51.07 17.36 88.97
N LEU J 185 51.91 17.91 88.09
CA LEU J 185 51.66 19.24 87.56
C LEU J 185 50.52 19.22 86.55
N TRP J 186 49.58 20.14 86.72
CA TRP J 186 48.58 20.36 85.70
C TRP J 186 49.26 20.89 84.44
N PRO J 187 48.78 20.52 83.25
CA PRO J 187 49.36 21.09 82.03
C PRO J 187 49.23 22.60 82.01
N PHE J 188 50.28 23.26 81.54
CA PHE J 188 50.37 24.71 81.66
C PHE J 188 49.47 25.38 80.64
N LYS J 189 48.52 26.18 81.12
CA LYS J 189 47.58 26.90 80.28
C LYS J 189 48.18 28.27 80.01
N LEU J 190 48.96 28.37 78.95
CA LEU J 190 49.71 29.58 78.64
C LEU J 190 48.87 30.54 77.82
N SER J 191 49.26 31.81 77.85
CA SER J 191 48.62 32.84 77.05
C SER J 191 49.06 32.71 75.60
N SER J 192 48.39 33.46 74.72
CA SER J 192 48.78 33.50 73.32
C SER J 192 50.12 34.22 73.20
N PRO J 193 50.91 33.88 72.17
CA PRO J 193 52.25 34.46 72.05
C PRO J 193 52.22 35.96 71.79
N ARG J 194 52.72 36.73 72.75
CA ARG J 194 52.89 38.16 72.55
C ARG J 194 53.86 38.42 71.40
N GLY J 195 53.47 39.30 70.48
CA GLY J 195 54.23 39.51 69.28
C GLY J 195 53.83 38.63 68.12
N GLY J 196 52.96 37.64 68.34
CA GLY J 196 52.44 36.83 67.27
C GLY J 196 53.37 35.70 66.86
N MET J 197 52.89 34.90 65.91
CA MET J 197 53.66 33.80 65.36
C MET J 197 54.02 34.07 63.91
N LYS J 198 55.02 33.33 63.42
CA LYS J 198 55.39 33.43 62.01
C LYS J 198 54.33 32.77 61.14
N LYS J 199 54.16 31.46 61.28
CA LYS J 199 53.15 30.73 60.54
C LYS J 199 52.93 29.39 61.23
N LYS J 200 51.71 29.11 61.65
CA LYS J 200 51.44 27.89 62.42
C LYS J 200 51.25 26.66 61.55
N THR J 201 51.02 26.83 60.25
CA THR J 201 50.63 25.71 59.40
C THR J 201 51.80 24.95 58.81
N THR J 202 53.04 25.40 59.04
CA THR J 202 54.21 24.78 58.46
C THR J 202 55.25 24.54 59.55
N HIS J 203 56.27 23.76 59.20
CA HIS J 203 57.31 23.41 60.15
C HIS J 203 58.19 24.62 60.45
N PHE J 204 58.86 24.56 61.61
CA PHE J 204 59.73 25.66 62.01
C PHE J 204 60.90 25.82 61.06
N VAL J 205 61.51 24.71 60.63
CA VAL J 205 62.71 24.80 59.80
C VAL J 205 62.39 25.33 58.41
N GLU J 206 61.11 25.30 58.00
CA GLU J 206 60.69 25.89 56.74
C GLU J 206 60.03 27.25 56.95
N GLY J 207 60.44 27.96 58.01
CA GLY J 207 60.00 29.31 58.25
C GLY J 207 58.75 29.44 59.10
N GLY J 208 58.07 28.35 59.41
CA GLY J 208 56.84 28.39 60.17
C GLY J 208 57.10 28.36 61.66
N ASP J 209 56.23 27.67 62.39
CA ASP J 209 56.35 27.53 63.84
C ASP J 209 56.17 26.12 64.34
N ALA J 210 55.54 25.22 63.59
CA ALA J 210 55.34 23.86 64.04
C ALA J 210 56.67 23.10 64.00
N GLY J 211 56.68 21.96 64.68
CA GLY J 211 57.87 21.13 64.69
C GLY J 211 58.79 21.44 65.85
N ASN J 212 60.03 20.99 65.71
CA ASN J 212 61.02 21.07 66.78
C ASN J 212 61.99 22.19 66.50
N ARG J 213 61.79 23.33 67.16
CA ARG J 213 62.85 24.31 67.31
C ARG J 213 63.72 23.86 68.48
N GLU J 214 65.02 23.75 68.24
CA GLU J 214 65.87 22.99 69.17
C GLU J 214 65.99 23.70 70.51
N ASP J 215 66.56 24.90 70.53
CA ASP J 215 66.67 25.68 71.75
C ASP J 215 65.96 27.02 71.65
N GLN J 216 65.37 27.34 70.50
CA GLN J 216 64.59 28.57 70.35
C GLN J 216 63.27 28.53 71.09
N ILE J 217 62.87 27.36 71.62
CA ILE J 217 61.62 27.26 72.37
C ILE J 217 61.65 28.14 73.61
N ASN J 218 62.83 28.48 74.13
CA ASN J 218 62.90 29.42 75.23
C ASN J 218 62.38 30.78 74.84
N ARG J 219 62.73 31.25 73.63
CA ARG J 219 62.22 32.51 73.13
C ARG J 219 60.71 32.50 73.03
N LEU J 220 60.15 31.41 72.51
CA LEU J 220 58.70 31.29 72.40
C LEU J 220 58.04 31.25 73.78
N ILE J 221 58.72 30.62 74.74
CA ILE J 221 58.19 30.57 76.10
C ILE J 221 58.15 31.98 76.70
N ARG J 222 59.18 32.78 76.46
CA ARG J 222 59.20 34.13 77.01
C ARG J 222 58.03 34.97 76.51
N ARG J 223 57.70 34.84 75.23
CA ARG J 223 56.56 35.58 74.69
C ARG J 223 55.23 34.89 74.92
N MET J 224 55.25 33.64 75.37
CA MET J 224 54.00 32.89 75.49
C MET J 224 53.28 33.17 76.81
N ASN J 225 53.98 33.05 77.93
CA ASN J 225 53.36 33.32 79.23
C ASN J 225 53.67 34.72 79.71
N LYS K 1 -114.85 -31.28 14.46
CA LYS K 1 -115.89 -30.81 13.53
C LYS K 1 -116.02 -29.29 13.58
N VAL K 2 -115.78 -28.72 14.76
CA VAL K 2 -115.88 -27.28 14.97
C VAL K 2 -114.52 -26.61 14.97
N VAL K 3 -113.49 -27.31 14.49
CA VAL K 3 -112.12 -26.79 14.53
C VAL K 3 -112.00 -25.54 13.68
N ASN K 4 -111.35 -24.52 14.24
CA ASN K 4 -111.10 -23.28 13.52
C ASN K 4 -110.12 -23.56 12.39
N PRO K 5 -110.47 -23.27 11.13
CA PRO K 5 -109.51 -23.48 10.03
C PRO K 5 -108.28 -22.61 10.14
N LEU K 6 -108.34 -21.52 10.91
CA LEU K 6 -107.17 -20.68 11.11
C LEU K 6 -106.06 -21.41 11.86
N PHE K 7 -106.40 -22.36 12.71
CA PHE K 7 -105.39 -23.13 13.43
C PHE K 7 -104.64 -24.05 12.48
N GLU K 8 -103.34 -24.17 12.70
CA GLU K 8 -102.50 -25.01 11.86
C GLU K 8 -101.23 -25.36 12.63
N LYS K 9 -100.58 -26.44 12.20
CA LYS K 9 -99.29 -26.81 12.75
C LYS K 9 -98.23 -25.85 12.24
N ARG K 10 -97.27 -25.52 13.10
CA ARG K 10 -96.11 -24.72 12.74
C ARG K 10 -94.84 -25.44 13.19
N PRO K 11 -94.46 -26.51 12.50
CA PRO K 11 -93.30 -27.29 12.94
C PRO K 11 -91.99 -26.68 12.45
N LYS K 12 -91.06 -26.54 13.38
CA LYS K 12 -89.71 -26.07 13.07
C LYS K 12 -88.75 -27.24 13.13
N ASN K 13 -88.05 -27.48 12.03
CA ASN K 13 -87.05 -28.54 11.95
C ASN K 13 -85.70 -28.00 12.39
N PHE K 14 -85.02 -28.76 13.24
CA PHE K 14 -83.78 -28.32 13.86
C PHE K 14 -82.54 -28.84 13.15
N GLY K 15 -82.59 -28.93 11.83
CA GLY K 15 -81.39 -29.23 11.06
C GLY K 15 -80.38 -28.11 11.17
N ILE K 16 -79.15 -28.43 10.78
CA ILE K 16 -78.06 -27.46 10.87
C ILE K 16 -78.34 -26.31 9.90
N GLY K 17 -78.11 -25.09 10.38
CA GLY K 17 -78.38 -23.89 9.59
C GLY K 17 -79.83 -23.45 9.59
N GLN K 18 -80.73 -24.24 10.13
CA GLN K 18 -82.15 -23.95 10.15
C GLN K 18 -82.49 -23.19 11.43
N ASP K 19 -83.78 -23.16 11.80
CA ASP K 19 -84.23 -22.51 13.03
C ASP K 19 -83.41 -22.96 14.23
N ILE K 20 -83.26 -22.06 15.21
CA ILE K 20 -82.29 -22.25 16.27
C ILE K 20 -82.69 -23.43 17.16
N GLN K 21 -81.70 -24.00 17.84
CA GLN K 21 -81.94 -25.14 18.69
C GLN K 21 -82.81 -24.76 19.89
N PRO K 22 -83.65 -25.67 20.36
CA PRO K 22 -84.45 -25.37 21.55
C PRO K 22 -83.61 -25.50 22.82
N LYS K 23 -84.16 -24.98 23.91
CA LYS K 23 -83.51 -25.08 25.21
C LYS K 23 -83.59 -26.49 25.76
N ARG K 24 -82.59 -27.32 25.45
CA ARG K 24 -82.54 -28.68 25.93
C ARG K 24 -81.65 -28.77 27.15
N ASP K 25 -81.69 -29.94 27.80
CA ASP K 25 -80.90 -30.16 29.00
C ASP K 25 -79.41 -30.22 28.66
N LEU K 26 -78.61 -29.49 29.44
CA LEU K 26 -77.17 -29.40 29.20
C LEU K 26 -76.35 -29.79 30.43
N THR K 27 -76.91 -30.64 31.30
CA THR K 27 -76.25 -30.96 32.56
C THR K 27 -74.89 -31.61 32.33
N ARG K 28 -74.75 -32.38 31.24
CA ARG K 28 -73.48 -33.03 30.97
C ARG K 28 -72.46 -32.07 30.39
N PHE K 29 -72.86 -30.81 30.13
CA PHE K 29 -72.01 -29.84 29.47
C PHE K 29 -71.88 -28.57 30.31
N VAL K 30 -72.26 -28.64 31.58
CA VAL K 30 -72.24 -27.48 32.46
C VAL K 30 -70.82 -27.26 32.97
N LYS K 31 -70.34 -26.02 32.86
CA LYS K 31 -69.13 -25.62 33.56
C LYS K 31 -69.43 -25.62 35.05
N TRP K 32 -68.97 -26.64 35.74
CA TRP K 32 -69.32 -26.83 37.13
C TRP K 32 -68.39 -26.03 38.03
N PRO K 33 -68.81 -25.73 39.25
CA PRO K 33 -67.88 -25.16 40.24
C PRO K 33 -66.75 -26.13 40.53
N ARG K 34 -65.67 -25.56 41.10
CA ARG K 34 -64.46 -26.34 41.33
C ARG K 34 -64.69 -27.51 42.27
N TYR K 35 -65.47 -27.31 43.33
CA TYR K 35 -65.68 -28.37 44.31
C TYR K 35 -66.51 -29.52 43.78
N ILE K 36 -67.52 -29.24 42.95
CA ILE K 36 -68.32 -30.31 42.36
C ILE K 36 -67.46 -31.16 41.42
N ARG K 37 -66.66 -30.50 40.59
CA ARG K 37 -65.73 -31.24 39.72
C ARG K 37 -64.74 -32.03 40.56
N LEU K 38 -64.27 -31.45 41.66
CA LEU K 38 -63.33 -32.14 42.52
C LEU K 38 -63.93 -33.42 43.10
N GLN K 39 -65.13 -33.34 43.66
CA GLN K 39 -65.74 -34.52 44.26
C GLN K 39 -66.11 -35.57 43.21
N ARG K 40 -66.62 -35.14 42.05
CA ARG K 40 -66.93 -36.11 41.00
C ARG K 40 -65.68 -36.78 40.46
N GLN K 41 -64.59 -36.02 40.30
CA GLN K 41 -63.35 -36.63 39.84
C GLN K 41 -62.73 -37.54 40.89
N ARG K 42 -62.92 -37.22 42.18
CA ARG K 42 -62.49 -38.16 43.22
C ARG K 42 -63.28 -39.47 43.14
N ALA K 43 -64.60 -39.36 42.91
CA ALA K 43 -65.42 -40.55 42.75
C ALA K 43 -64.96 -41.37 41.56
N ILE K 44 -64.62 -40.71 40.46
CA ILE K 44 -64.15 -41.43 39.28
C ILE K 44 -62.78 -42.06 39.54
N LEU K 45 -61.89 -41.33 40.22
CA LEU K 45 -60.57 -41.86 40.54
C LEU K 45 -60.67 -43.07 41.45
N TYR K 46 -61.71 -43.13 42.29
CA TYR K 46 -61.92 -44.32 43.09
C TYR K 46 -62.28 -45.54 42.24
N LYS K 47 -62.64 -45.34 40.97
CA LYS K 47 -62.84 -46.44 40.05
C LYS K 47 -61.67 -46.65 39.09
N ARG K 48 -60.90 -45.60 38.80
CA ARG K 48 -59.74 -45.75 37.93
C ARG K 48 -58.67 -46.62 38.58
N LEU K 49 -58.30 -46.30 39.82
CA LEU K 49 -57.12 -46.86 40.44
C LEU K 49 -57.39 -48.28 40.95
N LYS K 50 -56.32 -48.96 41.34
CA LYS K 50 -56.44 -50.26 41.99
C LYS K 50 -56.60 -50.03 43.48
N VAL K 51 -57.81 -50.25 43.98
CA VAL K 51 -58.10 -50.06 45.40
C VAL K 51 -57.50 -51.23 46.17
N PRO K 52 -56.64 -50.97 47.15
CA PRO K 52 -56.14 -52.05 47.99
C PRO K 52 -57.28 -52.71 48.73
N PRO K 53 -57.20 -54.03 48.95
CA PRO K 53 -58.34 -54.75 49.54
C PRO K 53 -58.74 -54.27 50.92
N ALA K 54 -57.82 -53.64 51.66
CA ALA K 54 -58.17 -53.11 52.97
C ALA K 54 -59.21 -52.00 52.87
N ILE K 55 -59.28 -51.31 51.73
CA ILE K 55 -60.32 -50.32 51.51
C ILE K 55 -61.49 -50.89 50.72
N ASN K 56 -61.21 -51.73 49.73
CA ASN K 56 -62.25 -52.31 48.90
C ASN K 56 -63.21 -53.19 49.69
N GLN K 57 -62.79 -53.69 50.86
CA GLN K 57 -63.71 -54.46 51.70
C GLN K 57 -64.88 -53.60 52.15
N PHE K 58 -64.69 -52.30 52.29
CA PHE K 58 -65.79 -51.41 52.62
C PHE K 58 -66.80 -51.27 51.48
N THR K 59 -66.41 -51.53 50.24
CA THR K 59 -67.36 -51.47 49.14
C THR K 59 -68.39 -52.58 49.21
N GLN K 60 -67.99 -53.78 49.67
CA GLN K 60 -68.93 -54.87 49.87
C GLN K 60 -69.80 -54.54 51.08
N ALA K 61 -70.99 -54.05 50.83
CA ALA K 61 -71.89 -53.61 51.89
C ALA K 61 -73.00 -54.63 52.12
N LEU K 62 -73.68 -54.47 53.24
CA LEU K 62 -74.86 -55.28 53.53
C LEU K 62 -75.98 -54.90 52.58
N ASP K 63 -76.83 -55.88 52.25
CA ASP K 63 -77.99 -55.59 51.42
C ASP K 63 -79.01 -54.77 52.22
N ARG K 64 -79.97 -54.20 51.49
CA ARG K 64 -80.97 -53.36 52.13
C ARG K 64 -81.84 -54.16 53.09
N GLN K 65 -82.11 -55.42 52.77
CA GLN K 65 -82.94 -56.25 53.64
C GLN K 65 -82.25 -56.52 54.97
N THR K 66 -81.00 -57.00 54.92
CA THR K 66 -80.27 -57.31 56.15
C THR K 66 -80.02 -56.04 56.96
N ALA K 67 -79.68 -54.94 56.30
CA ALA K 67 -79.55 -53.67 56.99
C ALA K 67 -80.87 -53.24 57.62
N THR K 68 -82.00 -53.52 56.96
CA THR K 68 -83.28 -53.17 57.53
C THR K 68 -83.55 -53.93 58.81
N GLN K 69 -83.31 -55.25 58.79
CA GLN K 69 -83.49 -56.01 60.03
C GLN K 69 -82.54 -55.54 61.12
N LEU K 70 -81.29 -55.25 60.76
CA LEU K 70 -80.31 -54.83 61.76
C LEU K 70 -80.70 -53.50 62.39
N LEU K 71 -81.13 -52.54 61.57
CA LEU K 71 -81.55 -51.25 62.12
C LEU K 71 -82.83 -51.37 62.93
N LYS K 72 -83.77 -52.23 62.50
CA LYS K 72 -84.98 -52.45 63.27
C LYS K 72 -84.65 -53.03 64.64
N LEU K 73 -83.74 -54.02 64.69
CA LEU K 73 -83.36 -54.61 65.97
C LEU K 73 -82.58 -53.62 66.83
N ALA K 74 -81.66 -52.88 66.21
CA ALA K 74 -80.83 -51.96 66.96
C ALA K 74 -81.61 -50.76 67.49
N HIS K 75 -82.77 -50.45 66.90
CA HIS K 75 -83.53 -49.29 67.34
C HIS K 75 -84.12 -49.47 68.73
N LYS K 76 -84.17 -50.70 69.24
CA LYS K 76 -84.67 -50.95 70.58
C LYS K 76 -83.62 -50.71 71.66
N TYR K 77 -82.38 -50.41 71.28
CA TYR K 77 -81.28 -50.23 72.22
C TYR K 77 -80.54 -48.93 71.96
N ARG K 78 -81.26 -47.90 71.55
CA ARG K 78 -80.64 -46.62 71.28
C ARG K 78 -80.12 -46.00 72.58
N PRO K 79 -79.09 -45.16 72.51
CA PRO K 79 -78.66 -44.44 73.72
C PRO K 79 -79.78 -43.59 74.27
N GLU K 80 -79.87 -43.55 75.60
CA GLU K 80 -80.92 -42.78 76.24
C GLU K 80 -80.69 -41.28 76.03
N THR K 81 -81.73 -40.60 75.56
CA THR K 81 -81.62 -39.19 75.25
C THR K 81 -81.53 -38.37 76.53
N LYS K 82 -81.06 -37.12 76.40
CA LYS K 82 -80.80 -36.32 77.59
C LYS K 82 -82.10 -35.97 78.33
N GLN K 83 -83.21 -35.82 77.61
CA GLN K 83 -84.48 -35.56 78.28
C GLN K 83 -84.89 -36.76 79.14
N GLU K 84 -84.91 -37.95 78.56
CA GLU K 84 -85.25 -39.13 79.35
C GLU K 84 -84.13 -39.50 80.32
N LYS K 85 -82.89 -39.10 80.05
CA LYS K 85 -81.84 -39.27 81.06
C LYS K 85 -82.12 -38.41 82.27
N LYS K 86 -82.57 -37.16 82.06
CA LYS K 86 -82.99 -36.32 83.17
C LYS K 86 -84.19 -36.94 83.89
N GLN K 87 -85.14 -37.49 83.14
CA GLN K 87 -86.30 -38.13 83.77
C GLN K 87 -85.88 -39.30 84.65
N ARG K 88 -84.97 -40.14 84.14
CA ARG K 88 -84.50 -41.28 84.90
C ARG K 88 -83.72 -40.84 86.14
N LEU K 89 -82.89 -39.79 86.00
CA LEU K 89 -82.14 -39.30 87.14
C LEU K 89 -83.06 -38.72 88.20
N LEU K 90 -84.10 -38.00 87.77
CA LEU K 90 -85.08 -37.48 88.73
C LEU K 90 -85.84 -38.61 89.41
N ALA K 91 -86.19 -39.65 88.65
CA ALA K 91 -86.86 -40.80 89.26
C ALA K 91 -85.98 -41.49 90.28
N ARG K 92 -84.69 -41.65 89.96
CA ARG K 92 -83.74 -42.22 90.91
C ARG K 92 -83.60 -41.33 92.15
N ALA K 93 -83.59 -40.02 91.96
CA ALA K 93 -83.52 -39.11 93.10
C ALA K 93 -84.76 -39.24 93.98
N GLU K 94 -85.93 -39.35 93.37
CA GLU K 94 -87.16 -39.54 94.14
C GLU K 94 -87.15 -40.87 94.88
N LYS K 95 -86.66 -41.93 94.22
CA LYS K 95 -86.59 -43.24 94.87
C LYS K 95 -85.61 -43.25 96.03
N LYS K 96 -84.47 -42.57 95.87
CA LYS K 96 -83.49 -42.50 96.95
C LYS K 96 -84.00 -41.65 98.11
N ALA K 97 -84.68 -40.54 97.79
CA ALA K 97 -85.28 -39.73 98.85
C ALA K 97 -86.35 -40.52 99.61
N ALA K 98 -87.15 -41.30 98.89
CA ALA K 98 -88.17 -42.14 99.51
C ALA K 98 -88.50 -43.27 98.55
N GLY K 99 -88.16 -44.50 98.93
CA GLY K 99 -87.43 -44.81 100.14
C GLY K 99 -86.50 -46.01 99.98
N LYS K 100 -86.37 -46.47 98.73
CA LYS K 100 -85.60 -47.70 98.48
C LYS K 100 -84.12 -47.48 98.73
N GLY K 101 -83.56 -46.38 98.23
CA GLY K 101 -82.15 -46.12 98.41
C GLY K 101 -81.36 -46.11 97.12
N ASP K 102 -80.32 -46.94 97.06
CA ASP K 102 -79.49 -47.03 95.86
C ASP K 102 -80.30 -47.52 94.67
N VAL K 103 -80.81 -48.74 94.76
CA VAL K 103 -81.69 -49.36 93.76
C VAL K 103 -81.07 -49.30 92.37
N PRO K 104 -80.07 -50.14 92.06
CA PRO K 104 -79.47 -50.09 90.72
C PRO K 104 -80.48 -50.35 89.61
N THR K 105 -81.46 -51.22 89.87
CA THR K 105 -82.57 -51.50 88.95
C THR K 105 -82.09 -51.97 87.58
N LYS K 106 -80.98 -52.71 87.56
CA LYS K 106 -80.51 -53.45 86.39
C LYS K 106 -80.31 -52.53 85.19
N ARG K 107 -79.26 -51.69 85.30
CA ARG K 107 -78.80 -50.80 84.25
C ARG K 107 -78.82 -51.50 82.90
N PRO K 108 -79.66 -51.04 81.97
CA PRO K 108 -80.01 -51.87 80.83
C PRO K 108 -78.91 -51.92 79.80
N PRO K 109 -78.82 -52.99 79.01
CA PRO K 109 -77.89 -53.00 77.89
C PRO K 109 -78.27 -51.95 76.86
N VAL K 110 -77.24 -51.35 76.25
CA VAL K 110 -77.45 -50.29 75.28
C VAL K 110 -76.39 -50.44 74.19
N LEU K 111 -76.74 -49.99 72.99
CA LEU K 111 -75.83 -50.04 71.86
C LEU K 111 -74.63 -49.13 72.12
N ARG K 112 -73.44 -49.73 72.16
CA ARG K 112 -72.23 -48.96 72.41
C ARG K 112 -71.72 -48.33 71.12
N ALA K 113 -71.34 -47.06 71.21
CA ALA K 113 -70.97 -46.28 70.04
C ALA K 113 -69.61 -45.63 70.26
N GLY K 114 -68.97 -45.28 69.14
CA GLY K 114 -67.65 -44.68 69.18
C GLY K 114 -66.56 -45.66 68.81
N VAL K 115 -65.64 -45.24 67.94
CA VAL K 115 -64.65 -46.17 67.41
C VAL K 115 -63.71 -46.66 68.50
N ASN K 116 -63.34 -45.80 69.44
CA ASN K 116 -62.48 -46.22 70.53
C ASN K 116 -63.20 -47.17 71.47
N THR K 117 -64.47 -46.87 71.78
CA THR K 117 -65.25 -47.76 72.62
C THR K 117 -65.43 -49.13 71.96
N VAL K 118 -65.72 -49.14 70.67
CA VAL K 118 -65.87 -50.40 69.94
C VAL K 118 -64.55 -51.16 69.93
N THR K 119 -63.43 -50.48 69.71
CA THR K 119 -62.14 -51.14 69.71
C THR K 119 -61.82 -51.75 71.06
N THR K 120 -62.10 -51.01 72.14
CA THR K 120 -61.88 -51.54 73.48
C THR K 120 -62.74 -52.77 73.74
N LEU K 121 -64.00 -52.72 73.32
CA LEU K 121 -64.89 -53.88 73.50
C LEU K 121 -64.41 -55.08 72.70
N VAL K 122 -63.96 -54.87 71.46
CA VAL K 122 -63.51 -55.96 70.63
C VAL K 122 -62.25 -56.59 71.20
N GLU K 123 -61.31 -55.76 71.67
CA GLU K 123 -60.09 -56.29 72.27
C GLU K 123 -60.38 -57.11 73.52
N ASN K 124 -61.50 -56.83 74.18
CA ASN K 124 -61.94 -57.60 75.33
C ASN K 124 -62.88 -58.74 74.95
N LYS K 125 -63.18 -58.89 73.66
CA LYS K 125 -64.10 -59.92 73.15
C LYS K 125 -65.49 -59.77 73.76
N LYS K 126 -65.82 -58.55 74.19
CA LYS K 126 -67.10 -58.28 74.84
C LYS K 126 -68.20 -57.90 73.87
N ALA K 127 -67.86 -57.59 72.62
CA ALA K 127 -68.86 -57.25 71.63
C ALA K 127 -69.42 -58.51 70.99
N GLN K 128 -70.74 -58.52 70.78
CA GLN K 128 -71.40 -59.63 70.11
C GLN K 128 -71.59 -59.40 68.63
N LEU K 129 -71.64 -58.15 68.18
CA LEU K 129 -71.75 -57.82 66.77
C LEU K 129 -71.22 -56.43 66.54
N VAL K 130 -70.39 -56.26 65.51
CA VAL K 130 -69.78 -54.99 65.17
C VAL K 130 -70.38 -54.51 63.86
N VAL K 131 -70.83 -53.25 63.84
CA VAL K 131 -71.39 -52.64 62.65
C VAL K 131 -70.47 -51.48 62.26
N ILE K 132 -70.00 -51.48 61.01
CA ILE K 132 -69.04 -50.51 60.53
C ILE K 132 -69.67 -49.73 59.38
N ALA K 133 -69.62 -48.39 59.48
CA ALA K 133 -70.04 -47.56 58.37
C ALA K 133 -69.04 -47.66 57.23
N HIS K 134 -69.53 -47.49 56.01
CA HIS K 134 -68.72 -47.64 54.81
C HIS K 134 -68.18 -46.33 54.28
N ASP K 135 -68.60 -45.19 54.83
CA ASP K 135 -68.34 -43.90 54.20
C ASP K 135 -67.63 -42.95 55.15
N VAL K 136 -66.73 -43.47 55.98
CA VAL K 136 -65.92 -42.62 56.85
C VAL K 136 -64.86 -41.96 55.96
N ASP K 137 -64.96 -40.64 55.80
CA ASP K 137 -64.10 -39.96 54.82
C ASP K 137 -62.63 -40.04 55.18
N PRO K 138 -62.18 -39.75 56.43
CA PRO K 138 -60.80 -40.09 56.78
C PRO K 138 -60.67 -41.58 57.02
N ILE K 139 -60.53 -42.35 55.95
CA ILE K 139 -60.71 -43.81 56.02
C ILE K 139 -59.38 -44.39 56.49
N GLU K 140 -59.14 -44.23 57.78
CA GLU K 140 -58.15 -45.00 58.52
C GLU K 140 -58.67 -45.43 59.87
N LEU K 141 -59.76 -44.85 60.33
CA LEU K 141 -60.28 -45.12 61.65
C LEU K 141 -60.89 -46.51 61.75
N VAL K 142 -61.33 -47.08 60.62
CA VAL K 142 -62.03 -48.35 60.62
C VAL K 142 -61.41 -49.36 59.66
N VAL K 143 -60.28 -49.05 59.03
CA VAL K 143 -59.68 -49.99 58.08
C VAL K 143 -59.14 -51.22 58.80
N PHE K 144 -58.60 -51.06 60.00
CA PHE K 144 -58.11 -52.19 60.77
C PHE K 144 -59.22 -52.97 61.45
N LEU K 145 -60.41 -52.39 61.54
CA LEU K 145 -61.51 -53.03 62.27
C LEU K 145 -61.94 -54.37 61.68
N PRO K 146 -62.06 -54.57 60.36
CA PRO K 146 -62.42 -55.91 59.87
C PRO K 146 -61.45 -57.00 60.28
N ALA K 147 -60.16 -56.78 60.06
CA ALA K 147 -59.16 -57.79 60.43
C ALA K 147 -59.12 -57.97 61.95
N LEU K 148 -59.25 -56.88 62.70
CA LEU K 148 -59.27 -56.99 64.15
C LEU K 148 -60.44 -57.83 64.64
N CYS K 149 -61.63 -57.59 64.08
CA CYS K 149 -62.80 -58.35 64.48
C CYS K 149 -62.67 -59.81 64.08
N ARG K 150 -62.12 -60.08 62.89
CA ARG K 150 -61.95 -61.47 62.48
C ARG K 150 -60.97 -62.19 63.38
N LYS K 151 -59.85 -61.55 63.72
CA LYS K 151 -58.87 -62.19 64.59
C LYS K 151 -59.43 -62.40 65.99
N MET K 152 -60.13 -61.41 66.53
CA MET K 152 -60.76 -61.58 67.84
C MET K 152 -62.01 -62.46 67.79
N GLY K 153 -62.47 -62.80 66.59
CA GLY K 153 -63.58 -63.72 66.44
C GLY K 153 -64.96 -63.10 66.50
N VAL K 154 -65.06 -61.81 66.79
CA VAL K 154 -66.36 -61.15 66.87
C VAL K 154 -66.86 -60.88 65.47
N PRO K 155 -68.13 -61.19 65.17
CA PRO K 155 -68.66 -60.89 63.84
C PRO K 155 -68.74 -59.40 63.59
N TYR K 156 -68.54 -59.02 62.33
CA TYR K 156 -68.56 -57.62 61.92
C TYR K 156 -69.24 -57.50 60.55
N CYS K 157 -69.97 -56.40 60.38
CA CYS K 157 -70.66 -56.13 59.12
C CYS K 157 -70.44 -54.68 58.72
N ILE K 158 -70.62 -54.42 57.43
CA ILE K 158 -70.47 -53.10 56.86
C ILE K 158 -71.82 -52.66 56.30
N ILE K 159 -72.25 -51.47 56.71
CA ILE K 159 -73.56 -50.96 56.34
C ILE K 159 -73.38 -49.67 55.54
N LYS K 160 -74.41 -49.32 54.78
CA LYS K 160 -74.40 -48.10 53.98
C LYS K 160 -74.80 -46.90 54.84
N GLY K 161 -73.94 -45.89 54.89
CA GLY K 161 -74.30 -44.64 55.51
C GLY K 161 -73.97 -44.52 56.98
N LYS K 162 -73.04 -43.63 57.32
CA LYS K 162 -72.78 -43.32 58.71
C LYS K 162 -73.87 -42.48 59.33
N ALA K 163 -74.67 -41.79 58.50
CA ALA K 163 -75.72 -40.94 59.02
C ALA K 163 -76.80 -41.75 59.72
N ARG K 164 -77.08 -42.96 59.22
CA ARG K 164 -78.07 -43.81 59.87
C ARG K 164 -77.62 -44.20 61.27
N LEU K 165 -76.35 -44.58 61.42
CA LEU K 165 -75.81 -44.86 62.75
C LEU K 165 -75.83 -43.62 63.63
N GLY K 166 -75.52 -42.45 63.05
CA GLY K 166 -75.59 -41.22 63.81
C GLY K 166 -76.98 -40.94 64.34
N ARG K 167 -78.00 -41.18 63.51
CA ARG K 167 -79.37 -41.05 63.97
C ARG K 167 -79.69 -42.06 65.06
N LEU K 168 -79.15 -43.28 64.96
CA LEU K 168 -79.37 -44.27 65.99
C LEU K 168 -78.84 -43.83 67.33
N VAL K 169 -77.78 -43.01 67.35
CA VAL K 169 -77.19 -42.52 68.58
C VAL K 169 -77.51 -41.05 68.81
N HIS K 170 -78.50 -40.53 68.09
CA HIS K 170 -78.95 -39.14 68.23
C HIS K 170 -77.82 -38.15 67.99
N ARG K 171 -76.96 -38.46 67.03
CA ARG K 171 -75.87 -37.57 66.65
C ARG K 171 -75.89 -37.37 65.15
N LYS K 172 -74.95 -36.58 64.65
CA LYS K 172 -74.84 -36.38 63.21
C LYS K 172 -74.25 -37.61 62.52
N THR K 173 -73.23 -38.22 63.11
CA THR K 173 -72.51 -39.29 62.44
C THR K 173 -71.82 -40.17 63.47
N CYS K 174 -71.99 -41.48 63.35
CA CYS K 174 -71.27 -42.46 64.15
C CYS K 174 -70.55 -43.42 63.21
N THR K 175 -69.25 -43.62 63.45
CA THR K 175 -68.48 -44.51 62.60
C THR K 175 -68.90 -45.96 62.80
N THR K 176 -68.92 -46.42 64.04
CA THR K 176 -69.22 -47.81 64.34
C THR K 176 -70.12 -47.90 65.56
N VAL K 177 -70.92 -48.96 65.59
CA VAL K 177 -71.71 -49.32 66.76
C VAL K 177 -71.54 -50.80 67.02
N ALA K 178 -71.34 -51.15 68.29
CA ALA K 178 -71.06 -52.52 68.69
C ALA K 178 -72.16 -53.02 69.62
N PHE K 179 -72.48 -54.30 69.51
CA PHE K 179 -73.50 -54.93 70.33
C PHE K 179 -72.84 -55.68 71.48
N THR K 180 -73.16 -55.28 72.70
CA THR K 180 -72.87 -56.06 73.89
C THR K 180 -74.01 -57.04 74.11
N GLN K 181 -74.11 -57.61 75.32
CA GLN K 181 -75.21 -58.51 75.64
C GLN K 181 -76.56 -57.84 75.36
N VAL K 182 -77.57 -58.68 75.09
CA VAL K 182 -78.87 -58.21 74.64
C VAL K 182 -79.93 -58.90 75.48
N ASN K 183 -81.14 -58.33 75.47
CA ASN K 183 -82.25 -58.95 76.15
C ASN K 183 -82.58 -60.30 75.52
N SER K 184 -83.19 -61.17 76.32
CA SER K 184 -83.39 -62.57 75.91
C SER K 184 -84.29 -62.68 74.69
N GLU K 185 -85.32 -61.84 74.62
CA GLU K 185 -86.29 -61.92 73.53
C GLU K 185 -85.66 -61.60 72.18
N ASP K 186 -84.60 -60.79 72.15
CA ASP K 186 -83.92 -60.44 70.91
C ASP K 186 -82.75 -61.37 70.60
N LYS K 187 -82.54 -62.39 71.43
CA LYS K 187 -81.41 -63.28 71.21
C LYS K 187 -81.59 -64.10 69.93
N GLY K 188 -82.83 -64.42 69.57
CA GLY K 188 -83.05 -65.17 68.33
C GLY K 188 -82.71 -64.36 67.09
N ALA K 189 -83.22 -63.13 67.01
CA ALA K 189 -82.91 -62.27 65.88
C ALA K 189 -81.43 -61.93 65.85
N LEU K 190 -80.83 -61.70 67.02
CA LEU K 190 -79.39 -61.45 67.09
C LEU K 190 -78.61 -62.66 66.60
N ALA K 191 -79.03 -63.88 66.97
CA ALA K 191 -78.33 -65.08 66.52
C ALA K 191 -78.44 -65.24 65.02
N LYS K 192 -79.63 -65.00 64.46
CA LYS K 192 -79.78 -65.06 63.01
C LYS K 192 -78.87 -64.05 62.31
N LEU K 193 -78.87 -62.82 62.82
CA LEU K 193 -78.04 -61.77 62.21
C LEU K 193 -76.57 -62.11 62.33
N VAL K 194 -76.15 -62.63 63.49
CA VAL K 194 -74.75 -62.99 63.69
C VAL K 194 -74.33 -64.11 62.73
N GLU K 195 -75.18 -65.13 62.58
CA GLU K 195 -74.84 -66.22 61.67
C GLU K 195 -74.74 -65.73 60.23
N ALA K 196 -75.71 -64.92 59.79
CA ALA K 196 -75.68 -64.42 58.42
C ALA K 196 -74.48 -63.53 58.18
N ILE K 197 -74.18 -62.64 59.13
CA ILE K 197 -73.06 -61.72 58.99
C ILE K 197 -71.74 -62.49 59.02
N ARG K 198 -71.66 -63.53 59.86
CA ARG K 198 -70.45 -64.35 59.89
C ARG K 198 -70.22 -65.04 58.56
N THR K 199 -71.29 -65.60 57.97
CA THR K 199 -71.17 -66.23 56.66
C THR K 199 -70.75 -65.22 55.60
N ASN K 200 -71.33 -64.02 55.64
CA ASN K 200 -71.06 -63.02 54.62
C ASN K 200 -69.67 -62.39 54.73
N TYR K 201 -69.16 -62.21 55.95
CA TYR K 201 -67.89 -61.50 56.14
C TYR K 201 -66.81 -62.40 56.75
N ASN K 202 -67.05 -62.99 57.92
CA ASN K 202 -65.97 -63.64 58.64
C ASN K 202 -65.58 -64.98 58.03
N ASP K 203 -66.58 -65.73 57.55
CA ASP K 203 -66.29 -67.05 57.00
C ASP K 203 -65.56 -66.97 55.67
N ARG K 204 -65.59 -65.82 55.01
CA ARG K 204 -64.85 -65.61 53.77
C ARG K 204 -63.83 -64.49 53.89
N TYR K 205 -63.17 -64.39 55.05
CA TYR K 205 -62.15 -63.37 55.26
C TYR K 205 -60.95 -63.55 54.33
N ASP K 206 -60.70 -64.78 53.87
CA ASP K 206 -59.44 -65.08 53.20
C ASP K 206 -59.32 -64.33 51.88
N GLU K 207 -60.32 -64.41 51.01
CA GLU K 207 -60.23 -63.73 49.72
C GLU K 207 -60.56 -62.25 49.81
N ILE K 208 -61.15 -61.80 50.91
CA ILE K 208 -61.37 -60.37 51.11
C ILE K 208 -60.04 -59.65 51.22
N ARG K 209 -59.05 -60.29 51.86
CA ARG K 209 -57.71 -59.74 51.94
C ARG K 209 -57.05 -59.59 50.57
N ARG K 210 -57.52 -60.32 49.56
CA ARG K 210 -56.90 -60.31 48.25
C ARG K 210 -57.78 -59.67 47.19
N HIS K 211 -58.97 -59.20 47.55
CA HIS K 211 -59.93 -58.70 46.58
C HIS K 211 -59.66 -57.21 46.33
N TRP K 212 -58.90 -56.93 45.29
CA TRP K 212 -58.63 -55.54 44.92
C TRP K 212 -59.84 -54.91 44.27
N GLY K 213 -59.91 -53.58 44.34
CA GLY K 213 -61.02 -52.83 43.80
C GLY K 213 -60.59 -51.82 42.75
N GLY K 214 -61.60 -51.24 42.11
CA GLY K 214 -61.32 -50.26 41.06
C GLY K 214 -60.75 -50.93 39.82
N ASN K 215 -59.72 -50.30 39.27
CA ASN K 215 -59.06 -50.78 38.04
C ASN K 215 -60.06 -50.91 36.89
N VAL K 216 -60.91 -49.91 36.73
CA VAL K 216 -61.95 -49.90 35.70
C VAL K 216 -61.77 -48.65 34.85
N LEU K 217 -61.76 -48.82 33.53
CA LEU K 217 -61.64 -47.70 32.63
C LEU K 217 -62.98 -47.02 32.42
N GLY K 218 -62.96 -45.93 31.66
CA GLY K 218 -64.15 -45.19 31.33
C GLY K 218 -64.96 -45.88 30.25
N PRO K 219 -66.24 -45.52 30.14
CA PRO K 219 -67.08 -46.14 29.10
C PRO K 219 -66.57 -45.88 27.70
N LYS K 220 -65.97 -44.72 27.44
CA LYS K 220 -65.38 -44.46 26.13
C LYS K 220 -64.23 -45.41 25.84
N SER K 221 -63.35 -45.62 26.83
CA SER K 221 -62.22 -46.52 26.64
C SER K 221 -62.68 -47.95 26.44
N VAL K 222 -63.65 -48.39 27.24
CA VAL K 222 -64.18 -49.74 27.10
C VAL K 222 -64.83 -49.91 25.73
N ALA K 223 -65.57 -48.89 25.27
CA ALA K 223 -66.19 -48.95 23.96
C ALA K 223 -65.14 -49.05 22.85
N ARG K 224 -64.07 -48.27 22.95
CA ARG K 224 -63.01 -48.34 21.96
C ARG K 224 -62.34 -49.70 21.96
N ILE K 225 -62.08 -50.25 23.14
CA ILE K 225 -61.45 -51.56 23.24
C ILE K 225 -62.35 -52.63 22.62
N ALA K 226 -63.65 -52.60 22.94
CA ALA K 226 -64.57 -53.57 22.39
C ALA K 226 -64.71 -53.41 20.88
N LYS K 227 -64.67 -52.16 20.38
CA LYS K 227 -64.75 -51.93 18.95
C LYS K 227 -63.55 -52.52 18.24
N LEU K 228 -62.35 -52.33 18.80
CA LEU K 228 -61.15 -52.90 18.18
C LEU K 228 -61.19 -54.43 18.23
N GLU K 229 -61.61 -54.99 19.37
CA GLU K 229 -61.71 -56.45 19.49
C GLU K 229 -62.70 -57.02 18.50
N LYS K 230 -63.85 -56.37 18.33
CA LYS K 230 -64.82 -56.80 17.33
C LYS K 230 -64.28 -56.63 15.92
N ALA K 231 -63.54 -55.55 15.66
CA ALA K 231 -63.01 -55.30 14.33
C ALA K 231 -62.03 -56.39 13.91
N LYS K 232 -61.19 -56.85 14.83
CA LYS K 232 -60.32 -57.96 14.48
C LYS K 232 -61.01 -59.32 14.56
N ALA K 233 -62.01 -59.47 15.44
CA ALA K 233 -62.68 -60.75 15.58
C ALA K 233 -63.59 -61.04 14.40
N LYS K 234 -64.11 -60.00 13.74
CA LYS K 234 -64.98 -60.26 12.58
C LYS K 234 -64.21 -60.85 11.43
N GLU K 235 -62.95 -60.45 11.23
CA GLU K 235 -62.12 -61.09 10.22
C GLU K 235 -61.51 -62.39 10.70
N LEU K 236 -61.25 -62.53 12.00
CA LEU K 236 -60.82 -63.82 12.51
C LEU K 236 -61.93 -64.87 12.42
N ALA K 237 -63.19 -64.44 12.43
CA ALA K 237 -64.30 -65.37 12.34
C ALA K 237 -64.36 -66.04 10.97
N THR K 238 -64.18 -65.26 9.90
CA THR K 238 -64.09 -65.85 8.57
C THR K 238 -62.72 -66.47 8.33
N LYS K 239 -61.72 -66.09 9.11
CA LYS K 239 -60.42 -66.76 9.03
C LYS K 239 -60.53 -68.22 9.43
N LEU K 240 -61.25 -68.51 10.51
CA LEU K 240 -61.43 -69.87 10.96
C LEU K 240 -62.70 -70.47 10.34
N GLY K 241 -62.62 -71.73 9.96
CA GLY K 241 -63.76 -72.43 9.39
C GLY K 241 -64.19 -71.91 8.03
N MET L 1 70.43 46.06 34.44
CA MET L 1 71.75 46.69 34.55
C MET L 1 71.70 48.18 34.20
N LYS L 2 72.11 49.01 35.16
CA LYS L 2 72.18 50.45 34.96
C LYS L 2 73.64 50.84 34.76
N THR L 3 73.97 51.28 33.54
CA THR L 3 75.31 51.78 33.27
C THR L 3 75.55 53.06 34.06
N ILE L 4 76.74 53.16 34.67
CA ILE L 4 77.05 54.28 35.55
C ILE L 4 77.00 55.58 34.79
N LEU L 5 77.65 55.62 33.63
CA LEU L 5 77.75 56.85 32.85
C LEU L 5 77.92 56.51 31.38
N SER L 6 77.11 57.12 30.53
CA SER L 6 77.25 57.03 29.08
C SER L 6 77.27 58.44 28.53
N ASN L 7 78.32 58.78 27.79
CA ASN L 7 78.47 60.13 27.27
C ASN L 7 79.02 60.10 25.85
N GLN L 8 78.67 61.13 25.08
CA GLN L 8 79.23 61.33 23.75
C GLN L 8 79.36 62.83 23.53
N THR L 9 80.49 63.24 22.94
CA THR L 9 80.82 64.64 22.74
C THR L 9 80.73 64.99 21.26
N VAL L 10 80.03 66.09 20.96
CA VAL L 10 79.88 66.59 19.60
C VAL L 10 80.65 67.90 19.49
N ASP L 11 81.51 67.98 18.47
CA ASP L 11 82.28 69.19 18.24
C ASP L 11 81.46 70.20 17.45
N ILE L 12 81.61 71.47 17.81
CA ILE L 12 80.89 72.57 17.17
C ILE L 12 81.88 73.39 16.34
N PRO L 13 81.57 73.68 15.08
CA PRO L 13 82.47 74.52 14.27
C PRO L 13 82.54 75.94 14.79
N GLU L 14 83.57 76.65 14.31
CA GLU L 14 83.87 77.97 14.84
C GLU L 14 82.89 79.04 14.37
N ASN L 15 82.21 78.82 13.25
CA ASN L 15 81.30 79.82 12.71
C ASN L 15 79.93 79.81 13.37
N VAL L 16 79.67 78.84 14.24
CA VAL L 16 78.36 78.68 14.86
C VAL L 16 78.55 78.51 16.37
N ASP L 17 77.64 79.10 17.14
CA ASP L 17 77.64 78.99 18.59
C ASP L 17 76.35 78.34 19.07
N ILE L 18 76.41 77.76 20.27
CA ILE L 18 75.28 77.06 20.87
C ILE L 18 75.11 77.57 22.29
N THR L 19 73.88 77.93 22.65
CA THR L 19 73.55 78.41 23.98
C THR L 19 72.52 77.48 24.60
N LEU L 20 72.75 77.12 25.86
CA LEU L 20 71.90 76.19 26.59
C LEU L 20 71.12 76.95 27.66
N LYS L 21 69.81 76.72 27.70
CA LYS L 21 68.95 77.17 28.79
C LYS L 21 68.34 75.91 29.41
N GLY L 22 69.07 75.30 30.34
CA GLY L 22 68.70 74.01 30.86
C GLY L 22 68.90 72.94 29.81
N ARG L 23 67.80 72.36 29.32
CA ARG L 23 67.85 71.38 28.25
C ARG L 23 67.27 71.92 26.95
N THR L 24 67.19 73.24 26.80
CA THR L 24 66.79 73.87 25.56
C THR L 24 68.03 74.31 24.81
N VAL L 25 68.19 73.82 23.59
CA VAL L 25 69.39 74.06 22.80
C VAL L 25 69.09 75.15 21.79
N ILE L 26 69.82 76.26 21.89
CA ILE L 26 69.69 77.38 20.97
C ILE L 26 70.92 77.39 20.06
N VAL L 27 70.71 77.13 18.78
CA VAL L 27 71.79 77.07 17.80
C VAL L 27 71.58 78.22 16.83
N LYS L 28 72.54 79.14 16.77
CA LYS L 28 72.48 80.29 15.87
C LYS L 28 73.66 80.22 14.92
N GLY L 29 73.37 79.90 13.65
CA GLY L 29 74.39 79.83 12.63
C GLY L 29 74.23 80.93 11.61
N PRO L 30 75.13 80.97 10.63
CA PRO L 30 75.02 82.01 9.58
C PRO L 30 73.72 81.93 8.79
N ARG L 31 73.18 80.73 8.58
CA ARG L 31 71.94 80.57 7.84
C ARG L 31 70.71 80.93 8.66
N GLY L 32 70.82 81.03 9.97
CA GLY L 32 69.70 81.38 10.80
C GLY L 32 69.83 80.74 12.17
N THR L 33 68.71 80.72 12.89
CA THR L 33 68.65 80.23 14.26
C THR L 33 67.69 79.06 14.35
N LEU L 34 68.15 77.97 14.93
CA LEU L 34 67.32 76.81 15.22
C LEU L 34 67.30 76.56 16.72
N ARG L 35 66.11 76.39 17.28
CA ARG L 35 65.94 76.17 18.71
C ARG L 35 65.12 74.92 18.92
N ARG L 36 65.61 74.04 19.80
CA ARG L 36 64.92 72.79 20.09
C ARG L 36 65.26 72.37 21.51
N ASP L 37 64.23 72.07 22.30
CA ASP L 37 64.40 71.66 23.68
C ASP L 37 64.23 70.15 23.82
N PHE L 38 64.82 69.59 24.87
CA PHE L 38 64.77 68.17 25.15
C PHE L 38 64.30 67.91 26.57
N ASN L 39 63.24 68.60 26.99
CA ASN L 39 62.70 68.44 28.33
C ASN L 39 62.15 67.05 28.58
N HIS L 40 61.84 66.29 27.53
CA HIS L 40 61.27 64.96 27.71
C HIS L 40 62.32 63.89 27.94
N ILE L 41 63.60 64.23 27.88
CA ILE L 41 64.68 63.30 28.16
C ILE L 41 65.50 63.83 29.32
N ASN L 42 65.69 63.00 30.35
CA ASN L 42 66.34 63.42 31.58
C ASN L 42 67.84 63.13 31.47
N VAL L 43 68.52 64.00 30.73
CA VAL L 43 69.96 63.91 30.53
C VAL L 43 70.59 65.24 30.93
N GLU L 44 71.92 65.24 30.98
CA GLU L 44 72.68 66.42 31.36
C GLU L 44 73.42 66.94 30.14
N LEU L 45 73.26 68.24 29.87
CA LEU L 45 73.93 68.90 28.76
C LEU L 45 74.85 69.98 29.30
N SER L 46 76.06 70.05 28.74
CA SER L 46 77.04 71.03 29.20
C SER L 46 77.96 71.40 28.05
N LEU L 47 78.44 72.62 28.07
CA LEU L 47 79.44 73.10 27.12
C LEU L 47 80.80 73.07 27.79
N LEU L 48 81.80 72.58 27.06
CA LEU L 48 83.07 72.19 27.69
C LEU L 48 84.06 73.35 27.76
N GLY L 49 84.42 73.92 26.62
CA GLY L 49 85.46 74.93 26.56
C GLY L 49 85.04 76.18 25.78
N LYS L 50 85.87 77.20 25.91
CA LYS L 50 85.72 78.45 25.19
C LYS L 50 86.63 78.51 23.96
N LYS L 51 87.23 77.38 23.59
CA LYS L 51 88.23 77.28 22.54
C LYS L 51 87.73 76.52 21.32
N LYS L 52 87.14 75.35 21.52
CA LYS L 52 86.69 74.48 20.45
C LYS L 52 85.20 74.17 20.54
N LYS L 53 84.55 74.52 21.64
CA LYS L 53 83.10 74.40 21.82
C LYS L 53 82.66 72.93 21.69
N ARG L 54 83.12 72.13 22.64
CA ARG L 54 82.64 70.75 22.74
C ARG L 54 81.35 70.70 23.54
N LEU L 55 80.38 69.96 23.03
CA LEU L 55 79.11 69.73 23.72
C LEU L 55 79.02 68.26 24.10
N ARG L 56 78.74 67.99 25.37
CA ARG L 56 78.68 66.63 25.88
C ARG L 56 77.27 66.33 26.39
N VAL L 57 76.78 65.14 26.07
CA VAL L 57 75.48 64.64 26.52
C VAL L 57 75.74 63.54 27.53
N ASP L 58 75.24 63.72 28.76
CA ASP L 58 75.50 62.81 29.86
C ASP L 58 74.21 62.20 30.36
N LYS L 59 74.23 60.89 30.59
CA LYS L 59 73.12 60.18 31.22
C LYS L 59 73.69 59.28 32.31
N TRP L 60 73.21 59.46 33.54
CA TRP L 60 73.70 58.74 34.70
C TRP L 60 72.68 57.70 35.12
N TRP L 61 73.15 56.46 35.36
CA TRP L 61 72.32 55.36 35.83
C TRP L 61 71.14 55.12 34.90
N GLY L 62 71.44 54.74 33.66
CA GLY L 62 70.43 54.50 32.65
C GLY L 62 70.32 53.01 32.33
N ASN L 63 69.08 52.56 32.12
CA ASN L 63 68.86 51.19 31.66
C ASN L 63 69.04 51.16 30.15
N ARG L 64 68.75 50.01 29.55
CA ARG L 64 69.06 49.81 28.13
C ARG L 64 68.27 50.77 27.24
N LYS L 65 67.00 51.02 27.59
CA LYS L 65 66.15 51.83 26.73
C LYS L 65 66.62 53.28 26.66
N GLU L 66 66.89 53.89 27.81
CA GLU L 66 67.21 55.31 27.82
C GLU L 66 68.64 55.61 27.39
N LEU L 67 69.52 54.60 27.33
CA LEU L 67 70.85 54.83 26.80
C LEU L 67 70.84 55.17 25.32
N ALA L 68 69.83 54.73 24.58
CA ALA L 68 69.74 55.04 23.16
C ALA L 68 69.48 56.52 22.92
N THR L 69 68.95 57.23 23.92
CA THR L 69 68.61 58.64 23.76
C THR L 69 69.82 59.54 23.61
N VAL L 70 70.97 59.15 24.16
CA VAL L 70 72.14 60.02 24.12
C VAL L 70 72.59 60.26 22.69
N ARG L 71 72.75 59.19 21.91
CA ARG L 71 73.16 59.34 20.53
C ARG L 71 72.06 59.95 19.67
N THR L 72 70.80 59.74 20.02
CA THR L 72 69.71 60.43 19.32
C THR L 72 69.82 61.93 19.50
N ILE L 73 70.08 62.38 20.73
CA ILE L 73 70.27 63.80 20.99
C ILE L 73 71.49 64.31 20.23
N CYS L 74 72.58 63.53 20.24
CA CYS L 74 73.79 63.97 19.54
C CYS L 74 73.55 64.11 18.04
N SER L 75 72.83 63.16 17.45
CA SER L 75 72.50 63.24 16.03
C SER L 75 71.59 64.41 15.72
N HIS L 76 70.62 64.68 16.60
CA HIS L 76 69.77 65.85 16.39
C HIS L 76 70.56 67.15 16.46
N VAL L 77 71.50 67.24 17.41
CA VAL L 77 72.34 68.42 17.52
C VAL L 77 73.20 68.59 16.27
N GLN L 78 73.78 67.49 15.77
CA GLN L 78 74.57 67.57 14.55
C GLN L 78 73.71 67.96 13.35
N ASN L 79 72.47 67.47 13.31
CA ASN L 79 71.56 67.86 12.23
C ASN L 79 71.25 69.35 12.30
N MET L 80 71.04 69.88 13.50
CA MET L 80 70.80 71.31 13.65
C MET L 80 72.02 72.12 13.23
N ILE L 81 73.23 71.64 13.58
CA ILE L 81 74.45 72.32 13.19
C ILE L 81 74.59 72.32 11.67
N LYS L 82 74.31 71.17 11.04
CA LYS L 82 74.39 71.08 9.59
C LYS L 82 73.38 72.00 8.93
N GLY L 83 72.17 72.09 9.50
CA GLY L 83 71.16 72.97 8.94
C GLY L 83 71.51 74.44 9.06
N VAL L 84 72.02 74.86 10.22
CA VAL L 84 72.36 76.27 10.40
C VAL L 84 73.65 76.64 9.72
N THR L 85 74.50 75.67 9.36
CA THR L 85 75.73 75.94 8.64
C THR L 85 75.59 75.74 7.15
N LEU L 86 75.05 74.60 6.73
CA LEU L 86 74.90 74.30 5.32
C LEU L 86 73.47 74.25 4.83
N GLY L 87 72.52 73.90 5.69
CA GLY L 87 71.13 73.81 5.29
C GLY L 87 70.80 72.47 4.67
N PHE L 88 69.50 72.25 4.49
CA PHE L 88 68.99 70.99 3.97
C PHE L 88 68.21 71.25 2.69
N ARG L 89 68.69 70.67 1.59
CA ARG L 89 68.00 70.75 0.31
C ARG L 89 67.59 69.34 -0.10
N TYR L 90 66.29 69.12 -0.22
CA TYR L 90 65.75 67.84 -0.69
C TYR L 90 65.32 67.97 -2.14
N LYS L 91 65.75 67.02 -2.96
CA LYS L 91 65.38 66.98 -4.37
C LYS L 91 64.40 65.85 -4.60
N MET L 92 63.21 66.19 -5.09
CA MET L 92 62.16 65.22 -5.40
C MET L 92 61.90 65.23 -6.90
N ARG L 93 61.87 64.05 -7.49
CA ARG L 93 61.60 63.88 -8.91
C ARG L 93 60.20 63.33 -9.10
N SER L 94 59.42 63.99 -9.95
CA SER L 94 58.07 63.55 -10.26
C SER L 94 58.12 62.64 -11.49
N VAL L 95 57.63 61.42 -11.35
CA VAL L 95 57.68 60.44 -12.41
C VAL L 95 56.25 60.15 -12.87
N TYR L 96 56.10 59.80 -14.15
CA TYR L 96 54.78 59.53 -14.70
C TYR L 96 54.94 58.73 -15.98
N ALA L 97 53.89 57.98 -16.31
CA ALA L 97 53.86 57.20 -17.54
C ALA L 97 53.21 57.96 -18.69
N HIS L 98 51.97 58.41 -18.51
CA HIS L 98 51.24 59.12 -19.56
C HIS L 98 50.94 60.56 -19.18
N PHE L 99 50.38 60.80 -18.01
CA PHE L 99 49.96 62.15 -17.63
C PHE L 99 51.11 62.88 -16.95
N PRO L 100 51.65 63.95 -17.55
CA PRO L 100 52.69 64.72 -16.86
C PRO L 100 52.13 65.42 -15.64
N ILE L 101 52.97 65.56 -14.62
CA ILE L 101 52.57 66.20 -13.37
C ILE L 101 52.90 67.69 -13.46
N ASN L 102 51.86 68.51 -13.51
CA ASN L 102 52.03 69.96 -13.49
C ASN L 102 52.09 70.42 -12.03
N VAL L 103 53.16 71.12 -11.69
CA VAL L 103 53.39 71.59 -10.33
C VAL L 103 53.42 73.11 -10.35
N VAL L 104 52.58 73.73 -9.52
CA VAL L 104 52.53 75.18 -9.39
C VAL L 104 53.08 75.54 -8.01
N ILE L 105 54.16 76.32 -8.00
CA ILE L 105 54.74 76.81 -6.75
C ILE L 105 54.10 78.17 -6.46
N GLN L 106 53.17 78.18 -5.50
CA GLN L 106 52.44 79.39 -5.16
C GLN L 106 53.27 80.26 -4.22
N GLU L 107 52.62 81.24 -3.58
CA GLU L 107 53.30 82.39 -2.98
C GLU L 107 54.45 81.97 -2.08
N ASN L 108 55.63 82.54 -2.35
CA ASN L 108 56.82 82.37 -1.52
C ASN L 108 57.25 80.91 -1.40
N GLY L 109 56.71 80.03 -2.23
CA GLY L 109 57.01 78.62 -2.14
C GLY L 109 56.33 77.89 -1.01
N SER L 110 55.41 78.53 -0.29
CA SER L 110 54.75 77.91 0.83
C SER L 110 53.60 76.99 0.43
N LEU L 111 53.12 77.09 -0.81
CA LEU L 111 52.01 76.26 -1.28
C LEU L 111 52.40 75.61 -2.60
N VAL L 112 52.08 74.33 -2.72
CA VAL L 112 52.39 73.55 -3.91
C VAL L 112 51.09 72.94 -4.44
N GLU L 113 50.81 73.14 -5.72
CA GLU L 113 49.59 72.65 -6.35
C GLU L 113 49.95 71.68 -7.48
N ILE L 114 49.30 70.53 -7.49
CA ILE L 114 49.52 69.48 -8.48
C ILE L 114 48.27 69.37 -9.32
N ARG L 115 48.42 69.49 -10.65
CA ARG L 115 47.29 69.60 -11.55
C ARG L 115 46.88 68.26 -12.16
N ASN L 116 47.78 67.62 -12.90
CA ASN L 116 47.41 66.48 -13.74
C ASN L 116 47.99 65.17 -13.22
N PHE L 117 47.94 64.96 -11.92
CA PHE L 117 48.36 63.68 -11.36
C PHE L 117 47.37 62.59 -11.77
N LEU L 118 47.83 61.68 -12.63
CA LEU L 118 47.02 60.58 -13.16
C LEU L 118 45.81 61.10 -13.96
N GLY L 119 45.87 62.36 -14.38
CA GLY L 119 44.84 62.91 -15.24
C GLY L 119 43.54 63.25 -14.57
N GLU L 120 43.45 63.16 -13.25
CA GLU L 120 42.19 63.44 -12.57
C GLU L 120 42.00 64.93 -12.40
N LYS L 121 40.73 65.34 -12.35
CA LYS L 121 40.34 66.74 -12.29
C LYS L 121 40.65 67.38 -10.95
N TYR L 122 40.99 66.60 -9.93
CA TYR L 122 41.25 67.16 -8.62
C TYR L 122 42.57 67.93 -8.62
N ILE L 123 42.66 68.93 -7.74
CA ILE L 123 43.88 69.69 -7.54
C ILE L 123 44.34 69.45 -6.11
N ARG L 124 45.62 69.10 -5.95
CA ARG L 124 46.19 68.85 -4.64
C ARG L 124 46.84 70.11 -4.12
N ARG L 125 46.39 70.59 -2.97
CA ARG L 125 46.92 71.79 -2.34
C ARG L 125 47.66 71.38 -1.07
N VAL L 126 48.98 71.46 -1.10
CA VAL L 126 49.83 71.08 0.02
C VAL L 126 50.58 72.31 0.49
N ARG L 127 50.46 72.64 1.77
CA ARG L 127 51.11 73.80 2.35
C ARG L 127 52.40 73.33 3.03
N MET L 128 53.50 74.02 2.74
CA MET L 128 54.78 73.64 3.32
C MET L 128 54.84 74.07 4.79
N ARG L 129 55.71 73.40 5.54
CA ARG L 129 55.96 73.80 6.91
C ARG L 129 56.62 75.17 6.92
N PRO L 130 56.36 75.99 7.94
CA PRO L 130 56.96 77.32 8.00
C PRO L 130 58.48 77.25 8.02
N GLY L 131 59.11 78.17 7.31
CA GLY L 131 60.55 78.18 7.18
C GLY L 131 61.10 77.29 6.08
N VAL L 132 60.24 76.55 5.37
CA VAL L 132 60.66 75.68 4.28
C VAL L 132 60.18 76.30 2.97
N ALA L 133 61.11 76.46 2.04
CA ALA L 133 60.82 77.06 0.74
C ALA L 133 60.90 75.99 -0.34
N CYS L 134 59.84 75.83 -1.11
CA CYS L 134 59.80 74.90 -2.22
C CYS L 134 59.93 75.67 -3.53
N SER L 135 60.54 75.01 -4.52
CA SER L 135 60.75 75.64 -5.81
C SER L 135 60.92 74.57 -6.88
N VAL L 136 60.73 74.97 -8.13
CA VAL L 136 60.92 74.11 -9.29
C VAL L 136 62.36 74.28 -9.76
N SER L 137 63.05 73.16 -9.94
CA SER L 137 64.43 73.20 -10.40
C SER L 137 64.53 73.80 -11.80
N GLN L 138 65.51 74.65 -11.99
CA GLN L 138 65.78 75.26 -13.28
C GLN L 138 66.75 74.44 -14.12
N ALA L 139 67.31 73.37 -13.57
CA ALA L 139 68.25 72.53 -14.30
C ALA L 139 67.61 71.21 -14.75
N GLN L 140 66.43 70.89 -14.24
CA GLN L 140 65.76 69.64 -14.57
C GLN L 140 64.30 69.92 -14.90
N LYS L 141 63.74 69.07 -15.78
CA LYS L 141 62.39 69.29 -16.27
C LYS L 141 61.35 68.92 -15.22
N ASP L 142 61.59 67.85 -14.45
CA ASP L 142 60.67 67.40 -13.41
C ASP L 142 61.49 67.21 -12.13
N GLU L 143 61.64 68.28 -11.37
CA GLU L 143 62.36 68.22 -10.10
C GLU L 143 61.84 69.34 -9.20
N LEU L 144 61.54 68.98 -7.95
CA LEU L 144 61.13 69.95 -6.95
C LEU L 144 62.24 70.16 -5.94
N ILE L 145 62.54 71.43 -5.67
CA ILE L 145 63.62 71.81 -4.77
C ILE L 145 62.99 72.33 -3.49
N LEU L 146 63.25 71.64 -2.38
CA LEU L 146 62.78 72.05 -1.07
C LEU L 146 63.99 72.48 -0.24
N GLU L 147 63.95 73.71 0.27
CA GLU L 147 65.06 74.27 1.03
C GLU L 147 64.56 74.76 2.37
N GLY L 148 65.40 74.59 3.40
CA GLY L 148 65.05 75.03 4.73
C GLY L 148 66.19 74.75 5.69
N ASN L 149 66.00 75.18 6.92
CA ASN L 149 67.02 75.02 7.95
C ASN L 149 66.83 73.78 8.80
N ASP L 150 65.59 73.43 9.15
CA ASP L 150 65.31 72.31 10.03
C ASP L 150 65.06 71.07 9.18
N ILE L 151 65.80 69.99 9.49
CA ILE L 151 65.69 68.76 8.72
C ILE L 151 64.30 68.14 8.87
N GLU L 152 63.75 68.17 10.09
CA GLU L 152 62.45 67.55 10.32
C GLU L 152 61.37 68.24 9.51
N LEU L 153 61.36 69.57 9.49
CA LEU L 153 60.33 70.30 8.75
C LEU L 153 60.44 70.05 7.25
N VAL L 154 61.67 70.10 6.71
CA VAL L 154 61.87 69.91 5.28
C VAL L 154 61.45 68.51 4.87
N SER L 155 61.91 67.50 5.60
CA SER L 155 61.57 66.14 5.25
C SER L 155 60.08 65.85 5.49
N ASN L 156 59.46 66.53 6.46
CA ASN L 156 58.03 66.39 6.66
C ASN L 156 57.25 66.97 5.47
N SER L 157 57.68 68.13 4.98
CA SER L 157 57.05 68.70 3.79
C SER L 157 57.24 67.78 2.58
N ALA L 158 58.44 67.22 2.45
CA ALA L 158 58.70 66.28 1.35
C ALA L 158 57.81 65.06 1.45
N ALA L 159 57.64 64.53 2.67
CA ALA L 159 56.75 63.39 2.86
C ALA L 159 55.30 63.74 2.57
N LEU L 160 54.88 64.95 2.93
CA LEU L 160 53.52 65.37 2.60
C LEU L 160 53.32 65.43 1.10
N ILE L 161 54.29 65.97 0.37
CA ILE L 161 54.20 66.01 -1.09
C ILE L 161 54.18 64.60 -1.67
N GLN L 162 55.05 63.73 -1.15
CA GLN L 162 55.16 62.38 -1.68
C GLN L 162 53.87 61.59 -1.45
N GLN L 163 53.29 61.71 -0.25
CA GLN L 163 52.05 61.00 0.05
C GLN L 163 50.84 61.64 -0.60
N ALA L 164 50.94 62.92 -0.98
CA ALA L 164 49.83 63.59 -1.64
C ALA L 164 49.53 62.95 -2.99
N THR L 165 50.58 62.59 -3.74
CA THR L 165 50.41 61.91 -5.02
C THR L 165 50.51 60.41 -4.80
N THR L 166 49.41 59.83 -4.32
CA THR L 166 49.33 58.41 -4.01
C THR L 166 48.26 57.77 -4.87
N VAL L 167 48.64 56.71 -5.60
CA VAL L 167 47.69 56.00 -6.44
C VAL L 167 46.79 55.14 -5.55
N LYS L 168 45.50 55.12 -5.86
CA LYS L 168 44.52 54.42 -5.06
C LYS L 168 43.77 53.42 -5.90
N ASN L 169 43.38 52.30 -5.28
CA ASN L 169 42.56 51.26 -5.90
C ASN L 169 43.21 50.68 -7.15
N LYS L 170 44.53 50.77 -7.24
CA LYS L 170 45.26 50.27 -8.39
C LYS L 170 46.51 49.55 -7.92
N ASP L 171 47.03 48.68 -8.78
CA ASP L 171 48.27 47.98 -8.47
C ASP L 171 49.42 48.98 -8.52
N ILE L 172 49.85 49.45 -7.35
CA ILE L 172 50.85 50.51 -7.28
C ILE L 172 52.20 50.05 -7.82
N ARG L 173 52.44 48.75 -7.87
CA ARG L 173 53.67 48.26 -8.48
C ARG L 173 53.74 48.58 -9.97
N LYS L 174 52.63 48.41 -10.70
CA LYS L 174 52.58 48.80 -12.10
C LYS L 174 52.40 50.29 -12.29
N PHE L 175 51.50 50.91 -11.53
CA PHE L 175 51.28 52.36 -11.62
C PHE L 175 52.24 53.04 -10.64
N LEU L 176 53.38 53.46 -11.17
CA LEU L 176 54.47 54.01 -10.38
C LEU L 176 54.49 55.53 -10.35
N ASP L 177 53.38 56.18 -10.71
CA ASP L 177 53.37 57.63 -10.81
C ASP L 177 53.45 58.29 -9.44
N GLY L 178 53.87 59.54 -9.42
CA GLY L 178 53.91 60.31 -8.20
C GLY L 178 55.18 61.12 -8.11
N ILE L 179 55.31 61.83 -7.00
CA ILE L 179 56.50 62.61 -6.69
C ILE L 179 57.22 61.90 -5.55
N TYR L 180 58.50 61.60 -5.76
CA TYR L 180 59.29 60.85 -4.80
C TYR L 180 60.64 61.52 -4.59
N VAL L 181 61.17 61.42 -3.38
CA VAL L 181 62.42 62.06 -3.03
C VAL L 181 63.56 61.36 -3.74
N SER L 182 64.31 62.12 -4.55
CA SER L 182 65.47 61.54 -5.22
C SER L 182 66.67 61.45 -4.28
N GLU L 183 67.05 62.57 -3.67
CA GLU L 183 68.20 62.60 -2.79
C GLU L 183 67.93 63.60 -1.67
N LYS L 184 68.62 63.39 -0.55
CA LYS L 184 68.62 64.33 0.57
C LYS L 184 69.99 64.99 0.60
N GLY L 185 70.03 66.28 0.27
CA GLY L 185 71.28 66.97 0.14
C GLY L 185 71.36 68.25 0.95
N THR L 186 72.38 69.06 0.68
CA THR L 186 72.66 70.27 1.43
C THR L 186 72.60 71.48 0.51
N VAL L 187 72.62 72.66 1.12
CA VAL L 187 72.76 73.91 0.40
C VAL L 187 74.19 74.38 0.57
N GLN L 188 74.70 75.09 -0.43
CA GLN L 188 76.00 75.78 -0.41
C GLN L 188 77.16 74.80 -0.50
N GLN L 189 76.87 73.50 -0.40
CA GLN L 189 77.82 72.41 -0.66
C GLN L 189 79.14 72.59 0.08
N ALA L 190 79.08 73.09 1.31
CA ALA L 190 80.30 73.36 2.07
C ALA L 190 80.48 72.39 3.23
N GLY M 1 36.35 11.17 12.19
CA GLY M 1 36.40 9.75 12.51
C GLY M 1 37.12 9.47 13.81
N ARG M 2 38.25 10.15 14.01
CA ARG M 2 39.05 9.99 15.22
C ARG M 2 38.81 11.19 16.15
N ARG M 3 38.71 10.90 17.45
CA ARG M 3 38.52 11.95 18.42
C ARG M 3 39.75 12.85 18.49
N PRO M 4 39.59 14.10 18.91
CA PRO M 4 40.75 14.96 19.15
C PRO M 4 41.63 14.36 20.25
N ALA M 5 42.94 14.56 20.09
CA ALA M 5 43.92 13.96 20.98
C ALA M 5 43.81 14.47 22.42
N ARG M 6 43.16 15.61 22.64
CA ARG M 6 43.03 16.13 24.00
C ARG M 6 42.19 15.24 24.88
N CYS M 7 41.30 14.43 24.31
CA CYS M 7 40.43 13.59 25.12
C CYS M 7 41.16 12.39 25.70
N TYR M 8 42.30 12.01 25.13
CA TYR M 8 43.05 10.85 25.60
C TYR M 8 44.49 11.25 25.89
N ARG M 9 44.70 12.50 26.29
CA ARG M 9 46.04 12.99 26.55
C ARG M 9 46.63 12.38 27.82
N TYR M 10 45.81 12.22 28.85
CA TYR M 10 46.30 11.90 30.19
C TYR M 10 46.23 10.41 30.46
N CYS M 11 47.03 9.97 31.43
CA CYS M 11 47.08 8.57 31.83
C CYS M 11 46.10 8.37 32.98
N LYS M 12 44.82 8.61 32.68
CA LYS M 12 43.79 8.60 33.71
C LYS M 12 43.41 7.20 34.16
N ASN M 13 43.56 6.20 33.30
CA ASN M 13 43.12 4.84 33.63
C ASN M 13 44.31 3.94 33.89
N LYS M 14 44.02 2.72 34.32
CA LYS M 14 45.03 1.69 34.44
C LYS M 14 45.40 1.16 33.06
N PRO M 15 46.59 0.58 32.91
CA PRO M 15 46.98 0.03 31.59
C PRO M 15 46.01 -1.03 31.13
N TYR M 16 45.72 -1.01 29.83
CA TYR M 16 44.69 -1.86 29.23
C TYR M 16 45.26 -2.51 27.98
N PRO M 17 46.14 -3.50 28.13
CA PRO M 17 46.80 -4.09 26.97
C PRO M 17 45.87 -4.98 26.16
N LYS M 18 46.22 -5.15 24.90
CA LYS M 18 45.49 -6.04 24.00
C LYS M 18 45.83 -7.48 24.35
N SER M 19 44.85 -8.21 24.87
CA SER M 19 45.07 -9.57 25.32
C SER M 19 43.78 -10.36 25.15
N ARG M 20 43.72 -11.54 25.77
CA ARG M 20 42.54 -12.38 25.71
C ARG M 20 41.33 -11.78 26.40
N PHE M 21 41.52 -10.74 27.21
CA PHE M 21 40.44 -10.00 27.85
C PHE M 21 39.92 -8.85 26.99
N CYS M 22 40.81 -8.21 26.24
CA CYS M 22 40.43 -7.12 25.34
C CYS M 22 40.68 -7.60 23.91
N ARG M 23 39.62 -8.09 23.27
CA ARG M 23 39.68 -8.61 21.92
C ARG M 23 39.12 -7.59 20.93
N GLY M 24 39.41 -7.80 19.65
CA GLY M 24 38.91 -6.92 18.62
C GLY M 24 39.60 -5.58 18.53
N VAL M 25 40.83 -5.48 19.01
CA VAL M 25 41.57 -4.22 18.95
C VAL M 25 42.01 -3.98 17.50
N PRO M 26 41.78 -2.79 16.96
CA PRO M 26 42.32 -2.48 15.63
C PRO M 26 43.83 -2.40 15.65
N ASP M 27 44.43 -2.68 14.51
CA ASP M 27 45.88 -2.62 14.40
C ASP M 27 46.37 -1.19 14.55
N ALA M 28 47.59 -1.05 15.06
CA ALA M 28 48.15 0.27 15.32
C ALA M 28 48.40 1.02 14.01
N LYS M 29 48.32 2.35 14.10
CA LYS M 29 48.64 3.18 12.94
C LYS M 29 50.11 3.09 12.58
N ILE M 30 50.98 2.87 13.57
CA ILE M 30 52.41 2.71 13.35
C ILE M 30 52.72 1.22 13.35
N ARG M 31 53.55 0.80 12.37
CA ARG M 31 53.99 -0.58 12.28
C ARG M 31 55.49 -0.72 12.12
N ILE M 32 56.18 0.35 11.70
CA ILE M 32 57.62 0.34 11.48
C ILE M 32 58.25 1.13 12.62
N PHE M 33 59.34 0.59 13.18
CA PHE M 33 59.99 1.22 14.32
C PHE M 33 61.47 1.50 14.10
N ASP M 34 62.09 0.90 13.09
CA ASP M 34 63.48 1.18 12.75
C ASP M 34 63.57 1.49 11.26
N LEU M 35 64.21 2.61 10.92
CA LEU M 35 64.34 3.05 9.55
C LEU M 35 65.81 3.34 9.25
N GLY M 36 66.06 3.81 8.04
CA GLY M 36 67.41 4.13 7.63
C GLY M 36 68.25 2.88 7.42
N ARG M 37 69.56 3.08 7.40
CA ARG M 37 70.51 1.98 7.23
C ARG M 37 70.61 1.25 8.56
N LYS M 38 69.66 0.35 8.81
CA LYS M 38 69.63 -0.38 10.06
C LYS M 38 70.80 -1.34 10.19
N LYS M 39 71.33 -1.81 9.07
CA LYS M 39 72.42 -2.79 9.09
C LYS M 39 73.79 -2.16 9.28
N ALA M 40 73.87 -0.84 9.40
CA ALA M 40 75.16 -0.19 9.64
C ALA M 40 75.73 -0.64 10.97
N LYS M 41 77.05 -0.81 11.02
CA LYS M 41 77.71 -1.31 12.21
C LYS M 41 77.71 -0.25 13.31
N VAL M 42 78.23 -0.63 14.47
CA VAL M 42 78.21 0.25 15.64
C VAL M 42 79.10 1.46 15.41
N ASP M 43 80.29 1.24 14.86
CA ASP M 43 81.20 2.35 14.59
C ASP M 43 80.66 3.31 13.54
N GLU M 44 79.76 2.85 12.68
CA GLU M 44 79.33 3.65 11.55
C GLU M 44 78.53 4.87 12.00
N PHE M 45 77.75 4.75 13.06
CA PHE M 45 76.89 5.82 13.56
C PHE M 45 77.27 6.11 15.00
N PRO M 46 78.33 6.87 15.22
CA PRO M 46 78.79 7.12 16.60
C PRO M 46 77.87 8.05 17.37
N LEU M 47 77.45 9.13 16.72
CA LEU M 47 76.63 10.14 17.38
C LEU M 47 75.19 9.64 17.52
N GLY M 48 74.65 9.75 18.72
CA GLY M 48 73.27 9.35 18.97
C GLY M 48 72.48 10.42 19.69
N GLY M 49 71.47 10.97 19.04
CA GLY M 49 70.66 12.01 19.62
C GLY M 49 69.27 11.55 19.96
N HIS M 50 68.82 11.81 21.18
CA HIS M 50 67.52 11.37 21.64
C HIS M 50 66.59 12.55 21.90
N MET M 51 65.29 12.29 21.75
CA MET M 51 64.25 13.23 22.09
C MET M 51 63.49 12.69 23.30
N VAL M 52 63.35 13.51 24.33
CA VAL M 52 62.86 13.06 25.63
C VAL M 52 61.65 13.90 26.02
N SER M 53 60.59 13.25 26.46
CA SER M 53 59.40 13.93 26.93
C SER M 53 59.62 14.54 28.31
N ASP M 54 58.75 15.47 28.66
CA ASP M 54 58.74 16.08 29.99
C ASP M 54 57.37 16.05 30.64
N GLU M 55 56.40 15.35 30.06
CA GLU M 55 55.07 15.23 30.62
C GLU M 55 54.66 13.77 30.65
N TYR M 56 54.12 13.34 31.77
CA TYR M 56 53.64 11.97 31.93
C TYR M 56 52.28 11.87 31.25
N GLU M 57 52.28 11.52 29.97
CA GLU M 57 51.09 11.61 29.14
C GLU M 57 50.99 10.37 28.28
N GLN M 58 49.93 10.32 27.46
CA GLN M 58 49.74 9.26 26.48
C GLN M 58 49.91 9.84 25.09
N LEU M 59 50.70 9.18 24.26
CA LEU M 59 50.92 9.62 22.89
C LEU M 59 50.23 8.63 21.95
N SER M 60 49.41 9.15 21.05
CA SER M 60 48.68 8.30 20.12
C SER M 60 49.62 7.70 19.09
N SER M 61 49.24 6.51 18.61
CA SER M 61 50.03 5.83 17.59
C SER M 61 50.09 6.64 16.30
N GLU M 62 48.99 7.29 15.94
CA GLU M 62 48.97 8.12 14.74
C GLU M 62 49.95 9.28 14.84
N ALA M 63 50.04 9.90 16.02
CA ALA M 63 51.03 10.97 16.21
C ALA M 63 52.44 10.42 16.07
N LEU M 64 52.69 9.21 16.59
CA LEU M 64 53.99 8.58 16.43
C LEU M 64 54.32 8.33 14.97
N GLU M 65 53.34 7.86 14.20
CA GLU M 65 53.54 7.64 12.77
C GLU M 65 53.86 8.94 12.05
N ALA M 66 53.13 10.01 12.37
CA ALA M 66 53.37 11.29 11.74
C ALA M 66 54.76 11.82 12.07
N ALA M 67 55.15 11.74 13.34
CA ALA M 67 56.48 12.20 13.73
C ALA M 67 57.58 11.38 13.07
N ARG M 68 57.40 10.07 12.98
CA ARG M 68 58.38 9.21 12.33
C ARG M 68 58.52 9.58 10.86
N ILE M 69 57.40 9.81 10.18
CA ILE M 69 57.45 10.18 8.76
C ILE M 69 58.15 11.50 8.57
N CYS M 70 57.82 12.51 9.40
CA CYS M 70 58.44 13.82 9.26
C CYS M 70 59.94 13.75 9.52
N ALA M 71 60.35 13.07 10.58
CA ALA M 71 61.77 12.93 10.88
C ALA M 71 62.50 12.17 9.78
N ASN M 72 61.89 11.11 9.26
CA ASN M 72 62.53 10.35 8.19
C ASN M 72 62.70 11.21 6.94
N LYS M 73 61.69 11.97 6.57
CA LYS M 73 61.79 12.81 5.38
C LYS M 73 62.88 13.86 5.54
N TYR M 74 62.93 14.53 6.70
CA TYR M 74 63.95 15.56 6.85
C TYR M 74 65.35 14.95 6.92
N MET M 75 65.50 13.80 7.58
CA MET M 75 66.81 13.16 7.64
C MET M 75 67.26 12.69 6.26
N VAL M 76 66.34 12.16 5.45
CA VAL M 76 66.69 11.76 4.09
C VAL M 76 67.10 12.98 3.28
N LYS M 77 66.38 14.09 3.43
CA LYS M 77 66.74 15.29 2.70
C LYS M 77 68.11 15.82 3.12
N SER M 78 68.42 15.77 4.41
CA SER M 78 69.65 16.36 4.91
C SER M 78 70.86 15.44 4.73
N CYS M 79 70.85 14.28 5.37
CA CYS M 79 72.01 13.40 5.40
C CYS M 79 71.93 12.24 4.43
N GLY M 80 70.90 12.18 3.59
CA GLY M 80 70.72 11.06 2.71
C GLY M 80 70.01 9.91 3.40
N ARG M 81 69.46 9.01 2.58
CA ARG M 81 68.65 7.92 3.11
C ARG M 81 69.49 6.80 3.71
N ASP M 82 70.81 6.85 3.55
CA ASP M 82 71.68 5.78 4.02
C ASP M 82 72.62 6.23 5.14
N GLY M 83 72.56 7.49 5.54
CA GLY M 83 73.47 8.02 6.53
C GLY M 83 72.95 8.07 7.95
N PHE M 84 71.82 7.42 8.23
CA PHE M 84 71.25 7.51 9.57
C PHE M 84 70.44 6.25 9.86
N HIS M 85 70.22 6.00 11.14
CA HIS M 85 69.38 4.90 11.60
C HIS M 85 68.54 5.38 12.77
N MET M 86 67.24 5.52 12.56
CA MET M 86 66.33 5.96 13.59
C MET M 86 65.74 4.75 14.32
N ARG M 87 65.15 5.01 15.48
CA ARG M 87 64.52 3.97 16.26
C ARG M 87 63.42 4.58 17.12
N VAL M 88 62.18 4.20 16.85
CA VAL M 88 61.06 4.63 17.67
C VAL M 88 61.03 3.78 18.93
N ARG M 89 61.24 4.41 20.08
CA ARG M 89 61.36 3.71 21.35
C ARG M 89 60.05 3.65 22.12
N LEU M 90 58.92 3.72 21.43
CA LEU M 90 57.61 3.64 22.07
C LEU M 90 56.72 2.70 21.28
N HIS M 91 55.79 2.05 21.97
CA HIS M 91 54.84 1.15 21.35
C HIS M 91 53.46 1.38 21.95
N PRO M 92 52.44 1.58 21.14
CA PRO M 92 51.08 1.82 21.68
C PRO M 92 50.46 0.54 22.24
N PHE M 93 50.88 0.20 23.46
CA PHE M 93 50.41 -0.99 24.13
C PHE M 93 49.19 -0.75 25.01
N HIS M 94 48.72 0.49 25.12
CA HIS M 94 47.56 0.82 25.91
C HIS M 94 46.39 1.11 24.98
N VAL M 95 45.25 0.50 25.26
CA VAL M 95 44.07 0.63 24.41
C VAL M 95 43.11 1.64 25.02
N ILE M 96 42.61 2.55 24.20
CA ILE M 96 41.65 3.56 24.63
C ILE M 96 40.25 3.11 24.21
N ARG M 97 39.28 3.39 25.05
CA ARG M 97 37.90 3.03 24.82
C ARG M 97 37.07 4.26 24.46
N ILE M 98 35.98 4.03 23.72
CA ILE M 98 35.05 5.08 23.35
C ILE M 98 33.63 4.56 23.60
N ASN M 99 32.80 5.38 24.24
CA ASN M 99 31.40 5.03 24.46
C ASN M 99 30.62 5.68 23.33
N LYS M 100 30.39 4.90 22.27
CA LYS M 100 29.81 5.45 21.04
C LYS M 100 28.36 5.84 21.26
N MET M 101 28.01 7.04 20.82
CA MET M 101 26.64 7.55 20.88
C MET M 101 26.09 7.65 19.47
N LEU M 102 24.75 7.59 19.36
CA LEU M 102 24.10 7.76 18.08
C LEU M 102 23.92 9.24 17.77
N SER M 103 24.61 9.72 16.74
CA SER M 103 24.66 11.15 16.42
C SER M 103 23.46 11.57 15.58
N CYS M 104 22.28 11.55 16.18
CA CYS M 104 21.06 12.00 15.54
C CYS M 104 20.32 12.96 16.48
N ALA M 105 19.21 13.51 15.99
CA ALA M 105 18.39 14.43 16.78
C ALA M 105 17.34 13.67 17.59
N GLY M 106 17.82 12.67 18.34
CA GLY M 106 16.93 11.88 19.18
C GLY M 106 17.64 11.00 20.17
N ALA M 107 17.24 11.09 21.44
CA ALA M 107 17.76 10.23 22.48
C ALA M 107 16.86 9.04 22.78
N ASP M 108 15.61 9.09 22.33
CA ASP M 108 14.70 7.96 22.44
C ASP M 108 15.18 6.75 21.64
N ARG M 109 16.06 6.96 20.65
CA ARG M 109 16.60 5.89 19.83
C ARG M 109 17.69 5.18 20.64
N LEU M 110 17.24 4.38 21.61
CA LEU M 110 18.05 3.45 22.39
C LEU M 110 19.37 4.02 22.89
N GLN M 111 19.38 5.32 23.22
CA GLN M 111 20.65 5.93 23.62
C GLN M 111 21.10 5.45 24.98
N THR M 112 20.15 5.19 25.88
CA THR M 112 20.35 4.60 27.21
C THR M 112 21.23 5.46 28.12
N GLY M 113 21.62 6.63 27.65
CA GLY M 113 22.44 7.53 28.45
C GLY M 113 23.76 6.88 28.85
N MET M 114 24.06 6.94 30.15
CA MET M 114 25.31 6.40 30.69
C MET M 114 25.18 4.94 31.08
N ARG M 115 24.03 4.31 30.82
CA ARG M 115 23.84 2.92 31.16
C ARG M 115 24.67 2.03 30.23
N GLY M 116 25.41 1.10 30.82
CA GLY M 116 26.30 0.25 30.05
C GLY M 116 27.37 1.04 29.34
N ALA M 117 27.98 1.98 30.05
CA ALA M 117 28.87 2.96 29.44
C ALA M 117 30.20 2.40 29.00
N PHE M 118 30.53 1.16 29.36
CA PHE M 118 31.84 0.61 29.03
C PHE M 118 32.01 0.56 27.51
N GLY M 119 33.13 1.10 27.04
CA GLY M 119 33.31 1.37 25.63
C GLY M 119 34.18 0.34 24.92
N LYS M 120 34.06 0.35 23.59
CA LYS M 120 34.75 -0.43 22.58
C LYS M 120 36.15 0.14 22.33
N PRO M 121 37.08 -0.69 21.90
CA PRO M 121 38.45 -0.21 21.65
C PRO M 121 38.48 0.79 20.51
N GLN M 122 38.79 2.05 20.85
CA GLN M 122 38.93 3.08 19.84
C GLN M 122 40.27 2.99 19.13
N GLY M 123 41.35 2.84 19.89
CA GLY M 123 42.67 2.78 19.30
C GLY M 123 43.70 2.42 20.34
N THR M 124 44.96 2.62 19.98
CA THR M 124 46.08 2.28 20.85
C THR M 124 46.99 3.48 21.03
N VAL M 125 47.33 3.80 22.28
CA VAL M 125 48.22 4.89 22.62
C VAL M 125 49.36 4.32 23.47
N ALA M 126 50.45 5.07 23.52
CA ALA M 126 51.62 4.68 24.29
C ALA M 126 51.81 5.61 25.48
N ARG M 127 52.12 5.04 26.63
CA ARG M 127 52.34 5.80 27.85
C ARG M 127 53.80 6.23 27.93
N VAL M 128 54.04 7.52 28.09
CA VAL M 128 55.38 8.07 28.21
C VAL M 128 55.51 8.74 29.56
N HIS M 129 56.67 8.55 30.20
CA HIS M 129 56.98 9.17 31.48
C HIS M 129 57.84 10.39 31.26
N ILE M 130 57.93 11.21 32.31
CA ILE M 130 58.86 12.34 32.29
C ILE M 130 60.27 11.78 32.36
N GLY M 131 61.15 12.27 31.49
CA GLY M 131 62.49 11.75 31.38
C GLY M 131 62.62 10.52 30.52
N GLN M 132 61.57 10.16 29.77
CA GLN M 132 61.62 8.99 28.92
C GLN M 132 61.97 9.37 27.48
N VAL M 133 62.81 8.55 26.87
CA VAL M 133 63.22 8.75 25.48
C VAL M 133 62.07 8.31 24.58
N ILE M 134 61.71 9.17 23.63
CA ILE M 134 60.67 8.86 22.67
C ILE M 134 61.24 8.28 21.39
N MET M 135 62.11 9.04 20.74
CA MET M 135 62.75 8.63 19.50
C MET M 135 64.25 8.65 19.67
N SER M 136 64.94 7.80 18.91
CA SER M 136 66.39 7.70 18.95
C SER M 136 66.92 7.69 17.53
N ILE M 137 67.79 8.67 17.22
CA ILE M 137 68.40 8.79 15.90
C ILE M 137 69.91 8.76 16.08
N ARG M 138 70.58 7.92 15.28
CA ARG M 138 72.02 7.81 15.30
C ARG M 138 72.56 7.97 13.88
N THR M 139 73.71 8.64 13.76
CA THR M 139 74.29 8.96 12.47
C THR M 139 75.77 9.31 12.68
N LYS M 140 76.38 9.87 11.64
CA LYS M 140 77.73 10.38 11.73
C LYS M 140 77.82 11.50 12.77
N LEU M 141 79.04 11.75 13.25
CA LEU M 141 79.25 12.77 14.26
C LEU M 141 79.03 14.18 13.72
N GLN M 142 79.34 14.43 12.46
CA GLN M 142 79.25 15.78 11.89
C GLN M 142 77.83 16.17 11.53
N ASN M 143 76.86 15.25 11.64
CA ASN M 143 75.47 15.54 11.29
C ASN M 143 74.65 15.97 12.50
N GLU M 144 75.29 16.60 13.48
CA GLU M 144 74.61 16.92 14.74
C GLU M 144 73.46 17.91 14.53
N GLU M 145 73.70 18.96 13.74
CA GLU M 145 72.66 19.96 13.53
C GLU M 145 71.48 19.39 12.79
N HIS M 146 71.72 18.44 11.87
CA HIS M 146 70.62 17.80 11.16
C HIS M 146 69.76 16.97 12.11
N VAL M 147 70.38 16.24 13.03
CA VAL M 147 69.63 15.48 14.02
C VAL M 147 68.81 16.41 14.90
N ILE M 148 69.43 17.50 15.36
CA ILE M 148 68.73 18.45 16.22
C ILE M 148 67.53 19.05 15.48
N GLU M 149 67.73 19.46 14.23
CA GLU M 149 66.64 20.07 13.48
C GLU M 149 65.53 19.06 13.20
N ALA M 150 65.89 17.82 12.86
CA ALA M 150 64.89 16.81 12.57
C ALA M 150 64.07 16.49 13.82
N LEU M 151 64.72 16.38 14.98
CA LEU M 151 63.98 16.16 16.20
C LEU M 151 63.12 17.36 16.57
N ARG M 152 63.58 18.57 16.28
CA ARG M 152 62.78 19.76 16.54
C ARG M 152 61.55 19.78 15.64
N ARG M 153 61.69 19.31 14.40
CA ARG M 153 60.55 19.29 13.49
C ARG M 153 59.54 18.22 13.88
N ALA M 154 60.00 17.09 14.43
CA ALA M 154 59.08 16.04 14.85
C ALA M 154 58.36 16.39 16.15
N LYS M 155 58.87 17.34 16.93
CA LYS M 155 58.23 17.73 18.17
C LYS M 155 56.85 18.33 17.94
N PHE M 156 56.66 19.00 16.80
CA PHE M 156 55.39 19.65 16.50
C PHE M 156 54.26 18.66 16.28
N LYS M 157 54.56 17.38 16.07
CA LYS M 157 53.55 16.36 15.92
C LYS M 157 53.08 15.78 17.24
N PHE M 158 53.62 16.27 18.35
CA PHE M 158 53.30 15.69 19.65
C PHE M 158 52.72 16.75 20.58
N PRO M 159 51.76 16.38 21.41
CA PRO M 159 51.07 17.36 22.25
C PRO M 159 51.94 17.98 23.32
N GLY M 160 52.62 17.15 24.09
CA GLY M 160 53.34 17.60 25.27
C GLY M 160 54.63 18.33 24.93
N ARG M 161 55.35 18.70 25.98
CA ARG M 161 56.62 19.38 25.86
C ARG M 161 57.75 18.36 25.85
N GLN M 162 58.63 18.44 24.87
CA GLN M 162 59.70 17.48 24.68
C GLN M 162 61.03 18.20 24.61
N LYS M 163 62.08 17.55 25.11
CA LYS M 163 63.43 18.07 25.03
C LYS M 163 64.24 17.29 24.01
N ILE M 164 65.22 17.97 23.43
CA ILE M 164 66.18 17.36 22.51
C ILE M 164 67.51 17.26 23.22
N HIS M 165 68.08 16.05 23.26
CA HIS M 165 69.28 15.80 24.04
C HIS M 165 70.30 15.04 23.20
N ILE M 166 71.57 15.40 23.36
CA ILE M 166 72.67 14.66 22.75
C ILE M 166 73.19 13.68 23.80
N SER M 167 73.03 12.39 23.53
CA SER M 167 73.45 11.37 24.49
C SER M 167 74.97 11.28 24.55
N LYS M 168 75.47 10.89 25.72
CA LYS M 168 76.88 10.59 25.89
C LYS M 168 77.20 9.13 25.63
N LYS M 169 76.22 8.33 25.22
CA LYS M 169 76.46 6.95 24.86
C LYS M 169 76.77 6.81 23.37
N TRP M 170 77.64 5.87 23.07
CA TRP M 170 78.07 5.61 21.69
C TRP M 170 76.96 4.86 20.97
N GLY M 171 76.40 5.49 19.93
CA GLY M 171 75.35 4.85 19.16
C GLY M 171 74.14 4.56 20.02
N PHE M 172 73.50 3.42 19.75
CA PHE M 172 72.37 2.98 20.54
C PHE M 172 72.78 2.08 21.69
N THR M 173 74.08 1.91 21.91
CA THR M 173 74.56 1.11 23.02
C THR M 173 74.45 1.90 24.33
N LYS M 174 74.69 1.20 25.44
CA LYS M 174 74.58 1.77 26.76
C LYS M 174 75.93 2.15 27.37
N PHE M 175 76.96 2.33 26.54
CA PHE M 175 78.30 2.63 27.01
C PHE M 175 78.70 4.03 26.56
N ASN M 176 79.49 4.70 27.40
CA ASN M 176 79.85 6.09 27.17
C ASN M 176 80.65 6.26 25.88
N ALA M 177 80.45 7.40 25.23
CA ALA M 177 81.09 7.64 23.93
C ALA M 177 82.61 7.68 24.05
N ASP M 178 83.12 8.38 25.06
CA ASP M 178 84.56 8.46 25.26
C ASP M 178 85.16 7.11 25.65
N GLU M 179 84.42 6.32 26.43
CA GLU M 179 84.88 5.05 26.94
C GLU M 179 84.68 3.91 25.96
N PHE M 180 84.16 4.19 24.77
CA PHE M 180 83.82 3.12 23.83
C PHE M 180 85.05 2.60 23.08
N GLU M 181 85.88 3.50 22.57
CA GLU M 181 86.97 3.09 21.69
C GLU M 181 87.96 2.19 22.39
N ASP M 182 88.44 2.59 23.56
CA ASP M 182 89.39 1.76 24.30
C ASP M 182 88.78 0.44 24.73
N MET M 183 87.48 0.44 25.10
CA MET M 183 86.81 -0.80 25.47
C MET M 183 86.74 -1.77 24.31
N VAL M 184 86.49 -1.27 23.10
CA VAL M 184 86.54 -2.13 21.92
C VAL M 184 87.97 -2.61 21.69
N ALA M 185 88.95 -1.72 21.89
CA ALA M 185 90.35 -2.08 21.67
C ALA M 185 90.78 -3.21 22.59
N LYS M 186 90.37 -3.16 23.86
CA LYS M 186 90.70 -4.19 24.82
C LYS M 186 89.68 -5.31 24.85
N LYS M 187 88.79 -5.36 23.85
CA LYS M 187 87.91 -6.50 23.59
C LYS M 187 86.95 -6.78 24.73
N CYS M 188 86.54 -5.75 25.47
CA CYS M 188 85.42 -5.91 26.40
C CYS M 188 84.08 -5.86 25.68
N LEU M 189 84.05 -5.40 24.43
CA LEU M 189 82.83 -5.32 23.65
C LEU M 189 83.07 -5.94 22.29
N ILE M 190 82.07 -6.65 21.77
CA ILE M 190 82.14 -7.28 20.46
C ILE M 190 80.98 -6.78 19.62
N PRO M 191 81.23 -6.02 18.56
CA PRO M 191 80.12 -5.52 17.73
C PRO M 191 79.42 -6.65 17.00
N ASP M 192 78.11 -6.50 16.83
CA ASP M 192 77.30 -7.42 16.03
C ASP M 192 76.03 -6.71 15.59
N GLY M 193 75.97 -6.38 14.31
CA GLY M 193 74.84 -5.59 13.82
C GLY M 193 74.88 -4.19 14.39
N CYS M 194 73.73 -3.71 14.84
CA CYS M 194 73.63 -2.36 15.38
C CYS M 194 74.07 -2.26 16.83
N GLY M 195 74.35 -3.38 17.49
CA GLY M 195 74.73 -3.38 18.89
C GLY M 195 76.05 -4.08 19.12
N VAL M 196 76.46 -4.10 20.39
CA VAL M 196 77.68 -4.75 20.81
C VAL M 196 77.35 -5.76 21.89
N LYS M 197 78.23 -6.75 22.04
CA LYS M 197 78.10 -7.77 23.07
C LYS M 197 79.12 -7.49 24.17
N TYR M 198 78.63 -7.24 25.37
CA TYR M 198 79.53 -7.04 26.50
C TYR M 198 80.16 -8.37 26.88
N VAL M 199 81.48 -8.35 27.07
CA VAL M 199 82.21 -9.57 27.42
C VAL M 199 82.74 -9.43 28.83
N PRO M 200 82.04 -9.94 29.84
CA PRO M 200 82.56 -9.88 31.20
C PRO M 200 83.72 -10.84 31.39
N SER M 201 84.56 -10.51 32.36
CA SER M 201 85.75 -11.32 32.64
C SER M 201 85.41 -12.49 33.57
N HIS M 202 84.41 -13.27 33.19
CA HIS M 202 84.08 -14.50 33.90
C HIS M 202 83.38 -15.45 32.94
N GLY M 203 83.39 -16.73 33.28
CA GLY M 203 82.85 -17.75 32.43
C GLY M 203 83.90 -18.73 31.98
N PRO M 204 83.57 -19.60 31.03
CA PRO M 204 84.55 -20.58 30.54
C PRO M 204 85.71 -19.90 29.85
N LEU M 205 86.89 -20.50 29.97
CA LEU M 205 88.08 -19.94 29.36
C LEU M 205 88.16 -20.26 27.86
N ASP M 206 87.34 -21.19 27.38
CA ASP M 206 87.27 -21.45 25.95
C ASP M 206 86.79 -20.21 25.21
N LYS M 207 85.77 -19.53 25.75
CA LYS M 207 85.32 -18.28 25.18
C LYS M 207 86.35 -17.17 25.31
N TRP M 208 87.25 -17.26 26.29
CA TRP M 208 88.32 -16.27 26.37
C TRP M 208 89.38 -16.53 25.30
N ARG M 209 89.73 -17.79 25.06
CA ARG M 209 90.79 -18.11 24.12
C ARG M 209 90.32 -18.17 22.67
N VAL M 210 89.02 -18.25 22.41
CA VAL M 210 88.58 -18.01 21.04
C VAL M 210 88.73 -16.53 20.71
N LEU M 211 88.54 -15.66 21.69
CA LEU M 211 89.04 -14.31 21.59
C LEU M 211 90.56 -14.30 21.77
N HIS M 212 91.17 -13.16 21.45
CA HIS M 212 92.62 -13.02 21.44
C HIS M 212 93.27 -14.05 20.52
N SER M 213 92.56 -14.41 19.44
CA SER M 213 93.02 -15.46 18.54
C SER M 213 92.35 -15.33 17.18
N LYS N 6 93.92 -54.18 29.25
CA LYS N 6 93.86 -52.75 29.02
C LYS N 6 92.43 -52.23 29.18
N GLU N 7 91.48 -53.03 28.71
CA GLU N 7 90.07 -52.67 28.76
C GLU N 7 89.41 -53.29 29.99
N ASN N 8 88.64 -52.50 30.71
CA ASN N 8 87.93 -52.99 31.88
C ASN N 8 86.84 -53.96 31.45
N PRO N 9 86.79 -55.17 32.02
CA PRO N 9 85.73 -56.12 31.62
C PRO N 9 84.32 -55.62 31.88
N MET N 10 84.13 -54.66 32.78
CA MET N 10 82.80 -54.10 33.01
C MET N 10 82.32 -53.22 31.87
N ARG N 11 83.19 -52.88 30.92
CA ARG N 11 82.82 -52.03 29.79
C ARG N 11 82.46 -52.84 28.55
N GLU N 12 82.39 -54.16 28.66
CA GLU N 12 82.12 -55.01 27.51
C GLU N 12 80.69 -54.80 27.02
N LEU N 13 80.54 -54.49 25.73
CA LEU N 13 79.22 -54.26 25.17
C LEU N 13 78.46 -55.57 25.02
N ARG N 14 77.16 -55.50 25.25
CA ARG N 14 76.32 -56.69 25.16
C ARG N 14 74.89 -56.27 24.85
N ILE N 15 74.12 -57.23 24.35
CA ILE N 15 72.74 -56.97 23.93
C ILE N 15 71.83 -56.98 25.14
N ARG N 16 71.04 -55.92 25.30
CA ARG N 16 70.10 -55.86 26.40
C ARG N 16 68.78 -56.54 26.04
N LYS N 17 68.20 -56.16 24.91
CA LYS N 17 66.94 -56.72 24.46
C LYS N 17 66.86 -56.58 22.95
N LEU N 18 65.92 -57.31 22.34
CA LEU N 18 65.78 -57.31 20.89
C LEU N 18 64.47 -56.70 20.42
N CYS N 19 63.39 -56.86 21.17
CA CYS N 19 62.16 -56.10 21.01
C CYS N 19 61.55 -56.27 19.61
N LEU N 20 61.10 -57.49 19.34
CA LEU N 20 60.35 -57.73 18.12
C LEU N 20 58.98 -57.06 18.20
N ASN N 21 58.47 -56.68 17.03
CA ASN N 21 57.20 -55.97 16.95
C ASN N 21 56.66 -56.08 15.54
N ILE N 22 55.41 -56.50 15.40
CA ILE N 22 54.72 -56.58 14.12
C ILE N 22 53.53 -55.65 14.17
N CYS N 23 53.47 -54.70 13.24
CA CYS N 23 52.41 -53.70 13.22
C CYS N 23 51.42 -54.05 12.12
N VAL N 24 50.47 -54.91 12.45
CA VAL N 24 49.38 -55.20 11.55
C VAL N 24 48.46 -53.99 11.48
N GLY N 25 48.00 -53.66 10.27
CA GLY N 25 47.21 -52.46 10.09
C GLY N 25 45.90 -52.48 10.85
N GLU N 26 45.23 -53.64 10.90
CA GLU N 26 43.93 -53.77 11.52
C GLU N 26 43.96 -54.86 12.59
N SER N 27 42.80 -55.12 13.17
CA SER N 27 42.61 -56.14 14.18
C SER N 27 42.07 -57.41 13.54
N GLY N 28 41.67 -58.38 14.37
CA GLY N 28 41.00 -59.57 13.88
C GLY N 28 41.91 -60.78 13.73
N ASP N 29 41.55 -61.66 12.79
CA ASP N 29 42.31 -62.90 12.59
C ASP N 29 43.73 -62.61 12.13
N ARG N 30 43.93 -61.50 11.42
CA ARG N 30 45.28 -61.15 10.96
C ARG N 30 46.21 -60.90 12.13
N LEU N 31 45.75 -60.16 13.13
CA LEU N 31 46.57 -59.92 14.32
C LEU N 31 46.80 -61.20 15.10
N THR N 32 45.79 -62.08 15.14
CA THR N 32 45.96 -63.36 15.82
C THR N 32 47.04 -64.20 15.15
N ARG N 33 47.02 -64.24 13.81
CA ARG N 33 48.04 -65.01 13.09
C ARG N 33 49.42 -64.39 13.26
N ALA N 34 49.50 -63.05 13.28
CA ALA N 34 50.78 -62.41 13.54
C ALA N 34 51.30 -62.73 14.94
N ALA N 35 50.40 -62.75 15.92
CA ALA N 35 50.79 -63.15 17.28
C ALA N 35 51.29 -64.59 17.31
N LYS N 36 50.62 -65.48 16.59
CA LYS N 36 51.11 -66.85 16.48
C LYS N 36 52.49 -66.90 15.82
N VAL N 37 52.72 -66.06 14.81
CA VAL N 37 54.04 -66.00 14.17
C VAL N 37 55.10 -65.61 15.19
N LEU N 38 54.83 -64.57 15.97
CA LEU N 38 55.79 -64.14 16.99
C LEU N 38 56.02 -65.22 18.03
N GLU N 39 54.95 -65.91 18.44
CA GLU N 39 55.09 -66.99 19.40
C GLU N 39 55.95 -68.12 18.85
N GLN N 40 55.74 -68.47 17.59
CA GLN N 40 56.52 -69.55 16.99
C GLN N 40 57.97 -69.15 16.82
N LEU N 41 58.22 -67.89 16.44
CA LEU N 41 59.59 -67.43 16.25
C LEU N 41 60.35 -67.36 17.57
N THR N 42 59.69 -66.89 18.63
CA THR N 42 60.39 -66.70 19.90
C THR N 42 60.21 -67.85 20.87
N GLY N 43 59.19 -68.68 20.70
CA GLY N 43 58.85 -69.63 21.73
C GLY N 43 58.44 -68.94 23.01
N GLN N 44 57.70 -67.83 22.89
CA GLN N 44 57.50 -66.93 24.02
C GLN N 44 56.27 -66.08 23.74
N THR N 45 55.46 -65.87 24.77
CA THR N 45 54.14 -65.25 24.59
C THR N 45 54.28 -63.80 24.17
N PRO N 46 53.57 -63.36 23.11
CA PRO N 46 53.58 -61.94 22.75
C PRO N 46 52.45 -61.17 23.41
N VAL N 47 52.38 -59.86 23.17
CA VAL N 47 51.32 -59.01 23.70
C VAL N 47 50.82 -58.11 22.58
N PHE N 48 49.59 -57.61 22.76
CA PHE N 48 48.96 -56.71 21.82
C PHE N 48 49.09 -55.27 22.28
N SER N 49 49.04 -54.35 21.31
CA SER N 49 49.17 -52.92 21.57
C SER N 49 47.94 -52.20 21.03
N LYS N 50 47.42 -51.26 21.81
CA LYS N 50 46.25 -50.50 21.41
C LYS N 50 46.67 -49.27 20.60
N ALA N 51 45.68 -48.64 19.98
CA ALA N 51 45.92 -47.45 19.17
C ALA N 51 45.71 -46.19 20.00
N ARG N 52 46.70 -45.29 19.95
CA ARG N 52 46.65 -44.11 20.81
C ARG N 52 45.58 -43.12 20.35
N TYR N 53 45.44 -42.93 19.05
CA TYR N 53 44.42 -42.04 18.49
C TYR N 53 43.64 -42.77 17.41
N THR N 54 42.51 -42.18 17.01
CA THR N 54 41.69 -42.69 15.93
C THR N 54 41.94 -41.81 14.71
N VAL N 55 42.46 -42.41 13.64
CA VAL N 55 42.81 -41.70 12.42
C VAL N 55 42.07 -42.33 11.25
N ARG N 56 41.43 -41.48 10.43
CA ARG N 56 40.70 -41.98 9.28
C ARG N 56 41.63 -42.34 8.15
N SER N 57 42.85 -41.79 8.15
CA SER N 57 43.80 -42.09 7.09
C SER N 57 44.20 -43.55 7.10
N PHE N 58 44.41 -44.12 8.29
CA PHE N 58 44.86 -45.50 8.41
C PHE N 58 43.73 -46.45 8.77
N GLY N 59 42.51 -45.95 8.92
CA GLY N 59 41.35 -46.79 9.18
C GLY N 59 41.41 -47.57 10.48
N ILE N 60 41.89 -46.93 11.55
CA ILE N 60 41.99 -47.57 12.85
C ILE N 60 41.26 -46.70 13.88
N ARG N 61 40.89 -47.32 15.00
CA ARG N 61 40.19 -46.63 16.06
C ARG N 61 40.98 -46.73 17.36
N ARG N 62 40.74 -45.77 18.25
CA ARG N 62 41.42 -45.71 19.53
C ARG N 62 41.09 -46.94 20.37
N ASN N 63 42.11 -47.44 21.08
CA ASN N 63 42.01 -48.59 21.98
C ASN N 63 41.67 -49.87 21.23
N GLU N 64 41.94 -49.92 19.93
CA GLU N 64 41.76 -51.13 19.14
C GLU N 64 43.10 -51.85 19.05
N LYS N 65 43.07 -53.17 19.22
CA LYS N 65 44.29 -53.97 19.14
C LYS N 65 44.86 -53.90 17.73
N ILE N 66 46.00 -53.25 17.59
CA ILE N 66 46.58 -52.97 16.27
C ILE N 66 47.81 -53.85 16.04
N ALA N 67 48.80 -53.71 16.91
CA ALA N 67 50.09 -54.35 16.70
C ALA N 67 50.35 -55.39 17.78
N VAL N 68 51.29 -56.28 17.47
CA VAL N 68 51.75 -57.32 18.38
C VAL N 68 53.25 -57.18 18.53
N HIS N 69 53.76 -57.40 19.75
CA HIS N 69 55.17 -57.23 20.02
C HIS N 69 55.55 -58.05 21.24
N CYS N 70 56.86 -58.22 21.42
CA CYS N 70 57.41 -58.86 22.60
C CYS N 70 58.88 -58.51 22.69
N THR N 71 59.45 -58.71 23.88
CA THR N 71 60.87 -58.48 24.12
C THR N 71 61.56 -59.80 24.38
N VAL N 72 62.77 -59.95 23.82
CA VAL N 72 63.55 -61.17 23.94
C VAL N 72 64.95 -60.79 24.42
N ARG N 73 65.41 -61.47 25.48
CA ARG N 73 66.68 -61.15 26.11
C ARG N 73 67.53 -62.42 26.26
N GLY N 74 68.83 -62.20 26.42
CA GLY N 74 69.74 -63.31 26.66
C GLY N 74 70.19 -64.04 25.41
N ALA N 75 70.56 -65.31 25.57
CA ALA N 75 71.06 -66.10 24.46
C ALA N 75 69.97 -66.34 23.41
N LYS N 76 68.69 -66.29 23.80
CA LYS N 76 67.63 -66.41 22.82
C LYS N 76 67.63 -65.25 21.84
N ALA N 77 67.93 -64.04 22.33
CA ALA N 77 68.02 -62.88 21.43
C ALA N 77 69.22 -63.00 20.50
N GLU N 78 70.28 -63.67 20.95
CA GLU N 78 71.47 -63.83 20.12
C GLU N 78 71.15 -64.56 18.83
N GLU N 79 70.42 -65.67 18.92
CA GLU N 79 70.14 -66.46 17.72
C GLU N 79 69.13 -65.77 16.81
N ILE N 80 68.13 -65.11 17.39
CA ILE N 80 67.17 -64.38 16.57
C ILE N 80 67.85 -63.24 15.83
N LEU N 81 68.73 -62.52 16.51
CA LEU N 81 69.49 -61.46 15.85
C LEU N 81 70.41 -62.05 14.78
N GLU N 82 71.00 -63.20 15.05
CA GLU N 82 71.85 -63.87 14.05
C GLU N 82 71.05 -64.20 12.80
N LYS N 83 69.85 -64.75 12.96
CA LYS N 83 69.04 -65.08 11.80
C LYS N 83 68.58 -63.82 11.07
N GLY N 84 68.23 -62.77 11.81
CA GLY N 84 67.84 -61.52 11.16
C GLY N 84 68.96 -60.91 10.35
N LEU N 85 70.18 -60.91 10.89
CA LEU N 85 71.33 -60.43 10.15
C LEU N 85 71.68 -61.34 8.99
N LYS N 86 71.40 -62.64 9.13
CA LYS N 86 71.54 -63.56 8.00
C LYS N 86 70.62 -63.15 6.85
N VAL N 87 69.37 -62.80 7.18
CA VAL N 87 68.46 -62.32 6.15
C VAL N 87 68.96 -61.01 5.55
N ARG N 88 69.42 -60.09 6.41
CA ARG N 88 70.00 -58.84 5.94
C ARG N 88 71.37 -59.02 5.30
N GLU N 89 71.85 -60.25 5.18
CA GLU N 89 73.13 -60.57 4.54
C GLU N 89 74.30 -59.88 5.23
N TYR N 90 74.17 -59.66 6.54
CA TYR N 90 75.21 -59.04 7.37
C TYR N 90 75.62 -57.67 6.83
N GLU N 91 74.62 -56.89 6.39
CA GLU N 91 74.87 -55.54 5.94
C GLU N 91 73.77 -54.62 6.46
N LEU N 92 74.15 -53.40 6.81
CA LEU N 92 73.23 -52.37 7.29
C LEU N 92 73.71 -51.02 6.81
N ARG N 93 72.76 -50.09 6.70
CA ARG N 93 73.10 -48.73 6.30
C ARG N 93 73.71 -47.96 7.47
N LYS N 94 74.29 -46.80 7.14
CA LYS N 94 74.86 -45.93 8.15
C LYS N 94 73.79 -45.41 9.10
N ASN N 95 72.63 -45.04 8.55
CA ASN N 95 71.58 -44.37 9.31
C ASN N 95 70.75 -45.31 10.18
N ASN N 96 70.94 -46.62 10.06
CA ASN N 96 70.19 -47.55 10.88
C ASN N 96 70.56 -47.47 12.36
N PHE N 97 71.72 -46.92 12.69
CA PHE N 97 72.17 -46.79 14.06
C PHE N 97 71.66 -45.48 14.66
N SER N 98 71.01 -45.59 15.82
CA SER N 98 70.59 -44.40 16.53
C SER N 98 71.79 -43.71 17.16
N ASP N 99 71.57 -42.48 17.62
CA ASP N 99 72.62 -41.74 18.29
C ASP N 99 72.81 -42.15 19.74
N THR N 100 71.93 -42.97 20.29
CA THR N 100 71.98 -43.35 21.69
C THR N 100 72.79 -44.61 21.94
N GLY N 101 73.23 -45.30 20.91
CA GLY N 101 73.99 -46.53 21.08
C GLY N 101 73.23 -47.80 20.79
N ASN N 102 72.29 -47.77 19.85
CA ASN N 102 71.56 -48.96 19.44
C ASN N 102 71.05 -48.75 18.02
N PHE N 103 70.58 -49.83 17.41
CA PHE N 103 70.15 -49.80 16.01
C PHE N 103 68.97 -50.72 15.83
N GLY N 104 68.57 -50.90 14.57
CA GLY N 104 67.50 -51.81 14.23
C GLY N 104 67.29 -51.85 12.74
N PHE N 105 66.49 -52.81 12.31
CA PHE N 105 66.20 -52.99 10.89
C PHE N 105 64.81 -53.60 10.75
N GLY N 106 64.37 -53.79 9.51
CA GLY N 106 63.10 -54.41 9.24
C GLY N 106 63.27 -55.58 8.30
N ILE N 107 62.43 -56.60 8.50
CA ILE N 107 62.46 -57.82 7.72
C ILE N 107 61.13 -57.95 6.98
N GLN N 108 61.20 -58.24 5.69
CA GLN N 108 60.01 -58.20 4.84
C GLN N 108 59.17 -59.47 4.99
N GLU N 109 59.81 -60.63 5.18
CA GLU N 109 59.12 -61.91 5.29
C GLU N 109 59.64 -62.66 6.50
N HIS N 110 58.72 -63.21 7.29
CA HIS N 110 59.12 -63.95 8.49
C HIS N 110 59.44 -65.41 8.20
N ILE N 111 59.17 -65.91 7.00
CA ILE N 111 59.38 -67.31 6.69
C ILE N 111 60.79 -67.61 6.17
N ASP N 112 61.53 -66.59 5.76
CA ASP N 112 62.87 -66.80 5.23
C ASP N 112 63.91 -67.10 6.32
N LEU N 113 63.59 -66.82 7.58
CA LEU N 113 64.51 -67.05 8.70
C LEU N 113 63.99 -68.19 9.57
N GLY N 114 64.39 -69.41 9.23
CA GLY N 114 64.12 -70.56 10.05
C GLY N 114 62.68 -71.05 10.02
N ILE N 115 61.75 -70.22 10.49
CA ILE N 115 60.36 -70.64 10.62
C ILE N 115 59.76 -70.92 9.26
N LYS N 116 59.14 -72.09 9.12
CA LYS N 116 58.60 -72.50 7.85
C LYS N 116 57.18 -71.96 7.66
N TYR N 117 56.75 -71.92 6.40
CA TYR N 117 55.40 -71.48 6.07
C TYR N 117 54.36 -72.49 6.55
N ASP N 118 53.20 -71.96 6.94
CA ASP N 118 52.04 -72.75 7.29
C ASP N 118 50.83 -72.16 6.57
N PRO N 119 49.90 -73.00 6.10
CA PRO N 119 48.72 -72.48 5.41
C PRO N 119 47.88 -71.54 6.27
N SER N 120 47.85 -71.74 7.58
CA SER N 120 47.15 -70.85 8.49
C SER N 120 48.01 -69.66 8.94
N ILE N 121 49.08 -69.37 8.20
CA ILE N 121 50.03 -68.32 8.55
C ILE N 121 50.30 -67.49 7.30
N GLY N 122 50.39 -66.17 7.48
CA GLY N 122 50.68 -65.26 6.39
C GLY N 122 52.16 -65.15 6.07
N ILE N 123 52.51 -64.09 5.36
CA ILE N 123 53.89 -63.85 4.92
C ILE N 123 54.34 -62.58 5.64
N TYR N 124 53.86 -62.41 6.87
CA TYR N 124 54.05 -61.17 7.59
C TYR N 124 55.52 -60.82 7.77
N GLY N 125 55.85 -59.54 7.62
CA GLY N 125 57.14 -59.03 8.00
C GLY N 125 57.14 -58.60 9.45
N LEU N 126 58.23 -57.95 9.86
CA LEU N 126 58.39 -57.59 11.26
C LEU N 126 59.54 -56.60 11.39
N ASP N 127 59.78 -56.18 12.63
CA ASP N 127 60.81 -55.21 12.95
C ASP N 127 61.78 -55.77 13.97
N PHE N 128 63.05 -55.46 13.80
CA PHE N 128 64.10 -55.78 14.77
C PHE N 128 64.67 -54.47 15.30
N TYR N 129 64.86 -54.37 16.61
CA TYR N 129 65.52 -53.21 17.18
C TYR N 129 66.25 -53.67 18.45
N VAL N 130 67.50 -54.03 18.30
CA VAL N 130 68.29 -54.50 19.43
C VAL N 130 68.78 -53.30 20.22
N VAL N 131 68.96 -53.50 21.52
CA VAL N 131 69.45 -52.46 22.41
C VAL N 131 70.76 -52.94 23.02
N LEU N 132 71.84 -52.20 22.77
CA LEU N 132 73.11 -52.52 23.39
C LEU N 132 73.12 -52.06 24.84
N GLY N 133 74.10 -52.53 25.59
CA GLY N 133 74.20 -52.16 26.99
C GLY N 133 75.54 -52.52 27.56
N ARG N 134 75.85 -51.88 28.68
CA ARG N 134 77.00 -52.20 29.51
C ARG N 134 76.51 -52.70 30.86
N PRO N 135 77.29 -53.53 31.54
CA PRO N 135 76.97 -53.88 32.92
C PRO N 135 76.89 -52.62 33.78
N GLY N 136 75.86 -52.54 34.62
CA GLY N 136 75.58 -51.34 35.38
C GLY N 136 74.48 -50.49 34.80
N PHE N 137 73.97 -50.81 33.61
CA PHE N 137 72.87 -50.03 33.03
C PHE N 137 71.57 -50.21 33.80
N SER N 138 71.45 -51.27 34.60
CA SER N 138 70.22 -51.53 35.33
C SER N 138 69.90 -50.48 36.38
N ILE N 139 70.90 -49.69 36.80
CA ILE N 139 70.68 -48.69 37.84
C ILE N 139 69.72 -47.61 37.38
N ALA N 140 69.58 -47.40 36.07
CA ALA N 140 68.59 -46.46 35.56
C ALA N 140 67.17 -46.98 35.67
N ASP N 141 66.99 -48.28 35.94
CA ASP N 141 65.67 -48.88 35.99
C ASP N 141 65.36 -49.54 37.31
N LYS N 142 66.31 -49.61 38.23
CA LYS N 142 66.03 -50.19 39.54
C LYS N 142 65.16 -49.24 40.35
N LYS N 143 64.58 -49.79 41.42
CA LYS N 143 63.65 -49.00 42.23
C LYS N 143 64.40 -48.18 43.28
N ARG N 144 65.31 -48.81 44.02
CA ARG N 144 65.97 -48.15 45.14
C ARG N 144 67.28 -47.52 44.68
N ARG N 145 67.42 -46.21 44.92
CA ARG N 145 68.61 -45.45 44.59
C ARG N 145 68.95 -45.54 43.10
N THR N 146 67.94 -45.28 42.26
CA THR N 146 68.15 -45.26 40.83
C THR N 146 68.94 -44.01 40.42
N GLY N 147 69.52 -44.07 39.23
CA GLY N 147 70.28 -42.93 38.73
C GLY N 147 70.78 -43.16 37.32
N CYS N 148 71.33 -42.09 36.76
CA CYS N 148 71.88 -42.14 35.41
C CYS N 148 73.17 -42.93 35.38
N ILE N 149 73.58 -43.32 34.17
CA ILE N 149 74.73 -44.20 34.00
C ILE N 149 76.06 -43.46 33.94
N GLY N 150 76.05 -42.16 33.70
CA GLY N 150 77.32 -41.46 33.58
C GLY N 150 77.77 -41.32 32.13
N ALA N 151 78.59 -40.29 31.89
CA ALA N 151 79.00 -39.97 30.54
C ALA N 151 79.92 -41.05 29.96
N LYS N 152 80.90 -41.50 30.74
CA LYS N 152 81.89 -42.44 30.21
C LYS N 152 81.32 -43.84 30.07
N HIS N 153 80.15 -44.10 30.66
CA HIS N 153 79.54 -45.42 30.55
C HIS N 153 78.51 -45.51 29.44
N ARG N 154 78.24 -44.42 28.74
CA ARG N 154 77.24 -44.43 27.67
C ARG N 154 77.79 -45.14 26.44
N ILE N 155 76.91 -45.34 25.46
CA ILE N 155 77.26 -45.99 24.20
C ILE N 155 77.00 -45.02 23.06
N SER N 156 77.99 -44.81 22.20
CA SER N 156 77.87 -43.92 21.07
C SER N 156 77.47 -44.70 19.82
N LYS N 157 77.08 -43.95 18.78
CA LYS N 157 76.82 -44.57 17.50
C LYS N 157 78.08 -45.19 16.92
N GLU N 158 79.22 -44.51 17.09
CA GLU N 158 80.49 -45.06 16.64
C GLU N 158 80.80 -46.38 17.32
N GLU N 159 80.60 -46.44 18.64
CA GLU N 159 80.91 -47.65 19.39
C GLU N 159 80.00 -48.80 18.99
N ALA N 160 78.71 -48.52 18.80
CA ALA N 160 77.78 -49.55 18.36
C ALA N 160 78.15 -50.07 16.98
N MET N 161 78.52 -49.16 16.06
CA MET N 161 78.93 -49.58 14.73
C MET N 161 80.18 -50.46 14.80
N ARG N 162 81.14 -50.07 15.65
CA ARG N 162 82.36 -50.87 15.81
C ARG N 162 82.03 -52.26 16.34
N TRP N 163 81.16 -52.32 17.36
CA TRP N 163 80.79 -53.61 17.93
C TRP N 163 80.10 -54.51 16.92
N PHE N 164 79.19 -53.94 16.11
CA PHE N 164 78.59 -54.71 15.03
C PHE N 164 79.62 -55.17 14.01
N GLN N 165 80.60 -54.33 13.72
CA GLN N 165 81.64 -54.70 12.76
C GLN N 165 82.48 -55.87 13.28
N GLN N 166 82.88 -55.85 14.55
CA GLN N 166 83.73 -56.92 15.04
C GLN N 166 82.95 -58.21 15.30
N LYS N 167 81.74 -58.12 15.86
CA LYS N 167 81.07 -59.35 16.28
C LYS N 167 80.48 -60.11 15.09
N TYR N 168 79.57 -59.47 14.36
CA TYR N 168 78.83 -60.13 13.30
C TYR N 168 79.41 -59.85 11.92
N ASP N 169 80.70 -59.47 11.85
CA ASP N 169 81.49 -59.12 10.67
C ASP N 169 80.65 -58.43 9.59
N GLY N 170 79.84 -57.46 10.00
CA GLY N 170 78.91 -56.83 9.10
C GLY N 170 79.55 -55.77 8.24
N ILE N 171 78.75 -55.25 7.32
CA ILE N 171 79.17 -54.18 6.41
C ILE N 171 78.29 -52.98 6.65
N ILE N 172 78.90 -51.84 6.94
CA ILE N 172 78.19 -50.59 7.19
C ILE N 172 78.12 -49.85 5.86
N LEU N 173 76.99 -49.96 5.18
CA LEU N 173 76.81 -49.25 3.93
C LEU N 173 76.63 -47.75 4.18
N PRO N 174 77.32 -46.90 3.43
CA PRO N 174 77.20 -45.45 3.62
C PRO N 174 75.92 -44.89 3.01
N GLY N 175 74.80 -45.11 3.70
CA GLY N 175 73.53 -44.62 3.25
C GLY N 175 73.16 -43.26 3.82
N ALA O 1 3.46 -3.82 64.75
CA ALA O 1 4.88 -3.49 64.65
C ALA O 1 5.62 -3.84 65.93
N PRO O 2 6.28 -4.99 65.93
CA PRO O 2 7.05 -5.39 67.11
C PRO O 2 8.23 -4.47 67.34
N SER O 3 8.65 -4.37 68.60
CA SER O 3 9.77 -3.52 68.99
C SER O 3 10.61 -4.26 70.03
N ARG O 4 11.79 -4.71 69.60
CA ARG O 4 12.75 -5.44 70.44
C ARG O 4 12.04 -6.66 71.04
N ASN O 5 12.43 -7.04 72.26
CA ASN O 5 11.79 -8.16 72.93
C ASN O 5 10.39 -7.77 73.39
N GLY O 6 9.50 -8.76 73.36
CA GLY O 6 8.14 -8.53 73.80
C GLY O 6 7.36 -9.84 73.75
N MET O 7 6.16 -9.79 74.30
CA MET O 7 5.26 -10.93 74.31
C MET O 7 4.25 -10.82 73.19
N VAL O 8 4.00 -11.92 72.51
CA VAL O 8 3.07 -11.94 71.38
C VAL O 8 1.67 -11.64 71.93
N LEU O 9 1.05 -10.59 71.42
CA LEU O 9 -0.27 -10.17 71.88
C LEU O 9 -1.29 -10.32 70.76
N LYS O 10 -2.47 -10.83 71.12
CA LYS O 10 -3.59 -10.97 70.20
C LYS O 10 -4.83 -10.39 70.85
N PRO O 11 -4.95 -9.06 70.94
CA PRO O 11 -6.14 -8.46 71.53
C PRO O 11 -7.38 -8.80 70.72
N HIS O 12 -8.46 -9.06 71.43
CA HIS O 12 -9.72 -9.45 70.79
C HIS O 12 -10.60 -8.22 70.58
N PHE O 13 -10.02 -7.20 69.95
CA PHE O 13 -10.68 -5.93 69.72
C PHE O 13 -10.78 -5.62 68.24
N HIS O 14 -11.20 -6.61 67.46
CA HIS O 14 -11.38 -6.45 66.02
C HIS O 14 -12.84 -6.48 65.61
N LYS O 15 -13.76 -6.33 66.55
CA LYS O 15 -15.15 -6.69 66.31
C LYS O 15 -16.12 -5.60 66.76
N ASP O 16 -15.71 -4.33 66.67
CA ASP O 16 -16.55 -3.18 67.02
C ASP O 16 -17.09 -3.31 68.44
N TRP O 17 -16.17 -3.54 69.37
CA TRP O 17 -16.52 -3.80 70.77
C TRP O 17 -17.18 -2.61 71.44
N GLN O 18 -17.00 -1.40 70.93
CA GLN O 18 -17.51 -0.22 71.62
C GLN O 18 -19.03 -0.14 71.63
N ARG O 19 -19.71 -0.92 70.78
CA ARG O 19 -21.16 -0.97 70.87
C ARG O 19 -21.63 -1.80 72.06
N ARG O 20 -20.92 -2.88 72.37
CA ARG O 20 -21.29 -3.79 73.46
C ARG O 20 -20.30 -3.56 74.60
N VAL O 21 -20.60 -2.59 75.45
CA VAL O 21 -19.78 -2.28 76.61
C VAL O 21 -20.66 -2.36 77.85
N ALA O 22 -20.22 -3.12 78.84
CA ALA O 22 -20.99 -3.35 80.05
C ALA O 22 -20.37 -2.56 81.20
N THR O 23 -20.83 -1.33 81.38
CA THR O 23 -20.46 -0.57 82.56
C THR O 23 -21.15 -1.14 83.79
N TRP O 24 -20.54 -0.91 84.96
CA TRP O 24 -21.06 -1.45 86.21
C TRP O 24 -21.38 -0.35 87.22
N PHE O 25 -21.80 0.82 86.72
CA PHE O 25 -22.17 1.90 87.62
C PHE O 25 -23.41 1.59 88.44
N ASN O 26 -24.21 0.63 88.03
CA ASN O 26 -25.41 0.24 88.76
C ASN O 26 -25.13 -0.86 89.77
N GLN O 27 -23.87 -1.25 89.96
CA GLN O 27 -23.55 -2.33 90.88
C GLN O 27 -23.96 -2.03 92.33
N PRO O 28 -23.65 -0.87 92.92
CA PRO O 28 -24.18 -0.60 94.26
C PRO O 28 -25.70 -0.53 94.29
N ALA O 29 -26.32 0.03 93.25
CA ALA O 29 -27.78 0.04 93.19
C ALA O 29 -28.35 -1.36 93.07
N ARG O 30 -27.71 -2.22 92.28
CA ARG O 30 -28.15 -3.61 92.19
C ARG O 30 -28.01 -4.31 93.53
N LYS O 31 -26.92 -4.07 94.26
CA LYS O 31 -26.75 -4.68 95.57
C LYS O 31 -27.81 -4.20 96.56
N ILE O 32 -28.12 -2.89 96.53
CA ILE O 32 -29.14 -2.36 97.42
C ILE O 32 -30.50 -2.95 97.09
N ARG O 33 -30.83 -3.05 95.79
CA ARG O 33 -32.09 -3.65 95.39
C ARG O 33 -32.18 -5.12 95.83
N ARG O 34 -31.08 -5.86 95.67
CA ARG O 34 -31.07 -7.26 96.09
C ARG O 34 -31.27 -7.38 97.59
N ARG O 35 -30.62 -6.50 98.37
CA ARG O 35 -30.77 -6.53 99.81
C ARG O 35 -32.19 -6.20 100.23
N LYS O 36 -32.80 -5.20 99.59
CA LYS O 36 -34.17 -4.85 99.90
C LYS O 36 -35.12 -5.98 99.55
N ALA O 37 -34.90 -6.64 98.41
CA ALA O 37 -35.72 -7.78 98.04
C ALA O 37 -35.55 -8.94 99.01
N ARG O 38 -34.33 -9.18 99.48
CA ARG O 38 -34.10 -10.21 100.50
C ARG O 38 -34.86 -9.89 101.78
N GLN O 39 -34.79 -8.64 102.23
CA GLN O 39 -35.51 -8.26 103.44
C GLN O 39 -37.02 -8.40 103.27
N ALA O 40 -37.54 -8.02 102.09
CA ALA O 40 -38.96 -8.17 101.82
C ALA O 40 -39.38 -9.63 101.81
N LYS O 41 -38.57 -10.49 101.19
CA LYS O 41 -38.87 -11.91 101.18
C LYS O 41 -38.85 -12.49 102.59
N ALA O 42 -37.87 -12.08 103.40
CA ALA O 42 -37.82 -12.55 104.78
C ALA O 42 -39.04 -12.10 105.56
N ARG O 43 -39.50 -10.87 105.31
CA ARG O 43 -40.68 -10.38 106.00
C ARG O 43 -41.94 -11.10 105.55
N ARG O 44 -42.00 -11.50 104.28
CA ARG O 44 -43.21 -12.16 103.77
C ARG O 44 -43.42 -13.50 104.45
N ILE O 45 -42.38 -14.32 104.54
CA ILE O 45 -42.44 -15.59 105.24
C ILE O 45 -41.84 -15.32 106.63
N ALA O 46 -42.71 -14.91 107.56
CA ALA O 46 -42.21 -14.42 108.85
C ALA O 46 -41.53 -15.50 109.68
N PRO O 47 -42.14 -16.67 109.96
CA PRO O 47 -41.43 -17.65 110.79
C PRO O 47 -40.53 -18.58 109.99
N ARG O 48 -40.75 -18.63 108.69
CA ARG O 48 -40.01 -19.55 107.84
C ARG O 48 -38.57 -19.06 107.66
N PRO O 49 -37.64 -19.98 107.37
CA PRO O 49 -36.24 -19.58 107.21
C PRO O 49 -36.05 -18.61 106.05
N ALA O 50 -35.12 -17.66 106.25
CA ALA O 50 -34.90 -16.64 105.23
C ALA O 50 -34.29 -17.22 103.97
N SER O 51 -33.30 -18.11 104.12
CA SER O 51 -32.65 -18.68 102.96
C SER O 51 -33.59 -19.57 102.15
N GLY O 52 -34.42 -20.35 102.82
CA GLY O 52 -35.38 -21.19 102.14
C GLY O 52 -35.31 -22.64 102.58
N PRO O 53 -35.69 -23.55 101.69
CA PRO O 53 -35.72 -24.97 102.05
C PRO O 53 -34.31 -25.51 102.32
N ILE O 54 -34.26 -26.54 103.16
CA ILE O 54 -33.00 -27.18 103.48
C ILE O 54 -32.49 -27.96 102.28
N ARG O 55 -31.18 -27.97 102.10
CA ARG O 55 -30.54 -28.61 100.97
C ARG O 55 -29.77 -29.86 101.41
N PRO O 56 -29.63 -30.86 100.55
CA PRO O 56 -28.97 -32.10 100.97
C PRO O 56 -27.45 -31.97 101.00
N ILE O 57 -26.84 -32.96 101.63
CA ILE O 57 -25.37 -33.09 101.65
C ILE O 57 -24.94 -33.80 100.38
N VAL O 58 -24.09 -33.13 99.60
CA VAL O 58 -23.81 -33.53 98.22
C VAL O 58 -22.31 -33.54 97.97
N ARG O 59 -21.82 -34.66 97.45
CA ARG O 59 -20.43 -34.76 97.03
C ARG O 59 -20.25 -34.20 95.63
N CYS O 60 -19.18 -33.43 95.44
CA CYS O 60 -18.91 -32.79 94.16
C CYS O 60 -18.48 -33.82 93.11
N PRO O 61 -18.82 -33.59 91.84
CA PRO O 61 -18.62 -34.62 90.82
C PRO O 61 -17.18 -34.99 90.52
N THR O 62 -16.38 -34.00 90.11
CA THR O 62 -15.11 -34.28 89.45
C THR O 62 -14.07 -34.79 90.44
N VAL O 63 -12.98 -35.33 89.89
CA VAL O 63 -11.86 -35.78 90.72
C VAL O 63 -11.10 -34.60 91.31
N ARG O 64 -11.31 -33.39 90.78
CA ARG O 64 -10.73 -32.22 91.40
C ARG O 64 -11.41 -31.89 92.72
N TYR O 65 -12.72 -32.07 92.81
CA TYR O 65 -13.48 -31.58 93.94
C TYR O 65 -14.16 -32.67 94.76
N HIS O 66 -13.86 -33.95 94.51
CA HIS O 66 -14.61 -35.01 95.17
C HIS O 66 -14.39 -35.04 96.68
N THR O 67 -13.24 -34.60 97.17
CA THR O 67 -13.01 -34.57 98.61
C THR O 67 -13.93 -33.57 99.29
N LYS O 68 -14.25 -32.47 98.61
CA LYS O 68 -15.09 -31.44 99.19
C LYS O 68 -16.56 -31.89 99.17
N VAL O 69 -17.37 -31.21 99.98
CA VAL O 69 -18.80 -31.48 100.05
C VAL O 69 -19.51 -30.14 100.04
N ARG O 70 -20.73 -30.11 99.50
CA ARG O 70 -21.45 -28.85 99.35
C ARG O 70 -22.94 -29.10 99.57
N ALA O 71 -23.74 -28.08 99.24
CA ALA O 71 -25.18 -28.17 99.32
C ALA O 71 -25.76 -28.33 97.92
N GLY O 72 -26.66 -29.28 97.76
CA GLY O 72 -27.22 -29.60 96.47
C GLY O 72 -28.51 -28.89 96.16
N ARG O 73 -29.27 -29.45 95.23
CA ARG O 73 -30.54 -28.85 94.84
C ARG O 73 -31.68 -29.32 95.74
N GLY O 74 -31.85 -30.63 95.86
CA GLY O 74 -32.97 -31.15 96.62
C GLY O 74 -32.72 -32.58 97.04
N PHE O 75 -33.51 -33.02 98.00
CA PHE O 75 -33.37 -34.38 98.53
C PHE O 75 -34.01 -35.38 97.56
N SER O 76 -33.35 -36.52 97.38
CA SER O 76 -33.85 -37.52 96.46
C SER O 76 -35.08 -38.22 97.06
N LEU O 77 -35.87 -38.81 96.16
CA LEU O 77 -37.11 -39.46 96.60
C LEU O 77 -36.83 -40.72 97.40
N GLU O 78 -35.70 -41.38 97.14
CA GLU O 78 -35.34 -42.55 97.95
C GLU O 78 -35.05 -42.14 99.39
N GLU O 79 -34.41 -40.98 99.56
CA GLU O 79 -34.17 -40.44 100.90
C GLU O 79 -35.48 -40.18 101.63
N LEU O 80 -36.44 -39.59 100.92
CA LEU O 80 -37.75 -39.33 101.52
C LEU O 80 -38.47 -40.63 101.84
N ARG O 81 -38.35 -41.62 100.96
CA ARG O 81 -39.01 -42.90 101.16
C ARG O 81 -38.51 -43.58 102.42
N VAL O 82 -37.19 -43.72 102.55
CA VAL O 82 -36.63 -44.39 103.72
C VAL O 82 -36.75 -43.51 104.97
N ALA O 83 -36.86 -42.20 104.80
CA ALA O 83 -37.12 -41.32 105.93
C ALA O 83 -38.60 -41.26 106.29
N GLY O 84 -39.47 -41.89 105.52
CA GLY O 84 -40.89 -41.89 105.82
C GLY O 84 -41.56 -40.54 105.70
N ILE O 85 -41.17 -39.74 104.71
CA ILE O 85 -41.78 -38.44 104.46
C ILE O 85 -42.29 -38.42 103.02
N HIS O 86 -43.54 -38.02 102.84
CA HIS O 86 -44.14 -37.98 101.52
C HIS O 86 -43.45 -36.97 100.62
N LYS O 87 -43.35 -37.31 99.33
CA LYS O 87 -42.65 -36.45 98.39
C LYS O 87 -43.43 -35.20 98.04
N LYS O 88 -44.73 -35.17 98.32
CA LYS O 88 -45.53 -33.97 98.10
C LYS O 88 -45.74 -33.14 99.36
N VAL O 89 -45.47 -33.69 100.54
CA VAL O 89 -45.60 -32.94 101.77
C VAL O 89 -44.30 -32.25 102.16
N ALA O 90 -43.14 -32.79 101.75
CA ALA O 90 -41.86 -32.23 102.15
C ALA O 90 -41.69 -30.80 101.61
N ARG O 91 -42.16 -30.55 100.39
CA ARG O 91 -42.12 -29.19 99.86
C ARG O 91 -43.03 -28.26 100.64
N THR O 92 -44.06 -28.78 101.30
CA THR O 92 -44.94 -27.93 102.10
C THR O 92 -44.33 -27.55 103.43
N ILE O 93 -43.37 -28.33 103.94
CA ILE O 93 -42.74 -28.05 105.21
C ILE O 93 -41.32 -27.50 105.03
N GLY O 94 -40.94 -27.13 103.81
CA GLY O 94 -39.66 -26.52 103.59
C GLY O 94 -38.52 -27.47 103.33
N ILE O 95 -38.76 -28.55 102.58
CA ILE O 95 -37.71 -29.50 102.23
C ILE O 95 -37.62 -29.54 100.71
N SER O 96 -36.49 -29.07 100.18
CA SER O 96 -36.27 -29.11 98.74
C SER O 96 -36.07 -30.55 98.28
N VAL O 97 -36.72 -30.91 97.18
CA VAL O 97 -36.64 -32.26 96.64
C VAL O 97 -36.17 -32.19 95.19
N ASP O 98 -35.61 -33.29 94.71
CA ASP O 98 -35.11 -33.39 93.34
C ASP O 98 -35.33 -34.83 92.88
N PRO O 99 -36.42 -35.08 92.15
CA PRO O 99 -36.75 -36.46 91.78
C PRO O 99 -35.75 -37.13 90.85
N ARG O 100 -34.95 -36.36 90.13
CA ARG O 100 -34.04 -36.94 89.13
C ARG O 100 -32.68 -37.30 89.70
N ARG O 101 -32.44 -37.07 90.98
CA ARG O 101 -31.17 -37.45 91.60
C ARG O 101 -31.28 -38.87 92.14
N ARG O 102 -30.25 -39.66 91.90
CA ARG O 102 -30.17 -41.04 92.34
C ARG O 102 -29.26 -41.16 93.55
N ASN O 103 -29.25 -42.34 94.16
CA ASN O 103 -28.44 -42.62 95.34
C ASN O 103 -27.54 -43.82 95.02
N LYS O 104 -26.34 -43.54 94.51
CA LYS O 104 -25.43 -44.61 94.15
C LYS O 104 -24.86 -45.30 95.38
N SER O 105 -24.59 -44.56 96.44
CA SER O 105 -23.93 -45.08 97.62
C SER O 105 -24.84 -45.00 98.83
N THR O 106 -24.76 -46.03 99.67
CA THR O 106 -25.55 -46.06 100.90
C THR O 106 -25.07 -45.04 101.91
N GLU O 107 -23.81 -44.64 101.84
CA GLU O 107 -23.26 -43.73 102.84
C GLU O 107 -23.87 -42.34 102.74
N SER O 108 -23.94 -41.79 101.52
CA SER O 108 -24.59 -40.50 101.34
C SER O 108 -26.07 -40.59 101.66
N LEU O 109 -26.70 -41.73 101.36
CA LEU O 109 -28.09 -41.96 101.74
C LEU O 109 -28.26 -41.85 103.25
N GLN O 110 -27.41 -42.52 104.02
CA GLN O 110 -27.49 -42.45 105.47
C GLN O 110 -27.24 -41.05 105.97
N ALA O 111 -26.25 -40.34 105.40
CA ALA O 111 -26.00 -38.98 105.83
C ALA O 111 -27.20 -38.08 105.58
N ASN O 112 -27.80 -38.19 104.41
CA ASN O 112 -28.98 -37.41 104.07
C ASN O 112 -30.18 -37.74 104.95
N VAL O 113 -30.41 -39.00 105.28
CA VAL O 113 -31.55 -39.32 106.13
C VAL O 113 -31.33 -38.92 107.58
N GLN O 114 -30.09 -38.99 108.10
CA GLN O 114 -29.84 -38.41 109.41
C GLN O 114 -30.06 -36.90 109.39
N ARG O 115 -29.67 -36.24 108.30
CA ARG O 115 -29.95 -34.82 108.17
C ARG O 115 -31.44 -34.54 108.19
N LEU O 116 -32.21 -35.34 107.44
CA LEU O 116 -33.66 -35.14 107.38
C LEU O 116 -34.31 -35.39 108.74
N LYS O 117 -33.88 -36.44 109.45
CA LYS O 117 -34.42 -36.71 110.77
C LYS O 117 -34.09 -35.59 111.75
N GLU O 118 -32.86 -35.07 111.70
CA GLU O 118 -32.51 -33.96 112.58
C GLU O 118 -33.36 -32.73 112.26
N TYR O 119 -33.58 -32.45 110.98
CA TYR O 119 -34.40 -31.30 110.61
C TYR O 119 -35.84 -31.49 111.08
N ARG O 120 -36.40 -32.68 110.92
CA ARG O 120 -37.74 -32.95 111.38
C ARG O 120 -37.87 -32.82 112.89
N SER O 121 -36.87 -33.32 113.63
CA SER O 121 -36.87 -33.14 115.08
C SER O 121 -36.77 -31.66 115.46
N LYS O 122 -36.03 -30.87 114.69
CA LYS O 122 -35.85 -29.46 114.98
C LYS O 122 -36.94 -28.58 114.38
N LEU O 123 -37.92 -29.16 113.69
CA LEU O 123 -38.96 -28.38 113.05
C LEU O 123 -40.08 -28.05 114.02
N ILE O 124 -40.56 -26.81 113.96
CA ILE O 124 -41.75 -26.38 114.68
C ILE O 124 -42.85 -26.13 113.66
N LEU O 125 -44.00 -26.77 113.85
CA LEU O 125 -45.10 -26.71 112.89
C LEU O 125 -46.28 -25.98 113.52
N PHE O 126 -46.72 -24.91 112.86
CA PHE O 126 -47.91 -24.20 113.29
C PHE O 126 -49.15 -24.94 112.78
N PRO O 127 -50.18 -25.13 113.59
CA PRO O 127 -51.44 -25.67 113.07
C PRO O 127 -52.10 -24.68 112.11
N ARG O 128 -52.95 -25.22 111.24
CA ARG O 128 -53.63 -24.37 110.25
C ARG O 128 -54.49 -23.32 110.92
N LYS O 129 -55.35 -23.73 111.84
CA LYS O 129 -56.16 -22.80 112.60
C LYS O 129 -55.55 -22.62 113.97
N PRO O 130 -55.05 -21.43 114.32
CA PRO O 130 -54.41 -21.24 115.62
C PRO O 130 -55.33 -21.52 116.79
N SER O 131 -56.62 -21.27 116.65
CA SER O 131 -57.56 -21.62 117.71
C SER O 131 -57.83 -23.12 117.77
N ALA O 132 -57.41 -23.88 116.77
CA ALA O 132 -57.64 -25.33 116.71
C ALA O 132 -56.32 -26.03 116.45
N PRO O 133 -55.46 -26.17 117.47
CA PRO O 133 -54.20 -26.89 117.27
C PRO O 133 -54.43 -28.39 117.22
N LYS O 134 -54.37 -28.98 116.03
CA LYS O 134 -54.74 -30.38 115.88
C LYS O 134 -53.58 -31.30 116.21
N LYS O 135 -52.52 -31.27 115.39
CA LYS O 135 -51.37 -32.11 115.62
C LYS O 135 -50.04 -31.44 115.30
N GLY O 136 -50.02 -30.13 115.10
CA GLY O 136 -48.80 -29.47 114.68
C GLY O 136 -47.72 -29.48 115.74
N ASP O 137 -47.91 -28.68 116.78
CA ASP O 137 -46.98 -28.60 117.90
C ASP O 137 -47.69 -27.97 119.09
N SER O 138 -47.08 -28.13 120.27
CA SER O 138 -47.61 -27.51 121.46
C SER O 138 -47.42 -26.00 121.40
N SER O 139 -48.35 -25.26 121.99
CA SER O 139 -48.29 -23.81 121.99
C SER O 139 -47.08 -23.28 122.73
N ALA O 140 -46.63 -23.97 123.77
CA ALA O 140 -45.51 -23.48 124.57
C ALA O 140 -44.22 -23.44 123.74
N GLU O 141 -44.00 -24.43 122.89
CA GLU O 141 -42.77 -24.52 122.12
C GLU O 141 -42.81 -23.72 120.84
N GLU O 142 -43.91 -23.02 120.55
CA GLU O 142 -43.96 -22.13 119.40
C GLU O 142 -44.35 -20.70 119.76
N LEU O 143 -44.73 -20.44 121.02
CA LEU O 143 -45.08 -19.09 121.41
C LEU O 143 -43.89 -18.15 121.32
N LYS O 144 -42.75 -18.56 121.89
CA LYS O 144 -41.55 -17.76 121.89
C LYS O 144 -40.35 -18.43 121.25
N LEU O 145 -40.33 -19.75 121.17
CA LEU O 145 -39.22 -20.44 120.52
C LEU O 145 -39.21 -20.26 119.01
N ALA O 146 -40.32 -19.85 118.42
CA ALA O 146 -40.38 -19.62 116.98
C ALA O 146 -39.67 -18.31 116.64
N THR O 147 -38.80 -18.36 115.64
CA THR O 147 -38.02 -17.21 115.22
C THR O 147 -37.47 -17.49 113.83
N GLN O 148 -37.53 -16.49 112.95
CA GLN O 148 -37.03 -16.64 111.59
C GLN O 148 -35.55 -16.98 111.60
N LEU O 149 -35.17 -17.99 110.82
CA LEU O 149 -33.79 -18.42 110.72
C LEU O 149 -33.08 -17.69 109.59
N THR O 150 -31.94 -17.07 109.91
CA THR O 150 -31.13 -16.36 108.94
C THR O 150 -29.88 -17.19 108.63
N GLY O 151 -29.58 -17.34 107.34
CA GLY O 151 -28.50 -18.20 106.92
C GLY O 151 -29.04 -19.53 106.44
N PRO O 152 -28.19 -20.30 105.76
CA PRO O 152 -28.65 -21.60 105.24
C PRO O 152 -29.06 -22.54 106.36
N VAL O 153 -30.11 -23.32 106.09
CA VAL O 153 -30.64 -24.24 107.09
C VAL O 153 -29.68 -25.40 107.27
N MET O 154 -29.09 -25.50 108.47
CA MET O 154 -28.11 -26.53 108.81
C MET O 154 -26.99 -26.52 107.77
N PRO O 155 -26.11 -25.53 107.80
CA PRO O 155 -25.14 -25.34 106.71
C PRO O 155 -24.24 -26.55 106.52
N VAL O 156 -23.96 -26.87 105.25
CA VAL O 156 -23.12 -28.02 104.93
C VAL O 156 -21.68 -27.70 105.33
N ARG O 157 -21.09 -28.61 106.11
CA ARG O 157 -19.78 -28.37 106.71
C ARG O 157 -18.87 -29.56 106.43
N ASN O 158 -17.72 -29.28 105.84
CA ASN O 158 -16.71 -30.31 105.65
C ASN O 158 -16.16 -30.75 107.00
N VAL O 159 -15.99 -32.06 107.17
CA VAL O 159 -15.50 -32.63 108.42
C VAL O 159 -14.29 -33.49 108.12
N TYR O 160 -13.32 -33.48 109.03
CA TYR O 160 -12.13 -34.30 108.92
C TYR O 160 -12.01 -35.17 110.15
N LYS O 161 -11.87 -36.47 109.95
CA LYS O 161 -11.71 -37.42 111.05
C LYS O 161 -10.24 -37.47 111.43
N LYS O 162 -9.89 -36.82 112.55
CA LYS O 162 -8.50 -36.77 112.96
C LYS O 162 -8.04 -38.14 113.44
N GLU O 163 -6.91 -38.59 112.90
CA GLU O 163 -6.31 -39.86 113.29
C GLU O 163 -5.15 -39.59 114.24
N LYS O 164 -5.23 -40.15 115.43
CA LYS O 164 -4.17 -39.98 116.42
C LYS O 164 -2.89 -40.68 115.95
N ALA O 165 -1.76 -40.15 116.41
CA ALA O 165 -0.47 -40.73 116.06
C ALA O 165 -0.36 -42.15 116.60
N ARG O 166 0.17 -43.05 115.77
CA ARG O 166 0.22 -44.46 116.11
C ARG O 166 1.56 -45.04 115.65
N VAL O 167 1.96 -46.12 116.31
CA VAL O 167 3.24 -46.76 116.02
C VAL O 167 3.15 -47.49 114.68
N ILE O 168 4.09 -47.21 113.80
CA ILE O 168 4.11 -47.83 112.47
C ILE O 168 4.55 -49.29 112.64
N THR O 169 3.79 -50.21 112.06
CA THR O 169 4.17 -51.61 112.11
C THR O 169 5.21 -51.90 111.05
N GLU O 170 5.81 -53.09 111.15
CA GLU O 170 6.80 -53.52 110.16
C GLU O 170 6.15 -53.78 108.81
N GLU O 171 4.89 -54.18 108.81
CA GLU O 171 4.20 -54.47 107.55
C GLU O 171 4.00 -53.19 106.73
N GLU O 172 3.67 -52.08 107.40
CA GLU O 172 3.54 -50.80 106.70
C GLU O 172 4.87 -50.35 106.13
N LYS O 173 5.96 -50.59 106.87
CA LYS O 173 7.26 -50.10 106.46
C LYS O 173 7.80 -50.83 105.23
N ASN O 174 7.35 -52.05 105.00
CA ASN O 174 7.81 -52.84 103.86
C ASN O 174 6.99 -52.57 102.60
N PHE O 175 5.98 -51.70 102.66
CA PHE O 175 5.15 -51.45 101.49
C PHE O 175 5.91 -50.62 100.47
N LYS O 176 5.74 -50.96 99.20
CA LYS O 176 6.44 -50.31 98.09
C LYS O 176 5.43 -49.50 97.29
N ALA O 177 5.25 -48.23 97.67
CA ALA O 177 4.18 -47.42 97.11
C ALA O 177 4.41 -47.11 95.64
N PHE O 178 5.61 -46.64 95.29
CA PHE O 178 5.88 -46.26 93.91
C PHE O 178 5.83 -47.47 92.99
N ALA O 179 6.42 -48.59 93.41
CA ALA O 179 6.37 -49.80 92.61
C ALA O 179 4.94 -50.30 92.46
N SER O 180 4.15 -50.22 93.54
CA SER O 180 2.76 -50.66 93.45
C SER O 180 1.98 -49.79 92.48
N LEU O 181 2.19 -48.48 92.50
CA LEU O 181 1.48 -47.61 91.56
C LEU O 181 1.90 -47.90 90.11
N ARG O 182 3.19 -48.11 89.88
CA ARG O 182 3.65 -48.43 88.53
C ARG O 182 3.07 -49.75 88.05
N MET O 183 3.06 -50.77 88.90
CA MET O 183 2.47 -52.06 88.53
C MET O 183 0.98 -51.94 88.31
N ALA O 184 0.31 -51.10 89.10
CA ALA O 184 -1.12 -50.89 88.91
C ALA O 184 -1.40 -50.26 87.55
N ARG O 185 -0.62 -49.25 87.17
CA ARG O 185 -0.77 -48.65 85.86
C ARG O 185 -0.51 -49.67 84.75
N ALA O 186 0.53 -50.49 84.91
CA ALA O 186 0.86 -51.49 83.90
C ALA O 186 -0.25 -52.52 83.76
N ASN O 187 -0.79 -52.99 84.89
CA ASN O 187 -1.88 -53.96 84.84
C ASN O 187 -3.13 -53.37 84.20
N ALA O 188 -3.46 -52.13 84.55
CA ALA O 188 -4.61 -51.49 83.94
C ALA O 188 -4.44 -51.31 82.44
N ARG O 189 -3.21 -51.02 82.00
CA ARG O 189 -2.98 -50.85 80.57
C ARG O 189 -3.01 -52.19 79.83
N LEU O 190 -2.38 -53.22 80.39
CA LEU O 190 -2.18 -54.48 79.69
C LEU O 190 -3.18 -55.56 80.09
N PHE O 191 -4.27 -55.20 80.77
CA PHE O 191 -5.24 -56.21 81.15
C PHE O 191 -5.92 -56.83 79.93
N GLY O 192 -6.41 -56.00 79.01
CA GLY O 192 -7.13 -56.53 77.86
C GLY O 192 -6.25 -57.34 76.93
N ILE O 193 -5.06 -56.84 76.60
CA ILE O 193 -4.19 -57.55 75.69
C ILE O 193 -3.66 -58.85 76.29
N ARG O 194 -3.41 -58.89 77.59
CA ARG O 194 -3.04 -60.15 78.22
C ARG O 194 -4.18 -61.16 78.13
N ALA O 195 -5.41 -60.69 78.31
CA ALA O 195 -6.57 -61.57 78.15
C ALA O 195 -6.67 -62.11 76.73
N LYS O 196 -6.44 -61.25 75.74
CA LYS O 196 -6.52 -61.69 74.35
C LYS O 196 -5.43 -62.71 74.03
N ARG O 197 -4.20 -62.46 74.51
CA ARG O 197 -3.12 -63.42 74.25
C ARG O 197 -3.35 -64.73 74.98
N ALA O 198 -3.88 -64.69 76.20
CA ALA O 198 -4.24 -65.92 76.89
C ALA O 198 -5.35 -66.66 76.14
N LYS O 199 -6.30 -65.93 75.57
CA LYS O 199 -7.33 -66.55 74.74
C LYS O 199 -6.72 -67.26 73.55
N GLU O 200 -5.79 -66.59 72.86
CA GLU O 200 -5.14 -67.23 71.71
C GLU O 200 -4.34 -68.46 72.13
N ALA O 201 -3.65 -68.38 73.28
CA ALA O 201 -2.90 -69.52 73.78
C ALA O 201 -3.83 -70.69 74.09
N ALA O 202 -4.99 -70.40 74.68
CA ALA O 202 -5.99 -71.43 74.89
C ALA O 202 -6.50 -72.00 73.58
N GLU O 203 -6.63 -71.15 72.55
CA GLU O 203 -7.01 -71.64 71.23
C GLU O 203 -5.98 -72.64 70.70
N GLN O 204 -4.70 -72.31 70.82
CA GLN O 204 -3.67 -73.23 70.34
C GLN O 204 -3.54 -74.45 71.26
N ASP O 205 -3.81 -74.28 72.55
CA ASP O 205 -3.58 -75.37 73.50
C ASP O 205 -4.60 -76.49 73.33
N VAL O 206 -5.87 -76.14 73.09
CA VAL O 206 -6.91 -77.16 72.94
C VAL O 206 -6.78 -77.95 71.65
N GLU O 207 -5.92 -77.51 70.72
CA GLU O 207 -5.71 -78.22 69.46
C GLU O 207 -4.24 -78.51 69.19
N LYS O 208 -3.36 -78.32 70.17
CA LYS O 208 -1.94 -78.51 69.92
C LYS O 208 -1.59 -79.97 69.66
N LYS O 209 -2.47 -80.90 70.04
CA LYS O 209 -2.23 -82.32 69.85
C LYS O 209 -3.21 -82.84 68.81
N LYS O 210 -2.71 -83.04 67.59
CA LYS O 210 -3.51 -83.61 66.52
C LYS O 210 -2.60 -84.18 65.43
N VAL P 1 75.68 70.75 35.11
CA VAL P 1 74.49 70.60 35.91
C VAL P 1 74.85 70.17 37.33
N PHE P 2 75.38 68.97 37.46
CA PHE P 2 75.74 68.41 38.76
C PHE P 2 77.01 69.06 39.29
N ARG P 3 76.97 69.50 40.53
CA ARG P 3 78.16 70.01 41.21
C ARG P 3 78.67 69.08 42.29
N ARG P 4 77.82 68.23 42.87
CA ARG P 4 78.22 67.31 43.93
C ARG P 4 78.13 65.89 43.44
N PHE P 5 79.18 65.11 43.71
CA PHE P 5 79.30 63.76 43.20
C PHE P 5 79.57 62.79 44.35
N VAL P 6 79.30 61.51 44.10
CA VAL P 6 79.69 60.45 45.01
C VAL P 6 81.05 59.92 44.55
N GLU P 7 82.06 60.05 45.41
CA GLU P 7 83.41 59.61 45.08
C GLU P 7 84.17 59.39 46.36
N VAL P 8 85.35 58.77 46.24
CA VAL P 8 86.19 58.50 47.39
C VAL P 8 86.69 59.83 47.97
N GLY P 9 86.54 59.99 49.28
CA GLY P 9 86.92 61.22 49.93
C GLY P 9 85.82 62.26 50.00
N ARG P 10 84.69 62.03 49.35
CA ARG P 10 83.57 62.96 49.45
C ARG P 10 82.96 62.88 50.84
N VAL P 11 82.74 64.04 51.45
CA VAL P 11 82.13 64.12 52.78
C VAL P 11 80.63 64.17 52.62
N ALA P 12 79.92 63.25 53.27
CA ALA P 12 78.48 63.17 53.22
C ALA P 12 77.90 63.37 54.60
N TYR P 13 76.71 63.96 54.66
CA TYR P 13 76.01 64.19 55.91
C TYR P 13 74.90 63.15 56.06
N VAL P 14 74.80 62.57 57.25
CA VAL P 14 73.82 61.52 57.50
C VAL P 14 72.48 62.16 57.81
N SER P 15 71.47 61.85 57.01
CA SER P 15 70.16 62.46 57.22
C SER P 15 69.39 61.74 58.32
N PHE P 16 69.20 60.44 58.17
CA PHE P 16 68.47 59.64 59.15
C PHE P 16 69.22 58.35 59.41
N GLY P 17 68.58 57.43 60.12
CA GLY P 17 69.20 56.19 60.49
C GLY P 17 69.87 56.29 61.84
N PRO P 18 70.62 55.24 62.21
CA PRO P 18 71.28 55.25 63.53
C PRO P 18 72.28 56.37 63.73
N HIS P 19 72.95 56.82 62.67
CA HIS P 19 74.02 57.79 62.78
C HIS P 19 73.60 59.18 62.31
N ALA P 20 72.32 59.49 62.45
CA ALA P 20 71.79 60.76 61.96
C ALA P 20 72.46 61.94 62.64
N GLY P 21 72.71 62.99 61.87
CA GLY P 21 73.40 64.16 62.39
C GLY P 21 74.89 64.03 62.50
N LYS P 22 75.52 63.25 61.62
CA LYS P 22 76.97 63.03 61.67
C LYS P 22 77.57 63.19 60.29
N LEU P 23 78.85 63.58 60.27
CA LEU P 23 79.61 63.72 59.03
C LEU P 23 80.47 62.49 58.82
N VAL P 24 80.45 61.97 57.59
CA VAL P 24 81.21 60.77 57.24
C VAL P 24 81.90 61.00 55.90
N ALA P 25 82.91 60.16 55.66
CA ALA P 25 83.66 60.18 54.41
C ALA P 25 83.49 58.85 53.69
N ILE P 26 83.20 58.92 52.39
CA ILE P 26 82.98 57.73 51.58
C ILE P 26 84.32 57.10 51.24
N VAL P 27 84.43 55.80 51.48
CA VAL P 27 85.68 55.08 51.24
C VAL P 27 85.63 54.30 49.92
N ASP P 28 84.55 53.58 49.67
CA ASP P 28 84.42 52.81 48.43
C ASP P 28 82.94 52.69 48.09
N VAL P 29 82.68 52.25 46.85
CA VAL P 29 81.33 52.20 46.30
C VAL P 29 80.92 50.75 46.15
N ILE P 30 79.71 50.43 46.60
CA ILE P 30 79.16 49.08 46.56
C ILE P 30 77.83 49.11 45.84
N ASP P 31 77.70 48.28 44.81
CA ASP P 31 76.44 47.90 44.14
C ASP P 31 75.41 49.01 43.96
N GLN P 32 75.86 50.24 43.68
CA GLN P 32 75.00 51.36 43.30
C GLN P 32 74.09 51.82 44.44
N ASN P 33 74.09 51.09 45.54
CA ASN P 33 73.14 51.35 46.63
C ASN P 33 73.81 51.58 47.97
N ARG P 34 74.98 51.00 48.21
CA ARG P 34 75.66 51.12 49.48
C ARG P 34 77.08 51.63 49.24
N ALA P 35 77.77 51.95 50.33
CA ALA P 35 79.12 52.49 50.22
C ALA P 35 79.87 52.25 51.51
N LEU P 36 81.19 52.04 51.39
CA LEU P 36 82.02 51.95 52.56
C LEU P 36 82.16 53.34 53.17
N VAL P 37 81.76 53.46 54.43
CA VAL P 37 81.57 54.75 55.08
C VAL P 37 82.38 54.79 56.37
N ASP P 38 83.09 55.89 56.58
CA ASP P 38 83.98 56.01 57.74
C ASP P 38 83.95 57.44 58.27
N GLY P 39 83.54 57.59 59.52
CA GLY P 39 83.86 58.79 60.27
C GLY P 39 84.87 58.50 61.36
N PRO P 40 86.13 58.81 61.12
CA PRO P 40 87.16 58.52 62.12
C PRO P 40 87.19 59.56 63.22
N CYS P 41 86.84 60.80 62.90
CA CYS P 41 86.84 61.89 63.86
C CYS P 41 85.44 62.29 64.30
N THR P 42 84.40 61.83 63.61
CA THR P 42 83.02 62.07 64.01
C THR P 42 82.41 60.86 64.71
N GLN P 43 83.25 59.92 65.15
CA GLN P 43 82.83 58.75 65.92
C GLN P 43 81.86 57.87 65.13
N VAL P 44 82.25 57.53 63.91
CA VAL P 44 81.48 56.65 63.04
C VAL P 44 82.45 55.59 62.51
N ARG P 45 82.47 54.43 63.14
CA ARG P 45 83.34 53.35 62.70
C ARG P 45 82.98 52.90 61.29
N ARG P 46 83.94 52.27 60.62
CA ARG P 46 83.74 51.85 59.24
C ARG P 46 82.60 50.84 59.14
N GLN P 47 81.71 51.09 58.19
CA GLN P 47 80.52 50.26 58.03
C GLN P 47 79.88 50.58 56.68
N ALA P 48 79.05 49.65 56.21
CA ALA P 48 78.26 49.90 55.02
C ALA P 48 77.13 50.88 55.34
N MET P 49 76.65 51.56 54.30
CA MET P 49 75.62 52.56 54.50
C MET P 49 74.87 52.83 53.20
N PRO P 50 73.54 52.78 53.21
CA PRO P 50 72.78 53.05 51.98
C PRO P 50 72.90 54.51 51.56
N PHE P 51 72.81 54.74 50.25
CA PHE P 51 72.89 56.08 49.72
C PHE P 51 71.69 56.93 50.08
N LYS P 52 70.54 56.30 50.38
CA LYS P 52 69.31 57.06 50.56
C LYS P 52 69.35 57.91 51.83
N CYS P 53 70.16 57.53 52.82
CA CYS P 53 70.30 58.30 54.03
C CYS P 53 71.51 59.22 54.01
N MET P 54 72.01 59.57 52.82
CA MET P 54 73.16 60.46 52.68
C MET P 54 72.74 61.76 52.01
N GLN P 55 73.33 62.86 52.46
CA GLN P 55 73.19 64.17 51.82
C GLN P 55 74.60 64.72 51.61
N LEU P 56 75.01 64.83 50.35
CA LEU P 56 76.40 65.14 50.05
C LEU P 56 76.74 66.58 50.38
N THR P 57 78.01 66.81 50.71
CA THR P 57 78.54 68.12 51.02
C THR P 57 79.57 68.53 49.98
N ASP P 58 80.21 69.68 50.19
CA ASP P 58 81.19 70.21 49.24
C ASP P 58 82.62 69.96 49.67
N PHE P 59 82.85 69.14 50.69
CA PHE P 59 84.21 68.83 51.12
C PHE P 59 84.62 67.47 50.57
N ILE P 60 85.75 67.44 49.88
CA ILE P 60 86.28 66.22 49.27
C ILE P 60 87.68 65.99 49.81
N LEU P 61 87.89 64.83 50.42
CA LEU P 61 89.21 64.46 50.91
C LEU P 61 90.00 63.75 49.81
N LYS P 62 91.29 63.58 50.06
CA LYS P 62 92.21 63.00 49.06
C LYS P 62 92.98 61.88 49.74
N PHE P 63 92.41 60.67 49.69
CA PHE P 63 93.08 59.46 50.14
C PHE P 63 92.73 58.33 49.18
N PRO P 64 93.60 57.34 49.05
CA PRO P 64 93.26 56.19 48.21
C PRO P 64 92.07 55.43 48.75
N HIS P 65 91.31 54.85 47.82
CA HIS P 65 90.15 54.06 48.19
C HIS P 65 90.56 52.82 48.97
N SER P 66 89.70 52.41 49.91
CA SER P 66 89.92 51.21 50.74
C SER P 66 91.19 51.33 51.57
N ALA P 67 91.56 52.56 51.92
CA ALA P 67 92.67 52.76 52.84
C ALA P 67 92.20 52.52 54.27
N HIS P 68 93.17 52.33 55.17
CA HIS P 68 92.85 52.05 56.56
C HIS P 68 92.39 53.30 57.28
N GLN P 69 92.07 53.14 58.56
CA GLN P 69 91.54 54.25 59.36
C GLN P 69 92.58 55.36 59.53
N LYS P 70 93.86 55.00 59.54
CA LYS P 70 94.90 55.97 59.84
C LYS P 70 94.95 57.08 58.81
N TYR P 71 95.04 56.71 57.53
CA TYR P 71 95.19 57.71 56.48
C TYR P 71 93.92 58.56 56.34
N VAL P 72 92.75 57.96 56.47
CA VAL P 72 91.51 58.71 56.42
C VAL P 72 91.44 59.69 57.59
N ARG P 73 91.85 59.25 58.78
CA ARG P 73 91.83 60.13 59.94
C ARG P 73 92.80 61.30 59.76
N GLN P 74 93.99 61.03 59.21
CA GLN P 74 94.93 62.13 58.96
C GLN P 74 94.40 63.09 57.90
N ALA P 75 93.77 62.56 56.85
CA ALA P 75 93.17 63.44 55.84
C ALA P 75 92.01 64.24 56.41
N TRP P 76 91.33 63.70 57.42
CA TRP P 76 90.26 64.44 58.08
C TRP P 76 90.83 65.54 58.97
N GLN P 77 91.86 65.23 59.75
CA GLN P 77 92.40 66.20 60.70
C GLN P 77 93.15 67.30 59.97
N LYS P 78 93.99 66.93 59.01
CA LYS P 78 94.61 67.93 58.14
C LYS P 78 93.54 68.54 57.25
N ALA P 79 93.53 69.87 57.15
CA ALA P 79 92.41 70.62 56.56
C ALA P 79 91.10 70.24 57.25
N ASP P 80 91.03 70.61 58.53
CA ASP P 80 90.04 70.13 59.48
C ASP P 80 88.61 70.26 58.97
N ILE P 81 87.94 69.13 58.84
CA ILE P 81 86.56 69.10 58.39
C ILE P 81 85.63 69.71 59.44
N ASN P 82 85.93 69.50 60.72
CA ASN P 82 85.02 69.95 61.78
C ASN P 82 84.90 71.46 61.81
N THR P 83 86.04 72.17 61.84
CA THR P 83 86.01 73.62 61.93
C THR P 83 85.40 74.25 60.68
N LYS P 84 85.79 73.76 59.50
CA LYS P 84 85.23 74.30 58.26
C LYS P 84 83.74 74.01 58.15
N TRP P 85 83.30 72.83 58.57
CA TRP P 85 81.89 72.49 58.54
C TRP P 85 81.10 73.37 59.49
N ALA P 86 81.63 73.61 60.69
CA ALA P 86 80.92 74.43 61.67
C ALA P 86 80.71 75.85 61.19
N ALA P 87 81.56 76.35 60.29
CA ALA P 87 81.38 77.67 59.73
C ALA P 87 80.40 77.70 58.57
N THR P 88 80.01 76.54 58.05
CA THR P 88 79.08 76.50 56.93
C THR P 88 77.67 76.86 57.39
N ARG P 89 76.87 77.34 56.44
CA ARG P 89 75.50 77.71 56.75
C ARG P 89 74.66 76.49 57.12
N TRP P 90 75.00 75.34 56.56
CA TRP P 90 74.24 74.12 56.82
C TRP P 90 74.34 73.72 58.30
N ALA P 91 75.56 73.67 58.82
CA ALA P 91 75.77 73.24 60.20
C ALA P 91 75.14 74.20 61.20
N LYS P 92 75.28 75.50 60.96
CA LYS P 92 74.67 76.46 61.87
C LYS P 92 73.15 76.49 61.74
N LYS P 93 72.59 76.18 60.57
CA LYS P 93 71.15 76.02 60.47
C LYS P 93 70.68 74.81 61.29
N ILE P 94 71.43 73.70 61.22
CA ILE P 94 71.10 72.55 62.04
C ILE P 94 71.18 72.90 63.52
N GLU P 95 72.22 73.62 63.91
CA GLU P 95 72.38 74.04 65.30
C GLU P 95 71.23 74.92 65.74
N ALA P 96 70.82 75.85 64.89
CA ALA P 96 69.70 76.73 65.21
C ALA P 96 68.41 75.94 65.38
N ARG P 97 68.18 74.95 64.52
CA ARG P 97 67.01 74.09 64.69
C ARG P 97 67.07 73.35 66.02
N GLU P 98 68.24 72.82 66.37
CA GLU P 98 68.36 72.05 67.60
C GLU P 98 68.11 72.92 68.82
N ARG P 99 68.66 74.13 68.84
CA ARG P 99 68.45 74.99 70.00
C ARG P 99 67.05 75.58 70.02
N LYS P 100 66.41 75.76 68.87
CA LYS P 100 65.02 76.17 68.85
C LYS P 100 64.12 75.08 69.40
N ALA P 101 64.42 73.82 69.08
CA ALA P 101 63.60 72.71 69.57
C ALA P 101 63.70 72.58 71.09
N LYS P 102 64.89 72.80 71.64
CA LYS P 102 65.12 72.64 73.08
C LYS P 102 64.82 73.91 73.88
N MET P 103 64.17 74.89 73.26
CA MET P 103 63.86 76.14 73.95
C MET P 103 62.72 75.93 74.94
N THR P 104 62.90 76.42 76.16
CA THR P 104 61.91 76.23 77.22
C THR P 104 60.83 77.30 77.13
N ASP P 105 59.88 77.23 78.07
CA ASP P 105 58.79 78.20 78.09
C ASP P 105 59.29 79.60 78.41
N PHE P 106 60.21 79.72 79.37
CA PHE P 106 60.77 81.04 79.67
C PHE P 106 61.50 81.62 78.48
N ASP P 107 62.26 80.78 77.78
CA ASP P 107 62.95 81.23 76.57
C ASP P 107 61.95 81.62 75.49
N ARG P 108 60.84 80.87 75.38
CA ARG P 108 59.80 81.24 74.43
C ARG P 108 59.20 82.59 74.76
N PHE P 109 58.96 82.86 76.05
CA PHE P 109 58.41 84.14 76.47
C PHE P 109 59.35 85.29 76.15
N LYS P 110 60.64 85.10 76.47
CA LYS P 110 61.63 86.14 76.19
C LYS P 110 61.76 86.38 74.69
N VAL P 111 61.75 85.30 73.90
CA VAL P 111 61.83 85.43 72.45
C VAL P 111 60.60 86.16 71.92
N MET P 112 59.42 85.87 72.47
CA MET P 112 58.21 86.53 72.03
C MET P 112 58.28 88.03 72.29
N LYS P 113 58.73 88.43 73.48
CA LYS P 113 58.87 89.85 73.78
C LYS P 113 59.89 90.52 72.87
N ALA P 114 61.05 89.88 72.69
CA ALA P 114 62.09 90.47 71.86
C ALA P 114 61.63 90.61 70.41
N LYS P 115 60.96 89.59 69.89
CA LYS P 115 60.46 89.64 68.52
C LYS P 115 59.36 90.67 68.38
N LYS P 116 58.51 90.84 69.40
CA LYS P 116 57.53 91.91 69.41
C LYS P 116 58.19 93.27 69.20
N MET P 117 59.17 93.59 70.04
CA MET P 117 59.79 94.91 69.96
C MET P 117 60.55 95.08 68.65
N ARG P 118 61.29 94.04 68.24
CA ARG P 118 62.06 94.11 67.00
C ARG P 118 61.15 94.33 65.80
N ASN P 119 60.06 93.58 65.71
CA ASN P 119 59.14 93.72 64.59
C ASN P 119 58.46 95.08 64.59
N ARG P 120 58.14 95.60 65.78
CA ARG P 120 57.55 96.94 65.82
C ARG P 120 58.52 97.99 65.31
N ILE P 121 59.79 97.91 65.71
CA ILE P 121 60.77 98.88 65.22
C ILE P 121 60.96 98.75 63.72
N ILE P 122 61.04 97.51 63.22
CA ILE P 122 61.25 97.29 61.80
C ILE P 122 60.06 97.83 60.99
N LYS P 123 58.84 97.59 61.49
CA LYS P 123 57.66 98.09 60.80
C LYS P 123 57.60 99.62 60.83
N ASN P 124 58.02 100.23 61.93
CA ASN P 124 58.09 101.69 61.97
C ASN P 124 59.07 102.21 60.91
N GLU P 125 60.23 101.58 60.79
CA GLU P 125 61.18 102.00 59.76
C GLU P 125 60.62 101.77 58.36
N VAL P 126 59.87 100.68 58.16
CA VAL P 126 59.26 100.42 56.87
C VAL P 126 58.25 101.49 56.51
N LYS P 127 57.43 101.91 57.48
CA LYS P 127 56.47 102.97 57.24
C LYS P 127 57.18 104.28 56.92
N LYS P 128 58.27 104.57 57.64
CA LYS P 128 59.05 105.77 57.35
C LYS P 128 59.60 105.74 55.93
N LEU P 129 60.12 104.59 55.50
CA LEU P 129 60.67 104.48 54.16
C LEU P 129 59.60 104.54 53.09
N GLN P 130 58.41 104.00 53.35
CA GLN P 130 57.30 104.13 52.42
C GLN P 130 56.90 105.59 52.24
N LYS P 131 56.79 106.33 53.35
CA LYS P 131 56.36 107.72 53.23
C LYS P 131 57.47 108.58 52.63
N ALA P 132 58.73 108.20 52.84
CA ALA P 132 59.82 108.89 52.15
C ALA P 132 59.83 108.59 50.67
N ALA P 133 59.42 107.38 50.29
CA ALA P 133 59.38 106.99 48.89
C ALA P 133 58.08 107.38 48.18
N LEU P 134 57.09 107.90 48.92
CA LEU P 134 55.82 108.28 48.33
C LEU P 134 55.79 109.70 47.82
N LEU P 135 56.82 110.50 48.10
CA LEU P 135 56.87 111.90 47.67
C LEU P 135 57.54 112.06 46.29
N LYS P 136 57.07 111.27 45.34
CA LYS P 136 57.62 111.26 43.99
C LYS P 136 56.63 111.88 43.02
N ALA P 137 57.06 112.90 42.28
CA ALA P 137 56.22 113.52 41.25
C ALA P 137 57.16 114.17 40.23
N SER P 138 57.35 113.49 39.10
CA SER P 138 58.27 113.97 38.07
C SER P 138 57.79 113.56 36.68
N PRO P 139 57.70 114.51 35.74
CA PRO P 139 57.27 114.24 34.35
C PRO P 139 58.26 113.34 33.61
N GLY Q 1 -59.27 -46.90 72.16
CA GLY Q 1 -58.09 -47.70 71.90
C GLY Q 1 -57.69 -47.70 70.44
N ALA Q 2 -58.57 -47.16 69.60
CA ALA Q 2 -58.30 -47.15 68.16
C ALA Q 2 -57.15 -46.21 67.81
N TYR Q 3 -56.88 -45.23 68.66
CA TYR Q 3 -55.82 -44.25 68.37
C TYR Q 3 -54.46 -44.92 68.25
N LYS Q 4 -54.19 -45.93 69.08
CA LYS Q 4 -52.93 -46.67 68.96
C LYS Q 4 -52.84 -47.38 67.62
N TYR Q 5 -53.95 -47.97 67.18
CA TYR Q 5 -53.97 -48.63 65.87
C TYR Q 5 -53.72 -47.63 64.75
N ILE Q 6 -54.33 -46.45 64.84
CA ILE Q 6 -54.13 -45.44 63.80
C ILE Q 6 -52.68 -44.95 63.80
N GLN Q 7 -52.11 -44.78 64.99
CA GLN Q 7 -50.72 -44.35 65.09
C GLN Q 7 -49.78 -45.36 64.46
N GLU Q 8 -49.99 -46.65 64.75
CA GLU Q 8 -49.16 -47.68 64.14
C GLU Q 8 -49.39 -47.78 62.65
N LEU Q 9 -50.63 -47.52 62.21
CA LEU Q 9 -50.93 -47.51 60.78
C LEU Q 9 -50.17 -46.40 60.06
N TRP Q 10 -50.12 -45.21 60.66
CA TRP Q 10 -49.51 -44.06 60.02
C TRP Q 10 -48.00 -44.12 60.00
N ARG Q 11 -47.40 -45.10 60.69
CA ARG Q 11 -45.96 -45.31 60.65
C ARG Q 11 -45.55 -46.26 59.53
N LYS Q 12 -46.50 -46.70 58.72
CA LYS Q 12 -46.23 -47.64 57.63
C LYS Q 12 -46.60 -46.99 56.31
N LYS Q 13 -46.13 -45.75 56.11
CA LYS Q 13 -46.57 -44.92 54.99
C LYS Q 13 -46.28 -45.53 53.63
N GLN Q 14 -45.35 -46.49 53.54
CA GLN Q 14 -45.04 -47.15 52.28
C GLN Q 14 -45.82 -48.45 52.09
N SER Q 15 -46.85 -48.68 52.89
CA SER Q 15 -47.73 -49.81 52.65
C SER Q 15 -48.64 -49.51 51.45
N ASP Q 16 -49.34 -50.55 50.99
CA ASP Q 16 -50.22 -50.38 49.85
C ASP Q 16 -51.34 -49.40 50.15
N VAL Q 17 -52.05 -49.62 51.26
CA VAL Q 17 -53.20 -48.78 51.61
C VAL Q 17 -52.77 -47.35 51.87
N MET Q 18 -51.66 -47.16 52.60
CA MET Q 18 -51.24 -45.81 52.91
C MET Q 18 -50.69 -45.08 51.69
N ARG Q 19 -49.96 -45.77 50.82
CA ARG Q 19 -49.54 -45.15 49.57
C ARG Q 19 -50.73 -44.72 48.74
N PHE Q 20 -51.73 -45.60 48.63
CA PHE Q 20 -52.94 -45.27 47.89
C PHE Q 20 -53.62 -44.03 48.47
N LEU Q 21 -53.85 -44.03 49.78
CA LEU Q 21 -54.56 -42.93 50.43
C LEU Q 21 -53.78 -41.62 50.33
N LEU Q 22 -52.46 -41.69 50.53
CA LEU Q 22 -51.64 -40.49 50.44
C LEU Q 22 -51.64 -39.92 49.04
N ARG Q 23 -51.56 -40.78 48.02
CA ARG Q 23 -51.59 -40.28 46.64
C ARG Q 23 -52.94 -39.67 46.30
N VAL Q 24 -54.03 -40.30 46.74
CA VAL Q 24 -55.36 -39.75 46.48
C VAL Q 24 -55.52 -38.39 47.15
N ARG Q 25 -55.13 -38.29 48.42
CA ARG Q 25 -55.27 -37.02 49.12
C ARG Q 25 -54.31 -35.97 48.58
N CYS Q 26 -53.14 -36.38 48.10
CA CYS Q 26 -52.22 -35.44 47.48
C CYS Q 26 -52.80 -34.86 46.20
N TRP Q 27 -53.46 -35.70 45.40
CA TRP Q 27 -54.15 -35.17 44.23
C TRP Q 27 -55.29 -34.25 44.65
N GLN Q 28 -56.03 -34.64 45.70
CA GLN Q 28 -57.20 -33.87 46.10
C GLN Q 28 -56.81 -32.50 46.66
N TYR Q 29 -55.78 -32.45 47.51
CA TYR Q 29 -55.35 -31.17 48.05
C TYR Q 29 -54.79 -30.26 46.96
N ARG Q 30 -54.30 -30.85 45.87
CA ARG Q 30 -53.70 -30.06 44.80
C ARG Q 30 -54.72 -29.22 44.05
N GLN Q 31 -56.01 -29.57 44.12
CA GLN Q 31 -57.01 -28.85 43.36
C GLN Q 31 -57.57 -27.63 44.09
N LEU Q 32 -57.27 -27.47 45.37
CA LEU Q 32 -57.80 -26.35 46.13
C LEU Q 32 -56.79 -25.21 46.14
N SER Q 33 -57.13 -24.15 46.87
CA SER Q 33 -56.25 -23.00 46.99
C SER Q 33 -55.00 -23.35 47.79
N ALA Q 34 -54.00 -22.48 47.71
CA ALA Q 34 -52.79 -22.68 48.49
C ALA Q 34 -53.08 -22.57 49.99
N LEU Q 35 -54.10 -21.82 50.36
CA LEU Q 35 -54.54 -21.72 51.75
C LEU Q 35 -56.02 -22.05 51.82
N HIS Q 36 -56.39 -22.93 52.74
CA HIS Q 36 -57.75 -23.46 52.77
C HIS Q 36 -58.01 -24.10 54.13
N ARG Q 37 -59.11 -23.69 54.76
CA ARG Q 37 -59.51 -24.25 56.05
C ARG Q 37 -60.02 -25.67 55.89
N ALA Q 38 -59.53 -26.56 56.72
CA ALA Q 38 -60.06 -27.92 56.75
C ALA Q 38 -61.22 -27.99 57.75
N PRO Q 39 -62.33 -28.64 57.39
CA PRO Q 39 -63.46 -28.71 58.34
C PRO Q 39 -63.16 -29.55 59.56
N ARG Q 40 -62.47 -30.67 59.40
CA ARG Q 40 -62.09 -31.53 60.51
C ARG Q 40 -60.67 -31.98 60.30
N PRO Q 41 -59.93 -32.30 61.36
CA PRO Q 41 -58.55 -32.75 61.21
C PRO Q 41 -58.47 -34.03 60.38
N THR Q 42 -57.47 -34.09 59.50
CA THR Q 42 -57.29 -35.27 58.67
C THR Q 42 -56.69 -36.42 59.47
N ARG Q 43 -55.76 -36.12 60.37
CA ARG Q 43 -55.17 -37.11 61.27
C ARG Q 43 -55.56 -36.72 62.68
N PRO Q 44 -56.76 -37.10 63.13
CA PRO Q 44 -57.22 -36.65 64.45
C PRO Q 44 -56.34 -37.09 65.60
N ASP Q 45 -55.77 -38.30 65.53
CA ASP Q 45 -54.89 -38.74 66.60
C ASP Q 45 -53.64 -37.88 66.69
N LYS Q 46 -53.04 -37.57 65.54
CA LYS Q 46 -51.89 -36.68 65.53
C LYS Q 46 -52.26 -35.28 65.98
N ALA Q 47 -53.47 -34.83 65.62
CA ALA Q 47 -53.92 -33.52 66.07
C ALA Q 47 -54.04 -33.46 67.59
N ARG Q 48 -54.75 -34.42 68.17
CA ARG Q 48 -54.89 -34.43 69.63
C ARG Q 48 -53.58 -34.76 70.32
N ARG Q 49 -52.67 -35.43 69.61
CA ARG Q 49 -51.33 -35.63 70.15
C ARG Q 49 -50.57 -34.32 70.23
N LEU Q 50 -50.87 -33.38 69.33
CA LEU Q 50 -50.20 -32.09 69.31
C LEU Q 50 -50.90 -31.04 70.16
N GLY Q 51 -52.01 -31.39 70.80
CA GLY Q 51 -52.73 -30.45 71.64
C GLY Q 51 -54.12 -30.09 71.17
N TYR Q 52 -54.59 -30.62 70.04
CA TYR Q 52 -55.95 -30.34 69.58
C TYR Q 52 -56.96 -31.01 70.49
N LYS Q 53 -58.09 -30.36 70.68
CA LYS Q 53 -59.22 -30.92 71.43
C LYS Q 53 -60.50 -30.65 70.66
N ALA Q 54 -61.34 -31.67 70.56
CA ALA Q 54 -62.54 -31.60 69.72
C ALA Q 54 -63.61 -30.79 70.45
N LYS Q 55 -63.53 -29.47 70.29
CA LYS Q 55 -64.53 -28.56 70.82
C LYS Q 55 -64.44 -27.25 70.06
N GLN Q 56 -65.38 -26.36 70.33
CA GLN Q 56 -65.40 -25.07 69.63
C GLN Q 56 -64.18 -24.25 70.00
N GLY Q 57 -63.67 -23.51 69.01
CA GLY Q 57 -62.48 -22.70 69.17
C GLY Q 57 -61.25 -23.30 68.53
N TYR Q 58 -61.27 -24.59 68.21
CA TYR Q 58 -60.17 -25.24 67.49
C TYR Q 58 -60.54 -25.34 66.02
N VAL Q 59 -59.66 -24.87 65.15
CA VAL Q 59 -59.87 -24.93 63.70
C VAL Q 59 -58.61 -25.51 63.06
N ILE Q 60 -58.79 -26.03 61.85
CA ILE Q 60 -57.70 -26.64 61.09
C ILE Q 60 -57.62 -25.96 59.74
N TYR Q 61 -56.44 -25.43 59.41
CA TYR Q 61 -56.20 -24.82 58.12
C TYR Q 61 -55.16 -25.63 57.36
N ARG Q 62 -55.51 -26.06 56.15
CA ARG Q 62 -54.58 -26.82 55.31
C ARG Q 62 -53.75 -25.85 54.49
N ILE Q 63 -52.44 -25.98 54.59
CA ILE Q 63 -51.51 -25.08 53.92
C ILE Q 63 -50.67 -25.86 52.93
N ARG Q 64 -50.54 -25.32 51.73
CA ARG Q 64 -49.72 -25.90 50.67
C ARG Q 64 -48.55 -24.96 50.39
N VAL Q 65 -47.34 -25.49 50.47
CA VAL Q 65 -46.14 -24.70 50.25
C VAL Q 65 -45.29 -25.37 49.17
N ARG Q 66 -44.51 -24.54 48.49
CA ARG Q 66 -43.63 -25.02 47.43
C ARG Q 66 -42.34 -25.55 48.03
N ARG Q 67 -41.94 -26.74 47.60
CA ARG Q 67 -40.74 -27.37 48.11
C ARG Q 67 -39.49 -26.73 47.50
N GLY Q 68 -38.34 -27.33 47.80
CA GLY Q 68 -37.08 -26.90 47.24
C GLY Q 68 -36.33 -25.96 48.17
N GLY Q 69 -35.16 -25.55 47.70
CA GLY Q 69 -34.30 -24.67 48.45
C GLY Q 69 -34.72 -23.21 48.32
N ARG Q 70 -33.78 -22.33 48.66
CA ARG Q 70 -34.03 -20.89 48.64
C ARG Q 70 -33.06 -20.23 47.67
N LYS Q 71 -33.53 -19.93 46.46
CA LYS Q 71 -32.75 -19.16 45.52
C LYS Q 71 -32.55 -17.74 46.05
N ARG Q 72 -31.32 -17.24 45.90
CA ARG Q 72 -31.03 -15.89 46.36
C ARG Q 72 -31.74 -14.88 45.46
N PRO Q 73 -32.61 -14.03 45.99
CA PRO Q 73 -33.38 -13.12 45.13
C PRO Q 73 -32.58 -11.88 44.73
N VAL Q 74 -31.72 -12.06 43.74
CA VAL Q 74 -30.87 -10.97 43.23
C VAL Q 74 -31.02 -10.91 41.71
N PRO Q 75 -30.90 -9.73 41.10
CA PRO Q 75 -31.08 -9.63 39.65
C PRO Q 75 -29.96 -10.33 38.90
N LYS Q 76 -30.33 -11.23 37.99
CA LYS Q 76 -29.40 -11.99 37.16
C LYS Q 76 -28.39 -12.79 37.96
N GLY Q 77 -28.70 -13.09 39.23
CA GLY Q 77 -27.77 -13.80 40.08
C GLY Q 77 -26.52 -13.04 40.42
N ALA Q 78 -26.49 -11.73 40.17
CA ALA Q 78 -25.31 -10.91 40.41
C ALA Q 78 -25.29 -10.50 41.87
N THR Q 79 -24.53 -11.22 42.68
CA THR Q 79 -24.32 -10.87 44.09
C THR Q 79 -22.97 -10.19 44.15
N TYR Q 80 -22.97 -8.86 44.11
CA TYR Q 80 -21.74 -8.08 44.06
C TYR Q 80 -21.00 -8.23 45.38
N GLY Q 81 -19.92 -9.02 45.36
CA GLY Q 81 -19.17 -9.26 46.58
C GLY Q 81 -18.10 -10.31 46.34
N LYS Q 82 -17.51 -10.77 47.43
CA LYS Q 82 -16.44 -11.74 47.36
C LYS Q 82 -16.97 -13.09 46.85
N PRO Q 83 -16.10 -13.92 46.29
CA PRO Q 83 -16.58 -15.20 45.72
C PRO Q 83 -17.26 -16.12 46.73
N VAL Q 84 -16.95 -15.98 48.02
CA VAL Q 84 -17.61 -16.81 49.02
C VAL Q 84 -19.09 -16.50 49.13
N HIS Q 85 -19.51 -15.32 48.68
CA HIS Q 85 -20.91 -14.91 48.74
C HIS Q 85 -21.58 -14.98 47.37
N HIS Q 86 -20.89 -15.51 46.37
CA HIS Q 86 -21.44 -15.59 45.02
C HIS Q 86 -22.56 -16.61 44.88
N GLY Q 87 -22.76 -17.45 45.89
CA GLY Q 87 -23.75 -18.52 45.81
C GLY Q 87 -25.17 -18.06 45.56
N VAL Q 88 -25.83 -18.69 44.60
CA VAL Q 88 -27.23 -18.41 44.27
C VAL Q 88 -28.09 -19.67 44.41
N ASN Q 89 -27.75 -20.72 43.67
CA ASN Q 89 -28.41 -22.01 43.81
C ASN Q 89 -27.80 -22.78 44.96
N GLN Q 90 -28.40 -23.94 45.25
CA GLN Q 90 -27.99 -24.83 46.33
C GLN Q 90 -28.02 -24.16 47.70
N LEU Q 91 -28.73 -23.05 47.83
CA LEU Q 91 -28.85 -22.38 49.12
C LEU Q 91 -30.11 -22.85 49.84
N LYS Q 92 -30.04 -22.89 51.16
CA LYS Q 92 -31.06 -23.51 51.98
C LYS Q 92 -31.57 -22.55 53.03
N PHE Q 93 -32.89 -22.45 53.15
CA PHE Q 93 -33.52 -21.56 54.12
C PHE Q 93 -33.30 -22.10 55.54
N ALA Q 94 -33.14 -21.18 56.48
CA ALA Q 94 -32.83 -21.56 57.85
C ALA Q 94 -33.99 -22.31 58.51
N ARG Q 95 -35.21 -21.97 58.15
CA ARG Q 95 -36.39 -22.56 58.77
C ARG Q 95 -37.03 -23.59 57.85
N SER Q 96 -37.52 -24.67 58.45
CA SER Q 96 -38.12 -25.76 57.70
C SER Q 96 -39.44 -25.29 57.08
N LEU Q 97 -39.88 -26.04 56.06
CA LEU Q 97 -41.10 -25.69 55.35
C LEU Q 97 -42.32 -25.75 56.25
N GLN Q 98 -42.30 -26.62 57.27
CA GLN Q 98 -43.39 -26.66 58.23
C GLN Q 98 -43.53 -25.34 58.96
N SER Q 99 -42.40 -24.74 59.35
CA SER Q 99 -42.45 -23.43 59.97
C SER Q 99 -42.99 -22.37 59.02
N VAL Q 100 -42.66 -22.46 57.73
CA VAL Q 100 -43.19 -21.51 56.76
C VAL Q 100 -44.69 -21.65 56.63
N ALA Q 101 -45.19 -22.89 56.59
CA ALA Q 101 -46.62 -23.11 56.52
C ALA Q 101 -47.31 -22.57 57.76
N GLU Q 102 -46.72 -22.79 58.93
CA GLU Q 102 -47.26 -22.23 60.17
C GLU Q 102 -47.29 -20.71 60.12
N GLU Q 103 -46.23 -20.10 59.59
CA GLU Q 103 -46.16 -18.65 59.51
C GLU Q 103 -47.23 -18.10 58.58
N ARG Q 104 -47.43 -18.74 57.42
CA ARG Q 104 -48.49 -18.30 56.52
C ARG Q 104 -49.86 -18.47 57.14
N ALA Q 105 -50.08 -19.59 57.84
CA ALA Q 105 -51.36 -19.81 58.50
C ALA Q 105 -51.63 -18.74 59.55
N GLY Q 106 -50.61 -18.39 60.33
CA GLY Q 106 -50.78 -17.34 61.32
C GLY Q 106 -50.99 -15.99 60.68
N ARG Q 107 -50.31 -15.72 59.57
CA ARG Q 107 -50.40 -14.40 58.96
C ARG Q 107 -51.74 -14.19 58.27
N HIS Q 108 -52.33 -15.25 57.73
CA HIS Q 108 -53.64 -15.12 57.11
C HIS Q 108 -54.70 -14.77 58.13
N CYS Q 109 -54.76 -15.53 59.22
CA CYS Q 109 -55.79 -15.36 60.24
C CYS Q 109 -55.12 -14.80 61.50
N GLY Q 110 -55.10 -13.47 61.59
CA GLY Q 110 -54.48 -12.82 62.72
C GLY Q 110 -55.28 -12.89 63.99
N ALA Q 111 -56.54 -13.30 63.91
CA ALA Q 111 -57.40 -13.42 65.08
C ALA Q 111 -57.18 -14.68 65.88
N LEU Q 112 -56.39 -15.62 65.37
CA LEU Q 112 -56.16 -16.89 66.01
C LEU Q 112 -54.73 -16.98 66.53
N ARG Q 113 -54.43 -18.11 67.16
CA ARG Q 113 -53.09 -18.39 67.66
C ARG Q 113 -52.67 -19.76 67.15
N VAL Q 114 -51.45 -19.86 66.64
CA VAL Q 114 -50.95 -21.12 66.12
C VAL Q 114 -50.66 -22.06 67.28
N LEU Q 115 -51.22 -23.26 67.24
CA LEU Q 115 -50.98 -24.26 68.27
C LEU Q 115 -49.90 -25.24 67.83
N ASN Q 116 -50.11 -25.93 66.71
CA ASN Q 116 -49.15 -26.90 66.20
C ASN Q 116 -49.46 -27.15 64.73
N SER Q 117 -48.67 -28.02 64.12
CA SER Q 117 -48.86 -28.39 62.73
C SER Q 117 -48.32 -29.79 62.51
N TYR Q 118 -48.76 -30.42 61.42
CA TYR Q 118 -48.38 -31.78 61.13
C TYR Q 118 -48.47 -32.03 59.63
N TRP Q 119 -47.63 -32.93 59.15
CA TRP Q 119 -47.54 -33.26 57.73
C TRP Q 119 -48.70 -34.17 57.33
N VAL Q 120 -49.34 -33.83 56.22
CA VAL Q 120 -50.49 -34.60 55.73
C VAL Q 120 -50.29 -35.15 54.34
N GLY Q 121 -49.23 -34.78 53.65
CA GLY Q 121 -49.01 -35.22 52.29
C GLY Q 121 -47.98 -34.35 51.61
N GLU Q 122 -47.35 -34.91 50.58
CA GLU Q 122 -46.36 -34.16 49.83
C GLU Q 122 -46.31 -34.67 48.40
N ASP Q 123 -45.95 -33.77 47.49
CA ASP Q 123 -45.73 -34.07 46.09
C ASP Q 123 -44.28 -33.71 45.75
N SER Q 124 -43.93 -33.87 44.47
CA SER Q 124 -42.60 -33.46 44.04
C SER Q 124 -42.42 -31.95 44.08
N THR Q 125 -43.51 -31.19 43.98
CA THR Q 125 -43.43 -29.74 43.95
C THR Q 125 -44.16 -29.05 45.08
N TYR Q 126 -44.85 -29.78 45.94
CA TYR Q 126 -45.56 -29.19 47.07
C TYR Q 126 -45.41 -30.06 48.31
N LYS Q 127 -45.47 -29.42 49.46
CA LYS Q 127 -45.61 -30.09 50.76
C LYS Q 127 -46.86 -29.55 51.44
N PHE Q 128 -47.63 -30.44 52.03
CA PHE Q 128 -48.92 -30.10 52.62
C PHE Q 128 -48.87 -30.28 54.13
N PHE Q 129 -49.25 -29.24 54.85
CA PHE Q 129 -49.40 -29.31 56.30
C PHE Q 129 -50.78 -28.79 56.70
N GLU Q 130 -51.29 -29.33 57.79
CA GLU Q 130 -52.50 -28.84 58.42
C GLU Q 130 -52.11 -28.21 59.74
N VAL Q 131 -52.53 -26.97 59.97
CA VAL Q 131 -52.11 -26.19 61.11
C VAL Q 131 -53.28 -26.07 62.07
N ILE Q 132 -53.02 -26.34 63.34
CA ILE Q 132 -54.04 -26.26 64.39
C ILE Q 132 -54.03 -24.85 64.96
N LEU Q 133 -55.15 -24.15 64.84
CA LEU Q 133 -55.30 -22.81 65.36
C LEU Q 133 -56.29 -22.79 66.51
N ILE Q 134 -56.17 -21.77 67.35
CA ILE Q 134 -57.05 -21.58 68.50
C ILE Q 134 -57.54 -20.15 68.51
N ASP Q 135 -58.86 -19.98 68.66
CA ASP Q 135 -59.42 -18.65 68.90
C ASP Q 135 -59.30 -18.34 70.38
N PRO Q 136 -58.54 -17.31 70.76
CA PRO Q 136 -58.36 -17.01 72.18
C PRO Q 136 -59.53 -16.27 72.81
N PHE Q 137 -60.57 -15.95 72.03
CA PHE Q 137 -61.69 -15.18 72.55
C PHE Q 137 -62.99 -15.96 72.59
N HIS Q 138 -62.98 -17.20 72.10
CA HIS Q 138 -64.14 -18.07 72.27
C HIS Q 138 -64.29 -18.45 73.73
N LYS Q 139 -65.54 -18.48 74.19
CA LYS Q 139 -65.80 -18.70 75.61
C LYS Q 139 -65.34 -20.07 76.08
N ALA Q 140 -65.38 -21.07 75.20
CA ALA Q 140 -64.91 -22.40 75.59
C ALA Q 140 -63.42 -22.39 75.88
N ILE Q 141 -62.64 -21.69 75.06
CA ILE Q 141 -61.22 -21.56 75.32
C ILE Q 141 -60.98 -20.65 76.52
N ARG Q 142 -61.69 -19.53 76.59
CA ARG Q 142 -61.42 -18.50 77.59
C ARG Q 142 -61.76 -18.98 79.00
N ARG Q 143 -62.80 -19.78 79.17
CA ARG Q 143 -63.25 -20.22 80.47
C ARG Q 143 -62.55 -21.49 80.95
N ASN Q 144 -61.64 -22.05 80.17
CA ASN Q 144 -61.08 -23.35 80.48
C ASN Q 144 -59.66 -23.19 81.00
N PRO Q 145 -59.36 -23.61 82.22
CA PRO Q 145 -57.96 -23.68 82.66
C PRO Q 145 -57.23 -24.78 81.89
N ASP Q 146 -55.90 -24.75 82.01
CA ASP Q 146 -54.95 -25.51 81.18
C ASP Q 146 -55.01 -25.04 79.73
N THR Q 147 -55.76 -23.98 79.43
CA THR Q 147 -55.91 -23.45 78.08
C THR Q 147 -55.78 -21.93 78.04
N GLN Q 148 -56.00 -21.26 79.16
CA GLN Q 148 -55.97 -19.79 79.20
C GLN Q 148 -54.60 -19.23 78.85
N TRP Q 149 -53.55 -20.05 78.91
CA TRP Q 149 -52.20 -19.55 78.62
C TRP Q 149 -52.10 -19.03 77.19
N ILE Q 150 -52.79 -19.68 76.24
CA ILE Q 150 -52.76 -19.22 74.87
C ILE Q 150 -53.48 -17.88 74.73
N THR Q 151 -54.34 -17.52 75.69
CA THR Q 151 -55.01 -16.23 75.65
C THR Q 151 -54.13 -15.09 76.15
N LYS Q 152 -52.97 -15.38 76.70
CA LYS Q 152 -52.09 -14.34 77.19
C LYS Q 152 -51.53 -13.52 76.03
N PRO Q 153 -51.31 -12.23 76.25
CA PRO Q 153 -50.73 -11.39 75.18
C PRO Q 153 -49.34 -11.84 74.75
N VAL Q 154 -48.56 -12.45 75.65
CA VAL Q 154 -47.22 -12.89 75.28
C VAL Q 154 -47.25 -14.02 74.26
N HIS Q 155 -48.35 -14.77 74.20
CA HIS Q 155 -48.46 -15.93 73.33
C HIS Q 155 -49.16 -15.62 72.00
N LYS Q 156 -48.99 -14.42 71.47
CA LYS Q 156 -49.54 -14.10 70.16
C LYS Q 156 -48.44 -14.19 69.11
N HIS Q 157 -48.81 -14.74 67.95
CA HIS Q 157 -47.89 -14.92 66.82
C HIS Q 157 -46.66 -15.72 67.23
N ARG Q 158 -46.90 -16.87 67.86
CA ARG Q 158 -45.80 -17.75 68.23
C ARG Q 158 -45.05 -18.24 66.99
N GLU Q 159 -45.78 -18.45 65.90
CA GLU Q 159 -45.17 -18.90 64.65
C GLU Q 159 -44.18 -17.89 64.08
N MET Q 160 -44.36 -16.60 64.37
CA MET Q 160 -43.49 -15.56 63.85
C MET Q 160 -42.30 -15.29 64.76
N ARG Q 161 -42.26 -15.90 65.94
CA ARG Q 161 -41.15 -15.77 66.87
C ARG Q 161 -40.50 -17.10 67.18
N GLY Q 162 -40.86 -18.15 66.46
CA GLY Q 162 -40.28 -19.46 66.68
C GLY Q 162 -40.60 -20.09 68.02
N LEU Q 163 -41.86 -20.01 68.45
CA LEU Q 163 -42.28 -20.64 69.70
C LEU Q 163 -43.08 -21.91 69.49
N THR Q 164 -43.42 -22.25 68.25
CA THR Q 164 -44.13 -23.49 67.97
C THR Q 164 -43.16 -24.66 67.98
N SER Q 165 -43.71 -25.86 67.79
CA SER Q 165 -42.87 -27.05 67.71
C SER Q 165 -41.98 -27.01 66.48
N ALA Q 166 -42.54 -26.59 65.34
CA ALA Q 166 -41.74 -26.54 64.12
C ALA Q 166 -40.71 -25.41 64.16
N GLY Q 167 -41.12 -24.23 64.63
CA GLY Q 167 -40.21 -23.11 64.68
C GLY Q 167 -39.09 -23.26 65.68
N ARG Q 168 -39.30 -24.03 66.74
CA ARG Q 168 -38.25 -24.23 67.74
C ARG Q 168 -37.12 -25.09 67.20
N LYS Q 169 -37.42 -26.00 66.26
CA LYS Q 169 -36.41 -26.92 65.76
C LYS Q 169 -35.26 -26.22 65.06
N SER Q 170 -35.52 -25.10 64.39
CA SER Q 170 -34.48 -24.41 63.65
C SER Q 170 -33.69 -23.42 64.50
N ARG Q 171 -34.11 -23.17 65.73
CA ARG Q 171 -33.40 -22.23 66.59
C ARG Q 171 -32.20 -22.83 67.29
N GLY Q 172 -31.98 -24.13 67.19
CA GLY Q 172 -30.83 -24.74 67.82
C GLY Q 172 -30.93 -24.86 69.32
N LEU Q 173 -32.13 -24.71 69.87
CA LEU Q 173 -32.31 -24.87 71.31
C LEU Q 173 -32.18 -26.33 71.69
N GLY Q 174 -31.89 -26.55 72.97
CA GLY Q 174 -31.71 -27.89 73.49
C GLY Q 174 -30.63 -27.89 74.54
N LYS Q 175 -30.49 -29.05 75.18
CA LYS Q 175 -29.54 -29.26 76.25
C LYS Q 175 -28.42 -30.16 75.76
N GLY Q 176 -27.18 -29.79 76.03
CA GLY Q 176 -26.05 -30.65 75.77
C GLY Q 176 -24.90 -29.91 75.10
N HIS Q 177 -23.83 -30.66 74.86
CA HIS Q 177 -22.66 -30.11 74.18
C HIS Q 177 -22.94 -29.79 72.71
N LYS Q 178 -23.99 -30.38 72.15
CA LYS Q 178 -24.38 -30.07 70.78
C LYS Q 178 -25.06 -28.72 70.65
N PHE Q 179 -25.43 -28.08 71.76
CA PHE Q 179 -26.22 -26.86 71.73
C PHE Q 179 -25.62 -25.79 72.62
N HIS Q 180 -24.31 -25.59 72.49
CA HIS Q 180 -23.65 -24.49 73.19
C HIS Q 180 -23.89 -23.15 72.52
N HIS Q 181 -24.43 -23.14 71.30
CA HIS Q 181 -24.62 -21.87 70.60
C HIS Q 181 -25.82 -21.12 71.12
N THR Q 182 -26.70 -21.79 71.87
CA THR Q 182 -27.93 -21.18 72.35
C THR Q 182 -27.97 -21.12 73.88
N ILE Q 183 -26.81 -21.08 74.52
CA ILE Q 183 -26.76 -20.99 75.97
C ILE Q 183 -27.07 -19.55 76.38
N GLY Q 184 -28.22 -19.36 77.00
CA GLY Q 184 -28.66 -18.03 77.40
C GLY Q 184 -30.04 -17.65 76.89
N GLY Q 185 -30.65 -18.42 75.99
CA GLY Q 185 -31.99 -18.16 75.49
C GLY Q 185 -32.11 -18.21 73.98
N SER Q 186 -31.08 -17.73 73.28
CA SER Q 186 -31.11 -17.70 71.82
C SER Q 186 -29.68 -17.53 71.33
N ARG Q 187 -29.51 -17.68 70.00
CA ARG Q 187 -28.21 -17.45 69.40
C ARG Q 187 -27.75 -16.02 69.60
N ARG Q 188 -28.65 -15.06 69.42
CA ARG Q 188 -28.28 -13.65 69.58
C ARG Q 188 -27.93 -13.35 71.03
N ALA Q 189 -28.66 -13.93 71.98
CA ALA Q 189 -28.36 -13.68 73.39
C ALA Q 189 -27.00 -14.22 73.77
N ALA Q 190 -26.68 -15.45 73.35
CA ALA Q 190 -25.37 -16.01 73.62
C ALA Q 190 -24.27 -15.20 72.95
N TRP Q 191 -24.51 -14.75 71.71
CA TRP Q 191 -23.53 -13.93 71.02
C TRP Q 191 -23.27 -12.63 71.74
N ARG Q 192 -24.34 -11.98 72.24
CA ARG Q 192 -24.15 -10.73 72.98
C ARG Q 192 -23.43 -10.98 74.29
N ARG Q 193 -23.75 -12.07 74.98
CA ARG Q 193 -23.07 -12.38 76.23
C ARG Q 193 -21.59 -12.62 76.00
N ARG Q 194 -21.24 -13.34 74.93
CA ARG Q 194 -19.85 -13.66 74.65
C ARG Q 194 -19.10 -12.53 73.96
N ASN Q 195 -19.81 -11.53 73.45
CA ASN Q 195 -19.18 -10.43 72.73
C ASN Q 195 -19.31 -9.10 73.45
N THR Q 196 -19.68 -9.12 74.73
CA THR Q 196 -19.81 -7.90 75.52
C THR Q 196 -18.63 -7.78 76.46
N LEU Q 197 -17.98 -6.63 76.43
CA LEU Q 197 -16.80 -6.37 77.25
C LEU Q 197 -17.25 -5.90 78.62
N GLN Q 198 -17.15 -6.78 79.62
CA GLN Q 198 -17.61 -6.48 80.97
C GLN Q 198 -16.57 -5.61 81.66
N LEU Q 199 -16.79 -4.30 81.66
CA LEU Q 199 -15.90 -3.35 82.33
C LEU Q 199 -16.52 -3.01 83.67
N HIS Q 200 -15.94 -3.57 84.74
CA HIS Q 200 -16.48 -3.38 86.06
C HIS Q 200 -16.11 -1.99 86.59
N ARG Q 201 -16.49 -1.71 87.84
CA ARG Q 201 -16.08 -0.46 88.46
C ARG Q 201 -14.62 -0.50 88.85
N TYR Q 202 -14.13 -1.66 89.29
CA TYR Q 202 -12.77 -1.81 89.80
C TYR Q 202 -12.04 -2.76 88.87
N ARG Q 203 -11.16 -2.23 88.04
CA ARG Q 203 -10.30 -3.06 87.22
C ARG Q 203 -8.90 -3.15 87.82
N GLU R 1 41.70 69.90 60.77
CA GLU R 1 41.83 71.27 61.24
C GLU R 1 40.53 72.05 61.07
N VAL R 2 40.48 73.23 61.68
CA VAL R 2 39.24 74.00 61.69
C VAL R 2 39.03 74.80 60.41
N GLN R 3 40.10 75.28 59.77
CA GLN R 3 39.97 76.16 58.63
C GLN R 3 39.66 75.35 57.37
N VAL R 4 39.44 76.06 56.28
CA VAL R 4 39.22 75.43 54.98
C VAL R 4 40.58 75.12 54.35
N LEU R 5 40.77 73.86 53.96
CA LEU R 5 42.04 73.41 53.39
C LEU R 5 41.97 73.58 51.88
N VAL R 6 42.83 74.44 51.34
CA VAL R 6 42.84 74.74 49.91
C VAL R 6 43.99 73.97 49.27
N LEU R 7 43.67 73.12 48.30
CA LEU R 7 44.65 72.28 47.63
C LEU R 7 44.71 72.63 46.15
N ASP R 8 45.92 72.82 45.64
CA ASP R 8 46.12 73.07 44.23
C ASP R 8 46.25 71.74 43.49
N GLY R 9 45.42 71.55 42.48
CA GLY R 9 45.40 70.28 41.77
C GLY R 9 46.48 70.10 40.73
N ARG R 10 47.26 71.13 40.45
CA ARG R 10 48.27 71.03 39.40
C ARG R 10 49.41 70.12 39.83
N GLY R 11 49.76 69.19 38.96
CA GLY R 11 50.85 68.27 39.22
C GLY R 11 50.52 67.16 40.19
N HIS R 12 49.27 67.01 40.59
CA HIS R 12 48.87 65.99 41.55
C HIS R 12 48.25 64.81 40.84
N LEU R 13 48.53 63.61 41.37
CA LEU R 13 47.94 62.40 40.83
C LEU R 13 46.51 62.25 41.31
N LEU R 14 45.69 61.60 40.49
CA LEU R 14 44.25 61.54 40.75
C LEU R 14 43.96 60.67 41.98
N GLY R 15 44.39 59.41 41.93
CA GLY R 15 44.06 58.49 43.00
C GLY R 15 44.64 58.86 44.35
N ARG R 16 45.91 59.27 44.39
CA ARG R 16 46.52 59.63 45.66
C ARG R 16 45.85 60.83 46.30
N LEU R 17 45.67 61.91 45.53
CA LEU R 17 45.04 63.10 46.06
C LEU R 17 43.60 62.83 46.46
N ALA R 18 42.89 62.03 45.67
CA ALA R 18 41.52 61.68 46.01
C ALA R 18 41.44 60.90 47.31
N ALA R 19 42.35 59.94 47.50
CA ALA R 19 42.36 59.17 48.75
C ALA R 19 42.67 60.06 49.95
N ILE R 20 43.65 60.95 49.81
CA ILE R 20 43.98 61.86 50.90
C ILE R 20 42.81 62.78 51.22
N VAL R 21 42.15 63.32 50.20
CA VAL R 21 41.01 64.18 50.43
C VAL R 21 39.88 63.42 51.12
N ALA R 22 39.59 62.21 50.65
CA ALA R 22 38.51 61.41 51.25
C ALA R 22 38.81 61.09 52.70
N LYS R 23 40.08 60.83 53.03
CA LYS R 23 40.44 60.67 54.43
C LYS R 23 40.27 61.96 55.20
N GLN R 24 40.51 63.11 54.54
CA GLN R 24 40.41 64.39 55.24
C GLN R 24 38.96 64.76 55.52
N VAL R 25 38.08 64.59 54.54
CA VAL R 25 36.68 64.98 54.73
C VAL R 25 35.99 64.08 55.74
N LEU R 26 36.48 62.85 55.93
CA LEU R 26 35.92 61.97 56.93
C LEU R 26 36.21 62.45 58.34
N LEU R 27 37.23 63.30 58.51
CA LEU R 27 37.63 63.81 59.81
C LEU R 27 36.94 65.11 60.16
N GLY R 28 35.83 65.43 59.50
CA GLY R 28 35.14 66.68 59.75
C GLY R 28 35.92 67.90 59.34
N ARG R 29 36.62 67.85 58.20
CA ARG R 29 37.43 68.95 57.72
C ARG R 29 36.91 69.44 56.39
N LYS R 30 36.91 70.76 56.21
CA LYS R 30 36.46 71.37 54.96
C LYS R 30 37.62 71.45 53.98
N VAL R 31 37.42 70.91 52.79
CA VAL R 31 38.46 70.82 51.77
C VAL R 31 37.95 71.48 50.49
N VAL R 32 38.77 72.37 49.93
CA VAL R 32 38.47 73.02 48.65
C VAL R 32 39.65 72.75 47.72
N VAL R 33 39.35 72.26 46.52
CA VAL R 33 40.38 71.95 45.52
C VAL R 33 40.16 72.86 44.33
N VAL R 34 41.22 73.53 43.89
CA VAL R 34 41.16 74.44 42.76
C VAL R 34 42.11 73.94 41.67
N ARG R 35 41.85 74.40 40.45
CA ARG R 35 42.61 74.01 39.26
C ARG R 35 42.64 72.49 39.13
N CYS R 36 41.46 71.89 39.13
CA CYS R 36 41.35 70.44 38.95
C CYS R 36 41.78 69.98 37.56
N GLU R 37 41.80 70.89 36.58
CA GLU R 37 42.28 70.54 35.25
C GLU R 37 43.78 70.27 35.23
N GLY R 38 44.50 70.68 36.27
CA GLY R 38 45.92 70.40 36.37
C GLY R 38 46.26 69.06 36.96
N ILE R 39 45.27 68.22 37.24
CA ILE R 39 45.52 66.90 37.80
C ILE R 39 46.10 65.99 36.74
N ASN R 40 47.16 65.26 37.08
CA ASN R 40 47.77 64.30 36.19
C ASN R 40 47.29 62.89 36.53
N ILE R 41 47.20 62.05 35.51
CA ILE R 41 46.83 60.64 35.65
C ILE R 41 47.95 59.80 35.08
N SER R 42 48.40 58.80 35.84
CA SER R 42 49.47 57.94 35.39
C SER R 42 49.05 57.10 34.20
N GLY R 43 50.03 56.70 33.41
CA GLY R 43 49.72 56.04 32.14
C GLY R 43 49.57 57.03 31.02
N ASN R 44 49.84 56.57 29.80
CA ASN R 44 49.78 57.46 28.66
C ASN R 44 48.35 57.87 28.35
N PHE R 45 48.23 58.95 27.57
CA PHE R 45 46.93 59.62 27.39
C PHE R 45 45.93 58.72 26.70
N TYR R 46 46.38 57.91 25.74
CA TYR R 46 45.46 57.06 24.98
C TYR R 46 44.79 56.04 25.88
N ARG R 47 45.56 55.44 26.79
CA ARG R 47 44.98 54.43 27.70
C ARG R 47 43.93 55.04 28.60
N ASN R 48 44.20 56.23 29.14
CA ASN R 48 43.23 56.86 30.02
C ASN R 48 41.99 57.32 29.25
N LYS R 49 42.18 57.77 28.01
CA LYS R 49 41.03 58.11 27.17
C LYS R 49 40.19 56.88 26.90
N LEU R 50 40.83 55.73 26.64
CA LEU R 50 40.09 54.49 26.46
C LEU R 50 39.35 54.11 27.74
N LYS R 51 39.98 54.31 28.89
CA LYS R 51 39.32 54.04 30.16
C LYS R 51 38.06 54.88 30.32
N TYR R 52 38.15 56.17 29.99
CA TYR R 52 36.99 57.04 30.17
C TYR R 52 35.91 56.72 29.15
N LEU R 53 36.30 56.32 27.93
CA LEU R 53 35.30 55.90 26.95
C LEU R 53 34.61 54.62 27.38
N ALA R 54 35.35 53.69 28.00
CA ALA R 54 34.72 52.50 28.56
C ALA R 54 33.75 52.87 29.67
N PHE R 55 34.11 53.85 30.49
CA PHE R 55 33.16 54.39 31.47
C PHE R 55 31.92 54.95 30.79
N LEU R 56 32.11 55.66 29.67
CA LEU R 56 30.97 56.21 28.93
C LEU R 56 30.07 55.12 28.41
N ARG R 57 30.63 53.98 28.00
CA ARG R 57 29.83 52.90 27.46
C ARG R 57 28.92 52.29 28.52
N LYS R 58 29.34 52.28 29.79
CA LYS R 58 28.51 51.74 30.87
C LYS R 58 27.35 52.67 31.13
N ARG R 59 26.18 52.29 30.62
CA ARG R 59 24.95 53.05 30.85
C ARG R 59 23.79 52.07 30.99
N MET R 60 22.74 52.52 31.65
CA MET R 60 21.55 51.69 31.79
C MET R 60 20.89 51.53 30.44
N ASN R 61 20.88 50.30 29.93
CA ASN R 61 20.38 50.05 28.58
C ASN R 61 18.90 50.36 28.46
N THR R 62 18.13 50.05 29.49
CA THR R 62 16.68 50.29 29.45
C THR R 62 16.38 51.78 29.42
N ASN R 63 17.04 52.56 30.28
CA ASN R 63 16.75 53.99 30.42
C ASN R 63 18.03 54.71 30.75
N PRO R 64 18.73 55.26 29.75
CA PRO R 64 19.97 55.99 30.02
C PRO R 64 19.78 57.22 30.88
N SER R 65 18.57 57.79 30.94
CA SER R 65 18.33 58.94 31.80
C SER R 65 18.53 58.61 33.27
N ARG R 66 18.10 57.44 33.71
CA ARG R 66 18.37 56.98 35.06
C ARG R 66 19.78 56.43 35.23
N GLY R 67 20.53 56.31 34.14
CA GLY R 67 21.80 55.61 34.16
C GLY R 67 22.90 56.37 34.86
N PRO R 68 24.11 55.83 34.80
CA PRO R 68 25.24 56.47 35.47
C PRO R 68 25.53 57.84 34.88
N TYR R 69 25.50 58.86 35.72
CA TYR R 69 25.64 60.24 35.28
C TYR R 69 27.13 60.52 35.05
N HIS R 70 27.56 60.40 33.80
CA HIS R 70 28.94 60.69 33.43
C HIS R 70 29.15 62.20 33.47
N PHE R 71 29.91 62.67 34.44
CA PHE R 71 30.24 64.08 34.55
C PHE R 71 31.50 64.36 33.75
N ARG R 72 31.51 65.46 33.01
CA ARG R 72 32.59 65.74 32.08
C ARG R 72 33.55 66.82 32.57
N ALA R 73 33.14 67.67 33.50
CA ALA R 73 34.03 68.69 34.01
C ALA R 73 35.13 68.04 34.86
N PRO R 74 36.38 68.52 34.73
CA PRO R 74 37.47 67.91 35.50
C PRO R 74 37.25 67.95 37.01
N SER R 75 36.73 69.06 37.52
CA SER R 75 36.39 69.13 38.94
C SER R 75 35.30 68.12 39.29
N ARG R 76 34.30 67.99 38.42
CA ARG R 76 33.26 67.01 38.66
C ARG R 76 33.80 65.59 38.57
N ILE R 77 34.75 65.35 37.68
CA ILE R 77 35.38 64.04 37.59
C ILE R 77 36.12 63.71 38.87
N PHE R 78 36.88 64.67 39.39
CA PHE R 78 37.58 64.45 40.64
C PHE R 78 36.60 64.26 41.80
N TRP R 79 35.50 65.00 41.78
CA TRP R 79 34.47 64.84 42.80
C TRP R 79 33.90 63.43 42.78
N ARG R 80 33.61 62.91 41.59
CA ARG R 80 33.15 61.52 41.48
C ARG R 80 34.21 60.53 41.93
N THR R 81 35.47 60.83 41.64
CA THR R 81 36.56 59.95 42.07
C THR R 81 36.64 59.88 43.59
N VAL R 82 36.50 61.02 44.26
CA VAL R 82 36.49 61.04 45.72
C VAL R 82 35.26 60.30 46.25
N ARG R 83 34.13 60.46 45.57
CA ARG R 83 32.91 59.79 46.00
C ARG R 83 33.04 58.28 45.93
N GLY R 84 33.95 57.77 45.08
CA GLY R 84 34.18 56.35 45.02
C GLY R 84 34.90 55.79 46.22
N MET R 85 35.58 56.64 46.98
CA MET R 85 36.33 56.22 48.16
C MET R 85 35.58 56.49 49.46
N LEU R 86 34.30 56.84 49.39
CA LEU R 86 33.55 57.17 50.57
C LEU R 86 32.28 56.33 50.66
N PRO R 87 31.78 56.08 51.86
CA PRO R 87 30.44 55.47 51.99
C PRO R 87 29.34 56.48 51.73
N HIS R 88 29.26 56.92 50.47
CA HIS R 88 28.35 57.99 50.06
C HIS R 88 26.89 57.58 50.07
N LYS R 89 26.59 56.31 50.39
CA LYS R 89 25.22 55.88 50.56
C LYS R 89 24.75 56.02 52.00
N THR R 90 25.57 56.59 52.87
CA THR R 90 25.25 56.79 54.28
C THR R 90 25.19 58.28 54.59
N LYS R 91 24.57 58.61 55.73
CA LYS R 91 24.52 59.99 56.18
C LYS R 91 25.91 60.53 56.49
N ARG R 92 26.77 59.71 57.11
CA ARG R 92 28.13 60.16 57.40
C ARG R 92 28.90 60.46 56.13
N GLY R 93 28.76 59.62 55.10
CA GLY R 93 29.44 59.88 53.84
C GLY R 93 28.95 61.15 53.18
N GLN R 94 27.64 61.36 53.15
CA GLN R 94 27.09 62.57 52.55
C GLN R 94 27.52 63.82 53.31
N ALA R 95 27.53 63.74 54.65
CA ALA R 95 27.99 64.88 55.44
C ALA R 95 29.46 65.17 55.16
N ALA R 96 30.27 64.12 55.03
CA ALA R 96 31.65 64.32 54.61
C ALA R 96 31.73 64.84 53.18
N LEU R 97 30.85 64.33 52.31
CA LEU R 97 30.89 64.75 50.91
C LEU R 97 30.46 66.20 50.73
N ASP R 98 29.69 66.73 51.68
CA ASP R 98 29.31 68.13 51.61
C ASP R 98 30.43 69.06 52.07
N ARG R 99 31.47 68.51 52.70
CA ARG R 99 32.62 69.30 53.14
C ARG R 99 33.66 69.48 52.05
N LEU R 100 33.46 68.90 50.88
CA LEU R 100 34.41 68.99 49.78
C LEU R 100 33.85 69.87 48.68
N LYS R 101 34.64 70.84 48.24
CA LYS R 101 34.30 71.69 47.11
C LYS R 101 35.39 71.59 46.06
N VAL R 102 34.98 71.43 44.80
CA VAL R 102 35.90 71.26 43.69
C VAL R 102 35.58 72.30 42.62
N PHE R 103 36.62 72.80 41.96
CA PHE R 103 36.46 73.84 40.96
C PHE R 103 37.48 73.66 39.85
N ASP R 104 37.07 74.00 38.63
CA ASP R 104 38.00 74.17 37.53
C ASP R 104 38.61 75.56 37.61
N GLY R 105 39.93 75.63 37.54
CA GLY R 105 40.56 76.91 37.76
C GLY R 105 40.50 77.29 39.24
N ILE R 106 40.81 78.55 39.51
CA ILE R 106 40.82 79.04 40.89
C ILE R 106 39.81 80.18 41.02
N PRO R 107 38.73 79.99 41.76
CA PRO R 107 37.67 81.01 41.85
C PRO R 107 38.14 82.24 42.63
N PRO R 108 37.46 83.36 42.46
CA PRO R 108 37.80 84.58 43.21
C PRO R 108 37.73 84.41 44.72
N PRO R 109 36.85 83.56 45.27
CA PRO R 109 36.96 83.31 46.72
C PRO R 109 38.27 82.69 47.15
N TYR R 110 39.02 82.06 46.24
CA TYR R 110 40.23 81.36 46.61
C TYR R 110 41.49 81.83 45.91
N ASP R 111 41.38 82.65 44.86
CA ASP R 111 42.58 83.09 44.15
C ASP R 111 43.42 84.05 44.96
N LYS R 112 42.85 84.70 45.97
CA LYS R 112 43.56 85.62 46.83
C LYS R 112 44.06 84.94 48.10
N LYS R 113 44.14 83.62 48.12
CA LYS R 113 44.60 82.87 49.26
C LYS R 113 45.65 81.85 48.83
N LYS R 114 46.50 81.46 49.78
CA LYS R 114 47.54 80.49 49.49
C LYS R 114 46.94 79.09 49.33
N ARG R 115 47.65 78.24 48.61
CA ARG R 115 47.16 76.92 48.24
C ARG R 115 48.14 75.84 48.73
N MET R 116 47.61 74.83 49.42
CA MET R 116 48.45 73.74 49.89
C MET R 116 48.80 72.82 48.73
N VAL R 117 49.88 72.07 48.91
CA VAL R 117 50.29 71.04 47.96
C VAL R 117 50.65 69.79 48.76
N VAL R 118 50.09 68.65 48.36
CA VAL R 118 50.32 67.38 49.04
C VAL R 118 51.52 66.68 48.43
N PRO R 119 52.60 66.46 49.18
CA PRO R 119 53.74 65.74 48.63
C PRO R 119 53.43 64.31 48.21
N ALA R 120 52.52 63.63 48.92
CA ALA R 120 52.26 62.22 48.65
C ALA R 120 51.47 62.01 47.36
N ALA R 121 50.98 63.06 46.73
CA ALA R 121 50.20 62.94 45.50
C ALA R 121 50.85 63.62 44.31
N LEU R 122 52.00 64.26 44.47
CA LEU R 122 52.63 64.98 43.38
C LEU R 122 53.17 64.02 42.33
N LYS R 123 53.02 64.38 41.06
CA LYS R 123 53.51 63.53 39.98
C LYS R 123 55.02 63.50 39.95
N VAL R 124 55.69 64.58 40.38
CA VAL R 124 57.13 64.65 40.29
C VAL R 124 57.79 63.61 41.20
N VAL R 125 57.20 63.34 42.36
CA VAL R 125 57.82 62.42 43.32
C VAL R 125 57.14 61.05 43.37
N ARG R 126 55.90 60.93 42.89
CA ARG R 126 55.21 59.65 42.92
C ARG R 126 55.26 58.92 41.59
N LEU R 127 55.92 59.49 40.58
CA LEU R 127 56.01 58.85 39.27
C LEU R 127 57.45 58.87 38.80
N LYS R 128 57.86 57.80 38.14
CA LYS R 128 59.19 57.74 37.57
C LYS R 128 59.30 58.72 36.40
N PRO R 129 60.42 59.41 36.25
CA PRO R 129 60.54 60.43 35.19
C PRO R 129 60.39 59.88 33.79
N THR R 130 60.78 58.63 33.55
CA THR R 130 60.71 58.06 32.21
C THR R 130 59.30 57.69 31.79
N ARG R 131 58.33 57.73 32.70
CA ARG R 131 56.97 57.32 32.37
C ARG R 131 56.22 58.44 31.67
N LYS R 132 55.02 58.10 31.18
CA LYS R 132 54.12 59.05 30.56
C LYS R 132 52.90 59.28 31.44
N PHE R 133 52.25 60.42 31.25
CA PHE R 133 51.13 60.81 32.08
C PHE R 133 50.11 61.56 31.23
N ALA R 134 48.90 61.68 31.79
CA ALA R 134 47.80 62.31 31.09
C ALA R 134 47.21 63.45 31.91
N TYR R 135 47.04 64.60 31.27
CA TYR R 135 46.45 65.77 31.90
C TYR R 135 44.94 65.59 31.99
N LEU R 136 44.36 65.96 33.13
CA LEU R 136 42.92 65.88 33.27
C LEU R 136 42.21 66.90 32.40
N GLY R 137 42.80 68.09 32.23
CA GLY R 137 42.17 69.11 31.41
C GLY R 137 42.05 68.69 29.95
N ARG R 138 43.14 68.17 29.38
CA ARG R 138 43.09 67.72 28.00
C ARG R 138 42.15 66.53 27.84
N LEU R 139 42.18 65.60 28.77
CA LEU R 139 41.32 64.42 28.69
C LEU R 139 39.85 64.82 28.75
N ALA R 140 39.50 65.75 29.65
CA ALA R 140 38.13 66.23 29.71
C ALA R 140 37.75 66.97 28.45
N HIS R 141 38.70 67.74 27.89
CA HIS R 141 38.41 68.54 26.71
C HIS R 141 38.02 67.67 25.52
N GLU R 142 38.70 66.55 25.34
CA GLU R 142 38.43 65.69 24.20
C GLU R 142 37.30 64.71 24.42
N VAL R 143 36.70 64.67 25.61
CA VAL R 143 35.64 63.71 25.91
C VAL R 143 34.29 64.38 26.07
N GLY R 144 34.23 65.70 26.14
CA GLY R 144 32.93 66.35 26.24
C GLY R 144 32.89 67.60 27.08
N TRP R 145 33.96 67.91 27.81
CA TRP R 145 34.02 69.20 28.48
C TRP R 145 34.12 70.31 27.46
N LYS R 146 33.49 71.45 27.76
CA LYS R 146 33.25 72.47 26.76
C LYS R 146 33.97 73.78 27.02
N TYR R 147 34.56 73.95 28.20
CA TYR R 147 35.01 75.26 28.66
C TYR R 147 36.49 75.27 28.97
N GLN R 148 37.30 74.62 28.12
CA GLN R 148 38.74 74.63 28.33
C GLN R 148 39.34 75.98 27.97
N ALA R 149 38.89 76.59 26.88
CA ALA R 149 39.49 77.83 26.41
C ALA R 149 39.20 78.99 27.35
N VAL R 150 37.96 79.12 27.79
CA VAL R 150 37.61 80.21 28.71
C VAL R 150 38.29 80.01 30.05
N THR R 151 38.43 78.75 30.49
CA THR R 151 39.16 78.47 31.72
C THR R 151 40.62 78.89 31.59
N ALA R 152 41.24 78.59 30.44
CA ALA R 152 42.62 78.99 30.22
C ALA R 152 42.76 80.50 30.20
N THR R 153 41.81 81.19 29.58
CA THR R 153 41.88 82.65 29.52
C THR R 153 41.74 83.27 30.91
N LEU R 154 40.79 82.76 31.70
CA LEU R 154 40.62 83.27 33.07
C LEU R 154 41.84 82.97 33.92
N GLU R 155 42.44 81.79 33.76
CA GLU R 155 43.67 81.48 34.48
C GLU R 155 44.81 82.40 34.02
N GLU R 156 44.82 82.79 32.75
CA GLU R 156 45.81 83.74 32.27
C GLU R 156 45.65 85.10 32.94
N LYS R 157 44.41 85.59 33.05
CA LYS R 157 44.17 86.85 33.74
C LYS R 157 44.56 86.75 35.21
N ARG R 158 44.21 85.64 35.85
CA ARG R 158 44.56 85.44 37.25
C ARG R 158 46.08 85.40 37.43
N LYS R 159 46.79 84.78 36.48
CA LYS R 159 48.25 84.78 36.53
C LYS R 159 48.82 86.18 36.36
N GLU R 160 48.23 86.99 35.48
CA GLU R 160 48.69 88.37 35.33
C GLU R 160 48.54 89.14 36.64
N LYS R 161 47.35 89.08 37.25
CA LYS R 161 47.13 89.81 38.49
C LYS R 161 47.97 89.26 39.63
N ALA R 162 48.17 87.94 39.66
CA ALA R 162 49.03 87.35 40.67
C ALA R 162 50.49 87.77 40.48
N LYS R 163 50.93 87.92 39.25
CA LYS R 163 52.29 88.43 39.01
C LYS R 163 52.43 89.86 39.50
N ILE R 164 51.39 90.68 39.28
CA ILE R 164 51.42 92.04 39.82
C ILE R 164 51.52 92.00 41.34
N HIS R 165 50.71 91.16 41.98
CA HIS R 165 50.74 91.04 43.43
C HIS R 165 52.11 90.54 43.91
N TYR R 166 52.70 89.60 43.18
CA TYR R 166 54.03 89.10 43.51
C TYR R 166 55.08 90.18 43.41
N ARG R 167 55.02 91.02 42.37
CA ARG R 167 55.98 92.10 42.25
C ARG R 167 55.81 93.11 43.38
N LYS R 168 54.57 93.41 43.76
CA LYS R 168 54.33 94.27 44.91
C LYS R 168 54.92 93.68 46.18
N LYS R 169 54.74 92.36 46.38
CA LYS R 169 55.27 91.73 47.58
C LYS R 169 56.78 91.69 47.57
N LYS R 170 57.41 91.52 46.40
CA LYS R 170 58.86 91.59 46.30
C LYS R 170 59.36 92.98 46.65
N GLN R 171 58.66 94.01 46.17
CA GLN R 171 59.02 95.37 46.54
C GLN R 171 58.92 95.58 48.04
N LEU R 172 57.85 95.08 48.65
CA LEU R 172 57.68 95.20 50.10
C LEU R 172 58.79 94.48 50.85
N MET R 173 59.16 93.28 50.38
CA MET R 173 60.20 92.53 51.06
C MET R 173 61.58 93.18 50.90
N ARG R 174 61.85 93.73 49.71
CA ARG R 174 63.09 94.47 49.52
C ARG R 174 63.15 95.67 50.45
N LEU R 175 62.05 96.41 50.57
CA LEU R 175 62.03 97.55 51.48
C LEU R 175 62.17 97.11 52.92
N ARG R 176 61.61 95.96 53.28
CA ARG R 176 61.77 95.43 54.64
C ARG R 176 63.22 95.08 54.93
N LYS R 177 63.90 94.43 53.98
CA LYS R 177 65.32 94.11 54.16
C LYS R 177 66.15 95.38 54.26
N GLN R 178 65.83 96.38 53.44
CA GLN R 178 66.49 97.67 53.54
C GLN R 178 66.30 98.28 54.92
N ALA R 179 65.08 98.22 55.44
CA ALA R 179 64.79 98.75 56.76
C ALA R 179 65.57 98.01 57.83
N GLU R 180 65.69 96.68 57.70
CA GLU R 180 66.54 95.91 58.61
C GLU R 180 67.97 96.42 58.57
N LYS R 181 68.45 96.75 57.36
CA LYS R 181 69.79 97.32 57.25
C LYS R 181 69.89 98.69 57.92
N ASN R 182 68.87 99.54 57.78
CA ASN R 182 68.96 100.90 58.29
C ASN R 182 69.07 100.93 59.81
N VAL R 183 68.30 100.09 60.50
CA VAL R 183 68.27 100.08 61.95
C VAL R 183 68.78 98.73 62.43
N GLU R 184 69.95 98.74 63.06
CA GLU R 184 70.49 97.59 63.75
C GLU R 184 71.12 97.93 65.10
N LYS R 185 71.54 99.18 65.31
CA LYS R 185 72.03 99.57 66.64
C LYS R 185 70.90 99.59 67.65
N LYS R 186 69.68 99.78 67.18
CA LYS R 186 68.49 99.69 68.01
C LYS R 186 67.76 98.35 67.85
N ILE R 187 68.40 97.37 67.21
CA ILE R 187 67.77 96.09 66.92
C ILE R 187 68.64 94.95 67.44
N ASP R 188 69.95 95.19 67.55
CA ASP R 188 70.90 94.12 67.84
C ASP R 188 70.65 93.48 69.21
N LYS R 189 70.11 94.26 70.16
CA LYS R 189 69.82 93.70 71.48
C LYS R 189 68.83 92.55 71.39
N TYR R 190 67.75 92.73 70.64
CA TYR R 190 66.78 91.68 70.41
C TYR R 190 67.27 90.67 69.38
N THR R 191 68.11 91.10 68.43
CA THR R 191 68.66 90.18 67.45
C THR R 191 69.50 89.10 68.12
N GLU R 192 70.31 89.50 69.10
CA GLU R 192 71.10 88.53 69.85
C GLU R 192 70.22 87.56 70.63
N VAL R 193 69.10 88.06 71.17
CA VAL R 193 68.17 87.19 71.88
C VAL R 193 67.58 86.16 70.93
N LEU R 194 67.14 86.60 69.75
CA LEU R 194 66.55 85.68 68.80
C LEU R 194 67.59 84.69 68.26
N LYS R 195 68.80 85.17 67.96
CA LYS R 195 69.84 84.29 67.45
C LYS R 195 70.30 83.29 68.51
N THR R 196 70.14 83.63 69.79
CA THR R 196 70.55 82.72 70.85
C THR R 196 69.65 81.49 70.91
N HIS R 197 68.38 81.64 70.55
CA HIS R 197 67.40 80.57 70.72
C HIS R 197 66.97 79.98 69.38
N GLY R 198 67.81 80.08 68.35
CA GLY R 198 67.60 79.40 67.10
C GLY R 198 66.90 80.20 66.02
N LEU R 199 66.00 81.10 66.40
CA LEU R 199 65.29 81.89 65.39
C LEU R 199 66.27 82.82 64.68
N LEU R 200 66.01 83.04 63.39
CA LEU R 200 66.72 84.03 62.59
C LEU R 200 68.23 83.73 62.57
N VAL R 201 68.55 82.63 61.88
CA VAL R 201 69.94 82.23 61.63
C VAL R 201 70.80 83.41 61.16
N VAL S 1 -24.04 63.42 76.15
CA VAL S 1 -23.37 62.40 75.34
C VAL S 1 -21.90 62.78 75.20
N ARG S 2 -21.04 61.78 75.06
CA ARG S 2 -19.59 61.99 75.07
C ARG S 2 -19.12 62.39 73.68
N TYR S 3 -18.68 63.64 73.55
CA TYR S 3 -17.97 64.07 72.35
C TYR S 3 -16.48 63.81 72.50
N SER S 4 -15.79 63.72 71.36
CA SER S 4 -14.35 63.80 71.36
C SER S 4 -13.91 65.25 71.23
N LEU S 5 -12.81 65.59 71.91
CA LEU S 5 -12.29 66.95 71.96
C LEU S 5 -13.32 67.92 72.55
N ASP S 6 -13.62 67.69 73.82
CA ASP S 6 -14.52 68.58 74.52
C ASP S 6 -13.97 70.00 74.55
N PRO S 7 -14.83 71.01 74.44
CA PRO S 7 -14.34 72.39 74.35
C PRO S 7 -13.68 72.84 75.65
N GLU S 8 -12.75 73.79 75.50
CA GLU S 8 -12.04 74.32 76.66
C GLU S 8 -12.97 75.14 77.56
N ASN S 9 -13.89 75.89 76.97
CA ASN S 9 -14.83 76.71 77.71
C ASN S 9 -16.26 76.41 77.28
N PRO S 10 -16.96 75.57 78.03
CA PRO S 10 -18.31 75.18 77.62
C PRO S 10 -19.35 76.23 77.90
N THR S 11 -19.05 77.48 77.55
CA THR S 11 -20.01 78.57 77.60
C THR S 11 -20.04 79.41 76.33
N LYS S 12 -18.94 79.46 75.57
CA LYS S 12 -18.88 80.16 74.30
C LYS S 12 -18.97 79.21 73.11
N SER S 13 -19.36 77.96 73.35
CA SER S 13 -19.31 76.92 72.33
C SER S 13 -20.66 76.22 72.22
N CYS S 14 -20.90 75.65 71.03
CA CYS S 14 -22.09 74.87 70.77
C CYS S 14 -21.69 73.58 70.08
N LYS S 15 -22.55 72.57 70.20
CA LYS S 15 -22.24 71.23 69.73
C LYS S 15 -23.28 70.75 68.73
N SER S 16 -22.85 69.89 67.82
CA SER S 16 -23.74 69.29 66.84
C SER S 16 -23.33 67.83 66.63
N ARG S 17 -24.29 67.03 66.19
CA ARG S 17 -24.06 65.61 66.07
C ARG S 17 -25.03 65.01 65.05
N GLY S 18 -24.54 64.02 64.31
CA GLY S 18 -25.38 63.25 63.41
C GLY S 18 -24.95 61.81 63.35
N SER S 19 -25.88 60.87 63.47
CA SER S 19 -25.57 59.46 63.55
C SER S 19 -26.26 58.71 62.40
N ASN S 20 -25.52 57.77 61.81
CA ASN S 20 -26.02 56.93 60.72
C ASN S 20 -26.56 57.77 59.57
N LEU S 21 -25.75 58.68 59.08
CA LEU S 21 -26.16 59.55 57.98
C LEU S 21 -25.80 58.92 56.65
N ARG S 22 -26.72 58.97 55.70
CA ARG S 22 -26.64 58.21 54.46
C ARG S 22 -25.81 58.94 53.41
N VAL S 23 -24.52 59.12 53.72
CA VAL S 23 -23.57 59.73 52.80
C VAL S 23 -22.29 58.92 52.82
N HIS S 24 -21.51 59.07 51.75
CA HIS S 24 -20.23 58.38 51.65
C HIS S 24 -19.25 58.93 52.68
N PHE S 25 -18.52 58.03 53.34
CA PHE S 25 -17.64 58.45 54.42
C PHE S 25 -16.45 59.25 53.91
N LYS S 26 -15.85 58.81 52.81
CA LYS S 26 -14.63 59.44 52.31
C LYS S 26 -14.88 60.87 51.87
N ASN S 27 -15.96 61.09 51.12
CA ASN S 27 -16.28 62.43 50.64
C ASN S 27 -16.57 63.37 51.80
N THR S 28 -17.30 62.89 52.80
CA THR S 28 -17.58 63.70 53.98
C THR S 28 -16.31 64.03 54.75
N ARG S 29 -15.39 63.06 54.87
CA ARG S 29 -14.14 63.32 55.57
C ARG S 29 -13.33 64.39 54.83
N GLU S 30 -13.24 64.29 53.51
CA GLU S 30 -12.49 65.28 52.76
C GLU S 30 -13.14 66.65 52.85
N THR S 31 -14.47 66.71 52.79
CA THR S 31 -15.15 68.00 52.93
C THR S 31 -14.93 68.61 54.30
N ALA S 32 -14.98 67.78 55.35
CA ALA S 32 -14.76 68.28 56.70
C ALA S 32 -13.33 68.79 56.87
N GLN S 33 -12.36 68.07 56.33
CA GLN S 33 -10.98 68.58 56.34
C GLN S 33 -10.85 69.87 55.56
N ALA S 34 -11.61 70.02 54.48
CA ALA S 34 -11.58 71.26 53.72
C ALA S 34 -12.14 72.43 54.53
N ILE S 35 -13.24 72.21 55.25
CA ILE S 35 -13.92 73.30 55.94
C ILE S 35 -13.46 73.48 57.38
N LYS S 36 -12.59 72.61 57.88
CA LYS S 36 -12.15 72.71 59.27
C LYS S 36 -11.35 73.99 59.49
N GLY S 37 -11.67 74.70 60.57
CA GLY S 37 -11.02 75.94 60.89
C GLY S 37 -11.59 77.16 60.19
N MET S 38 -12.73 77.04 59.51
CA MET S 38 -13.30 78.17 58.80
C MET S 38 -14.22 78.97 59.71
N HIS S 39 -14.45 80.22 59.31
CA HIS S 39 -15.54 80.99 59.90
C HIS S 39 -16.86 80.50 59.35
N ILE S 40 -17.92 80.61 60.16
CA ILE S 40 -19.17 79.93 59.85
C ILE S 40 -19.84 80.52 58.62
N ARG S 41 -19.82 81.85 58.47
CA ARG S 41 -20.37 82.47 57.27
C ARG S 41 -19.58 82.03 56.04
N LYS S 42 -18.25 82.09 56.14
CA LYS S 42 -17.39 81.70 55.05
C LYS S 42 -17.56 80.22 54.72
N ALA S 43 -17.65 79.36 55.73
CA ALA S 43 -17.84 77.94 55.50
C ALA S 43 -19.19 77.65 54.84
N THR S 44 -20.24 78.35 55.26
CA THR S 44 -21.55 78.13 54.68
C THR S 44 -21.58 78.53 53.21
N LYS S 45 -21.06 79.72 52.90
CA LYS S 45 -21.03 80.14 51.50
C LYS S 45 -20.07 79.28 50.69
N TYR S 46 -19.04 78.73 51.32
CA TYR S 46 -18.11 77.85 50.62
C TYR S 46 -18.78 76.53 50.27
N LEU S 47 -19.56 75.97 51.20
CA LEU S 47 -20.32 74.77 50.88
C LEU S 47 -21.35 75.03 49.79
N LYS S 48 -22.01 76.19 49.84
CA LYS S 48 -22.93 76.55 48.76
C LYS S 48 -22.19 76.62 47.43
N ASP S 49 -20.98 77.18 47.43
CA ASP S 49 -20.17 77.22 46.22
C ASP S 49 -19.78 75.82 45.76
N VAL S 50 -19.50 74.92 46.70
CA VAL S 50 -19.17 73.55 46.35
C VAL S 50 -20.34 72.87 45.65
N THR S 51 -21.56 73.09 46.16
CA THR S 51 -22.74 72.56 45.48
C THR S 51 -22.89 73.16 44.09
N LEU S 52 -22.55 74.44 43.93
CA LEU S 52 -22.65 75.12 42.66
C LEU S 52 -21.43 74.88 41.76
N GLN S 53 -20.50 74.03 42.17
CA GLN S 53 -19.32 73.68 41.37
C GLN S 53 -18.51 74.91 41.00
N LYS S 54 -18.36 75.83 41.95
CA LYS S 54 -17.46 76.97 41.78
C LYS S 54 -16.22 76.88 42.65
N GLN S 55 -16.29 76.21 43.79
CA GLN S 55 -15.12 75.92 44.61
C GLN S 55 -15.11 74.44 44.92
N CYS S 56 -13.94 73.84 44.87
CA CYS S 56 -13.80 72.40 45.07
C CYS S 56 -13.12 72.12 46.40
N VAL S 57 -13.33 70.91 46.91
CA VAL S 57 -12.64 70.46 48.11
C VAL S 57 -11.43 69.64 47.68
N PRO S 58 -10.31 69.75 48.38
CA PRO S 58 -9.12 68.97 47.98
C PRO S 58 -9.21 67.54 48.49
N PHE S 59 -9.18 66.59 47.56
CA PHE S 59 -9.15 65.17 47.92
C PHE S 59 -7.70 64.82 48.23
N ARG S 60 -7.38 64.74 49.52
CA ARG S 60 -6.00 64.60 49.96
C ARG S 60 -5.63 63.18 50.31
N ARG S 61 -6.47 62.47 51.08
CA ARG S 61 -6.18 61.10 51.46
C ARG S 61 -6.87 60.09 50.56
N TYR S 62 -8.18 60.18 50.42
CA TYR S 62 -8.94 59.23 49.62
C TYR S 62 -9.08 59.75 48.20
N ASN S 63 -7.92 59.86 47.53
CA ASN S 63 -7.83 60.51 46.24
C ASN S 63 -7.58 59.52 45.10
N GLY S 64 -7.69 58.22 45.37
CA GLY S 64 -7.42 57.22 44.35
C GLY S 64 -8.36 57.31 43.17
N GLY S 65 -7.83 57.68 42.01
CA GLY S 65 -8.63 57.81 40.82
C GLY S 65 -9.40 59.10 40.71
N VAL S 66 -9.29 60.00 41.69
CA VAL S 66 -10.01 61.26 41.64
C VAL S 66 -9.34 62.17 40.61
N GLY S 67 -10.15 62.75 39.73
CA GLY S 67 -9.61 63.58 38.67
C GLY S 67 -9.07 64.90 39.18
N ARG S 68 -8.46 65.64 38.27
CA ARG S 68 -7.88 66.93 38.58
C ARG S 68 -8.83 68.05 38.17
N CYS S 69 -8.73 69.17 38.87
CA CYS S 69 -9.54 70.35 38.56
C CYS S 69 -8.72 71.60 38.82
N ALA S 70 -9.08 72.67 38.11
CA ALA S 70 -8.35 73.92 38.24
C ALA S 70 -8.54 74.54 39.62
N GLN S 71 -9.71 74.36 40.22
CA GLN S 71 -10.01 74.96 41.50
C GLN S 71 -9.19 74.37 42.65
N ALA S 72 -8.56 73.22 42.44
CA ALA S 72 -7.71 72.63 43.47
C ALA S 72 -6.49 73.48 43.79
N LYS S 73 -6.06 74.33 42.86
CA LYS S 73 -4.90 75.17 43.12
C LYS S 73 -5.18 76.27 44.12
N GLN S 74 -6.44 76.49 44.50
CA GLN S 74 -6.73 77.32 45.67
C GLN S 74 -6.07 76.71 46.90
N TRP S 75 -6.17 75.40 47.05
CA TRP S 75 -5.46 74.69 48.08
C TRP S 75 -4.09 74.28 47.57
N GLY S 76 -3.28 73.70 48.45
CA GLY S 76 -1.98 73.20 48.03
C GLY S 76 -2.08 71.80 47.47
N TRP S 77 -3.02 71.59 46.55
CA TRP S 77 -3.32 70.25 46.04
C TRP S 77 -3.59 70.32 44.55
N THR S 78 -3.87 69.16 43.96
CA THR S 78 -4.13 69.05 42.54
C THR S 78 -5.42 68.29 42.29
N GLN S 79 -5.75 67.36 43.17
CA GLN S 79 -6.95 66.54 43.04
C GLN S 79 -8.10 67.19 43.81
N GLY S 80 -9.27 67.23 43.18
CA GLY S 80 -10.43 67.82 43.82
C GLY S 80 -11.71 67.42 43.14
N ARG S 81 -12.81 67.58 43.87
CA ARG S 81 -14.14 67.22 43.38
C ARG S 81 -15.17 68.08 44.09
N TRP S 82 -16.44 67.83 43.80
CA TRP S 82 -17.55 68.60 44.37
C TRP S 82 -18.59 67.65 44.92
N PRO S 83 -18.41 67.14 46.13
CA PRO S 83 -19.40 66.25 46.72
C PRO S 83 -20.66 67.00 47.13
N LYS S 84 -21.73 66.84 46.35
CA LYS S 84 -22.95 67.60 46.61
C LYS S 84 -23.67 67.10 47.86
N LYS S 85 -23.82 65.79 48.00
CA LYS S 85 -24.57 65.23 49.12
C LYS S 85 -23.88 65.55 50.45
N SER S 86 -22.56 65.42 50.50
CA SER S 86 -21.84 65.79 51.72
C SER S 86 -22.00 67.26 52.04
N ALA S 87 -21.97 68.11 51.01
CA ALA S 87 -22.15 69.55 51.23
C ALA S 87 -23.52 69.85 51.82
N GLU S 88 -24.57 69.22 51.28
CA GLU S 88 -25.90 69.46 51.81
C GLU S 88 -26.06 68.93 53.22
N PHE S 89 -25.51 67.74 53.52
CA PHE S 89 -25.59 67.21 54.86
C PHE S 89 -24.87 68.12 55.85
N LEU S 90 -23.69 68.61 55.47
CA LEU S 90 -22.97 69.53 56.33
C LEU S 90 -23.68 70.86 56.49
N LEU S 91 -24.40 71.31 55.46
CA LEU S 91 -25.21 72.51 55.59
C LEU S 91 -26.34 72.32 56.60
N HIS S 92 -26.99 71.16 56.56
CA HIS S 92 -28.02 70.86 57.54
C HIS S 92 -27.44 70.83 58.96
N MET S 93 -26.28 70.19 59.12
CA MET S 93 -25.64 70.16 60.43
C MET S 93 -25.23 71.55 60.88
N LEU S 94 -24.77 72.40 59.96
CA LEU S 94 -24.42 73.76 60.29
C LEU S 94 -25.63 74.56 60.74
N LYS S 95 -26.77 74.38 60.08
CA LYS S 95 -28.00 75.05 60.53
C LYS S 95 -28.40 74.57 61.91
N ASN S 96 -28.26 73.27 62.18
CA ASN S 96 -28.55 72.76 63.51
C ASN S 96 -27.63 73.37 64.56
N ALA S 97 -26.34 73.47 64.25
CA ALA S 97 -25.39 74.06 65.18
C ALA S 97 -25.69 75.54 65.41
N GLU S 98 -26.08 76.26 64.36
CA GLU S 98 -26.43 77.67 64.51
C GLU S 98 -27.67 77.82 65.38
N SER S 99 -28.66 76.93 65.22
CA SER S 99 -29.83 76.98 66.07
C SER S 99 -29.47 76.71 67.53
N ASN S 100 -28.57 75.74 67.75
CA ASN S 100 -28.11 75.50 69.12
C ASN S 100 -27.39 76.69 69.70
N ALA S 101 -26.57 77.36 68.88
CA ALA S 101 -25.90 78.58 69.33
C ALA S 101 -26.90 79.67 69.68
N GLU S 102 -27.97 79.78 68.89
CA GLU S 102 -29.05 80.70 69.21
C GLU S 102 -29.70 80.36 70.54
N LEU S 103 -29.87 79.06 70.81
CA LEU S 103 -30.49 78.65 72.07
C LEU S 103 -29.61 78.98 73.27
N LYS S 104 -28.29 78.91 73.11
CA LYS S 104 -27.36 79.16 74.20
C LYS S 104 -27.09 80.64 74.41
N GLY S 105 -27.77 81.52 73.69
CA GLY S 105 -27.63 82.95 73.91
C GLY S 105 -26.27 83.51 73.60
N LEU S 106 -25.67 83.10 72.48
CA LEU S 106 -24.41 83.64 72.01
C LEU S 106 -24.54 83.94 70.52
N ASP S 107 -24.06 85.11 70.10
CA ASP S 107 -24.25 85.54 68.72
C ASP S 107 -23.45 84.66 67.76
N VAL S 108 -24.02 84.43 66.58
CA VAL S 108 -23.53 83.42 65.67
C VAL S 108 -22.62 84.03 64.60
N ASP S 109 -22.20 85.28 64.83
CA ASP S 109 -21.38 85.99 63.85
C ASP S 109 -19.88 85.82 64.09
N SER S 110 -19.48 85.04 65.08
CA SER S 110 -18.07 84.81 65.37
C SER S 110 -17.78 83.35 65.65
N LEU S 111 -18.58 82.43 65.12
CA LEU S 111 -18.39 81.02 65.37
C LEU S 111 -17.43 80.41 64.35
N VAL S 112 -16.46 79.67 64.85
CA VAL S 112 -15.41 79.07 64.03
C VAL S 112 -15.42 77.57 64.31
N ILE S 113 -15.31 76.77 63.24
CA ILE S 113 -15.30 75.32 63.40
C ILE S 113 -13.94 74.92 63.95
N GLU S 114 -13.83 74.80 65.26
CA GLU S 114 -12.57 74.36 65.86
C GLU S 114 -12.36 72.86 65.74
N HIS S 115 -13.45 72.09 65.71
CA HIS S 115 -13.38 70.64 65.67
C HIS S 115 -14.46 70.10 64.76
N ILE S 116 -14.11 69.12 63.93
CA ILE S 116 -15.06 68.42 63.09
C ILE S 116 -14.48 67.03 62.81
N GLN S 117 -15.33 66.02 62.90
CA GLN S 117 -14.85 64.65 62.90
C GLN S 117 -15.90 63.74 62.28
N VAL S 118 -15.44 62.78 61.49
CA VAL S 118 -16.31 61.82 60.81
C VAL S 118 -15.89 60.42 61.21
N ASN S 119 -16.82 59.64 61.74
CA ASN S 119 -16.60 58.25 62.09
C ASN S 119 -17.48 57.36 61.23
N LYS S 120 -17.00 56.16 60.95
CA LYS S 120 -17.75 55.22 60.14
C LYS S 120 -18.89 54.60 60.94
N ALA S 121 -20.10 54.74 60.44
CA ALA S 121 -21.28 54.09 60.97
C ALA S 121 -21.30 52.63 60.57
N PRO S 122 -22.09 51.80 61.25
CA PRO S 122 -22.21 50.40 60.82
C PRO S 122 -22.70 50.30 59.38
N LYS S 123 -21.96 49.56 58.58
CA LYS S 123 -22.27 49.42 57.16
C LYS S 123 -23.55 48.63 56.97
N MET S 124 -24.32 48.99 55.94
CA MET S 124 -25.56 48.30 55.60
C MET S 124 -25.35 47.45 54.37
N ARG S 125 -25.92 46.25 54.38
CA ARG S 125 -25.72 45.27 53.33
C ARG S 125 -26.76 45.44 52.22
N ARG S 126 -26.28 45.54 50.99
CA ARG S 126 -27.12 45.34 49.81
C ARG S 126 -26.45 44.30 48.94
N ARG S 127 -27.16 43.84 47.92
CA ARG S 127 -26.80 42.63 47.20
C ARG S 127 -26.77 42.89 45.71
N THR S 128 -25.79 42.30 45.02
CA THR S 128 -25.68 42.40 43.57
C THR S 128 -25.36 41.02 43.01
N TYR S 129 -25.52 40.89 41.69
CA TYR S 129 -25.41 39.61 41.00
C TYR S 129 -24.25 39.68 40.01
N ARG S 130 -23.49 38.59 39.90
CA ARG S 130 -22.28 38.56 39.10
C ARG S 130 -22.42 37.57 37.95
N ALA S 131 -21.29 37.31 37.28
CA ALA S 131 -21.33 36.61 36.00
C ALA S 131 -21.76 35.16 36.14
N HIS S 132 -21.31 34.47 37.18
CA HIS S 132 -21.50 33.03 37.20
C HIS S 132 -22.45 32.62 38.32
N GLY S 133 -23.55 33.35 38.46
CA GLY S 133 -24.48 33.08 39.53
C GLY S 133 -23.89 33.32 40.89
N ARG S 134 -23.04 34.32 41.03
CA ARG S 134 -22.34 34.61 42.27
C ARG S 134 -22.93 35.86 42.93
N ILE S 135 -22.85 35.89 44.25
CA ILE S 135 -23.36 37.00 45.05
C ILE S 135 -22.17 37.78 45.60
N ASN S 136 -22.20 39.09 45.40
CA ASN S 136 -21.15 39.96 45.92
C ASN S 136 -21.78 41.08 46.73
N PRO S 137 -21.07 41.58 47.74
CA PRO S 137 -21.63 42.64 48.57
C PRO S 137 -21.82 43.94 47.81
N TYR S 138 -22.76 44.74 48.30
CA TYR S 138 -23.03 46.08 47.81
C TYR S 138 -23.13 47.05 48.97
N MET S 139 -22.11 46.99 49.84
CA MET S 139 -22.15 47.72 51.10
C MET S 139 -22.20 49.23 50.89
N SER S 140 -22.97 49.89 51.75
CA SER S 140 -22.91 51.33 51.90
C SER S 140 -21.91 51.68 53.00
N SER S 141 -21.56 52.96 53.07
CA SER S 141 -20.64 53.46 54.10
C SER S 141 -21.24 54.68 54.77
N PRO S 142 -22.27 54.50 55.59
CA PRO S 142 -22.80 55.63 56.37
C PRO S 142 -21.78 56.08 57.41
N CYS S 143 -22.00 57.27 57.95
CA CYS S 143 -21.00 57.83 58.84
C CYS S 143 -21.67 58.62 59.97
N HIS S 144 -20.95 58.73 61.08
CA HIS S 144 -21.31 59.65 62.15
C HIS S 144 -20.50 60.93 62.01
N ILE S 145 -21.15 62.07 62.21
CA ILE S 145 -20.51 63.37 62.09
C ILE S 145 -20.73 64.16 63.36
N GLU S 146 -19.66 64.76 63.88
CA GLU S 146 -19.77 65.70 64.99
C GLU S 146 -18.92 66.91 64.68
N MET S 147 -19.36 68.06 65.19
CA MET S 147 -18.63 69.31 65.01
C MET S 147 -18.87 70.21 66.21
N ILE S 148 -17.91 71.07 66.48
CA ILE S 148 -17.96 71.98 67.63
C ILE S 148 -17.59 73.37 67.15
N LEU S 149 -18.44 74.34 67.45
CA LEU S 149 -18.20 75.74 67.11
C LEU S 149 -17.77 76.50 68.35
N THR S 150 -17.03 77.59 68.14
CA THR S 150 -16.52 78.38 69.25
C THR S 150 -16.45 79.84 68.87
N GLU S 151 -16.90 80.70 69.79
CA GLU S 151 -16.94 82.13 69.57
C GLU S 151 -15.53 82.71 69.65
N LYS S 152 -15.14 83.45 68.61
CA LYS S 152 -13.87 84.17 68.62
C LYS S 152 -13.90 85.22 67.52
N GLU S 153 -13.30 86.37 67.80
CA GLU S 153 -13.30 87.48 66.86
C GLU S 153 -12.10 88.39 67.08
N GLY T 1 38.47 26.29 72.44
CA GLY T 1 37.79 25.11 72.94
C GLY T 1 38.71 24.14 73.65
N VAL T 2 38.13 23.09 74.23
CA VAL T 2 38.87 22.05 74.91
C VAL T 2 38.44 20.70 74.35
N ASP T 3 39.42 19.83 74.11
CA ASP T 3 39.17 18.53 73.49
C ASP T 3 38.83 17.51 74.57
N ILE T 4 37.60 17.58 75.06
CA ILE T 4 37.08 16.63 76.03
C ILE T 4 35.71 16.17 75.56
N ARG T 5 35.19 15.15 76.22
CA ARG T 5 33.88 14.59 75.93
C ARG T 5 33.02 14.65 77.18
N HIS T 6 31.76 15.03 77.02
CA HIS T 6 30.88 15.32 78.14
C HIS T 6 29.87 14.20 78.40
N ASN T 7 29.82 13.18 77.57
CA ASN T 7 28.75 12.19 77.64
C ASN T 7 28.81 11.34 78.91
N LYS T 8 29.95 11.32 79.61
CA LYS T 8 30.10 10.54 80.82
C LYS T 8 30.35 11.43 82.03
N ASP T 9 30.16 12.75 81.89
CA ASP T 9 30.47 13.67 82.97
C ASP T 9 29.55 13.45 84.17
N ARG T 10 28.25 13.25 83.91
CA ARG T 10 27.27 13.08 84.97
C ARG T 10 27.22 11.62 85.36
N LYS T 11 27.71 11.30 86.55
CA LYS T 11 27.62 9.95 87.07
C LYS T 11 26.19 9.65 87.50
N VAL T 12 25.64 8.55 87.02
CA VAL T 12 24.29 8.14 87.36
C VAL T 12 24.36 7.26 88.60
N ARG T 13 23.79 7.74 89.70
CA ARG T 13 23.84 7.04 90.97
C ARG T 13 22.80 7.64 91.90
N ARG T 14 22.31 6.81 92.81
CA ARG T 14 21.34 7.27 93.80
C ARG T 14 22.05 8.15 94.82
N LYS T 15 21.56 9.38 94.98
CA LYS T 15 22.13 10.33 95.92
C LYS T 15 21.27 10.51 97.16
N GLU T 16 20.01 10.07 97.11
CA GLU T 16 19.08 10.15 98.23
C GLU T 16 17.99 9.12 97.99
N PRO T 17 17.27 8.70 99.03
CA PRO T 17 16.19 7.73 98.82
C PRO T 17 15.06 8.35 98.03
N LYS T 18 14.68 7.68 96.94
CA LYS T 18 13.57 8.13 96.11
C LYS T 18 12.25 8.12 96.85
N SER T 19 12.11 7.30 97.89
CA SER T 19 10.88 7.24 98.65
C SER T 19 10.71 8.50 99.49
N GLN T 20 9.50 8.69 99.99
CA GLN T 20 9.19 9.78 100.91
C GLN T 20 8.85 9.28 102.31
N ASP T 21 9.30 8.07 102.65
CA ASP T 21 9.10 7.53 103.99
C ASP T 21 9.88 8.38 105.00
N ILE T 22 9.16 9.06 105.88
CA ILE T 22 9.81 9.97 106.81
C ILE T 22 10.71 9.22 107.79
N TYR T 23 10.32 8.02 108.20
CA TYR T 23 11.20 7.22 109.06
C TYR T 23 12.47 6.82 108.32
N LEU T 24 12.31 6.38 107.07
CA LEU T 24 13.47 6.04 106.26
C LEU T 24 14.35 7.26 106.04
N ARG T 25 13.75 8.42 105.79
CA ARG T 25 14.55 9.62 105.60
C ARG T 25 15.27 10.03 106.88
N LEU T 26 14.65 9.84 108.04
CA LEU T 26 15.30 10.15 109.30
C LEU T 26 16.52 9.26 109.53
N LEU T 27 16.36 7.96 109.34
CA LEU T 27 17.52 7.08 109.52
C LEU T 27 18.55 7.26 108.41
N VAL T 28 18.14 7.69 107.22
CA VAL T 28 19.10 8.08 106.19
C VAL T 28 19.90 9.29 106.63
N LYS T 29 19.25 10.26 107.27
CA LYS T 29 19.98 11.39 107.84
C LYS T 29 20.98 10.92 108.89
N LEU T 30 20.54 10.00 109.74
CA LEU T 30 21.41 9.48 110.80
C LEU T 30 22.65 8.82 110.23
N TYR T 31 22.46 7.92 109.25
CA TYR T 31 23.61 7.27 108.64
C TYR T 31 24.39 8.16 107.70
N ARG T 32 23.79 9.22 107.15
CA ARG T 32 24.58 10.23 106.45
C ARG T 32 25.57 10.88 107.41
N PHE T 33 25.09 11.28 108.59
CA PHE T 33 25.98 11.85 109.59
C PHE T 33 27.04 10.84 110.03
N LEU T 34 26.63 9.60 110.27
CA LEU T 34 27.57 8.60 110.75
C LEU T 34 28.65 8.29 109.71
N ALA T 35 28.25 8.16 108.44
CA ALA T 35 29.22 7.91 107.39
C ALA T 35 30.14 9.09 107.18
N ARG T 36 29.60 10.31 107.27
CA ARG T 36 30.42 11.50 107.06
C ARG T 36 31.45 11.66 108.17
N ARG T 37 31.07 11.35 109.41
CA ARG T 37 31.91 11.65 110.56
C ARG T 37 32.68 10.44 111.07
N THR T 38 32.69 9.32 110.35
CA THR T 38 33.45 8.16 110.75
C THR T 38 34.24 7.61 109.57
N ASN T 39 35.33 6.92 109.90
CA ASN T 39 36.16 6.26 108.90
C ASN T 39 35.73 4.81 108.67
N SER T 40 34.64 4.37 109.29
CA SER T 40 34.15 3.02 109.07
C SER T 40 33.34 2.97 107.78
N THR T 41 33.86 2.25 106.79
CA THR T 41 33.19 2.14 105.50
C THR T 41 31.89 1.37 105.58
N PHE T 42 31.66 0.64 106.68
CA PHE T 42 30.38 -0.02 106.88
C PHE T 42 29.23 0.98 106.85
N ASN T 43 29.43 2.14 107.47
CA ASN T 43 28.42 3.18 107.43
C ASN T 43 28.14 3.64 106.01
N GLN T 44 29.18 3.81 105.20
CA GLN T 44 28.99 4.23 103.81
C GLN T 44 28.23 3.16 103.01
N VAL T 45 28.59 1.89 103.20
CA VAL T 45 27.90 0.82 102.49
C VAL T 45 26.43 0.76 102.88
N VAL T 46 26.14 0.88 104.18
CA VAL T 46 24.76 0.86 104.62
C VAL T 46 23.99 2.05 104.07
N LEU T 47 24.62 3.24 104.08
CA LEU T 47 23.96 4.44 103.60
C LEU T 47 23.64 4.33 102.11
N LYS T 48 24.57 3.78 101.33
CA LYS T 48 24.28 3.62 99.91
C LYS T 48 23.29 2.50 99.65
N ARG T 49 23.21 1.50 100.54
CA ARG T 49 22.14 0.52 100.43
C ARG T 49 20.79 1.14 100.73
N LEU T 50 20.76 2.14 101.61
CA LEU T 50 19.48 2.78 101.95
C LEU T 50 18.88 3.50 100.75
N PHE T 51 19.72 4.07 99.89
CA PHE T 51 19.21 4.77 98.72
C PHE T 51 18.58 3.80 97.72
N MET T 52 18.90 2.52 97.82
CA MET T 52 18.60 1.57 96.76
C MET T 52 17.11 1.29 96.69
N SER T 53 16.68 0.84 95.51
CA SER T 53 15.29 0.51 95.26
C SER T 53 14.91 -0.77 95.98
N ARG T 54 13.61 -1.06 95.98
CA ARG T 54 13.13 -2.33 96.53
C ARG T 54 13.65 -3.51 95.72
N THR T 55 13.69 -3.38 94.39
CA THR T 55 14.24 -4.45 93.57
C THR T 55 15.73 -4.59 93.79
N ASN T 56 16.42 -3.51 94.14
CA ASN T 56 17.84 -3.57 94.47
C ASN T 56 18.08 -3.99 95.91
N ARG T 57 17.02 -4.18 96.69
CA ARG T 57 17.11 -4.65 98.07
C ARG T 57 16.19 -5.85 98.21
N PRO T 58 16.59 -7.01 97.67
CA PRO T 58 15.71 -8.17 97.72
C PRO T 58 15.56 -8.67 99.15
N PRO T 59 14.42 -9.24 99.50
CA PRO T 59 14.25 -9.80 100.84
C PRO T 59 15.17 -10.98 101.06
N LEU T 60 15.64 -11.11 102.30
CA LEU T 60 16.59 -12.15 102.67
C LEU T 60 15.87 -13.26 103.42
N SER T 61 16.01 -14.48 102.95
CA SER T 61 15.35 -15.62 103.58
C SER T 61 16.00 -15.93 104.92
N LEU T 62 15.20 -16.54 105.80
CA LEU T 62 15.72 -16.92 107.12
C LEU T 62 16.80 -17.98 107.02
N SER T 63 16.58 -18.98 106.16
CA SER T 63 17.52 -20.09 106.06
C SER T 63 18.88 -19.63 105.56
N ARG T 64 18.88 -18.74 104.56
CA ARG T 64 20.15 -18.22 104.05
C ARG T 64 20.88 -17.42 105.11
N MET T 65 20.15 -16.60 105.87
CA MET T 65 20.77 -15.83 106.94
C MET T 65 21.37 -16.73 108.01
N ILE T 66 20.64 -17.80 108.38
CA ILE T 66 21.16 -18.75 109.35
C ILE T 66 22.41 -19.43 108.81
N ARG T 67 22.38 -19.83 107.54
CA ARG T 67 23.54 -20.47 106.93
C ARG T 67 24.76 -19.55 106.96
N LYS T 68 24.59 -18.29 106.57
CA LYS T 68 25.72 -17.39 106.50
C LYS T 68 26.25 -17.05 107.89
N MET T 69 25.36 -16.94 108.88
CA MET T 69 25.82 -16.76 110.24
C MET T 69 26.42 -18.03 110.84
N LYS T 70 26.04 -19.19 110.33
CA LYS T 70 26.58 -20.46 110.81
C LYS T 70 28.01 -20.70 110.35
N LEU T 71 28.50 -19.91 109.40
CA LEU T 71 29.87 -20.06 108.93
C LEU T 71 30.86 -19.79 110.06
N PRO T 72 31.99 -20.49 110.08
CA PRO T 72 32.91 -20.38 111.22
C PRO T 72 33.49 -18.97 111.35
N GLY T 73 33.80 -18.60 112.58
CA GLY T 73 34.37 -17.30 112.87
C GLY T 73 33.37 -16.17 112.95
N ARG T 74 32.08 -16.46 112.90
CA ARG T 74 31.05 -15.43 112.94
C ARG T 74 30.19 -15.53 114.21
N GLU T 75 30.78 -15.97 115.31
CA GLU T 75 30.06 -16.13 116.55
C GLU T 75 29.90 -14.79 117.26
N ASN T 76 28.73 -14.59 117.87
CA ASN T 76 28.42 -13.36 118.62
C ASN T 76 28.57 -12.12 117.74
N LYS T 77 28.13 -12.21 116.49
CA LYS T 77 28.17 -11.10 115.56
C LYS T 77 26.75 -10.78 115.10
N THR T 78 26.53 -9.51 114.75
CA THR T 78 25.22 -9.04 114.35
C THR T 78 25.03 -9.26 112.85
N ALA T 79 23.91 -9.90 112.49
CA ALA T 79 23.55 -10.07 111.09
C ALA T 79 22.81 -8.81 110.63
N VAL T 80 23.30 -8.19 109.58
CA VAL T 80 22.75 -6.93 109.08
C VAL T 80 22.39 -7.10 107.62
N VAL T 81 21.14 -6.77 107.28
CA VAL T 81 20.69 -6.72 105.89
C VAL T 81 19.77 -5.51 105.76
N VAL T 82 19.93 -4.77 104.66
CA VAL T 82 19.12 -3.56 104.43
C VAL T 82 17.94 -4.01 103.58
N GLY T 83 16.86 -4.40 104.25
CA GLY T 83 15.69 -4.90 103.56
C GLY T 83 14.78 -5.62 104.53
N THR T 84 14.08 -6.62 104.00
CA THR T 84 13.08 -7.36 104.76
C THR T 84 13.56 -8.78 105.01
N ILE T 85 13.47 -9.22 106.26
CA ILE T 85 13.76 -10.60 106.63
C ILE T 85 12.54 -11.45 106.32
N THR T 86 12.75 -12.55 105.59
CA THR T 86 11.68 -13.43 105.16
C THR T 86 11.79 -14.77 105.86
N ASP T 87 10.69 -15.20 106.49
CA ASP T 87 10.64 -16.52 107.10
C ASP T 87 10.71 -17.60 106.03
N ASP T 88 11.53 -18.61 106.28
CA ASP T 88 11.66 -19.77 105.41
C ASP T 88 11.14 -20.97 106.17
N VAL T 89 9.98 -21.49 105.76
CA VAL T 89 9.39 -22.65 106.41
C VAL T 89 10.12 -23.95 106.13
N ARG T 90 11.09 -23.93 105.21
CA ARG T 90 11.84 -25.11 104.84
C ARG T 90 12.91 -25.49 105.87
N VAL T 91 13.17 -24.62 106.85
CA VAL T 91 14.11 -24.93 107.91
C VAL T 91 13.32 -25.21 109.18
N GLN T 92 13.83 -26.11 110.01
CA GLN T 92 13.15 -26.51 111.23
C GLN T 92 13.73 -25.88 112.49
N GLU T 93 15.05 -25.94 112.66
CA GLU T 93 15.70 -25.41 113.85
C GLU T 93 16.31 -24.06 113.53
N VAL T 94 15.88 -23.03 114.25
CA VAL T 94 16.40 -21.68 114.13
C VAL T 94 17.23 -21.38 115.36
N PRO T 95 18.53 -21.14 115.23
CA PRO T 95 19.37 -20.87 116.40
C PRO T 95 19.17 -19.44 116.89
N LYS T 96 19.75 -19.17 118.06
CA LYS T 96 19.70 -17.83 118.65
C LYS T 96 20.53 -16.88 117.79
N LEU T 97 19.96 -15.73 117.47
CA LEU T 97 20.59 -14.77 116.56
C LEU T 97 20.38 -13.34 117.04
N LYS T 98 21.36 -12.49 116.76
CA LYS T 98 21.25 -11.05 116.98
C LYS T 98 21.24 -10.39 115.61
N VAL T 99 20.05 -9.99 115.14
CA VAL T 99 19.86 -9.55 113.77
C VAL T 99 19.30 -8.14 113.77
N CYS T 100 19.86 -7.29 112.92
CA CYS T 100 19.33 -5.96 112.64
C CYS T 100 18.94 -5.87 111.17
N ALA T 101 17.73 -5.39 110.91
CA ALA T 101 17.26 -5.21 109.54
C ALA T 101 16.15 -4.18 109.52
N LEU T 102 15.77 -3.77 108.31
CA LEU T 102 14.76 -2.74 108.16
C LEU T 102 13.37 -3.25 108.49
N ARG T 103 13.05 -4.47 108.07
CA ARG T 103 11.72 -5.04 108.27
C ARG T 103 11.83 -6.54 108.47
N VAL T 104 10.93 -7.08 109.27
CA VAL T 104 10.86 -8.52 109.54
C VAL T 104 9.41 -8.97 109.38
N THR T 105 9.22 -10.08 108.70
CA THR T 105 7.90 -10.70 108.65
C THR T 105 7.47 -11.11 110.05
N SER T 106 6.18 -10.92 110.35
CA SER T 106 5.67 -11.20 111.69
C SER T 106 5.92 -12.66 112.08
N ARG T 107 5.69 -13.59 111.16
CA ARG T 107 6.03 -14.98 111.43
C ARG T 107 7.53 -15.14 111.66
N ALA T 108 8.34 -14.50 110.82
CA ALA T 108 9.79 -14.56 110.98
C ALA T 108 10.21 -13.94 112.31
N ARG T 109 9.59 -12.82 112.69
CA ARG T 109 9.91 -12.18 113.95
C ARG T 109 9.57 -13.08 115.12
N SER T 110 8.40 -13.73 115.07
CA SER T 110 8.01 -14.64 116.14
C SER T 110 8.96 -15.83 116.22
N ARG T 111 9.36 -16.37 115.08
CA ARG T 111 10.26 -17.52 115.08
C ARG T 111 11.65 -17.13 115.59
N ILE T 112 12.10 -15.92 115.28
CA ILE T 112 13.40 -15.47 115.78
C ILE T 112 13.35 -15.25 117.28
N LEU T 113 12.32 -14.56 117.76
CA LEU T 113 12.25 -14.22 119.18
C LEU T 113 12.00 -15.44 120.04
N ARG T 114 11.19 -16.39 119.54
CA ARG T 114 10.92 -17.60 120.31
C ARG T 114 12.17 -18.44 120.49
N ALA T 115 13.11 -18.34 119.55
CA ALA T 115 14.37 -19.06 119.64
C ALA T 115 15.40 -18.35 120.51
N GLY T 116 14.96 -17.39 121.33
CA GLY T 116 15.88 -16.62 122.14
C GLY T 116 16.63 -15.54 121.41
N GLY T 117 16.27 -15.28 120.15
CA GLY T 117 16.95 -14.29 119.36
C GLY T 117 16.62 -12.87 119.80
N LYS T 118 17.37 -11.93 119.24
CA LYS T 118 17.20 -10.52 119.52
C LYS T 118 17.15 -9.74 118.22
N ILE T 119 16.17 -8.86 118.10
CA ILE T 119 15.94 -8.09 116.87
C ILE T 119 16.14 -6.61 117.18
N LEU T 120 16.93 -5.93 116.37
CA LEU T 120 17.20 -4.52 116.53
C LEU T 120 16.86 -3.77 115.26
N THR T 121 16.33 -2.56 115.42
CA THR T 121 16.20 -1.66 114.29
C THR T 121 17.52 -0.98 114.03
N PHE T 122 17.61 -0.29 112.88
CA PHE T 122 18.87 0.30 112.46
C PHE T 122 19.32 1.42 113.39
N ASP T 123 18.40 2.20 113.96
CA ASP T 123 18.78 3.17 114.96
C ASP T 123 19.34 2.49 116.21
N GLN T 124 18.73 1.38 116.62
CA GLN T 124 19.28 0.61 117.74
C GLN T 124 20.63 0.02 117.39
N LEU T 125 20.84 -0.35 116.11
CA LEU T 125 22.16 -0.79 115.69
C LEU T 125 23.18 0.33 115.82
N ALA T 126 22.80 1.55 115.43
CA ALA T 126 23.70 2.68 115.57
C ALA T 126 24.03 2.93 117.05
N LEU T 127 23.03 2.78 117.92
CA LEU T 127 23.29 2.90 119.35
C LEU T 127 24.24 1.81 119.82
N ASP T 128 24.04 0.57 119.38
CA ASP T 128 24.87 -0.53 119.85
C ASP T 128 26.27 -0.47 119.25
N SER T 129 26.37 -0.26 117.94
CA SER T 129 27.65 -0.29 117.23
C SER T 129 27.71 0.85 116.24
N PRO T 130 28.21 2.02 116.66
CA PRO T 130 28.30 3.16 115.73
C PRO T 130 29.14 2.89 114.51
N LYS T 131 30.24 2.15 114.66
CA LYS T 131 31.09 1.78 113.55
C LYS T 131 30.69 0.46 112.92
N GLY T 132 29.64 -0.18 113.42
CA GLY T 132 29.32 -1.53 112.98
C GLY T 132 30.35 -2.55 113.37
N CYS T 133 30.92 -2.43 114.56
CA CYS T 133 31.97 -3.36 114.98
C CYS T 133 31.40 -4.75 115.22
N GLY T 134 32.06 -5.76 114.66
CA GLY T 134 31.60 -7.13 114.81
C GLY T 134 30.26 -7.40 114.18
N THR T 135 30.04 -6.91 112.96
CA THR T 135 28.76 -7.04 112.28
C THR T 135 28.96 -7.74 110.94
N VAL T 136 28.06 -8.66 110.63
CA VAL T 136 28.08 -9.40 109.38
C VAL T 136 27.04 -8.76 108.47
N LEU T 137 27.51 -8.19 107.36
CA LEU T 137 26.61 -7.54 106.42
C LEU T 137 26.17 -8.54 105.35
N LEU T 138 24.87 -8.80 105.28
CA LEU T 138 24.33 -9.78 104.35
C LEU T 138 23.43 -9.09 103.34
N SER T 139 23.22 -9.76 102.21
CA SER T 139 22.34 -9.30 101.16
C SER T 139 21.48 -10.45 100.67
N GLY T 140 20.25 -10.13 100.28
CA GLY T 140 19.40 -11.10 99.63
C GLY T 140 19.88 -11.35 98.22
N PRO T 141 19.29 -12.34 97.55
CA PRO T 141 19.71 -12.61 96.17
C PRO T 141 19.28 -11.50 95.23
N ARG T 142 20.25 -10.70 94.77
CA ARG T 142 19.95 -9.57 93.90
C ARG T 142 19.35 -10.05 92.59
N LYS T 143 19.88 -11.13 92.03
CA LYS T 143 19.36 -11.70 90.79
C LYS T 143 18.31 -12.77 91.04
N GLY T 144 17.89 -12.96 92.29
CA GLY T 144 16.83 -13.88 92.59
C GLY T 144 15.46 -13.32 92.26
N ARG T 145 15.26 -12.95 91.00
CA ARG T 145 14.03 -12.35 90.53
C ARG T 145 13.63 -13.00 89.22
N GLU T 146 12.33 -13.00 88.94
CA GLU T 146 11.83 -13.62 87.72
C GLU T 146 12.30 -12.86 86.48
N VAL T 147 12.53 -11.55 86.60
CA VAL T 147 12.86 -10.71 85.45
C VAL T 147 14.21 -11.11 84.85
N TYR T 148 15.09 -11.71 85.64
CA TYR T 148 16.41 -12.08 85.15
C TYR T 148 16.42 -13.33 84.30
N ARG T 149 15.33 -14.10 84.31
CA ARG T 149 15.28 -15.29 83.46
C ARG T 149 14.95 -14.95 82.02
N HIS T 150 14.46 -13.74 81.75
CA HIS T 150 14.27 -13.26 80.40
C HIS T 150 15.45 -12.44 79.90
N PHE T 151 16.33 -12.01 80.78
CA PHE T 151 17.47 -11.20 80.40
C PHE T 151 18.57 -12.08 79.81
N GLY T 152 19.49 -11.44 79.08
CA GLY T 152 20.60 -12.12 78.47
C GLY T 152 20.49 -12.11 76.95
N LYS T 153 21.03 -13.15 76.34
CA LYS T 153 20.98 -13.26 74.89
C LYS T 153 19.57 -13.57 74.42
N ALA T 154 19.34 -13.40 73.12
CA ALA T 154 18.02 -13.62 72.57
C ALA T 154 17.65 -15.11 72.62
N PRO T 155 16.37 -15.42 72.84
CA PRO T 155 15.96 -16.84 72.86
C PRO T 155 16.20 -17.56 71.54
N GLY T 156 16.15 -16.84 70.42
CA GLY T 156 16.33 -17.46 69.12
C GLY T 156 17.77 -17.54 68.69
N THR T 157 18.69 -17.41 69.65
CA THR T 157 20.12 -17.48 69.39
C THR T 157 20.67 -18.78 69.97
N PRO T 158 21.67 -19.37 69.32
CA PRO T 158 22.25 -20.62 69.84
C PRO T 158 22.89 -20.44 71.20
N HIS T 159 22.87 -21.52 71.98
CA HIS T 159 23.52 -21.60 73.28
C HIS T 159 22.94 -20.59 74.28
N SER T 160 21.72 -20.14 74.03
CA SER T 160 21.04 -19.18 74.89
C SER T 160 19.86 -19.86 75.56
N HIS T 161 19.81 -19.78 76.88
CA HIS T 161 18.77 -20.42 77.67
C HIS T 161 17.93 -19.38 78.41
N THR T 162 17.58 -18.30 77.71
CA THR T 162 16.78 -17.24 78.31
C THR T 162 15.30 -17.47 78.03
N LYS T 163 14.48 -17.20 79.03
CA LYS T 163 13.06 -17.50 78.91
C LYS T 163 12.38 -16.47 78.01
N PRO T 164 11.74 -16.90 76.93
CA PRO T 164 10.97 -15.98 76.11
C PRO T 164 9.65 -15.60 76.78
N TYR T 165 9.09 -14.48 76.32
CA TYR T 165 7.80 -14.02 76.82
C TYR T 165 6.69 -14.69 76.03
N VAL T 166 5.85 -15.46 76.73
CA VAL T 166 4.70 -16.14 76.12
C VAL T 166 3.50 -15.90 77.01
N ARG T 167 2.32 -15.75 76.39
CA ARG T 167 1.12 -15.52 77.18
C ARG T 167 0.66 -16.79 77.87
N SER T 168 1.07 -17.95 77.37
CA SER T 168 0.69 -19.22 77.98
C SER T 168 1.78 -20.24 77.71
N LYS T 169 1.89 -21.22 78.60
CA LYS T 169 2.80 -22.34 78.44
C LYS T 169 2.01 -23.57 78.06
N GLY T 170 2.39 -24.21 76.97
CA GLY T 170 1.69 -25.38 76.49
C GLY T 170 2.39 -25.95 75.29
N ARG T 171 1.79 -27.00 74.73
CA ARG T 171 2.38 -27.66 73.58
C ARG T 171 2.20 -26.89 72.29
N LYS T 172 1.38 -25.84 72.30
CA LYS T 172 1.09 -25.07 71.09
C LYS T 172 1.79 -23.72 71.07
N PHE T 173 2.39 -23.30 72.16
CA PHE T 173 2.88 -21.92 72.32
C PHE T 173 4.39 -21.89 72.10
N GLU T 174 4.78 -21.49 70.89
CA GLU T 174 6.18 -21.22 70.54
C GLU T 174 7.06 -22.44 70.79
N ARG T 175 6.76 -23.51 70.05
CA ARG T 175 7.50 -24.76 70.21
C ARG T 175 7.89 -25.41 68.89
N ALA T 176 7.40 -24.94 67.75
CA ALA T 176 7.55 -25.72 66.54
C ALA T 176 8.77 -25.36 65.70
N ARG T 177 8.85 -24.15 65.16
CA ARG T 177 9.88 -23.80 64.19
C ARG T 177 10.92 -22.92 64.87
N GLY T 178 12.08 -23.48 65.14
CA GLY T 178 13.09 -22.84 65.96
C GLY T 178 13.34 -23.51 67.28
N ARG T 179 12.74 -24.67 67.53
CA ARG T 179 12.92 -25.41 68.77
C ARG T 179 13.32 -26.86 68.56
N ARG T 180 13.14 -27.41 67.37
CA ARG T 180 13.43 -28.81 67.13
C ARG T 180 13.91 -28.99 65.70
N ALA T 181 14.69 -30.03 65.47
CA ALA T 181 15.22 -30.30 64.14
C ALA T 181 14.13 -30.74 63.17
N SER T 182 13.04 -31.33 63.67
CA SER T 182 11.98 -31.82 62.80
C SER T 182 11.22 -30.70 62.11
N ARG T 183 11.29 -29.47 62.61
CA ARG T 183 10.62 -28.33 61.99
C ARG T 183 11.68 -27.26 61.71
N GLY T 184 12.30 -27.33 60.54
CA GLY T 184 13.22 -26.31 60.09
C GLY T 184 14.58 -26.36 60.76
N TYR T 185 14.65 -25.91 62.02
CA TYR T 185 15.92 -25.83 62.71
C TYR T 185 15.64 -25.78 64.20
N LYS T 186 16.69 -25.97 64.99
CA LYS T 186 16.58 -25.93 66.45
C LYS T 186 17.35 -24.78 67.08
N ASN T 187 18.64 -24.67 66.78
CA ASN T 187 19.63 -23.84 67.50
C ASN T 187 19.31 -23.48 68.96
N SER U 1 -53.22 66.31 41.49
CA SER U 1 -52.00 65.79 42.08
C SER U 1 -51.46 64.62 41.25
N MET U 2 -52.26 63.57 41.13
CA MET U 2 -51.86 62.38 40.37
C MET U 2 -53.14 61.74 39.85
N LEU U 3 -53.36 61.80 38.54
CA LEU U 3 -54.65 61.47 37.93
C LEU U 3 -54.60 60.18 37.13
N ARG U 4 -53.84 59.17 37.60
CA ARG U 4 -53.81 57.90 36.90
C ARG U 4 -55.15 57.18 37.00
N LEU U 5 -55.77 57.18 38.19
CA LEU U 5 -57.08 56.57 38.34
C LEU U 5 -58.12 57.29 37.49
N GLN U 6 -58.05 58.62 37.46
CA GLN U 6 -58.99 59.39 36.64
C GLN U 6 -58.82 59.07 35.16
N LYS U 7 -57.57 58.97 34.69
CA LYS U 7 -57.35 58.61 33.30
C LYS U 7 -57.87 57.22 32.99
N ARG U 8 -57.65 56.26 33.89
CA ARG U 8 -58.11 54.90 33.65
C ARG U 8 -59.63 54.84 33.60
N LEU U 9 -60.29 55.54 34.53
CA LEU U 9 -61.76 55.56 34.53
C LEU U 9 -62.30 56.26 33.30
N ALA U 10 -61.67 57.35 32.88
CA ALA U 10 -62.11 58.04 31.68
C ALA U 10 -61.96 57.16 30.45
N SER U 11 -60.85 56.42 30.36
CA SER U 11 -60.68 55.51 29.23
C SER U 11 -61.69 54.38 29.28
N SER U 12 -62.06 53.94 30.47
CA SER U 12 -63.07 52.90 30.59
C SER U 12 -64.45 53.40 30.15
N VAL U 13 -64.85 54.58 30.62
CA VAL U 13 -66.18 55.09 30.32
C VAL U 13 -66.28 55.50 28.85
N LEU U 14 -65.27 56.21 28.35
CA LEU U 14 -65.28 56.73 26.99
C LEU U 14 -65.12 55.63 25.94
N ARG U 15 -64.80 54.41 26.34
CA ARG U 15 -64.59 53.28 25.44
C ARG U 15 -63.50 53.59 24.41
N CYS U 16 -62.44 54.28 24.85
CA CYS U 16 -61.28 54.56 24.03
C CYS U 16 -60.04 54.38 24.87
N GLY U 17 -58.89 54.36 24.21
CA GLY U 17 -57.64 54.18 24.91
C GLY U 17 -57.23 55.41 25.68
N LYS U 18 -56.18 55.24 26.50
CA LYS U 18 -55.62 56.35 27.26
C LYS U 18 -55.02 57.42 26.36
N LYS U 19 -54.70 57.09 25.11
CA LYS U 19 -54.18 58.09 24.19
C LYS U 19 -55.19 59.20 23.93
N LYS U 20 -56.47 58.84 23.83
CA LYS U 20 -57.50 59.81 23.48
C LYS U 20 -58.07 60.54 24.68
N VAL U 21 -57.68 60.17 25.90
CA VAL U 21 -58.25 60.78 27.09
C VAL U 21 -57.55 62.12 27.33
N TRP U 22 -58.34 63.18 27.39
CA TRP U 22 -57.83 64.53 27.63
C TRP U 22 -58.43 65.07 28.91
N LEU U 23 -57.58 65.35 29.89
CA LEU U 23 -58.00 66.00 31.13
C LEU U 23 -57.66 67.47 31.05
N ASP U 24 -58.47 68.30 31.69
CA ASP U 24 -58.19 69.72 31.71
C ASP U 24 -56.98 70.00 32.59
N PRO U 25 -55.90 70.55 32.06
CA PRO U 25 -54.73 70.84 32.92
C PRO U 25 -54.97 71.96 33.91
N ASN U 26 -56.06 72.71 33.77
CA ASN U 26 -56.31 73.81 34.69
C ASN U 26 -57.08 73.34 35.93
N GLU U 27 -58.16 72.59 35.74
CA GLU U 27 -58.99 72.14 36.85
C GLU U 27 -58.53 70.79 37.39
N THR U 28 -57.25 70.71 37.77
CA THR U 28 -56.69 69.47 38.28
C THR U 28 -57.35 69.07 39.59
N ASN U 29 -57.56 70.03 40.50
CA ASN U 29 -58.18 69.72 41.78
C ASN U 29 -59.62 69.29 41.62
N GLU U 30 -60.30 69.82 40.60
CA GLU U 30 -61.68 69.41 40.35
C GLU U 30 -61.74 67.97 39.85
N ILE U 31 -60.85 67.61 38.92
CA ILE U 31 -60.86 66.26 38.35
C ILE U 31 -60.40 65.24 39.39
N ALA U 32 -59.40 65.59 40.19
CA ALA U 32 -58.91 64.69 41.22
C ALA U 32 -59.98 64.35 42.25
N ASN U 33 -60.98 65.22 42.41
CA ASN U 33 -62.08 64.92 43.31
C ASN U 33 -62.96 63.79 42.77
N ALA U 34 -62.85 63.47 41.49
CA ALA U 34 -63.63 62.40 40.90
C ALA U 34 -63.01 61.06 41.29
N ASN U 35 -63.78 60.22 41.98
CA ASN U 35 -63.34 58.89 42.34
C ASN U 35 -64.36 57.82 42.01
N SER U 36 -65.41 58.16 41.26
CA SER U 36 -66.42 57.20 40.83
C SER U 36 -66.72 57.43 39.37
N ARG U 37 -67.17 56.35 38.70
CA ARG U 37 -67.50 56.45 37.29
C ARG U 37 -68.69 57.36 37.05
N GLN U 38 -69.60 57.47 38.02
CA GLN U 38 -70.66 58.48 37.92
C GLN U 38 -70.06 59.88 37.89
N GLN U 39 -69.09 60.15 38.75
CA GLN U 39 -68.42 61.45 38.76
C GLN U 39 -67.65 61.68 37.46
N ILE U 40 -67.03 60.63 36.91
CA ILE U 40 -66.36 60.75 35.62
C ILE U 40 -67.36 61.10 34.54
N ARG U 41 -68.51 60.44 34.54
CA ARG U 41 -69.55 60.75 33.56
C ARG U 41 -70.02 62.19 33.69
N LYS U 42 -70.20 62.67 34.92
CA LYS U 42 -70.63 64.05 35.12
C LYS U 42 -69.57 65.02 34.62
N LEU U 43 -68.30 64.73 34.87
CA LEU U 43 -67.22 65.58 34.38
C LEU U 43 -67.18 65.59 32.86
N ILE U 44 -67.40 64.43 32.24
CA ILE U 44 -67.43 64.37 30.77
C ILE U 44 -68.56 65.22 30.24
N LYS U 45 -69.73 65.14 30.88
CA LYS U 45 -70.85 65.98 30.47
C LYS U 45 -70.54 67.46 30.65
N ASP U 46 -69.82 67.81 31.70
CA ASP U 46 -69.50 69.21 31.96
C ASP U 46 -68.33 69.73 31.14
N GLY U 47 -67.74 68.90 30.29
CA GLY U 47 -66.70 69.36 29.38
C GLY U 47 -65.30 69.40 29.95
N LEU U 48 -65.08 68.89 31.15
CA LEU U 48 -63.72 68.85 31.68
C LEU U 48 -62.91 67.72 31.06
N ILE U 49 -63.57 66.63 30.65
CA ILE U 49 -62.90 65.50 30.04
C ILE U 49 -63.46 65.33 28.64
N ILE U 50 -62.58 65.29 27.64
CA ILE U 50 -62.96 65.27 26.24
C ILE U 50 -62.22 64.15 25.53
N ARG U 51 -62.95 63.36 24.75
CA ARG U 51 -62.36 62.33 23.92
C ARG U 51 -61.69 62.98 22.72
N LYS U 52 -60.37 62.85 22.64
CA LYS U 52 -59.63 63.48 21.56
C LYS U 52 -59.90 62.78 20.24
N PRO U 53 -59.89 63.52 19.12
CA PRO U 53 -60.18 62.91 17.82
C PRO U 53 -59.07 61.96 17.39
N VAL U 54 -59.45 61.04 16.51
CA VAL U 54 -58.51 60.06 16.00
C VAL U 54 -57.44 60.75 15.16
N THR U 55 -56.19 60.33 15.34
CA THR U 55 -55.08 60.88 14.57
C THR U 55 -55.34 60.71 13.08
N VAL U 56 -55.14 61.79 12.32
CA VAL U 56 -55.55 61.83 10.92
C VAL U 56 -54.60 60.96 10.10
N HIS U 57 -55.16 60.01 9.36
CA HIS U 57 -54.44 59.16 8.42
C HIS U 57 -55.26 59.12 7.13
N SER U 58 -54.99 60.05 6.22
CA SER U 58 -55.79 60.17 5.02
C SER U 58 -55.40 59.13 3.98
N ARG U 59 -56.35 58.80 3.11
CA ARG U 59 -56.11 57.90 1.98
C ARG U 59 -56.14 58.62 0.65
N ALA U 60 -56.07 59.97 0.66
CA ALA U 60 -56.11 60.72 -0.58
C ALA U 60 -54.92 60.41 -1.48
N ARG U 61 -53.73 60.26 -0.90
CA ARG U 61 -52.57 59.84 -1.66
C ARG U 61 -52.79 58.46 -2.28
N CYS U 62 -53.35 57.54 -1.49
CA CYS U 62 -53.66 56.21 -2.00
C CYS U 62 -54.66 56.27 -3.16
N ARG U 63 -55.71 57.08 -3.01
CA ARG U 63 -56.72 57.16 -4.06
C ARG U 63 -56.14 57.77 -5.33
N LYS U 64 -55.34 58.82 -5.19
CA LYS U 64 -54.69 59.44 -6.33
C LYS U 64 -53.79 58.46 -7.06
N ASN U 65 -52.96 57.73 -6.32
CA ASN U 65 -52.06 56.78 -6.95
C ASN U 65 -52.84 55.61 -7.56
N THR U 66 -53.95 55.21 -6.94
CA THR U 66 -54.76 54.13 -7.48
C THR U 66 -55.39 54.54 -8.80
N LEU U 67 -55.89 55.77 -8.89
CA LEU U 67 -56.43 56.26 -10.15
C LEU U 67 -55.33 56.36 -11.20
N ALA U 68 -54.13 56.79 -10.81
CA ALA U 68 -53.02 56.82 -11.75
C ALA U 68 -52.67 55.43 -12.25
N ARG U 69 -52.74 54.43 -11.37
CA ARG U 69 -52.52 53.05 -11.78
C ARG U 69 -53.62 52.55 -12.71
N ARG U 70 -54.86 52.99 -12.48
CA ARG U 70 -55.94 52.68 -13.41
C ARG U 70 -55.64 53.25 -14.80
N LYS U 71 -55.10 54.46 -14.86
CA LYS U 71 -54.72 55.00 -16.15
C LYS U 71 -53.48 54.33 -16.73
N GLY U 72 -52.77 53.51 -15.95
CA GLY U 72 -51.66 52.73 -16.47
C GLY U 72 -50.29 53.14 -15.96
N ARG U 73 -50.21 54.15 -15.09
CA ARG U 73 -48.92 54.60 -14.60
C ARG U 73 -48.41 53.71 -13.47
N HIS U 74 -47.10 53.82 -13.22
CA HIS U 74 -46.40 53.11 -12.15
C HIS U 74 -46.53 51.59 -12.26
N MET U 75 -46.80 51.07 -13.46
CA MET U 75 -46.73 49.63 -13.70
C MET U 75 -45.43 49.25 -14.41
N GLY U 76 -45.23 49.80 -15.60
CA GLY U 76 -44.05 49.71 -16.45
C GLY U 76 -43.40 48.35 -16.42
N ILE U 77 -42.08 48.36 -16.24
CA ILE U 77 -41.31 47.13 -16.03
C ILE U 77 -40.59 47.15 -14.69
N GLY U 78 -40.00 48.27 -14.33
CA GLY U 78 -39.25 48.41 -13.10
C GLY U 78 -40.07 48.48 -11.84
N LYS U 79 -41.40 48.44 -11.93
CA LYS U 79 -42.25 48.42 -10.75
C LYS U 79 -42.87 47.07 -10.49
N ARG U 80 -42.43 46.01 -11.18
CA ARG U 80 -42.94 44.67 -10.98
C ARG U 80 -41.91 43.85 -10.22
N LYS U 81 -42.25 43.45 -8.99
CA LYS U 81 -41.38 42.65 -8.17
C LYS U 81 -41.63 41.15 -8.27
N GLY U 82 -42.88 40.73 -8.29
CA GLY U 82 -43.22 39.33 -8.34
C GLY U 82 -43.16 38.77 -9.74
N THR U 83 -43.20 37.44 -9.83
CA THR U 83 -43.22 36.76 -11.11
C THR U 83 -44.52 37.10 -11.86
N ALA U 84 -44.45 37.04 -13.19
CA ALA U 84 -45.64 37.27 -14.00
C ALA U 84 -46.74 36.29 -13.63
N ASN U 85 -46.38 35.04 -13.33
CA ASN U 85 -47.35 34.11 -12.76
C ASN U 85 -47.82 34.55 -11.38
N ALA U 86 -46.92 35.10 -10.57
CA ALA U 86 -47.31 35.53 -9.24
C ALA U 86 -48.26 36.72 -9.29
N ARG U 87 -47.97 37.71 -10.15
CA ARG U 87 -48.83 38.87 -10.23
C ARG U 87 -50.19 38.52 -10.83
N MET U 88 -50.20 37.69 -11.87
CA MET U 88 -51.43 37.27 -12.53
C MET U 88 -51.30 35.78 -12.81
N PRO U 89 -51.92 34.93 -11.99
CA PRO U 89 -51.77 33.48 -12.19
C PRO U 89 -52.35 33.04 -13.52
N GLU U 90 -51.62 32.14 -14.20
CA GLU U 90 -52.11 31.61 -15.46
C GLU U 90 -53.34 30.74 -15.24
N LYS U 91 -53.41 30.07 -14.09
CA LYS U 91 -54.56 29.21 -13.81
C LYS U 91 -55.83 30.03 -13.65
N VAL U 92 -55.75 31.20 -13.02
CA VAL U 92 -56.91 32.07 -12.90
C VAL U 92 -57.36 32.56 -14.26
N THR U 93 -56.41 32.94 -15.11
CA THR U 93 -56.74 33.37 -16.46
C THR U 93 -57.42 32.24 -17.24
N TRP U 94 -56.92 31.02 -17.08
CA TRP U 94 -57.50 29.88 -17.77
C TRP U 94 -58.91 29.61 -17.26
N MET U 95 -59.13 29.71 -15.95
CA MET U 95 -60.48 29.53 -15.41
C MET U 95 -61.44 30.56 -15.97
N ARG U 96 -61.02 31.83 -15.99
CA ARG U 96 -61.91 32.87 -16.50
C ARG U 96 -62.21 32.64 -17.98
N ARG U 97 -61.19 32.29 -18.76
CA ARG U 97 -61.39 32.03 -20.18
C ARG U 97 -62.34 30.87 -20.40
N MET U 98 -62.15 29.76 -19.67
CA MET U 98 -62.99 28.60 -19.87
C MET U 98 -64.43 28.88 -19.44
N ARG U 99 -64.61 29.59 -18.33
CA ARG U 99 -65.96 29.94 -17.89
C ARG U 99 -66.67 30.83 -18.91
N ILE U 100 -65.96 31.81 -19.46
CA ILE U 100 -66.56 32.69 -20.46
C ILE U 100 -66.94 31.89 -21.70
N LEU U 101 -66.04 31.04 -22.19
CA LEU U 101 -66.32 30.28 -23.40
C LEU U 101 -67.45 29.28 -23.19
N ARG U 102 -67.48 28.61 -22.04
CA ARG U 102 -68.53 27.65 -21.76
C ARG U 102 -69.88 28.34 -21.60
N ARG U 103 -69.90 29.52 -20.97
CA ARG U 103 -71.13 30.29 -20.88
C ARG U 103 -71.63 30.68 -22.25
N LEU U 104 -70.72 31.13 -23.13
CA LEU U 104 -71.12 31.50 -24.48
C LEU U 104 -71.68 30.31 -25.25
N LEU U 105 -71.01 29.16 -25.16
CA LEU U 105 -71.47 27.97 -25.87
C LEU U 105 -72.82 27.50 -25.34
N ARG U 106 -73.01 27.52 -24.02
CA ARG U 106 -74.29 27.15 -23.44
C ARG U 106 -75.40 28.07 -23.92
N ARG U 107 -75.17 29.38 -23.85
CA ARG U 107 -76.19 30.33 -24.25
C ARG U 107 -76.53 30.20 -25.73
N TYR U 108 -75.53 29.95 -26.57
CA TYR U 108 -75.81 29.74 -27.98
C TYR U 108 -76.56 28.43 -28.21
N ARG U 109 -76.28 27.42 -27.39
CA ARG U 109 -76.98 26.15 -27.55
C ARG U 109 -78.46 26.28 -27.21
N GLU U 110 -78.77 26.92 -26.09
CA GLU U 110 -80.17 27.11 -25.71
C GLU U 110 -80.82 28.31 -26.39
N SER U 111 -80.08 29.06 -27.21
CA SER U 111 -80.68 30.03 -28.10
C SER U 111 -80.73 29.54 -29.54
N LYS U 112 -80.45 28.26 -29.76
CA LYS U 112 -80.64 27.58 -31.05
C LYS U 112 -79.77 28.16 -32.16
N LYS U 113 -78.64 28.78 -31.79
CA LYS U 113 -77.68 29.18 -32.81
C LYS U 113 -76.89 27.99 -33.33
N ILE U 114 -76.63 27.01 -32.46
CA ILE U 114 -75.92 25.80 -32.84
C ILE U 114 -76.68 24.59 -32.31
N ASP U 115 -76.40 23.43 -32.91
CA ASP U 115 -77.02 22.19 -32.51
C ASP U 115 -76.28 21.58 -31.32
N ARG U 116 -76.64 20.36 -30.94
CA ARG U 116 -75.89 19.68 -29.88
C ARG U 116 -74.53 19.22 -30.38
N HIS U 117 -74.45 18.80 -31.64
CA HIS U 117 -73.23 18.20 -32.15
C HIS U 117 -72.13 19.24 -32.31
N MET U 118 -72.47 20.38 -32.93
CA MET U 118 -71.53 21.49 -33.01
C MET U 118 -71.17 21.99 -31.62
N TYR U 119 -72.15 21.98 -30.70
CA TYR U 119 -71.86 22.38 -29.32
C TYR U 119 -70.81 21.49 -28.70
N HIS U 120 -70.92 20.17 -28.87
CA HIS U 120 -69.96 19.27 -28.26
C HIS U 120 -68.59 19.39 -28.92
N SER U 121 -68.56 19.50 -30.25
CA SER U 121 -67.29 19.67 -30.94
C SER U 121 -66.59 20.94 -30.49
N LEU U 122 -67.34 22.05 -30.39
CA LEU U 122 -66.73 23.30 -29.95
C LEU U 122 -66.38 23.27 -28.48
N TYR U 123 -67.10 22.50 -27.67
CA TYR U 123 -66.72 22.35 -26.27
C TYR U 123 -65.38 21.64 -26.15
N LEU U 124 -65.20 20.58 -26.95
CA LEU U 124 -63.91 19.90 -26.94
C LEU U 124 -62.82 20.77 -27.54
N LYS U 125 -63.19 21.69 -28.44
CA LYS U 125 -62.20 22.60 -29.00
C LYS U 125 -61.77 23.65 -27.99
N VAL U 126 -62.71 24.25 -27.26
CA VAL U 126 -62.34 25.24 -26.25
C VAL U 126 -61.59 24.57 -25.11
N LYS U 127 -61.96 23.34 -24.76
CA LYS U 127 -61.13 22.58 -23.84
C LYS U 127 -59.76 22.31 -24.43
N GLY U 128 -59.68 22.20 -25.75
CA GLY U 128 -58.42 21.97 -26.45
C GLY U 128 -57.56 23.19 -26.65
N ASN U 129 -58.01 24.36 -26.19
CA ASN U 129 -57.24 25.59 -26.22
C ASN U 129 -56.84 25.98 -27.64
N VAL U 130 -57.86 26.24 -28.46
CA VAL U 130 -57.65 26.74 -29.82
C VAL U 130 -58.28 28.10 -30.02
N PHE U 131 -58.89 28.68 -29.01
CA PHE U 131 -59.45 30.02 -29.08
C PHE U 131 -58.86 30.86 -27.95
N LYS U 132 -58.73 32.15 -28.18
CA LYS U 132 -58.13 33.01 -27.17
C LYS U 132 -59.14 33.89 -26.45
N ASN U 133 -60.30 34.15 -27.04
CA ASN U 133 -61.25 35.06 -26.42
C ASN U 133 -62.64 34.78 -26.96
N LYS U 134 -63.59 35.61 -26.51
CA LYS U 134 -64.98 35.52 -26.96
C LYS U 134 -65.10 35.78 -28.46
N ARG U 135 -64.41 36.80 -28.96
CA ARG U 135 -64.64 37.28 -30.32
C ARG U 135 -64.15 36.28 -31.37
N ILE U 136 -62.98 35.68 -31.14
CA ILE U 136 -62.45 34.72 -32.11
C ILE U 136 -63.37 33.51 -32.21
N LEU U 137 -63.82 32.99 -31.07
CA LEU U 137 -64.74 31.86 -31.08
C LEU U 137 -66.05 32.24 -31.75
N MET U 138 -66.54 33.45 -31.50
CA MET U 138 -67.79 33.88 -32.12
C MET U 138 -67.66 33.96 -33.63
N GLU U 139 -66.55 34.51 -34.12
CA GLU U 139 -66.33 34.60 -35.56
C GLU U 139 -66.18 33.21 -36.18
N HIS U 140 -65.48 32.31 -35.49
CA HIS U 140 -65.37 30.94 -35.98
C HIS U 140 -66.73 30.26 -36.03
N ILE U 141 -67.59 30.53 -35.04
CA ILE U 141 -68.94 29.98 -35.05
C ILE U 141 -69.73 30.53 -36.23
N HIS U 142 -69.55 31.82 -36.54
CA HIS U 142 -70.21 32.39 -37.71
C HIS U 142 -69.76 31.70 -39.00
N LYS U 143 -68.45 31.46 -39.12
CA LYS U 143 -67.92 30.76 -40.29
C LYS U 143 -68.50 29.36 -40.39
N LEU U 144 -68.56 28.65 -39.27
CA LEU U 144 -69.12 27.30 -39.25
C LEU U 144 -70.59 27.32 -39.66
N LYS U 145 -71.35 28.29 -39.15
CA LYS U 145 -72.76 28.39 -39.50
C LYS U 145 -72.93 28.68 -40.99
N ALA U 146 -72.08 29.54 -41.55
CA ALA U 146 -72.18 29.85 -42.98
C ALA U 146 -71.91 28.61 -43.82
N ASP U 147 -70.87 27.85 -43.47
CA ASP U 147 -70.58 26.61 -44.21
C ASP U 147 -71.71 25.61 -44.06
N LYS U 148 -72.26 25.49 -42.85
CA LYS U 148 -73.35 24.54 -42.62
C LYS U 148 -74.58 24.92 -43.43
N ALA U 149 -74.91 26.22 -43.49
CA ALA U 149 -76.06 26.66 -44.27
C ALA U 149 -75.85 26.40 -45.76
N ARG U 150 -74.64 26.68 -46.26
CA ARG U 150 -74.36 26.44 -47.68
C ARG U 150 -74.48 24.96 -48.02
N LYS U 151 -73.90 24.10 -47.19
CA LYS U 151 -73.99 22.66 -47.43
C LYS U 151 -75.43 22.18 -47.33
N LYS U 152 -76.18 22.71 -46.37
CA LYS U 152 -77.58 22.33 -46.22
C LYS U 152 -78.39 22.72 -47.45
N LEU U 153 -78.17 23.91 -47.98
CA LEU U 153 -78.88 24.35 -49.18
C LEU U 153 -78.57 23.44 -50.37
N LEU U 154 -77.28 23.18 -50.61
CA LEU U 154 -76.94 22.32 -51.75
C LEU U 154 -77.47 20.91 -51.57
N ALA U 155 -77.35 20.35 -50.36
CA ALA U 155 -77.83 19.00 -50.12
C ALA U 155 -79.35 18.93 -50.26
N ASP U 156 -80.08 19.95 -49.79
CA ASP U 156 -81.53 19.86 -49.84
C ASP U 156 -82.05 20.04 -51.25
N GLN U 157 -81.41 20.90 -52.06
CA GLN U 157 -81.83 21.00 -53.45
C GLN U 157 -81.48 19.73 -54.22
N ALA U 158 -80.34 19.10 -53.93
CA ALA U 158 -80.03 17.81 -54.55
C ALA U 158 -81.05 16.75 -54.16
N GLU U 159 -81.45 16.74 -52.89
CA GLU U 159 -82.43 15.76 -52.44
C GLU U 159 -83.80 16.03 -53.04
N ALA U 160 -84.14 17.30 -53.26
CA ALA U 160 -85.38 17.64 -53.96
C ALA U 160 -85.36 17.15 -55.39
N ARG U 161 -84.22 17.29 -56.07
CA ARG U 161 -84.11 16.77 -57.43
C ARG U 161 -84.23 15.25 -57.46
N ARG U 162 -83.58 14.56 -56.52
CA ARG U 162 -83.70 13.11 -56.45
C ARG U 162 -85.13 12.69 -56.16
N SER U 163 -85.81 13.43 -55.28
CA SER U 163 -87.21 13.15 -55.00
C SER U 163 -88.08 13.36 -56.23
N LYS U 164 -87.80 14.40 -57.02
CA LYS U 164 -88.51 14.59 -58.28
C LYS U 164 -88.34 13.39 -59.20
N THR U 165 -87.10 12.96 -59.40
CA THR U 165 -86.87 11.84 -60.31
C THR U 165 -87.51 10.56 -59.79
N LYS U 166 -87.41 10.31 -58.48
CA LYS U 166 -88.01 9.11 -57.91
C LYS U 166 -89.53 9.16 -58.01
N GLU U 167 -90.12 10.33 -57.80
CA GLU U 167 -91.58 10.46 -57.86
C GLU U 167 -92.07 10.29 -59.29
N ALA U 168 -91.32 10.78 -60.27
CA ALA U 168 -91.67 10.52 -61.66
C ALA U 168 -91.55 9.04 -61.98
N ARG U 169 -90.49 8.40 -61.48
CA ARG U 169 -90.28 6.97 -61.74
C ARG U 169 -91.38 6.13 -61.14
N LYS U 170 -91.80 6.46 -59.91
CA LYS U 170 -92.72 5.60 -59.17
C LYS U 170 -94.12 5.61 -59.73
N ARG U 171 -94.43 6.48 -60.69
CA ARG U 171 -95.74 6.51 -61.30
C ARG U 171 -95.74 6.41 -62.81
N ARG U 172 -94.61 6.70 -63.48
CA ARG U 172 -94.57 6.47 -64.91
C ARG U 172 -94.71 4.99 -65.24
N GLU U 173 -94.07 4.11 -64.47
CA GLU U 173 -94.30 2.69 -64.65
C GLU U 173 -95.68 2.27 -64.17
N GLU U 174 -96.28 3.02 -63.23
CA GLU U 174 -97.64 2.71 -62.82
C GLU U 174 -98.62 2.87 -63.97
N ARG U 175 -98.59 4.01 -64.65
CA ARG U 175 -99.51 4.08 -65.80
C ARG U 175 -98.99 3.34 -67.02
N LEU U 176 -97.69 3.00 -67.08
CA LEU U 176 -97.23 2.05 -68.09
C LEU U 176 -97.89 0.70 -67.92
N GLN U 177 -97.87 0.13 -66.72
CA GLN U 177 -98.49 -1.16 -66.49
C GLN U 177 -100.02 -1.06 -66.48
N ALA U 178 -100.56 0.13 -66.20
CA ALA U 178 -101.98 0.33 -66.44
C ALA U 178 -102.31 0.23 -67.92
N LYS U 179 -101.43 0.76 -68.77
CA LYS U 179 -101.60 0.61 -70.21
C LYS U 179 -101.38 -0.83 -70.66
N LYS U 180 -100.49 -1.57 -69.99
CA LYS U 180 -100.19 -2.93 -70.39
C LYS U 180 -101.31 -3.90 -69.99
N GLU U 181 -101.60 -3.98 -68.69
CA GLU U 181 -102.57 -4.93 -68.18
C GLU U 181 -104.00 -4.40 -68.17
N GLU U 182 -104.34 -3.46 -69.07
CA GLU U 182 -105.73 -3.17 -69.33
C GLU U 182 -106.31 -4.04 -70.45
N ILE U 183 -105.48 -4.86 -71.09
CA ILE U 183 -105.93 -5.71 -72.18
C ILE U 183 -106.28 -7.11 -71.67
N ILE U 184 -105.41 -7.69 -70.82
CA ILE U 184 -105.64 -9.04 -70.32
C ILE U 184 -106.87 -9.06 -69.41
N LYS U 185 -107.10 -7.97 -68.66
CA LYS U 185 -108.22 -7.91 -67.73
C LYS U 185 -109.57 -8.08 -68.41
N THR U 186 -109.67 -7.73 -69.70
CA THR U 186 -110.93 -7.84 -70.44
C THR U 186 -110.89 -8.94 -71.50
N LEU U 187 -109.75 -9.60 -71.69
CA LEU U 187 -109.59 -10.69 -72.65
C LEU U 187 -109.98 -10.27 -74.07
N LYS V 1 62.03 26.59 53.34
CA LYS V 1 62.98 27.47 53.99
C LYS V 1 62.68 28.95 53.70
N ALA V 2 62.33 29.69 54.75
CA ALA V 2 62.14 31.12 54.63
C ALA V 2 63.50 31.81 54.64
N SER V 3 63.52 33.12 54.83
CA SER V 3 64.78 33.85 54.77
C SER V 3 64.76 34.96 55.82
N GLY V 4 65.70 35.88 55.69
CA GLY V 4 65.97 36.91 56.67
C GLY V 4 67.31 37.53 56.35
N THR V 5 68.20 37.60 57.32
CA THR V 5 69.62 37.89 57.05
C THR V 5 70.39 36.61 57.34
N LEU V 6 70.86 35.96 56.28
CA LEU V 6 71.45 34.63 56.40
C LEU V 6 72.78 34.69 57.13
N ARG V 7 73.18 33.54 57.68
CA ARG V 7 74.45 33.40 58.36
C ARG V 7 75.14 32.11 57.89
N GLU V 8 76.44 32.21 57.64
CA GLU V 8 77.24 31.05 57.30
C GLU V 8 77.33 30.12 58.51
N TYR V 9 77.30 28.82 58.24
CA TYR V 9 77.47 27.82 59.29
C TYR V 9 78.41 26.73 58.80
N LYS V 10 79.48 26.50 59.58
CA LYS V 10 80.38 25.37 59.37
C LYS V 10 79.76 24.19 60.12
N VAL V 11 79.10 23.30 59.39
CA VAL V 11 78.40 22.18 59.97
C VAL V 11 79.23 20.93 59.77
N VAL V 12 79.53 20.23 60.87
CA VAL V 12 80.33 19.00 60.83
C VAL V 12 79.49 17.88 61.43
N GLY V 13 79.36 16.79 60.67
CA GLY V 13 78.58 15.66 61.12
C GLY V 13 79.20 14.34 60.67
N ARG V 14 78.58 13.25 61.11
CA ARG V 14 79.06 11.92 60.79
C ARG V 14 77.96 10.91 61.06
N CYS V 15 78.13 9.71 60.52
CA CYS V 15 77.24 8.60 60.83
C CYS V 15 77.44 8.15 62.27
N LEU V 16 76.43 7.44 62.78
CA LEU V 16 76.59 6.79 64.07
C LEU V 16 77.60 5.65 63.95
N PRO V 17 78.47 5.48 64.94
CA PRO V 17 79.43 4.36 64.89
C PRO V 17 78.72 3.02 64.86
N THR V 18 79.26 2.10 64.08
CA THR V 18 78.68 0.79 63.86
C THR V 18 79.75 -0.27 64.07
N PRO V 19 79.34 -1.50 64.40
CA PRO V 19 80.32 -2.59 64.47
C PRO V 19 80.70 -3.12 63.09
N LYS V 20 81.00 -2.21 62.19
CA LYS V 20 81.62 -2.40 60.89
C LYS V 20 82.68 -1.33 60.63
N CYS V 21 82.43 -0.11 61.08
CA CYS V 21 83.44 0.95 61.10
C CYS V 21 83.26 1.70 62.41
N HIS V 22 84.25 1.60 63.30
CA HIS V 22 84.12 2.25 64.59
C HIS V 22 84.32 3.76 64.48
N THR V 23 85.02 4.22 63.45
CA THR V 23 85.32 5.64 63.26
C THR V 23 84.82 6.04 61.88
N PRO V 24 83.53 6.35 61.74
CA PRO V 24 83.04 6.82 60.45
C PRO V 24 83.65 8.15 60.08
N PRO V 25 83.85 8.42 58.79
CA PRO V 25 84.48 9.68 58.39
C PRO V 25 83.59 10.87 58.70
N LEU V 26 84.24 11.99 58.98
CA LEU V 26 83.54 13.25 59.23
C LEU V 26 83.37 14.00 57.93
N TYR V 27 82.26 14.75 57.83
CA TYR V 27 82.03 15.60 56.68
C TYR V 27 81.69 17.01 57.14
N ARG V 28 82.25 17.98 56.43
CA ARG V 28 82.13 19.39 56.76
C ARG V 28 81.49 20.13 55.60
N MET V 29 80.50 20.98 55.90
CA MET V 29 79.84 21.76 54.88
C MET V 29 79.60 23.17 55.37
N ARG V 30 79.49 24.10 54.42
CA ARG V 30 79.12 25.48 54.69
C ARG V 30 77.67 25.67 54.27
N ILE V 31 76.83 26.03 55.23
CA ILE V 31 75.39 26.18 55.00
C ILE V 31 74.98 27.58 55.44
N PHE V 32 74.15 28.23 54.64
CA PHE V 32 73.70 29.59 54.89
C PHE V 32 72.23 29.54 55.27
N ALA V 33 71.94 29.72 56.54
CA ALA V 33 70.58 29.57 57.07
C ALA V 33 70.25 30.74 57.98
N PRO V 34 68.97 31.07 58.11
CA PRO V 34 68.58 32.13 59.07
C PRO V 34 68.92 31.77 60.50
N ASN V 35 68.93 30.48 60.84
CA ASN V 35 69.26 30.05 62.19
C ASN V 35 69.91 28.67 62.11
N HIS V 36 70.56 28.29 63.21
CA HIS V 36 71.34 27.06 63.22
C HIS V 36 70.48 25.82 63.04
N VAL V 37 69.21 25.87 63.44
CA VAL V 37 68.33 24.71 63.28
C VAL V 37 68.09 24.42 61.80
N VAL V 38 67.80 25.48 61.03
CA VAL V 38 67.65 25.33 59.59
C VAL V 38 68.97 24.89 58.97
N ALA V 39 70.10 25.36 59.53
CA ALA V 39 71.39 24.92 59.05
C ALA V 39 71.57 23.41 59.22
N LYS V 40 71.18 22.88 60.37
CA LYS V 40 71.27 21.45 60.60
C LYS V 40 70.36 20.68 59.66
N SER V 41 69.14 21.19 59.45
CA SER V 41 68.21 20.51 58.56
C SER V 41 68.74 20.47 57.13
N ARG V 42 69.26 21.59 56.64
CA ARG V 42 69.82 21.62 55.28
C ARG V 42 71.07 20.76 55.18
N PHE V 43 71.88 20.71 56.25
CA PHE V 43 73.03 19.82 56.24
C PHE V 43 72.61 18.37 56.10
N TRP V 44 71.59 17.96 56.85
CA TRP V 44 71.10 16.59 56.71
C TRP V 44 70.55 16.33 55.32
N TYR V 45 69.82 17.30 54.75
CA TYR V 45 69.32 17.14 53.40
C TYR V 45 70.45 16.98 52.39
N PHE V 46 71.50 17.79 52.50
CA PHE V 46 72.59 17.73 51.54
C PHE V 46 73.41 16.46 51.69
N VAL V 47 73.67 16.01 52.93
CA VAL V 47 74.42 14.77 53.08
C VAL V 47 73.57 13.57 52.69
N SER V 48 72.24 13.65 52.83
CA SER V 48 71.40 12.59 52.30
C SER V 48 71.43 12.56 50.78
N GLN V 49 71.49 13.72 50.14
CA GLN V 49 71.56 13.74 48.68
C GLN V 49 72.91 13.23 48.18
N LEU V 50 74.01 13.67 48.80
CA LEU V 50 75.32 13.30 48.29
C LEU V 50 75.75 11.91 48.77
N LYS V 51 75.88 11.73 50.07
CA LYS V 51 76.22 10.43 50.62
C LYS V 51 74.96 9.68 51.05
N LYS V 52 75.16 8.47 51.55
CA LYS V 52 74.04 7.62 51.96
C LYS V 52 73.82 7.76 53.48
N MET V 53 73.41 8.97 53.86
CA MET V 53 73.23 9.31 55.27
C MET V 53 71.81 9.76 55.54
N LYS V 54 71.38 9.55 56.79
CA LYS V 54 70.11 10.02 57.29
C LYS V 54 70.35 10.79 58.59
N LYS V 55 69.38 11.65 58.93
CA LYS V 55 69.48 12.36 60.20
C LYS V 55 69.42 11.40 61.38
N SER V 56 68.54 10.41 61.33
CA SER V 56 68.51 9.39 62.37
C SER V 56 69.73 8.49 62.32
N SER V 57 70.19 8.15 61.13
CA SER V 57 71.33 7.25 60.96
C SER V 57 72.65 7.85 61.41
N GLY V 58 72.73 9.17 61.55
CA GLY V 58 73.97 9.81 61.92
C GLY V 58 73.83 10.83 63.02
N GLU V 59 74.83 11.70 63.16
CA GLU V 59 74.81 12.74 64.18
C GLU V 59 75.59 13.95 63.69
N ILE V 60 75.34 15.09 64.33
CA ILE V 60 76.03 16.33 64.03
C ILE V 60 76.92 16.66 65.22
N VAL V 61 78.21 16.86 64.96
CA VAL V 61 79.15 17.05 66.05
C VAL V 61 79.54 18.51 66.26
N TYR V 62 79.31 19.38 65.28
CA TYR V 62 79.68 20.78 65.44
C TYR V 62 78.78 21.64 64.56
N CYS V 63 78.38 22.78 65.09
CA CYS V 63 77.52 23.72 64.35
C CYS V 63 77.79 25.12 64.91
N GLY V 64 78.60 25.88 64.20
CA GLY V 64 78.91 27.23 64.62
C GLY V 64 78.91 28.19 63.46
N GLN V 65 78.65 29.46 63.77
CA GLN V 65 78.62 30.48 62.74
C GLN V 65 80.04 30.78 62.24
N VAL V 66 80.15 31.08 60.95
CA VAL V 66 81.42 31.44 60.34
C VAL V 66 81.42 32.94 60.11
N PHE V 67 82.16 33.67 60.94
CA PHE V 67 82.22 35.12 60.81
C PHE V 67 83.08 35.51 59.62
N GLU V 68 82.76 36.64 59.02
CA GLU V 68 83.53 37.14 57.89
C GLU V 68 84.91 37.59 58.36
N LYS V 69 85.95 37.11 57.67
CA LYS V 69 87.31 37.40 58.06
C LYS V 69 87.75 38.81 57.69
N SER V 70 87.03 39.48 56.81
CA SER V 70 87.34 40.87 56.49
C SER V 70 86.06 41.61 56.11
N PRO V 71 85.17 41.88 57.05
CA PRO V 71 83.91 42.58 56.73
C PRO V 71 84.10 44.05 56.41
N LEU V 72 85.29 44.59 56.59
CA LEU V 72 85.57 45.99 56.27
C LEU V 72 86.17 46.16 54.89
N ARG V 73 86.26 45.09 54.10
CA ARG V 73 86.87 45.13 52.78
C ARG V 73 85.81 44.79 51.73
N VAL V 74 85.68 45.65 50.72
CA VAL V 74 84.81 45.35 49.60
C VAL V 74 85.47 44.27 48.75
N LYS V 75 84.70 43.25 48.39
CA LYS V 75 85.26 42.13 47.66
C LYS V 75 84.20 41.56 46.72
N ASN V 76 84.67 40.85 45.70
CA ASN V 76 83.80 40.28 44.68
C ASN V 76 83.56 38.80 44.95
N PHE V 77 82.30 38.41 44.94
CA PHE V 77 81.90 37.03 45.24
C PHE V 77 81.41 36.37 43.96
N GLY V 78 81.93 35.17 43.67
CA GLY V 78 81.43 34.35 42.60
C GLY V 78 80.68 33.17 43.17
N ILE V 79 79.45 32.97 42.70
CA ILE V 79 78.54 31.98 43.24
C ILE V 79 78.14 31.02 42.14
N TRP V 80 78.32 29.73 42.39
CA TRP V 80 77.79 28.67 41.55
C TRP V 80 76.59 28.06 42.25
N LEU V 81 75.53 27.77 41.49
CA LEU V 81 74.33 27.19 42.08
C LEU V 81 73.53 26.48 41.00
N ARG V 82 72.58 25.67 41.45
CA ARG V 82 71.58 25.08 40.59
C ARG V 82 70.21 25.27 41.22
N TYR V 83 69.19 25.38 40.37
CA TYR V 83 67.83 25.59 40.85
C TYR V 83 66.87 24.91 39.90
N ASP V 84 65.71 24.54 40.44
CA ASP V 84 64.64 23.94 39.66
C ASP V 84 63.68 25.03 39.22
N SER V 85 63.67 25.33 37.93
CA SER V 85 62.75 26.30 37.36
C SER V 85 61.38 25.65 37.20
N ARG V 86 60.45 26.35 36.56
CA ARG V 86 59.15 25.73 36.27
C ARG V 86 59.25 24.61 35.26
N SER V 87 60.36 24.51 34.53
CA SER V 87 60.49 23.52 33.47
C SER V 87 61.87 22.87 33.51
N GLY V 88 62.34 22.51 34.69
CA GLY V 88 63.56 21.74 34.78
C GLY V 88 64.57 22.40 35.69
N THR V 89 65.78 21.87 35.65
CA THR V 89 66.89 22.29 36.51
C THR V 89 67.99 22.89 35.65
N HIS V 90 68.55 24.00 36.10
CA HIS V 90 69.59 24.70 35.37
C HIS V 90 70.70 25.15 36.32
N ASN V 91 71.89 25.33 35.76
CA ASN V 91 73.05 25.76 36.51
C ASN V 91 73.36 27.22 36.19
N MET V 92 73.76 27.98 37.20
CA MET V 92 73.99 29.40 37.06
C MET V 92 75.28 29.81 37.75
N TYR V 93 75.87 30.89 37.26
CA TYR V 93 77.02 31.54 37.89
C TYR V 93 76.72 33.02 37.99
N ARG V 94 76.67 33.54 39.21
CA ARG V 94 76.33 34.93 39.46
C ARG V 94 77.40 35.60 40.30
N GLU V 95 77.47 36.93 40.20
CA GLU V 95 78.50 37.74 40.80
C GLU V 95 77.88 38.86 41.60
N TYR V 96 78.45 39.15 42.78
CA TYR V 96 77.92 40.20 43.64
C TYR V 96 79.06 40.89 44.38
N ARG V 97 78.78 42.11 44.81
CA ARG V 97 79.72 42.92 45.58
C ARG V 97 79.12 43.16 46.96
N ASP V 98 79.80 42.65 48.00
CA ASP V 98 79.30 42.84 49.35
C ASP V 98 80.47 42.67 50.32
N LEU V 99 80.29 43.19 51.53
CA LEU V 99 81.32 43.08 52.55
C LEU V 99 81.34 41.69 53.19
N THR V 100 80.18 41.06 53.34
CA THR V 100 80.06 39.79 54.01
C THR V 100 79.65 38.70 53.03
N THR V 101 80.19 37.50 53.26
CA THR V 101 79.82 36.36 52.41
C THR V 101 78.35 36.02 52.58
N ALA V 102 77.86 36.02 53.83
CA ALA V 102 76.45 35.72 54.08
C ALA V 102 75.54 36.74 53.45
N GLY V 103 75.90 38.02 53.53
CA GLY V 103 75.12 39.05 52.85
C GLY V 103 75.12 38.87 51.35
N ALA V 104 76.24 38.42 50.79
CA ALA V 104 76.29 38.14 49.37
C ALA V 104 75.37 36.98 49.00
N VAL V 105 75.33 35.94 49.84
CA VAL V 105 74.43 34.82 49.58
C VAL V 105 72.98 35.27 49.68
N THR V 106 72.66 36.12 50.66
CA THR V 106 71.32 36.66 50.76
C THR V 106 70.96 37.50 49.53
N GLN V 107 71.91 38.31 49.05
CA GLN V 107 71.68 39.07 47.83
C GLN V 107 71.42 38.16 46.66
N CYS V 108 72.15 37.05 46.57
CA CYS V 108 71.92 36.08 45.51
C CYS V 108 70.52 35.49 45.59
N TYR V 109 70.08 35.15 46.80
CA TYR V 109 68.74 34.61 46.98
C TYR V 109 67.68 35.62 46.53
N ARG V 110 67.81 36.86 46.97
CA ARG V 110 66.84 37.89 46.58
C ARG V 110 66.86 38.13 45.08
N ASP V 111 68.04 38.16 44.48
CA ASP V 111 68.15 38.38 43.03
C ASP V 111 67.53 37.24 42.25
N MET V 112 67.77 35.99 42.66
CA MET V 112 67.18 34.86 41.96
C MET V 112 65.66 34.89 42.09
N GLY V 113 65.16 35.19 43.29
CA GLY V 113 63.72 35.30 43.47
C GLY V 113 63.12 36.42 42.64
N ALA V 114 63.84 37.53 42.49
CA ALA V 114 63.29 38.66 41.75
C ALA V 114 63.32 38.41 40.25
N ARG V 115 64.39 37.81 39.73
CA ARG V 115 64.54 37.66 38.29
C ARG V 115 63.88 36.40 37.75
N HIS V 116 63.92 35.29 38.48
CA HIS V 116 63.46 34.02 37.95
C HIS V 116 62.34 33.41 38.76
N ARG V 117 61.74 34.15 39.70
CA ARG V 117 60.67 33.67 40.57
C ARG V 117 61.09 32.42 41.34
N ALA V 118 62.38 32.29 41.61
CA ALA V 118 62.91 31.09 42.25
C ALA V 118 62.71 31.18 43.75
N ARG V 119 61.82 30.35 44.28
CA ARG V 119 61.65 30.27 45.72
C ARG V 119 62.87 29.60 46.36
N ALA V 120 63.06 29.89 47.64
CA ALA V 120 64.28 29.47 48.33
C ALA V 120 64.43 27.95 48.39
N HIS V 121 63.32 27.21 48.49
CA HIS V 121 63.41 25.76 48.57
C HIS V 121 63.92 25.14 47.28
N SER V 122 63.84 25.85 46.16
CA SER V 122 64.24 25.30 44.87
C SER V 122 65.71 25.53 44.55
N ILE V 123 66.43 26.30 45.35
CA ILE V 123 67.77 26.75 45.01
C ILE V 123 68.79 25.92 45.79
N GLN V 124 69.77 25.38 45.06
CA GLN V 124 70.88 24.63 45.64
C GLN V 124 72.17 25.42 45.41
N ILE V 125 72.66 26.08 46.46
CA ILE V 125 73.94 26.76 46.38
C ILE V 125 75.05 25.72 46.49
N MET V 126 75.96 25.70 45.51
CA MET V 126 76.98 24.67 45.48
C MET V 126 78.40 25.19 45.62
N LYS V 127 78.65 26.48 45.36
CA LYS V 127 79.99 27.02 45.55
C LYS V 127 79.92 28.52 45.71
N VAL V 128 80.51 29.02 46.80
CA VAL V 128 80.66 30.45 47.05
C VAL V 128 82.13 30.73 47.24
N GLU V 129 82.66 31.71 46.51
CA GLU V 129 84.07 32.02 46.58
C GLU V 129 84.30 33.49 46.28
N GLU V 130 85.20 34.11 47.05
CA GLU V 130 85.69 35.43 46.72
C GLU V 130 86.56 35.35 45.47
N ILE V 131 86.41 36.33 44.57
CA ILE V 131 87.16 36.37 43.33
C ILE V 131 87.79 37.73 43.16
N ALA V 132 88.87 37.78 42.39
CA ALA V 132 89.52 39.04 42.08
C ALA V 132 88.72 39.82 41.05
N ALA V 133 89.00 41.12 40.98
CA ALA V 133 88.33 41.98 40.01
C ALA V 133 88.65 41.58 38.58
N SER V 134 89.79 40.93 38.35
CA SER V 134 90.16 40.47 37.01
C SER V 134 89.36 39.26 36.56
N LYS V 135 88.89 38.44 37.50
CA LYS V 135 88.17 37.22 37.16
C LYS V 135 86.66 37.44 37.03
N CYS V 136 86.18 38.64 37.32
CA CYS V 136 84.75 38.92 37.21
C CYS V 136 84.32 38.92 35.75
N ARG V 137 83.14 38.34 35.49
CA ARG V 137 82.60 38.25 34.15
C ARG V 137 81.29 39.00 33.94
N ARG V 138 80.64 39.46 34.99
CA ARG V 138 79.38 40.18 34.85
C ARG V 138 79.65 41.68 34.76
N PRO V 139 79.28 42.33 33.66
CA PRO V 139 79.61 43.77 33.51
C PRO V 139 78.97 44.65 34.56
N ALA V 140 77.83 44.24 35.13
CA ALA V 140 77.21 45.02 36.20
C ALA V 140 78.10 45.09 37.43
N VAL V 141 78.92 44.07 37.65
CA VAL V 141 79.88 44.08 38.74
C VAL V 141 81.21 44.69 38.29
N LYS V 142 81.64 44.38 37.07
CA LYS V 142 82.93 44.86 36.59
C LYS V 142 82.98 46.38 36.47
N GLN V 143 81.83 47.03 36.27
CA GLN V 143 81.80 48.47 36.10
C GLN V 143 82.10 49.22 37.39
N PHE V 144 82.16 48.55 38.52
CA PHE V 144 82.55 49.16 39.79
C PHE V 144 84.05 49.06 40.05
N HIS V 145 84.83 48.61 39.07
CA HIS V 145 86.28 48.53 39.22
C HIS V 145 86.91 49.82 38.74
N ASP V 146 86.67 50.88 39.51
CA ASP V 146 87.14 52.23 39.18
C ASP V 146 87.88 52.82 40.37
N SER V 147 89.17 53.09 40.19
CA SER V 147 89.93 53.79 41.20
C SER V 147 89.54 55.25 41.33
N LYS V 148 88.85 55.79 40.32
CA LYS V 148 88.39 57.17 40.32
C LYS V 148 86.90 57.23 40.02
N ILE V 149 86.13 56.37 40.68
CA ILE V 149 84.69 56.32 40.43
C ILE V 149 84.03 57.61 40.88
N LYS V 150 83.05 58.06 40.10
CA LYS V 150 82.39 59.34 40.36
C LYS V 150 81.05 59.35 39.66
N PHE V 151 79.98 59.64 40.39
CA PHE V 151 78.66 59.80 39.81
C PHE V 151 77.79 60.57 40.77
N PRO V 152 76.83 61.35 40.27
CA PRO V 152 75.93 62.09 41.16
C PRO V 152 74.70 61.28 41.51
N LEU V 153 73.85 61.85 42.37
CA LEU V 153 72.54 61.29 42.70
C LEU V 153 71.52 62.11 41.92
N PRO V 154 71.13 61.67 40.72
CA PRO V 154 70.46 62.57 39.78
C PRO V 154 69.10 63.09 40.22
N HIS V 155 68.17 62.18 40.52
CA HIS V 155 66.78 62.54 40.76
C HIS V 155 66.37 61.93 42.10
N ARG V 156 66.58 62.68 43.17
CA ARG V 156 66.35 62.17 44.52
C ARG V 156 64.85 62.24 44.82
N VAL V 157 64.27 61.09 45.14
CA VAL V 157 62.85 61.02 45.46
C VAL V 157 62.65 61.43 46.92
N LEU V 158 61.67 62.31 47.16
CA LEU V 158 61.34 62.68 48.53
C LEU V 158 60.78 61.49 49.27
N ARG V 159 61.35 61.18 50.43
CA ARG V 159 60.93 60.05 51.23
C ARG V 159 60.04 60.44 52.41
N ARG V 160 60.20 61.65 52.93
CA ARG V 160 59.42 62.13 54.07
C ARG V 160 58.11 62.75 53.58
N GLN V 161 57.34 61.94 52.86
CA GLN V 161 56.16 62.43 52.16
C GLN V 161 54.99 62.75 53.08
N HIS V 162 55.03 62.33 54.34
CA HIS V 162 53.91 62.54 55.24
C HIS V 162 54.22 63.45 56.40
N LYS V 163 55.46 63.93 56.53
CA LYS V 163 55.85 64.91 57.53
C LYS V 163 56.50 66.08 56.83
N PRO V 164 55.73 67.08 56.41
CA PRO V 164 54.29 67.24 56.58
C PRO V 164 53.47 66.47 55.54
N ARG V 165 52.17 66.28 55.80
CA ARG V 165 51.30 65.76 54.76
C ARG V 165 50.77 66.88 53.88
N PHE V 166 50.64 68.08 54.44
CA PHE V 166 50.20 69.26 53.70
C PHE V 166 51.27 70.34 53.83
N THR V 167 51.58 71.01 52.71
CA THR V 167 52.58 72.06 52.72
C THR V 167 52.31 73.03 51.58
N THR V 168 53.02 74.15 51.61
CA THR V 168 52.85 75.20 50.61
C THR V 168 53.84 75.07 49.47
N LYS V 169 55.05 74.61 49.74
CA LYS V 169 56.11 74.59 48.75
C LYS V 169 56.25 73.22 48.12
N ARG V 170 56.43 73.21 46.81
CA ARG V 170 56.68 71.96 46.11
C ARG V 170 58.14 71.53 46.33
N PRO V 171 58.36 70.24 46.55
CA PRO V 171 59.70 69.77 46.91
C PRO V 171 60.69 69.91 45.77
N ASN V 172 61.96 69.98 46.13
CA ASN V 172 63.07 70.01 45.18
C ASN V 172 63.77 68.66 45.18
N THR V 173 63.98 68.09 43.99
CA THR V 173 64.67 66.82 43.85
C THR V 173 66.12 66.99 43.40
N PHE V 174 66.56 68.20 43.12
CA PHE V 174 67.93 68.47 42.71
C PHE V 174 68.79 68.69 43.94
N PHE V 175 69.86 67.90 44.07
CA PHE V 175 70.78 68.08 45.17
C PHE V 175 72.21 67.82 44.72
N THR W 1 28.43 -6.63 45.46
CA THR W 1 28.54 -7.29 44.17
C THR W 1 29.61 -8.38 44.21
N ASN W 2 30.38 -8.39 45.29
CA ASN W 2 31.45 -9.37 45.45
C ASN W 2 30.85 -10.72 45.81
N THR W 3 31.47 -11.79 45.30
CA THR W 3 31.03 -13.12 45.65
C THR W 3 31.40 -13.44 47.09
N LYS W 4 30.72 -14.44 47.65
CA LYS W 4 30.90 -14.81 49.05
C LYS W 4 31.63 -16.13 49.22
N GLY W 5 32.48 -16.49 48.26
CA GLY W 5 33.19 -17.75 48.35
C GLY W 5 34.18 -17.77 49.49
N LYS W 6 34.44 -18.98 50.00
CA LYS W 6 35.32 -19.12 51.15
C LYS W 6 36.77 -18.76 50.81
N ARG W 7 37.17 -18.90 49.56
CA ARG W 7 38.56 -18.73 49.16
C ARG W 7 38.73 -17.60 48.16
N ARG W 8 37.80 -16.65 48.15
CA ARG W 8 37.90 -15.53 47.23
C ARG W 8 39.03 -14.60 47.64
N GLY W 9 39.86 -14.22 46.67
CA GLY W 9 40.98 -13.35 46.94
C GLY W 9 42.20 -14.03 47.51
N THR W 10 42.17 -15.35 47.63
CA THR W 10 43.28 -16.11 48.20
C THR W 10 44.24 -16.64 47.14
N ARG W 11 44.27 -16.00 45.98
CA ARG W 11 45.12 -16.47 44.89
C ARG W 11 46.59 -16.42 45.27
N TYR W 12 47.03 -15.34 45.92
CA TYR W 12 48.40 -15.25 46.39
C TYR W 12 48.55 -15.57 47.87
N MET W 13 47.48 -15.42 48.65
CA MET W 13 47.56 -15.71 50.08
C MET W 13 47.86 -17.18 50.34
N PHE W 14 47.17 -18.07 49.63
CA PHE W 14 47.37 -19.49 49.81
C PHE W 14 48.35 -20.09 48.80
N SER W 15 48.91 -19.27 47.92
CA SER W 15 49.90 -19.77 46.97
C SER W 15 51.21 -20.07 47.68
N ARG W 16 51.87 -21.12 47.22
CA ARG W 16 53.16 -21.50 47.78
C ARG W 16 54.22 -20.45 47.43
N PRO W 17 55.24 -20.30 48.27
CA PRO W 17 56.37 -19.44 47.91
C PRO W 17 57.13 -19.99 46.72
N PHE W 18 57.98 -19.14 46.15
CA PHE W 18 58.70 -19.50 44.93
C PHE W 18 59.69 -20.61 45.22
N ARG W 19 59.65 -21.66 44.38
CA ARG W 19 60.56 -22.81 44.47
C ARG W 19 60.52 -23.47 45.83
N LYS W 20 59.33 -23.54 46.43
CA LYS W 20 59.11 -24.32 47.63
C LYS W 20 57.80 -25.08 47.53
N HIS W 21 57.49 -25.56 46.34
CA HIS W 21 56.33 -26.41 46.13
C HIS W 21 56.65 -27.83 46.58
N GLY W 22 55.67 -28.71 46.47
CA GLY W 22 55.92 -30.13 46.67
C GLY W 22 55.60 -30.66 48.04
N VAL W 23 56.38 -31.64 48.49
CA VAL W 23 56.10 -32.36 49.72
C VAL W 23 56.29 -31.43 50.91
N VAL W 24 55.33 -31.44 51.84
CA VAL W 24 55.47 -30.65 53.06
C VAL W 24 56.57 -31.27 53.92
N PRO W 25 57.56 -30.50 54.36
CA PRO W 25 58.59 -31.05 55.24
C PRO W 25 58.00 -31.52 56.57
N LEU W 26 58.58 -32.58 57.12
CA LEU W 26 57.97 -33.27 58.24
C LEU W 26 58.29 -32.65 59.59
N ALA W 27 59.14 -31.62 59.65
CA ALA W 27 59.39 -30.95 60.93
C ALA W 27 58.14 -30.27 61.46
N THR W 28 57.22 -29.89 60.56
CA THR W 28 55.96 -29.32 61.01
C THR W 28 55.14 -30.32 61.82
N TYR W 29 55.10 -31.57 61.38
CA TYR W 29 54.34 -32.59 62.07
C TYR W 29 54.98 -33.02 63.39
N MET W 30 56.26 -32.74 63.58
CA MET W 30 56.97 -33.14 64.78
C MET W 30 56.88 -32.12 65.90
N ARG W 31 56.30 -30.95 65.62
CA ARG W 31 56.12 -29.94 66.65
C ARG W 31 55.15 -30.43 67.71
N ILE W 32 55.32 -29.89 68.92
CA ILE W 32 54.47 -30.22 70.06
C ILE W 32 53.74 -28.95 70.49
N TYR W 33 52.41 -29.02 70.50
CA TYR W 33 51.58 -27.88 70.87
C TYR W 33 50.75 -28.26 72.09
N LYS W 34 51.14 -27.73 73.24
CA LYS W 34 50.39 -27.95 74.46
C LYS W 34 49.23 -26.96 74.53
N LYS W 35 48.38 -27.15 75.54
CA LYS W 35 47.29 -26.20 75.77
C LYS W 35 47.84 -24.94 76.42
N GLY W 36 47.40 -23.79 75.93
CA GLY W 36 47.78 -22.51 76.48
C GLY W 36 48.91 -21.81 75.77
N ASP W 37 49.62 -22.49 74.87
CA ASP W 37 50.70 -21.86 74.13
C ASP W 37 50.15 -20.99 73.00
N ILE W 38 51.06 -20.23 72.38
CA ILE W 38 50.69 -19.23 71.38
C ILE W 38 51.25 -19.64 70.03
N VAL W 39 50.38 -19.64 69.02
CA VAL W 39 50.76 -20.03 67.66
C VAL W 39 50.27 -18.98 66.68
N ASP W 40 50.88 -18.97 65.50
CA ASP W 40 50.50 -18.06 64.43
C ASP W 40 49.91 -18.86 63.28
N ILE W 41 48.71 -18.47 62.85
CA ILE W 41 48.01 -19.17 61.78
C ILE W 41 48.44 -18.58 60.45
N LYS W 42 48.94 -19.43 59.56
CA LYS W 42 49.36 -18.99 58.24
C LYS W 42 48.50 -19.59 57.13
N GLY W 43 48.42 -20.91 57.03
CA GLY W 43 47.55 -21.50 56.03
C GLY W 43 48.16 -21.72 54.66
N MET W 44 49.19 -22.54 54.57
CA MET W 44 49.72 -22.92 53.26
C MET W 44 48.67 -23.71 52.48
N GLY W 45 48.71 -23.57 51.16
CA GLY W 45 47.70 -24.13 50.30
C GLY W 45 47.96 -25.52 49.77
N THR W 46 49.00 -26.21 50.26
CA THR W 46 49.28 -27.55 49.76
C THR W 46 48.21 -28.55 50.19
N VAL W 47 47.85 -28.54 51.47
CA VAL W 47 46.88 -29.50 52.00
C VAL W 47 45.55 -28.76 52.15
N GLN W 48 44.52 -29.30 51.50
CA GLN W 48 43.22 -28.65 51.43
C GLN W 48 42.35 -28.92 52.64
N LYS W 49 42.73 -29.87 53.49
CA LYS W 49 41.89 -30.28 54.61
C LYS W 49 42.23 -29.49 55.85
N GLY W 50 41.20 -29.06 56.58
CA GLY W 50 41.39 -28.29 57.78
C GLY W 50 42.01 -26.93 57.57
N MET W 51 41.72 -26.27 56.45
CA MET W 51 42.30 -24.97 56.20
C MET W 51 41.59 -23.90 57.03
N PRO W 52 42.31 -22.92 57.54
CA PRO W 52 41.66 -21.75 58.15
C PRO W 52 41.04 -20.87 57.08
N HIS W 53 40.03 -20.12 57.50
CA HIS W 53 39.44 -19.15 56.60
C HIS W 53 40.41 -17.99 56.38
N LYS W 54 40.22 -17.28 55.28
CA LYS W 54 41.18 -16.25 54.87
C LYS W 54 41.28 -15.12 55.87
N CYS W 55 40.26 -14.90 56.70
CA CYS W 55 40.33 -13.86 57.72
C CYS W 55 41.28 -14.21 58.85
N TYR W 56 41.68 -15.48 58.98
CA TYR W 56 42.59 -15.90 60.03
C TYR W 56 44.03 -16.04 59.57
N HIS W 57 44.33 -15.78 58.31
CA HIS W 57 45.71 -15.80 57.86
C HIS W 57 46.46 -14.62 58.44
N GLY W 58 47.61 -14.89 59.06
CA GLY W 58 48.39 -13.86 59.69
C GLY W 58 47.94 -13.49 61.08
N LYS W 59 46.85 -14.04 61.57
CA LYS W 59 46.39 -13.80 62.93
C LYS W 59 47.12 -14.72 63.90
N THR W 60 46.94 -14.45 65.19
CA THR W 60 47.61 -15.18 66.25
C THR W 60 46.59 -15.54 67.33
N GLY W 61 46.62 -16.80 67.77
CA GLY W 61 45.71 -17.25 68.79
C GLY W 61 46.36 -18.13 69.83
N ARG W 62 45.57 -18.63 70.78
CA ARG W 62 46.06 -19.51 71.83
C ARG W 62 45.36 -20.87 71.72
N VAL W 63 46.16 -21.93 71.78
CA VAL W 63 45.64 -23.28 71.64
C VAL W 63 44.87 -23.67 72.89
N TYR W 64 43.64 -24.15 72.72
CA TYR W 64 42.83 -24.61 73.82
C TYR W 64 42.44 -26.08 73.73
N ASN W 65 42.56 -26.71 72.56
CA ASN W 65 42.22 -28.11 72.43
C ASN W 65 43.22 -28.77 71.49
N VAL W 66 43.48 -30.06 71.73
CA VAL W 66 44.41 -30.85 70.94
C VAL W 66 43.69 -32.10 70.47
N THR W 67 43.90 -32.45 69.21
CA THR W 67 43.34 -33.67 68.62
C THR W 67 44.45 -34.45 67.92
N GLN W 68 44.06 -35.47 67.14
CA GLN W 68 45.03 -36.30 66.44
C GLN W 68 45.78 -35.50 65.39
N HIS W 69 45.09 -34.65 64.65
CA HIS W 69 45.69 -33.95 63.52
C HIS W 69 45.59 -32.43 63.62
N ALA W 70 44.63 -31.90 64.36
CA ALA W 70 44.38 -30.47 64.42
C ALA W 70 44.35 -30.01 65.86
N VAL W 71 44.24 -28.69 66.04
CA VAL W 71 44.16 -28.07 67.35
C VAL W 71 43.02 -27.08 67.36
N GLY W 72 42.50 -26.81 68.55
CA GLY W 72 41.51 -25.77 68.74
C GLY W 72 42.20 -24.50 69.17
N ILE W 73 41.88 -23.40 68.47
CA ILE W 73 42.57 -22.13 68.64
C ILE W 73 41.53 -21.06 68.98
N VAL W 74 41.82 -20.27 70.00
CA VAL W 74 41.03 -19.07 70.30
C VAL W 74 41.76 -17.87 69.72
N VAL W 75 41.19 -17.29 68.66
CA VAL W 75 41.79 -16.17 67.97
C VAL W 75 40.80 -15.02 67.93
N ASN W 76 41.30 -13.80 68.18
CA ASN W 76 40.46 -12.62 68.19
C ASN W 76 40.13 -12.20 66.76
N LYS W 77 38.86 -11.86 66.52
CA LYS W 77 38.41 -11.39 65.23
C LYS W 77 37.67 -10.07 65.42
N GLN W 78 38.10 -9.04 64.69
CA GLN W 78 37.48 -7.72 64.76
C GLN W 78 36.35 -7.65 63.75
N VAL W 79 35.11 -7.55 64.24
CA VAL W 79 33.93 -7.50 63.39
C VAL W 79 33.17 -6.24 63.74
N LYS W 80 33.05 -5.32 62.79
CA LYS W 80 32.35 -4.05 62.97
C LYS W 80 32.86 -3.29 64.19
N GLY W 81 31.97 -3.04 65.15
CA GLY W 81 32.34 -2.30 66.34
C GLY W 81 32.50 -3.16 67.57
N LYS W 82 33.09 -4.33 67.40
CA LYS W 82 33.27 -5.27 68.49
C LYS W 82 34.33 -6.31 68.10
N ILE W 83 35.02 -6.83 69.12
CA ILE W 83 35.96 -7.92 68.93
C ILE W 83 35.47 -9.11 69.75
N LEU W 84 35.25 -10.22 69.09
CA LEU W 84 34.85 -11.46 69.75
C LEU W 84 35.86 -12.55 69.43
N ALA W 85 36.20 -13.35 70.45
CA ALA W 85 37.21 -14.39 70.30
C ALA W 85 36.57 -15.60 69.63
N LYS W 86 37.06 -15.96 68.45
CA LYS W 86 36.54 -17.10 67.72
C LYS W 86 37.33 -18.36 68.06
N ARG W 87 36.63 -19.49 68.02
CA ARG W 87 37.22 -20.80 68.20
C ARG W 87 37.24 -21.49 66.85
N ILE W 88 38.41 -21.94 66.41
CA ILE W 88 38.54 -22.62 65.14
C ILE W 88 39.36 -23.88 65.32
N ASN W 89 39.20 -24.82 64.40
CA ASN W 89 40.00 -26.04 64.36
C ASN W 89 40.81 -26.04 63.08
N VAL W 90 42.13 -26.00 63.22
CA VAL W 90 43.04 -25.92 62.08
C VAL W 90 44.06 -27.03 62.19
N ARG W 91 44.27 -27.77 61.11
CA ARG W 91 45.28 -28.81 61.10
C ARG W 91 46.67 -28.20 61.30
N ILE W 92 47.55 -28.98 61.94
CA ILE W 92 48.84 -28.47 62.39
C ILE W 92 49.77 -28.07 61.25
N GLU W 93 49.39 -28.33 60.00
CA GLU W 93 50.23 -27.91 58.88
C GLU W 93 50.25 -26.40 58.71
N HIS W 94 49.16 -25.71 59.08
CA HIS W 94 49.01 -24.29 58.83
C HIS W 94 49.52 -23.41 59.96
N ILE W 95 49.98 -23.99 61.06
CA ILE W 95 50.31 -23.22 62.26
C ILE W 95 51.78 -23.44 62.63
N LYS W 96 52.30 -22.52 63.43
CA LYS W 96 53.66 -22.58 63.94
C LYS W 96 53.72 -21.74 65.20
N HIS W 97 54.68 -22.07 66.06
CA HIS W 97 54.80 -21.40 67.35
C HIS W 97 55.10 -19.92 67.17
N SER W 98 54.57 -19.10 68.09
CA SER W 98 54.84 -17.68 68.09
C SER W 98 56.11 -17.41 68.88
N LYS W 99 57.15 -16.95 68.20
CA LYS W 99 58.44 -16.70 68.85
C LYS W 99 58.39 -15.56 69.84
N SER W 100 57.38 -14.69 69.78
CA SER W 100 57.23 -13.65 70.78
C SER W 100 57.04 -14.24 72.18
N ARG W 101 56.18 -15.25 72.28
CA ARG W 101 55.99 -15.95 73.55
C ARG W 101 57.28 -16.61 74.01
N ASP W 102 58.01 -17.26 73.10
CA ASP W 102 59.25 -17.92 73.50
C ASP W 102 60.28 -16.92 74.00
N SER W 103 60.41 -15.79 73.31
CA SER W 103 61.31 -14.74 73.77
C SER W 103 60.87 -14.19 75.11
N PHE W 104 59.57 -14.02 75.33
CA PHE W 104 59.10 -13.46 76.58
C PHE W 104 59.34 -14.41 77.75
N LEU W 105 59.11 -15.72 77.55
CA LEU W 105 59.42 -16.68 78.61
C LEU W 105 60.91 -16.78 78.86
N LYS W 106 61.73 -16.70 77.80
CA LYS W 106 63.17 -16.65 78.02
C LYS W 106 63.56 -15.43 78.84
N ARG W 107 62.94 -14.28 78.55
CA ARG W 107 63.22 -13.07 79.32
C ARG W 107 62.81 -13.23 80.77
N VAL W 108 61.64 -13.83 81.02
CA VAL W 108 61.16 -14.00 82.40
C VAL W 108 62.07 -14.94 83.17
N LYS W 109 62.48 -16.05 82.54
CA LYS W 109 63.41 -16.96 83.19
C LYS W 109 64.74 -16.29 83.50
N GLU W 110 65.27 -15.52 82.55
CA GLU W 110 66.51 -14.80 82.77
C GLU W 110 66.35 -13.76 83.88
N ASN W 111 65.19 -13.11 83.94
CA ASN W 111 64.91 -12.13 84.98
C ASN W 111 64.86 -12.78 86.36
N ASP W 112 64.22 -13.95 86.45
CA ASP W 112 64.17 -14.66 87.73
C ASP W 112 65.56 -15.10 88.16
N GLN W 113 66.37 -15.57 87.21
CA GLN W 113 67.75 -15.91 87.52
C GLN W 113 68.51 -14.69 88.03
N LYS W 114 68.31 -13.53 87.38
CA LYS W 114 68.96 -12.31 87.83
C LYS W 114 68.51 -11.92 89.22
N LYS W 115 67.23 -12.06 89.52
CA LYS W 115 66.72 -11.71 90.85
C LYS W 115 67.35 -12.60 91.92
N LYS W 116 67.38 -13.91 91.68
CA LYS W 116 67.96 -14.82 92.65
C LYS W 116 69.46 -14.56 92.83
N GLU W 117 70.16 -14.35 91.71
CA GLU W 117 71.59 -14.08 91.78
C GLU W 117 71.88 -12.77 92.51
N ALA W 118 71.09 -11.73 92.24
CA ALA W 118 71.30 -10.44 92.89
C ALA W 118 71.00 -10.51 94.38
N LYS W 119 69.93 -11.21 94.76
CA LYS W 119 69.65 -11.40 96.18
C LYS W 119 70.74 -12.21 96.85
N GLU W 120 71.39 -13.10 96.11
CA GLU W 120 72.55 -13.81 96.66
C GLU W 120 73.72 -12.86 96.86
N LYS W 121 74.00 -12.00 95.89
CA LYS W 121 75.14 -11.08 95.97
C LYS W 121 74.76 -9.69 96.45
N GLY W 122 73.51 -9.45 96.80
CA GLY W 122 73.13 -8.23 97.48
C GLY W 122 72.91 -7.01 96.60
N THR W 123 73.75 -6.84 95.58
CA THR W 123 73.70 -5.63 94.77
C THR W 123 72.48 -5.65 93.84
N TRP W 124 71.74 -4.54 93.82
CA TRP W 124 70.55 -4.43 93.00
C TRP W 124 70.88 -4.39 91.52
N VAL W 125 69.96 -4.86 90.69
CA VAL W 125 70.10 -4.84 89.24
C VAL W 125 68.74 -4.49 88.63
N GLN W 126 68.77 -3.88 87.45
CA GLN W 126 67.57 -3.45 86.75
C GLN W 126 67.04 -4.57 85.87
N LEU W 127 65.72 -4.77 85.90
CA LEU W 127 65.04 -5.77 85.08
C LEU W 127 64.07 -5.17 84.08
N LYS W 128 63.35 -4.12 84.46
CA LYS W 128 62.44 -3.46 83.54
C LYS W 128 63.23 -2.80 82.42
N ARG W 129 63.13 -3.37 81.22
CA ARG W 129 63.88 -2.85 80.09
C ARG W 129 63.40 -1.45 79.74
N GLN W 130 64.29 -0.61 79.34
CA GLN W 130 63.99 0.78 79.11
C GLN W 130 63.96 1.09 77.62
N PRO W 131 63.23 2.13 77.21
CA PRO W 131 63.33 2.60 75.84
C PRO W 131 64.71 3.20 75.58
N ALA W 132 64.97 3.51 74.32
CA ALA W 132 66.27 4.03 73.94
C ALA W 132 66.51 5.38 74.58
N PRO W 133 67.53 5.55 75.41
CA PRO W 133 67.78 6.83 76.05
C PRO W 133 68.44 7.79 75.09
N PRO W 134 68.38 9.09 75.37
CA PRO W 134 69.15 10.05 74.57
C PRO W 134 70.63 9.78 74.69
N ARG W 135 71.35 10.09 73.61
CA ARG W 135 72.79 9.85 73.57
C ARG W 135 73.51 10.70 74.61
N GLU W 136 74.36 10.07 75.39
CA GLU W 136 75.15 10.79 76.39
C GLU W 136 76.32 11.51 75.72
N ALA W 137 76.95 12.39 76.49
CA ALA W 137 78.05 13.19 75.96
C ALA W 137 79.25 12.31 75.63
N HIS W 138 79.92 12.65 74.53
CA HIS W 138 81.09 11.89 74.09
C HIS W 138 81.95 12.78 73.21
N PHE W 139 83.19 12.37 73.04
CA PHE W 139 84.15 13.10 72.22
C PHE W 139 84.30 12.41 70.88
N VAL W 140 84.64 13.20 69.86
CA VAL W 140 84.96 12.67 68.53
C VAL W 140 86.33 13.22 68.16
N ARG W 141 87.31 12.33 68.03
CA ARG W 141 88.66 12.74 67.69
C ARG W 141 88.80 12.92 66.18
N THR W 142 89.54 13.96 65.80
CA THR W 142 89.87 14.19 64.40
C THR W 142 91.12 13.44 63.97
N ASN W 143 91.96 13.02 64.92
CA ASN W 143 93.23 12.33 64.65
C ASN W 143 94.13 13.17 63.75
N GLY W 144 94.03 14.49 63.88
CA GLY W 144 94.78 15.38 63.03
C GLY W 144 94.38 15.35 61.57
N LYS W 145 93.16 14.90 61.27
CA LYS W 145 92.67 14.77 59.90
C LYS W 145 91.52 15.74 59.72
N GLU W 146 91.60 16.56 58.68
CA GLU W 146 90.55 17.54 58.43
C GLU W 146 89.33 16.85 57.84
N PRO W 147 88.12 17.17 58.32
CA PRO W 147 86.91 16.58 57.72
C PRO W 147 86.76 16.99 56.27
N GLU W 148 86.28 16.06 55.46
CA GLU W 148 86.13 16.31 54.03
C GLU W 148 85.02 17.32 53.77
N LEU W 149 85.26 18.23 52.82
CA LEU W 149 84.27 19.23 52.46
C LEU W 149 83.39 18.69 51.33
N LEU W 150 82.08 18.74 51.53
CA LEU W 150 81.12 18.23 50.57
C LEU W 150 80.32 19.39 49.98
N GLU W 151 80.14 19.37 48.66
CA GLU W 151 79.33 20.35 47.98
C GLU W 151 78.32 19.64 47.07
N PRO W 152 77.14 20.21 46.91
CA PRO W 152 76.19 19.64 45.95
C PRO W 152 76.75 19.65 44.54
N ILE W 153 76.47 18.59 43.80
CA ILE W 153 76.99 18.45 42.44
C ILE W 153 76.19 19.33 41.50
N PRO W 154 76.80 19.87 40.44
CA PRO W 154 76.02 20.58 39.43
C PRO W 154 75.09 19.63 38.69
N TYR W 155 73.96 20.17 38.25
CA TYR W 155 72.98 19.35 37.55
C TYR W 155 73.42 19.08 36.12
N GLU W 156 73.16 17.87 35.66
CA GLU W 156 73.27 17.53 34.25
C GLU W 156 72.26 16.46 33.93
N PHE W 157 71.65 16.57 32.76
CA PHE W 157 70.65 15.59 32.35
C PHE W 157 71.35 14.33 31.85
N MET W 158 71.04 13.19 32.47
CA MET W 158 71.69 11.93 32.16
C MET W 158 70.92 11.16 31.09
N ALA W 159 69.66 10.82 31.37
CA ALA W 159 68.84 10.06 30.43
C ALA W 159 67.36 10.25 30.73
N GLN X 1 -88.00 67.34 -5.27
CA GLN X 1 -87.00 67.76 -6.25
C GLN X 1 -86.46 69.14 -5.91
N VAL X 2 -86.75 69.61 -4.70
CA VAL X 2 -86.25 70.88 -4.19
C VAL X 2 -85.61 70.63 -2.84
N LEU X 3 -84.39 71.12 -2.66
CA LEU X 3 -83.61 70.82 -1.46
C LEU X 3 -83.88 71.85 -0.36
N LYS X 4 -83.71 73.14 -0.68
CA LYS X 4 -84.06 74.26 0.21
C LYS X 4 -83.28 74.16 1.53
N PHE X 5 -81.98 74.36 1.43
CA PHE X 5 -81.17 74.47 2.63
C PHE X 5 -81.12 75.93 3.09
N THR X 6 -81.14 76.10 4.41
CA THR X 6 -81.22 77.42 5.02
C THR X 6 -80.08 77.59 6.02
N LEU X 7 -79.46 78.77 6.00
CA LEU X 7 -78.37 79.10 6.91
C LEU X 7 -78.86 80.16 7.88
N ASP X 8 -78.75 79.89 9.18
CA ASP X 8 -79.22 80.81 10.22
C ASP X 8 -78.03 81.60 10.73
N CYS X 9 -77.94 82.86 10.31
CA CYS X 9 -76.89 83.77 10.78
C CYS X 9 -77.60 84.88 11.55
N THR X 10 -77.80 84.66 12.85
CA THR X 10 -78.50 85.61 13.69
C THR X 10 -77.62 86.17 14.80
N HIS X 11 -77.00 85.30 15.60
CA HIS X 11 -76.15 85.77 16.70
C HIS X 11 -74.96 86.61 16.22
N PRO X 12 -74.16 86.21 15.20
CA PRO X 12 -73.04 87.06 14.81
C PRO X 12 -73.48 88.39 14.22
N VAL X 13 -74.63 88.41 13.54
CA VAL X 13 -75.03 89.66 12.91
C VAL X 13 -75.67 90.60 13.93
N GLU X 14 -76.32 90.07 14.97
CA GLU X 14 -76.79 90.94 16.04
C GLU X 14 -75.67 91.40 16.95
N ASP X 15 -74.61 90.61 17.10
CA ASP X 15 -73.44 91.07 17.84
C ASP X 15 -72.53 91.97 17.01
N GLY X 16 -72.77 92.07 15.71
CA GLY X 16 -72.02 93.00 14.89
C GLY X 16 -70.62 92.57 14.54
N ILE X 17 -70.23 91.34 14.87
CA ILE X 17 -68.91 90.85 14.50
C ILE X 17 -68.81 90.60 12.99
N MET X 18 -69.93 90.35 12.31
CA MET X 18 -69.93 90.20 10.87
C MET X 18 -71.32 90.53 10.36
N ASP X 19 -71.45 90.56 9.04
CA ASP X 19 -72.69 90.90 8.37
C ASP X 19 -73.09 89.79 7.40
N ALA X 20 -74.39 89.45 7.41
CA ALA X 20 -74.89 88.42 6.52
C ALA X 20 -74.84 88.84 5.07
N ALA X 21 -74.83 90.14 4.79
CA ALA X 21 -74.72 90.61 3.41
C ALA X 21 -73.39 90.20 2.80
N ASN X 22 -72.31 90.35 3.55
CA ASN X 22 -71.00 89.94 3.03
C ASN X 22 -70.94 88.42 2.84
N PHE X 23 -71.57 87.66 3.74
CA PHE X 23 -71.57 86.21 3.57
C PHE X 23 -72.36 85.79 2.34
N GLU X 24 -73.50 86.44 2.11
CA GLU X 24 -74.26 86.19 0.89
C GLU X 24 -73.44 86.54 -0.35
N GLN X 25 -72.78 87.70 -0.33
CA GLN X 25 -71.90 88.10 -1.42
C GLN X 25 -70.73 87.14 -1.59
N PHE X 26 -70.33 86.44 -0.52
CA PHE X 26 -69.30 85.43 -0.61
C PHE X 26 -69.80 84.14 -1.25
N LEU X 27 -71.07 83.79 -1.01
CA LEU X 27 -71.55 82.48 -1.43
C LEU X 27 -71.66 82.31 -2.94
N GLN X 28 -72.28 83.28 -3.63
CA GLN X 28 -72.81 83.00 -4.96
C GLN X 28 -71.74 82.74 -6.01
N GLU X 29 -70.49 83.13 -5.75
CA GLU X 29 -69.40 82.86 -6.68
C GLU X 29 -68.61 81.60 -6.32
N ARG X 30 -68.65 81.18 -5.05
CA ARG X 30 -67.97 79.97 -4.63
C ARG X 30 -68.82 78.71 -4.80
N ILE X 31 -70.12 78.86 -5.04
CA ILE X 31 -70.98 77.69 -5.19
C ILE X 31 -70.64 77.00 -6.51
N LYS X 32 -70.31 75.72 -6.43
CA LYS X 32 -69.99 74.93 -7.60
C LYS X 32 -71.17 74.04 -7.96
N VAL X 33 -71.65 74.16 -9.19
CA VAL X 33 -72.65 73.27 -9.75
C VAL X 33 -71.99 72.52 -10.90
N ASN X 34 -71.97 71.18 -10.79
CA ASN X 34 -71.23 70.33 -11.71
C ASN X 34 -69.77 70.76 -11.79
N GLY X 35 -69.21 71.13 -10.64
CA GLY X 35 -67.81 71.48 -10.54
C GLY X 35 -67.44 72.85 -11.06
N LYS X 36 -68.41 73.69 -11.41
CA LYS X 36 -68.15 75.00 -11.97
C LYS X 36 -68.64 76.07 -11.01
N ALA X 37 -67.74 76.96 -10.61
CA ALA X 37 -68.09 78.08 -9.75
C ALA X 37 -68.48 79.29 -10.59
N GLY X 38 -69.29 80.16 -10.00
CA GLY X 38 -69.79 81.30 -10.74
C GLY X 38 -71.15 81.03 -11.36
N ASN X 39 -71.89 82.11 -11.60
CA ASN X 39 -73.19 82.19 -12.26
C ASN X 39 -74.23 81.20 -11.72
N LEU X 40 -74.00 80.69 -10.50
CA LEU X 40 -74.92 79.79 -9.80
C LEU X 40 -75.22 78.55 -10.64
N GLY X 41 -74.24 78.11 -11.41
CA GLY X 41 -74.45 77.00 -12.33
C GLY X 41 -75.50 77.30 -13.38
N GLY X 42 -75.49 78.52 -13.93
CA GLY X 42 -76.49 78.90 -14.89
C GLY X 42 -77.84 79.25 -14.31
N GLY X 43 -77.89 79.62 -13.02
CA GLY X 43 -79.12 80.06 -12.42
C GLY X 43 -80.04 78.96 -11.94
N VAL X 44 -79.65 77.69 -12.07
CA VAL X 44 -80.47 76.61 -11.55
C VAL X 44 -80.55 76.69 -10.03
N VAL X 45 -79.52 77.23 -9.39
CA VAL X 45 -79.49 77.42 -7.94
C VAL X 45 -79.78 78.89 -7.66
N THR X 46 -80.76 79.14 -6.80
CA THR X 46 -81.12 80.50 -6.42
C THR X 46 -80.72 80.76 -4.98
N ILE X 47 -80.77 82.03 -4.59
CA ILE X 47 -80.28 82.47 -3.29
C ILE X 47 -81.02 83.74 -2.90
N GLU X 48 -81.37 83.86 -1.62
CA GLU X 48 -82.02 85.05 -1.10
C GLU X 48 -81.71 85.17 0.39
N ARG X 49 -82.18 86.25 0.99
CA ARG X 49 -81.89 86.57 2.38
C ARG X 49 -83.12 87.11 3.08
N SER X 50 -83.22 86.81 4.37
CA SER X 50 -84.24 87.38 5.25
C SER X 50 -83.62 88.34 6.25
N LYS X 51 -82.43 88.85 5.90
CA LYS X 51 -81.59 89.76 6.67
C LYS X 51 -80.93 89.06 7.85
N SER X 52 -81.38 87.84 8.15
CA SER X 52 -80.68 86.94 9.04
C SER X 52 -80.68 85.50 8.56
N LYS X 53 -81.65 85.09 7.75
CA LYS X 53 -81.73 83.74 7.20
C LYS X 53 -81.28 83.78 5.75
N ILE X 54 -80.30 82.96 5.42
CA ILE X 54 -79.75 82.87 4.07
C ILE X 54 -80.05 81.47 3.56
N THR X 55 -81.09 81.35 2.74
CA THR X 55 -81.56 80.06 2.25
C THR X 55 -81.15 79.86 0.81
N VAL X 56 -80.80 78.63 0.48
CA VAL X 56 -80.37 78.24 -0.87
C VAL X 56 -81.34 77.18 -1.37
N THR X 57 -81.93 77.42 -2.53
CA THR X 57 -82.91 76.52 -3.13
C THR X 57 -82.40 76.05 -4.48
N SER X 58 -82.41 74.73 -4.69
CA SER X 58 -81.91 74.13 -5.92
C SER X 58 -82.86 73.04 -6.39
N GLU X 59 -82.59 72.53 -7.58
CA GLU X 59 -83.37 71.45 -8.18
C GLU X 59 -82.49 70.30 -8.65
N VAL X 60 -81.29 70.17 -8.10
CA VAL X 60 -80.39 69.06 -8.41
C VAL X 60 -79.92 68.45 -7.09
N PRO X 61 -79.50 67.17 -7.12
CA PRO X 61 -78.89 66.59 -5.92
C PRO X 61 -77.73 67.42 -5.42
N PHE X 62 -77.84 67.92 -4.19
CA PHE X 62 -76.96 68.97 -3.71
C PHE X 62 -76.73 68.78 -2.21
N SER X 63 -75.47 68.68 -1.82
CA SER X 63 -75.11 68.30 -0.47
C SER X 63 -75.33 69.46 0.51
N LYS X 64 -75.98 69.16 1.64
CA LYS X 64 -76.07 70.13 2.71
C LYS X 64 -74.70 70.43 3.29
N ARG X 65 -73.85 69.41 3.43
CA ARG X 65 -72.55 69.58 4.04
C ARG X 65 -71.65 70.48 3.19
N TYR X 66 -71.98 70.65 1.91
CA TYR X 66 -71.27 71.63 1.08
C TYR X 66 -71.44 73.03 1.64
N LEU X 67 -72.64 73.37 2.11
CA LEU X 67 -72.85 74.69 2.72
C LEU X 67 -72.02 74.84 3.98
N LYS X 68 -71.95 73.78 4.80
CA LYS X 68 -71.13 73.84 6.00
C LYS X 68 -69.66 74.03 5.66
N TYR X 69 -69.18 73.32 4.64
CA TYR X 69 -67.79 73.47 4.21
C TYR X 69 -67.51 74.89 3.74
N LEU X 70 -68.40 75.46 2.92
CA LEU X 70 -68.19 76.82 2.43
C LEU X 70 -68.27 77.83 3.57
N THR X 71 -69.19 77.62 4.51
CA THR X 71 -69.30 78.52 5.65
C THR X 71 -68.05 78.48 6.52
N LYS X 72 -67.51 77.28 6.74
CA LYS X 72 -66.27 77.18 7.50
C LYS X 72 -65.11 77.84 6.76
N LYS X 73 -65.10 77.73 5.43
CA LYS X 73 -64.10 78.45 4.65
C LYS X 73 -64.23 79.96 4.84
N TYR X 74 -65.46 80.48 4.83
CA TYR X 74 -65.66 81.91 5.04
C TYR X 74 -65.22 82.33 6.44
N LEU X 75 -65.56 81.54 7.46
CA LEU X 75 -65.17 81.88 8.83
C LEU X 75 -63.66 81.85 8.98
N LYS X 76 -62.99 80.92 8.31
CA LYS X 76 -61.54 80.95 8.29
C LYS X 76 -61.02 82.18 7.57
N LYS X 77 -61.72 82.63 6.53
CA LYS X 77 -61.32 83.84 5.82
C LYS X 77 -61.37 85.06 6.72
N ASN X 78 -62.40 85.17 7.55
CA ASN X 78 -62.59 86.32 8.42
C ASN X 78 -62.16 86.04 9.85
N ASN X 79 -61.46 84.93 10.10
CA ASN X 79 -60.89 84.59 11.40
C ASN X 79 -61.97 84.46 12.48
N LEU X 80 -63.18 84.06 12.08
CA LEU X 80 -64.25 83.79 13.03
C LEU X 80 -64.33 82.33 13.41
N ARG X 81 -63.45 81.48 12.86
CA ARG X 81 -63.43 80.07 13.22
C ARG X 81 -63.11 79.87 14.69
N ASP X 82 -62.36 80.79 15.29
CA ASP X 82 -61.95 80.67 16.68
C ASP X 82 -63.08 80.94 17.66
N TRP X 83 -64.05 81.79 17.30
CA TRP X 83 -65.14 82.13 18.20
C TRP X 83 -66.47 81.52 17.81
N LEU X 84 -66.65 81.13 16.55
CA LEU X 84 -67.92 80.62 16.08
C LEU X 84 -67.81 79.16 15.68
N ARG X 85 -68.98 78.54 15.49
CA ARG X 85 -69.04 77.10 15.26
C ARG X 85 -70.32 76.78 14.51
N VAL X 86 -70.21 76.13 13.36
CA VAL X 86 -71.37 75.79 12.55
C VAL X 86 -71.98 74.50 13.08
N VAL X 87 -73.27 74.55 13.40
CA VAL X 87 -73.99 73.42 13.96
C VAL X 87 -75.31 73.24 13.20
N ALA X 88 -75.60 72.02 12.80
CA ALA X 88 -76.89 71.70 12.20
C ALA X 88 -77.94 71.67 13.30
N ASN X 89 -78.69 72.77 13.44
CA ASN X 89 -79.71 72.83 14.49
C ASN X 89 -80.86 71.87 14.19
N SER X 90 -81.15 71.63 12.91
CA SER X 90 -82.22 70.71 12.53
C SER X 90 -81.95 70.27 11.10
N LYS X 91 -82.91 69.55 10.52
CA LYS X 91 -82.82 69.16 9.13
C LYS X 91 -82.90 70.39 8.24
N GLU X 92 -82.26 70.30 7.07
CA GLU X 92 -82.22 71.37 6.03
C GLU X 92 -81.91 72.74 6.62
N SER X 93 -81.22 72.79 7.75
CA SER X 93 -80.98 74.05 8.42
C SER X 93 -79.65 74.00 9.16
N TYR X 94 -78.87 75.07 9.03
CA TYR X 94 -77.63 75.25 9.74
C TYR X 94 -77.69 76.52 10.57
N GLU X 95 -77.07 76.49 11.75
CA GLU X 95 -76.94 77.68 12.57
C GLU X 95 -75.53 77.74 13.13
N LEU X 96 -74.87 78.88 12.98
CA LEU X 96 -73.56 79.08 13.56
C LEU X 96 -73.73 79.80 14.90
N ARG X 97 -73.07 79.28 15.93
CA ARG X 97 -73.21 79.81 17.28
C ARG X 97 -71.84 79.83 17.95
N TYR X 98 -71.81 80.42 19.14
CA TYR X 98 -70.56 80.64 19.84
C TYR X 98 -70.14 79.38 20.60
N PHE X 99 -68.91 79.41 21.09
CA PHE X 99 -68.39 78.30 21.88
C PHE X 99 -68.87 78.41 23.33
N GLN X 100 -69.55 77.38 23.79
CA GLN X 100 -70.07 77.35 25.16
C GLN X 100 -69.00 76.74 26.06
N ILE X 101 -68.23 77.60 26.72
CA ILE X 101 -67.13 77.15 27.58
C ILE X 101 -67.65 76.38 28.79
N SER Y 1 22.54 66.55 -19.24
CA SER Y 1 21.66 65.38 -19.24
C SER Y 1 20.39 65.65 -18.45
N GLY Y 2 20.34 65.11 -17.23
CA GLY Y 2 19.18 65.27 -16.37
C GLY Y 2 18.44 63.97 -16.16
N ALA Y 3 18.29 63.58 -14.90
CA ALA Y 3 17.64 62.32 -14.55
C ALA Y 3 16.15 62.53 -14.26
N LYS Y 4 15.44 61.43 -14.08
CA LYS Y 4 14.02 61.48 -13.79
C LYS Y 4 13.78 61.97 -12.37
N PHE Y 5 12.81 62.87 -12.22
CA PHE Y 5 12.37 63.27 -10.90
C PHE Y 5 11.42 62.23 -10.33
N ARG Y 6 11.18 62.31 -9.03
CA ARG Y 6 10.32 61.34 -8.38
C ARG Y 6 8.87 61.59 -8.75
N ILE Y 7 8.15 60.53 -9.08
CA ILE Y 7 6.76 60.59 -9.50
C ILE Y 7 5.95 59.61 -8.66
N SER Y 8 4.64 59.80 -8.69
CA SER Y 8 3.75 58.84 -8.06
C SER Y 8 3.76 57.54 -8.86
N LEU Y 9 3.98 56.42 -8.17
CA LEU Y 9 4.19 55.16 -8.87
C LEU Y 9 2.86 54.51 -9.27
N GLY Y 10 2.07 54.10 -8.29
CA GLY Y 10 0.74 53.58 -8.54
C GLY Y 10 0.66 52.25 -9.25
N LEU Y 11 1.79 51.60 -9.55
CA LEU Y 11 1.81 50.29 -10.18
C LEU Y 11 2.73 49.37 -9.40
N PRO Y 12 2.22 48.75 -8.35
CA PRO Y 12 3.05 47.83 -7.57
C PRO Y 12 3.23 46.49 -8.25
N VAL Y 13 3.88 45.55 -7.55
CA VAL Y 13 4.02 44.20 -8.07
C VAL Y 13 2.66 43.54 -8.18
N GLY Y 14 2.40 42.92 -9.32
CA GLY Y 14 1.16 42.20 -9.55
C GLY Y 14 0.16 42.90 -10.44
N ALA Y 15 0.39 44.17 -10.78
CA ALA Y 15 -0.51 44.88 -11.66
C ALA Y 15 -0.45 44.30 -13.07
N VAL Y 16 -1.60 44.25 -13.74
CA VAL Y 16 -1.68 43.82 -15.12
C VAL Y 16 -2.02 45.04 -15.97
N ILE Y 17 -1.10 45.40 -16.86
CA ILE Y 17 -1.23 46.60 -17.66
C ILE Y 17 -1.40 46.22 -19.12
N ASN Y 18 -1.90 47.16 -19.91
CA ASN Y 18 -2.06 46.92 -21.33
C ASN Y 18 -0.71 46.88 -22.03
N CYS Y 19 -0.63 46.08 -23.09
CA CYS Y 19 0.57 45.92 -23.89
C CYS Y 19 0.32 46.69 -25.19
N ALA Y 20 0.88 47.89 -25.27
CA ALA Y 20 0.50 48.83 -26.33
C ALA Y 20 1.38 48.73 -27.58
N ASP Y 21 2.15 47.66 -27.74
CA ASP Y 21 2.99 47.51 -28.92
C ASP Y 21 2.35 46.49 -29.88
N ASN Y 22 3.05 46.24 -30.98
CA ASN Y 22 2.60 45.28 -31.99
C ASN Y 22 3.36 43.97 -31.89
N THR Y 23 3.84 43.60 -30.71
CA THR Y 23 4.54 42.34 -30.52
C THR Y 23 3.61 41.15 -30.49
N GLY Y 24 2.29 41.37 -30.46
CA GLY Y 24 1.32 40.31 -30.33
C GLY Y 24 0.91 39.99 -28.91
N ALA Y 25 1.61 40.54 -27.92
CA ALA Y 25 1.22 40.36 -26.54
C ALA Y 25 0.10 41.34 -26.19
N LYS Y 26 -0.83 40.90 -25.35
CA LYS Y 26 -1.99 41.71 -25.02
C LYS Y 26 -1.88 42.40 -23.67
N ASN Y 27 -1.27 41.77 -22.68
CA ASN Y 27 -1.13 42.39 -21.37
C ASN Y 27 0.23 42.05 -20.79
N LEU Y 28 0.62 42.83 -19.79
CA LEU Y 28 1.86 42.63 -19.05
C LEU Y 28 1.55 42.52 -17.57
N TYR Y 29 2.00 41.43 -16.95
CA TYR Y 29 1.85 41.22 -15.52
C TYR Y 29 3.19 41.50 -14.88
N ILE Y 30 3.31 42.67 -14.24
CA ILE Y 30 4.58 43.09 -13.68
C ILE Y 30 4.89 42.24 -12.45
N ILE Y 31 6.09 41.67 -12.41
CA ILE Y 31 6.50 40.85 -11.29
C ILE Y 31 7.52 41.54 -10.39
N SER Y 32 8.24 42.54 -10.89
CA SER Y 32 9.19 43.29 -10.08
C SER Y 32 9.56 44.57 -10.84
N VAL Y 33 10.24 45.47 -10.12
CA VAL Y 33 10.67 46.75 -10.66
C VAL Y 33 12.19 46.84 -10.54
N LYS Y 34 12.84 47.23 -11.62
CA LYS Y 34 14.28 47.42 -11.59
C LYS Y 34 14.67 48.61 -10.72
N GLY Y 35 15.82 48.50 -10.07
CA GLY Y 35 16.36 49.61 -9.31
C GLY Y 35 15.66 49.90 -8.01
N ILE Y 36 14.99 48.92 -7.40
CA ILE Y 36 14.32 49.11 -6.11
C ILE Y 36 15.10 48.32 -5.08
N LYS Y 37 15.62 49.02 -4.07
CA LYS Y 37 16.37 48.35 -3.01
C LYS Y 37 15.46 47.48 -2.15
N GLY Y 38 14.33 48.04 -1.72
CA GLY Y 38 13.34 47.29 -0.99
C GLY Y 38 13.11 47.87 0.38
N ARG Y 39 12.16 47.27 1.10
CA ARG Y 39 11.72 47.68 2.43
C ARG Y 39 10.80 46.58 2.94
N LEU Y 40 10.81 46.38 4.27
CA LEU Y 40 10.05 45.28 4.85
C LEU Y 40 8.56 45.44 4.57
N ASN Y 41 7.97 44.40 3.98
CA ASN Y 41 6.58 44.32 3.58
C ASN Y 41 6.16 45.37 2.57
N ARG Y 42 7.10 46.10 1.96
CA ARG Y 42 6.76 47.09 0.94
C ARG Y 42 6.81 46.46 -0.43
N LEU Y 43 5.71 46.56 -1.16
CA LEU Y 43 5.67 46.07 -2.54
C LEU Y 43 6.44 47.05 -3.43
N PRO Y 44 7.41 46.57 -4.21
CA PRO Y 44 8.09 47.47 -5.15
C PRO Y 44 7.13 47.95 -6.22
N ALA Y 45 7.00 49.26 -6.34
CA ALA Y 45 6.07 49.89 -7.27
C ALA Y 45 6.85 50.64 -8.34
N ALA Y 46 6.16 50.92 -9.45
CA ALA Y 46 6.77 51.57 -10.60
C ALA Y 46 5.86 52.64 -11.15
N GLY Y 47 6.45 53.67 -11.74
CA GLY Y 47 5.74 54.67 -12.49
C GLY Y 47 6.09 54.63 -13.97
N VAL Y 48 5.69 55.69 -14.67
CA VAL Y 48 6.03 55.79 -16.08
C VAL Y 48 7.53 56.03 -16.23
N GLY Y 49 8.13 55.36 -17.20
CA GLY Y 49 9.56 55.44 -17.39
C GLY Y 49 10.37 54.44 -16.60
N ASP Y 50 9.74 53.68 -15.71
CA ASP Y 50 10.44 52.67 -14.92
C ASP Y 50 10.59 51.39 -15.71
N MET Y 51 11.75 50.77 -15.60
CA MET Y 51 11.97 49.46 -16.20
C MET Y 51 11.47 48.38 -15.25
N VAL Y 52 10.63 47.48 -15.75
CA VAL Y 52 10.04 46.43 -14.94
C VAL Y 52 10.28 45.09 -15.60
N MET Y 53 10.30 44.05 -14.77
CA MET Y 53 10.32 42.68 -15.24
C MET Y 53 8.89 42.16 -15.20
N ALA Y 54 8.44 41.60 -16.33
CA ALA Y 54 7.05 41.19 -16.43
C ALA Y 54 6.93 40.01 -17.38
N THR Y 55 5.86 39.24 -17.19
CA THR Y 55 5.48 38.15 -18.07
C THR Y 55 4.10 38.44 -18.62
N VAL Y 56 3.91 38.20 -19.91
CA VAL Y 56 2.63 38.43 -20.55
C VAL Y 56 1.70 37.27 -20.17
N LYS Y 57 0.43 37.60 -19.92
CA LYS Y 57 -0.50 36.57 -19.50
C LYS Y 57 -1.36 36.08 -20.66
N LYS Y 58 -1.83 36.99 -21.52
CA LYS Y 58 -2.54 36.61 -22.72
C LYS Y 58 -1.89 37.31 -23.90
N GLY Y 59 -1.88 36.62 -25.03
CA GLY Y 59 -1.18 37.08 -26.21
C GLY Y 59 -0.68 35.89 -27.00
N LYS Y 60 0.33 36.12 -27.81
CA LYS Y 60 0.91 35.04 -28.59
C LYS Y 60 1.58 34.04 -27.65
N PRO Y 61 1.30 32.74 -27.81
CA PRO Y 61 1.73 31.75 -26.82
C PRO Y 61 3.24 31.62 -26.67
N GLU Y 62 4.02 31.97 -27.69
CA GLU Y 62 5.46 31.82 -27.61
C GLU Y 62 6.10 32.79 -26.64
N LEU Y 63 5.43 33.90 -26.31
CA LEU Y 63 5.94 34.87 -25.36
C LEU Y 63 5.40 34.70 -23.95
N ARG Y 64 4.46 33.78 -23.74
CA ARG Y 64 3.74 33.73 -22.47
C ARG Y 64 4.63 33.25 -21.34
N LYS Y 65 5.17 32.04 -21.46
CA LYS Y 65 5.91 31.45 -20.34
C LYS Y 65 7.39 31.85 -20.36
N LYS Y 66 7.65 33.14 -20.44
CA LYS Y 66 8.99 33.68 -20.39
C LYS Y 66 8.99 34.93 -19.50
N VAL Y 67 10.18 35.49 -19.32
CA VAL Y 67 10.37 36.68 -18.50
C VAL Y 67 10.89 37.79 -19.41
N HIS Y 68 10.20 38.93 -19.42
CA HIS Y 68 10.57 39.99 -20.34
C HIS Y 68 10.79 41.31 -19.60
N PRO Y 69 11.85 42.04 -19.93
CA PRO Y 69 11.97 43.42 -19.46
C PRO Y 69 10.94 44.30 -20.14
N ALA Y 70 10.38 45.24 -19.38
CA ALA Y 70 9.34 46.12 -19.89
C ALA Y 70 9.51 47.51 -19.30
N VAL Y 71 9.01 48.50 -20.03
CA VAL Y 71 9.04 49.90 -19.63
C VAL Y 71 7.63 50.43 -19.65
N VAL Y 72 7.21 51.03 -18.54
CA VAL Y 72 5.86 51.58 -18.43
C VAL Y 72 5.79 52.89 -19.21
N ILE Y 73 4.78 53.02 -20.06
CA ILE Y 73 4.61 54.23 -20.85
C ILE Y 73 3.41 55.06 -20.40
N ARG Y 74 2.39 54.44 -19.79
CA ARG Y 74 1.22 55.16 -19.33
C ARG Y 74 0.79 54.61 -17.99
N GLN Y 75 0.09 55.43 -17.21
CA GLN Y 75 -0.42 54.99 -15.93
C GLN Y 75 -1.69 55.77 -15.61
N ARG Y 76 -2.53 55.18 -14.76
CA ARG Y 76 -3.76 55.82 -14.34
C ARG Y 76 -3.60 56.63 -13.07
N LYS Y 77 -2.44 56.57 -12.42
CA LYS Y 77 -2.22 57.33 -11.20
C LYS Y 77 -1.74 58.73 -11.54
N SER Y 78 -2.43 59.73 -11.00
CA SER Y 78 -2.04 61.11 -11.21
C SER Y 78 -0.67 61.38 -10.57
N TYR Y 79 0.12 62.20 -11.25
CA TYR Y 79 1.45 62.54 -10.74
C TYR Y 79 1.80 63.97 -11.14
N ARG Y 80 2.76 64.53 -10.41
CA ARG Y 80 3.15 65.93 -10.58
C ARG Y 80 4.36 66.03 -11.49
N ARG Y 81 4.32 66.98 -12.43
CA ARG Y 81 5.40 67.19 -13.37
C ARG Y 81 6.13 68.50 -13.05
N LYS Y 82 6.32 68.75 -11.76
CA LYS Y 82 7.19 69.80 -11.25
C LYS Y 82 6.77 71.21 -11.65
N ASP Y 83 5.61 71.35 -12.30
CA ASP Y 83 5.12 72.66 -12.71
C ASP Y 83 3.62 72.79 -12.45
N GLY Y 84 3.12 72.06 -11.45
CA GLY Y 84 1.74 72.16 -11.05
C GLY Y 84 0.76 71.38 -11.90
N VAL Y 85 1.22 70.69 -12.94
CA VAL Y 85 0.34 69.93 -13.80
C VAL Y 85 0.26 68.50 -13.28
N PHE Y 86 -0.93 68.09 -12.90
CA PHE Y 86 -1.19 66.73 -12.45
C PHE Y 86 -1.74 65.95 -13.64
N LEU Y 87 -1.03 64.90 -14.03
CA LEU Y 87 -1.36 64.15 -15.24
C LEU Y 87 -1.63 62.70 -14.92
N TYR Y 88 -2.69 62.15 -15.52
CA TYR Y 88 -2.95 60.72 -15.48
C TYR Y 88 -3.57 60.31 -16.81
N PHE Y 89 -3.39 59.05 -17.17
CA PHE Y 89 -3.86 58.54 -18.44
C PHE Y 89 -5.10 57.69 -18.25
N GLU Y 90 -5.73 57.35 -19.38
CA GLU Y 90 -6.93 56.54 -19.36
C GLU Y 90 -6.66 55.12 -18.89
N ASP Y 91 -5.51 54.56 -19.25
CA ASP Y 91 -5.21 53.16 -18.93
C ASP Y 91 -3.72 53.01 -18.70
N ASN Y 92 -3.37 51.93 -17.99
CA ASN Y 92 -1.98 51.61 -17.69
C ASN Y 92 -1.41 50.80 -18.83
N ALA Y 93 -0.33 51.28 -19.43
CA ALA Y 93 0.25 50.66 -20.61
C ALA Y 93 1.75 50.51 -20.47
N GLY Y 94 2.28 49.47 -21.10
CA GLY Y 94 3.71 49.25 -21.15
C GLY Y 94 4.09 48.52 -22.42
N VAL Y 95 5.39 48.54 -22.72
CA VAL Y 95 5.91 47.95 -23.94
C VAL Y 95 7.03 46.98 -23.57
N ILE Y 96 7.33 46.07 -24.49
CA ILE Y 96 8.35 45.05 -24.27
C ILE Y 96 9.66 45.53 -24.88
N VAL Y 97 10.71 45.60 -24.06
CA VAL Y 97 12.04 45.97 -24.51
C VAL Y 97 13.02 44.92 -24.00
N ASN Y 98 14.29 45.11 -24.36
CA ASN Y 98 15.38 44.32 -23.83
C ASN Y 98 16.08 45.13 -22.73
N ASN Y 99 17.16 44.56 -22.19
CA ASN Y 99 17.96 45.29 -21.22
C ASN Y 99 18.63 46.51 -21.84
N LYS Y 100 18.88 46.49 -23.14
CA LYS Y 100 19.53 47.60 -23.81
C LYS Y 100 18.63 48.82 -23.96
N GLY Y 101 17.32 48.63 -24.13
CA GLY Y 101 16.38 49.72 -24.21
C GLY Y 101 15.45 49.69 -25.40
N GLU Y 102 15.91 49.18 -26.55
CA GLU Y 102 15.08 49.18 -27.75
C GLU Y 102 13.95 48.17 -27.60
N MET Y 103 12.80 48.50 -28.18
CA MET Y 103 11.65 47.62 -28.13
C MET Y 103 11.86 46.40 -29.03
N LYS Y 104 11.24 45.28 -28.63
CA LYS Y 104 11.15 44.16 -29.55
C LYS Y 104 10.25 44.49 -30.73
N GLY Y 105 9.14 45.18 -30.47
CA GLY Y 105 8.27 45.64 -31.54
C GLY Y 105 8.75 46.95 -32.14
N SER Y 106 7.93 47.48 -33.04
CA SER Y 106 8.26 48.72 -33.73
C SER Y 106 7.14 49.74 -33.76
N ALA Y 107 5.99 49.47 -33.14
CA ALA Y 107 4.90 50.42 -33.13
C ALA Y 107 4.34 50.53 -31.73
N ILE Y 108 3.76 51.69 -31.42
CA ILE Y 108 3.17 51.97 -30.12
C ILE Y 108 1.79 52.55 -30.34
N THR Y 109 0.81 52.06 -29.58
CA THR Y 109 -0.56 52.55 -29.67
C THR Y 109 -0.86 53.45 -28.49
N GLY Y 110 -1.34 54.66 -28.77
CA GLY Y 110 -1.70 55.60 -27.74
C GLY Y 110 -0.60 56.58 -27.41
N PRO Y 111 -0.88 57.49 -26.48
CA PRO Y 111 0.12 58.50 -26.11
C PRO Y 111 1.24 57.89 -25.28
N VAL Y 112 2.33 58.64 -25.16
CA VAL Y 112 3.48 58.26 -24.36
C VAL Y 112 3.76 59.39 -23.38
N ALA Y 113 3.95 59.03 -22.11
CA ALA Y 113 4.28 60.02 -21.10
C ALA Y 113 5.63 60.66 -21.39
N LYS Y 114 5.72 61.97 -21.19
CA LYS Y 114 6.96 62.68 -21.47
C LYS Y 114 8.09 62.21 -20.56
N GLU Y 115 7.77 61.86 -19.31
CA GLU Y 115 8.79 61.34 -18.40
C GLU Y 115 9.40 60.05 -18.94
N CYS Y 116 8.56 59.16 -19.47
CA CYS Y 116 9.07 57.96 -20.11
C CYS Y 116 9.72 58.27 -21.45
N ALA Y 117 9.16 59.22 -22.20
CA ALA Y 117 9.66 59.50 -23.54
C ALA Y 117 11.07 60.06 -23.51
N ASP Y 118 11.39 60.90 -22.53
CA ASP Y 118 12.72 61.49 -22.46
C ASP Y 118 13.79 60.44 -22.16
N LEU Y 119 13.50 59.49 -21.28
CA LEU Y 119 14.51 58.55 -20.83
C LEU Y 119 14.82 57.46 -21.85
N TRP Y 120 13.90 57.15 -22.75
CA TRP Y 120 14.06 56.04 -23.68
C TRP Y 120 13.89 56.53 -25.12
N PRO Y 121 14.97 57.00 -25.76
CA PRO Y 121 14.84 57.51 -27.14
C PRO Y 121 14.35 56.48 -28.13
N ARG Y 122 14.72 55.21 -27.96
CA ARG Y 122 14.21 54.17 -28.85
C ARG Y 122 12.70 54.04 -28.75
N ILE Y 123 12.15 54.11 -27.54
CA ILE Y 123 10.70 54.11 -27.39
C ILE Y 123 10.11 55.37 -27.98
N ALA Y 124 10.76 56.52 -27.76
CA ALA Y 124 10.18 57.80 -28.17
C ALA Y 124 10.14 57.93 -29.68
N SER Y 125 11.07 57.30 -30.38
CA SER Y 125 11.14 57.45 -31.84
C SER Y 125 9.94 56.80 -32.52
N ASN Y 126 9.33 55.81 -31.88
CA ASN Y 126 8.16 55.14 -32.43
C ASN Y 126 6.85 55.69 -31.89
N ALA Y 127 6.90 56.73 -31.06
CA ALA Y 127 5.69 57.24 -30.43
C ALA Y 127 4.83 58.00 -31.43
N GLY Y 128 3.55 57.66 -31.47
CA GLY Y 128 2.62 58.42 -32.28
C GLY Y 128 2.45 59.85 -31.78
N SER Y 129 2.31 60.01 -30.47
CA SER Y 129 2.25 61.32 -29.86
C SER Y 129 2.72 61.21 -28.40
N ILE Y 130 3.35 62.27 -27.92
CA ILE Y 130 3.91 62.31 -26.58
C ILE Y 130 3.07 63.27 -25.75
N ALA Y 131 2.56 62.79 -24.63
CA ALA Y 131 1.77 63.63 -23.72
C ALA Y 131 2.60 64.05 -22.52
N MET Z 1 1.28 82.52 -14.90
CA MET Z 1 1.96 83.29 -15.93
C MET Z 1 2.21 82.41 -17.16
N LYS Z 2 2.03 81.10 -16.98
CA LYS Z 2 2.26 80.15 -18.06
C LYS Z 2 1.08 80.18 -19.04
N VAL Z 3 1.00 79.17 -19.91
CA VAL Z 3 -0.11 79.08 -20.84
C VAL Z 3 -1.40 78.87 -20.06
N GLU Z 4 -2.41 79.67 -20.38
CA GLU Z 4 -3.71 79.56 -19.74
C GLU Z 4 -4.53 78.48 -20.44
N LEU Z 5 -5.12 77.59 -19.65
CA LEU Z 5 -5.86 76.46 -20.20
C LEU Z 5 -7.33 76.57 -19.82
N CYS Z 6 -8.17 75.98 -20.67
CA CYS Z 6 -9.61 76.00 -20.48
C CYS Z 6 -10.09 74.59 -20.12
N SER Z 7 -11.15 74.53 -19.32
CA SER Z 7 -11.61 73.29 -18.71
C SER Z 7 -12.90 72.81 -19.38
N PHE Z 8 -13.49 71.77 -18.78
CA PHE Z 8 -14.83 71.33 -19.13
C PHE Z 8 -15.83 72.49 -19.10
N SER Z 9 -15.78 73.28 -18.04
CA SER Z 9 -16.69 74.40 -17.88
C SER Z 9 -16.32 75.61 -18.74
N GLY Z 10 -15.15 75.60 -19.36
CA GLY Z 10 -14.67 76.75 -20.08
C GLY Z 10 -13.98 77.79 -19.23
N TYR Z 11 -13.76 77.51 -17.95
CA TYR Z 11 -13.06 78.42 -17.06
C TYR Z 11 -11.56 78.38 -17.33
N LYS Z 12 -10.89 79.51 -17.09
CA LYS Z 12 -9.45 79.55 -17.13
C LYS Z 12 -8.88 78.73 -15.98
N ILE Z 13 -7.84 77.95 -16.26
CA ILE Z 13 -7.13 77.19 -15.25
C ILE Z 13 -5.77 77.83 -15.06
N TYR Z 14 -5.59 78.50 -13.94
CA TYR Z 14 -4.29 79.08 -13.62
C TYR Z 14 -3.30 77.98 -13.29
N PRO Z 15 -2.00 78.25 -13.47
CA PRO Z 15 -0.99 77.23 -13.20
C PRO Z 15 -1.03 76.75 -11.76
N GLY Z 16 -0.75 75.46 -11.58
CA GLY Z 16 -0.81 74.86 -10.27
C GLY Z 16 -2.20 74.49 -9.81
N HIS Z 17 -3.20 74.59 -10.68
CA HIS Z 17 -4.58 74.29 -10.34
C HIS Z 17 -5.08 73.15 -11.21
N GLY Z 18 -5.97 72.35 -10.63
CA GLY Z 18 -6.65 71.33 -11.40
C GLY Z 18 -5.74 70.17 -11.81
N ARG Z 19 -6.20 69.47 -12.85
CA ARG Z 19 -5.56 68.25 -13.31
C ARG Z 19 -5.64 68.18 -14.84
N ARG Z 20 -4.68 67.48 -15.42
CA ARG Z 20 -4.65 67.26 -16.87
C ARG Z 20 -4.86 65.77 -17.14
N TYR Z 21 -5.69 65.47 -18.13
CA TYR Z 21 -6.08 64.10 -18.44
C TYR Z 21 -5.81 63.82 -19.92
N ALA Z 22 -5.07 62.75 -20.19
CA ALA Z 22 -4.75 62.34 -21.54
C ALA Z 22 -5.37 60.98 -21.81
N ARG Z 23 -6.20 60.91 -22.84
CA ARG Z 23 -6.86 59.66 -23.19
C ARG Z 23 -5.99 58.81 -24.12
N THR Z 24 -6.38 57.55 -24.27
CA THR Z 24 -5.63 56.64 -25.12
C THR Z 24 -5.71 57.03 -26.58
N ASP Z 25 -6.81 57.66 -27.00
CA ASP Z 25 -6.98 58.03 -28.40
C ASP Z 25 -6.00 59.10 -28.86
N GLY Z 26 -5.34 59.80 -27.94
CA GLY Z 26 -4.46 60.89 -28.29
C GLY Z 26 -4.99 62.27 -27.98
N LYS Z 27 -6.14 62.37 -27.31
CA LYS Z 27 -6.71 63.66 -26.94
C LYS Z 27 -6.31 64.02 -25.52
N VAL Z 28 -6.10 65.30 -25.27
CA VAL Z 28 -5.69 65.80 -23.97
C VAL Z 28 -6.76 66.74 -23.44
N PHE Z 29 -7.22 66.48 -22.23
CA PHE Z 29 -8.16 67.36 -21.55
C PHE Z 29 -7.58 67.80 -20.22
N GLN Z 30 -8.03 68.95 -19.75
CA GLN Z 30 -7.65 69.49 -18.46
C GLN Z 30 -8.90 69.98 -17.75
N PHE Z 31 -8.91 69.84 -16.43
CA PHE Z 31 -10.08 70.15 -15.62
C PHE Z 31 -9.70 71.11 -14.51
N LEU Z 32 -10.56 72.11 -14.30
CA LEU Z 32 -10.30 73.10 -13.26
C LEU Z 32 -10.31 72.49 -11.87
N ASN Z 33 -11.23 71.56 -11.64
CA ASN Z 33 -11.33 70.89 -10.34
C ASN Z 33 -11.97 69.53 -10.56
N ALA Z 34 -12.18 68.80 -9.47
CA ALA Z 34 -12.74 67.46 -9.57
C ALA Z 34 -14.20 67.46 -10.00
N LYS Z 35 -14.93 68.55 -9.78
CA LYS Z 35 -16.32 68.61 -10.22
C LYS Z 35 -16.41 68.59 -11.74
N CYS Z 36 -15.61 69.40 -12.42
CA CYS Z 36 -15.60 69.39 -13.88
C CYS Z 36 -15.15 68.05 -14.43
N GLU Z 37 -14.12 67.46 -13.81
CA GLU Z 37 -13.63 66.16 -14.26
C GLU Z 37 -14.69 65.08 -14.10
N SER Z 38 -15.39 65.07 -12.96
CA SER Z 38 -16.43 64.07 -12.73
C SER Z 38 -17.60 64.28 -13.69
N ALA Z 39 -17.94 65.54 -13.97
CA ALA Z 39 -19.00 65.81 -14.94
C ALA Z 39 -18.61 65.32 -16.33
N PHE Z 40 -17.36 65.55 -16.72
CA PHE Z 40 -16.90 65.11 -18.04
C PHE Z 40 -16.86 63.60 -18.13
N LEU Z 41 -16.43 62.92 -17.06
CA LEU Z 41 -16.24 61.48 -17.14
C LEU Z 41 -17.57 60.74 -17.26
N SER Z 42 -18.64 61.32 -16.73
CA SER Z 42 -19.96 60.74 -16.88
C SER Z 42 -20.59 61.03 -18.24
N LYS Z 43 -19.82 61.63 -19.15
CA LYS Z 43 -20.28 61.98 -20.49
C LYS Z 43 -21.47 62.94 -20.44
N ARG Z 44 -21.48 63.79 -19.42
CA ARG Z 44 -22.48 64.85 -19.34
C ARG Z 44 -22.10 65.99 -20.28
N ASN Z 45 -23.04 66.41 -21.11
CA ASN Z 45 -22.77 67.46 -22.07
C ASN Z 45 -22.69 68.81 -21.35
N PRO Z 46 -21.62 69.57 -21.53
CA PRO Z 46 -21.51 70.86 -20.83
C PRO Z 46 -22.57 71.86 -21.22
N ARG Z 47 -23.20 71.69 -22.40
CA ARG Z 47 -24.26 72.61 -22.81
C ARG Z 47 -25.53 72.43 -22.00
N GLN Z 48 -25.63 71.39 -21.18
CA GLN Z 48 -26.82 71.14 -20.38
C GLN Z 48 -26.60 71.39 -18.89
N ILE Z 49 -25.48 72.00 -18.51
CA ILE Z 49 -25.23 72.38 -17.13
C ILE Z 49 -25.25 73.90 -17.05
N ASN Z 50 -26.09 74.43 -16.16
CA ASN Z 50 -26.48 75.83 -16.25
C ASN Z 50 -25.32 76.78 -15.96
N TRP Z 51 -24.31 76.34 -15.22
CA TRP Z 51 -23.24 77.25 -14.84
C TRP Z 51 -21.99 77.10 -15.70
N THR Z 52 -22.07 76.35 -16.81
CA THR Z 52 -20.94 76.26 -17.72
C THR Z 52 -21.00 77.38 -18.76
N VAL Z 53 -19.81 77.85 -19.16
CA VAL Z 53 -19.71 78.97 -20.09
C VAL Z 53 -20.35 78.63 -21.42
N LEU Z 54 -20.19 77.38 -21.87
CA LEU Z 54 -20.80 76.95 -23.11
C LEU Z 54 -22.31 77.08 -23.06
N TYR Z 55 -22.91 76.70 -21.93
CA TYR Z 55 -24.35 76.90 -21.75
C TYR Z 55 -24.69 78.39 -21.76
N ARG Z 56 -23.83 79.21 -21.15
CA ARG Z 56 -24.09 80.65 -21.10
C ARG Z 56 -24.15 81.25 -22.50
N ARG Z 57 -23.19 80.91 -23.35
CA ARG Z 57 -23.19 81.46 -24.70
C ARG Z 57 -24.23 80.80 -25.60
N LYS Z 58 -24.58 79.54 -25.31
CA LYS Z 58 -25.64 78.90 -26.09
C LYS Z 58 -26.98 79.56 -25.85
N HIS Z 59 -27.26 79.94 -24.61
CA HIS Z 59 -28.50 80.61 -24.27
C HIS Z 59 -28.37 82.13 -24.32
N LYS Z 60 -27.20 82.65 -24.73
CA LYS Z 60 -26.97 84.08 -24.91
C LYS Z 60 -27.25 84.86 -23.63
N LYS Z 61 -26.86 84.28 -22.50
CA LYS Z 61 -27.07 84.92 -21.21
C LYS Z 61 -26.17 86.13 -21.06
N GLY Z 62 -26.63 87.12 -20.31
CA GLY Z 62 -25.84 88.32 -20.08
C GLY Z 62 -25.76 89.30 -21.23
N GLN Z 63 -25.41 88.83 -22.42
CA GLN Z 63 -25.31 89.68 -23.58
C GLN Z 63 -26.12 89.12 -24.75
N THR Z 72 -27.00 96.95 -41.06
CA THR Z 72 -27.95 97.72 -41.84
C THR Z 72 -27.77 97.48 -43.34
N ARG Z 73 -28.14 98.49 -44.14
CA ARG Z 73 -28.04 98.43 -45.58
C ARG Z 73 -26.89 99.30 -46.07
N ARG Z 74 -26.05 98.72 -46.92
CA ARG Z 74 -24.89 99.42 -47.46
C ARG Z 74 -24.70 99.03 -48.92
N ALA Z 75 -24.57 100.03 -49.79
CA ALA Z 75 -24.31 99.80 -51.21
C ALA Z 75 -23.67 101.06 -51.78
N VAL Z 76 -22.37 100.99 -52.06
CA VAL Z 76 -21.62 102.13 -52.56
C VAL Z 76 -20.78 101.70 -53.76
N LYS Z 77 -20.79 102.52 -54.81
CA LYS Z 77 -20.09 102.23 -56.05
C LYS Z 77 -19.30 103.46 -56.48
N PHE Z 78 -18.11 103.24 -57.02
CA PHE Z 78 -17.21 104.32 -57.42
C PHE Z 78 -16.93 104.23 -58.92
N GLN Z 79 -16.46 105.34 -59.48
CA GLN Z 79 -16.09 105.41 -60.88
C GLN Z 79 -14.57 105.46 -61.00
N ARG Z 80 -14.02 104.61 -61.87
CA ARG Z 80 -12.59 104.51 -62.08
C ARG Z 80 -12.29 104.59 -63.57
N ALA Z 81 -11.09 105.06 -63.88
CA ALA Z 81 -10.64 105.11 -65.27
C ALA Z 81 -10.49 103.71 -65.85
N ILE Z 82 -10.60 103.62 -67.17
CA ILE Z 82 -10.47 102.37 -67.90
C ILE Z 82 -9.22 102.46 -68.76
N THR Z 83 -8.47 101.37 -68.84
CA THR Z 83 -7.28 101.31 -69.69
C THR Z 83 -7.66 101.63 -71.13
N GLY Z 84 -7.19 102.77 -71.64
CA GLY Z 84 -7.56 103.26 -72.95
C GLY Z 84 -8.65 104.31 -72.94
N ALA Z 85 -9.30 104.54 -71.80
CA ALA Z 85 -10.34 105.58 -71.72
C ALA Z 85 -10.26 106.18 -70.30
N SER Z 86 -9.59 107.31 -70.19
CA SER Z 86 -9.37 107.94 -68.89
C SER Z 86 -10.68 108.51 -68.34
N LEU Z 87 -10.60 109.05 -67.13
CA LEU Z 87 -11.78 109.63 -66.49
C LEU Z 87 -12.31 110.81 -67.28
N ALA Z 88 -11.43 111.67 -67.78
CA ALA Z 88 -11.87 112.83 -68.55
C ALA Z 88 -12.60 112.42 -69.81
N ASP Z 89 -12.11 111.38 -70.50
CA ASP Z 89 -12.74 110.92 -71.73
C ASP Z 89 -14.16 110.45 -71.46
N ILE Z 90 -14.35 109.59 -70.46
CA ILE Z 90 -15.67 109.03 -70.21
C ILE Z 90 -16.61 110.09 -69.65
N MET Z 91 -16.09 111.03 -68.86
CA MET Z 91 -16.92 112.13 -68.39
C MET Z 91 -17.38 112.99 -69.55
N ALA Z 92 -16.49 113.26 -70.51
CA ALA Z 92 -16.89 114.03 -71.68
C ALA Z 92 -17.92 113.27 -72.52
N LYS Z 93 -17.73 111.96 -72.66
CA LYS Z 93 -18.67 111.15 -73.45
C LYS Z 93 -20.04 111.11 -72.80
N ARG Z 94 -20.10 110.99 -71.47
CA ARG Z 94 -21.38 110.82 -70.80
C ARG Z 94 -22.08 112.14 -70.47
N ASN Z 95 -21.45 113.28 -70.77
CA ASN Z 95 -22.04 114.58 -70.48
C ASN Z 95 -22.42 115.34 -71.75
N GLN Z 96 -22.79 114.61 -72.81
CA GLN Z 96 -23.33 115.22 -74.01
C GLN Z 96 -24.85 115.28 -74.00
N LYS Z 97 -25.46 115.34 -72.83
CA LYS Z 97 -26.92 115.41 -72.74
C LYS Z 97 -27.57 116.61 -73.42
N PRO Z 98 -27.01 117.87 -73.38
CA PRO Z 98 -27.79 118.99 -73.94
C PRO Z 98 -27.93 118.91 -75.46
N GLU Z 99 -28.73 117.95 -75.91
CA GLU Z 99 -29.10 117.72 -77.30
C GLU Z 99 -27.91 117.46 -78.21
N VAL Z 100 -26.71 117.22 -77.65
CA VAL Z 100 -25.59 116.81 -78.47
C VAL Z 100 -25.81 115.39 -78.99
N ARG Z 101 -26.29 114.49 -78.12
CA ARG Z 101 -26.66 113.16 -78.55
C ARG Z 101 -27.79 113.19 -79.55
N LYS Z 102 -28.67 114.19 -79.48
CA LYS Z 102 -29.66 114.37 -80.54
C LYS Z 102 -28.98 114.67 -81.86
N ALA Z 103 -27.92 115.47 -81.84
CA ALA Z 103 -27.17 115.73 -83.06
C ALA Z 103 -26.49 114.47 -83.58
N GLN Z 104 -25.94 113.66 -82.68
CA GLN Z 104 -25.34 112.39 -83.12
C GLN Z 104 -26.39 111.45 -83.69
N ARG Z 105 -27.56 111.36 -83.05
CA ARG Z 105 -28.62 110.50 -83.57
C ARG Z 105 -29.09 110.96 -84.94
N GLU Z 106 -29.30 112.27 -85.11
CA GLU Z 106 -29.78 112.76 -86.40
C GLU Z 106 -28.72 112.60 -87.49
N GLN Z 107 -27.45 112.84 -87.15
CA GLN Z 107 -26.41 112.68 -88.16
C GLN Z 107 -26.22 111.22 -88.52
N ALA Z 108 -26.35 110.30 -87.56
CA ALA Z 108 -26.28 108.88 -87.86
C ALA Z 108 -27.49 108.43 -88.69
N ILE Z 109 -28.66 109.00 -88.42
CA ILE Z 109 -29.86 108.63 -89.18
C ILE Z 109 -29.71 109.08 -90.64
N ARG Z 110 -29.26 110.32 -90.87
CA ARG Z 110 -29.11 110.81 -92.25
C ARG Z 110 -27.94 110.16 -92.96
N ALA Z 111 -26.90 109.80 -92.22
CA ALA Z 111 -25.75 109.10 -92.79
C ALA Z 111 -26.13 107.70 -93.22
N ALA Z 112 -26.96 107.02 -92.41
CA ALA Z 112 -27.55 105.78 -92.87
C ALA Z 112 -28.51 106.01 -94.01
N LYS Z 113 -29.11 107.20 -94.09
CA LYS Z 113 -30.12 107.42 -95.12
C LYS Z 113 -29.51 107.49 -96.52
N GLU Z 114 -28.36 108.18 -96.69
CA GLU Z 114 -27.89 108.21 -98.08
C GLU Z 114 -27.26 106.86 -98.44
N ALA Z 115 -26.72 106.15 -97.45
CA ALA Z 115 -26.27 104.77 -97.68
C ALA Z 115 -27.42 103.88 -98.11
N LYS Z 116 -28.58 104.05 -97.47
CA LYS Z 116 -29.76 103.29 -97.87
C LYS Z 116 -30.23 103.68 -99.27
N LYS Z 117 -30.18 104.97 -99.63
CA LYS Z 117 -30.58 105.36 -100.98
C LYS Z 117 -29.62 104.81 -102.03
N ALA Z 118 -28.32 104.82 -101.75
CA ALA Z 118 -27.36 104.20 -102.66
C ALA Z 118 -27.59 102.70 -102.78
N LYS Z 119 -27.86 102.02 -101.66
CA LYS Z 119 -28.15 100.60 -101.70
C LYS Z 119 -29.43 100.31 -102.46
N GLN Z 120 -30.42 101.20 -102.36
CA GLN Z 120 -31.67 101.03 -103.10
C GLN Z 120 -31.44 101.24 -104.59
N ALA Z 121 -30.58 102.21 -104.94
CA ALA Z 121 -30.24 102.43 -106.34
C ALA Z 121 -29.49 101.24 -106.92
N SER Z 122 -28.60 100.63 -106.14
CA SER Z 122 -27.83 99.49 -106.60
C SER Z 122 -28.47 98.14 -106.28
N LYS Z 123 -29.68 98.13 -105.73
CA LYS Z 123 -30.31 96.91 -105.24
C LYS Z 123 -31.31 96.33 -106.24
N LYS Z 124 -32.31 97.12 -106.64
CA LYS Z 124 -33.30 96.65 -107.60
C LYS Z 124 -32.75 96.60 -109.03
N LYS AA 1 -88.22 -35.21 37.20
CA LYS AA 1 -88.33 -35.13 35.75
C LYS AA 1 -88.66 -33.71 35.29
N LYS AA 2 -88.39 -32.73 36.16
CA LYS AA 2 -88.63 -31.33 35.84
C LYS AA 2 -87.48 -30.41 36.22
N LYS AA 3 -86.47 -30.90 36.93
CA LYS AA 3 -85.24 -30.14 37.16
C LYS AA 3 -84.39 -30.20 35.90
N ILE AA 4 -84.23 -29.08 35.23
CA ILE AA 4 -83.52 -29.02 33.96
C ILE AA 4 -82.57 -27.84 33.97
N ARG AA 5 -81.41 -28.03 33.35
CA ARG AA 5 -80.40 -26.99 33.21
C ARG AA 5 -80.30 -26.63 31.73
N THR AA 6 -80.85 -25.48 31.36
CA THR AA 6 -80.88 -25.06 29.97
C THR AA 6 -79.70 -24.16 29.59
N SER AA 7 -78.80 -23.88 30.54
CA SER AA 7 -77.66 -23.04 30.25
C SER AA 7 -76.38 -23.74 30.68
N PRO AA 8 -75.31 -23.64 29.91
CA PRO AA 8 -74.05 -24.30 30.26
C PRO AA 8 -73.25 -23.58 31.33
N THR AA 9 -73.70 -22.42 31.79
CA THR AA 9 -72.98 -21.63 32.79
C THR AA 9 -73.67 -21.79 34.13
N PHE AA 10 -72.90 -22.18 35.14
CA PHE AA 10 -73.42 -22.29 36.50
C PHE AA 10 -73.31 -20.93 37.18
N ARG AA 11 -74.40 -20.49 37.79
CA ARG AA 11 -74.44 -19.24 38.52
C ARG AA 11 -74.69 -19.51 40.00
N ARG AA 12 -74.16 -18.62 40.83
CA ARG AA 12 -74.36 -18.75 42.26
C ARG AA 12 -75.85 -18.57 42.59
N PRO AA 13 -76.44 -19.47 43.36
CA PRO AA 13 -77.86 -19.33 43.70
C PRO AA 13 -78.12 -18.10 44.55
N LYS AA 14 -79.29 -17.50 44.35
CA LYS AA 14 -79.68 -16.29 45.06
C LYS AA 14 -80.27 -16.66 46.42
N THR AA 15 -79.60 -16.23 47.48
CA THR AA 15 -80.00 -16.54 48.84
C THR AA 15 -80.44 -15.27 49.55
N LEU AA 16 -81.44 -15.40 50.42
CA LEU AA 16 -81.95 -14.24 51.13
C LEU AA 16 -80.91 -13.69 52.10
N ARG AA 17 -80.83 -12.37 52.17
CA ARG AA 17 -79.86 -11.66 52.99
C ARG AA 17 -80.63 -10.85 54.03
N LEU AA 18 -80.45 -11.20 55.29
CA LEU AA 18 -81.23 -10.60 56.36
C LEU AA 18 -80.78 -9.16 56.61
N ARG AA 19 -81.75 -8.28 56.83
CA ARG AA 19 -81.46 -6.95 57.32
C ARG AA 19 -80.91 -7.04 58.74
N ARG AA 20 -79.95 -6.17 59.05
CA ARG AA 20 -79.31 -6.20 60.35
C ARG AA 20 -80.31 -5.95 61.46
N GLN AA 21 -80.24 -6.78 62.50
CA GLN AA 21 -81.13 -6.68 63.66
C GLN AA 21 -80.27 -6.64 64.91
N PRO AA 22 -79.55 -5.54 65.13
CA PRO AA 22 -78.59 -5.50 66.24
C PRO AA 22 -79.27 -5.60 67.59
N LYS AA 23 -78.61 -6.31 68.50
CA LYS AA 23 -79.11 -6.43 69.86
C LYS AA 23 -78.80 -5.21 70.70
N TYR AA 24 -77.95 -4.30 70.21
CA TYR AA 24 -77.65 -3.06 70.90
C TYR AA 24 -77.19 -2.05 69.86
N PRO AA 25 -77.63 -0.79 69.96
CA PRO AA 25 -77.06 0.23 69.09
C PRO AA 25 -75.58 0.44 69.40
N ARG AA 26 -74.80 0.68 68.36
CA ARG AA 26 -73.36 0.85 68.55
C ARG AA 26 -73.03 2.20 69.16
N LYS AA 27 -73.94 3.17 69.04
CA LYS AA 27 -73.83 4.46 69.71
C LYS AA 27 -75.04 4.62 70.62
N SER AA 28 -74.80 5.17 71.82
CA SER AA 28 -75.87 5.28 72.79
C SER AA 28 -76.98 6.22 72.30
N ALA AA 29 -76.61 7.40 71.83
CA ALA AA 29 -77.57 8.39 71.37
C ALA AA 29 -77.08 8.96 70.04
N PRO AA 30 -78.00 9.40 69.19
CA PRO AA 30 -77.57 10.08 67.95
C PRO AA 30 -76.84 11.37 68.26
N ARG AA 31 -75.85 11.67 67.43
CA ARG AA 31 -75.09 12.91 67.58
C ARG AA 31 -75.91 14.08 67.05
N ARG AA 32 -76.05 15.12 67.86
CA ARG AA 32 -76.87 16.25 67.44
C ARG AA 32 -76.16 17.03 66.34
N ASN AA 33 -76.94 17.81 65.60
CA ASN AA 33 -76.41 18.59 64.49
C ASN AA 33 -75.56 19.74 65.03
N LYS AA 34 -74.24 19.63 64.91
CA LYS AA 34 -73.37 20.74 65.27
C LYS AA 34 -73.58 21.93 64.34
N LEU AA 35 -74.00 21.68 63.11
CA LEU AA 35 -74.29 22.75 62.16
C LEU AA 35 -75.79 23.06 62.15
N ASP AA 36 -76.26 23.60 63.27
CA ASP AA 36 -77.66 24.00 63.36
C ASP AA 36 -77.83 25.37 62.71
N HIS AA 37 -79.03 25.95 62.86
CA HIS AA 37 -79.37 27.17 62.15
C HIS AA 37 -78.54 28.36 62.60
N TYR AA 38 -78.21 28.43 63.90
CA TYR AA 38 -77.38 29.53 64.38
C TYR AA 38 -75.92 29.34 63.99
N ALA AA 39 -75.46 28.10 63.87
CA ALA AA 39 -74.08 27.87 63.47
C ALA AA 39 -73.86 28.16 62.00
N ILE AA 40 -74.92 28.13 61.20
CA ILE AA 40 -74.78 28.33 59.76
C ILE AA 40 -74.32 29.76 59.47
N ILE AA 41 -74.96 30.74 60.09
CA ILE AA 41 -74.65 32.15 59.87
C ILE AA 41 -73.67 32.58 60.95
N LYS AA 42 -72.47 32.99 60.54
CA LYS AA 42 -71.50 33.47 61.51
C LYS AA 42 -71.76 34.92 61.87
N PHE AA 43 -71.68 35.82 60.89
CA PHE AA 43 -72.02 37.22 61.11
C PHE AA 43 -72.29 37.86 59.76
N PRO AA 44 -73.16 38.87 59.69
CA PRO AA 44 -73.36 39.57 58.43
C PRO AA 44 -72.18 40.47 58.10
N LEU AA 45 -72.03 40.76 56.82
CA LEU AA 45 -70.93 41.60 56.33
C LEU AA 45 -71.46 43.00 56.06
N THR AA 46 -70.70 44.00 56.50
CA THR AA 46 -71.14 45.40 56.44
C THR AA 46 -70.13 46.29 55.73
N THR AA 47 -69.60 45.84 54.60
CA THR AA 47 -68.75 46.69 53.80
C THR AA 47 -69.60 47.65 52.98
N GLU AA 48 -68.92 48.63 52.35
CA GLU AA 48 -69.63 49.54 51.45
C GLU AA 48 -70.19 48.78 50.24
N SER AA 49 -69.49 47.74 49.80
CA SER AA 49 -70.05 46.87 48.77
C SER AA 49 -71.28 46.13 49.28
N ALA AA 50 -71.22 45.63 50.52
CA ALA AA 50 -72.38 44.96 51.10
C ALA AA 50 -73.54 45.93 51.30
N MET AA 51 -73.25 47.15 51.76
CA MET AA 51 -74.30 48.15 51.90
C MET AA 51 -74.91 48.53 50.56
N LYS AA 52 -74.07 48.64 49.52
CA LYS AA 52 -74.58 48.87 48.16
C LYS AA 52 -75.49 47.73 47.72
N LYS AA 53 -75.09 46.49 47.99
CA LYS AA 53 -75.93 45.35 47.64
C LYS AA 53 -77.27 45.41 48.34
N ILE AA 54 -77.25 45.75 49.64
CA ILE AA 54 -78.48 45.83 50.41
C ILE AA 54 -79.38 46.94 49.87
N GLU AA 55 -78.81 48.11 49.60
CA GLU AA 55 -79.64 49.25 49.22
C GLU AA 55 -80.03 49.25 47.74
N ASP AA 56 -79.42 48.39 46.92
CA ASP AA 56 -79.76 48.35 45.51
C ASP AA 56 -80.44 47.06 45.09
N ASN AA 57 -79.84 45.91 45.36
CA ASN AA 57 -80.31 44.64 44.82
C ASN AA 57 -81.23 43.89 45.78
N ASN AA 58 -81.60 44.50 46.91
CA ASN AA 58 -82.42 43.85 47.93
C ASN AA 58 -81.79 42.55 48.41
N THR AA 59 -80.45 42.55 48.48
CA THR AA 59 -79.68 41.36 48.76
C THR AA 59 -78.89 41.55 50.05
N LEU AA 60 -79.03 40.60 50.97
CA LEU AA 60 -78.26 40.59 52.20
C LEU AA 60 -76.96 39.82 52.00
N VAL AA 61 -75.93 40.23 52.72
CA VAL AA 61 -74.61 39.62 52.63
C VAL AA 61 -74.28 39.00 53.99
N PHE AA 62 -73.85 37.75 53.99
CA PHE AA 62 -73.54 37.04 55.22
C PHE AA 62 -72.25 36.25 55.04
N ILE AA 63 -71.53 36.10 56.15
CA ILE AA 63 -70.42 35.17 56.25
C ILE AA 63 -70.97 33.90 56.90
N VAL AA 64 -70.98 32.81 56.14
CA VAL AA 64 -71.64 31.58 56.55
C VAL AA 64 -70.59 30.52 56.82
N ASP AA 65 -71.06 29.38 57.32
CA ASP AA 65 -70.16 28.25 57.53
C ASP AA 65 -69.62 27.74 56.20
N VAL AA 66 -68.36 27.32 56.22
CA VAL AA 66 -67.72 26.86 54.98
C VAL AA 66 -68.35 25.57 54.45
N LYS AA 67 -68.85 24.71 55.33
CA LYS AA 67 -69.50 23.48 54.91
C LYS AA 67 -70.93 23.69 54.44
N ALA AA 68 -71.49 24.88 54.67
CA ALA AA 68 -72.90 25.13 54.40
C ALA AA 68 -73.16 25.19 52.90
N ASN AA 69 -74.28 24.58 52.49
CA ASN AA 69 -74.75 24.66 51.12
C ASN AA 69 -75.82 25.74 50.99
N LYS AA 70 -76.26 25.98 49.76
CA LYS AA 70 -77.24 27.03 49.53
C LYS AA 70 -78.58 26.72 50.18
N HIS AA 71 -79.01 25.45 50.14
CA HIS AA 71 -80.27 25.08 50.77
C HIS AA 71 -80.23 25.32 52.27
N GLN AA 72 -79.13 24.95 52.92
CA GLN AA 72 -79.01 25.16 54.35
C GLN AA 72 -79.00 26.65 54.70
N ILE AA 73 -78.31 27.46 53.89
CA ILE AA 73 -78.30 28.90 54.10
C ILE AA 73 -79.70 29.47 53.97
N LYS AA 74 -80.42 29.05 52.93
CA LYS AA 74 -81.77 29.56 52.69
C LYS AA 74 -82.71 29.18 53.83
N GLN AA 75 -82.65 27.92 54.28
CA GLN AA 75 -83.48 27.48 55.40
C GLN AA 75 -83.15 28.23 56.68
N ALA AA 76 -81.85 28.41 56.97
CA ALA AA 76 -81.47 29.09 58.20
C ALA AA 76 -81.92 30.54 58.20
N VAL AA 77 -81.74 31.25 57.08
CA VAL AA 77 -82.21 32.63 57.00
C VAL AA 77 -83.72 32.69 57.13
N LYS AA 78 -84.43 31.81 56.42
CA LYS AA 78 -85.88 31.76 56.50
C LYS AA 78 -86.36 31.56 57.93
N LYS AA 79 -85.68 30.70 58.68
CA LYS AA 79 -86.10 30.46 60.06
C LYS AA 79 -85.79 31.68 60.93
N LEU AA 80 -84.52 32.05 61.04
CA LEU AA 80 -84.12 32.97 62.11
C LEU AA 80 -84.24 34.44 61.72
N TYR AA 81 -84.74 34.76 60.52
CA TYR AA 81 -85.13 36.14 60.23
C TYR AA 81 -86.56 36.32 59.75
N ASP AA 82 -87.34 35.24 59.67
CA ASP AA 82 -88.77 35.31 59.35
C ASP AA 82 -89.01 36.01 58.01
N ILE AA 83 -88.14 35.77 57.05
CA ILE AA 83 -88.24 36.39 55.73
C ILE AA 83 -88.13 35.30 54.67
N ASP AA 84 -88.61 35.63 53.47
CA ASP AA 84 -88.53 34.74 52.32
C ASP AA 84 -87.55 35.31 51.31
N VAL AA 85 -86.67 34.44 50.79
CA VAL AA 85 -85.59 34.88 49.92
C VAL AA 85 -85.86 34.41 48.50
N ALA AA 86 -85.18 35.03 47.54
CA ALA AA 86 -85.33 34.68 46.14
C ALA AA 86 -84.31 33.65 45.71
N LYS AA 87 -83.02 33.95 45.84
CA LYS AA 87 -81.97 33.02 45.49
C LYS AA 87 -80.74 33.32 46.34
N VAL AA 88 -79.85 32.33 46.42
CA VAL AA 88 -78.63 32.43 47.21
C VAL AA 88 -77.45 32.20 46.29
N ASN AA 89 -76.54 33.17 46.25
CA ASN AA 89 -75.31 33.07 45.48
C ASN AA 89 -74.15 32.90 46.44
N THR AA 90 -73.29 31.92 46.15
CA THR AA 90 -72.25 31.51 47.09
C THR AA 90 -70.88 31.59 46.43
N LEU AA 91 -69.95 32.24 47.11
CA LEU AA 91 -68.54 32.18 46.76
C LEU AA 91 -67.73 31.91 48.03
N ILE AA 92 -66.45 31.65 47.86
CA ILE AA 92 -65.53 31.46 48.97
C ILE AA 92 -64.46 32.53 48.89
N ARG AA 93 -64.34 33.33 49.95
CA ARG AA 93 -63.39 34.43 49.96
C ARG AA 93 -61.96 33.90 49.96
N PRO AA 94 -61.01 34.71 49.47
CA PRO AA 94 -59.61 34.26 49.48
C PRO AA 94 -59.06 34.02 50.88
N ASP AA 95 -59.70 34.58 51.92
CA ASP AA 95 -59.26 34.33 53.28
C ASP AA 95 -59.78 33.02 53.85
N GLY AA 96 -60.58 32.27 53.08
CA GLY AA 96 -61.10 31.00 53.51
C GLY AA 96 -62.53 31.04 54.02
N GLU AA 97 -63.05 32.23 54.30
CA GLU AA 97 -64.44 32.36 54.71
C GLU AA 97 -65.36 32.28 53.49
N LYS AA 98 -66.55 31.74 53.72
CA LYS AA 98 -67.55 31.62 52.66
C LYS AA 98 -68.49 32.81 52.73
N LYS AA 99 -68.67 33.48 51.59
CA LYS AA 99 -69.55 34.63 51.49
C LYS AA 99 -70.74 34.26 50.63
N ALA AA 100 -71.94 34.49 51.14
CA ALA AA 100 -73.18 34.12 50.47
C ALA AA 100 -74.02 35.36 50.23
N TYR AA 101 -74.28 35.67 48.96
CA TYR AA 101 -75.21 36.73 48.59
C TYR AA 101 -76.62 36.16 48.61
N VAL AA 102 -77.43 36.64 49.53
CA VAL AA 102 -78.80 36.14 49.71
C VAL AA 102 -79.75 37.24 49.28
N ARG AA 103 -80.48 37.00 48.20
CA ARG AA 103 -81.41 37.99 47.67
C ARG AA 103 -82.81 37.67 48.14
N LEU AA 104 -83.50 38.66 48.69
CA LEU AA 104 -84.82 38.46 49.25
C LEU AA 104 -85.88 38.47 48.15
N ALA AA 105 -87.05 37.97 48.51
CA ALA AA 105 -88.19 38.01 47.61
C ALA AA 105 -88.66 39.47 47.43
N PRO AA 106 -89.33 39.78 46.32
CA PRO AA 106 -89.78 41.16 46.11
C PRO AA 106 -90.72 41.69 47.16
N ASP AA 107 -91.49 40.83 47.84
CA ASP AA 107 -92.43 41.29 48.84
C ASP AA 107 -91.75 41.77 50.12
N TYR AA 108 -90.49 41.39 50.35
CA TYR AA 108 -89.73 41.83 51.50
C TYR AA 108 -88.61 42.76 51.06
N ASP AA 109 -88.54 43.94 51.66
CA ASP AA 109 -87.46 44.88 51.42
C ASP AA 109 -86.31 44.53 52.35
N ALA AA 110 -85.08 44.64 51.85
CA ALA AA 110 -83.92 44.27 52.65
C ALA AA 110 -83.51 45.35 53.63
N LEU AA 111 -83.90 46.61 53.39
CA LEU AA 111 -83.36 47.72 54.17
C LEU AA 111 -83.89 47.69 55.61
N ASP AA 112 -85.20 47.56 55.78
CA ASP AA 112 -85.75 47.48 57.13
C ASP AA 112 -85.36 46.18 57.83
N VAL AA 113 -85.14 45.12 57.07
CA VAL AA 113 -84.59 43.89 57.63
C VAL AA 113 -83.21 44.16 58.22
N ALA AA 114 -82.38 44.89 57.48
CA ALA AA 114 -81.08 45.29 58.01
C ALA AA 114 -81.23 46.19 59.23
N ASN AA 115 -82.26 47.05 59.24
CA ASN AA 115 -82.52 47.89 60.40
C ASN AA 115 -82.81 47.06 61.64
N LYS AA 116 -83.74 46.10 61.53
CA LYS AA 116 -84.12 45.32 62.70
C LYS AA 116 -83.03 44.33 63.12
N ILE AA 117 -82.24 43.84 62.16
CA ILE AA 117 -81.06 43.07 62.53
C ILE AA 117 -80.07 43.94 63.28
N GLY AA 118 -79.87 45.17 62.83
CA GLY AA 118 -78.98 46.08 63.50
C GLY AA 118 -77.67 46.29 62.76
N ILE AA 119 -77.71 46.14 61.44
CA ILE AA 119 -76.50 46.27 60.62
C ILE AA 119 -76.63 47.49 59.73
N ILE AA 120 -77.54 48.40 60.08
CA ILE AA 120 -77.71 49.62 59.31
C ILE AA 120 -76.54 50.55 59.61
N MET BA 1 -29.55 19.12 107.80
CA MET BA 1 -29.89 19.68 106.50
C MET BA 1 -30.97 18.86 105.81
N LYS BA 2 -31.13 19.06 104.50
CA LYS BA 2 -32.18 18.37 103.77
C LYS BA 2 -31.85 16.89 103.63
N PHE BA 3 -32.73 16.03 104.11
CA PHE BA 3 -32.55 14.59 104.03
C PHE BA 3 -33.60 13.88 103.20
N ASN BA 4 -34.69 14.53 102.84
CA ASN BA 4 -35.68 13.89 102.00
C ASN BA 4 -35.14 13.75 100.60
N PRO BA 5 -35.00 12.53 100.05
CA PRO BA 5 -34.43 12.36 98.72
C PRO BA 5 -35.36 12.70 97.57
N PHE BA 6 -36.58 13.16 97.85
CA PHE BA 6 -37.52 13.50 96.80
C PHE BA 6 -37.66 15.01 96.60
N VAL BA 7 -36.97 15.82 97.39
CA VAL BA 7 -36.94 17.27 97.20
C VAL BA 7 -35.52 17.65 96.81
N THR BA 8 -35.40 18.51 95.80
CA THR BA 8 -34.10 18.81 95.23
C THR BA 8 -33.50 20.07 95.85
N SER BA 9 -32.18 20.09 95.93
CA SER BA 9 -31.42 21.28 96.29
C SER BA 9 -30.77 21.93 95.09
N ASP BA 10 -31.08 21.45 93.88
CA ASP BA 10 -30.48 22.01 92.67
C ASP BA 10 -30.93 23.44 92.47
N ARG BA 11 -29.96 24.33 92.25
CA ARG BA 11 -30.27 25.74 92.08
C ARG BA 11 -31.09 25.98 90.82
N SER BA 12 -30.71 25.32 89.71
CA SER BA 12 -31.45 25.50 88.47
C SER BA 12 -32.88 24.98 88.58
N LYS BA 13 -33.07 23.80 89.17
CA LYS BA 13 -34.42 23.26 89.32
C LYS BA 13 -35.26 24.13 90.24
N ASN BA 14 -34.69 24.59 91.35
CA ASN BA 14 -35.44 25.44 92.26
C ASN BA 14 -35.81 26.76 91.62
N ARG BA 15 -34.89 27.36 90.86
CA ARG BA 15 -35.19 28.60 90.16
C ARG BA 15 -36.27 28.39 89.12
N LYS BA 16 -36.22 27.27 88.40
CA LYS BA 16 -37.23 26.99 87.38
C LYS BA 16 -38.60 26.81 88.03
N ARG BA 17 -38.65 26.13 89.17
CA ARG BA 17 -39.92 25.99 89.89
C ARG BA 17 -40.42 27.35 90.37
N HIS BA 18 -39.53 28.20 90.84
CA HIS BA 18 -39.94 29.49 91.40
C HIS BA 18 -40.45 30.43 90.31
N PHE BA 19 -39.69 30.55 89.21
CA PHE BA 19 -40.02 31.54 88.19
C PHE BA 19 -41.15 31.10 87.27
N ASN BA 20 -41.57 29.84 87.35
CA ASN BA 20 -42.65 29.34 86.51
C ASN BA 20 -43.79 28.76 87.34
N ALA BA 21 -43.86 29.11 88.62
CA ALA BA 21 -44.90 28.60 89.48
C ALA BA 21 -46.24 29.23 89.10
N PRO BA 22 -47.34 28.48 89.21
CA PRO BA 22 -48.66 29.07 88.98
C PRO BA 22 -49.06 29.97 90.14
N SER BA 23 -50.15 30.71 89.90
CA SER BA 23 -50.59 31.73 90.87
C SER BA 23 -50.99 31.11 92.19
N HIS BA 24 -51.56 29.91 92.18
CA HIS BA 24 -52.07 29.32 93.42
C HIS BA 24 -50.98 28.92 94.39
N ILE BA 25 -49.73 28.80 93.92
CA ILE BA 25 -48.59 28.62 94.82
C ILE BA 25 -47.67 29.82 94.83
N ARG BA 26 -47.72 30.69 93.81
CA ARG BA 26 -47.09 31.99 93.94
C ARG BA 26 -47.70 32.79 95.09
N ARG BA 27 -48.99 32.54 95.38
CA ARG BA 27 -49.61 33.14 96.55
C ARG BA 27 -48.90 32.74 97.83
N LYS BA 28 -48.63 31.44 98.00
CA LYS BA 28 -47.89 31.01 99.18
C LYS BA 28 -46.47 31.54 99.17
N ILE BA 29 -45.85 31.59 97.99
CA ILE BA 29 -44.51 32.15 97.88
C ILE BA 29 -44.52 33.63 98.22
N MET BA 30 -45.48 34.38 97.69
CA MET BA 30 -45.61 35.80 97.98
C MET BA 30 -46.34 35.98 99.32
N SER BA 31 -45.61 35.67 100.39
CA SER BA 31 -46.13 35.76 101.74
C SER BA 31 -45.37 36.81 102.53
N SER BA 32 -46.02 37.37 103.53
CA SER BA 32 -45.42 38.42 104.34
C SER BA 32 -45.60 38.12 105.83
N PRO BA 33 -44.64 38.51 106.65
CA PRO BA 33 -44.78 38.31 108.09
C PRO BA 33 -45.79 39.27 108.68
N LEU BA 34 -46.35 38.88 109.83
CA LEU BA 34 -47.29 39.74 110.52
C LEU BA 34 -46.56 40.66 111.50
N SER BA 35 -47.26 41.69 111.96
CA SER BA 35 -46.70 42.59 112.94
C SER BA 35 -46.56 41.89 114.28
N LYS BA 36 -45.71 42.45 115.14
CA LYS BA 36 -45.49 41.86 116.47
C LYS BA 36 -46.77 41.86 117.28
N GLU BA 37 -47.57 42.92 117.18
CA GLU BA 37 -48.89 42.92 117.80
C GLU BA 37 -49.77 41.82 117.22
N LEU BA 38 -49.76 41.66 115.90
CA LEU BA 38 -50.53 40.60 115.27
C LEU BA 38 -49.95 39.22 115.63
N ARG BA 39 -48.62 39.12 115.69
CA ARG BA 39 -47.99 37.86 116.07
C ARG BA 39 -48.37 37.47 117.50
N GLN BA 40 -48.55 38.46 118.38
CA GLN BA 40 -49.01 38.14 119.72
C GLN BA 40 -50.50 37.80 119.73
N LYS BA 41 -51.30 38.55 118.97
CA LYS BA 41 -52.75 38.33 118.96
C LYS BA 41 -53.10 37.00 118.31
N TYR BA 42 -52.56 36.74 117.13
CA TYR BA 42 -52.73 35.46 116.46
C TYR BA 42 -51.40 34.72 116.54
N ASN BA 43 -51.42 33.48 117.02
CA ASN BA 43 -50.19 32.76 117.24
C ASN BA 43 -49.64 32.22 115.92
N VAL BA 44 -49.41 33.12 114.96
CA VAL BA 44 -48.82 32.79 113.66
C VAL BA 44 -47.74 33.82 113.38
N ARG BA 45 -46.88 33.50 112.41
CA ARG BA 45 -45.77 34.37 112.06
C ARG BA 45 -45.91 34.97 110.66
N SER BA 46 -46.09 34.11 109.64
CA SER BA 46 -46.15 34.54 108.26
C SER BA 46 -47.54 34.31 107.69
N MET BA 47 -47.85 34.99 106.60
CA MET BA 47 -49.18 34.95 106.00
C MET BA 47 -49.06 35.28 104.53
N PRO BA 48 -49.75 34.55 103.64
CA PRO BA 48 -49.82 34.98 102.25
C PRO BA 48 -50.52 36.34 102.14
N ILE BA 49 -50.08 37.13 101.17
CA ILE BA 49 -50.55 38.51 101.09
C ILE BA 49 -51.95 38.55 100.48
N ARG BA 50 -52.65 39.64 100.76
CA ARG BA 50 -54.06 39.78 100.43
C ARG BA 50 -54.27 41.13 99.75
N LYS BA 51 -55.39 41.25 99.03
CA LYS BA 51 -55.67 42.45 98.25
C LYS BA 51 -55.76 43.70 99.12
N ASP BA 52 -56.46 43.62 100.25
CA ASP BA 52 -56.91 44.81 100.96
C ASP BA 52 -56.47 44.80 102.42
N ASP BA 53 -55.20 44.53 102.68
CA ASP BA 53 -54.65 44.67 104.02
C ASP BA 53 -53.73 45.88 104.07
N GLU BA 54 -53.48 46.35 105.29
CA GLU BA 54 -52.62 47.51 105.51
C GLU BA 54 -51.25 47.05 105.96
N VAL BA 55 -50.22 47.48 105.23
CA VAL BA 55 -48.84 47.07 105.47
C VAL BA 55 -47.96 48.31 105.51
N GLN BA 56 -46.76 48.13 106.06
CA GLN BA 56 -45.74 49.16 106.07
C GLN BA 56 -44.42 48.54 105.61
N VAL BA 57 -43.55 49.38 105.07
CA VAL BA 57 -42.34 48.92 104.41
C VAL BA 57 -41.15 49.06 105.35
N VAL BA 58 -40.34 48.02 105.44
CA VAL BA 58 -39.20 48.00 106.34
C VAL BA 58 -37.86 47.92 105.60
N ARG BA 59 -37.86 47.82 104.28
CA ARG BA 59 -36.62 47.76 103.51
C ARG BA 59 -36.76 48.58 102.24
N GLY BA 60 -35.64 49.07 101.74
CA GLY BA 60 -35.64 49.83 100.51
C GLY BA 60 -35.75 51.32 100.72
N HIS BA 61 -36.05 52.03 99.63
CA HIS BA 61 -36.17 53.48 99.68
C HIS BA 61 -37.32 53.93 100.56
N TYR BA 62 -38.44 53.21 100.54
CA TYR BA 62 -39.66 53.65 101.19
C TYR BA 62 -39.80 53.07 102.59
N LYS BA 63 -38.69 52.88 103.29
CA LYS BA 63 -38.74 52.52 104.69
C LYS BA 63 -39.48 53.58 105.49
N GLY BA 64 -40.31 53.13 106.42
CA GLY BA 64 -41.05 54.04 107.26
C GLY BA 64 -42.19 53.34 107.95
N GLN BA 65 -42.79 54.07 108.90
CA GLN BA 65 -43.91 53.55 109.67
C GLN BA 65 -45.26 54.04 109.18
N GLN BA 66 -45.31 54.66 107.99
CA GLN BA 66 -46.60 55.04 107.42
C GLN BA 66 -47.41 53.79 107.10
N ILE BA 67 -48.71 53.87 107.36
CA ILE BA 67 -49.60 52.72 107.21
C ILE BA 67 -50.36 52.87 105.91
N GLY BA 68 -50.03 52.04 104.93
CA GLY BA 68 -50.68 52.08 103.64
C GLY BA 68 -51.36 50.75 103.34
N LYS BA 69 -52.46 50.82 102.60
CA LYS BA 69 -53.22 49.63 102.25
C LYS BA 69 -52.80 49.15 100.86
N VAL BA 70 -52.62 47.84 100.73
CA VAL BA 70 -52.26 47.27 99.43
C VAL BA 70 -53.39 47.53 98.44
N VAL BA 71 -53.01 47.87 97.21
CA VAL BA 71 -53.97 48.19 96.17
C VAL BA 71 -53.93 47.23 95.00
N GLN BA 72 -52.89 46.40 94.89
CA GLN BA 72 -52.84 45.37 93.85
C GLN BA 72 -51.74 44.36 94.15
N VAL BA 73 -52.03 43.07 93.96
CA VAL BA 73 -51.07 41.99 94.16
C VAL BA 73 -50.75 41.43 92.79
N TYR BA 74 -49.60 41.80 92.25
CA TYR BA 74 -49.23 41.43 90.88
C TYR BA 74 -48.35 40.19 90.96
N ARG BA 75 -49.00 39.02 90.97
CA ARG BA 75 -48.29 37.77 91.17
C ARG BA 75 -47.43 37.38 89.97
N LYS BA 76 -47.71 37.91 88.79
CA LYS BA 76 -46.87 37.60 87.64
C LYS BA 76 -45.46 38.16 87.82
N LYS BA 77 -45.34 39.38 88.33
CA LYS BA 77 -44.04 40.02 88.51
C LYS BA 77 -43.55 39.93 89.95
N TYR BA 78 -44.20 39.11 90.78
CA TYR BA 78 -43.77 38.85 92.16
C TYR BA 78 -43.71 40.15 92.98
N VAL BA 79 -44.59 41.10 92.68
CA VAL BA 79 -44.58 42.40 93.32
C VAL BA 79 -45.99 42.77 93.75
N ILE BA 80 -46.07 43.76 94.64
CA ILE BA 80 -47.34 44.28 95.14
C ILE BA 80 -47.30 45.80 95.06
N TYR BA 81 -48.48 46.40 95.11
CA TYR BA 81 -48.62 47.85 95.08
C TYR BA 81 -49.31 48.33 96.34
N ILE BA 82 -48.80 49.42 96.92
CA ILE BA 82 -49.36 50.01 98.13
C ILE BA 82 -49.83 51.42 97.81
N GLU BA 83 -50.73 51.92 98.65
CA GLU BA 83 -51.48 53.15 98.41
C GLU BA 83 -50.62 54.35 98.03
N ARG BA 84 -49.75 54.78 98.93
CA ARG BA 84 -48.93 55.96 98.70
C ARG BA 84 -47.54 55.63 98.19
N VAL BA 85 -47.20 54.35 98.05
CA VAL BA 85 -45.90 53.97 97.53
C VAL BA 85 -45.93 54.11 96.02
N GLN BA 86 -45.55 55.28 95.53
CA GLN BA 86 -45.59 55.56 94.10
C GLN BA 86 -44.58 56.67 93.81
N ARG BA 87 -44.23 56.80 92.54
CA ARG BA 87 -43.24 57.78 92.11
C ARG BA 87 -43.78 58.54 90.91
N GLU BA 88 -43.27 59.75 90.73
CA GLU BA 88 -43.65 60.57 89.59
C GLU BA 88 -42.77 60.24 88.39
N LYS BA 89 -43.41 59.92 87.27
CA LYS BA 89 -42.69 59.65 86.04
C LYS BA 89 -42.49 60.97 85.30
N ALA BA 90 -41.98 60.88 84.07
CA ALA BA 90 -41.53 62.08 83.35
C ALA BA 90 -42.68 63.03 83.07
N ASN BA 91 -43.82 62.49 82.61
CA ASN BA 91 -44.94 63.33 82.20
C ASN BA 91 -45.81 63.80 83.35
N GLY BA 92 -45.35 63.63 84.59
CA GLY BA 92 -46.06 64.15 85.75
C GLY BA 92 -47.12 63.24 86.32
N THR BA 93 -47.45 62.14 85.65
CA THR BA 93 -48.39 61.19 86.21
C THR BA 93 -47.70 60.26 87.19
N THR BA 94 -48.50 59.60 88.02
CA THR BA 94 -48.00 58.75 89.08
C THR BA 94 -48.22 57.28 88.73
N VAL BA 95 -47.21 56.46 89.00
CA VAL BA 95 -47.29 55.02 88.81
C VAL BA 95 -46.80 54.35 90.08
N HIS BA 96 -47.45 53.24 90.45
CA HIS BA 96 -47.07 52.53 91.65
C HIS BA 96 -45.75 51.79 91.43
N VAL BA 97 -45.02 51.59 92.52
CA VAL BA 97 -43.72 50.92 92.47
C VAL BA 97 -43.87 49.56 93.11
N GLY BA 98 -43.60 48.50 92.34
CA GLY BA 98 -43.73 47.15 92.85
C GLY BA 98 -42.58 46.79 93.75
N ILE BA 99 -42.89 46.28 94.93
CA ILE BA 99 -41.90 45.81 95.89
C ILE BA 99 -42.29 44.40 96.32
N HIS BA 100 -41.29 43.65 96.78
CA HIS BA 100 -41.53 42.25 97.13
C HIS BA 100 -42.29 42.16 98.44
N PRO BA 101 -43.26 41.26 98.54
CA PRO BA 101 -44.02 41.12 99.80
C PRO BA 101 -43.17 40.65 100.97
N SER BA 102 -42.01 40.02 100.72
CA SER BA 102 -41.14 39.63 101.82
C SER BA 102 -40.50 40.82 102.50
N LYS BA 103 -40.58 42.01 101.92
CA LYS BA 103 -40.00 43.21 102.48
C LYS BA 103 -41.02 44.10 103.18
N VAL BA 104 -42.23 43.60 103.41
CA VAL BA 104 -43.23 44.37 104.12
C VAL BA 104 -43.67 43.60 105.36
N VAL BA 105 -44.40 44.28 106.24
CA VAL BA 105 -45.01 43.64 107.41
C VAL BA 105 -46.47 44.03 107.44
N ILE BA 106 -47.34 43.06 107.69
CA ILE BA 106 -48.77 43.30 107.67
C ILE BA 106 -49.21 43.86 109.01
N THR BA 107 -49.93 44.98 108.98
CA THR BA 107 -50.45 45.60 110.20
C THR BA 107 -51.87 45.22 110.52
N ARG BA 108 -52.74 45.06 109.52
CA ARG BA 108 -54.12 44.68 109.75
C ARG BA 108 -54.58 43.75 108.64
N LEU BA 109 -54.97 42.54 109.00
CA LEU BA 109 -55.37 41.54 108.03
C LEU BA 109 -56.80 41.79 107.56
N LYS BA 110 -56.98 41.80 106.24
CA LYS BA 110 -58.32 41.80 105.66
C LYS BA 110 -58.95 40.44 105.96
N LEU BA 111 -59.99 40.44 106.77
CA LEU BA 111 -60.48 39.22 107.40
C LEU BA 111 -61.82 38.80 106.80
N ASP BA 112 -61.97 37.50 106.60
CA ASP BA 112 -63.25 36.88 106.25
C ASP BA 112 -63.25 35.49 106.83
N LYS BA 113 -64.17 34.64 106.37
CA LYS BA 113 -64.20 33.26 106.86
C LYS BA 113 -62.95 32.50 106.46
N ASP BA 114 -62.45 32.69 105.23
CA ASP BA 114 -61.30 31.93 104.76
C ASP BA 114 -60.03 32.31 105.50
N ARG BA 115 -59.76 33.62 105.61
CA ARG BA 115 -58.55 34.05 106.28
C ARG BA 115 -58.55 33.62 107.73
N LYS BA 116 -59.69 33.75 108.41
CA LYS BA 116 -59.80 33.26 109.78
C LYS BA 116 -59.48 31.78 109.83
N LYS BA 117 -60.19 30.96 109.04
CA LYS BA 117 -60.03 29.52 109.07
C LYS BA 117 -58.58 29.11 108.87
N ILE BA 118 -57.89 29.77 107.93
CA ILE BA 118 -56.46 29.52 107.77
C ILE BA 118 -55.69 29.91 109.02
N LEU BA 119 -56.08 31.02 109.66
CA LEU BA 119 -55.37 31.44 110.87
C LEU BA 119 -55.51 30.42 111.99
N GLU BA 120 -56.72 29.90 112.21
CA GLU BA 120 -56.84 28.89 113.27
C GLU BA 120 -56.15 27.60 112.88
N ARG BA 121 -56.13 27.24 111.60
CA ARG BA 121 -55.36 26.06 111.20
C ARG BA 121 -53.88 26.22 111.52
N LYS BA 122 -53.31 27.37 111.17
CA LYS BA 122 -51.91 27.62 111.45
C LYS BA 122 -51.64 27.67 112.96
N ALA BA 123 -52.56 28.28 113.72
CA ALA BA 123 -52.39 28.35 115.16
C ALA BA 123 -52.43 26.96 115.79
N LYS BA 124 -53.35 26.11 115.34
CA LYS BA 124 -53.41 24.74 115.85
C LYS BA 124 -52.14 23.98 115.52
N SER BA 125 -51.64 24.13 114.29
CA SER BA 125 -50.40 23.44 113.92
C SER BA 125 -49.23 23.89 114.79
N ARG BA 126 -49.10 25.20 114.99
CA ARG BA 126 -48.00 25.71 115.83
C ARG BA 126 -48.14 25.25 117.27
N GLN BA 127 -49.37 25.27 117.80
CA GLN BA 127 -49.58 24.84 119.18
C GLN BA 127 -49.24 23.37 119.36
N VAL BA 128 -49.67 22.53 118.42
CA VAL BA 128 -49.37 21.10 118.50
C VAL BA 128 -47.88 20.85 118.38
N GLY BA 129 -47.21 21.57 117.49
CA GLY BA 129 -45.76 21.46 117.38
C GLY BA 129 -45.05 21.86 118.66
N LYS BA 130 -45.55 22.90 119.32
CA LYS BA 130 -44.99 23.26 120.63
C LYS BA 130 -45.22 22.16 121.65
N GLU BA 131 -46.41 21.57 121.65
CA GLU BA 131 -46.72 20.53 122.61
C GLU BA 131 -45.85 19.29 122.42
N LYS BA 132 -45.60 18.89 121.17
CA LYS BA 132 -44.74 17.74 120.93
C LYS BA 132 -43.30 18.03 121.36
N GLY BA 133 -42.84 19.25 121.11
CA GLY BA 133 -41.49 19.65 121.42
C GLY BA 133 -41.24 20.12 122.84
N LYS BA 134 -42.24 20.05 123.71
CA LYS BA 134 -42.06 20.48 125.08
C LYS BA 134 -41.18 19.50 125.85
N GLY CA 1 -98.55 -13.32 -21.93
CA GLY CA 1 -99.57 -12.30 -22.10
C GLY CA 1 -99.68 -11.39 -20.90
N LYS CA 2 -100.58 -10.40 -20.98
CA LYS CA 2 -100.77 -9.48 -19.87
C LYS CA 2 -101.36 -10.20 -18.67
N PHE CA 3 -100.71 -10.02 -17.51
CA PHE CA 3 -101.15 -10.67 -16.29
C PHE CA 3 -101.64 -9.71 -15.22
N MET CA 4 -101.48 -8.40 -15.41
CA MET CA 4 -101.99 -7.44 -14.44
C MET CA 4 -103.50 -7.34 -14.55
N LYS CA 5 -104.19 -8.35 -14.05
CA LYS CA 5 -105.64 -8.45 -14.11
C LYS CA 5 -106.21 -8.27 -12.72
N PRO CA 6 -107.46 -7.81 -12.62
CA PRO CA 6 -108.09 -7.71 -11.30
C PRO CA 6 -108.16 -9.06 -10.61
N GLY CA 7 -107.94 -9.04 -9.29
CA GLY CA 7 -107.88 -10.25 -8.51
C GLY CA 7 -106.50 -10.82 -8.32
N LYS CA 8 -105.47 -10.21 -8.91
CA LYS CA 8 -104.11 -10.71 -8.78
C LYS CA 8 -103.42 -10.09 -7.56
N VAL CA 9 -102.72 -10.92 -6.80
CA VAL CA 9 -102.04 -10.48 -5.60
C VAL CA 9 -100.74 -9.78 -5.98
N VAL CA 10 -100.54 -8.57 -5.45
CA VAL CA 10 -99.35 -7.77 -5.73
C VAL CA 10 -98.74 -7.32 -4.42
N LEU CA 11 -97.48 -6.89 -4.51
CA LEU CA 11 -96.73 -6.40 -3.37
C LEU CA 11 -96.39 -4.93 -3.57
N VAL CA 12 -96.75 -4.10 -2.60
CA VAL CA 12 -96.41 -2.68 -2.65
C VAL CA 12 -94.93 -2.52 -2.29
N LEU CA 13 -94.20 -1.80 -3.14
CA LEU CA 13 -92.76 -1.69 -2.97
C LEU CA 13 -92.33 -0.37 -2.32
N ALA CA 14 -93.04 0.73 -2.58
CA ALA CA 14 -92.65 2.02 -2.06
C ALA CA 14 -93.86 2.68 -1.41
N GLY CA 15 -93.59 3.67 -0.57
CA GLY CA 15 -94.64 4.40 0.10
C GLY CA 15 -94.85 3.97 1.53
N ARG CA 16 -95.91 4.51 2.13
CA ARG CA 16 -96.24 4.20 3.52
C ARG CA 16 -96.62 2.74 3.70
N TYR CA 17 -97.21 2.12 2.69
CA TYR CA 17 -97.63 0.72 2.77
C TYR CA 17 -96.62 -0.21 2.13
N SER CA 18 -95.33 0.10 2.28
CA SER CA 18 -94.28 -0.71 1.70
C SER CA 18 -94.27 -2.11 2.29
N GLY CA 19 -94.17 -3.11 1.41
CA GLY CA 19 -94.12 -4.49 1.83
C GLY CA 19 -95.46 -5.12 2.14
N ARG CA 20 -96.55 -4.37 2.05
CA ARG CA 20 -97.86 -4.91 2.34
C ARG CA 20 -98.42 -5.65 1.14
N LYS CA 21 -98.92 -6.85 1.37
CA LYS CA 21 -99.57 -7.60 0.30
C LYS CA 21 -100.87 -6.92 -0.10
N ALA CA 22 -101.17 -6.95 -1.39
CA ALA CA 22 -102.30 -6.22 -1.93
C ALA CA 22 -102.82 -6.92 -3.17
N VAL CA 23 -104.06 -6.58 -3.54
CA VAL CA 23 -104.73 -7.19 -4.67
C VAL CA 23 -105.18 -6.09 -5.63
N ILE CA 24 -104.99 -6.32 -6.92
CA ILE CA 24 -105.37 -5.34 -7.93
C ILE CA 24 -106.88 -5.35 -8.09
N VAL CA 25 -107.48 -4.17 -8.01
CA VAL CA 25 -108.91 -4.01 -8.20
C VAL CA 25 -109.26 -3.65 -9.64
N LYS CA 26 -108.61 -2.62 -10.18
CA LYS CA 26 -108.87 -2.18 -11.55
C LYS CA 26 -107.57 -1.74 -12.18
N ASN CA 27 -107.13 -2.47 -13.20
CA ASN CA 27 -105.90 -2.14 -13.92
C ASN CA 27 -106.19 -1.15 -15.04
N ILE CA 28 -105.30 -0.18 -15.20
CA ILE CA 28 -105.44 0.85 -16.23
C ILE CA 28 -104.37 0.69 -17.30
N ASP CA 29 -103.11 0.53 -16.89
CA ASP CA 29 -101.96 0.09 -17.69
C ASP CA 29 -101.76 0.87 -18.99
N ASP CA 30 -102.42 2.02 -19.13
CA ASP CA 30 -102.25 2.85 -20.31
C ASP CA 30 -102.19 4.34 -20.03
N GLY CA 31 -102.55 4.79 -18.82
CA GLY CA 31 -102.55 6.21 -18.52
C GLY CA 31 -103.85 6.88 -18.91
N THR CA 32 -104.29 7.86 -18.11
CA THR CA 32 -105.52 8.58 -18.38
C THR CA 32 -105.27 10.08 -18.51
N SER CA 33 -104.07 10.47 -18.93
CA SER CA 33 -103.63 11.86 -19.11
C SER CA 33 -103.56 12.62 -17.80
N ASP CA 34 -103.91 11.93 -16.70
CA ASP CA 34 -103.74 12.46 -15.35
C ASP CA 34 -102.74 11.65 -14.56
N ARG CA 35 -102.66 10.36 -14.81
CA ARG CA 35 -101.57 9.49 -14.36
C ARG CA 35 -101.06 8.79 -15.60
N PRO CA 36 -100.23 9.47 -16.40
CA PRO CA 36 -99.87 8.93 -17.72
C PRO CA 36 -99.13 7.61 -17.66
N TYR CA 37 -98.52 7.27 -16.53
CA TYR CA 37 -97.86 5.99 -16.39
C TYR CA 37 -98.90 4.87 -16.32
N SER CA 38 -98.40 3.63 -16.32
CA SER CA 38 -99.27 2.47 -16.17
C SER CA 38 -99.58 2.28 -14.69
N HIS CA 39 -100.84 2.45 -14.31
CA HIS CA 39 -101.26 2.37 -12.92
C HIS CA 39 -102.44 1.41 -12.79
N ALA CA 40 -102.84 1.17 -11.54
CA ALA CA 40 -103.96 0.28 -11.27
C ALA CA 40 -104.56 0.64 -9.91
N LEU CA 41 -105.88 0.55 -9.82
CA LEU CA 41 -106.54 0.70 -8.53
C LEU CA 41 -106.24 -0.52 -7.66
N VAL CA 42 -105.73 -0.27 -6.46
CA VAL CA 42 -105.19 -1.33 -5.61
C VAL CA 42 -105.81 -1.22 -4.23
N ALA CA 43 -106.33 -2.34 -3.73
CA ALA CA 43 -106.79 -2.44 -2.35
C ALA CA 43 -105.88 -3.41 -1.61
N GLY CA 44 -105.34 -2.97 -0.49
CA GLY CA 44 -104.44 -3.79 0.28
C GLY CA 44 -104.78 -3.82 1.75
N ILE CA 45 -103.92 -4.44 2.55
CA ILE CA 45 -104.11 -4.55 3.99
C ILE CA 45 -102.92 -3.93 4.70
N ASP CA 46 -103.19 -3.11 5.71
CA ASP CA 46 -102.11 -2.45 6.43
C ASP CA 46 -101.70 -3.25 7.65
N ARG CA 47 -102.65 -3.57 8.52
CA ARG CA 47 -102.40 -4.36 9.73
C ARG CA 47 -102.86 -5.79 9.49
N TYR CA 48 -101.92 -6.72 9.63
CA TYR CA 48 -102.23 -8.13 9.39
C TYR CA 48 -102.91 -8.72 10.62
N PRO CA 49 -103.76 -9.73 10.43
CA PRO CA 49 -104.36 -10.41 11.58
C PRO CA 49 -103.29 -11.09 12.43
N ARG CA 50 -103.48 -11.03 13.74
CA ARG CA 50 -102.53 -11.65 14.65
C ARG CA 50 -102.70 -13.16 14.64
N LYS CA 51 -101.61 -13.86 14.97
CA LYS CA 51 -101.63 -15.31 14.98
C LYS CA 51 -102.56 -15.81 16.08
N VAL CA 52 -103.37 -16.81 15.76
CA VAL CA 52 -104.35 -17.37 16.69
C VAL CA 52 -103.98 -18.81 16.99
N THR CA 53 -104.07 -19.19 18.26
CA THR CA 53 -103.78 -20.53 18.71
C THR CA 53 -105.02 -21.13 19.39
N ALA CA 54 -104.98 -22.45 19.59
CA ALA CA 54 -106.13 -23.15 20.13
C ALA CA 54 -106.45 -22.71 21.56
N ALA CA 55 -105.44 -22.56 22.40
CA ALA CA 55 -105.64 -22.20 23.80
C ALA CA 55 -105.65 -20.68 23.97
N MET CA 56 -106.61 -20.05 23.31
CA MET CA 56 -106.72 -18.59 23.32
C MET CA 56 -108.08 -18.09 23.77
N GLY CA 57 -109.15 -18.75 23.39
CA GLY CA 57 -110.48 -18.26 23.69
C GLY CA 57 -111.12 -17.57 22.50
N LYS CA 58 -112.45 -17.61 22.46
CA LYS CA 58 -113.17 -17.10 21.30
C LYS CA 58 -113.09 -15.58 21.21
N LYS CA 59 -113.17 -14.89 22.34
CA LYS CA 59 -113.15 -13.43 22.33
C LYS CA 59 -111.77 -12.91 21.93
N LYS CA 60 -110.71 -13.52 22.44
CA LYS CA 60 -109.36 -13.14 22.04
C LYS CA 60 -109.13 -13.39 20.56
N ILE CA 61 -109.66 -14.51 20.06
CA ILE CA 61 -109.56 -14.81 18.63
C ILE CA 61 -110.28 -13.75 17.81
N ALA CA 62 -111.48 -13.36 18.25
CA ALA CA 62 -112.24 -12.34 17.55
C ALA CA 62 -111.50 -11.01 17.54
N LYS CA 63 -110.90 -10.64 18.67
CA LYS CA 63 -110.12 -9.41 18.73
C LYS CA 63 -108.91 -9.46 17.81
N ARG CA 64 -108.21 -10.60 17.78
CA ARG CA 64 -106.99 -10.69 16.99
C ARG CA 64 -107.26 -10.92 15.51
N SER CA 65 -108.49 -11.26 15.13
CA SER CA 65 -108.82 -11.49 13.73
C SER CA 65 -109.19 -10.22 12.99
N LYS CA 66 -109.21 -9.08 13.68
CA LYS CA 66 -109.54 -7.82 13.03
C LYS CA 66 -108.43 -7.41 12.07
N ILE CA 67 -108.82 -6.86 10.92
CA ILE CA 67 -107.90 -6.55 9.84
C ILE CA 67 -108.09 -5.10 9.42
N LYS CA 68 -106.99 -4.36 9.36
CA LYS CA 68 -107.01 -2.99 8.86
C LYS CA 68 -106.55 -2.98 7.41
N SER CA 69 -107.37 -2.41 6.53
CA SER CA 69 -107.12 -2.42 5.10
C SER CA 69 -106.89 -1.00 4.60
N PHE CA 70 -106.60 -0.91 3.29
CA PHE CA 70 -106.38 0.37 2.64
C PHE CA 70 -106.64 0.21 1.15
N VAL CA 71 -106.86 1.33 0.48
CA VAL CA 71 -107.04 1.38 -0.97
C VAL CA 71 -106.16 2.50 -1.53
N LYS CA 72 -105.53 2.25 -2.67
CA LYS CA 72 -104.61 3.20 -3.28
C LYS CA 72 -104.62 3.00 -4.80
N VAL CA 73 -104.00 3.94 -5.48
CA VAL CA 73 -103.63 3.79 -6.89
C VAL CA 73 -102.13 3.88 -6.99
N TYR CA 74 -101.50 2.85 -7.54
CA TYR CA 74 -100.05 2.71 -7.53
C TYR CA 74 -99.53 2.61 -8.96
N ASN CA 75 -98.40 3.26 -9.20
CA ASN CA 75 -97.71 3.08 -10.47
C ASN CA 75 -97.19 1.65 -10.56
N TYR CA 76 -97.11 1.13 -11.78
CA TYR CA 76 -96.74 -0.28 -11.97
C TYR CA 76 -95.31 -0.55 -11.50
N ASN CA 77 -94.40 0.39 -11.72
CA ASN CA 77 -93.01 0.20 -11.31
C ASN CA 77 -92.85 0.13 -9.80
N HIS CA 78 -93.85 0.51 -9.03
CA HIS CA 78 -93.86 0.34 -7.58
C HIS CA 78 -94.65 -0.89 -7.15
N LEU CA 79 -95.05 -1.73 -8.10
CA LEU CA 79 -95.87 -2.90 -7.82
C LEU CA 79 -95.13 -4.16 -8.22
N MET CA 80 -95.23 -5.19 -7.38
CA MET CA 80 -94.61 -6.47 -7.66
C MET CA 80 -95.69 -7.54 -7.80
N PRO CA 81 -96.06 -7.92 -9.02
CA PRO CA 81 -97.08 -8.95 -9.20
C PRO CA 81 -96.60 -10.31 -8.76
N THR CA 82 -97.54 -11.13 -8.30
CA THR CA 82 -97.27 -12.48 -7.82
C THR CA 82 -98.11 -13.48 -8.60
N ARG CA 83 -97.69 -14.74 -8.55
CA ARG CA 83 -98.45 -15.81 -9.17
C ARG CA 83 -99.74 -16.14 -8.44
N TYR CA 84 -99.90 -15.67 -7.20
CA TYR CA 84 -101.13 -15.91 -6.47
C TYR CA 84 -102.22 -14.92 -6.87
N SER CA 85 -103.46 -15.34 -6.67
CA SER CA 85 -104.61 -14.50 -6.99
C SER CA 85 -105.76 -14.87 -6.07
N VAL CA 86 -106.56 -13.88 -5.69
CA VAL CA 86 -107.69 -14.07 -4.78
C VAL CA 86 -108.96 -13.60 -5.49
N ASP CA 87 -110.01 -14.39 -5.37
CA ASP CA 87 -111.30 -14.09 -6.02
C ASP CA 87 -112.25 -13.39 -5.06
N ILE CA 88 -111.83 -12.30 -4.46
CA ILE CA 88 -112.67 -11.58 -3.51
C ILE CA 88 -113.58 -10.64 -4.27
N PRO CA 89 -114.90 -10.77 -4.12
CA PRO CA 89 -115.86 -9.95 -4.90
C PRO CA 89 -116.06 -8.55 -4.31
N LEU CA 90 -115.04 -7.72 -4.46
CA LEU CA 90 -115.14 -6.32 -4.05
C LEU CA 90 -116.09 -5.57 -5.00
N ASP CA 91 -116.88 -4.67 -4.44
CA ASP CA 91 -117.85 -3.95 -5.24
C ASP CA 91 -117.17 -2.78 -5.95
N LYS CA 92 -117.33 -2.72 -7.28
CA LYS CA 92 -116.68 -1.67 -8.05
C LYS CA 92 -117.36 -0.32 -7.87
N THR CA 93 -118.66 -0.31 -7.59
CA THR CA 93 -119.32 0.96 -7.29
C THR CA 93 -118.77 1.60 -6.03
N VAL CA 94 -118.48 0.80 -5.01
CA VAL CA 94 -117.87 1.31 -3.78
C VAL CA 94 -116.38 1.54 -3.97
N VAL CA 95 -115.70 0.61 -4.64
CA VAL CA 95 -114.26 0.71 -4.88
C VAL CA 95 -114.07 1.08 -6.35
N ASN CA 96 -113.97 2.38 -6.61
CA ASN CA 96 -113.74 2.91 -7.94
C ASN CA 96 -112.61 3.93 -7.87
N LYS CA 97 -112.32 4.57 -9.01
CA LYS CA 97 -111.17 5.46 -9.06
C LYS CA 97 -111.46 6.82 -8.46
N ASP CA 98 -112.66 7.36 -8.66
CA ASP CA 98 -112.99 8.71 -8.21
C ASP CA 98 -113.28 8.78 -6.72
N VAL CA 99 -112.98 7.73 -5.96
CA VAL CA 99 -113.21 7.74 -4.52
C VAL CA 99 -112.22 8.64 -3.80
N PHE CA 100 -111.05 8.89 -4.39
CA PHE CA 100 -109.97 9.60 -3.72
C PHE CA 100 -110.25 11.08 -3.49
N ARG CA 101 -111.28 11.64 -4.10
CA ARG CA 101 -111.61 13.04 -3.91
C ARG CA 101 -112.49 13.28 -2.69
N ASP CA 102 -113.00 12.22 -2.05
CA ASP CA 102 -113.85 12.41 -0.88
C ASP CA 102 -113.43 11.45 0.22
N PRO CA 103 -112.99 11.96 1.37
CA PRO CA 103 -112.62 11.07 2.48
C PRO CA 103 -113.75 10.20 3.00
N ALA CA 104 -115.00 10.66 2.89
CA ALA CA 104 -116.13 9.84 3.35
C ALA CA 104 -116.28 8.59 2.49
N LEU CA 105 -116.29 8.76 1.17
CA LEU CA 105 -116.33 7.61 0.28
C LEU CA 105 -115.10 6.74 0.45
N LYS CA 106 -113.95 7.35 0.77
CA LYS CA 106 -112.74 6.57 1.01
C LYS CA 106 -112.89 5.69 2.25
N ARG CA 107 -113.47 6.23 3.32
CA ARG CA 107 -113.75 5.42 4.50
C ARG CA 107 -114.74 4.31 4.18
N LYS CA 108 -115.76 4.63 3.38
CA LYS CA 108 -116.74 3.62 3.00
C LYS CA 108 -116.09 2.48 2.23
N ALA CA 109 -115.23 2.82 1.27
CA ALA CA 109 -114.54 1.82 0.46
C ALA CA 109 -113.59 1.00 1.31
N ARG CA 110 -112.87 1.65 2.24
CA ARG CA 110 -111.94 0.93 3.10
C ARG CA 110 -112.68 -0.01 4.05
N ARG CA 111 -113.83 0.41 4.57
CA ARG CA 111 -114.64 -0.50 5.38
C ARG CA 111 -115.16 -1.67 4.56
N GLU CA 112 -115.56 -1.43 3.32
CA GLU CA 112 -116.01 -2.52 2.46
C GLU CA 112 -114.87 -3.52 2.21
N ALA CA 113 -113.68 -3.01 1.90
CA ALA CA 113 -112.54 -3.89 1.72
C ALA CA 113 -112.23 -4.65 3.01
N LYS CA 114 -112.34 -3.97 4.15
CA LYS CA 114 -112.06 -4.60 5.43
C LYS CA 114 -113.02 -5.75 5.70
N VAL CA 115 -114.32 -5.55 5.46
CA VAL CA 115 -115.28 -6.60 5.77
C VAL CA 115 -115.13 -7.77 4.81
N LYS CA 116 -114.88 -7.50 3.53
CA LYS CA 116 -114.64 -8.59 2.59
C LYS CA 116 -113.38 -9.37 2.96
N PHE CA 117 -112.31 -8.67 3.36
CA PHE CA 117 -111.09 -9.33 3.75
C PHE CA 117 -111.29 -10.16 5.00
N GLU CA 118 -112.09 -9.66 5.95
CA GLU CA 118 -112.34 -10.42 7.17
C GLU CA 118 -113.17 -11.66 6.90
N GLU CA 119 -114.17 -11.57 6.01
CA GLU CA 119 -114.94 -12.78 5.74
C GLU CA 119 -114.12 -13.79 4.94
N ARG CA 120 -113.21 -13.32 4.09
CA ARG CA 120 -112.36 -14.25 3.36
C ARG CA 120 -111.29 -14.87 4.24
N TYR CA 121 -110.77 -14.12 5.21
CA TYR CA 121 -109.71 -14.65 6.07
C TYR CA 121 -110.23 -15.78 6.93
N LYS CA 122 -111.51 -15.75 7.29
CA LYS CA 122 -112.12 -16.87 7.95
C LYS CA 122 -112.22 -18.06 7.00
N THR CA 123 -112.48 -19.23 7.56
CA THR CA 123 -112.46 -20.52 6.88
C THR CA 123 -111.10 -20.87 6.30
N GLY CA 124 -110.05 -20.14 6.69
CA GLY CA 124 -108.68 -20.51 6.37
C GLY CA 124 -108.35 -20.58 4.90
N LYS CA 125 -108.85 -19.64 4.11
CA LYS CA 125 -108.58 -19.60 2.68
C LYS CA 125 -107.68 -18.43 2.34
N ASN CA 126 -106.96 -18.57 1.22
CA ASN CA 126 -105.98 -17.58 0.79
C ASN CA 126 -104.96 -17.31 1.89
N LYS CA 127 -104.37 -18.39 2.40
CA LYS CA 127 -103.59 -18.33 3.64
C LYS CA 127 -102.32 -17.52 3.46
N TRP CA 128 -101.65 -17.62 2.32
CA TRP CA 128 -100.43 -16.85 2.11
C TRP CA 128 -100.72 -15.37 1.98
N PHE CA 129 -101.91 -15.02 1.48
CA PHE CA 129 -102.25 -13.61 1.31
C PHE CA 129 -102.30 -12.88 2.64
N PHE CA 130 -102.84 -13.50 3.68
CA PHE CA 130 -103.08 -12.84 4.95
C PHE CA 130 -101.89 -12.90 5.89
N GLN CA 131 -100.82 -13.57 5.51
CA GLN CA 131 -99.61 -13.64 6.32
C GLN CA 131 -98.74 -12.42 6.02
N LYS CA 132 -98.16 -11.85 7.08
CA LYS CA 132 -97.25 -10.73 6.89
C LYS CA 132 -95.92 -11.23 6.33
N LEU CA 133 -95.45 -10.60 5.27
CA LEU CA 133 -94.18 -10.99 4.67
C LEU CA 133 -93.03 -10.59 5.59
N ARG CA 134 -92.15 -11.54 5.87
CA ARG CA 134 -91.00 -11.33 6.74
C ARG CA 134 -89.80 -10.95 5.88
N PHE CA 135 -89.19 -9.81 6.17
CA PHE CA 135 -88.03 -9.37 5.43
C PHE CA 135 -87.18 -8.42 6.26
N PRO DA 1 -2.79 10.89 86.00
CA PRO DA 1 -2.34 12.28 86.06
C PRO DA 1 -1.71 12.74 84.75
N SER DA 2 -2.44 13.55 84.00
CA SER DA 2 -1.97 14.03 82.71
C SER DA 2 -0.75 14.93 82.83
N ARG DA 3 -0.60 15.65 83.95
CA ARG DA 3 0.48 16.59 84.12
C ARG DA 3 1.85 15.92 84.26
N LEU DA 4 1.88 14.60 84.43
CA LEU DA 4 3.13 13.87 84.62
C LEU DA 4 3.58 13.15 83.35
N ARG DA 5 3.08 13.56 82.20
CA ARG DA 5 3.34 12.85 80.95
C ARG DA 5 4.11 13.71 79.98
N LYS DA 6 4.65 13.06 78.95
CA LYS DA 6 5.56 13.73 78.02
C LYS DA 6 4.87 14.80 77.20
N THR DA 7 3.56 14.65 76.97
CA THR DA 7 2.85 15.59 76.11
C THR DA 7 2.87 17.00 76.68
N ARG DA 8 2.83 17.14 78.01
CA ARG DA 8 2.90 18.46 78.61
C ARG DA 8 4.26 19.11 78.43
N LYS DA 9 5.30 18.32 78.15
CA LYS DA 9 6.62 18.86 77.86
C LYS DA 9 6.89 19.02 76.37
N LEU DA 10 6.17 18.29 75.51
CA LEU DA 10 6.43 18.30 74.08
C LEU DA 10 5.74 19.46 73.36
N ARG DA 11 4.91 20.23 74.06
CA ARG DA 11 4.27 21.39 73.45
C ARG DA 11 5.34 22.39 73.04
N GLY DA 12 5.20 22.96 71.85
CA GLY DA 12 6.20 23.83 71.27
C GLY DA 12 7.17 23.14 70.35
N HIS DA 13 7.25 21.81 70.40
CA HIS DA 13 8.06 21.02 69.49
C HIS DA 13 7.14 20.44 68.42
N VAL DA 14 7.42 20.76 67.16
CA VAL DA 14 6.46 20.53 66.09
C VAL DA 14 6.24 19.04 65.85
N SER DA 15 7.30 18.23 65.96
CA SER DA 15 7.16 16.83 65.61
C SER DA 15 6.70 15.96 66.78
N HIS DA 16 6.49 16.54 67.95
CA HIS DA 16 5.89 15.84 69.10
C HIS DA 16 6.72 14.64 69.54
N GLY DA 17 8.03 14.72 69.33
CA GLY DA 17 8.90 13.62 69.70
C GLY DA 17 8.89 12.45 68.74
N HIS DA 18 8.22 12.58 67.59
CA HIS DA 18 8.17 11.52 66.59
C HIS DA 18 9.04 11.81 65.38
N GLY DA 19 9.84 12.87 65.42
CA GLY DA 19 10.80 13.08 64.33
C GLY DA 19 10.20 13.86 63.18
N ARG DA 20 11.09 14.55 62.46
CA ARG DA 20 10.69 15.33 61.29
C ARG DA 20 10.69 14.52 60.01
N ILE DA 21 11.60 13.54 59.90
CA ILE DA 21 11.78 12.84 58.64
C ILE DA 21 10.78 11.68 58.51
N GLY DA 22 10.86 10.70 59.42
CA GLY DA 22 9.97 9.56 59.34
C GLY DA 22 8.54 9.83 59.75
N LYS DA 23 8.32 10.89 60.54
CA LYS DA 23 7.00 11.30 60.99
C LYS DA 23 6.29 10.21 61.79
N HIS DA 24 5.01 10.41 62.06
CA HIS DA 24 4.19 9.44 62.78
C HIS DA 24 2.97 9.14 61.92
N ARG DA 25 3.05 8.08 61.12
CA ARG DA 25 1.97 7.71 60.22
C ARG DA 25 1.04 6.70 60.90
N LYS DA 26 0.01 6.30 60.15
CA LYS DA 26 -1.06 5.47 60.70
C LYS DA 26 -0.56 4.10 61.15
N HIS DA 27 -0.09 3.30 60.20
CA HIS DA 27 0.39 1.95 60.49
C HIS DA 27 1.42 1.54 59.46
N PRO DA 28 2.68 1.95 59.65
CA PRO DA 28 3.74 1.46 58.76
C PRO DA 28 4.13 0.04 59.11
N GLY DA 29 4.27 -0.81 58.10
CA GLY DA 29 4.74 -2.16 58.27
C GLY DA 29 3.66 -3.18 58.56
N GLY DA 30 2.44 -2.74 58.83
CA GLY DA 30 1.34 -3.66 59.06
C GLY DA 30 0.68 -3.42 60.41
N ARG DA 31 -0.43 -4.12 60.61
CA ARG DA 31 -1.26 -4.00 61.80
C ARG DA 31 -1.23 -5.32 62.57
N GLY DA 32 -0.97 -5.22 63.87
CA GLY DA 32 -0.89 -6.43 64.67
C GLY DA 32 0.37 -7.22 64.37
N ASN DA 33 0.23 -8.53 64.28
CA ASN DA 33 1.37 -9.40 63.95
C ASN DA 33 1.49 -9.60 62.44
N ALA DA 34 1.52 -8.49 61.70
CA ALA DA 34 1.52 -8.56 60.25
C ALA DA 34 2.92 -8.87 59.74
N GLY DA 35 2.98 -9.78 58.77
CA GLY DA 35 4.25 -10.13 58.15
C GLY DA 35 5.25 -10.73 59.11
N GLY DA 36 4.78 -11.57 60.03
CA GLY DA 36 5.69 -12.27 60.91
C GLY DA 36 6.65 -13.20 60.22
N LEU DA 37 6.37 -13.56 58.96
CA LEU DA 37 7.22 -14.42 58.18
C LEU DA 37 7.92 -13.70 57.02
N HIS DA 38 7.53 -12.46 56.72
CA HIS DA 38 8.03 -11.80 55.53
C HIS DA 38 8.92 -10.61 55.84
N HIS DA 39 8.43 -9.61 56.56
CA HIS DA 39 9.22 -8.42 56.83
C HIS DA 39 9.44 -8.17 58.32
N HIS DA 40 8.81 -8.96 59.19
CA HIS DA 40 9.12 -8.98 60.60
C HIS DA 40 9.66 -10.34 61.00
N ARG DA 41 10.18 -11.09 60.03
CA ARG DA 41 10.69 -12.43 60.29
C ARG DA 41 11.86 -12.41 61.25
N ILE DA 42 12.73 -11.40 61.15
CA ILE DA 42 13.91 -11.35 62.00
C ILE DA 42 13.53 -11.19 63.47
N ASN DA 43 12.57 -10.31 63.75
CA ASN DA 43 12.15 -10.11 65.13
C ASN DA 43 11.52 -11.36 65.72
N PHE DA 44 10.63 -12.00 64.97
CA PHE DA 44 9.96 -13.19 65.47
C PHE DA 44 10.94 -14.35 65.64
N ASP DA 45 11.90 -14.47 64.72
CA ASP DA 45 12.92 -15.50 64.85
C ASP DA 45 13.83 -15.23 66.04
N LYS DA 46 14.11 -13.96 66.31
CA LYS DA 46 15.03 -13.60 67.37
C LYS DA 46 14.40 -13.77 68.75
N TYR DA 47 13.13 -13.41 68.89
CA TYR DA 47 12.51 -13.33 70.21
C TYR DA 47 11.42 -14.37 70.47
N HIS DA 48 10.90 -15.02 69.44
CA HIS DA 48 9.85 -16.03 69.62
C HIS DA 48 10.14 -17.25 68.75
N PRO DA 49 11.10 -18.07 69.15
CA PRO DA 49 11.32 -19.34 68.43
C PRO DA 49 10.14 -20.28 68.62
N GLY DA 50 9.88 -21.07 67.58
CA GLY DA 50 8.82 -22.05 67.64
C GLY DA 50 7.43 -21.52 67.34
N TYR DA 51 7.30 -20.28 66.91
CA TYR DA 51 5.99 -19.66 66.77
C TYR DA 51 5.16 -20.29 65.65
N PHE DA 52 5.81 -20.78 64.60
CA PHE DA 52 5.12 -21.24 63.41
C PHE DA 52 5.15 -22.77 63.32
N GLY DA 53 3.98 -23.37 63.10
CA GLY DA 53 3.89 -24.79 62.84
C GLY DA 53 3.16 -25.53 63.94
N LYS DA 54 2.99 -26.83 63.71
CA LYS DA 54 2.30 -27.71 64.63
C LYS DA 54 3.26 -28.77 65.17
N VAL DA 55 3.15 -29.04 66.46
CA VAL DA 55 3.89 -30.13 67.12
C VAL DA 55 2.92 -30.87 68.03
N GLY DA 56 2.90 -32.19 67.90
CA GLY DA 56 2.19 -33.01 68.85
C GLY DA 56 0.77 -33.34 68.46
N MET DA 57 0.10 -34.02 69.38
CA MET DA 57 -1.26 -34.51 69.18
C MET DA 57 -2.26 -33.48 69.70
N LYS DA 58 -3.33 -33.26 68.94
CA LYS DA 58 -4.41 -32.44 69.43
C LYS DA 58 -5.45 -33.31 70.14
N HIS DA 59 -6.07 -32.74 71.18
CA HIS DA 59 -6.98 -33.49 72.03
C HIS DA 59 -8.24 -32.66 72.23
N TYR DA 60 -9.34 -33.06 71.61
CA TYR DA 60 -10.59 -32.34 71.75
C TYR DA 60 -11.20 -32.60 73.13
N HIS DA 61 -11.97 -31.61 73.60
CA HIS DA 61 -12.71 -31.69 74.85
C HIS DA 61 -11.79 -32.00 76.03
N LEU DA 62 -10.74 -31.19 76.16
CA LEU DA 62 -9.80 -31.37 77.25
C LEU DA 62 -10.38 -30.77 78.53
N LYS DA 63 -10.55 -31.62 79.54
CA LYS DA 63 -11.08 -31.19 80.83
C LYS DA 63 -9.90 -31.07 81.80
N ARG DA 64 -9.68 -29.86 82.30
CA ARG DA 64 -8.52 -29.62 83.16
C ARG DA 64 -8.66 -30.33 84.50
N ASN DA 65 -9.89 -30.56 84.95
CA ASN DA 65 -10.09 -31.24 86.23
C ASN DA 65 -9.64 -32.70 86.17
N GLN DA 66 -9.63 -33.30 84.98
CA GLN DA 66 -9.13 -34.67 84.86
C GLN DA 66 -7.65 -34.75 85.22
N SER DA 67 -6.86 -33.78 84.73
CA SER DA 67 -5.44 -33.74 85.01
C SER DA 67 -5.11 -32.97 86.27
N PHE DA 68 -6.10 -32.69 87.11
CA PHE DA 68 -5.88 -31.96 88.36
C PHE DA 68 -5.11 -32.85 89.32
N CYS DA 69 -3.86 -32.49 89.60
CA CYS DA 69 -3.03 -33.24 90.54
C CYS DA 69 -1.96 -32.31 91.09
N PRO DA 70 -2.31 -31.45 92.03
CA PRO DA 70 -1.30 -30.57 92.63
C PRO DA 70 -0.26 -31.35 93.40
N THR DA 71 0.95 -30.83 93.40
CA THR DA 71 2.10 -31.51 93.98
C THR DA 71 2.68 -30.71 95.14
N VAL DA 72 3.24 -31.43 96.10
CA VAL DA 72 3.87 -30.82 97.27
C VAL DA 72 5.21 -31.49 97.50
N ASN DA 73 6.20 -30.69 97.88
CA ASN DA 73 7.55 -31.20 98.09
C ASN DA 73 7.74 -31.65 99.53
N LEU DA 74 8.78 -32.44 99.75
CA LEU DA 74 9.05 -33.00 101.07
C LEU DA 74 9.39 -31.94 102.09
N ASP DA 75 10.08 -30.88 101.68
CA ASP DA 75 10.48 -29.85 102.63
C ASP DA 75 9.27 -29.13 103.24
N LYS DA 76 8.27 -28.83 102.43
CA LYS DA 76 7.08 -28.12 102.89
C LYS DA 76 6.07 -29.05 103.56
N LEU DA 77 6.38 -30.34 103.64
CA LEU DA 77 5.41 -31.30 104.15
C LEU DA 77 5.06 -31.04 105.62
N TRP DA 78 6.07 -30.74 106.44
CA TRP DA 78 5.81 -30.56 107.86
C TRP DA 78 5.10 -29.26 108.18
N THR DA 79 5.02 -28.33 107.23
CA THR DA 79 4.29 -27.10 107.45
C THR DA 79 2.79 -27.27 107.24
N LEU DA 80 2.35 -28.42 106.72
CA LEU DA 80 0.93 -28.68 106.53
C LEU DA 80 0.21 -28.96 107.83
N VAL DA 81 0.91 -29.39 108.87
CA VAL DA 81 0.30 -29.68 110.16
C VAL DA 81 0.77 -28.64 111.16
N SER DA 82 0.18 -28.71 112.36
CA SER DA 82 0.52 -27.75 113.40
C SER DA 82 1.94 -27.96 113.89
N GLU DA 83 2.53 -26.87 114.38
CA GLU DA 83 3.79 -26.98 115.12
C GLU DA 83 3.64 -27.87 116.33
N GLN DA 84 2.44 -27.89 116.93
CA GLN DA 84 2.15 -28.76 118.06
C GLN DA 84 2.35 -30.22 117.72
N THR DA 85 1.87 -30.64 116.54
CA THR DA 85 2.05 -32.03 116.13
C THR DA 85 3.52 -32.40 116.03
N ARG DA 86 4.32 -31.51 115.41
CA ARG DA 86 5.73 -31.84 115.22
C ARG DA 86 6.48 -31.87 116.54
N VAL DA 87 6.23 -30.91 117.42
CA VAL DA 87 6.94 -30.90 118.69
C VAL DA 87 6.50 -32.06 119.57
N ASN DA 88 5.22 -32.45 119.47
CA ASN DA 88 4.75 -33.62 120.21
C ASN DA 88 5.42 -34.89 119.71
N ALA DA 89 5.55 -35.04 118.39
CA ALA DA 89 6.16 -36.23 117.84
C ALA DA 89 7.66 -36.26 118.13
N ALA DA 90 8.31 -35.10 118.13
CA ALA DA 90 9.76 -35.06 118.31
C ALA DA 90 10.15 -35.49 119.72
N LYS DA 91 9.43 -35.02 120.73
CA LYS DA 91 9.74 -35.36 122.11
C LYS DA 91 9.00 -36.61 122.57
N ASN DA 92 8.25 -37.27 121.68
CA ASN DA 92 7.50 -38.45 122.07
C ASN DA 92 8.46 -39.59 122.39
N LYS DA 93 8.35 -40.12 123.61
CA LYS DA 93 9.20 -41.25 124.00
C LYS DA 93 8.85 -42.50 123.23
N THR DA 94 7.56 -42.76 123.01
CA THR DA 94 7.14 -43.95 122.28
C THR DA 94 7.43 -43.78 120.80
N GLY DA 95 7.27 -44.87 120.06
CA GLY DA 95 7.52 -44.87 118.63
C GLY DA 95 6.31 -44.45 117.82
N ALA DA 96 5.40 -43.72 118.45
CA ALA DA 96 4.21 -43.24 117.76
C ALA DA 96 4.59 -42.21 116.71
N ALA DA 97 4.02 -42.35 115.51
CA ALA DA 97 4.31 -41.45 114.42
C ALA DA 97 3.07 -40.70 113.99
N PRO DA 98 3.17 -39.42 113.70
CA PRO DA 98 2.00 -38.66 113.25
C PRO DA 98 1.60 -39.02 111.84
N ILE DA 99 0.42 -38.57 111.46
CA ILE DA 99 -0.14 -38.83 110.14
C ILE DA 99 -0.41 -37.50 109.45
N ILE DA 100 0.13 -37.34 108.24
CA ILE DA 100 -0.04 -36.13 107.46
C ILE DA 100 -0.86 -36.46 106.22
N ASP DA 101 -2.04 -35.87 106.12
CA ASP DA 101 -2.93 -36.07 104.98
C ASP DA 101 -2.81 -34.85 104.06
N VAL DA 102 -1.99 -34.99 103.01
CA VAL DA 102 -1.87 -33.91 102.04
C VAL DA 102 -3.16 -33.73 101.25
N VAL DA 103 -3.99 -34.77 101.17
CA VAL DA 103 -5.27 -34.63 100.47
C VAL DA 103 -6.21 -33.73 101.26
N ARG DA 104 -6.19 -33.85 102.59
CA ARG DA 104 -6.96 -32.94 103.43
C ARG DA 104 -6.51 -31.51 103.23
N SER DA 105 -5.20 -31.28 103.15
CA SER DA 105 -4.67 -29.96 102.88
C SER DA 105 -4.75 -29.57 101.40
N GLY DA 106 -5.13 -30.50 100.53
CA GLY DA 106 -5.30 -30.20 99.13
C GLY DA 106 -4.14 -30.52 98.22
N TYR DA 107 -3.44 -31.62 98.45
CA TYR DA 107 -2.38 -32.09 97.58
C TYR DA 107 -2.61 -33.54 97.21
N TYR DA 108 -2.23 -33.91 96.00
CA TYR DA 108 -2.48 -35.26 95.49
C TYR DA 108 -1.21 -36.06 95.29
N LYS DA 109 -0.11 -35.41 94.94
CA LYS DA 109 1.16 -36.08 94.69
C LYS DA 109 2.25 -35.47 95.55
N VAL DA 110 3.15 -36.31 96.05
CA VAL DA 110 4.24 -35.87 96.92
C VAL DA 110 5.53 -35.96 96.14
N LEU DA 111 6.26 -34.85 96.08
CA LEU DA 111 7.52 -34.78 95.36
C LEU DA 111 8.69 -34.71 96.35
N GLY DA 112 9.87 -35.07 95.86
CA GLY DA 112 10.99 -35.33 96.75
C GLY DA 112 12.01 -34.23 96.94
N LYS DA 113 11.69 -32.99 96.58
CA LYS DA 113 12.64 -31.91 96.75
C LYS DA 113 12.83 -31.60 98.24
N GLY DA 114 14.07 -31.35 98.63
CA GLY DA 114 14.39 -31.08 100.01
C GLY DA 114 14.63 -32.35 100.81
N LYS DA 115 14.93 -32.15 102.09
CA LYS DA 115 15.20 -33.25 103.00
C LYS DA 115 14.21 -33.18 104.16
N LEU DA 116 14.12 -34.28 104.91
CA LEU DA 116 13.17 -34.38 105.99
C LEU DA 116 13.87 -34.35 107.34
N PRO DA 117 13.22 -33.82 108.38
CA PRO DA 117 13.76 -33.94 109.73
C PRO DA 117 13.78 -35.40 110.18
N LYS DA 118 14.76 -35.73 111.01
CA LYS DA 118 15.00 -37.11 111.42
C LYS DA 118 13.95 -37.53 112.44
N GLN DA 119 12.75 -37.86 111.94
CA GLN DA 119 11.69 -38.35 112.79
C GLN DA 119 10.66 -39.09 111.95
N PRO DA 120 10.05 -40.15 112.47
CA PRO DA 120 9.08 -40.91 111.67
C PRO DA 120 7.79 -40.12 111.46
N VAL DA 121 7.11 -40.46 110.35
CA VAL DA 121 5.86 -39.82 109.99
C VAL DA 121 5.16 -40.69 108.96
N ILE DA 122 3.84 -40.72 109.03
CA ILE DA 122 3.00 -41.45 108.07
C ILE DA 122 2.41 -40.42 107.12
N VAL DA 123 2.53 -40.68 105.82
CA VAL DA 123 2.09 -39.75 104.79
C VAL DA 123 0.99 -40.42 103.97
N LYS DA 124 -0.20 -39.82 104.00
CA LYS DA 124 -1.34 -40.29 103.22
C LYS DA 124 -1.46 -39.43 101.97
N ALA DA 125 -1.48 -40.07 100.80
CA ALA DA 125 -1.53 -39.34 99.54
C ALA DA 125 -2.02 -40.27 98.44
N LYS DA 126 -2.27 -39.68 97.27
CA LYS DA 126 -2.70 -40.45 96.12
C LYS DA 126 -1.50 -40.98 95.33
N PHE DA 127 -0.46 -40.16 95.20
CA PHE DA 127 0.69 -40.51 94.39
C PHE DA 127 1.97 -40.14 95.12
N PHE DA 128 3.06 -40.81 94.78
CA PHE DA 128 4.37 -40.57 95.36
C PHE DA 128 5.43 -40.69 94.28
N SER DA 129 6.49 -39.89 94.40
CA SER DA 129 7.65 -40.11 93.56
C SER DA 129 8.61 -41.08 94.24
N ARG DA 130 9.43 -41.73 93.41
CA ARG DA 130 10.30 -42.78 93.92
C ARG DA 130 11.28 -42.25 94.96
N ARG DA 131 11.89 -41.10 94.70
CA ARG DA 131 12.82 -40.52 95.68
C ARG DA 131 12.09 -40.06 96.93
N ALA DA 132 10.85 -39.62 96.82
CA ALA DA 132 10.08 -39.26 98.01
C ALA DA 132 9.87 -40.46 98.90
N GLU DA 133 9.49 -41.60 98.31
CA GLU DA 133 9.35 -42.82 99.10
C GLU DA 133 10.69 -43.24 99.70
N GLU DA 134 11.76 -43.15 98.92
CA GLU DA 134 13.08 -43.54 99.42
C GLU DA 134 13.48 -42.69 100.61
N LYS DA 135 13.23 -41.38 100.55
CA LYS DA 135 13.60 -40.50 101.64
C LYS DA 135 12.71 -40.73 102.86
N ILE DA 136 11.42 -41.02 102.64
CA ILE DA 136 10.53 -41.29 103.76
C ILE DA 136 10.93 -42.59 104.45
N LYS DA 137 11.25 -43.63 103.67
CA LYS DA 137 11.70 -44.88 104.26
C LYS DA 137 13.06 -44.72 104.94
N SER DA 138 13.87 -43.77 104.47
CA SER DA 138 15.16 -43.53 105.09
C SER DA 138 15.02 -42.98 106.49
N VAL DA 139 14.01 -42.14 106.73
CA VAL DA 139 13.80 -41.52 108.03
C VAL DA 139 12.86 -42.35 108.90
N GLY DA 140 12.61 -43.60 108.52
CA GLY DA 140 11.75 -44.47 109.31
C GLY DA 140 10.28 -44.22 109.12
N GLY DA 141 9.89 -43.32 108.22
CA GLY DA 141 8.50 -43.05 107.97
C GLY DA 141 7.85 -44.11 107.11
N ALA DA 142 6.54 -43.98 106.96
CA ALA DA 142 5.76 -44.95 106.18
C ALA DA 142 4.98 -44.22 105.10
N CYS DA 143 5.00 -44.81 103.90
CA CYS DA 143 4.23 -44.31 102.77
C CYS DA 143 2.97 -45.17 102.63
N VAL DA 144 1.81 -44.53 102.72
CA VAL DA 144 0.53 -45.22 102.55
C VAL DA 144 -0.27 -44.51 101.48
N LEU DA 145 -0.98 -45.30 100.67
CA LEU DA 145 -1.72 -44.79 99.54
C LEU DA 145 -3.21 -44.73 99.86
N VAL DA 146 -3.88 -43.71 99.32
CA VAL DA 146 -5.31 -43.53 99.50
C VAL DA 146 -5.92 -43.22 98.14
N ALA DA 147 -7.23 -43.43 98.05
CA ALA DA 147 -7.96 -43.16 96.81
C ALA DA 147 -8.71 -41.84 96.93
N ALA EA 1 14.92 7.81 41.98
CA ALA EA 1 15.01 6.46 41.44
C ALA EA 1 16.18 5.71 42.06
N LYS EA 2 17.36 5.87 41.47
CA LYS EA 2 18.55 5.23 42.01
C LYS EA 2 18.96 5.89 43.32
N SER EA 3 19.76 5.17 44.09
CA SER EA 3 20.16 5.60 45.42
C SER EA 3 21.57 5.08 45.70
N LYS EA 4 22.16 5.57 46.78
CA LYS EA 4 23.47 5.11 47.19
C LYS EA 4 23.39 3.63 47.57
N ASN EA 5 24.35 2.85 47.09
CA ASN EA 5 24.28 1.40 47.19
C ASN EA 5 24.88 0.89 48.50
N HIS EA 6 26.14 1.20 48.76
CA HIS EA 6 26.82 0.70 49.94
C HIS EA 6 27.96 1.63 50.30
N THR EA 7 28.18 1.83 51.60
CA THR EA 7 29.36 2.54 52.07
C THR EA 7 29.62 2.15 53.51
N THR EA 8 30.89 2.33 53.92
CA THR EA 8 31.28 2.23 55.32
C THR EA 8 31.71 3.57 55.88
N HIS EA 9 31.29 4.67 55.26
CA HIS EA 9 31.63 5.99 55.75
C HIS EA 9 30.99 6.22 57.12
N ASN EA 10 31.76 6.86 58.01
CA ASN EA 10 31.34 7.22 59.37
C ASN EA 10 31.11 5.99 60.24
N GLN EA 11 31.31 4.79 59.68
CA GLN EA 11 31.22 3.58 60.50
C GLN EA 11 32.36 3.51 61.50
N SER EA 12 33.55 3.96 61.10
CA SER EA 12 34.68 3.98 62.01
C SER EA 12 34.41 4.90 63.20
N ARG EA 13 33.79 6.04 62.95
CA ARG EA 13 33.44 6.94 64.04
C ARG EA 13 32.41 6.32 64.96
N LYS EA 14 31.44 5.60 64.39
CA LYS EA 14 30.42 4.96 65.21
C LYS EA 14 31.01 3.86 66.08
N TRP EA 15 31.96 3.09 65.53
CA TRP EA 15 32.53 1.98 66.29
C TRP EA 15 33.33 2.45 67.48
N HIS EA 16 33.99 3.61 67.38
CA HIS EA 16 34.87 4.08 68.43
C HIS EA 16 34.18 4.95 69.47
N ARG EA 17 32.91 5.30 69.25
CA ARG EA 17 32.22 6.13 70.24
C ARG EA 17 32.05 5.38 71.56
N ASN EA 18 31.59 4.14 71.50
CA ASN EA 18 31.57 3.26 72.67
C ASN EA 18 32.83 2.41 72.77
N GLY EA 19 33.80 2.65 71.88
CA GLY EA 19 35.06 1.93 71.94
C GLY EA 19 34.98 0.54 71.35
N ILE EA 20 36.12 0.03 70.88
CA ILE EA 20 36.20 -1.33 70.33
C ILE EA 20 36.78 -2.19 71.46
N LYS EA 21 35.90 -2.79 72.24
CA LYS EA 21 36.31 -3.53 73.43
C LYS EA 21 36.73 -4.95 73.05
N LYS EA 22 37.92 -5.35 73.50
CA LYS EA 22 38.33 -6.74 73.40
C LYS EA 22 37.49 -7.60 74.33
N PRO EA 23 37.39 -8.90 74.05
CA PRO EA 23 36.62 -9.78 74.94
C PRO EA 23 37.22 -9.81 76.34
N ARG EA 24 36.36 -10.05 77.32
CA ARG EA 24 36.78 -10.02 78.71
C ARG EA 24 37.67 -11.20 79.03
N SER EA 25 38.98 -10.98 79.01
CA SER EA 25 39.93 -12.03 79.34
C SER EA 25 39.78 -12.42 80.80
N GLN EA 26 39.21 -13.59 81.05
CA GLN EA 26 38.87 -14.00 82.39
C GLN EA 26 39.39 -15.42 82.61
N ARG EA 27 39.82 -15.71 83.84
CA ARG EA 27 40.36 -17.02 84.17
C ARG EA 27 39.31 -18.10 83.99
N TYR EA 28 39.78 -19.34 83.80
CA TYR EA 28 38.93 -20.51 83.64
C TYR EA 28 38.00 -20.36 82.43
N GLU EA 29 38.62 -20.40 81.26
CA GLU EA 29 37.88 -20.54 80.01
C GLU EA 29 36.96 -21.76 80.07
N SER EA 30 35.89 -21.71 79.29
CA SER EA 30 34.96 -22.83 79.22
C SER EA 30 35.63 -24.04 78.56
N LEU EA 31 35.21 -25.22 78.99
CA LEU EA 31 35.66 -26.47 78.38
C LEU EA 31 34.77 -26.91 77.23
N LYS EA 32 34.08 -25.98 76.60
CA LYS EA 32 33.20 -26.32 75.49
C LYS EA 32 34.03 -26.52 74.21
N GLY EA 33 33.76 -27.62 73.51
CA GLY EA 33 34.50 -27.96 72.31
C GLY EA 33 35.74 -28.79 72.54
N VAL EA 34 36.11 -29.03 73.80
CA VAL EA 34 37.26 -29.87 74.10
C VAL EA 34 36.93 -31.32 73.74
N ASP EA 35 37.97 -32.11 73.44
CA ASP EA 35 37.82 -33.52 73.11
C ASP EA 35 37.00 -34.25 74.16
N PRO EA 36 35.82 -34.77 73.83
CA PRO EA 36 35.00 -35.45 74.84
C PRO EA 36 35.68 -36.65 75.49
N LYS EA 37 36.50 -37.38 74.74
CA LYS EA 37 37.25 -38.49 75.33
C LYS EA 37 38.18 -37.99 76.42
N PHE EA 38 38.89 -36.89 76.16
CA PHE EA 38 39.72 -36.28 77.20
C PHE EA 38 38.86 -35.72 78.32
N LEU EA 39 37.70 -35.15 77.99
CA LEU EA 39 36.86 -34.52 79.00
C LEU EA 39 36.33 -35.52 80.01
N ARG EA 40 35.90 -36.69 79.56
CA ARG EA 40 35.35 -37.67 80.50
C ARG EA 40 36.45 -38.27 81.37
N ASN EA 41 37.65 -38.43 80.83
CA ASN EA 41 38.78 -38.81 81.66
C ASN EA 41 39.10 -37.73 82.69
N MET EA 42 39.02 -36.47 82.29
CA MET EA 42 39.23 -35.37 83.23
C MET EA 42 38.19 -35.39 84.33
N ARG EA 43 36.94 -35.71 83.98
CA ARG EA 43 35.89 -35.86 84.97
C ARG EA 43 36.20 -36.99 85.94
N PHE EA 44 36.66 -38.14 85.41
CA PHE EA 44 37.02 -39.25 86.29
C PHE EA 44 38.18 -38.88 87.21
N ALA EA 45 39.16 -38.16 86.70
CA ALA EA 45 40.28 -37.72 87.54
C ALA EA 45 39.78 -36.79 88.65
N LYS EA 46 38.89 -35.86 88.31
CA LYS EA 46 38.30 -35.01 89.33
C LYS EA 46 37.43 -35.80 90.29
N LYS EA 47 36.68 -36.78 89.76
CA LYS EA 47 35.82 -37.59 90.61
C LYS EA 47 36.63 -38.43 91.58
N HIS EA 48 37.75 -38.98 91.13
CA HIS EA 48 38.59 -39.84 91.95
C HIS EA 48 39.71 -39.08 92.65
N ASN EA 49 39.65 -37.75 92.64
CA ASN EA 49 40.58 -36.97 93.45
C ASN EA 49 40.30 -37.11 94.93
N LYS EA 50 39.12 -37.63 95.30
CA LYS EA 50 38.78 -37.80 96.70
C LYS EA 50 39.73 -38.79 97.38
N LYS EA 51 39.95 -39.95 96.77
CA LYS EA 51 40.92 -40.87 97.31
C LYS EA 51 42.32 -40.33 97.12
N GLY EA 52 43.25 -40.83 97.94
CA GLY EA 52 44.56 -40.25 98.02
C GLY EA 52 44.64 -39.00 98.86
N LEU EA 53 43.52 -38.59 99.46
CA LEU EA 53 43.52 -37.40 100.32
C LEU EA 53 44.41 -37.61 101.53
N LYS EA 54 44.37 -38.80 102.13
CA LYS EA 54 45.22 -39.06 103.30
C LYS EA 54 46.69 -39.03 102.93
N LYS EA 55 47.05 -39.64 101.78
CA LYS EA 55 48.44 -39.57 101.32
C LYS EA 55 48.84 -38.13 101.03
N MET EA 56 47.93 -37.37 100.42
CA MET EA 56 48.19 -35.97 100.10
C MET EA 56 48.47 -35.15 101.35
N GLN EA 57 47.61 -35.27 102.35
CA GLN EA 57 47.80 -34.49 103.57
C GLN EA 57 48.98 -34.98 104.38
N ALA EA 58 49.29 -36.28 104.33
CA ALA EA 58 50.49 -36.77 105.00
C ALA EA 58 51.75 -36.20 104.35
N ASN EA 59 51.77 -36.18 103.01
CA ASN EA 59 52.92 -35.61 102.30
C ASN EA 59 53.05 -34.12 102.60
N ASN EA 60 51.93 -33.39 102.62
CA ASN EA 60 51.99 -31.97 102.93
C ASN EA 60 52.44 -31.73 104.36
N ALA EA 61 51.98 -32.56 105.31
CA ALA EA 61 52.38 -32.39 106.70
C ALA EA 61 53.87 -32.66 106.88
N LYS EA 62 54.38 -33.75 106.28
CA LYS EA 62 55.80 -34.03 106.41
C LYS EA 62 56.65 -32.99 105.68
N ALA EA 63 56.18 -32.47 104.55
CA ALA EA 63 56.91 -31.43 103.85
C ALA EA 63 56.95 -30.14 104.67
N MET EA 64 55.83 -29.79 105.30
CA MET EA 64 55.78 -28.62 106.16
C MET EA 64 56.71 -28.79 107.35
N SER EA 65 56.73 -29.99 107.95
CA SER EA 65 57.63 -30.26 109.05
C SER EA 65 59.09 -30.14 108.63
N ALA EA 66 59.42 -30.68 107.45
CA ALA EA 66 60.80 -30.62 106.96
C ALA EA 66 61.22 -29.17 106.68
N ARG EA 67 60.36 -28.42 106.01
CA ARG EA 67 60.66 -27.01 105.75
C ARG EA 67 60.77 -26.22 107.05
N ALA EA 68 59.90 -26.52 108.02
CA ALA EA 68 59.95 -25.83 109.30
C ALA EA 68 61.24 -26.12 110.04
N GLU EA 69 61.66 -27.39 110.07
CA GLU EA 69 62.89 -27.72 110.80
C GLU EA 69 64.13 -27.23 110.04
N ALA EA 70 64.04 -27.10 108.72
CA ALA EA 70 65.14 -26.49 107.98
C ALA EA 70 65.24 -25.00 108.28
N ILE EA 71 64.09 -24.32 108.38
CA ILE EA 71 64.10 -22.88 108.64
C ILE EA 71 64.54 -22.61 110.07
N LYS EA 72 64.01 -23.37 111.03
CA LYS EA 72 64.29 -23.13 112.45
C LYS EA 72 65.72 -23.46 112.84
N ALA EA 73 66.50 -24.10 111.98
CA ALA EA 73 67.88 -24.45 112.29
C ALA EA 73 68.71 -23.17 112.23
N LEU EA 74 68.87 -22.50 113.37
CA LEU EA 74 69.66 -21.29 113.49
C LEU EA 74 70.85 -21.56 114.41
N VAL EA 75 72.03 -21.09 113.98
CA VAL EA 75 73.31 -21.16 114.71
C VAL EA 75 73.52 -22.45 115.49
N VAL EA 88 80.47 10.36 108.47
CA VAL EA 88 80.96 11.72 108.31
C VAL EA 88 79.99 12.70 108.95
N SER EA 89 80.01 13.95 108.48
CA SER EA 89 79.10 14.97 108.97
C SER EA 89 77.81 14.99 108.16
N ARG EA 90 77.92 15.26 106.86
CA ARG EA 90 76.82 15.20 105.90
C ARG EA 90 75.66 16.11 106.34
N LYS EA 91 75.94 17.41 106.27
CA LYS EA 91 75.01 18.44 106.70
C LYS EA 91 73.63 18.26 106.07
N LEU EA 92 73.59 17.91 104.77
CA LEU EA 92 72.30 17.62 104.15
C LEU EA 92 71.63 16.41 104.78
N ASP EA 93 72.37 15.32 104.98
CA ASP EA 93 71.82 14.13 105.61
C ASP EA 93 71.42 14.40 107.05
N ARG EA 94 72.22 15.17 107.79
CA ARG EA 94 71.88 15.51 109.16
C ARG EA 94 70.60 16.33 109.22
N LEU EA 95 70.44 17.30 108.31
CA LEU EA 95 69.23 18.09 108.28
C LEU EA 95 68.03 17.24 107.90
N ALA EA 96 68.22 16.30 106.98
CA ALA EA 96 67.13 15.38 106.63
C ALA EA 96 66.73 14.53 107.83
N TYR EA 97 67.72 14.10 108.61
CA TYR EA 97 67.42 13.33 109.81
C TYR EA 97 66.67 14.16 110.84
N ILE EA 98 67.10 15.39 111.06
CA ILE EA 98 66.48 16.24 112.08
C ILE EA 98 65.05 16.62 111.65
N ALA EA 99 64.86 16.92 110.38
CA ALA EA 99 63.54 17.31 109.89
C ALA EA 99 62.53 16.17 109.94
N HIS EA 100 62.98 14.93 110.13
CA HIS EA 100 62.05 13.82 110.27
C HIS EA 100 61.23 13.99 111.54
N PRO EA 101 59.91 13.86 111.48
CA PRO EA 101 59.09 14.07 112.67
C PRO EA 101 59.41 13.12 113.81
N LYS EA 102 59.76 11.87 113.51
CA LYS EA 102 60.10 10.89 114.54
C LYS EA 102 61.58 10.85 114.85
N LEU EA 103 62.42 10.76 113.83
CA LEU EA 103 63.86 10.55 114.05
C LEU EA 103 64.54 11.82 114.56
N GLY EA 104 64.03 12.99 114.21
CA GLY EA 104 64.63 14.25 114.59
C GLY EA 104 64.02 14.94 115.80
N LYS EA 105 63.21 14.22 116.58
CA LYS EA 105 62.55 14.83 117.74
C LYS EA 105 63.57 15.28 118.78
N ARG EA 106 64.44 14.37 119.19
CA ARG EA 106 65.39 14.68 120.25
C ARG EA 106 66.47 15.66 119.78
N ALA EA 107 66.85 15.60 118.51
CA ALA EA 107 67.83 16.53 117.98
C ALA EA 107 67.31 17.97 118.01
N ARG EA 108 66.07 18.17 117.58
CA ARG EA 108 65.52 19.51 117.63
C ARG EA 108 65.20 19.95 119.06
N ALA EA 109 64.86 19.03 119.96
CA ALA EA 109 64.79 19.40 121.37
C ALA EA 109 66.14 19.87 121.89
N ARG EA 110 67.22 19.18 121.51
CA ARG EA 110 68.56 19.58 121.91
C ARG EA 110 68.91 20.96 121.38
N ILE EA 111 68.64 21.23 120.11
CA ILE EA 111 69.00 22.54 119.56
C ILE EA 111 68.11 23.63 120.16
N ALA EA 112 66.88 23.31 120.55
CA ALA EA 112 66.05 24.28 121.26
C ALA EA 112 66.66 24.62 122.62
N LYS EA 113 67.08 23.61 123.37
CA LYS EA 113 67.73 23.88 124.65
C LYS EA 113 69.03 24.64 124.48
N GLY EA 114 69.75 24.38 123.38
CA GLY EA 114 70.94 25.15 123.08
C GLY EA 114 70.64 26.61 122.76
N LEU EA 115 69.54 26.85 122.05
CA LEU EA 115 69.09 28.21 121.79
C LEU EA 115 68.71 28.93 123.08
N ARG EA 116 68.04 28.23 123.99
CA ARG EA 116 67.52 28.85 125.21
C ARG EA 116 68.58 29.02 126.30
N LEU EA 117 69.14 27.91 126.78
CA LEU EA 117 70.01 27.97 127.94
C LEU EA 117 71.40 28.45 127.57
N CYS EA 118 72.00 29.23 128.47
CA CYS EA 118 73.38 29.68 128.34
C CYS EA 118 74.13 29.39 129.63
N ARG EA 119 75.27 28.72 129.52
CA ARG EA 119 76.07 28.38 130.68
C ARG EA 119 77.53 28.67 130.38
N PRO EA 120 78.31 29.06 131.38
CA PRO EA 120 79.72 29.39 131.16
C PRO EA 120 80.56 28.14 130.97
N LYS EA 121 81.87 28.35 130.84
CA LYS EA 121 82.86 27.29 130.64
C LYS EA 121 82.55 26.44 129.42
N LYS FA 1 -70.54 -23.18 -31.09
CA LYS FA 1 -71.37 -22.86 -32.24
C LYS FA 1 -72.64 -22.13 -31.79
N SER FA 2 -73.10 -22.44 -30.58
CA SER FA 2 -74.30 -21.80 -30.06
C SER FA 2 -74.07 -20.32 -29.76
N LEU FA 3 -72.90 -19.98 -29.20
CA LEU FA 3 -72.63 -18.59 -28.86
C LEU FA 3 -72.47 -17.73 -30.10
N GLU FA 4 -71.74 -18.22 -31.11
CA GLU FA 4 -71.62 -17.46 -32.35
C GLU FA 4 -72.95 -17.38 -33.08
N SER FA 5 -73.78 -18.42 -32.99
CA SER FA 5 -75.10 -18.38 -33.59
C SER FA 5 -75.98 -17.33 -32.93
N ILE FA 6 -75.96 -17.27 -31.60
CA ILE FA 6 -76.80 -16.28 -30.92
C ILE FA 6 -76.24 -14.88 -31.13
N ASN FA 7 -74.93 -14.73 -31.29
CA ASN FA 7 -74.36 -13.43 -31.63
C ASN FA 7 -74.81 -12.99 -33.02
N SER FA 8 -74.78 -13.90 -33.99
CA SER FA 8 -75.24 -13.56 -35.34
C SER FA 8 -76.71 -13.20 -35.36
N ARG FA 9 -77.54 -13.97 -34.65
CA ARG FA 9 -78.96 -13.65 -34.61
C ARG FA 9 -79.22 -12.36 -33.85
N LEU FA 10 -78.41 -12.05 -32.84
CA LEU FA 10 -78.53 -10.76 -32.16
C LEU FA 10 -78.19 -9.62 -33.10
N GLN FA 11 -77.15 -9.79 -33.91
CA GLN FA 11 -76.83 -8.79 -34.92
C GLN FA 11 -77.99 -8.61 -35.89
N LEU FA 12 -78.62 -9.72 -36.28
CA LEU FA 12 -79.69 -9.65 -37.27
C LEU FA 12 -81.00 -9.15 -36.68
N VAL FA 13 -81.19 -9.23 -35.36
CA VAL FA 13 -82.35 -8.61 -34.73
C VAL FA 13 -82.27 -7.10 -34.85
N MET FA 14 -81.09 -6.54 -34.55
CA MET FA 14 -80.86 -5.13 -34.82
C MET FA 14 -80.96 -4.87 -36.32
N LYS FA 15 -81.44 -3.68 -36.67
CA LYS FA 15 -81.53 -3.19 -38.05
C LYS FA 15 -82.64 -3.91 -38.80
N SER FA 16 -83.23 -4.95 -38.21
CA SER FA 16 -84.32 -5.68 -38.84
C SER FA 16 -85.53 -5.91 -37.95
N GLY FA 17 -85.42 -5.80 -36.64
CA GLY FA 17 -86.55 -6.04 -35.75
C GLY FA 17 -86.62 -4.98 -34.67
N LYS FA 18 -87.76 -4.98 -33.97
CA LYS FA 18 -88.02 -4.02 -32.90
C LYS FA 18 -87.53 -4.62 -31.58
N TYR FA 19 -86.74 -3.84 -30.85
CA TYR FA 19 -86.22 -4.31 -29.57
C TYR FA 19 -86.24 -3.17 -28.57
N VAL FA 20 -85.63 -3.37 -27.40
CA VAL FA 20 -85.44 -2.32 -26.42
C VAL FA 20 -84.29 -2.73 -25.52
N LEU FA 21 -83.56 -1.74 -25.02
CA LEU FA 21 -82.35 -1.97 -24.22
C LEU FA 21 -82.53 -1.40 -22.83
N GLY FA 22 -82.13 -2.16 -21.82
CA GLY FA 22 -82.15 -1.65 -20.46
C GLY FA 22 -82.96 -2.47 -19.49
N TYR FA 23 -83.10 -1.97 -18.27
CA TYR FA 23 -83.82 -2.69 -17.22
C TYR FA 23 -85.25 -2.19 -17.09
N LYS FA 24 -85.42 -0.87 -16.92
CA LYS FA 24 -86.74 -0.30 -16.74
C LYS FA 24 -87.62 -0.54 -17.95
N GLN FA 25 -87.08 -0.31 -19.15
CA GLN FA 25 -87.87 -0.52 -20.35
C GLN FA 25 -88.16 -1.99 -20.59
N THR FA 26 -87.23 -2.88 -20.21
CA THR FA 26 -87.49 -4.31 -20.32
C THR FA 26 -88.65 -4.72 -19.42
N LEU FA 27 -88.64 -4.26 -18.17
CA LEU FA 27 -89.75 -4.56 -17.27
C LEU FA 27 -91.05 -4.00 -17.80
N LYS FA 28 -91.02 -2.77 -18.30
CA LYS FA 28 -92.24 -2.13 -18.78
C LYS FA 28 -92.79 -2.85 -19.99
N MET FA 29 -91.91 -3.32 -20.88
CA MET FA 29 -92.35 -4.10 -22.03
C MET FA 29 -92.91 -5.45 -21.60
N ILE FA 30 -92.29 -6.09 -20.61
CA ILE FA 30 -92.74 -7.40 -20.16
C ILE FA 30 -94.13 -7.29 -19.55
N ARG FA 31 -94.33 -6.36 -18.62
CA ARG FA 31 -95.64 -6.23 -18.00
C ARG FA 31 -96.69 -5.68 -18.96
N GLN FA 32 -96.28 -5.13 -20.11
CA GLN FA 32 -97.22 -4.86 -21.18
C GLN FA 32 -97.55 -6.11 -21.98
N GLY FA 33 -96.85 -7.22 -21.72
CA GLY FA 33 -97.17 -8.45 -22.42
C GLY FA 33 -96.75 -8.49 -23.86
N LYS FA 34 -95.88 -7.58 -24.30
CA LYS FA 34 -95.44 -7.51 -25.68
C LYS FA 34 -93.97 -7.88 -25.84
N ALA FA 35 -93.37 -8.52 -24.85
CA ALA FA 35 -91.98 -8.97 -24.94
C ALA FA 35 -91.97 -10.46 -25.29
N LYS FA 36 -91.20 -10.82 -26.31
CA LYS FA 36 -91.16 -12.21 -26.77
C LYS FA 36 -89.89 -12.95 -26.36
N LEU FA 37 -88.79 -12.24 -26.14
CA LEU FA 37 -87.57 -12.87 -25.64
C LEU FA 37 -86.76 -11.85 -24.87
N VAL FA 38 -86.23 -12.27 -23.73
CA VAL FA 38 -85.41 -11.43 -22.87
C VAL FA 38 -84.05 -12.08 -22.73
N ILE FA 39 -82.99 -11.30 -22.91
CA ILE FA 39 -81.62 -11.80 -22.88
C ILE FA 39 -80.92 -11.19 -21.68
N LEU FA 40 -80.36 -12.04 -20.83
CA LEU FA 40 -79.67 -11.62 -19.61
C LEU FA 40 -78.20 -11.98 -19.70
N ALA FA 41 -77.34 -10.98 -19.51
CA ALA FA 41 -75.93 -11.26 -19.31
C ALA FA 41 -75.70 -11.81 -17.91
N ASN FA 42 -74.67 -12.65 -17.78
CA ASN FA 42 -74.37 -13.24 -16.48
C ASN FA 42 -73.93 -12.21 -15.44
N ASN FA 43 -73.48 -11.04 -15.88
CA ASN FA 43 -73.07 -9.99 -14.95
C ASN FA 43 -74.24 -9.34 -14.24
N CYS FA 44 -75.47 -9.68 -14.61
CA CYS FA 44 -76.64 -9.14 -13.94
C CYS FA 44 -76.65 -9.57 -12.47
N PRO FA 45 -77.05 -8.71 -11.56
CA PRO FA 45 -77.24 -9.14 -10.17
C PRO FA 45 -78.29 -10.24 -10.09
N ALA FA 46 -78.04 -11.19 -9.18
CA ALA FA 46 -78.91 -12.35 -9.08
C ALA FA 46 -80.32 -11.95 -8.66
N LEU FA 47 -80.45 -10.88 -7.88
CA LEU FA 47 -81.77 -10.36 -7.54
C LEU FA 47 -82.52 -9.93 -8.78
N ARG FA 48 -81.90 -9.10 -9.62
CA ARG FA 48 -82.55 -8.63 -10.83
C ARG FA 48 -82.80 -9.79 -11.80
N LYS FA 49 -81.85 -10.72 -11.89
CA LYS FA 49 -82.05 -11.88 -12.76
C LYS FA 49 -83.25 -12.70 -12.32
N SER FA 50 -83.36 -12.98 -11.02
CA SER FA 50 -84.49 -13.75 -10.51
C SER FA 50 -85.80 -13.00 -10.70
N GLU FA 51 -85.79 -11.68 -10.48
CA GLU FA 51 -87.01 -10.90 -10.66
C GLU FA 51 -87.47 -10.91 -12.11
N ILE FA 52 -86.53 -10.78 -13.06
CA ILE FA 52 -86.90 -10.80 -14.47
C ILE FA 52 -87.37 -12.19 -14.87
N GLU FA 53 -86.76 -13.24 -14.32
CA GLU FA 53 -87.24 -14.58 -14.60
C GLU FA 53 -88.65 -14.79 -14.07
N TYR FA 54 -88.95 -14.27 -12.88
CA TYR FA 54 -90.30 -14.34 -12.35
C TYR FA 54 -91.29 -13.59 -13.24
N TYR FA 55 -90.91 -12.40 -13.70
CA TYR FA 55 -91.78 -11.64 -14.58
C TYR FA 55 -92.04 -12.39 -15.88
N ALA FA 56 -90.99 -12.98 -16.45
CA ALA FA 56 -91.14 -13.74 -17.70
C ALA FA 56 -92.04 -14.95 -17.49
N MET FA 57 -91.86 -15.65 -16.37
CA MET FA 57 -92.73 -16.79 -16.06
C MET FA 57 -94.18 -16.35 -15.93
N LEU FA 58 -94.41 -15.18 -15.32
CA LEU FA 58 -95.77 -14.66 -15.24
C LEU FA 58 -96.32 -14.36 -16.63
N ALA FA 59 -95.51 -13.78 -17.50
CA ALA FA 59 -95.95 -13.42 -18.84
C ALA FA 59 -95.80 -14.58 -19.83
N LYS FA 60 -95.20 -15.70 -19.42
CA LYS FA 60 -94.92 -16.84 -20.29
C LYS FA 60 -94.12 -16.43 -21.52
N THR FA 61 -92.97 -15.81 -21.28
CA THR FA 61 -92.05 -15.46 -22.34
C THR FA 61 -90.67 -16.03 -22.03
N GLY FA 62 -89.91 -16.33 -23.08
CA GLY FA 62 -88.66 -17.02 -22.91
C GLY FA 62 -87.55 -16.12 -22.39
N VAL FA 63 -86.58 -16.76 -21.72
CA VAL FA 63 -85.41 -16.08 -21.21
C VAL FA 63 -84.19 -16.86 -21.65
N HIS FA 64 -83.22 -16.18 -22.27
CA HIS FA 64 -81.95 -16.76 -22.67
C HIS FA 64 -80.85 -16.11 -21.88
N HIS FA 65 -80.07 -16.92 -21.15
CA HIS FA 65 -78.97 -16.42 -20.33
C HIS FA 65 -77.76 -16.24 -21.23
N TYR FA 66 -77.42 -14.98 -21.51
CA TYR FA 66 -76.30 -14.69 -22.40
C TYR FA 66 -74.99 -15.07 -21.73
N SER FA 67 -74.17 -15.83 -22.45
CA SER FA 67 -72.91 -16.34 -21.90
C SER FA 67 -71.78 -15.35 -22.16
N GLY FA 68 -72.01 -14.11 -21.75
CA GLY FA 68 -71.02 -13.06 -21.90
C GLY FA 68 -70.94 -12.18 -20.67
N ASN FA 69 -71.11 -10.88 -20.86
CA ASN FA 69 -71.35 -9.94 -19.77
C ASN FA 69 -71.99 -8.70 -20.36
N ASN FA 70 -72.24 -7.71 -19.52
CA ASN FA 70 -72.88 -6.49 -19.98
C ASN FA 70 -72.05 -5.79 -21.04
N ILE FA 71 -70.73 -5.80 -20.90
CA ILE FA 71 -69.87 -5.21 -21.92
C ILE FA 71 -69.98 -5.99 -23.23
N GLU FA 72 -69.86 -7.31 -23.15
CA GLU FA 72 -69.97 -8.12 -24.37
C GLU FA 72 -71.38 -8.12 -24.92
N LEU FA 73 -72.40 -8.03 -24.05
CA LEU FA 73 -73.76 -7.90 -24.55
C LEU FA 73 -73.96 -6.59 -25.29
N GLY FA 74 -73.41 -5.48 -24.77
CA GLY FA 74 -73.48 -4.23 -25.49
C GLY FA 74 -72.72 -4.28 -26.80
N THR FA 75 -71.58 -4.98 -26.82
CA THR FA 75 -70.82 -5.13 -28.05
C THR FA 75 -71.60 -5.94 -29.08
N ALA FA 76 -72.30 -6.98 -28.63
CA ALA FA 76 -73.07 -7.82 -29.56
C ALA FA 76 -74.29 -7.12 -30.11
N CYS FA 77 -74.80 -6.09 -29.42
CA CYS FA 77 -75.97 -5.37 -29.89
C CYS FA 77 -75.63 -4.22 -30.83
N GLY FA 78 -74.35 -4.03 -31.14
CA GLY FA 78 -73.94 -2.94 -32.00
C GLY FA 78 -73.84 -1.59 -31.32
N LYS FA 79 -74.07 -1.53 -30.02
CA LYS FA 79 -73.97 -0.29 -29.27
C LYS FA 79 -72.62 -0.19 -28.57
N TYR FA 80 -72.28 1.04 -28.17
CA TYR FA 80 -71.03 1.31 -27.49
C TYR FA 80 -71.22 1.58 -26.00
N TYR FA 81 -72.36 1.17 -25.45
CA TYR FA 81 -72.64 1.27 -24.04
C TYR FA 81 -73.06 -0.09 -23.53
N ARG FA 82 -72.75 -0.35 -22.26
CA ARG FA 82 -73.08 -1.64 -21.67
C ARG FA 82 -74.58 -1.79 -21.55
N VAL FA 83 -75.09 -2.95 -21.96
CA VAL FA 83 -76.49 -3.32 -21.73
C VAL FA 83 -76.52 -4.60 -20.92
N CYS FA 84 -77.33 -4.62 -19.87
CA CYS FA 84 -77.42 -5.77 -18.99
C CYS FA 84 -78.67 -6.61 -19.22
N THR FA 85 -79.73 -6.00 -19.76
CA THR FA 85 -80.98 -6.70 -20.03
C THR FA 85 -81.62 -6.08 -21.26
N LEU FA 86 -82.20 -6.92 -22.12
CA LEU FA 86 -82.81 -6.45 -23.34
C LEU FA 86 -83.98 -7.34 -23.70
N ALA FA 87 -84.93 -6.79 -24.45
CA ALA FA 87 -86.11 -7.51 -24.87
C ALA FA 87 -86.35 -7.30 -26.36
N ILE FA 88 -86.87 -8.33 -27.02
CA ILE FA 88 -87.14 -8.29 -28.45
C ILE FA 88 -88.65 -8.27 -28.65
N ILE FA 89 -89.15 -7.21 -29.29
CA ILE FA 89 -90.58 -7.12 -29.59
C ILE FA 89 -90.96 -8.13 -30.67
N ASP FA 90 -90.16 -8.21 -31.74
CA ASP FA 90 -90.36 -9.19 -32.80
C ASP FA 90 -89.03 -9.37 -33.50
N PRO FA 91 -88.58 -10.60 -33.70
CA PRO FA 91 -87.27 -10.82 -34.31
C PRO FA 91 -87.20 -10.42 -35.77
N GLY FA 92 -88.14 -10.91 -36.58
CA GLY FA 92 -88.05 -10.72 -38.02
C GLY FA 92 -86.99 -11.54 -38.70
N ASP FA 93 -86.37 -12.48 -37.98
CA ASP FA 93 -85.28 -13.27 -38.55
C ASP FA 93 -85.31 -14.73 -38.09
N SER FA 94 -86.44 -15.22 -37.61
CA SER FA 94 -86.63 -16.62 -37.20
C SER FA 94 -85.71 -17.01 -36.04
N ASP FA 95 -85.31 -16.04 -35.22
CA ASP FA 95 -84.66 -16.41 -33.96
C ASP FA 95 -85.64 -17.11 -33.03
N ILE FA 96 -86.86 -16.61 -32.97
CA ILE FA 96 -87.92 -17.19 -32.16
C ILE FA 96 -88.76 -18.06 -33.08
N ILE FA 97 -88.82 -19.35 -32.80
CA ILE FA 97 -89.59 -20.27 -33.62
C ILE FA 97 -91.08 -20.07 -33.37
N ARG FA 98 -91.85 -19.94 -34.44
CA ARG FA 98 -93.28 -19.71 -34.34
C ARG FA 98 -94.01 -20.93 -33.76
N ASN GA 1 -34.14 100.98 32.75
CA ASN GA 1 -35.26 100.26 33.32
C ASN GA 1 -34.88 98.80 33.57
N GLU GA 2 -35.83 98.03 34.13
CA GLU GA 2 -35.57 96.63 34.43
C GLU GA 2 -36.74 95.73 34.06
N VAL GA 3 -37.79 96.26 33.44
CA VAL GA 3 -38.92 95.46 33.00
C VAL GA 3 -38.92 95.56 31.47
N VAL GA 4 -37.73 95.74 30.91
CA VAL GA 4 -37.56 95.92 29.48
C VAL GA 4 -37.83 94.60 28.76
N THR GA 5 -38.33 94.71 27.53
CA THR GA 5 -38.49 93.56 26.65
C THR GA 5 -37.93 93.90 25.28
N ARG GA 6 -37.43 92.89 24.59
CA ARG GA 6 -36.75 93.08 23.31
C ARG GA 6 -36.95 91.84 22.44
N GLU GA 7 -36.70 92.01 21.15
CA GLU GA 7 -36.77 90.92 20.18
C GLU GA 7 -35.39 90.68 19.59
N TYR GA 8 -35.04 89.41 19.41
CA TYR GA 8 -33.75 89.01 18.87
C TYR GA 8 -33.97 87.93 17.82
N THR GA 9 -32.93 87.69 17.03
CA THR GA 9 -32.84 86.51 16.18
C THR GA 9 -31.53 85.79 16.49
N ILE GA 10 -31.57 84.47 16.47
CA ILE GA 10 -30.46 83.65 16.96
C ILE GA 10 -30.00 82.71 15.84
N ASN GA 11 -28.70 82.67 15.62
CA ASN GA 11 -28.11 81.66 14.73
C ASN GA 11 -28.03 80.36 15.50
N ILE GA 12 -29.11 79.59 15.47
CA ILE GA 12 -29.11 78.28 16.08
C ILE GA 12 -28.13 77.37 15.36
N HIS GA 13 -28.00 77.53 14.05
CA HIS GA 13 -27.09 76.71 13.27
C HIS GA 13 -25.64 76.90 13.71
N LYS GA 14 -25.29 78.10 14.15
CA LYS GA 14 -23.94 78.35 14.64
C LYS GA 14 -23.68 77.60 15.93
N ARG GA 15 -24.70 77.45 16.77
CA ARG GA 15 -24.52 76.86 18.10
C ARG GA 15 -24.74 75.36 18.13
N ILE GA 16 -25.42 74.81 17.13
CA ILE GA 16 -25.64 73.36 17.03
C ILE GA 16 -24.54 72.67 16.23
N HIS GA 17 -23.76 73.41 15.45
CA HIS GA 17 -22.77 72.82 14.55
C HIS GA 17 -21.78 71.94 15.32
N GLY GA 18 -21.87 70.63 15.07
CA GLY GA 18 -21.05 69.66 15.76
C GLY GA 18 -21.80 68.76 16.73
N VAL GA 19 -23.04 69.08 17.05
CA VAL GA 19 -23.82 68.30 18.02
C VAL GA 19 -24.40 67.09 17.33
N GLY GA 20 -24.35 65.94 18.02
CA GLY GA 20 -24.88 64.70 17.47
C GLY GA 20 -26.38 64.76 17.23
N PHE GA 21 -26.83 63.87 16.35
CA PHE GA 21 -28.17 63.96 15.79
C PHE GA 21 -29.25 63.90 16.86
N LYS GA 22 -29.10 62.97 17.81
CA LYS GA 22 -30.14 62.75 18.81
C LYS GA 22 -30.09 63.75 19.96
N LYS GA 23 -29.14 64.68 19.94
CA LYS GA 23 -29.05 65.71 20.97
C LYS GA 23 -29.20 67.11 20.43
N ARG GA 24 -29.47 67.27 19.12
CA ARG GA 24 -29.41 68.59 18.50
C ARG GA 24 -30.50 69.51 19.03
N ALA GA 25 -31.75 69.04 19.04
CA ALA GA 25 -32.84 69.86 19.56
C ALA GA 25 -32.72 70.15 21.06
N PRO GA 26 -32.43 69.17 21.94
CA PRO GA 26 -32.19 69.55 23.36
C PRO GA 26 -31.04 70.52 23.53
N ARG GA 27 -29.98 70.37 22.74
CA ARG GA 27 -28.89 71.32 22.80
C ARG GA 27 -29.35 72.70 22.34
N ALA GA 28 -30.24 72.76 21.34
CA ALA GA 28 -30.78 74.04 20.92
C ALA GA 28 -31.59 74.70 22.03
N LEU GA 29 -32.41 73.92 22.74
CA LEU GA 29 -33.15 74.48 23.87
C LEU GA 29 -32.19 74.98 24.96
N LYS GA 30 -31.13 74.21 25.24
CA LYS GA 30 -30.17 74.63 26.26
C LYS GA 30 -29.44 75.90 25.84
N GLU GA 31 -29.07 76.00 24.57
CA GLU GA 31 -28.46 77.23 24.05
C GLU GA 31 -29.43 78.40 24.11
N ILE GA 32 -30.71 78.16 23.87
CA ILE GA 32 -31.70 79.23 23.97
C ILE GA 32 -31.76 79.76 25.40
N ARG GA 33 -31.82 78.84 26.37
CA ARG GA 33 -31.88 79.26 27.77
C ARG GA 33 -30.61 79.98 28.19
N LYS GA 34 -29.45 79.47 27.76
CA LYS GA 34 -28.18 80.12 28.05
C LYS GA 34 -28.09 81.50 27.43
N PHE GA 35 -28.56 81.65 26.19
CA PHE GA 35 -28.54 82.95 25.52
C PHE GA 35 -29.45 83.93 26.24
N ALA GA 36 -30.61 83.48 26.71
CA ALA GA 36 -31.48 84.35 27.47
C ALA GA 36 -30.82 84.80 28.76
N MET GA 37 -30.15 83.87 29.46
CA MET GA 37 -29.43 84.24 30.68
C MET GA 37 -28.32 85.23 30.37
N LYS GA 38 -27.62 85.04 29.26
CA LYS GA 38 -26.56 85.95 28.85
C LYS GA 38 -27.10 87.35 28.57
N GLU GA 39 -28.23 87.44 27.89
CA GLU GA 39 -28.69 88.73 27.40
C GLU GA 39 -29.45 89.51 28.47
N MET GA 40 -30.20 88.83 29.33
CA MET GA 40 -30.97 89.54 30.34
C MET GA 40 -30.39 89.42 31.74
N GLY GA 41 -29.32 88.65 31.92
CA GLY GA 41 -28.67 88.55 33.21
C GLY GA 41 -29.57 88.01 34.30
N THR GA 42 -30.45 87.08 33.96
CA THR GA 42 -31.43 86.54 34.90
C THR GA 42 -31.25 85.03 34.97
N PRO GA 43 -30.99 84.46 36.15
CA PRO GA 43 -30.92 83.00 36.27
C PRO GA 43 -32.23 82.31 35.91
N ASP GA 44 -33.37 82.94 36.20
CA ASP GA 44 -34.67 82.36 35.89
C ASP GA 44 -35.03 82.67 34.45
N VAL GA 45 -35.10 81.62 33.63
CA VAL GA 45 -35.50 81.73 32.23
C VAL GA 45 -36.57 80.68 31.96
N ARG GA 46 -37.69 81.12 31.40
CA ARG GA 46 -38.77 80.23 31.01
C ARG GA 46 -38.97 80.31 29.51
N ILE GA 47 -39.17 79.16 28.89
CA ILE GA 47 -39.36 79.05 27.45
C ILE GA 47 -40.82 78.73 27.18
N ASP GA 48 -41.48 79.58 26.39
CA ASP GA 48 -42.88 79.36 26.06
C ASP GA 48 -43.05 78.06 25.28
N THR GA 49 -44.19 77.40 25.52
CA THR GA 49 -44.46 76.13 24.87
C THR GA 49 -44.55 76.26 23.36
N ARG GA 50 -45.03 77.41 22.87
CA ARG GA 50 -45.06 77.63 21.43
C ARG GA 50 -43.66 77.67 20.84
N LEU GA 51 -42.71 78.29 21.54
CA LEU GA 51 -41.33 78.26 21.07
C LEU GA 51 -40.78 76.84 21.07
N ASN GA 52 -41.10 76.07 22.11
CA ASN GA 52 -40.65 74.68 22.17
C ASN GA 52 -41.22 73.87 21.01
N LYS GA 53 -42.48 74.10 20.66
CA LYS GA 53 -43.07 73.44 19.51
C LYS GA 53 -42.41 73.89 18.21
N ALA GA 54 -42.08 75.18 18.10
CA ALA GA 54 -41.47 75.69 16.87
C ALA GA 54 -40.09 75.11 16.66
N VAL GA 55 -39.29 74.99 17.74
CA VAL GA 55 -37.96 74.43 17.60
C VAL GA 55 -38.03 72.96 17.21
N TRP GA 56 -38.93 72.21 17.82
CA TRP GA 56 -39.09 70.79 17.54
C TRP GA 56 -39.97 70.53 16.32
N ALA GA 57 -40.26 71.55 15.52
CA ALA GA 57 -41.17 71.38 14.39
C ALA GA 57 -40.59 70.42 13.36
N LYS GA 58 -39.29 70.53 13.08
CA LYS GA 58 -38.64 69.69 12.08
C LYS GA 58 -37.92 68.51 12.71
N GLY GA 59 -38.44 67.98 13.80
CA GLY GA 59 -37.88 66.79 14.38
C GLY GA 59 -36.71 67.05 15.30
N ILE GA 60 -36.00 65.96 15.62
CA ILE GA 60 -34.96 66.01 16.64
C ILE GA 60 -33.61 66.45 16.08
N ARG GA 61 -33.32 66.19 14.80
CA ARG GA 61 -31.99 66.48 14.28
C ARG GA 61 -31.95 67.63 13.29
N ASN GA 62 -33.02 67.86 12.53
CA ASN GA 62 -33.04 68.93 11.54
C ASN GA 62 -33.57 70.22 12.17
N VAL GA 63 -32.80 70.74 13.13
CA VAL GA 63 -33.15 71.97 13.82
C VAL GA 63 -33.12 73.13 12.82
N PRO GA 64 -34.10 74.03 12.86
CA PRO GA 64 -34.06 75.20 11.98
C PRO GA 64 -32.82 76.04 12.24
N TYR GA 65 -32.26 76.58 11.15
CA TYR GA 65 -30.98 77.26 11.23
C TYR GA 65 -31.10 78.57 12.00
N ARG GA 66 -32.10 79.38 11.68
CA ARG GA 66 -32.35 80.63 12.37
C ARG GA 66 -33.74 80.60 12.98
N ILE GA 67 -33.93 81.40 14.02
CA ILE GA 67 -35.23 81.53 14.66
C ILE GA 67 -35.32 82.92 15.28
N ARG GA 68 -36.52 83.49 15.26
CA ARG GA 68 -36.77 84.81 15.80
C ARG GA 68 -37.52 84.67 17.13
N VAL GA 69 -36.96 85.27 18.18
CA VAL GA 69 -37.48 85.13 19.52
C VAL GA 69 -37.69 86.52 20.13
N ARG GA 70 -38.53 86.56 21.16
CA ARG GA 70 -38.79 87.79 21.91
C ARG GA 70 -38.48 87.54 23.37
N LEU GA 71 -37.63 88.39 23.94
CA LEU GA 71 -37.24 88.27 25.35
C LEU GA 71 -38.00 89.33 26.14
N SER GA 72 -38.60 88.90 27.25
CA SER GA 72 -39.36 89.79 28.11
C SER GA 72 -38.94 89.53 29.55
N ARG GA 73 -38.25 90.51 30.15
CA ARG GA 73 -37.88 90.42 31.55
C ARG GA 73 -39.05 90.91 32.39
N LYS GA 74 -39.46 90.12 33.38
CA LYS GA 74 -40.61 90.46 34.21
C LYS GA 74 -40.32 90.20 35.67
N ARG GA 75 -41.09 90.86 36.53
CA ARG GA 75 -40.93 90.72 37.97
C ARG GA 75 -41.37 89.34 38.42
N ASN GA 76 -40.63 88.75 39.35
CA ASN GA 76 -40.97 87.48 39.96
C ASN GA 76 -41.65 87.64 41.31
N GLU GA 77 -42.08 88.85 41.66
CA GLU GA 77 -42.65 89.09 42.99
C GLU GA 77 -44.06 88.53 43.08
N ASP GA 78 -44.18 87.20 43.01
CA ASP GA 78 -45.41 86.51 43.34
C ASP GA 78 -45.25 85.58 44.54
N GLU GA 79 -44.02 85.34 44.98
CA GLU GA 79 -43.73 84.49 46.12
C GLU GA 79 -42.32 84.81 46.58
N ASP GA 80 -41.97 84.30 47.76
CA ASP GA 80 -40.62 84.50 48.29
C ASP GA 80 -39.64 83.69 47.46
N SER GA 81 -38.90 84.36 46.59
CA SER GA 81 -37.96 83.72 45.70
C SER GA 81 -36.60 84.41 45.78
N PRO GA 82 -35.51 83.65 45.59
CA PRO GA 82 -34.19 84.29 45.56
C PRO GA 82 -34.01 85.29 44.43
N ASN GA 83 -34.63 85.05 43.28
CA ASN GA 83 -34.51 85.91 42.11
C ASN GA 83 -35.80 86.69 41.94
N LYS GA 84 -35.67 88.02 41.91
CA LYS GA 84 -36.83 88.90 41.78
C LYS GA 84 -37.20 89.16 40.33
N LEU GA 85 -36.48 88.58 39.38
CA LEU GA 85 -36.73 88.79 37.96
C LEU GA 85 -36.62 87.47 37.22
N TYR GA 86 -37.47 87.32 36.20
CA TYR GA 86 -37.42 86.13 35.35
C TYR GA 86 -37.64 86.57 33.91
N THR GA 87 -37.03 85.82 32.99
CA THR GA 87 -37.07 86.13 31.57
C THR GA 87 -37.99 85.15 30.85
N LEU GA 88 -39.02 85.67 30.20
CA LEU GA 88 -39.92 84.89 29.38
C LEU GA 88 -39.47 85.00 27.94
N VAL GA 89 -39.37 83.86 27.27
CA VAL GA 89 -38.92 83.80 25.88
C VAL GA 89 -40.07 83.25 25.06
N THR GA 90 -40.53 84.01 24.08
CA THR GA 90 -41.63 83.62 23.20
C THR GA 90 -41.15 83.58 21.76
N TYR GA 91 -41.88 82.84 20.94
CA TYR GA 91 -41.54 82.63 19.55
C TYR GA 91 -42.17 83.73 18.70
N VAL GA 92 -41.39 84.28 17.78
CA VAL GA 92 -41.84 85.30 16.85
C VAL GA 92 -41.83 84.69 15.44
N PRO GA 93 -42.98 84.28 14.93
CA PRO GA 93 -43.04 83.75 13.56
C PRO GA 93 -42.79 84.86 12.56
N VAL GA 94 -41.73 84.70 11.75
CA VAL GA 94 -41.34 85.72 10.78
C VAL GA 94 -41.23 85.08 9.40
N THR GA 95 -41.44 85.92 8.39
CA THR GA 95 -41.39 85.48 7.00
C THR GA 95 -39.97 85.26 6.51
N THR GA 96 -39.01 86.08 6.92
CA THR GA 96 -37.64 85.97 6.44
C THR GA 96 -36.70 86.54 7.49
N PHE GA 97 -35.43 86.18 7.37
CA PHE GA 97 -34.40 86.61 8.31
C PHE GA 97 -33.46 87.65 7.72
N LYS GA 98 -33.88 88.35 6.67
CA LYS GA 98 -33.01 89.31 6.02
C LYS GA 98 -33.18 90.68 6.64
N ASN GA 99 -32.05 91.31 7.00
CA ASN GA 99 -32.02 92.68 7.52
C ASN GA 99 -32.87 92.84 8.78
N LEU GA 100 -32.86 91.82 9.63
CA LEU GA 100 -33.52 91.89 10.93
C LEU GA 100 -32.50 92.30 11.98
N GLN GA 101 -32.84 93.30 12.76
CA GLN GA 101 -31.95 93.79 13.81
C GLN GA 101 -32.58 93.57 15.18
N THR GA 102 -31.73 93.55 16.20
CA THR GA 102 -32.19 93.54 17.58
C THR GA 102 -32.90 94.88 17.85
N VAL GA 103 -34.21 94.82 18.05
CA VAL GA 103 -35.03 96.02 18.17
C VAL GA 103 -35.69 96.04 19.54
N ASN GA 104 -35.78 97.22 20.12
CA ASN GA 104 -36.49 97.39 21.38
C ASN GA 104 -37.98 97.42 21.12
N VAL GA 105 -38.71 96.48 21.73
CA VAL GA 105 -40.15 96.41 21.61
C VAL GA 105 -40.77 96.97 22.89
N ASP GA 106 -41.79 97.80 22.72
CA ASP GA 106 -42.46 98.41 23.86
C ASP GA 106 -43.57 97.47 24.36
N GLU GA 107 -44.40 97.96 25.26
CA GLU GA 107 -45.48 97.17 25.82
C GLU GA 107 -46.62 97.00 24.82
N ALA HA 1 15.48 59.78 105.91
CA ALA HA 1 14.08 59.85 105.49
C ALA HA 1 13.43 58.48 105.49
N ALA HA 2 13.46 57.81 104.34
CA ALA HA 2 12.88 56.49 104.22
C ALA HA 2 13.72 55.46 104.98
N LEU HA 3 13.05 54.37 105.37
CA LEU HA 3 13.74 53.31 106.09
C LEU HA 3 14.77 52.63 105.18
N ARG HA 4 15.90 52.29 105.75
CA ARG HA 4 17.02 51.80 104.98
C ARG HA 4 17.16 50.29 105.12
N PRO HA 5 17.66 49.61 104.10
CA PRO HA 5 17.94 48.18 104.22
C PRO HA 5 19.17 47.95 105.10
N LEU HA 6 19.42 46.67 105.39
CA LEU HA 6 20.61 46.32 106.17
C LEU HA 6 21.87 46.72 105.42
N VAL HA 7 21.92 46.43 104.12
CA VAL HA 7 23.01 46.86 103.25
C VAL HA 7 22.40 47.34 101.95
N LYS HA 8 23.17 48.13 101.20
CA LYS HA 8 22.77 48.62 99.89
C LYS HA 8 23.88 48.29 98.90
N PRO HA 9 23.92 47.06 98.41
CA PRO HA 9 24.97 46.67 97.48
C PRO HA 9 24.76 47.29 96.11
N LYS HA 10 25.82 47.26 95.31
CA LYS HA 10 25.78 47.81 93.95
C LYS HA 10 25.13 46.79 93.04
N ILE HA 11 23.89 47.07 92.63
CA ILE HA 11 23.12 46.14 91.81
C ILE HA 11 23.61 46.26 90.36
N VAL HA 12 23.99 45.13 89.78
CA VAL HA 12 24.44 45.07 88.39
C VAL HA 12 23.55 44.07 87.66
N LYS HA 13 22.95 44.52 86.56
CA LYS HA 13 22.11 43.67 85.73
C LYS HA 13 22.87 43.31 84.47
N LYS HA 14 22.98 42.01 84.19
CA LYS HA 14 23.70 41.57 83.00
C LYS HA 14 23.01 42.07 81.73
N ARG HA 15 21.68 42.01 81.69
CA ARG HA 15 20.91 42.64 80.64
C ARG HA 15 19.81 43.46 81.27
N THR HA 16 19.63 44.69 80.80
CA THR HA 16 18.58 45.56 81.29
C THR HA 16 17.31 45.48 80.46
N LYS HA 17 17.43 45.35 79.14
CA LYS HA 17 16.28 45.28 78.26
C LYS HA 17 15.62 43.90 78.36
N LYS HA 18 14.55 43.71 77.58
CA LYS HA 18 13.79 42.48 77.60
C LYS HA 18 14.10 41.62 76.38
N PHE HA 19 13.92 40.31 76.54
CA PHE HA 19 14.03 39.38 75.43
C PHE HA 19 12.67 39.25 74.75
N ILE HA 20 12.49 39.97 73.66
CA ILE HA 20 11.26 39.94 72.91
C ILE HA 20 11.22 38.68 72.07
N ARG HA 21 10.01 38.22 71.73
CA ARG HA 21 9.87 37.06 70.88
C ARG HA 21 10.28 37.40 69.45
N HIS HA 22 10.81 36.41 68.75
CA HIS HA 22 11.23 36.60 67.37
C HIS HA 22 10.05 37.00 66.50
N GLN HA 23 10.25 38.01 65.66
CA GLN HA 23 9.25 38.55 64.74
C GLN HA 23 8.00 39.04 65.44
N SER HA 24 8.09 39.32 66.75
CA SER HA 24 6.92 39.85 67.45
C SER HA 24 6.62 41.28 67.06
N ASP HA 25 7.58 41.98 66.44
CA ASP HA 25 7.32 43.33 65.95
C ASP HA 25 6.40 43.34 64.75
N ARG HA 26 6.50 42.35 63.87
CA ARG HA 26 5.80 42.34 62.60
C ARG HA 26 4.34 41.90 62.72
N TYR HA 27 3.93 41.33 63.84
CA TYR HA 27 2.59 40.79 63.97
C TYR HA 27 1.97 41.19 65.29
N VAL HA 28 0.70 41.58 65.25
CA VAL HA 28 -0.05 41.80 66.48
C VAL HA 28 -0.34 40.48 67.16
N LYS HA 29 -0.65 39.43 66.39
CA LYS HA 29 -0.99 38.14 66.96
C LYS HA 29 0.18 37.49 67.69
N ILE HA 30 1.40 37.93 67.43
CA ILE HA 30 2.58 37.43 68.12
C ILE HA 30 2.90 38.39 69.25
N LYS HA 31 2.61 37.98 70.48
CA LYS HA 31 2.90 38.81 71.63
C LYS HA 31 4.40 38.88 71.87
N ARG HA 32 4.77 39.74 72.80
CA ARG HA 32 6.17 39.88 73.18
C ARG HA 32 6.59 38.87 74.26
N ASN HA 33 5.69 37.98 74.66
CA ASN HA 33 6.08 36.85 75.50
C ASN HA 33 7.07 35.98 74.75
N TRP HA 34 8.16 35.61 75.44
CA TRP HA 34 9.22 34.87 74.77
C TRP HA 34 8.78 33.45 74.41
N ARG HA 35 9.18 33.00 73.23
CA ARG HA 35 9.00 31.63 72.80
C ARG HA 35 10.27 31.18 72.09
N LYS HA 36 10.71 29.97 72.36
CA LYS HA 36 11.93 29.47 71.74
C LYS HA 36 11.68 29.18 70.26
N PRO HA 37 12.43 29.81 69.36
CA PRO HA 37 12.25 29.52 67.93
C PRO HA 37 12.88 28.18 67.57
N ARG HA 38 12.04 27.22 67.18
CA ARG HA 38 12.51 25.88 66.85
C ARG HA 38 12.49 25.63 65.34
N GLY HA 39 12.46 26.69 64.54
CA GLY HA 39 12.40 26.51 63.10
C GLY HA 39 13.67 25.92 62.53
N ILE HA 40 13.52 25.17 61.44
CA ILE HA 40 14.67 24.54 60.80
C ILE HA 40 15.57 25.59 60.17
N ASP HA 41 14.99 26.65 59.63
CA ASP HA 41 15.74 27.73 59.00
C ASP HA 41 15.88 28.94 59.88
N ASN HA 42 15.53 28.84 61.16
CA ASN HA 42 15.48 30.01 62.02
C ASN HA 42 16.88 30.49 62.35
N ARG HA 43 17.20 31.71 61.91
CA ARG HA 43 18.51 32.29 62.17
C ARG HA 43 18.67 32.73 63.62
N VAL HA 44 17.59 33.13 64.29
CA VAL HA 44 17.68 33.48 65.70
C VAL HA 44 18.03 32.25 66.53
N ARG HA 45 17.43 31.10 66.21
CA ARG HA 45 17.84 29.86 66.85
C ARG HA 45 19.29 29.53 66.53
N ARG HA 46 19.69 29.73 65.28
CA ARG HA 46 21.07 29.49 64.89
C ARG HA 46 22.03 30.53 65.42
N ARG HA 47 21.51 31.64 65.97
CA ARG HA 47 22.32 32.68 66.61
C ARG HA 47 23.27 33.37 65.61
N PHE HA 48 22.70 33.84 64.50
CA PHE HA 48 23.46 34.66 63.57
C PHE HA 48 23.70 36.05 64.16
N LYS HA 49 24.74 36.70 63.68
CA LYS HA 49 25.09 38.02 64.18
C LYS HA 49 24.04 39.06 63.77
N GLY HA 50 23.84 40.04 64.65
CA GLY HA 50 22.88 41.09 64.39
C GLY HA 50 21.43 40.70 64.54
N GLN HA 51 21.14 39.55 65.12
CA GLN HA 51 19.79 39.05 65.25
C GLN HA 51 19.27 39.29 66.67
N ILE HA 52 18.11 38.72 66.96
CA ILE HA 52 17.54 38.79 68.30
C ILE HA 52 18.25 37.78 69.20
N LEU HA 53 18.80 38.25 70.30
CA LEU HA 53 19.51 37.38 71.22
C LEU HA 53 18.54 36.48 71.97
N MET HA 54 18.97 35.25 72.22
CA MET HA 54 18.04 34.40 72.95
C MET HA 54 18.39 34.34 74.43
N PRO HA 55 17.39 34.17 75.29
CA PRO HA 55 17.66 33.99 76.72
C PRO HA 55 18.46 32.72 76.98
N ASN HA 56 19.30 32.76 78.01
CA ASN HA 56 20.08 31.60 78.42
C ASN HA 56 20.50 31.78 79.88
N ILE HA 57 21.11 30.73 80.44
CA ILE HA 57 21.52 30.74 81.83
C ILE HA 57 22.63 31.75 82.11
N GLY HA 58 23.37 32.16 81.08
CA GLY HA 58 24.48 33.08 81.29
C GLY HA 58 24.05 34.46 81.74
N TYR HA 59 22.78 34.78 81.58
CA TYR HA 59 22.26 36.08 82.01
C TYR HA 59 21.80 36.06 83.46
N GLY HA 60 22.04 34.97 84.18
CA GLY HA 60 21.56 34.86 85.54
C GLY HA 60 22.15 35.95 86.42
N SER HA 61 21.28 36.63 87.16
CA SER HA 61 21.70 37.71 88.03
C SER HA 61 22.47 37.15 89.23
N ASN HA 62 23.28 38.02 89.84
CA ASN HA 62 24.09 37.63 90.98
C ASN HA 62 23.19 37.14 92.11
N LYS HA 63 23.58 36.03 92.73
CA LYS HA 63 22.74 35.40 93.74
C LYS HA 63 22.58 36.28 94.98
N LYS HA 64 23.55 37.16 95.26
CA LYS HA 64 23.41 38.05 96.39
C LYS HA 64 22.33 39.10 96.14
N THR HA 65 22.31 39.68 94.95
CA THR HA 65 21.44 40.81 94.64
C THR HA 65 20.18 40.41 93.89
N LYS HA 66 19.88 39.11 93.84
CA LYS HA 66 18.73 38.66 93.08
C LYS HA 66 17.44 39.09 93.78
N HIS HA 67 16.47 39.53 92.99
CA HIS HA 67 15.14 39.94 93.42
C HIS HA 67 15.15 41.18 94.32
N MET HA 68 16.28 41.87 94.44
CA MET HA 68 16.30 43.14 95.15
C MET HA 68 15.64 44.23 94.33
N LEU HA 69 14.82 45.04 94.99
CA LEU HA 69 14.30 46.24 94.38
C LEU HA 69 15.42 47.28 94.29
N PRO HA 70 15.26 48.30 93.45
CA PRO HA 70 16.28 49.36 93.39
C PRO HA 70 16.52 50.06 94.72
N SER HA 71 15.51 50.10 95.60
CA SER HA 71 15.71 50.68 96.92
C SER HA 71 16.60 49.83 97.82
N GLY HA 72 16.90 48.60 97.42
CA GLY HA 72 17.74 47.72 98.20
C GLY HA 72 17.01 46.65 98.98
N PHE HA 73 15.71 46.82 99.21
CA PHE HA 73 14.94 45.80 99.89
C PHE HA 73 14.54 44.68 98.93
N ARG HA 74 14.10 43.57 99.49
CA ARG HA 74 13.46 42.51 98.75
C ARG HA 74 11.96 42.53 99.03
N LYS HA 75 11.19 42.09 98.05
CA LYS HA 75 9.74 42.30 98.04
C LYS HA 75 9.00 41.10 98.59
N PHE HA 76 7.99 41.36 99.42
CA PHE HA 76 7.10 40.33 99.94
C PHE HA 76 5.67 40.87 99.91
N LEU HA 77 4.71 39.97 99.74
CA LEU HA 77 3.31 40.36 99.57
C LEU HA 77 2.50 40.01 100.81
N VAL HA 78 1.61 40.92 101.21
CA VAL HA 78 0.75 40.73 102.36
C VAL HA 78 -0.69 40.97 101.94
N HIS HA 79 -1.61 40.50 102.78
CA HIS HA 79 -3.04 40.69 102.54
C HIS HA 79 -3.76 41.35 103.71
N ASN HA 80 -3.39 41.05 104.95
CA ASN HA 80 -4.00 41.67 106.11
C ASN HA 80 -2.93 41.97 107.14
N VAL HA 81 -3.36 42.37 108.34
CA VAL HA 81 -2.43 42.72 109.40
C VAL HA 81 -1.68 41.47 109.89
N LYS HA 82 -2.37 40.33 109.96
CA LYS HA 82 -1.77 39.13 110.53
C LYS HA 82 -0.59 38.64 109.68
N GLU HA 83 -0.63 38.87 108.37
CA GLU HA 83 0.50 38.52 107.53
C GLU HA 83 1.66 39.48 107.65
N LEU HA 84 1.50 40.59 108.38
CA LEU HA 84 2.56 41.60 108.44
C LEU HA 84 3.59 41.29 109.51
N GLU HA 85 3.22 40.62 110.59
CA GLU HA 85 4.14 40.39 111.71
C GLU HA 85 5.28 39.43 111.35
N VAL HA 86 5.18 38.68 110.26
CA VAL HA 86 6.27 37.79 109.89
C VAL HA 86 7.49 38.57 109.42
N LEU HA 87 7.31 39.80 108.96
CA LEU HA 87 8.40 40.64 108.51
C LEU HA 87 9.01 41.44 109.65
N LEU HA 88 8.50 41.28 110.87
CA LEU HA 88 8.99 42.07 111.99
C LEU HA 88 10.45 41.77 112.29
N MET HA 89 10.85 40.51 112.24
CA MET HA 89 12.23 40.13 112.46
C MET HA 89 13.08 40.16 111.19
N CYS HA 90 12.46 40.33 110.03
CA CYS HA 90 13.20 40.50 108.78
C CYS HA 90 13.03 41.90 108.22
N ASN HA 91 12.95 42.90 109.09
CA ASN HA 91 12.66 44.26 108.66
C ASN HA 91 13.76 44.85 107.79
N LYS HA 92 15.01 44.58 108.14
CA LYS HA 92 16.14 45.25 107.50
C LYS HA 92 16.48 44.69 106.13
N SER HA 93 15.76 43.67 105.65
CA SER HA 93 16.05 43.09 104.35
C SER HA 93 14.82 42.77 103.51
N TYR HA 94 13.61 43.03 104.00
CA TYR HA 94 12.41 42.74 103.24
C TYR HA 94 11.38 43.85 103.39
N CYS HA 95 10.66 44.13 102.32
CA CYS HA 95 9.58 45.10 102.32
C CYS HA 95 8.27 44.42 101.95
N ALA HA 96 7.16 45.13 102.18
CA ALA HA 96 5.83 44.58 102.03
C ALA HA 96 5.05 45.38 100.98
N GLU HA 97 4.29 44.66 100.16
CA GLU HA 97 3.33 45.26 99.24
C GLU HA 97 1.92 44.88 99.66
N ILE HA 98 1.05 45.87 99.74
CA ILE HA 98 -0.37 45.63 99.93
C ILE HA 98 -0.95 45.11 98.63
N ALA HA 99 -1.76 44.07 98.72
CA ALA HA 99 -2.36 43.49 97.52
C ALA HA 99 -3.36 44.47 96.89
N HIS HA 100 -3.58 44.32 95.59
CA HIS HA 100 -4.43 45.25 94.87
C HIS HA 100 -5.88 45.18 95.31
N ASN HA 101 -6.33 44.00 95.74
CA ASN HA 101 -7.72 43.81 96.13
C ASN HA 101 -8.00 44.17 97.58
N VAL HA 102 -7.00 44.64 98.32
CA VAL HA 102 -7.22 45.06 99.70
C VAL HA 102 -7.98 46.38 99.71
N SER HA 103 -9.00 46.45 100.55
CA SER HA 103 -9.82 47.65 100.64
C SER HA 103 -9.02 48.82 101.20
N SER HA 104 -9.56 50.02 101.05
CA SER HA 104 -8.89 51.21 101.54
C SER HA 104 -8.81 51.23 103.07
N LYS HA 105 -9.90 50.88 103.75
CA LYS HA 105 -9.88 50.91 105.21
C LYS HA 105 -8.91 49.89 105.80
N ASN HA 106 -8.81 48.71 105.18
CA ASN HA 106 -7.89 47.70 105.69
C ASN HA 106 -6.45 48.08 105.41
N ARG HA 107 -6.17 48.56 104.20
CA ARG HA 107 -4.80 48.95 103.88
C ARG HA 107 -4.35 50.17 104.66
N LYS HA 108 -5.29 51.03 105.09
CA LYS HA 108 -4.93 52.13 105.98
C LYS HA 108 -4.39 51.59 107.30
N ALA HA 109 -5.09 50.64 107.90
CA ALA HA 109 -4.63 50.04 109.14
C ALA HA 109 -3.32 49.29 108.95
N ILE HA 110 -3.17 48.61 107.81
CA ILE HA 110 -1.93 47.89 107.54
C ILE HA 110 -0.75 48.86 107.42
N VAL HA 111 -0.96 49.98 106.73
CA VAL HA 111 0.09 50.98 106.60
C VAL HA 111 0.45 51.55 107.97
N GLU HA 112 -0.57 51.82 108.80
CA GLU HA 112 -0.31 52.34 110.13
C GLU HA 112 0.48 51.34 110.98
N ARG HA 113 0.12 50.06 110.90
CA ARG HA 113 0.84 49.04 111.64
C ARG HA 113 2.28 48.90 111.16
N ALA HA 114 2.49 48.94 109.85
CA ALA HA 114 3.84 48.88 109.32
C ALA HA 114 4.67 50.08 109.75
N ALA HA 115 4.04 51.26 109.83
CA ALA HA 115 4.72 52.43 110.37
C ALA HA 115 5.08 52.21 111.84
N GLN HA 116 4.18 51.58 112.60
CA GLN HA 116 4.51 51.23 113.98
C GLN HA 116 5.66 50.24 114.04
N LEU HA 117 5.65 49.24 113.17
CA LEU HA 117 6.66 48.19 113.18
C LEU HA 117 7.88 48.55 112.36
N ALA HA 118 7.96 49.80 111.87
CA ALA HA 118 9.08 50.29 111.07
C ALA HA 118 9.31 49.43 109.83
N ILE HA 119 8.23 48.97 109.21
CA ILE HA 119 8.32 48.14 108.01
C ILE HA 119 8.02 48.99 106.80
N ARG HA 120 8.96 49.00 105.85
CA ARG HA 120 8.82 49.79 104.64
C ARG HA 120 7.77 49.20 103.73
N VAL HA 121 6.85 50.03 103.24
CA VAL HA 121 5.85 49.65 102.27
C VAL HA 121 6.12 50.41 100.99
N THR HA 122 6.28 49.69 99.89
CA THR HA 122 6.56 50.32 98.61
C THR HA 122 5.39 51.14 98.09
N ASN HA 123 4.18 50.82 98.53
CA ASN HA 123 2.97 51.55 98.13
C ASN HA 123 2.20 51.94 99.38
N PRO HA 124 2.73 52.88 100.18
CA PRO HA 124 2.03 53.28 101.39
C PRO HA 124 0.83 54.16 101.14
N ASN HA 125 0.84 54.95 100.07
CA ASN HA 125 -0.28 55.82 99.69
C ASN HA 125 -0.85 55.26 98.40
N ALA HA 126 -1.77 54.32 98.53
CA ALA HA 126 -2.30 53.59 97.39
C ALA HA 126 -3.79 53.76 97.15
N ARG HA 127 -4.58 54.08 98.17
CA ARG HA 127 -6.03 54.22 98.00
C ARG HA 127 -6.50 55.34 98.92
N LEU HA 128 -6.55 56.55 98.37
CA LEU HA 128 -6.99 57.71 99.14
C LEU HA 128 -7.43 58.85 98.22
N SER IA 1 41.59 82.64 78.78
CA SER IA 1 42.89 83.22 78.50
C SER IA 1 43.65 82.42 77.44
N GLY IA 2 43.42 81.11 77.42
CA GLY IA 2 44.08 80.25 76.46
C GLY IA 2 43.27 79.00 76.22
N ARG IA 3 43.59 78.33 75.11
CA ARG IA 3 42.85 77.13 74.73
C ARG IA 3 43.01 76.02 75.76
N LEU IA 4 44.24 75.83 76.24
CA LEU IA 4 44.52 75.05 77.44
C LEU IA 4 44.16 73.57 77.32
N TRP IA 5 43.84 73.11 76.11
CA TRP IA 5 43.68 71.69 75.84
C TRP IA 5 43.98 71.42 74.37
N SER IA 6 44.46 70.21 74.09
CA SER IA 6 44.83 69.84 72.74
C SER IA 6 43.59 69.45 71.94
N LYS IA 7 43.60 69.79 70.65
CA LYS IA 7 42.49 69.44 69.78
C LYS IA 7 42.62 67.99 69.31
N ALA IA 8 41.54 67.24 69.43
CA ALA IA 8 41.51 65.86 68.97
C ALA IA 8 40.17 65.61 68.29
N ILE IA 9 40.15 64.59 67.43
CA ILE IA 9 39.00 64.28 66.59
C ILE IA 9 38.55 62.85 66.90
N PHE IA 10 37.26 62.68 67.14
CA PHE IA 10 36.66 61.36 67.32
C PHE IA 10 36.63 60.67 65.97
N ALA IA 11 37.69 59.90 65.68
CA ALA IA 11 37.77 59.21 64.39
C ALA IA 11 36.75 58.09 64.29
N GLY IA 12 36.54 57.34 65.36
CA GLY IA 12 35.58 56.26 65.34
C GLY IA 12 35.82 55.30 66.49
N TYR IA 13 35.00 54.26 66.50
CA TYR IA 13 35.11 53.23 67.51
C TYR IA 13 36.17 52.21 67.13
N LYS IA 14 36.73 51.55 68.14
CA LYS IA 14 37.51 50.35 67.89
C LYS IA 14 36.62 49.32 67.19
N ARG IA 15 37.12 48.77 66.09
CA ARG IA 15 36.24 47.99 65.25
C ARG IA 15 37.04 47.07 64.35
N GLY IA 16 36.41 45.97 63.95
CA GLY IA 16 36.87 45.18 62.83
C GLY IA 16 36.20 45.66 61.56
N LEU IA 17 36.20 44.80 60.55
CA LEU IA 17 35.53 45.17 59.30
C LEU IA 17 34.02 45.08 59.44
N ARG IA 18 33.52 44.07 60.14
CA ARG IA 18 32.08 43.87 60.33
C ARG IA 18 31.70 43.77 61.80
N ASN IA 19 32.54 44.27 62.70
CA ASN IA 19 32.22 44.31 64.12
C ASN IA 19 32.64 45.66 64.68
N GLN IA 20 31.84 46.18 65.60
CA GLN IA 20 32.06 47.52 66.14
C GLN IA 20 32.03 47.45 67.66
N ARG IA 21 33.17 47.75 68.29
CA ARG IA 21 33.28 47.83 69.74
C ARG IA 21 33.03 49.28 70.13
N GLU IA 22 31.82 49.56 70.62
CA GLU IA 22 31.45 50.92 70.95
C GLU IA 22 31.91 51.34 72.34
N HIS IA 23 32.31 50.40 73.20
CA HIS IA 23 32.72 50.74 74.55
C HIS IA 23 34.03 51.51 74.59
N THR IA 24 34.81 51.46 73.51
CA THR IA 24 36.04 52.22 73.40
C THR IA 24 36.10 52.88 72.03
N ALA IA 25 36.83 53.99 71.95
CA ALA IA 25 36.82 54.85 70.78
C ALA IA 25 38.24 55.26 70.41
N LEU IA 26 38.43 55.57 69.13
CA LEU IA 26 39.72 55.99 68.61
C LEU IA 26 39.72 57.50 68.39
N LEU IA 27 40.80 58.16 68.80
CA LEU IA 27 40.93 59.60 68.68
C LEU IA 27 42.17 59.96 67.88
N LYS IA 28 42.12 61.11 67.24
CA LYS IA 28 43.22 61.65 66.43
C LYS IA 28 43.65 62.98 67.03
N ILE IA 29 44.75 62.97 67.77
CA ILE IA 29 45.29 64.19 68.35
C ILE IA 29 46.04 64.96 67.28
N GLU IA 30 45.69 66.23 67.10
CA GLU IA 30 46.27 67.03 66.04
C GLU IA 30 47.76 67.25 66.28
N GLY IA 31 48.57 67.05 65.24
CA GLY IA 31 50.00 67.22 65.32
C GLY IA 31 50.76 66.00 65.79
N VAL IA 32 50.07 64.93 66.15
CA VAL IA 32 50.71 63.70 66.60
C VAL IA 32 50.45 62.65 65.52
N TYR IA 33 51.44 62.44 64.66
CA TYR IA 33 51.27 61.52 63.55
C TYR IA 33 52.28 60.37 63.60
N ALA IA 34 52.64 59.92 64.80
CA ALA IA 34 53.53 58.79 64.97
C ALA IA 34 53.23 58.13 66.30
N ARG IA 35 53.59 56.85 66.40
CA ARG IA 35 53.25 56.11 67.62
C ARG IA 35 54.13 56.53 68.79
N ASP IA 36 55.42 56.78 68.54
CA ASP IA 36 56.33 57.15 69.61
C ASP IA 36 55.98 58.48 70.28
N GLU IA 37 55.25 59.35 69.60
CA GLU IA 37 54.86 60.63 70.17
C GLU IA 37 53.59 60.54 71.00
N THR IA 38 52.95 59.37 71.04
CA THR IA 38 51.71 59.20 71.78
C THR IA 38 51.91 58.97 73.27
N GLU IA 39 53.17 58.84 73.72
CA GLU IA 39 53.42 58.57 75.12
C GLU IA 39 52.95 59.71 76.02
N PHE IA 40 53.08 60.95 75.55
CA PHE IA 40 52.75 62.09 76.40
C PHE IA 40 51.26 62.16 76.69
N TYR IA 41 50.44 61.69 75.76
CA TYR IA 41 48.99 61.81 75.90
C TYR IA 41 48.33 60.59 76.55
N LEU IA 42 49.10 59.55 76.86
CA LEU IA 42 48.51 58.39 77.51
C LEU IA 42 48.11 58.72 78.94
N GLY IA 43 46.91 58.31 79.32
CA GLY IA 43 46.40 58.57 80.64
C GLY IA 43 45.76 59.93 80.82
N LYS IA 44 45.85 60.80 79.84
CA LYS IA 44 45.29 62.13 79.96
C LYS IA 44 43.77 62.10 79.90
N ARG IA 45 43.15 62.95 80.71
CA ARG IA 45 41.70 63.12 80.66
C ARG IA 45 41.29 63.74 79.33
N CYS IA 46 40.21 63.19 78.75
CA CYS IA 46 39.65 63.73 77.53
C CYS IA 46 38.15 63.91 77.68
N ALA IA 47 37.64 65.01 77.14
CA ALA IA 47 36.24 65.38 77.31
C ALA IA 47 35.61 65.71 75.98
N TYR IA 48 34.32 65.39 75.85
CA TYR IA 48 33.53 65.72 74.67
C TYR IA 48 32.51 66.78 75.08
N VAL IA 49 32.59 67.94 74.45
CA VAL IA 49 31.79 69.11 74.82
C VAL IA 49 30.79 69.39 73.71
N TYR IA 50 29.52 69.54 74.08
CA TYR IA 50 28.47 69.81 73.12
C TYR IA 50 27.37 70.59 73.82
N LYS IA 51 26.40 71.04 73.04
CA LYS IA 51 25.25 71.77 73.55
C LYS IA 51 23.98 70.96 73.31
N ALA IA 52 22.95 71.27 74.07
CA ALA IA 52 21.66 70.60 73.94
C ALA IA 52 20.55 71.62 74.12
N LYS IA 53 19.33 71.14 74.29
CA LYS IA 53 18.15 72.00 74.35
C LYS IA 53 17.85 72.48 75.76
N ASN IA 54 18.04 71.61 76.76
CA ASN IA 54 17.69 71.95 78.13
C ASN IA 54 18.93 72.35 78.92
N ASN IA 55 18.72 73.20 79.91
CA ASN IA 55 19.82 73.68 80.75
C ASN IA 55 20.30 72.58 81.68
N THR IA 56 21.62 72.50 81.84
CA THR IA 56 22.22 71.55 82.75
C THR IA 56 23.12 72.29 83.73
N VAL IA 57 23.25 71.72 84.93
CA VAL IA 57 24.04 72.36 85.98
C VAL IA 57 25.50 72.42 85.56
N THR IA 58 26.16 73.51 85.94
CA THR IA 58 27.56 73.72 85.62
C THR IA 58 28.36 73.88 86.90
N PRO IA 59 29.37 73.05 87.14
CA PRO IA 59 30.21 73.24 88.34
C PRO IA 59 30.96 74.56 88.27
N GLY IA 60 30.81 75.35 89.33
CA GLY IA 60 31.44 76.66 89.37
C GLY IA 60 30.87 77.65 88.37
N GLY IA 61 29.55 77.68 88.22
CA GLY IA 61 28.93 78.61 87.31
C GLY IA 61 27.44 78.38 87.24
N LYS IA 62 26.77 79.25 86.49
CA LYS IA 62 25.33 79.16 86.29
C LYS IA 62 25.00 78.05 85.29
N PRO IA 63 23.80 77.47 85.39
CA PRO IA 63 23.39 76.44 84.42
C PRO IA 63 23.35 76.98 83.00
N ASN IA 64 23.70 76.12 82.05
CA ASN IA 64 23.73 76.49 80.64
C ASN IA 64 23.44 75.26 79.81
N LYS IA 65 23.68 75.37 78.50
CA LYS IA 65 23.39 74.30 77.56
C LYS IA 65 24.56 73.32 77.39
N THR IA 66 25.68 73.55 78.04
CA THR IA 66 26.87 72.74 77.82
C THR IA 66 26.74 71.40 78.54
N ARG IA 67 27.01 70.32 77.82
CA ARG IA 67 27.07 68.98 78.39
C ARG IA 67 28.39 68.33 78.01
N VAL IA 68 28.92 67.52 78.92
CA VAL IA 68 30.24 66.90 78.78
C VAL IA 68 30.13 65.41 79.05
N ILE IA 69 30.76 64.61 78.19
CA ILE IA 69 30.95 63.19 78.42
C ILE IA 69 32.44 62.98 78.68
N TRP IA 70 32.77 62.60 79.91
CA TRP IA 70 34.16 62.52 80.35
C TRP IA 70 34.78 61.19 79.91
N GLY IA 71 36.10 61.19 79.84
CA GLY IA 71 36.83 59.99 79.49
C GLY IA 71 38.31 60.21 79.63
N LYS IA 72 39.08 59.18 79.32
CA LYS IA 72 40.53 59.31 79.38
C LYS IA 72 41.17 58.38 78.35
N VAL IA 73 42.29 58.83 77.80
CA VAL IA 73 43.00 58.07 76.78
C VAL IA 73 43.77 56.94 77.43
N THR IA 74 43.54 55.71 76.95
CA THR IA 74 44.13 54.52 77.55
C THR IA 74 45.47 54.16 76.95
N ARG IA 75 45.52 53.90 75.65
CA ARG IA 75 46.74 53.41 75.04
C ARG IA 75 46.82 53.91 73.60
N ALA IA 76 48.01 53.83 73.03
CA ALA IA 76 48.23 54.19 71.64
C ALA IA 76 47.58 53.18 70.71
N HIS IA 77 47.27 53.64 69.50
CA HIS IA 77 46.65 52.81 68.49
C HIS IA 77 47.39 52.96 67.18
N GLY IA 78 47.54 51.86 66.45
CA GLY IA 78 48.18 51.92 65.15
C GLY IA 78 49.64 52.34 65.24
N ASN IA 79 50.10 52.93 64.14
CA ASN IA 79 51.43 53.52 64.08
C ASN IA 79 51.41 54.96 63.60
N SER IA 80 50.25 55.53 63.30
CA SER IA 80 50.13 56.89 62.81
C SER IA 80 49.65 57.85 63.89
N GLY IA 81 49.93 57.53 65.15
CA GLY IA 81 49.53 58.41 66.23
C GLY IA 81 48.11 58.25 66.72
N MET IA 82 47.41 57.21 66.29
CA MET IA 82 46.07 56.98 66.80
C MET IA 82 46.11 56.61 68.27
N VAL IA 83 45.07 56.98 69.01
CA VAL IA 83 44.97 56.68 70.42
C VAL IA 83 43.57 56.15 70.73
N ARG IA 84 43.47 55.41 71.82
CA ARG IA 84 42.21 54.83 72.26
C ARG IA 84 41.76 55.51 73.55
N ALA IA 85 40.45 55.76 73.65
CA ALA IA 85 39.88 56.44 74.81
C ALA IA 85 38.69 55.67 75.34
N LYS IA 86 38.68 55.46 76.66
CA LYS IA 86 37.54 54.88 77.37
C LYS IA 86 36.79 55.98 78.09
N PHE IA 87 35.50 56.11 77.76
CA PHE IA 87 34.66 57.14 78.36
C PHE IA 87 33.75 56.54 79.42
N ARG IA 88 33.20 57.41 80.26
CA ARG IA 88 32.24 56.96 81.27
C ARG IA 88 31.00 56.39 80.61
N SER IA 89 30.53 57.04 79.55
CA SER IA 89 29.43 56.54 78.75
C SER IA 89 29.88 56.43 77.31
N ASN IA 90 29.35 55.44 76.59
CA ASN IA 90 29.73 55.23 75.21
C ASN IA 90 29.37 56.44 74.36
N LEU IA 91 30.31 56.84 73.51
CA LEU IA 91 30.15 58.06 72.73
C LEU IA 91 29.00 57.94 71.76
N PRO IA 92 28.13 58.95 71.67
CA PRO IA 92 27.13 58.97 70.60
C PRO IA 92 27.79 59.06 69.25
N ALA IA 93 27.21 58.35 68.28
CA ALA IA 93 27.80 58.27 66.96
C ALA IA 93 27.71 59.57 66.18
N LYS IA 94 26.89 60.52 66.61
CA LYS IA 94 26.81 61.81 65.95
C LYS IA 94 28.06 62.66 66.16
N ALA IA 95 28.93 62.27 67.09
CA ALA IA 95 30.13 63.01 67.40
C ALA IA 95 31.31 62.64 66.51
N ILE IA 96 31.11 61.73 65.54
CA ILE IA 96 32.19 61.33 64.66
C ILE IA 96 32.61 62.50 63.80
N GLY IA 97 33.92 62.80 63.81
CA GLY IA 97 34.42 63.94 63.09
C GLY IA 97 34.26 65.27 63.80
N HIS IA 98 34.08 65.27 65.12
CA HIS IA 98 33.92 66.48 65.89
C HIS IA 98 35.06 66.62 66.89
N ARG IA 99 35.02 67.71 67.65
CA ARG IA 99 36.14 68.09 68.51
C ARG IA 99 36.14 67.28 69.80
N ILE IA 100 37.32 66.80 70.18
CA ILE IA 100 37.54 66.19 71.48
C ILE IA 100 38.75 66.88 72.11
N ARG IA 101 38.62 67.28 73.37
CA ARG IA 101 39.68 67.99 74.07
C ARG IA 101 40.54 67.01 74.85
N VAL IA 102 41.86 67.24 74.84
CA VAL IA 102 42.78 66.53 75.70
C VAL IA 102 43.21 67.49 76.80
N MET IA 103 42.76 67.23 78.03
CA MET IA 103 42.71 68.26 79.06
C MET IA 103 44.03 68.47 79.79
N LEU IA 104 45.04 67.64 79.55
CA LEU IA 104 46.34 67.72 80.21
C LEU IA 104 46.25 67.57 81.73
N TYR IA 105 45.10 67.12 82.24
CA TYR IA 105 44.90 67.06 83.69
C TYR IA 105 45.88 66.14 84.40
N PRO IA 106 46.08 64.89 83.97
CA PRO IA 106 47.09 64.08 84.70
C PRO IA 106 48.50 64.37 84.20
N SER IA 107 49.10 65.43 84.75
CA SER IA 107 50.43 65.82 84.31
C SER IA 107 51.49 64.92 84.92
N ARG IA 108 52.32 64.33 84.06
CA ARG IA 108 53.45 63.52 84.50
C ARG IA 108 54.77 64.24 84.31
N ILE IA 109 54.75 65.43 83.73
CA ILE IA 109 55.98 66.17 83.44
C ILE IA 109 56.17 67.29 84.44
N VAL JA 1 -59.00 47.79 12.88
CA VAL JA 1 -60.34 47.27 13.17
C VAL JA 1 -60.36 46.65 14.55
N GLN JA 2 -61.55 46.27 15.00
CA GLN JA 2 -61.71 45.67 16.32
C GLN JA 2 -61.16 44.25 16.29
N ARG JA 3 -60.22 43.95 17.18
CA ARG JA 3 -59.68 42.60 17.32
C ARG JA 3 -60.38 41.89 18.47
N LEU JA 4 -60.56 40.58 18.30
CA LEU JA 4 -61.49 39.82 19.11
C LEU JA 4 -60.77 39.01 20.17
N THR JA 5 -61.53 38.55 21.16
CA THR JA 5 -61.03 37.75 22.26
C THR JA 5 -61.99 36.61 22.53
N TYR JA 6 -61.45 35.52 23.07
CA TYR JA 6 -62.28 34.42 23.51
C TYR JA 6 -63.13 34.84 24.71
N ARG JA 7 -64.34 34.28 24.78
CA ARG JA 7 -65.21 34.51 25.93
C ARG JA 7 -65.21 33.34 26.91
N ARG JA 8 -64.40 32.31 26.65
CA ARG JA 8 -64.23 31.19 27.56
C ARG JA 8 -62.74 30.92 27.75
N ARG JA 9 -62.43 30.12 28.78
CA ARG JA 9 -61.04 29.92 29.16
C ARG JA 9 -60.29 28.95 28.26
N LEU JA 10 -60.97 28.24 27.37
CA LEU JA 10 -60.29 27.33 26.46
C LEU JA 10 -59.61 28.15 25.37
N SER JA 11 -58.29 28.34 25.51
CA SER JA 11 -57.52 29.19 24.62
C SER JA 11 -56.84 28.41 23.50
N TYR JA 12 -57.30 27.21 23.20
CA TYR JA 12 -56.72 26.39 22.15
C TYR JA 12 -57.76 26.11 21.07
N ASN JA 13 -57.29 25.94 19.84
CA ASN JA 13 -58.18 25.82 18.68
C ASN JA 13 -58.63 24.37 18.49
N THR JA 14 -59.27 23.84 19.53
CA THR JA 14 -59.77 22.48 19.48
C THR JA 14 -61.07 22.41 18.70
N ALA JA 15 -61.59 21.20 18.52
CA ALA JA 15 -62.85 21.02 17.80
C ALA JA 15 -64.03 21.54 18.60
N SER JA 16 -63.97 21.46 19.93
CA SER JA 16 -65.03 21.95 20.78
C SER JA 16 -64.95 23.44 21.06
N ASN JA 17 -63.98 24.12 20.47
CA ASN JA 17 -63.74 25.55 20.71
C ASN JA 17 -63.91 26.36 19.44
N LYS JA 18 -64.87 25.97 18.60
CA LYS JA 18 -65.12 26.65 17.34
C LYS JA 18 -66.06 27.82 17.57
N THR JA 19 -65.83 28.92 16.87
CA THR JA 19 -66.57 30.15 17.06
C THR JA 19 -66.95 30.77 15.72
N ARG JA 20 -67.97 31.61 15.74
CA ARG JA 20 -68.37 32.38 14.57
C ARG JA 20 -68.60 33.82 14.99
N LEU JA 21 -68.54 34.72 14.01
CA LEU JA 21 -68.63 36.15 14.26
C LEU JA 21 -70.09 36.55 14.44
N SER JA 22 -70.33 37.44 15.40
CA SER JA 22 -71.67 37.94 15.70
C SER JA 22 -71.61 39.42 16.00
N ARG JA 23 -72.61 40.16 15.53
CA ARG JA 23 -72.70 41.60 15.76
C ARG JA 23 -73.86 41.88 16.70
N THR JA 24 -73.56 42.35 17.90
CA THR JA 24 -74.59 42.65 18.88
C THR JA 24 -75.31 43.94 18.52
N PRO JA 25 -76.49 44.17 19.11
CA PRO JA 25 -77.13 45.49 18.96
C PRO JA 25 -76.29 46.61 19.53
N GLY JA 26 -75.31 46.32 20.38
CA GLY JA 26 -74.39 47.31 20.88
C GLY JA 26 -73.31 47.73 19.91
N ASN JA 27 -73.43 47.32 18.65
CA ASN JA 27 -72.51 47.68 17.57
C ASN JA 27 -71.07 47.26 17.91
N ARG JA 28 -70.90 45.95 18.03
CA ARG JA 28 -69.59 45.36 18.28
C ARG JA 28 -69.61 43.92 17.81
N ILE JA 29 -68.43 43.36 17.60
CA ILE JA 29 -68.28 42.00 17.11
C ILE JA 29 -67.77 41.12 18.23
N VAL JA 30 -68.46 40.00 18.47
CA VAL JA 30 -68.02 39.01 19.44
C VAL JA 30 -68.19 37.62 18.83
N TYR JA 31 -67.45 36.66 19.38
CA TYR JA 31 -67.62 35.27 19.00
C TYR JA 31 -68.91 34.69 19.56
N LEU JA 32 -69.46 33.72 18.84
CA LEU JA 32 -70.53 32.87 19.33
C LEU JA 32 -70.07 31.42 19.18
N TYR JA 33 -70.02 30.71 20.30
CA TYR JA 33 -69.50 29.35 20.32
C TYR JA 33 -70.51 28.43 19.63
N THR JA 34 -70.17 27.98 18.43
CA THR JA 34 -71.09 27.23 17.60
C THR JA 34 -71.26 25.81 18.12
N LYS JA 35 -72.31 25.15 17.64
CA LYS JA 35 -72.51 23.74 17.90
C LYS JA 35 -71.93 22.91 16.76
N LYS JA 36 -71.66 21.64 17.06
CA LYS JA 36 -71.10 20.75 16.05
C LYS JA 36 -72.12 20.43 14.97
N VAL JA 37 -71.61 20.10 13.79
CA VAL JA 37 -72.46 19.79 12.64
C VAL JA 37 -73.04 18.40 12.82
N GLY JA 38 -74.36 18.29 12.80
CA GLY JA 38 -75.00 17.00 12.84
C GLY JA 38 -74.91 16.27 11.51
N LYS JA 39 -75.02 14.95 11.58
CA LYS JA 39 -74.97 14.11 10.40
C LYS JA 39 -76.23 13.27 10.29
N ALA JA 40 -76.73 13.12 9.06
CA ALA JA 40 -77.86 12.26 8.83
C ALA JA 40 -77.46 10.80 9.05
N PRO JA 41 -78.41 9.96 9.45
CA PRO JA 41 -78.10 8.55 9.64
C PRO JA 41 -77.68 7.88 8.33
N LYS JA 42 -76.77 6.93 8.45
CA LYS JA 42 -76.42 6.07 7.32
C LYS JA 42 -77.35 4.87 7.28
N SER JA 43 -77.56 4.37 6.06
CA SER JA 43 -78.52 3.29 5.86
C SER JA 43 -78.01 1.99 6.49
N ALA JA 44 -78.93 1.27 7.13
CA ALA JA 44 -78.56 0.02 7.79
C ALA JA 44 -78.19 -1.08 6.80
N CYS JA 45 -78.47 -0.88 5.51
CA CYS JA 45 -77.99 -1.82 4.51
C CYS JA 45 -76.47 -1.86 4.48
N GLY JA 46 -75.82 -0.71 4.57
CA GLY JA 46 -74.38 -0.64 4.55
C GLY JA 46 -73.76 -0.76 3.18
N VAL JA 47 -74.53 -0.59 2.11
CA VAL JA 47 -74.04 -0.73 0.75
C VAL JA 47 -73.94 0.61 0.04
N CYS JA 48 -75.06 1.31 -0.10
CA CYS JA 48 -75.05 2.59 -0.80
C CYS JA 48 -74.60 3.71 0.14
N PRO JA 49 -73.81 4.66 -0.34
CA PRO JA 49 -73.17 5.64 0.57
C PRO JA 49 -74.06 6.80 0.96
N GLY JA 50 -75.17 7.03 0.27
CA GLY JA 50 -76.00 8.18 0.58
C GLY JA 50 -76.63 8.07 1.96
N ARG JA 51 -76.74 9.22 2.61
CA ARG JA 51 -77.40 9.31 3.90
C ARG JA 51 -78.90 9.46 3.71
N LEU JA 52 -79.66 9.12 4.76
CA LEU JA 52 -81.11 9.11 4.65
C LEU JA 52 -81.67 10.51 4.54
N ARG JA 53 -82.80 10.62 3.87
CA ARG JA 53 -83.52 11.87 3.69
C ARG JA 53 -84.74 11.93 4.60
N GLY JA 54 -85.21 13.15 4.83
CA GLY JA 54 -86.34 13.36 5.71
C GLY JA 54 -86.04 13.23 7.18
N VAL JA 55 -84.76 13.09 7.54
CA VAL JA 55 -84.34 12.93 8.93
C VAL JA 55 -83.49 14.13 9.31
N ARG JA 56 -83.84 14.77 10.41
CA ARG JA 56 -83.15 15.98 10.81
C ARG JA 56 -81.77 15.65 11.38
N ALA JA 57 -80.73 16.11 10.68
CA ALA JA 57 -79.35 15.77 11.02
C ALA JA 57 -78.88 16.73 12.12
N VAL JA 58 -78.81 16.21 13.35
CA VAL JA 58 -78.37 16.99 14.50
C VAL JA 58 -77.46 16.12 15.36
N ARG JA 59 -76.99 16.70 16.46
CA ARG JA 59 -76.18 15.96 17.40
C ARG JA 59 -77.01 14.89 18.10
N PRO JA 60 -76.39 13.79 18.54
CA PRO JA 60 -77.16 12.66 19.06
C PRO JA 60 -78.06 12.99 20.25
N LYS JA 61 -77.60 13.81 21.18
CA LYS JA 61 -78.43 14.12 22.34
C LYS JA 61 -79.54 15.12 22.03
N VAL JA 62 -79.42 15.86 20.91
CA VAL JA 62 -80.51 16.75 20.51
C VAL JA 62 -81.73 15.93 20.11
N LEU JA 63 -81.52 14.70 19.65
CA LEU JA 63 -82.62 13.86 19.18
C LEU JA 63 -83.58 13.50 20.31
N MET JA 64 -83.13 13.56 21.56
CA MET JA 64 -84.01 13.25 22.68
C MET JA 64 -85.17 14.24 22.79
N ARG JA 65 -84.90 15.52 22.57
CA ARG JA 65 -85.92 16.56 22.66
C ARG JA 65 -86.62 16.82 21.33
N LEU JA 66 -86.30 16.06 20.29
CA LEU JA 66 -86.99 16.16 19.02
C LEU JA 66 -88.24 15.29 19.03
N SER JA 67 -89.21 15.69 18.21
CA SER JA 67 -90.43 14.90 18.09
C SER JA 67 -90.14 13.61 17.33
N LYS JA 68 -91.09 12.67 17.43
CA LYS JA 68 -90.93 11.39 16.75
C LYS JA 68 -90.88 11.56 15.24
N THR JA 69 -91.69 12.47 14.70
CA THR JA 69 -91.79 12.62 13.25
C THR JA 69 -90.46 13.03 12.63
N LYS JA 70 -89.74 13.94 13.27
CA LYS JA 70 -88.49 14.44 12.70
C LYS JA 70 -87.37 13.40 12.72
N LYS JA 71 -87.56 12.26 13.39
CA LYS JA 71 -86.53 11.24 13.47
C LYS JA 71 -86.72 10.09 12.50
N HIS JA 72 -87.88 9.97 11.85
CA HIS JA 72 -88.14 8.81 11.01
C HIS JA 72 -88.94 9.24 9.78
N VAL JA 73 -89.22 8.27 8.92
CA VAL JA 73 -90.01 8.44 7.71
C VAL JA 73 -91.09 7.36 7.71
N SER JA 74 -92.30 7.74 7.31
CA SER JA 74 -93.45 6.83 7.39
C SER JA 74 -93.30 5.74 6.33
N ARG JA 75 -92.51 4.73 6.66
CA ARG JA 75 -92.27 3.58 5.81
C ARG JA 75 -91.64 2.50 6.68
N ALA JA 76 -91.80 1.24 6.28
CA ALA JA 76 -91.06 0.16 6.91
C ALA JA 76 -89.57 0.43 6.77
N TYR JA 77 -88.84 0.25 7.87
CA TYR JA 77 -87.44 0.63 7.99
C TYR JA 77 -87.22 2.12 7.76
N GLY JA 78 -88.28 2.91 7.84
CA GLY JA 78 -88.16 4.35 7.68
C GLY JA 78 -87.34 4.98 8.78
N GLY JA 79 -86.39 5.81 8.41
CA GLY JA 79 -85.48 6.38 9.39
C GLY JA 79 -84.35 5.47 9.80
N SER JA 80 -84.24 4.28 9.23
CA SER JA 80 -83.12 3.38 9.50
C SER JA 80 -82.54 2.80 8.23
N MET JA 81 -83.30 2.74 7.14
CA MET JA 81 -82.81 2.26 5.86
C MET JA 81 -83.36 3.12 4.74
N CYS JA 82 -82.60 3.21 3.65
CA CYS JA 82 -83.04 3.90 2.45
C CYS JA 82 -84.11 3.09 1.73
N ALA JA 83 -84.94 3.80 0.97
CA ALA JA 83 -86.11 3.18 0.35
C ALA JA 83 -85.71 2.15 -0.70
N LYS JA 84 -84.67 2.45 -1.47
CA LYS JA 84 -84.25 1.54 -2.54
C LYS JA 84 -83.87 0.18 -2.00
N CYS JA 85 -83.11 0.15 -0.91
CA CYS JA 85 -82.74 -1.13 -0.31
C CYS JA 85 -83.91 -1.79 0.40
N VAL JA 86 -84.90 -1.03 0.86
CA VAL JA 86 -86.14 -1.65 1.35
C VAL JA 86 -86.84 -2.41 0.22
N ARG JA 87 -86.94 -1.77 -0.95
CA ARG JA 87 -87.53 -2.43 -2.12
C ARG JA 87 -86.73 -3.68 -2.50
N ASP JA 88 -85.40 -3.57 -2.46
CA ASP JA 88 -84.56 -4.71 -2.80
C ASP JA 88 -84.75 -5.86 -1.81
N ARG JA 89 -84.86 -5.55 -0.52
CA ARG JA 89 -85.09 -6.61 0.47
C ARG JA 89 -86.45 -7.26 0.29
N ILE JA 90 -87.48 -6.48 0.00
CA ILE JA 90 -88.79 -7.06 -0.26
C ILE JA 90 -88.74 -8.01 -1.45
N LYS JA 91 -88.14 -7.56 -2.55
CA LYS JA 91 -88.04 -8.41 -3.74
C LYS JA 91 -87.24 -9.67 -3.45
N ARG JA 92 -86.11 -9.53 -2.74
CA ARG JA 92 -85.26 -10.67 -2.46
C ARG JA 92 -85.97 -11.70 -1.60
N ALA JA 93 -86.65 -11.25 -0.54
CA ALA JA 93 -87.37 -12.17 0.32
C ALA JA 93 -88.48 -12.89 -0.45
N PHE JA 94 -89.25 -12.14 -1.25
CA PHE JA 94 -90.32 -12.76 -2.01
C PHE JA 94 -89.79 -13.81 -2.98
N LEU JA 95 -88.72 -13.47 -3.70
CA LEU JA 95 -88.15 -14.41 -4.67
C LEU JA 95 -87.56 -15.64 -3.99
N ILE JA 96 -86.91 -15.48 -2.84
CA ILE JA 96 -86.32 -16.63 -2.18
C ILE JA 96 -87.38 -17.55 -1.60
N GLU JA 97 -88.46 -16.98 -1.07
CA GLU JA 97 -89.57 -17.85 -0.65
C GLU JA 97 -90.18 -18.59 -1.83
N GLU JA 98 -90.32 -17.91 -2.98
CA GLU JA 98 -90.77 -18.60 -4.18
C GLU JA 98 -89.79 -19.69 -4.59
N GLN JA 99 -88.50 -19.45 -4.42
CA GLN JA 99 -87.47 -20.45 -4.72
C GLN JA 99 -87.64 -21.69 -3.85
N LYS JA 100 -87.89 -21.48 -2.55
CA LYS JA 100 -88.12 -22.59 -1.65
C LYS JA 100 -89.36 -23.38 -2.04
N ILE JA 101 -90.42 -22.68 -2.45
CA ILE JA 101 -91.62 -23.37 -2.92
C ILE JA 101 -91.30 -24.22 -4.15
N VAL JA 102 -90.52 -23.66 -5.08
CA VAL JA 102 -90.20 -24.37 -6.32
C VAL JA 102 -89.39 -25.63 -6.02
N VAL JA 103 -88.39 -25.51 -5.15
CA VAL JA 103 -87.57 -26.69 -4.87
C VAL JA 103 -88.36 -27.72 -4.07
N LYS JA 104 -89.29 -27.28 -3.21
CA LYS JA 104 -90.17 -28.22 -2.52
C LYS JA 104 -91.03 -28.99 -3.51
N VAL JA 105 -91.62 -28.30 -4.48
CA VAL JA 105 -92.43 -28.97 -5.49
C VAL JA 105 -91.55 -29.91 -6.32
N LEU JA 106 -90.32 -29.49 -6.61
CA LEU JA 106 -89.40 -30.32 -7.39
C LEU JA 106 -89.13 -31.64 -6.69
N LYS JA 107 -88.73 -31.59 -5.41
CA LYS JA 107 -88.46 -32.84 -4.70
C LYS JA 107 -89.72 -33.63 -4.40
N ALA JA 108 -90.88 -32.96 -4.32
CA ALA JA 108 -92.12 -33.68 -4.07
C ALA JA 108 -92.54 -34.48 -5.29
N GLN JA 109 -92.45 -33.89 -6.49
CA GLN JA 109 -92.78 -34.63 -7.69
C GLN JA 109 -91.66 -35.58 -8.10
N ALA JA 110 -90.44 -35.36 -7.61
CA ALA JA 110 -89.33 -36.25 -7.93
C ALA JA 110 -89.47 -37.61 -7.25
N GLN JA 111 -90.02 -37.64 -6.04
CA GLN JA 111 -90.12 -38.88 -5.28
C GLN JA 111 -91.30 -39.73 -5.73
N SER JA 112 -92.02 -39.35 -6.78
CA SER JA 112 -93.10 -40.15 -7.32
C SER JA 112 -92.61 -41.51 -7.82
N GLN JA 113 -91.34 -41.64 -8.16
CA GLN JA 113 -90.74 -42.91 -8.58
C GLN JA 113 -89.88 -43.46 -7.45
N LYS JA 114 -90.08 -44.74 -7.14
CA LYS JA 114 -89.28 -45.42 -6.13
C LYS JA 114 -87.82 -45.50 -6.54
N ALA KA 1 -75.00 38.46 86.72
CA ALA KA 1 -76.20 37.83 86.19
C ALA KA 1 -75.85 36.58 85.38
N LYS KA 2 -74.72 35.97 85.74
CA LYS KA 2 -74.25 34.77 85.06
C LYS KA 2 -75.15 33.58 85.39
N ILE KA 3 -74.88 32.47 84.72
CA ILE KA 3 -75.57 31.21 84.97
C ILE KA 3 -74.54 30.20 85.48
N LYS KA 4 -74.98 29.33 86.39
CA LYS KA 4 -74.11 28.32 86.96
C LYS KA 4 -74.65 26.94 86.64
N ALA KA 5 -73.83 25.92 86.91
CA ALA KA 5 -74.22 24.56 86.59
C ALA KA 5 -75.11 23.95 87.66
N ARG KA 6 -75.04 24.45 88.89
CA ARG KA 6 -75.76 23.82 90.00
C ARG KA 6 -77.27 23.90 89.79
N ASP KA 7 -77.79 25.10 89.54
CA ASP KA 7 -79.22 25.29 89.39
C ASP KA 7 -79.75 24.76 88.07
N LEU KA 8 -78.90 24.53 87.07
CA LEU KA 8 -79.36 24.07 85.77
C LEU KA 8 -79.68 22.59 85.75
N ARG KA 9 -79.13 21.80 86.68
CA ARG KA 9 -79.35 20.36 86.65
C ARG KA 9 -80.75 19.98 87.10
N GLY KA 10 -81.41 20.84 87.88
CA GLY KA 10 -82.77 20.55 88.29
C GLY KA 10 -83.79 20.72 87.19
N LYS KA 11 -83.47 21.52 86.19
CA LYS KA 11 -84.41 21.80 85.11
C LYS KA 11 -84.49 20.63 84.14
N LYS KA 12 -85.56 20.61 83.34
CA LYS KA 12 -85.75 19.56 82.36
C LYS KA 12 -85.52 20.13 80.95
N LYS KA 13 -85.76 19.30 79.94
CA LYS KA 13 -85.18 19.54 78.61
C LYS KA 13 -85.77 20.77 77.93
N GLU KA 14 -87.08 21.02 78.10
CA GLU KA 14 -87.73 22.06 77.30
C GLU KA 14 -87.24 23.45 77.68
N GLU KA 15 -87.22 23.77 78.97
CA GLU KA 15 -86.73 25.08 79.38
C GLU KA 15 -85.24 25.23 79.18
N LEU KA 16 -84.47 24.15 79.26
CA LEU KA 16 -83.06 24.21 78.93
C LEU KA 16 -82.85 24.54 77.46
N LEU KA 17 -83.67 23.94 76.59
CA LEU KA 17 -83.63 24.28 75.17
C LEU KA 17 -84.02 25.73 74.93
N LYS KA 18 -85.04 26.22 75.65
CA LYS KA 18 -85.42 27.62 75.54
C LYS KA 18 -84.28 28.54 75.93
N GLN KA 19 -83.59 28.23 77.04
CA GLN KA 19 -82.45 29.03 77.47
C GLN KA 19 -81.31 28.96 76.47
N LEU KA 20 -81.05 27.77 75.91
CA LEU KA 20 -80.01 27.63 74.89
C LEU KA 20 -80.32 28.47 73.66
N ASP KA 21 -81.58 28.45 73.21
CA ASP KA 21 -81.98 29.25 72.07
C ASP KA 21 -81.82 30.74 72.37
N ASP KA 22 -82.20 31.17 73.57
CA ASP KA 22 -82.04 32.57 73.93
C ASP KA 22 -80.57 32.98 73.94
N LEU KA 23 -79.71 32.13 74.50
CA LEU KA 23 -78.28 32.42 74.51
C LEU KA 23 -77.71 32.48 73.12
N LYS KA 24 -78.13 31.57 72.23
CA LYS KA 24 -77.63 31.59 70.86
C LYS KA 24 -78.08 32.86 70.13
N VAL KA 25 -79.33 33.26 70.35
CA VAL KA 25 -79.83 34.49 69.71
C VAL KA 25 -79.02 35.70 70.19
N GLU KA 26 -78.78 35.78 71.50
CA GLU KA 26 -78.04 36.92 72.03
C GLU KA 26 -76.59 36.91 71.57
N LEU KA 27 -75.99 35.73 71.43
CA LEU KA 27 -74.63 35.65 70.88
C LEU KA 27 -74.60 36.10 69.43
N SER KA 28 -75.62 35.74 68.66
CA SER KA 28 -75.71 36.25 67.28
C SER KA 28 -75.80 37.77 67.26
N GLN KA 29 -76.60 38.34 68.15
CA GLN KA 29 -76.69 39.79 68.25
C GLN KA 29 -75.35 40.40 68.63
N LEU KA 30 -74.62 39.76 69.53
CA LEU KA 30 -73.31 40.28 69.92
C LEU KA 30 -72.30 40.20 68.78
N ARG KA 31 -72.33 39.13 67.98
CA ARG KA 31 -71.48 39.09 66.80
C ARG KA 31 -71.84 40.20 65.82
N VAL KA 32 -73.14 40.45 65.65
CA VAL KA 32 -73.59 41.55 64.79
C VAL KA 32 -73.02 42.87 65.29
N ALA KA 33 -73.06 43.08 66.60
CA ALA KA 33 -72.45 44.28 67.16
C ALA KA 33 -70.94 44.29 66.96
N LYS KA 34 -70.30 43.14 67.07
CA LYS KA 34 -68.85 43.05 66.92
C LYS KA 34 -68.40 43.47 65.53
N VAL KA 35 -69.08 42.97 64.49
CA VAL KA 35 -68.67 43.32 63.14
C VAL KA 35 -69.03 44.76 62.80
N THR KA 36 -69.94 45.38 63.55
CA THR KA 36 -70.39 46.75 63.31
C THR KA 36 -69.89 47.72 64.36
N GLY KA 37 -68.65 47.56 64.83
CA GLY KA 37 -68.11 48.45 65.83
C GLY KA 37 -68.49 48.06 67.24
N GLY KA 38 -69.75 48.30 67.60
CA GLY KA 38 -70.23 47.89 68.91
C GLY KA 38 -69.57 48.67 70.05
N ALA KA 39 -69.56 48.03 71.21
CA ALA KA 39 -69.00 48.61 72.42
C ALA KA 39 -68.13 47.56 73.13
N ALA KA 40 -67.19 48.06 73.93
CA ALA KA 40 -66.25 47.18 74.61
C ALA KA 40 -66.97 46.22 75.54
N SER KA 41 -68.03 46.67 76.22
CA SER KA 41 -68.80 45.78 77.06
C SER KA 41 -69.43 44.67 76.23
N LYS KA 42 -69.99 45.03 75.07
CA LYS KA 42 -70.62 44.02 74.22
C LYS KA 42 -69.59 43.11 73.58
N LEU KA 43 -68.36 43.59 73.39
CA LEU KA 43 -67.30 42.72 72.88
C LEU KA 43 -66.85 41.73 73.95
N SER KA 44 -66.66 42.20 75.18
CA SER KA 44 -66.25 41.31 76.25
C SER KA 44 -67.36 40.35 76.68
N LYS KA 45 -68.62 40.73 76.44
CA LYS KA 45 -69.75 39.88 76.81
C LYS KA 45 -69.88 38.63 75.94
N ILE KA 46 -69.18 38.58 74.80
CA ILE KA 46 -69.27 37.42 73.92
C ILE KA 46 -68.75 36.17 74.62
N ARG KA 47 -67.61 36.28 75.31
CA ARG KA 47 -67.03 35.15 76.01
C ARG KA 47 -67.96 34.63 77.09
N VAL KA 48 -68.63 35.54 77.81
CA VAL KA 48 -69.57 35.13 78.84
C VAL KA 48 -70.70 34.31 78.23
N VAL KA 49 -71.24 34.77 77.11
CA VAL KA 49 -72.34 34.06 76.46
C VAL KA 49 -71.88 32.71 75.94
N ARG KA 50 -70.67 32.65 75.38
CA ARG KA 50 -70.17 31.37 74.87
C ARG KA 50 -69.96 30.37 75.99
N LYS KA 51 -69.41 30.83 77.12
CA LYS KA 51 -69.23 29.93 78.25
C LYS KA 51 -70.58 29.50 78.83
N SER KA 52 -71.58 30.39 78.81
CA SER KA 52 -72.92 30.00 79.24
C SER KA 52 -73.49 28.92 78.32
N ILE KA 53 -73.29 29.07 77.02
CA ILE KA 53 -73.75 28.08 76.05
C ILE KA 53 -73.07 26.75 76.32
N ALA KA 54 -71.75 26.77 76.56
CA ALA KA 54 -71.03 25.54 76.84
C ALA KA 54 -71.53 24.89 78.11
N ARG KA 55 -71.82 25.68 79.14
CA ARG KA 55 -72.35 25.13 80.38
C ARG KA 55 -73.70 24.45 80.16
N VAL KA 56 -74.61 25.12 79.46
CA VAL KA 56 -75.93 24.54 79.20
C VAL KA 56 -75.77 23.26 78.39
N LEU KA 57 -74.94 23.28 77.36
CA LEU KA 57 -74.74 22.12 76.50
C LEU KA 57 -74.16 20.94 77.26
N THR KA 58 -73.15 21.17 78.10
CA THR KA 58 -72.55 20.05 78.81
C THR KA 58 -73.47 19.53 79.90
N VAL KA 59 -74.30 20.39 80.50
CA VAL KA 59 -75.29 19.90 81.46
C VAL KA 59 -76.30 19.00 80.76
N ILE KA 60 -76.79 19.42 79.60
CA ILE KA 60 -77.74 18.61 78.85
C ILE KA 60 -77.12 17.28 78.45
N ASN KA 61 -75.88 17.32 77.95
CA ASN KA 61 -75.22 16.10 77.53
C ASN KA 61 -74.98 15.15 78.70
N GLN KA 62 -74.54 15.66 79.85
CA GLN KA 62 -74.35 14.80 81.02
C GLN KA 62 -75.67 14.20 81.49
N THR KA 63 -76.75 14.99 81.48
CA THR KA 63 -78.04 14.47 81.88
C THR KA 63 -78.49 13.34 80.95
N GLN KA 64 -78.39 13.55 79.65
CA GLN KA 64 -78.79 12.52 78.70
C GLN KA 64 -77.91 11.28 78.83
N LYS KA 65 -76.60 11.48 79.02
CA LYS KA 65 -75.69 10.34 79.13
C LYS KA 65 -75.98 9.51 80.37
N GLU KA 66 -76.24 10.17 81.51
CA GLU KA 66 -76.50 9.41 82.72
C GLU KA 66 -77.88 8.76 82.69
N ASN KA 67 -78.85 9.37 82.01
CA ASN KA 67 -80.12 8.68 81.81
C ASN KA 67 -79.93 7.44 80.94
N LEU KA 68 -79.10 7.54 79.91
CA LEU KA 68 -78.75 6.37 79.11
C LEU KA 68 -78.06 5.30 79.94
N ARG KA 69 -77.16 5.71 80.83
CA ARG KA 69 -76.50 4.76 81.74
C ARG KA 69 -77.52 4.05 82.62
N LYS KA 70 -78.48 4.80 83.14
CA LYS KA 70 -79.50 4.22 84.00
C LYS KA 70 -80.38 3.24 83.23
N PHE KA 71 -80.68 3.55 81.97
CA PHE KA 71 -81.53 2.66 81.19
C PHE KA 71 -80.85 1.34 80.89
N TYR KA 72 -79.55 1.36 80.57
CA TYR KA 72 -78.84 0.17 80.15
C TYR KA 72 -78.24 -0.62 81.31
N LYS KA 73 -78.48 -0.20 82.54
CA LYS KA 73 -77.96 -0.91 83.70
C LYS KA 73 -78.54 -2.31 83.79
N GLY KA 74 -77.68 -3.30 84.04
CA GLY KA 74 -78.14 -4.67 84.17
C GLY KA 74 -78.47 -5.36 82.87
N LYS KA 75 -78.16 -4.75 81.73
CA LYS KA 75 -78.44 -5.33 80.43
C LYS KA 75 -77.19 -5.98 79.87
N LYS KA 76 -77.38 -7.07 79.13
CA LYS KA 76 -76.25 -7.89 78.69
C LYS KA 76 -75.40 -7.15 77.67
N TYR KA 77 -76.03 -6.46 76.73
CA TYR KA 77 -75.33 -5.76 75.66
C TYR KA 77 -75.54 -4.26 75.79
N LYS KA 78 -74.46 -3.50 75.69
CA LYS KA 78 -74.48 -2.06 75.86
C LYS KA 78 -73.76 -1.37 74.72
N PRO KA 79 -74.11 -0.11 74.44
CA PRO KA 79 -73.35 0.65 73.45
C PRO KA 79 -71.90 0.84 73.87
N LEU KA 80 -71.02 0.95 72.88
CA LEU KA 80 -69.59 0.99 73.16
C LEU KA 80 -69.19 2.21 73.98
N ASP KA 81 -69.76 3.37 73.67
CA ASP KA 81 -69.44 4.58 74.43
C ASP KA 81 -69.84 4.48 75.89
N LEU KA 82 -70.81 3.63 76.22
CA LEU KA 82 -71.18 3.40 77.61
C LEU KA 82 -70.30 2.36 78.28
N ARG KA 83 -69.69 1.46 77.52
CA ARG KA 83 -68.82 0.45 78.08
C ARG KA 83 -67.54 1.10 78.61
N PRO KA 84 -66.90 0.47 79.60
CA PRO KA 84 -65.64 1.02 80.11
C PRO KA 84 -64.56 1.06 79.04
N LYS KA 85 -63.69 2.06 79.15
CA LYS KA 85 -62.65 2.30 78.16
C LYS KA 85 -61.29 2.36 78.85
N LYS KA 86 -60.98 1.34 79.65
CA LYS KA 86 -59.73 1.28 80.38
C LYS KA 86 -58.53 1.39 79.44
N THR KA 87 -58.34 0.36 78.62
CA THR KA 87 -57.24 0.24 77.68
C THR KA 87 -57.52 -0.97 76.80
N ARG KA 88 -57.21 -0.84 75.51
CA ARG KA 88 -57.43 -1.95 74.58
C ARG KA 88 -56.79 -3.23 75.09
N ALA KA 89 -55.52 -3.16 75.51
CA ALA KA 89 -54.88 -4.31 76.12
C ALA KA 89 -55.59 -4.71 77.41
N MET KA 90 -56.03 -3.74 78.20
CA MET KA 90 -56.75 -4.05 79.43
C MET KA 90 -58.13 -4.63 79.12
N ARG KA 91 -58.80 -4.14 78.07
CA ARG KA 91 -60.06 -4.72 77.67
C ARG KA 91 -59.93 -6.15 77.18
N ARG KA 92 -58.85 -6.48 76.48
CA ARG KA 92 -58.68 -7.84 75.98
C ARG KA 92 -58.44 -8.85 77.09
N ARG KA 93 -57.82 -8.43 78.19
CA ARG KA 93 -57.37 -9.38 79.19
C ARG KA 93 -58.54 -9.99 79.95
N LEU KA 94 -58.25 -11.05 80.70
CA LEU KA 94 -59.28 -11.84 81.35
C LEU KA 94 -59.90 -11.06 82.51
N ASN KA 95 -61.17 -11.35 82.79
CA ASN KA 95 -61.83 -10.77 83.94
C ASN KA 95 -61.47 -11.56 85.21
N LYS KA 96 -61.84 -10.99 86.36
CA LYS KA 96 -61.44 -11.58 87.64
C LYS KA 96 -62.04 -12.97 87.84
N HIS KA 97 -63.27 -13.16 87.37
CA HIS KA 97 -63.92 -14.46 87.57
C HIS KA 97 -63.16 -15.57 86.86
N GLU KA 98 -62.81 -15.34 85.60
CA GLU KA 98 -62.07 -16.34 84.83
C GLU KA 98 -60.57 -16.29 85.09
N GLU KA 99 -60.10 -15.29 85.83
CA GLU KA 99 -58.67 -15.19 86.10
C GLU KA 99 -58.23 -16.19 87.16
N ASN KA 100 -59.07 -16.43 88.16
CA ASN KA 100 -58.67 -17.19 89.33
C ASN KA 100 -59.25 -18.60 89.40
N LEU KA 101 -60.20 -18.95 88.52
CA LEU KA 101 -60.75 -20.30 88.55
C LEU KA 101 -59.72 -21.30 88.06
N LYS KA 102 -59.74 -22.49 88.67
CA LYS KA 102 -58.70 -23.50 88.47
C LYS KA 102 -59.32 -24.84 88.10
N THR KA 103 -58.46 -25.74 87.65
CA THR KA 103 -58.88 -27.12 87.40
C THR KA 103 -59.13 -27.83 88.72
N LYS KA 104 -59.89 -28.93 88.64
CA LYS KA 104 -60.13 -29.73 89.83
C LYS KA 104 -58.84 -30.37 90.34
N LYS KA 105 -57.91 -30.69 89.44
CA LYS KA 105 -56.61 -31.23 89.87
C LYS KA 105 -55.84 -30.22 90.70
N GLN KA 106 -55.84 -28.95 90.28
CA GLN KA 106 -55.08 -27.92 90.99
C GLN KA 106 -55.60 -27.74 92.41
N GLN KA 107 -56.91 -27.53 92.56
CA GLN KA 107 -57.46 -27.33 93.89
C GLN KA 107 -57.48 -28.61 94.71
N ARG KA 108 -57.52 -29.79 94.07
CA ARG KA 108 -57.31 -31.03 94.80
C ARG KA 108 -55.91 -31.06 95.41
N LYS KA 109 -54.89 -30.65 94.65
CA LYS KA 109 -53.54 -30.60 95.19
C LYS KA 109 -53.45 -29.61 96.33
N GLU KA 110 -54.08 -28.44 96.18
CA GLU KA 110 -54.05 -27.45 97.26
C GLU KA 110 -54.74 -27.97 98.52
N ARG KA 111 -55.90 -28.63 98.37
CA ARG KA 111 -56.58 -29.20 99.52
C ARG KA 111 -55.75 -30.28 100.19
N LEU KA 112 -55.13 -31.15 99.40
CA LEU KA 112 -54.39 -32.27 99.96
C LEU KA 112 -53.06 -31.83 100.54
N TYR KA 113 -52.35 -30.92 99.86
CA TYR KA 113 -51.03 -30.47 100.29
C TYR KA 113 -51.01 -28.95 100.34
N PRO KA 114 -51.58 -28.36 101.39
CA PRO KA 114 -51.46 -26.91 101.56
C PRO KA 114 -50.14 -26.54 102.19
N LEU KA 115 -49.64 -25.36 101.80
CA LEU KA 115 -48.40 -24.86 102.38
C LEU KA 115 -48.61 -24.58 103.86
N ARG KA 116 -47.63 -24.94 104.67
CA ARG KA 116 -47.78 -24.89 106.11
C ARG KA 116 -46.96 -23.74 106.69
N LYS KA 117 -47.35 -23.32 107.89
CA LYS KA 117 -46.62 -22.32 108.64
C LYS KA 117 -45.67 -23.03 109.60
N TYR KA 118 -44.38 -22.76 109.48
CA TYR KA 118 -43.39 -23.50 110.24
C TYR KA 118 -42.19 -22.61 110.56
N ALA KA 119 -41.46 -23.02 111.59
CA ALA KA 119 -40.21 -22.39 111.98
C ALA KA 119 -39.20 -23.48 112.32
N VAL KA 120 -37.93 -23.14 112.21
CA VAL KA 120 -36.84 -24.10 112.39
C VAL KA 120 -36.01 -23.67 113.59
N LYS KA 121 -35.85 -24.58 114.55
CA LYS KA 121 -34.96 -24.33 115.67
C LYS KA 121 -33.51 -24.32 115.20
N ALA KA 122 -32.70 -23.49 115.85
CA ALA KA 122 -31.29 -23.38 115.52
C ALA KA 122 -30.54 -24.65 115.91
N ALA LA 1 -0.34 -51.95 105.25
CA ALA LA 1 -1.17 -53.10 104.89
C ALA LA 1 -0.74 -53.69 103.56
N LEU LA 2 -1.32 -54.83 103.20
CA LEU LA 2 -0.97 -55.48 101.95
C LEU LA 2 -1.39 -54.65 100.75
N ARG LA 3 -2.65 -54.22 100.71
CA ARG LA 3 -3.15 -53.43 99.60
C ARG LA 3 -3.97 -52.27 100.13
N TYR LA 4 -3.82 -51.13 99.47
CA TYR LA 4 -4.54 -49.90 99.77
C TYR LA 4 -5.42 -49.51 98.59
N PRO LA 5 -6.54 -48.82 98.84
CA PRO LA 5 -7.27 -48.22 97.73
C PRO LA 5 -6.41 -47.19 97.01
N MET LA 6 -6.52 -47.16 95.69
CA MET LA 6 -5.65 -46.35 94.86
C MET LA 6 -6.49 -45.52 93.90
N ALA LA 7 -5.89 -44.45 93.39
CA ALA LA 7 -6.52 -43.66 92.34
C ALA LA 7 -6.32 -44.25 90.95
N VAL LA 8 -5.47 -45.27 90.82
CA VAL LA 8 -5.19 -45.90 89.54
C VAL LA 8 -5.29 -47.41 89.72
N GLY LA 9 -5.24 -48.12 88.61
CA GLY LA 9 -5.38 -49.56 88.59
C GLY LA 9 -6.79 -49.98 88.25
N LEU LA 10 -6.96 -51.31 88.12
CA LEU LA 10 -8.27 -51.86 87.79
C LEU LA 10 -9.27 -51.60 88.90
N ASN LA 11 -8.84 -51.71 90.15
CA ASN LA 11 -9.71 -51.52 91.30
C ASN LA 11 -9.58 -50.13 91.91
N LYS LA 12 -9.34 -49.12 91.07
CA LYS LA 12 -9.17 -47.77 91.54
C LYS LA 12 -10.49 -47.19 92.06
N GLY LA 13 -10.38 -46.14 92.87
CA GLY LA 13 -11.55 -45.45 93.37
C GLY LA 13 -11.72 -45.53 94.87
N HIS LA 14 -12.43 -44.55 95.44
CA HIS LA 14 -12.75 -44.57 96.86
C HIS LA 14 -13.75 -45.68 97.16
N LYS LA 15 -13.46 -46.48 98.18
CA LYS LA 15 -14.27 -47.63 98.52
C LYS LA 15 -15.56 -47.17 99.20
N VAL LA 16 -16.70 -47.52 98.61
CA VAL LA 16 -18.01 -47.23 99.18
C VAL LA 16 -18.88 -48.47 99.02
N THR LA 17 -19.95 -48.52 99.80
CA THR LA 17 -20.92 -49.61 99.68
C THR LA 17 -21.97 -49.23 98.64
N LYS LA 18 -22.02 -50.00 97.55
CA LYS LA 18 -22.91 -49.69 96.45
C LYS LA 18 -24.37 -49.89 96.86
N ASN LA 19 -25.21 -48.91 96.55
CA ASN LA 19 -26.62 -48.94 96.93
C ASN LA 19 -27.42 -49.57 95.80
N VAL LA 20 -27.87 -50.81 96.02
CA VAL LA 20 -28.74 -51.50 95.07
C VAL LA 20 -30.14 -50.95 95.21
N SER LA 21 -30.77 -50.65 94.09
CA SER LA 21 -32.13 -50.12 94.08
C SER LA 21 -32.79 -50.52 92.78
N LYS LA 22 -34.12 -50.53 92.79
CA LYS LA 22 -34.85 -50.77 91.56
C LYS LA 22 -34.58 -49.63 90.57
N PRO LA 23 -34.53 -49.93 89.28
CA PRO LA 23 -34.30 -48.86 88.29
C PRO LA 23 -35.48 -47.90 88.24
N ARG LA 24 -35.18 -46.67 87.86
CA ARG LA 24 -36.22 -45.68 87.67
C ARG LA 24 -37.16 -46.11 86.55
N HIS LA 25 -38.41 -45.67 86.65
CA HIS LA 25 -39.42 -46.05 85.66
C HIS LA 25 -39.11 -45.51 84.28
N SER LA 26 -38.22 -44.52 84.17
CA SER LA 26 -37.83 -44.01 82.87
C SER LA 26 -36.96 -45.01 82.11
N ARG LA 27 -36.09 -45.74 82.83
CA ARG LA 27 -35.27 -46.76 82.18
C ARG LA 27 -36.11 -47.87 81.57
N ARG LA 28 -37.33 -48.07 82.07
CA ARG LA 28 -38.22 -49.08 81.55
C ARG LA 28 -38.66 -48.79 80.12
N ARG LA 29 -38.44 -47.56 79.65
CA ARG LA 29 -38.88 -47.14 78.33
C ARG LA 29 -38.29 -48.04 77.24
N GLY LA 30 -39.11 -48.33 76.23
CA GLY LA 30 -38.69 -49.14 75.11
C GLY LA 30 -39.04 -50.60 75.21
N ARG LA 31 -39.41 -51.09 76.39
CA ARG LA 31 -39.78 -52.49 76.52
C ARG LA 31 -41.08 -52.77 75.79
N LEU LA 32 -41.13 -53.91 75.11
CA LEU LA 32 -42.29 -54.27 74.30
C LEU LA 32 -43.32 -54.98 75.17
N THR LA 33 -44.55 -54.46 75.17
CA THR LA 33 -45.62 -55.06 75.93
C THR LA 33 -46.41 -56.04 75.07
N LYS LA 34 -47.22 -56.87 75.74
CA LYS LA 34 -48.07 -57.81 75.02
C LYS LA 34 -49.10 -57.08 74.15
N HIS LA 35 -49.77 -56.08 74.72
CA HIS LA 35 -50.82 -55.35 73.99
C HIS LA 35 -50.25 -54.61 72.79
N THR LA 36 -49.11 -53.93 72.97
CA THR LA 36 -48.51 -53.21 71.86
C THR LA 36 -48.02 -54.16 70.78
N LYS LA 37 -47.49 -55.32 71.17
CA LYS LA 37 -47.07 -56.32 70.19
C LYS LA 37 -48.27 -56.82 69.41
N PHE LA 38 -49.40 -57.04 70.09
CA PHE LA 38 -50.63 -57.41 69.40
C PHE LA 38 -51.04 -56.34 68.39
N VAL LA 39 -50.99 -55.07 68.79
CA VAL LA 39 -51.39 -53.99 67.90
C VAL LA 39 -50.47 -53.93 66.68
N ARG LA 40 -49.16 -54.06 66.90
CA ARG LA 40 -48.22 -54.03 65.78
C ARG LA 40 -48.42 -55.22 64.85
N ASP LA 41 -48.69 -56.41 65.39
CA ASP LA 41 -48.97 -57.55 64.52
C ASP LA 41 -50.23 -57.30 63.69
N MET LA 42 -51.27 -56.75 64.32
CA MET LA 42 -52.49 -56.41 63.59
C MET LA 42 -52.19 -55.46 62.44
N ILE LA 43 -51.48 -54.37 62.72
CA ILE LA 43 -51.22 -53.36 61.70
C ILE LA 43 -50.33 -53.94 60.60
N ARG LA 44 -49.32 -54.73 60.97
CA ARG LA 44 -48.44 -55.33 59.97
C ARG LA 44 -49.19 -56.27 59.05
N GLU LA 45 -50.05 -57.13 59.60
CA GLU LA 45 -50.78 -58.04 58.73
C GLU LA 45 -51.86 -57.33 57.93
N VAL LA 46 -52.36 -56.19 58.41
CA VAL LA 46 -53.28 -55.39 57.60
C VAL LA 46 -52.55 -54.76 56.43
N CYS LA 47 -51.38 -54.19 56.69
CA CYS LA 47 -50.70 -53.37 55.70
C CYS LA 47 -49.97 -54.23 54.66
N GLY LA 48 -49.00 -55.02 55.11
CA GLY LA 48 -48.12 -55.72 54.20
C GLY LA 48 -46.68 -55.32 54.45
N PHE LA 49 -45.92 -55.06 53.41
CA PHE LA 49 -44.52 -54.69 53.54
C PHE LA 49 -44.15 -53.66 52.48
N ALA LA 50 -43.16 -52.82 52.81
CA ALA LA 50 -42.67 -51.81 51.90
C ALA LA 50 -41.92 -52.47 50.75
N PRO LA 51 -41.86 -51.81 49.58
CA PRO LA 51 -41.18 -52.43 48.43
C PRO LA 51 -39.73 -52.79 48.69
N TYR LA 52 -38.99 -51.97 49.42
CA TYR LA 52 -37.61 -52.35 49.75
C TYR LA 52 -37.58 -53.55 50.67
N GLU LA 53 -38.56 -53.66 51.58
CA GLU LA 53 -38.64 -54.85 52.42
C GLU LA 53 -38.90 -56.10 51.59
N ARG LA 54 -39.78 -55.99 50.59
CA ARG LA 54 -40.05 -57.13 49.72
C ARG LA 54 -38.81 -57.51 48.91
N ARG LA 55 -38.09 -56.51 48.41
CA ARG LA 55 -36.88 -56.79 47.65
C ARG LA 55 -35.83 -57.47 48.52
N ALA LA 56 -35.68 -57.00 49.77
CA ALA LA 56 -34.77 -57.68 50.69
C ALA LA 56 -35.24 -59.09 51.00
N MET LA 57 -36.56 -59.30 51.06
CA MET LA 57 -37.08 -60.65 51.26
C MET LA 57 -36.71 -61.57 50.10
N GLU LA 58 -36.81 -61.08 48.87
CA GLU LA 58 -36.38 -61.88 47.72
C GLU LA 58 -34.89 -62.14 47.76
N LEU LA 59 -34.10 -61.15 48.17
CA LEU LA 59 -32.66 -61.35 48.28
C LEU LA 59 -32.30 -62.39 49.32
N LEU LA 60 -33.03 -62.40 50.45
CA LEU LA 60 -32.76 -63.40 51.47
C LEU LA 60 -33.30 -64.77 51.07
N LYS LA 61 -34.33 -64.81 50.22
CA LYS LA 61 -34.92 -66.08 49.82
C LYS LA 61 -33.94 -66.88 48.97
N VAL LA 62 -33.06 -66.21 48.24
CA VAL LA 62 -32.00 -66.88 47.51
C VAL LA 62 -30.71 -66.93 48.32
N SER LA 63 -30.77 -66.64 49.61
CA SER LA 63 -29.65 -66.77 50.55
C SER LA 63 -28.45 -65.92 50.14
N LYS LA 64 -28.71 -64.80 49.47
CA LYS LA 64 -27.69 -63.77 49.27
C LYS LA 64 -27.73 -62.81 50.46
N ASP LA 65 -27.35 -63.35 51.62
CA ASP LA 65 -27.49 -62.63 52.87
C ASP LA 65 -26.61 -61.38 52.91
N LYS LA 66 -25.38 -61.48 52.40
CA LYS LA 66 -24.48 -60.34 52.47
C LYS LA 66 -24.95 -59.20 51.57
N ARG LA 67 -25.38 -59.53 50.35
CA ARG LA 67 -25.93 -58.50 49.47
C ARG LA 67 -27.21 -57.90 50.04
N ALA LA 68 -28.06 -58.73 50.66
CA ALA LA 68 -29.26 -58.21 51.29
C ALA LA 68 -28.93 -57.27 52.43
N LEU LA 69 -27.92 -57.61 53.23
CA LEU LA 69 -27.49 -56.72 54.31
C LEU LA 69 -26.91 -55.43 53.76
N LYS LA 70 -26.15 -55.52 52.67
CA LYS LA 70 -25.66 -54.31 52.01
C LYS LA 70 -26.81 -53.41 51.58
N PHE LA 71 -27.83 -53.99 50.96
CA PHE LA 71 -28.98 -53.22 50.49
C PHE LA 71 -29.72 -52.58 51.65
N ILE LA 72 -29.93 -53.34 52.73
CA ILE LA 72 -30.69 -52.82 53.87
C ILE LA 72 -29.89 -51.74 54.58
N LYS LA 73 -28.57 -51.89 54.67
CA LYS LA 73 -27.74 -50.87 55.28
C LYS LA 73 -27.73 -49.59 54.44
N LYS LA 74 -27.73 -49.75 53.11
CA LYS LA 74 -27.81 -48.59 52.24
C LYS LA 74 -29.17 -47.90 52.35
N ARG LA 75 -30.24 -48.67 52.54
CA ARG LA 75 -31.58 -48.08 52.62
C ARG LA 75 -31.83 -47.42 53.97
N VAL LA 76 -31.78 -48.21 55.04
CA VAL LA 76 -32.14 -47.71 56.36
C VAL LA 76 -31.12 -46.68 56.84
N GLY LA 77 -29.84 -47.01 56.74
CA GLY LA 77 -28.80 -46.04 57.05
C GLY LA 77 -27.65 -46.49 57.92
N THR LA 78 -27.91 -47.33 58.92
CA THR LA 78 -26.86 -47.77 59.84
C THR LA 78 -26.77 -49.28 59.87
N HIS LA 79 -25.60 -49.77 60.28
CA HIS LA 79 -25.34 -51.20 60.28
C HIS LA 79 -26.18 -51.93 61.31
N ILE LA 80 -26.35 -51.35 62.50
CA ILE LA 80 -27.09 -52.00 63.56
C ILE LA 80 -28.57 -52.11 63.21
N ARG LA 81 -29.15 -51.02 62.71
CA ARG LA 81 -30.53 -51.04 62.28
C ARG LA 81 -30.72 -52.04 61.13
N ALA LA 82 -29.74 -52.10 60.23
CA ALA LA 82 -29.80 -53.07 59.14
C ALA LA 82 -29.79 -54.49 59.67
N LYS LA 83 -28.94 -54.77 60.66
CA LYS LA 83 -28.90 -56.11 61.23
C LYS LA 83 -30.22 -56.48 61.89
N ARG LA 84 -30.80 -55.54 62.64
CA ARG LA 84 -32.08 -55.81 63.29
C ARG LA 84 -33.17 -56.05 62.25
N LYS LA 85 -33.21 -55.23 61.20
CA LYS LA 85 -34.23 -55.37 60.17
C LYS LA 85 -34.06 -56.68 59.41
N ARG LA 86 -32.82 -57.07 59.13
CA ARG LA 86 -32.57 -58.33 58.44
C ARG LA 86 -32.98 -59.51 59.31
N GLU LA 87 -32.74 -59.43 60.62
CA GLU LA 87 -33.18 -60.50 61.50
C GLU LA 87 -34.70 -60.60 61.54
N GLU LA 88 -35.38 -59.45 61.58
CA GLU LA 88 -36.84 -59.47 61.52
C GLU LA 88 -37.33 -60.09 60.23
N LEU LA 89 -36.73 -59.70 59.10
CA LEU LA 89 -37.15 -60.25 57.82
C LEU LA 89 -36.87 -61.74 57.73
N SER LA 90 -35.74 -62.21 58.24
CA SER LA 90 -35.45 -63.64 58.25
C SER LA 90 -36.44 -64.39 59.13
N ASN LA 91 -36.80 -63.83 60.28
CA ASN LA 91 -37.76 -64.49 61.17
C ASN LA 91 -39.13 -64.59 60.52
N VAL LA 92 -39.59 -63.51 59.89
CA VAL LA 92 -40.90 -63.59 59.23
C VAL LA 92 -40.84 -64.47 58.00
N LEU LA 93 -39.68 -64.55 57.34
CA LEU LA 93 -39.52 -65.48 56.22
C LEU LA 93 -39.61 -66.92 56.70
N ALA LA 94 -39.00 -67.24 57.84
CA ALA LA 94 -39.15 -68.57 58.41
C ALA LA 94 -40.60 -68.84 58.80
N ALA LA 95 -41.27 -67.84 59.35
CA ALA LA 95 -42.67 -67.99 59.74
C ALA LA 95 -43.55 -68.29 58.53
N MET LA 96 -43.36 -67.56 57.43
CA MET LA 96 -44.15 -67.82 56.24
C MET LA 96 -43.70 -69.07 55.49
N ARG LA 97 -42.45 -69.50 55.69
CA ARG LA 97 -42.02 -70.78 55.15
C ARG LA 97 -42.75 -71.93 55.83
N LYS LA 98 -42.76 -71.94 57.16
CA LYS LA 98 -43.48 -72.97 57.88
C LYS LA 98 -44.98 -72.82 57.78
N ALA LA 99 -45.48 -71.63 57.46
CA ALA LA 99 -46.91 -71.45 57.26
C ALA LA 99 -47.41 -72.22 56.06
N ALA LA 100 -46.66 -72.21 54.97
CA ALA LA 100 -47.02 -72.96 53.78
C ALA LA 100 -46.62 -74.42 53.84
N ALA LA 101 -45.91 -74.83 54.90
CA ALA LA 101 -45.51 -76.23 55.02
C ALA LA 101 -46.72 -77.15 55.15
N LYS LA 102 -47.72 -76.74 55.92
CA LYS LA 102 -48.92 -77.54 56.11
C LYS LA 102 -49.90 -77.34 54.96
N THR MA 1 -29.88 23.88 25.44
CA THR MA 1 -28.99 24.19 26.54
C THR MA 1 -29.38 23.47 27.81
N LYS MA 2 -28.41 22.82 28.46
CA LYS MA 2 -28.66 22.08 29.67
C LYS MA 2 -28.80 22.97 30.90
N GLY MA 3 -28.45 24.24 30.81
CA GLY MA 3 -28.39 25.08 31.98
C GLY MA 3 -29.58 25.99 32.18
N THR MA 4 -29.35 27.30 31.99
CA THR MA 4 -30.38 28.30 32.28
C THR MA 4 -31.61 28.12 31.40
N SER MA 5 -31.40 27.88 30.11
CA SER MA 5 -32.54 27.76 29.20
C SER MA 5 -33.40 26.55 29.54
N SER MA 6 -32.78 25.48 30.04
CA SER MA 6 -33.55 24.31 30.46
C SER MA 6 -34.42 24.60 31.67
N PHE MA 7 -34.00 25.52 32.55
CA PHE MA 7 -34.79 25.86 33.71
C PHE MA 7 -36.05 26.65 33.38
N GLY MA 8 -36.19 27.12 32.15
CA GLY MA 8 -37.39 27.84 31.78
C GLY MA 8 -38.55 26.98 31.35
N LYS MA 9 -38.37 25.66 31.35
CA LYS MA 9 -39.39 24.74 30.86
C LYS MA 9 -40.15 24.03 31.97
N ARG MA 10 -39.68 24.12 33.21
CA ARG MA 10 -40.29 23.39 34.32
C ARG MA 10 -41.58 24.08 34.73
N ARG MA 11 -42.71 23.52 34.30
CA ARG MA 11 -44.02 24.06 34.63
C ARG MA 11 -45.04 22.97 34.94
N ASN MA 12 -44.59 21.79 35.32
CA ASN MA 12 -45.48 20.68 35.64
C ASN MA 12 -45.04 20.06 36.95
N LYS MA 13 -45.91 20.10 37.95
CA LYS MA 13 -45.53 19.61 39.27
C LYS MA 13 -45.53 18.08 39.29
N THR MA 14 -44.42 17.50 39.76
CA THR MA 14 -44.36 16.05 39.89
C THR MA 14 -44.94 15.59 41.24
N HIS MA 15 -44.57 16.28 42.31
CA HIS MA 15 -45.04 15.94 43.64
C HIS MA 15 -46.10 16.93 44.11
N THR MA 16 -47.01 16.45 44.94
CA THR MA 16 -48.05 17.27 45.52
C THR MA 16 -48.18 16.93 47.00
N LEU MA 17 -49.11 17.60 47.67
CA LEU MA 17 -49.31 17.35 49.09
C LEU MA 17 -49.96 16.00 49.32
N CYS MA 18 -49.30 15.18 50.15
CA CYS MA 18 -49.82 13.87 50.53
C CYS MA 18 -50.92 14.06 51.58
N ARG MA 19 -52.07 13.41 51.37
CA ARG MA 19 -53.16 13.54 52.32
C ARG MA 19 -52.79 12.92 53.67
N ARG MA 20 -51.98 11.88 53.67
CA ARG MA 20 -51.31 11.43 54.88
C ARG MA 20 -50.04 12.24 55.07
N CYS MA 21 -49.65 12.44 56.32
CA CYS MA 21 -48.37 13.01 56.73
C CYS MA 21 -48.16 14.45 56.26
N GLY MA 22 -49.10 14.98 55.48
CA GLY MA 22 -49.07 16.38 55.07
C GLY MA 22 -47.82 16.83 54.35
N SER MA 23 -47.12 15.92 53.69
CA SER MA 23 -45.88 16.26 53.03
C SER MA 23 -46.09 16.46 51.54
N LYS MA 24 -45.29 17.34 50.95
CA LYS MA 24 -45.33 17.61 49.51
C LYS MA 24 -44.46 16.59 48.77
N ALA MA 25 -44.82 15.31 48.95
CA ALA MA 25 -44.07 14.21 48.38
C ALA MA 25 -44.96 13.17 47.72
N TYR MA 26 -46.25 13.46 47.55
CA TYR MA 26 -47.16 12.54 46.89
C TYR MA 26 -46.88 12.61 45.39
N HIS MA 27 -46.32 11.53 44.85
CA HIS MA 27 -46.07 11.47 43.41
C HIS MA 27 -47.40 11.37 42.67
N LEU MA 28 -47.72 12.42 41.91
CA LEU MA 28 -48.98 12.45 41.18
C LEU MA 28 -49.05 11.33 40.15
N GLN MA 29 -47.91 11.03 39.52
CA GLN MA 29 -47.89 9.99 38.50
C GLN MA 29 -47.83 8.59 39.09
N LYS MA 30 -47.22 8.43 40.27
CA LYS MA 30 -47.09 7.12 40.88
C LYS MA 30 -48.12 6.85 41.97
N SER MA 31 -48.91 7.84 42.36
CA SER MA 31 -49.95 7.69 43.39
C SER MA 31 -49.36 7.16 44.70
N THR MA 32 -48.20 7.69 45.07
CA THR MA 32 -47.52 7.24 46.28
C THR MA 32 -46.77 8.40 46.89
N CYS MA 33 -46.83 8.51 48.22
CA CYS MA 33 -46.01 9.49 48.92
C CYS MA 33 -44.56 9.07 48.92
N GLY MA 34 -43.67 10.02 48.67
CA GLY MA 34 -42.24 9.73 48.74
C GLY MA 34 -41.71 9.61 50.15
N LYS MA 35 -42.44 10.13 51.14
CA LYS MA 35 -41.98 10.13 52.53
C LYS MA 35 -42.67 9.08 53.38
N CYS MA 36 -44.00 9.01 53.33
CA CYS MA 36 -44.73 8.05 54.15
C CYS MA 36 -45.19 6.82 53.39
N GLY MA 37 -45.29 6.89 52.06
CA GLY MA 37 -45.87 5.81 51.30
C GLY MA 37 -47.33 5.63 51.64
N TYR MA 38 -48.15 6.62 51.27
CA TYR MA 38 -49.55 6.63 51.69
C TYR MA 38 -50.34 5.41 51.26
N PRO MA 39 -50.30 4.93 50.00
CA PRO MA 39 -51.09 3.74 49.66
C PRO MA 39 -50.71 2.51 50.48
N ALA MA 40 -49.45 2.37 50.86
CA ALA MA 40 -49.07 1.29 51.75
C ALA MA 40 -49.67 1.49 53.13
N LYS MA 41 -50.14 0.41 53.74
CA LYS MA 41 -50.76 0.50 55.05
C LYS MA 41 -49.75 0.94 56.11
N ARG MA 42 -48.54 0.42 56.05
CA ARG MA 42 -47.53 0.73 57.04
C ARG MA 42 -46.76 1.99 56.64
N LYS MA 43 -46.28 2.70 57.66
CA LYS MA 43 -45.51 3.92 57.42
C LYS MA 43 -44.12 3.59 56.92
N ARG MA 44 -43.64 4.39 55.97
CA ARG MA 44 -42.28 4.23 55.46
C ARG MA 44 -41.29 4.72 56.50
N LYS MA 45 -40.55 3.79 57.09
CA LYS MA 45 -39.58 4.12 58.12
C LYS MA 45 -38.30 3.34 57.87
N TYR MA 46 -37.17 4.02 57.92
CA TYR MA 46 -35.87 3.41 57.67
C TYR MA 46 -34.89 3.78 58.75
N ASN MA 47 -34.11 2.80 59.21
CA ASN MA 47 -33.16 3.03 60.28
C ASN MA 47 -31.92 3.76 59.82
N TRP MA 48 -31.65 3.83 58.52
CA TRP MA 48 -30.44 4.50 58.07
C TRP MA 48 -30.54 6.00 58.12
N SER MA 49 -31.65 6.54 58.62
CA SER MA 49 -31.81 7.99 58.80
C SER MA 49 -32.48 8.19 60.16
N ALA MA 50 -31.68 8.29 61.22
CA ALA MA 50 -32.23 8.55 62.54
C ALA MA 50 -32.84 9.93 62.62
N LYS MA 51 -32.25 10.91 61.92
CA LYS MA 51 -32.81 12.25 61.88
C LYS MA 51 -34.19 12.25 61.25
N ALA MA 52 -34.37 11.51 60.16
CA ALA MA 52 -35.68 11.43 59.53
C ALA MA 52 -36.69 10.76 60.45
N LYS MA 53 -36.27 9.73 61.18
CA LYS MA 53 -37.16 9.07 62.12
C LYS MA 53 -37.59 10.03 63.23
N ARG MA 54 -36.63 10.78 63.78
CA ARG MA 54 -36.97 11.65 64.89
C ARG MA 54 -37.68 12.92 64.45
N ARG MA 55 -37.67 13.24 63.15
CA ARG MA 55 -38.43 14.39 62.69
C ARG MA 55 -39.93 14.19 62.87
N ASN MA 56 -40.44 12.98 62.65
CA ASN MA 56 -41.86 12.72 62.78
C ASN MA 56 -42.15 11.55 63.70
N THR MA 57 -41.34 11.36 64.74
CA THR MA 57 -41.60 10.30 65.70
C THR MA 57 -42.70 10.71 66.66
N THR MA 58 -43.11 9.77 67.51
CA THR MA 58 -44.11 10.05 68.52
C THR MA 58 -43.61 11.11 69.49
N GLY MA 59 -44.44 12.11 69.77
CA GLY MA 59 -44.05 13.24 70.57
C GLY MA 59 -43.69 14.47 69.77
N THR MA 60 -43.50 14.33 68.46
CA THR MA 60 -43.26 15.49 67.61
C THR MA 60 -44.54 16.18 67.19
N GLY MA 61 -45.70 15.61 67.50
CA GLY MA 61 -46.96 16.20 67.12
C GLY MA 61 -47.79 16.64 68.32
N ARG MA 62 -49.03 16.18 68.40
CA ARG MA 62 -49.94 16.62 69.45
C ARG MA 62 -50.09 15.59 70.56
N MET MA 63 -50.22 14.31 70.21
CA MET MA 63 -50.44 13.23 71.17
C MET MA 63 -51.68 13.49 72.01
N ARG MA 64 -52.80 13.74 71.33
CA ARG MA 64 -54.04 14.08 72.02
C ARG MA 64 -54.51 12.93 72.90
N HIS MA 65 -54.43 11.70 72.40
CA HIS MA 65 -54.83 10.55 73.19
C HIS MA 65 -53.75 10.08 74.14
N LEU MA 66 -52.47 10.19 73.72
CA LEU MA 66 -51.39 9.67 74.54
C LEU MA 66 -51.14 10.52 75.78
N LYS MA 67 -51.35 11.83 75.69
CA LYS MA 67 -51.23 12.68 76.88
C LYS MA 67 -52.27 12.30 77.93
N ILE MA 68 -53.51 12.06 77.49
CA ILE MA 68 -54.55 11.63 78.41
C ILE MA 68 -54.22 10.26 78.99
N VAL MA 69 -53.67 9.37 78.17
CA VAL MA 69 -53.27 8.05 78.67
C VAL MA 69 -52.19 8.19 79.74
N TYR MA 70 -51.21 9.06 79.49
CA TYR MA 70 -50.17 9.30 80.48
C TYR MA 70 -50.73 9.86 81.77
N ARG MA 71 -51.67 10.80 81.67
CA ARG MA 71 -52.28 11.35 82.88
C ARG MA 71 -53.15 10.30 83.58
N ARG MA 72 -53.96 9.57 82.81
CA ARG MA 72 -54.87 8.60 83.41
C ARG MA 72 -54.15 7.40 84.00
N PHE MA 73 -52.92 7.14 83.54
CA PHE MA 73 -52.16 6.00 84.07
C PHE MA 73 -51.82 6.17 85.54
N ARG MA 74 -51.66 7.42 85.99
CA ARG MA 74 -51.25 7.69 87.35
C ARG MA 74 -52.32 7.37 88.39
N HIS MA 75 -53.57 7.14 87.97
CA HIS MA 75 -54.62 6.75 88.89
C HIS MA 75 -55.24 5.41 88.53
N GLY MA 76 -54.50 4.55 87.86
CA GLY MA 76 -54.98 3.20 87.58
C GLY MA 76 -56.11 3.14 86.58
N PHE MA 77 -56.28 4.17 85.75
CA PHE MA 77 -57.31 4.21 84.71
C PHE MA 77 -58.71 4.01 85.30
N ARG MA 78 -59.01 4.77 86.34
CA ARG MA 78 -60.34 4.71 86.94
C ARG MA 78 -61.37 5.30 85.98
N GLU MA 79 -62.52 4.65 85.90
CA GLU MA 79 -63.60 5.14 85.05
C GLU MA 79 -64.93 4.94 85.76
N GLY MA 80 -65.90 5.77 85.41
CA GLY MA 80 -67.19 5.74 86.05
C GLY MA 80 -67.21 6.29 87.46
N THR MA 81 -66.14 6.95 87.88
CA THR MA 81 -66.03 7.47 89.24
C THR MA 81 -65.98 8.99 89.20
N THR MA 82 -66.27 9.59 90.35
CA THR MA 82 -66.26 11.03 90.53
C THR MA 82 -65.67 11.36 91.90
N PRO MA 83 -65.09 12.55 92.06
CA PRO MA 83 -64.74 13.01 93.40
C PRO MA 83 -65.99 13.17 94.25
N LYS MA 84 -65.82 12.98 95.56
CA LYS MA 84 -66.95 13.08 96.48
C LYS MA 84 -67.47 14.51 96.50
N PRO MA 85 -68.76 14.74 96.24
CA PRO MA 85 -69.28 16.10 96.16
C PRO MA 85 -69.19 16.83 97.50
N LYS MA 86 -69.02 18.14 97.42
CA LYS MA 86 -68.94 18.97 98.60
C LYS MA 86 -70.33 19.31 99.11
N PRO NA 1 -89.46 34.43 21.61
CA PRO NA 1 -90.68 35.22 21.39
C PRO NA 1 -91.57 34.64 20.31
N ARG NA 2 -92.84 35.02 20.31
CA ARG NA 2 -93.80 34.56 19.32
C ARG NA 2 -94.60 35.75 18.80
N LYS NA 3 -94.99 35.68 17.54
CA LYS NA 3 -95.78 36.73 16.92
C LYS NA 3 -97.22 36.26 16.76
N ILE NA 4 -98.15 37.03 17.31
CA ILE NA 4 -99.56 36.69 17.25
C ILE NA 4 -100.10 37.09 15.88
N GLU NA 5 -100.72 36.13 15.19
CA GLU NA 5 -101.16 36.37 13.81
C GLU NA 5 -102.44 37.18 13.76
N GLU NA 6 -103.51 36.66 14.34
CA GLU NA 6 -104.80 37.36 14.35
C GLU NA 6 -105.19 37.71 15.77
N ILE NA 7 -106.18 38.61 15.88
CA ILE NA 7 -106.56 39.18 17.15
C ILE NA 7 -107.20 38.13 18.06
N LYS NA 8 -107.92 37.17 17.48
CA LYS NA 8 -108.66 36.18 18.26
C LYS NA 8 -107.72 35.34 19.12
N ASP NA 9 -106.57 34.96 18.57
CA ASP NA 9 -105.55 34.29 19.37
C ASP NA 9 -105.09 35.18 20.52
N PHE NA 10 -104.95 36.48 20.27
CA PHE NA 10 -104.46 37.39 21.30
C PHE NA 10 -105.46 37.51 22.45
N LEU NA 11 -106.75 37.42 22.16
CA LEU NA 11 -107.75 37.48 23.24
C LEU NA 11 -107.55 36.37 24.27
N LEU NA 12 -107.49 35.10 23.83
CA LEU NA 12 -107.32 34.05 24.82
C LEU NA 12 -105.87 33.91 25.24
N THR NA 13 -104.92 34.52 24.53
CA THR NA 13 -103.56 34.59 25.05
C THR NA 13 -103.49 35.51 26.25
N ALA NA 14 -104.15 36.68 26.17
CA ALA NA 14 -104.18 37.61 27.29
C ALA NA 14 -104.98 37.08 28.47
N ARG NA 15 -106.01 36.29 28.22
CA ARG NA 15 -106.84 35.74 29.28
C ARG NA 15 -106.22 34.51 29.94
N ARG NA 16 -105.06 34.07 29.50
CA ARG NA 16 -104.41 32.93 30.13
C ARG NA 16 -104.04 33.26 31.57
N LYS NA 17 -104.07 32.23 32.41
CA LYS NA 17 -103.80 32.41 33.83
C LYS NA 17 -102.36 32.85 34.09
N ASP NA 18 -101.45 32.53 33.19
CA ASP NA 18 -100.05 32.90 33.34
C ASP NA 18 -99.72 34.26 32.73
N ALA NA 19 -100.67 34.89 32.05
CA ALA NA 19 -100.41 36.19 31.42
C ALA NA 19 -100.20 37.24 32.50
N LYS NA 20 -98.96 37.72 32.63
CA LYS NA 20 -98.63 38.62 33.73
C LYS NA 20 -99.07 40.05 33.43
N SER NA 21 -98.70 40.57 32.27
CA SER NA 21 -99.02 41.95 31.92
C SER NA 21 -99.01 42.09 30.40
N VAL NA 22 -99.64 43.16 29.93
CA VAL NA 22 -99.63 43.52 28.52
C VAL NA 22 -99.00 44.89 28.37
N LYS NA 23 -98.15 45.03 27.37
CA LYS NA 23 -97.50 46.30 27.05
C LYS NA 23 -98.02 46.81 25.71
N ILE NA 24 -98.18 48.12 25.60
CA ILE NA 24 -98.62 48.76 24.37
C ILE NA 24 -97.52 49.71 23.93
N LYS NA 25 -97.00 49.48 22.71
CA LYS NA 25 -95.92 50.28 22.16
C LYS NA 25 -96.46 51.03 20.94
N LYS NA 26 -96.37 52.36 20.97
CA LYS NA 26 -96.85 53.19 19.87
C LYS NA 26 -95.67 53.55 18.99
N ASN NA 27 -95.44 52.77 17.94
CA ASN NA 27 -94.43 53.09 16.95
C ASN NA 27 -95.04 53.99 15.88
N LYS NA 28 -94.18 54.53 15.02
CA LYS NA 28 -94.64 55.40 13.94
C LYS NA 28 -95.52 54.64 12.96
N ASP NA 29 -95.13 53.42 12.61
CA ASP NA 29 -95.80 52.66 11.57
C ASP NA 29 -96.91 51.76 12.09
N ASN NA 30 -96.84 51.33 13.35
CA ASN NA 30 -97.81 50.39 13.90
C ASN NA 30 -97.81 50.48 15.41
N VAL NA 31 -98.74 49.75 16.02
CA VAL NA 31 -98.83 49.63 17.47
C VAL NA 31 -98.65 48.16 17.82
N LYS NA 32 -97.67 47.88 18.67
CA LYS NA 32 -97.35 46.51 19.08
C LYS NA 32 -97.89 46.25 20.48
N PHE NA 33 -98.53 45.10 20.65
CA PHE NA 33 -99.07 44.70 21.94
C PHE NA 33 -98.25 43.53 22.46
N LYS NA 34 -97.69 43.69 23.65
CA LYS NA 34 -96.71 42.74 24.20
C LYS NA 34 -97.28 42.17 25.50
N VAL NA 35 -97.85 40.97 25.42
CA VAL NA 35 -98.32 40.26 26.59
C VAL NA 35 -97.21 39.35 27.08
N ARG NA 36 -96.96 39.36 28.39
CA ARG NA 36 -95.90 38.56 29.00
C ARG NA 36 -96.53 37.30 29.56
N CYS NA 37 -96.25 36.17 28.91
CA CYS NA 37 -96.71 34.89 29.41
C CYS NA 37 -95.58 34.22 30.18
N SER NA 38 -95.81 32.99 30.65
CA SER NA 38 -94.82 32.30 31.46
C SER NA 38 -93.57 31.95 30.66
N ARG NA 39 -93.74 31.55 29.40
CA ARG NA 39 -92.64 31.10 28.57
C ARG NA 39 -92.29 32.05 27.44
N TYR NA 40 -93.29 32.67 26.81
CA TYR NA 40 -93.07 33.49 25.63
C TYR NA 40 -93.63 34.90 25.82
N LEU NA 41 -93.09 35.82 25.05
CA LEU NA 41 -93.60 37.18 24.96
C LEU NA 41 -94.31 37.30 23.61
N TYR NA 42 -95.63 37.20 23.62
CA TYR NA 42 -96.41 37.19 22.40
C TYR NA 42 -96.65 38.62 21.92
N THR NA 43 -96.30 38.88 20.67
CA THR NA 43 -96.37 40.22 20.10
C THR NA 43 -97.44 40.25 19.02
N LEU NA 44 -98.34 41.22 19.12
CA LEU NA 44 -99.35 41.47 18.09
C LEU NA 44 -99.10 42.84 17.47
N VAL NA 45 -99.05 42.91 16.15
CA VAL NA 45 -98.78 44.13 15.43
C VAL NA 45 -100.05 44.54 14.69
N ILE NA 46 -100.47 45.79 14.89
CA ILE NA 46 -101.68 46.33 14.27
C ILE NA 46 -101.28 47.50 13.39
N THR NA 47 -101.65 47.44 12.12
CA THR NA 47 -101.22 48.47 11.18
C THR NA 47 -101.93 49.80 11.43
N ASP NA 48 -103.26 49.79 11.47
CA ASP NA 48 -104.02 51.02 11.65
C ASP NA 48 -104.12 51.34 13.14
N LYS NA 49 -104.93 52.32 13.50
CA LYS NA 49 -105.02 52.79 14.88
C LYS NA 49 -106.36 52.50 15.54
N GLU NA 50 -107.45 52.52 14.77
CA GLU NA 50 -108.77 52.31 15.35
C GLU NA 50 -108.92 50.90 15.91
N LYS NA 51 -108.37 49.90 15.21
CA LYS NA 51 -108.39 48.55 15.73
C LYS NA 51 -107.55 48.42 16.98
N ALA NA 52 -106.43 49.14 17.04
CA ALA NA 52 -105.62 49.16 18.25
C ALA NA 52 -106.39 49.76 19.41
N GLU NA 53 -107.15 50.82 19.18
CA GLU NA 53 -107.94 51.43 20.25
C GLU NA 53 -109.06 50.48 20.68
N LYS NA 54 -109.69 49.78 19.72
CA LYS NA 54 -110.70 48.80 20.07
C LYS NA 54 -110.12 47.70 20.94
N LEU NA 55 -108.91 47.23 20.60
CA LEU NA 55 -108.23 46.27 21.46
C LEU NA 55 -107.93 46.87 22.83
N LYS NA 56 -107.57 48.15 22.87
CA LYS NA 56 -107.28 48.79 24.15
C LYS NA 56 -108.50 48.78 25.07
N GLN NA 57 -109.68 49.11 24.54
CA GLN NA 57 -110.86 49.08 25.38
C GLN NA 57 -111.50 47.69 25.48
N SER NA 58 -111.01 46.70 24.74
CA SER NA 58 -111.53 45.35 24.87
C SER NA 58 -110.68 44.49 25.80
N LEU NA 59 -109.71 45.07 26.50
CA LEU NA 59 -108.83 44.29 27.34
C LEU NA 59 -109.58 43.78 28.58
N PRO NA 60 -109.31 42.53 28.99
CA PRO NA 60 -109.96 42.01 30.19
C PRO NA 60 -109.41 42.69 31.43
N PRO NA 61 -110.18 42.73 32.52
CA PRO NA 61 -109.69 43.35 33.76
C PRO NA 61 -108.71 42.43 34.48
N GLY NA 62 -108.15 42.97 35.56
CA GLY NA 62 -107.22 42.20 36.36
C GLY NA 62 -105.86 42.00 35.75
N LEU NA 63 -105.52 42.76 34.70
CA LEU NA 63 -104.25 42.62 34.01
C LEU NA 63 -103.60 43.99 33.89
N ALA NA 64 -102.28 44.03 34.04
CA ALA NA 64 -101.55 45.30 33.96
C ALA NA 64 -101.51 45.78 32.51
N VAL NA 65 -101.80 47.07 32.32
CA VAL NA 65 -101.99 47.64 31.00
C VAL NA 65 -100.90 48.70 30.81
N LYS NA 66 -99.71 48.42 31.34
CA LYS NA 66 -98.60 49.37 31.29
C LYS NA 66 -98.31 49.83 29.87
N GLU NA 67 -98.23 51.15 29.71
CA GLU NA 67 -97.94 51.78 28.43
C GLU NA 67 -96.45 52.05 28.35
N LEU NA 68 -95.85 51.70 27.21
CA LEU NA 68 -94.43 51.95 27.00
C LEU NA 68 -94.14 53.40 26.64
N LYS NA 69 -95.16 54.21 26.42
CA LYS NA 69 -94.96 55.62 26.08
C LYS NA 69 -95.60 56.53 27.12
N SER OA 1 -52.46 29.69 39.09
CA SER OA 1 -53.50 29.31 38.13
C SER OA 1 -54.89 29.67 38.65
N SER OA 2 -55.74 30.12 37.74
CA SER OA 2 -57.12 30.45 38.13
C SER OA 2 -57.87 29.21 38.59
N HIS OA 3 -57.75 28.11 37.86
CA HIS OA 3 -58.33 26.85 38.30
C HIS OA 3 -57.53 26.32 39.48
N LYS OA 4 -58.21 25.88 40.52
CA LYS OA 4 -57.54 25.34 41.69
C LYS OA 4 -58.50 24.44 42.46
N THR OA 5 -57.93 23.46 43.15
CA THR OA 5 -58.72 22.56 43.99
C THR OA 5 -59.06 23.23 45.31
N PHE OA 6 -60.05 22.66 46.00
CA PHE OA 6 -60.52 23.25 47.25
C PHE OA 6 -59.44 23.22 48.32
N ARG OA 7 -58.70 22.10 48.43
CA ARG OA 7 -57.66 21.99 49.43
C ARG OA 7 -56.54 23.00 49.19
N ILE OA 8 -56.15 23.18 47.93
CA ILE OA 8 -55.11 24.15 47.60
C ILE OA 8 -55.58 25.56 47.94
N LYS OA 9 -56.83 25.88 47.62
CA LYS OA 9 -57.35 27.21 47.93
C LYS OA 9 -57.39 27.44 49.44
N ARG OA 10 -57.81 26.43 50.21
CA ARG OA 10 -57.82 26.55 51.66
C ARG OA 10 -56.41 26.74 52.20
N PHE OA 11 -55.44 26.03 51.64
CA PHE OA 11 -54.06 26.18 52.09
C PHE OA 11 -53.54 27.58 51.81
N LEU OA 12 -53.83 28.11 50.62
CA LEU OA 12 -53.45 29.48 50.31
C LEU OA 12 -54.16 30.48 51.22
N ALA OA 13 -55.41 30.20 51.59
CA ALA OA 13 -56.11 31.07 52.53
C ALA OA 13 -55.43 31.10 53.88
N LYS OA 14 -55.04 29.93 54.38
CA LYS OA 14 -54.33 29.89 55.66
C LYS OA 14 -53.00 30.62 55.57
N LYS OA 15 -52.26 30.44 54.46
CA LYS OA 15 -50.99 31.13 54.31
C LYS OA 15 -51.17 32.64 54.22
N GLN OA 16 -52.26 33.11 53.60
CA GLN OA 16 -52.53 34.54 53.60
C GLN OA 16 -52.87 35.05 54.99
N LYS OA 17 -53.64 34.28 55.76
CA LYS OA 17 -54.14 34.81 57.03
C LYS OA 17 -53.03 35.03 58.04
N GLN OA 18 -51.98 34.22 58.01
CA GLN OA 18 -50.92 34.30 59.01
C GLN OA 18 -49.73 35.15 58.58
N ASN OA 19 -49.80 35.78 57.42
CA ASN OA 19 -48.74 36.69 56.97
C ASN OA 19 -49.15 38.13 57.21
N ARG OA 20 -48.93 38.57 58.45
CA ARG OA 20 -49.33 39.91 58.88
C ARG OA 20 -48.46 40.31 60.05
N PRO OA 21 -48.29 41.61 60.30
CA PRO OA 21 -47.47 42.05 61.42
C PRO OA 21 -48.11 41.69 62.76
N ILE OA 22 -47.25 41.55 63.77
CA ILE OA 22 -47.69 41.24 65.12
C ILE OA 22 -48.41 42.46 65.70
N PRO OA 23 -49.35 42.26 66.63
CA PRO OA 23 -50.01 43.41 67.25
C PRO OA 23 -49.05 44.24 68.09
N GLN OA 24 -49.38 45.52 68.21
CA GLN OA 24 -48.55 46.43 68.98
C GLN OA 24 -48.50 46.07 70.46
N TRP OA 25 -49.64 45.68 71.03
CA TRP OA 25 -49.70 45.38 72.46
C TRP OA 25 -48.95 44.11 72.84
N ILE OA 26 -48.53 43.30 71.85
CA ILE OA 26 -47.70 42.15 72.14
C ILE OA 26 -46.35 42.60 72.69
N ARG OA 27 -45.81 43.70 72.16
CA ARG OA 27 -44.54 44.20 72.65
C ARG OA 27 -44.65 44.86 74.01
N MET OA 28 -45.85 44.99 74.56
CA MET OA 28 -46.01 45.47 75.92
C MET OA 28 -46.18 44.33 76.93
N LYS OA 29 -46.22 43.07 76.47
CA LYS OA 29 -46.37 41.96 77.39
C LYS OA 29 -45.12 41.79 78.24
N THR OA 30 -45.32 41.31 79.47
CA THR OA 30 -44.21 41.06 80.38
C THR OA 30 -43.40 39.86 79.89
N GLY OA 31 -42.09 40.04 79.79
CA GLY OA 31 -41.22 39.00 79.29
C GLY OA 31 -41.52 38.64 77.84
N ASN OA 32 -41.66 39.66 77.00
CA ASN OA 32 -41.99 39.42 75.59
C ASN OA 32 -40.84 38.77 74.85
N LYS OA 33 -39.71 39.48 74.75
CA LYS OA 33 -38.54 39.06 73.98
C LYS OA 33 -38.87 38.82 72.51
N ILE OA 34 -39.91 39.48 72.01
CA ILE OA 34 -40.30 39.38 70.61
C ILE OA 34 -40.29 40.78 70.02
N ARG OA 35 -39.57 40.97 68.93
CA ARG OA 35 -39.45 42.26 68.28
C ARG OA 35 -40.36 42.41 67.08
N TYR OA 36 -40.37 41.43 66.18
CA TYR OA 36 -41.18 41.49 64.96
C TYR OA 36 -41.45 40.07 64.51
N ASN OA 37 -42.42 39.94 63.60
CA ASN OA 37 -42.74 38.62 63.04
C ASN OA 37 -41.63 38.21 62.08
N SER OA 38 -40.75 37.32 62.55
CA SER OA 38 -39.65 36.85 61.74
C SER OA 38 -40.09 35.84 60.68
N LYS OA 39 -41.34 35.37 60.74
CA LYS OA 39 -41.85 34.40 59.78
C LYS OA 39 -42.64 35.06 58.65
N ARG OA 40 -42.51 36.38 58.50
CA ARG OA 40 -43.18 37.07 57.41
C ARG OA 40 -42.65 36.60 56.07
N ARG OA 41 -43.53 36.54 55.08
CA ARG OA 41 -43.23 35.97 53.77
C ARG OA 41 -43.65 36.93 52.67
N HIS OA 42 -42.77 37.13 51.69
CA HIS OA 42 -43.08 37.89 50.50
C HIS OA 42 -43.23 36.96 49.32
N TRP OA 43 -44.26 37.20 48.50
CA TRP OA 43 -44.56 36.34 47.38
C TRP OA 43 -43.43 36.29 46.36
N ARG OA 44 -42.69 37.37 46.19
CA ARG OA 44 -41.58 37.40 45.24
C ARG OA 44 -40.27 36.92 45.82
N ARG OA 45 -40.01 37.18 47.11
CA ARG OA 45 -38.75 36.77 47.71
C ARG OA 45 -38.66 35.25 47.82
N THR OA 46 -39.57 34.65 48.56
CA THR OA 46 -39.58 33.21 48.75
C THR OA 46 -40.90 32.65 48.24
N LYS OA 47 -40.86 31.42 47.74
CA LYS OA 47 -42.05 30.76 47.24
C LYS OA 47 -42.52 29.71 48.24
N LEU OA 48 -43.82 29.46 48.23
CA LEU OA 48 -44.42 28.52 49.16
C LEU OA 48 -43.97 27.10 48.85
N GLY OA 49 -44.29 26.18 49.76
CA GLY OA 49 -43.88 24.80 49.60
C GLY OA 49 -44.46 24.16 48.35
N LEU OA 50 -45.71 24.47 48.03
CA LEU OA 50 -46.34 23.93 46.84
C LEU OA 50 -45.83 24.69 45.62
N ILE PA 1 55.50 56.26 -20.53
CA ILE PA 1 56.70 55.46 -20.38
C ILE PA 1 57.68 56.16 -19.44
N ILE PA 2 58.44 55.36 -18.69
CA ILE PA 2 59.38 55.86 -17.69
C ILE PA 2 60.74 55.27 -17.99
N GLU PA 3 61.77 56.11 -17.98
CA GLU PA 3 63.14 55.64 -18.15
C GLU PA 3 63.54 54.80 -16.93
N PRO PA 4 64.51 53.89 -17.08
CA PRO PA 4 64.76 52.90 -16.02
C PRO PA 4 65.15 53.47 -14.67
N SER PA 5 65.90 54.57 -14.61
CA SER PA 5 66.37 55.04 -13.30
C SER PA 5 65.23 55.65 -12.49
N LEU PA 6 64.37 56.43 -13.14
CA LEU PA 6 63.17 56.91 -12.46
C LEU PA 6 62.27 55.76 -12.05
N ARG PA 7 62.22 54.71 -12.88
CA ARG PA 7 61.47 53.51 -12.52
C ARG PA 7 62.04 52.87 -11.26
N GLN PA 8 63.37 52.83 -11.15
CA GLN PA 8 64.01 52.30 -9.94
C GLN PA 8 63.67 53.16 -8.74
N LEU PA 9 63.67 54.49 -8.92
CA LEU PA 9 63.29 55.39 -7.84
C LEU PA 9 61.88 55.11 -7.37
N ALA PA 10 60.95 54.92 -8.29
CA ALA PA 10 59.58 54.59 -7.91
C ALA PA 10 59.50 53.23 -7.23
N GLN PA 11 60.24 52.24 -7.74
CA GLN PA 11 60.21 50.89 -7.19
C GLN PA 11 60.75 50.83 -5.77
N LYS PA 12 61.73 51.68 -5.44
CA LYS PA 12 62.27 51.67 -4.09
C LYS PA 12 61.20 52.03 -3.06
N TYR PA 13 60.32 52.98 -3.39
CA TYR PA 13 59.23 53.35 -2.50
C TYR PA 13 57.95 52.57 -2.75
N ASN PA 14 57.88 51.75 -3.80
CA ASN PA 14 56.65 51.06 -4.13
C ASN PA 14 56.78 49.54 -4.19
N CYS PA 15 57.88 49.02 -4.71
CA CYS PA 15 58.00 47.58 -4.92
C CYS PA 15 59.09 46.93 -4.09
N ASP PA 16 60.14 47.67 -3.73
CA ASP PA 16 61.29 47.10 -3.04
C ASP PA 16 61.01 47.10 -1.54
N LYS PA 17 60.19 46.15 -1.11
CA LYS PA 17 59.77 46.10 0.29
C LYS PA 17 59.46 44.67 0.68
N MET PA 18 59.48 44.42 1.99
CA MET PA 18 59.18 43.13 2.56
C MET PA 18 57.75 43.10 3.10
N ILE PA 19 57.15 41.92 3.09
CA ILE PA 19 55.77 41.74 3.50
C ILE PA 19 55.73 40.71 4.62
N CYS PA 20 55.02 41.04 5.70
CA CYS PA 20 54.85 40.10 6.81
C CYS PA 20 53.78 39.06 6.45
N ARG PA 21 54.08 37.79 6.70
CA ARG PA 21 53.15 36.74 6.30
C ARG PA 21 51.94 36.64 7.21
N LYS PA 22 51.98 37.26 8.40
CA LYS PA 22 50.86 37.15 9.32
C LYS PA 22 49.96 38.37 9.31
N CYS PA 23 50.53 39.57 9.14
CA CYS PA 23 49.74 40.79 9.21
C CYS PA 23 49.87 41.66 7.96
N TYR PA 24 50.58 41.19 6.93
CA TYR PA 24 50.67 41.85 5.63
C TYR PA 24 51.25 43.27 5.70
N ALA PA 25 52.05 43.56 6.71
CA ALA PA 25 52.64 44.89 6.81
C ALA PA 25 53.71 45.09 5.75
N ARG PA 26 53.79 46.31 5.24
CA ARG PA 26 54.75 46.67 4.20
C ARG PA 26 56.02 47.18 4.89
N LEU PA 27 57.06 46.36 4.93
CA LEU PA 27 58.26 46.67 5.69
C LEU PA 27 59.43 46.95 4.77
N HIS PA 28 60.42 47.66 5.31
CA HIS PA 28 61.61 48.00 4.55
C HIS PA 28 62.37 46.73 4.18
N PRO PA 29 63.11 46.75 3.06
CA PRO PA 29 63.68 45.51 2.51
C PRO PA 29 64.67 44.82 3.43
N ARG PA 30 65.28 45.52 4.38
CA ARG PA 30 66.26 44.91 5.26
C ARG PA 30 65.66 44.49 6.59
N ALA PA 31 64.34 44.51 6.73
CA ALA PA 31 63.70 44.11 7.97
C ALA PA 31 63.89 42.62 8.22
N VAL PA 32 63.99 42.26 9.49
CA VAL PA 32 64.13 40.87 9.90
C VAL PA 32 62.90 40.47 10.69
N ASN PA 33 62.32 41.43 11.40
CA ASN PA 33 61.12 41.19 12.19
C ASN PA 33 60.13 42.31 11.92
N CYS PA 34 58.85 41.95 11.87
CA CYS PA 34 57.83 42.94 11.61
C CYS PA 34 57.70 43.90 12.78
N ARG PA 35 57.37 45.15 12.48
CA ARG PA 35 57.37 46.22 13.46
C ARG PA 35 56.04 46.38 14.18
N LYS PA 36 55.06 45.52 13.91
CA LYS PA 36 53.70 45.73 14.37
C LYS PA 36 53.31 44.71 15.43
N LYS PA 37 52.50 45.16 16.40
CA LYS PA 37 52.16 44.33 17.54
C LYS PA 37 51.28 43.15 17.17
N LYS PA 38 50.32 43.34 16.26
CA LYS PA 38 49.29 42.33 16.05
C LYS PA 38 49.83 41.04 15.46
N CYS PA 39 51.00 41.09 14.80
CA CYS PA 39 51.68 39.87 14.40
C CYS PA 39 52.69 39.40 15.43
N GLY PA 40 52.82 40.12 16.54
CA GLY PA 40 53.74 39.72 17.59
C GLY PA 40 55.20 39.93 17.26
N HIS PA 41 55.51 40.87 16.36
CA HIS PA 41 56.86 41.11 15.89
C HIS PA 41 57.48 39.83 15.32
N THR PA 42 56.69 39.09 14.55
CA THR PA 42 57.15 37.84 13.99
C THR PA 42 58.20 38.08 12.91
N ASN PA 43 58.82 36.99 12.46
CA ASN PA 43 59.88 37.04 11.47
C ASN PA 43 59.55 36.26 10.20
N ASN PA 44 58.27 35.98 9.97
CA ASN PA 44 57.84 35.29 8.75
C ASN PA 44 57.59 36.35 7.68
N LEU PA 45 58.64 36.66 6.92
CA LEU PA 45 58.57 37.69 5.90
C LEU PA 45 58.77 37.06 4.52
N ARG PA 46 58.09 37.64 3.53
CA ARG PA 46 58.30 37.28 2.14
C ARG PA 46 58.59 38.56 1.36
N PRO PA 47 59.35 38.46 0.27
CA PRO PA 47 59.52 39.62 -0.60
C PRO PA 47 58.19 39.99 -1.24
N LYS PA 48 57.99 41.29 -1.44
CA LYS PA 48 56.81 41.74 -2.16
C LYS PA 48 56.90 41.28 -3.60
N LYS PA 49 55.84 40.63 -4.08
CA LYS PA 49 55.89 39.99 -5.38
C LYS PA 49 56.00 41.02 -6.50
N LYS PA 50 56.89 40.76 -7.43
CA LYS PA 50 57.15 41.67 -8.53
C LYS PA 50 56.18 41.40 -9.67
N VAL PA 51 55.90 42.45 -10.46
CA VAL PA 51 54.95 42.33 -11.56
C VAL PA 51 55.47 41.50 -12.72
N LYS PA 52 56.72 41.06 -12.67
CA LYS PA 52 57.30 40.25 -13.74
C LYS PA 52 56.61 38.88 -13.79
N MET QA 1 -4.24 -16.73 -36.22
CA MET QA 1 -5.34 -16.96 -35.30
C MET QA 1 -6.64 -17.30 -35.99
N ARG QA 2 -7.50 -18.02 -35.27
CA ARG QA 2 -8.88 -18.20 -35.68
C ARG QA 2 -9.59 -16.87 -35.71
N ALA QA 3 -10.50 -16.70 -36.68
CA ALA QA 3 -11.22 -15.44 -36.80
C ALA QA 3 -12.08 -15.16 -35.57
N LYS QA 4 -12.67 -16.21 -34.99
CA LYS QA 4 -13.47 -16.03 -33.78
C LYS QA 4 -12.62 -15.52 -32.62
N TRP QA 5 -11.42 -16.08 -32.45
CA TRP QA 5 -10.57 -15.62 -31.35
C TRP QA 5 -10.05 -14.20 -31.61
N ARG QA 6 -9.79 -13.84 -32.86
CA ARG QA 6 -9.44 -12.46 -33.15
C ARG QA 6 -10.61 -11.54 -32.83
N LYS QA 7 -11.84 -11.98 -33.11
CA LYS QA 7 -13.01 -11.19 -32.79
C LYS QA 7 -13.13 -11.00 -31.29
N LYS QA 8 -12.88 -12.05 -30.51
CA LYS QA 8 -12.92 -11.93 -29.05
C LYS QA 8 -11.84 -10.99 -28.54
N ARG QA 9 -10.63 -11.10 -29.10
CA ARG QA 9 -9.55 -10.19 -28.71
C ARG QA 9 -9.90 -8.74 -29.04
N MET QA 10 -10.50 -8.53 -30.21
CA MET QA 10 -10.91 -7.19 -30.61
C MET QA 10 -11.99 -6.65 -29.68
N ARG QA 11 -12.93 -7.50 -29.26
CA ARG QA 11 -13.94 -7.08 -28.31
C ARG QA 11 -13.33 -6.69 -26.98
N ARG QA 12 -12.35 -7.47 -26.50
CA ARG QA 12 -11.66 -7.13 -25.27
C ARG QA 12 -10.95 -5.79 -25.39
N LEU QA 13 -10.26 -5.58 -26.52
CA LEU QA 13 -9.56 -4.32 -26.74
C LEU QA 13 -10.52 -3.15 -26.83
N LYS QA 14 -11.69 -3.36 -27.44
CA LYS QA 14 -12.69 -2.29 -27.51
C LYS QA 14 -13.24 -1.94 -26.14
N ARG QA 15 -13.48 -2.94 -25.30
CA ARG QA 15 -13.90 -2.63 -23.93
C ARG QA 15 -12.84 -1.85 -23.19
N LYS QA 16 -11.57 -2.24 -23.36
CA LYS QA 16 -10.48 -1.51 -22.72
C LYS QA 16 -10.41 -0.07 -23.21
N ARG QA 17 -10.56 0.13 -24.52
CA ARG QA 17 -10.54 1.48 -25.08
C ARG QA 17 -11.69 2.33 -24.56
N ARG QA 18 -12.89 1.74 -24.50
CA ARG QA 18 -14.04 2.49 -23.98
C ARG QA 18 -13.82 2.86 -22.52
N LYS QA 19 -13.28 1.93 -21.73
CA LYS QA 19 -12.98 2.25 -20.34
C LYS QA 19 -11.96 3.37 -20.22
N MET QA 20 -10.90 3.33 -21.04
CA MET QA 20 -9.88 4.37 -20.98
C MET QA 20 -10.44 5.73 -21.38
N ARG QA 21 -11.27 5.78 -22.42
CA ARG QA 21 -11.87 7.04 -22.82
C ARG QA 21 -12.83 7.56 -21.77
N GLN QA 22 -13.66 6.66 -21.22
CA GLN QA 22 -14.62 7.07 -20.19
C GLN QA 22 -13.91 7.56 -18.94
N ARG QA 23 -12.70 7.05 -18.69
CA ARG QA 23 -11.90 7.49 -17.56
C ARG QA 23 -11.57 8.97 -17.63
N SER QA 24 -11.46 9.53 -18.82
CA SER QA 24 -11.22 10.96 -18.98
C SER QA 24 -12.53 11.73 -19.04
N VAL RA 1 23.33 -41.19 36.25
CA VAL RA 1 24.26 -41.98 37.05
C VAL RA 1 23.90 -43.45 36.96
N ASN RA 2 24.73 -44.29 37.58
CA ASN RA 2 24.49 -45.73 37.67
C ASN RA 2 24.79 -46.21 39.08
N VAL RA 3 23.91 -47.02 39.63
CA VAL RA 3 24.12 -47.60 40.96
C VAL RA 3 23.83 -49.10 40.88
N PRO RA 4 24.52 -49.93 41.65
CA PRO RA 4 24.24 -51.36 41.64
C PRO RA 4 22.89 -51.66 42.25
N LYS RA 5 22.29 -52.76 41.78
CA LYS RA 5 21.02 -53.21 42.32
C LYS RA 5 21.12 -53.72 43.75
N THR RA 6 22.33 -53.92 44.25
CA THR RA 6 22.52 -54.34 45.63
C THR RA 6 23.80 -53.73 46.18
N ARG RA 7 23.83 -53.51 47.48
CA ARG RA 7 25.04 -53.05 48.16
C ARG RA 7 25.03 -53.57 49.58
N ARG RA 8 26.21 -53.58 50.18
CA ARG RA 8 26.39 -53.95 51.57
C ARG RA 8 26.60 -52.68 52.36
N THR RA 9 25.64 -52.34 53.21
CA THR RA 9 25.70 -51.15 54.03
C THR RA 9 25.20 -51.48 55.43
N PHE RA 10 25.32 -50.51 56.32
CA PHE RA 10 24.87 -50.69 57.69
C PHE RA 10 23.36 -50.87 57.74
N CYS RA 11 22.92 -51.80 58.58
CA CYS RA 11 21.50 -52.01 58.86
C CYS RA 11 21.24 -51.67 60.32
N LYS RA 12 20.28 -50.77 60.55
CA LYS RA 12 20.07 -50.27 61.90
C LYS RA 12 19.44 -51.33 62.81
N LYS RA 13 18.52 -52.12 62.27
CA LYS RA 13 17.90 -53.17 63.07
C LYS RA 13 18.90 -54.28 63.39
N CYS RA 14 19.70 -54.68 62.40
CA CYS RA 14 20.78 -55.63 62.68
C CYS RA 14 21.87 -55.01 63.52
N GLY RA 15 22.13 -53.72 63.35
CA GLY RA 15 23.23 -53.09 64.04
C GLY RA 15 24.59 -53.38 63.44
N LYS RA 16 24.64 -53.77 62.17
CA LYS RA 16 25.89 -54.14 61.52
C LYS RA 16 25.72 -53.97 60.02
N HIS RA 17 26.84 -54.04 59.31
CA HIS RA 17 26.81 -53.97 57.85
C HIS RA 17 26.20 -55.25 57.30
N GLN RA 18 25.21 -55.10 56.44
CA GLN RA 18 24.50 -56.24 55.88
C GLN RA 18 24.24 -56.01 54.40
N PRO RA 19 24.12 -57.07 53.61
CA PRO RA 19 23.71 -56.90 52.22
C PRO RA 19 22.30 -56.34 52.14
N HIS RA 20 22.06 -55.53 51.11
CA HIS RA 20 20.78 -54.86 50.96
C HIS RA 20 20.38 -54.86 49.49
N LYS RA 21 19.07 -54.84 49.25
CA LYS RA 21 18.55 -54.71 47.89
C LYS RA 21 18.20 -53.25 47.63
N VAL RA 22 18.56 -52.75 46.46
CA VAL RA 22 18.40 -51.35 46.11
C VAL RA 22 17.25 -51.23 45.11
N THR RA 23 16.25 -50.43 45.46
CA THR RA 23 15.14 -50.12 44.57
C THR RA 23 14.87 -48.63 44.64
N GLN RA 24 14.35 -48.08 43.55
CA GLN RA 24 14.03 -46.67 43.45
C GLN RA 24 12.68 -46.41 44.12
N TYR RA 25 12.68 -45.49 45.08
CA TYR RA 25 11.47 -45.20 45.83
C TYR RA 25 10.53 -44.32 45.01
N LYS RA 26 9.24 -44.65 45.05
CA LYS RA 26 8.21 -43.88 44.37
C LYS RA 26 7.22 -43.34 45.38
N LYS RA 27 6.76 -42.11 45.16
CA LYS RA 27 5.83 -41.48 46.09
C LYS RA 27 4.51 -42.24 46.12
N GLY RA 28 4.05 -42.54 47.33
CA GLY RA 28 2.81 -43.27 47.50
C GLY RA 28 1.61 -42.42 47.17
N LYS RA 29 0.50 -43.10 46.90
CA LYS RA 29 -0.76 -42.44 46.59
C LYS RA 29 -1.36 -41.87 47.89
N ASP RA 30 -1.99 -40.72 47.77
CA ASP RA 30 -2.53 -40.04 48.95
C ASP RA 30 -3.65 -40.86 49.57
N SER RA 31 -3.84 -40.68 50.88
CA SER RA 31 -4.76 -41.54 51.62
C SER RA 31 -6.22 -41.22 51.31
N LEU RA 32 -6.53 -39.97 50.97
CA LEU RA 32 -7.88 -39.45 50.83
C LEU RA 32 -8.58 -39.43 52.18
N TYR RA 33 -7.84 -39.79 53.24
CA TYR RA 33 -8.31 -39.71 54.61
C TYR RA 33 -7.23 -39.19 55.55
N ALA RA 34 -6.15 -38.63 55.01
CA ALA RA 34 -5.22 -37.89 55.83
C ALA RA 34 -5.89 -36.61 56.33
N GLN RA 35 -5.42 -36.12 57.48
CA GLN RA 35 -6.06 -34.97 58.11
C GLN RA 35 -5.97 -33.74 57.23
N GLY RA 36 -4.84 -33.53 56.57
CA GLY RA 36 -4.72 -32.42 55.65
C GLY RA 36 -5.63 -32.54 54.46
N LYS RA 37 -5.73 -33.73 53.88
CA LYS RA 37 -6.65 -33.94 52.76
C LYS RA 37 -8.10 -33.74 53.19
N ARG RA 38 -8.46 -34.23 54.36
CA ARG RA 38 -9.81 -34.04 54.87
C ARG RA 38 -10.11 -32.56 55.08
N ARG RA 39 -9.17 -31.83 55.65
CA ARG RA 39 -9.36 -30.40 55.89
C ARG RA 39 -9.48 -29.65 54.57
N TYR RA 40 -8.65 -30.02 53.58
CA TYR RA 40 -8.72 -29.41 52.26
C TYR RA 40 -10.08 -29.67 51.62
N ASP RA 41 -10.58 -30.91 51.73
CA ASP RA 41 -11.87 -31.24 51.14
C ASP RA 41 -13.01 -30.50 51.82
N ARG RA 42 -12.94 -30.36 53.15
CA ARG RA 42 -13.95 -29.58 53.86
C ARG RA 42 -13.90 -28.11 53.43
N LYS RA 43 -12.69 -27.57 53.29
CA LYS RA 43 -12.54 -26.16 52.95
C LYS RA 43 -13.03 -25.87 51.53
N GLN RA 44 -12.70 -26.75 50.57
CA GLN RA 44 -13.00 -26.48 49.18
C GLN RA 44 -14.49 -26.66 48.85
N SER RA 45 -15.21 -27.49 49.60
CA SER RA 45 -16.62 -27.67 49.34
C SER RA 45 -17.38 -26.39 49.67
N GLY RA 46 -18.44 -26.14 48.91
CA GLY RA 46 -19.22 -24.92 49.09
C GLY RA 46 -18.85 -23.87 48.07
N TYR RA 47 -19.17 -22.61 48.37
CA TYR RA 47 -18.82 -21.49 47.51
C TYR RA 47 -17.56 -20.81 48.01
N GLY RA 48 -16.88 -20.12 47.10
CA GLY RA 48 -15.61 -19.49 47.40
C GLY RA 48 -14.52 -19.91 46.45
N GLY RA 49 -14.77 -20.97 45.68
CA GLY RA 49 -13.79 -21.44 44.73
C GLY RA 49 -12.57 -22.04 45.42
N GLN RA 50 -11.43 -21.91 44.75
CA GLN RA 50 -10.18 -22.44 45.29
C GLN RA 50 -9.76 -21.63 46.52
N THR RA 51 -9.32 -22.34 47.55
CA THR RA 51 -8.95 -21.71 48.81
C THR RA 51 -7.47 -21.87 49.15
N LYS RA 52 -6.72 -22.64 48.38
CA LYS RA 52 -5.31 -22.88 48.66
C LYS RA 52 -4.49 -22.52 47.43
N PRO RA 53 -3.23 -22.10 47.62
CA PRO RA 53 -2.40 -21.73 46.47
C PRO RA 53 -2.13 -22.92 45.58
N ILE RA 54 -2.07 -22.63 44.27
CA ILE RA 54 -1.70 -23.61 43.26
C ILE RA 54 -0.37 -23.17 42.67
N PHE RA 55 0.65 -24.02 42.81
CA PHE RA 55 2.04 -23.63 42.66
C PHE RA 55 2.33 -23.04 41.29
N ARG RA 56 2.20 -23.85 40.23
CA ARG RA 56 2.26 -23.44 38.82
C ARG RA 56 3.44 -22.53 38.50
N LYS RA 57 4.53 -22.64 39.26
CA LYS RA 57 5.73 -21.86 39.00
C LYS RA 57 6.96 -22.74 39.15
N LYS RA 58 6.88 -23.94 38.57
CA LYS RA 58 7.96 -24.91 38.68
C LYS RA 58 9.25 -24.36 38.08
N ALA RA 59 10.35 -24.51 38.82
CA ALA RA 59 11.65 -24.06 38.38
C ALA RA 59 12.69 -25.17 38.28
N LYS RA 60 12.66 -26.13 39.19
CA LYS RA 60 13.61 -27.24 39.12
C LYS RA 60 13.26 -28.15 37.96
N THR RA 61 14.28 -28.88 37.48
CA THR RA 61 14.09 -29.87 36.44
C THR RA 61 14.37 -31.28 36.89
N THR RA 62 15.06 -31.47 38.01
CA THR RA 62 15.45 -32.79 38.49
C THR RA 62 14.91 -33.00 39.90
N LYS RA 63 14.89 -34.25 40.32
CA LYS RA 63 14.51 -34.63 41.66
C LYS RA 63 15.67 -35.35 42.32
N LYS RA 64 15.79 -35.20 43.63
CA LYS RA 64 16.76 -35.99 44.38
C LYS RA 64 16.33 -37.45 44.39
N ILE RA 65 17.19 -38.34 43.91
CA ILE RA 65 16.85 -39.75 43.79
C ILE RA 65 16.95 -40.40 45.16
N VAL RA 66 15.89 -41.09 45.57
CA VAL RA 66 15.81 -41.76 46.86
C VAL RA 66 15.88 -43.26 46.62
N LEU RA 67 16.76 -43.93 47.35
CA LEU RA 67 16.98 -45.36 47.19
C LEU RA 67 16.33 -46.11 48.35
N ARG RA 68 15.48 -47.08 48.00
CA ARG RA 68 14.77 -47.88 48.98
C ARG RA 68 15.59 -49.13 49.26
N LEU RA 69 16.41 -49.07 50.31
CA LEU RA 69 17.18 -50.24 50.71
C LEU RA 69 16.31 -51.19 51.50
N GLU RA 70 16.68 -52.47 51.48
CA GLU RA 70 15.95 -53.51 52.18
C GLU RA 70 16.95 -54.56 52.64
N CYS RA 71 17.00 -54.81 53.94
CA CYS RA 71 17.91 -55.80 54.48
C CYS RA 71 17.53 -57.19 53.99
N VAL RA 72 18.53 -57.96 53.55
CA VAL RA 72 18.28 -59.29 52.99
C VAL RA 72 18.10 -60.36 54.05
N GLU RA 73 18.25 -60.03 55.32
CA GLU RA 73 18.01 -61.00 56.37
C GLU RA 73 16.54 -61.40 56.40
N PRO RA 74 16.22 -62.69 56.35
CA PRO RA 74 14.80 -63.09 56.35
C PRO RA 74 14.04 -62.61 57.58
N ASN RA 75 14.67 -62.65 58.75
CA ASN RA 75 14.02 -62.17 59.97
C ASN RA 75 14.13 -60.67 60.15
N CYS RA 76 14.98 -60.00 59.38
CA CYS RA 76 15.14 -58.55 59.43
C CYS RA 76 14.92 -58.00 58.03
N ARG RA 77 13.66 -57.70 57.69
CA ARG RA 77 13.34 -57.08 56.42
C ARG RA 77 13.19 -55.57 56.54
N SER RA 78 13.98 -54.95 57.41
CA SER RA 78 13.86 -53.51 57.65
C SER RA 78 14.28 -52.73 56.42
N LYS RA 79 13.84 -51.48 56.37
CA LYS RA 79 14.05 -50.62 55.21
C LYS RA 79 14.56 -49.26 55.64
N ARG RA 80 15.27 -48.60 54.72
CA ARG RA 80 15.79 -47.26 54.95
C ARG RA 80 15.80 -46.53 53.62
N MET RA 81 15.75 -45.20 53.69
CA MET RA 81 15.76 -44.34 52.51
C MET RA 81 17.05 -43.54 52.49
N LEU RA 82 17.86 -43.74 51.46
CA LEU RA 82 19.02 -42.91 51.20
C LEU RA 82 18.74 -41.98 50.03
N ALA RA 83 19.05 -40.71 50.23
CA ALA RA 83 18.94 -39.72 49.17
C ALA RA 83 20.34 -39.41 48.64
N ILE RA 84 20.43 -39.23 47.33
CA ILE RA 84 21.70 -38.89 46.70
C ILE RA 84 21.56 -37.52 46.05
N LYS RA 85 22.63 -37.04 45.43
CA LYS RA 85 22.59 -35.76 44.77
C LYS RA 85 21.70 -35.83 43.53
N ARG RA 86 21.26 -34.66 43.06
CA ARG RA 86 20.33 -34.58 41.95
C ARG RA 86 20.97 -35.13 40.67
N CYS RA 87 20.13 -35.70 39.81
CA CYS RA 87 20.59 -36.17 38.51
C CYS RA 87 19.44 -36.10 37.52
N LYS RA 88 19.78 -36.05 36.24
CA LYS RA 88 18.77 -36.04 35.18
C LYS RA 88 18.40 -37.44 34.73
N HIS RA 89 19.40 -38.30 34.53
CA HIS RA 89 19.18 -39.67 34.07
C HIS RA 89 19.68 -40.62 35.14
N PHE RA 90 18.84 -41.58 35.51
CA PHE RA 90 19.14 -42.51 36.59
C PHE RA 90 18.78 -43.92 36.14
N GLU RA 91 19.53 -44.90 36.61
CA GLU RA 91 19.29 -46.29 36.27
C GLU RA 91 19.77 -47.19 37.42
N LEU RA 92 19.23 -48.40 37.46
CA LEU RA 92 19.57 -49.39 38.48
C LEU RA 92 20.33 -50.53 37.84
N GLY RA 93 21.55 -50.77 38.31
CA GLY RA 93 22.32 -51.94 37.89
C GLY RA 93 22.60 -52.00 36.41
N GLY RA 94 22.97 -50.88 35.80
CA GLY RA 94 23.26 -50.85 34.38
C GLY RA 94 24.57 -51.52 34.05
N ASP RA 95 24.84 -51.59 32.75
CA ASP RA 95 26.08 -52.19 32.27
C ASP RA 95 27.27 -51.37 32.75
N LYS RA 96 28.16 -52.01 33.50
CA LYS RA 96 29.29 -51.31 34.09
C LYS RA 96 30.28 -50.87 33.02
N LYS RA 97 30.83 -49.68 33.19
CA LYS RA 97 31.74 -49.13 32.22
C LYS RA 97 33.07 -49.87 32.24
N ARG RA 98 33.75 -49.85 31.11
CA ARG RA 98 35.09 -50.39 30.97
C ARG RA 98 36.02 -49.31 30.45
N LYS RA 99 37.32 -49.49 30.70
CA LYS RA 99 38.29 -48.42 30.51
C LYS RA 99 38.99 -48.50 29.15
N GLY RA 100 39.62 -49.63 28.86
CA GLY RA 100 40.33 -49.78 27.60
C GLY RA 100 39.53 -50.45 26.49
N GLN RA 101 38.45 -49.81 26.06
CA GLN RA 101 37.60 -50.37 25.02
C GLN RA 101 37.45 -49.39 23.87
N VAL RA 102 36.78 -49.85 22.82
CA VAL RA 102 36.62 -49.07 21.59
C VAL RA 102 35.22 -48.46 21.56
N ILE RA 103 35.15 -47.16 21.30
CA ILE RA 103 33.86 -46.53 21.06
C ILE RA 103 33.35 -46.94 19.69
N GLN RA 104 32.07 -47.28 19.61
CA GLN RA 104 31.50 -47.72 18.33
C GLN RA 104 31.50 -46.56 17.34
N PHE RA 105 31.94 -46.84 16.12
CA PHE RA 105 32.16 -45.82 15.11
C PHE RA 105 30.85 -45.17 14.66
N ALA SA 1 -48.63 17.20 -25.57
CA ALA SA 1 -47.25 16.92 -25.96
C ALA SA 1 -46.60 15.96 -24.96
N LYS SA 2 -45.61 15.22 -25.43
CA LYS SA 2 -44.89 14.29 -24.57
C LYS SA 2 -43.95 15.05 -23.64
N ARG SA 3 -44.10 14.82 -22.34
CA ARG SA 3 -43.30 15.50 -21.33
C ARG SA 3 -42.08 14.71 -20.90
N THR SA 4 -42.21 13.39 -20.78
CA THR SA 4 -41.12 12.54 -20.32
C THR SA 4 -40.84 11.48 -21.38
N LYS SA 5 -39.56 11.16 -21.55
CA LYS SA 5 -39.18 10.19 -22.57
C LYS SA 5 -39.38 8.76 -22.08
N LYS SA 6 -38.82 8.42 -20.92
CA LYS SA 6 -38.87 7.05 -20.44
C LYS SA 6 -39.25 6.90 -18.97
N VAL SA 7 -39.12 7.93 -18.14
CA VAL SA 7 -39.38 7.76 -16.72
C VAL SA 7 -40.87 7.56 -16.44
N GLY SA 8 -41.71 8.30 -17.14
CA GLY SA 8 -43.15 8.13 -16.96
C GLY SA 8 -43.60 8.60 -15.58
N ILE SA 9 -44.23 7.70 -14.83
CA ILE SA 9 -44.90 8.08 -13.60
C ILE SA 9 -43.92 8.33 -12.46
N VAL SA 10 -42.71 7.80 -12.54
CA VAL SA 10 -41.76 7.94 -11.45
C VAL SA 10 -41.00 9.26 -11.53
N GLY SA 11 -41.42 10.16 -12.42
CA GLY SA 11 -40.82 11.48 -12.49
C GLY SA 11 -40.99 12.29 -11.23
N LYS SA 12 -41.96 11.93 -10.39
CA LYS SA 12 -42.11 12.60 -9.11
C LYS SA 12 -40.95 12.34 -8.18
N TYR SA 13 -40.23 11.23 -8.36
CA TYR SA 13 -39.08 10.93 -7.52
C TYR SA 13 -37.82 11.68 -7.93
N GLY SA 14 -37.83 12.35 -9.08
CA GLY SA 14 -36.69 13.14 -9.48
C GLY SA 14 -35.48 12.27 -9.78
N THR SA 15 -34.30 12.80 -9.46
CA THR SA 15 -33.04 12.13 -9.73
C THR SA 15 -32.65 11.14 -8.65
N ARG SA 16 -33.51 10.92 -7.66
CA ARG SA 16 -33.14 10.12 -6.49
C ARG SA 16 -33.43 8.64 -6.71
N TYR SA 17 -32.87 7.83 -5.81
CA TYR SA 17 -33.15 6.42 -5.58
C TYR SA 17 -32.58 5.49 -6.65
N GLY SA 18 -31.98 6.01 -7.72
CA GLY SA 18 -31.37 5.14 -8.71
C GLY SA 18 -32.29 4.74 -9.84
N ALA SA 19 -31.71 4.50 -11.02
CA ALA SA 19 -32.53 4.22 -12.20
C ALA SA 19 -33.20 2.86 -12.11
N SER SA 20 -32.47 1.84 -11.67
CA SER SA 20 -33.03 0.50 -11.64
C SER SA 20 -34.18 0.40 -10.65
N LEU SA 21 -34.06 1.05 -9.49
CA LEU SA 21 -35.13 1.02 -8.51
C LEU SA 21 -36.38 1.71 -9.04
N ARG SA 22 -36.21 2.85 -9.69
CA ARG SA 22 -37.35 3.55 -10.30
C ARG SA 22 -37.98 2.71 -11.40
N LYS SA 23 -37.16 2.07 -12.23
CA LYS SA 23 -37.70 1.21 -13.28
C LYS SA 23 -38.47 0.03 -12.70
N MET SA 24 -37.95 -0.56 -11.62
CA MET SA 24 -38.63 -1.69 -10.99
C MET SA 24 -39.94 -1.26 -10.36
N VAL SA 25 -39.98 -0.07 -9.74
CA VAL SA 25 -41.20 0.38 -9.08
C VAL SA 25 -42.20 1.00 -10.04
N LYS SA 26 -41.77 1.34 -11.26
CA LYS SA 26 -42.66 2.00 -12.21
C LYS SA 26 -43.85 1.13 -12.58
N LYS SA 27 -43.59 -0.14 -12.91
CA LYS SA 27 -44.69 -1.03 -13.30
C LYS SA 27 -45.64 -1.28 -12.14
N ILE SA 28 -45.11 -1.43 -10.92
CA ILE SA 28 -45.96 -1.67 -9.75
C ILE SA 28 -46.82 -0.45 -9.47
N GLU SA 29 -46.24 0.75 -9.59
CA GLU SA 29 -47.01 1.96 -9.36
C GLU SA 29 -48.06 2.18 -10.44
N ILE SA 30 -47.74 1.85 -11.69
CA ILE SA 30 -48.72 1.98 -12.77
C ILE SA 30 -49.88 1.03 -12.53
N SER SA 31 -49.59 -0.21 -12.18
CA SER SA 31 -50.65 -1.17 -11.89
C SER SA 31 -51.44 -0.79 -10.65
N GLN SA 32 -50.79 -0.14 -9.67
CA GLN SA 32 -51.45 0.24 -8.44
C GLN SA 32 -52.53 1.28 -8.67
N HIS SA 33 -52.19 2.37 -9.36
CA HIS SA 33 -53.09 3.49 -9.52
C HIS SA 33 -54.00 3.34 -10.73
N ALA SA 34 -53.84 2.27 -11.50
CA ALA SA 34 -54.70 2.04 -12.65
C ALA SA 34 -56.12 1.74 -12.19
N LYS SA 35 -57.07 1.99 -13.07
CA LYS SA 35 -58.48 1.73 -12.81
C LYS SA 35 -58.90 0.47 -13.55
N TYR SA 36 -59.23 -0.57 -12.80
CA TYR SA 36 -59.61 -1.86 -13.36
C TYR SA 36 -61.10 -1.95 -13.56
N THR SA 37 -61.50 -2.81 -14.49
CA THR SA 37 -62.90 -3.03 -14.79
C THR SA 37 -63.52 -3.90 -13.72
N CYS SA 38 -64.62 -3.43 -13.12
CA CYS SA 38 -65.31 -4.22 -12.11
C CYS SA 38 -65.94 -5.45 -12.76
N SER SA 39 -65.77 -6.60 -12.12
CA SER SA 39 -66.32 -7.84 -12.62
C SER SA 39 -67.77 -8.07 -12.21
N PHE SA 40 -68.35 -7.15 -11.44
CA PHE SA 40 -69.72 -7.28 -10.97
C PHE SA 40 -70.67 -6.32 -11.65
N CYS SA 41 -70.33 -5.03 -11.67
CA CYS SA 41 -71.15 -4.04 -12.36
C CYS SA 41 -70.70 -3.80 -13.80
N GLY SA 42 -69.54 -4.34 -14.19
CA GLY SA 42 -69.06 -4.18 -15.54
C GLY SA 42 -68.39 -2.87 -15.85
N LYS SA 43 -68.41 -1.92 -14.92
CA LYS SA 43 -67.81 -0.62 -15.15
C LYS SA 43 -66.32 -0.67 -14.84
N THR SA 44 -65.58 0.27 -15.41
CA THR SA 44 -64.15 0.38 -15.15
C THR SA 44 -63.91 1.42 -14.05
N LYS SA 45 -64.26 1.02 -12.83
CA LYS SA 45 -64.16 1.89 -11.67
C LYS SA 45 -63.58 1.18 -10.45
N MET SA 46 -63.09 -0.05 -10.60
CA MET SA 46 -62.49 -0.78 -9.50
C MET SA 46 -61.07 -0.28 -9.30
N LYS SA 47 -60.83 0.46 -8.23
CA LYS SA 47 -59.52 0.99 -7.93
C LYS SA 47 -59.15 0.65 -6.50
N ARG SA 48 -57.85 0.65 -6.23
CA ARG SA 48 -57.36 0.18 -4.94
C ARG SA 48 -57.63 1.20 -3.85
N ARG SA 49 -58.15 0.72 -2.73
CA ARG SA 49 -58.36 1.55 -1.55
C ARG SA 49 -57.14 1.54 -0.65
N ALA SA 50 -56.74 0.36 -0.19
CA ALA SA 50 -55.50 0.17 0.57
C ALA SA 50 -54.80 -1.05 -0.02
N VAL SA 51 -53.74 -1.49 0.63
CA VAL SA 51 -52.99 -2.64 0.13
C VAL SA 51 -53.87 -3.89 0.22
N GLY SA 52 -53.96 -4.62 -0.89
CA GLY SA 52 -54.74 -5.83 -0.93
C GLY SA 52 -56.24 -5.66 -0.93
N ILE SA 53 -56.74 -4.42 -0.92
CA ILE SA 53 -58.16 -4.14 -0.89
C ILE SA 53 -58.52 -3.32 -2.12
N TRP SA 54 -59.51 -3.79 -2.87
CA TRP SA 54 -59.94 -3.15 -4.10
C TRP SA 54 -61.44 -2.86 -4.00
N HIS SA 55 -61.82 -1.63 -4.34
CA HIS SA 55 -63.20 -1.18 -4.18
C HIS SA 55 -63.67 -0.52 -5.47
N CYS SA 56 -64.93 -0.77 -5.83
CA CYS SA 56 -65.53 -0.19 -7.03
C CYS SA 56 -66.46 0.94 -6.61
N GLY SA 57 -66.36 2.07 -7.30
CA GLY SA 57 -67.09 3.26 -6.89
C GLY SA 57 -68.60 3.12 -7.07
N SER SA 58 -69.03 2.52 -8.18
CA SER SA 58 -70.44 2.53 -8.52
C SER SA 58 -71.23 1.54 -7.68
N CYS SA 59 -70.94 0.25 -7.80
CA CYS SA 59 -71.71 -0.76 -7.10
C CYS SA 59 -71.31 -0.88 -5.63
N MET SA 60 -70.25 -0.18 -5.21
CA MET SA 60 -69.75 -0.22 -3.83
C MET SA 60 -69.36 -1.63 -3.41
N LYS SA 61 -68.98 -2.46 -4.38
CA LYS SA 61 -68.50 -3.81 -4.10
C LYS SA 61 -67.01 -3.76 -3.84
N THR SA 62 -66.58 -4.35 -2.73
CA THR SA 62 -65.18 -4.34 -2.33
C THR SA 62 -64.62 -5.74 -2.40
N VAL SA 63 -63.48 -5.89 -3.07
CA VAL SA 63 -62.85 -7.17 -3.32
C VAL SA 63 -61.44 -7.14 -2.75
N ALA SA 64 -61.03 -8.23 -2.10
CA ALA SA 64 -59.66 -8.38 -1.63
C ALA SA 64 -58.82 -8.94 -2.77
N GLY SA 65 -57.80 -8.19 -3.18
CA GLY SA 65 -56.97 -8.62 -4.29
C GLY SA 65 -55.49 -8.52 -4.00
N GLY SA 66 -54.68 -8.43 -5.06
CA GLY SA 66 -53.24 -8.31 -4.88
C GLY SA 66 -52.84 -6.94 -4.35
N ALA SA 67 -51.57 -6.85 -3.95
CA ALA SA 67 -51.05 -5.61 -3.40
C ALA SA 67 -51.04 -4.50 -4.44
N TRP SA 68 -50.69 -4.83 -5.67
CA TRP SA 68 -50.51 -3.83 -6.71
C TRP SA 68 -51.40 -4.04 -7.93
N THR SA 69 -51.72 -5.28 -8.28
CA THR SA 69 -52.67 -5.57 -9.34
C THR SA 69 -53.97 -6.03 -8.72
N TYR SA 70 -55.04 -5.96 -9.52
CA TYR SA 70 -56.37 -6.30 -9.00
C TYR SA 70 -56.43 -7.77 -8.58
N ASN SA 71 -55.81 -8.64 -9.35
CA ASN SA 71 -55.66 -10.03 -8.98
C ASN SA 71 -54.26 -10.50 -9.36
N THR SA 72 -53.71 -11.40 -8.55
CA THR SA 72 -52.41 -11.97 -8.86
C THR SA 72 -52.58 -13.21 -9.71
N THR SA 73 -51.58 -13.46 -10.57
CA THR SA 73 -51.60 -14.66 -11.40
C THR SA 73 -51.63 -15.92 -10.54
N SER SA 74 -50.94 -15.87 -9.39
CA SER SA 74 -51.00 -16.99 -8.45
C SER SA 74 -52.43 -17.23 -7.99
N ALA SA 75 -53.17 -16.16 -7.69
CA ALA SA 75 -54.55 -16.31 -7.26
C ALA SA 75 -55.42 -16.92 -8.35
N VAL SA 76 -55.22 -16.51 -9.60
CA VAL SA 76 -56.00 -17.06 -10.71
C VAL SA 76 -55.71 -18.55 -10.87
N THR SA 77 -54.43 -18.93 -10.84
CA THR SA 77 -54.08 -20.34 -10.95
C THR SA 77 -54.64 -21.14 -9.78
N VAL SA 78 -54.61 -20.58 -8.58
CA VAL SA 78 -55.17 -21.26 -7.41
C VAL SA 78 -56.67 -21.45 -7.55
N LYS SA 79 -57.37 -20.42 -8.03
CA LYS SA 79 -58.82 -20.55 -8.19
C LYS SA 79 -59.16 -21.62 -9.23
N SER SA 80 -58.42 -21.63 -10.35
CA SER SA 80 -58.67 -22.66 -11.35
C SER SA 80 -58.36 -24.05 -10.81
N ALA SA 81 -57.28 -24.18 -10.05
CA ALA SA 81 -56.92 -25.48 -9.48
C ALA SA 81 -57.95 -25.96 -8.47
N ILE SA 82 -58.44 -25.05 -7.63
CA ILE SA 82 -59.48 -25.40 -6.66
C ILE SA 82 -60.76 -25.80 -7.37
N ARG SA 83 -61.10 -25.12 -8.46
CA ARG SA 83 -62.26 -25.52 -9.24
C ARG SA 83 -62.08 -26.91 -9.84
N ARG SA 84 -60.87 -27.21 -10.34
CA ARG SA 84 -60.61 -28.54 -10.87
C ARG SA 84 -60.72 -29.60 -9.78
N LEU SA 85 -60.15 -29.34 -8.61
CA LEU SA 85 -60.20 -30.34 -7.54
C LEU SA 85 -61.61 -30.49 -6.99
N LYS SA 86 -62.41 -29.43 -7.01
CA LYS SA 86 -63.81 -29.54 -6.63
C LYS SA 86 -64.56 -30.41 -7.63
N GLU SA 87 -64.44 -30.13 -8.92
CA GLU SA 87 -65.18 -30.88 -9.92
C GLU SA 87 -64.67 -32.30 -10.07
N LEU SA 88 -63.46 -32.60 -9.57
CA LEU SA 88 -63.01 -33.98 -9.54
C LEU SA 88 -63.41 -34.67 -8.24
N LYS SA 89 -63.57 -33.90 -7.15
CA LYS SA 89 -64.02 -34.47 -5.90
C LYS SA 89 -65.43 -35.03 -6.01
N ASP SA 90 -66.32 -34.28 -6.66
CA ASP SA 90 -67.67 -34.76 -6.93
C ASP SA 90 -67.76 -35.28 -8.36
N GLN SA 91 -68.81 -36.03 -8.63
CA GLN SA 91 -69.01 -36.61 -9.96
C GLN SA 91 -70.49 -36.68 -10.30
N SER TA 1 8.05 12.35 118.45
CA SER TA 1 9.30 13.08 118.62
C SER TA 1 9.28 14.39 117.84
N ALA TA 2 10.22 15.27 118.15
CA ALA TA 2 10.28 16.56 117.46
C ALA TA 2 10.65 16.39 116.00
N HIS TA 3 11.65 15.55 115.71
CA HIS TA 3 12.10 15.39 114.33
C HIS TA 3 11.04 14.76 113.46
N LEU TA 4 10.31 13.79 114.00
CA LEU TA 4 9.24 13.15 113.24
C LEU TA 4 8.15 14.15 112.86
N GLN TA 5 7.72 14.96 113.83
CA GLN TA 5 6.72 15.99 113.55
C GLN TA 5 7.25 17.02 112.56
N TRP TA 6 8.54 17.37 112.68
CA TRP TA 6 9.14 18.28 111.70
C TRP TA 6 9.07 17.71 110.29
N MET TA 7 9.46 16.45 110.12
CA MET TA 7 9.38 15.83 108.81
C MET TA 7 7.94 15.73 108.31
N VAL TA 8 6.98 15.61 109.22
CA VAL TA 8 5.57 15.64 108.81
C VAL TA 8 5.16 17.01 108.29
N VAL TA 9 5.52 18.08 109.00
CA VAL TA 9 4.99 19.41 108.70
C VAL TA 9 6.03 20.32 108.06
N ARG TA 10 7.11 19.74 107.50
CA ARG TA 10 8.15 20.58 106.90
C ARG TA 10 7.68 21.28 105.64
N ASN TA 11 6.59 20.84 105.02
CA ASN TA 11 6.12 21.44 103.78
C ASN TA 11 4.61 21.64 103.71
N CYS TA 12 3.83 21.03 104.59
CA CYS TA 12 2.37 21.09 104.52
C CYS TA 12 1.84 21.46 105.90
N SER TA 13 1.54 22.74 106.10
CA SER TA 13 0.99 23.21 107.36
C SER TA 13 0.17 24.47 107.11
N SER TA 14 -0.76 24.74 108.01
CA SER TA 14 -1.57 25.95 107.90
C SER TA 14 -0.78 27.22 108.18
N PHE TA 15 0.20 27.18 109.08
CA PHE TA 15 1.01 28.35 109.38
C PHE TA 15 2.03 28.65 108.30
N LEU TA 16 2.26 27.74 107.36
CA LEU TA 16 3.28 27.90 106.35
C LEU TA 16 2.83 28.90 105.30
N ILE TA 17 3.71 29.84 104.97
CA ILE TA 17 3.50 30.79 103.88
C ILE TA 17 4.67 30.68 102.92
N LYS TA 18 4.37 30.44 101.64
CA LYS TA 18 5.37 30.39 100.59
C LYS TA 18 5.01 31.44 99.54
N ARG TA 19 5.83 32.47 99.43
CA ARG TA 19 5.57 33.53 98.45
C ARG TA 19 6.87 34.24 98.11
N ASN TA 20 6.99 34.65 96.85
CA ASN TA 20 8.05 35.52 96.39
C ASN TA 20 9.44 34.95 96.68
N LYS TA 21 9.62 33.67 96.34
CA LYS TA 21 10.85 32.92 96.59
C LYS TA 21 11.21 32.87 98.08
N GLN TA 22 10.26 33.13 98.95
CA GLN TA 22 10.49 33.16 100.38
C GLN TA 22 9.50 32.23 101.09
N THR TA 23 9.88 31.80 102.29
CA THR TA 23 9.02 30.97 103.11
C THR TA 23 8.89 31.58 104.50
N TYR TA 24 7.73 31.37 105.11
CA TYR TA 24 7.45 31.92 106.44
C TYR TA 24 6.49 30.99 107.18
N SER TA 25 6.59 31.02 108.50
CA SER TA 25 5.74 30.24 109.38
C SER TA 25 5.08 31.18 110.37
N THR TA 26 3.80 30.95 110.64
CA THR TA 26 3.02 31.85 111.49
C THR TA 26 2.48 31.15 112.74
N GLU TA 27 3.14 30.10 113.21
CA GLU TA 27 2.73 29.51 114.48
C GLU TA 27 3.02 30.48 115.62
N PRO TA 28 2.25 30.41 116.70
CA PRO TA 28 2.33 31.48 117.72
C PRO TA 28 3.70 31.65 118.36
N ASN TA 29 4.48 30.58 118.48
CA ASN TA 29 5.74 30.63 119.21
C ASN TA 29 6.95 30.48 118.29
N ASN TA 30 6.90 31.08 117.11
CA ASN TA 30 8.01 31.06 116.17
C ASN TA 30 8.77 32.38 116.30
N LEU TA 31 9.99 32.32 116.84
CA LEU TA 31 10.87 33.46 116.79
C LEU TA 31 11.51 33.55 115.41
N LYS TA 32 11.60 34.78 114.90
CA LYS TA 32 12.04 35.11 113.54
C LYS TA 32 10.99 34.74 112.50
N ALA TA 33 9.94 34.04 112.94
CA ALA TA 33 8.75 33.73 112.12
C ALA TA 33 9.13 33.01 110.82
N ARG TA 34 10.24 32.28 110.83
CA ARG TA 34 10.67 31.54 109.66
C ARG TA 34 10.37 30.07 109.83
N ASN TA 35 10.21 29.38 108.71
CA ASN TA 35 9.92 27.94 108.70
C ASN TA 35 11.23 27.20 108.81
N SER TA 36 11.64 26.88 110.04
CA SER TA 36 12.86 26.13 110.26
C SER TA 36 12.67 25.20 111.44
N PHE TA 37 13.44 24.12 111.45
CA PHE TA 37 13.36 23.16 112.55
C PHE TA 37 13.76 23.79 113.87
N ARG TA 38 14.82 24.62 113.85
CA ARG TA 38 15.29 25.24 115.08
C ARG TA 38 14.26 26.21 115.65
N TYR TA 39 13.64 27.01 114.79
CA TYR TA 39 12.77 28.09 115.24
C TYR TA 39 11.30 27.70 115.27
N ASN TA 40 10.96 26.45 114.99
CA ASN TA 40 9.58 26.00 115.10
C ASN TA 40 9.14 26.03 116.56
N GLY TA 41 7.93 26.52 116.80
CA GLY TA 41 7.46 26.68 118.16
C GLY TA 41 6.48 25.62 118.62
N LEU TA 42 6.30 24.58 117.84
CA LEU TA 42 5.28 23.58 118.17
C LEU TA 42 5.85 22.18 118.29
N ILE TA 43 6.84 21.83 117.47
CA ILE TA 43 7.35 20.46 117.44
C ILE TA 43 8.28 20.13 118.59
N HIS TA 44 8.91 21.12 119.21
CA HIS TA 44 9.96 20.87 120.18
C HIS TA 44 9.37 20.62 121.57
N ARG TA 45 10.12 19.85 122.37
CA ARG TA 45 9.69 19.58 123.74
C ARG TA 45 9.66 20.86 124.57
N LYS TA 46 10.66 21.72 124.42
CA LYS TA 46 10.69 23.01 125.09
C LYS TA 46 10.81 24.10 124.04
N THR TA 47 9.93 25.09 124.11
CA THR TA 47 9.94 26.23 123.20
C THR TA 47 9.81 27.50 124.01
N VAL TA 48 10.27 28.60 123.41
CA VAL TA 48 10.17 29.92 124.03
C VAL TA 48 9.71 30.91 122.98
N GLY TA 49 8.84 31.83 123.38
CA GLY TA 49 8.28 32.80 122.46
C GLY TA 49 8.07 34.14 123.14
N VAL TA 50 8.16 35.20 122.34
CA VAL TA 50 8.03 36.57 122.81
C VAL TA 50 6.91 37.23 122.04
N GLU TA 51 5.96 37.81 122.77
CA GLU TA 51 4.83 38.54 122.19
C GLU TA 51 4.58 39.80 122.99
N PRO TA 52 4.00 40.82 122.36
CA PRO TA 52 3.61 42.02 123.12
C PRO TA 52 2.51 41.71 124.12
N ALA TA 53 2.44 42.52 125.17
CA ALA TA 53 1.50 42.29 126.24
C ALA TA 53 0.07 42.58 125.77
N ALA TA 54 -0.87 42.39 126.71
CA ALA TA 54 -2.29 42.58 126.38
C ALA TA 54 -2.59 44.02 126.00
N ASP TA 55 -2.03 44.97 126.76
CA ASP TA 55 -2.17 46.37 126.40
C ASP TA 55 -0.98 46.80 125.54
N GLY TA 56 -0.99 48.07 125.15
CA GLY TA 56 0.04 48.57 124.25
C GLY TA 56 1.35 48.92 124.92
N LYS TA 57 1.78 48.10 125.88
CA LYS TA 57 3.05 48.30 126.57
C LYS TA 57 3.43 47.01 127.28
N GLY TA 58 4.72 46.72 127.32
CA GLY TA 58 5.20 45.49 127.94
C GLY TA 58 5.16 44.32 126.99
N VAL TA 59 5.83 43.24 127.42
CA VAL TA 59 5.94 42.02 126.62
C VAL TA 59 5.48 40.84 127.46
N VAL TA 60 5.15 39.75 126.78
CA VAL TA 60 4.82 38.49 127.41
C VAL TA 60 5.80 37.45 126.89
N VAL TA 61 6.52 36.80 127.80
CA VAL TA 61 7.41 35.70 127.47
C VAL TA 61 6.75 34.41 127.91
N VAL TA 62 6.61 33.48 126.97
CA VAL TA 62 5.89 32.24 127.20
C VAL TA 62 6.84 31.08 126.94
N ILE TA 63 6.84 30.10 127.85
CA ILE TA 63 7.70 28.94 127.75
C ILE TA 63 6.85 27.69 127.93
N LYS TA 64 7.40 26.56 127.48
CA LYS TA 64 6.68 25.29 127.50
C LYS TA 64 7.21 24.45 128.65
N ARG TA 65 6.30 23.98 129.50
CA ARG TA 65 6.69 23.16 130.64
C ARG TA 65 7.07 21.76 130.18
N ARG TA 66 7.75 21.03 131.08
CA ARG TA 66 8.28 19.72 130.73
C ARG TA 66 7.22 18.62 130.85
N SER TA 67 6.25 18.79 131.76
CA SER TA 67 5.34 17.69 132.06
C SER TA 67 4.22 17.58 131.03
N GLY TA 68 3.37 18.60 130.93
CA GLY TA 68 2.18 18.51 130.11
C GLY TA 68 2.41 18.73 128.63
N GLN TA 69 3.17 17.83 127.99
CA GLN TA 69 3.39 17.94 126.56
C GLN TA 69 2.11 17.66 125.77
N ARG TA 70 1.32 16.70 126.23
CA ARG TA 70 0.08 16.33 125.55
C ARG TA 70 -1.12 17.13 126.04
N LYS TA 71 -0.92 18.07 126.96
CA LYS TA 71 -1.99 18.89 127.52
C LYS TA 71 -1.76 20.33 127.09
N PRO TA 72 -2.21 20.73 125.90
CA PRO TA 72 -1.92 22.09 125.40
C PRO TA 72 -2.49 23.20 126.26
N ALA TA 73 -3.57 22.95 127.00
CA ALA TA 73 -4.12 23.98 127.87
C ALA TA 73 -3.15 24.39 128.95
N THR TA 74 -2.46 23.43 129.57
CA THR TA 74 -1.51 23.70 130.64
C THR TA 74 -0.07 23.61 130.15
N SER TA 75 0.16 23.58 128.85
CA SER TA 75 1.49 23.39 128.29
C SER TA 75 2.29 24.68 128.22
N TYR TA 76 1.67 25.84 128.39
CA TYR TA 76 2.37 27.11 128.28
C TYR TA 76 2.18 27.94 129.53
N VAL TA 77 3.28 28.51 130.02
CA VAL TA 77 3.26 29.44 131.15
C VAL TA 77 3.62 30.81 130.60
N ARG TA 78 2.74 31.78 130.79
CA ARG TA 78 2.87 33.10 130.20
C ARG TA 78 3.16 34.11 131.30
N THR TA 79 4.27 34.84 131.17
CA THR TA 79 4.69 35.83 132.15
C THR TA 79 4.76 37.19 131.49
N THR TA 80 4.31 38.21 132.21
CA THR TA 80 4.27 39.57 131.69
C THR TA 80 5.45 40.37 132.24
N ILE TA 81 6.22 40.97 131.34
CA ILE TA 81 7.31 41.85 131.70
C ILE TA 81 7.00 43.23 131.12
N ASN TA 82 7.05 44.25 131.96
CA ASN TA 82 6.74 45.61 131.56
C ASN TA 82 7.74 46.58 132.20
N LYS TA 83 8.95 46.10 132.44
CA LYS TA 83 10.01 46.92 133.01
C LYS TA 83 10.70 47.70 131.91
N ASN TA 84 11.79 48.38 132.24
CA ASN TA 84 12.55 49.11 131.23
C ASN TA 84 13.27 48.14 130.31
N ALA TA 85 13.76 48.67 129.19
CA ALA TA 85 14.25 47.82 128.11
C ALA TA 85 15.47 47.01 128.54
N ARG TA 86 16.46 47.65 129.16
CA ARG TA 86 17.66 46.93 129.57
C ARG TA 86 17.34 45.84 130.59
N ALA TA 87 16.50 46.17 131.58
CA ALA TA 87 16.11 45.18 132.57
C ALA TA 87 15.33 44.03 131.95
N THR TA 88 14.44 44.34 131.00
CA THR TA 88 13.67 43.29 130.35
C THR TA 88 14.58 42.36 129.57
N LEU TA 89 15.54 42.92 128.82
CA LEU TA 89 16.47 42.08 128.09
C LEU TA 89 17.34 41.25 129.01
N SER TA 90 17.77 41.83 130.14
CA SER TA 90 18.54 41.05 131.11
C SER TA 90 17.71 39.92 131.70
N SER TA 91 16.42 40.18 131.94
CA SER TA 91 15.54 39.14 132.47
C SER TA 91 15.37 38.01 131.48
N ILE TA 92 15.21 38.33 130.20
CA ILE TA 92 15.10 37.29 129.18
C ILE TA 92 16.40 36.50 129.07
N ARG TA 93 17.53 37.21 129.12
CA ARG TA 93 18.83 36.56 129.09
C ARG TA 93 18.99 35.60 130.25
N HIS TA 94 18.52 36.00 131.43
CA HIS TA 94 18.57 35.11 132.59
C HIS TA 94 17.65 33.93 132.41
N MET TA 95 16.43 34.15 131.92
CA MET TA 95 15.48 33.04 131.77
C MET TA 95 15.97 32.01 130.77
N ILE TA 96 16.73 32.44 129.76
CA ILE TA 96 17.23 31.49 128.78
C ILE TA 96 18.57 30.88 129.21
N ARG TA 97 19.56 31.72 129.47
CA ARG TA 97 20.91 31.22 129.75
C ARG TA 97 21.00 30.54 131.10
N LYS TA 98 20.50 31.19 132.16
CA LYS TA 98 20.69 30.66 133.51
C LYS TA 98 19.92 29.35 133.69
N ASN TA 99 18.70 29.28 133.17
CA ASN TA 99 17.93 28.05 133.21
C ASN TA 99 18.48 26.98 132.27
N LYS TA 100 19.35 27.37 131.34
CA LYS TA 100 19.77 26.50 130.23
C LYS TA 100 18.54 25.97 129.49
N TYR TA 101 17.57 26.86 129.28
CA TYR TA 101 16.33 26.54 128.58
C TYR TA 101 16.49 27.01 127.14
N ARG TA 102 16.94 26.09 126.29
CA ARG TA 102 17.21 26.34 124.87
C ARG TA 102 18.14 27.54 124.70
N PRO TA 103 19.43 27.38 125.01
CA PRO TA 103 20.36 28.51 124.85
C PRO TA 103 20.53 28.95 123.40
N ASP TA 104 20.18 28.11 122.42
CA ASP TA 104 20.34 28.47 121.02
C ASP TA 104 19.28 29.47 120.55
N LEU TA 105 18.28 29.78 121.37
CA LEU TA 105 17.27 30.77 121.04
C LEU TA 105 17.45 32.06 121.83
N ARG TA 106 18.63 32.29 122.39
CA ARG TA 106 18.83 33.42 123.28
C ARG TA 106 18.81 34.74 122.52
N MET TA 107 19.74 34.91 121.59
CA MET TA 107 19.84 36.19 120.87
C MET TA 107 18.62 36.47 120.01
N ALA TA 108 18.02 35.44 119.41
CA ALA TA 108 16.80 35.67 118.63
C ALA TA 108 15.67 36.20 119.50
N ALA TA 109 15.49 35.62 120.68
CA ALA TA 109 14.46 36.09 121.59
C ALA TA 109 14.75 37.51 122.07
N ILE TA 110 16.01 37.80 122.38
CA ILE TA 110 16.38 39.14 122.82
C ILE TA 110 16.10 40.15 121.71
N ARG TA 111 16.45 39.81 120.47
CA ARG TA 111 16.21 40.70 119.35
C ARG TA 111 14.72 40.93 119.13
N ARG TA 112 13.91 39.88 119.25
CA ARG TA 112 12.47 40.04 119.08
C ARG TA 112 11.88 40.91 120.18
N ALA TA 113 12.32 40.73 121.42
CA ALA TA 113 11.85 41.59 122.50
C ALA TA 113 12.25 43.03 122.26
N SER TA 114 13.48 43.25 121.77
CA SER TA 114 13.94 44.60 121.47
C SER TA 114 13.08 45.24 120.39
N ALA TA 115 12.76 44.48 119.34
CA ALA TA 115 11.91 45.00 118.28
C ALA TA 115 10.52 45.34 118.80
N ILE TA 116 9.96 44.48 119.65
CA ILE TA 116 8.63 44.73 120.19
C ILE TA 116 8.63 45.99 121.04
N LEU TA 117 9.64 46.15 121.90
CA LEU TA 117 9.70 47.33 122.75
C LEU TA 117 9.93 48.59 121.93
N ARG TA 118 10.75 48.50 120.88
CA ARG TA 118 10.92 49.63 119.98
C ARG TA 118 9.61 50.00 119.29
N SER TA 119 8.81 49.00 118.91
CA SER TA 119 7.51 49.27 118.34
C SER TA 119 6.56 49.92 119.35
N GLN TA 120 6.62 49.49 120.61
CA GLN TA 120 5.66 49.96 121.60
C GLN TA 120 5.83 51.44 121.93
N LYS TA 121 7.05 51.95 121.95
CA LYS TA 121 7.25 53.35 122.27
C LYS TA 121 6.69 54.23 121.14
N PRO TA 122 6.13 55.40 121.50
CA PRO TA 122 5.43 56.19 120.49
C PRO TA 122 6.35 56.71 119.41
N VAL TA 123 5.77 56.95 118.23
CA VAL TA 123 6.55 57.46 117.11
C VAL TA 123 6.94 58.92 117.35
N MET TA 124 8.00 59.34 116.67
CA MET TA 124 8.49 60.70 116.75
C MET TA 124 7.89 61.54 115.61
N VAL TA 125 8.20 62.83 115.60
CA VAL TA 125 7.72 63.72 114.56
C VAL TA 125 8.88 64.41 113.85
N ASP UA 1 92.17 25.32 10.68
CA ASP UA 1 92.36 25.63 9.28
C ASP UA 1 92.94 27.03 9.10
N ARG UA 2 92.32 28.02 9.76
CA ARG UA 2 92.78 29.40 9.64
C ARG UA 2 94.17 29.57 10.23
N ALA UA 3 94.43 28.96 11.40
CA ALA UA 3 95.73 29.13 12.04
C ALA UA 3 96.85 28.52 11.21
N THR UA 4 96.63 27.31 10.68
CA THR UA 4 97.62 26.71 9.80
C THR UA 4 97.78 27.52 8.53
N TRP UA 5 96.67 28.05 7.98
CA TRP UA 5 96.73 28.92 6.82
C TRP UA 5 97.63 30.11 7.07
N LYS UA 6 97.46 30.77 8.21
CA LYS UA 6 98.22 31.98 8.52
C LYS UA 6 99.67 31.67 8.84
N SER UA 7 99.93 30.55 9.52
CA SER UA 7 101.32 30.17 9.80
C SER UA 7 102.07 29.85 8.52
N ASN UA 8 101.49 29.01 7.65
CA ASN UA 8 102.12 28.74 6.37
C ASN UA 8 102.19 29.98 5.50
N TYR UA 9 101.25 30.92 5.67
CA TYR UA 9 101.33 32.18 4.94
C TYR UA 9 102.56 32.98 5.37
N PHE UA 10 102.79 33.06 6.68
CA PHE UA 10 103.99 33.72 7.18
C PHE UA 10 105.24 33.04 6.68
N LEU UA 11 105.26 31.70 6.69
CA LEU UA 11 106.42 30.97 6.19
C LEU UA 11 106.68 31.28 4.71
N LYS UA 12 105.61 31.30 3.91
CA LYS UA 12 105.76 31.60 2.49
C LYS UA 12 106.25 33.02 2.27
N ILE UA 13 105.72 33.98 3.02
CA ILE UA 13 106.15 35.37 2.86
C ILE UA 13 107.62 35.54 3.25
N ILE UA 14 108.04 34.93 4.37
CA ILE UA 14 109.41 35.12 4.81
C ILE UA 14 110.39 34.44 3.86
N GLN UA 15 110.04 33.24 3.37
CA GLN UA 15 110.94 32.57 2.44
C GLN UA 15 110.98 33.28 1.09
N LEU UA 16 109.87 33.88 0.66
CA LEU UA 16 109.86 34.60 -0.61
C LEU UA 16 110.63 35.90 -0.51
N LEU UA 17 110.58 36.58 0.63
CA LEU UA 17 111.33 37.82 0.76
C LEU UA 17 112.82 37.54 0.95
N ASP UA 18 113.17 36.43 1.60
CA ASP UA 18 114.57 36.06 1.71
C ASP UA 18 115.12 35.58 0.37
N ASP UA 19 114.27 34.96 -0.45
CA ASP UA 19 114.72 34.46 -1.75
C ASP UA 19 115.00 35.60 -2.73
N TYR UA 20 114.08 36.56 -2.83
CA TYR UA 20 114.22 37.65 -3.79
C TYR UA 20 114.57 38.95 -3.07
N PRO UA 21 115.76 39.51 -3.30
CA PRO UA 21 116.10 40.79 -2.68
C PRO UA 21 115.60 42.00 -3.44
N LYS UA 22 115.07 41.82 -4.65
CA LYS UA 22 114.49 42.90 -5.44
C LYS UA 22 112.99 42.65 -5.56
N CYS UA 23 112.19 43.55 -5.00
CA CYS UA 23 110.75 43.41 -5.05
C CYS UA 23 110.11 44.79 -5.13
N PHE UA 24 109.05 44.89 -5.93
CA PHE UA 24 108.34 46.15 -6.14
C PHE UA 24 106.97 46.05 -5.48
N ILE UA 25 106.61 47.05 -4.71
CA ILE UA 25 105.25 47.14 -4.18
C ILE UA 25 104.35 47.69 -5.29
N VAL UA 26 103.21 47.05 -5.49
CA VAL UA 26 102.38 47.28 -6.68
C VAL UA 26 100.94 47.51 -6.25
N GLY UA 27 100.31 48.53 -6.83
CA GLY UA 27 98.93 48.84 -6.51
C GLY UA 27 97.98 48.01 -7.36
N ALA UA 28 97.05 47.33 -6.71
CA ALA UA 28 96.06 46.50 -7.39
C ALA UA 28 94.72 47.22 -7.37
N ASP UA 29 94.29 47.68 -8.54
CA ASP UA 29 93.00 48.32 -8.74
C ASP UA 29 91.93 47.24 -8.91
N ASN UA 30 90.76 47.60 -9.42
CA ASN UA 30 89.71 46.63 -9.68
C ASN UA 30 90.17 45.69 -10.79
N VAL UA 31 90.77 44.56 -10.40
CA VAL UA 31 91.33 43.60 -11.33
C VAL UA 31 90.55 42.29 -11.22
N GLY UA 32 90.27 41.70 -12.38
CA GLY UA 32 89.52 40.46 -12.44
C GLY UA 32 90.38 39.24 -12.16
N SER UA 33 89.68 38.15 -11.81
CA SER UA 33 90.36 36.87 -11.63
C SER UA 33 90.96 36.37 -12.93
N LYS UA 34 90.32 36.66 -14.06
CA LYS UA 34 90.91 36.35 -15.36
C LYS UA 34 92.20 37.15 -15.57
N GLN UA 35 92.21 38.42 -15.16
CA GLN UA 35 93.44 39.20 -15.22
C GLN UA 35 94.51 38.63 -14.31
N MET UA 36 94.12 38.16 -13.13
CA MET UA 36 95.09 37.50 -12.24
C MET UA 36 95.69 36.26 -12.88
N GLN UA 37 94.86 35.44 -13.52
CA GLN UA 37 95.36 34.25 -14.20
C GLN UA 37 96.26 34.60 -15.38
N GLN UA 38 95.89 35.63 -16.13
CA GLN UA 38 96.71 36.06 -17.26
C GLN UA 38 98.07 36.58 -16.80
N ILE UA 39 98.09 37.37 -15.71
CA ILE UA 39 99.35 37.85 -15.17
C ILE UA 39 100.17 36.70 -14.61
N ARG UA 40 99.51 35.72 -13.97
CA ARG UA 40 100.22 34.59 -13.40
C ARG UA 40 100.83 33.72 -14.50
N MET UA 41 100.15 33.62 -15.65
CA MET UA 41 100.73 32.97 -16.81
C MET UA 41 101.91 33.75 -17.36
N SER UA 42 101.73 35.06 -17.56
CA SER UA 42 102.71 35.85 -18.29
C SER UA 42 103.90 36.27 -17.44
N LEU UA 43 103.86 36.01 -16.13
CA LEU UA 43 104.92 36.44 -15.25
C LEU UA 43 105.71 35.28 -14.62
N ARG UA 44 105.09 34.11 -14.48
CA ARG UA 44 105.77 32.97 -13.87
C ARG UA 44 106.96 32.49 -14.70
N GLY UA 45 107.05 32.90 -15.95
CA GLY UA 45 108.18 32.49 -16.78
C GLY UA 45 109.49 33.06 -16.28
N LYS UA 46 109.47 34.27 -15.72
CA LYS UA 46 110.68 34.93 -15.28
C LYS UA 46 110.63 35.49 -13.87
N ALA UA 47 109.45 35.62 -13.28
CA ALA UA 47 109.31 36.18 -11.94
C ALA UA 47 108.08 35.59 -11.28
N VAL UA 48 107.63 36.26 -10.21
CA VAL UA 48 106.45 35.84 -9.46
C VAL UA 48 105.83 37.06 -8.80
N VAL UA 49 104.51 37.05 -8.69
CA VAL UA 49 103.76 38.17 -8.12
C VAL UA 49 103.00 37.66 -6.90
N LEU UA 50 102.90 38.51 -5.88
CA LEU UA 50 102.26 38.19 -4.61
C LEU UA 50 101.13 39.18 -4.37
N MET UA 51 100.01 38.69 -3.82
CA MET UA 51 98.87 39.56 -3.55
C MET UA 51 98.02 38.93 -2.45
N GLY UA 52 97.99 39.56 -1.29
CA GLY UA 52 97.20 39.08 -0.18
C GLY UA 52 96.73 40.16 0.77
N LYS UA 53 96.54 39.79 2.03
CA LYS UA 53 96.07 40.74 3.04
C LYS UA 53 97.21 41.67 3.44
N ASN UA 54 96.87 42.93 3.69
CA ASN UA 54 97.88 43.89 4.15
C ASN UA 54 98.39 43.52 5.54
N THR UA 55 97.49 43.11 6.44
CA THR UA 55 97.89 42.83 7.81
C THR UA 55 98.89 41.69 7.89
N MET UA 56 98.69 40.65 7.07
CA MET UA 56 99.65 39.57 6.99
C MET UA 56 101.02 40.07 6.54
N MET UA 57 101.04 40.96 5.54
CA MET UA 57 102.31 41.51 5.07
C MET UA 57 103.02 42.29 6.17
N ARG UA 58 102.28 43.18 6.85
CA ARG UA 58 102.89 43.97 7.93
C ARG UA 58 103.41 43.09 9.04
N LYS UA 59 102.64 42.09 9.45
CA LYS UA 59 103.09 41.22 10.54
C LYS UA 59 104.30 40.38 10.13
N ALA UA 60 104.30 39.88 8.88
CA ALA UA 60 105.40 39.03 8.43
C ALA UA 60 106.69 39.82 8.27
N ILE UA 61 106.60 41.09 7.83
CA ILE UA 61 107.80 41.90 7.65
C ILE UA 61 108.16 42.72 8.87
N ARG UA 62 107.32 42.71 9.91
CA ARG UA 62 107.59 43.44 11.14
C ARG UA 62 108.05 42.53 12.27
N GLY UA 63 107.33 41.43 12.52
CA GLY UA 63 107.74 40.51 13.57
C GLY UA 63 109.06 39.82 13.25
N HIS UA 64 109.30 39.54 11.97
CA HIS UA 64 110.53 38.91 11.53
C HIS UA 64 111.39 39.89 10.73
N LEU UA 65 111.43 41.14 11.17
CA LEU UA 65 112.34 42.13 10.59
C LEU UA 65 113.79 41.90 11.00
N GLU UA 66 114.01 41.15 12.09
CA GLU UA 66 115.36 40.96 12.62
C GLU UA 66 116.27 40.19 11.68
N ASN UA 67 115.72 39.48 10.69
CA ASN UA 67 116.59 38.73 9.77
C ASN UA 67 117.28 39.67 8.77
N ASN UA 68 116.62 40.77 8.40
CA ASN UA 68 117.19 41.70 7.43
C ASN UA 68 116.86 43.14 7.78
N PRO UA 69 117.86 43.99 7.99
CA PRO UA 69 117.58 45.40 8.28
C PRO UA 69 117.24 46.19 7.02
N ALA UA 70 117.15 47.52 7.16
CA ALA UA 70 116.79 48.43 6.07
C ALA UA 70 115.46 48.02 5.44
N LEU UA 71 114.52 47.62 6.30
CA LEU UA 71 113.20 47.19 5.87
C LEU UA 71 112.07 47.88 6.60
N GLU UA 72 112.32 48.52 7.74
CA GLU UA 72 111.27 49.18 8.51
C GLU UA 72 110.69 50.40 7.81
N LYS UA 73 111.36 50.92 6.78
CA LYS UA 73 110.85 52.08 6.06
C LYS UA 73 109.72 51.73 5.10
N LEU UA 74 109.56 50.45 4.74
CA LEU UA 74 108.38 50.06 3.97
C LEU UA 74 107.13 50.02 4.83
N LEU UA 75 107.29 49.88 6.15
CA LEU UA 75 106.15 49.70 7.04
C LEU UA 75 105.15 50.86 7.00
N PRO UA 76 105.53 52.15 7.04
CA PRO UA 76 104.50 53.19 7.01
C PRO UA 76 103.99 53.51 5.61
N HIS UA 77 104.24 52.63 4.65
CA HIS UA 77 103.83 52.88 3.26
C HIS UA 77 102.91 51.81 2.68
N ILE UA 78 102.91 50.59 3.20
CA ILE UA 78 102.09 49.51 2.64
C ILE UA 78 100.66 49.64 3.12
N ARG UA 79 99.84 50.37 2.38
CA ARG UA 79 98.43 50.51 2.68
C ARG UA 79 97.61 50.36 1.40
N GLY UA 80 96.34 49.98 1.57
CA GLY UA 80 95.46 49.79 0.44
C GLY UA 80 95.58 48.42 -0.16
N ASN UA 81 94.84 48.22 -1.26
CA ASN UA 81 94.81 46.95 -1.96
C ASN UA 81 96.11 46.79 -2.75
N VAL UA 82 97.17 46.44 -2.02
CA VAL UA 82 98.51 46.39 -2.58
C VAL UA 82 99.15 45.04 -2.28
N GLY UA 83 100.15 44.70 -3.09
CA GLY UA 83 100.90 43.47 -2.93
C GLY UA 83 102.35 43.68 -3.35
N PHE UA 84 103.07 42.58 -3.59
CA PHE UA 84 104.46 42.65 -4.02
C PHE UA 84 104.67 41.78 -5.25
N VAL UA 85 105.60 42.21 -6.11
CA VAL UA 85 106.08 41.39 -7.22
C VAL UA 85 107.56 41.15 -7.00
N PHE UA 86 107.99 39.90 -7.09
CA PHE UA 86 109.34 39.50 -6.77
C PHE UA 86 110.08 39.17 -8.07
N THR UA 87 111.19 39.86 -8.31
CA THR UA 87 111.95 39.71 -9.54
C THR UA 87 113.43 39.75 -9.25
N LYS UA 88 114.20 39.12 -10.14
CA LYS UA 88 115.65 39.19 -10.11
C LYS UA 88 116.21 40.10 -11.19
N GLU UA 89 115.34 40.71 -11.99
CA GLU UA 89 115.75 41.57 -13.09
C GLU UA 89 115.91 43.00 -12.58
N ASP UA 90 116.09 43.94 -13.50
CA ASP UA 90 116.20 45.35 -13.14
C ASP UA 90 114.84 46.03 -13.21
N LEU UA 91 114.83 47.31 -12.84
CA LEU UA 91 113.58 48.05 -12.67
C LEU UA 91 112.85 48.22 -13.99
N THR UA 92 113.58 48.58 -15.05
CA THR UA 92 112.94 48.92 -16.32
C THR UA 92 112.30 47.70 -16.98
N GLU UA 93 112.97 46.54 -16.91
CA GLU UA 93 112.45 45.35 -17.59
C GLU UA 93 111.13 44.90 -16.98
N ILE UA 94 110.88 45.21 -15.72
CA ILE UA 94 109.60 44.87 -15.12
C ILE UA 94 108.59 46.00 -15.33
N ARG UA 95 109.06 47.25 -15.22
CA ARG UA 95 108.15 48.39 -15.36
C ARG UA 95 107.55 48.46 -16.75
N ASP UA 96 108.35 48.23 -17.79
CA ASP UA 96 107.83 48.38 -19.15
C ASP UA 96 106.90 47.23 -19.50
N MET UA 97 107.17 46.02 -19.00
CA MET UA 97 106.29 44.90 -19.32
C MET UA 97 104.98 44.97 -18.55
N LEU UA 98 105.00 45.46 -17.30
CA LEU UA 98 103.75 45.57 -16.57
C LEU UA 98 102.89 46.72 -17.10
N LEU UA 99 103.53 47.77 -17.60
CA LEU UA 99 102.81 48.87 -18.23
C LEU UA 99 102.37 48.57 -19.65
N ALA UA 100 102.69 47.37 -20.16
CA ALA UA 100 102.31 46.95 -21.50
C ALA UA 100 101.22 45.89 -21.51
N ASN UA 101 101.26 44.94 -20.57
CA ASN UA 101 100.28 43.86 -20.52
C ASN UA 101 99.02 44.27 -19.78
N LYS UA 102 98.44 45.39 -20.18
CA LYS UA 102 97.21 45.90 -19.59
C LYS UA 102 96.02 45.31 -20.33
N VAL UA 103 95.21 44.53 -19.63
CA VAL UA 103 93.99 43.98 -20.21
C VAL UA 103 93.01 45.12 -20.45
N PRO UA 104 92.47 45.28 -21.65
CA PRO UA 104 91.55 46.41 -21.92
C PRO UA 104 90.20 46.21 -21.26
N ALA UA 105 90.11 46.55 -19.97
CA ALA UA 105 88.88 46.33 -19.22
C ALA UA 105 87.75 47.20 -19.77
N ALA UA 106 86.56 46.61 -19.82
CA ALA UA 106 85.38 47.30 -20.34
C ALA UA 106 84.77 48.18 -19.25
N ALA UA 107 83.56 48.67 -19.49
CA ALA UA 107 82.87 49.56 -18.56
C ALA UA 107 81.84 48.74 -17.78
N ARG UA 108 82.26 48.21 -16.64
CA ARG UA 108 81.33 47.57 -15.72
C ARG UA 108 80.37 48.61 -15.15
N ALA UA 109 79.12 48.20 -14.95
CA ALA UA 109 78.12 49.10 -14.40
C ALA UA 109 78.50 49.53 -12.99
N GLY UA 110 78.35 50.83 -12.73
CA GLY UA 110 78.66 51.38 -11.43
C GLY UA 110 80.10 51.71 -11.17
N ALA UA 111 80.96 51.66 -12.18
CA ALA UA 111 82.39 51.90 -12.02
C ALA UA 111 82.74 53.32 -12.44
N ILE UA 112 83.60 53.98 -11.66
CA ILE UA 112 83.99 55.35 -11.97
C ILE UA 112 84.93 55.36 -13.16
N ALA UA 113 84.90 56.46 -13.93
CA ALA UA 113 85.71 56.62 -15.13
C ALA UA 113 86.41 57.97 -15.11
N PRO UA 114 87.56 58.08 -14.42
CA PRO UA 114 88.33 59.33 -14.48
C PRO UA 114 88.78 59.69 -15.88
N CYS UA 115 89.12 58.69 -16.70
CA CYS UA 115 89.40 58.94 -18.11
C CYS UA 115 88.11 59.18 -18.87
N GLU UA 116 88.23 59.87 -20.01
CA GLU UA 116 87.08 60.21 -20.83
C GLU UA 116 87.21 59.57 -22.21
N VAL UA 117 86.08 59.10 -22.73
CA VAL UA 117 86.00 58.55 -24.07
C VAL UA 117 84.86 59.25 -24.80
N THR UA 118 85.00 59.35 -26.13
CA THR UA 118 84.02 60.04 -26.96
C THR UA 118 83.73 59.19 -28.19
N VAL UA 119 82.46 58.83 -28.37
CA VAL UA 119 82.09 58.03 -29.53
C VAL UA 119 82.17 58.88 -30.79
N PRO UA 120 82.77 58.40 -31.88
CA PRO UA 120 82.77 59.15 -33.13
C PRO UA 120 81.56 58.85 -34.00
N ALA UA 121 81.51 59.43 -35.20
CA ALA UA 121 80.43 59.18 -36.15
C ALA UA 121 80.85 58.06 -37.09
N GLN UA 122 80.34 56.86 -36.85
CA GLN UA 122 80.63 55.72 -37.72
C GLN UA 122 79.49 54.72 -37.61
N ASN UA 123 79.40 53.85 -38.60
CA ASN UA 123 78.39 52.80 -38.58
C ASN UA 123 78.72 51.77 -37.50
N THR UA 124 77.70 51.35 -36.75
CA THR UA 124 77.91 50.36 -35.70
C THR UA 124 78.25 49.00 -36.27
N GLY UA 125 77.65 48.65 -37.42
CA GLY UA 125 77.89 47.37 -38.06
C GLY UA 125 77.02 46.24 -37.57
N LEU UA 126 76.12 46.49 -36.62
CA LEU UA 126 75.25 45.47 -36.10
C LEU UA 126 73.90 45.51 -36.82
N GLY UA 127 73.07 44.50 -36.57
CA GLY UA 127 71.77 44.41 -37.18
C GLY UA 127 70.83 45.51 -36.71
N PRO UA 128 69.78 45.78 -37.49
CA PRO UA 128 68.84 46.88 -37.15
C PRO UA 128 67.78 46.45 -36.14
N GLU UA 129 68.23 46.12 -34.93
CA GLU UA 129 67.31 45.80 -33.84
C GLU UA 129 67.77 46.39 -32.51
N LYS UA 130 68.85 47.17 -32.49
CA LYS UA 130 69.42 47.70 -31.25
C LYS UA 130 69.29 49.22 -31.18
N THR UA 131 68.25 49.80 -31.80
CA THR UA 131 68.04 51.24 -31.73
C THR UA 131 67.41 51.67 -30.41
N SER UA 132 66.95 50.72 -29.59
CA SER UA 132 66.27 51.07 -28.35
C SER UA 132 67.21 51.79 -27.38
N PHE UA 133 68.44 51.31 -27.24
CA PHE UA 133 69.41 51.97 -26.36
C PHE UA 133 69.73 53.38 -26.85
N PHE UA 134 69.89 53.54 -28.16
CA PHE UA 134 70.23 54.85 -28.71
C PHE UA 134 69.08 55.84 -28.53
N GLN UA 135 67.85 55.36 -28.68
CA GLN UA 135 66.70 56.24 -28.47
C GLN UA 135 66.50 56.57 -27.00
N ALA UA 136 66.74 55.59 -26.11
CA ALA UA 136 66.60 55.85 -24.68
C ALA UA 136 67.65 56.84 -24.18
N LEU UA 137 68.88 56.72 -24.69
CA LEU UA 137 69.91 57.70 -24.34
C LEU UA 137 69.65 59.04 -25.02
N GLY UA 138 69.04 59.04 -26.20
CA GLY UA 138 68.77 60.25 -26.93
C GLY UA 138 69.70 60.46 -28.11
N ILE UA 139 70.10 59.36 -28.75
CA ILE UA 139 71.05 59.38 -29.85
C ILE UA 139 70.26 59.30 -31.15
N THR UA 140 70.62 60.15 -32.10
CA THR UA 140 69.94 60.19 -33.40
C THR UA 140 70.60 59.20 -34.35
N THR UA 141 69.84 58.23 -34.82
CA THR UA 141 70.31 57.25 -35.77
C THR UA 141 69.30 57.10 -36.91
N LYS UA 142 69.81 56.82 -38.10
CA LYS UA 142 68.98 56.62 -39.27
C LYS UA 142 69.44 55.34 -39.98
N ILE UA 143 68.48 54.67 -40.62
CA ILE UA 143 68.79 53.44 -41.33
C ILE UA 143 69.64 53.75 -42.55
N SER UA 144 70.66 52.93 -42.78
CA SER UA 144 71.59 53.13 -43.88
C SER UA 144 72.20 51.79 -44.24
N ARG UA 145 71.87 51.28 -45.43
CA ARG UA 145 72.40 50.02 -45.95
C ARG UA 145 72.10 48.84 -45.04
N GLY UA 146 70.96 48.89 -44.35
CA GLY UA 146 70.59 47.83 -43.44
C GLY UA 146 71.36 47.82 -42.14
N THR UA 147 72.09 48.90 -41.83
CA THR UA 147 72.89 48.97 -40.62
C THR UA 147 72.69 50.34 -39.97
N ILE UA 148 72.99 50.41 -38.68
CA ILE UA 148 72.78 51.61 -37.89
C ILE UA 148 74.03 52.48 -37.96
N GLU UA 149 73.84 53.75 -38.26
CA GLU UA 149 74.94 54.70 -38.40
C GLU UA 149 74.74 55.87 -37.43
N ILE UA 150 75.84 56.30 -36.82
CA ILE UA 150 75.84 57.44 -35.91
C ILE UA 150 76.02 58.69 -36.77
N LEU UA 151 74.91 59.39 -37.04
CA LEU UA 151 74.95 60.52 -37.95
C LEU UA 151 75.53 61.76 -37.29
N SER UA 152 75.32 61.94 -35.99
CA SER UA 152 75.76 63.15 -35.30
C SER UA 152 76.69 62.79 -34.15
N ASP UA 153 77.79 63.53 -34.05
CA ASP UA 153 78.69 63.40 -32.90
C ASP UA 153 77.97 63.85 -31.64
N VAL UA 154 78.12 63.07 -30.57
CA VAL UA 154 77.47 63.37 -29.30
C VAL UA 154 78.48 63.14 -28.18
N GLN UA 155 78.27 63.83 -27.06
CA GLN UA 155 79.12 63.65 -25.89
C GLN UA 155 78.68 62.41 -25.12
N LEU UA 156 79.63 61.51 -24.86
CA LEU UA 156 79.33 60.23 -24.24
C LEU UA 156 79.48 60.26 -22.71
N ILE UA 157 80.68 60.55 -22.22
CA ILE UA 157 80.96 60.50 -20.79
C ILE UA 157 82.01 61.55 -20.47
N LYS UA 158 81.99 62.02 -19.22
CA LYS UA 158 82.92 63.00 -18.72
C LYS UA 158 83.92 62.34 -17.77
N THR UA 159 84.74 63.15 -17.13
CA THR UA 159 85.76 62.66 -16.21
C THR UA 159 85.18 62.57 -14.80
N GLY UA 160 85.41 61.44 -14.13
CA GLY UA 160 85.01 61.26 -12.76
C GLY UA 160 83.51 61.28 -12.52
N ASP UA 161 82.76 60.55 -13.34
CA ASP UA 161 81.32 60.45 -13.19
C ASP UA 161 80.88 58.99 -13.24
N LYS UA 162 79.72 58.72 -12.65
CA LYS UA 162 79.18 57.38 -12.60
C LYS UA 162 78.75 56.90 -13.98
N VAL UA 163 78.89 55.59 -14.20
CA VAL UA 163 78.49 54.95 -15.45
C VAL UA 163 77.13 54.29 -15.25
N GLY UA 164 76.14 54.71 -16.02
CA GLY UA 164 74.83 54.11 -15.94
C GLY UA 164 74.78 52.75 -16.63
N ALA UA 165 73.73 51.99 -16.30
CA ALA UA 165 73.58 50.65 -16.87
C ALA UA 165 73.37 50.70 -18.37
N SER UA 166 72.54 51.65 -18.84
CA SER UA 166 72.30 51.76 -20.27
C SER UA 166 73.57 52.11 -21.03
N GLU UA 167 74.34 53.07 -20.51
CA GLU UA 167 75.60 53.44 -21.16
C GLU UA 167 76.62 52.30 -21.07
N ALA UA 168 76.62 51.58 -19.95
CA ALA UA 168 77.54 50.46 -19.79
C ALA UA 168 77.26 49.36 -20.80
N THR UA 169 75.99 48.96 -20.95
CA THR UA 169 75.67 47.95 -21.96
C THR UA 169 75.82 48.49 -23.37
N LEU UA 170 75.63 49.80 -23.58
CA LEU UA 170 75.87 50.39 -24.89
C LEU UA 170 77.33 50.30 -25.29
N LEU UA 171 78.23 50.60 -24.35
CA LEU UA 171 79.66 50.45 -24.62
C LEU UA 171 80.07 48.98 -24.71
N ASN UA 172 79.38 48.09 -23.99
CA ASN UA 172 79.71 46.66 -24.07
C ASN UA 172 79.36 46.09 -25.44
N MET UA 173 78.16 46.40 -25.95
CA MET UA 173 77.78 45.96 -27.29
C MET UA 173 78.41 46.81 -28.38
N LEU UA 174 78.97 47.96 -28.03
CA LEU UA 174 79.61 48.82 -29.02
C LEU UA 174 80.91 48.23 -29.54
N ASN UA 175 81.56 47.38 -28.76
CA ASN UA 175 82.84 46.77 -29.11
C ASN UA 175 83.89 47.83 -29.45
N ILE UA 176 83.90 48.91 -28.66
CA ILE UA 176 84.93 49.94 -28.76
C ILE UA 176 85.79 49.85 -27.50
N SER UA 177 86.87 50.64 -27.45
CA SER UA 177 87.74 50.62 -26.30
C SER UA 177 87.28 51.68 -25.29
N PRO UA 178 86.72 51.30 -24.15
CA PRO UA 178 86.40 52.28 -23.11
C PRO UA 178 87.60 52.57 -22.25
N PHE UA 179 87.41 53.32 -21.16
CA PHE UA 179 88.49 53.52 -20.20
C PHE UA 179 88.97 52.17 -19.67
N SER UA 180 90.29 51.98 -19.72
CA SER UA 180 90.91 50.71 -19.36
C SER UA 180 92.03 50.97 -18.37
N PHE UA 181 92.27 49.98 -17.51
CA PHE UA 181 93.19 50.13 -16.40
C PHE UA 181 93.56 48.74 -15.88
N GLY UA 182 94.63 48.69 -15.10
CA GLY UA 182 95.11 47.43 -14.59
C GLY UA 182 96.11 47.58 -13.48
N LEU UA 183 97.02 46.61 -13.40
CA LEU UA 183 97.98 46.54 -12.31
C LEU UA 183 99.08 47.57 -12.51
N VAL UA 184 99.31 48.42 -11.51
CA VAL UA 184 100.28 49.51 -11.59
C VAL UA 184 101.15 49.50 -10.34
N ILE UA 185 102.47 49.66 -10.55
CA ILE UA 185 103.42 49.67 -9.44
C ILE UA 185 103.35 51.00 -8.70
N GLN UA 186 103.31 50.92 -7.37
CA GLN UA 186 103.34 52.14 -6.56
C GLN UA 186 104.76 52.70 -6.46
N GLN UA 187 105.69 51.90 -5.97
CA GLN UA 187 107.08 52.31 -5.84
C GLN UA 187 107.93 51.05 -5.77
N VAL UA 188 109.25 51.23 -5.88
CA VAL UA 188 110.17 50.10 -5.99
C VAL UA 188 110.95 49.94 -4.69
N PHE UA 189 111.56 48.76 -4.54
CA PHE UA 189 112.39 48.46 -3.37
C PHE UA 189 113.50 47.51 -3.81
N ASP UA 190 114.69 48.06 -4.03
CA ASP UA 190 115.87 47.28 -4.40
C ASP UA 190 116.90 47.39 -3.28
N ASN UA 191 116.83 46.45 -2.34
CA ASN UA 191 117.79 46.33 -1.24
C ASN UA 191 117.84 47.62 -0.40
N GLY UA 192 116.68 48.19 -0.11
CA GLY UA 192 116.60 49.35 0.73
C GLY UA 192 116.61 50.67 0.00
N SER UA 193 115.96 50.73 -1.16
CA SER UA 193 115.91 51.94 -1.96
C SER UA 193 114.48 52.18 -2.43
N ILE UA 194 114.09 53.45 -2.51
CA ILE UA 194 112.75 53.84 -2.96
C ILE UA 194 112.92 54.77 -4.15
N TYR UA 195 112.31 54.41 -5.28
CA TYR UA 195 112.26 55.27 -6.45
C TYR UA 195 110.85 55.27 -7.04
N ASN UA 196 110.72 55.75 -8.28
CA ASN UA 196 109.45 55.72 -8.99
C ASN UA 196 108.96 54.29 -9.19
N PRO VA 1 86.14 40.76 -41.94
CA PRO VA 1 86.20 39.39 -41.42
C PRO VA 1 85.25 38.46 -42.16
N ASN VA 2 85.19 38.61 -43.49
CA ASN VA 2 84.36 37.78 -44.36
C ASN VA 2 82.88 37.90 -44.02
N GLU VA 3 82.49 38.99 -43.38
CA GLU VA 3 81.11 39.39 -43.14
C GLU VA 3 80.30 38.40 -42.30
N ILE VA 4 80.97 37.38 -41.76
CA ILE VA 4 80.31 36.40 -40.90
C ILE VA 4 81.39 35.63 -40.14
N LYS VA 5 81.06 35.19 -38.94
CA LYS VA 5 82.00 34.43 -38.12
C LYS VA 5 81.25 33.33 -37.38
N VAL VA 6 82.00 32.32 -36.94
CA VAL VA 6 81.44 31.05 -36.49
C VAL VA 6 81.99 30.71 -35.09
N VAL VA 7 82.24 31.75 -34.29
CA VAL VA 7 82.84 31.56 -32.96
C VAL VA 7 81.96 30.71 -32.06
N TYR VA 8 80.65 30.68 -32.32
CA TYR VA 8 79.70 30.02 -31.44
C TYR VA 8 80.00 28.52 -31.28
N LEU VA 9 79.56 27.96 -30.17
CA LEU VA 9 79.85 26.58 -29.80
C LEU VA 9 78.63 25.69 -30.08
N ARG VA 10 78.83 24.38 -29.93
CA ARG VA 10 77.75 23.41 -30.07
C ARG VA 10 77.82 22.42 -28.92
N CYS VA 11 76.71 21.72 -28.71
CA CYS VA 11 76.61 20.64 -27.74
C CYS VA 11 75.89 19.44 -28.34
N THR VA 12 76.18 19.12 -29.59
CA THR VA 12 75.57 18.00 -30.28
C THR VA 12 76.62 16.95 -30.60
N GLY VA 13 76.21 15.68 -30.55
CA GLY VA 13 77.12 14.59 -30.77
C GLY VA 13 76.44 13.28 -30.46
N GLY VA 14 77.17 12.19 -30.76
CA GLY VA 14 76.60 10.86 -30.61
C GLY VA 14 75.68 10.49 -31.75
N GLU VA 15 74.38 10.54 -31.50
CA GLU VA 15 73.40 10.33 -32.56
C GLU VA 15 73.35 11.55 -33.47
N VAL VA 16 72.93 11.34 -34.71
CA VAL VA 16 72.91 12.41 -35.71
C VAL VA 16 71.95 13.51 -35.29
N GLY VA 17 70.72 13.14 -34.93
CA GLY VA 17 69.74 14.11 -34.46
C GLY VA 17 69.14 14.95 -35.56
N ALA VA 18 69.94 15.86 -36.11
CA ALA VA 18 69.56 16.72 -37.24
C ALA VA 18 68.30 17.52 -36.96
N THR VA 19 67.15 17.02 -37.46
CA THR VA 19 65.89 17.74 -37.29
C THR VA 19 65.50 17.82 -35.82
N SER VA 20 65.73 16.75 -35.06
CA SER VA 20 65.47 16.79 -33.63
C SER VA 20 66.54 17.57 -32.88
N ALA VA 21 67.68 17.83 -33.51
CA ALA VA 21 68.75 18.58 -32.86
C ALA VA 21 68.42 20.07 -32.87
N LEU VA 22 69.18 20.82 -32.07
CA LEU VA 22 68.99 22.26 -31.93
C LEU VA 22 69.61 23.07 -33.06
N ALA VA 23 70.36 22.43 -33.95
CA ALA VA 23 71.09 23.14 -35.00
C ALA VA 23 70.22 24.05 -35.89
N PRO VA 24 69.01 23.67 -36.31
CA PRO VA 24 68.20 24.62 -37.10
C PRO VA 24 67.84 25.89 -36.35
N LYS VA 25 67.94 25.90 -35.02
CA LYS VA 25 67.76 27.15 -34.28
C LYS VA 25 68.98 28.06 -34.44
N ILE VA 26 70.19 27.49 -34.38
CA ILE VA 26 71.40 28.29 -34.57
C ILE VA 26 71.51 28.76 -36.02
N GLY VA 27 70.95 27.98 -36.95
CA GLY VA 27 71.02 28.26 -38.37
C GLY VA 27 70.83 29.69 -38.82
N PRO VA 28 69.73 30.34 -38.40
CA PRO VA 28 69.50 31.73 -38.81
C PRO VA 28 70.51 32.73 -38.26
N LEU VA 29 71.49 32.32 -37.46
CA LEU VA 29 72.53 33.26 -37.02
C LEU VA 29 73.54 33.52 -38.12
N GLY VA 30 73.91 32.50 -38.89
CA GLY VA 30 74.93 32.66 -39.91
C GLY VA 30 74.44 32.41 -41.33
N LEU VA 31 73.43 31.55 -41.48
CA LEU VA 31 72.76 31.18 -42.72
C LEU VA 31 73.62 30.35 -43.67
N SER VA 32 74.91 30.16 -43.36
CA SER VA 32 75.76 29.38 -44.27
C SER VA 32 75.52 27.86 -44.15
N PRO VA 33 75.63 27.24 -42.94
CA PRO VA 33 75.53 25.77 -42.90
C PRO VA 33 74.17 25.22 -43.28
N LYS VA 34 73.12 25.62 -42.57
CA LYS VA 34 71.77 25.07 -42.72
C LYS VA 34 71.82 23.55 -42.57
N LYS VA 35 70.87 22.86 -43.22
CA LYS VA 35 70.84 21.41 -43.24
C LYS VA 35 72.07 20.83 -43.93
N VAL VA 36 72.44 21.37 -45.11
CA VAL VA 36 73.58 20.87 -45.86
C VAL VA 36 74.91 21.14 -45.17
N GLY VA 37 74.93 21.95 -44.11
CA GLY VA 37 76.14 22.17 -43.36
C GLY VA 37 76.18 21.39 -42.07
N ASP VA 38 75.07 21.38 -41.32
CA ASP VA 38 75.11 20.65 -40.06
C ASP VA 38 75.10 19.13 -40.28
N ASP VA 39 74.54 18.66 -41.40
CA ASP VA 39 74.60 17.23 -41.68
C ASP VA 39 76.04 16.77 -41.92
N ILE VA 40 76.81 17.53 -42.70
CA ILE VA 40 78.20 17.14 -42.94
C ILE VA 40 79.06 17.41 -41.71
N ALA VA 41 78.66 18.39 -40.88
CA ALA VA 41 79.34 18.58 -39.60
C ALA VA 41 79.17 17.36 -38.70
N LYS VA 42 77.96 16.81 -38.64
CA LYS VA 42 77.74 15.59 -37.89
C LYS VA 42 78.43 14.39 -38.53
N ALA VA 43 78.46 14.33 -39.86
CA ALA VA 43 79.16 13.24 -40.54
C ALA VA 43 80.64 13.24 -40.19
N THR VA 44 81.25 14.43 -40.12
CA THR VA 44 82.62 14.54 -39.66
C THR VA 44 82.73 14.52 -38.14
N GLY VA 45 81.61 14.60 -37.43
CA GLY VA 45 81.59 14.58 -35.98
C GLY VA 45 80.82 13.44 -35.35
N ASP VA 46 80.67 12.31 -36.06
CA ASP VA 46 79.98 11.16 -35.47
C ASP VA 46 80.73 10.61 -34.27
N TRP VA 47 82.06 10.53 -34.36
CA TRP VA 47 82.89 9.99 -33.29
C TRP VA 47 83.84 11.07 -32.76
N LYS VA 48 84.72 10.64 -31.86
CA LYS VA 48 85.65 11.50 -31.13
C LYS VA 48 84.92 12.68 -30.47
N GLY VA 49 84.06 12.36 -29.50
CA GLY VA 49 83.67 11.06 -29.00
C GLY VA 49 82.30 10.67 -29.54
N LEU VA 50 81.75 9.58 -29.02
CA LEU VA 50 80.39 9.16 -29.32
C LEU VA 50 79.39 9.74 -28.33
N ARG VA 51 79.74 10.86 -27.70
CA ARG VA 51 79.00 11.47 -26.60
C ARG VA 51 78.54 12.87 -27.04
N ILE VA 52 78.07 13.66 -26.06
CA ILE VA 52 77.55 15.00 -26.35
C ILE VA 52 78.56 15.82 -27.13
N THR VA 53 79.84 15.75 -26.75
CA THR VA 53 80.96 16.24 -27.56
C THR VA 53 80.81 17.72 -27.89
N VAL VA 54 80.92 18.53 -26.83
CA VAL VA 54 80.92 19.99 -27.00
C VAL VA 54 82.15 20.37 -27.83
N LYS VA 55 81.91 21.10 -28.93
CA LYS VA 55 82.97 21.36 -29.89
C LYS VA 55 82.73 22.69 -30.58
N LEU VA 56 83.79 23.20 -31.19
CA LEU VA 56 83.74 24.44 -31.98
C LEU VA 56 84.03 24.12 -33.43
N THR VA 57 83.29 24.76 -34.34
CA THR VA 57 83.45 24.54 -35.77
C THR VA 57 84.02 25.78 -36.43
N ILE VA 58 84.68 25.57 -37.58
CA ILE VA 58 85.27 26.64 -38.37
C ILE VA 58 84.61 26.63 -39.74
N GLN VA 59 84.15 27.80 -40.18
CA GLN VA 59 83.33 27.92 -41.39
C GLN VA 59 84.19 28.30 -42.58
N ASN VA 60 84.04 27.57 -43.67
CA ASN VA 60 84.74 27.87 -44.92
C ASN VA 60 83.81 28.54 -45.94
N ARG VA 61 82.63 29.00 -45.48
CA ARG VA 61 81.61 29.69 -46.25
C ARG VA 61 80.88 28.75 -47.20
N GLN VA 62 81.35 27.51 -47.31
CA GLN VA 62 80.68 26.45 -48.06
C GLN VA 62 80.57 25.15 -47.27
N ALA VA 63 81.60 24.81 -46.50
CA ALA VA 63 81.61 23.61 -45.69
C ALA VA 63 82.19 23.93 -44.33
N GLN VA 64 81.87 23.10 -43.34
CA GLN VA 64 82.28 23.32 -41.97
C GLN VA 64 83.27 22.23 -41.54
N ILE VA 65 84.37 22.65 -40.94
CA ILE VA 65 85.34 21.74 -40.33
C ILE VA 65 85.23 21.88 -38.82
N GLU VA 66 85.42 20.77 -38.11
CA GLU VA 66 85.12 20.69 -36.68
C GLU VA 66 86.34 20.24 -35.91
N VAL VA 67 86.61 20.94 -34.80
CA VAL VA 67 87.66 20.58 -33.87
C VAL VA 67 87.02 20.34 -32.51
N VAL VA 68 87.52 19.33 -31.79
CA VAL VA 68 86.95 18.90 -30.52
C VAL VA 68 87.92 19.31 -29.41
N PRO VA 69 87.55 20.27 -28.56
CA PRO VA 69 88.34 20.50 -27.34
C PRO VA 69 88.34 19.25 -26.46
N SER VA 70 89.50 18.97 -25.87
CA SER VA 70 89.70 17.73 -25.13
C SER VA 70 89.18 17.87 -23.69
N ALA VA 71 87.86 17.75 -23.57
CA ALA VA 71 87.25 17.70 -22.25
C ALA VA 71 87.59 16.38 -21.58
N SER VA 72 87.94 16.44 -20.28
CA SER VA 72 88.44 15.27 -19.57
C SER VA 72 87.38 14.17 -19.51
N ALA VA 73 86.17 14.52 -19.07
CA ALA VA 73 85.09 13.54 -19.03
C ALA VA 73 84.72 13.04 -20.42
N LEU VA 74 84.70 13.94 -21.41
CA LEU VA 74 84.41 13.52 -22.78
C LEU VA 74 85.47 12.58 -23.31
N ILE VA 75 86.75 12.92 -23.11
CA ILE VA 75 87.83 12.10 -23.67
C ILE VA 75 87.92 10.76 -22.94
N ILE VA 76 87.58 10.71 -21.65
CA ILE VA 76 87.63 9.43 -20.94
C ILE VA 76 86.40 8.58 -21.20
N LYS VA 77 85.26 9.20 -21.51
CA LYS VA 77 84.12 8.42 -21.99
C LYS VA 77 84.37 7.89 -23.39
N ALA VA 78 85.12 8.65 -24.20
CA ALA VA 78 85.58 8.11 -25.48
C ALA VA 78 86.54 6.94 -25.26
N LEU VA 79 87.44 7.07 -24.28
CA LEU VA 79 88.38 5.98 -23.99
C LEU VA 79 87.65 4.77 -23.41
N LYS VA 80 86.72 4.99 -22.49
CA LYS VA 80 85.97 3.89 -21.91
C LYS VA 80 84.93 3.38 -22.91
N GLU VA 81 84.47 2.16 -22.68
CA GLU VA 81 83.51 1.53 -23.58
C GLU VA 81 82.39 0.85 -22.82
N ILE VA 98 90.37 -0.75 -12.21
CA ILE VA 98 91.42 -0.47 -13.17
C ILE VA 98 91.89 0.98 -13.03
N THR VA 99 93.19 1.20 -13.20
CA THR VA 99 93.78 2.53 -13.11
C THR VA 99 93.87 3.21 -14.47
N PHE VA 100 94.23 2.46 -15.51
CA PHE VA 100 94.50 2.95 -16.86
C PHE VA 100 95.25 4.28 -16.85
N ASP VA 101 96.39 4.28 -16.15
CA ASP VA 101 97.20 5.48 -16.03
C ASP VA 101 97.77 5.93 -17.37
N GLU VA 102 98.19 4.98 -18.21
CA GLU VA 102 98.88 5.34 -19.44
C GLU VA 102 97.98 6.11 -20.41
N ILE VA 103 96.71 5.69 -20.56
CA ILE VA 103 95.86 6.35 -21.53
C ILE VA 103 95.49 7.76 -21.11
N VAL VA 104 95.25 8.00 -19.82
CA VAL VA 104 94.98 9.35 -19.37
C VAL VA 104 96.25 10.21 -19.39
N ASN VA 105 97.42 9.62 -19.13
CA ASN VA 105 98.66 10.38 -19.18
C ASN VA 105 99.05 10.76 -20.61
N ILE VA 106 98.69 9.93 -21.59
CA ILE VA 106 98.94 10.30 -22.98
C ILE VA 106 97.78 11.08 -23.59
N ALA VA 107 96.61 11.10 -22.94
CA ALA VA 107 95.48 11.85 -23.46
C ALA VA 107 95.56 13.34 -23.14
N ARG VA 108 96.39 13.73 -22.17
CA ARG VA 108 96.53 15.12 -21.79
C ARG VA 108 97.59 15.85 -22.60
N GLN VA 109 98.26 15.17 -23.54
CA GLN VA 109 99.32 15.81 -24.29
C GLN VA 109 98.78 16.64 -25.45
N MET VA 110 97.64 16.21 -26.02
CA MET VA 110 97.07 16.86 -27.20
C MET VA 110 96.07 17.95 -26.84
N ARG VA 111 95.82 18.19 -25.56
CA ARG VA 111 94.87 19.20 -25.14
C ARG VA 111 95.53 20.57 -25.04
N HIS VA 112 94.76 21.58 -24.62
CA HIS VA 112 95.27 22.95 -24.57
C HIS VA 112 96.31 23.12 -23.46
N ARG VA 113 96.18 22.35 -22.37
CA ARG VA 113 97.22 22.24 -21.34
C ARG VA 113 97.45 23.56 -20.62
N SER VA 114 96.38 24.31 -20.35
CA SER VA 114 96.52 25.59 -19.64
C SER VA 114 96.31 25.41 -18.14
N LEU VA 115 95.09 25.04 -17.74
CA LEU VA 115 94.73 24.63 -16.37
C LEU VA 115 95.24 25.57 -15.28
N ALA VA 116 95.55 26.82 -15.61
CA ALA VA 116 96.24 27.75 -14.70
C ALA VA 116 97.46 27.09 -14.07
N ARG VA 117 98.23 26.40 -14.91
CA ARG VA 117 99.21 25.43 -14.43
C ARG VA 117 100.43 26.09 -13.82
N GLU VA 118 101.09 25.35 -12.93
CA GLU VA 118 102.43 25.65 -12.47
C GLU VA 118 103.35 24.44 -12.54
N LEU VA 119 102.83 23.25 -12.81
CA LEU VA 119 103.62 22.03 -12.85
C LEU VA 119 102.91 21.05 -13.78
N SER VA 120 103.68 20.08 -14.29
CA SER VA 120 103.08 19.00 -15.05
C SER VA 120 102.17 18.13 -14.19
N GLY VA 121 102.41 18.09 -12.89
CA GLY VA 121 101.56 17.31 -11.99
C GLY VA 121 100.16 17.86 -11.82
N THR VA 122 99.96 19.15 -12.15
CA THR VA 122 98.65 19.76 -11.99
C THR VA 122 97.62 19.12 -12.90
N ILE VA 123 98.01 18.82 -14.14
CA ILE VA 123 97.06 18.28 -15.11
C ILE VA 123 96.66 16.87 -14.74
N LYS VA 124 97.63 16.02 -14.40
CA LYS VA 124 97.31 14.63 -14.07
C LYS VA 124 96.55 14.54 -12.75
N GLU VA 125 96.85 15.41 -11.79
CA GLU VA 125 96.05 15.44 -10.56
C GLU VA 125 94.64 15.96 -10.84
N ILE VA 126 94.48 16.80 -11.87
CA ILE VA 126 93.16 17.28 -12.24
C ILE VA 126 92.34 16.16 -12.87
N LEU VA 127 92.96 15.39 -13.76
CA LEU VA 127 92.23 14.32 -14.46
C LEU VA 127 92.15 13.03 -13.66
N GLY VA 128 92.92 12.89 -12.57
CA GLY VA 128 92.87 11.66 -11.81
C GLY VA 128 91.54 11.45 -11.12
N THR VA 129 91.00 12.49 -10.51
CA THR VA 129 89.69 12.41 -9.87
C THR VA 129 88.57 13.00 -10.72
N ALA VA 130 88.90 13.52 -11.91
CA ALA VA 130 87.85 13.84 -12.88
C ALA VA 130 87.22 12.59 -13.45
N GLN VA 131 87.85 11.43 -13.24
CA GLN VA 131 87.34 10.14 -13.66
C GLN VA 131 86.52 9.45 -12.58
N SER VA 132 86.30 10.12 -11.44
CA SER VA 132 85.67 9.48 -10.29
C SER VA 132 84.23 9.06 -10.57
N VAL VA 133 83.56 9.72 -11.50
CA VAL VA 133 82.19 9.35 -11.84
C VAL VA 133 82.19 8.10 -12.71
N HIS VA 141 88.42 3.29 -6.22
CA HIS VA 141 88.09 4.66 -6.63
C HIS VA 141 89.34 5.38 -7.13
N PRO VA 142 89.17 6.25 -8.14
CA PRO VA 142 90.32 6.97 -8.70
C PRO VA 142 90.75 8.17 -7.86
N HIS VA 143 90.91 7.98 -6.55
CA HIS VA 143 91.37 9.05 -5.68
C HIS VA 143 92.57 8.66 -4.82
N ASP VA 144 92.88 7.37 -4.71
CA ASP VA 144 94.10 6.96 -4.01
C ASP VA 144 95.34 7.44 -4.75
N ILE VA 145 95.25 7.53 -6.09
CA ILE VA 145 96.35 8.11 -6.87
C ILE VA 145 96.54 9.57 -6.51
N ILE VA 146 95.43 10.28 -6.29
CA ILE VA 146 95.47 11.70 -5.90
C ILE VA 146 96.13 11.87 -4.54
N ASP VA 147 95.93 10.92 -3.63
CA ASP VA 147 96.42 11.05 -2.26
C ASP VA 147 97.94 11.19 -2.23
N ASP VA 148 98.66 10.18 -2.71
CA ASP VA 148 100.12 10.16 -2.69
C ASP VA 148 100.62 9.64 -4.04
N ILE VA 149 100.97 10.57 -4.94
CA ILE VA 149 101.45 10.24 -6.27
C ILE VA 149 102.95 10.52 -6.33
N ASN VA 150 103.69 9.61 -6.95
CA ASN VA 150 105.14 9.72 -7.04
C ASN VA 150 105.65 9.35 -8.43
N SER VA 151 104.73 9.16 -9.38
CA SER VA 151 105.08 8.69 -10.72
C SER VA 151 104.82 9.79 -11.73
N GLY VA 152 105.82 10.10 -12.54
CA GLY VA 152 105.66 11.08 -13.61
C GLY VA 152 105.38 12.49 -13.14
N ALA VA 153 106.14 12.97 -12.15
CA ALA VA 153 105.95 14.34 -11.67
C ALA VA 153 106.27 15.37 -12.73
N VAL VA 154 107.35 15.16 -13.48
CA VAL VA 154 107.76 16.05 -14.56
C VAL VA 154 107.84 15.27 -15.87
N GLU VA 155 106.96 14.28 -16.02
CA GLU VA 155 107.05 13.35 -17.15
C GLU VA 155 106.86 14.07 -18.48
N CYS VA 156 105.86 14.95 -18.56
CA CYS VA 156 105.60 15.63 -19.82
C CYS VA 156 106.73 16.59 -20.23
N PRO VA 157 107.22 17.50 -19.37
CA PRO VA 157 108.31 18.34 -19.90
C PRO VA 157 109.66 17.64 -19.84
N MET WA 1 59.10 -72.74 -74.07
CA MET WA 1 60.38 -72.77 -73.37
C MET WA 1 60.62 -71.47 -72.60
N ALA WA 2 61.88 -71.24 -72.22
CA ALA WA 2 62.19 -70.07 -71.40
C ALA WA 2 61.98 -68.77 -72.16
N VAL WA 3 62.25 -68.76 -73.46
CA VAL WA 3 62.10 -67.54 -74.24
C VAL WA 3 60.64 -67.13 -74.32
N GLN WA 4 59.74 -68.09 -74.53
CA GLN WA 4 58.33 -67.79 -74.66
C GLN WA 4 57.66 -67.73 -73.29
N ILE WA 5 56.73 -66.79 -73.15
CA ILE WA 5 55.99 -66.61 -71.90
C ILE WA 5 54.86 -67.62 -71.83
N SER WA 6 54.21 -67.72 -70.67
CA SER WA 6 53.10 -68.64 -70.49
C SER WA 6 51.92 -68.25 -71.38
N LYS WA 7 51.00 -69.20 -71.56
CA LYS WA 7 49.85 -68.97 -72.42
C LYS WA 7 48.94 -67.88 -71.88
N LYS WA 8 48.75 -67.83 -70.56
CA LYS WA 8 47.90 -66.81 -69.97
C LYS WA 8 48.46 -65.41 -70.23
N ARG WA 9 49.76 -65.22 -69.97
CA ARG WA 9 50.40 -63.94 -70.25
C ARG WA 9 50.38 -63.63 -71.74
N LYS WA 10 50.45 -64.65 -72.59
CA LYS WA 10 50.44 -64.42 -74.03
C LYS WA 10 49.08 -63.91 -74.49
N PHE WA 11 48.00 -64.51 -73.98
CA PHE WA 11 46.66 -64.03 -74.30
C PHE WA 11 46.44 -62.62 -73.74
N VAL WA 12 46.97 -62.35 -72.54
CA VAL WA 12 46.85 -61.01 -71.98
C VAL WA 12 47.58 -60.00 -72.86
N ALA WA 13 48.78 -60.34 -73.31
CA ALA WA 13 49.54 -59.45 -74.18
C ALA WA 13 48.83 -59.24 -75.51
N ASP WA 14 48.20 -60.29 -76.04
CA ASP WA 14 47.42 -60.14 -77.27
C ASP WA 14 46.26 -59.18 -77.07
N GLY WA 15 45.55 -59.29 -75.94
CA GLY WA 15 44.49 -58.35 -75.66
C GLY WA 15 44.99 -56.93 -75.50
N ILE WA 16 46.16 -56.76 -74.87
CA ILE WA 16 46.75 -55.45 -74.72
C ILE WA 16 47.08 -54.85 -76.08
N PHE WA 17 47.67 -55.67 -76.96
CA PHE WA 17 47.98 -55.22 -78.32
C PHE WA 17 46.72 -54.81 -79.05
N LYS WA 18 45.65 -55.60 -78.92
CA LYS WA 18 44.39 -55.29 -79.57
C LYS WA 18 43.84 -53.95 -79.09
N ALA WA 19 43.81 -53.74 -77.78
CA ALA WA 19 43.27 -52.50 -77.23
C ALA WA 19 44.10 -51.30 -77.64
N GLU WA 20 45.44 -51.42 -77.57
CA GLU WA 20 46.29 -50.30 -77.92
C GLU WA 20 46.17 -49.95 -79.41
N LEU WA 21 46.12 -50.98 -80.28
CA LEU WA 21 45.96 -50.72 -81.69
C LEU WA 21 44.61 -50.10 -82.00
N ASN WA 22 43.56 -50.56 -81.31
CA ASN WA 22 42.24 -49.96 -81.47
C ASN WA 22 42.24 -48.49 -81.06
N GLU WA 23 42.89 -48.17 -79.94
CA GLU WA 23 42.97 -46.78 -79.51
C GLU WA 23 43.74 -45.93 -80.51
N PHE WA 24 44.84 -46.47 -81.04
CA PHE WA 24 45.63 -45.71 -82.01
C PHE WA 24 44.82 -45.45 -83.28
N LEU WA 25 44.12 -46.48 -83.77
CA LEU WA 25 43.30 -46.29 -84.96
C LEU WA 25 42.16 -45.32 -84.71
N THR WA 26 41.60 -45.32 -83.49
CA THR WA 26 40.55 -44.37 -83.15
C THR WA 26 41.08 -42.95 -83.18
N ARG WA 27 42.21 -42.70 -82.51
CA ARG WA 27 42.72 -41.34 -82.41
C ARG WA 27 43.35 -40.86 -83.72
N GLU WA 28 43.72 -41.78 -84.61
CA GLU WA 28 44.35 -41.42 -85.87
C GLU WA 28 43.36 -41.32 -87.03
N LEU WA 29 42.42 -42.27 -87.12
CA LEU WA 29 41.48 -42.34 -88.23
C LEU WA 29 40.12 -41.77 -87.88
N ALA WA 30 40.06 -40.82 -86.94
CA ALA WA 30 38.78 -40.30 -86.47
C ALA WA 30 38.03 -39.59 -87.59
N GLU WA 31 38.72 -38.80 -88.40
CA GLU WA 31 38.07 -38.05 -89.47
C GLU WA 31 37.88 -38.88 -90.74
N ASP WA 32 38.43 -40.09 -90.80
CA ASP WA 32 38.37 -40.92 -91.98
C ASP WA 32 37.24 -41.95 -91.91
N GLY WA 33 36.28 -41.77 -91.01
CA GLY WA 33 35.20 -42.73 -90.87
C GLY WA 33 35.65 -44.07 -90.35
N TYR WA 34 36.48 -44.07 -89.32
CA TYR WA 34 36.92 -45.32 -88.69
C TYR WA 34 35.72 -46.07 -88.11
N SER WA 35 35.72 -47.39 -88.32
CA SER WA 35 34.67 -48.24 -87.78
C SER WA 35 35.20 -49.21 -86.73
N GLY WA 36 36.22 -50.00 -87.06
CA GLY WA 36 36.76 -50.96 -86.11
C GLY WA 36 37.98 -51.63 -86.68
N VAL WA 37 38.61 -52.45 -85.85
CA VAL WA 37 39.85 -53.13 -86.18
C VAL WA 37 39.65 -54.63 -86.12
N GLU WA 38 40.18 -55.34 -87.11
CA GLU WA 38 40.21 -56.79 -87.13
C GLU WA 38 41.62 -57.23 -87.48
N VAL WA 39 42.20 -58.10 -86.67
CA VAL WA 39 43.57 -58.57 -86.86
C VAL WA 39 43.55 -60.07 -87.07
N ARG WA 40 44.36 -60.55 -88.01
CA ARG WA 40 44.52 -61.97 -88.28
C ARG WA 40 46.00 -62.30 -88.11
N VAL WA 41 46.32 -63.03 -87.04
CA VAL WA 41 47.70 -63.38 -86.72
C VAL WA 41 47.95 -64.83 -87.13
N THR WA 42 49.11 -65.08 -87.71
CA THR WA 42 49.60 -66.41 -88.04
C THR WA 42 51.04 -66.51 -87.55
N PRO WA 43 51.52 -67.72 -87.29
CA PRO WA 43 52.95 -67.87 -86.97
C PRO WA 43 53.87 -67.37 -88.07
N THR WA 44 53.42 -67.45 -89.33
CA THR WA 44 54.21 -66.90 -90.43
C THR WA 44 54.29 -65.38 -90.34
N ARG WA 45 53.14 -64.72 -90.19
CA ARG WA 45 53.06 -63.27 -90.19
C ARG WA 45 51.71 -62.86 -89.64
N THR WA 46 51.53 -61.56 -89.45
CA THR WA 46 50.28 -61.00 -88.98
C THR WA 46 49.62 -60.15 -90.05
N GLU WA 47 48.29 -60.17 -90.06
CA GLU WA 47 47.50 -59.35 -90.97
C GLU WA 47 46.55 -58.48 -90.16
N ILE WA 48 46.62 -57.17 -90.37
CA ILE WA 48 45.78 -56.21 -89.67
C ILE WA 48 44.83 -55.59 -90.67
N ILE WA 49 43.54 -55.73 -90.43
CA ILE WA 49 42.49 -55.26 -91.33
C ILE WA 49 41.71 -54.17 -90.61
N ILE WA 50 41.72 -52.98 -91.19
CA ILE WA 50 41.00 -51.83 -90.63
C ILE WA 50 39.65 -51.76 -91.32
N LEU WA 51 38.59 -51.59 -90.53
CA LEU WA 51 37.26 -51.35 -91.06
C LEU WA 51 36.97 -49.86 -90.99
N ALA WA 52 36.67 -49.26 -92.14
CA ALA WA 52 36.43 -47.83 -92.21
C ALA WA 52 35.60 -47.53 -93.43
N THR WA 53 35.06 -46.31 -93.46
CA THR WA 53 34.19 -45.92 -94.56
C THR WA 53 34.97 -45.39 -95.75
N ARG WA 54 35.76 -44.34 -95.56
CA ARG WA 54 36.46 -43.67 -96.65
C ARG WA 54 37.84 -44.32 -96.81
N THR WA 55 37.86 -45.40 -97.59
CA THR WA 55 39.12 -46.08 -97.89
C THR WA 55 40.03 -45.19 -98.72
N GLN WA 56 39.47 -44.44 -99.67
CA GLN WA 56 40.28 -43.52 -100.47
C GLN WA 56 40.84 -42.37 -99.65
N ASN WA 57 40.24 -42.07 -98.50
CA ASN WA 57 40.75 -41.01 -97.63
C ASN WA 57 41.81 -41.53 -96.66
N VAL WA 58 41.63 -42.73 -96.12
CA VAL WA 58 42.64 -43.30 -95.24
C VAL WA 58 43.88 -43.67 -96.04
N LEU WA 59 43.74 -43.88 -97.35
CA LEU WA 59 44.88 -44.17 -98.20
C LEU WA 59 45.39 -42.88 -98.82
N GLY WA 60 46.66 -42.57 -98.59
CA GLY WA 60 47.24 -41.34 -99.08
C GLY WA 60 47.57 -41.39 -100.56
N GLU WA 61 48.36 -40.43 -101.04
CA GLU WA 61 48.78 -40.40 -102.43
C GLU WA 61 49.55 -41.67 -102.77
N LYS WA 62 48.98 -42.49 -103.65
CA LYS WA 62 49.53 -43.81 -103.99
C LYS WA 62 49.75 -44.66 -102.74
N GLY WA 63 48.76 -44.64 -101.84
CA GLY WA 63 48.89 -45.36 -100.59
C GLY WA 63 49.91 -44.81 -99.63
N ARG WA 64 50.02 -43.48 -99.54
CA ARG WA 64 51.03 -42.87 -98.67
C ARG WA 64 50.70 -43.08 -97.20
N ARG WA 65 49.45 -42.80 -96.81
CA ARG WA 65 49.09 -42.85 -95.40
C ARG WA 65 49.04 -44.29 -94.89
N ILE WA 66 48.60 -45.22 -95.73
CA ILE WA 66 48.59 -46.62 -95.30
C ILE WA 66 50.02 -47.11 -95.10
N ARG WA 67 50.96 -46.67 -95.94
CA ARG WA 67 52.37 -46.98 -95.72
C ARG WA 67 52.87 -46.36 -94.42
N GLU WA 68 52.45 -45.12 -94.14
CA GLU WA 68 52.86 -44.45 -92.91
C GLU WA 68 52.40 -45.22 -91.67
N LEU WA 69 51.13 -45.61 -91.66
CA LEU WA 69 50.61 -46.38 -90.52
C LEU WA 69 51.26 -47.77 -90.43
N THR WA 70 51.54 -48.40 -91.57
CA THR WA 70 52.22 -49.69 -91.53
C THR WA 70 53.62 -49.55 -90.92
N ALA WA 71 54.34 -48.48 -91.28
CA ALA WA 71 55.63 -48.23 -90.67
C ALA WA 71 55.51 -47.93 -89.18
N VAL WA 72 54.48 -47.20 -88.78
CA VAL WA 72 54.27 -46.89 -87.37
C VAL WA 72 54.05 -48.16 -86.57
N VAL WA 73 53.17 -49.05 -87.06
CA VAL WA 73 52.91 -50.29 -86.33
C VAL WA 73 54.10 -51.23 -86.39
N GLN WA 74 54.92 -51.11 -87.45
CA GLN WA 74 56.15 -51.87 -87.50
C GLN WA 74 57.12 -51.43 -86.41
N LYS WA 75 57.27 -50.12 -86.23
CA LYS WA 75 58.24 -49.59 -85.27
C LYS WA 75 57.78 -49.75 -83.82
N ARG WA 76 56.52 -49.47 -83.52
CA ARG WA 76 56.13 -49.35 -82.12
C ARG WA 76 56.13 -50.69 -81.40
N PHE WA 77 55.60 -51.73 -82.03
CA PHE WA 77 55.50 -53.03 -81.39
C PHE WA 77 56.65 -53.98 -81.73
N GLY WA 78 57.56 -53.57 -82.61
CA GLY WA 78 58.74 -54.35 -82.89
C GLY WA 78 58.51 -55.71 -83.53
N PHE WA 79 57.66 -55.76 -84.55
CA PHE WA 79 57.53 -56.98 -85.33
C PHE WA 79 58.80 -57.22 -86.15
N PRO WA 80 59.02 -58.44 -86.60
CA PRO WA 80 60.00 -58.65 -87.67
C PRO WA 80 59.58 -57.90 -88.92
N GLU WA 81 60.58 -57.41 -89.64
CA GLU WA 81 60.33 -56.58 -90.81
C GLU WA 81 59.58 -57.36 -91.89
N GLY WA 82 58.57 -56.72 -92.47
CA GLY WA 82 57.81 -57.35 -93.53
C GLY WA 82 56.80 -58.37 -93.08
N SER WA 83 56.61 -58.53 -91.77
CA SER WA 83 55.69 -59.53 -91.24
C SER WA 83 54.33 -58.97 -90.89
N VAL WA 84 54.04 -57.73 -91.25
CA VAL WA 84 52.74 -57.10 -90.99
C VAL WA 84 52.25 -56.46 -92.28
N GLU WA 85 50.96 -56.61 -92.54
CA GLU WA 85 50.30 -55.97 -93.69
C GLU WA 85 49.01 -55.30 -93.22
N LEU WA 86 48.75 -54.13 -93.79
CA LEU WA 86 47.58 -53.34 -93.41
C LEU WA 86 46.60 -53.31 -94.57
N TYR WA 87 45.40 -53.84 -94.35
CA TYR WA 87 44.32 -53.77 -95.30
C TYR WA 87 43.22 -52.85 -94.79
N ALA WA 88 42.81 -51.90 -95.62
CA ALA WA 88 41.69 -51.02 -95.32
C ALA WA 88 40.45 -51.53 -96.04
N GLU WA 89 39.41 -51.85 -95.27
CA GLU WA 89 38.21 -52.46 -95.81
C GLU WA 89 37.03 -51.51 -95.65
N LYS WA 90 36.29 -51.33 -96.75
CA LYS WA 90 35.07 -50.54 -96.71
C LYS WA 90 33.96 -51.33 -96.03
N VAL WA 91 33.29 -50.70 -95.08
CA VAL WA 91 32.27 -51.42 -94.31
C VAL WA 91 30.97 -51.51 -95.12
N ALA WA 92 30.13 -52.46 -94.73
CA ALA WA 92 28.82 -52.65 -95.33
C ALA WA 92 27.76 -52.10 -94.39
N THR WA 93 26.85 -51.29 -94.95
CA THR WA 93 25.77 -50.64 -94.19
C THR WA 93 26.34 -49.81 -93.05
N ARG WA 94 27.03 -48.73 -93.44
CA ARG WA 94 27.72 -47.89 -92.48
C ARG WA 94 26.77 -47.24 -91.48
N GLY WA 95 25.47 -47.20 -91.78
CA GLY WA 95 24.50 -46.76 -90.81
C GLY WA 95 24.34 -47.69 -89.62
N LEU WA 96 24.83 -48.93 -89.73
CA LEU WA 96 24.76 -49.89 -88.64
C LEU WA 96 25.98 -49.86 -87.73
N CYS WA 97 26.99 -49.06 -88.06
CA CYS WA 97 28.19 -48.95 -87.23
C CYS WA 97 28.02 -47.79 -86.27
N ALA WA 98 27.81 -48.09 -84.99
CA ALA WA 98 27.62 -47.06 -83.99
C ALA WA 98 28.86 -46.17 -83.85
N ILE WA 99 30.05 -46.74 -84.02
CA ILE WA 99 31.27 -45.95 -83.97
C ILE WA 99 31.28 -44.91 -85.07
N ALA WA 100 31.01 -45.33 -86.30
CA ALA WA 100 31.03 -44.41 -87.44
C ALA WA 100 29.95 -43.34 -87.29
N GLN WA 101 28.76 -43.74 -86.85
CA GLN WA 101 27.67 -42.78 -86.72
C GLN WA 101 27.95 -41.78 -85.60
N ALA WA 102 28.53 -42.24 -84.49
CA ALA WA 102 28.90 -41.33 -83.41
C ALA WA 102 29.99 -40.36 -83.86
N GLU WA 103 30.98 -40.86 -84.60
CA GLU WA 103 32.04 -39.97 -85.08
C GLU WA 103 31.49 -38.96 -86.08
N SER WA 104 30.53 -39.39 -86.92
CA SER WA 104 29.90 -38.46 -87.85
C SER WA 104 29.09 -37.42 -87.11
N LEU WA 105 28.41 -37.82 -86.03
CA LEU WA 105 27.68 -36.84 -85.21
C LEU WA 105 28.63 -35.85 -84.57
N ARG WA 106 29.78 -36.32 -84.10
CA ARG WA 106 30.77 -35.41 -83.53
C ARG WA 106 31.31 -34.47 -84.58
N TYR WA 107 31.52 -34.97 -85.80
CA TYR WA 107 31.93 -34.12 -86.91
C TYR WA 107 30.88 -33.07 -87.22
N LYS WA 108 29.60 -33.46 -87.22
CA LYS WA 108 28.52 -32.51 -87.46
C LYS WA 108 28.49 -31.43 -86.39
N LEU WA 109 28.64 -31.83 -85.12
CA LEU WA 109 28.62 -30.87 -84.04
C LEU WA 109 29.82 -29.92 -84.12
N LEU WA 110 30.99 -30.45 -84.48
CA LEU WA 110 32.16 -29.60 -84.66
C LEU WA 110 32.01 -28.68 -85.87
N GLY WA 111 31.17 -29.07 -86.84
CA GLY WA 111 30.93 -28.21 -87.98
C GLY WA 111 30.12 -26.98 -87.61
N GLY WA 112 29.37 -27.04 -86.52
CA GLY WA 112 28.58 -25.91 -86.08
C GLY WA 112 27.09 -26.17 -86.13
N LEU WA 113 26.72 -27.39 -86.52
CA LEU WA 113 25.32 -27.75 -86.61
C LEU WA 113 24.67 -27.78 -85.23
N ALA WA 114 23.40 -27.40 -85.19
CA ALA WA 114 22.62 -27.54 -83.96
C ALA WA 114 22.46 -29.01 -83.62
N VAL WA 115 22.46 -29.31 -82.31
CA VAL WA 115 22.38 -30.69 -81.86
C VAL WA 115 21.05 -31.32 -82.28
N ARG WA 116 19.97 -30.52 -82.29
CA ARG WA 116 18.66 -31.06 -82.60
C ARG WA 116 18.59 -31.57 -84.03
N ARG WA 117 18.98 -30.72 -84.99
CA ARG WA 117 18.92 -31.11 -86.40
C ARG WA 117 19.91 -32.22 -86.70
N ALA WA 118 21.13 -32.14 -86.14
CA ALA WA 118 22.14 -33.17 -86.40
C ALA WA 118 21.69 -34.52 -85.85
N CYS WA 119 21.14 -34.53 -84.64
CA CYS WA 119 20.66 -35.78 -84.06
C CYS WA 119 19.50 -36.35 -84.86
N TYR WA 120 18.56 -35.48 -85.29
CA TYR WA 120 17.46 -35.96 -86.12
C TYR WA 120 17.97 -36.55 -87.43
N GLY WA 121 18.94 -35.89 -88.06
CA GLY WA 121 19.47 -36.41 -89.31
C GLY WA 121 20.19 -37.74 -89.12
N VAL WA 122 20.98 -37.86 -88.06
CA VAL WA 122 21.68 -39.12 -87.80
C VAL WA 122 20.70 -40.24 -87.54
N LEU WA 123 19.68 -39.97 -86.73
CA LEU WA 123 18.66 -40.98 -86.44
C LEU WA 123 17.92 -41.39 -87.71
N ARG WA 124 17.53 -40.41 -88.53
CA ARG WA 124 16.83 -40.70 -89.76
C ARG WA 124 17.68 -41.54 -90.70
N PHE WA 125 18.96 -41.20 -90.84
CA PHE WA 125 19.84 -41.96 -91.72
C PHE WA 125 20.03 -43.39 -91.20
N ILE WA 126 20.17 -43.55 -89.88
CA ILE WA 126 20.36 -44.88 -89.31
C ILE WA 126 19.13 -45.75 -89.55
N MET WA 127 17.94 -45.20 -89.31
CA MET WA 127 16.73 -45.98 -89.56
C MET WA 127 16.51 -46.21 -91.05
N GLU WA 128 16.97 -45.29 -91.90
CA GLU WA 128 16.91 -45.50 -93.34
C GLU WA 128 17.79 -46.66 -93.75
N SER WA 129 18.95 -46.80 -93.09
CA SER WA 129 19.83 -47.94 -93.36
C SER WA 129 19.17 -49.26 -92.99
N GLY WA 130 18.22 -49.23 -92.05
CA GLY WA 130 17.49 -50.42 -91.69
C GLY WA 130 17.96 -51.06 -90.40
N ALA WA 131 17.19 -50.87 -89.32
CA ALA WA 131 17.51 -51.44 -88.02
C ALA WA 131 16.24 -51.54 -87.20
N LYS WA 132 16.28 -52.37 -86.15
CA LYS WA 132 15.13 -52.51 -85.28
C LYS WA 132 14.87 -51.23 -84.49
N GLY WA 133 15.91 -50.47 -84.18
CA GLY WA 133 15.74 -49.23 -83.46
C GLY WA 133 17.09 -48.58 -83.23
N CYS WA 134 17.02 -47.29 -82.93
CA CYS WA 134 18.22 -46.51 -82.68
C CYS WA 134 18.00 -45.63 -81.45
N GLU WA 135 19.10 -45.28 -80.80
CA GLU WA 135 19.01 -44.44 -79.60
C GLU WA 135 20.33 -43.68 -79.46
N VAL WA 136 20.25 -42.36 -79.40
CA VAL WA 136 21.42 -41.50 -79.24
C VAL WA 136 21.21 -40.63 -78.00
N VAL WA 137 22.27 -40.46 -77.22
CA VAL WA 137 22.23 -39.68 -76.00
C VAL WA 137 23.30 -38.61 -76.07
N VAL WA 138 22.93 -37.37 -75.76
CA VAL WA 138 23.85 -36.24 -75.79
C VAL WA 138 23.80 -35.57 -74.42
N SER WA 139 24.98 -35.43 -73.80
CA SER WA 139 25.11 -34.77 -72.50
C SER WA 139 26.24 -33.76 -72.57
N GLY WA 140 26.06 -32.65 -71.85
CA GLY WA 140 27.05 -31.61 -71.82
C GLY WA 140 26.43 -30.28 -71.43
N LYS WA 141 27.17 -29.20 -71.68
CA LYS WA 141 26.75 -27.86 -71.32
C LYS WA 141 25.86 -27.27 -72.43
N LEU WA 142 24.73 -27.92 -72.65
CA LEU WA 142 23.77 -27.43 -73.63
C LEU WA 142 23.08 -26.17 -73.13
N ARG WA 143 22.72 -25.30 -74.08
CA ARG WA 143 21.99 -24.07 -73.81
C ARG WA 143 22.71 -23.20 -72.78
N GLY WA 144 22.21 -23.18 -71.56
CA GLY WA 144 22.79 -22.39 -70.49
C GLY WA 144 23.91 -23.12 -69.78
N GLN WA 145 24.26 -22.57 -68.61
CA GLN WA 145 25.35 -23.15 -67.82
C GLN WA 145 24.97 -24.50 -67.23
N ARG WA 146 23.70 -24.65 -66.82
CA ARG WA 146 23.24 -25.89 -66.20
C ARG WA 146 23.28 -27.03 -67.21
N ALA WA 147 23.80 -28.18 -66.77
CA ALA WA 147 23.93 -29.32 -67.65
C ALA WA 147 22.57 -29.94 -67.95
N LYS WA 148 22.42 -30.44 -69.18
CA LYS WA 148 21.22 -31.13 -69.60
C LYS WA 148 21.61 -32.31 -70.48
N SER WA 149 20.71 -33.28 -70.55
CA SER WA 149 20.88 -34.45 -71.42
C SER WA 149 19.58 -34.70 -72.17
N MET WA 150 19.68 -34.88 -73.47
CA MET WA 150 18.53 -35.13 -74.33
C MET WA 150 18.69 -36.49 -74.99
N LYS WA 151 17.66 -37.33 -74.86
CA LYS WA 151 17.68 -38.68 -75.42
C LYS WA 151 16.68 -38.75 -76.57
N PHE WA 152 17.16 -39.16 -77.74
CA PHE WA 152 16.33 -39.39 -78.91
C PHE WA 152 16.36 -40.88 -79.21
N VAL WA 153 15.19 -41.53 -79.12
CA VAL WA 153 15.09 -42.97 -79.24
C VAL WA 153 13.89 -43.31 -80.11
N ASP WA 154 14.05 -44.30 -80.99
CA ASP WA 154 12.97 -44.81 -81.81
C ASP WA 154 13.20 -46.28 -82.09
N GLY WA 155 12.14 -46.96 -82.48
CA GLY WA 155 12.22 -48.39 -82.73
C GLY WA 155 12.38 -49.19 -81.45
N LEU WA 156 12.87 -50.41 -81.60
CA LEU WA 156 13.06 -51.29 -80.47
C LEU WA 156 14.47 -51.13 -79.89
N MET WA 157 14.57 -51.33 -78.58
CA MET WA 157 15.86 -51.24 -77.90
C MET WA 157 15.77 -52.04 -76.60
N ILE WA 158 16.45 -53.19 -76.57
CA ILE WA 158 16.51 -54.00 -75.36
C ILE WA 158 17.64 -53.47 -74.49
N HIS WA 159 17.60 -53.85 -73.21
CA HIS WA 159 18.57 -53.33 -72.26
C HIS WA 159 19.15 -54.43 -71.38
N SER WA 160 18.45 -55.56 -71.28
CA SER WA 160 18.78 -56.58 -70.31
C SER WA 160 18.97 -57.93 -70.99
N GLY WA 161 19.68 -58.82 -70.29
CA GLY WA 161 19.91 -60.16 -70.78
C GLY WA 161 21.17 -60.28 -71.60
N ASP WA 162 21.51 -61.52 -71.91
CA ASP WA 162 22.63 -61.78 -72.82
C ASP WA 162 22.46 -61.19 -74.21
N PRO WA 163 21.32 -61.33 -74.91
CA PRO WA 163 21.28 -60.96 -76.33
C PRO WA 163 21.60 -59.51 -76.63
N VAL WA 164 21.56 -58.61 -75.64
CA VAL WA 164 21.95 -57.23 -75.89
C VAL WA 164 23.41 -57.14 -76.29
N ASN WA 165 24.23 -58.13 -75.93
CA ASN WA 165 25.65 -58.11 -76.28
C ASN WA 165 25.84 -58.20 -77.79
N TYR WA 166 25.15 -59.12 -78.46
CA TYR WA 166 25.32 -59.33 -79.89
C TYR WA 166 24.17 -58.76 -80.71
N TYR WA 167 23.33 -57.92 -80.13
CA TYR WA 167 22.27 -57.26 -80.88
C TYR WA 167 22.36 -55.74 -80.87
N VAL WA 168 23.05 -55.15 -79.90
CA VAL WA 168 23.15 -53.70 -79.77
C VAL WA 168 24.62 -53.32 -79.77
N ASP WA 169 24.97 -52.32 -80.57
CA ASP WA 169 26.33 -51.80 -80.65
C ASP WA 169 26.36 -50.45 -79.96
N THR WA 170 27.34 -50.25 -79.07
CA THR WA 170 27.43 -49.06 -78.24
C THR WA 170 28.74 -48.33 -78.55
N ALA WA 171 28.64 -47.00 -78.75
CA ALA WA 171 29.80 -46.16 -78.97
C ALA WA 171 29.72 -44.94 -78.06
N VAL WA 172 30.87 -44.57 -77.49
CA VAL WA 172 30.95 -43.42 -76.59
C VAL WA 172 32.04 -42.49 -77.10
N ARG WA 173 31.68 -41.24 -77.35
CA ARG WA 173 32.63 -40.24 -77.83
C ARG WA 173 32.49 -38.95 -77.03
N HIS WA 174 33.62 -38.25 -76.90
CA HIS WA 174 33.65 -36.93 -76.28
C HIS WA 174 33.80 -35.87 -77.36
N VAL WA 175 33.09 -34.76 -77.17
CA VAL WA 175 33.13 -33.63 -78.09
C VAL WA 175 33.74 -32.45 -77.37
N LEU WA 176 34.88 -31.97 -77.85
CA LEU WA 176 35.58 -30.84 -77.25
C LEU WA 176 34.96 -29.56 -77.79
N LEU WA 177 33.93 -29.08 -77.11
CA LEU WA 177 33.27 -27.84 -77.49
C LEU WA 177 33.96 -26.65 -76.81
N ARG WA 178 33.55 -25.45 -77.20
CA ARG WA 178 34.14 -24.24 -76.63
C ARG WA 178 33.82 -24.11 -75.15
N GLN WA 179 32.57 -24.36 -74.76
CA GLN WA 179 32.17 -24.23 -73.36
C GLN WA 179 32.57 -25.42 -72.50
N GLY WA 180 32.97 -26.53 -73.10
CA GLY WA 180 33.32 -27.71 -72.34
C GLY WA 180 33.27 -28.94 -73.21
N VAL WA 181 32.98 -30.08 -72.57
CA VAL WA 181 32.96 -31.38 -73.23
C VAL WA 181 31.53 -31.86 -73.33
N LEU WA 182 31.13 -32.29 -74.53
CA LEU WA 182 29.83 -32.86 -74.78
C LEU WA 182 29.97 -34.36 -74.97
N GLY WA 183 29.13 -35.14 -74.29
CA GLY WA 183 29.19 -36.59 -74.37
C GLY WA 183 28.21 -37.13 -75.40
N ILE WA 184 28.66 -38.13 -76.14
CA ILE WA 184 27.85 -38.81 -77.15
C ILE WA 184 27.80 -40.29 -76.84
N LYS WA 185 26.59 -40.83 -76.72
CA LYS WA 185 26.38 -42.26 -76.55
C LYS WA 185 25.35 -42.71 -77.58
N VAL WA 186 25.67 -43.75 -78.34
CA VAL WA 186 24.83 -44.24 -79.42
C VAL WA 186 24.61 -45.72 -79.23
N LYS WA 187 23.34 -46.13 -79.19
CA LYS WA 187 22.95 -47.53 -79.22
C LYS WA 187 22.13 -47.80 -80.46
N ILE WA 188 22.48 -48.85 -81.19
CA ILE WA 188 21.77 -49.25 -82.40
C ILE WA 188 21.43 -50.73 -82.26
N MET WA 189 20.16 -51.07 -82.41
CA MET WA 189 19.72 -52.45 -82.35
C MET WA 189 19.92 -53.09 -83.72
N LEU WA 190 20.93 -53.95 -83.83
CA LEU WA 190 21.22 -54.58 -85.10
C LEU WA 190 20.13 -55.59 -85.44
N PRO WA 191 19.53 -55.49 -86.62
CA PRO WA 191 18.49 -56.45 -87.00
C PRO WA 191 19.06 -57.84 -87.26
N TRP WA 192 18.24 -58.84 -86.99
CA TRP WA 192 18.64 -60.22 -87.25
C TRP WA 192 18.72 -60.49 -88.74
N ASP WA 193 19.75 -61.24 -89.14
CA ASP WA 193 19.82 -61.77 -90.50
C ASP WA 193 20.48 -63.14 -90.41
N PRO WA 194 19.99 -64.13 -91.18
CA PRO WA 194 20.69 -65.42 -91.23
C PRO WA 194 22.08 -65.31 -91.81
N THR WA 195 22.30 -64.38 -92.73
CA THR WA 195 23.61 -64.25 -93.37
C THR WA 195 24.67 -63.83 -92.37
N GLY WA 196 24.34 -62.90 -91.49
CA GLY WA 196 25.24 -62.48 -90.43
C GLY WA 196 26.16 -61.34 -90.76
N LYS WA 197 26.16 -60.86 -92.01
CA LYS WA 197 27.02 -59.75 -92.38
C LYS WA 197 26.37 -58.39 -92.17
N ILE WA 198 25.11 -58.35 -91.74
CA ILE WA 198 24.49 -57.11 -91.29
C ILE WA 198 24.00 -57.17 -89.85
N GLY WA 199 24.03 -58.34 -89.21
CA GLY WA 199 23.58 -58.47 -87.84
C GLY WA 199 23.87 -59.85 -87.27
N PRO WA 200 23.35 -60.13 -86.08
CA PRO WA 200 23.54 -61.45 -85.48
C PRO WA 200 22.83 -62.52 -86.28
N LYS WA 201 23.40 -63.73 -86.28
CA LYS WA 201 22.74 -64.85 -86.93
C LYS WA 201 21.64 -65.44 -86.06
N LYS WA 202 21.82 -65.42 -84.74
CA LYS WA 202 20.83 -65.99 -83.85
C LYS WA 202 19.62 -65.05 -83.74
N PRO WA 203 18.41 -65.59 -83.68
CA PRO WA 203 17.23 -64.76 -83.47
C PRO WA 203 17.15 -64.30 -82.02
N LEU WA 204 16.13 -63.49 -81.74
CA LEU WA 204 15.88 -63.10 -80.37
C LEU WA 204 15.49 -64.35 -79.57
N PRO WA 205 16.01 -64.50 -78.35
CA PRO WA 205 15.74 -65.72 -77.58
C PRO WA 205 14.28 -65.94 -77.28
N ASP WA 206 13.50 -64.87 -77.10
CA ASP WA 206 12.08 -64.98 -76.88
C ASP WA 206 11.27 -64.94 -78.17
N HIS WA 207 11.91 -64.68 -79.30
CA HIS WA 207 11.19 -64.60 -80.57
C HIS WA 207 10.84 -65.99 -81.05
N VAL WA 208 9.59 -66.19 -81.47
CA VAL WA 208 9.09 -67.47 -81.93
C VAL WA 208 8.60 -67.31 -83.36
N SER WA 209 9.06 -68.17 -84.26
CA SER WA 209 8.59 -68.22 -85.63
C SER WA 209 8.08 -69.62 -85.94
N ILE WA 210 6.94 -69.69 -86.61
CA ILE WA 210 6.24 -70.94 -86.87
C ILE WA 210 6.09 -71.10 -88.38
N VAL WA 211 6.47 -72.27 -88.89
CA VAL WA 211 6.30 -72.54 -90.31
C VAL WA 211 4.82 -72.80 -90.61
N GLU WA 212 4.40 -72.41 -91.81
CA GLU WA 212 3.00 -72.53 -92.19
C GLU WA 212 2.71 -73.94 -92.70
N PRO WA 213 1.71 -74.63 -92.15
CA PRO WA 213 1.36 -75.95 -92.67
C PRO WA 213 0.68 -75.85 -94.03
N LYS WA 214 0.76 -76.95 -94.77
CA LYS WA 214 0.09 -77.07 -96.05
C LYS WA 214 -1.32 -77.61 -95.83
N ASP WA 215 -2.05 -77.88 -96.90
CA ASP WA 215 -3.42 -78.37 -96.74
C ASP WA 215 -3.43 -79.84 -96.35
N GLU WA 216 -2.90 -80.71 -97.22
CA GLU WA 216 -2.79 -82.14 -96.95
C GLU WA 216 -4.14 -82.74 -96.56
N ILE WA 217 -5.18 -82.35 -97.30
CA ILE WA 217 -6.54 -82.66 -96.90
C ILE WA 217 -6.81 -84.17 -96.96
N LEU WA 218 -6.47 -84.79 -98.09
CA LEU WA 218 -6.78 -86.19 -98.41
C LEU WA 218 -8.27 -86.42 -98.20
N PRO WA 219 -9.13 -85.89 -99.07
CA PRO WA 219 -10.58 -86.05 -98.89
C PRO WA 219 -11.21 -87.21 -99.68
N THR WA 220 -10.43 -87.97 -100.44
CA THR WA 220 -10.98 -88.92 -101.38
C THR WA 220 -10.95 -90.34 -100.81
N THR WA 221 -11.43 -91.27 -101.63
CA THR WA 221 -11.40 -92.68 -101.28
C THR WA 221 -9.96 -93.18 -101.24
N PRO WA 222 -9.67 -94.18 -100.40
CA PRO WA 222 -8.33 -94.77 -100.39
C PRO WA 222 -7.94 -95.37 -101.74
N ILE WA 223 -6.69 -95.18 -102.13
CA ILE WA 223 -6.16 -95.66 -103.39
C ILE WA 223 -4.86 -96.40 -103.14
N SER WA 224 -4.35 -97.01 -104.20
CA SER WA 224 -3.06 -97.70 -104.17
C SER WA 224 -2.36 -97.46 -105.51
N GLU WA 225 -1.31 -96.65 -105.50
CA GLU WA 225 -0.61 -96.26 -106.72
C GLU WA 225 0.71 -97.01 -106.79
N GLN WA 226 0.95 -97.68 -107.91
CA GLN WA 226 2.17 -98.45 -108.09
C GLN WA 226 3.28 -97.56 -108.65
N LYS WA 227 4.40 -97.50 -107.93
CA LYS WA 227 5.51 -96.67 -108.36
C LYS WA 227 6.84 -97.23 -107.86
N ASP XA 1 17.51 -104.38 -32.11
CA ASP XA 1 18.16 -104.73 -33.37
C ASP XA 1 19.05 -103.60 -33.87
N ILE XA 2 18.55 -102.38 -33.78
CA ILE XA 2 19.30 -101.22 -34.25
C ILE XA 2 20.44 -100.87 -33.30
N LYS XA 3 20.16 -100.79 -32.00
CA LYS XA 3 21.16 -100.65 -30.95
C LYS XA 3 22.00 -99.38 -31.16
N LEU XA 4 21.34 -98.24 -30.99
CA LEU XA 4 22.01 -96.95 -31.05
C LEU XA 4 23.20 -96.91 -30.10
N PHE XA 5 24.34 -96.47 -30.61
CA PHE XA 5 25.63 -96.51 -29.92
C PHE XA 5 26.06 -97.94 -29.60
N GLY XA 6 25.56 -98.92 -30.34
CA GLY XA 6 25.96 -100.31 -30.15
C GLY XA 6 25.22 -101.05 -29.06
N LYS XA 7 24.27 -100.41 -28.40
CA LYS XA 7 23.49 -101.03 -27.33
C LYS XA 7 22.20 -100.24 -27.18
N TRP XA 8 21.48 -100.48 -26.08
CA TRP XA 8 20.28 -99.70 -25.73
C TRP XA 8 19.24 -99.77 -26.84
N SER XA 9 18.68 -100.97 -26.99
CA SER XA 9 17.66 -101.23 -27.99
C SER XA 9 16.53 -100.21 -27.91
N THR XA 10 16.09 -99.74 -29.08
CA THR XA 10 15.15 -98.62 -29.15
C THR XA 10 13.69 -99.06 -29.13
N ASP XA 11 13.42 -100.36 -29.26
CA ASP XA 11 12.04 -100.83 -29.37
C ASP XA 11 11.27 -100.70 -28.07
N ASP XA 12 11.94 -100.79 -26.92
CA ASP XA 12 11.29 -100.84 -25.63
C ASP XA 12 10.94 -99.46 -25.07
N VAL XA 13 11.36 -98.38 -25.73
CA VAL XA 13 11.13 -97.04 -25.22
C VAL XA 13 9.66 -96.67 -25.43
N GLN XA 14 9.02 -96.20 -24.38
CA GLN XA 14 7.60 -95.87 -24.39
C GLN XA 14 7.41 -94.38 -24.20
N ILE XA 15 6.60 -93.76 -25.06
CA ILE XA 15 6.13 -92.40 -24.84
C ILE XA 15 4.83 -92.48 -24.06
N ASN XA 16 4.84 -91.91 -22.86
CA ASN XA 16 3.75 -92.11 -21.91
C ASN XA 16 2.50 -91.31 -22.26
N ASP XA 17 2.62 -90.26 -23.06
CA ASP XA 17 1.48 -89.43 -23.41
C ASP XA 17 1.35 -89.32 -24.92
N ILE XA 18 0.11 -89.39 -25.41
CA ILE XA 18 -0.13 -89.27 -26.84
C ILE XA 18 0.04 -87.85 -27.36
N SER XA 19 0.25 -86.89 -26.47
CA SER XA 19 0.36 -85.49 -26.88
C SER XA 19 1.61 -85.23 -27.71
N LEU XA 20 2.65 -86.05 -27.54
CA LEU XA 20 3.92 -85.83 -28.23
C LEU XA 20 4.41 -87.06 -28.99
N GLN XA 21 3.72 -88.19 -28.91
CA GLN XA 21 4.20 -89.40 -29.55
C GLN XA 21 4.21 -89.28 -31.07
N ASP XA 22 3.43 -88.36 -31.63
CA ASP XA 22 3.51 -88.03 -33.05
C ASP XA 22 4.80 -87.32 -33.40
N TYR XA 23 5.52 -86.78 -32.42
CA TYR XA 23 6.72 -85.99 -32.67
C TYR XA 23 7.95 -86.51 -31.95
N ILE XA 24 7.93 -87.72 -31.40
CA ILE XA 24 9.12 -88.36 -30.87
C ILE XA 24 9.49 -89.50 -31.80
N ALA XA 25 10.77 -89.56 -32.18
CA ALA XA 25 11.22 -90.39 -33.29
C ALA XA 25 12.36 -91.31 -32.86
N VAL XA 26 12.15 -92.05 -31.76
CA VAL XA 26 13.07 -93.11 -31.37
C VAL XA 26 12.53 -94.49 -31.74
N LYS XA 27 11.56 -94.56 -32.65
CA LYS XA 27 10.93 -95.82 -33.01
C LYS XA 27 11.80 -96.53 -34.05
N GLU XA 28 11.46 -97.79 -34.34
CA GLU XA 28 12.33 -98.62 -35.18
C GLU XA 28 12.43 -98.08 -36.60
N LYS XA 29 11.42 -97.36 -37.08
CA LYS XA 29 11.55 -96.70 -38.38
C LYS XA 29 12.56 -95.56 -38.32
N TYR XA 30 12.63 -94.87 -37.18
CA TYR XA 30 13.52 -93.75 -37.00
C TYR XA 30 14.75 -94.10 -36.18
N ALA XA 31 14.96 -95.38 -35.89
CA ALA XA 31 16.11 -95.79 -35.09
C ALA XA 31 17.37 -95.83 -35.96
N LYS XA 32 18.46 -95.31 -35.42
CA LYS XA 32 19.73 -95.26 -36.12
C LYS XA 32 20.83 -95.86 -35.26
N TYR XA 33 21.85 -96.41 -35.92
CA TYR XA 33 23.02 -96.90 -35.20
C TYR XA 33 23.77 -95.77 -34.53
N LEU XA 34 23.83 -94.61 -35.18
CA LEU XA 34 24.60 -93.48 -34.71
C LEU XA 34 23.85 -92.22 -35.11
N PRO XA 35 23.67 -91.26 -34.20
CA PRO XA 35 22.86 -90.08 -34.52
C PRO XA 35 23.64 -89.05 -35.33
N HIS XA 36 23.88 -89.37 -36.60
CA HIS XA 36 24.56 -88.43 -37.49
C HIS XA 36 24.12 -88.75 -38.92
N SER XA 37 23.18 -87.97 -39.45
CA SER XA 37 22.69 -88.19 -40.80
C SER XA 37 22.28 -86.85 -41.38
N ALA XA 38 23.07 -86.34 -42.32
CA ALA XA 38 22.79 -85.05 -42.97
C ALA XA 38 21.67 -85.27 -43.98
N GLY XA 39 20.46 -85.45 -43.46
CA GLY XA 39 19.31 -85.83 -44.25
C GLY XA 39 18.39 -84.71 -44.69
N ARG XA 40 18.86 -83.45 -44.66
CA ARG XA 40 18.07 -82.30 -45.11
C ARG XA 40 16.75 -82.19 -44.33
N TYR XA 41 16.84 -82.34 -43.01
CA TYR XA 41 15.66 -82.29 -42.17
C TYR XA 41 15.10 -80.88 -42.02
N ALA XA 42 15.90 -79.85 -42.26
CA ALA XA 42 15.44 -78.47 -42.19
C ALA XA 42 15.00 -77.93 -43.54
N ALA XA 43 15.00 -78.78 -44.58
CA ALA XA 43 14.66 -78.32 -45.92
C ALA XA 43 13.21 -77.88 -46.01
N LYS XA 44 12.30 -78.58 -45.36
CA LYS XA 44 10.88 -78.29 -45.45
C LYS XA 44 10.26 -78.28 -44.06
N ARG XA 45 9.14 -77.58 -43.94
CA ARG XA 45 8.36 -77.55 -42.72
C ARG XA 45 7.95 -78.96 -42.31
N PHE XA 46 8.01 -79.22 -41.00
CA PHE XA 46 7.62 -80.48 -40.38
C PHE XA 46 8.52 -81.65 -40.78
N ARG XA 47 9.62 -81.41 -41.46
CA ARG XA 47 10.52 -82.51 -41.80
C ARG XA 47 11.41 -82.89 -40.63
N LYS XA 48 11.50 -82.04 -39.61
CA LYS XA 48 12.26 -82.38 -38.41
C LYS XA 48 11.47 -83.27 -37.46
N ALA XA 49 10.16 -83.40 -37.66
CA ALA XA 49 9.36 -84.26 -36.80
C ALA XA 49 9.76 -85.72 -36.96
N GLN XA 50 9.96 -86.16 -38.20
CA GLN XA 50 10.41 -87.52 -38.47
C GLN XA 50 11.90 -87.71 -38.22
N CYS XA 51 12.64 -86.64 -37.97
CA CYS XA 51 14.04 -86.77 -37.58
C CYS XA 51 14.14 -87.33 -36.17
N PRO XA 52 15.05 -88.26 -35.92
CA PRO XA 52 15.21 -88.80 -34.56
C PRO XA 52 15.60 -87.71 -33.58
N ILE XA 53 15.06 -87.83 -32.36
CA ILE XA 53 15.25 -86.77 -31.37
C ILE XA 53 16.66 -86.76 -30.82
N VAL XA 54 17.38 -87.88 -30.89
CA VAL XA 54 18.79 -87.87 -30.48
C VAL XA 54 19.60 -87.03 -31.45
N GLU XA 55 19.27 -87.09 -32.74
CA GLU XA 55 19.86 -86.17 -33.71
C GLU XA 55 19.51 -84.73 -33.38
N ARG XA 56 18.28 -84.49 -32.91
CA ARG XA 56 17.89 -83.14 -32.51
C ARG XA 56 18.72 -82.64 -31.34
N LEU XA 57 18.95 -83.50 -30.35
CA LEU XA 57 19.80 -83.14 -29.23
C LEU XA 57 21.24 -82.88 -29.68
N THR XA 58 21.75 -83.72 -30.58
CA THR XA 58 23.10 -83.54 -31.08
C THR XA 58 23.24 -82.22 -31.82
N ASN XA 59 22.26 -81.87 -32.65
CA ASN XA 59 22.30 -80.60 -33.37
C ASN XA 59 22.14 -79.43 -32.42
N SER XA 60 21.36 -79.61 -31.35
CA SER XA 60 21.11 -78.53 -30.41
C SER XA 60 22.20 -78.37 -29.36
N MET XA 61 22.94 -79.42 -29.07
CA MET XA 61 23.96 -79.33 -28.01
C MET XA 61 25.20 -78.58 -28.47
N MET XA 62 25.41 -78.42 -29.78
CA MET XA 62 26.56 -77.71 -30.31
C MET XA 62 26.17 -76.25 -30.54
N MET XA 63 26.49 -75.40 -29.57
CA MET XA 63 26.10 -73.99 -29.59
C MET XA 63 27.20 -73.14 -28.97
N HIS XA 64 26.92 -71.84 -28.89
CA HIS XA 64 27.76 -70.85 -28.21
C HIS XA 64 29.12 -70.68 -28.88
N GLY XA 65 29.09 -70.46 -30.19
CA GLY XA 65 30.26 -69.99 -30.92
C GLY XA 65 31.37 -71.01 -31.08
N ARG XA 66 31.90 -71.50 -29.95
CA ARG XA 66 32.97 -72.49 -30.00
C ARG XA 66 32.48 -73.82 -30.55
N ASN XA 67 31.16 -74.00 -30.65
CA ASN XA 67 30.55 -75.24 -31.09
C ASN XA 67 29.54 -74.91 -32.18
N ASN XA 68 30.00 -74.86 -33.42
CA ASN XA 68 29.11 -74.70 -34.57
C ASN XA 68 29.39 -75.68 -35.68
N GLY XA 69 30.51 -76.39 -35.63
CA GLY XA 69 30.76 -77.47 -36.57
C GLY XA 69 31.22 -78.72 -35.84
N LYS XA 70 31.52 -78.57 -34.55
CA LYS XA 70 32.06 -79.68 -33.78
C LYS XA 70 30.96 -80.66 -33.39
N LYS XA 71 30.36 -81.32 -34.39
CA LYS XA 71 29.32 -82.29 -34.11
C LYS XA 71 29.85 -83.61 -33.60
N LEU XA 72 31.06 -83.99 -34.01
CA LEU XA 72 31.62 -85.27 -33.57
C LEU XA 72 31.85 -85.27 -32.06
N MET XA 73 32.37 -84.16 -31.53
CA MET XA 73 32.51 -84.02 -30.09
C MET XA 73 31.15 -84.09 -29.41
N THR XA 74 30.13 -83.52 -30.04
CA THR XA 74 28.78 -83.60 -29.47
C THR XA 74 28.29 -85.05 -29.44
N VAL XA 75 28.56 -85.81 -30.50
CA VAL XA 75 28.15 -87.21 -30.54
C VAL XA 75 28.85 -88.00 -29.44
N ARG XA 76 30.15 -87.77 -29.26
CA ARG XA 76 30.87 -88.48 -28.21
C ARG XA 76 30.39 -88.05 -26.82
N ILE XA 77 30.00 -86.78 -26.67
CA ILE XA 77 29.46 -86.31 -25.40
C ILE XA 77 28.13 -86.98 -25.11
N VAL XA 78 27.30 -87.14 -26.14
CA VAL XA 78 26.02 -87.83 -25.98
C VAL XA 78 26.24 -89.28 -25.58
N LYS XA 79 27.21 -89.96 -26.21
CA LYS XA 79 27.51 -91.33 -25.83
C LYS XA 79 27.97 -91.41 -24.37
N HIS XA 80 28.86 -90.50 -23.97
CA HIS XA 80 29.33 -90.49 -22.58
C HIS XA 80 28.20 -90.24 -21.61
N ALA XA 81 27.31 -89.30 -21.92
CA ALA XA 81 26.19 -89.01 -21.04
C ALA XA 81 25.24 -90.19 -20.96
N PHE XA 82 25.03 -90.89 -22.09
CA PHE XA 82 24.20 -92.09 -22.06
C PHE XA 82 24.80 -93.18 -21.19
N GLU XA 83 26.11 -93.40 -21.29
CA GLU XA 83 26.77 -94.35 -20.40
C GLU XA 83 26.61 -93.93 -18.94
N ILE XA 84 26.78 -92.65 -18.66
CA ILE XA 84 26.67 -92.14 -17.29
C ILE XA 84 25.26 -92.38 -16.75
N ILE XA 85 24.23 -92.03 -17.51
CA ILE XA 85 22.87 -92.17 -16.99
C ILE XA 85 22.48 -93.63 -16.90
N HIS XA 86 22.99 -94.49 -17.79
CA HIS XA 86 22.67 -95.91 -17.66
C HIS XA 86 23.33 -96.52 -16.44
N LEU XA 87 24.55 -96.09 -16.11
CA LEU XA 87 25.16 -96.55 -14.87
C LEU XA 87 24.43 -96.00 -13.65
N LEU XA 88 23.99 -94.75 -13.72
CA LEU XA 88 23.38 -94.10 -12.56
C LEU XA 88 21.99 -94.64 -12.27
N THR XA 89 21.23 -94.97 -13.31
CA THR XA 89 19.85 -95.40 -13.14
C THR XA 89 19.62 -96.87 -13.44
N GLY XA 90 20.35 -97.46 -14.39
CA GLY XA 90 20.22 -98.86 -14.71
C GLY XA 90 19.29 -99.20 -15.84
N GLU XA 91 18.47 -98.26 -16.29
CA GLU XA 91 17.48 -98.53 -17.32
C GLU XA 91 17.95 -97.97 -18.66
N ASN XA 92 17.08 -98.02 -19.65
CA ASN XA 92 17.42 -97.54 -20.98
C ASN XA 92 17.60 -96.03 -20.98
N PRO XA 93 18.75 -95.53 -21.45
CA PRO XA 93 18.94 -94.07 -21.52
C PRO XA 93 17.90 -93.35 -22.34
N LEU XA 94 17.45 -93.97 -23.45
CA LEU XA 94 16.50 -93.30 -24.32
C LEU XA 94 15.15 -93.09 -23.65
N GLN XA 95 14.75 -94.04 -22.79
CA GLN XA 95 13.52 -93.84 -22.04
C GLN XA 95 13.64 -92.67 -21.08
N VAL XA 96 14.82 -92.52 -20.46
CA VAL XA 96 15.06 -91.37 -19.58
C VAL XA 96 15.00 -90.07 -20.38
N LEU XA 97 15.58 -90.06 -21.58
CA LEU XA 97 15.53 -88.88 -22.43
C LEU XA 97 14.09 -88.55 -22.82
N VAL XA 98 13.29 -89.56 -23.13
CA VAL XA 98 11.89 -89.34 -23.48
C VAL XA 98 11.12 -88.77 -22.30
N ASN XA 99 11.39 -89.28 -21.10
CA ASN XA 99 10.76 -88.75 -19.89
C ASN XA 99 11.16 -87.29 -19.67
N ALA XA 100 12.43 -86.97 -19.90
CA ALA XA 100 12.88 -85.58 -19.76
C ALA XA 100 12.19 -84.68 -20.78
N ILE XA 101 12.03 -85.15 -22.02
CA ILE XA 101 11.33 -84.38 -23.04
C ILE XA 101 9.89 -84.14 -22.63
N ILE XA 102 9.22 -85.17 -22.11
CA ILE XA 102 7.82 -85.04 -21.70
C ILE XA 102 7.69 -84.04 -20.55
N ASN XA 103 8.57 -84.16 -19.55
CA ASN XA 103 8.45 -83.35 -18.35
C ASN XA 103 9.08 -81.97 -18.49
N SER XA 104 9.77 -81.68 -19.59
CA SER XA 104 10.43 -80.39 -19.75
C SER XA 104 9.60 -79.37 -20.50
N GLY XA 105 8.69 -79.81 -21.37
CA GLY XA 105 7.91 -78.91 -22.18
C GLY XA 105 6.89 -78.11 -21.39
N PRO XA 106 6.80 -76.81 -21.67
CA PRO XA 106 5.77 -75.98 -21.03
C PRO XA 106 4.47 -76.06 -21.82
N ARG XA 107 3.39 -76.47 -21.14
CA ARG XA 107 2.15 -76.77 -21.85
C ARG XA 107 1.45 -75.52 -22.36
N GLU XA 108 1.89 -74.34 -21.93
CA GLU XA 108 1.31 -73.10 -22.41
C GLU XA 108 2.34 -71.99 -22.30
N ASP XA 109 2.10 -70.91 -23.04
CA ASP XA 109 3.02 -69.78 -23.08
C ASP XA 109 2.16 -68.51 -23.18
N SER XA 110 2.82 -67.36 -23.33
CA SER XA 110 2.13 -66.09 -23.47
C SER XA 110 2.92 -65.22 -24.44
N THR XA 111 2.22 -64.60 -25.39
CA THR XA 111 2.88 -63.69 -26.32
C THR XA 111 1.88 -62.67 -26.86
N ARG XA 112 2.34 -61.43 -26.97
CA ARG XA 112 1.59 -60.33 -27.54
C ARG XA 112 2.56 -59.17 -27.72
N ILE XA 113 2.06 -58.05 -28.27
CA ILE XA 113 2.89 -56.94 -28.74
C ILE XA 113 2.56 -55.64 -28.02
N GLY XA 114 1.27 -55.37 -27.81
CA GLY XA 114 0.85 -54.09 -27.29
C GLY XA 114 1.10 -53.88 -25.81
N ARG XA 115 0.18 -53.19 -25.14
CA ARG XA 115 0.36 -52.83 -23.74
C ARG XA 115 0.28 -54.09 -22.89
N ALA XA 116 1.43 -54.71 -22.65
CA ALA XA 116 1.47 -56.00 -21.97
C ALA XA 116 1.01 -55.88 -20.53
N GLY XA 117 0.25 -56.87 -20.08
CA GLY XA 117 -0.22 -56.89 -18.70
C GLY XA 117 0.89 -57.09 -17.71
N THR XA 118 1.51 -58.28 -17.73
CA THR XA 118 2.66 -58.58 -16.89
C THR XA 118 3.91 -58.77 -17.74
N VAL XA 119 3.90 -59.75 -18.65
CA VAL XA 119 4.95 -59.92 -19.64
C VAL XA 119 4.31 -59.83 -21.01
N ARG XA 120 3.21 -60.56 -21.19
CA ARG XA 120 2.42 -60.55 -22.41
C ARG XA 120 0.95 -60.49 -22.07
N ARG XA 121 0.15 -60.04 -23.04
CA ARG XA 121 -1.24 -59.72 -22.77
C ARG XA 121 -2.10 -60.97 -22.56
N GLN XA 122 -1.84 -62.03 -23.32
CA GLN XA 122 -2.66 -63.24 -23.25
C GLN XA 122 -1.79 -64.48 -23.18
N ALA XA 123 -2.34 -65.52 -22.55
CA ALA XA 123 -1.68 -66.81 -22.43
C ALA XA 123 -2.10 -67.72 -23.57
N VAL XA 124 -1.12 -68.26 -24.28
CA VAL XA 124 -1.36 -69.05 -25.49
C VAL XA 124 -0.75 -70.43 -25.30
N ASP XA 125 -1.57 -71.47 -25.47
CA ASP XA 125 -1.05 -72.83 -25.46
C ASP XA 125 -0.18 -73.07 -26.68
N VAL XA 126 0.77 -73.99 -26.53
CA VAL XA 126 1.79 -74.23 -27.55
C VAL XA 126 1.50 -75.54 -28.26
N SER XA 127 2.08 -75.67 -29.46
CA SER XA 127 2.00 -76.90 -30.23
C SER XA 127 2.92 -77.96 -29.63
N PRO XA 128 2.63 -79.24 -29.88
CA PRO XA 128 3.56 -80.28 -29.43
C PRO XA 128 4.95 -80.16 -30.01
N LEU XA 129 5.06 -79.73 -31.26
CA LEU XA 129 6.38 -79.54 -31.86
C LEU XA 129 7.12 -78.40 -31.17
N ARG XA 130 6.41 -77.33 -30.81
CA ARG XA 130 7.03 -76.28 -30.01
C ARG XA 130 7.40 -76.78 -28.63
N ARG XA 131 6.62 -77.71 -28.07
CA ARG XA 131 7.01 -78.35 -26.82
C ARG XA 131 8.34 -79.07 -26.97
N VAL XA 132 8.50 -79.83 -28.05
CA VAL XA 132 9.75 -80.54 -28.29
C VAL XA 132 10.91 -79.56 -28.46
N ASN XA 133 10.71 -78.50 -29.25
CA ASN XA 133 11.76 -77.52 -29.47
C ASN XA 133 12.18 -76.86 -28.18
N GLN XA 134 11.22 -76.38 -27.39
CA GLN XA 134 11.50 -75.72 -26.14
C GLN XA 134 12.18 -76.66 -25.15
N ALA XA 135 11.72 -77.91 -25.07
CA ALA XA 135 12.31 -78.86 -24.14
C ALA XA 135 13.76 -79.15 -24.49
N ILE XA 136 14.05 -79.39 -25.76
CA ILE XA 136 15.43 -79.67 -26.17
C ILE XA 136 16.31 -78.45 -25.91
N TRP XA 137 15.82 -77.26 -26.27
CA TRP XA 137 16.59 -76.04 -26.08
C TRP XA 137 16.88 -75.81 -24.60
N LEU XA 138 15.87 -76.02 -23.75
CA LEU XA 138 16.05 -75.82 -22.32
C LEU XA 138 17.02 -76.83 -21.73
N LEU XA 139 16.95 -78.08 -22.18
CA LEU XA 139 17.87 -79.10 -21.65
C LEU XA 139 19.30 -78.79 -22.03
N CYS XA 140 19.53 -78.44 -23.30
CA CYS XA 140 20.88 -78.08 -23.72
C CYS XA 140 21.37 -76.83 -23.00
N THR XA 141 20.48 -75.85 -22.78
CA THR XA 141 20.87 -74.63 -22.09
C THR XA 141 21.26 -74.92 -20.64
N GLY XA 142 20.44 -75.71 -19.94
CA GLY XA 142 20.75 -76.06 -18.56
C GLY XA 142 22.04 -76.85 -18.46
N ALA XA 143 22.26 -77.78 -19.38
CA ALA XA 143 23.53 -78.50 -19.41
C ALA XA 143 24.71 -77.57 -19.66
N ARG XA 144 24.56 -76.59 -20.56
CA ARG XA 144 25.65 -75.68 -20.88
C ARG XA 144 26.02 -74.81 -19.69
N GLU XA 145 25.03 -74.15 -19.06
CA GLU XA 145 25.36 -73.37 -17.88
C GLU XA 145 25.68 -74.22 -16.66
N ALA XA 146 25.41 -75.52 -16.71
CA ALA XA 146 25.80 -76.39 -15.61
C ALA XA 146 27.30 -76.66 -15.63
N ALA XA 147 27.92 -76.62 -16.81
CA ALA XA 147 29.33 -76.96 -16.97
C ALA XA 147 30.21 -75.76 -17.29
N PHE XA 148 29.72 -74.54 -17.10
CA PHE XA 148 30.45 -73.38 -17.59
C PHE XA 148 31.74 -73.14 -16.82
N ARG XA 149 31.64 -72.96 -15.51
CA ARG XA 149 32.79 -72.58 -14.71
C ARG XA 149 32.96 -73.52 -13.52
N ASN XA 150 32.92 -74.82 -13.78
CA ASN XA 150 33.21 -75.82 -12.76
C ASN XA 150 34.05 -76.93 -13.40
N ILE XA 151 34.67 -77.75 -12.55
CA ILE XA 151 35.47 -78.86 -13.03
C ILE XA 151 34.61 -79.95 -13.64
N LYS XA 152 33.34 -80.04 -13.26
CA LYS XA 152 32.48 -81.11 -13.75
C LYS XA 152 32.23 -80.92 -15.24
N THR XA 153 32.61 -81.92 -16.03
CA THR XA 153 32.60 -81.79 -17.48
C THR XA 153 31.17 -81.79 -18.01
N ILE XA 154 31.05 -81.48 -19.30
CA ILE XA 154 29.74 -81.28 -19.91
C ILE XA 154 28.94 -82.58 -19.98
N ALA XA 155 29.64 -83.72 -20.04
CA ALA XA 155 28.93 -85.00 -20.10
C ALA XA 155 28.11 -85.24 -18.84
N GLU XA 156 28.71 -85.06 -17.67
CA GLU XA 156 27.98 -85.26 -16.42
C GLU XA 156 26.87 -84.22 -16.26
N CYS XA 157 27.09 -83.01 -16.77
CA CYS XA 157 26.07 -81.97 -16.64
C CYS XA 157 24.86 -82.27 -17.51
N LEU XA 158 25.09 -82.68 -18.75
CA LEU XA 158 23.98 -83.15 -19.59
C LEU XA 158 23.29 -84.34 -18.93
N ALA XA 159 24.08 -85.24 -18.36
CA ALA XA 159 23.53 -86.45 -17.75
C ALA XA 159 22.60 -86.12 -16.59
N ASP XA 160 23.06 -85.31 -15.64
CA ASP XA 160 22.23 -85.03 -14.48
C ASP XA 160 21.11 -84.06 -14.80
N GLU XA 161 21.27 -83.20 -15.82
CA GLU XA 161 20.13 -82.42 -16.30
C GLU XA 161 19.02 -83.32 -16.80
N LEU XA 162 19.36 -84.30 -17.65
CA LEU XA 162 18.36 -85.25 -18.11
C LEU XA 162 17.77 -86.06 -16.96
N ILE XA 163 18.61 -86.48 -16.01
CA ILE XA 163 18.15 -87.30 -14.90
C ILE XA 163 17.14 -86.54 -14.06
N ASN XA 164 17.46 -85.29 -13.70
CA ASN XA 164 16.56 -84.51 -12.87
C ASN XA 164 15.31 -84.11 -13.64
N ALA XA 165 15.42 -83.90 -14.95
CA ALA XA 165 14.25 -83.54 -15.74
C ALA XA 165 13.31 -84.73 -15.90
N ALA XA 166 13.85 -85.95 -15.97
CA ALA XA 166 13.02 -87.12 -16.19
C ALA XA 166 12.11 -87.40 -15.00
N LYS XA 167 12.53 -87.03 -13.80
CA LYS XA 167 11.70 -87.22 -12.62
C LYS XA 167 10.96 -85.95 -12.23
N GLY XA 168 11.69 -84.84 -12.12
CA GLY XA 168 11.11 -83.57 -11.70
C GLY XA 168 11.43 -83.30 -10.25
N SER XA 169 12.43 -82.45 -10.00
CA SER XA 169 12.91 -82.22 -8.65
C SER XA 169 13.30 -80.77 -8.36
N SER XA 170 12.97 -79.83 -9.25
CA SER XA 170 13.33 -78.42 -9.15
C SER XA 170 14.83 -78.19 -9.12
N ASN XA 171 15.63 -79.22 -9.41
CA ASN XA 171 17.08 -79.09 -9.43
C ASN XA 171 17.64 -78.96 -10.83
N SER XA 172 16.81 -79.13 -11.85
CA SER XA 172 17.23 -78.95 -13.23
C SER XA 172 16.70 -77.62 -13.77
N TYR XA 173 17.54 -76.94 -14.54
CA TYR XA 173 17.20 -75.62 -15.06
C TYR XA 173 15.98 -75.66 -15.96
N ALA XA 174 15.83 -76.74 -16.74
CA ALA XA 174 14.75 -76.80 -17.73
C ALA XA 174 13.38 -76.75 -17.08
N ILE XA 175 13.14 -77.62 -16.10
CA ILE XA 175 11.83 -77.62 -15.45
C ILE XA 175 11.61 -76.40 -14.57
N LYS XA 176 12.68 -75.78 -14.06
CA LYS XA 176 12.53 -74.53 -13.33
C LYS XA 176 12.01 -73.43 -14.24
N LYS XA 177 12.63 -73.27 -15.41
CA LYS XA 177 12.14 -72.29 -16.37
C LYS XA 177 10.76 -72.66 -16.87
N LYS XA 178 10.47 -73.96 -16.97
CA LYS XA 178 9.15 -74.42 -17.37
C LYS XA 178 8.10 -73.98 -16.36
N ASP XA 179 8.38 -74.17 -15.07
CA ASP XA 179 7.45 -73.75 -14.03
C ASP XA 179 7.28 -72.23 -14.02
N GLU XA 180 8.37 -71.50 -14.26
CA GLU XA 180 8.25 -70.05 -14.36
C GLU XA 180 7.34 -69.65 -15.52
N LEU XA 181 7.49 -70.32 -16.67
CA LEU XA 181 6.61 -70.05 -17.81
C LEU XA 181 5.17 -70.38 -17.49
N GLU XA 182 4.94 -71.50 -16.79
CA GLU XA 182 3.59 -71.88 -16.40
C GLU XA 182 2.97 -70.82 -15.50
N ARG XA 183 3.73 -70.34 -14.51
CA ARG XA 183 3.22 -69.32 -13.61
C ARG XA 183 2.93 -68.03 -14.35
N VAL XA 184 3.81 -67.63 -15.27
CA VAL XA 184 3.62 -66.41 -16.02
C VAL XA 184 2.36 -66.51 -16.88
N ALA XA 185 2.18 -67.64 -17.57
CA ALA XA 185 1.00 -67.81 -18.41
C ALA XA 185 -0.27 -67.88 -17.58
N LYS XA 186 -0.22 -68.55 -16.43
CA LYS XA 186 -1.39 -68.63 -15.56
C LYS XA 186 -1.78 -67.24 -15.05
N SER XA 187 -0.79 -66.42 -14.73
CA SER XA 187 -1.07 -65.05 -14.35
C SER XA 187 -1.63 -64.25 -15.53
N ASN XA 188 -1.18 -64.55 -16.75
CA ASN XA 188 -1.59 -63.83 -17.94
C ASN XA 188 -2.80 -64.46 -18.62
N ARG XA 189 -3.63 -65.17 -17.87
CA ARG XA 189 -4.83 -65.78 -18.43
C ARG XA 189 -5.88 -64.73 -18.74
N MET YA 1 66.75 -26.21 -76.50
CA MET YA 1 67.43 -27.48 -76.32
C MET YA 1 68.92 -27.39 -76.61
N LEU YA 2 69.73 -27.86 -75.67
CA LEU YA 2 71.18 -27.76 -75.75
C LEU YA 2 71.82 -28.93 -76.46
N MET YA 3 71.02 -29.81 -77.06
CA MET YA 3 71.56 -31.01 -77.70
C MET YA 3 72.44 -30.64 -78.90
N PRO YA 4 73.50 -31.41 -79.17
CA PRO YA 4 74.47 -30.99 -80.19
C PRO YA 4 74.03 -31.24 -81.62
N LYS YA 5 74.93 -30.96 -82.57
CA LYS YA 5 74.67 -31.29 -83.96
C LYS YA 5 74.71 -32.79 -84.20
N LYS YA 6 75.77 -33.45 -83.70
CA LYS YA 6 76.13 -34.81 -84.13
C LYS YA 6 75.01 -35.81 -83.93
N ASN YA 7 74.12 -35.59 -82.96
CA ASN YA 7 72.91 -36.38 -82.84
C ASN YA 7 71.72 -35.75 -83.54
N ARG YA 8 71.74 -34.42 -83.75
CA ARG YA 8 70.65 -33.77 -84.47
C ARG YA 8 70.57 -34.27 -85.90
N ILE YA 9 71.72 -34.33 -86.59
CA ILE YA 9 71.74 -34.88 -87.95
C ILE YA 9 71.35 -36.35 -87.96
N ALA YA 10 71.76 -37.10 -86.94
CA ALA YA 10 71.40 -38.52 -86.88
C ALA YA 10 69.89 -38.70 -86.75
N ILE YA 11 69.26 -37.96 -85.85
CA ILE YA 11 67.81 -38.04 -85.69
C ILE YA 11 67.11 -37.56 -86.96
N TYR YA 12 67.64 -36.50 -87.58
CA TYR YA 12 67.04 -35.97 -88.79
C TYR YA 12 67.09 -36.98 -89.92
N GLU YA 13 68.22 -37.66 -90.09
CA GLU YA 13 68.34 -38.62 -91.18
C GLU YA 13 67.55 -39.89 -90.89
N LEU YA 14 67.39 -40.26 -89.61
CA LEU YA 14 66.46 -41.34 -89.29
C LEU YA 14 65.04 -40.95 -89.66
N LEU YA 15 64.65 -39.71 -89.36
CA LEU YA 15 63.33 -39.22 -89.68
C LEU YA 15 63.10 -39.08 -91.18
N PHE YA 16 64.15 -38.88 -91.96
CA PHE YA 16 63.97 -38.77 -93.41
C PHE YA 16 64.08 -40.10 -94.13
N LYS YA 17 64.84 -41.06 -93.58
CA LYS YA 17 65.02 -42.33 -94.27
C LYS YA 17 63.72 -43.10 -94.38
N GLU YA 18 62.83 -42.95 -93.39
CA GLU YA 18 61.48 -43.47 -93.45
C GLU YA 18 60.53 -42.37 -93.00
N GLY YA 19 59.31 -42.39 -93.54
CA GLY YA 19 58.40 -41.26 -93.40
C GLY YA 19 57.99 -40.94 -91.98
N VAL YA 20 58.12 -41.87 -91.04
CA VAL YA 20 57.64 -41.68 -89.68
C VAL YA 20 58.74 -42.07 -88.70
N MET YA 21 58.45 -41.88 -87.42
CA MET YA 21 59.28 -42.41 -86.34
C MET YA 21 58.42 -42.49 -85.09
N VAL YA 22 58.73 -43.45 -84.22
CA VAL YA 22 57.93 -43.74 -83.04
C VAL YA 22 58.79 -43.53 -81.80
N ALA YA 23 58.28 -42.78 -80.84
CA ALA YA 23 59.00 -42.47 -79.61
C ALA YA 23 58.06 -42.61 -78.42
N LYS YA 24 58.46 -43.42 -77.45
CA LYS YA 24 57.72 -43.54 -76.20
C LYS YA 24 57.88 -42.28 -75.36
N LYS YA 25 56.81 -41.92 -74.64
CA LYS YA 25 56.91 -40.80 -73.71
C LYS YA 25 57.60 -41.23 -72.43
N ASP YA 26 58.92 -41.01 -72.35
CA ASP YA 26 59.67 -41.22 -71.12
C ASP YA 26 60.88 -40.29 -71.19
N VAL YA 27 60.80 -39.16 -70.48
CA VAL YA 27 61.87 -38.17 -70.53
C VAL YA 27 63.12 -38.66 -69.81
N HIS YA 28 63.01 -39.71 -68.99
CA HIS YA 28 64.15 -40.24 -68.26
C HIS YA 28 64.67 -41.53 -68.87
N MET YA 29 64.28 -41.86 -70.10
CA MET YA 29 64.78 -43.05 -70.75
C MET YA 29 66.26 -42.86 -71.08
N PRO YA 30 67.13 -43.76 -70.63
CA PRO YA 30 68.57 -43.57 -70.92
C PRO YA 30 68.90 -43.62 -72.39
N LYS YA 31 68.15 -44.38 -73.18
CA LYS YA 31 68.47 -44.54 -74.58
C LYS YA 31 67.21 -44.82 -75.39
N HIS YA 32 67.05 -44.05 -76.47
CA HIS YA 32 65.99 -44.31 -77.43
C HIS YA 32 66.22 -45.67 -78.08
N PRO YA 33 65.18 -46.51 -78.24
CA PRO YA 33 65.44 -47.90 -78.65
C PRO YA 33 66.17 -48.07 -79.97
N GLU YA 34 65.65 -47.53 -81.07
CA GLU YA 34 66.41 -47.59 -82.30
C GLU YA 34 67.46 -46.47 -82.30
N LEU YA 35 68.22 -46.39 -83.39
CA LEU YA 35 69.47 -45.64 -83.45
C LEU YA 35 70.35 -45.95 -82.24
N ALA YA 36 70.50 -47.25 -81.97
CA ALA YA 36 71.09 -47.72 -80.73
C ALA YA 36 72.55 -47.30 -80.58
N ASP YA 37 73.30 -47.28 -81.68
CA ASP YA 37 74.73 -47.00 -81.62
C ASP YA 37 75.04 -45.54 -81.29
N LYS YA 38 74.11 -44.62 -81.52
CA LYS YA 38 74.41 -43.20 -81.38
C LYS YA 38 74.34 -42.69 -79.95
N ASN YA 39 73.79 -43.49 -79.03
CA ASN YA 39 73.74 -43.15 -77.60
C ASN YA 39 73.04 -41.81 -77.37
N VAL YA 40 71.90 -41.62 -78.01
CA VAL YA 40 71.14 -40.39 -77.95
C VAL YA 40 70.07 -40.52 -76.87
N PRO YA 41 69.98 -39.58 -75.93
CA PRO YA 41 68.90 -39.64 -74.94
C PRO YA 41 67.53 -39.40 -75.59
N ASN YA 42 66.50 -39.97 -74.95
CA ASN YA 42 65.14 -39.84 -75.46
C ASN YA 42 64.59 -38.43 -75.32
N LEU YA 43 64.99 -37.69 -74.29
CA LEU YA 43 64.47 -36.33 -74.13
C LEU YA 43 64.91 -35.44 -75.28
N HIS YA 44 66.15 -35.62 -75.74
CA HIS YA 44 66.65 -34.82 -76.86
C HIS YA 44 65.82 -35.04 -78.11
N VAL YA 45 65.53 -36.30 -78.45
CA VAL YA 45 64.75 -36.57 -79.64
C VAL YA 45 63.30 -36.10 -79.45
N MET YA 46 62.75 -36.23 -78.24
CA MET YA 46 61.41 -35.74 -77.99
C MET YA 46 61.31 -34.24 -78.22
N LYS YA 47 62.28 -33.48 -77.70
CA LYS YA 47 62.21 -32.04 -77.87
C LYS YA 47 62.58 -31.61 -79.29
N ALA YA 48 63.44 -32.36 -79.98
CA ALA YA 48 63.71 -32.06 -81.38
C ALA YA 48 62.46 -32.23 -82.22
N MET YA 49 61.73 -33.33 -82.00
CA MET YA 49 60.48 -33.53 -82.71
C MET YA 49 59.43 -32.52 -82.30
N GLN YA 50 59.44 -32.09 -81.03
CA GLN YA 50 58.52 -31.02 -80.62
C GLN YA 50 58.82 -29.72 -81.35
N SER YA 51 60.10 -29.38 -81.50
CA SER YA 51 60.45 -28.18 -82.25
C SER YA 51 60.05 -28.30 -83.71
N LEU YA 52 60.25 -29.48 -84.30
CA LEU YA 52 59.83 -29.70 -85.68
C LEU YA 52 58.32 -29.59 -85.84
N LYS YA 53 57.56 -30.09 -84.86
CA LYS YA 53 56.11 -29.91 -84.89
C LYS YA 53 55.73 -28.45 -84.75
N SER YA 54 56.44 -27.71 -83.89
CA SER YA 54 56.17 -26.29 -83.70
C SER YA 54 56.39 -25.52 -84.99
N ARG YA 55 57.44 -25.88 -85.74
CA ARG YA 55 57.63 -25.28 -87.05
C ARG YA 55 56.80 -25.93 -88.13
N GLY YA 56 56.05 -26.99 -87.80
CA GLY YA 56 55.07 -27.55 -88.71
C GLY YA 56 55.58 -28.53 -89.73
N TYR YA 57 56.83 -28.98 -89.63
CA TYR YA 57 57.35 -29.96 -90.57
C TYR YA 57 56.95 -31.38 -90.23
N VAL YA 58 56.30 -31.60 -89.10
CA VAL YA 58 55.88 -32.93 -88.68
C VAL YA 58 54.60 -32.79 -87.85
N LYS YA 59 53.70 -33.75 -88.01
CA LYS YA 59 52.46 -33.80 -87.24
C LYS YA 59 52.48 -35.00 -86.30
N GLU YA 60 51.87 -34.84 -85.14
CA GLU YA 60 52.08 -35.74 -84.01
C GLU YA 60 50.78 -36.42 -83.62
N GLN YA 61 50.86 -37.74 -83.37
CA GLN YA 61 49.73 -38.52 -82.90
C GLN YA 61 50.12 -39.23 -81.60
N PHE YA 62 49.22 -39.21 -80.62
CA PHE YA 62 49.53 -39.67 -79.28
C PHE YA 62 48.59 -40.78 -78.85
N ALA YA 63 49.12 -41.99 -78.71
CA ALA YA 63 48.43 -43.09 -78.06
C ALA YA 63 48.79 -43.09 -76.57
N TRP YA 64 48.51 -44.19 -75.88
CA TRP YA 64 48.67 -44.32 -74.43
C TRP YA 64 49.96 -43.70 -73.91
N ARG YA 65 51.09 -44.23 -74.33
CA ARG YA 65 52.40 -43.70 -73.91
C ARG YA 65 53.36 -43.64 -75.08
N HIS YA 66 52.90 -43.18 -76.23
CA HIS YA 66 53.77 -43.14 -77.40
C HIS YA 66 53.38 -41.99 -78.32
N PHE YA 67 54.40 -41.43 -78.97
CA PHE YA 67 54.22 -40.44 -80.03
C PHE YA 67 54.39 -41.12 -81.37
N TYR YA 68 53.66 -40.62 -82.37
CA TYR YA 68 53.60 -41.24 -83.70
C TYR YA 68 53.78 -40.18 -84.77
N TRP YA 69 54.86 -39.42 -84.67
CA TRP YA 69 55.11 -38.29 -85.56
C TRP YA 69 55.06 -38.70 -87.03
N TYR YA 70 54.36 -37.90 -87.83
CA TYR YA 70 54.24 -38.10 -89.27
C TYR YA 70 54.89 -36.92 -89.98
N LEU YA 71 55.97 -37.19 -90.71
CA LEU YA 71 56.63 -36.14 -91.47
C LEU YA 71 55.74 -35.71 -92.63
N THR YA 72 55.60 -34.40 -92.81
CA THR YA 72 54.72 -33.82 -93.81
C THR YA 72 55.51 -33.40 -95.04
N ASN YA 73 54.78 -32.88 -96.03
CA ASN YA 73 55.41 -32.44 -97.26
C ASN YA 73 56.32 -31.25 -97.04
N GLU YA 74 55.98 -30.37 -96.09
CA GLU YA 74 56.92 -29.31 -95.72
C GLU YA 74 58.12 -29.86 -94.97
N GLY YA 75 58.05 -31.08 -94.46
CA GLY YA 75 59.21 -31.73 -93.90
C GLY YA 75 60.15 -32.34 -94.91
N ILE YA 76 59.71 -32.51 -96.15
CA ILE YA 76 60.57 -33.10 -97.17
C ILE YA 76 61.70 -32.13 -97.52
N GLN YA 77 61.35 -30.95 -98.03
CA GLN YA 77 62.36 -30.01 -98.50
C GLN YA 77 63.21 -29.45 -97.36
N TYR YA 78 62.65 -29.34 -96.14
CA TYR YA 78 63.45 -28.86 -95.03
C TYR YA 78 64.55 -29.86 -94.67
N LEU YA 79 64.21 -31.14 -94.57
CA LEU YA 79 65.24 -32.14 -94.35
C LEU YA 79 66.21 -32.24 -95.53
N ARG YA 80 65.70 -32.03 -96.75
CA ARG YA 80 66.56 -32.09 -97.92
C ARG YA 80 67.63 -31.00 -97.88
N ASP YA 81 67.22 -29.74 -97.69
CA ASP YA 81 68.21 -28.66 -97.72
C ASP YA 81 68.93 -28.49 -96.38
N TYR YA 82 68.46 -29.14 -95.31
CA TYR YA 82 69.26 -29.20 -94.10
C TYR YA 82 70.36 -30.24 -94.21
N LEU YA 83 70.05 -31.37 -94.84
CA LEU YA 83 71.02 -32.44 -95.02
C LEU YA 83 71.80 -32.32 -96.32
N HIS YA 84 71.54 -31.26 -97.10
CA HIS YA 84 72.24 -30.98 -98.36
C HIS YA 84 72.11 -32.15 -99.33
N LEU YA 85 70.87 -32.44 -99.72
CA LEU YA 85 70.56 -33.62 -100.50
C LEU YA 85 69.82 -33.21 -101.77
N PRO YA 86 70.16 -33.78 -102.93
CA PRO YA 86 69.40 -33.49 -104.14
C PRO YA 86 68.01 -34.07 -104.07
N PRO YA 87 67.03 -33.46 -104.74
CA PRO YA 87 65.66 -33.99 -104.69
C PRO YA 87 65.47 -35.26 -105.51
N GLU YA 88 66.20 -36.32 -105.17
CA GLU YA 88 66.00 -37.61 -105.81
C GLU YA 88 65.79 -38.69 -104.76
N ILE YA 89 66.51 -38.57 -103.64
CA ILE YA 89 66.36 -39.51 -102.53
C ILE YA 89 65.10 -39.14 -101.76
N VAL YA 90 64.19 -40.10 -101.61
CA VAL YA 90 62.90 -39.86 -100.99
C VAL YA 90 62.80 -40.77 -99.77
N PRO YA 91 61.93 -40.45 -98.82
CA PRO YA 91 61.59 -41.42 -97.78
C PRO YA 91 60.92 -42.65 -98.38
N ALA YA 92 61.02 -43.76 -97.65
CA ALA YA 92 60.52 -45.04 -98.16
C ALA YA 92 59.01 -45.00 -98.39
N THR YA 93 58.29 -44.26 -97.55
CA THR YA 93 56.84 -44.17 -97.70
C THR YA 93 56.43 -43.42 -98.96
N LEU YA 94 57.25 -42.48 -99.42
CA LEU YA 94 56.87 -41.68 -100.59
C LEU YA 94 56.89 -42.53 -101.86
N ARG YA 95 58.03 -43.15 -102.16
CA ARG YA 95 58.19 -43.94 -103.37
C ARG YA 95 58.66 -45.34 -102.99
N ARG YA 96 57.95 -46.35 -103.47
CA ARG YA 96 58.32 -47.74 -103.26
C ARG YA 96 58.42 -48.43 -104.62
N SER YA 97 59.59 -49.01 -104.89
CA SER YA 97 59.89 -49.76 -106.11
C SER YA 97 59.64 -48.99 -107.39
N ARG YA 98 59.47 -47.68 -107.31
CA ARG YA 98 59.18 -46.86 -108.49
C ARG YA 98 60.05 -45.61 -108.51
N VAL ZA 1 92.28 -14.73 -111.61
CA VAL ZA 1 91.97 -14.64 -110.19
C VAL ZA 1 90.55 -15.15 -109.94
N MET ZA 2 89.71 -15.09 -110.98
CA MET ZA 2 88.33 -15.55 -110.85
C MET ZA 2 88.24 -17.06 -110.78
N ASP ZA 3 89.12 -17.76 -111.50
CA ASP ZA 3 89.10 -19.22 -111.50
C ASP ZA 3 89.39 -19.78 -110.11
N VAL ZA 4 90.47 -19.32 -109.49
CA VAL ZA 4 90.80 -19.77 -108.14
C VAL ZA 4 89.76 -19.27 -107.15
N ASN ZA 5 89.16 -18.11 -107.42
CA ASN ZA 5 88.12 -17.59 -106.54
C ASN ZA 5 86.92 -18.54 -106.50
N THR ZA 6 86.39 -18.90 -107.67
CA THR ZA 6 85.33 -19.90 -107.71
C THR ZA 6 85.79 -21.24 -107.17
N ALA ZA 7 87.07 -21.57 -107.32
CA ALA ZA 7 87.59 -22.84 -106.81
C ALA ZA 7 87.46 -22.90 -105.29
N LEU ZA 8 87.99 -21.91 -104.58
CA LEU ZA 8 87.85 -22.00 -103.13
C LEU ZA 8 86.44 -21.67 -102.67
N GLN ZA 9 85.65 -20.97 -103.50
CA GLN ZA 9 84.24 -20.79 -103.19
C GLN ZA 9 83.49 -22.11 -103.12
N GLU ZA 10 83.65 -22.95 -104.16
CA GLU ZA 10 82.99 -24.24 -104.10
C GLU ZA 10 83.62 -25.15 -103.05
N VAL ZA 11 84.93 -24.99 -102.81
CA VAL ZA 11 85.58 -25.76 -101.75
C VAL ZA 11 84.96 -25.43 -100.39
N LEU ZA 12 84.79 -24.14 -100.10
CA LEU ZA 12 84.20 -23.76 -98.82
C LEU ZA 12 82.74 -24.14 -98.76
N LYS ZA 13 82.04 -24.10 -99.88
CA LYS ZA 13 80.66 -24.60 -99.89
C LYS ZA 13 80.61 -26.07 -99.50
N THR ZA 14 81.50 -26.89 -100.08
CA THR ZA 14 81.60 -28.29 -99.69
C THR ZA 14 81.96 -28.42 -98.21
N ALA ZA 15 82.81 -27.53 -97.70
CA ALA ZA 15 83.15 -27.53 -96.28
C ALA ZA 15 81.93 -27.26 -95.41
N LEU ZA 16 81.04 -26.36 -95.85
CA LEU ZA 16 79.76 -26.19 -95.16
C LEU ZA 16 78.92 -27.45 -95.24
N ILE ZA 17 78.97 -28.18 -96.36
CA ILE ZA 17 78.19 -29.42 -96.48
C ILE ZA 17 78.64 -30.41 -95.41
N HIS ZA 18 79.94 -30.57 -95.24
CA HIS ZA 18 80.47 -31.51 -94.26
C HIS ZA 18 80.85 -30.77 -92.98
N ASP ZA 19 81.58 -31.45 -92.10
CA ASP ZA 19 81.88 -30.93 -90.76
C ASP ZA 19 83.30 -30.36 -90.62
N GLY ZA 20 84.15 -30.51 -91.62
CA GLY ZA 20 85.51 -30.00 -91.52
C GLY ZA 20 85.61 -28.52 -91.84
N LEU ZA 21 85.06 -27.67 -90.98
CA LEU ZA 21 84.98 -26.24 -91.25
C LEU ZA 21 85.75 -25.41 -90.24
N ALA ZA 22 85.48 -25.58 -88.94
CA ALA ZA 22 86.23 -24.95 -87.84
C ALA ZA 22 86.24 -23.42 -87.96
N ARG ZA 23 85.06 -22.83 -87.82
CA ARG ZA 23 84.91 -21.39 -87.83
C ARG ZA 23 85.35 -20.82 -86.49
N GLY ZA 24 86.52 -20.20 -86.46
CA GLY ZA 24 87.08 -19.65 -85.24
C GLY ZA 24 88.56 -20.01 -85.12
N ILE ZA 25 89.35 -19.05 -84.66
CA ILE ZA 25 90.80 -19.23 -84.59
C ILE ZA 25 91.17 -20.33 -83.60
N ARG ZA 26 90.33 -20.56 -82.59
CA ARG ZA 26 90.64 -21.62 -81.62
C ARG ZA 26 90.57 -22.99 -82.26
N GLU ZA 27 89.46 -23.29 -82.95
CA GLU ZA 27 89.36 -24.56 -83.65
C GLU ZA 27 90.34 -24.67 -84.81
N ALA ZA 28 90.60 -23.55 -85.49
CA ALA ZA 28 91.56 -23.55 -86.58
C ALA ZA 28 92.96 -23.91 -86.05
N ALA ZA 29 93.37 -23.32 -84.93
CA ALA ZA 29 94.66 -23.63 -84.34
C ALA ZA 29 94.70 -25.05 -83.81
N LYS ZA 30 93.58 -25.53 -83.25
CA LYS ZA 30 93.50 -26.92 -82.81
C LYS ZA 30 93.71 -27.87 -83.97
N ALA ZA 31 93.13 -27.55 -85.13
CA ALA ZA 31 93.39 -28.32 -86.33
C ALA ZA 31 94.82 -28.17 -86.83
N LEU ZA 32 95.43 -26.99 -86.62
CA LEU ZA 32 96.78 -26.73 -87.11
C LEU ZA 32 97.81 -27.57 -86.35
N ASP ZA 33 97.89 -27.40 -85.03
CA ASP ZA 33 98.94 -28.11 -84.28
C ASP ZA 33 98.69 -29.60 -84.22
N LYS ZA 34 97.49 -30.06 -84.55
CA LYS ZA 34 97.20 -31.48 -84.69
C LYS ZA 34 97.58 -32.02 -86.06
N ARG ZA 35 98.07 -31.16 -86.96
CA ARG ZA 35 98.38 -31.48 -88.35
C ARG ZA 35 97.15 -31.94 -89.13
N GLN ZA 36 95.96 -31.67 -88.60
CA GLN ZA 36 94.71 -31.97 -89.29
C GLN ZA 36 94.20 -30.70 -89.97
N ALA ZA 37 94.94 -30.26 -90.98
CA ALA ZA 37 94.55 -29.07 -91.71
C ALA ZA 37 95.03 -29.19 -93.15
N HIS ZA 38 94.33 -28.52 -94.04
CA HIS ZA 38 94.69 -28.56 -95.46
C HIS ZA 38 94.81 -27.18 -96.08
N LEU ZA 39 93.95 -26.24 -95.68
CA LEU ZA 39 93.99 -24.88 -96.19
C LEU ZA 39 93.76 -23.90 -95.06
N CYS ZA 40 94.24 -22.67 -95.27
CA CYS ZA 40 94.05 -21.59 -94.32
C CYS ZA 40 93.78 -20.31 -95.11
N VAL ZA 41 92.62 -19.69 -94.88
CA VAL ZA 41 92.30 -18.40 -95.46
C VAL ZA 41 92.31 -17.35 -94.35
N LEU ZA 42 92.89 -16.19 -94.64
CA LEU ZA 42 93.11 -15.15 -93.64
C LEU ZA 42 92.59 -13.83 -94.15
N ALA ZA 43 91.95 -13.07 -93.26
CA ALA ZA 43 91.38 -11.78 -93.64
C ALA ZA 43 92.47 -10.72 -93.67
N SER ZA 44 92.75 -10.22 -94.88
CA SER ZA 44 93.70 -9.11 -95.02
C SER ZA 44 93.18 -7.83 -94.40
N ASN ZA 45 91.87 -7.66 -94.28
CA ASN ZA 45 91.27 -6.47 -93.69
C ASN ZA 45 90.95 -6.77 -92.23
N CYS ZA 46 92.01 -6.81 -91.41
CA CYS ZA 46 91.87 -7.04 -89.98
C CYS ZA 46 92.67 -5.99 -89.23
N ASP ZA 47 92.04 -5.34 -88.26
CA ASP ZA 47 92.68 -4.25 -87.53
C ASP ZA 47 93.57 -4.74 -86.40
N GLU ZA 48 93.36 -5.95 -85.92
CA GLU ZA 48 94.10 -6.42 -84.75
C GLU ZA 48 95.50 -6.82 -85.20
N PRO ZA 49 96.57 -6.27 -84.58
CA PRO ZA 49 97.92 -6.38 -85.15
C PRO ZA 49 98.45 -7.80 -85.34
N MET ZA 50 98.53 -8.56 -84.25
CA MET ZA 50 99.08 -9.92 -84.31
C MET ZA 50 98.01 -10.96 -84.60
N TYR ZA 51 96.78 -10.53 -84.87
CA TYR ZA 51 95.73 -11.46 -85.26
C TYR ZA 51 96.07 -12.19 -86.55
N VAL ZA 52 96.54 -11.45 -87.55
CA VAL ZA 52 96.85 -12.03 -88.86
C VAL ZA 52 98.28 -12.53 -88.86
N LYS ZA 53 98.92 -12.52 -87.70
CA LYS ZA 53 100.34 -12.85 -87.55
C LYS ZA 53 100.58 -14.15 -86.81
N LEU ZA 54 99.85 -14.41 -85.72
CA LEU ZA 54 99.97 -15.70 -85.04
C LEU ZA 54 99.53 -16.83 -85.95
N VAL ZA 55 98.43 -16.65 -86.67
CA VAL ZA 55 97.90 -17.71 -87.53
C VAL ZA 55 98.86 -18.00 -88.68
N GLU ZA 56 99.44 -16.95 -89.29
CA GLU ZA 56 100.39 -17.22 -90.37
C GLU ZA 56 101.68 -17.81 -89.84
N ALA ZA 57 102.09 -17.45 -88.62
CA ALA ZA 57 103.25 -18.10 -88.02
C ALA ZA 57 102.99 -19.59 -87.82
N LEU ZA 58 101.82 -19.93 -87.30
CA LEU ZA 58 101.47 -21.34 -87.10
C LEU ZA 58 101.41 -22.09 -88.44
N CYS ZA 59 100.82 -21.47 -89.45
CA CYS ZA 59 100.69 -22.12 -90.75
C CYS ZA 59 102.04 -22.27 -91.45
N ALA ZA 60 102.93 -21.29 -91.29
CA ALA ZA 60 104.24 -21.37 -91.92
C ALA ZA 60 105.15 -22.37 -91.22
N GLU ZA 61 104.99 -22.52 -89.90
CA GLU ZA 61 105.73 -23.57 -89.21
C GLU ZA 61 105.32 -24.95 -89.71
N HIS ZA 62 104.03 -25.15 -89.96
CA HIS ZA 62 103.55 -26.35 -90.62
C HIS ZA 62 103.69 -26.17 -92.13
N GLN ZA 63 103.16 -27.14 -92.89
CA GLN ZA 63 103.21 -27.09 -94.35
C GLN ZA 63 101.77 -27.10 -94.86
N ILE ZA 64 101.16 -25.92 -94.90
CA ILE ZA 64 99.75 -25.76 -95.25
C ILE ZA 64 99.61 -24.47 -96.06
N ASN ZA 65 98.72 -24.49 -97.06
CA ASN ZA 65 98.51 -23.32 -97.91
C ASN ZA 65 97.96 -22.14 -97.10
N LEU ZA 66 98.41 -20.95 -97.48
CA LEU ZA 66 97.92 -19.69 -96.91
C LEU ZA 66 97.34 -18.84 -98.02
N ILE ZA 67 96.09 -18.41 -97.85
CA ILE ZA 67 95.42 -17.53 -98.80
C ILE ZA 67 94.88 -16.33 -98.04
N LYS ZA 68 95.03 -15.15 -98.62
CA LYS ZA 68 94.56 -13.91 -98.02
C LYS ZA 68 93.26 -13.49 -98.70
N VAL ZA 69 92.19 -13.39 -97.92
CA VAL ZA 69 90.89 -12.96 -98.43
C VAL ZA 69 90.74 -11.46 -98.17
N ASP ZA 70 90.04 -10.80 -99.09
CA ASP ZA 70 89.96 -9.34 -99.07
C ASP ZA 70 89.23 -8.83 -97.84
N ASP ZA 71 88.11 -9.46 -97.48
CA ASP ZA 71 87.26 -8.98 -96.40
C ASP ZA 71 86.83 -10.12 -95.50
N ASN ZA 72 86.78 -9.85 -94.20
CA ASN ZA 72 86.32 -10.85 -93.25
C ASN ZA 72 84.81 -11.08 -93.36
N LYS ZA 73 84.03 -10.01 -93.54
CA LYS ZA 73 82.58 -10.17 -93.65
C LYS ZA 73 82.20 -10.82 -94.97
N LYS ZA 74 82.98 -10.56 -96.02
CA LYS ZA 74 82.80 -11.27 -97.29
C LYS ZA 74 83.01 -12.77 -97.10
N LEU ZA 75 84.03 -13.15 -96.33
CA LEU ZA 75 84.24 -14.56 -96.02
C LEU ZA 75 83.11 -15.10 -95.16
N GLY ZA 76 82.60 -14.30 -94.23
CA GLY ZA 76 81.51 -14.74 -93.38
C GLY ZA 76 80.25 -15.04 -94.16
N GLU ZA 77 79.87 -14.15 -95.08
CA GLU ZA 77 78.76 -14.45 -95.97
C GLU ZA 77 79.10 -15.62 -96.89
N TRP ZA 78 80.36 -15.77 -97.27
CA TRP ZA 78 80.77 -16.93 -98.04
C TRP ZA 78 80.65 -18.20 -97.22
N VAL ZA 79 81.18 -18.20 -95.99
CA VAL ZA 79 81.09 -19.37 -95.12
C VAL ZA 79 79.72 -19.49 -94.49
N GLY ZA 80 78.81 -18.57 -94.76
CA GLY ZA 80 77.45 -18.67 -94.28
C GLY ZA 80 77.28 -18.53 -92.78
N LEU ZA 81 77.98 -17.58 -92.17
CA LEU ZA 81 77.78 -17.28 -90.74
C LEU ZA 81 76.73 -16.19 -90.55
N CYS ZA 82 75.57 -16.38 -91.19
CA CYS ZA 82 74.50 -15.40 -91.15
C CYS ZA 82 73.17 -16.16 -91.06
N LYS ZA 83 72.07 -15.45 -91.29
CA LYS ZA 83 70.76 -16.09 -91.28
C LYS ZA 83 70.54 -16.96 -92.52
N ILE ZA 84 71.31 -16.73 -93.58
CA ILE ZA 84 71.15 -17.41 -94.86
C ILE ZA 84 69.73 -17.20 -95.35
N ASP ZA 85 69.39 -15.97 -95.71
CA ASP ZA 85 68.09 -15.63 -96.27
C ASP ZA 85 68.26 -14.66 -97.43
N ARG ZA 86 69.18 -14.99 -98.34
CA ARG ZA 86 69.53 -14.11 -99.45
C ARG ZA 86 68.30 -13.70 -100.28
N GLU ZA 87 67.32 -14.59 -100.40
CA GLU ZA 87 66.14 -14.28 -101.20
C GLU ZA 87 65.24 -13.26 -100.52
N GLY ZA 88 65.34 -13.10 -99.20
CA GLY ZA 88 64.48 -12.18 -98.50
C GLY ZA 88 65.18 -11.20 -97.58
N LYS ZA 89 66.43 -11.49 -97.23
CA LYS ZA 89 67.17 -10.71 -96.25
C LYS ZA 89 68.58 -10.44 -96.75
N PRO ZA 90 69.17 -9.30 -96.35
CA PRO ZA 90 70.61 -9.13 -96.54
C PRO ZA 90 71.45 -10.12 -95.75
N ARG ZA 91 70.87 -10.76 -94.72
CA ARG ZA 91 71.54 -11.77 -93.90
C ARG ZA 91 72.81 -11.19 -93.25
N LYS ZA 92 72.57 -10.26 -92.32
CA LYS ZA 92 73.65 -9.61 -91.58
C LYS ZA 92 74.57 -10.65 -90.95
N VAL ZA 93 75.86 -10.47 -91.14
CA VAL ZA 93 76.85 -11.51 -90.88
C VAL ZA 93 77.87 -11.00 -89.88
N VAL ZA 94 78.44 -11.92 -89.10
CA VAL ZA 94 79.55 -11.63 -88.20
C VAL ZA 94 80.83 -11.55 -89.01
N GLY ZA 95 81.90 -11.05 -88.41
CA GLY ZA 95 83.18 -10.99 -89.09
C GLY ZA 95 83.97 -12.27 -88.93
N CYS ZA 96 83.87 -13.17 -89.90
CA CYS ZA 96 84.58 -14.45 -89.88
C CYS ZA 96 85.87 -14.30 -90.67
N SER ZA 97 87.00 -14.55 -90.00
CA SER ZA 97 88.31 -14.24 -90.58
C SER ZA 97 89.22 -15.46 -90.67
N CYS ZA 98 88.66 -16.66 -90.54
CA CYS ZA 98 89.47 -17.88 -90.58
C CYS ZA 98 88.59 -19.07 -90.91
N VAL ZA 99 88.92 -19.76 -92.01
CA VAL ZA 99 88.26 -21.01 -92.38
C VAL ZA 99 89.33 -22.01 -92.77
N VAL ZA 100 89.30 -23.19 -92.17
CA VAL ZA 100 90.26 -24.25 -92.46
C VAL ZA 100 89.48 -25.49 -92.91
N VAL ZA 101 89.81 -26.01 -94.08
CA VAL ZA 101 89.06 -27.08 -94.72
C VAL ZA 101 89.69 -28.42 -94.35
N LYS ZA 102 88.85 -29.35 -93.90
CA LYS ZA 102 89.32 -30.69 -93.55
C LYS ZA 102 88.51 -31.77 -94.26
N ASP ZA 103 87.36 -31.39 -94.83
CA ASP ZA 103 86.42 -32.38 -95.30
C ASP ZA 103 86.90 -33.06 -96.58
N TYR ZA 104 87.14 -32.29 -97.64
CA TYR ZA 104 87.39 -32.81 -98.98
C TYR ZA 104 86.30 -33.80 -99.39
N GLY ZA 105 85.05 -33.41 -99.11
CA GLY ZA 105 83.94 -34.27 -99.48
C GLY ZA 105 83.80 -34.45 -100.98
N LYS ZA 106 84.01 -33.37 -101.74
CA LYS ZA 106 83.98 -33.41 -103.19
C LYS ZA 106 85.01 -32.42 -103.73
N GLU ZA 107 85.83 -32.89 -104.66
CA GLU ZA 107 86.93 -32.10 -105.21
C GLU ZA 107 86.71 -31.93 -106.70
N SER ZA 108 85.95 -30.90 -107.07
CA SER ZA 108 85.76 -30.52 -108.47
C SER ZA 108 86.74 -29.43 -108.90
N GLN ZA 109 86.75 -28.30 -108.20
CA GLN ZA 109 87.72 -27.25 -108.43
C GLN ZA 109 88.77 -27.17 -107.33
N ALA ZA 110 88.80 -28.13 -106.40
CA ALA ZA 110 89.87 -28.16 -105.41
C ALA ZA 110 91.22 -28.41 -106.08
N LYS ZA 111 91.21 -29.07 -107.24
CA LYS ZA 111 92.44 -29.25 -108.01
C LYS ZA 111 92.94 -27.91 -108.56
N ASP ZA 112 92.03 -26.96 -108.84
CA ASP ZA 112 92.46 -25.63 -109.21
C ASP ZA 112 93.20 -24.95 -108.05
N VAL ZA 113 92.70 -25.13 -106.83
CA VAL ZA 113 93.40 -24.61 -105.65
C VAL ZA 113 94.74 -25.29 -105.47
N ILE ZA 114 94.79 -26.60 -105.75
CA ILE ZA 114 96.05 -27.33 -105.68
C ILE ZA 114 97.06 -26.78 -106.67
N GLU ZA 115 96.62 -26.49 -107.90
CA GLU ZA 115 97.51 -25.92 -108.90
C GLU ZA 115 97.96 -24.52 -108.53
N GLU ZA 116 97.07 -23.72 -107.95
CA GLU ZA 116 97.48 -22.38 -107.49
C GLU ZA 116 98.49 -22.48 -106.36
N TYR ZA 117 98.29 -23.43 -105.45
CA TYR ZA 117 99.26 -23.69 -104.38
C TYR ZA 117 100.60 -24.11 -104.96
N PHE ZA 118 100.58 -24.97 -105.99
CA PHE ZA 118 101.81 -25.37 -106.65
C PHE ZA 118 102.52 -24.18 -107.29
N LYS ZA 119 101.77 -23.33 -107.97
CA LYS ZA 119 102.35 -22.15 -108.61
C LYS ZA 119 102.96 -21.22 -107.56
N CYS ZA 120 102.27 -21.04 -106.43
CA CYS ZA 120 102.82 -20.20 -105.37
C CYS ZA 120 104.09 -20.81 -104.77
N LYS ZA 121 104.12 -22.13 -104.59
CA LYS ZA 121 105.30 -22.77 -104.03
C LYS ZA 121 106.42 -22.95 -105.05
N LYS ZA 122 106.14 -22.80 -106.33
CA LYS ZA 122 107.19 -22.81 -107.36
C LYS ZA 122 107.75 -21.41 -107.54
N THR AB 1 82.11 -48.33 -21.74
CA THR AB 1 82.35 -49.72 -22.11
C THR AB 1 81.18 -50.27 -22.92
N TYR AB 2 81.36 -50.34 -24.24
CA TYR AB 2 80.26 -50.75 -25.11
C TYR AB 2 79.94 -52.23 -24.95
N ARG AB 3 80.95 -53.08 -24.93
CA ARG AB 3 80.78 -54.53 -24.84
C ARG AB 3 81.84 -55.14 -23.93
N GLY AB 4 82.31 -54.37 -22.95
CA GLY AB 4 83.33 -54.81 -22.03
C GLY AB 4 84.73 -54.35 -22.36
N VAL AB 5 84.98 -53.93 -23.60
CA VAL AB 5 86.26 -53.34 -23.98
C VAL AB 5 86.14 -51.83 -23.86
N ASP AB 6 87.26 -51.18 -23.57
CA ASP AB 6 87.24 -49.75 -23.36
C ASP AB 6 87.16 -49.02 -24.70
N LEU AB 7 87.03 -47.69 -24.62
CA LEU AB 7 86.96 -46.87 -25.83
C LEU AB 7 88.28 -46.87 -26.58
N ASP AB 8 89.40 -46.93 -25.85
CA ASP AB 8 90.71 -46.87 -26.50
C ASP AB 8 90.90 -48.06 -27.45
N GLN AB 9 90.51 -49.25 -27.02
CA GLN AB 9 90.54 -50.40 -27.91
C GLN AB 9 89.54 -50.25 -29.05
N LEU AB 10 88.44 -49.56 -28.81
CA LEU AB 10 87.45 -49.36 -29.86
C LEU AB 10 87.95 -48.44 -30.95
N LEU AB 11 88.84 -47.49 -30.61
CA LEU AB 11 89.40 -46.61 -31.63
C LEU AB 11 90.19 -47.38 -32.68
N ASP AB 12 90.99 -48.35 -32.25
CA ASP AB 12 91.71 -49.22 -33.18
C ASP AB 12 91.02 -50.57 -33.34
N MET AB 13 89.69 -50.60 -33.26
CA MET AB 13 88.90 -51.80 -33.47
C MET AB 13 88.42 -51.75 -34.92
N SER AB 14 89.05 -52.58 -35.77
CA SER AB 14 88.77 -52.51 -37.19
C SER AB 14 87.35 -53.02 -37.50
N TYR AB 15 86.86 -52.66 -38.69
CA TYR AB 15 85.46 -52.88 -39.03
C TYR AB 15 85.11 -54.36 -39.05
N GLU AB 16 86.04 -55.20 -39.52
CA GLU AB 16 85.74 -56.61 -39.71
C GLU AB 16 85.43 -57.31 -38.39
N GLN AB 17 86.17 -57.00 -37.34
CA GLN AB 17 85.89 -57.55 -36.02
C GLN AB 17 85.00 -56.65 -35.18
N LEU AB 18 84.73 -55.42 -35.62
CA LEU AB 18 83.78 -54.57 -34.91
C LEU AB 18 82.35 -55.03 -35.11
N MET AB 19 82.07 -55.70 -36.24
CA MET AB 19 80.72 -56.18 -36.49
C MET AB 19 80.31 -57.28 -35.53
N GLN AB 20 81.29 -57.98 -34.94
CA GLN AB 20 80.97 -58.99 -33.94
C GLN AB 20 80.69 -58.38 -32.58
N LEU AB 21 80.85 -57.06 -32.44
CA LEU AB 21 80.51 -56.37 -31.20
C LEU AB 21 79.22 -55.57 -31.32
N TYR AB 22 78.84 -55.20 -32.53
CA TYR AB 22 77.55 -54.57 -32.77
C TYR AB 22 76.42 -55.60 -32.69
N SER AB 23 75.20 -55.08 -32.64
CA SER AB 23 74.01 -55.93 -32.67
C SER AB 23 73.79 -56.45 -34.10
N ALA AB 24 72.68 -57.18 -34.28
CA ALA AB 24 72.41 -57.81 -35.57
C ALA AB 24 72.15 -56.78 -36.66
N ARG AB 25 71.34 -55.76 -36.36
CA ARG AB 25 71.02 -54.74 -37.36
C ARG AB 25 72.26 -53.96 -37.76
N GLN AB 26 73.08 -53.56 -36.79
CA GLN AB 26 74.29 -52.81 -37.10
C GLN AB 26 75.29 -53.68 -37.84
N ARG AB 27 75.38 -54.96 -37.48
CA ARG AB 27 76.28 -55.86 -38.17
C ARG AB 27 75.87 -56.06 -39.63
N ARG AB 28 74.57 -56.18 -39.88
CA ARG AB 28 74.10 -56.28 -41.26
C ARG AB 28 74.34 -54.97 -42.02
N ARG AB 29 74.18 -53.83 -41.33
CA ARG AB 29 74.47 -52.54 -41.96
C ARG AB 29 75.93 -52.45 -42.39
N LEU AB 30 76.85 -52.83 -41.51
CA LEU AB 30 78.26 -52.74 -41.85
C LEU AB 30 78.70 -53.85 -42.79
N ASN AB 31 77.96 -54.96 -42.82
CA ASN AB 31 78.26 -56.02 -43.79
C ASN AB 31 78.01 -55.53 -45.21
N ARG AB 32 76.91 -54.81 -45.42
CA ARG AB 32 76.68 -54.13 -46.68
C ARG AB 32 77.59 -52.91 -46.79
N GLY AB 33 77.92 -52.55 -48.03
CA GLY AB 33 78.87 -51.47 -48.24
C GLY AB 33 78.31 -50.12 -47.84
N LEU AB 34 79.09 -49.37 -47.07
CA LEU AB 34 78.74 -47.98 -46.78
C LEU AB 34 78.97 -47.13 -48.03
N ARG AB 35 77.99 -46.31 -48.38
CA ARG AB 35 78.08 -45.53 -49.60
C ARG AB 35 79.03 -44.35 -49.41
N ARG AB 36 79.25 -43.64 -50.53
CA ARG AB 36 80.25 -42.58 -50.56
C ARG AB 36 79.87 -41.43 -49.64
N LYS AB 37 78.57 -41.21 -49.40
CA LYS AB 37 78.14 -40.13 -48.54
C LYS AB 37 78.61 -40.33 -47.10
N GLN AB 38 78.49 -41.57 -46.60
CA GLN AB 38 78.95 -41.86 -45.25
C GLN AB 38 80.46 -41.70 -45.12
N HIS AB 39 81.21 -42.15 -46.12
CA HIS AB 39 82.66 -41.98 -46.10
C HIS AB 39 83.04 -40.50 -46.13
N SER AB 40 82.34 -39.71 -46.94
CA SER AB 40 82.58 -38.27 -46.96
C SER AB 40 82.28 -37.63 -45.61
N LEU AB 41 81.20 -38.05 -44.96
CA LEU AB 41 80.90 -37.53 -43.63
C LEU AB 41 81.97 -37.92 -42.62
N LEU AB 42 82.45 -39.16 -42.70
CA LEU AB 42 83.52 -39.59 -41.81
C LEU AB 42 84.79 -38.77 -42.02
N LYS AB 43 85.14 -38.51 -43.28
CA LYS AB 43 86.30 -37.66 -43.56
C LYS AB 43 86.09 -36.25 -43.04
N ARG AB 44 84.86 -35.73 -43.15
CA ARG AB 44 84.58 -34.39 -42.64
C ARG AB 44 84.73 -34.31 -41.14
N LEU AB 45 84.21 -35.29 -40.40
CA LEU AB 45 84.38 -35.29 -38.96
C LEU AB 45 85.85 -35.46 -38.56
N ARG AB 46 86.58 -36.29 -39.29
CA ARG AB 46 88.02 -36.43 -39.02
C ARG AB 46 88.74 -35.11 -39.24
N LYS AB 47 88.41 -34.42 -40.35
CA LYS AB 47 89.01 -33.11 -40.62
C LYS AB 47 88.68 -32.12 -39.52
N ALA AB 48 87.42 -32.08 -39.08
CA ALA AB 48 87.02 -31.15 -38.03
C ALA AB 48 87.74 -31.45 -36.72
N LYS AB 49 87.87 -32.74 -36.38
CA LYS AB 49 88.53 -33.09 -35.12
C LYS AB 49 90.02 -32.78 -35.16
N LYS AB 50 90.68 -33.04 -36.28
CA LYS AB 50 92.11 -32.74 -36.38
C LYS AB 50 92.36 -31.23 -36.41
N GLU AB 51 91.45 -30.47 -37.02
CA GLU AB 51 91.58 -29.02 -37.01
C GLU AB 51 90.97 -28.40 -35.77
N ALA AB 52 90.31 -29.18 -34.92
CA ALA AB 52 89.77 -28.65 -33.68
C ALA AB 52 90.90 -28.25 -32.75
N PRO AB 53 90.78 -27.13 -32.05
CA PRO AB 53 91.81 -26.73 -31.09
C PRO AB 53 91.89 -27.73 -29.95
N PRO AB 54 93.06 -27.88 -29.34
CA PRO AB 54 93.18 -28.81 -28.20
C PRO AB 54 92.36 -28.33 -27.02
N MET AB 55 91.99 -29.31 -26.18
CA MET AB 55 91.16 -29.11 -24.97
C MET AB 55 89.92 -28.26 -25.22
N GLU AB 56 89.42 -28.28 -26.46
CA GLU AB 56 88.21 -27.56 -26.83
C GLU AB 56 87.45 -28.38 -27.85
N LYS AB 57 86.11 -28.32 -27.75
CA LYS AB 57 85.25 -29.11 -28.61
C LYS AB 57 85.39 -28.65 -30.07
N PRO AB 58 85.19 -29.54 -31.03
CA PRO AB 58 85.25 -29.15 -32.44
C PRO AB 58 84.06 -28.28 -32.83
N GLU AB 59 84.08 -27.84 -34.08
CA GLU AB 59 82.98 -27.05 -34.60
C GLU AB 59 81.82 -27.94 -35.00
N VAL AB 60 80.67 -27.32 -35.24
CA VAL AB 60 79.47 -28.05 -35.62
C VAL AB 60 79.58 -28.50 -37.07
N VAL AB 61 79.14 -29.72 -37.34
CA VAL AB 61 79.00 -30.23 -38.70
C VAL AB 61 77.57 -30.71 -38.89
N LYS AB 62 76.97 -30.33 -40.01
CA LYS AB 62 75.56 -30.60 -40.26
C LYS AB 62 75.41 -31.72 -41.27
N THR AB 63 74.23 -32.33 -41.28
CA THR AB 63 73.91 -33.42 -42.21
C THR AB 63 72.41 -33.67 -42.20
N HIS AB 64 71.90 -34.12 -43.36
CA HIS AB 64 70.56 -34.70 -43.41
C HIS AB 64 70.55 -36.18 -43.09
N LEU AB 65 71.59 -36.92 -43.47
CA LEU AB 65 71.59 -38.36 -43.26
C LEU AB 65 71.66 -38.65 -41.77
N ARG AB 66 70.53 -39.06 -41.20
CA ARG AB 66 70.44 -39.46 -39.81
C ARG AB 66 70.37 -40.97 -39.67
N ASP AB 67 70.41 -41.70 -40.78
CA ASP AB 67 70.51 -43.14 -40.79
C ASP AB 67 71.94 -43.62 -40.58
N MET AB 68 72.88 -42.70 -40.43
CA MET AB 68 74.24 -43.06 -40.04
C MET AB 68 74.23 -43.79 -38.71
N ILE AB 69 74.95 -44.89 -38.64
CA ILE AB 69 75.17 -45.56 -37.36
C ILE AB 69 76.43 -45.00 -36.74
N ILE AB 70 76.43 -44.87 -35.42
CA ILE AB 70 77.53 -44.21 -34.72
C ILE AB 70 78.71 -45.17 -34.61
N LEU AB 71 79.88 -44.70 -34.98
CA LEU AB 71 81.16 -45.40 -34.89
C LEU AB 71 81.99 -44.79 -33.76
N PRO AB 72 82.84 -45.61 -33.12
CA PRO AB 72 83.61 -45.10 -31.98
C PRO AB 72 84.59 -44.01 -32.34
N GLU AB 73 84.97 -43.87 -33.60
CA GLU AB 73 85.95 -42.85 -33.97
C GLU AB 73 85.33 -41.47 -34.14
N MET AB 74 84.01 -41.35 -33.99
CA MET AB 74 83.32 -40.08 -34.09
C MET AB 74 82.94 -39.49 -32.73
N VAL AB 75 83.47 -40.05 -31.65
CA VAL AB 75 83.10 -39.60 -30.31
C VAL AB 75 83.70 -38.22 -30.04
N GLY AB 76 82.90 -37.31 -29.51
CA GLY AB 76 83.35 -35.98 -29.17
C GLY AB 76 83.09 -34.91 -30.20
N SER AB 77 82.52 -35.28 -31.34
CA SER AB 77 82.27 -34.32 -32.41
C SER AB 77 81.00 -33.53 -32.13
N MET AB 78 80.89 -32.37 -32.78
CA MET AB 78 79.67 -31.58 -32.77
C MET AB 78 78.96 -31.83 -34.10
N VAL AB 79 77.90 -32.63 -34.07
CA VAL AB 79 77.16 -32.99 -35.27
C VAL AB 79 75.76 -32.40 -35.18
N GLY AB 80 75.36 -31.69 -36.22
CA GLY AB 80 74.03 -31.11 -36.30
C GLY AB 80 73.10 -31.95 -37.15
N VAL AB 81 72.12 -32.59 -36.51
CA VAL AB 81 71.25 -33.54 -37.18
C VAL AB 81 69.94 -32.84 -37.54
N TYR AB 82 69.57 -32.94 -38.80
CA TYR AB 82 68.33 -32.35 -39.28
C TYR AB 82 67.13 -33.07 -38.68
N ASN AB 83 66.11 -32.30 -38.30
CA ASN AB 83 64.87 -32.85 -37.75
C ASN AB 83 63.70 -32.72 -38.72
N GLY AB 84 63.94 -32.27 -39.96
CA GLY AB 84 62.90 -31.92 -40.89
C GLY AB 84 62.71 -30.42 -41.05
N LYS AB 85 63.08 -29.65 -40.03
CA LYS AB 85 63.00 -28.19 -40.08
C LYS AB 85 64.35 -27.53 -39.89
N THR AB 86 65.09 -27.89 -38.85
CA THR AB 86 66.38 -27.29 -38.55
C THR AB 86 67.40 -28.39 -38.23
N PHE AB 87 68.65 -27.97 -38.08
CA PHE AB 87 69.71 -28.88 -37.67
C PHE AB 87 69.84 -28.85 -36.15
N ASN AB 88 69.85 -30.02 -35.53
CA ASN AB 88 69.97 -30.16 -34.09
C ASN AB 88 71.35 -30.68 -33.75
N GLN AB 89 72.19 -29.81 -33.18
CA GLN AB 89 73.50 -30.23 -32.73
C GLN AB 89 73.38 -31.18 -31.54
N VAL AB 90 74.24 -32.20 -31.52
CA VAL AB 90 74.16 -33.23 -30.49
C VAL AB 90 75.55 -33.77 -30.21
N GLU AB 91 75.82 -34.00 -28.92
CA GLU AB 91 77.04 -34.65 -28.48
C GLU AB 91 77.04 -36.13 -28.88
N ILE AB 92 78.22 -36.70 -29.06
CA ILE AB 92 78.38 -38.14 -29.18
C ILE AB 92 78.95 -38.63 -27.87
N LYS AB 93 78.09 -39.21 -27.03
CA LYS AB 93 78.52 -39.75 -25.76
C LYS AB 93 79.18 -41.11 -25.94
N PRO AB 94 79.97 -41.55 -24.95
CA PRO AB 94 80.57 -42.89 -25.03
C PRO AB 94 79.58 -44.02 -24.75
N GLU AB 95 78.29 -43.71 -24.79
CA GLU AB 95 77.23 -44.69 -24.59
C GLU AB 95 76.27 -44.75 -25.78
N MET AB 96 76.57 -44.04 -26.86
CA MET AB 96 75.66 -43.87 -27.99
C MET AB 96 76.04 -44.72 -29.18
N ILE AB 97 76.87 -45.75 -28.98
CA ILE AB 97 77.59 -46.38 -30.10
C ILE AB 97 76.63 -47.12 -31.01
N GLY AB 98 75.76 -47.94 -30.46
CA GLY AB 98 74.92 -48.80 -31.29
C GLY AB 98 73.67 -48.13 -31.81
N HIS AB 99 73.52 -46.84 -31.54
CA HIS AB 99 72.29 -46.11 -31.82
C HIS AB 99 72.46 -45.24 -33.06
N TYR AB 100 71.39 -45.13 -33.83
CA TYR AB 100 71.41 -44.28 -35.02
C TYR AB 100 71.35 -42.80 -34.63
N LEU AB 101 71.87 -41.97 -35.53
CA LEU AB 101 71.91 -40.54 -35.25
C LEU AB 101 70.52 -39.92 -35.20
N GLY AB 102 69.54 -40.52 -35.89
CA GLY AB 102 68.21 -39.95 -35.93
C GLY AB 102 67.46 -40.01 -34.62
N GLU AB 103 67.90 -40.88 -33.70
CA GLU AB 103 67.23 -41.02 -32.41
C GLU AB 103 67.42 -39.81 -31.50
N PHE AB 104 68.36 -38.92 -31.84
CA PHE AB 104 68.72 -37.81 -30.96
C PHE AB 104 68.32 -36.46 -31.53
N SER AB 105 67.55 -36.44 -32.60
CA SER AB 105 66.93 -35.22 -33.14
C SER AB 105 65.49 -35.61 -33.45
N ILE AB 106 64.58 -35.32 -32.51
CA ILE AB 106 63.20 -35.77 -32.64
C ILE AB 106 62.54 -35.06 -33.80
N THR AB 107 61.63 -35.77 -34.48
CA THR AB 107 60.96 -35.25 -35.66
C THR AB 107 59.65 -34.56 -35.35
N TYR AB 108 59.29 -34.44 -34.07
CA TYR AB 108 58.04 -33.81 -33.67
C TYR AB 108 58.18 -33.28 -32.26
N LYS AB 109 57.45 -32.21 -31.96
CA LYS AB 109 57.51 -31.95 -30.52
C LYS AB 109 56.41 -32.73 -29.81
N PRO AB 110 56.65 -33.12 -28.56
CA PRO AB 110 55.59 -33.81 -27.80
C PRO AB 110 54.37 -32.92 -27.63
N VAL AB 111 53.20 -33.56 -27.66
CA VAL AB 111 51.94 -32.84 -27.71
C VAL AB 111 51.57 -32.31 -26.34
N LYS AB 112 51.09 -31.07 -26.30
CA LYS AB 112 50.46 -30.48 -25.12
C LYS AB 112 48.96 -30.44 -25.42
N HIS AB 113 48.20 -31.31 -24.77
CA HIS AB 113 46.79 -31.44 -25.09
C HIS AB 113 46.01 -30.24 -24.60
N GLY AB 114 45.18 -29.68 -25.48
CA GLY AB 114 44.36 -28.54 -25.16
C GLY AB 114 42.88 -28.89 -25.10
N ARG AB 115 42.06 -27.86 -25.01
CA ARG AB 115 40.61 -28.03 -24.98
C ARG AB 115 40.13 -28.57 -26.33
N PRO AB 116 39.36 -29.66 -26.34
CA PRO AB 116 38.85 -30.19 -27.62
C PRO AB 116 37.94 -29.19 -28.32
N GLY AB 117 38.00 -29.21 -29.65
CA GLY AB 117 37.25 -28.30 -30.49
C GLY AB 117 35.81 -28.74 -30.69
N ILE AB 118 35.34 -28.61 -31.93
CA ILE AB 118 33.96 -28.91 -32.25
C ILE AB 118 33.69 -30.41 -32.26
N GLY AB 119 34.74 -31.21 -32.46
CA GLY AB 119 34.54 -32.64 -32.58
C GLY AB 119 34.28 -33.33 -31.26
N ALA AB 120 34.08 -34.64 -31.36
CA ALA AB 120 33.79 -35.51 -30.22
C ALA AB 120 32.57 -35.03 -29.44
N THR AB 121 31.50 -34.73 -30.18
CA THR AB 121 30.26 -34.29 -29.59
C THR AB 121 29.61 -35.39 -28.77
N SER BB 1 33.54 -122.15 -61.00
CA SER BB 1 34.84 -122.73 -60.72
C SER BB 1 35.94 -121.68 -60.80
N LYS BB 2 36.17 -121.16 -62.00
CA LYS BB 2 37.18 -120.14 -62.24
C LYS BB 2 36.64 -119.07 -63.18
N GLY BB 3 35.38 -118.67 -62.98
CA GLY BB 3 34.74 -117.68 -63.81
C GLY BB 3 35.34 -116.30 -63.65
N PRO BB 4 36.00 -115.80 -64.70
CA PRO BB 4 36.70 -114.52 -64.58
C PRO BB 4 35.83 -113.34 -64.96
N LEU BB 5 36.39 -112.13 -64.84
CA LEU BB 5 35.76 -110.89 -65.29
C LEU BB 5 34.43 -110.66 -64.60
N GLN BB 6 34.44 -110.75 -63.27
CA GLN BB 6 33.26 -110.50 -62.43
C GLN BB 6 33.60 -109.34 -61.50
N SER BB 7 33.40 -108.12 -61.98
CA SER BB 7 33.73 -106.94 -61.20
C SER BB 7 32.99 -105.73 -61.77
N VAL BB 8 32.70 -104.78 -60.90
CA VAL BB 8 32.11 -103.50 -61.29
C VAL BB 8 32.89 -102.38 -60.61
N GLN BB 9 32.76 -101.18 -61.17
CA GLN BB 9 33.44 -100.00 -60.65
C GLN BB 9 32.39 -98.93 -60.40
N VAL BB 10 32.08 -98.68 -59.14
CA VAL BB 10 30.97 -97.81 -58.76
C VAL BB 10 31.48 -96.75 -57.80
N PHE BB 11 31.08 -95.50 -58.04
CA PHE BB 11 31.50 -94.38 -57.21
C PHE BB 11 30.42 -93.99 -56.21
N GLY BB 12 30.78 -93.09 -55.31
CA GLY BB 12 29.86 -92.49 -54.36
C GLY BB 12 30.30 -91.10 -53.98
N ARG BB 13 29.42 -90.11 -54.05
CA ARG BB 13 29.79 -88.72 -53.90
C ARG BB 13 29.05 -88.07 -52.74
N LYS BB 14 29.77 -87.21 -52.01
CA LYS BB 14 29.18 -86.41 -50.95
C LYS BB 14 30.10 -85.22 -50.70
N LYS BB 15 29.65 -84.02 -51.07
CA LYS BB 15 30.42 -82.78 -50.93
C LYS BB 15 31.78 -82.91 -51.61
N THR BB 16 31.71 -83.09 -52.93
CA THR BB 16 32.86 -83.27 -53.85
C THR BB 16 33.90 -84.27 -53.30
N ALA BB 17 33.45 -85.24 -52.51
CA ALA BB 17 34.28 -86.34 -52.05
C ALA BB 17 33.87 -87.58 -52.84
N THR BB 18 34.72 -88.01 -53.77
CA THR BB 18 34.46 -89.20 -54.55
C THR BB 18 35.04 -90.43 -53.86
N ALA BB 19 34.39 -91.56 -54.06
CA ALA BB 19 34.84 -92.83 -53.49
C ALA BB 19 34.50 -93.93 -54.48
N VAL BB 20 35.51 -94.50 -55.12
CA VAL BB 20 35.32 -95.51 -56.15
C VAL BB 20 35.54 -96.87 -55.54
N ALA BB 21 34.45 -97.61 -55.32
CA ALA BB 21 34.51 -98.97 -54.80
C ALA BB 21 34.57 -99.94 -55.98
N HIS BB 22 35.66 -100.71 -56.06
CA HIS BB 22 35.84 -101.68 -57.12
C HIS BB 22 35.42 -103.05 -56.57
N CYS BB 23 34.10 -103.28 -56.59
CA CYS BB 23 33.58 -104.58 -56.18
C CYS BB 23 33.99 -105.65 -57.19
N LYS BB 24 34.33 -106.82 -56.68
CA LYS BB 24 34.89 -107.87 -57.52
C LYS BB 24 34.64 -109.21 -56.86
N ARG BB 25 34.55 -110.27 -57.68
CA ARG BB 25 34.30 -111.60 -57.16
C ARG BB 25 35.45 -112.08 -56.29
N GLY BB 26 35.12 -112.75 -55.20
CA GLY BB 26 36.13 -113.29 -54.31
C GLY BB 26 35.48 -113.73 -52.99
N ASN BB 27 36.31 -113.80 -51.96
CA ASN BB 27 35.80 -114.05 -50.64
C ASN BB 27 35.30 -112.75 -50.02
N GLY BB 28 34.76 -112.87 -48.80
CA GLY BB 28 34.18 -111.71 -48.15
C GLY BB 28 35.17 -110.82 -47.45
N LEU BB 29 35.53 -109.70 -48.08
CA LEU BB 29 36.42 -108.73 -47.46
C LEU BB 29 36.18 -107.37 -48.10
N ILE BB 30 36.45 -106.32 -47.32
CA ILE BB 30 36.35 -104.94 -47.79
C ILE BB 30 37.58 -104.18 -47.32
N LYS BB 31 38.22 -103.45 -48.21
CA LYS BB 31 39.33 -102.59 -47.87
C LYS BB 31 39.15 -101.23 -48.54
N VAL BB 32 39.58 -100.19 -47.83
CA VAL BB 32 39.53 -98.82 -48.33
C VAL BB 32 40.95 -98.28 -48.34
N ASN BB 33 41.44 -97.95 -49.54
CA ASN BB 33 42.81 -97.44 -49.74
C ASN BB 33 43.86 -98.41 -49.22
N GLY BB 34 43.51 -99.69 -49.14
CA GLY BB 34 44.37 -100.69 -48.54
C GLY BB 34 44.18 -100.90 -47.06
N ARG BB 35 43.33 -100.12 -46.40
CA ARG BB 35 43.06 -100.30 -44.99
C ARG BB 35 41.77 -101.09 -44.78
N PRO BB 36 41.66 -101.85 -43.69
CA PRO BB 36 40.42 -102.57 -43.41
C PRO BB 36 39.26 -101.62 -43.16
N LEU BB 37 38.05 -102.10 -43.45
CA LEU BB 37 36.86 -101.26 -43.37
C LEU BB 37 36.61 -100.77 -41.96
N GLU BB 38 36.68 -101.67 -40.98
CA GLU BB 38 36.39 -101.31 -39.60
C GLU BB 38 37.45 -100.42 -38.98
N MET BB 39 38.60 -100.25 -39.63
CA MET BB 39 39.70 -99.44 -39.13
C MET BB 39 39.79 -98.16 -39.96
N ILE BB 40 39.23 -97.07 -39.42
CA ILE BB 40 39.22 -95.79 -40.10
C ILE BB 40 39.51 -94.70 -39.09
N GLU BB 41 39.96 -93.54 -39.59
CA GLU BB 41 40.35 -92.45 -38.71
C GLU BB 41 39.21 -91.91 -37.86
N PRO BB 42 38.04 -91.53 -38.41
CA PRO BB 42 36.98 -91.12 -37.47
C PRO BB 42 36.18 -92.33 -36.98
N ARG BB 43 36.79 -93.06 -36.04
CA ARG BB 43 36.18 -94.27 -35.49
C ARG BB 43 34.90 -93.97 -34.72
N THR BB 44 34.66 -92.72 -34.35
CA THR BB 44 33.38 -92.35 -33.77
C THR BB 44 32.25 -92.64 -34.74
N LEU BB 45 32.49 -92.42 -36.04
CA LEU BB 45 31.51 -92.69 -37.09
C LEU BB 45 31.67 -94.10 -37.67
N GLN BB 46 32.15 -95.06 -36.88
CA GLN BB 46 32.39 -96.40 -37.40
C GLN BB 46 31.10 -97.08 -37.83
N TYR BB 47 29.99 -96.78 -37.15
CA TYR BB 47 28.72 -97.39 -37.53
C TYR BB 47 28.21 -96.87 -38.86
N LYS BB 48 28.63 -95.67 -39.27
CA LYS BB 48 28.27 -95.20 -40.60
C LYS BB 48 28.92 -96.04 -41.68
N LEU BB 49 30.21 -96.38 -41.52
CA LEU BB 49 30.88 -97.21 -42.50
C LEU BB 49 30.36 -98.65 -42.47
N LEU BB 50 30.14 -99.19 -41.28
CA LEU BB 50 29.69 -100.57 -41.14
C LEU BB 50 28.18 -100.72 -41.31
N GLU BB 51 27.47 -99.62 -41.50
CA GLU BB 51 26.01 -99.64 -41.49
C GLU BB 51 25.40 -100.51 -42.59
N PRO BB 52 25.80 -100.41 -43.87
CA PRO BB 52 25.20 -101.30 -44.87
C PRO BB 52 25.44 -102.78 -44.58
N VAL BB 53 26.64 -103.13 -44.10
CA VAL BB 53 26.92 -104.52 -43.75
C VAL BB 53 26.04 -104.97 -42.60
N LEU BB 54 25.89 -104.13 -41.58
CA LEU BB 54 25.01 -104.46 -40.46
C LEU BB 54 23.56 -104.56 -40.90
N LEU BB 55 23.15 -103.72 -41.85
CA LEU BB 55 21.76 -103.73 -42.30
C LEU BB 55 21.46 -104.96 -43.14
N LEU BB 56 22.43 -105.41 -43.95
CA LEU BB 56 22.17 -106.51 -44.86
C LEU BB 56 22.63 -107.85 -44.31
N GLY BB 57 23.76 -107.88 -43.63
CA GLY BB 57 24.32 -109.14 -43.15
C GLY BB 57 25.53 -109.55 -43.97
N LYS BB 58 26.39 -110.36 -43.34
CA LYS BB 58 27.64 -110.75 -43.98
C LYS BB 58 27.45 -111.82 -45.04
N GLU BB 59 26.28 -112.48 -45.08
CA GLU BB 59 26.07 -113.58 -46.02
C GLU BB 59 26.16 -113.11 -47.47
N ARG BB 60 25.51 -112.00 -47.78
CA ARG BB 60 25.60 -111.45 -49.13
C ARG BB 60 26.99 -110.90 -49.43
N PHE BB 61 27.69 -110.38 -48.42
CA PHE BB 61 29.02 -109.81 -48.59
C PHE BB 61 30.11 -110.86 -48.72
N ALA BB 62 29.78 -112.14 -48.49
CA ALA BB 62 30.81 -113.18 -48.48
C ALA BB 62 31.40 -113.45 -49.85
N GLY BB 63 30.70 -113.09 -50.93
CA GLY BB 63 31.16 -113.43 -52.26
C GLY BB 63 31.75 -112.30 -53.06
N VAL BB 64 32.11 -111.19 -52.41
CA VAL BB 64 32.57 -110.00 -53.11
C VAL BB 64 33.83 -109.45 -52.45
N ASP BB 65 34.80 -109.07 -53.28
CA ASP BB 65 36.00 -108.36 -52.85
C ASP BB 65 35.89 -106.93 -53.35
N ILE BB 66 35.87 -105.98 -52.43
CA ILE BB 66 35.63 -104.58 -52.75
C ILE BB 66 36.81 -103.75 -52.26
N ARG BB 67 37.31 -102.86 -53.12
CA ARG BB 67 38.37 -101.93 -52.77
C ARG BB 67 37.93 -100.53 -53.13
N VAL BB 68 38.08 -99.60 -52.18
CA VAL BB 68 37.57 -98.24 -52.31
C VAL BB 68 38.75 -97.28 -52.34
N ARG BB 69 38.75 -96.37 -53.32
CA ARG BB 69 39.75 -95.32 -53.43
C ARG BB 69 39.07 -93.97 -53.31
N VAL BB 70 39.56 -93.15 -52.38
CA VAL BB 70 39.03 -91.82 -52.12
C VAL BB 70 40.12 -90.79 -52.34
N LYS BB 71 39.85 -89.80 -53.17
CA LYS BB 71 40.84 -88.77 -53.48
C LYS BB 71 40.18 -87.39 -53.46
N GLY BB 72 39.43 -87.08 -52.41
CA GLY BB 72 38.85 -85.77 -52.30
C GLY BB 72 38.02 -85.63 -51.04
N GLY BB 73 37.47 -84.43 -50.87
CA GLY BB 73 36.58 -84.15 -49.76
C GLY BB 73 37.30 -83.91 -48.44
N GLY BB 74 36.55 -84.10 -47.37
CA GLY BB 74 37.05 -83.94 -46.01
C GLY BB 74 37.16 -85.27 -45.29
N HIS BB 75 36.74 -85.28 -44.02
CA HIS BB 75 36.78 -86.49 -43.21
C HIS BB 75 35.44 -87.22 -43.20
N VAL BB 76 34.39 -86.56 -42.74
CA VAL BB 76 33.08 -87.20 -42.61
C VAL BB 76 32.39 -87.30 -43.97
N ALA BB 77 32.56 -86.29 -44.83
CA ALA BB 77 32.04 -86.40 -46.19
C ALA BB 77 32.70 -87.55 -46.92
N GLN BB 78 33.98 -87.80 -46.62
CA GLN BB 78 34.65 -88.99 -47.13
C GLN BB 78 33.98 -90.26 -46.63
N ILE BB 79 33.58 -90.28 -45.36
CA ILE BB 79 32.91 -91.46 -44.80
C ILE BB 79 31.60 -91.71 -45.51
N TYR BB 80 30.82 -90.65 -45.73
CA TYR BB 80 29.55 -90.80 -46.44
C TYR BB 80 29.76 -91.23 -47.88
N ALA BB 81 30.81 -90.72 -48.53
CA ALA BB 81 31.13 -91.18 -49.87
C ALA BB 81 31.45 -92.66 -49.89
N ILE BB 82 32.23 -93.15 -48.92
CA ILE BB 82 32.57 -94.56 -48.86
C ILE BB 82 31.33 -95.41 -48.66
N ARG BB 83 30.47 -95.04 -47.70
CA ARG BB 83 29.32 -95.88 -47.41
C ARG BB 83 28.33 -95.90 -48.58
N GLN BB 84 28.09 -94.74 -49.19
CA GLN BB 84 27.23 -94.69 -50.37
C GLN BB 84 27.82 -95.50 -51.51
N SER BB 85 29.13 -95.41 -51.71
CA SER BB 85 29.78 -96.13 -52.79
C SER BB 85 29.72 -97.63 -52.57
N ILE BB 86 29.89 -98.09 -51.33
CA ILE BB 86 29.77 -99.51 -51.02
C ILE BB 86 28.36 -99.99 -51.31
N SER BB 87 27.35 -99.25 -50.85
CA SER BB 87 25.97 -99.65 -51.11
C SER BB 87 25.65 -99.71 -52.59
N LYS BB 88 26.05 -98.67 -53.34
CA LYS BB 88 25.80 -98.64 -54.77
C LYS BB 88 26.55 -99.74 -55.49
N ALA BB 89 27.80 -100.02 -55.10
CA ALA BB 89 28.57 -101.07 -55.74
C ALA BB 89 27.93 -102.43 -55.49
N LEU BB 90 27.45 -102.68 -54.27
CA LEU BB 90 26.80 -103.96 -54.00
C LEU BB 90 25.51 -104.11 -54.81
N VAL BB 91 24.69 -103.05 -54.86
CA VAL BB 91 23.43 -103.19 -55.60
C VAL BB 91 23.68 -103.31 -57.09
N ALA BB 92 24.73 -102.66 -57.61
CA ALA BB 92 25.06 -102.82 -59.02
C ALA BB 92 25.58 -104.22 -59.32
N TYR BB 93 26.42 -104.76 -58.43
CA TYR BB 93 26.92 -106.12 -58.61
C TYR BB 93 25.77 -107.12 -58.59
N TYR BB 94 24.81 -106.93 -57.68
CA TYR BB 94 23.63 -107.78 -57.66
C TYR BB 94 22.70 -107.50 -58.83
N GLN BB 95 22.82 -106.33 -59.46
CA GLN BB 95 22.03 -106.02 -60.64
C GLN BB 95 22.56 -106.73 -61.88
N LYS BB 96 23.88 -106.82 -62.03
CA LYS BB 96 24.47 -107.36 -63.25
C LYS BB 96 24.74 -108.86 -63.16
N TYR BB 97 25.41 -109.32 -62.11
CA TYR BB 97 25.91 -110.68 -62.07
C TYR BB 97 24.95 -111.66 -61.41
N VAL BB 98 23.80 -111.20 -60.91
CA VAL BB 98 22.75 -112.07 -60.40
C VAL BB 98 21.42 -111.37 -60.70
N ASP BB 99 20.32 -112.04 -60.37
CA ASP BB 99 19.00 -111.56 -60.77
C ASP BB 99 18.66 -110.24 -60.07
N GLU BB 100 17.67 -109.54 -60.62
CA GLU BB 100 17.18 -108.32 -60.00
C GLU BB 100 16.25 -108.58 -58.83
N ALA BB 101 15.93 -109.85 -58.54
CA ALA BB 101 15.15 -110.13 -57.33
C ALA BB 101 15.95 -109.79 -56.07
N SER BB 102 17.18 -110.30 -55.97
CA SER BB 102 18.03 -109.94 -54.84
C SER BB 102 18.39 -108.45 -54.90
N LYS BB 103 18.55 -107.92 -56.12
CA LYS BB 103 18.76 -106.48 -56.27
C LYS BB 103 17.63 -105.68 -55.65
N LYS BB 104 16.38 -106.05 -55.94
CA LYS BB 104 15.25 -105.29 -55.42
C LYS BB 104 15.09 -105.47 -53.92
N GLU BB 105 15.21 -106.70 -53.45
CA GLU BB 105 15.02 -107.02 -52.03
C GLU BB 105 16.27 -106.77 -51.20
N ILE BB 106 17.29 -106.11 -51.76
CA ILE BB 106 18.23 -105.35 -50.94
C ILE BB 106 18.13 -103.86 -51.17
N LYS BB 107 17.74 -103.44 -52.37
CA LYS BB 107 17.62 -102.01 -52.66
C LYS BB 107 16.56 -101.41 -51.76
N ASP BB 108 15.49 -102.16 -51.48
CA ASP BB 108 14.43 -101.65 -50.63
C ASP BB 108 14.96 -101.29 -49.25
N ILE BB 109 15.45 -102.30 -48.50
CA ILE BB 109 15.94 -102.07 -47.14
C ILE BB 109 17.02 -101.00 -47.14
N LEU BB 110 17.77 -100.87 -48.24
CA LEU BB 110 18.71 -99.76 -48.32
C LEU BB 110 18.00 -98.43 -48.51
N ILE BB 111 16.77 -98.43 -49.06
CA ILE BB 111 16.10 -97.15 -49.28
C ILE BB 111 15.41 -96.67 -48.01
N GLN BB 112 14.51 -97.49 -47.43
CA GLN BB 112 13.75 -96.88 -46.33
C GLN BB 112 14.53 -96.79 -45.04
N TYR BB 113 15.84 -97.04 -45.08
CA TYR BB 113 16.73 -96.74 -43.96
C TYR BB 113 17.52 -95.45 -44.19
N ASP BB 114 18.12 -95.28 -45.38
CA ASP BB 114 18.88 -94.07 -45.68
C ASP BB 114 18.88 -93.88 -47.19
N ARG BB 115 18.14 -92.88 -47.68
CA ARG BB 115 18.09 -92.63 -49.11
C ARG BB 115 19.43 -92.15 -49.65
N THR BB 116 20.21 -91.46 -48.82
CA THR BB 116 21.54 -91.00 -49.24
C THR BB 116 22.54 -92.14 -49.40
N LEU BB 117 22.23 -93.34 -48.91
CA LEU BB 117 23.08 -94.49 -49.17
C LEU BB 117 23.14 -94.84 -50.64
N LEU BB 118 22.13 -94.44 -51.42
CA LEU BB 118 22.08 -94.73 -52.84
C LEU BB 118 21.86 -93.50 -53.71
N VAL BB 119 21.56 -92.34 -53.11
CA VAL BB 119 21.26 -91.13 -53.87
C VAL BB 119 22.23 -90.04 -53.40
N ALA BB 120 22.89 -89.39 -54.36
CA ALA BB 120 23.87 -88.37 -54.04
C ALA BB 120 23.21 -87.11 -53.50
N ASP BB 121 23.91 -86.45 -52.58
CA ASP BB 121 23.45 -85.18 -52.05
C ASP BB 121 23.70 -84.08 -53.07
N PRO BB 122 22.67 -83.39 -53.57
CA PRO BB 122 22.91 -82.38 -54.61
C PRO BB 122 23.62 -81.14 -54.10
N ARG BB 123 23.51 -80.82 -52.82
CA ARG BB 123 24.14 -79.61 -52.29
C ARG BB 123 25.64 -79.77 -52.21
N ARG BB 124 26.38 -78.78 -52.71
CA ARG BB 124 27.83 -78.78 -52.56
C ARG BB 124 28.31 -77.57 -51.77
N CYS BB 125 28.07 -76.36 -52.25
CA CYS BB 125 28.58 -75.12 -51.65
C CYS BB 125 27.74 -73.96 -52.15
N GLU BB 126 28.20 -72.74 -51.87
CA GLU BB 126 27.62 -71.54 -52.44
C GLU BB 126 28.70 -70.47 -52.53
N SER BB 127 28.72 -69.76 -53.65
CA SER BB 127 29.72 -68.72 -53.86
C SER BB 127 29.50 -67.56 -52.90
N LYS BB 128 30.57 -67.15 -52.24
CA LYS BB 128 30.53 -65.97 -51.38
C LYS BB 128 30.29 -64.73 -52.22
N LYS BB 129 29.46 -63.83 -51.72
CA LYS BB 129 29.22 -62.56 -52.38
C LYS BB 129 30.04 -61.46 -51.72
N PHE BB 130 30.23 -60.38 -52.47
CA PHE BB 130 31.15 -59.30 -52.08
C PHE BB 130 30.53 -58.35 -51.07
N GLY BB 131 29.46 -58.76 -50.39
CA GLY BB 131 28.82 -57.89 -49.42
C GLY BB 131 28.92 -58.38 -47.99
N GLY BB 132 29.56 -59.53 -47.77
CA GLY BB 132 29.66 -60.09 -46.45
C GLY BB 132 30.76 -61.12 -46.31
N PRO BB 133 30.94 -61.63 -45.10
CA PRO BB 133 32.01 -62.61 -44.87
C PRO BB 133 31.71 -63.98 -45.44
N GLY BB 134 30.43 -64.31 -45.66
CA GLY BB 134 30.08 -65.62 -46.15
C GLY BB 134 29.20 -65.60 -47.38
N ALA BB 135 28.47 -66.69 -47.61
CA ALA BB 135 27.62 -66.78 -48.79
C ALA BB 135 26.42 -65.85 -48.68
N ARG BB 136 25.73 -65.87 -47.53
CA ARG BB 136 24.55 -65.04 -47.33
C ARG BB 136 24.72 -63.99 -46.23
N ALA BB 137 25.66 -64.17 -45.31
CA ALA BB 137 25.89 -63.17 -44.29
C ALA BB 137 26.39 -61.88 -44.93
N ARG BB 138 26.04 -60.75 -44.30
CA ARG BB 138 26.46 -59.44 -44.77
C ARG BB 138 27.32 -58.78 -43.71
N TYR BB 139 28.26 -57.94 -44.15
CA TYR BB 139 29.11 -57.22 -43.24
C TYR BB 139 28.28 -56.28 -42.37
N GLN BB 140 28.71 -56.12 -41.12
CA GLN BB 140 27.97 -55.28 -40.19
C GLN BB 140 28.02 -53.82 -40.64
N LYS BB 141 26.86 -53.20 -40.72
CA LYS BB 141 26.73 -51.80 -41.12
C LYS BB 141 26.40 -50.94 -39.91
N SER BB 142 26.83 -49.69 -39.95
CA SER BB 142 26.57 -48.73 -38.90
C SER BB 142 26.07 -47.44 -39.53
N TYR BB 143 25.16 -46.77 -38.82
CA TYR BB 143 24.52 -45.57 -39.33
C TYR BB 143 25.05 -44.28 -38.75
N ARG BB 144 25.73 -44.31 -37.62
CA ARG BB 144 26.19 -43.09 -36.96
C ARG BB 144 27.68 -43.14 -36.69
N MET CB 1 4.53 -72.47 -56.40
CA MET CB 1 4.38 -71.05 -56.74
C MET CB 1 5.39 -70.62 -57.79
N GLY CB 2 5.14 -69.48 -58.41
CA GLY CB 2 5.99 -69.00 -59.49
C GLY CB 2 5.92 -69.87 -60.74
N ARG CB 3 4.73 -70.31 -61.12
CA ARG CB 3 4.53 -71.18 -62.28
C ARG CB 3 3.54 -70.60 -63.27
N VAL CB 4 3.39 -69.27 -63.26
CA VAL CB 4 2.48 -68.61 -64.20
C VAL CB 4 3.22 -68.35 -65.50
N ARG CB 5 2.62 -68.77 -66.61
CA ARG CB 5 3.22 -68.59 -67.92
C ARG CB 5 2.96 -67.17 -68.44
N THR CB 6 3.77 -66.76 -69.40
CA THR CB 6 3.73 -65.40 -69.93
C THR CB 6 2.93 -65.35 -71.23
N LYS CB 7 2.84 -64.14 -71.80
CA LYS CB 7 2.16 -63.98 -73.08
C LYS CB 7 2.87 -64.75 -74.18
N THR CB 8 4.20 -64.78 -74.16
CA THR CB 8 4.95 -65.39 -75.26
C THR CB 8 4.61 -66.86 -75.40
N VAL CB 9 4.72 -67.62 -74.31
CA VAL CB 9 4.46 -69.05 -74.36
C VAL CB 9 2.99 -69.33 -74.67
N LYS CB 10 2.08 -68.54 -74.09
CA LYS CB 10 0.66 -68.79 -74.30
C LYS CB 10 0.28 -68.55 -75.76
N LYS CB 11 0.73 -67.42 -76.34
CA LYS CB 11 0.46 -67.13 -77.74
C LYS CB 11 1.09 -68.18 -78.64
N ALA CB 12 2.32 -68.59 -78.33
CA ALA CB 12 2.97 -69.61 -79.14
C ALA CB 12 2.19 -70.92 -79.10
N ALA CB 13 1.73 -71.31 -77.91
CA ALA CB 13 0.95 -72.54 -77.77
C ALA CB 13 -0.34 -72.46 -78.55
N ARG CB 14 -1.05 -71.33 -78.44
CA ARG CB 14 -2.29 -71.18 -79.19
C ARG CB 14 -2.05 -71.24 -80.69
N VAL CB 15 -0.99 -70.59 -81.17
CA VAL CB 15 -0.71 -70.57 -82.60
C VAL CB 15 -0.39 -71.98 -83.10
N ILE CB 16 0.49 -72.70 -82.39
CA ILE CB 16 0.90 -74.00 -82.90
C ILE CB 16 -0.22 -75.02 -82.73
N ILE CB 17 -1.12 -74.83 -81.75
CA ILE CB 17 -2.26 -75.71 -81.64
C ILE CB 17 -3.24 -75.47 -82.78
N GLU CB 18 -3.54 -74.20 -83.07
CA GLU CB 18 -4.47 -73.89 -84.15
C GLU CB 18 -3.87 -74.17 -85.53
N LYS CB 19 -2.55 -74.36 -85.62
CA LYS CB 19 -1.93 -74.66 -86.91
C LYS CB 19 -1.57 -76.13 -87.08
N TYR CB 20 -1.39 -76.87 -85.99
CA TYR CB 20 -0.97 -78.27 -86.05
C TYR CB 20 -1.78 -79.11 -85.07
N TYR CB 21 -3.09 -78.87 -85.02
CA TYR CB 21 -3.95 -79.60 -84.10
C TYR CB 21 -3.94 -81.11 -84.37
N THR CB 22 -3.87 -81.51 -85.64
CA THR CB 22 -3.93 -82.92 -85.97
C THR CB 22 -2.70 -83.67 -85.48
N ARG CB 23 -1.51 -83.08 -85.65
CA ARG CB 23 -0.28 -83.78 -85.32
C ARG CB 23 -0.04 -83.85 -83.81
N LEU CB 24 -0.58 -82.91 -83.05
CA LEU CB 24 -0.34 -82.89 -81.61
C LEU CB 24 -1.12 -83.99 -80.91
N GLY CB 25 -0.73 -84.24 -79.66
CA GLY CB 25 -1.40 -85.19 -78.80
C GLY CB 25 -1.40 -84.74 -77.36
N ASN CB 26 -1.81 -85.61 -76.44
CA ASN CB 26 -1.82 -85.28 -75.02
C ASN CB 26 -0.61 -85.84 -74.28
N ASP CB 27 0.39 -86.34 -75.01
CA ASP CB 27 1.64 -86.78 -74.41
C ASP CB 27 2.64 -85.62 -74.45
N PHE CB 28 3.28 -85.35 -73.31
CA PHE CB 28 4.19 -84.22 -73.23
C PHE CB 28 5.41 -84.41 -74.12
N HIS CB 29 6.05 -85.58 -74.03
CA HIS CB 29 7.26 -85.81 -74.80
C HIS CB 29 6.98 -85.86 -76.29
N THR CB 30 5.83 -86.40 -76.69
CA THR CB 30 5.46 -86.39 -78.10
C THR CB 30 5.25 -84.96 -78.59
N ASN CB 31 4.59 -84.14 -77.79
CA ASN CB 31 4.32 -82.77 -78.21
C ASN CB 31 5.58 -81.92 -78.21
N LYS CB 32 6.57 -82.27 -77.39
CA LYS CB 32 7.82 -81.52 -77.40
C LYS CB 32 8.75 -81.96 -78.51
N ARG CB 33 8.39 -83.01 -79.26
CA ARG CB 33 9.20 -83.46 -80.39
C ARG CB 33 8.75 -82.88 -81.72
N VAL CB 34 7.59 -82.22 -81.78
CA VAL CB 34 7.15 -81.61 -83.02
C VAL CB 34 7.57 -80.14 -83.11
N CYS CB 35 7.77 -79.48 -81.97
CA CYS CB 35 7.98 -78.03 -81.97
C CYS CB 35 9.32 -77.64 -82.59
N GLU CB 36 10.26 -78.58 -82.73
CA GLU CB 36 11.54 -78.25 -83.33
C GLU CB 36 11.44 -78.10 -84.85
N GLU CB 37 10.45 -78.74 -85.47
CA GLU CB 37 10.29 -78.63 -86.92
C GLU CB 37 9.06 -77.86 -87.34
N ILE CB 38 8.00 -77.83 -86.52
CA ILE CB 38 6.83 -77.02 -86.87
C ILE CB 38 6.98 -75.58 -86.43
N ALA CB 39 8.05 -75.27 -85.71
CA ALA CB 39 8.34 -73.91 -85.28
C ALA CB 39 9.83 -73.82 -84.99
N ILE CB 40 10.29 -72.59 -84.73
CA ILE CB 40 11.68 -72.34 -84.39
C ILE CB 40 11.69 -71.74 -82.99
N ILE CB 41 12.16 -72.52 -82.03
CA ILE CB 41 12.20 -72.11 -80.63
C ILE CB 41 13.66 -71.92 -80.24
N PRO CB 42 14.10 -70.69 -79.95
CA PRO CB 42 15.52 -70.48 -79.63
C PRO CB 42 15.99 -71.20 -78.37
N SER CB 43 15.09 -71.48 -77.43
CA SER CB 43 15.47 -72.05 -76.15
C SER CB 43 14.79 -73.40 -75.95
N LYS CB 44 15.59 -74.39 -75.52
CA LYS CB 44 15.05 -75.70 -75.18
C LYS CB 44 14.08 -75.60 -74.00
N LYS CB 45 14.42 -74.78 -73.01
CA LYS CB 45 13.52 -74.51 -71.90
C LYS CB 45 12.22 -73.89 -72.39
N LEU CB 46 12.31 -72.92 -73.30
CA LEU CB 46 11.11 -72.34 -73.88
C LEU CB 46 10.32 -73.39 -74.62
N ARG CB 47 11.00 -74.27 -75.36
CA ARG CB 47 10.33 -75.29 -76.15
C ARG CB 47 9.52 -76.23 -75.25
N ASN CB 48 10.13 -76.74 -74.19
CA ASN CB 48 9.41 -77.69 -73.35
C ASN CB 48 8.34 -77.02 -72.49
N LYS CB 49 8.56 -75.77 -72.09
CA LYS CB 49 7.48 -75.04 -71.40
C LYS CB 49 6.28 -74.85 -72.30
N ILE CB 50 6.52 -74.47 -73.56
CA ILE CB 50 5.44 -74.35 -74.53
C ILE CB 50 4.77 -75.69 -74.73
N ALA CB 51 5.55 -76.77 -74.78
CA ALA CB 51 4.97 -78.10 -74.95
C ALA CB 51 4.06 -78.48 -73.78
N GLY CB 52 4.48 -78.20 -72.54
CA GLY CB 52 3.63 -78.47 -71.40
C GLY CB 52 2.34 -77.68 -71.43
N TYR CB 53 2.44 -76.39 -71.78
CA TYR CB 53 1.22 -75.60 -71.93
C TYR CB 53 0.33 -76.14 -73.05
N VAL CB 54 0.92 -76.65 -74.12
CA VAL CB 54 0.15 -77.25 -75.21
C VAL CB 54 -0.59 -78.48 -74.72
N THR CB 55 0.07 -79.31 -73.91
CA THR CB 55 -0.60 -80.48 -73.36
C THR CB 55 -1.79 -80.07 -72.50
N HIS CB 56 -1.60 -79.05 -71.65
CA HIS CB 56 -2.70 -78.59 -70.81
C HIS CB 56 -3.84 -78.04 -71.66
N LEU CB 57 -3.51 -77.24 -72.68
CA LEU CB 57 -4.55 -76.66 -73.52
C LEU CB 57 -5.27 -77.71 -74.34
N MET CB 58 -4.58 -78.78 -74.74
CA MET CB 58 -5.28 -79.82 -75.49
C MET CB 58 -6.15 -80.67 -74.60
N LYS CB 59 -5.76 -80.87 -73.33
CA LYS CB 59 -6.69 -81.47 -72.38
C LYS CB 59 -7.95 -80.61 -72.26
N ARG CB 60 -7.76 -79.29 -72.14
CA ARG CB 60 -8.92 -78.40 -72.07
C ARG CB 60 -9.73 -78.41 -73.35
N ILE CB 61 -9.07 -78.57 -74.50
CA ILE CB 61 -9.78 -78.62 -75.78
C ILE CB 61 -10.63 -79.87 -75.87
N GLN CB 62 -10.05 -81.03 -75.56
CA GLN CB 62 -10.80 -82.27 -75.64
C GLN CB 62 -11.83 -82.38 -74.54
N ARG CB 63 -11.77 -81.51 -73.52
CA ARG CB 63 -12.86 -81.43 -72.57
C ARG CB 63 -13.79 -80.25 -72.79
N GLY CB 64 -13.42 -79.28 -73.64
CA GLY CB 64 -14.26 -78.12 -73.85
C GLY CB 64 -13.80 -77.18 -74.96
N PRO CB 65 -14.73 -76.32 -75.41
CA PRO CB 65 -14.40 -75.37 -76.48
C PRO CB 65 -13.48 -74.25 -76.02
N VAL CB 66 -12.17 -74.48 -76.04
CA VAL CB 66 -11.21 -73.42 -75.73
C VAL CB 66 -11.27 -72.33 -76.80
N ARG CB 67 -10.98 -71.10 -76.38
CA ARG CB 67 -11.05 -69.93 -77.26
C ARG CB 67 -10.13 -70.05 -78.47
N GLY CB 68 -9.09 -70.88 -78.40
CA GLY CB 68 -8.28 -71.16 -79.56
C GLY CB 68 -9.10 -71.78 -80.67
N ILE CB 69 -8.88 -71.35 -81.91
CA ILE CB 69 -9.71 -71.79 -83.02
C ILE CB 69 -9.41 -73.26 -83.33
N SER CB 70 -10.43 -73.96 -83.83
CA SER CB 70 -10.29 -75.38 -84.17
C SER CB 70 -11.27 -75.70 -85.28
N ILE CB 71 -10.79 -76.35 -86.34
CA ILE CB 71 -11.64 -76.61 -87.51
C ILE CB 71 -12.74 -77.61 -87.18
N LYS CB 72 -12.42 -78.63 -86.38
CA LYS CB 72 -13.45 -79.61 -86.00
C LYS CB 72 -14.49 -78.96 -85.10
N LEU CB 73 -14.04 -78.15 -84.13
CA LEU CB 73 -14.99 -77.47 -83.26
C LEU CB 73 -15.86 -76.51 -84.04
N GLN CB 74 -15.27 -75.76 -84.98
CA GLN CB 74 -16.05 -74.83 -85.78
C GLN CB 74 -17.03 -75.55 -86.69
N GLU CB 75 -16.63 -76.67 -87.30
CA GLU CB 75 -17.59 -77.36 -88.17
C GLU CB 75 -18.71 -77.99 -87.35
N GLU CB 76 -18.40 -78.51 -86.17
CA GLU CB 76 -19.45 -79.04 -85.30
C GLU CB 76 -20.41 -77.95 -84.87
N GLU CB 77 -19.88 -76.80 -84.45
CA GLU CB 77 -20.73 -75.68 -84.04
C GLU CB 77 -21.56 -75.17 -85.22
N ARG CB 78 -20.96 -75.09 -86.40
CA ARG CB 78 -21.68 -74.63 -87.58
C ARG CB 78 -22.83 -75.57 -87.90
N GLU CB 79 -22.58 -76.88 -87.85
CA GLU CB 79 -23.64 -77.87 -88.05
C GLU CB 79 -24.73 -77.72 -86.99
N ARG CB 80 -24.34 -77.45 -85.75
CA ARG CB 80 -25.27 -77.29 -84.65
C ARG CB 80 -26.02 -75.96 -84.70
N ARG CB 81 -25.60 -75.02 -85.54
CA ARG CB 81 -26.26 -73.72 -85.65
C ARG CB 81 -27.05 -73.56 -86.93
N ASP CB 82 -26.42 -73.80 -88.10
CA ASP CB 82 -27.12 -73.56 -89.36
C ASP CB 82 -28.04 -74.70 -89.78
N ASN CB 83 -28.31 -75.63 -88.88
CA ASN CB 83 -29.22 -76.74 -89.16
C ASN CB 83 -30.05 -76.98 -87.90
N TYR CB 84 -30.64 -78.17 -87.82
CA TYR CB 84 -31.53 -78.57 -86.73
C TYR CB 84 -32.73 -77.64 -86.60
N VAL CB 85 -33.30 -77.27 -87.74
CA VAL CB 85 -34.66 -76.76 -87.70
C VAL CB 85 -35.61 -77.92 -87.42
N PRO CB 86 -36.56 -77.78 -86.50
CA PRO CB 86 -37.49 -78.88 -86.24
C PRO CB 86 -38.37 -79.15 -87.45
N GLU CB 87 -38.78 -80.41 -87.59
CA GLU CB 87 -39.60 -80.82 -88.73
C GLU CB 87 -40.92 -80.06 -88.78
N VAL CB 88 -41.42 -79.61 -87.63
CA VAL CB 88 -42.61 -78.76 -87.55
C VAL CB 88 -42.17 -77.46 -86.88
N SER CB 89 -42.76 -76.34 -87.32
CA SER CB 89 -42.35 -75.06 -86.79
C SER CB 89 -42.74 -74.93 -85.31
N ALA CB 90 -42.02 -74.06 -84.61
CA ALA CB 90 -42.36 -73.73 -83.24
C ALA CB 90 -43.44 -72.66 -83.16
N LEU CB 91 -43.89 -72.14 -84.30
CA LEU CB 91 -44.85 -71.05 -84.34
C LEU CB 91 -46.15 -71.44 -85.02
N ASP CB 92 -46.42 -72.74 -85.17
CA ASP CB 92 -47.66 -73.19 -85.81
C ASP CB 92 -48.52 -73.96 -84.82
N GLN CB 93 -48.66 -73.43 -83.60
CA GLN CB 93 -49.44 -74.09 -82.58
C GLN CB 93 -50.90 -74.23 -83.02
N GLU CB 94 -51.53 -75.32 -82.58
CA GLU CB 94 -52.93 -75.55 -82.93
C GLU CB 94 -53.82 -74.43 -82.38
N ILE CB 95 -53.58 -74.04 -81.13
CA ILE CB 95 -54.31 -72.95 -80.49
C ILE CB 95 -53.31 -71.98 -79.88
N ILE CB 96 -53.73 -70.73 -79.73
CA ILE CB 96 -52.92 -69.69 -79.10
C ILE CB 96 -53.75 -69.06 -78.01
N GLU CB 97 -53.24 -69.11 -76.78
CA GLU CB 97 -53.88 -68.44 -75.65
C GLU CB 97 -53.73 -66.94 -75.82
N VAL CB 98 -54.81 -66.25 -76.16
CA VAL CB 98 -54.77 -64.87 -76.60
C VAL CB 98 -55.57 -64.01 -75.63
N ASP CB 99 -55.02 -62.83 -75.31
CA ASP CB 99 -55.60 -61.86 -74.39
C ASP CB 99 -56.80 -61.19 -75.06
N PRO CB 100 -57.92 -61.03 -74.34
CA PRO CB 100 -59.03 -60.23 -74.87
C PRO CB 100 -58.63 -58.84 -75.32
N ASP CB 101 -57.67 -58.21 -74.64
CA ASP CB 101 -57.13 -56.93 -75.12
C ASP CB 101 -56.48 -57.11 -76.48
N THR CB 102 -55.66 -58.14 -76.64
CA THR CB 102 -55.08 -58.44 -77.94
C THR CB 102 -56.14 -58.84 -78.95
N LYS CB 103 -57.22 -59.50 -78.50
CA LYS CB 103 -58.31 -59.81 -79.40
C LYS CB 103 -58.97 -58.53 -79.93
N GLU CB 104 -59.14 -57.54 -79.05
CA GLU CB 104 -59.67 -56.24 -79.51
C GLU CB 104 -58.70 -55.56 -80.45
N MET CB 105 -57.40 -55.68 -80.19
CA MET CB 105 -56.41 -55.12 -81.10
C MET CB 105 -56.50 -55.76 -82.48
N LEU CB 106 -56.65 -57.08 -82.54
CA LEU CB 106 -56.78 -57.76 -83.83
C LEU CB 106 -58.10 -57.40 -84.49
N LYS CB 107 -59.16 -57.23 -83.71
CA LYS CB 107 -60.45 -56.83 -84.26
C LYS CB 107 -60.37 -55.46 -84.90
N LEU CB 108 -59.70 -54.52 -84.24
CA LEU CB 108 -59.49 -53.20 -84.85
C LEU CB 108 -58.54 -53.29 -86.03
N LEU CB 109 -57.59 -54.22 -86.00
CA LEU CB 109 -56.68 -54.43 -87.11
C LEU CB 109 -57.37 -55.12 -88.28
N ASP CB 110 -58.55 -55.72 -88.03
CA ASP CB 110 -59.45 -56.52 -88.88
C ASP CB 110 -59.02 -57.98 -89.00
N PHE CB 111 -57.98 -58.40 -88.28
CA PHE CB 111 -57.59 -59.80 -88.22
C PHE CB 111 -58.28 -60.56 -87.10
N GLY CB 112 -59.45 -60.09 -86.67
CA GLY CB 112 -60.23 -60.83 -85.70
C GLY CB 112 -60.90 -62.03 -86.33
N SER CB 113 -61.51 -62.86 -85.46
CA SER CB 113 -62.23 -64.07 -85.85
C SER CB 113 -61.32 -65.04 -86.62
N LEU CB 114 -60.30 -65.52 -85.92
CA LEU CB 114 -59.44 -66.58 -86.41
C LEU CB 114 -59.67 -67.84 -85.59
N SER CB 115 -59.70 -68.99 -86.28
CA SER CB 115 -60.01 -70.24 -85.61
C SER CB 115 -58.87 -70.72 -84.73
N ASN CB 116 -57.65 -70.25 -84.96
CA ASN CB 116 -56.49 -70.69 -84.18
C ASN CB 116 -56.34 -69.94 -82.86
N LEU CB 117 -57.19 -68.96 -82.61
CA LEU CB 117 -57.08 -68.11 -81.43
C LEU CB 117 -58.13 -68.49 -80.41
N GLN CB 118 -57.70 -68.67 -79.16
CA GLN CB 118 -58.59 -68.96 -78.04
C GLN CB 118 -58.50 -67.81 -77.04
N VAL CB 119 -59.62 -67.15 -76.81
CA VAL CB 119 -59.66 -65.98 -75.94
C VAL CB 119 -59.48 -66.41 -74.50
N THR CB 120 -58.43 -65.94 -73.85
CA THR CB 120 -58.16 -66.28 -72.46
C THR CB 120 -59.10 -65.52 -71.53
N GLN CB 121 -59.27 -66.07 -70.34
CA GLN CB 121 -59.96 -65.34 -69.28
C GLN CB 121 -59.00 -64.34 -68.66
N PRO CB 122 -59.33 -63.06 -68.62
CA PRO CB 122 -58.41 -62.07 -68.05
C PRO CB 122 -58.18 -62.34 -66.57
N THR CB 123 -56.95 -62.11 -66.12
CA THR CB 123 -56.62 -62.29 -64.72
C THR CB 123 -57.25 -61.19 -63.87
N VAL CB 124 -57.32 -61.45 -62.57
CA VAL CB 124 -57.97 -60.54 -61.62
C VAL CB 124 -56.99 -60.23 -60.51
N GLY CB 125 -56.88 -58.95 -60.16
CA GLY CB 125 -56.05 -58.54 -59.05
C GLY CB 125 -55.16 -57.35 -59.35
N MET CB 126 -54.65 -57.28 -60.58
CA MET CB 126 -53.76 -56.20 -61.02
C MET CB 126 -52.58 -56.05 -60.07
N ASN CB 127 -52.06 -57.19 -59.61
CA ASN CB 127 -51.12 -57.26 -58.50
C ASN CB 127 -49.67 -57.41 -58.97
N PHE CB 128 -49.32 -56.76 -60.08
CA PHE CB 128 -47.95 -56.76 -60.56
C PHE CB 128 -47.14 -55.74 -59.75
N LYS CB 129 -45.92 -55.44 -60.23
CA LYS CB 129 -44.96 -54.55 -59.58
C LYS CB 129 -44.39 -55.16 -58.30
N THR CB 130 -43.09 -55.05 -58.10
CA THR CB 130 -42.46 -55.58 -56.91
C THR CB 130 -42.79 -54.71 -55.70
N PRO CB 131 -42.78 -55.28 -54.50
CA PRO CB 131 -42.90 -54.45 -53.30
C PRO CB 131 -41.75 -53.48 -53.21
N ARG CB 132 -42.08 -52.21 -52.96
CA ARG CB 132 -41.09 -51.15 -53.01
C ARG CB 132 -40.22 -51.16 -51.77
N GLY CB 133 -38.91 -51.01 -51.97
CA GLY CB 133 -37.96 -50.95 -50.89
C GLY CB 133 -37.74 -52.31 -50.25
N PRO CB 134 -36.97 -52.33 -49.16
CA PRO CB 134 -36.73 -53.60 -48.45
C PRO CB 134 -37.96 -54.09 -47.71
N VAL CB 135 -37.81 -55.19 -46.98
CA VAL CB 135 -38.88 -55.83 -46.21
C VAL CB 135 -40.07 -56.18 -47.10
N MET DB 1 53.85 -92.77 -5.30
CA MET DB 1 52.89 -92.13 -6.18
C MET DB 1 51.47 -92.16 -5.59
N SER DB 2 50.81 -91.00 -5.65
CA SER DB 2 49.46 -90.81 -5.10
C SER DB 2 49.41 -91.11 -3.60
N LEU DB 3 50.51 -90.87 -2.89
CA LEU DB 3 50.54 -91.06 -1.45
C LEU DB 3 49.93 -89.85 -0.75
N VAL DB 4 50.02 -89.84 0.58
CA VAL DB 4 49.60 -88.69 1.37
C VAL DB 4 50.65 -87.59 1.22
N ILE DB 5 50.33 -86.40 1.72
CA ILE DB 5 51.29 -85.29 1.70
C ILE DB 5 52.54 -85.69 2.47
N PRO DB 6 53.74 -85.43 1.96
CA PRO DB 6 54.95 -85.75 2.73
C PRO DB 6 55.09 -84.84 3.93
N GLU DB 7 55.84 -85.33 4.91
CA GLU DB 7 56.01 -84.59 6.16
C GLU DB 7 56.75 -83.29 5.93
N LYS DB 8 57.78 -83.31 5.09
CA LYS DB 8 58.55 -82.11 4.78
C LYS DB 8 58.03 -81.39 3.54
N PHE DB 9 56.72 -81.17 3.49
CA PHE DB 9 56.09 -80.52 2.35
C PHE DB 9 55.75 -79.10 2.74
N GLN DB 10 56.69 -78.19 2.56
CA GLN DB 10 56.40 -76.78 2.72
C GLN DB 10 55.57 -76.29 1.54
N HIS DB 11 54.46 -75.61 1.86
CA HIS DB 11 53.50 -75.29 0.82
C HIS DB 11 54.00 -74.20 -0.11
N ILE DB 12 54.89 -73.34 0.38
CA ILE DB 12 55.64 -72.43 -0.48
C ILE DB 12 57.11 -72.49 -0.06
N LEU DB 13 57.98 -72.09 -0.96
CA LEU DB 13 59.42 -72.15 -0.74
C LEU DB 13 59.99 -70.74 -0.67
N ARG DB 14 61.32 -70.66 -0.55
CA ARG DB 14 62.03 -69.39 -0.61
C ARG DB 14 63.18 -69.55 -1.60
N VAL DB 15 62.99 -69.00 -2.79
CA VAL DB 15 63.95 -69.13 -3.89
C VAL DB 15 64.53 -67.75 -4.17
N LEU DB 16 65.86 -67.68 -4.24
CA LEU DB 16 66.58 -66.43 -4.43
C LEU DB 16 66.21 -65.43 -3.35
N ASN DB 17 65.25 -64.56 -3.63
CA ASN DB 17 64.72 -63.66 -2.62
C ASN DB 17 63.20 -63.70 -2.56
N THR DB 18 62.56 -64.59 -3.31
CA THR DB 18 61.12 -64.61 -3.46
C THR DB 18 60.56 -65.97 -3.06
N ASN DB 19 59.24 -66.04 -2.98
CA ASN DB 19 58.55 -67.29 -2.64
C ASN DB 19 57.87 -67.86 -3.88
N ILE DB 20 57.86 -69.19 -3.97
CA ILE DB 20 57.20 -69.91 -5.05
C ILE DB 20 56.21 -70.88 -4.43
N ASP DB 21 55.05 -71.01 -5.06
CA ASP DB 21 54.01 -71.89 -4.54
C ASP DB 21 54.40 -73.35 -4.76
N GLY DB 22 54.63 -74.08 -3.66
CA GLY DB 22 54.94 -75.48 -3.78
C GLY DB 22 53.76 -76.40 -4.01
N ARG DB 23 52.55 -75.84 -4.01
CA ARG DB 23 51.36 -76.66 -4.28
C ARG DB 23 51.31 -77.11 -5.73
N ARG DB 24 51.70 -76.26 -6.67
CA ARG DB 24 51.66 -76.58 -8.07
C ARG DB 24 52.86 -77.46 -8.46
N LYS DB 25 52.93 -77.83 -9.73
CA LYS DB 25 54.03 -78.63 -10.23
C LYS DB 25 55.33 -77.83 -10.21
N ILE DB 26 56.45 -78.55 -10.09
CA ILE DB 26 57.75 -77.90 -10.08
C ILE DB 26 58.02 -77.23 -11.42
N ALA DB 27 57.54 -77.82 -12.52
CA ALA DB 27 57.75 -77.25 -13.84
C ALA DB 27 57.05 -75.90 -14.00
N PHE DB 28 56.05 -75.60 -13.18
CA PHE DB 28 55.30 -74.36 -13.31
C PHE DB 28 55.37 -73.49 -12.07
N ALA DB 29 55.91 -74.00 -10.95
CA ALA DB 29 56.01 -73.19 -9.75
C ALA DB 29 57.13 -72.16 -9.88
N ILE DB 30 58.27 -72.56 -10.44
CA ILE DB 30 59.44 -71.69 -10.51
C ILE DB 30 59.25 -70.67 -11.61
N THR DB 31 58.19 -70.83 -12.42
CA THR DB 31 57.82 -69.79 -13.36
C THR DB 31 57.32 -68.53 -12.65
N ALA DB 32 56.95 -68.64 -11.38
CA ALA DB 32 56.58 -67.48 -10.59
C ALA DB 32 57.75 -66.53 -10.37
N ILE DB 33 58.98 -66.98 -10.60
CA ILE DB 33 60.15 -66.13 -10.51
C ILE DB 33 60.23 -65.28 -11.77
N LYS DB 34 60.33 -63.96 -11.59
CA LYS DB 34 60.44 -63.06 -12.73
C LYS DB 34 61.76 -63.30 -13.43
N GLY DB 35 61.72 -63.35 -14.76
CA GLY DB 35 62.86 -63.76 -15.55
C GLY DB 35 62.88 -65.23 -15.89
N VAL DB 36 61.94 -66.02 -15.38
CA VAL DB 36 61.85 -67.45 -15.65
C VAL DB 36 60.53 -67.73 -16.33
N GLY DB 37 60.58 -68.43 -17.47
CA GLY DB 37 59.38 -68.82 -18.16
C GLY DB 37 59.17 -70.32 -18.12
N ARG DB 38 58.19 -70.82 -18.88
CA ARG DB 38 57.92 -72.25 -18.91
C ARG DB 38 59.06 -73.00 -19.60
N ARG DB 39 59.60 -72.44 -20.69
CA ARG DB 39 60.69 -73.08 -21.40
C ARG DB 39 61.95 -73.17 -20.54
N TYR DB 40 62.27 -72.09 -19.83
CA TYR DB 40 63.44 -72.12 -18.94
C TYR DB 40 63.26 -73.16 -17.85
N ALA DB 41 62.09 -73.20 -17.23
CA ALA DB 41 61.82 -74.18 -16.20
C ALA DB 41 61.93 -75.60 -16.74
N HIS DB 42 61.36 -75.85 -17.92
CA HIS DB 42 61.40 -77.18 -18.50
C HIS DB 42 62.82 -77.61 -18.79
N VAL DB 43 63.63 -76.72 -19.38
CA VAL DB 43 64.98 -77.13 -19.76
C VAL DB 43 65.85 -77.32 -18.52
N VAL DB 44 65.70 -76.46 -17.50
CA VAL DB 44 66.54 -76.62 -16.32
C VAL DB 44 66.13 -77.85 -15.54
N LEU DB 45 64.83 -78.20 -15.56
CA LEU DB 45 64.41 -79.42 -14.88
C LEU DB 45 64.86 -80.67 -15.64
N ARG DB 46 64.87 -80.61 -16.98
CA ARG DB 46 65.36 -81.73 -17.75
C ARG DB 46 66.85 -81.95 -17.52
N LYS DB 47 67.62 -80.86 -17.45
CA LYS DB 47 69.05 -81.00 -17.20
C LYS DB 47 69.38 -81.18 -15.72
N ALA DB 48 68.40 -81.06 -14.83
CA ALA DB 48 68.62 -81.36 -13.42
C ALA DB 48 68.30 -82.81 -13.06
N ASP DB 49 67.74 -83.58 -13.99
CA ASP DB 49 67.36 -84.97 -13.79
C ASP DB 49 66.43 -85.09 -12.57
N ILE DB 50 65.30 -84.40 -12.67
CA ILE DB 50 64.27 -84.38 -11.63
C ILE DB 50 62.94 -84.69 -12.29
N ASP DB 51 62.15 -85.56 -11.65
CA ASP DB 51 60.85 -85.95 -12.20
C ASP DB 51 59.95 -84.73 -12.34
N LEU DB 52 59.33 -84.59 -13.51
CA LEU DB 52 58.46 -83.46 -13.79
C LEU DB 52 57.05 -83.65 -13.26
N THR DB 53 56.64 -84.89 -12.96
CA THR DB 53 55.29 -85.19 -12.50
C THR DB 53 55.15 -85.15 -10.99
N LYS DB 54 56.03 -84.43 -10.31
CA LYS DB 54 55.95 -84.26 -8.87
C LYS DB 54 55.89 -82.78 -8.54
N ARG DB 55 55.25 -82.45 -7.42
CA ARG DB 55 55.00 -81.07 -7.09
C ARG DB 55 56.25 -80.40 -6.50
N ALA DB 56 56.23 -79.07 -6.48
CA ALA DB 56 57.41 -78.33 -6.06
C ALA DB 56 57.65 -78.46 -4.55
N GLY DB 57 56.59 -78.59 -3.76
CA GLY DB 57 56.75 -78.61 -2.32
C GLY DB 57 57.42 -79.85 -1.77
N GLU DB 58 57.39 -80.95 -2.54
CA GLU DB 58 57.92 -82.23 -2.06
C GLU DB 58 59.39 -82.44 -2.41
N LEU DB 59 60.03 -81.49 -3.09
CA LEU DB 59 61.44 -81.62 -3.39
C LEU DB 59 62.28 -81.40 -2.14
N THR DB 60 63.47 -81.98 -2.13
CA THR DB 60 64.40 -81.83 -1.03
C THR DB 60 65.40 -80.71 -1.31
N GLU DB 61 66.18 -80.37 -0.28
CA GLU DB 61 67.05 -79.19 -0.37
C GLU DB 61 68.15 -79.37 -1.40
N ASP DB 62 68.70 -80.59 -1.54
CA ASP DB 62 69.74 -80.81 -2.54
C ASP DB 62 69.22 -80.59 -3.95
N GLU DB 63 68.01 -81.07 -4.24
CA GLU DB 63 67.43 -80.87 -5.56
C GLU DB 63 67.19 -79.40 -5.84
N VAL DB 64 66.62 -78.68 -4.87
CA VAL DB 64 66.31 -77.28 -5.13
C VAL DB 64 67.59 -76.45 -5.23
N GLU DB 65 68.65 -76.80 -4.50
CA GLU DB 65 69.89 -76.06 -4.67
C GLU DB 65 70.59 -76.44 -5.97
N ARG DB 66 70.38 -77.66 -6.48
CA ARG DB 66 70.80 -77.98 -7.84
C ARG DB 66 70.10 -77.08 -8.85
N VAL DB 67 68.80 -76.86 -8.65
CA VAL DB 67 68.05 -75.94 -9.51
C VAL DB 67 68.61 -74.53 -9.39
N ILE DB 68 68.93 -74.10 -8.17
CA ILE DB 68 69.50 -72.77 -7.96
C ILE DB 68 70.83 -72.64 -8.69
N THR DB 69 71.67 -73.66 -8.58
CA THR DB 69 72.97 -73.64 -9.24
C THR DB 69 72.83 -73.57 -10.75
N ILE DB 70 71.92 -74.36 -11.31
CA ILE DB 70 71.72 -74.33 -12.76
C ILE DB 70 71.18 -72.98 -13.19
N MET DB 71 70.25 -72.41 -12.42
CA MET DB 71 69.66 -71.13 -12.80
C MET DB 71 70.69 -70.00 -12.74
N GLN DB 72 71.40 -69.89 -11.62
CA GLN DB 72 72.39 -68.82 -11.47
C GLN DB 72 73.56 -69.01 -12.42
N ASN DB 73 73.89 -70.26 -12.74
CA ASN DB 73 75.03 -70.59 -13.60
C ASN DB 73 74.54 -71.48 -14.73
N PRO DB 74 73.95 -70.89 -15.78
CA PRO DB 74 73.45 -71.72 -16.88
C PRO DB 74 74.49 -72.05 -17.94
N ARG DB 75 75.52 -71.22 -18.08
CA ARG DB 75 76.48 -71.38 -19.16
C ARG DB 75 77.22 -72.72 -19.07
N GLN DB 76 77.61 -73.11 -17.87
CA GLN DB 76 78.44 -74.29 -17.68
C GLN DB 76 77.65 -75.59 -17.62
N TYR DB 77 76.32 -75.52 -17.78
CA TYR DB 77 75.47 -76.70 -17.71
C TYR DB 77 74.74 -76.96 -19.02
N LYS DB 78 75.44 -76.80 -20.14
CA LYS DB 78 74.97 -77.19 -21.47
C LYS DB 78 73.74 -76.42 -21.92
N ILE DB 79 73.41 -75.33 -21.25
CA ILE DB 79 72.35 -74.45 -21.75
C ILE DB 79 72.87 -73.71 -22.96
N PRO DB 80 72.20 -73.76 -24.11
CA PRO DB 80 72.73 -73.14 -25.32
C PRO DB 80 72.76 -71.63 -25.19
N ASP DB 81 73.67 -71.03 -25.96
CA ASP DB 81 73.95 -69.60 -25.87
C ASP DB 81 72.70 -68.78 -26.15
N TRP DB 82 71.92 -69.20 -27.13
CA TRP DB 82 70.75 -68.48 -27.62
C TRP DB 82 69.56 -68.55 -26.68
N PHE DB 83 69.60 -69.40 -25.66
CA PHE DB 83 68.48 -69.54 -24.74
C PHE DB 83 68.44 -68.44 -23.68
N LEU DB 84 69.53 -67.71 -23.48
CA LEU DB 84 69.66 -66.77 -22.38
C LEU DB 84 69.06 -65.42 -22.73
N ASN DB 85 68.72 -64.66 -21.70
CA ASN DB 85 68.11 -63.34 -21.91
C ASN DB 85 69.15 -62.26 -22.14
N ARG DB 86 70.02 -62.01 -21.15
CA ARG DB 86 70.94 -60.88 -21.24
C ARG DB 86 72.17 -61.34 -22.01
N GLN DB 87 71.97 -61.46 -23.32
CA GLN DB 87 73.04 -61.85 -24.22
C GLN DB 87 73.76 -60.59 -24.70
N LYS DB 88 75.09 -60.60 -24.59
CA LYS DB 88 75.92 -59.54 -25.15
C LYS DB 88 75.55 -58.18 -24.53
N ASP DB 89 75.79 -58.09 -23.22
CA ASP DB 89 75.23 -57.01 -22.42
C ASP DB 89 75.80 -55.67 -22.86
N VAL DB 90 75.00 -54.62 -22.69
CA VAL DB 90 75.43 -53.26 -23.00
C VAL DB 90 76.56 -52.81 -22.06
N LYS DB 91 76.52 -53.22 -20.80
CA LYS DB 91 77.58 -52.88 -19.85
C LYS DB 91 78.92 -53.51 -20.23
N ASP DB 92 78.97 -54.84 -20.30
CA ASP DB 92 80.23 -55.55 -20.41
C ASP DB 92 80.23 -56.67 -21.44
N GLY DB 93 79.15 -56.86 -22.20
CA GLY DB 93 79.17 -57.80 -23.31
C GLY DB 93 79.40 -59.24 -22.93
N LYS DB 94 78.76 -59.73 -21.87
CA LYS DB 94 78.88 -61.10 -21.45
C LYS DB 94 77.52 -61.78 -21.47
N TYR DB 95 77.50 -63.01 -21.96
CA TYR DB 95 76.27 -63.77 -22.15
C TYR DB 95 75.80 -64.28 -20.79
N SER DB 96 74.67 -63.77 -20.32
CA SER DB 96 74.21 -64.07 -18.98
C SER DB 96 72.70 -64.20 -18.93
N GLN DB 97 72.23 -65.06 -18.04
CA GLN DB 97 70.82 -65.15 -17.71
C GLN DB 97 70.59 -64.51 -16.34
N VAL DB 98 69.59 -63.63 -16.27
CA VAL DB 98 69.29 -62.88 -15.06
C VAL DB 98 68.00 -63.44 -14.47
N LEU DB 99 67.97 -63.58 -13.14
CA LEU DB 99 67.00 -64.43 -12.49
C LEU DB 99 66.11 -63.76 -11.46
N ALA DB 100 66.42 -62.53 -11.04
CA ALA DB 100 65.74 -61.95 -9.87
C ALA DB 100 65.64 -60.44 -10.08
N ASN DB 101 65.46 -59.71 -8.98
CA ASN DB 101 65.38 -58.26 -8.97
C ASN DB 101 66.61 -57.60 -9.59
N GLY DB 102 67.67 -58.38 -9.78
CA GLY DB 102 68.73 -57.96 -10.68
C GLY DB 102 68.20 -57.60 -12.06
N LEU DB 103 67.19 -58.33 -12.54
CA LEU DB 103 66.53 -57.95 -13.77
C LEU DB 103 65.82 -56.61 -13.62
N ASP DB 104 65.21 -56.37 -12.46
CA ASP DB 104 64.54 -55.09 -12.22
C ASP DB 104 65.52 -53.93 -12.31
N ASN DB 105 66.65 -54.04 -11.60
CA ASN DB 105 67.59 -52.92 -11.61
C ASN DB 105 68.35 -52.82 -12.92
N LYS DB 106 68.56 -53.94 -13.63
CA LYS DB 106 69.16 -53.87 -14.95
C LYS DB 106 68.23 -53.17 -15.93
N LEU DB 107 66.94 -53.47 -15.87
CA LEU DB 107 65.97 -52.74 -16.69
C LEU DB 107 65.94 -51.26 -16.33
N ARG DB 108 65.98 -50.95 -15.03
CA ARG DB 108 65.98 -49.57 -14.58
C ARG DB 108 67.20 -48.82 -15.10
N GLU DB 109 68.39 -49.43 -14.99
CA GLU DB 109 69.59 -48.75 -15.43
C GLU DB 109 69.64 -48.63 -16.95
N ASP DB 110 69.11 -49.63 -17.67
CA ASP DB 110 69.04 -49.51 -19.12
C ASP DB 110 68.11 -48.37 -19.52
N LEU DB 111 66.96 -48.24 -18.86
CA LEU DB 111 66.04 -47.15 -19.18
C LEU DB 111 66.65 -45.80 -18.86
N GLU DB 112 67.29 -45.66 -17.69
CA GLU DB 112 67.89 -44.38 -17.36
C GLU DB 112 69.15 -44.13 -18.18
N ARG DB 113 69.75 -45.18 -18.74
CA ARG DB 113 70.83 -45.00 -19.70
C ARG DB 113 70.30 -44.42 -21.00
N LEU DB 114 69.19 -44.95 -21.49
CA LEU DB 114 68.56 -44.41 -22.69
C LEU DB 114 68.11 -42.97 -22.47
N LYS DB 115 67.59 -42.67 -21.27
CA LYS DB 115 67.19 -41.30 -20.97
C LYS DB 115 68.41 -40.38 -20.88
N LYS DB 116 69.50 -40.86 -20.30
CA LYS DB 116 70.68 -40.01 -20.11
C LYS DB 116 71.26 -39.58 -21.45
N ILE DB 117 71.30 -40.51 -22.42
CA ILE DB 117 71.70 -40.14 -23.78
C ILE DB 117 70.57 -39.48 -24.55
N ARG DB 118 69.41 -39.30 -23.91
CA ARG DB 118 68.25 -38.62 -24.51
C ARG DB 118 67.82 -39.29 -25.81
N ALA DB 119 67.81 -40.61 -25.82
CA ALA DB 119 67.40 -41.37 -26.99
C ALA DB 119 65.89 -41.23 -27.20
N HIS DB 120 65.47 -41.45 -28.46
CA HIS DB 120 64.05 -41.37 -28.78
C HIS DB 120 63.24 -42.41 -28.01
N ARG DB 121 63.72 -43.65 -27.97
CA ARG DB 121 63.05 -44.66 -27.16
C ARG DB 121 63.11 -44.30 -25.68
N GLY DB 122 64.25 -43.78 -25.23
CA GLY DB 122 64.34 -43.34 -23.85
C GLY DB 122 63.43 -42.18 -23.54
N LEU DB 123 63.31 -41.23 -24.47
CA LEU DB 123 62.40 -40.12 -24.27
C LEU DB 123 60.95 -40.59 -24.20
N ARG DB 124 60.57 -41.53 -25.06
CA ARG DB 124 59.22 -42.08 -25.02
C ARG DB 124 58.97 -42.84 -23.71
N HIS DB 125 59.98 -43.58 -23.25
CA HIS DB 125 59.85 -44.28 -21.96
C HIS DB 125 59.68 -43.28 -20.82
N PHE DB 126 60.43 -42.18 -20.86
CA PHE DB 126 60.25 -41.13 -19.85
C PHE DB 126 58.85 -40.55 -19.90
N TRP DB 127 58.33 -40.34 -21.12
CA TRP DB 127 57.00 -39.78 -21.27
C TRP DB 127 55.88 -40.78 -21.02
N GLY DB 128 56.22 -42.05 -20.81
CA GLY DB 128 55.20 -43.06 -20.60
C GLY DB 128 54.42 -43.45 -21.83
N LEU DB 129 54.91 -43.08 -23.02
CA LEU DB 129 54.25 -43.39 -24.27
C LEU DB 129 54.78 -44.70 -24.84
N ARG DB 130 54.17 -45.15 -25.93
CA ARG DB 130 54.63 -46.36 -26.58
C ARG DB 130 55.96 -46.12 -27.27
N VAL DB 131 56.80 -47.15 -27.30
CA VAL DB 131 58.14 -47.02 -27.85
C VAL DB 131 58.35 -47.85 -29.11
N ARG DB 132 57.52 -48.86 -29.37
CA ARG DB 132 57.69 -49.75 -30.50
C ARG DB 132 56.96 -49.28 -31.74
N GLY DB 133 56.70 -47.98 -31.84
CA GLY DB 133 56.13 -47.41 -33.04
C GLY DB 133 54.67 -47.69 -33.26
N GLN DB 134 53.93 -48.07 -32.22
CA GLN DB 134 52.51 -48.32 -32.38
C GLN DB 134 51.74 -47.01 -32.44
N HIS DB 135 50.51 -47.09 -32.95
CA HIS DB 135 49.63 -45.94 -33.01
C HIS DB 135 49.15 -45.57 -31.61
N THR DB 136 49.21 -44.28 -31.29
CA THR DB 136 48.73 -43.77 -30.01
C THR DB 136 47.50 -42.90 -30.16
N LYS DB 137 46.92 -42.84 -31.36
CA LYS DB 137 45.73 -42.02 -31.57
C LYS DB 137 44.52 -42.60 -30.86
N THR DB 138 44.28 -43.90 -31.02
CA THR DB 138 43.03 -44.52 -30.58
C THR DB 138 43.16 -45.42 -29.37
N THR DB 139 44.22 -46.23 -29.28
CA THR DB 139 44.36 -47.22 -28.22
C THR DB 139 45.18 -46.67 -27.07
N GLY DB 140 45.24 -47.45 -25.99
CA GLY DB 140 45.99 -47.05 -24.82
C GLY DB 140 45.34 -45.97 -23.99
N ARG DB 141 44.05 -45.73 -24.18
CA ARG DB 141 43.37 -44.67 -23.43
C ARG DB 141 43.22 -45.03 -21.96
N ARG DB 142 43.19 -46.33 -21.65
CA ARG DB 142 43.06 -46.75 -20.26
C ARG DB 142 44.25 -46.28 -19.42
N GLY DB 143 45.46 -46.38 -19.96
CA GLY DB 143 46.64 -45.97 -19.23
C GLY DB 143 46.71 -44.48 -18.94
N ARG DB 144 45.95 -43.67 -19.66
CA ARG DB 144 45.90 -42.23 -19.44
C ARG DB 144 44.64 -41.79 -18.71
N THR DB 145 43.49 -42.32 -19.07
CA THR DB 145 42.24 -42.02 -18.38
C THR DB 145 41.52 -43.30 -17.98
N PRO EB 1 47.90 -115.71 -42.84
CA PRO EB 1 47.37 -114.50 -42.22
C PRO EB 1 48.41 -113.41 -42.06
N GLY EB 2 49.03 -113.00 -43.17
CA GLY EB 2 49.99 -111.93 -43.12
C GLY EB 2 49.37 -110.62 -42.69
N VAL EB 3 50.13 -109.84 -41.94
CA VAL EB 3 49.67 -108.57 -41.40
C VAL EB 3 50.62 -107.47 -41.85
N THR EB 4 50.10 -106.51 -42.60
CA THR EB 4 50.85 -105.33 -42.98
C THR EB 4 50.58 -104.19 -42.00
N VAL EB 5 51.36 -103.12 -42.15
CA VAL EB 5 51.22 -101.98 -41.27
C VAL EB 5 49.88 -101.28 -41.45
N LYS EB 6 49.28 -101.41 -42.64
CA LYS EB 6 47.99 -100.80 -42.91
C LYS EB 6 46.83 -101.56 -42.30
N ASP EB 7 47.07 -102.79 -41.84
CA ASP EB 7 46.05 -103.60 -41.20
C ASP EB 7 46.06 -103.48 -39.69
N VAL EB 8 46.89 -102.60 -39.13
CA VAL EB 8 46.94 -102.36 -37.70
C VAL EB 8 46.68 -100.89 -37.44
N ASN EB 9 46.12 -100.61 -36.26
CA ASN EB 9 45.83 -99.24 -35.87
C ASN EB 9 47.14 -98.47 -35.70
N GLN EB 10 47.28 -97.38 -36.44
CA GLN EB 10 48.57 -96.72 -36.58
C GLN EB 10 49.09 -96.13 -35.28
N GLN EB 11 48.20 -95.77 -34.35
CA GLN EB 11 48.62 -95.08 -33.14
C GLN EB 11 49.46 -95.99 -32.23
N GLU EB 12 48.84 -97.06 -31.74
CA GLU EB 12 49.62 -97.98 -30.92
C GLU EB 12 50.65 -98.75 -31.74
N PHE EB 13 50.46 -98.85 -33.06
CA PHE EB 13 51.50 -99.42 -33.90
C PHE EB 13 52.77 -98.59 -33.83
N VAL EB 14 52.67 -97.29 -34.06
CA VAL EB 14 53.86 -96.45 -34.00
C VAL EB 14 54.37 -96.35 -32.56
N ARG EB 15 53.48 -96.50 -31.58
CA ARG EB 15 53.93 -96.56 -30.19
C ARG EB 15 54.82 -97.78 -29.95
N ALA EB 16 54.39 -98.96 -30.39
CA ALA EB 16 55.21 -100.16 -30.22
C ALA EB 16 56.48 -100.08 -31.06
N LEU EB 17 56.40 -99.47 -32.24
CA LEU EB 17 57.59 -99.26 -33.06
C LEU EB 17 58.60 -98.38 -32.34
N ALA EB 18 58.14 -97.30 -31.71
CA ALA EB 18 59.03 -96.45 -30.95
C ALA EB 18 59.60 -97.17 -29.74
N ALA EB 19 58.80 -98.02 -29.10
CA ALA EB 19 59.31 -98.81 -27.97
C ALA EB 19 60.41 -99.75 -28.41
N PHE EB 20 60.21 -100.45 -29.53
CA PHE EB 20 61.25 -101.33 -30.07
C PHE EB 20 62.50 -100.54 -30.43
N LEU EB 21 62.32 -99.36 -31.02
CA LEU EB 21 63.44 -98.50 -31.36
C LEU EB 21 64.19 -98.06 -30.10
N LYS EB 22 63.45 -97.78 -29.03
CA LYS EB 22 64.07 -97.41 -27.76
C LYS EB 22 64.89 -98.55 -27.18
N LYS EB 23 64.33 -99.76 -27.13
CA LYS EB 23 65.05 -100.85 -26.50
C LYS EB 23 66.25 -101.28 -27.33
N SER EB 24 66.16 -101.18 -28.65
CA SER EB 24 67.29 -101.44 -29.54
C SER EB 24 68.00 -100.14 -29.89
N GLY EB 25 68.53 -99.48 -28.86
CA GLY EB 25 69.09 -98.15 -29.03
C GLY EB 25 70.42 -98.13 -29.74
N LYS EB 26 70.40 -97.69 -31.01
CA LYS EB 26 71.61 -97.45 -31.78
C LYS EB 26 71.52 -96.10 -32.50
N LEU EB 27 70.93 -95.10 -31.86
CA LEU EB 27 70.60 -93.86 -32.54
C LEU EB 27 71.66 -92.79 -32.28
N LYS EB 28 71.86 -91.93 -33.27
CA LYS EB 28 72.69 -90.74 -33.10
C LYS EB 28 71.77 -89.65 -32.58
N VAL EB 29 71.46 -89.74 -31.29
CA VAL EB 29 70.59 -88.77 -30.64
C VAL EB 29 71.37 -87.48 -30.43
N PRO EB 30 70.93 -86.36 -31.00
CA PRO EB 30 71.64 -85.10 -30.80
C PRO EB 30 71.55 -84.62 -29.36
N GLU EB 31 72.57 -83.88 -28.94
CA GLU EB 31 72.69 -83.43 -27.57
C GLU EB 31 71.66 -82.37 -27.19
N TRP EB 32 70.95 -81.80 -28.16
CA TRP EB 32 69.99 -80.74 -27.87
C TRP EB 32 68.55 -81.21 -27.93
N VAL EB 33 68.30 -82.51 -27.75
CA VAL EB 33 66.93 -83.01 -27.72
C VAL EB 33 66.16 -82.49 -26.51
N ASP EB 34 66.85 -82.16 -25.43
CA ASP EB 34 66.17 -81.70 -24.22
C ASP EB 34 65.87 -80.22 -24.24
N THR EB 35 66.27 -79.49 -25.28
CA THR EB 35 66.15 -78.04 -25.29
C THR EB 35 65.27 -77.49 -26.40
N VAL EB 36 65.45 -77.96 -27.64
CA VAL EB 36 64.83 -77.30 -28.78
C VAL EB 36 63.34 -77.61 -28.82
N LYS EB 37 62.59 -76.71 -29.46
CA LYS EB 37 61.17 -76.94 -29.71
C LYS EB 37 61.01 -77.74 -30.99
N LEU EB 38 59.98 -78.59 -31.03
CA LEU EB 38 59.77 -79.42 -32.21
C LEU EB 38 59.29 -78.63 -33.42
N ALA EB 39 58.81 -77.40 -33.23
CA ALA EB 39 58.37 -76.60 -34.35
C ALA EB 39 58.39 -75.14 -33.95
N LYS EB 40 58.35 -74.27 -34.96
CA LYS EB 40 58.29 -72.83 -34.71
C LYS EB 40 57.02 -72.44 -33.97
N HIS EB 41 55.89 -73.00 -34.37
CA HIS EB 41 54.60 -72.67 -33.76
C HIS EB 41 54.40 -73.28 -32.39
N LYS EB 42 55.14 -74.33 -32.05
CA LYS EB 42 55.08 -74.84 -30.70
C LYS EB 42 55.71 -73.86 -29.72
N GLU EB 43 55.10 -73.75 -28.54
CA GLU EB 43 55.56 -72.83 -27.52
C GLU EB 43 56.01 -73.51 -26.23
N LEU EB 44 55.94 -74.84 -26.16
CA LEU EB 44 56.56 -75.59 -25.08
C LEU EB 44 57.41 -76.71 -25.67
N ALA EB 45 58.38 -77.16 -24.88
CA ALA EB 45 59.17 -78.31 -25.28
C ALA EB 45 58.30 -79.56 -25.29
N PRO EB 46 58.63 -80.55 -26.12
CA PRO EB 46 57.87 -81.81 -26.11
C PRO EB 46 57.90 -82.46 -24.74
N TYR EB 47 56.73 -82.96 -24.31
CA TYR EB 47 56.57 -83.40 -22.94
C TYR EB 47 57.39 -84.64 -22.63
N ASP EB 48 57.42 -85.60 -23.55
CA ASP EB 48 58.14 -86.85 -23.28
C ASP EB 48 59.64 -86.62 -23.40
N GLU EB 49 60.39 -87.51 -22.74
CA GLU EB 49 61.85 -87.44 -22.82
C GLU EB 49 62.35 -87.92 -24.17
N ASN EB 50 62.06 -89.16 -24.54
CA ASN EB 50 62.52 -89.71 -25.81
C ASN EB 50 61.50 -89.52 -26.91
N TRP EB 51 61.07 -88.27 -27.10
CA TRP EB 51 60.21 -87.93 -28.22
C TRP EB 51 60.88 -88.17 -29.57
N PHE EB 52 62.21 -88.17 -29.60
CA PHE EB 52 62.94 -88.44 -30.83
C PHE EB 52 62.57 -89.79 -31.40
N TYR EB 53 62.40 -90.79 -30.55
CA TYR EB 53 62.13 -92.14 -31.03
C TYR EB 53 60.72 -92.27 -31.61
N THR EB 54 59.72 -91.68 -30.94
CA THR EB 54 58.37 -91.67 -31.50
C THR EB 54 58.32 -90.89 -32.81
N ARG EB 55 59.00 -89.75 -32.86
CA ARG EB 55 59.02 -88.97 -34.09
C ARG EB 55 59.69 -89.74 -35.23
N ALA EB 56 60.81 -90.41 -34.96
CA ALA EB 56 61.48 -91.19 -35.98
C ALA EB 56 60.62 -92.36 -36.44
N ALA EB 57 59.92 -93.01 -35.51
CA ALA EB 57 59.02 -94.09 -35.88
C ALA EB 57 57.89 -93.58 -36.77
N SER EB 58 57.35 -92.40 -36.46
CA SER EB 58 56.31 -91.81 -37.30
C SER EB 58 56.85 -91.46 -38.68
N THR EB 59 58.08 -90.96 -38.74
CA THR EB 59 58.70 -90.68 -40.05
C THR EB 59 58.86 -91.96 -40.84
N ALA EB 60 59.26 -93.05 -40.19
CA ALA EB 60 59.37 -94.33 -40.88
C ALA EB 60 58.02 -94.79 -41.41
N ARG EB 61 56.96 -94.64 -40.60
CA ARG EB 61 55.63 -95.01 -41.03
C ARG EB 61 55.17 -94.19 -42.23
N HIS EB 62 55.41 -92.87 -42.20
CA HIS EB 62 55.04 -92.01 -43.32
C HIS EB 62 55.85 -92.36 -44.57
N LEU EB 63 57.13 -92.67 -44.40
CA LEU EB 63 57.95 -93.08 -45.53
C LEU EB 63 57.45 -94.39 -46.13
N TYR EB 64 56.96 -95.30 -45.29
CA TYR EB 64 56.35 -96.50 -45.85
C TYR EB 64 55.08 -96.17 -46.61
N LEU EB 65 54.27 -95.24 -46.08
CA LEU EB 65 53.02 -94.90 -46.74
C LEU EB 65 53.27 -94.28 -48.11
N ARG EB 66 54.30 -93.45 -48.24
CA ARG EB 66 54.74 -92.96 -49.54
C ARG EB 66 56.22 -92.60 -49.45
N GLY EB 67 56.96 -92.88 -50.52
CA GLY EB 67 58.38 -92.62 -50.55
C GLY EB 67 58.72 -91.30 -51.20
N GLY EB 68 60.02 -90.99 -51.20
CA GLY EB 68 60.52 -89.79 -51.83
C GLY EB 68 60.28 -88.51 -51.06
N ALA EB 69 59.99 -88.59 -49.77
CA ALA EB 69 59.71 -87.40 -48.97
C ALA EB 69 61.01 -86.77 -48.52
N GLY EB 70 61.20 -85.49 -48.84
CA GLY EB 70 62.34 -84.74 -48.38
C GLY EB 70 62.13 -84.19 -46.99
N VAL EB 71 63.12 -83.40 -46.54
CA VAL EB 71 63.04 -82.79 -45.22
C VAL EB 71 61.87 -81.82 -45.16
N GLY EB 72 61.73 -80.96 -46.16
CA GLY EB 72 60.62 -80.03 -46.20
C GLY EB 72 59.28 -80.72 -46.30
N SER EB 73 59.24 -81.89 -46.94
CA SER EB 73 58.02 -82.69 -46.93
C SER EB 73 57.67 -83.13 -45.52
N MET EB 74 58.65 -83.68 -44.79
CA MET EB 74 58.39 -84.15 -43.45
C MET EB 74 57.97 -83.01 -42.53
N THR EB 75 58.52 -81.81 -42.75
CA THR EB 75 57.99 -80.64 -42.04
C THR EB 75 56.53 -80.38 -42.41
N LYS EB 76 56.15 -80.67 -43.65
CA LYS EB 76 54.74 -80.49 -44.04
C LYS EB 76 53.84 -81.49 -43.31
N ILE EB 77 54.29 -82.75 -43.15
CA ILE EB 77 53.53 -83.67 -42.31
C ILE EB 77 53.46 -83.16 -40.87
N TYR EB 78 54.61 -82.79 -40.31
CA TYR EB 78 54.67 -82.37 -38.92
C TYR EB 78 54.44 -80.87 -38.74
N GLY EB 79 53.81 -80.22 -39.71
CA GLY EB 79 53.39 -78.85 -39.52
C GLY EB 79 52.17 -78.78 -38.63
N GLY EB 80 51.91 -77.58 -38.13
CA GLY EB 80 50.81 -77.37 -37.21
C GLY EB 80 50.21 -75.99 -37.27
N ARG EB 81 49.40 -75.64 -36.28
CA ARG EB 81 48.62 -74.41 -36.28
C ARG EB 81 49.33 -73.38 -35.42
N GLN EB 82 49.85 -72.34 -36.07
CA GLN EB 82 50.49 -71.23 -35.36
C GLN EB 82 49.43 -70.21 -34.97
N ARG EB 83 49.41 -69.84 -33.70
CA ARG EB 83 48.39 -68.93 -33.21
C ARG EB 83 48.80 -67.47 -33.35
N ASN EB 84 50.10 -67.20 -33.43
CA ASN EB 84 50.66 -65.87 -33.69
C ASN EB 84 50.22 -64.83 -32.67
N GLY EB 85 49.86 -65.24 -31.47
CA GLY EB 85 49.38 -64.30 -30.47
C GLY EB 85 48.02 -63.74 -30.79
N VAL EB 86 47.93 -62.41 -30.89
CA VAL EB 86 46.64 -61.76 -31.06
C VAL EB 86 46.22 -61.73 -32.53
N MET EB 87 47.16 -61.84 -33.46
CA MET EB 87 46.84 -61.89 -34.87
C MET EB 87 46.15 -63.21 -35.19
N PRO EB 88 45.36 -63.25 -36.27
CA PRO EB 88 44.68 -64.49 -36.65
C PRO EB 88 45.67 -65.61 -36.95
N SER EB 89 45.24 -66.83 -36.65
CA SER EB 89 46.10 -67.99 -36.77
C SER EB 89 46.36 -68.34 -38.23
N HIS EB 90 47.40 -69.15 -38.43
CA HIS EB 90 47.77 -69.64 -39.76
C HIS EB 90 48.37 -71.03 -39.59
N PHE EB 91 49.04 -71.51 -40.63
CA PHE EB 91 49.66 -72.83 -40.62
C PHE EB 91 51.17 -72.69 -40.80
N SER EB 92 51.91 -73.48 -40.05
CA SER EB 92 53.37 -73.48 -40.10
C SER EB 92 53.87 -74.89 -40.38
N ARG EB 93 55.19 -75.03 -40.43
CA ARG EB 93 55.84 -76.29 -40.77
C ARG EB 93 56.64 -76.82 -39.59
N GLY EB 94 57.15 -78.04 -39.75
CA GLY EB 94 57.98 -78.65 -38.73
C GLY EB 94 59.41 -78.14 -38.79
N SER EB 95 60.18 -78.55 -37.78
CA SER EB 95 61.57 -78.11 -37.67
C SER EB 95 62.42 -78.77 -38.75
N LYS EB 96 63.20 -77.96 -39.47
CA LYS EB 96 64.00 -78.48 -40.57
C LYS EB 96 65.15 -79.34 -40.06
N SER EB 97 65.90 -78.85 -39.08
CA SER EB 97 67.04 -79.62 -38.58
C SER EB 97 66.59 -80.87 -37.84
N VAL EB 98 65.46 -80.81 -37.14
CA VAL EB 98 64.97 -81.99 -36.44
C VAL EB 98 64.65 -83.10 -37.43
N ALA EB 99 63.94 -82.76 -38.50
CA ALA EB 99 63.61 -83.74 -39.52
C ALA EB 99 64.88 -84.24 -40.22
N ARG EB 100 65.81 -83.34 -40.51
CA ARG EB 100 67.05 -83.73 -41.18
C ARG EB 100 67.84 -84.70 -40.33
N ARG EB 101 67.96 -84.42 -39.03
CA ARG EB 101 68.72 -85.29 -38.13
C ARG EB 101 68.01 -86.61 -37.89
N VAL EB 102 66.67 -86.59 -37.82
CA VAL EB 102 65.91 -87.84 -37.74
C VAL EB 102 66.19 -88.71 -38.96
N LEU EB 103 66.17 -88.09 -40.14
CA LEU EB 103 66.43 -88.83 -41.37
C LEU EB 103 67.85 -89.39 -41.40
N GLN EB 104 68.84 -88.58 -41.00
CA GLN EB 104 70.22 -89.04 -41.00
C GLN EB 104 70.43 -90.16 -39.98
N ALA EB 105 69.77 -90.09 -38.84
CA ALA EB 105 69.79 -91.22 -37.91
C ALA EB 105 69.09 -92.43 -38.50
N LEU EB 106 68.09 -92.22 -39.36
CA LEU EB 106 67.40 -93.33 -39.99
C LEU EB 106 68.30 -94.08 -40.98
N GLU EB 107 69.11 -93.36 -41.77
CA GLU EB 107 70.12 -94.15 -42.48
C GLU EB 107 71.29 -94.53 -41.58
N GLY EB 108 71.37 -93.98 -40.37
CA GLY EB 108 72.30 -94.49 -39.39
C GLY EB 108 72.00 -95.93 -39.03
N LEU EB 109 70.72 -96.26 -38.90
CA LEU EB 109 70.27 -97.64 -38.80
C LEU EB 109 70.04 -98.28 -40.16
N LYS EB 110 70.57 -97.67 -41.22
CA LYS EB 110 70.56 -98.17 -42.61
C LYS EB 110 69.18 -98.68 -43.05
N MET EB 111 68.10 -98.19 -42.45
CA MET EB 111 66.76 -98.54 -42.88
C MET EB 111 66.17 -97.54 -43.86
N VAL EB 112 66.90 -96.48 -44.20
CA VAL EB 112 66.44 -95.45 -45.13
C VAL EB 112 67.57 -95.15 -46.09
N GLU EB 113 67.26 -95.03 -47.39
CA GLU EB 113 68.24 -94.69 -48.39
C GLU EB 113 67.67 -93.63 -49.33
N LYS EB 114 68.56 -92.84 -49.92
CA LYS EB 114 68.14 -91.83 -50.88
C LYS EB 114 67.86 -92.47 -52.23
N ASP EB 115 66.92 -91.87 -52.96
CA ASP EB 115 66.53 -92.39 -54.27
C ASP EB 115 67.44 -91.85 -55.36
N GLN EB 116 67.12 -92.20 -56.60
CA GLN EB 116 67.85 -91.64 -57.73
C GLN EB 116 67.62 -90.14 -57.84
N ASP EB 117 66.38 -89.70 -57.65
CA ASP EB 117 66.06 -88.29 -57.53
C ASP EB 117 66.12 -87.89 -56.06
N GLY EB 118 65.64 -86.69 -55.75
CA GLY EB 118 65.66 -86.23 -54.37
C GLY EB 118 64.71 -87.00 -53.48
N GLY EB 119 64.89 -86.81 -52.18
CA GLY EB 119 64.08 -87.50 -51.19
C GLY EB 119 64.68 -88.84 -50.83
N ARG EB 120 64.01 -89.52 -49.90
CA ARG EB 120 64.46 -90.82 -49.42
C ARG EB 120 63.26 -91.70 -49.10
N LYS EB 121 63.46 -93.01 -49.22
CA LYS EB 121 62.40 -93.98 -48.97
C LYS EB 121 62.97 -95.14 -48.15
N LEU EB 122 62.12 -96.13 -47.89
CA LEU EB 122 62.52 -97.26 -47.07
C LEU EB 122 63.18 -98.36 -47.90
N THR EB 123 64.13 -99.04 -47.28
CA THR EB 123 64.85 -100.20 -47.80
C THR EB 123 64.05 -101.47 -47.54
N PRO EB 124 64.29 -102.53 -48.31
CA PRO EB 124 63.56 -103.79 -48.08
C PRO EB 124 63.67 -104.34 -46.67
N GLN EB 125 64.84 -104.26 -46.02
CA GLN EB 125 64.93 -104.76 -44.65
C GLN EB 125 64.20 -103.85 -43.67
N GLY EB 126 64.11 -102.56 -43.97
CA GLY EB 126 63.25 -101.70 -43.18
C GLY EB 126 61.79 -102.10 -43.27
N GLN EB 127 61.33 -102.44 -44.48
CA GLN EB 127 59.98 -102.95 -44.65
C GLN EB 127 59.81 -104.27 -43.92
N ARG EB 128 60.84 -105.12 -43.93
CA ARG EB 128 60.81 -106.36 -43.16
C ARG EB 128 60.59 -106.09 -41.68
N ASP EB 129 61.38 -105.17 -41.11
CA ASP EB 129 61.24 -104.83 -39.70
C ASP EB 129 59.85 -104.27 -39.40
N LEU EB 130 59.37 -103.36 -40.24
CA LEU EB 130 58.06 -102.75 -40.03
C LEU EB 130 56.94 -103.78 -40.09
N ASP EB 131 57.00 -104.70 -41.06
CA ASP EB 131 55.98 -105.73 -41.17
C ASP EB 131 56.03 -106.69 -39.99
N ARG EB 132 57.25 -107.02 -39.53
CA ARG EB 132 57.38 -107.89 -38.37
C ARG EB 132 56.75 -107.25 -37.14
N ILE EB 133 57.00 -105.96 -36.93
CA ILE EB 133 56.43 -105.27 -35.78
C ILE EB 133 54.92 -105.13 -35.94
N ALA EB 134 54.44 -104.90 -37.16
CA ALA EB 134 53.01 -104.85 -37.41
C ALA EB 134 52.35 -106.17 -37.06
N GLY EB 135 52.95 -107.28 -37.47
CA GLY EB 135 52.41 -108.58 -37.12
C GLY EB 135 52.41 -108.83 -35.63
N GLN EB 136 53.50 -108.49 -34.94
CA GLN EB 136 53.55 -108.74 -33.50
C GLN EB 136 52.58 -107.85 -32.73
N VAL EB 137 52.39 -106.59 -33.14
CA VAL EB 137 51.44 -105.74 -32.45
C VAL EB 137 50.01 -106.15 -32.78
N ALA EB 138 49.77 -106.67 -33.98
CA ALA EB 138 48.45 -107.23 -34.29
C ALA EB 138 48.17 -108.44 -33.43
N ALA EB 139 49.17 -109.30 -33.22
CA ALA EB 139 49.00 -110.44 -32.33
C ALA EB 139 48.74 -109.98 -30.90
N ALA EB 140 49.44 -108.94 -30.46
CA ALA EB 140 49.24 -108.43 -29.11
C ALA EB 140 47.83 -107.85 -28.93
N ASN EB 141 47.35 -107.10 -29.91
CA ASN EB 141 46.01 -106.52 -29.82
C ASN EB 141 44.93 -107.60 -29.92
N LYS EB 142 45.16 -108.62 -30.75
CA LYS EB 142 44.22 -109.73 -30.87
C LYS EB 142 44.07 -110.46 -29.54
N LYS EB 143 45.17 -111.04 -29.05
CA LYS EB 143 45.17 -111.75 -27.79
C LYS EB 143 46.00 -111.02 -26.74
CA ALA FB 1 61.36 -90.04 -92.40
C ALA FB 1 60.34 -90.48 -91.37
N ILE FB 2 60.82 -90.96 -90.22
CA ILE FB 2 59.95 -91.38 -89.14
C ILE FB 2 59.66 -90.17 -88.25
N HIS FB 3 58.44 -89.65 -88.34
CA HIS FB 3 58.08 -88.43 -87.62
C HIS FB 3 56.76 -88.63 -86.88
N ARG FB 4 56.71 -88.08 -85.66
CA ARG FB 4 55.52 -88.11 -84.81
C ARG FB 4 55.39 -86.74 -84.17
N ILE FB 5 54.39 -85.96 -84.58
CA ILE FB 5 54.31 -84.56 -84.20
C ILE FB 5 53.12 -84.33 -83.27
N ARG FB 6 53.15 -83.20 -82.59
CA ARG FB 6 52.09 -82.74 -81.70
C ARG FB 6 51.57 -81.39 -82.17
N ILE FB 7 50.25 -81.24 -82.20
CA ILE FB 7 49.61 -79.99 -82.59
C ILE FB 7 48.70 -79.56 -81.45
N THR FB 8 48.89 -78.32 -80.97
CA THR FB 8 48.06 -77.75 -79.92
C THR FB 8 47.34 -76.52 -80.44
N LEU FB 9 46.07 -76.40 -80.07
CA LEU FB 9 45.23 -75.27 -80.47
C LEU FB 9 44.62 -74.66 -79.22
N THR FB 10 44.64 -73.33 -79.13
CA THR FB 10 44.05 -72.64 -78.01
C THR FB 10 43.46 -71.30 -78.47
N SER FB 11 42.38 -70.89 -77.81
CA SER FB 11 41.73 -69.62 -78.09
C SER FB 11 40.90 -69.25 -76.87
N ARG FB 12 40.02 -68.26 -77.03
CA ARG FB 12 39.14 -67.82 -75.96
C ARG FB 12 37.71 -68.33 -76.12
N ASN FB 13 37.35 -68.85 -77.29
CA ASN FB 13 36.02 -69.37 -77.54
C ASN FB 13 36.09 -70.84 -77.91
N VAL FB 14 34.95 -71.52 -77.78
CA VAL FB 14 34.90 -72.97 -77.97
C VAL FB 14 34.44 -73.35 -79.37
N LYS FB 15 33.61 -72.52 -80.01
CA LYS FB 15 33.09 -72.86 -81.33
C LYS FB 15 34.23 -72.96 -82.36
N SER FB 16 35.13 -71.99 -82.36
CA SER FB 16 36.23 -72.00 -83.31
C SER FB 16 37.17 -73.16 -83.05
N LEU FB 17 37.50 -73.42 -81.77
CA LEU FB 17 38.35 -74.54 -81.43
C LEU FB 17 37.71 -75.85 -81.87
N GLU FB 18 36.41 -76.01 -81.64
CA GLU FB 18 35.74 -77.26 -81.99
C GLU FB 18 35.68 -77.46 -83.50
N LYS FB 19 35.40 -76.40 -84.25
CA LYS FB 19 35.35 -76.55 -85.71
C LYS FB 19 36.74 -76.82 -86.29
N VAL FB 20 37.80 -76.23 -85.72
CA VAL FB 20 39.14 -76.55 -86.18
C VAL FB 20 39.48 -78.00 -85.83
N CYS FB 21 39.20 -78.41 -84.59
CA CYS FB 21 39.49 -79.77 -84.17
C CYS FB 21 38.67 -80.79 -84.94
N ALA FB 22 37.54 -80.39 -85.52
CA ALA FB 22 36.76 -81.28 -86.35
C ALA FB 22 37.29 -81.36 -87.78
N ASP FB 23 37.41 -80.20 -88.44
CA ASP FB 23 37.77 -80.22 -89.85
C ASP FB 23 39.21 -80.67 -90.07
N LEU FB 24 40.13 -80.34 -89.14
CA LEU FB 24 41.51 -80.77 -89.29
C LEU FB 24 41.63 -82.30 -89.21
N ILE FB 25 40.95 -82.92 -88.24
CA ILE FB 25 41.04 -84.37 -88.15
C ILE FB 25 40.28 -85.03 -89.29
N ARG FB 26 39.20 -84.41 -89.78
CA ARG FB 26 38.53 -84.98 -90.94
C ARG FB 26 39.43 -84.95 -92.15
N GLY FB 27 40.15 -83.85 -92.36
CA GLY FB 27 41.14 -83.80 -93.43
C GLY FB 27 42.24 -84.82 -93.24
N ALA FB 28 42.63 -85.06 -91.98
CA ALA FB 28 43.64 -86.07 -91.71
C ALA FB 28 43.15 -87.47 -92.09
N LYS FB 29 41.91 -87.80 -91.75
CA LYS FB 29 41.35 -89.10 -92.12
C LYS FB 29 41.20 -89.23 -93.63
N GLU FB 30 40.76 -88.16 -94.30
CA GLU FB 30 40.71 -88.18 -95.76
C GLU FB 30 42.12 -88.29 -96.35
N LYS FB 31 43.13 -87.82 -95.63
CA LYS FB 31 44.52 -87.93 -96.05
C LYS FB 31 45.21 -89.10 -95.37
N ASN FB 32 44.42 -90.09 -94.94
CA ASN FB 32 44.76 -91.37 -94.30
C ASN FB 32 46.00 -91.34 -93.41
N LEU FB 33 45.99 -90.48 -92.41
CA LEU FB 33 46.86 -90.61 -91.25
C LEU FB 33 46.03 -91.04 -90.04
N LYS FB 34 46.58 -91.94 -89.23
CA LYS FB 34 45.93 -92.29 -87.97
C LYS FB 34 46.19 -91.19 -86.95
N VAL FB 35 45.15 -90.85 -86.19
CA VAL FB 35 45.15 -89.65 -85.36
C VAL FB 35 44.97 -90.06 -83.90
N LYS FB 36 45.87 -89.57 -83.04
CA LYS FB 36 45.66 -89.70 -81.61
C LYS FB 36 44.50 -88.80 -81.19
N GLY FB 37 43.65 -89.32 -80.31
CA GLY FB 37 42.42 -88.67 -79.96
C GLY FB 37 42.61 -87.27 -79.38
N PRO FB 38 41.68 -86.36 -79.70
CA PRO FB 38 41.80 -84.97 -79.25
C PRO FB 38 41.68 -84.89 -77.73
N VAL FB 39 42.66 -84.25 -77.10
CA VAL FB 39 42.70 -84.11 -75.66
C VAL FB 39 42.33 -82.68 -75.31
N ARG FB 40 41.17 -82.52 -74.66
CA ARG FB 40 40.73 -81.23 -74.18
C ARG FB 40 41.28 -81.04 -72.76
N MET FB 41 42.29 -80.18 -72.63
CA MET FB 41 42.86 -79.89 -71.33
C MET FB 41 41.86 -79.14 -70.47
N PRO FB 42 41.99 -79.23 -69.15
CA PRO FB 42 41.12 -78.43 -68.27
C PRO FB 42 41.29 -76.95 -68.53
N THR FB 43 40.17 -76.23 -68.50
CA THR FB 43 40.15 -74.84 -68.89
C THR FB 43 40.86 -73.96 -67.86
N LYS FB 44 41.63 -73.00 -68.36
CA LYS FB 44 42.22 -71.97 -67.52
C LYS FB 44 41.25 -70.79 -67.46
N THR FB 45 40.75 -70.50 -66.27
CA THR FB 45 39.80 -69.43 -66.05
C THR FB 45 40.54 -68.28 -65.37
N LEU FB 46 40.70 -67.18 -66.08
CA LEU FB 46 41.45 -66.03 -65.56
C LEU FB 46 40.45 -65.05 -64.96
N ARG FB 47 40.41 -64.97 -63.64
CA ARG FB 47 39.42 -64.18 -62.93
C ARG FB 47 40.04 -62.90 -62.43
N ILE FB 48 39.37 -61.78 -62.65
CA ILE FB 48 39.80 -60.47 -62.15
C ILE FB 48 38.60 -59.83 -61.49
N THR FB 49 38.75 -59.43 -60.23
CA THR FB 49 37.71 -58.74 -59.47
C THR FB 49 38.13 -57.29 -59.28
N THR FB 50 37.21 -56.38 -59.59
CA THR FB 50 37.51 -54.95 -59.54
C THR FB 50 36.28 -54.19 -59.08
N ARG FB 51 36.48 -53.20 -58.23
CA ARG FB 51 35.38 -52.32 -57.83
C ARG FB 51 34.83 -51.59 -59.04
N LYS FB 52 33.50 -51.54 -59.14
CA LYS FB 52 32.86 -50.89 -60.28
C LYS FB 52 33.18 -49.40 -60.33
N THR FB 53 33.13 -48.73 -59.18
CA THR FB 53 33.35 -47.30 -59.15
C THR FB 53 34.82 -46.96 -59.38
N PRO FB 54 35.09 -45.83 -60.02
CA PRO FB 54 36.48 -45.34 -60.12
C PRO FB 54 36.90 -44.39 -59.01
N CYS FB 55 36.07 -44.21 -57.99
CA CYS FB 55 36.34 -43.25 -56.93
C CYS FB 55 36.41 -43.87 -55.55
N GLY FB 56 35.67 -44.94 -55.29
CA GLY FB 56 35.61 -45.55 -53.98
C GLY FB 56 34.36 -45.21 -53.19
N GLU FB 57 33.64 -44.16 -53.56
CA GLU FB 57 32.36 -43.83 -52.93
C GLU FB 57 31.24 -44.64 -53.60
N GLY FB 58 30.44 -45.29 -52.79
CA GLY FB 58 29.35 -46.10 -53.29
C GLY FB 58 28.99 -47.20 -52.31
N SER FB 59 28.44 -48.28 -52.85
CA SER FB 59 27.95 -49.40 -52.07
C SER FB 59 28.88 -50.61 -52.11
N LYS FB 60 30.13 -50.39 -52.50
CA LYS FB 60 31.17 -51.44 -52.53
C LYS FB 60 30.75 -52.61 -53.43
N THR FB 61 30.43 -52.28 -54.67
CA THR FB 61 30.03 -53.27 -55.66
C THR FB 61 31.23 -53.64 -56.52
N TRP FB 62 31.59 -54.92 -56.51
CA TRP FB 62 32.76 -55.41 -57.22
C TRP FB 62 32.35 -56.00 -58.55
N ASP FB 63 33.04 -55.58 -59.61
CA ASP FB 63 32.85 -56.13 -60.94
C ASP FB 63 33.88 -57.23 -61.17
N ARG FB 64 33.41 -58.41 -61.50
CA ARG FB 64 34.27 -59.57 -61.73
C ARG FB 64 34.32 -59.90 -63.21
N PHE FB 65 35.50 -60.21 -63.72
CA PHE FB 65 35.69 -60.56 -65.12
C PHE FB 65 36.33 -61.94 -65.24
N GLN FB 66 36.12 -62.56 -66.39
CA GLN FB 66 36.64 -63.89 -66.65
C GLN FB 66 37.27 -63.94 -68.04
N MET FB 67 38.17 -64.90 -68.22
CA MET FB 67 38.75 -65.21 -69.52
C MET FB 67 38.98 -66.71 -69.59
N ARG FB 68 38.11 -67.41 -70.31
CA ARG FB 68 38.21 -68.85 -70.46
C ARG FB 68 39.17 -69.18 -71.59
N ILE FB 69 40.31 -69.76 -71.23
CA ILE FB 69 41.29 -70.22 -72.22
C ILE FB 69 41.18 -71.74 -72.30
N HIS FB 70 40.69 -72.22 -73.42
CA HIS FB 70 40.59 -73.65 -73.70
C HIS FB 70 41.70 -74.03 -74.67
N LYS FB 71 42.34 -75.16 -74.41
CA LYS FB 71 43.35 -75.67 -75.32
C LYS FB 71 43.11 -77.14 -75.61
N ARG FB 72 43.36 -77.53 -76.86
CA ARG FB 72 43.18 -78.89 -77.32
C ARG FB 72 44.49 -79.43 -77.85
N LEU FB 73 44.75 -80.70 -77.55
CA LEU FB 73 45.96 -81.38 -78.01
C LEU FB 73 45.57 -82.48 -78.98
N ILE FB 74 46.12 -82.40 -80.19
CA ILE FB 74 45.92 -83.42 -81.22
C ILE FB 74 47.29 -83.85 -81.71
N ASP FB 75 47.52 -85.16 -81.79
CA ASP FB 75 48.78 -85.71 -82.23
C ASP FB 75 48.58 -86.42 -83.57
N LEU FB 76 49.32 -85.98 -84.58
CA LEU FB 76 49.26 -86.57 -85.91
C LEU FB 76 50.45 -87.51 -86.08
N HIS FB 77 50.16 -88.80 -86.29
CA HIS FB 77 51.20 -89.82 -86.38
C HIS FB 77 50.98 -90.62 -87.66
N SER FB 78 52.02 -90.69 -88.49
CA SER FB 78 52.02 -91.45 -89.73
C SER FB 78 53.27 -92.30 -89.79
N PRO FB 79 53.21 -93.46 -90.44
CA PRO FB 79 54.43 -94.25 -90.62
C PRO FB 79 55.50 -93.52 -91.42
N SER FB 80 55.10 -92.73 -92.41
CA SER FB 80 56.04 -91.95 -93.20
C SER FB 80 56.17 -90.55 -92.59
N GLU FB 81 56.84 -89.66 -93.33
CA GLU FB 81 57.09 -88.30 -92.89
C GLU FB 81 55.77 -87.51 -92.94
N ILE FB 82 55.72 -86.42 -92.17
CA ILE FB 82 54.48 -85.68 -91.95
C ILE FB 82 54.54 -84.27 -92.56
N VAL FB 83 55.63 -83.54 -92.33
CA VAL FB 83 55.65 -82.11 -92.64
C VAL FB 83 55.51 -81.87 -94.14
N LYS FB 84 56.21 -82.66 -94.96
CA LYS FB 84 56.04 -82.53 -96.40
C LYS FB 84 54.64 -82.94 -96.85
N GLN FB 85 53.94 -83.76 -96.06
CA GLN FB 85 52.59 -84.18 -96.42
C GLN FB 85 51.58 -83.07 -96.13
N ILE FB 86 51.50 -82.62 -94.88
CA ILE FB 86 50.55 -81.58 -94.48
C ILE FB 86 51.31 -80.30 -94.19
N THR FB 87 50.94 -79.23 -94.87
CA THR FB 87 51.50 -77.91 -94.67
C THR FB 87 50.43 -76.85 -94.42
N SER FB 88 49.26 -76.99 -95.05
CA SER FB 88 48.19 -76.02 -94.89
C SER FB 88 47.65 -76.07 -93.46
N ILE FB 89 47.66 -74.91 -92.80
CA ILE FB 89 47.20 -74.79 -91.43
C ILE FB 89 45.70 -74.53 -91.36
N SER FB 90 45.16 -73.71 -92.26
CA SER FB 90 43.74 -73.36 -92.32
C SER FB 90 43.26 -72.83 -90.97
N ILE FB 91 43.86 -71.71 -90.56
CA ILE FB 91 43.64 -71.16 -89.23
C ILE FB 91 42.97 -69.80 -89.36
N GLU FB 92 41.82 -69.65 -88.71
CA GLU FB 92 41.12 -68.39 -88.64
C GLU FB 92 41.74 -67.49 -87.58
N PRO FB 93 41.51 -66.19 -87.65
CA PRO FB 93 41.99 -65.31 -86.57
C PRO FB 93 41.30 -65.62 -85.25
N GLY FB 94 42.02 -65.40 -84.16
CA GLY FB 94 41.49 -65.58 -82.82
C GLY FB 94 41.93 -66.86 -82.13
N VAL FB 95 42.55 -67.79 -82.85
CA VAL FB 95 43.00 -69.05 -82.29
C VAL FB 95 44.50 -69.19 -82.54
N GLU FB 96 45.22 -69.68 -81.53
CA GLU FB 96 46.66 -69.84 -81.59
C GLU FB 96 47.01 -71.30 -81.77
N VAL FB 97 48.07 -71.56 -82.54
CA VAL FB 97 48.54 -72.92 -82.82
C VAL FB 97 50.05 -72.96 -82.60
N GLU FB 98 50.52 -74.03 -81.99
CA GLU FB 98 51.94 -74.31 -81.87
C GLU FB 98 52.20 -75.74 -82.33
N VAL FB 99 53.09 -75.90 -83.30
CA VAL FB 99 53.37 -77.20 -83.90
C VAL FB 99 54.75 -77.66 -83.42
N THR FB 100 54.77 -78.72 -82.63
CA THR FB 100 56.01 -79.29 -82.13
C THR FB 100 56.09 -80.77 -82.53
N ILE FB 101 57.26 -81.35 -82.28
CA ILE FB 101 57.51 -82.75 -82.58
C ILE FB 101 57.69 -83.51 -81.26
N ALA FB 102 57.86 -84.83 -81.38
CA ALA FB 102 58.11 -85.64 -80.21
C ALA FB 102 59.43 -85.29 -79.53
N ASP FB 103 60.47 -84.96 -80.31
CA ASP FB 103 61.73 -84.51 -79.73
C ASP FB 103 61.54 -83.19 -79.00
N ALA FB 104 60.78 -82.27 -79.58
CA ALA FB 104 60.52 -80.98 -78.96
C ALA FB 104 59.47 -81.12 -77.86
N ARG GB 1 30.34 -68.89 -3.15
CA ARG GB 1 31.06 -69.00 -4.42
C ARG GB 1 32.23 -68.02 -4.43
N ASP GB 2 33.30 -68.37 -3.72
CA ASP GB 2 34.52 -67.58 -3.69
C ASP GB 2 35.72 -68.33 -4.25
N LYS GB 3 36.03 -69.51 -3.70
CA LYS GB 3 37.16 -70.31 -4.15
C LYS GB 3 36.95 -71.74 -3.66
N LEU GB 4 37.84 -72.63 -4.09
CA LEU GB 4 37.77 -74.04 -3.70
C LEU GB 4 39.04 -74.57 -3.07
N ASN GB 5 40.19 -73.89 -3.28
CA ASN GB 5 41.51 -74.18 -2.72
C ASN GB 5 41.78 -75.67 -2.53
N ASN GB 6 41.58 -76.43 -3.61
CA ASN GB 6 41.57 -77.88 -3.56
C ASN GB 6 42.94 -78.42 -3.15
N LEU GB 7 42.91 -79.53 -2.41
CA LEU GB 7 44.15 -80.20 -2.02
C LEU GB 7 44.82 -80.84 -3.24
N VAL GB 8 46.13 -80.64 -3.34
CA VAL GB 8 46.89 -81.23 -4.43
C VAL GB 8 47.36 -82.61 -4.03
N LEU GB 9 47.41 -82.85 -2.72
CA LEU GB 9 47.89 -84.11 -2.17
C LEU GB 9 46.91 -84.62 -1.13
N PHE GB 10 46.82 -85.95 -1.03
CA PHE GB 10 45.97 -86.56 -0.04
C PHE GB 10 46.58 -86.41 1.35
N ASP GB 11 45.76 -86.66 2.36
CA ASP GB 11 46.21 -86.81 3.74
C ASP GB 11 45.48 -88.00 4.35
N LYS GB 12 45.77 -88.26 5.62
CA LYS GB 12 45.20 -89.44 6.27
C LYS GB 12 43.68 -89.35 6.35
N ALA GB 13 43.15 -88.15 6.62
CA ALA GB 13 41.71 -88.00 6.77
C ALA GB 13 40.97 -88.18 5.45
N THR GB 14 41.66 -87.99 4.32
CA THR GB 14 41.02 -88.17 3.03
C THR GB 14 41.43 -89.44 2.30
N TYR GB 15 42.59 -90.01 2.63
CA TYR GB 15 43.01 -91.24 1.95
C TYR GB 15 42.11 -92.41 2.34
N ASP GB 16 41.82 -92.54 3.63
CA ASP GB 16 40.86 -93.55 4.07
C ASP GB 16 39.47 -93.25 3.53
N LYS GB 17 39.11 -91.97 3.42
CA LYS GB 17 37.83 -91.61 2.85
C LYS GB 17 37.73 -92.07 1.40
N LEU GB 18 38.81 -91.91 0.64
CA LEU GB 18 38.86 -92.41 -0.72
C LEU GB 18 38.77 -93.93 -0.75
N CYS GB 19 39.44 -94.58 0.19
CA CYS GB 19 39.49 -96.04 0.16
C CYS GB 19 38.23 -96.71 0.70
N LYS GB 20 37.35 -95.98 1.39
CA LYS GB 20 36.27 -96.64 2.09
C LYS GB 20 34.88 -96.48 1.47
N GLU GB 21 34.64 -95.48 0.61
CA GLU GB 21 33.35 -95.44 -0.08
C GLU GB 21 33.41 -95.08 -1.56
N VAL GB 22 34.58 -94.76 -2.12
CA VAL GB 22 34.65 -94.43 -3.55
C VAL GB 22 34.25 -95.60 -4.44
N PRO GB 23 34.76 -96.83 -4.23
CA PRO GB 23 34.25 -97.96 -5.04
C PRO GB 23 32.99 -98.55 -4.45
N ASN GB 24 32.06 -97.70 -4.03
CA ASN GB 24 30.79 -98.15 -3.45
C ASN GB 24 29.58 -97.55 -4.14
N TYR GB 25 29.73 -96.43 -4.83
CA TYR GB 25 28.65 -95.78 -5.54
C TYR GB 25 28.80 -95.98 -7.05
N LYS GB 26 27.80 -95.51 -7.79
CA LYS GB 26 27.60 -95.98 -9.15
C LYS GB 26 28.51 -95.28 -10.14
N LEU GB 27 28.52 -93.95 -10.13
CA LEU GB 27 29.23 -93.16 -11.13
C LEU GB 27 30.54 -92.64 -10.54
N ILE GB 28 31.65 -93.22 -10.97
CA ILE GB 28 32.97 -92.77 -10.53
C ILE GB 28 33.63 -92.05 -11.70
N THR GB 29 33.82 -90.76 -11.55
CA THR GB 29 34.58 -89.92 -12.47
C THR GB 29 35.52 -89.06 -11.65
N PRO GB 30 36.61 -88.57 -12.25
CA PRO GB 30 37.48 -87.65 -11.51
C PRO GB 30 36.77 -86.40 -11.02
N ALA GB 31 35.80 -85.89 -11.80
CA ALA GB 31 35.12 -84.65 -11.42
C ALA GB 31 34.31 -84.83 -10.15
N VAL GB 32 33.54 -85.91 -10.04
CA VAL GB 32 32.73 -86.13 -8.85
C VAL GB 32 33.62 -86.39 -7.64
N VAL GB 33 34.71 -87.13 -7.84
CA VAL GB 33 35.63 -87.40 -6.74
C VAL GB 33 36.23 -86.08 -6.22
N SER GB 34 36.63 -85.21 -7.14
CA SER GB 34 37.18 -83.92 -6.73
C SER GB 34 36.14 -83.07 -6.01
N GLU GB 35 34.91 -83.01 -6.52
CA GLU GB 35 33.92 -82.11 -5.96
C GLU GB 35 33.32 -82.62 -4.66
N ARG GB 36 33.38 -83.93 -4.39
CA ARG GB 36 32.88 -84.47 -3.13
C ARG GB 36 33.98 -84.83 -2.15
N LEU GB 37 35.25 -84.73 -2.54
CA LEU GB 37 36.36 -84.95 -1.62
C LEU GB 37 37.28 -83.74 -1.48
N LYS GB 38 36.97 -82.64 -2.16
CA LYS GB 38 37.76 -81.40 -2.08
C LYS GB 38 39.23 -81.62 -2.44
N ILE GB 39 39.47 -82.37 -3.51
CA ILE GB 39 40.82 -82.58 -4.01
C ILE GB 39 40.94 -81.91 -5.38
N ARG GB 40 42.18 -81.86 -5.90
CA ARG GB 40 42.47 -81.07 -7.08
C ARG GB 40 41.75 -81.62 -8.31
N GLY GB 41 42.04 -82.84 -8.70
CA GLY GB 41 41.40 -83.43 -9.86
C GLY GB 41 42.37 -84.19 -10.74
N SER GB 42 43.61 -83.69 -10.84
CA SER GB 42 44.68 -84.53 -11.35
C SER GB 42 45.05 -85.60 -10.34
N LEU GB 43 45.06 -85.22 -9.05
CA LEU GB 43 45.13 -86.21 -7.98
C LEU GB 43 43.97 -87.18 -8.06
N ALA GB 44 42.78 -86.69 -8.42
CA ALA GB 44 41.64 -87.58 -8.58
C ALA GB 44 41.89 -88.60 -9.68
N ARG GB 45 42.40 -88.15 -10.82
CA ARG GB 45 42.70 -89.07 -11.92
C ARG GB 45 43.75 -90.10 -11.52
N ALA GB 46 44.81 -89.64 -10.85
CA ALA GB 46 45.86 -90.54 -10.42
C ALA GB 46 45.34 -91.55 -9.41
N ALA GB 47 44.54 -91.11 -8.43
CA ALA GB 47 43.99 -92.03 -7.45
C ALA GB 47 43.05 -93.03 -8.09
N LEU GB 48 42.25 -92.58 -9.06
CA LEU GB 48 41.34 -93.50 -9.73
C LEU GB 48 42.10 -94.56 -10.52
N GLN GB 49 43.17 -94.18 -11.22
CA GLN GB 49 43.92 -95.22 -11.93
C GLN GB 49 44.71 -96.11 -10.98
N GLU GB 50 45.14 -95.60 -9.82
CA GLU GB 50 45.77 -96.47 -8.84
C GLU GB 50 44.78 -97.48 -8.26
N LEU GB 51 43.55 -97.04 -7.98
CA LEU GB 51 42.51 -97.96 -7.56
C LEU GB 51 42.12 -98.94 -8.65
N LEU GB 52 42.23 -98.52 -9.92
CA LEU GB 52 42.13 -99.47 -11.02
C LEU GB 52 43.21 -100.53 -10.92
N SER GB 53 44.45 -100.10 -10.64
CA SER GB 53 45.56 -101.04 -10.53
C SER GB 53 45.34 -102.03 -9.38
N LYS GB 54 44.78 -101.55 -8.28
CA LYS GB 54 44.42 -102.46 -7.19
C LYS GB 54 43.29 -103.40 -7.57
N GLY GB 55 42.52 -103.07 -8.61
CA GLY GB 55 41.50 -103.98 -9.11
C GLY GB 55 40.18 -103.94 -8.39
N LEU GB 56 39.86 -102.84 -7.71
CA LEU GB 56 38.56 -102.69 -7.04
C LEU GB 56 37.68 -101.65 -7.71
N ILE GB 57 37.99 -101.26 -8.95
CA ILE GB 57 37.18 -100.34 -9.73
C ILE GB 57 37.13 -100.84 -11.16
N LYS GB 58 35.94 -100.79 -11.78
CA LYS GB 58 35.76 -101.21 -13.16
C LYS GB 58 35.74 -99.99 -14.07
N LEU GB 59 36.50 -100.05 -15.15
CA LEU GB 59 36.54 -99.02 -16.17
C LEU GB 59 35.59 -99.37 -17.31
N VAL GB 60 34.88 -98.36 -17.83
CA VAL GB 60 33.90 -98.56 -18.88
C VAL GB 60 34.23 -97.76 -20.14
N SER GB 61 34.63 -96.50 -20.00
CA SER GB 61 34.72 -95.60 -21.15
C SER GB 61 36.15 -95.43 -21.66
N LYS GB 62 37.04 -94.89 -20.82
CA LYS GB 62 38.44 -94.60 -21.18
C LYS GB 62 38.53 -93.77 -22.47
N HIS GB 63 38.02 -92.55 -22.36
CA HIS GB 63 38.16 -91.57 -23.43
C HIS GB 63 39.12 -90.47 -23.00
N ARG GB 64 39.79 -89.86 -23.98
CA ARG GB 64 40.84 -88.89 -23.72
C ARG GB 64 40.37 -87.67 -22.92
N ALA GB 65 39.11 -87.28 -23.06
CA ALA GB 65 38.59 -86.11 -22.37
C ALA GB 65 37.49 -86.44 -21.37
N GLN GB 66 37.05 -87.70 -21.30
CA GLN GB 66 35.94 -88.06 -20.43
C GLN GB 66 36.09 -89.55 -20.08
N VAL GB 67 36.55 -89.82 -18.87
CA VAL GB 67 36.75 -91.19 -18.40
C VAL GB 67 35.72 -91.47 -17.30
N ILE GB 68 35.08 -92.64 -17.37
CA ILE GB 68 34.02 -93.02 -16.46
C ILE GB 68 34.39 -94.36 -15.82
N TYR GB 69 34.15 -94.49 -14.53
CA TYR GB 69 34.43 -95.71 -13.79
C TYR GB 69 33.19 -96.15 -13.04
N THR GB 70 33.14 -97.45 -12.71
CA THR GB 70 32.08 -97.97 -11.89
C THR GB 70 32.67 -99.00 -10.94
N ARG GB 71 31.97 -99.22 -9.82
CA ARG GB 71 32.41 -100.21 -8.85
C ARG GB 71 32.19 -101.62 -9.40
N ASN GB 72 32.82 -102.59 -8.74
CA ASN GB 72 32.59 -103.98 -9.10
C ASN GB 72 31.15 -104.37 -8.83
N THR GB 73 30.59 -105.17 -9.73
CA THR GB 73 29.22 -105.64 -9.57
C THR GB 73 29.09 -106.52 -8.34
N LYS GB 74 27.96 -106.37 -7.65
CA LYS GB 74 27.67 -107.15 -6.46
C LYS GB 74 26.65 -108.23 -6.77
N GLY GB 75 27.05 -109.47 -6.54
CA GLY GB 75 26.21 -110.62 -6.86
C GLY GB 75 26.81 -111.49 -7.94
N ARG HB 1 -10.55 -78.99 -7.00
CA ARG HB 1 -11.10 -77.69 -7.41
C ARG HB 1 -10.56 -77.27 -8.76
N VAL HB 2 -9.24 -77.37 -8.93
CA VAL HB 2 -8.62 -76.99 -10.19
C VAL HB 2 -9.05 -77.93 -11.30
N GLN HB 3 -9.12 -77.42 -12.51
CA GLN HB 3 -9.58 -78.23 -13.63
C GLN HB 3 -8.47 -79.19 -14.06
N PRO HB 4 -8.75 -80.49 -14.14
CA PRO HB 4 -7.73 -81.43 -14.61
C PRO HB 4 -7.43 -81.22 -16.09
N ILE HB 5 -6.18 -81.49 -16.45
CA ILE HB 5 -5.72 -81.30 -17.82
C ILE HB 5 -6.38 -82.36 -18.70
N LYS HB 6 -6.97 -81.91 -19.79
CA LYS HB 6 -7.71 -82.79 -20.69
C LYS HB 6 -7.26 -82.56 -22.12
N LEU HB 7 -7.21 -83.64 -22.89
CA LEU HB 7 -6.59 -83.61 -24.20
C LEU HB 7 -7.62 -83.35 -25.30
N ALA HB 8 -7.13 -82.94 -26.45
CA ALA HB 8 -7.99 -82.61 -27.58
C ALA HB 8 -7.18 -82.71 -28.87
N ARG HB 9 -7.90 -82.81 -29.98
CA ARG HB 9 -7.29 -82.95 -31.30
C ARG HB 9 -7.68 -81.79 -32.20
N VAL HB 10 -6.68 -81.24 -32.91
CA VAL HB 10 -6.92 -80.16 -33.85
C VAL HB 10 -7.61 -80.71 -35.09
N THR HB 11 -8.59 -79.95 -35.61
CA THR HB 11 -9.32 -80.32 -36.81
C THR HB 11 -9.00 -79.44 -38.00
N LYS HB 12 -9.16 -78.12 -37.86
CA LYS HB 12 -8.94 -77.19 -38.95
C LYS HB 12 -8.14 -76.00 -38.45
N VAL HB 13 -7.25 -75.48 -39.31
CA VAL HB 13 -6.47 -74.28 -39.00
C VAL HB 13 -7.20 -73.09 -39.57
N LEU HB 14 -7.55 -72.13 -38.71
CA LEU HB 14 -8.30 -70.97 -39.16
C LEU HB 14 -7.38 -69.94 -39.81
N GLY HB 15 -6.42 -69.43 -39.04
CA GLY HB 15 -5.49 -68.46 -39.59
C GLY HB 15 -4.54 -67.96 -38.53
N ARG HB 16 -3.49 -67.31 -39.00
CA ARG HB 16 -2.48 -66.75 -38.11
C ARG HB 16 -3.04 -65.55 -37.36
N THR HB 17 -2.55 -65.35 -36.14
CA THR HB 17 -3.00 -64.25 -35.30
C THR HB 17 -1.81 -63.71 -34.50
N GLY HB 18 -2.10 -62.83 -33.55
CA GLY HB 18 -1.07 -62.14 -32.81
C GLY HB 18 -0.49 -60.94 -33.52
N SER HB 19 -0.95 -60.65 -34.74
CA SER HB 19 -0.54 -59.54 -35.60
C SER HB 19 0.90 -59.63 -36.08
N GLN HB 20 1.67 -60.62 -35.62
CA GLN HB 20 2.94 -60.97 -36.23
C GLN HB 20 2.94 -62.37 -36.82
N GLY HB 21 1.85 -63.11 -36.70
CA GLY HB 21 1.85 -64.50 -37.07
C GLY HB 21 2.47 -65.42 -36.05
N GLN HB 22 2.86 -64.88 -34.90
CA GLN HB 22 3.45 -65.68 -33.84
C GLN HB 22 2.48 -66.69 -33.26
N CYS HB 23 1.18 -66.51 -33.50
CA CYS HB 23 0.16 -67.46 -33.07
C CYS HB 23 -0.73 -67.81 -34.25
N THR HB 24 -1.14 -69.08 -34.31
CA THR HB 24 -2.15 -69.53 -35.26
C THR HB 24 -3.37 -70.00 -34.49
N GLN HB 25 -4.55 -69.73 -35.04
CA GLN HB 25 -5.81 -70.02 -34.36
C GLN HB 25 -6.47 -71.21 -35.07
N VAL HB 26 -6.86 -72.22 -34.29
CA VAL HB 26 -7.36 -73.46 -34.83
C VAL HB 26 -8.64 -73.87 -34.11
N ARG HB 27 -9.42 -74.71 -34.76
CA ARG HB 27 -10.61 -75.32 -34.17
C ARG HB 27 -10.24 -76.72 -33.69
N VAL HB 28 -10.34 -76.92 -32.38
CA VAL HB 28 -9.82 -78.13 -31.74
C VAL HB 28 -10.99 -78.94 -31.20
N GLU HB 29 -10.85 -80.26 -31.22
CA GLU HB 29 -11.91 -81.19 -30.85
C GLU HB 29 -11.48 -82.02 -29.65
N PHE HB 30 -12.31 -82.04 -28.62
CA PHE HB 30 -11.96 -82.70 -27.37
C PHE HB 30 -11.93 -84.22 -27.54
N MET HB 31 -11.08 -84.86 -26.74
CA MET HB 31 -11.02 -86.32 -26.74
C MET HB 31 -12.23 -86.93 -26.04
N ASP HB 32 -12.59 -86.39 -24.87
CA ASP HB 32 -13.67 -86.98 -24.09
C ASP HB 32 -15.01 -86.87 -24.81
N ASP HB 33 -15.29 -85.70 -25.40
CA ASP HB 33 -16.50 -85.49 -26.18
C ASP HB 33 -16.06 -85.06 -27.57
N THR HB 34 -16.23 -85.95 -28.55
CA THR HB 34 -15.95 -85.59 -29.93
C THR HB 34 -16.90 -84.51 -30.43
N SER HB 35 -18.17 -84.58 -30.04
CA SER HB 35 -19.14 -83.57 -30.45
C SER HB 35 -18.84 -82.21 -29.84
N ARG HB 36 -18.09 -82.14 -28.75
CA ARG HB 36 -17.62 -80.88 -28.21
C ARG HB 36 -16.40 -80.40 -28.98
N SER HB 37 -16.43 -79.13 -29.39
CA SER HB 37 -15.32 -78.54 -30.13
C SER HB 37 -15.32 -77.04 -29.89
N ILE HB 38 -14.14 -76.50 -29.58
CA ILE HB 38 -13.98 -75.06 -29.40
C ILE HB 38 -12.88 -74.58 -30.33
N ILE HB 39 -12.62 -73.28 -30.32
CA ILE HB 39 -11.58 -72.68 -31.15
C ILE HB 39 -10.52 -72.09 -30.24
N ARG HB 40 -9.28 -72.54 -30.42
CA ARG HB 40 -8.16 -72.09 -29.61
C ARG HB 40 -7.05 -71.57 -30.49
N ASN HB 41 -6.46 -70.46 -30.08
CA ASN HB 41 -5.30 -69.90 -30.75
C ASN HB 41 -4.03 -70.47 -30.12
N VAL HB 42 -3.16 -71.03 -30.97
CA VAL HB 42 -1.98 -71.74 -30.51
C VAL HB 42 -0.74 -71.13 -31.14
N LYS HB 43 0.39 -71.32 -30.48
CA LYS HB 43 1.67 -70.84 -30.97
C LYS HB 43 2.58 -72.02 -31.28
N GLY HB 44 3.50 -71.80 -32.22
CA GLY HB 44 4.33 -72.87 -32.72
C GLY HB 44 3.73 -73.48 -33.98
N PRO HB 45 4.54 -74.25 -34.71
CA PRO HB 45 4.04 -74.84 -35.97
C PRO HB 45 2.99 -75.90 -35.70
N VAL HB 46 1.84 -75.76 -36.35
CA VAL HB 46 0.70 -76.67 -36.18
C VAL HB 46 0.22 -77.11 -37.54
N ARG HB 47 0.05 -78.42 -37.71
CA ARG HB 47 -0.68 -78.97 -38.84
C ARG HB 47 -1.83 -79.79 -38.31
N GLU HB 48 -2.94 -79.77 -39.04
CA GLU HB 48 -4.17 -80.40 -38.55
C GLU HB 48 -3.98 -81.89 -38.37
N GLY HB 49 -4.69 -82.46 -37.41
CA GLY HB 49 -4.59 -83.86 -37.07
C GLY HB 49 -3.74 -84.15 -35.86
N ASP HB 50 -2.92 -83.19 -35.41
CA ASP HB 50 -2.14 -83.37 -34.21
C ASP HB 50 -2.98 -83.10 -32.97
N VAL HB 51 -2.41 -83.38 -31.81
CA VAL HB 51 -3.10 -83.26 -30.54
C VAL HB 51 -2.26 -82.39 -29.60
N LEU HB 52 -2.93 -81.77 -28.64
CA LEU HB 52 -2.25 -80.88 -27.71
C LEU HB 52 -3.01 -80.85 -26.39
N THR HB 53 -2.30 -80.44 -25.34
CA THR HB 53 -2.87 -80.40 -24.00
C THR HB 53 -3.68 -79.13 -23.79
N LEU HB 54 -4.69 -79.22 -22.94
CA LEU HB 54 -5.49 -78.07 -22.52
C LEU HB 54 -5.40 -77.94 -21.02
N LEU HB 55 -4.50 -77.07 -20.55
CA LEU HB 55 -4.41 -76.78 -19.13
C LEU HB 55 -5.70 -76.16 -18.62
N GLU HB 56 -6.23 -75.19 -19.36
CA GLU HB 56 -7.50 -74.57 -19.07
C GLU HB 56 -8.38 -74.69 -20.32
N SER HB 57 -9.66 -75.00 -20.11
CA SER HB 57 -10.50 -75.39 -21.24
C SER HB 57 -10.89 -74.20 -22.10
N GLU HB 58 -11.66 -73.26 -21.55
CA GLU HB 58 -12.23 -72.18 -22.33
C GLU HB 58 -11.49 -70.87 -22.02
N ARG HB 59 -10.82 -70.32 -23.04
CA ARG HB 59 -10.15 -69.04 -22.92
C ARG HB 59 -10.84 -67.97 -23.76
N GLU HB 60 -10.95 -68.17 -25.07
CA GLU HB 60 -11.56 -67.17 -25.95
C GLU HB 60 -11.89 -67.77 -27.31
N ALA HB 61 -12.88 -67.20 -27.98
CA ALA HB 61 -13.22 -67.56 -29.34
C ALA HB 61 -13.51 -66.30 -30.12
N ARG HB 62 -12.83 -66.12 -31.25
CA ARG HB 62 -13.01 -64.93 -32.08
C ARG HB 62 -12.52 -65.24 -33.48
N ARG HB 63 -13.45 -65.30 -34.43
CA ARG HB 63 -13.09 -65.59 -35.82
C ARG HB 63 -12.32 -64.42 -36.42
N LEU HB 64 -11.33 -64.74 -37.24
CA LEU HB 64 -10.52 -63.72 -37.91
C LEU HB 64 -11.35 -62.92 -38.91
N GLY IB 1 69.97 -29.86 -61.92
CA GLY IB 1 71.34 -30.30 -61.75
C GLY IB 1 71.81 -31.16 -62.90
N HIS IB 2 73.05 -31.65 -62.80
CA HIS IB 2 73.61 -32.50 -63.84
C HIS IB 2 73.07 -33.93 -63.68
N GLN IB 3 73.62 -34.85 -64.47
CA GLN IB 3 73.13 -36.22 -64.51
C GLN IB 3 73.42 -37.00 -63.23
N GLN IB 4 74.32 -36.49 -62.37
CA GLN IB 4 74.70 -37.23 -61.17
C GLN IB 4 73.62 -37.20 -60.10
N LEU IB 5 72.67 -36.27 -60.16
CA LEU IB 5 71.63 -36.17 -59.15
C LEU IB 5 70.23 -35.99 -59.72
N TYR IB 6 70.09 -35.75 -61.03
CA TYR IB 6 68.77 -35.53 -61.62
C TYR IB 6 67.90 -36.77 -61.52
N TRP IB 7 68.47 -37.95 -61.76
CA TRP IB 7 67.75 -39.21 -61.68
C TRP IB 7 68.49 -40.20 -60.80
N SER IB 8 69.25 -39.70 -59.82
CA SER IB 8 70.09 -40.54 -58.99
C SER IB 8 69.30 -41.44 -58.05
N HIS IB 9 68.16 -40.97 -57.55
CA HIS IB 9 67.39 -41.76 -56.60
C HIS IB 9 66.87 -43.03 -57.25
N PRO IB 10 67.20 -44.21 -56.72
CA PRO IB 10 66.79 -45.46 -57.35
C PRO IB 10 65.27 -45.61 -57.40
N ARG IB 11 64.79 -46.17 -58.51
CA ARG IB 11 63.41 -46.62 -58.65
C ARG IB 11 63.40 -48.01 -59.28
N LYS IB 12 64.25 -48.89 -58.76
CA LYS IB 12 64.32 -50.26 -59.23
C LYS IB 12 63.29 -51.18 -58.57
N PHE IB 13 62.45 -50.64 -57.69
CA PHE IB 13 61.37 -51.38 -57.06
C PHE IB 13 60.39 -50.36 -56.48
N GLY IB 14 59.34 -50.86 -55.84
CA GLY IB 14 58.43 -50.00 -55.12
C GLY IB 14 57.34 -49.41 -55.99
N GLN IB 15 56.48 -48.63 -55.33
CA GLN IB 15 55.27 -48.12 -55.97
C GLN IB 15 55.59 -47.05 -57.01
N GLY IB 16 56.62 -46.24 -56.78
CA GLY IB 16 57.02 -45.25 -57.77
C GLY IB 16 57.68 -45.82 -59.00
N SER IB 17 58.10 -47.08 -58.95
CA SER IB 17 58.71 -47.73 -60.10
C SER IB 17 57.68 -48.20 -61.13
N ARG IB 18 56.40 -48.26 -60.75
CA ARG IB 18 55.36 -48.83 -61.59
C ARG IB 18 54.32 -47.77 -61.92
N SER IB 19 53.90 -47.74 -63.19
CA SER IB 19 52.87 -46.83 -63.65
C SER IB 19 51.95 -47.58 -64.60
N CYS IB 20 50.76 -47.03 -64.81
CA CYS IB 20 49.82 -47.61 -65.75
C CYS IB 20 50.40 -47.59 -67.16
N ARG IB 21 50.10 -48.63 -67.93
CA ARG IB 21 50.57 -48.65 -69.31
C ARG IB 21 49.72 -47.80 -70.24
N VAL IB 22 48.60 -47.26 -69.74
CA VAL IB 22 47.73 -46.39 -70.52
C VAL IB 22 47.87 -44.94 -70.07
N CYS IB 23 47.54 -44.65 -68.82
CA CYS IB 23 47.52 -43.30 -68.30
C CYS IB 23 48.66 -42.99 -67.34
N SER IB 24 49.60 -43.92 -67.16
CA SER IB 24 50.80 -43.73 -66.34
C SER IB 24 50.45 -43.42 -64.88
N ASN IB 25 49.30 -43.89 -64.43
CA ASN IB 25 48.86 -43.65 -63.06
C ASN IB 25 49.63 -44.54 -62.10
N ARG IB 26 49.81 -44.06 -60.87
CA ARG IB 26 50.62 -44.75 -59.87
C ARG IB 26 49.76 -45.28 -58.72
N HIS IB 27 48.47 -45.47 -58.95
CA HIS IB 27 47.56 -45.96 -57.92
C HIS IB 27 46.61 -46.99 -58.51
N GLY IB 28 46.38 -48.06 -57.78
CA GLY IB 28 45.48 -49.10 -58.23
C GLY IB 28 45.96 -49.87 -59.44
N LEU IB 29 47.24 -50.22 -59.48
CA LEU IB 29 47.76 -50.97 -60.61
C LEU IB 29 47.42 -52.44 -60.50
N ILE IB 30 47.32 -53.10 -61.64
CA ILE IB 30 46.94 -54.50 -61.74
C ILE IB 30 48.11 -55.24 -62.36
N ARG IB 31 48.98 -55.80 -61.52
CA ARG IB 31 50.18 -56.50 -61.98
C ARG IB 31 49.90 -57.94 -62.36
N LYS IB 32 48.68 -58.44 -62.13
CA LYS IB 32 48.39 -59.84 -62.38
C LYS IB 32 48.42 -60.15 -63.87
N TYR IB 33 49.03 -61.28 -64.21
CA TYR IB 33 49.25 -61.70 -65.60
C TYR IB 33 50.04 -60.66 -66.39
N GLY IB 34 50.84 -59.85 -65.69
CA GLY IB 34 51.59 -58.79 -66.35
C GLY IB 34 50.71 -57.78 -67.05
N LEU IB 35 49.50 -57.57 -66.54
CA LEU IB 35 48.57 -56.65 -67.20
C LEU IB 35 49.11 -55.23 -67.18
N ASN IB 36 49.62 -54.79 -66.02
CA ASN IB 36 50.28 -53.48 -65.87
C ASN IB 36 49.37 -52.34 -66.29
N MET IB 37 48.08 -52.43 -65.96
CA MET IB 37 47.09 -51.45 -66.35
C MET IB 37 46.35 -50.94 -65.12
N CYS IB 38 45.99 -49.66 -65.16
CA CYS IB 38 45.26 -49.04 -64.07
C CYS IB 38 43.88 -49.66 -63.91
N ARG IB 39 43.34 -49.56 -62.71
CA ARG IB 39 42.01 -50.10 -62.42
C ARG IB 39 40.94 -49.45 -63.28
N GLN IB 40 40.99 -48.12 -63.40
CA GLN IB 40 40.03 -47.43 -64.26
C GLN IB 40 40.23 -47.80 -65.72
N CYS IB 41 41.49 -47.84 -66.17
CA CYS IB 41 41.76 -48.20 -67.55
C CYS IB 41 41.36 -49.65 -67.84
N PHE IB 42 41.54 -50.54 -66.87
CA PHE IB 42 41.12 -51.93 -67.08
C PHE IB 42 39.60 -52.01 -67.21
N ARG IB 43 38.85 -51.29 -66.39
CA ARG IB 43 37.40 -51.27 -66.57
C ARG IB 43 37.02 -50.65 -67.90
N GLN IB 44 37.84 -49.71 -68.39
CA GLN IB 44 37.56 -49.08 -69.67
C GLN IB 44 37.75 -50.06 -70.83
N TYR IB 45 38.77 -50.92 -70.74
CA TYR IB 45 39.19 -51.73 -71.88
C TYR IB 45 38.99 -53.23 -71.73
N ALA IB 46 38.40 -53.71 -70.63
CA ALA IB 46 38.32 -55.15 -70.40
C ALA IB 46 37.53 -55.87 -71.48
N LYS IB 47 36.56 -55.19 -72.09
CA LYS IB 47 35.90 -55.76 -73.27
C LYS IB 47 36.88 -55.90 -74.41
N ASP IB 48 37.82 -54.94 -74.55
CA ASP IB 48 38.75 -54.97 -75.67
C ASP IB 48 39.80 -56.06 -75.50
N ILE IB 49 40.38 -56.19 -74.30
CA ILE IB 49 41.30 -57.31 -74.05
C ILE IB 49 40.55 -58.64 -74.14
N GLY IB 50 39.37 -58.70 -73.54
CA GLY IB 50 38.55 -59.89 -73.66
C GLY IB 50 37.99 -60.36 -72.34
N PHE IB 51 38.35 -59.69 -71.25
CA PHE IB 51 37.75 -59.99 -69.95
C PHE IB 51 36.30 -59.53 -69.97
N ILE IB 52 35.39 -60.48 -70.11
CA ILE IB 52 33.96 -60.21 -70.17
C ILE IB 52 33.31 -60.80 -68.92
N LYS IB 53 32.16 -60.23 -68.56
CA LYS IB 53 31.46 -60.62 -67.36
C LYS IB 53 30.63 -61.88 -67.63
N LEU IB 54 30.71 -62.84 -66.71
CA LEU IB 54 29.87 -64.02 -66.74
C LEU IB 54 28.97 -64.12 -65.52
N ASP IB 55 29.52 -63.96 -64.32
CA ASP IB 55 28.74 -64.01 -63.09
C ASP IB 55 28.98 -62.77 -62.24
N TYR JB 1 55.42 -16.95 -49.55
CA TYR JB 1 56.83 -16.96 -49.94
C TYR JB 1 57.71 -16.34 -48.86
N THR JB 2 58.23 -15.15 -49.15
CA THR JB 2 59.15 -14.43 -48.28
C THR JB 2 60.34 -15.33 -47.91
N THR JB 3 61.09 -15.69 -48.94
CA THR JB 3 62.21 -16.59 -48.76
C THR JB 3 63.25 -15.94 -47.85
N PRO JB 4 63.67 -16.60 -46.78
CA PRO JB 4 64.65 -15.98 -45.87
C PRO JB 4 65.98 -15.65 -46.54
N LYS JB 5 66.41 -16.47 -47.48
CA LYS JB 5 67.63 -16.19 -48.24
C LYS JB 5 67.32 -15.27 -49.41
N LYS JB 6 68.28 -14.42 -49.75
CA LYS JB 6 68.17 -13.63 -50.96
C LYS JB 6 68.27 -14.53 -52.18
N ASN JB 7 67.80 -14.03 -53.33
CA ASN JB 7 67.82 -14.80 -54.56
C ASN JB 7 69.24 -15.12 -54.95
N LYS JB 8 69.52 -16.41 -55.16
CA LYS JB 8 70.89 -16.84 -55.44
C LYS JB 8 71.42 -16.22 -56.71
N HIS JB 9 72.61 -15.63 -56.62
CA HIS JB 9 73.24 -14.98 -57.75
C HIS JB 9 73.73 -16.04 -58.73
N LYS JB 10 73.14 -16.08 -59.92
CA LYS JB 10 73.64 -16.97 -60.95
C LYS JB 10 74.95 -16.44 -61.52
N ARG JB 11 75.83 -17.36 -61.89
CA ARG JB 11 77.12 -17.00 -62.46
C ARG JB 11 76.94 -16.25 -63.77
N LYS JB 12 77.71 -15.17 -63.93
CA LYS JB 12 77.89 -14.52 -65.22
C LYS JB 12 79.32 -14.71 -65.67
N LYS JB 13 79.51 -15.12 -66.92
CA LYS JB 13 80.84 -15.43 -67.41
C LYS JB 13 81.68 -14.17 -67.56
N VAL JB 14 83.00 -14.37 -67.64
CA VAL JB 14 83.95 -13.28 -67.58
C VAL JB 14 84.03 -12.45 -68.85
N LYS JB 15 83.42 -12.92 -69.95
CA LYS JB 15 83.53 -12.27 -71.26
C LYS JB 15 84.99 -12.09 -71.65
N LEU JB 16 85.64 -13.23 -71.82
CA LEU JB 16 87.05 -13.25 -72.23
C LEU JB 16 87.19 -12.74 -73.65
N ALA JB 17 88.25 -11.98 -73.89
CA ALA JB 17 88.57 -11.48 -75.22
C ALA JB 17 89.23 -12.59 -76.02
N VAL JB 18 89.86 -12.21 -77.14
CA VAL JB 18 90.60 -13.17 -77.96
C VAL JB 18 91.66 -13.87 -77.10
N LEU JB 19 91.81 -15.18 -77.30
CA LEU JB 19 92.60 -16.03 -76.43
C LEU JB 19 94.06 -15.61 -76.37
N LYS JB 20 94.80 -15.75 -77.49
CA LYS JB 20 96.15 -15.22 -77.65
C LYS JB 20 97.11 -15.67 -76.55
N TYR JB 21 96.90 -16.85 -75.98
CA TYR JB 21 97.85 -17.36 -74.97
C TYR JB 21 98.93 -18.22 -75.60
N TYR JB 22 99.58 -17.68 -76.62
CA TYR JB 22 100.76 -18.28 -77.24
C TYR JB 22 101.42 -17.22 -78.11
N LYS JB 23 102.74 -17.24 -78.11
CA LYS JB 23 103.54 -16.16 -78.69
C LYS JB 23 104.69 -16.74 -79.48
N VAL JB 24 105.04 -16.06 -80.58
CA VAL JB 24 106.22 -16.39 -81.36
C VAL JB 24 107.10 -15.14 -81.43
N ASP JB 25 108.41 -15.35 -81.57
CA ASP JB 25 109.39 -14.29 -81.46
C ASP JB 25 110.40 -14.37 -82.59
N GLU JB 26 111.07 -13.24 -82.82
CA GLU JB 26 112.07 -13.02 -83.87
C GLU JB 26 111.70 -13.69 -85.19
N ASN JB 27 110.60 -13.23 -85.79
CA ASN JB 27 110.11 -13.70 -87.09
C ASN JB 27 109.71 -15.17 -87.05
N GLY JB 28 109.11 -15.59 -85.94
CA GLY JB 28 108.41 -16.87 -85.87
C GLY JB 28 109.14 -18.02 -85.22
N LYS JB 29 108.85 -18.26 -83.94
CA LYS JB 29 109.34 -19.42 -83.21
C LYS JB 29 108.27 -19.82 -82.21
N ILE JB 30 107.68 -21.00 -82.41
CA ILE JB 30 106.54 -21.40 -81.59
C ILE JB 30 106.97 -21.58 -80.13
N SER JB 31 106.13 -21.07 -79.22
CA SER JB 31 106.39 -21.16 -77.78
C SER JB 31 105.08 -21.54 -77.09
N ARG JB 32 104.91 -22.83 -76.82
CA ARG JB 32 103.79 -23.31 -76.00
C ARG JB 32 103.99 -22.80 -74.58
N LEU JB 33 103.23 -21.79 -74.20
CA LEU JB 33 103.23 -21.30 -72.83
C LEU JB 33 102.11 -21.92 -71.99
N ARG JB 34 101.37 -22.88 -72.56
CA ARG JB 34 100.32 -23.60 -71.86
C ARG JB 34 100.61 -25.09 -71.90
N ARG JB 35 100.13 -25.80 -70.90
CA ARG JB 35 100.42 -27.23 -70.77
C ARG JB 35 99.61 -28.05 -71.79
N GLU JB 36 100.21 -29.16 -72.23
CA GLU JB 36 99.58 -30.08 -73.16
C GLU JB 36 98.86 -31.18 -72.39
N CYS JB 37 97.62 -31.46 -72.78
CA CYS JB 37 96.91 -32.63 -72.26
C CYS JB 37 97.30 -33.85 -73.08
N PRO JB 38 97.94 -34.86 -72.47
CA PRO JB 38 98.53 -35.96 -73.24
C PRO JB 38 97.58 -37.08 -73.63
N SER JB 39 96.34 -37.07 -73.13
CA SER JB 39 95.42 -38.15 -73.44
C SER JB 39 94.95 -38.06 -74.88
N ASP JB 40 94.46 -39.20 -75.40
CA ASP JB 40 93.90 -39.22 -76.74
C ASP JB 40 92.60 -38.42 -76.80
N GLU JB 41 91.76 -38.52 -75.76
CA GLU JB 41 90.49 -37.81 -75.78
C GLU JB 41 90.67 -36.30 -75.69
N CYS JB 42 91.73 -35.84 -75.03
CA CYS JB 42 92.07 -34.43 -75.08
C CYS JB 42 92.69 -34.08 -76.43
N GLY JB 43 93.68 -34.85 -76.85
CA GLY JB 43 94.42 -34.55 -78.07
C GLY JB 43 95.54 -33.56 -77.82
N ALA JB 44 96.37 -33.39 -78.84
CA ALA JB 44 97.49 -32.47 -78.80
C ALA JB 44 97.13 -31.08 -79.29
N GLY JB 45 95.88 -30.86 -79.69
CA GLY JB 45 95.46 -29.57 -80.20
C GLY JB 45 95.08 -28.61 -79.10
N VAL JB 46 94.38 -29.12 -78.08
CA VAL JB 46 93.95 -28.27 -76.98
C VAL JB 46 95.06 -28.15 -75.96
N PHE JB 47 94.97 -27.11 -75.14
CA PHE JB 47 95.94 -26.86 -74.08
C PHE JB 47 95.30 -27.14 -72.72
N MET JB 48 96.14 -27.19 -71.70
CA MET JB 48 95.64 -27.40 -70.35
C MET JB 48 95.53 -26.08 -69.61
N ALA JB 49 94.91 -26.14 -68.43
CA ALA JB 49 94.77 -24.97 -67.58
C ALA JB 49 96.11 -24.58 -66.98
N SER JB 50 96.17 -23.34 -66.48
CA SER JB 50 97.39 -22.81 -65.90
C SER JB 50 97.14 -22.32 -64.48
N HIS JB 51 96.49 -23.15 -63.68
CA HIS JB 51 96.21 -22.82 -62.29
C HIS JB 51 97.53 -22.66 -61.51
N PHE JB 52 97.44 -21.97 -60.38
CA PHE JB 52 98.65 -21.63 -59.64
C PHE JB 52 99.31 -22.85 -59.00
N ASP JB 53 98.59 -23.96 -58.86
CA ASP JB 53 99.17 -25.15 -58.25
C ASP JB 53 98.83 -26.47 -58.93
N ARG JB 54 98.11 -26.45 -60.04
CA ARG JB 54 97.84 -27.68 -60.80
C ARG JB 54 97.56 -27.32 -62.25
N HIS JB 55 97.43 -28.35 -63.08
CA HIS JB 55 97.05 -28.21 -64.47
C HIS JB 55 95.79 -29.02 -64.73
N TYR JB 56 94.86 -28.46 -65.49
CA TYR JB 56 93.58 -29.09 -65.79
C TYR JB 56 93.37 -29.17 -67.29
N CYS JB 57 92.90 -30.33 -67.76
CA CYS JB 57 92.63 -30.55 -69.17
C CYS JB 57 91.14 -30.37 -69.40
N GLY JB 58 90.79 -29.59 -70.41
CA GLY JB 58 89.38 -29.28 -70.63
C GLY JB 58 88.55 -30.51 -70.98
N LYS JB 59 89.10 -31.38 -71.83
CA LYS JB 59 88.40 -32.60 -72.20
C LYS JB 59 88.79 -33.78 -71.33
N CYS JB 60 90.09 -34.01 -71.14
CA CYS JB 60 90.52 -35.21 -70.43
C CYS JB 60 90.23 -35.11 -68.94
N CYS JB 61 89.97 -33.91 -68.42
CA CYS JB 61 89.68 -33.66 -67.00
C CYS JB 61 90.70 -34.32 -66.06
N LEU JB 62 91.94 -34.45 -66.53
CA LEU JB 62 93.03 -34.87 -65.66
C LEU JB 62 93.58 -33.69 -64.89
N THR JB 63 94.17 -33.96 -63.73
CA THR JB 63 94.74 -32.94 -62.87
C THR JB 63 96.20 -33.28 -62.60
N TYR JB 64 97.11 -32.50 -63.20
CA TYR JB 64 98.53 -32.60 -62.91
C TYR JB 64 98.89 -31.52 -61.89
N CYS JB 65 99.21 -31.95 -60.68
CA CYS JB 65 99.54 -31.04 -59.59
C CYS JB 65 101.05 -30.97 -59.41
N PHE JB 66 101.58 -29.76 -59.38
CA PHE JB 66 102.99 -29.52 -59.09
C PHE JB 66 103.11 -28.92 -57.70
N ASN JB 67 103.95 -29.51 -56.87
CA ASN JB 67 104.10 -29.07 -55.49
C ASN JB 67 105.32 -28.18 -55.32
N THR KB 1 -17.59 -120.09 -76.51
CA THR KB 1 -17.35 -120.22 -75.08
C THR KB 1 -15.97 -119.68 -74.70
N GLU KB 2 -15.29 -119.08 -75.66
CA GLU KB 2 -13.95 -118.55 -75.48
C GLU KB 2 -13.97 -117.03 -75.52
N GLN KB 3 -13.19 -116.42 -74.64
CA GLN KB 3 -13.06 -114.96 -74.60
C GLN KB 3 -11.72 -114.61 -73.96
N MET KB 4 -11.31 -113.37 -74.15
CA MET KB 4 -10.02 -112.88 -73.65
C MET KB 4 -10.25 -112.32 -72.25
N THR KB 5 -9.52 -112.86 -71.26
CA THR KB 5 -9.72 -112.47 -69.88
C THR KB 5 -8.37 -112.20 -69.22
N LEU KB 6 -8.43 -111.71 -67.99
CA LEU KB 6 -7.24 -111.32 -67.25
C LEU KB 6 -6.44 -112.56 -66.84
N ARG KB 7 -5.13 -112.36 -66.69
CA ARG KB 7 -4.27 -113.42 -66.16
C ARG KB 7 -3.34 -112.87 -65.09
N GLY KB 8 -3.01 -111.59 -65.17
CA GLY KB 8 -2.12 -110.99 -64.19
C GLY KB 8 -1.47 -109.74 -64.76
N THR KB 9 -0.52 -109.23 -63.99
CA THR KB 9 0.24 -108.03 -64.34
C THR KB 9 1.71 -108.20 -63.96
N LEU KB 10 2.57 -107.43 -64.61
CA LEU KB 10 3.99 -107.39 -64.30
C LEU KB 10 4.35 -105.97 -63.85
N LYS KB 11 5.22 -105.89 -62.85
CA LYS KB 11 5.60 -104.62 -62.25
C LYS KB 11 7.11 -104.44 -62.30
N GLY KB 12 7.55 -103.19 -62.24
CA GLY KB 12 8.97 -102.88 -62.16
C GLY KB 12 9.40 -101.72 -63.05
N HIS KB 13 8.51 -101.27 -63.93
CA HIS KB 13 8.87 -100.26 -64.91
C HIS KB 13 8.65 -98.85 -64.37
N ASN KB 14 9.42 -97.91 -64.93
CA ASN KB 14 9.31 -96.50 -64.59
C ASN KB 14 9.00 -95.65 -65.82
N GLY KB 15 8.25 -96.20 -66.76
CA GLY KB 15 7.84 -95.49 -67.95
C GLY KB 15 6.81 -96.32 -68.70
N TRP KB 16 6.23 -95.72 -69.73
CA TRP KB 16 5.24 -96.42 -70.54
C TRP KB 16 5.88 -97.62 -71.22
N VAL KB 17 5.15 -98.73 -71.23
CA VAL KB 17 5.62 -99.96 -71.89
C VAL KB 17 5.43 -99.76 -73.39
N THR KB 18 6.49 -99.33 -74.08
CA THR KB 18 6.35 -99.00 -75.50
C THR KB 18 6.23 -100.24 -76.37
N GLN KB 19 7.03 -101.27 -76.08
CA GLN KB 19 7.08 -102.45 -76.93
C GLN KB 19 7.14 -103.72 -76.10
N ILE KB 20 6.42 -104.74 -76.58
CA ILE KB 20 6.50 -106.10 -76.03
C ILE KB 20 7.03 -107.01 -77.12
N ALA KB 21 8.03 -107.81 -76.79
CA ALA KB 21 8.63 -108.76 -77.73
C ALA KB 21 8.60 -110.16 -77.12
N THR KB 22 8.08 -111.12 -77.87
CA THR KB 22 7.95 -112.49 -77.42
C THR KB 22 8.60 -113.43 -78.43
N THR KB 23 9.26 -114.48 -77.93
CA THR KB 23 10.03 -115.34 -78.80
C THR KB 23 9.46 -116.75 -78.84
N PRO KB 24 9.57 -117.42 -79.99
CA PRO KB 24 9.06 -118.80 -80.07
C PRO KB 24 9.96 -119.82 -79.41
N GLN KB 25 11.28 -119.65 -79.48
CA GLN KB 25 12.19 -120.65 -78.95
C GLN KB 25 12.17 -120.69 -77.43
N PHE KB 26 11.88 -119.57 -76.77
CA PHE KB 26 11.77 -119.49 -75.32
C PHE KB 26 10.41 -118.91 -74.98
N PRO KB 27 9.34 -119.70 -75.10
CA PRO KB 27 7.99 -119.17 -74.84
C PRO KB 27 7.78 -118.70 -73.41
N ASP KB 28 8.55 -119.22 -72.46
CA ASP KB 28 8.44 -118.86 -71.05
C ASP KB 28 9.24 -117.61 -70.71
N MET KB 29 9.75 -116.91 -71.72
CA MET KB 29 10.66 -115.79 -71.52
C MET KB 29 10.25 -114.66 -72.45
N ILE KB 30 9.94 -113.49 -71.88
CA ILE KB 30 9.59 -112.31 -72.63
C ILE KB 30 10.42 -111.13 -72.13
N LEU KB 31 10.53 -110.11 -72.97
CA LEU KB 31 11.22 -108.88 -72.63
C LEU KB 31 10.37 -107.70 -73.06
N SER KB 32 10.52 -106.58 -72.36
CA SER KB 32 9.68 -105.42 -72.57
C SER KB 32 10.54 -104.16 -72.62
N ALA KB 33 10.13 -103.22 -73.46
CA ALA KB 33 10.75 -101.90 -73.48
C ALA KB 33 9.94 -100.93 -72.64
N SER KB 34 10.56 -99.81 -72.29
CA SER KB 34 9.90 -98.80 -71.48
C SER KB 34 10.55 -97.44 -71.73
N ARG KB 35 9.92 -96.40 -71.19
CA ARG KB 35 10.44 -95.04 -71.27
C ARG KB 35 11.28 -94.69 -70.05
N ASP KB 36 11.89 -95.69 -69.41
CA ASP KB 36 12.83 -95.46 -68.32
C ASP KB 36 14.27 -95.75 -68.74
N LYS KB 37 14.53 -95.73 -70.04
CA LYS KB 37 15.84 -96.02 -70.63
C LYS KB 37 16.35 -97.41 -70.27
N THR KB 38 15.44 -98.33 -69.92
CA THR KB 38 15.81 -99.69 -69.56
C THR KB 38 14.91 -100.68 -70.28
N ILE KB 39 15.46 -101.85 -70.55
CA ILE KB 39 14.72 -102.97 -71.12
C ILE KB 39 14.81 -104.12 -70.13
N ILE KB 40 13.66 -104.66 -69.76
CA ILE KB 40 13.58 -105.71 -68.74
C ILE KB 40 13.06 -106.98 -69.41
N MET KB 41 13.81 -108.06 -69.26
CA MET KB 41 13.38 -109.38 -69.71
C MET KB 41 12.82 -110.15 -68.52
N TRP KB 42 11.75 -110.89 -68.78
CA TRP KB 42 10.94 -111.47 -67.72
C TRP KB 42 10.90 -112.99 -67.86
N LYS KB 43 10.99 -113.69 -66.74
CA LYS KB 43 10.76 -115.13 -66.71
C LYS KB 43 9.34 -115.38 -66.24
N LEU KB 44 8.57 -116.08 -67.08
CA LEU KB 44 7.13 -116.26 -66.86
C LEU KB 44 6.92 -117.27 -65.74
N THR KB 45 6.88 -116.77 -64.52
CA THR KB 45 6.60 -117.58 -63.33
C THR KB 45 5.10 -117.54 -63.11
N ARG KB 46 4.39 -118.43 -63.79
CA ARG KB 46 2.93 -118.45 -63.78
C ARG KB 46 2.46 -119.01 -62.44
N ASP KB 47 2.28 -118.11 -61.47
CA ASP KB 47 1.85 -118.53 -60.14
C ASP KB 47 0.83 -117.56 -59.55
N GLU KB 48 0.52 -117.75 -58.26
CA GLU KB 48 -0.50 -116.96 -57.59
C GLU KB 48 0.02 -115.63 -57.05
N THR KB 49 1.34 -115.48 -56.91
CA THR KB 49 1.89 -114.23 -56.42
C THR KB 49 1.96 -113.19 -57.54
N ASN KB 50 2.67 -113.53 -58.61
CA ASN KB 50 2.71 -112.72 -59.82
C ASN KB 50 2.92 -113.64 -61.01
N TYR KB 51 2.53 -113.17 -62.19
CA TYR KB 51 2.60 -114.03 -63.37
C TYR KB 51 3.98 -114.06 -64.00
N GLY KB 52 4.88 -113.15 -63.60
CA GLY KB 52 6.23 -113.14 -64.10
C GLY KB 52 7.12 -112.35 -63.16
N ILE KB 53 8.41 -112.37 -63.45
CA ILE KB 53 9.39 -111.71 -62.59
C ILE KB 53 10.56 -111.23 -63.46
N PRO KB 54 11.15 -110.08 -63.18
CA PRO KB 54 12.35 -109.67 -63.91
C PRO KB 54 13.51 -110.61 -63.64
N GLN KB 55 14.33 -110.82 -64.67
CA GLN KB 55 15.50 -111.67 -64.56
C GLN KB 55 16.80 -110.98 -64.99
N ARG KB 56 16.75 -110.12 -65.99
CA ARG KB 56 17.91 -109.33 -66.40
C ARG KB 56 17.41 -108.00 -66.94
N ALA KB 57 18.22 -106.96 -66.74
CA ALA KB 57 17.89 -105.61 -67.17
C ALA KB 57 18.90 -105.14 -68.20
N LEU KB 58 18.41 -104.52 -69.26
CA LEU KB 58 19.24 -104.02 -70.34
C LEU KB 58 19.32 -102.50 -70.22
N ARG KB 59 20.54 -102.00 -69.98
CA ARG KB 59 20.76 -100.58 -69.74
C ARG KB 59 21.87 -100.05 -70.63
N GLY KB 60 21.74 -98.80 -71.04
CA GLY KB 60 22.72 -98.19 -71.93
C GLY KB 60 22.13 -97.19 -72.92
N HIS KB 61 20.83 -97.25 -73.15
CA HIS KB 61 20.18 -96.20 -73.93
C HIS KB 61 20.07 -94.92 -73.12
N SER KB 62 20.28 -93.79 -73.79
CA SER KB 62 20.28 -92.50 -73.12
C SER KB 62 18.90 -91.88 -72.98
N HIS KB 63 17.89 -92.41 -73.66
CA HIS KB 63 16.57 -91.78 -73.65
C HIS KB 63 15.53 -92.88 -73.74
N PHE KB 64 14.29 -92.50 -74.07
CA PHE KB 64 13.19 -93.44 -74.08
C PHE KB 64 13.38 -94.50 -75.16
N VAL KB 65 13.18 -95.76 -74.77
CA VAL KB 65 13.29 -96.86 -75.71
C VAL KB 65 11.94 -97.06 -76.39
N SER KB 66 11.92 -96.92 -77.71
CA SER KB 66 10.66 -97.06 -78.44
C SER KB 66 10.41 -98.52 -78.83
N ASP KB 67 11.32 -99.11 -79.60
CA ASP KB 67 11.09 -100.41 -80.20
C ASP KB 67 12.25 -101.35 -79.92
N VAL KB 68 11.94 -102.54 -79.46
CA VAL KB 68 12.91 -103.62 -79.30
C VAL KB 68 12.36 -104.87 -79.99
N VAL KB 69 13.20 -105.52 -80.78
CA VAL KB 69 12.80 -106.67 -81.57
C VAL KB 69 13.73 -107.83 -81.27
N ILE KB 70 13.16 -109.03 -81.15
CA ILE KB 70 13.92 -110.24 -80.91
C ILE KB 70 14.62 -110.68 -82.19
N SER KB 71 15.54 -111.63 -82.06
CA SER KB 71 16.07 -112.33 -83.20
C SER KB 71 15.36 -113.68 -83.37
N SER KB 72 15.69 -114.39 -84.44
CA SER KB 72 15.10 -115.71 -84.66
C SER KB 72 15.52 -116.69 -83.57
N ASP KB 73 16.80 -116.66 -83.19
CA ASP KB 73 17.33 -117.56 -82.18
C ASP KB 73 17.04 -117.11 -80.76
N GLY KB 74 16.74 -115.84 -80.54
CA GLY KB 74 16.53 -115.32 -79.21
C GLY KB 74 17.81 -115.09 -78.43
N GLN KB 75 18.97 -115.28 -79.04
CA GLN KB 75 20.23 -115.04 -78.33
C GLN KB 75 20.59 -113.57 -78.30
N PHE KB 76 19.86 -112.74 -79.04
CA PHE KB 76 20.19 -111.33 -79.17
C PHE KB 76 18.92 -110.48 -79.04
N ALA KB 77 19.11 -109.23 -78.65
CA ALA KB 77 18.05 -108.25 -78.60
C ALA KB 77 18.48 -107.00 -79.37
N LEU KB 78 17.67 -106.59 -80.34
CA LEU KB 78 17.91 -105.39 -81.11
C LEU KB 78 17.00 -104.29 -80.61
N SER KB 79 17.60 -103.16 -80.21
CA SER KB 79 16.88 -102.09 -79.53
C SER KB 79 17.17 -100.76 -80.18
N GLY KB 80 16.13 -99.93 -80.27
CA GLY KB 80 16.27 -98.57 -80.73
C GLY KB 80 15.52 -97.62 -79.83
N SER KB 81 16.19 -96.53 -79.45
CA SER KB 81 15.64 -95.59 -78.48
C SER KB 81 15.68 -94.18 -79.06
N TRP KB 82 15.19 -93.23 -78.27
CA TRP KB 82 15.18 -91.83 -78.66
C TRP KB 82 16.56 -91.20 -78.62
N ASP KB 83 17.57 -91.91 -78.13
CA ASP KB 83 18.94 -91.41 -78.10
C ASP KB 83 19.54 -91.27 -79.49
N GLY KB 84 18.85 -91.74 -80.53
CA GLY KB 84 19.38 -91.68 -81.88
C GLY KB 84 20.30 -92.83 -82.23
N THR KB 85 20.52 -93.76 -81.32
CA THR KB 85 21.40 -94.90 -81.54
C THR KB 85 20.62 -96.19 -81.37
N LEU KB 86 21.05 -97.22 -82.11
CA LEU KB 86 20.50 -98.55 -81.98
C LEU KB 86 21.53 -99.44 -81.30
N ARG KB 87 21.11 -100.12 -80.24
CA ARG KB 87 21.97 -101.00 -79.48
C ARG KB 87 21.53 -102.44 -79.69
N LEU KB 88 22.46 -103.28 -80.10
CA LEU KB 88 22.21 -104.70 -80.27
C LEU KB 88 22.80 -105.43 -79.06
N TRP KB 89 22.00 -106.28 -78.44
CA TRP KB 89 22.35 -106.89 -77.16
C TRP KB 89 22.52 -108.39 -77.33
N ASP KB 90 23.01 -109.03 -76.28
CA ASP KB 90 23.05 -110.49 -76.18
C ASP KB 90 22.38 -110.92 -74.89
N LEU KB 91 21.49 -111.90 -74.97
CA LEU KB 91 20.67 -112.26 -73.82
C LEU KB 91 21.42 -113.10 -72.80
N THR KB 92 22.60 -113.63 -73.15
CA THR KB 92 23.39 -114.38 -72.19
C THR KB 92 23.99 -113.46 -71.14
N THR KB 93 24.48 -112.29 -71.55
CA THR KB 93 25.18 -111.39 -70.66
C THR KB 93 24.51 -110.02 -70.52
N GLY KB 94 23.56 -109.70 -71.39
CA GLY KB 94 22.89 -108.40 -71.29
C GLY KB 94 23.79 -107.22 -71.55
N THR KB 95 24.62 -107.30 -72.59
CA THR KB 95 25.57 -106.25 -72.92
C THR KB 95 25.37 -105.81 -74.36
N THR KB 96 25.57 -104.51 -74.60
CA THR KB 96 25.46 -103.96 -75.95
C THR KB 96 26.66 -104.40 -76.77
N THR KB 97 26.48 -105.41 -77.61
CA THR KB 97 27.55 -105.91 -78.46
C THR KB 97 27.70 -105.13 -79.76
N ARG KB 98 26.77 -104.23 -80.07
CA ARG KB 98 26.83 -103.47 -81.30
C ARG KB 98 26.05 -102.18 -81.12
N ARG KB 99 26.61 -101.08 -81.64
CA ARG KB 99 25.94 -99.79 -81.64
C ARG KB 99 25.84 -99.29 -83.06
N PHE KB 100 24.65 -98.83 -83.44
CA PHE KB 100 24.40 -98.29 -84.77
C PHE KB 100 24.19 -96.79 -84.66
N VAL KB 101 24.92 -96.03 -85.46
CA VAL KB 101 24.86 -94.58 -85.43
C VAL KB 101 24.67 -94.05 -86.85
N GLY KB 102 24.07 -92.86 -86.95
CA GLY KB 102 23.77 -92.26 -88.23
C GLY KB 102 22.46 -91.51 -88.22
N HIS KB 103 21.56 -91.86 -87.30
CA HIS KB 103 20.29 -91.16 -87.16
C HIS KB 103 20.48 -89.91 -86.34
N THR KB 104 20.18 -88.76 -86.94
CA THR KB 104 20.36 -87.47 -86.28
C THR KB 104 19.20 -87.11 -85.37
N LYS KB 105 18.15 -87.92 -85.32
CA LYS KB 105 16.99 -87.63 -84.49
C LYS KB 105 16.58 -88.92 -83.77
N ASP KB 106 15.40 -88.89 -83.16
CA ASP KB 106 14.95 -89.99 -82.32
C ASP KB 106 14.61 -91.21 -83.16
N VAL KB 107 15.13 -92.36 -82.76
CA VAL KB 107 14.81 -93.62 -83.43
C VAL KB 107 13.56 -94.19 -82.78
N LEU KB 108 12.55 -94.51 -83.61
CA LEU KB 108 11.27 -94.98 -83.12
C LEU KB 108 10.90 -96.38 -83.55
N SER KB 109 11.48 -96.89 -84.64
CA SER KB 109 11.09 -98.18 -85.19
C SER KB 109 12.32 -99.00 -85.52
N VAL KB 110 12.33 -100.26 -85.09
CA VAL KB 110 13.37 -101.21 -85.44
C VAL KB 110 12.70 -102.48 -85.95
N ALA KB 111 13.46 -103.25 -86.72
CA ALA KB 111 12.95 -104.51 -87.25
C ALA KB 111 14.13 -105.43 -87.54
N PHE KB 112 13.88 -106.74 -87.47
CA PHE KB 112 14.91 -107.74 -87.68
C PHE KB 112 14.46 -108.69 -88.78
N SER KB 113 15.35 -108.93 -89.74
CA SER KB 113 14.98 -109.73 -90.91
C SER KB 113 14.84 -111.21 -90.54
N SER KB 114 14.05 -111.92 -91.36
CA SER KB 114 13.86 -113.35 -91.14
C SER KB 114 15.15 -114.13 -91.34
N ASP KB 115 15.93 -113.77 -92.36
CA ASP KB 115 17.22 -114.41 -92.58
C ASP KB 115 18.29 -113.92 -91.63
N ASN KB 116 17.96 -112.93 -90.79
CA ASN KB 116 18.85 -112.41 -89.75
C ASN KB 116 20.12 -111.80 -90.35
N ARG KB 117 19.95 -111.14 -91.50
CA ARG KB 117 21.08 -110.51 -92.19
C ARG KB 117 20.80 -109.03 -92.43
N GLN KB 118 19.52 -108.66 -92.49
CA GLN KB 118 19.12 -107.30 -92.84
C GLN KB 118 18.55 -106.60 -91.60
N ILE KB 119 18.97 -105.35 -91.40
CA ILE KB 119 18.48 -104.53 -90.31
C ILE KB 119 18.03 -103.20 -90.89
N VAL KB 120 16.80 -102.80 -90.58
CA VAL KB 120 16.22 -101.57 -91.10
C VAL KB 120 15.80 -100.71 -89.91
N SER KB 121 15.92 -99.39 -90.06
CA SER KB 121 15.57 -98.46 -89.00
C SER KB 121 14.95 -97.20 -89.61
N GLY KB 122 14.12 -96.55 -88.82
CA GLY KB 122 13.56 -95.27 -89.21
C GLY KB 122 13.50 -94.34 -88.01
N SER KB 123 13.79 -93.07 -88.25
CA SER KB 123 13.89 -92.10 -87.17
C SER KB 123 13.07 -90.86 -87.51
N ARG KB 124 13.13 -89.87 -86.63
CA ARG KB 124 12.42 -88.62 -86.82
C ARG KB 124 13.03 -87.74 -87.90
N ASP KB 125 14.22 -88.07 -88.39
CA ASP KB 125 14.84 -87.30 -89.46
C ASP KB 125 14.27 -87.62 -90.83
N LYS KB 126 13.11 -88.28 -90.88
CA LYS KB 126 12.44 -88.66 -92.13
C LYS KB 126 13.34 -89.54 -93.00
N THR KB 127 14.14 -90.39 -92.35
CA THR KB 127 15.15 -91.19 -93.03
C THR KB 127 15.00 -92.65 -92.64
N ILE KB 128 15.12 -93.53 -93.64
CA ILE KB 128 15.13 -94.97 -93.42
C ILE KB 128 16.53 -95.48 -93.71
N LYS KB 129 17.13 -96.19 -92.75
CA LYS KB 129 18.51 -96.60 -92.84
C LYS KB 129 18.62 -98.12 -92.80
N LEU KB 130 19.44 -98.66 -93.70
CA LEU KB 130 19.67 -100.09 -93.82
C LEU KB 130 21.03 -100.45 -93.25
N TRP KB 131 21.05 -101.42 -92.34
CA TRP KB 131 22.24 -101.76 -91.59
C TRP KB 131 22.60 -103.22 -91.80
N ASN KB 132 23.81 -103.58 -91.39
CA ASN KB 132 24.23 -104.96 -91.28
C ASN KB 132 24.32 -105.35 -89.81
N THR KB 133 24.62 -106.62 -89.55
CA THR KB 133 24.82 -107.05 -88.18
C THR KB 133 26.09 -106.45 -87.59
N LEU KB 134 27.12 -106.27 -88.41
CA LEU KB 134 28.41 -105.77 -87.95
C LEU KB 134 28.39 -104.30 -87.56
N GLY KB 135 27.33 -103.56 -87.91
CA GLY KB 135 27.19 -102.19 -87.50
C GLY KB 135 27.55 -101.14 -88.54
N VAL KB 136 27.30 -101.41 -89.82
CA VAL KB 136 27.54 -100.45 -90.89
C VAL KB 136 26.22 -100.15 -91.58
N CYS KB 137 25.90 -98.87 -91.72
CA CYS KB 137 24.68 -98.46 -92.40
C CYS KB 137 24.89 -98.67 -93.90
N LYS KB 138 24.44 -99.82 -94.41
CA LYS KB 138 24.66 -100.16 -95.81
C LYS KB 138 23.97 -99.18 -96.74
N TYR KB 139 22.71 -98.83 -96.44
CA TYR KB 139 21.98 -97.91 -97.29
C TYR KB 139 21.18 -96.95 -96.43
N THR KB 140 20.97 -95.75 -96.95
CA THR KB 140 20.15 -94.72 -96.31
C THR KB 140 19.03 -94.38 -97.29
N VAL KB 141 17.87 -94.98 -97.09
CA VAL KB 141 16.72 -94.73 -97.97
C VAL KB 141 16.22 -93.32 -97.71
N GLN KB 142 16.46 -92.43 -98.67
CA GLN KB 142 16.08 -91.03 -98.51
C GLN KB 142 15.35 -90.51 -99.74
N ASP KB 143 15.61 -91.10 -100.90
CA ASP KB 143 15.02 -90.63 -102.15
C ASP KB 143 13.55 -91.02 -102.23
N GLU KB 144 12.70 -90.01 -102.41
CA GLU KB 144 11.24 -90.19 -102.48
C GLU KB 144 10.72 -90.93 -101.25
N SER KB 145 11.27 -90.59 -100.09
CA SER KB 145 10.86 -91.19 -98.83
C SER KB 145 9.72 -90.37 -98.22
N HIS KB 146 9.41 -90.65 -96.95
CA HIS KB 146 8.36 -89.90 -96.26
C HIS KB 146 8.78 -88.45 -96.08
N SER KB 147 7.83 -87.54 -96.26
CA SER KB 147 8.07 -86.14 -95.96
C SER KB 147 7.86 -85.82 -94.48
N GLU KB 148 7.50 -86.82 -93.67
CA GLU KB 148 7.36 -86.68 -92.23
C GLU KB 148 8.12 -87.81 -91.53
N TRP KB 149 7.90 -87.97 -90.22
CA TRP KB 149 8.59 -88.99 -89.45
C TRP KB 149 8.30 -90.40 -89.97
N VAL KB 150 9.16 -91.33 -89.58
CA VAL KB 150 8.98 -92.75 -89.84
C VAL KB 150 8.60 -93.40 -88.52
N SER KB 151 7.40 -93.98 -88.47
CA SER KB 151 6.84 -94.46 -87.22
C SER KB 151 7.04 -95.96 -87.00
N CYS KB 152 6.81 -96.79 -88.01
CA CYS KB 152 6.95 -98.23 -87.84
C CYS KB 152 7.43 -98.86 -89.13
N VAL KB 153 8.40 -99.76 -89.02
CA VAL KB 153 8.93 -100.52 -90.15
C VAL KB 153 8.99 -102.00 -89.77
N ARG KB 154 8.56 -102.85 -90.69
CA ARG KB 154 8.55 -104.30 -90.46
C ARG KB 154 9.01 -105.02 -91.72
N PHE KB 155 9.78 -106.08 -91.53
CA PHE KB 155 10.16 -106.95 -92.63
C PHE KB 155 8.99 -107.83 -93.03
N SER KB 156 9.07 -108.36 -94.25
CA SER KB 156 8.08 -109.30 -94.74
C SER KB 156 8.38 -110.68 -94.17
N PRO KB 157 7.42 -111.34 -93.49
CA PRO KB 157 7.67 -112.70 -93.01
C PRO KB 157 7.93 -113.70 -94.12
N ASN KB 158 7.48 -113.41 -95.34
CA ASN KB 158 7.77 -114.29 -96.47
C ASN KB 158 9.27 -114.32 -96.76
N SER KB 159 9.80 -115.53 -96.93
CA SER KB 159 11.20 -115.68 -97.32
C SER KB 159 11.43 -115.12 -98.72
N SER KB 160 10.50 -115.37 -99.64
CA SER KB 160 10.59 -114.81 -100.97
C SER KB 160 10.23 -113.33 -100.93
N ASN KB 161 10.28 -112.70 -102.12
CA ASN KB 161 9.95 -111.31 -102.46
C ASN KB 161 10.20 -110.33 -101.30
N PRO KB 162 11.47 -110.18 -100.87
CA PRO KB 162 11.75 -109.41 -99.64
C PRO KB 162 11.39 -107.95 -99.75
N ILE KB 163 10.39 -107.53 -98.96
CA ILE KB 163 9.94 -106.15 -98.91
C ILE KB 163 9.76 -105.75 -97.45
N ILE KB 164 9.69 -104.44 -97.22
CA ILE KB 164 9.50 -103.89 -95.88
C ILE KB 164 8.37 -102.87 -95.95
N VAL KB 165 7.55 -102.84 -94.90
CA VAL KB 165 6.49 -101.84 -94.80
C VAL KB 165 7.02 -100.65 -94.01
N SER KB 166 6.40 -99.49 -94.21
CA SER KB 166 6.85 -98.27 -93.55
C SER KB 166 5.69 -97.30 -93.47
N CYS KB 167 5.14 -97.13 -92.27
CA CYS KB 167 4.10 -96.12 -92.02
C CYS KB 167 4.73 -94.88 -91.40
N GLY KB 168 4.13 -93.73 -91.69
CA GLY KB 168 4.69 -92.48 -91.22
C GLY KB 168 3.65 -91.43 -90.87
N TRP KB 169 4.11 -90.24 -90.48
CA TRP KB 169 3.24 -89.16 -90.09
C TRP KB 169 2.71 -88.36 -91.27
N ASP KB 170 3.23 -88.58 -92.47
CA ASP KB 170 2.66 -88.02 -93.68
C ASP KB 170 1.50 -88.86 -94.22
N LYS KB 171 0.97 -89.77 -93.39
CA LYS KB 171 -0.23 -90.55 -93.70
C LYS KB 171 -0.06 -91.39 -94.96
N LEU KB 172 1.15 -91.89 -95.20
CA LEU KB 172 1.42 -92.78 -96.32
C LEU KB 172 2.17 -94.00 -95.81
N VAL KB 173 1.71 -95.18 -96.21
CA VAL KB 173 2.46 -96.41 -96.02
C VAL KB 173 3.14 -96.76 -97.33
N LYS KB 174 4.44 -97.05 -97.26
CA LYS KB 174 5.24 -97.33 -98.44
C LYS KB 174 5.98 -98.64 -98.24
N VAL KB 175 5.93 -99.50 -99.25
CA VAL KB 175 6.64 -100.78 -99.24
C VAL KB 175 7.85 -100.67 -100.16
N TRP KB 176 8.99 -101.19 -99.70
CA TRP KB 176 10.25 -101.06 -100.40
C TRP KB 176 10.83 -102.43 -100.67
N ASN KB 177 11.16 -102.70 -101.92
CA ASN KB 177 11.71 -103.99 -102.30
C ASN KB 177 13.18 -104.07 -101.88
N LEU KB 178 13.50 -105.07 -101.06
CA LEU KB 178 14.87 -105.24 -100.56
C LEU KB 178 15.83 -105.70 -101.64
N ALA KB 179 15.34 -106.16 -102.79
CA ALA KB 179 16.24 -106.55 -103.88
C ALA KB 179 17.01 -105.36 -104.40
N ASN KB 180 16.34 -104.21 -104.54
CA ASN KB 180 16.99 -103.00 -105.04
C ASN KB 180 16.92 -101.84 -104.05
N CYS KB 181 16.35 -102.04 -102.87
CA CYS KB 181 16.14 -100.97 -101.89
C CYS KB 181 15.36 -99.81 -102.50
N LYS KB 182 14.32 -100.14 -103.28
CA LYS KB 182 13.55 -99.16 -104.01
C LYS KB 182 12.07 -99.31 -103.73
N LEU KB 183 11.34 -98.22 -103.95
CA LEU KB 183 9.91 -98.18 -103.71
C LEU KB 183 9.16 -99.12 -104.65
N LYS KB 184 8.06 -99.67 -104.14
CA LYS KB 184 7.20 -100.54 -104.92
C LYS KB 184 5.85 -99.91 -105.22
N THR KB 185 5.12 -99.49 -104.19
CA THR KB 185 3.80 -98.89 -104.39
C THR KB 185 3.46 -98.03 -103.18
N ASN KB 186 2.51 -97.11 -103.40
CA ASN KB 186 2.00 -96.23 -102.36
C ASN KB 186 0.56 -96.59 -102.07
N HIS KB 187 0.23 -96.74 -100.79
CA HIS KB 187 -1.14 -96.95 -100.35
C HIS KB 187 -1.57 -95.75 -99.53
N ILE KB 188 -2.64 -95.09 -99.96
CA ILE KB 188 -3.06 -93.81 -99.40
C ILE KB 188 -4.49 -93.95 -98.90
N GLY KB 189 -4.87 -93.12 -97.94
CA GLY KB 189 -6.21 -93.16 -97.41
C GLY KB 189 -6.35 -92.82 -95.94
N HIS KB 190 -5.23 -92.67 -95.24
CA HIS KB 190 -5.28 -92.31 -93.82
C HIS KB 190 -5.52 -90.81 -93.66
N THR KB 191 -6.46 -90.47 -92.78
CA THR KB 191 -6.78 -89.08 -92.47
C THR KB 191 -6.01 -88.57 -91.26
N GLY KB 192 -5.18 -89.41 -90.63
CA GLY KB 192 -4.35 -88.98 -89.52
C GLY KB 192 -3.00 -89.68 -89.61
N TYR KB 193 -2.06 -89.19 -88.82
CA TYR KB 193 -0.73 -89.77 -88.83
C TYR KB 193 -0.78 -91.21 -88.31
N LEU KB 194 0.23 -91.98 -88.68
CA LEU KB 194 0.25 -93.42 -88.42
C LEU KB 194 1.14 -93.74 -87.24
N ASN KB 195 0.70 -94.69 -86.42
CA ASN KB 195 1.46 -95.12 -85.25
C ASN KB 195 2.19 -96.44 -85.46
N THR KB 196 1.58 -97.40 -86.15
CA THR KB 196 2.20 -98.70 -86.33
C THR KB 196 1.64 -99.36 -87.58
N VAL KB 197 2.39 -100.33 -88.10
CA VAL KB 197 1.96 -101.15 -89.22
C VAL KB 197 2.58 -102.53 -89.06
N THR KB 198 1.76 -103.57 -89.17
CA THR KB 198 2.20 -104.94 -88.96
C THR KB 198 1.70 -105.83 -90.09
N VAL KB 199 2.40 -106.94 -90.28
CA VAL KB 199 2.14 -107.85 -91.39
C VAL KB 199 1.60 -109.17 -90.83
N SER KB 200 0.61 -109.73 -91.51
CA SER KB 200 0.09 -111.03 -91.14
C SER KB 200 1.18 -112.09 -91.34
N PRO KB 201 1.09 -113.23 -90.64
CA PRO KB 201 2.14 -114.25 -90.74
C PRO KB 201 2.36 -114.77 -92.15
N ASP KB 202 1.32 -114.84 -92.99
CA ASP KB 202 1.50 -115.29 -94.37
C ASP KB 202 2.18 -114.25 -95.24
N GLY KB 203 2.38 -113.04 -94.74
CA GLY KB 203 2.92 -111.97 -95.57
C GLY KB 203 1.95 -111.51 -96.64
N SER KB 204 0.65 -111.44 -96.31
CA SER KB 204 -0.35 -111.00 -97.27
C SER KB 204 -1.22 -109.84 -96.79
N LEU KB 205 -1.18 -109.50 -95.51
CA LEU KB 205 -1.96 -108.41 -94.96
C LEU KB 205 -1.02 -107.43 -94.27
N CYS KB 206 -1.27 -106.13 -94.43
CA CYS KB 206 -0.42 -105.08 -93.85
C CYS KB 206 -1.27 -104.00 -93.18
N ALA KB 207 -2.18 -104.43 -92.30
CA ALA KB 207 -3.05 -103.51 -91.58
C ALA KB 207 -2.26 -102.44 -90.84
N SER KB 208 -2.69 -101.19 -90.99
CA SER KB 208 -2.03 -100.05 -90.37
C SER KB 208 -3.07 -99.16 -89.69
N GLY KB 209 -2.62 -98.47 -88.64
CA GLY KB 209 -3.49 -97.57 -87.91
C GLY KB 209 -2.70 -96.41 -87.34
N GLY KB 210 -3.43 -95.41 -86.86
CA GLY KB 210 -2.81 -94.22 -86.32
C GLY KB 210 -3.79 -93.24 -85.71
N LYS KB 211 -3.58 -91.95 -85.95
CA LYS KB 211 -4.47 -90.92 -85.43
C LYS KB 211 -5.87 -91.02 -86.02
N ASP KB 212 -6.00 -91.54 -87.25
CA ASP KB 212 -7.29 -91.54 -87.94
C ASP KB 212 -8.32 -92.41 -87.23
N GLY KB 213 -7.90 -93.25 -86.29
CA GLY KB 213 -8.84 -94.02 -85.50
C GLY KB 213 -9.45 -95.21 -86.21
N GLN KB 214 -8.93 -95.57 -87.38
CA GLN KB 214 -9.45 -96.68 -88.15
C GLN KB 214 -8.30 -97.42 -88.80
N ALA KB 215 -8.48 -98.72 -89.03
CA ALA KB 215 -7.46 -99.57 -89.60
C ALA KB 215 -7.70 -99.76 -91.09
N MET KB 216 -6.62 -99.77 -91.87
CA MET KB 216 -6.68 -99.93 -93.31
C MET KB 216 -6.02 -101.24 -93.70
N LEU KB 217 -6.76 -102.07 -94.42
CA LEU KB 217 -6.30 -103.38 -94.87
C LEU KB 217 -5.95 -103.30 -96.35
N TRP KB 218 -4.78 -103.80 -96.70
CA TRP KB 218 -4.28 -103.72 -98.07
C TRP KB 218 -3.90 -105.11 -98.55
N ASP KB 219 -3.24 -105.17 -99.71
CA ASP KB 219 -2.79 -106.40 -100.32
C ASP KB 219 -1.28 -106.39 -100.48
N LEU KB 220 -0.68 -107.58 -100.37
CA LEU KB 220 0.76 -107.74 -100.53
C LEU KB 220 1.17 -108.50 -101.77
N ASN KB 221 0.41 -109.52 -102.18
CA ASN KB 221 0.76 -110.28 -103.37
C ASN KB 221 0.66 -109.41 -104.63
N GLU KB 222 -0.37 -108.57 -104.71
CA GLU KB 222 -0.54 -107.65 -105.82
C GLU KB 222 -0.39 -106.19 -105.38
N GLY KB 223 -1.10 -105.79 -104.34
CA GLY KB 223 -0.98 -104.45 -103.79
C GLY KB 223 -2.14 -103.55 -104.17
N LYS KB 224 -3.12 -103.44 -103.27
CA LYS KB 224 -4.31 -102.62 -103.45
C LYS KB 224 -5.10 -102.68 -102.16
N HIS KB 225 -6.13 -101.84 -102.08
CA HIS KB 225 -6.97 -101.81 -100.89
C HIS KB 225 -7.75 -103.12 -100.74
N LEU KB 226 -7.88 -103.58 -99.50
CA LEU KB 226 -8.62 -104.79 -99.20
C LEU KB 226 -9.83 -104.53 -98.30
N TYR KB 227 -9.64 -103.83 -97.20
CA TYR KB 227 -10.73 -103.59 -96.25
C TYR KB 227 -10.43 -102.32 -95.47
N THR KB 228 -11.50 -101.64 -95.04
CA THR KB 228 -11.42 -100.46 -94.21
C THR KB 228 -12.15 -100.76 -92.90
N LEU KB 229 -11.40 -101.01 -91.84
CA LEU KB 229 -11.96 -101.33 -90.54
C LEU KB 229 -11.79 -100.14 -89.59
N ASP KB 230 -12.88 -99.81 -88.89
CA ASP KB 230 -12.94 -98.60 -88.09
C ASP KB 230 -12.84 -98.95 -86.61
N GLY KB 231 -12.14 -98.09 -85.86
CA GLY KB 231 -12.03 -98.23 -84.43
C GLY KB 231 -12.64 -97.03 -83.71
N GLY KB 232 -12.78 -97.18 -82.39
CA GLY KB 232 -13.40 -96.13 -81.61
C GLY KB 232 -12.58 -94.86 -81.54
N ASP KB 233 -11.27 -94.99 -81.35
CA ASP KB 233 -10.41 -93.84 -81.12
C ASP KB 233 -9.04 -94.14 -81.72
N ILE KB 234 -8.03 -93.36 -81.31
CA ILE KB 234 -6.71 -93.43 -81.90
C ILE KB 234 -6.13 -94.84 -81.77
N ILE KB 235 -5.45 -95.28 -82.81
CA ILE KB 235 -4.86 -96.61 -82.87
C ILE KB 235 -3.35 -96.43 -82.75
N ASN KB 236 -2.78 -96.97 -81.68
CA ASN KB 236 -1.37 -96.80 -81.38
C ASN KB 236 -0.59 -98.11 -81.32
N ALA KB 237 -1.27 -99.24 -81.40
CA ALA KB 237 -0.58 -100.53 -81.42
C ALA KB 237 -1.41 -101.52 -82.22
N LEU KB 238 -0.73 -102.34 -83.00
CA LEU KB 238 -1.39 -103.34 -83.84
C LEU KB 238 -0.51 -104.57 -83.89
N CYS KB 239 -1.14 -105.73 -84.05
CA CYS KB 239 -0.45 -106.99 -84.35
C CYS KB 239 -1.48 -108.06 -84.63
N PHE KB 240 -1.10 -109.02 -85.48
CA PHE KB 240 -1.93 -110.15 -85.83
C PHE KB 240 -1.76 -111.29 -84.84
N SER KB 241 -2.76 -112.15 -84.76
CA SER KB 241 -2.63 -113.40 -84.04
C SER KB 241 -1.83 -114.38 -84.90
N PRO KB 242 -0.76 -114.98 -84.38
CA PRO KB 242 0.09 -115.81 -85.24
C PRO KB 242 -0.59 -117.08 -85.71
N ASN KB 243 -1.23 -117.82 -84.82
CA ASN KB 243 -1.89 -119.07 -85.15
C ASN KB 243 -3.25 -118.88 -85.80
N ARG KB 244 -3.75 -117.65 -85.88
CA ARG KB 244 -5.11 -117.37 -86.30
C ARG KB 244 -5.11 -116.31 -87.40
N TYR KB 245 -6.31 -115.94 -87.84
CA TYR KB 245 -6.49 -114.78 -88.70
C TYR KB 245 -7.13 -113.62 -87.94
N TRP KB 246 -7.09 -113.65 -86.62
CA TRP KB 246 -7.60 -112.57 -85.80
C TRP KB 246 -6.66 -111.38 -85.87
N LEU KB 247 -7.19 -110.23 -85.48
CA LEU KB 247 -6.44 -108.98 -85.45
C LEU KB 247 -6.88 -108.19 -84.24
N CYS KB 248 -5.91 -107.76 -83.44
CA CYS KB 248 -6.13 -106.98 -82.24
C CYS KB 248 -5.55 -105.59 -82.38
N ALA KB 249 -6.31 -104.59 -81.92
CA ALA KB 249 -5.88 -103.20 -81.97
C ALA KB 249 -5.98 -102.61 -80.58
N ALA KB 250 -5.04 -101.74 -80.26
CA ALA KB 250 -5.06 -101.01 -78.99
C ALA KB 250 -5.89 -99.76 -79.22
N THR KB 251 -7.17 -99.82 -78.84
CA THR KB 251 -8.11 -98.72 -79.04
C THR KB 251 -8.06 -97.82 -77.81
N GLY KB 252 -7.05 -96.96 -77.78
CA GLY KB 252 -6.87 -96.03 -76.69
C GLY KB 252 -6.66 -96.74 -75.37
N PRO KB 253 -7.59 -96.55 -74.43
CA PRO KB 253 -7.53 -97.28 -73.16
C PRO KB 253 -8.15 -98.67 -73.22
N SER KB 254 -8.59 -99.11 -74.39
CA SER KB 254 -9.30 -100.37 -74.56
C SER KB 254 -8.60 -101.21 -75.62
N ILE KB 255 -8.87 -102.51 -75.58
CA ILE KB 255 -8.30 -103.48 -76.52
C ILE KB 255 -9.44 -104.09 -77.32
N LYS KB 256 -9.30 -104.11 -78.64
CA LYS KB 256 -10.33 -104.64 -79.52
C LYS KB 256 -9.77 -105.77 -80.36
N ILE KB 257 -10.45 -106.91 -80.32
CA ILE KB 257 -10.12 -108.08 -81.11
C ILE KB 257 -11.20 -108.29 -82.17
N TRP KB 258 -10.76 -108.55 -83.40
CA TRP KB 258 -11.64 -108.77 -84.53
C TRP KB 258 -11.35 -110.12 -85.15
N ASP KB 259 -12.39 -110.71 -85.74
CA ASP KB 259 -12.24 -111.88 -86.61
C ASP KB 259 -12.29 -111.38 -88.05
N LEU KB 260 -11.16 -111.46 -88.75
CA LEU KB 260 -11.07 -110.86 -90.08
C LEU KB 260 -12.00 -111.53 -91.08
N GLU KB 261 -12.25 -112.83 -90.94
CA GLU KB 261 -13.25 -113.48 -91.79
C GLU KB 261 -14.66 -113.03 -91.41
N GLY KB 262 -14.89 -112.76 -90.12
CA GLY KB 262 -16.17 -112.25 -89.68
C GLY KB 262 -16.32 -110.76 -89.71
N LYS KB 263 -15.20 -110.01 -89.70
CA LYS KB 263 -15.21 -108.55 -89.61
C LYS KB 263 -16.06 -108.08 -88.43
N ILE KB 264 -15.93 -108.76 -87.29
CA ILE KB 264 -16.79 -108.53 -86.15
C ILE KB 264 -15.96 -108.52 -84.87
N ILE KB 265 -16.43 -107.75 -83.89
CA ILE KB 265 -15.86 -107.82 -82.54
C ILE KB 265 -16.20 -109.17 -81.93
N VAL KB 266 -15.19 -109.88 -81.46
CA VAL KB 266 -15.41 -111.09 -80.68
C VAL KB 266 -15.19 -110.85 -79.20
N ASP KB 267 -14.44 -109.82 -78.82
CA ASP KB 267 -14.27 -109.44 -77.43
C ASP KB 267 -13.75 -108.01 -77.38
N GLU KB 268 -13.82 -107.41 -76.19
CA GLU KB 268 -13.25 -106.10 -75.94
C GLU KB 268 -12.78 -106.06 -74.49
N LEU KB 269 -11.64 -105.40 -74.26
CA LEU KB 269 -11.07 -105.28 -72.92
C LEU KB 269 -11.04 -103.80 -72.55
N LYS KB 270 -11.53 -103.49 -71.35
CA LYS KB 270 -11.60 -102.12 -70.86
C LYS KB 270 -10.75 -101.90 -69.62
N GLN KB 271 -9.78 -102.80 -69.37
CA GLN KB 271 -8.85 -102.75 -68.24
C GLN KB 271 -9.53 -102.98 -66.90
N GLU KB 272 -10.86 -103.09 -66.90
CA GLU KB 272 -11.66 -103.42 -65.71
C GLU KB 272 -11.38 -102.46 -64.55
N VAL KB 273 -11.27 -101.18 -64.88
CA VAL KB 273 -10.99 -100.15 -63.88
C VAL KB 273 -12.31 -99.52 -63.47
N ILE KB 274 -12.50 -99.35 -62.16
CA ILE KB 274 -13.73 -98.79 -61.62
C ILE KB 274 -13.40 -97.55 -60.81
N SER KB 275 -12.33 -96.83 -61.19
CA SER KB 275 -11.95 -95.62 -60.48
C SER KB 275 -13.01 -94.54 -60.59
N THR KB 276 -13.58 -94.36 -61.80
CA THR KB 276 -14.67 -93.45 -62.15
C THR KB 276 -14.60 -92.09 -61.45
N SER KB 277 -13.39 -91.55 -61.28
CA SER KB 277 -13.24 -90.25 -60.64
C SER KB 277 -13.71 -89.11 -61.52
N SER KB 278 -13.90 -89.36 -62.82
CA SER KB 278 -14.33 -88.34 -63.79
C SER KB 278 -13.35 -87.17 -63.86
N LYS KB 279 -12.10 -87.42 -63.53
CA LYS KB 279 -11.06 -86.39 -63.54
C LYS KB 279 -9.88 -86.75 -64.43
N ALA KB 280 -9.45 -88.01 -64.42
CA ALA KB 280 -8.29 -88.46 -65.18
C ALA KB 280 -8.70 -89.47 -66.23
N GLU KB 281 -8.06 -89.42 -67.38
CA GLU KB 281 -8.33 -90.36 -68.44
C GLU KB 281 -7.82 -91.76 -68.07
N PRO KB 282 -8.50 -92.80 -68.54
CA PRO KB 282 -8.03 -94.16 -68.24
C PRO KB 282 -6.71 -94.45 -68.90
N PRO KB 283 -5.91 -95.37 -68.37
CA PRO KB 283 -4.59 -95.65 -68.94
C PRO KB 283 -4.71 -96.19 -70.36
N GLN KB 284 -4.02 -95.52 -71.28
CA GLN KB 284 -4.01 -95.92 -72.68
C GLN KB 284 -3.16 -97.19 -72.84
N CYS KB 285 -3.46 -97.94 -73.91
CA CYS KB 285 -2.68 -99.11 -74.26
C CYS KB 285 -1.67 -98.72 -75.34
N THR KB 286 -0.39 -98.94 -75.06
CA THR KB 286 0.68 -98.52 -75.96
C THR KB 286 1.32 -99.66 -76.74
N SER KB 287 1.54 -100.81 -76.11
CA SER KB 287 2.18 -101.93 -76.77
C SER KB 287 1.19 -103.08 -76.90
N LEU KB 288 1.43 -103.94 -77.89
CA LEU KB 288 0.54 -105.05 -78.15
C LEU KB 288 1.30 -106.14 -78.88
N ALA KB 289 1.37 -107.33 -78.28
CA ALA KB 289 2.11 -108.44 -78.87
C ALA KB 289 1.53 -109.75 -78.38
N TRP KB 290 1.25 -110.65 -79.32
CA TRP KB 290 0.77 -111.98 -78.99
C TRP KB 290 1.93 -112.87 -78.53
N SER KB 291 1.59 -114.06 -78.05
CA SER KB 291 2.58 -115.08 -77.78
C SER KB 291 2.87 -115.85 -79.06
N ALA KB 292 3.89 -116.71 -79.02
CA ALA KB 292 4.21 -117.53 -80.18
C ALA KB 292 3.08 -118.48 -80.53
N ASP KB 293 2.48 -119.11 -79.52
CA ASP KB 293 1.34 -119.99 -79.73
C ASP KB 293 0.06 -119.25 -80.06
N GLY KB 294 0.04 -117.93 -79.93
CA GLY KB 294 -1.18 -117.19 -80.09
C GLY KB 294 -2.20 -117.42 -78.99
N GLN KB 295 -1.78 -118.02 -77.87
CA GLN KB 295 -2.68 -118.33 -76.78
C GLN KB 295 -2.87 -117.15 -75.84
N THR KB 296 -1.80 -116.47 -75.46
CA THR KB 296 -1.88 -115.34 -74.54
C THR KB 296 -1.35 -114.08 -75.23
N LEU KB 297 -1.85 -112.93 -74.77
CA LEU KB 297 -1.52 -111.64 -75.35
C LEU KB 297 -1.03 -110.69 -74.28
N PHE KB 298 0.04 -109.96 -74.58
CA PHE KB 298 0.61 -108.98 -73.66
C PHE KB 298 0.36 -107.58 -74.22
N ALA KB 299 -0.17 -106.71 -73.37
CA ALA KB 299 -0.48 -105.33 -73.78
C ALA KB 299 0.21 -104.37 -72.81
N GLY KB 300 0.98 -103.43 -73.37
CA GLY KB 300 1.65 -102.42 -72.56
C GLY KB 300 0.78 -101.18 -72.42
N TYR KB 301 0.85 -100.56 -71.24
CA TYR KB 301 -0.01 -99.43 -70.91
C TYR KB 301 0.83 -98.27 -70.39
N THR KB 302 0.17 -97.12 -70.21
CA THR KB 302 0.81 -95.90 -69.78
C THR KB 302 1.05 -95.84 -68.28
N ASP KB 303 0.55 -96.82 -67.52
CA ASP KB 303 0.70 -96.83 -66.07
C ASP KB 303 1.98 -97.53 -65.62
N ASN KB 304 3.00 -97.55 -66.47
CA ASN KB 304 4.28 -98.22 -66.20
C ASN KB 304 4.05 -99.69 -65.85
N LEU KB 305 3.15 -100.33 -66.59
CA LEU KB 305 2.71 -101.67 -66.28
C LEU KB 305 2.26 -102.36 -67.56
N VAL KB 306 2.46 -103.68 -67.61
CA VAL KB 306 2.03 -104.51 -68.72
C VAL KB 306 1.08 -105.57 -68.19
N ARG KB 307 0.00 -105.82 -68.94
CA ARG KB 307 -1.05 -106.74 -68.52
C ARG KB 307 -1.03 -107.95 -69.44
N VAL KB 308 -0.95 -109.14 -68.85
CA VAL KB 308 -1.02 -110.39 -69.61
C VAL KB 308 -2.48 -110.80 -69.73
N TRP KB 309 -2.87 -111.17 -70.95
CA TRP KB 309 -4.24 -111.56 -71.25
C TRP KB 309 -4.25 -113.00 -71.73
N GLN KB 310 -5.21 -113.77 -71.27
CA GLN KB 310 -5.34 -115.18 -71.63
C GLN KB 310 -6.73 -115.45 -72.19
N VAL KB 311 -6.77 -116.11 -73.35
CA VAL KB 311 -8.03 -116.49 -73.95
C VAL KB 311 -8.64 -117.64 -73.16
N THR KB 312 -9.97 -117.64 -73.02
CA THR KB 312 -10.65 -118.70 -72.31
C THR KB 312 -10.55 -120.00 -73.09
N ILE KB 313 -10.21 -121.08 -72.40
CA ILE KB 313 -10.06 -122.38 -73.03
C ILE KB 313 -11.40 -123.11 -73.05
N GLY LB 1 -45.96 -48.90 -95.98
CA GLY LB 1 -46.52 -49.65 -97.07
C GLY LB 1 -48.04 -49.57 -97.14
N ALA LB 2 -48.54 -48.57 -97.86
CA ALA LB 2 -49.97 -48.35 -97.99
C ALA LB 2 -50.63 -49.28 -99.00
N LEU LB 3 -49.84 -49.96 -99.83
CA LEU LB 3 -50.39 -50.82 -100.87
C LEU LB 3 -51.05 -52.05 -100.26
N ASP LB 4 -51.99 -52.63 -101.02
CA ASP LB 4 -52.71 -53.80 -100.55
C ASP LB 4 -51.86 -55.05 -100.61
N VAL LB 5 -50.88 -55.10 -101.51
CA VAL LB 5 -50.01 -56.27 -101.58
C VAL LB 5 -48.98 -56.24 -100.45
N LEU LB 6 -48.60 -55.04 -100.02
CA LEU LB 6 -47.64 -54.88 -98.92
C LEU LB 6 -48.33 -54.92 -97.57
N GLN LB 7 -49.12 -55.97 -97.34
CA GLN LB 7 -49.94 -56.06 -96.14
C GLN LB 7 -49.64 -57.35 -95.38
N MET LB 8 -49.83 -57.27 -94.07
CA MET LB 8 -49.71 -58.45 -93.21
C MET LB 8 -50.76 -59.49 -93.61
N LYS LB 9 -50.36 -60.76 -93.57
CA LYS LB 9 -51.26 -61.87 -93.83
C LYS LB 9 -51.64 -62.55 -92.54
N GLU LB 10 -52.67 -63.42 -92.63
CA GLU LB 10 -53.14 -64.14 -91.45
C GLU LB 10 -52.03 -65.04 -90.89
N GLU LB 11 -51.26 -65.66 -91.78
CA GLU LB 11 -50.13 -66.49 -91.34
C GLU LB 11 -49.11 -65.66 -90.58
N ASP LB 12 -48.88 -64.42 -91.03
CA ASP LB 12 -47.98 -63.53 -90.31
C ASP LB 12 -48.51 -63.21 -88.92
N VAL LB 13 -49.82 -62.99 -88.81
CA VAL LB 13 -50.43 -62.74 -87.50
C VAL LB 13 -50.23 -63.95 -86.61
N LEU LB 14 -50.43 -65.15 -87.15
CA LEU LB 14 -50.25 -66.36 -86.36
C LEU LB 14 -48.82 -66.51 -85.89
N LYS LB 15 -47.84 -66.25 -86.76
CA LYS LB 15 -46.45 -66.27 -86.34
C LYS LB 15 -46.18 -65.27 -85.23
N PHE LB 16 -46.67 -64.04 -85.39
CA PHE LB 16 -46.39 -63.00 -84.40
C PHE LB 16 -46.98 -63.36 -83.04
N LEU LB 17 -48.22 -63.83 -83.03
CA LEU LB 17 -48.85 -64.20 -81.77
C LEU LB 17 -48.16 -65.41 -81.14
N ALA LB 18 -47.77 -66.40 -81.95
CA ALA LB 18 -47.11 -67.58 -81.42
C ALA LB 18 -45.76 -67.23 -80.80
N ALA LB 19 -44.99 -66.36 -81.44
CA ALA LB 19 -43.70 -65.97 -80.90
C ALA LB 19 -43.79 -64.92 -79.81
N GLY LB 20 -44.99 -64.42 -79.52
CA GLY LB 20 -45.13 -63.34 -78.57
C GLY LB 20 -45.07 -61.99 -79.25
N THR LB 21 -43.92 -61.31 -79.14
CA THR LB 21 -43.51 -60.11 -79.88
C THR LB 21 -44.57 -59.00 -79.85
N HIS LB 22 -45.56 -59.12 -78.97
CA HIS LB 22 -46.55 -58.10 -78.74
C HIS LB 22 -46.68 -57.79 -77.26
N LEU LB 23 -46.15 -58.64 -76.39
CA LEU LB 23 -46.18 -58.44 -74.95
C LEU LB 23 -44.93 -57.63 -74.60
N GLY LB 24 -45.14 -56.34 -74.34
CA GLY LB 24 -44.04 -55.44 -74.04
C GLY LB 24 -43.63 -55.49 -72.58
N GLY LB 25 -42.79 -54.54 -72.21
CA GLY LB 25 -42.33 -54.42 -70.85
C GLY LB 25 -43.28 -53.58 -70.00
N THR LB 26 -43.15 -53.74 -68.68
CA THR LB 26 -43.97 -52.99 -67.74
C THR LB 26 -43.69 -51.50 -67.78
N ASN LB 27 -42.52 -51.09 -68.25
CA ASN LB 27 -42.17 -49.69 -68.36
C ASN LB 27 -42.40 -49.22 -69.79
N LEU LB 28 -42.78 -47.95 -69.93
CA LEU LB 28 -43.06 -47.35 -71.23
C LEU LB 28 -42.19 -46.13 -71.42
N ASP LB 29 -41.51 -46.07 -72.57
CA ASP LB 29 -40.77 -44.88 -72.96
C ASP LB 29 -41.73 -43.88 -73.60
N PHE LB 30 -41.57 -42.60 -73.23
CA PHE LB 30 -42.47 -41.57 -73.72
C PHE LB 30 -42.32 -41.38 -75.22
N GLN LB 31 -41.14 -41.64 -75.77
CA GLN LB 31 -40.95 -41.64 -77.21
C GLN LB 31 -41.48 -42.90 -77.88
N MET LB 32 -41.80 -43.93 -77.09
CA MET LB 32 -42.40 -45.16 -77.60
C MET LB 32 -43.90 -45.23 -77.38
N GLU LB 33 -44.49 -44.17 -76.82
CA GLU LB 33 -45.91 -44.18 -76.48
C GLU LB 33 -46.80 -44.29 -77.72
N GLN LB 34 -46.33 -43.80 -78.86
CA GLN LB 34 -47.14 -43.77 -80.07
C GLN LB 34 -47.32 -45.15 -80.69
N TYR LB 35 -46.64 -46.18 -80.19
CA TYR LB 35 -46.75 -47.52 -80.75
C TYR LB 35 -47.56 -48.47 -79.88
N ILE LB 36 -48.15 -48.00 -78.79
CA ILE LB 36 -48.80 -48.86 -77.82
C ILE LB 36 -50.30 -48.88 -78.07
N TYR LB 37 -50.87 -50.08 -78.12
CA TYR LB 37 -52.32 -50.24 -78.21
C TYR LB 37 -52.99 -49.99 -76.87
N LYS LB 38 -52.65 -50.81 -75.87
CA LYS LB 38 -53.27 -50.70 -74.56
C LYS LB 38 -52.37 -51.39 -73.54
N ARG LB 39 -52.58 -51.06 -72.26
CA ARG LB 39 -51.87 -51.70 -71.16
C ARG LB 39 -52.82 -52.67 -70.46
N LYS LB 40 -52.34 -53.90 -70.24
CA LYS LB 40 -53.20 -54.91 -69.64
C LYS LB 40 -53.30 -54.70 -68.13
N SER LB 41 -54.08 -55.57 -67.50
CA SER LB 41 -54.13 -55.62 -66.04
C SER LB 41 -52.83 -56.17 -65.45
N ASP LB 42 -52.03 -56.87 -66.26
CA ASP LB 42 -50.74 -57.38 -65.80
C ASP LB 42 -49.66 -56.32 -65.80
N GLY LB 43 -49.95 -55.11 -66.28
CA GLY LB 43 -48.94 -54.09 -66.45
C GLY LB 43 -48.16 -54.19 -67.73
N ILE LB 44 -48.40 -55.24 -68.51
CA ILE LB 44 -47.72 -55.41 -69.80
C ILE LB 44 -48.43 -54.57 -70.84
N TYR LB 45 -47.69 -53.71 -71.53
CA TYR LB 45 -48.26 -52.93 -72.61
C TYR LB 45 -48.45 -53.81 -73.83
N ILE LB 46 -49.56 -53.58 -74.54
CA ILE LB 46 -49.85 -54.28 -75.77
C ILE LB 46 -49.49 -53.38 -76.94
N ILE LB 47 -48.67 -53.88 -77.84
CA ILE LB 47 -48.08 -53.06 -78.89
C ILE LB 47 -48.88 -53.27 -80.18
N ASN LB 48 -49.26 -52.16 -80.81
CA ASN LB 48 -50.00 -52.21 -82.07
C ASN LB 48 -49.20 -52.97 -83.12
N LEU LB 49 -49.77 -54.07 -83.60
CA LEU LB 49 -49.04 -54.92 -84.55
C LEU LB 49 -49.00 -54.30 -85.94
N LYS LB 50 -50.02 -53.53 -86.32
CA LYS LB 50 -49.99 -52.86 -87.61
C LYS LB 50 -48.89 -51.81 -87.68
N ARG LB 51 -48.71 -51.06 -86.58
CA ARG LB 51 -47.62 -50.10 -86.53
C ARG LB 51 -46.26 -50.79 -86.63
N THR LB 52 -46.11 -51.92 -85.94
CA THR LB 52 -44.87 -52.69 -86.04
C THR LB 52 -44.64 -53.17 -87.47
N TRP LB 53 -45.71 -53.63 -88.13
CA TRP LB 53 -45.59 -54.11 -89.50
C TRP LB 53 -45.17 -52.99 -90.42
N GLU LB 54 -45.76 -51.80 -90.26
CA GLU LB 54 -45.39 -50.67 -91.10
C GLU LB 54 -43.96 -50.22 -90.84
N LYS LB 55 -43.53 -50.24 -89.58
CA LYS LB 55 -42.14 -49.90 -89.27
C LYS LB 55 -41.18 -50.91 -89.88
N LEU LB 56 -41.51 -52.20 -89.82
CA LEU LB 56 -40.68 -53.21 -90.44
C LEU LB 56 -40.61 -53.03 -91.95
N LEU LB 57 -41.75 -52.72 -92.58
CA LEU LB 57 -41.75 -52.48 -94.02
C LEU LB 57 -40.91 -51.25 -94.38
N LEU LB 58 -41.01 -50.18 -93.59
CA LEU LB 58 -40.20 -49.00 -93.85
C LEU LB 58 -38.71 -49.30 -93.68
N ALA LB 59 -38.38 -50.09 -92.67
CA ALA LB 59 -36.98 -50.50 -92.49
C ALA LB 59 -36.50 -51.34 -93.67
N ALA LB 60 -37.38 -52.19 -94.20
CA ALA LB 60 -37.03 -52.96 -95.39
C ALA LB 60 -36.78 -52.04 -96.58
N ARG LB 61 -37.62 -51.03 -96.75
CA ARG LB 61 -37.42 -50.06 -97.82
C ARG LB 61 -36.09 -49.35 -97.67
N ALA LB 62 -35.74 -48.97 -96.44
CA ALA LB 62 -34.47 -48.30 -96.20
C ALA LB 62 -33.29 -49.23 -96.49
N ILE LB 63 -33.42 -50.51 -96.10
CA ILE LB 63 -32.35 -51.46 -96.30
C ILE LB 63 -32.10 -51.71 -97.79
N VAL LB 64 -33.18 -51.99 -98.53
CA VAL LB 64 -33.04 -52.30 -99.95
C VAL LB 64 -32.65 -51.10 -100.78
N ALA LB 65 -32.70 -49.89 -100.21
CA ALA LB 65 -32.29 -48.70 -100.94
C ALA LB 65 -30.79 -48.63 -101.14
N ILE LB 66 -30.01 -49.44 -100.43
CA ILE LB 66 -28.56 -49.43 -100.52
C ILE LB 66 -28.12 -50.42 -101.59
N GLU LB 67 -27.29 -49.95 -102.52
CA GLU LB 67 -26.85 -50.79 -103.63
C GLU LB 67 -25.97 -51.93 -103.15
N ASN LB 68 -25.03 -51.64 -102.24
CA ASN LB 68 -24.08 -52.63 -101.78
C ASN LB 68 -24.65 -53.37 -100.59
N PRO LB 69 -24.88 -54.69 -100.69
CA PRO LB 69 -25.38 -55.43 -99.52
C PRO LB 69 -24.41 -55.47 -98.36
N ALA LB 70 -23.12 -55.21 -98.59
CA ALA LB 70 -22.16 -55.22 -97.51
C ALA LB 70 -22.12 -53.90 -96.73
N ASP LB 71 -22.78 -52.86 -97.24
CA ASP LB 71 -22.81 -51.58 -96.55
C ASP LB 71 -23.75 -51.55 -95.36
N VAL LB 72 -24.53 -52.60 -95.14
CA VAL LB 72 -25.41 -52.71 -93.99
C VAL LB 72 -24.86 -53.78 -93.05
N SER LB 73 -24.87 -53.49 -91.76
CA SER LB 73 -24.30 -54.35 -90.75
C SER LB 73 -25.34 -54.65 -89.66
N VAL LB 74 -25.20 -55.81 -89.03
CA VAL LB 74 -26.12 -56.26 -88.00
C VAL LB 74 -25.32 -56.63 -86.77
N ILE LB 75 -25.76 -56.15 -85.60
CA ILE LB 75 -25.05 -56.35 -84.34
C ILE LB 75 -26.05 -56.78 -83.29
N SER LB 76 -25.70 -57.82 -82.53
CA SER LB 76 -26.49 -58.29 -81.39
C SER LB 76 -25.49 -58.72 -80.31
N SER LB 77 -25.30 -57.87 -79.30
CA SER LB 77 -24.39 -58.22 -78.22
C SER LB 77 -24.91 -59.40 -77.42
N ARG LB 78 -26.20 -59.42 -77.14
CA ARG LB 78 -26.79 -60.53 -76.40
C ARG LB 78 -26.86 -61.78 -77.26
N ASN LB 79 -26.75 -62.94 -76.60
CA ASN LB 79 -26.73 -64.22 -77.32
C ASN LB 79 -28.05 -64.47 -78.03
N THR LB 80 -29.15 -64.01 -77.45
CA THR LB 80 -30.47 -64.15 -78.05
C THR LB 80 -30.59 -63.19 -79.23
N GLY LB 81 -30.05 -63.63 -80.36
CA GLY LB 81 -30.06 -62.82 -81.57
C GLY LB 81 -28.80 -62.94 -82.39
N GLN LB 82 -27.72 -63.44 -81.78
CA GLN LB 82 -26.49 -63.65 -82.53
C GLN LB 82 -26.69 -64.67 -83.65
N ARG LB 83 -27.40 -65.76 -83.35
CA ARG LB 83 -27.75 -66.70 -84.40
C ARG LB 83 -28.65 -66.05 -85.43
N ALA LB 84 -29.58 -65.22 -84.96
CA ALA LB 84 -30.49 -64.53 -85.87
C ALA LB 84 -29.73 -63.59 -86.80
N VAL LB 85 -28.78 -62.82 -86.27
CA VAL LB 85 -28.06 -61.89 -87.13
C VAL LB 85 -27.12 -62.63 -88.06
N LEU LB 86 -26.54 -63.75 -87.62
CA LEU LB 86 -25.73 -64.57 -88.52
C LEU LB 86 -26.56 -65.09 -89.68
N LYS LB 87 -27.76 -65.62 -89.41
CA LYS LB 87 -28.59 -66.12 -90.49
C LYS LB 87 -29.09 -64.99 -91.38
N PHE LB 88 -29.36 -63.82 -90.80
CA PHE LB 88 -29.78 -62.68 -91.59
C PHE LB 88 -28.69 -62.25 -92.56
N ALA LB 89 -27.44 -62.19 -92.08
CA ALA LB 89 -26.35 -61.79 -92.96
C ALA LB 89 -26.08 -62.87 -94.01
N ALA LB 90 -26.26 -64.14 -93.64
CA ALA LB 90 -26.13 -65.20 -94.63
C ALA LB 90 -27.19 -65.09 -95.72
N ALA LB 91 -28.41 -64.71 -95.33
CA ALA LB 91 -29.50 -64.66 -96.30
C ALA LB 91 -29.41 -63.41 -97.17
N THR LB 92 -28.94 -62.29 -96.61
CA THR LB 92 -28.98 -61.02 -97.32
C THR LB 92 -27.61 -60.53 -97.77
N GLY LB 93 -26.53 -61.20 -97.40
CA GLY LB 93 -25.21 -60.74 -97.75
C GLY LB 93 -24.74 -59.54 -96.97
N ALA LB 94 -25.33 -59.28 -95.81
CA ALA LB 94 -24.91 -58.16 -94.97
C ALA LB 94 -23.63 -58.52 -94.22
N THR LB 95 -23.21 -57.64 -93.32
CA THR LB 95 -22.01 -57.87 -92.53
C THR LB 95 -22.39 -58.21 -91.11
N PRO LB 96 -22.21 -59.45 -90.66
CA PRO LB 96 -22.61 -59.80 -89.29
C PRO LB 96 -21.53 -59.49 -88.27
N ILE LB 97 -21.97 -58.95 -87.14
CA ILE LB 97 -21.10 -58.75 -85.99
C ILE LB 97 -21.85 -59.29 -84.78
N ALA LB 98 -21.26 -60.27 -84.10
CA ALA LB 98 -21.91 -60.95 -83.00
C ALA LB 98 -20.98 -60.98 -81.79
N GLY LB 99 -21.59 -61.00 -80.61
CA GLY LB 99 -20.80 -61.07 -79.39
C GLY LB 99 -20.28 -59.70 -78.98
N ARG LB 100 -19.01 -59.66 -78.61
CA ARG LB 100 -18.41 -58.44 -78.11
C ARG LB 100 -18.19 -57.44 -79.24
N PHE LB 101 -18.71 -56.23 -79.07
CA PHE LB 101 -18.49 -55.14 -80.00
C PHE LB 101 -17.39 -54.26 -79.43
N THR LB 102 -16.18 -54.38 -79.96
CA THR LB 102 -15.08 -53.57 -79.46
C THR LB 102 -15.27 -52.13 -79.88
N PRO LB 103 -15.07 -51.16 -78.98
CA PRO LB 103 -15.20 -49.76 -79.36
C PRO LB 103 -14.08 -49.34 -80.32
N GLY LB 104 -14.34 -48.27 -81.06
CA GLY LB 104 -13.43 -47.85 -82.09
C GLY LB 104 -13.57 -48.59 -83.40
N THR LB 105 -14.56 -49.46 -83.52
CA THR LB 105 -14.77 -50.21 -84.75
C THR LB 105 -15.12 -49.27 -85.91
N PHE LB 106 -15.97 -48.27 -85.64
CA PHE LB 106 -16.44 -47.37 -86.67
C PHE LB 106 -15.72 -46.02 -86.66
N THR LB 107 -14.81 -45.81 -85.73
CA THR LB 107 -14.13 -44.52 -85.65
C THR LB 107 -12.62 -44.62 -85.77
N ASN LB 108 -12.00 -45.57 -85.08
CA ASN LB 108 -10.56 -45.74 -85.11
C ASN LB 108 -10.18 -46.52 -86.36
N GLN LB 109 -9.55 -45.84 -87.32
CA GLN LB 109 -9.24 -46.42 -88.62
C GLN LB 109 -7.86 -47.04 -88.70
N ILE LB 110 -7.12 -47.11 -87.59
CA ILE LB 110 -5.78 -47.69 -87.63
C ILE LB 110 -5.85 -49.21 -87.64
N GLN LB 111 -6.61 -49.80 -86.73
CA GLN LB 111 -6.64 -51.25 -86.61
C GLN LB 111 -7.36 -51.88 -87.80
N ALA LB 112 -7.05 -53.15 -88.04
CA ALA LB 112 -7.66 -53.89 -89.14
C ALA LB 112 -9.14 -54.15 -88.91
N ALA LB 113 -9.60 -54.11 -87.66
CA ALA LB 113 -11.01 -54.31 -87.37
C ALA LB 113 -11.88 -53.15 -87.81
N PHE LB 114 -11.29 -52.04 -88.24
CA PHE LB 114 -12.06 -50.86 -88.61
C PHE LB 114 -12.89 -51.13 -89.86
N ARG LB 115 -14.11 -50.62 -89.86
CA ARG LB 115 -15.00 -50.74 -91.01
C ARG LB 115 -16.00 -49.60 -90.98
N GLU LB 116 -16.38 -49.14 -92.17
CA GLU LB 116 -17.29 -48.01 -92.31
C GLU LB 116 -18.47 -48.39 -93.20
N PRO LB 117 -19.54 -48.92 -92.61
CA PRO LB 117 -20.72 -49.28 -93.40
C PRO LB 117 -21.67 -48.10 -93.59
N ARG LB 118 -22.70 -48.29 -94.42
CA ARG LB 118 -23.66 -47.23 -94.70
C ARG LB 118 -24.95 -47.35 -93.91
N LEU LB 119 -25.13 -48.42 -93.14
CA LEU LB 119 -26.36 -48.60 -92.37
C LEU LB 119 -26.06 -49.44 -91.14
N LEU LB 120 -26.76 -49.15 -90.06
CA LEU LB 120 -26.62 -49.88 -88.81
C LEU LB 120 -27.96 -50.52 -88.47
N VAL LB 121 -27.95 -51.80 -88.13
CA VAL LB 121 -29.15 -52.51 -87.68
C VAL LB 121 -28.83 -53.14 -86.34
N VAL LB 122 -29.61 -52.77 -85.33
CA VAL LB 122 -29.30 -53.08 -83.94
C VAL LB 122 -30.42 -53.92 -83.35
N THR LB 123 -30.06 -55.00 -82.65
CA THR LB 123 -31.06 -55.85 -82.04
C THR LB 123 -31.68 -55.19 -80.81
N ASP LB 124 -30.87 -54.58 -79.95
CA ASP LB 124 -31.42 -53.96 -78.76
C ASP LB 124 -30.66 -52.68 -78.43
N PRO LB 125 -31.36 -51.56 -78.18
CA PRO LB 125 -30.65 -50.32 -77.85
C PRO LB 125 -29.85 -50.41 -76.56
N ARG LB 126 -30.43 -50.96 -75.50
CA ARG LB 126 -29.75 -51.03 -74.22
C ARG LB 126 -28.52 -51.93 -74.29
N ALA LB 127 -28.64 -53.07 -74.96
CA ALA LB 127 -27.52 -53.99 -75.04
C ALA LB 127 -26.45 -53.50 -76.02
N ASP LB 128 -26.85 -52.75 -77.03
CA ASP LB 128 -25.95 -52.31 -78.10
C ASP LB 128 -25.80 -50.79 -78.10
N HIS LB 129 -25.64 -50.21 -76.92
CA HIS LB 129 -25.50 -48.76 -76.83
C HIS LB 129 -24.16 -48.29 -77.40
N GLN LB 130 -23.12 -49.12 -77.28
CA GLN LB 130 -21.81 -48.71 -77.81
C GLN LB 130 -21.81 -48.51 -79.32
N PRO LB 131 -22.33 -49.42 -80.15
CA PRO LB 131 -22.44 -49.08 -81.58
C PRO LB 131 -23.40 -47.95 -81.85
N LEU LB 132 -24.43 -47.78 -81.01
CA LEU LB 132 -25.37 -46.69 -81.18
C LEU LB 132 -24.68 -45.34 -81.05
N THR LB 133 -23.90 -45.16 -79.98
CA THR LB 133 -23.20 -43.89 -79.77
C THR LB 133 -22.14 -43.67 -80.83
N GLU LB 134 -21.42 -44.73 -81.21
CA GLU LB 134 -20.42 -44.62 -82.27
C GLU LB 134 -21.03 -44.29 -83.62
N ALA LB 135 -22.29 -44.67 -83.84
CA ALA LB 135 -22.96 -44.32 -85.08
C ALA LB 135 -23.11 -42.81 -85.25
N SER LB 136 -23.15 -42.07 -84.15
CA SER LB 136 -23.21 -40.61 -84.23
C SER LB 136 -21.92 -39.99 -84.74
N TYR LB 137 -20.82 -40.72 -84.73
CA TYR LB 137 -19.54 -40.18 -85.16
C TYR LB 137 -19.27 -40.36 -86.65
N VAL LB 138 -20.09 -41.14 -87.35
CA VAL LB 138 -19.74 -41.53 -88.71
C VAL LB 138 -20.92 -41.31 -89.65
N ASN LB 139 -21.90 -40.53 -89.20
CA ASN LB 139 -23.10 -40.20 -89.99
C ASN LB 139 -23.83 -41.47 -90.44
N LEU LB 140 -24.16 -42.30 -89.45
CA LEU LB 140 -24.69 -43.64 -89.72
C LEU LB 140 -26.17 -43.70 -89.36
N PRO LB 141 -27.07 -43.86 -90.33
CA PRO LB 141 -28.46 -44.15 -89.98
C PRO LB 141 -28.58 -45.50 -89.31
N THR LB 142 -29.53 -45.60 -88.38
CA THR LB 142 -29.62 -46.76 -87.51
C THR LB 142 -31.05 -47.28 -87.43
N ILE LB 143 -31.22 -48.57 -87.63
CA ILE LB 143 -32.48 -49.27 -87.38
C ILE LB 143 -32.30 -50.15 -86.15
N ALA LB 144 -33.25 -50.08 -85.22
CA ALA LB 144 -33.14 -50.87 -84.01
C ALA LB 144 -34.47 -51.56 -83.72
N LEU LB 145 -34.38 -52.67 -83.00
CA LEU LB 145 -35.55 -53.48 -82.65
C LEU LB 145 -35.88 -53.15 -81.20
N CYS LB 146 -36.83 -52.24 -81.02
CA CYS LB 146 -37.03 -51.58 -79.74
C CYS LB 146 -38.28 -52.10 -79.03
N ASN LB 147 -38.19 -52.16 -77.71
CA ASN LB 147 -39.31 -52.52 -76.86
C ASN LB 147 -39.99 -51.26 -76.33
N THR LB 148 -40.95 -51.45 -75.42
CA THR LB 148 -41.72 -50.33 -74.89
C THR LB 148 -40.87 -49.33 -74.12
N ASP LB 149 -39.93 -49.81 -73.30
CA ASP LB 149 -39.07 -48.92 -72.52
C ASP LB 149 -37.70 -48.74 -73.14
N SER LB 150 -37.55 -49.03 -74.42
CA SER LB 150 -36.27 -48.89 -75.09
C SER LB 150 -36.00 -47.41 -75.39
N PRO LB 151 -34.92 -46.84 -74.87
CA PRO LB 151 -34.59 -45.46 -75.22
C PRO LB 151 -34.22 -45.34 -76.69
N LEU LB 152 -34.48 -44.16 -77.25
CA LEU LB 152 -34.27 -43.91 -78.67
C LEU LB 152 -33.34 -42.73 -78.90
N ARG LB 153 -32.31 -42.58 -78.06
CA ARG LB 153 -31.44 -41.41 -78.16
C ARG LB 153 -30.73 -41.35 -79.51
N TYR LB 154 -30.43 -42.49 -80.09
CA TYR LB 154 -29.73 -42.53 -81.38
C TYR LB 154 -30.36 -43.52 -82.35
N VAL LB 155 -31.68 -43.64 -82.33
CA VAL LB 155 -32.41 -44.59 -83.16
C VAL LB 155 -33.22 -43.83 -84.19
N ASP LB 156 -33.35 -44.40 -85.38
CA ASP LB 156 -34.04 -43.73 -86.50
C ASP LB 156 -35.24 -44.49 -87.01
N ILE LB 157 -35.15 -45.81 -87.17
CA ILE LB 157 -36.20 -46.61 -87.80
C ILE LB 157 -36.66 -47.65 -86.79
N ALA LB 158 -36.74 -47.25 -85.52
CA ALA LB 158 -37.12 -48.12 -84.42
C ALA LB 158 -38.33 -48.98 -84.75
N ILE LB 159 -38.15 -50.30 -84.67
CA ILE LB 159 -39.23 -51.26 -84.89
C ILE LB 159 -39.77 -51.66 -83.52
N PRO LB 160 -41.01 -51.34 -83.19
CA PRO LB 160 -41.56 -51.56 -81.84
C PRO LB 160 -42.21 -52.94 -81.68
N CYS LB 161 -41.38 -53.97 -81.59
CA CYS LB 161 -41.90 -55.33 -81.43
C CYS LB 161 -41.50 -55.98 -80.11
N ASN LB 162 -40.21 -56.15 -79.84
CA ASN LB 162 -39.72 -56.85 -78.66
C ASN LB 162 -38.21 -56.87 -78.70
N ASN LB 163 -37.59 -57.11 -77.54
CA ASN LB 163 -36.16 -57.42 -77.49
C ASN LB 163 -35.80 -58.49 -76.47
N LYS LB 164 -36.78 -59.06 -75.76
CA LYS LB 164 -36.49 -59.97 -74.65
C LYS LB 164 -36.64 -61.44 -75.04
N GLY LB 165 -37.81 -61.83 -75.53
CA GLY LB 165 -38.04 -63.22 -75.87
C GLY LB 165 -37.21 -63.65 -77.08
N ALA LB 166 -36.56 -64.80 -76.96
CA ALA LB 166 -35.76 -65.32 -78.06
C ALA LB 166 -36.63 -65.67 -79.25
N HIS LB 167 -37.83 -66.19 -78.99
CA HIS LB 167 -38.75 -66.52 -80.07
C HIS LB 167 -39.12 -65.28 -80.87
N SER LB 168 -39.43 -64.19 -80.16
CA SER LB 168 -39.78 -62.94 -80.82
C SER LB 168 -38.64 -62.42 -81.67
N VAL LB 169 -37.42 -62.44 -81.13
CA VAL LB 169 -36.26 -61.93 -81.85
C VAL LB 169 -35.99 -62.75 -83.09
N GLY LB 170 -36.03 -64.07 -82.98
CA GLY LB 170 -35.84 -64.92 -84.14
C GLY LB 170 -36.91 -64.67 -85.21
N LEU LB 171 -38.17 -64.55 -84.79
CA LEU LB 171 -39.24 -64.33 -85.75
C LEU LB 171 -39.10 -62.98 -86.44
N MET LB 172 -38.80 -61.92 -85.67
CA MET LB 172 -38.71 -60.61 -86.28
C MET LB 172 -37.53 -60.52 -87.24
N TRP LB 173 -36.40 -61.16 -86.89
CA TRP LB 173 -35.26 -61.15 -87.80
C TRP LB 173 -35.57 -61.94 -89.07
N TRP LB 174 -36.23 -63.09 -88.93
CA TRP LB 174 -36.61 -63.88 -90.09
C TRP LB 174 -37.61 -63.13 -90.97
N MET LB 175 -38.57 -62.45 -90.34
CA MET LB 175 -39.54 -61.65 -91.09
C MET LB 175 -38.87 -60.52 -91.85
N LEU LB 176 -37.92 -59.83 -91.21
CA LEU LB 176 -37.20 -58.76 -91.87
C LEU LB 176 -36.39 -59.28 -93.05
N ALA LB 177 -35.70 -60.40 -92.87
CA ALA LB 177 -34.95 -60.99 -93.98
C ALA LB 177 -35.87 -61.38 -95.13
N ARG LB 178 -37.02 -61.97 -94.80
CA ARG LB 178 -37.98 -62.36 -95.83
C ARG LB 178 -38.46 -61.13 -96.60
N GLU LB 179 -38.80 -60.05 -95.89
CA GLU LB 179 -39.36 -58.89 -96.57
C GLU LB 179 -38.29 -58.18 -97.41
N VAL LB 180 -37.06 -58.07 -96.91
CA VAL LB 180 -36.03 -57.41 -97.71
C VAL LB 180 -35.67 -58.26 -98.92
N LEU LB 181 -35.77 -59.58 -98.82
CA LEU LB 181 -35.57 -60.41 -100.00
C LEU LB 181 -36.70 -60.27 -101.00
N ARG LB 182 -37.95 -60.22 -100.51
CA ARG LB 182 -39.09 -60.11 -101.41
C ARG LB 182 -39.13 -58.75 -102.10
N MET LB 183 -38.65 -57.71 -101.43
CA MET LB 183 -38.55 -56.40 -102.10
C MET LB 183 -37.58 -56.45 -103.26
N ARG LB 184 -36.47 -57.16 -103.10
CA ARG LB 184 -35.54 -57.37 -104.19
C ARG LB 184 -36.04 -58.48 -105.12
N GLY LB 185 -35.27 -58.74 -106.17
CA GLY LB 185 -35.61 -59.79 -107.10
C GLY LB 185 -35.19 -61.16 -106.63
N THR LB 186 -35.70 -61.58 -105.48
CA THR LB 186 -35.34 -62.86 -104.88
C THR LB 186 -36.52 -63.81 -104.75
N ILE LB 187 -37.61 -63.35 -104.12
CA ILE LB 187 -38.78 -64.18 -103.89
C ILE LB 187 -39.95 -63.60 -104.68
N SER LB 188 -40.86 -64.48 -105.11
CA SER LB 188 -41.93 -64.13 -106.02
C SER LB 188 -43.19 -63.65 -105.30
N ARG LB 189 -43.11 -63.41 -103.99
CA ARG LB 189 -44.18 -62.80 -103.18
C ARG LB 189 -45.41 -63.69 -103.03
N GLU LB 190 -45.44 -64.84 -103.73
CA GLU LB 190 -46.63 -65.69 -103.73
C GLU LB 190 -46.47 -66.88 -102.79
N HIS LB 191 -45.49 -67.72 -103.03
CA HIS LB 191 -45.41 -68.85 -102.13
C HIS LB 191 -44.60 -68.49 -100.89
N PRO LB 192 -44.89 -69.14 -99.76
CA PRO LB 192 -44.17 -68.82 -98.53
C PRO LB 192 -42.69 -69.17 -98.65
N TRP LB 193 -41.89 -68.42 -97.89
CA TRP LB 193 -40.44 -68.61 -97.91
C TRP LB 193 -40.06 -70.00 -97.40
N GLU LB 194 -39.14 -70.64 -98.10
CA GLU LB 194 -38.71 -71.99 -97.73
C GLU LB 194 -37.90 -72.01 -96.44
N VAL LB 195 -37.30 -70.88 -96.05
CA VAL LB 195 -36.47 -70.83 -94.84
C VAL LB 195 -37.39 -70.75 -93.64
N MET LB 196 -37.30 -71.76 -92.77
CA MET LB 196 -38.12 -71.80 -91.58
C MET LB 196 -37.71 -70.69 -90.61
N PRO LB 197 -38.68 -70.02 -89.98
CA PRO LB 197 -38.32 -69.01 -88.97
C PRO LB 197 -37.61 -69.58 -87.76
N ASP LB 198 -37.73 -70.88 -87.50
CA ASP LB 198 -37.00 -71.49 -86.40
C ASP LB 198 -35.49 -71.42 -86.60
N LEU LB 199 -35.04 -71.24 -87.85
CA LEU LB 199 -33.61 -71.13 -88.12
C LEU LB 199 -33.00 -69.90 -87.48
N TYR LB 200 -33.81 -68.88 -87.18
CA TYR LB 200 -33.34 -67.69 -86.50
C TYR LB 200 -33.55 -67.73 -84.99
N PHE LB 201 -34.12 -68.81 -84.46
CA PHE LB 201 -34.31 -68.91 -83.02
C PHE LB 201 -33.00 -69.21 -82.31
N TYR LB 202 -32.69 -68.40 -81.30
CA TYR LB 202 -31.59 -68.68 -80.40
C TYR LB 202 -31.99 -69.80 -79.45
N ARG LB 203 -31.04 -70.65 -79.11
CA ARG LB 203 -31.29 -71.79 -78.24
C ARG LB 203 -30.32 -71.76 -77.08
N ASP LB 204 -30.83 -72.03 -75.88
CA ASP LB 204 -29.99 -72.10 -74.70
C ASP LB 204 -29.11 -73.35 -74.78
N PRO LB 205 -27.85 -73.26 -74.32
CA PRO LB 205 -26.91 -74.38 -74.52
C PRO LB 205 -27.37 -75.73 -73.99
N GLU LB 206 -28.26 -75.76 -73.00
CA GLU LB 206 -28.77 -77.05 -72.53
C GLU LB 206 -29.73 -77.69 -73.52
N GLU LB 207 -30.22 -76.95 -74.52
CA GLU LB 207 -30.86 -77.56 -75.67
C GLU LB 207 -29.85 -78.10 -76.67
N ILE LB 208 -28.77 -77.34 -76.91
CA ILE LB 208 -27.73 -77.79 -77.83
C ILE LB 208 -27.01 -79.02 -77.28
N GLU LB 209 -27.10 -79.24 -75.97
CA GLU LB 209 -26.44 -80.40 -75.38
C GLU LB 209 -27.36 -81.61 -75.24
N LYS LB 210 -28.62 -81.54 -75.63
CA LYS LB 210 -29.53 -82.67 -75.47
C LYS LB 210 -30.42 -82.97 -76.67
N GLU LB 211 -30.68 -82.00 -77.56
CA GLU LB 211 -31.60 -82.25 -78.65
C GLU LB 211 -31.04 -83.23 -79.67
N GLU LB 212 -29.74 -83.16 -79.95
CA GLU LB 212 -29.17 -84.07 -80.95
C GLU LB 212 -29.13 -85.50 -80.44
N GLN LB 213 -28.88 -85.71 -79.14
CA GLN LB 213 -28.93 -87.07 -78.61
C GLN LB 213 -30.35 -87.58 -78.51
N ALA LB 214 -31.32 -86.72 -78.19
CA ALA LB 214 -32.72 -87.14 -78.24
C ALA LB 214 -33.12 -87.55 -79.65
N ALA LB 215 -32.73 -86.75 -80.64
CA ALA LB 215 -33.01 -87.08 -82.03
C ALA LB 215 -32.29 -88.35 -82.47
N ALA LB 216 -31.09 -88.58 -81.95
CA ALA LB 216 -30.36 -89.81 -82.27
C ALA LB 216 -31.07 -91.04 -81.71
N GLU LB 217 -31.56 -90.93 -80.47
CA GLU LB 217 -32.36 -92.03 -79.91
C GLU LB 217 -33.63 -92.27 -80.72
N LYS LB 218 -34.28 -91.20 -81.17
CA LYS LB 218 -35.49 -91.37 -81.98
C LYS LB 218 -35.17 -91.98 -83.34
N ALA LB 219 -34.04 -91.59 -83.94
CA ALA LB 219 -33.70 -92.07 -85.28
C ALA LB 219 -33.23 -93.52 -85.26
N VAL LB 220 -32.41 -93.89 -84.28
CA VAL LB 220 -31.95 -95.28 -84.20
C VAL LB 220 -33.09 -96.22 -83.84
N THR LB 221 -34.16 -95.71 -83.26
CA THR LB 221 -35.34 -96.52 -82.94
C THR LB 221 -36.45 -96.29 -83.97
N VAL MB 1 -18.77 -65.10 12.04
CA VAL MB 1 -18.05 -66.29 11.59
C VAL MB 1 -19.02 -67.29 10.99
N VAL MB 2 -20.11 -67.57 11.71
CA VAL MB 2 -21.10 -68.52 11.23
C VAL MB 2 -21.90 -67.91 10.08
N ASP MB 3 -22.20 -68.72 9.07
CA ASP MB 3 -22.89 -68.20 7.89
C ASP MB 3 -24.32 -67.82 8.24
N PRO MB 4 -24.77 -66.64 7.80
CA PRO MB 4 -26.15 -66.22 8.10
C PRO MB 4 -27.21 -67.09 7.46
N PHE MB 5 -26.89 -67.84 6.41
CA PHE MB 5 -27.86 -68.74 5.80
C PHE MB 5 -28.26 -69.88 6.72
N SER MB 6 -27.48 -70.14 7.76
CA SER MB 6 -27.86 -71.14 8.75
C SER MB 6 -29.13 -70.76 9.49
N LYS MB 7 -29.44 -69.47 9.59
CA LYS MB 7 -30.64 -69.01 10.26
C LYS MB 7 -31.80 -68.80 9.28
N LYS MB 8 -31.65 -69.20 8.04
CA LYS MB 8 -32.70 -69.05 7.04
C LYS MB 8 -33.47 -70.35 6.88
N ASP MB 9 -34.80 -70.25 6.92
CA ASP MB 9 -35.68 -71.39 6.71
C ASP MB 9 -36.52 -71.15 5.46
N TRP MB 10 -36.97 -72.23 4.83
CA TRP MB 10 -37.54 -72.15 3.50
C TRP MB 10 -39.06 -72.14 3.55
N TYR MB 11 -39.66 -71.46 2.57
CA TYR MB 11 -41.10 -71.39 2.40
C TYR MB 11 -41.44 -71.66 0.95
N ASP MB 12 -42.69 -72.05 0.71
CA ASP MB 12 -43.17 -72.31 -0.64
C ASP MB 12 -44.13 -71.21 -1.07
N VAL MB 13 -43.94 -70.73 -2.30
CA VAL MB 13 -44.73 -69.65 -2.86
C VAL MB 13 -45.89 -70.25 -3.64
N LYS MB 14 -47.11 -69.89 -3.27
CA LYS MB 14 -48.31 -70.48 -3.85
C LYS MB 14 -49.07 -69.44 -4.66
N ALA MB 15 -49.41 -69.79 -5.90
CA ALA MB 15 -50.14 -68.96 -6.83
C ALA MB 15 -51.63 -69.05 -6.55
N PRO MB 16 -52.41 -68.03 -6.95
CA PRO MB 16 -53.87 -68.12 -6.83
C PRO MB 16 -54.46 -69.17 -7.76
N ALA MB 17 -55.75 -69.46 -7.60
CA ALA MB 17 -56.40 -70.54 -8.33
C ALA MB 17 -56.64 -70.22 -9.79
N MET MB 18 -56.38 -68.98 -10.23
CA MET MB 18 -56.54 -68.64 -11.63
C MET MB 18 -55.56 -69.38 -12.53
N PHE MB 19 -54.43 -69.83 -11.99
CA PHE MB 19 -53.41 -70.55 -12.72
C PHE MB 19 -53.38 -71.99 -12.24
N ASN MB 20 -53.48 -72.93 -13.17
CA ASN MB 20 -53.53 -74.34 -12.80
C ASN MB 20 -52.25 -74.83 -12.14
N ILE MB 21 -51.11 -74.20 -12.39
CA ILE MB 21 -49.90 -74.42 -11.59
C ILE MB 21 -50.04 -73.57 -10.34
N ARG MB 22 -49.89 -74.19 -9.18
CA ARG MB 22 -49.95 -73.49 -7.91
C ARG MB 22 -48.58 -73.38 -7.23
N ASN MB 23 -47.62 -74.20 -7.63
CA ASN MB 23 -46.29 -74.19 -7.05
C ASN MB 23 -45.44 -73.18 -7.83
N ILE MB 24 -45.37 -71.96 -7.32
CA ILE MB 24 -44.53 -70.94 -7.95
C ILE MB 24 -43.06 -71.28 -7.76
N GLY MB 25 -42.67 -71.65 -6.55
CA GLY MB 25 -41.29 -71.96 -6.25
C GLY MB 25 -41.06 -71.93 -4.74
N LYS MB 26 -39.83 -71.63 -4.37
CA LYS MB 26 -39.44 -71.54 -2.97
C LYS MB 26 -38.76 -70.22 -2.68
N THR MB 27 -39.04 -69.69 -1.49
CA THR MB 27 -38.40 -68.49 -0.97
C THR MB 27 -37.85 -68.78 0.41
N LEU MB 28 -36.99 -67.88 0.89
CA LEU MB 28 -36.36 -68.05 2.19
C LEU MB 28 -36.39 -66.73 2.94
N VAL MB 29 -36.27 -66.82 4.25
CA VAL MB 29 -36.23 -65.65 5.12
C VAL MB 29 -35.50 -66.05 6.40
N THR MB 30 -34.93 -65.07 7.06
CA THR MB 30 -34.31 -65.32 8.37
C THR MB 30 -35.39 -65.71 9.37
N ARG MB 31 -35.09 -66.71 10.20
CA ARG MB 31 -36.01 -67.15 11.23
C ARG MB 31 -36.35 -66.00 12.17
N THR MB 32 -37.56 -66.05 12.73
CA THR MB 32 -38.04 -64.99 13.60
C THR MB 32 -37.16 -64.86 14.83
N GLN MB 33 -36.59 -63.67 15.02
CA GLN MB 33 -35.67 -63.44 16.13
C GLN MB 33 -35.92 -62.06 16.69
N GLY MB 34 -36.13 -61.99 18.01
CA GLY MB 34 -36.42 -60.70 18.64
C GLY MB 34 -37.72 -60.13 18.13
N THR MB 35 -37.74 -58.81 17.94
CA THR MB 35 -38.92 -58.14 17.41
C THR MB 35 -39.11 -58.38 15.92
N LYS MB 36 -38.04 -58.72 15.20
CA LYS MB 36 -38.13 -58.92 13.76
C LYS MB 36 -38.87 -60.21 13.47
N ILE MB 37 -40.01 -60.10 12.78
CA ILE MB 37 -40.87 -61.24 12.48
C ILE MB 37 -40.57 -61.71 11.06
N ALA MB 38 -40.36 -63.01 10.89
CA ALA MB 38 -40.20 -63.56 9.55
C ALA MB 38 -41.46 -63.41 8.73
N SER MB 39 -42.62 -63.44 9.38
CA SER MB 39 -43.88 -63.24 8.67
C SER MB 39 -43.94 -61.87 8.01
N ASP MB 40 -43.46 -60.83 8.72
CA ASP MB 40 -43.43 -59.50 8.15
C ASP MB 40 -42.49 -59.42 6.96
N GLY MB 41 -41.32 -60.06 7.07
CA GLY MB 41 -40.37 -60.04 5.97
C GLY MB 41 -40.87 -60.79 4.74
N LEU MB 42 -41.61 -61.87 4.95
CA LEU MB 42 -42.13 -62.63 3.82
C LEU MB 42 -43.22 -61.87 3.08
N LYS MB 43 -43.97 -61.03 3.77
CA LYS MB 43 -45.04 -60.28 3.14
C LYS MB 43 -44.48 -59.18 2.25
N GLY MB 44 -45.26 -58.82 1.23
CA GLY MB 44 -44.88 -57.72 0.37
C GLY MB 44 -43.76 -58.00 -0.61
N ARG MB 45 -43.51 -59.25 -0.94
CA ARG MB 45 -42.48 -59.61 -1.90
C ARG MB 45 -43.08 -59.85 -3.27
N VAL MB 46 -42.41 -59.33 -4.30
CA VAL MB 46 -42.89 -59.40 -5.67
C VAL MB 46 -42.14 -60.50 -6.40
N PHE MB 47 -42.86 -61.33 -7.12
CA PHE MB 47 -42.29 -62.47 -7.85
C PHE MB 47 -42.56 -62.28 -9.34
N GLU MB 48 -41.63 -61.63 -10.03
CA GLU MB 48 -41.78 -61.45 -11.47
C GLU MB 48 -41.66 -62.80 -12.14
N VAL MB 49 -42.80 -63.41 -12.45
CA VAL MB 49 -42.86 -64.76 -12.97
C VAL MB 49 -43.59 -64.74 -14.31
N SER MB 50 -43.14 -65.57 -15.23
CA SER MB 50 -43.74 -65.61 -16.56
C SER MB 50 -45.13 -66.24 -16.52
N LEU MB 51 -45.77 -66.25 -17.67
CA LEU MB 51 -47.06 -66.91 -17.83
C LEU MB 51 -46.91 -68.36 -18.27
N ALA MB 52 -45.86 -68.69 -19.00
CA ALA MB 52 -45.66 -70.05 -19.49
C ALA MB 52 -45.41 -71.04 -18.36
N ASP MB 53 -44.78 -70.62 -17.28
CA ASP MB 53 -44.56 -71.46 -16.11
C ASP MB 53 -45.68 -71.34 -15.09
N LEU MB 54 -46.65 -70.48 -15.34
CA LEU MB 54 -47.84 -70.37 -14.49
C LEU MB 54 -49.07 -71.04 -15.08
N GLN MB 55 -49.21 -71.01 -16.39
CA GLN MB 55 -50.31 -71.67 -17.08
C GLN MB 55 -49.74 -72.82 -17.91
N ASN MB 56 -50.61 -73.78 -18.26
CA ASN MB 56 -50.13 -75.03 -18.84
C ASN MB 56 -49.42 -74.83 -20.17
N ASP MB 57 -50.08 -74.12 -21.10
CA ASP MB 57 -49.57 -74.01 -22.47
C ASP MB 57 -49.75 -72.60 -23.03
N GLU MB 58 -49.67 -71.59 -22.17
CA GLU MB 58 -49.86 -70.21 -22.62
C GLU MB 58 -48.56 -69.67 -23.22
N VAL MB 59 -48.56 -68.37 -23.49
CA VAL MB 59 -47.39 -67.73 -24.08
C VAL MB 59 -46.30 -67.56 -23.03
N ALA MB 60 -45.10 -67.24 -23.50
CA ALA MB 60 -43.94 -67.05 -22.62
C ALA MB 60 -43.51 -65.61 -22.49
N PHE MB 61 -43.99 -64.71 -23.35
CA PHE MB 61 -43.56 -63.32 -23.31
C PHE MB 61 -44.35 -62.48 -22.32
N ARG MB 62 -45.26 -63.10 -21.57
CA ARG MB 62 -46.09 -62.40 -20.60
C ARG MB 62 -45.64 -62.78 -19.19
N LYS MB 63 -45.43 -61.76 -18.35
CA LYS MB 63 -44.96 -61.95 -16.98
C LYS MB 63 -45.96 -61.37 -16.00
N PHE MB 64 -45.82 -61.76 -14.73
CA PHE MB 64 -46.74 -61.34 -13.69
C PHE MB 64 -45.97 -61.00 -12.42
N LYS MB 65 -46.55 -60.11 -11.61
CA LYS MB 65 -45.87 -59.57 -10.43
C LYS MB 65 -46.10 -60.42 -9.18
N LEU MB 66 -47.37 -60.65 -8.82
CA LEU MB 66 -47.76 -61.59 -7.77
C LEU MB 66 -47.11 -61.25 -6.42
N ILE MB 67 -47.54 -60.12 -5.87
CA ILE MB 67 -47.06 -59.70 -4.56
C ILE MB 67 -47.60 -60.63 -3.48
N THR MB 68 -46.81 -60.82 -2.42
CA THR MB 68 -47.19 -61.64 -1.28
C THR MB 68 -47.99 -60.80 -0.29
N GLU MB 69 -49.16 -61.31 0.11
CA GLU MB 69 -50.01 -60.62 1.07
C GLU MB 69 -49.95 -61.23 2.46
N ASP MB 70 -50.16 -62.54 2.59
CA ASP MB 70 -50.14 -63.21 3.88
C ASP MB 70 -49.41 -64.53 3.76
N VAL MB 71 -48.81 -64.97 4.87
CA VAL MB 71 -48.10 -66.23 4.95
C VAL MB 71 -48.68 -67.03 6.11
N GLN MB 72 -48.91 -68.32 5.89
CA GLN MB 72 -49.38 -69.21 6.93
C GLN MB 72 -48.70 -70.57 6.76
N GLY MB 73 -48.28 -71.16 7.87
CA GLY MB 73 -47.50 -72.39 7.80
C GLY MB 73 -46.20 -72.15 7.08
N LYS MB 74 -45.89 -73.03 6.13
CA LYS MB 74 -44.71 -72.87 5.28
C LYS MB 74 -45.10 -72.46 3.86
N ASN MB 75 -46.34 -72.01 3.67
CA ASN MB 75 -46.87 -71.67 2.36
C ASN MB 75 -47.05 -70.17 2.24
N CYS MB 76 -46.44 -69.59 1.21
CA CYS MB 76 -46.62 -68.18 0.91
C CYS MB 76 -47.76 -68.01 -0.09
N LEU MB 77 -48.71 -67.16 0.25
CA LEU MB 77 -49.91 -66.94 -0.56
C LEU MB 77 -49.84 -65.58 -1.20
N THR MB 78 -49.87 -65.55 -2.53
CA THR MB 78 -49.70 -64.34 -3.31
C THR MB 78 -51.00 -63.98 -4.00
N ASN MB 79 -51.03 -62.77 -4.56
CA ASN MB 79 -52.16 -62.30 -5.35
C ASN MB 79 -51.63 -61.39 -6.43
N PHE MB 80 -52.44 -61.23 -7.48
CA PHE MB 80 -52.05 -60.46 -8.65
C PHE MB 80 -51.67 -59.03 -8.27
N HIS MB 81 -50.53 -58.57 -8.80
CA HIS MB 81 -50.04 -57.24 -8.52
C HIS MB 81 -49.80 -56.47 -9.83
N GLY MB 82 -49.71 -57.20 -10.92
CA GLY MB 82 -49.48 -56.59 -12.22
C GLY MB 82 -48.90 -57.57 -13.19
N MET MB 83 -49.10 -57.28 -14.47
CA MET MB 83 -48.50 -58.04 -15.55
C MET MB 83 -47.74 -57.09 -16.47
N ASP MB 84 -46.79 -57.67 -17.20
CA ASP MB 84 -46.01 -56.89 -18.14
C ASP MB 84 -45.46 -57.84 -19.21
N LEU MB 85 -45.17 -57.27 -20.37
CA LEU MB 85 -44.59 -58.06 -21.45
C LEU MB 85 -43.07 -58.06 -21.35
N THR MB 86 -42.46 -59.08 -21.95
CA THR MB 86 -41.01 -59.18 -21.94
C THR MB 86 -40.39 -58.12 -22.84
N ARG MB 87 -39.13 -57.80 -22.54
CA ARG MB 87 -38.43 -56.75 -23.27
C ARG MB 87 -38.24 -57.12 -24.74
N ASP MB 88 -37.82 -58.36 -25.00
CA ASP MB 88 -37.49 -58.75 -26.38
C ASP MB 88 -38.73 -58.78 -27.26
N LYS MB 89 -39.86 -59.25 -26.73
CA LYS MB 89 -41.09 -59.25 -27.52
C LYS MB 89 -41.52 -57.82 -27.85
N MET MB 90 -41.43 -56.93 -26.87
CA MET MB 90 -41.77 -55.53 -27.10
C MET MB 90 -40.87 -54.92 -28.16
N CYS MB 91 -39.58 -55.20 -28.11
CA CYS MB 91 -38.67 -54.63 -29.10
C CYS MB 91 -38.88 -55.24 -30.47
N SER MB 92 -39.24 -56.52 -30.54
CA SER MB 92 -39.48 -57.16 -31.83
C SER MB 92 -40.77 -56.67 -32.46
N MET MB 93 -41.76 -56.33 -31.64
CA MET MB 93 -43.03 -55.83 -32.17
C MET MB 93 -42.88 -54.46 -32.80
N VAL MB 94 -41.93 -53.65 -32.36
CA VAL MB 94 -41.72 -52.32 -32.92
C VAL MB 94 -40.83 -52.43 -34.14
N LYS MB 95 -41.29 -51.89 -35.27
CA LYS MB 95 -40.54 -51.92 -36.51
C LYS MB 95 -40.75 -50.60 -37.25
N LYS MB 96 -39.89 -50.34 -38.22
CA LYS MB 96 -39.99 -49.13 -39.01
C LYS MB 96 -41.11 -49.26 -40.05
N TRP MB 97 -41.36 -48.16 -40.76
CA TRP MB 97 -42.35 -48.09 -41.84
C TRP MB 97 -43.75 -48.47 -41.36
N GLN MB 98 -44.03 -48.20 -40.08
CA GLN MB 98 -45.36 -48.46 -39.55
C GLN MB 98 -45.57 -47.56 -38.35
N THR MB 99 -46.83 -47.42 -37.96
CA THR MB 99 -47.22 -46.58 -36.84
C THR MB 99 -47.74 -47.48 -35.72
N MET MB 100 -47.40 -47.16 -34.48
CA MET MB 100 -47.98 -47.83 -33.33
C MET MB 100 -48.74 -46.82 -32.49
N ILE MB 101 -49.86 -47.27 -31.92
CA ILE MB 101 -50.73 -46.43 -31.12
C ILE MB 101 -50.73 -46.96 -29.69
N GLU MB 102 -50.50 -46.08 -28.74
CA GLU MB 102 -50.34 -46.43 -27.33
C GLU MB 102 -51.40 -45.72 -26.52
N ALA MB 103 -52.03 -46.42 -25.59
CA ALA MB 103 -53.07 -45.84 -24.77
C ALA MB 103 -52.97 -46.35 -23.34
N HIS MB 104 -53.43 -45.54 -22.40
CA HIS MB 104 -53.52 -45.90 -21.00
C HIS MB 104 -54.82 -45.36 -20.43
N VAL MB 105 -55.30 -46.00 -19.38
CA VAL MB 105 -56.56 -45.61 -18.77
C VAL MB 105 -56.59 -46.06 -17.32
N ASP MB 106 -57.14 -45.21 -16.45
CA ASP MB 106 -57.32 -45.54 -15.04
C ASP MB 106 -58.77 -45.95 -14.83
N VAL MB 107 -58.97 -47.17 -14.32
CA VAL MB 107 -60.31 -47.73 -14.17
C VAL MB 107 -60.38 -48.47 -12.83
N LYS MB 108 -61.51 -48.31 -12.15
CA LYS MB 108 -61.76 -48.95 -10.87
C LYS MB 108 -62.56 -50.24 -11.06
N THR MB 109 -62.15 -51.28 -10.35
CA THR MB 109 -62.88 -52.55 -10.40
C THR MB 109 -64.10 -52.49 -9.49
N THR MB 110 -64.81 -53.62 -9.40
CA THR MB 110 -65.98 -53.67 -8.54
C THR MB 110 -65.60 -53.72 -7.06
N ASP MB 111 -64.52 -54.41 -6.74
CA ASP MB 111 -64.12 -54.64 -5.35
C ASP MB 111 -63.20 -53.56 -4.81
N GLY MB 112 -62.91 -52.52 -5.58
CA GLY MB 112 -62.12 -51.41 -5.11
C GLY MB 112 -60.67 -51.38 -5.56
N TYR MB 113 -60.25 -52.31 -6.42
CA TYR MB 113 -58.92 -52.27 -6.99
C TYR MB 113 -58.87 -51.28 -8.14
N LEU MB 114 -57.83 -50.47 -8.15
CA LEU MB 114 -57.62 -49.47 -9.20
C LEU MB 114 -56.44 -49.90 -10.06
N LEU MB 115 -56.63 -49.91 -11.37
CA LEU MB 115 -55.63 -50.42 -12.30
C LEU MB 115 -55.37 -49.43 -13.41
N ARG MB 116 -54.10 -49.36 -13.83
CA ARG MB 116 -53.67 -48.55 -14.97
C ARG MB 116 -53.25 -49.50 -16.08
N LEU MB 117 -54.09 -49.66 -17.09
CA LEU MB 117 -53.85 -50.61 -18.17
C LEU MB 117 -53.17 -49.91 -19.34
N PHE MB 118 -52.08 -50.48 -19.82
CA PHE MB 118 -51.35 -49.94 -20.96
C PHE MB 118 -51.48 -50.92 -22.13
N CYS MB 119 -51.92 -50.40 -23.27
CA CYS MB 119 -52.15 -51.21 -24.46
C CYS MB 119 -51.37 -50.63 -25.63
N VAL MB 120 -50.98 -51.50 -26.55
CA VAL MB 120 -50.29 -51.09 -27.77
C VAL MB 120 -50.98 -51.75 -28.96
N GLY MB 121 -50.83 -51.14 -30.12
CA GLY MB 121 -51.35 -51.72 -31.35
C GLY MB 121 -50.56 -51.23 -32.54
N PHE MB 122 -50.06 -52.19 -33.31
CA PHE MB 122 -49.19 -51.89 -34.45
C PHE MB 122 -49.96 -51.97 -35.75
N THR MB 123 -49.75 -51.00 -36.61
CA THR MB 123 -50.31 -51.01 -37.95
C THR MB 123 -49.76 -52.18 -38.76
N LYS MB 124 -50.67 -52.87 -39.44
CA LYS MB 124 -50.35 -54.04 -40.24
C LYS MB 124 -50.47 -53.70 -41.72
N LYS MB 125 -49.42 -54.00 -42.48
CA LYS MB 125 -49.46 -53.84 -43.92
C LYS MB 125 -50.28 -54.97 -44.54
N ARG MB 126 -50.92 -54.67 -45.66
CA ARG MB 126 -51.65 -55.68 -46.39
C ARG MB 126 -50.70 -56.69 -47.04
N ASN MB 127 -51.23 -57.89 -47.28
CA ASN MB 127 -50.48 -58.88 -48.03
C ASN MB 127 -50.16 -58.41 -49.44
N ASN MB 128 -51.11 -57.74 -50.08
CA ASN MB 128 -50.94 -57.23 -51.43
C ASN MB 128 -50.40 -55.81 -51.44
N GLN MB 129 -50.02 -55.26 -50.29
CA GLN MB 129 -49.55 -53.89 -50.21
C GLN MB 129 -48.21 -53.75 -50.93
N ILE MB 130 -48.13 -52.77 -51.82
CA ILE MB 130 -46.90 -52.52 -52.56
C ILE MB 130 -46.09 -51.46 -51.83
N ARG MB 131 -46.80 -50.51 -51.21
CA ARG MB 131 -46.13 -49.40 -50.53
C ARG MB 131 -45.25 -49.90 -49.40
N LYS MB 132 -44.04 -49.33 -49.32
CA LYS MB 132 -43.11 -49.69 -48.26
C LYS MB 132 -43.64 -49.27 -46.90
N THR MB 133 -44.33 -48.13 -46.83
CA THR MB 133 -44.82 -47.60 -45.58
C THR MB 133 -46.27 -47.98 -45.37
N SER MB 134 -46.66 -48.08 -44.10
CA SER MB 134 -48.04 -48.33 -43.68
C SER MB 134 -48.32 -47.34 -42.55
N TYR MB 135 -48.82 -46.17 -42.90
CA TYR MB 135 -49.00 -45.08 -41.95
C TYR MB 135 -50.46 -44.67 -41.90
N ALA MB 136 -50.98 -44.44 -40.71
CA ALA MB 136 -52.35 -44.01 -40.52
C ALA MB 136 -52.37 -42.52 -40.17
N GLN MB 137 -53.41 -41.83 -40.65
CA GLN MB 137 -53.54 -40.42 -40.37
C GLN MB 137 -53.85 -40.19 -38.89
N HIS MB 138 -53.67 -38.95 -38.46
CA HIS MB 138 -53.78 -38.64 -37.03
C HIS MB 138 -55.19 -38.88 -36.50
N GLN MB 139 -56.22 -38.55 -37.28
CA GLN MB 139 -57.58 -38.77 -36.82
C GLN MB 139 -57.90 -40.26 -36.71
N GLN MB 140 -57.36 -41.06 -37.62
CA GLN MB 140 -57.51 -42.51 -37.48
C GLN MB 140 -56.86 -43.01 -36.19
N VAL MB 141 -55.68 -42.48 -35.87
CA VAL MB 141 -55.00 -42.84 -34.63
C VAL MB 141 -55.83 -42.43 -33.43
N ARG MB 142 -56.42 -41.24 -33.49
CA ARG MB 142 -57.27 -40.77 -32.38
C ARG MB 142 -58.49 -41.67 -32.21
N GLN MB 143 -59.14 -42.04 -33.31
CA GLN MB 143 -60.29 -42.92 -33.23
C GLN MB 143 -59.90 -44.27 -32.66
N ILE MB 144 -58.77 -44.83 -33.10
CA ILE MB 144 -58.32 -46.12 -32.60
C ILE MB 144 -58.00 -46.04 -31.12
N ARG MB 145 -57.31 -44.97 -30.71
CA ARG MB 145 -56.95 -44.82 -29.30
C ARG MB 145 -58.20 -44.69 -28.44
N LYS MB 146 -59.15 -43.88 -28.87
CA LYS MB 146 -60.39 -43.75 -28.11
C LYS MB 146 -61.15 -45.06 -28.03
N LYS MB 147 -61.23 -45.78 -29.15
CA LYS MB 147 -61.94 -47.05 -29.18
C LYS MB 147 -61.30 -48.06 -28.23
N MET MB 148 -59.98 -48.18 -28.29
CA MET MB 148 -59.30 -49.18 -27.46
C MET MB 148 -59.13 -48.72 -26.02
N MET MB 149 -59.34 -47.44 -25.73
CA MET MB 149 -59.52 -47.03 -24.35
C MET MB 149 -60.90 -47.36 -23.82
N GLU MB 150 -61.95 -47.20 -24.64
CA GLU MB 150 -63.30 -47.42 -24.14
C GLU MB 150 -63.75 -48.87 -24.23
N ILE MB 151 -63.00 -49.75 -24.89
CA ILE MB 151 -63.32 -51.17 -24.80
C ILE MB 151 -62.25 -51.88 -23.99
N MET MB 152 -61.64 -51.16 -23.05
CA MET MB 152 -60.98 -51.77 -21.91
C MET MB 152 -61.69 -51.50 -20.59
N THR MB 153 -62.35 -50.35 -20.46
CA THR MB 153 -63.01 -50.01 -19.20
C THR MB 153 -64.20 -50.91 -18.94
N ARG MB 154 -65.03 -51.14 -19.96
CA ARG MB 154 -66.23 -51.95 -19.78
C ARG MB 154 -65.92 -53.42 -19.47
N GLU MB 155 -64.69 -53.86 -19.70
CA GLU MB 155 -64.26 -55.18 -19.27
C GLU MB 155 -63.70 -55.17 -17.85
N VAL MB 156 -63.62 -54.00 -17.22
CA VAL MB 156 -63.09 -53.86 -15.88
C VAL MB 156 -64.13 -53.34 -14.90
N GLN MB 157 -64.93 -52.36 -15.32
CA GLN MB 157 -65.90 -51.73 -14.42
C GLN MB 157 -66.95 -52.72 -13.94
N THR MB 158 -67.39 -53.61 -14.82
CA THR MB 158 -68.54 -54.47 -14.57
C THR MB 158 -68.16 -55.90 -14.18
N ASN MB 159 -66.99 -56.08 -13.57
CA ASN MB 159 -66.59 -57.41 -13.13
C ASN MB 159 -65.52 -57.28 -12.06
N ASP MB 160 -65.30 -58.39 -11.35
CA ASP MB 160 -64.33 -58.41 -10.26
C ASP MB 160 -62.93 -58.65 -10.81
N LEU MB 161 -61.94 -58.45 -9.92
CA LEU MB 161 -60.54 -58.54 -10.34
C LEU MB 161 -60.17 -59.96 -10.75
N LYS MB 162 -60.80 -60.98 -10.17
CA LYS MB 162 -60.44 -62.36 -10.49
C LYS MB 162 -60.75 -62.70 -11.94
N GLU MB 163 -61.97 -62.40 -12.38
CA GLU MB 163 -62.33 -62.67 -13.76
C GLU MB 163 -61.78 -61.64 -14.72
N VAL MB 164 -61.11 -60.60 -14.22
CA VAL MB 164 -60.30 -59.75 -15.08
C VAL MB 164 -58.93 -60.39 -15.29
N VAL MB 165 -58.33 -60.89 -14.21
CA VAL MB 165 -57.02 -61.53 -14.31
C VAL MB 165 -57.09 -62.75 -15.20
N ASN MB 166 -58.13 -63.57 -15.04
CA ASN MB 166 -58.19 -64.78 -15.84
C ASN MB 166 -58.53 -64.49 -17.31
N LYS MB 167 -59.18 -63.37 -17.59
CA LYS MB 167 -59.50 -63.03 -18.98
C LYS MB 167 -58.36 -62.31 -19.68
N LEU MB 168 -57.48 -61.63 -18.95
CA LEU MB 168 -56.30 -61.05 -19.57
C LEU MB 168 -55.18 -62.07 -19.73
N ILE MB 169 -55.34 -63.28 -19.18
CA ILE MB 169 -54.34 -64.32 -19.37
C ILE MB 169 -54.15 -64.68 -20.84
N PRO MB 170 -55.20 -64.92 -21.64
CA PRO MB 170 -55.00 -65.05 -23.09
C PRO MB 170 -55.08 -63.75 -23.86
N ASP MB 171 -55.20 -62.63 -23.16
CA ASP MB 171 -55.32 -61.29 -23.77
C ASP MB 171 -56.48 -61.25 -24.75
N SER MB 172 -57.64 -61.70 -24.28
CA SER MB 172 -58.86 -61.60 -25.09
C SER MB 172 -59.22 -60.15 -25.35
N ILE MB 173 -58.89 -59.26 -24.41
CA ILE MB 173 -59.14 -57.83 -24.60
C ILE MB 173 -58.43 -57.33 -25.85
N GLY MB 174 -57.15 -57.69 -26.00
CA GLY MB 174 -56.43 -57.31 -27.20
C GLY MB 174 -57.01 -57.91 -28.46
N LYS MB 175 -57.50 -59.15 -28.38
CA LYS MB 175 -58.07 -59.78 -29.57
C LYS MB 175 -59.34 -59.07 -30.02
N ASP MB 176 -60.22 -58.71 -29.07
CA ASP MB 176 -61.43 -58.00 -29.49
C ASP MB 176 -61.13 -56.55 -29.88
N ILE MB 177 -60.08 -55.95 -29.31
CA ILE MB 177 -59.65 -54.63 -29.76
C ILE MB 177 -59.19 -54.71 -31.21
N GLU MB 178 -58.38 -55.73 -31.52
CA GLU MB 178 -57.90 -55.90 -32.89
C GLU MB 178 -59.04 -56.16 -33.84
N LYS MB 179 -60.02 -56.97 -33.43
CA LYS MB 179 -61.19 -57.21 -34.27
C LYS MB 179 -61.98 -55.93 -34.49
N ALA MB 180 -62.17 -55.14 -33.44
CA ALA MB 180 -63.05 -53.96 -33.54
C ALA MB 180 -62.42 -52.86 -34.38
N CYS MB 181 -61.09 -52.73 -34.33
CA CYS MB 181 -60.42 -51.62 -34.98
C CYS MB 181 -60.18 -51.83 -36.47
N GLN MB 182 -60.53 -53.00 -37.02
CA GLN MB 182 -60.35 -53.23 -38.44
C GLN MB 182 -61.23 -52.33 -39.30
N SER MB 183 -62.30 -51.78 -38.72
CA SER MB 183 -63.14 -50.82 -39.41
C SER MB 183 -62.42 -49.52 -39.71
N ILE MB 184 -61.33 -49.21 -39.01
CA ILE MB 184 -60.55 -48.00 -39.23
C ILE MB 184 -59.26 -48.31 -39.98
N TYR MB 185 -58.43 -49.19 -39.42
CA TYR MB 185 -57.19 -49.49 -40.08
C TYR MB 185 -56.84 -50.87 -39.54
N PRO MB 186 -56.19 -51.73 -40.34
CA PRO MB 186 -55.85 -53.07 -39.86
C PRO MB 186 -54.71 -53.06 -38.85
N LEU MB 187 -54.86 -53.85 -37.79
CA LEU MB 187 -53.82 -54.01 -36.79
C LEU MB 187 -53.54 -55.50 -36.56
N HIS MB 188 -52.28 -55.82 -36.27
CA HIS MB 188 -51.87 -57.20 -36.06
C HIS MB 188 -51.37 -57.47 -34.65
N ASP MB 189 -50.43 -56.68 -34.15
CA ASP MB 189 -49.84 -56.92 -32.84
C ASP MB 189 -50.50 -55.98 -31.84
N VAL MB 190 -51.61 -56.44 -31.27
CA VAL MB 190 -52.35 -55.70 -30.26
C VAL MB 190 -52.35 -56.52 -28.98
N PHE MB 191 -51.89 -55.93 -27.89
CA PHE MB 191 -51.81 -56.61 -26.61
C PHE MB 191 -52.02 -55.61 -25.49
N VAL MB 192 -52.39 -56.13 -24.31
CA VAL MB 192 -52.34 -55.35 -23.09
C VAL MB 192 -50.87 -55.32 -22.65
N ARG MB 193 -50.18 -54.22 -22.98
CA ARG MB 193 -48.74 -54.17 -22.76
C ARG MB 193 -48.39 -54.22 -21.29
N LYS MB 194 -49.12 -53.51 -20.45
CA LYS MB 194 -48.72 -53.35 -19.06
C LYS MB 194 -49.92 -52.94 -18.23
N VAL MB 195 -49.97 -53.46 -17.00
CA VAL MB 195 -50.88 -52.96 -15.98
C VAL MB 195 -50.14 -52.96 -14.66
N LYS MB 196 -50.43 -51.95 -13.84
CA LYS MB 196 -49.80 -51.82 -12.53
C LYS MB 196 -50.87 -51.57 -11.48
N MET MB 197 -50.72 -52.22 -10.33
CA MET MB 197 -51.63 -51.98 -9.22
C MET MB 197 -51.49 -50.53 -8.75
N LEU MB 198 -52.63 -49.87 -8.54
CA LEU MB 198 -52.63 -48.49 -8.08
C LEU MB 198 -53.08 -48.37 -6.63
N LYS MB 199 -54.18 -49.03 -6.27
CA LYS MB 199 -54.68 -49.01 -4.90
C LYS MB 199 -55.18 -50.40 -4.52
N LYS MB 200 -55.12 -50.70 -3.23
CA LYS MB 200 -55.57 -51.99 -2.71
C LYS MB 200 -56.56 -51.77 -1.57
N PRO MB 201 -57.74 -52.38 -1.66
CA PRO MB 201 -58.80 -52.17 -0.66
C PRO MB 201 -58.71 -53.04 0.62
N LYS MB 202 -57.88 -52.58 1.55
CA LYS MB 202 -57.97 -52.94 2.97
C LYS MB 202 -57.50 -54.37 3.28
N PHE MB 203 -57.23 -55.17 2.25
CA PHE MB 203 -56.68 -56.53 2.39
C PHE MB 203 -57.63 -57.39 3.26
N GLU MB 204 -58.77 -57.70 2.67
CA GLU MB 204 -59.67 -58.65 3.30
C GLU MB 204 -59.10 -60.06 3.16
N LEU MB 205 -58.98 -60.76 4.29
CA LEU MB 205 -58.33 -62.07 4.29
C LEU MB 205 -59.17 -63.13 3.59
N GLY MB 206 -60.51 -63.07 3.76
CA GLY MB 206 -61.36 -64.10 3.19
C GLY MB 206 -61.32 -64.12 1.68
N LYS MB 207 -61.27 -62.95 1.05
CA LYS MB 207 -61.15 -62.89 -0.40
C LYS MB 207 -59.82 -63.46 -0.87
N LEU MB 208 -58.73 -63.20 -0.15
CA LEU MB 208 -57.46 -63.81 -0.48
C LEU MB 208 -57.53 -65.32 -0.37
N MET MB 209 -58.17 -65.83 0.70
CA MET MB 209 -58.31 -67.27 0.87
C MET MB 209 -59.13 -67.90 -0.24
N GLU MB 210 -60.25 -67.29 -0.63
CA GLU MB 210 -61.05 -67.88 -1.69
C GLU MB 210 -60.36 -67.76 -3.04
N LEU MB 211 -59.51 -66.74 -3.23
CA LEU MB 211 -58.67 -66.71 -4.41
C LEU MB 211 -57.68 -67.87 -4.40
N HIS MB 212 -57.13 -68.20 -3.24
CA HIS MB 212 -56.24 -69.35 -3.15
C HIS MB 212 -57.00 -70.66 -2.99
N GLY MB 213 -57.91 -70.72 -2.02
CA GLY MB 213 -58.69 -71.93 -1.82
C GLY MB 213 -59.95 -71.94 -2.68
N GLU MB 214 -61.10 -72.17 -2.06
CA GLU MB 214 -62.37 -72.20 -2.78
C GLU MB 214 -63.48 -71.54 -1.97
N GLU NB 1 3.16 -42.22 -102.83
CA GLU NB 1 3.53 -43.02 -101.67
C GLU NB 1 2.44 -42.97 -100.60
N TRP NB 2 1.29 -42.41 -100.97
CA TRP NB 2 0.16 -42.28 -100.07
C TRP NB 2 -0.81 -43.42 -100.32
N MET NB 3 -1.01 -44.25 -99.31
CA MET NB 3 -1.95 -45.37 -99.38
C MET NB 3 -3.07 -45.13 -98.39
N PRO NB 4 -4.23 -44.66 -98.84
CA PRO NB 4 -5.32 -44.35 -97.90
C PRO NB 4 -6.14 -45.57 -97.56
N VAL NB 5 -6.63 -45.61 -96.32
CA VAL NB 5 -7.64 -46.60 -95.95
C VAL NB 5 -8.89 -45.87 -95.44
N THR NB 6 -9.78 -45.56 -96.39
CA THR NB 6 -11.05 -44.88 -96.15
C THR NB 6 -11.80 -44.85 -97.48
N LYS NB 7 -13.12 -45.07 -97.47
CA LYS NB 7 -13.88 -44.90 -98.69
C LYS NB 7 -13.82 -43.46 -99.18
N LEU NB 8 -13.95 -42.51 -98.26
CA LEU NB 8 -13.81 -41.10 -98.62
C LEU NB 8 -12.41 -40.82 -99.16
N GLY NB 9 -11.37 -41.32 -98.48
CA GLY NB 9 -10.02 -41.08 -98.96
C GLY NB 9 -9.75 -41.73 -100.29
N ARG NB 10 -10.25 -42.95 -100.49
CA ARG NB 10 -10.05 -43.62 -101.77
C ARG NB 10 -10.75 -42.88 -102.90
N LEU NB 11 -11.98 -42.42 -102.67
CA LEU NB 11 -12.69 -41.68 -103.71
C LEU NB 11 -12.03 -40.33 -103.98
N VAL NB 12 -11.42 -39.73 -102.96
CA VAL NB 12 -10.66 -38.50 -103.17
C VAL NB 12 -9.44 -38.77 -104.03
N LYS NB 13 -8.75 -39.89 -103.77
CA LYS NB 13 -7.47 -40.15 -104.42
C LYS NB 13 -7.64 -40.40 -105.92
N ASP NB 14 -8.70 -41.12 -106.30
CA ASP NB 14 -8.85 -41.59 -107.68
C ASP NB 14 -9.73 -40.69 -108.53
N MET NB 15 -9.74 -39.37 -108.25
CA MET NB 15 -10.42 -38.38 -109.08
C MET NB 15 -11.92 -38.66 -109.20
N LYS NB 16 -12.51 -39.13 -108.10
CA LYS NB 16 -13.96 -39.31 -108.05
C LYS NB 16 -14.69 -38.12 -107.46
N ILE NB 17 -14.05 -37.38 -106.55
CA ILE NB 17 -14.64 -36.20 -105.92
C ILE NB 17 -13.90 -34.98 -106.42
N LYS NB 18 -14.65 -34.00 -106.93
CA LYS NB 18 -14.05 -32.84 -107.56
C LYS NB 18 -13.68 -31.73 -106.58
N SER NB 19 -14.44 -31.56 -105.51
CA SER NB 19 -14.21 -30.45 -104.59
C SER NB 19 -14.47 -30.87 -103.15
N LEU NB 20 -13.83 -30.14 -102.23
CA LEU NB 20 -14.08 -30.35 -100.81
C LEU NB 20 -15.51 -30.02 -100.41
N GLU NB 21 -16.18 -29.16 -101.18
CA GLU NB 21 -17.55 -28.79 -100.87
C GLU NB 21 -18.50 -29.96 -101.06
N GLU NB 22 -18.14 -30.94 -101.89
CA GLU NB 22 -18.95 -32.15 -102.00
C GLU NB 22 -18.95 -32.92 -100.67
N ILE NB 23 -17.80 -32.97 -100.01
CA ILE NB 23 -17.74 -33.58 -98.69
C ILE NB 23 -18.43 -32.70 -97.66
N TYR NB 24 -18.26 -31.39 -97.75
CA TYR NB 24 -18.85 -30.47 -96.78
C TYR NB 24 -20.37 -30.51 -96.84
N LEU NB 25 -20.94 -30.75 -98.01
CA LEU NB 25 -22.39 -30.80 -98.14
C LEU NB 25 -22.98 -31.95 -97.33
N PHE NB 26 -22.28 -33.08 -97.29
CA PHE NB 26 -22.74 -34.25 -96.55
C PHE NB 26 -22.08 -34.38 -95.19
N SER NB 27 -21.16 -33.47 -94.85
CA SER NB 27 -20.57 -33.37 -93.52
C SER NB 27 -19.86 -34.67 -93.10
N LEU NB 28 -19.22 -35.34 -94.04
CA LEU NB 28 -18.45 -36.52 -93.70
C LEU NB 28 -17.17 -36.11 -92.97
N PRO NB 29 -16.78 -36.81 -91.91
CA PRO NB 29 -15.56 -36.45 -91.19
C PRO NB 29 -14.31 -36.76 -92.00
N ILE NB 30 -13.36 -35.83 -91.99
CA ILE NB 30 -12.09 -36.01 -92.66
C ILE NB 30 -11.15 -36.67 -91.67
N LYS NB 31 -10.79 -37.93 -91.93
CA LYS NB 31 -10.00 -38.72 -90.99
C LYS NB 31 -8.55 -38.88 -91.40
N GLU NB 32 -8.10 -38.18 -92.45
CA GLU NB 32 -6.70 -38.21 -92.83
C GLU NB 32 -6.32 -36.92 -93.52
N SER NB 33 -5.12 -36.42 -93.21
CA SER NB 33 -4.69 -35.12 -93.72
C SER NB 33 -4.29 -35.16 -95.18
N GLU NB 34 -4.13 -36.34 -95.76
CA GLU NB 34 -3.73 -36.41 -97.16
C GLU NB 34 -4.88 -36.21 -98.10
N ILE NB 35 -6.02 -35.69 -97.65
CA ILE NB 35 -7.15 -35.45 -98.55
C ILE NB 35 -7.17 -34.01 -99.02
N ILE NB 36 -7.06 -33.06 -98.08
CA ILE NB 36 -7.22 -31.65 -98.44
C ILE NB 36 -6.02 -31.15 -99.26
N ASP NB 37 -4.82 -31.66 -99.00
CA ASP NB 37 -3.66 -31.24 -99.77
C ASP NB 37 -3.80 -31.62 -101.24
N PHE NB 38 -4.55 -32.68 -101.55
CA PHE NB 38 -4.95 -32.93 -102.92
C PHE NB 38 -5.80 -31.79 -103.45
N PHE NB 39 -6.75 -31.30 -102.65
CA PHE NB 39 -7.58 -30.17 -103.05
C PHE NB 39 -6.83 -28.86 -102.89
N LEU NB 40 -6.50 -28.50 -101.66
CA LEU NB 40 -5.86 -27.22 -101.35
C LEU NB 40 -4.34 -27.34 -101.32
N GLY NB 41 -3.77 -27.84 -102.42
CA GLY NB 41 -2.32 -27.95 -102.51
C GLY NB 41 -1.69 -26.60 -102.83
N ALA NB 42 -0.56 -26.32 -102.19
CA ALA NB 42 0.26 -25.14 -102.41
C ALA NB 42 -0.50 -23.84 -102.17
N SER NB 43 -1.65 -23.89 -101.50
CA SER NB 43 -2.42 -22.70 -101.18
C SER NB 43 -2.74 -22.58 -99.70
N LEU NB 44 -2.56 -23.64 -98.93
CA LEU NB 44 -2.84 -23.61 -97.48
C LEU NB 44 -1.66 -22.94 -96.79
N LYS NB 45 -1.76 -21.64 -96.60
CA LYS NB 45 -0.72 -20.91 -95.89
C LYS NB 45 -0.71 -21.30 -94.41
N ASP NB 46 0.49 -21.48 -93.87
CA ASP NB 46 0.67 -21.97 -92.51
C ASP NB 46 1.29 -20.89 -91.65
N GLU NB 47 0.91 -20.90 -90.37
CA GLU NB 47 1.46 -19.97 -89.40
C GLU NB 47 1.41 -20.61 -88.03
N VAL NB 48 2.47 -20.41 -87.25
CA VAL NB 48 2.57 -20.96 -85.90
C VAL NB 48 2.11 -19.90 -84.92
N LEU NB 49 1.21 -20.27 -84.01
CA LEU NB 49 0.66 -19.30 -83.07
C LEU NB 49 1.48 -19.23 -81.79
N LYS NB 50 1.57 -20.35 -81.06
CA LYS NB 50 2.22 -20.31 -79.76
C LYS NB 50 2.68 -21.71 -79.39
N ILE NB 51 3.80 -21.77 -78.68
CA ILE NB 51 4.29 -22.99 -78.07
C ILE NB 51 4.33 -22.75 -76.57
N MET NB 52 3.62 -23.57 -75.81
CA MET NB 52 3.59 -23.39 -74.38
C MET NB 52 4.09 -24.64 -73.68
N PRO NB 53 4.93 -24.49 -72.66
CA PRO NB 53 5.53 -25.65 -71.94
C PRO NB 53 4.71 -26.15 -70.76
N VAL NB 54 3.68 -26.95 -71.04
CA VAL NB 54 2.89 -27.55 -69.98
C VAL NB 54 3.76 -28.56 -69.22
N GLN NB 55 3.51 -28.69 -67.93
CA GLN NB 55 4.30 -29.56 -67.07
C GLN NB 55 3.38 -30.47 -66.28
N LYS NB 56 3.90 -31.66 -65.96
CA LYS NB 56 3.22 -32.60 -65.08
C LYS NB 56 4.22 -33.05 -64.03
N GLN NB 57 3.94 -32.74 -62.77
CA GLN NB 57 4.82 -33.14 -61.70
C GLN NB 57 4.78 -34.64 -61.52
N THR NB 58 5.97 -35.26 -61.44
CA THR NB 58 6.07 -36.69 -61.24
C THR NB 58 6.91 -37.00 -60.02
N ARG NB 59 7.28 -38.27 -59.85
CA ARG NB 59 8.16 -38.66 -58.76
C ARG NB 59 9.51 -37.98 -58.86
N ALA NB 60 10.13 -38.05 -60.04
CA ALA NB 60 11.46 -37.50 -60.25
C ALA NB 60 11.32 -36.15 -60.95
N GLY NB 61 10.99 -35.14 -60.16
CA GLY NB 61 10.77 -33.83 -60.74
C GLY NB 61 9.52 -33.82 -61.60
N GLN NB 62 9.42 -32.82 -62.45
CA GLN NB 62 8.33 -32.72 -63.40
C GLN NB 62 8.86 -32.97 -64.81
N ARG NB 63 8.01 -33.52 -65.66
CA ARG NB 63 8.33 -33.69 -67.07
C ARG NB 63 7.54 -32.69 -67.89
N THR NB 64 8.19 -32.11 -68.89
CA THR NB 64 7.63 -31.02 -69.66
C THR NB 64 7.27 -31.51 -71.05
N ARG NB 65 6.03 -31.26 -71.47
CA ARG NB 65 5.62 -31.41 -72.85
C ARG NB 65 5.28 -30.05 -73.41
N PHE NB 66 5.30 -29.94 -74.74
CA PHE NB 66 5.05 -28.68 -75.42
C PHE NB 66 3.78 -28.80 -76.24
N LYS NB 67 2.85 -27.88 -76.03
CA LYS NB 67 1.58 -27.87 -76.73
C LYS NB 67 1.64 -26.83 -77.85
N ALA NB 68 1.33 -27.27 -79.07
CA ALA NB 68 1.51 -26.45 -80.26
C ALA NB 68 0.16 -25.98 -80.79
N PHE NB 69 0.05 -24.69 -81.06
CA PHE NB 69 -1.13 -24.11 -81.70
C PHE NB 69 -0.74 -23.67 -83.10
N VAL NB 70 -1.30 -24.34 -84.11
CA VAL NB 70 -1.00 -24.04 -85.51
C VAL NB 70 -2.31 -23.77 -86.22
N ALA NB 71 -2.38 -22.65 -86.93
CA ALA NB 71 -3.55 -22.27 -87.71
C ALA NB 71 -3.15 -22.17 -89.18
N ILE NB 72 -3.91 -22.84 -90.04
CA ILE NB 72 -3.67 -22.82 -91.47
C ILE NB 72 -4.98 -22.46 -92.17
N GLY NB 73 -4.87 -22.17 -93.46
CA GLY NB 73 -6.03 -21.87 -94.27
C GLY NB 73 -5.71 -20.95 -95.42
N ASP NB 74 -6.20 -21.29 -96.62
CA ASP NB 74 -6.02 -20.39 -97.75
C ASP NB 74 -6.85 -19.13 -97.55
N TYR NB 75 -6.39 -18.04 -98.16
CA TYR NB 75 -7.04 -16.75 -97.97
C TYR NB 75 -8.24 -16.64 -98.89
N ASN NB 76 -9.14 -17.63 -98.83
CA ASN NB 76 -10.24 -17.69 -99.79
C ASN NB 76 -11.53 -18.27 -99.21
N GLY NB 77 -11.55 -18.64 -97.93
CA GLY NB 77 -12.77 -19.17 -97.35
C GLY NB 77 -12.64 -20.50 -96.64
N HIS NB 78 -11.42 -21.02 -96.53
CA HIS NB 78 -11.18 -22.25 -95.79
C HIS NB 78 -10.10 -21.99 -94.75
N VAL NB 79 -10.29 -22.53 -93.55
CA VAL NB 79 -9.39 -22.28 -92.44
C VAL NB 79 -9.47 -23.44 -91.46
N GLY NB 80 -8.42 -23.59 -90.65
CA GLY NB 80 -8.40 -24.64 -89.64
C GLY NB 80 -7.38 -24.38 -88.56
N LEU NB 81 -7.63 -24.89 -87.36
CA LEU NB 81 -6.75 -24.71 -86.21
C LEU NB 81 -6.47 -26.07 -85.59
N GLY NB 82 -5.22 -26.29 -85.20
CA GLY NB 82 -4.83 -27.56 -84.60
C GLY NB 82 -4.04 -27.35 -83.33
N VAL NB 83 -4.39 -28.14 -82.32
CA VAL NB 83 -3.73 -28.08 -81.02
C VAL NB 83 -3.18 -29.46 -80.70
N LYS NB 84 -1.86 -29.57 -80.63
CA LYS NB 84 -1.19 -30.83 -80.34
C LYS NB 84 -0.13 -30.63 -79.27
N CYS NB 85 -0.09 -31.54 -78.31
CA CYS NB 85 0.89 -31.51 -77.24
C CYS NB 85 1.83 -32.69 -77.40
N SER NB 86 3.14 -32.44 -77.23
CA SER NB 86 4.14 -33.46 -77.41
C SER NB 86 5.41 -33.08 -76.65
N LYS NB 87 6.28 -34.06 -76.46
CA LYS NB 87 7.56 -33.81 -75.80
C LYS NB 87 8.46 -32.91 -76.65
N GLU NB 88 8.53 -33.18 -77.95
CA GLU NB 88 9.42 -32.46 -78.85
C GLU NB 88 8.67 -31.33 -79.53
N VAL NB 89 9.38 -30.22 -79.78
CA VAL NB 89 8.75 -29.05 -80.38
C VAL NB 89 8.37 -29.34 -81.82
N ALA NB 90 9.29 -29.93 -82.60
CA ALA NB 90 9.01 -30.20 -84.00
C ALA NB 90 7.90 -31.23 -84.16
N THR NB 91 7.91 -32.25 -83.31
CA THR NB 91 6.85 -33.25 -83.36
C THR NB 91 5.50 -32.62 -83.02
N ALA NB 92 5.47 -31.74 -82.02
CA ALA NB 92 4.23 -31.05 -81.68
C ALA NB 92 3.76 -30.17 -82.82
N ILE NB 93 4.70 -29.50 -83.51
CA ILE NB 93 4.34 -28.66 -84.65
C ILE NB 93 3.73 -29.51 -85.76
N ARG NB 94 4.35 -30.66 -86.05
CA ARG NB 94 3.82 -31.54 -87.10
C ARG NB 94 2.43 -32.06 -86.72
N GLY NB 95 2.25 -32.46 -85.47
CA GLY NB 95 0.95 -32.94 -85.05
C GLY NB 95 -0.12 -31.86 -85.10
N ALA NB 96 0.26 -30.63 -84.73
CA ALA NB 96 -0.68 -29.52 -84.80
C ALA NB 96 -1.03 -29.18 -86.24
N ILE NB 97 -0.07 -29.28 -87.16
CA ILE NB 97 -0.36 -29.10 -88.57
C ILE NB 97 -1.34 -30.15 -89.04
N ILE NB 98 -1.12 -31.40 -88.64
CA ILE NB 98 -2.03 -32.48 -89.04
C ILE NB 98 -3.43 -32.22 -88.50
N LEU NB 99 -3.54 -31.82 -87.23
CA LEU NB 99 -4.85 -31.60 -86.64
C LEU NB 99 -5.57 -30.40 -87.25
N ALA NB 100 -4.82 -29.34 -87.56
CA ALA NB 100 -5.43 -28.20 -88.25
C ALA NB 100 -5.90 -28.62 -89.64
N LYS NB 101 -5.12 -29.45 -90.32
CA LYS NB 101 -5.53 -29.97 -91.63
C LYS NB 101 -6.79 -30.81 -91.50
N LEU NB 102 -6.93 -31.53 -90.39
CA LEU NB 102 -8.11 -32.37 -90.22
C LEU NB 102 -9.37 -31.55 -90.00
N SER NB 103 -9.31 -30.54 -89.14
CA SER NB 103 -10.48 -29.73 -88.82
C SER NB 103 -10.55 -28.47 -89.67
N ILE NB 104 -10.50 -28.64 -90.99
CA ILE NB 104 -10.65 -27.52 -91.91
C ILE NB 104 -12.14 -27.32 -92.17
N VAL NB 105 -12.62 -26.10 -91.99
CA VAL NB 105 -14.03 -25.79 -92.13
C VAL NB 105 -14.22 -24.67 -93.14
N PRO NB 106 -15.35 -24.61 -93.83
CA PRO NB 106 -15.60 -23.50 -94.76
C PRO NB 106 -16.05 -22.26 -94.01
N VAL NB 107 -15.96 -21.13 -94.72
CA VAL NB 107 -16.29 -19.82 -94.16
C VAL NB 107 -17.34 -19.17 -95.05
N ARG NB 108 -18.44 -18.74 -94.46
CA ARG NB 108 -19.45 -18.00 -95.18
C ARG NB 108 -19.11 -16.51 -95.14
N ARG NB 109 -18.88 -15.92 -96.30
CA ARG NB 109 -18.60 -14.50 -96.39
C ARG NB 109 -19.84 -13.77 -96.89
N GLY NB 110 -20.11 -12.62 -96.29
CA GLY NB 110 -21.28 -11.84 -96.65
C GLY NB 110 -20.94 -10.41 -97.02
N TYR NB 111 -21.92 -9.52 -96.88
CA TYR NB 111 -21.77 -8.12 -97.24
C TYR NB 111 -22.31 -7.24 -96.12
N TRP NB 112 -21.60 -6.14 -95.86
CA TRP NB 112 -22.07 -5.20 -94.83
C TRP NB 112 -23.31 -4.46 -95.28
N GLY NB 113 -23.40 -4.15 -96.57
CA GLY NB 113 -24.55 -3.46 -97.11
C GLY NB 113 -24.35 -3.10 -98.57
N ASN NB 114 -25.42 -3.19 -99.36
CA ASN NB 114 -25.38 -2.94 -100.80
C ASN NB 114 -24.34 -3.84 -101.49
N LYS NB 115 -24.64 -5.13 -101.46
CA LYS NB 115 -23.82 -6.17 -102.08
C LYS NB 115 -23.43 -5.79 -103.50
N ILE NB 116 -22.14 -5.69 -103.78
CA ILE NB 116 -21.64 -5.24 -105.08
C ILE NB 116 -20.88 -6.36 -105.80
N GLY NB 117 -19.78 -6.82 -105.20
CA GLY NB 117 -18.95 -7.81 -105.84
C GLY NB 117 -18.74 -9.05 -105.02
N LYS NB 118 -17.48 -9.42 -104.79
CA LYS NB 118 -17.20 -10.58 -103.96
C LYS NB 118 -17.52 -10.27 -102.50
N PRO NB 119 -17.97 -11.26 -101.73
CA PRO NB 119 -18.25 -11.02 -100.31
C PRO NB 119 -16.98 -10.74 -99.55
N HIS NB 120 -17.10 -9.95 -98.47
CA HIS NB 120 -15.94 -9.47 -97.74
C HIS NB 120 -16.03 -9.64 -96.24
N THR NB 121 -17.21 -9.79 -95.67
CA THR NB 121 -17.38 -9.82 -94.23
C THR NB 121 -18.25 -11.00 -93.83
N VAL NB 122 -18.44 -11.17 -92.53
CA VAL NB 122 -19.31 -12.25 -92.03
C VAL NB 122 -20.76 -11.91 -92.37
N PRO NB 123 -21.62 -12.89 -92.64
CA PRO NB 123 -23.01 -12.57 -92.97
C PRO NB 123 -23.77 -11.88 -91.85
N CYS NB 124 -23.43 -12.18 -90.60
CA CYS NB 124 -24.11 -11.59 -89.45
C CYS NB 124 -23.19 -11.73 -88.24
N LYS NB 125 -23.58 -11.09 -87.13
CA LYS NB 125 -22.77 -11.14 -85.92
C LYS NB 125 -22.84 -12.53 -85.33
N VAL NB 126 -21.72 -13.22 -85.31
CA VAL NB 126 -21.62 -14.57 -84.77
C VAL NB 126 -20.74 -14.53 -83.53
N THR NB 127 -21.04 -15.40 -82.58
CA THR NB 127 -20.33 -15.44 -81.30
C THR NB 127 -19.71 -16.81 -81.10
N GLY NB 128 -18.40 -16.81 -80.86
CA GLY NB 128 -17.68 -18.03 -80.52
C GLY NB 128 -17.49 -18.12 -79.01
N ARG NB 129 -17.49 -19.35 -78.51
CA ARG NB 129 -17.43 -19.56 -77.07
C ARG NB 129 -16.49 -20.69 -76.75
N CYS NB 130 -15.47 -20.41 -75.93
CA CYS NB 130 -14.55 -21.43 -75.46
C CYS NB 130 -14.06 -21.03 -74.08
N GLY NB 131 -14.29 -21.90 -73.10
CA GLY NB 131 -13.99 -21.55 -71.73
C GLY NB 131 -14.79 -20.33 -71.31
N SER NB 132 -14.11 -19.35 -70.73
CA SER NB 132 -14.72 -18.07 -70.42
C SER NB 132 -14.51 -17.04 -71.52
N VAL NB 133 -13.83 -17.42 -72.60
CA VAL NB 133 -13.54 -16.49 -73.69
C VAL NB 133 -14.76 -16.43 -74.61
N LEU NB 134 -15.29 -15.23 -74.79
CA LEU NB 134 -16.41 -14.98 -75.68
C LEU NB 134 -15.97 -14.01 -76.76
N VAL NB 135 -16.07 -14.44 -78.01
CA VAL NB 135 -15.60 -13.66 -79.16
C VAL NB 135 -16.76 -13.43 -80.10
N ARG NB 136 -16.96 -12.18 -80.51
CA ARG NB 136 -18.05 -11.79 -81.39
C ARG NB 136 -17.47 -11.15 -82.64
N LEU NB 137 -18.05 -11.47 -83.80
CA LEU NB 137 -17.57 -10.97 -85.09
C LEU NB 137 -18.69 -10.16 -85.74
N ILE NB 138 -18.54 -8.84 -85.73
CA ILE NB 138 -19.55 -7.94 -86.27
C ILE NB 138 -19.21 -7.60 -87.71
N PRO NB 139 -20.15 -7.68 -88.65
CA PRO NB 139 -19.88 -7.27 -90.02
C PRO NB 139 -19.47 -5.81 -90.11
N ALA NB 140 -18.56 -5.52 -91.02
CA ALA NB 140 -17.98 -4.19 -91.17
C ALA NB 140 -17.99 -3.78 -92.63
N PRO NB 141 -18.06 -2.48 -92.92
CA PRO NB 141 -18.07 -2.02 -94.31
C PRO NB 141 -16.74 -2.29 -94.99
N ARG NB 142 -16.76 -2.18 -96.32
CA ARG NB 142 -15.60 -2.48 -97.14
C ARG NB 142 -14.42 -1.59 -96.78
N GLY NB 143 -13.23 -2.19 -96.73
CA GLY NB 143 -12.02 -1.44 -96.53
C GLY NB 143 -11.65 -1.15 -95.09
N THR NB 144 -12.47 -1.57 -94.12
CA THR NB 144 -12.13 -1.33 -92.72
C THR NB 144 -11.02 -2.24 -92.22
N GLY NB 145 -10.79 -3.37 -92.90
CA GLY NB 145 -9.77 -4.29 -92.44
C GLY NB 145 -10.27 -5.12 -91.27
N ILE NB 146 -9.35 -5.91 -90.73
CA ILE NB 146 -9.65 -6.79 -89.60
C ILE NB 146 -9.18 -6.10 -88.32
N VAL NB 147 -10.11 -5.47 -87.62
CA VAL NB 147 -9.85 -4.88 -86.32
C VAL NB 147 -10.16 -5.93 -85.26
N SER NB 148 -9.13 -6.31 -84.51
CA SER NB 148 -9.22 -7.33 -83.47
C SER NB 148 -7.89 -7.39 -82.73
N ALA NB 149 -7.78 -8.33 -81.81
CA ALA NB 149 -6.50 -8.70 -81.24
C ALA NB 149 -5.65 -9.39 -82.30
N PRO NB 150 -4.32 -9.36 -82.16
CA PRO NB 150 -3.47 -9.94 -83.22
C PRO NB 150 -3.71 -11.41 -83.49
N VAL NB 151 -3.93 -12.21 -82.45
CA VAL NB 151 -4.11 -13.65 -82.59
C VAL NB 151 -5.38 -13.94 -83.40
N PRO NB 152 -6.53 -13.33 -83.10
CA PRO NB 152 -7.65 -13.48 -84.05
C PRO NB 152 -7.48 -12.67 -85.32
N LYS NB 153 -6.64 -11.63 -85.32
CA LYS NB 153 -6.41 -10.88 -86.55
C LYS NB 153 -5.83 -11.76 -87.64
N LYS NB 154 -4.79 -12.52 -87.31
CA LYS NB 154 -4.17 -13.39 -88.31
C LYS NB 154 -5.10 -14.52 -88.72
N LEU NB 155 -5.88 -15.07 -87.77
CA LEU NB 155 -6.82 -16.13 -88.11
C LEU NB 155 -7.91 -15.63 -89.04
N LEU NB 156 -8.47 -14.45 -88.77
CA LEU NB 156 -9.47 -13.88 -89.67
C LEU NB 156 -8.85 -13.56 -91.03
N MET NB 157 -7.60 -13.10 -91.04
CA MET NB 157 -6.94 -12.78 -92.30
C MET NB 157 -6.79 -14.02 -93.16
N MET NB 158 -6.24 -15.10 -92.59
CA MET NB 158 -6.04 -16.32 -93.35
C MET NB 158 -7.34 -17.05 -93.65
N ALA NB 159 -8.45 -16.63 -93.05
CA ALA NB 159 -9.74 -17.23 -93.34
C ALA NB 159 -10.42 -16.62 -94.57
N GLY NB 160 -9.79 -15.63 -95.20
CA GLY NB 160 -10.39 -14.94 -96.32
C GLY NB 160 -11.24 -13.75 -95.96
N ILE NB 161 -11.46 -13.51 -94.67
CA ILE NB 161 -12.25 -12.35 -94.25
C ILE NB 161 -11.46 -11.08 -94.50
N ASP NB 162 -12.11 -10.07 -95.06
CA ASP NB 162 -11.45 -8.83 -95.40
C ASP NB 162 -11.71 -7.72 -94.37
N ASP NB 163 -12.96 -7.55 -93.95
CA ASP NB 163 -13.34 -6.50 -93.03
C ASP NB 163 -14.30 -7.06 -91.99
N CYS NB 164 -14.02 -6.79 -90.72
CA CYS NB 164 -14.85 -7.28 -89.63
C CYS NB 164 -14.52 -6.58 -88.31
N TYR NB 165 -15.56 -6.20 -87.56
CA TYR NB 165 -15.37 -5.71 -86.20
C TYR NB 165 -15.38 -6.90 -85.24
N THR NB 166 -14.64 -6.77 -84.15
CA THR NB 166 -14.48 -7.84 -83.19
C THR NB 166 -14.57 -7.31 -81.77
N SER NB 167 -15.29 -8.03 -80.92
CA SER NB 167 -15.34 -7.76 -79.48
C SER NB 167 -15.10 -9.06 -78.74
N ALA NB 168 -14.14 -9.05 -77.82
CA ALA NB 168 -13.74 -10.23 -77.10
C ALA NB 168 -13.86 -10.01 -75.59
N ARG NB 169 -14.51 -10.96 -74.92
CA ARG NB 169 -14.65 -10.93 -73.47
C ARG NB 169 -14.09 -12.21 -72.90
N GLY NB 170 -13.49 -12.10 -71.72
CA GLY NB 170 -12.94 -13.23 -71.01
C GLY NB 170 -11.43 -13.09 -70.83
N CYS NB 171 -10.83 -14.18 -70.34
CA CYS NB 171 -9.40 -14.24 -70.10
C CYS NB 171 -8.70 -14.46 -71.43
N THR NB 172 -8.60 -13.38 -72.22
CA THR NB 172 -8.01 -13.45 -73.54
C THR NB 172 -6.51 -13.71 -73.51
N ALA NB 173 -5.87 -13.59 -72.35
CA ALA NB 173 -4.47 -13.97 -72.24
C ALA NB 173 -4.29 -15.47 -72.49
N THR NB 174 -5.31 -16.27 -72.19
CA THR NB 174 -5.32 -17.68 -72.51
C THR NB 174 -5.39 -17.83 -74.02
N LEU NB 175 -4.25 -18.07 -74.65
CA LEU NB 175 -4.18 -18.06 -76.11
C LEU NB 175 -4.95 -19.23 -76.72
N GLY NB 176 -4.91 -20.40 -76.10
CA GLY NB 176 -5.58 -21.55 -76.68
C GLY NB 176 -7.09 -21.37 -76.73
N ASN NB 177 -7.69 -21.00 -75.61
CA ASN NB 177 -9.13 -20.77 -75.58
C ASN NB 177 -9.52 -19.58 -76.43
N PHE NB 178 -8.69 -18.54 -76.44
CA PHE NB 178 -8.98 -17.35 -77.24
C PHE NB 178 -9.00 -17.70 -78.73
N ALA NB 179 -8.05 -18.51 -79.19
CA ALA NB 179 -8.05 -18.93 -80.59
C ALA NB 179 -9.20 -19.88 -80.89
N LYS NB 180 -9.50 -20.79 -79.96
CA LYS NB 180 -10.57 -21.74 -80.19
C LYS NB 180 -11.93 -21.06 -80.26
N ALA NB 181 -12.15 -20.02 -79.45
CA ALA NB 181 -13.41 -19.28 -79.53
C ALA NB 181 -13.56 -18.58 -80.87
N THR NB 182 -12.48 -17.98 -81.38
CA THR NB 182 -12.55 -17.37 -82.70
C THR NB 182 -12.80 -18.41 -83.77
N PHE NB 183 -12.19 -19.59 -83.65
CA PHE NB 183 -12.47 -20.66 -84.60
C PHE NB 183 -13.93 -21.08 -84.56
N ASP NB 184 -14.50 -21.19 -83.36
CA ASP NB 184 -15.90 -21.55 -83.23
C ASP NB 184 -16.80 -20.48 -83.84
N ALA NB 185 -16.45 -19.21 -83.65
CA ALA NB 185 -17.20 -18.13 -84.28
C ALA NB 185 -17.13 -18.23 -85.79
N ILE NB 186 -15.94 -18.52 -86.33
CA ILE NB 186 -15.77 -18.69 -87.76
C ILE NB 186 -16.53 -19.93 -88.24
N SER NB 187 -16.52 -21.00 -87.45
CA SER NB 187 -17.13 -22.25 -87.87
C SER NB 187 -18.63 -22.12 -88.05
N LYS NB 188 -19.30 -21.38 -87.19
CA LYS NB 188 -20.76 -21.31 -87.21
C LYS NB 188 -21.28 -20.25 -88.17
N THR NB 189 -20.49 -19.85 -89.16
CA THR NB 189 -21.00 -18.93 -90.17
C THR NB 189 -22.11 -19.56 -91.01
N TYR NB 190 -21.99 -20.84 -91.34
CA TYR NB 190 -23.04 -21.53 -92.07
C TYR NB 190 -24.13 -22.10 -91.19
N SER NB 191 -23.81 -22.44 -89.93
CA SER NB 191 -24.83 -22.94 -89.03
C SER NB 191 -25.88 -21.89 -88.70
N TYR NB 192 -25.59 -20.62 -88.98
CA TYR NB 192 -26.57 -19.55 -88.78
C TYR NB 192 -27.49 -19.47 -89.98
N LEU NB 193 -28.78 -19.61 -89.73
CA LEU NB 193 -29.79 -19.58 -90.80
C LEU NB 193 -30.12 -18.14 -91.16
N THR NB 194 -30.19 -17.87 -92.45
CA THR NB 194 -30.55 -16.56 -92.99
C THR NB 194 -31.67 -16.72 -94.00
N PRO NB 195 -32.48 -15.69 -94.22
CA PRO NB 195 -33.63 -15.83 -95.13
C PRO NB 195 -33.26 -16.19 -96.56
N ASP NB 196 -32.04 -15.89 -97.02
CA ASP NB 196 -31.65 -16.32 -98.35
C ASP NB 196 -31.53 -17.83 -98.47
N LEU NB 197 -31.28 -18.53 -97.35
CA LEU NB 197 -31.16 -19.98 -97.34
C LEU NB 197 -32.49 -20.67 -97.09
N TRP NB 198 -33.57 -19.92 -97.04
CA TRP NB 198 -34.89 -20.48 -96.75
C TRP NB 198 -35.41 -21.37 -97.86
N LYS NB 199 -34.79 -21.34 -99.04
CA LYS NB 199 -35.20 -22.21 -100.13
C LYS NB 199 -35.10 -23.67 -99.72
N GLU NB 200 -36.12 -24.44 -100.09
CA GLU NB 200 -36.15 -25.85 -99.72
C GLU NB 200 -34.99 -26.58 -100.40
N THR NB 201 -34.27 -27.38 -99.62
CA THR NB 201 -33.04 -27.98 -100.11
C THR NB 201 -33.34 -29.16 -101.04
N VAL NB 202 -32.63 -29.19 -102.17
CA VAL NB 202 -32.69 -30.32 -103.08
C VAL NB 202 -31.55 -31.27 -102.76
N PHE NB 203 -31.86 -32.57 -102.72
CA PHE NB 203 -30.91 -33.58 -102.26
C PHE NB 203 -30.25 -34.26 -103.44
N THR NB 204 -28.93 -34.37 -103.37
CA THR NB 204 -28.15 -35.13 -104.35
C THR NB 204 -27.71 -36.44 -103.74
N LYS NB 205 -27.22 -37.34 -104.59
CA LYS NB 205 -26.70 -38.60 -104.10
C LYS NB 205 -25.43 -38.38 -103.28
N SER NB 206 -25.35 -39.09 -102.16
CA SER NB 206 -24.14 -39.05 -101.36
C SER NB 206 -22.99 -39.67 -102.14
N PRO NB 207 -21.76 -39.21 -101.91
CA PRO NB 207 -20.61 -39.81 -102.62
C PRO NB 207 -20.45 -41.29 -102.37
N TYR NB 208 -20.85 -41.78 -101.19
CA TYR NB 208 -20.73 -43.20 -100.90
C TYR NB 208 -21.60 -44.04 -101.83
N GLN NB 209 -22.87 -43.64 -102.01
CA GLN NB 209 -23.77 -44.41 -102.86
C GLN NB 209 -23.61 -44.10 -104.34
N GLU NB 210 -23.14 -42.90 -104.69
CA GLU NB 210 -22.96 -42.58 -106.10
C GLU NB 210 -21.79 -43.35 -106.70
N PHE NB 211 -20.85 -43.79 -105.86
CA PHE NB 211 -19.65 -44.48 -106.33
C PHE NB 211 -19.43 -45.79 -105.59
N THR NB 212 -20.50 -46.38 -105.03
CA THR NB 212 -20.34 -47.64 -104.33
C THR NB 212 -19.95 -48.77 -105.28
N ASP NB 213 -20.41 -48.72 -106.52
CA ASP NB 213 -19.94 -49.66 -107.53
C ASP NB 213 -18.44 -49.51 -107.77
N HIS NB 214 -17.96 -48.27 -107.85
CA HIS NB 214 -16.52 -48.04 -107.95
C HIS NB 214 -15.81 -48.38 -106.65
N LEU NB 215 -16.50 -48.19 -105.51
CA LEU NB 215 -15.92 -48.52 -104.22
C LEU NB 215 -15.65 -50.01 -104.08
N VAL NB 216 -16.56 -50.85 -104.55
CA VAL NB 216 -16.41 -52.29 -104.41
C VAL NB 216 -15.19 -52.79 -105.17
N LYS NB 217 -14.99 -52.29 -106.39
CA LYS NB 217 -13.93 -52.82 -107.26
C LYS NB 217 -12.54 -52.58 -106.67
N THR NB 218 -12.24 -51.34 -106.30
CA THR NB 218 -10.88 -51.01 -105.87
C THR NB 218 -10.72 -51.10 -104.36
N HIS NB 219 -11.50 -50.30 -103.62
CA HIS NB 219 -11.39 -50.27 -102.16
C HIS NB 219 -12.24 -51.40 -101.59
N THR NB 220 -11.72 -52.61 -101.72
CA THR NB 220 -12.44 -53.80 -101.27
C THR NB 220 -12.53 -53.86 -99.74
N ALA OB 1 -22.85 45.72 -66.55
CA ALA OB 1 -22.27 46.99 -66.94
C ALA OB 1 -22.93 48.13 -66.17
N ARG OB 2 -22.39 49.34 -66.35
CA ARG OB 2 -22.93 50.52 -65.68
C ARG OB 2 -23.59 51.51 -66.63
N GLY OB 3 -23.89 51.09 -67.85
CA GLY OB 3 -24.55 51.95 -68.81
C GLY OB 3 -24.67 51.31 -70.17
N PRO OB 4 -25.08 52.10 -71.16
CA PRO OB 4 -25.24 51.56 -72.51
C PRO OB 4 -23.91 51.10 -73.09
N LYS OB 5 -23.97 50.00 -73.84
CA LYS OB 5 -22.80 49.48 -74.52
C LYS OB 5 -22.60 50.22 -75.84
N LYS OB 6 -21.41 50.81 -76.01
CA LYS OB 6 -21.09 51.55 -77.23
C LYS OB 6 -19.94 50.89 -77.98
N HIS OB 7 -19.83 49.56 -77.88
CA HIS OB 7 -18.89 48.79 -78.68
C HIS OB 7 -19.62 47.60 -79.28
N LEU OB 8 -18.95 46.94 -80.22
CA LEU OB 8 -19.47 45.71 -80.82
C LEU OB 8 -18.31 44.91 -81.38
N LYS OB 9 -18.18 43.67 -80.94
CA LYS OB 9 -17.08 42.82 -81.37
C LYS OB 9 -17.25 42.41 -82.83
N ARG OB 10 -16.14 42.04 -83.46
CA ARG OB 10 -16.17 41.67 -84.87
C ARG OB 10 -16.94 40.38 -85.09
N VAL OB 11 -16.63 39.34 -84.31
CA VAL OB 11 -17.27 38.05 -84.52
C VAL OB 11 -18.71 38.03 -84.03
N ALA OB 12 -19.11 38.98 -83.18
CA ALA OB 12 -20.46 39.05 -82.68
C ALA OB 12 -21.38 39.91 -83.54
N ALA OB 13 -20.90 40.37 -84.69
CA ALA OB 13 -21.70 41.21 -85.56
C ALA OB 13 -22.84 40.39 -86.18
N PRO OB 14 -23.87 41.07 -86.68
CA PRO OB 14 -24.94 40.34 -87.40
C PRO OB 14 -24.39 39.55 -88.57
N LYS OB 15 -24.91 38.33 -88.73
CA LYS OB 15 -24.35 37.41 -89.72
C LYS OB 15 -24.56 37.92 -91.14
N HIS OB 16 -25.70 38.58 -91.40
CA HIS OB 16 -25.98 39.06 -92.74
C HIS OB 16 -25.06 40.20 -93.18
N TRP OB 17 -24.28 40.78 -92.25
CA TRP OB 17 -23.29 41.76 -92.64
C TRP OB 17 -22.14 41.14 -93.43
N MET OB 18 -21.94 39.83 -93.29
CA MET OB 18 -20.90 39.09 -94.01
C MET OB 18 -19.51 39.61 -93.71
N LEU OB 19 -19.31 40.13 -92.50
CA LEU OB 19 -18.00 40.62 -92.08
C LEU OB 19 -17.05 39.45 -91.86
N ASP OB 20 -15.82 39.62 -92.29
CA ASP OB 20 -14.79 38.59 -92.10
C ASP OB 20 -14.13 38.78 -90.74
N LYS OB 21 -13.30 37.83 -90.34
CA LYS OB 21 -12.76 37.81 -88.99
C LYS OB 21 -11.38 38.43 -88.86
N LEU OB 22 -10.55 38.36 -89.89
CA LEU OB 22 -9.15 38.73 -89.76
C LEU OB 22 -8.89 40.22 -90.00
N THR OB 23 -9.87 40.98 -90.46
CA THR OB 23 -9.63 42.39 -90.73
C THR OB 23 -9.54 43.22 -89.45
N GLY OB 24 -10.41 42.98 -88.48
CA GLY OB 24 -10.42 43.83 -87.31
C GLY OB 24 -11.00 43.12 -86.10
N VAL OB 25 -11.02 43.86 -84.99
CA VAL OB 25 -11.47 43.31 -83.71
C VAL OB 25 -12.90 43.76 -83.45
N PHE OB 26 -13.24 44.96 -83.90
CA PHE OB 26 -14.53 45.57 -83.60
C PHE OB 26 -15.39 45.69 -84.84
N ALA OB 27 -16.69 45.77 -84.60
CA ALA OB 27 -17.71 45.97 -85.60
C ALA OB 27 -18.11 47.44 -85.64
N PRO OB 28 -18.75 47.89 -86.73
CA PRO OB 28 -19.16 49.30 -86.83
C PRO OB 28 -19.97 49.81 -85.66
N ARG OB 29 -20.84 48.99 -85.06
CA ARG OB 29 -21.73 49.39 -83.97
C ARG OB 29 -22.51 50.63 -84.37
N PRO OB 30 -23.51 50.49 -85.24
CA PRO OB 30 -24.25 51.66 -85.70
C PRO OB 30 -24.99 52.35 -84.57
N SER OB 31 -25.15 53.66 -84.70
CA SER OB 31 -25.88 54.41 -83.70
C SER OB 31 -27.37 54.07 -83.79
N THR OB 32 -28.13 54.60 -82.82
CA THR OB 32 -29.57 54.38 -82.82
C THR OB 32 -30.22 55.04 -84.02
N GLY OB 33 -31.30 54.44 -84.50
CA GLY OB 33 -31.96 54.93 -85.69
C GLY OB 33 -33.34 54.34 -85.89
N PRO OB 34 -33.89 54.52 -87.10
CA PRO OB 34 -35.23 53.99 -87.38
C PRO OB 34 -35.33 52.49 -87.33
N HIS OB 35 -34.21 51.77 -87.42
CA HIS OB 35 -34.21 50.32 -87.46
C HIS OB 35 -33.29 49.76 -86.38
N LYS OB 36 -33.61 48.55 -85.92
CA LYS OB 36 -32.76 47.88 -84.94
C LYS OB 36 -31.41 47.54 -85.55
N LEU OB 37 -30.38 47.52 -84.71
CA LEU OB 37 -29.04 47.25 -85.21
C LEU OB 37 -28.87 45.82 -85.72
N ARG OB 38 -29.74 44.91 -85.30
CA ARG OB 38 -29.69 43.55 -85.82
C ARG OB 38 -30.01 43.48 -87.30
N GLU OB 39 -31.05 44.18 -87.75
CA GLU OB 39 -31.51 44.08 -89.12
C GLU OB 39 -31.25 45.35 -89.92
N CYS OB 40 -30.18 46.07 -89.61
CA CYS OB 40 -29.80 47.23 -90.40
C CYS OB 40 -28.53 46.93 -91.18
N LEU OB 41 -28.14 47.89 -92.02
CA LEU OB 41 -26.88 47.84 -92.74
C LEU OB 41 -26.22 49.20 -92.61
N PRO OB 42 -25.23 49.36 -91.73
CA PRO OB 42 -24.58 50.66 -91.57
C PRO OB 42 -23.92 51.12 -92.85
N LEU OB 43 -23.90 52.45 -93.04
CA LEU OB 43 -23.40 53.04 -94.28
C LEU OB 43 -21.95 52.68 -94.55
N ILE OB 44 -21.13 52.52 -93.50
CA ILE OB 44 -19.71 52.23 -93.71
C ILE OB 44 -19.52 50.92 -94.45
N ILE OB 45 -20.18 49.85 -94.01
CA ILE OB 45 -20.01 48.58 -94.69
C ILE OB 45 -20.73 48.53 -96.02
N PHE OB 46 -21.92 49.14 -96.14
CA PHE OB 46 -22.62 49.18 -97.41
C PHE OB 46 -21.79 49.90 -98.49
N LEU OB 47 -21.01 50.89 -98.09
CA LEU OB 47 -20.18 51.62 -99.05
C LEU OB 47 -18.75 51.09 -99.16
N ARG OB 48 -18.32 50.23 -98.23
CA ARG OB 48 -16.96 49.71 -98.29
C ARG OB 48 -16.86 48.28 -98.79
N ASN OB 49 -17.75 47.38 -98.35
CA ASN OB 49 -17.65 45.98 -98.69
C ASN OB 49 -18.66 45.51 -99.72
N ARG OB 50 -19.69 46.32 -100.00
CA ARG OB 50 -20.63 45.97 -101.06
C ARG OB 50 -20.31 46.69 -102.36
N LEU OB 51 -20.10 48.00 -102.31
CA LEU OB 51 -19.76 48.78 -103.49
C LEU OB 51 -18.28 49.01 -103.66
N LYS OB 52 -17.50 48.89 -102.59
CA LYS OB 52 -16.06 49.17 -102.60
C LYS OB 52 -15.73 50.56 -103.12
N TYR OB 53 -16.65 51.51 -102.90
CA TYR OB 53 -16.32 52.91 -103.15
C TYR OB 53 -15.22 53.39 -102.22
N ALA OB 54 -15.17 52.85 -101.00
CA ALA OB 54 -14.17 53.21 -100.02
C ALA OB 54 -13.40 51.97 -99.59
N LEU OB 55 -12.21 52.19 -99.05
CA LEU OB 55 -11.36 51.12 -98.56
C LEU OB 55 -11.23 51.10 -97.04
N THR OB 56 -11.36 52.25 -96.38
CA THR OB 56 -11.24 52.34 -94.94
C THR OB 56 -12.41 53.15 -94.39
N GLY OB 57 -12.50 53.20 -93.06
CA GLY OB 57 -13.50 54.04 -92.43
C GLY OB 57 -13.28 55.52 -92.69
N ASP OB 58 -12.02 55.94 -92.81
CA ASP OB 58 -11.75 57.33 -93.10
C ASP OB 58 -12.25 57.73 -94.47
N GLU OB 59 -12.11 56.85 -95.47
CA GLU OB 59 -12.58 57.18 -96.81
C GLU OB 59 -14.09 57.34 -96.86
N VAL OB 60 -14.83 56.42 -96.24
CA VAL OB 60 -16.28 56.57 -96.20
C VAL OB 60 -16.69 57.75 -95.34
N LYS OB 61 -15.89 58.11 -94.33
CA LYS OB 61 -16.16 59.32 -93.57
C LYS OB 61 -16.03 60.55 -94.45
N LYS OB 62 -14.98 60.61 -95.27
CA LYS OB 62 -14.82 61.74 -96.18
C LYS OB 62 -15.94 61.78 -97.21
N ILE OB 63 -16.38 60.61 -97.67
CA ILE OB 63 -17.50 60.56 -98.61
C ILE OB 63 -18.76 61.12 -97.96
N CYS OB 64 -19.03 60.72 -96.72
CA CYS OB 64 -20.23 61.17 -96.03
C CYS OB 64 -20.18 62.66 -95.72
N MET OB 65 -19.01 63.17 -95.32
CA MET OB 65 -18.89 64.58 -94.97
C MET OB 65 -19.08 65.50 -96.17
N GLN OB 66 -18.86 64.98 -97.38
CA GLN OB 66 -19.07 65.77 -98.59
C GLN OB 66 -20.53 65.83 -99.01
N ARG OB 67 -21.42 65.21 -98.24
CA ARG OB 67 -22.87 65.39 -98.37
C ARG OB 67 -23.38 64.90 -99.73
N PHE OB 68 -22.85 63.77 -100.18
CA PHE OB 68 -23.36 63.12 -101.38
C PHE OB 68 -24.36 62.02 -101.10
N ILE OB 69 -24.40 61.50 -99.87
CA ILE OB 69 -25.24 60.36 -99.53
C ILE OB 69 -26.60 60.90 -99.09
N LYS OB 70 -27.63 60.62 -99.88
CA LYS OB 70 -29.00 60.97 -99.52
C LYS OB 70 -29.79 59.68 -99.30
N ILE OB 71 -30.39 59.56 -98.12
CA ILE OB 71 -31.23 58.42 -97.77
C ILE OB 71 -32.62 58.95 -97.46
N ASP OB 72 -33.62 58.39 -98.13
CA ASP OB 72 -35.03 58.80 -97.96
C ASP OB 72 -35.21 60.29 -98.25
N GLY OB 73 -34.43 60.83 -99.16
CA GLY OB 73 -34.54 62.22 -99.53
C GLY OB 73 -33.86 63.21 -98.61
N LYS OB 74 -33.12 62.73 -97.61
CA LYS OB 74 -32.41 63.60 -96.68
C LYS OB 74 -30.94 63.23 -96.64
N VAL OB 75 -30.09 64.23 -96.52
CA VAL OB 75 -28.65 64.03 -96.49
C VAL OB 75 -28.24 63.57 -95.10
N ARG OB 76 -27.54 62.43 -95.03
CA ARG OB 76 -27.01 61.91 -93.78
C ARG OB 76 -25.50 61.78 -93.90
N THR OB 77 -24.77 62.33 -92.94
CA THR OB 77 -23.32 62.26 -92.92
C THR OB 77 -22.80 61.24 -91.92
N ASP OB 78 -23.68 60.46 -91.29
CA ASP OB 78 -23.25 59.51 -90.28
C ASP OB 78 -22.55 58.33 -90.92
N ILE OB 79 -21.36 58.00 -90.39
CA ILE OB 79 -20.61 56.85 -90.90
C ILE OB 79 -21.30 55.54 -90.50
N THR OB 80 -22.00 55.53 -89.37
CA THR OB 80 -22.63 54.33 -88.83
C THR OB 80 -24.14 54.50 -88.71
N TYR OB 81 -24.78 55.05 -89.73
CA TYR OB 81 -26.21 55.22 -89.70
C TYR OB 81 -26.89 53.89 -90.04
N PRO OB 82 -27.81 53.41 -89.22
CA PRO OB 82 -28.51 52.16 -89.55
C PRO OB 82 -29.50 52.34 -90.69
N ALA OB 83 -29.19 51.79 -91.86
CA ALA OB 83 -30.06 51.95 -93.02
C ALA OB 83 -31.41 51.26 -92.81
N GLY OB 84 -31.42 49.94 -92.71
CA GLY OB 84 -32.65 49.23 -92.50
C GLY OB 84 -33.28 48.70 -93.77
N PHE OB 85 -34.61 48.68 -93.76
CA PHE OB 85 -35.37 48.00 -94.80
C PHE OB 85 -35.89 48.98 -95.84
N MET OB 86 -35.57 48.71 -97.11
CA MET OB 86 -36.11 49.39 -98.29
C MET OB 86 -36.04 50.92 -98.19
N ASP OB 87 -35.00 51.42 -97.53
CA ASP OB 87 -34.70 52.84 -97.57
C ASP OB 87 -33.86 53.13 -98.81
N VAL OB 88 -34.29 54.12 -99.60
CA VAL OB 88 -33.64 54.44 -100.86
C VAL OB 88 -32.31 55.11 -100.57
N ILE OB 89 -31.24 54.57 -101.13
CA ILE OB 89 -29.92 55.17 -101.05
C ILE OB 89 -29.66 55.92 -102.34
N SER OB 90 -29.83 57.24 -102.30
CA SER OB 90 -29.70 58.08 -103.49
C SER OB 90 -28.35 58.78 -103.46
N ILE OB 91 -27.57 58.60 -104.52
CA ILE OB 91 -26.30 59.27 -104.69
C ILE OB 91 -26.41 60.11 -105.96
N ASP OB 92 -26.33 61.43 -105.81
CA ASP OB 92 -26.64 62.33 -106.91
C ASP OB 92 -25.46 62.60 -107.83
N LYS OB 93 -24.24 62.65 -107.29
CA LYS OB 93 -23.08 62.97 -108.13
C LYS OB 93 -22.83 61.88 -109.17
N THR OB 94 -22.89 60.62 -108.77
CA THR OB 94 -22.75 59.52 -109.70
C THR OB 94 -24.08 59.07 -110.29
N GLY OB 95 -25.20 59.55 -109.76
CA GLY OB 95 -26.50 59.35 -110.36
C GLY OB 95 -27.04 57.94 -110.41
N GLU OB 96 -26.93 57.19 -109.30
CA GLU OB 96 -27.58 55.90 -109.20
C GLU OB 96 -28.28 55.80 -107.85
N ASN OB 97 -29.30 54.95 -107.81
CA ASN OB 97 -30.17 54.83 -106.65
C ASN OB 97 -30.26 53.37 -106.25
N PHE OB 98 -30.33 53.12 -104.94
CA PHE OB 98 -30.39 51.77 -104.41
C PHE OB 98 -31.56 51.61 -103.45
N ARG OB 99 -32.26 50.50 -103.58
CA ARG OB 99 -33.30 50.10 -102.63
C ARG OB 99 -32.80 48.87 -101.87
N LEU OB 100 -32.68 49.00 -100.56
CA LEU OB 100 -32.06 47.96 -99.74
C LEU OB 100 -33.08 46.86 -99.50
N ILE OB 101 -32.93 45.75 -100.22
CA ILE OB 101 -33.88 44.64 -100.20
C ILE OB 101 -33.12 43.36 -99.92
N TYR OB 102 -33.67 42.52 -99.03
CA TYR OB 102 -33.09 41.21 -98.76
C TYR OB 102 -33.12 40.36 -100.03
N ASP OB 103 -32.08 39.55 -100.20
CA ASP OB 103 -32.01 38.61 -101.31
C ASP OB 103 -32.75 37.32 -100.93
N THR OB 104 -32.60 36.29 -101.76
CA THR OB 104 -33.16 34.98 -101.42
C THR OB 104 -32.47 34.38 -100.20
N LYS OB 105 -31.20 34.74 -99.97
CA LYS OB 105 -30.43 34.22 -98.85
C LYS OB 105 -30.57 35.08 -97.60
N GLY OB 106 -31.52 36.01 -97.60
CA GLY OB 106 -31.76 36.86 -96.45
C GLY OB 106 -30.65 37.84 -96.13
N ARG OB 107 -29.99 38.37 -97.15
CA ARG OB 107 -28.95 39.36 -96.98
C ARG OB 107 -29.22 40.55 -97.88
N PHE OB 108 -28.87 41.74 -97.38
CA PHE OB 108 -29.12 42.96 -98.14
C PHE OB 108 -28.24 42.99 -99.38
N ALA OB 109 -28.87 42.91 -100.54
CA ALA OB 109 -28.16 42.86 -101.82
C ALA OB 109 -28.15 44.23 -102.48
N VAL OB 110 -27.27 44.38 -103.47
CA VAL OB 110 -27.12 45.63 -104.19
C VAL OB 110 -28.19 45.64 -105.30
N HIS OB 111 -29.29 46.33 -105.06
CA HIS OB 111 -30.36 46.48 -106.03
C HIS OB 111 -30.37 47.91 -106.53
N ARG OB 112 -30.51 48.08 -107.85
CA ARG OB 112 -30.45 49.40 -108.47
C ARG OB 112 -31.83 49.80 -108.96
N ILE OB 113 -32.21 51.04 -108.68
CA ILE OB 113 -33.54 51.53 -109.00
C ILE OB 113 -33.45 52.86 -109.75
N THR OB 114 -34.47 53.12 -110.56
CA THR OB 114 -34.54 54.35 -111.31
C THR OB 114 -34.98 55.51 -110.40
N PRO OB 115 -34.62 56.75 -110.75
CA PRO OB 115 -35.01 57.88 -109.89
C PRO OB 115 -36.51 58.03 -109.68
N GLU OB 116 -37.31 57.77 -110.72
CA GLU OB 116 -38.75 57.93 -110.58
C GLU OB 116 -39.34 56.89 -109.63
N GLU OB 117 -38.78 55.67 -109.63
CA GLU OB 117 -39.18 54.69 -108.62
C GLU OB 117 -38.66 55.08 -107.24
N ALA OB 118 -37.46 55.68 -107.19
CA ALA OB 118 -36.85 56.07 -105.93
C ALA OB 118 -37.63 57.15 -105.21
N LYS OB 119 -38.52 57.88 -105.90
CA LYS OB 119 -39.26 58.96 -105.26
C LYS OB 119 -40.25 58.47 -104.22
N TYR OB 120 -40.73 57.22 -104.34
CA TYR OB 120 -41.69 56.68 -103.39
C TYR OB 120 -41.06 55.56 -102.58
N LYS OB 121 -41.75 55.19 -101.50
CA LYS OB 121 -41.21 54.22 -100.56
C LYS OB 121 -42.36 53.57 -99.80
N LEU OB 122 -42.26 52.25 -99.60
CA LEU OB 122 -43.25 51.50 -98.85
C LEU OB 122 -42.88 51.41 -97.38
N CYS OB 123 -43.90 51.40 -96.53
CA CYS OB 123 -43.72 51.24 -95.09
C CYS OB 123 -44.83 50.35 -94.55
N LYS OB 124 -44.52 49.65 -93.47
CA LYS OB 124 -45.50 48.82 -92.77
C LYS OB 124 -45.88 49.53 -91.48
N VAL OB 125 -47.16 49.85 -91.33
CA VAL OB 125 -47.64 50.47 -90.10
C VAL OB 125 -47.49 49.50 -88.94
N ARG OB 126 -47.04 50.01 -87.80
CA ARG OB 126 -46.82 49.17 -86.64
C ARG OB 126 -47.82 49.41 -85.53
N LYS OB 127 -48.38 50.62 -85.43
CA LYS OB 127 -49.46 50.88 -84.49
C LYS OB 127 -50.21 52.13 -84.95
N ILE OB 128 -51.53 52.10 -84.78
CA ILE OB 128 -52.41 53.22 -85.09
C ILE OB 128 -53.10 53.63 -83.80
N PHE OB 129 -52.91 54.88 -83.41
CA PHE OB 129 -53.51 55.40 -82.19
C PHE OB 129 -54.00 56.81 -82.42
N VAL OB 130 -54.94 57.24 -81.61
CA VAL OB 130 -55.47 58.59 -81.66
C VAL OB 130 -54.83 59.40 -80.55
N GLY OB 131 -54.39 60.62 -80.89
CA GLY OB 131 -53.75 61.50 -79.95
C GLY OB 131 -54.67 62.61 -79.47
N THR OB 132 -54.05 63.69 -79.02
CA THR OB 132 -54.80 64.82 -78.48
C THR OB 132 -55.69 65.44 -79.55
N LYS OB 133 -56.78 66.08 -79.10
CA LYS OB 133 -57.79 66.69 -79.95
C LYS OB 133 -58.45 65.69 -80.90
N GLY OB 134 -58.39 64.41 -80.56
CA GLY OB 134 -58.96 63.39 -81.43
C GLY OB 134 -58.28 63.25 -82.77
N ILE OB 135 -56.95 63.38 -82.79
CA ILE OB 135 -56.17 63.31 -84.02
C ILE OB 135 -55.62 61.90 -84.15
N PRO OB 136 -55.95 61.16 -85.21
CA PRO OB 136 -55.35 59.85 -85.42
C PRO OB 136 -53.88 59.98 -85.76
N HIS OB 137 -53.13 58.93 -85.44
CA HIS OB 137 -51.70 58.91 -85.68
C HIS OB 137 -51.31 57.55 -86.24
N LEU OB 138 -50.18 57.52 -86.95
CA LEU OB 138 -49.73 56.29 -87.60
C LEU OB 138 -48.23 56.15 -87.36
N VAL OB 139 -47.80 54.97 -86.94
CA VAL OB 139 -46.38 54.67 -86.73
C VAL OB 139 -45.99 53.59 -87.73
N THR OB 140 -44.96 53.85 -88.51
CA THR OB 140 -44.52 52.95 -89.56
C THR OB 140 -43.59 51.88 -88.98
N HIS OB 141 -43.08 51.01 -89.86
CA HIS OB 141 -42.04 50.08 -89.46
C HIS OB 141 -40.73 50.80 -89.16
N ASP OB 142 -40.54 51.99 -89.70
CA ASP OB 142 -39.45 52.87 -89.29
C ASP OB 142 -39.93 53.69 -88.08
N ALA OB 143 -39.07 54.58 -87.59
CA ALA OB 143 -39.47 55.48 -86.52
C ALA OB 143 -40.33 56.62 -87.01
N ARG OB 144 -40.50 56.77 -88.32
CA ARG OB 144 -41.26 57.88 -88.87
C ARG OB 144 -42.74 57.72 -88.55
N THR OB 145 -43.34 58.81 -88.08
CA THR OB 145 -44.76 58.83 -87.74
C THR OB 145 -45.43 60.01 -88.42
N ILE OB 146 -46.72 59.87 -88.72
CA ILE OB 146 -47.47 60.88 -89.43
C ILE OB 146 -48.82 61.09 -88.75
N ARG OB 147 -49.46 62.21 -89.06
CA ARG OB 147 -50.80 62.51 -88.59
C ARG OB 147 -51.77 62.48 -89.76
N TYR OB 148 -53.04 62.24 -89.42
CA TYR OB 148 -54.15 62.17 -90.36
C TYR OB 148 -53.92 61.12 -91.45
N PRO OB 149 -53.91 59.84 -91.10
CA PRO OB 149 -53.83 58.80 -92.14
C PRO OB 149 -55.21 58.43 -92.66
N ASP OB 150 -55.27 57.60 -93.68
CA ASP OB 150 -56.55 57.13 -94.18
C ASP OB 150 -57.17 56.19 -93.14
N PRO OB 151 -58.41 56.44 -92.71
CA PRO OB 151 -59.02 55.58 -91.68
C PRO OB 151 -59.18 54.13 -92.10
N LEU OB 152 -59.21 53.83 -93.40
CA LEU OB 152 -59.31 52.45 -93.83
C LEU OB 152 -58.01 51.68 -93.64
N ILE OB 153 -56.93 52.36 -93.28
CA ILE OB 153 -55.69 51.68 -92.94
C ILE OB 153 -55.82 51.10 -91.53
N LYS OB 154 -55.56 49.80 -91.41
CA LYS OB 154 -55.49 49.14 -90.12
C LYS OB 154 -54.03 48.81 -89.77
N VAL OB 155 -53.84 48.10 -88.67
CA VAL OB 155 -52.49 47.77 -88.22
C VAL OB 155 -51.83 46.83 -89.23
N ASN OB 156 -50.50 46.79 -89.20
CA ASN OB 156 -49.62 45.93 -90.02
C ASN OB 156 -50.09 45.77 -91.46
N ASP OB 157 -50.50 46.89 -92.05
CA ASP OB 157 -50.68 47.03 -93.48
C ASP OB 157 -49.48 47.75 -94.08
N THR OB 158 -49.45 47.81 -95.41
CA THR OB 158 -48.37 48.47 -96.13
C THR OB 158 -48.91 49.72 -96.83
N ILE OB 159 -48.21 50.83 -96.64
CA ILE OB 159 -48.60 52.12 -97.21
C ILE OB 159 -47.53 52.57 -98.20
N GLN OB 160 -47.96 53.37 -99.18
CA GLN OB 160 -47.06 53.96 -100.15
C GLN OB 160 -46.76 55.39 -99.71
N ILE OB 161 -45.48 55.67 -99.48
CA ILE OB 161 -45.04 56.98 -99.03
C ILE OB 161 -44.10 57.55 -100.08
N ASP OB 162 -44.48 58.70 -100.66
CA ASP OB 162 -43.58 59.43 -101.54
C ASP OB 162 -42.62 60.27 -100.72
N LEU OB 163 -41.35 60.27 -101.12
CA LEU OB 163 -40.35 61.00 -100.36
C LEU OB 163 -40.51 62.50 -100.56
N GLU OB 164 -39.80 63.26 -99.72
CA GLU OB 164 -39.77 64.73 -99.69
C GLU OB 164 -41.08 65.31 -99.16
N THR OB 165 -42.06 64.46 -98.92
CA THR OB 165 -43.34 64.86 -98.35
C THR OB 165 -43.72 64.04 -97.13
N GLY OB 166 -43.50 62.73 -97.15
CA GLY OB 166 -43.91 61.89 -96.07
C GLY OB 166 -45.41 61.65 -95.99
N LYS OB 167 -46.15 61.99 -97.03
CA LYS OB 167 -47.60 61.83 -97.03
C LYS OB 167 -48.00 60.52 -97.68
N ILE OB 168 -49.26 60.15 -97.47
CA ILE OB 168 -49.79 58.87 -97.93
C ILE OB 168 -50.39 59.05 -99.31
N THR OB 169 -49.91 58.28 -100.28
CA THR OB 169 -50.46 58.28 -101.62
C THR OB 169 -51.32 57.05 -101.91
N ASP OB 170 -50.93 55.89 -101.40
CA ASP OB 170 -51.68 54.67 -101.60
C ASP OB 170 -51.28 53.69 -100.51
N PHE OB 171 -52.04 52.60 -100.40
CA PHE OB 171 -51.74 51.58 -99.40
C PHE OB 171 -52.36 50.26 -99.81
N ILE OB 172 -51.77 49.18 -99.30
CA ILE OB 172 -52.23 47.82 -99.57
C ILE OB 172 -52.66 47.20 -98.24
N LYS OB 173 -53.88 46.67 -98.22
CA LYS OB 173 -54.39 46.02 -97.02
C LYS OB 173 -53.67 44.69 -96.78
N PHE OB 174 -53.66 44.26 -95.53
CA PHE OB 174 -53.22 42.91 -95.19
C PHE OB 174 -54.39 41.97 -95.36
N ASP OB 175 -54.35 41.14 -96.40
CA ASP OB 175 -55.46 40.26 -96.72
C ASP OB 175 -54.93 39.00 -97.40
N THR OB 176 -55.76 37.97 -97.37
CA THR OB 176 -55.43 36.70 -98.01
C THR OB 176 -55.27 36.89 -99.51
N GLY OB 177 -54.21 36.33 -100.06
CA GLY OB 177 -53.92 36.45 -101.47
C GLY OB 177 -53.07 37.63 -101.87
N ASN OB 178 -52.36 38.25 -100.92
CA ASN OB 178 -51.56 39.43 -101.18
C ASN OB 178 -50.07 39.06 -101.26
N LEU OB 179 -49.37 39.69 -102.20
CA LEU OB 179 -47.93 39.49 -102.30
C LEU OB 179 -47.22 40.12 -101.12
N CYS OB 180 -46.30 39.36 -100.51
CA CYS OB 180 -45.64 39.80 -99.29
C CYS OB 180 -44.15 39.46 -99.37
N MET OB 181 -43.46 39.73 -98.26
CA MET OB 181 -42.04 39.42 -98.14
C MET OB 181 -41.70 39.22 -96.68
N VAL OB 182 -40.87 38.21 -96.40
CA VAL OB 182 -40.49 37.88 -95.04
C VAL OB 182 -39.41 38.85 -94.57
N THR OB 183 -39.56 39.37 -93.35
CA THR OB 183 -38.63 40.33 -92.78
C THR OB 183 -38.02 39.83 -91.47
N GLY OB 184 -37.70 38.55 -91.37
CA GLY OB 184 -37.00 38.05 -90.21
C GLY OB 184 -37.11 36.54 -90.12
N GLY OB 185 -36.08 35.94 -89.54
CA GLY OB 185 -36.07 34.51 -89.29
C GLY OB 185 -35.43 33.71 -90.43
N ALA OB 186 -35.74 32.41 -90.42
CA ALA OB 186 -35.12 31.50 -91.38
C ALA OB 186 -35.56 31.79 -92.81
N ASN OB 187 -36.83 32.11 -93.00
CA ASN OB 187 -37.37 32.36 -94.33
C ASN OB 187 -37.13 33.79 -94.81
N LEU OB 188 -36.14 34.49 -94.24
CA LEU OB 188 -35.88 35.88 -94.59
C LEU OB 188 -35.58 36.05 -96.08
N GLY OB 189 -36.23 37.03 -96.69
CA GLY OB 189 -35.99 37.37 -98.08
C GLY OB 189 -36.77 36.57 -99.10
N ARG OB 190 -37.89 35.97 -98.71
CA ARG OB 190 -38.70 35.19 -99.64
C ARG OB 190 -39.91 35.99 -100.08
N ILE OB 191 -40.22 35.92 -101.36
CA ILE OB 191 -41.37 36.62 -101.94
C ILE OB 191 -42.47 35.59 -102.18
N GLY OB 192 -43.68 35.89 -101.71
CA GLY OB 192 -44.77 34.94 -101.86
C GLY OB 192 -46.12 35.58 -101.63
N VAL OB 193 -47.14 34.74 -101.64
CA VAL OB 193 -48.53 35.15 -101.58
C VAL OB 193 -49.11 34.67 -100.25
N ILE OB 194 -49.84 35.56 -99.57
CA ILE OB 194 -50.53 35.17 -98.34
C ILE OB 194 -51.56 34.11 -98.65
N THR OB 195 -51.44 32.95 -97.99
CA THR OB 195 -52.35 31.83 -98.20
C THR OB 195 -53.26 31.56 -97.01
N ASN OB 196 -52.70 31.35 -95.83
CA ASN OB 196 -53.49 31.02 -94.65
C ASN OB 196 -52.87 31.67 -93.43
N ARG OB 197 -53.70 32.39 -92.67
CA ARG OB 197 -53.28 33.02 -91.43
C ARG OB 197 -54.07 32.39 -90.28
N GLU OB 198 -53.35 31.69 -89.40
CA GLU OB 198 -53.93 31.17 -88.17
C GLU OB 198 -53.48 32.03 -87.00
N ARG OB 199 -54.42 32.67 -86.33
CA ARG OB 199 -54.13 33.62 -85.27
C ARG OB 199 -54.29 32.93 -83.93
N HIS OB 200 -53.38 33.23 -83.01
CA HIS OB 200 -53.40 32.65 -81.67
C HIS OB 200 -53.47 33.78 -80.66
N PRO OB 201 -54.58 33.94 -79.95
CA PRO OB 201 -54.68 35.03 -78.96
C PRO OB 201 -53.62 34.89 -77.88
N GLY OB 202 -53.03 36.01 -77.50
CA GLY OB 202 -52.00 36.03 -76.49
C GLY OB 202 -50.66 35.49 -76.92
N SER OB 203 -50.46 35.23 -78.20
CA SER OB 203 -49.21 34.68 -78.69
C SER OB 203 -48.96 35.23 -80.09
N PHE OB 204 -47.82 34.85 -80.66
CA PHE OB 204 -47.47 35.22 -82.03
C PHE OB 204 -48.44 34.60 -83.01
N ASP OB 205 -48.92 35.40 -83.94
CA ASP OB 205 -49.84 34.92 -84.96
C ASP OB 205 -49.06 34.44 -86.18
N VAL OB 206 -49.48 33.30 -86.72
CA VAL OB 206 -48.73 32.61 -87.77
C VAL OB 206 -49.52 32.67 -89.06
N VAL OB 207 -48.86 33.06 -90.14
CA VAL OB 207 -49.46 33.14 -91.46
C VAL OB 207 -48.62 32.32 -92.44
N HIS OB 208 -49.30 31.61 -93.34
CA HIS OB 208 -48.65 30.73 -94.30
C HIS OB 208 -48.55 31.41 -95.66
N VAL OB 209 -47.37 31.31 -96.27
CA VAL OB 209 -47.07 32.01 -97.51
C VAL OB 209 -46.56 31.01 -98.52
N LYS OB 210 -47.09 31.07 -99.75
CA LYS OB 210 -46.63 30.24 -100.86
C LYS OB 210 -46.00 31.12 -101.92
N ASP OB 211 -44.84 30.68 -102.42
CA ASP OB 211 -44.08 31.46 -103.39
C ASP OB 211 -44.60 31.20 -104.81
N ALA OB 212 -43.86 31.69 -105.80
CA ALA OB 212 -44.26 31.47 -107.19
C ALA OB 212 -44.11 30.01 -107.59
N ASN OB 213 -43.07 29.34 -107.12
CA ASN OB 213 -42.84 27.94 -107.46
C ASN OB 213 -43.83 26.99 -106.80
N GLY OB 214 -44.62 27.47 -105.84
CA GLY OB 214 -45.54 26.62 -105.11
C GLY OB 214 -45.03 26.13 -103.77
N ASN OB 215 -43.79 26.44 -103.42
CA ASN OB 215 -43.21 26.00 -102.15
C ASN OB 215 -43.84 26.79 -101.02
N SER OB 216 -44.60 26.10 -100.17
CA SER OB 216 -45.31 26.74 -99.07
C SER OB 216 -44.39 26.85 -97.85
N PHE OB 217 -44.49 27.96 -97.14
CA PHE OB 217 -43.76 28.19 -95.90
C PHE OB 217 -44.60 29.09 -95.00
N ALA OB 218 -44.19 29.20 -93.74
CA ALA OB 218 -44.93 29.99 -92.76
C ALA OB 218 -43.96 30.67 -91.82
N THR OB 219 -44.44 31.73 -91.18
CA THR OB 219 -43.64 32.48 -90.22
C THR OB 219 -44.58 33.30 -89.35
N ARG OB 220 -43.98 34.02 -88.41
CA ARG OB 220 -44.73 34.85 -87.49
C ARG OB 220 -45.29 36.07 -88.21
N LEU OB 221 -46.34 36.65 -87.63
CA LEU OB 221 -46.99 37.81 -88.24
C LEU OB 221 -46.06 39.01 -88.26
N SER OB 222 -45.20 39.14 -87.25
CA SER OB 222 -44.30 40.28 -87.15
C SER OB 222 -43.21 40.28 -88.21
N ASN OB 223 -43.03 39.18 -88.95
CA ASN OB 223 -41.97 39.07 -89.93
C ASN OB 223 -42.48 39.19 -91.36
N ILE OB 224 -43.70 39.67 -91.55
CA ILE OB 224 -44.35 39.69 -92.87
C ILE OB 224 -44.52 41.14 -93.31
N PHE OB 225 -44.05 41.44 -94.52
CA PHE OB 225 -44.20 42.75 -95.14
C PHE OB 225 -44.91 42.57 -96.47
N VAL OB 226 -46.16 43.05 -96.55
CA VAL OB 226 -46.89 42.99 -97.80
C VAL OB 226 -46.27 43.95 -98.80
N ILE OB 227 -45.99 43.46 -100.01
CA ILE OB 227 -45.32 44.25 -101.03
C ILE OB 227 -46.12 44.38 -102.31
N GLY OB 228 -47.24 43.67 -102.44
CA GLY OB 228 -47.99 43.70 -103.67
C GLY OB 228 -49.48 43.60 -103.44
N LYS OB 229 -50.23 44.28 -104.31
CA LYS OB 229 -51.69 44.25 -104.27
C LYS OB 229 -52.12 42.97 -104.96
N GLY OB 230 -52.26 41.90 -104.19
CA GLY OB 230 -52.61 40.61 -104.74
C GLY OB 230 -51.40 39.85 -105.28
N ASN OB 231 -50.94 40.23 -106.46
CA ASN OB 231 -49.79 39.56 -107.07
C ASN OB 231 -48.76 40.49 -107.69
N LYS OB 232 -49.11 41.71 -108.09
CA LYS OB 232 -48.13 42.60 -108.70
C LYS OB 232 -47.40 43.39 -107.62
N PRO OB 233 -46.09 43.24 -107.48
CA PRO OB 233 -45.35 44.07 -106.52
C PRO OB 233 -45.33 45.52 -106.95
N TRP OB 234 -45.33 46.40 -105.96
CA TRP OB 234 -45.29 47.83 -106.20
C TRP OB 234 -43.87 48.37 -106.32
N ILE OB 235 -42.87 47.51 -106.19
CA ILE OB 235 -41.47 47.89 -106.29
C ILE OB 235 -40.78 46.96 -107.28
N SER OB 236 -39.51 47.24 -107.55
CA SER OB 236 -38.71 46.43 -108.45
C SER OB 236 -38.00 45.34 -107.65
N LEU OB 237 -38.33 44.09 -107.93
CA LEU OB 237 -37.80 42.97 -107.17
C LEU OB 237 -36.34 42.71 -107.57
N PRO OB 238 -35.52 42.24 -106.61
CA PRO OB 238 -34.11 41.95 -106.92
C PRO OB 238 -33.93 40.64 -107.68
N ARG OB 239 -32.67 40.25 -107.87
CA ARG OB 239 -32.35 39.01 -108.55
C ARG OB 239 -32.85 37.82 -107.76
N GLY OB 240 -33.30 36.80 -108.48
CA GLY OB 240 -33.88 35.62 -107.87
C GLY OB 240 -35.34 35.75 -107.52
N LYS OB 241 -35.92 36.94 -107.67
CA LYS OB 241 -37.33 37.22 -107.40
C LYS OB 241 -37.75 36.82 -105.99
N GLY OB 242 -36.81 36.79 -105.06
CA GLY OB 242 -37.10 36.31 -103.72
C GLY OB 242 -37.55 34.87 -103.67
N ILE OB 243 -37.10 34.05 -104.62
CA ILE OB 243 -37.45 32.64 -104.68
C ILE OB 243 -36.26 31.88 -104.11
N ARG OB 244 -36.38 31.47 -102.84
CA ARG OB 244 -35.30 30.72 -102.21
C ARG OB 244 -35.25 29.32 -102.81
N LEU OB 245 -34.06 28.91 -103.26
CA LEU OB 245 -33.85 27.62 -103.89
C LEU OB 245 -32.72 26.89 -103.18
N THR OB 246 -32.88 25.57 -103.02
CA THR OB 246 -31.93 24.81 -102.26
C THR OB 246 -30.63 24.59 -103.06
N ILE OB 247 -29.65 23.98 -102.39
CA ILE OB 247 -28.34 23.77 -102.98
C ILE OB 247 -28.38 22.80 -104.15
N ALA OB 248 -29.36 21.90 -104.19
CA ALA OB 248 -29.44 20.94 -105.28
C ALA OB 248 -29.65 21.65 -106.62
N GLU OB 249 -30.54 22.64 -106.64
CA GLU OB 249 -30.76 23.44 -107.84
C GLU OB 249 -29.93 24.72 -107.84
N GLU OB 250 -28.96 24.83 -106.94
CA GLU OB 250 -27.99 25.92 -106.97
C GLU OB 250 -26.65 25.48 -107.55
N ARG OB 251 -26.21 24.26 -107.22
CA ARG OB 251 -24.95 23.75 -107.74
C ARG OB 251 -24.99 23.62 -109.25
N ASP OB 252 -26.09 23.08 -109.80
CA ASP OB 252 -26.18 22.94 -111.24
C ASP OB 252 -26.31 24.28 -111.93
N LYS OB 253 -26.92 25.26 -111.27
CA LYS OB 253 -26.94 26.62 -111.79
C LYS OB 253 -25.53 27.18 -111.88
N ARG OB 254 -24.71 26.94 -110.84
CA ARG OB 254 -23.31 27.35 -110.90
C ARG OB 254 -22.56 26.63 -112.01
N LEU OB 255 -22.83 25.33 -112.19
CA LEU OB 255 -22.19 24.58 -113.26
C LEU OB 255 -22.56 25.13 -114.63
N ALA OB 256 -23.84 25.46 -114.83
CA ALA OB 256 -24.28 26.03 -116.09
C ALA OB 256 -23.64 27.39 -116.32
N ALA OB 257 -23.53 28.21 -115.27
CA ALA OB 257 -22.87 29.51 -115.39
C ALA OB 257 -21.39 29.34 -115.76
N LYS OB 258 -20.71 28.38 -115.14
CA LYS OB 258 -19.30 28.15 -115.47
C LYS OB 258 -19.15 27.64 -116.91
N GLN OB 259 -20.03 26.73 -117.33
CA GLN OB 259 -19.95 26.19 -118.68
C GLN OB 259 -20.22 27.27 -119.71
N SER OB 260 -21.19 28.14 -119.46
CA SER OB 260 -21.44 29.26 -120.36
C SER OB 260 -20.24 30.21 -120.39
N SER OB 261 -19.66 30.50 -119.21
CA SER OB 261 -18.48 31.35 -119.16
C SER OB 261 -17.22 30.64 -119.62
N GLY OB 262 -17.26 29.32 -119.73
CA GLY OB 262 -16.12 28.56 -120.21
C GLY OB 262 -16.21 28.23 -121.68
N MET PB 1 3.60 89.35 -38.21
CA MET PB 1 2.40 88.95 -38.95
C MET PB 1 2.20 89.85 -40.18
N LYS PB 2 2.24 89.24 -41.36
CA LYS PB 2 2.11 90.00 -42.59
C LYS PB 2 0.67 90.47 -42.78
N LEU PB 3 0.50 91.55 -43.53
CA LEU PB 3 -0.79 92.13 -43.80
C LEU PB 3 -0.89 92.47 -45.29
N ASN PB 4 -1.81 91.81 -45.99
CA ASN PB 4 -2.09 92.15 -47.39
C ASN PB 4 -3.15 93.23 -47.38
N ILE PB 5 -2.77 94.43 -47.79
CA ILE PB 5 -3.60 95.63 -47.64
C ILE PB 5 -3.99 96.10 -49.04
N SER PB 6 -5.29 96.29 -49.26
CA SER PB 6 -5.80 96.68 -50.57
C SER PB 6 -6.91 97.71 -50.40
N PHE PB 7 -6.95 98.70 -51.29
CA PHE PB 7 -8.00 99.71 -51.30
C PHE PB 7 -8.79 99.56 -52.58
N PRO PB 8 -10.09 99.21 -52.50
CA PRO PB 8 -10.83 98.86 -53.72
C PRO PB 8 -10.95 99.99 -54.73
N ALA PB 9 -11.06 101.25 -54.27
CA ALA PB 9 -11.29 102.34 -55.21
C ALA PB 9 -10.07 102.69 -56.03
N THR PB 10 -8.90 102.16 -55.69
CA THR PB 10 -7.69 102.41 -56.46
C THR PB 10 -6.89 101.15 -56.76
N GLY PB 11 -7.25 100.01 -56.20
CA GLY PB 11 -6.39 98.84 -56.33
C GLY PB 11 -5.10 99.08 -55.57
N CYS PB 12 -3.98 98.79 -56.24
CA CYS PB 12 -2.64 99.04 -55.70
C CYS PB 12 -2.42 98.33 -54.37
N GLN PB 13 -2.80 97.05 -54.34
CA GLN PB 13 -2.61 96.26 -53.13
C GLN PB 13 -1.14 96.02 -52.85
N LYS PB 14 -0.80 95.94 -51.56
CA LYS PB 14 0.57 95.80 -51.13
C LYS PB 14 0.59 95.04 -49.80
N LEU PB 15 1.76 94.51 -49.46
CA LEU PB 15 1.93 93.67 -48.29
C LEU PB 15 2.68 94.44 -47.22
N ILE PB 16 2.23 94.31 -45.97
CA ILE PB 16 2.76 95.08 -44.85
C ILE PB 16 3.30 94.11 -43.80
N GLU PB 17 4.54 94.34 -43.36
CA GLU PB 17 5.18 93.53 -42.33
C GLU PB 17 5.19 94.32 -41.02
N VAL PB 18 4.57 93.77 -39.99
CA VAL PB 18 4.60 94.36 -38.65
C VAL PB 18 4.90 93.25 -37.65
N ASP PB 19 5.35 93.65 -36.46
CA ASP PB 19 5.62 92.70 -35.40
C ASP PB 19 5.17 93.21 -34.03
N ASP PB 20 4.29 94.21 -34.00
CA ASP PB 20 3.83 94.79 -32.74
C ASP PB 20 2.50 94.14 -32.36
N GLU PB 21 2.54 93.31 -31.31
CA GLU PB 21 1.31 92.70 -30.82
C GLU PB 21 0.35 93.73 -30.27
N ARG PB 22 0.88 94.81 -29.69
CA ARG PB 22 0.01 95.90 -29.26
C ARG PB 22 -0.74 96.50 -30.43
N LYS PB 23 -0.02 96.78 -31.52
CA LYS PB 23 -0.67 97.29 -32.73
C LYS PB 23 -1.56 96.25 -33.36
N LEU PB 24 -1.20 94.97 -33.26
CA LEU PB 24 -2.02 93.89 -33.78
C LEU PB 24 -3.21 93.55 -32.87
N ARG PB 25 -3.18 94.00 -31.61
CA ARG PB 25 -4.24 93.66 -30.67
C ARG PB 25 -5.60 94.20 -31.09
N THR PB 26 -5.63 95.29 -31.84
CA THR PB 26 -6.91 95.87 -32.27
C THR PB 26 -7.68 94.93 -33.19
N PHE PB 27 -7.00 93.99 -33.85
CA PHE PB 27 -7.66 93.03 -34.72
C PHE PB 27 -7.96 91.71 -34.04
N TYR PB 28 -7.56 91.55 -32.78
CA TYR PB 28 -7.70 90.27 -32.10
C TYR PB 28 -9.15 89.95 -31.80
N GLU PB 29 -9.47 88.65 -31.83
CA GLU PB 29 -10.80 88.12 -31.52
C GLU PB 29 -11.88 88.76 -32.39
N LYS PB 30 -11.62 88.82 -33.69
CA LYS PB 30 -12.55 89.41 -34.64
C LYS PB 30 -12.83 88.43 -35.78
N ARG PB 31 -14.06 88.45 -36.27
CA ARG PB 31 -14.43 87.60 -37.39
C ARG PB 31 -14.19 88.33 -38.71
N MET PB 32 -14.41 87.61 -39.81
CA MET PB 32 -14.27 88.21 -41.12
C MET PB 32 -15.43 89.15 -41.41
N ALA PB 33 -15.26 89.97 -42.44
CA ALA PB 33 -16.25 90.95 -42.89
C ALA PB 33 -16.62 91.94 -41.78
N THR PB 34 -15.72 92.12 -40.82
CA THR PB 34 -15.90 93.06 -39.73
C THR PB 34 -15.00 94.26 -39.94
N GLU PB 35 -15.57 95.45 -39.85
CA GLU PB 35 -14.86 96.69 -40.09
C GLU PB 35 -14.26 97.18 -38.78
N VAL PB 36 -12.95 97.42 -38.78
CA VAL PB 36 -12.22 97.87 -37.60
C VAL PB 36 -11.56 99.20 -37.93
N ALA PB 37 -11.73 100.18 -37.04
CA ALA PB 37 -11.07 101.47 -37.20
C ALA PB 37 -9.57 101.28 -37.05
N ALA PB 38 -8.87 101.27 -38.18
CA ALA PB 38 -7.45 100.91 -38.20
C ALA PB 38 -6.55 102.11 -37.87
N ASP PB 39 -6.84 102.77 -36.76
CA ASP PB 39 -6.02 103.89 -36.32
C ASP PB 39 -4.88 103.47 -35.41
N ALA PB 40 -4.91 102.23 -34.91
CA ALA PB 40 -3.87 101.73 -34.02
C ALA PB 40 -2.57 101.43 -34.74
N LEU PB 41 -2.56 101.45 -36.06
CA LEU PB 41 -1.36 101.20 -36.84
C LEU PB 41 -0.57 102.49 -37.11
N GLY PB 42 -0.24 103.19 -36.04
CA GLY PB 42 0.54 104.41 -36.15
C GLY PB 42 -0.31 105.60 -36.52
N GLU PB 43 0.35 106.76 -36.57
CA GLU PB 43 -0.34 108.00 -36.93
C GLU PB 43 -0.75 108.01 -38.39
N GLU PB 44 0.05 107.39 -39.26
CA GLU PB 44 -0.24 107.41 -40.69
C GLU PB 44 -1.52 106.68 -41.04
N TRP PB 45 -1.97 105.77 -40.18
CA TRP PB 45 -3.22 105.04 -40.41
C TRP PB 45 -4.40 105.62 -39.65
N LYS PB 46 -4.24 106.80 -39.06
CA LYS PB 46 -5.36 107.44 -38.37
C LYS PB 46 -6.45 107.79 -39.37
N GLY PB 47 -7.70 107.72 -38.91
CA GLY PB 47 -8.84 108.06 -39.74
C GLY PB 47 -9.18 107.04 -40.80
N TYR PB 48 -8.60 105.84 -40.72
CA TYR PB 48 -8.72 104.82 -41.75
C TYR PB 48 -9.51 103.65 -41.21
N VAL PB 49 -10.52 103.22 -41.96
CA VAL PB 49 -11.39 102.11 -41.57
C VAL PB 49 -11.15 100.95 -42.52
N VAL PB 50 -10.78 99.80 -41.96
CA VAL PB 50 -10.44 98.62 -42.75
C VAL PB 50 -11.36 97.49 -42.34
N ARG PB 51 -11.62 96.58 -43.27
CA ARG PB 51 -12.46 95.42 -43.01
C ARG PB 51 -11.63 94.15 -43.13
N ILE PB 52 -11.82 93.23 -42.19
CA ILE PB 52 -11.16 91.93 -42.26
C ILE PB 52 -11.78 91.15 -43.41
N SER PB 53 -11.02 90.92 -44.48
CA SER PB 53 -11.53 90.28 -45.68
C SER PB 53 -10.97 88.88 -45.91
N GLY PB 54 -10.04 88.43 -45.08
CA GLY PB 54 -9.50 87.10 -45.20
C GLY PB 54 -8.15 87.00 -44.53
N GLY PB 55 -7.55 85.83 -44.64
CA GLY PB 55 -6.24 85.59 -44.04
C GLY PB 55 -5.85 84.14 -44.20
N ASN PB 56 -4.65 83.82 -43.71
CA ASN PB 56 -4.13 82.46 -43.79
C ASN PB 56 -3.49 82.07 -42.47
N ASP PB 57 -3.54 80.78 -42.17
CA ASP PB 57 -3.03 80.23 -40.93
C ASP PB 57 -1.50 80.15 -41.00
N LYS PB 58 -0.89 79.66 -39.91
CA LYS PB 58 0.55 79.53 -39.84
C LYS PB 58 1.09 78.56 -40.88
N GLN PB 59 0.26 77.61 -41.32
CA GLN PB 59 0.67 76.63 -42.32
C GLN PB 59 0.07 76.90 -43.69
N GLY PB 60 -0.45 78.10 -43.92
CA GLY PB 60 -0.96 78.48 -45.22
C GLY PB 60 -2.40 78.10 -45.50
N PHE PB 61 -3.10 77.52 -44.54
CA PHE PB 61 -4.48 77.14 -44.76
C PHE PB 61 -5.37 78.38 -44.74
N PRO PB 62 -6.10 78.67 -45.81
CA PRO PB 62 -6.98 79.84 -45.80
C PRO PB 62 -8.16 79.65 -44.86
N MET PB 63 -8.73 80.76 -44.43
CA MET PB 63 -9.88 80.72 -43.55
C MET PB 63 -11.17 80.84 -44.35
N LYS PB 64 -12.28 80.47 -43.70
CA LYS PB 64 -13.59 80.48 -44.32
C LYS PB 64 -14.56 81.28 -43.45
N GLN PB 65 -15.40 82.09 -44.09
CA GLN PB 65 -16.39 82.86 -43.37
C GLN PB 65 -17.47 81.95 -42.81
N GLY PB 66 -17.75 82.08 -41.52
CA GLY PB 66 -18.81 81.33 -40.88
C GLY PB 66 -18.37 80.11 -40.11
N VAL PB 67 -17.07 79.86 -39.97
CA VAL PB 67 -16.61 78.69 -39.23
C VAL PB 67 -16.93 78.84 -37.75
N LEU PB 68 -16.83 80.06 -37.22
CA LEU PB 68 -17.19 80.40 -35.84
C LEU PB 68 -16.33 79.64 -34.83
N THR PB 69 -15.04 79.57 -35.12
CA THR PB 69 -14.05 79.08 -34.17
C THR PB 69 -12.69 79.65 -34.54
N HIS PB 70 -11.71 79.44 -33.66
CA HIS PB 70 -10.31 79.70 -33.95
C HIS PB 70 -9.57 78.38 -33.90
N GLY PB 71 -8.82 78.09 -34.97
CA GLY PB 71 -8.14 76.83 -35.12
C GLY PB 71 -8.35 76.27 -36.50
N ARG PB 72 -8.03 75.00 -36.67
CA ARG PB 72 -8.16 74.32 -37.95
C ARG PB 72 -9.06 73.10 -37.81
N VAL PB 73 -10.09 73.02 -38.65
CA VAL PB 73 -11.02 71.91 -38.66
C VAL PB 73 -11.10 71.37 -40.08
N ARG PB 74 -11.79 70.24 -40.22
CA ARG PB 74 -11.94 69.56 -41.50
C ARG PB 74 -13.40 69.60 -41.92
N LEU PB 75 -13.65 70.04 -43.15
CA LEU PB 75 -15.00 70.21 -43.66
C LEU PB 75 -15.10 69.58 -45.05
N LEU PB 76 -16.29 69.09 -45.39
CA LEU PB 76 -16.55 68.53 -46.71
C LEU PB 76 -16.93 69.67 -47.64
N LEU PB 77 -16.05 69.96 -48.59
CA LEU PB 77 -16.24 71.08 -49.50
C LEU PB 77 -16.77 70.60 -50.84
N SER PB 78 -17.99 71.00 -51.17
CA SER PB 78 -18.58 70.74 -52.48
C SER PB 78 -18.25 71.91 -53.40
N LYS PB 79 -18.93 71.96 -54.54
CA LYS PB 79 -18.69 73.03 -55.49
C LYS PB 79 -19.21 74.36 -54.95
N GLY PB 80 -18.37 75.39 -55.04
CA GLY PB 80 -18.82 76.75 -54.78
C GLY PB 80 -19.03 77.10 -53.33
N HIS PB 81 -18.43 76.36 -52.39
CA HIS PB 81 -18.52 76.78 -50.99
C HIS PB 81 -17.48 77.87 -50.70
N SER PB 82 -16.20 77.49 -50.73
CA SER PB 82 -15.04 78.37 -50.61
C SER PB 82 -13.82 77.46 -50.65
N CYS PB 83 -12.66 78.07 -50.88
CA CYS PB 83 -11.35 77.45 -50.68
C CYS PB 83 -11.19 76.12 -51.43
N TYR PB 84 -11.92 75.94 -52.51
CA TYR PB 84 -11.92 74.65 -53.21
C TYR PB 84 -12.52 74.84 -54.60
N ARG PB 85 -11.97 74.13 -55.57
CA ARG PB 85 -12.57 73.99 -56.88
C ARG PB 85 -12.69 72.51 -57.19
N PRO PB 86 -13.80 72.08 -57.78
CA PRO PB 86 -13.95 70.64 -58.08
C PRO PB 86 -13.13 70.27 -59.31
N ARG PB 87 -12.41 69.14 -59.19
CA ARG PB 87 -11.71 68.61 -60.35
C ARG PB 87 -12.70 68.17 -61.42
N ARG PB 88 -13.82 67.59 -61.02
CA ARG PB 88 -14.89 67.18 -61.91
C ARG PB 88 -16.23 67.50 -61.25
N THR PB 89 -17.28 67.53 -62.06
CA THR PB 89 -18.58 67.99 -61.59
C THR PB 89 -19.13 67.05 -60.53
N GLY PB 90 -19.66 67.63 -59.45
CA GLY PB 90 -20.26 66.87 -58.37
C GLY PB 90 -19.28 66.32 -57.35
N GLU PB 91 -17.98 66.53 -57.55
CA GLU PB 91 -16.98 65.98 -56.66
C GLU PB 91 -16.90 66.78 -55.37
N ARG PB 92 -17.02 66.10 -54.24
CA ARG PB 92 -16.83 66.71 -52.92
C ARG PB 92 -15.65 66.04 -52.25
N LYS PB 93 -14.83 66.85 -51.57
CA LYS PB 93 -13.64 66.33 -50.90
C LYS PB 93 -13.46 67.03 -49.57
N ARG PB 94 -13.17 66.24 -48.54
CA ARG PB 94 -12.90 66.79 -47.21
C ARG PB 94 -11.57 67.53 -47.23
N LYS PB 95 -11.57 68.75 -46.69
CA LYS PB 95 -10.38 69.59 -46.66
C LYS PB 95 -10.28 70.28 -45.31
N SER PB 96 -9.07 70.76 -45.02
CA SER PB 96 -8.78 71.43 -43.75
C SER PB 96 -8.81 72.93 -43.98
N VAL PB 97 -9.50 73.65 -43.09
CA VAL PB 97 -9.67 75.09 -43.22
C VAL PB 97 -9.43 75.77 -41.89
N ARG PB 98 -9.10 77.05 -41.94
CA ARG PB 98 -8.88 77.88 -40.77
C ARG PB 98 -10.18 78.55 -40.34
N GLY PB 99 -10.35 78.70 -39.02
CA GLY PB 99 -11.53 79.36 -38.51
C GLY PB 99 -11.56 80.83 -38.85
N CYS PB 100 -12.77 81.39 -38.81
CA CYS PB 100 -12.96 82.78 -39.22
C CYS PB 100 -12.45 83.77 -38.19
N ILE PB 101 -12.43 83.41 -36.91
CA ILE PB 101 -11.86 84.30 -35.90
C ILE PB 101 -10.36 84.33 -36.04
N VAL PB 102 -9.81 85.54 -36.11
CA VAL PB 102 -8.37 85.75 -36.28
C VAL PB 102 -7.74 85.97 -34.91
N ASP PB 103 -6.54 85.43 -34.73
CA ASP PB 103 -5.76 85.64 -33.52
C ASP PB 103 -4.31 85.84 -33.93
N ALA PB 104 -3.39 85.73 -32.98
CA ALA PB 104 -1.99 85.99 -33.26
C ALA PB 104 -1.38 84.94 -34.19
N ASN PB 105 -1.85 83.69 -34.12
CA ASN PB 105 -1.22 82.59 -34.83
C ASN PB 105 -1.73 82.53 -36.27
N LEU PB 106 -1.30 83.51 -37.06
CA LEU PB 106 -1.53 83.52 -38.50
C LEU PB 106 -0.26 83.95 -39.22
N SER PB 107 -0.20 83.63 -40.51
CA SER PB 107 0.91 84.07 -41.36
C SER PB 107 0.61 85.44 -41.98
N VAL PB 108 -0.50 85.55 -42.70
CA VAL PB 108 -0.88 86.81 -43.33
C VAL PB 108 -2.28 87.18 -42.87
N LEU PB 109 -2.78 88.32 -43.36
CA LEU PB 109 -4.10 88.80 -42.98
C LEU PB 109 -4.59 89.74 -44.08
N ASN PB 110 -5.56 89.28 -44.86
CA ASN PB 110 -6.12 90.09 -45.93
C ASN PB 110 -7.05 91.14 -45.34
N LEU PB 111 -6.77 92.42 -45.60
CA LEU PB 111 -7.54 93.53 -45.09
C LEU PB 111 -7.86 94.50 -46.21
N VAL PB 112 -9.08 95.01 -46.21
CA VAL PB 112 -9.59 95.90 -47.25
C VAL PB 112 -10.14 97.15 -46.59
N ILE PB 113 -9.61 98.31 -46.98
CA ILE PB 113 -10.00 99.58 -46.38
C ILE PB 113 -11.41 99.93 -46.84
N VAL PB 114 -12.25 100.34 -45.90
CA VAL PB 114 -13.64 100.70 -46.21
C VAL PB 114 -13.74 102.15 -46.67
N LYS PB 115 -13.21 103.09 -45.90
CA LYS PB 115 -13.36 104.51 -46.20
C LYS PB 115 -12.02 105.23 -46.13
N LYS PB 116 -11.93 106.34 -46.85
CA LYS PB 116 -10.70 107.09 -46.98
C LYS PB 116 -10.40 107.88 -45.69
N GLY PB 117 -9.11 107.99 -45.37
CA GLY PB 117 -8.65 108.75 -44.24
C GLY PB 117 -8.34 110.19 -44.60
N GLU PB 118 -7.63 110.87 -43.71
CA GLU PB 118 -7.32 112.27 -43.88
C GLU PB 118 -6.13 112.53 -44.81
N LYS PB 119 -5.31 111.51 -45.09
CA LYS PB 119 -4.13 111.70 -45.92
C LYS PB 119 -3.88 110.44 -46.75
N ASP PB 120 -2.93 110.55 -47.67
CA ASP PB 120 -2.66 109.49 -48.65
C ASP PB 120 -1.65 108.50 -48.10
N ILE PB 121 -1.99 107.21 -48.19
CA ILE PB 121 -1.03 106.17 -47.85
C ILE PB 121 0.00 106.04 -48.98
N PRO PB 122 1.29 106.08 -48.67
CA PRO PB 122 2.30 106.05 -49.74
C PRO PB 122 2.33 104.71 -50.46
N GLY PB 123 2.23 104.78 -51.78
CA GLY PB 123 2.29 103.61 -52.62
C GLY PB 123 1.02 102.79 -52.70
N LEU PB 124 -0.03 103.16 -51.96
CA LEU PB 124 -1.26 102.41 -51.96
C LEU PB 124 -2.44 103.21 -52.48
N THR PB 125 -2.68 104.41 -51.95
CA THR PB 125 -3.80 105.24 -52.36
C THR PB 125 -3.50 106.06 -53.60
N ASP PB 126 -2.27 106.01 -54.10
CA ASP PB 126 -1.85 106.77 -55.28
C ASP PB 126 -1.61 105.81 -56.43
N THR PB 127 -1.36 106.41 -57.61
CA THR PB 127 -1.05 105.70 -58.85
C THR PB 127 -2.16 104.68 -59.19
N THR PB 128 -3.37 105.22 -59.33
CA THR PB 128 -4.54 104.41 -59.60
C THR PB 128 -4.43 103.69 -60.93
N VAL PB 129 -4.29 102.37 -60.90
CA VAL PB 129 -4.25 101.61 -62.14
C VAL PB 129 -5.66 101.52 -62.71
N PRO PB 130 -5.87 101.88 -63.98
CA PRO PB 130 -7.20 101.78 -64.56
C PRO PB 130 -7.59 100.33 -64.82
N ARG PB 131 -8.89 100.07 -64.72
CA ARG PB 131 -9.39 98.74 -65.01
C ARG PB 131 -9.16 98.41 -66.48
N ARG PB 132 -8.80 97.15 -66.74
CA ARG PB 132 -8.25 96.76 -68.03
C ARG PB 132 -9.25 96.96 -69.15
N LEU PB 133 -10.34 96.20 -69.13
CA LEU PB 133 -11.26 96.11 -70.25
C LEU PB 133 -12.68 96.49 -69.80
N GLY PB 134 -13.32 97.31 -70.61
CA GLY PB 134 -14.59 97.91 -70.26
C GLY PB 134 -15.76 96.97 -70.48
N PRO PB 135 -16.97 97.49 -70.28
CA PRO PB 135 -18.17 96.65 -70.42
C PRO PB 135 -18.34 96.12 -71.84
N LYS PB 136 -18.81 94.88 -71.92
CA LYS PB 136 -19.01 94.18 -73.17
C LYS PB 136 -20.45 94.07 -73.60
N ARG PB 137 -21.40 94.01 -72.66
CA ARG PB 137 -22.81 93.97 -73.03
C ARG PB 137 -23.28 95.36 -73.45
N ALA PB 138 -24.31 95.39 -74.30
CA ALA PB 138 -24.81 96.65 -74.81
C ALA PB 138 -25.34 97.54 -73.69
N SER PB 139 -26.21 97.00 -72.84
CA SER PB 139 -26.76 97.79 -71.74
C SER PB 139 -25.67 98.17 -70.74
N ARG PB 140 -24.61 97.38 -70.65
CA ARG PB 140 -23.54 97.66 -69.69
C ARG PB 140 -22.67 98.83 -70.14
N ILE PB 141 -22.67 99.17 -71.42
CA ILE PB 141 -22.10 100.45 -71.82
C ILE PB 141 -23.17 101.53 -71.88
N ARG PB 142 -24.44 101.15 -72.06
CA ARG PB 142 -25.53 102.13 -72.08
C ARG PB 142 -25.67 102.83 -70.75
N LYS PB 143 -25.61 102.08 -69.65
CA LYS PB 143 -25.61 102.70 -68.34
C LYS PB 143 -24.35 103.50 -68.10
N LEU PB 144 -23.20 102.98 -68.53
CA LEU PB 144 -21.93 103.56 -68.14
C LEU PB 144 -21.65 104.86 -68.89
N PHE PB 145 -22.22 105.01 -70.08
CA PHE PB 145 -22.19 106.28 -70.82
C PHE PB 145 -23.55 106.93 -70.93
N ASN PB 146 -24.51 106.51 -70.10
CA ASN PB 146 -25.81 107.17 -69.95
C ASN PB 146 -26.59 107.23 -71.27
N LEU PB 147 -26.57 106.13 -72.01
CA LEU PB 147 -27.30 106.06 -73.28
C LEU PB 147 -28.80 105.94 -73.04
N SER PB 148 -29.57 106.67 -73.84
CA SER PB 148 -31.02 106.51 -73.81
C SER PB 148 -31.46 105.33 -74.68
N LYS PB 149 -31.27 105.46 -76.00
CA LYS PB 149 -31.76 104.46 -76.96
C LYS PB 149 -31.03 104.70 -78.28
N GLU PB 150 -30.20 103.73 -78.69
CA GLU PB 150 -29.63 103.65 -80.04
C GLU PB 150 -28.98 104.98 -80.47
N ASP PB 151 -27.98 105.38 -79.68
CA ASP PB 151 -27.31 106.67 -79.89
C ASP PB 151 -25.82 106.42 -80.02
N ASP PB 152 -25.36 106.21 -81.27
CA ASP PB 152 -23.94 106.03 -81.57
C ASP PB 152 -23.32 104.91 -80.75
N VAL PB 153 -24.08 103.82 -80.59
CA VAL PB 153 -23.65 102.72 -79.73
C VAL PB 153 -22.41 102.05 -80.28
N ARG PB 154 -22.29 101.95 -81.60
CA ARG PB 154 -21.10 101.35 -82.20
C ARG PB 154 -19.85 102.13 -81.86
N GLN PB 155 -19.89 103.46 -81.97
CA GLN PB 155 -18.71 104.27 -81.77
C GLN PB 155 -18.51 104.69 -80.32
N TYR PB 156 -19.47 104.41 -79.45
CA TYR PB 156 -19.29 104.66 -78.02
C TYR PB 156 -18.62 103.50 -77.30
N VAL PB 157 -18.22 102.46 -78.03
CA VAL PB 157 -17.56 101.33 -77.39
C VAL PB 157 -16.18 101.76 -76.92
N VAL PB 158 -15.68 101.10 -75.88
CA VAL PB 158 -14.34 101.36 -75.38
C VAL PB 158 -13.34 100.64 -76.27
N ARG PB 159 -12.69 101.38 -77.16
CA ARG PB 159 -11.63 100.85 -78.01
C ARG PB 159 -10.34 100.79 -77.20
N LYS PB 160 -9.60 99.69 -77.35
CA LYS PB 160 -8.39 99.49 -76.59
C LYS PB 160 -7.17 99.75 -77.48
N PRO PB 161 -6.43 100.83 -77.26
CA PRO PB 161 -5.18 101.03 -78.02
C PRO PB 161 -3.99 100.38 -77.35
N LEU PB 162 -3.31 99.50 -78.09
CA LEU PB 162 -2.18 98.75 -77.58
C LEU PB 162 -0.99 98.90 -78.53
N ASN PB 163 0.20 99.04 -77.95
CA ASN PB 163 1.41 99.34 -78.71
C ASN PB 163 2.56 98.48 -78.21
N LYS PB 164 3.43 98.06 -79.13
CA LYS PB 164 4.65 97.32 -78.81
C LYS PB 164 5.74 97.69 -79.82
N GLU PB 165 6.94 97.16 -79.57
CA GLU PB 165 8.11 97.55 -80.35
C GLU PB 165 7.96 97.14 -81.81
N GLY PB 166 7.91 95.84 -82.07
CA GLY PB 166 7.71 95.37 -83.44
C GLY PB 166 6.29 95.52 -83.93
N LYS PB 167 5.37 95.87 -83.03
CA LYS PB 167 3.98 96.05 -83.42
C LYS PB 167 3.76 97.39 -84.09
N LYS PB 168 3.18 97.36 -85.29
CA LYS PB 168 2.66 98.57 -85.90
C LYS PB 168 1.33 98.92 -85.25
N PRO PB 169 1.09 100.20 -84.92
CA PRO PB 169 -0.02 100.55 -84.03
C PRO PB 169 -1.38 100.10 -84.54
N ARG PB 170 -2.25 99.75 -83.59
CA ARG PB 170 -3.59 99.26 -83.85
C ARG PB 170 -4.39 99.33 -82.57
N THR PB 171 -5.67 99.66 -82.69
CA THR PB 171 -6.59 99.63 -81.57
C THR PB 171 -7.39 98.34 -81.59
N LYS PB 172 -7.94 97.97 -80.43
CA LYS PB 172 -8.70 96.75 -80.28
C LYS PB 172 -10.09 97.05 -79.75
N ALA PB 173 -11.09 96.40 -80.32
CA ALA PB 173 -12.48 96.58 -79.94
C ALA PB 173 -13.14 95.22 -79.74
N PRO PB 174 -14.10 95.12 -78.82
CA PRO PB 174 -14.76 93.84 -78.57
C PRO PB 174 -16.00 93.63 -79.43
N LYS PB 175 -16.39 92.36 -79.50
CA LYS PB 175 -17.67 91.99 -80.11
C LYS PB 175 -18.77 92.24 -79.08
N ILE PB 176 -19.40 93.41 -79.15
CA ILE PB 176 -20.41 93.77 -78.17
C ILE PB 176 -21.64 92.90 -78.37
N GLN PB 177 -22.13 92.32 -77.27
CA GLN PB 177 -23.15 91.29 -77.31
C GLN PB 177 -24.51 91.84 -76.91
N ARG PB 178 -25.55 91.11 -77.32
CA ARG PB 178 -26.94 91.43 -77.02
C ARG PB 178 -27.33 92.80 -77.57
N LEU PB 179 -27.28 92.90 -78.89
CA LEU PB 179 -27.63 94.11 -79.62
C LEU PB 179 -28.84 93.86 -80.51
N VAL PB 180 -29.34 94.95 -81.08
CA VAL PB 180 -30.31 94.89 -82.17
C VAL PB 180 -29.53 94.83 -83.47
N THR PB 181 -29.77 93.79 -84.26
CA THR PB 181 -28.97 93.51 -85.44
C THR PB 181 -29.90 93.08 -86.56
N PRO PB 182 -29.58 93.45 -87.81
CA PRO PB 182 -30.34 92.90 -88.95
C PRO PB 182 -30.36 91.38 -88.97
N ARG PB 183 -29.28 90.74 -88.53
CA ARG PB 183 -29.29 89.28 -88.39
C ARG PB 183 -30.27 88.84 -87.31
N VAL PB 184 -30.34 89.57 -86.21
CA VAL PB 184 -31.26 89.21 -85.13
C VAL PB 184 -32.71 89.38 -85.58
N LEU PB 185 -33.02 90.48 -86.25
CA LEU PB 185 -34.36 90.66 -86.79
C LEU PB 185 -34.67 89.65 -87.87
N GLN PB 186 -33.65 89.24 -88.64
CA GLN PB 186 -33.85 88.18 -89.62
C GLN PB 186 -34.21 86.87 -88.95
N HIS PB 187 -33.53 86.54 -87.84
CA HIS PB 187 -33.88 85.34 -87.09
C HIS PB 187 -35.29 85.43 -86.54
N LYS PB 188 -35.68 86.61 -86.05
CA LYS PB 188 -37.04 86.80 -85.53
C LYS PB 188 -38.08 86.61 -86.63
N ARG PB 189 -37.82 87.17 -87.81
CA ARG PB 189 -38.75 86.97 -88.92
C ARG PB 189 -38.79 85.51 -89.34
N ARG PB 190 -37.64 84.82 -89.30
CA ARG PB 190 -37.60 83.41 -89.68
C ARG PB 190 -38.43 82.56 -88.73
N ARG PB 191 -38.30 82.79 -87.42
CA ARG PB 191 -39.06 81.99 -86.46
C ARG PB 191 -40.55 82.31 -86.52
N ILE PB 192 -40.91 83.60 -86.70
CA ILE PB 192 -42.32 83.92 -86.88
C ILE PB 192 -42.87 83.29 -88.15
N ALA PB 193 -42.06 83.25 -89.21
CA ALA PB 193 -42.46 82.54 -90.42
C ALA PB 193 -42.73 81.08 -90.11
N LEU PB 194 -41.77 80.40 -89.50
CA LEU PB 194 -41.93 79.00 -89.13
C LEU PB 194 -43.23 78.76 -88.37
N LYS PB 195 -43.55 79.65 -87.44
CA LYS PB 195 -44.87 79.61 -86.80
C LYS PB 195 -46.00 79.71 -87.82
N LYS PB 196 -45.88 80.63 -88.78
CA LYS PB 196 -46.98 80.86 -89.72
C LYS PB 196 -47.23 79.64 -90.60
N GLN PB 197 -46.18 79.11 -91.25
CA GLN PB 197 -46.43 77.93 -92.08
C GLN PB 197 -46.71 76.69 -91.26
N ARG PB 198 -46.26 76.61 -90.00
CA ARG PB 198 -46.65 75.49 -89.16
C ARG PB 198 -48.15 75.50 -88.90
N THR PB 199 -48.69 76.68 -88.56
CA THR PB 199 -50.13 76.80 -88.36
C THR PB 199 -50.90 76.51 -89.65
N LYS PB 200 -50.40 77.03 -90.78
CA LYS PB 200 -51.05 76.79 -92.06
C LYS PB 200 -51.06 75.30 -92.40
N LYS PB 201 -49.95 74.62 -92.18
CA LYS PB 201 -49.88 73.17 -92.42
C LYS PB 201 -50.88 72.43 -91.55
N ASN PB 202 -50.95 72.79 -90.26
CA ASN PB 202 -51.92 72.15 -89.38
C ASN PB 202 -53.35 72.32 -89.89
N LYS PB 203 -53.71 73.55 -90.26
CA LYS PB 203 -55.09 73.80 -90.68
C LYS PB 203 -55.41 73.06 -91.98
N GLU PB 204 -54.50 73.09 -92.95
CA GLU PB 204 -54.78 72.43 -94.22
C GLU PB 204 -54.81 70.91 -94.09
N GLU PB 205 -53.94 70.33 -93.26
CA GLU PB 205 -53.99 68.89 -93.03
C GLU PB 205 -55.28 68.51 -92.32
N ALA PB 206 -55.72 69.32 -91.37
CA ALA PB 206 -56.99 69.07 -90.70
C ALA PB 206 -58.15 69.09 -91.68
N ALA PB 207 -58.15 70.08 -92.59
CA ALA PB 207 -59.21 70.15 -93.59
C ALA PB 207 -59.20 68.94 -94.51
N GLU PB 208 -58.01 68.52 -94.95
CA GLU PB 208 -57.90 67.35 -95.80
C GLU PB 208 -58.41 66.09 -95.11
N TYR PB 209 -58.03 65.92 -93.84
CA TYR PB 209 -58.50 64.76 -93.08
C TYR PB 209 -60.01 64.79 -92.90
N ALA PB 210 -60.56 65.96 -92.62
CA ALA PB 210 -62.01 66.07 -92.45
C ALA PB 210 -62.73 65.68 -93.74
N LYS PB 211 -62.23 66.16 -94.88
CA LYS PB 211 -62.85 65.80 -96.16
C LYS PB 211 -62.77 64.31 -96.42
N LEU PB 212 -61.58 63.71 -96.20
CA LEU PB 212 -61.43 62.28 -96.45
C LEU PB 212 -62.31 61.44 -95.52
N LEU PB 213 -62.38 61.83 -94.25
CA LEU PB 213 -63.18 61.07 -93.29
C LEU PB 213 -64.67 61.21 -93.59
N ALA PB 214 -65.09 62.40 -94.03
CA ALA PB 214 -66.48 62.57 -94.43
C ALA PB 214 -66.81 61.69 -95.62
N LYS PB 215 -65.90 61.60 -96.59
CA LYS PB 215 -66.11 60.72 -97.72
C LYS PB 215 -66.19 59.25 -97.30
N ARG PB 216 -65.30 58.83 -96.39
CA ARG PB 216 -65.31 57.45 -95.92
C ARG PB 216 -66.60 57.12 -95.16
N MET PB 217 -67.05 58.05 -94.31
CA MET PB 217 -68.30 57.84 -93.59
C MET PB 217 -69.49 57.83 -94.54
N LYS PB 218 -69.44 58.63 -95.61
CA LYS PB 218 -70.48 58.56 -96.63
C LYS PB 218 -70.47 57.20 -97.31
N GLU PB 219 -69.29 56.64 -97.57
CA GLU PB 219 -69.20 55.30 -98.12
C GLU PB 219 -69.83 54.27 -97.18
N ALA PB 220 -69.52 54.37 -95.89
CA ALA PB 220 -70.08 53.42 -94.92
C ALA PB 220 -71.59 53.55 -94.82
N LYS PB 221 -72.10 54.78 -94.81
CA LYS PB 221 -73.55 54.98 -94.71
C LYS PB 221 -74.24 54.54 -95.99
N GLU PB 222 -73.57 54.69 -97.15
CA GLU PB 222 -74.11 54.16 -98.40
C GLU PB 222 -74.15 52.63 -98.36
N LYS PB 223 -73.15 52.01 -97.75
CA LYS PB 223 -73.19 50.56 -97.56
C LYS PB 223 -74.37 50.15 -96.69
N ARG PB 224 -74.60 50.90 -95.60
CA ARG PB 224 -75.76 50.62 -94.75
C ARG PB 224 -77.07 50.80 -95.52
N GLN PB 225 -77.15 51.85 -96.33
CA GLN PB 225 -78.37 52.10 -97.09
C GLN PB 225 -78.58 51.04 -98.18
N GLU PB 226 -77.49 50.52 -98.74
CA GLU PB 226 -77.62 49.43 -99.69
C GLU PB 226 -78.07 48.14 -99.00
N GLN PB 227 -77.62 47.91 -97.76
CA GLN PB 227 -78.18 46.82 -96.98
C GLN PB 227 -79.67 47.01 -96.73
N ILE PB 228 -80.09 48.25 -96.44
CA ILE PB 228 -81.50 48.56 -96.28
C ILE PB 228 -82.26 48.28 -97.57
N ALA PB 229 -81.70 48.68 -98.71
CA ALA PB 229 -82.35 48.43 -99.99
C ALA PB 229 -82.46 46.94 -100.28
N LYS PB 230 -81.43 46.16 -99.94
CA LYS PB 230 -81.50 44.72 -100.14
C LYS PB 230 -82.55 44.06 -99.26
N ARG PB 231 -82.64 44.48 -97.99
CA ARG PB 231 -83.65 43.87 -97.12
C ARG PB 231 -85.05 44.38 -97.42
N ARG PB 232 -85.19 45.50 -98.13
CA ARG PB 232 -86.50 46.05 -98.45
C ARG PB 232 -87.02 45.60 -99.81
N ARG PB 233 -86.15 45.41 -100.80
CA ARG PB 233 -86.60 45.10 -102.14
C ARG PB 233 -87.02 43.64 -102.32
N LEU PB 234 -86.68 42.77 -101.35
CA LEU PB 234 -87.03 41.35 -101.41
C LEU PB 234 -87.64 41.00 -100.06
N SER PB 235 -88.96 41.11 -99.96
CA SER PB 235 -89.67 40.88 -98.71
C SER PB 235 -90.68 39.75 -98.76
N SER PB 236 -91.25 39.43 -99.92
CA SER PB 236 -92.24 38.36 -100.01
C SER PB 236 -91.90 37.39 -101.14
N LEU PB 237 -91.15 37.86 -102.13
CA LEU PB 237 -90.78 37.01 -103.27
C LEU PB 237 -89.73 35.98 -102.86
N SER QB 1 -102.30 -2.24 -101.23
CA SER QB 1 -101.34 -3.03 -100.47
C SER QB 1 -101.58 -2.87 -98.97
N ALA QB 2 -101.58 -4.00 -98.26
CA ALA QB 2 -101.79 -4.02 -96.81
C ALA QB 2 -100.44 -4.16 -96.12
N LYS QB 3 -100.10 -3.16 -95.31
CA LYS QB 3 -98.84 -3.13 -94.58
C LYS QB 3 -99.14 -2.51 -93.23
N ILE QB 4 -99.35 -3.35 -92.21
CA ILE QB 4 -99.79 -2.89 -90.91
C ILE QB 4 -98.78 -3.19 -89.80
N VAL QB 5 -97.84 -4.10 -90.03
CA VAL QB 5 -96.82 -4.42 -89.03
C VAL QB 5 -95.45 -4.15 -89.67
N LYS QB 6 -94.98 -2.91 -89.53
CA LYS QB 6 -93.68 -2.49 -90.01
C LYS QB 6 -93.31 -1.15 -89.37
N PRO QB 7 -92.81 -1.13 -88.14
CA PRO QB 7 -92.21 0.11 -87.61
C PRO QB 7 -90.69 0.14 -87.75
N ASN QB 8 -90.15 1.29 -88.12
CA ASN QB 8 -88.72 1.55 -88.12
C ASN QB 8 -88.50 3.06 -88.28
N GLY QB 9 -87.26 3.45 -88.51
CA GLY QB 9 -86.93 4.87 -88.53
C GLY QB 9 -87.59 5.62 -89.68
N GLU QB 10 -87.55 5.04 -90.88
CA GLU QB 10 -88.08 5.71 -92.05
C GLU QB 10 -89.48 5.19 -92.39
N LYS QB 11 -90.22 5.98 -93.15
CA LYS QB 11 -91.61 5.68 -93.47
C LYS QB 11 -91.78 4.66 -94.59
N PRO QB 12 -91.13 4.81 -95.78
CA PRO QB 12 -91.45 3.89 -96.88
C PRO QB 12 -90.84 2.51 -96.71
N ASP QB 13 -91.23 1.58 -97.58
CA ASP QB 13 -90.64 0.25 -97.61
C ASP QB 13 -90.65 -0.25 -99.05
N GLU QB 14 -89.61 -1.01 -99.39
CA GLU QB 14 -89.53 -1.71 -100.67
C GLU QB 14 -89.31 -3.18 -100.38
N PHE QB 15 -90.21 -4.01 -100.92
CA PHE QB 15 -90.16 -5.48 -100.82
C PHE QB 15 -90.43 -5.94 -99.39
N GLU QB 16 -90.49 -5.00 -98.45
CA GLU QB 16 -90.83 -5.31 -97.07
C GLU QB 16 -92.33 -5.30 -96.84
N SER QB 17 -93.08 -4.57 -97.68
CA SER QB 17 -94.52 -4.69 -97.67
C SER QB 17 -94.95 -6.12 -97.96
N GLY QB 18 -94.19 -6.83 -98.78
CA GLY QB 18 -94.50 -8.23 -99.04
C GLY QB 18 -94.36 -9.11 -97.80
N ILE QB 19 -93.27 -8.94 -97.05
CA ILE QB 19 -93.08 -9.77 -95.87
C ILE QB 19 -94.08 -9.38 -94.77
N SER QB 20 -94.40 -8.10 -94.65
CA SER QB 20 -95.44 -7.70 -93.71
C SER QB 20 -96.80 -8.24 -94.13
N GLN QB 21 -97.07 -8.28 -95.44
CA GLN QB 21 -98.29 -8.91 -95.94
C GLN QB 21 -98.34 -10.37 -95.54
N ALA QB 22 -97.27 -11.11 -95.84
CA ALA QB 22 -97.18 -12.51 -95.46
C ALA QB 22 -97.33 -12.70 -93.96
N LEU QB 23 -96.98 -11.69 -93.16
CA LEU QB 23 -97.21 -11.79 -91.73
C LEU QB 23 -98.66 -11.49 -91.35
N LEU QB 24 -99.41 -10.77 -92.19
CA LEU QB 24 -100.76 -10.41 -91.78
C LEU QB 24 -101.80 -11.44 -92.21
N GLU QB 25 -101.57 -12.13 -93.33
CA GLU QB 25 -102.35 -13.33 -93.62
C GLU QB 25 -101.78 -14.56 -92.92
N LEU QB 26 -100.93 -14.37 -91.92
CA LEU QB 26 -100.58 -15.42 -90.97
C LEU QB 26 -101.65 -15.58 -89.89
N GLU QB 27 -102.75 -14.83 -90.03
CA GLU QB 27 -103.88 -14.93 -89.11
C GLU QB 27 -104.49 -16.34 -89.19
N MET QB 28 -105.32 -16.65 -88.18
CA MET QB 28 -106.00 -17.94 -88.00
C MET QB 28 -105.02 -19.11 -88.17
N ASN QB 29 -103.85 -18.97 -87.56
CA ASN QB 29 -102.84 -20.01 -87.56
C ASN QB 29 -103.02 -20.91 -86.33
N SER QB 30 -102.02 -21.72 -86.01
CA SER QB 30 -102.08 -22.65 -84.89
C SER QB 30 -101.85 -21.89 -83.57
N ASP QB 31 -102.81 -21.02 -83.27
CA ASP QB 31 -102.82 -20.22 -82.03
C ASP QB 31 -101.53 -19.44 -81.86
N LEU QB 32 -101.04 -18.86 -82.95
CA LEU QB 32 -99.78 -18.14 -82.95
C LEU QB 32 -99.95 -16.62 -82.93
N LYS QB 33 -101.05 -16.10 -83.50
CA LYS QB 33 -101.26 -14.66 -83.54
C LYS QB 33 -101.48 -14.04 -82.16
N ALA QB 34 -101.79 -14.86 -81.16
CA ALA QB 34 -102.04 -14.31 -79.81
C ALA QB 34 -100.80 -13.64 -79.25
N GLN QB 35 -99.65 -14.29 -79.37
CA GLN QB 35 -98.38 -13.71 -78.92
C GLN QB 35 -97.62 -13.04 -80.06
N LEU QB 36 -98.17 -13.06 -81.28
CA LEU QB 36 -97.50 -12.47 -82.43
C LEU QB 36 -98.00 -11.07 -82.76
N ARG QB 37 -99.25 -10.75 -82.41
CA ARG QB 37 -99.82 -9.47 -82.80
C ARG QB 37 -99.16 -8.30 -82.10
N GLU QB 38 -98.69 -8.49 -80.86
CA GLU QB 38 -97.97 -7.44 -80.17
C GLU QB 38 -96.55 -7.25 -80.69
N LEU QB 39 -96.08 -8.16 -81.53
CA LEU QB 39 -94.73 -8.09 -82.09
C LEU QB 39 -94.72 -7.24 -83.35
N ASN QB 40 -93.51 -6.87 -83.78
CA ASN QB 40 -93.37 -5.98 -84.93
C ASN QB 40 -92.00 -6.19 -85.57
N ILE QB 41 -91.86 -5.66 -86.79
CA ILE QB 41 -90.72 -5.93 -87.65
C ILE QB 41 -90.01 -4.62 -87.98
N THR QB 42 -88.70 -4.59 -87.80
CA THR QB 42 -87.92 -3.41 -88.14
C THR QB 42 -87.71 -3.31 -89.65
N ALA QB 43 -87.06 -4.30 -90.25
CA ALA QB 43 -86.75 -4.24 -91.68
C ALA QB 43 -86.57 -5.65 -92.21
N ALA QB 44 -86.42 -5.74 -93.54
CA ALA QB 44 -86.23 -7.01 -94.21
C ALA QB 44 -85.35 -6.80 -95.44
N LYS QB 45 -84.74 -7.88 -95.91
CA LYS QB 45 -83.81 -7.79 -97.03
C LYS QB 45 -83.56 -9.18 -97.63
N GLU QB 46 -83.55 -9.24 -98.95
CA GLU QB 46 -83.17 -10.43 -99.70
C GLU QB 46 -81.78 -10.27 -100.30
N ILE QB 47 -80.95 -11.31 -100.12
CA ILE QB 47 -79.62 -11.37 -100.72
C ILE QB 47 -79.45 -12.71 -101.42
N GLU QB 48 -78.41 -12.79 -102.24
CA GLU QB 48 -78.11 -14.00 -103.00
C GLU QB 48 -77.00 -14.78 -102.30
N VAL QB 49 -77.26 -16.05 -102.01
CA VAL QB 49 -76.29 -16.92 -101.34
C VAL QB 49 -76.18 -18.22 -102.12
N GLY QB 50 -75.01 -18.85 -102.01
CA GLY QB 50 -74.78 -20.12 -102.68
C GLY QB 50 -74.84 -20.05 -104.19
N GLY QB 51 -75.75 -20.81 -104.78
CA GLY QB 51 -75.92 -20.85 -106.22
C GLY QB 51 -77.08 -19.99 -106.67
N GLY QB 52 -78.22 -20.61 -106.92
CA GLY QB 52 -79.44 -19.88 -107.21
C GLY QB 52 -80.38 -19.87 -106.04
N ARG QB 53 -79.84 -19.72 -104.83
CA ARG QB 53 -80.61 -19.78 -103.59
C ARG QB 53 -80.73 -18.38 -103.01
N LYS QB 54 -81.96 -18.02 -102.61
CA LYS QB 54 -82.25 -16.71 -102.05
C LYS QB 54 -82.40 -16.82 -100.53
N ALA QB 55 -81.96 -15.78 -99.84
CA ALA QB 55 -82.03 -15.74 -98.38
C ALA QB 55 -82.69 -14.44 -97.93
N ILE QB 56 -83.63 -14.57 -97.00
CA ILE QB 56 -84.37 -13.43 -96.46
C ILE QB 56 -83.90 -13.17 -95.03
N ILE QB 57 -83.59 -11.92 -94.74
CA ILE QB 57 -83.15 -11.49 -93.41
C ILE QB 57 -84.21 -10.55 -92.86
N ILE QB 58 -84.79 -10.90 -91.73
CA ILE QB 58 -85.86 -10.13 -91.12
C ILE QB 58 -85.32 -9.47 -89.86
N PHE QB 59 -85.53 -8.16 -89.74
CA PHE QB 59 -84.98 -7.38 -88.65
C PHE QB 59 -86.06 -7.03 -87.63
N VAL QB 60 -85.72 -7.21 -86.35
CA VAL QB 60 -86.65 -6.98 -85.26
C VAL QB 60 -85.99 -6.04 -84.26
N PRO QB 61 -86.78 -5.31 -83.47
CA PRO QB 61 -86.19 -4.48 -82.43
C PRO QB 61 -85.51 -5.32 -81.36
N VAL QB 62 -84.50 -4.70 -80.72
CA VAL QB 62 -83.80 -5.38 -79.62
C VAL QB 62 -84.74 -5.80 -78.49
N PRO QB 63 -85.66 -4.96 -78.00
CA PRO QB 63 -86.49 -5.40 -76.86
C PRO QB 63 -87.29 -6.67 -77.09
N GLN QB 64 -87.82 -6.89 -78.30
CA GLN QB 64 -88.64 -8.06 -78.54
C GLN QB 64 -87.86 -9.21 -79.17
N LEU QB 65 -86.53 -9.14 -79.16
CA LEU QB 65 -85.74 -10.21 -79.76
C LEU QB 65 -85.95 -11.53 -79.02
N LYS QB 66 -85.99 -11.50 -77.69
CA LYS QB 66 -86.22 -12.72 -76.92
C LYS QB 66 -87.61 -13.28 -77.20
N SER QB 67 -88.62 -12.41 -77.25
CA SER QB 67 -89.96 -12.86 -77.57
C SER QB 67 -90.04 -13.45 -78.96
N PHE QB 68 -89.33 -12.86 -79.92
CA PHE QB 68 -89.31 -13.43 -81.27
C PHE QB 68 -88.64 -14.79 -81.28
N GLN QB 69 -87.51 -14.93 -80.59
CA GLN QB 69 -86.81 -16.21 -80.52
C GLN QB 69 -87.69 -17.28 -79.87
N LYS QB 70 -88.53 -16.88 -78.90
CA LYS QB 70 -89.38 -17.83 -78.20
C LYS QB 70 -90.29 -18.60 -79.14
N ILE QB 71 -90.61 -18.04 -80.31
CA ILE QB 71 -91.46 -18.71 -81.30
C ILE QB 71 -90.77 -18.88 -82.64
N GLN QB 72 -89.51 -18.46 -82.77
CA GLN QB 72 -88.83 -18.43 -84.07
C GLN QB 72 -88.83 -19.79 -84.77
N VAL QB 73 -88.47 -20.84 -84.04
CA VAL QB 73 -88.37 -22.17 -84.64
C VAL QB 73 -89.72 -22.61 -85.18
N ARG QB 74 -90.82 -22.08 -84.62
CA ARG QB 74 -92.13 -22.41 -85.14
C ARG QB 74 -92.36 -21.76 -86.50
N LEU QB 75 -92.31 -20.42 -86.56
CA LEU QB 75 -92.75 -19.76 -87.79
C LEU QB 75 -91.68 -19.73 -88.88
N VAL QB 76 -90.46 -20.22 -88.61
CA VAL QB 76 -89.51 -20.35 -89.72
C VAL QB 76 -90.06 -21.27 -90.79
N ARG QB 77 -90.65 -22.40 -90.39
CA ARG QB 77 -91.21 -23.31 -91.39
C ARG QB 77 -92.44 -22.70 -92.08
N GLU QB 78 -93.23 -21.91 -91.36
CA GLU QB 78 -94.35 -21.22 -92.00
C GLU QB 78 -93.85 -20.25 -93.08
N LEU QB 79 -92.82 -19.48 -92.76
CA LEU QB 79 -92.26 -18.56 -93.75
C LEU QB 79 -91.61 -19.30 -94.92
N GLU QB 80 -91.01 -20.46 -94.64
CA GLU QB 80 -90.48 -21.28 -95.73
C GLU QB 80 -91.59 -21.79 -96.65
N LYS QB 81 -92.72 -22.20 -96.08
CA LYS QB 81 -93.84 -22.63 -96.91
C LYS QB 81 -94.42 -21.47 -97.70
N LYS QB 82 -94.50 -20.29 -97.09
CA LYS QB 82 -94.98 -19.11 -97.80
C LYS QB 82 -94.04 -18.75 -98.95
N PHE QB 83 -92.73 -18.79 -98.71
CA PHE QB 83 -91.72 -18.40 -99.67
C PHE QB 83 -90.85 -19.63 -99.96
N SER QB 84 -91.26 -20.43 -100.94
CA SER QB 84 -90.56 -21.67 -101.24
C SER QB 84 -89.19 -21.38 -101.85
N GLY QB 85 -88.25 -22.29 -101.59
CA GLY QB 85 -86.91 -22.16 -102.12
C GLY QB 85 -86.03 -21.12 -101.45
N LYS QB 86 -86.40 -20.67 -100.25
CA LYS QB 86 -85.65 -19.65 -99.54
C LYS QB 86 -85.49 -20.05 -98.08
N HIS QB 87 -84.59 -19.37 -97.40
CA HIS QB 87 -84.30 -19.64 -95.99
C HIS QB 87 -84.41 -18.35 -95.19
N VAL QB 88 -84.94 -18.47 -93.97
CA VAL QB 88 -85.32 -17.33 -93.15
C VAL QB 88 -84.36 -17.21 -91.97
N VAL QB 89 -83.83 -16.01 -91.76
CA VAL QB 89 -82.97 -15.72 -90.62
C VAL QB 89 -83.46 -14.46 -89.94
N PHE QB 90 -83.28 -14.38 -88.62
CA PHE QB 90 -83.81 -13.31 -87.81
C PHE QB 90 -82.66 -12.59 -87.11
N ILE QB 91 -82.61 -11.27 -87.27
CA ILE QB 91 -81.53 -10.43 -86.74
C ILE QB 91 -82.16 -9.25 -86.01
N ALA QB 92 -81.53 -8.84 -84.92
CA ALA QB 92 -81.93 -7.65 -84.18
C ALA QB 92 -81.04 -6.48 -84.55
N GLN QB 93 -81.64 -5.32 -84.80
CA GLN QB 93 -80.88 -4.14 -85.19
C GLN QB 93 -80.25 -3.50 -83.96
N ARG QB 94 -78.91 -3.48 -83.92
CA ARG QB 94 -78.17 -3.13 -82.72
C ARG QB 94 -77.60 -1.72 -82.73
N ARG QB 95 -77.68 -1.00 -83.85
CA ARG QB 95 -77.32 0.42 -83.94
C ARG QB 95 -75.87 0.64 -83.50
N ILE QB 96 -74.96 0.15 -84.33
CA ILE QB 96 -73.53 0.28 -84.06
C ILE QB 96 -73.14 1.74 -83.88
N LEU QB 97 -72.41 2.03 -82.81
CA LEU QB 97 -71.91 3.38 -82.63
C LEU QB 97 -70.45 3.45 -83.05
N PRO QB 98 -70.04 4.55 -83.68
CA PRO QB 98 -68.63 4.70 -84.07
C PRO QB 98 -67.73 4.82 -82.84
N LYS QB 99 -66.50 4.36 -83.01
CA LYS QB 99 -65.51 4.49 -81.94
C LYS QB 99 -65.11 5.95 -81.79
N PRO QB 100 -65.15 6.51 -80.58
CA PRO QB 100 -64.86 7.94 -80.41
C PRO QB 100 -63.41 8.29 -80.68
N THR QB 101 -63.17 9.26 -81.57
CA THR QB 101 -61.84 9.71 -81.91
C THR QB 101 -61.60 11.11 -81.35
N ARG QB 102 -60.45 11.69 -81.67
CA ARG QB 102 -60.10 13.03 -81.24
C ARG QB 102 -60.88 14.11 -81.99
N LYS QB 103 -61.60 13.76 -83.05
CA LYS QB 103 -62.33 14.75 -83.83
C LYS QB 103 -63.83 14.70 -83.53
N LYS QB 107 -72.83 19.95 -78.01
CA LYS QB 107 -71.45 19.47 -78.04
C LYS QB 107 -71.21 18.56 -76.84
N ASN QB 108 -72.03 17.52 -76.73
CA ASN QB 108 -71.97 16.63 -75.57
C ASN QB 108 -72.51 15.27 -75.98
N LYS QB 109 -71.67 14.24 -75.88
CA LYS QB 109 -72.07 12.87 -76.15
C LYS QB 109 -71.78 12.01 -74.92
N GLN QB 110 -72.75 11.15 -74.59
CA GLN QB 110 -72.60 10.24 -73.47
C GLN QB 110 -71.54 9.19 -73.77
N LYS QB 111 -71.07 8.53 -72.71
CA LYS QB 111 -70.12 7.44 -72.88
C LYS QB 111 -70.77 6.30 -73.64
N ARG QB 112 -70.06 5.78 -74.62
CA ARG QB 112 -70.60 4.72 -75.47
C ARG QB 112 -70.73 3.43 -74.68
N PRO QB 113 -71.93 2.84 -74.59
CA PRO QB 113 -72.05 1.55 -73.92
C PRO QB 113 -71.32 0.47 -74.70
N ARG QB 114 -70.83 -0.54 -73.97
CA ARG QB 114 -70.15 -1.65 -74.63
C ARG QB 114 -71.11 -2.45 -75.50
N SER QB 115 -72.41 -2.40 -75.19
CA SER QB 115 -73.39 -3.06 -76.02
C SER QB 115 -73.46 -2.43 -77.41
N ARG QB 116 -73.24 -1.12 -77.50
CA ARG QB 116 -73.24 -0.43 -78.78
C ARG QB 116 -71.91 -0.54 -79.52
N THR QB 117 -70.89 -1.12 -78.89
CA THR QB 117 -69.62 -1.29 -79.57
C THR QB 117 -69.74 -2.33 -80.67
N LEU QB 118 -68.86 -2.21 -81.68
CA LEU QB 118 -69.06 -2.90 -82.94
C LEU QB 118 -68.80 -4.40 -82.82
N THR QB 119 -67.72 -4.80 -82.14
CA THR QB 119 -67.43 -6.22 -82.00
C THR QB 119 -68.52 -6.93 -81.20
N ALA QB 120 -69.04 -6.27 -80.17
CA ALA QB 120 -70.17 -6.81 -79.44
C ALA QB 120 -71.38 -6.97 -80.34
N VAL QB 121 -71.62 -5.99 -81.21
CA VAL QB 121 -72.73 -6.11 -82.16
C VAL QB 121 -72.53 -7.32 -83.07
N HIS QB 122 -71.32 -7.48 -83.60
CA HIS QB 122 -71.09 -8.54 -84.57
C HIS QB 122 -71.19 -9.93 -83.95
N ASP QB 123 -70.58 -10.14 -82.78
CA ASP QB 123 -70.72 -11.47 -82.22
C ASP QB 123 -72.09 -11.71 -81.59
N ALA QB 124 -72.81 -10.64 -81.22
CA ALA QB 124 -74.19 -10.82 -80.77
C ALA QB 124 -75.10 -11.24 -81.92
N ILE QB 125 -74.95 -10.59 -83.08
CA ILE QB 125 -75.79 -10.96 -84.21
C ILE QB 125 -75.34 -12.30 -84.78
N LEU QB 126 -74.06 -12.66 -84.60
CA LEU QB 126 -73.64 -14.00 -84.93
C LEU QB 126 -74.29 -15.02 -84.00
N GLU QB 127 -74.50 -14.63 -82.74
CA GLU QB 127 -75.18 -15.52 -81.80
C GLU QB 127 -76.63 -15.77 -82.20
N ASP QB 128 -77.38 -14.72 -82.52
CA ASP QB 128 -78.80 -14.87 -82.82
C ASP QB 128 -79.07 -15.35 -84.24
N LEU QB 129 -78.09 -15.28 -85.14
CA LEU QB 129 -78.26 -15.81 -86.48
C LEU QB 129 -78.44 -17.32 -86.49
N VAL QB 130 -77.87 -18.00 -85.50
CA VAL QB 130 -77.84 -19.46 -85.46
C VAL QB 130 -78.74 -19.93 -84.32
N PHE QB 131 -79.83 -19.21 -84.08
CA PHE QB 131 -80.65 -19.40 -82.88
C PHE QB 131 -81.05 -20.84 -82.56
N PRO QB 132 -81.47 -21.69 -83.52
CA PRO QB 132 -81.77 -23.08 -83.14
C PRO QB 132 -80.60 -23.82 -82.52
N SER QB 133 -79.38 -23.39 -82.79
CA SER QB 133 -78.18 -23.93 -82.15
C SER QB 133 -77.57 -22.87 -81.23
N GLU QB 134 -76.43 -23.21 -80.64
CA GLU QB 134 -75.66 -22.29 -79.81
C GLU QB 134 -74.19 -22.45 -80.12
N ILE QB 135 -73.44 -21.39 -79.91
CA ILE QB 135 -71.99 -21.42 -80.12
C ILE QB 135 -71.34 -22.03 -78.88
N VAL QB 136 -70.77 -23.22 -79.05
CA VAL QB 136 -70.02 -23.85 -77.96
C VAL QB 136 -68.53 -23.55 -78.05
N GLY QB 137 -68.07 -22.96 -79.15
CA GLY QB 137 -66.67 -22.62 -79.30
C GLY QB 137 -66.44 -21.78 -80.54
N LYS QB 138 -65.39 -20.96 -80.53
CA LYS QB 138 -65.09 -20.09 -81.64
C LYS QB 138 -63.60 -20.15 -81.95
N ARG QB 139 -63.27 -20.14 -83.25
CA ARG QB 139 -61.89 -20.15 -83.71
C ARG QB 139 -61.71 -19.09 -84.80
N ILE QB 140 -60.57 -18.43 -84.77
CA ILE QB 140 -60.18 -17.48 -85.81
C ILE QB 140 -58.84 -17.90 -86.37
N ARG QB 141 -58.77 -18.03 -87.69
CA ARG QB 141 -57.55 -18.43 -88.39
C ARG QB 141 -57.07 -17.30 -89.28
N VAL QB 142 -55.76 -17.07 -89.28
CA VAL QB 142 -55.13 -16.11 -90.18
C VAL QB 142 -54.55 -16.89 -91.34
N LYS QB 143 -55.01 -16.59 -92.56
CA LYS QB 143 -54.70 -17.41 -93.73
C LYS QB 143 -53.48 -16.88 -94.48
N LEU QB 144 -52.39 -16.69 -93.73
CA LEU QB 144 -51.05 -16.49 -94.27
C LEU QB 144 -50.87 -15.20 -95.06
N ASP QB 145 -51.94 -14.41 -95.18
CA ASP QB 145 -51.84 -13.15 -95.90
C ASP QB 145 -52.63 -12.03 -95.20
N GLY QB 146 -52.99 -12.21 -93.95
CA GLY QB 146 -53.77 -11.23 -93.22
C GLY QB 146 -55.26 -11.45 -93.27
N SER QB 147 -55.75 -12.22 -94.24
CA SER QB 147 -57.17 -12.52 -94.29
C SER QB 147 -57.56 -13.44 -93.13
N ARG QB 148 -58.63 -13.08 -92.45
CA ARG QB 148 -59.06 -13.77 -91.25
C ARG QB 148 -60.25 -14.67 -91.57
N LEU QB 149 -60.19 -15.92 -91.11
CA LEU QB 149 -61.25 -16.89 -91.30
C LEU QB 149 -61.72 -17.39 -89.95
N ILE QB 150 -63.03 -17.44 -89.74
CA ILE QB 150 -63.62 -17.78 -88.46
C ILE QB 150 -64.31 -19.13 -88.57
N LYS QB 151 -63.93 -20.06 -87.69
CA LYS QB 151 -64.62 -21.33 -87.54
C LYS QB 151 -65.44 -21.29 -86.26
N VAL QB 152 -66.70 -21.68 -86.35
CA VAL QB 152 -67.64 -21.59 -85.23
C VAL QB 152 -68.08 -23.00 -84.85
N HIS QB 153 -67.97 -23.32 -83.57
CA HIS QB 153 -68.35 -24.62 -83.05
C HIS QB 153 -69.76 -24.55 -82.49
N LEU QB 154 -70.69 -25.26 -83.13
CA LEU QB 154 -72.10 -25.22 -82.75
C LEU QB 154 -72.45 -26.37 -81.82
N ASP QB 155 -73.75 -26.52 -81.56
CA ASP QB 155 -74.22 -27.35 -80.45
C ASP QB 155 -73.93 -28.83 -80.67
N LYS QB 156 -74.19 -29.34 -81.89
CA LYS QB 156 -74.15 -30.75 -82.26
C LYS QB 156 -75.33 -31.51 -81.63
N ALA QB 157 -76.09 -30.82 -80.78
CA ALA QB 157 -77.19 -31.47 -80.07
C ALA QB 157 -78.38 -31.70 -80.97
N GLN QB 158 -78.53 -30.87 -82.00
CA GLN QB 158 -79.58 -30.94 -82.99
C GLN QB 158 -78.97 -31.02 -84.39
N GLN QB 159 -79.57 -31.84 -85.24
CA GLN QB 159 -78.96 -32.20 -86.51
C GLN QB 159 -79.98 -32.35 -87.62
N ASN QB 160 -81.11 -31.65 -87.54
CA ASN QB 160 -82.19 -31.84 -88.50
C ASN QB 160 -82.58 -30.59 -89.26
N ASN QB 161 -82.35 -29.40 -88.69
CA ASN QB 161 -82.90 -28.18 -89.26
C ASN QB 161 -81.91 -27.04 -89.38
N VAL QB 162 -80.61 -27.29 -89.22
CA VAL QB 162 -79.63 -26.21 -89.33
C VAL QB 162 -78.53 -26.59 -90.31
N GLU QB 163 -78.26 -27.89 -90.45
CA GLU QB 163 -77.11 -28.35 -91.22
C GLU QB 163 -77.17 -27.93 -92.68
N HIS QB 164 -78.36 -27.64 -93.21
CA HIS QB 164 -78.51 -27.18 -94.58
C HIS QB 164 -78.48 -25.67 -94.70
N LYS QB 165 -78.59 -24.94 -93.59
CA LYS QB 165 -78.62 -23.49 -93.62
C LYS QB 165 -77.29 -22.86 -93.24
N VAL QB 166 -76.25 -23.66 -93.03
CA VAL QB 166 -74.97 -23.12 -92.59
C VAL QB 166 -74.32 -22.27 -93.68
N GLU QB 167 -74.43 -22.70 -94.95
CA GLU QB 167 -73.89 -21.90 -96.04
C GLU QB 167 -74.64 -20.59 -96.20
N THR QB 168 -75.96 -20.62 -96.02
CA THR QB 168 -76.73 -19.39 -96.02
C THR QB 168 -76.34 -18.49 -94.85
N PHE QB 169 -76.03 -19.11 -93.71
CA PHE QB 169 -75.53 -18.34 -92.57
C PHE QB 169 -74.23 -17.62 -92.91
N SER QB 170 -73.31 -18.35 -93.55
CA SER QB 170 -72.04 -17.74 -93.96
C SER QB 170 -72.27 -16.62 -94.95
N GLY QB 171 -73.17 -16.83 -95.91
CA GLY QB 171 -73.44 -15.81 -96.90
C GLY QB 171 -74.02 -14.55 -96.29
N VAL QB 172 -75.02 -14.70 -95.40
CA VAL QB 172 -75.64 -13.51 -94.81
C VAL QB 172 -74.65 -12.80 -93.89
N TYR QB 173 -73.82 -13.55 -93.16
CA TYR QB 173 -72.83 -12.91 -92.32
C TYR QB 173 -71.80 -12.16 -93.15
N LYS QB 174 -71.36 -12.75 -94.26
CA LYS QB 174 -70.43 -12.04 -95.13
C LYS QB 174 -71.07 -10.79 -95.73
N LYS QB 175 -72.38 -10.85 -95.99
CA LYS QB 175 -73.06 -9.68 -96.54
C LYS QB 175 -73.12 -8.55 -95.52
N LEU QB 176 -73.59 -8.84 -94.31
CA LEU QB 176 -73.86 -7.78 -93.34
C LEU QB 176 -72.78 -7.62 -92.28
N THR QB 177 -71.67 -8.33 -92.39
CA THR QB 177 -70.54 -8.07 -91.52
C THR QB 177 -69.26 -7.80 -92.29
N GLY QB 178 -69.05 -8.52 -93.39
CA GLY QB 178 -67.89 -8.29 -94.23
C GLY QB 178 -66.71 -9.22 -94.00
N LYS QB 179 -66.84 -10.21 -93.12
CA LYS QB 179 -65.78 -11.17 -92.87
C LYS QB 179 -66.31 -12.59 -93.05
N ASP QB 180 -65.44 -13.45 -93.58
CA ASP QB 180 -65.82 -14.83 -93.85
C ASP QB 180 -65.93 -15.63 -92.55
N VAL QB 181 -67.00 -16.40 -92.42
CA VAL QB 181 -67.20 -17.26 -91.26
C VAL QB 181 -67.63 -18.63 -91.74
N ASN QB 182 -66.98 -19.67 -91.23
CA ASN QB 182 -67.35 -21.05 -91.52
C ASN QB 182 -67.86 -21.70 -90.24
N PHE QB 183 -68.74 -22.67 -90.39
CA PHE QB 183 -69.37 -23.34 -89.27
C PHE QB 183 -68.99 -24.82 -89.28
N GLU QB 184 -68.92 -25.40 -88.09
CA GLU QB 184 -68.55 -26.81 -87.97
C GLU QB 184 -69.12 -27.37 -86.68
N PHE QB 185 -69.41 -28.66 -86.70
CA PHE QB 185 -69.96 -29.37 -85.56
C PHE QB 185 -68.91 -30.27 -84.93
N PRO QB 186 -68.44 -30.00 -83.73
CA PRO QB 186 -67.46 -30.87 -83.09
C PRO QB 186 -68.15 -32.05 -82.42
N GLU QB 187 -67.34 -32.95 -81.89
CA GLU QB 187 -67.86 -34.10 -81.15
C GLU QB 187 -68.19 -33.66 -79.72
N PHE QB 188 -68.42 -34.63 -78.85
CA PHE QB 188 -68.74 -34.36 -77.45
C PHE QB 188 -67.58 -33.65 -76.76
N GLN QB 189 -67.92 -32.76 -75.84
CA GLN QB 189 -66.93 -32.00 -75.09
C GLN QB 189 -67.05 -32.27 -73.59
N GLY RB 1 -27.66 52.26 -48.44
CA GLY RB 1 -28.71 52.90 -47.67
C GLY RB 1 -29.95 52.04 -47.54
N ILE RB 2 -31.12 52.70 -47.54
CA ILE RB 2 -32.38 51.98 -47.55
C ILE RB 2 -32.49 51.22 -48.87
N SER RB 3 -32.66 49.91 -48.78
CA SER RB 3 -32.64 49.05 -49.95
C SER RB 3 -33.97 48.33 -50.10
N ARG RB 4 -34.39 48.15 -51.35
CA ARG RB 4 -35.62 47.44 -51.69
C ARG RB 4 -35.34 46.14 -52.42
N ASP RB 5 -34.15 45.58 -52.22
CA ASP RB 5 -33.78 44.37 -52.93
C ASP RB 5 -34.59 43.18 -52.45
N ASN RB 6 -34.70 42.18 -53.32
CA ASN RB 6 -35.41 40.95 -53.00
C ASN RB 6 -34.51 39.87 -52.44
N TRP RB 7 -33.19 39.98 -52.61
CA TRP RB 7 -32.29 38.91 -52.21
C TRP RB 7 -31.98 38.90 -50.72
N HIS RB 8 -32.25 39.99 -50.00
CA HIS RB 8 -32.04 39.96 -48.56
C HIS RB 8 -33.11 39.16 -47.84
N LYS RB 9 -34.27 38.95 -48.45
CA LYS RB 9 -35.30 38.11 -47.87
C LYS RB 9 -34.93 36.64 -48.03
N ARG RB 10 -35.60 35.80 -47.24
CA ARG RB 10 -35.40 34.36 -47.37
C ARG RB 10 -36.07 33.84 -48.62
N ARG RB 11 -35.71 32.61 -48.99
CA ARG RB 11 -36.39 31.94 -50.08
C ARG RB 11 -37.76 31.44 -49.65
N LYS RB 12 -38.54 31.01 -50.64
CA LYS RB 12 -39.87 30.47 -50.35
C LYS RB 12 -39.78 29.20 -49.50
N THR RB 13 -38.79 28.35 -49.80
CA THR RB 13 -38.58 27.14 -49.00
C THR RB 13 -38.07 27.44 -47.60
N GLY RB 14 -37.63 28.66 -47.33
CA GLY RB 14 -37.12 29.03 -46.03
C GLY RB 14 -35.60 29.04 -45.94
N GLY RB 15 -34.90 28.59 -46.96
CA GLY RB 15 -33.45 28.61 -46.93
C GLY RB 15 -32.90 30.02 -47.03
N LYS RB 16 -31.72 30.21 -46.47
CA LYS RB 16 -31.09 31.52 -46.45
C LYS RB 16 -30.38 31.78 -47.78
N ARG RB 17 -30.65 32.94 -48.37
CA ARG RB 17 -30.05 33.31 -49.64
C ARG RB 17 -28.75 34.06 -49.40
N LYS RB 18 -27.83 33.96 -50.36
CA LYS RB 18 -26.59 34.71 -50.30
C LYS RB 18 -26.55 35.77 -51.39
N PRO RB 19 -26.15 37.00 -51.09
CA PRO RB 19 -26.13 38.04 -52.12
C PRO RB 19 -24.99 37.83 -53.09
N TYR RB 20 -25.30 37.90 -54.39
CA TYR RB 20 -24.30 37.77 -55.43
C TYR RB 20 -23.76 39.11 -55.90
N HIS RB 21 -24.24 40.22 -55.34
CA HIS RB 21 -23.64 41.52 -55.58
C HIS RB 21 -23.98 42.43 -54.41
N LYS RB 22 -23.21 43.50 -54.29
CA LYS RB 22 -23.48 44.48 -53.25
C LYS RB 22 -24.71 45.31 -53.63
N LYS RB 23 -25.02 46.29 -52.78
CA LYS RB 23 -26.22 47.10 -52.99
C LYS RB 23 -26.07 47.97 -54.22
N ARG RB 24 -27.00 47.83 -55.16
CA ARG RB 24 -27.05 48.65 -56.36
C ARG RB 24 -27.93 49.86 -56.12
N LYS RB 25 -27.66 50.92 -56.90
CA LYS RB 25 -28.36 52.18 -56.67
C LYS RB 25 -29.83 52.09 -57.09
N TYR RB 26 -30.14 51.41 -58.19
CA TYR RB 26 -31.50 51.42 -58.70
C TYR RB 26 -32.48 50.75 -57.75
N GLU RB 27 -32.01 49.87 -56.88
CA GLU RB 27 -32.84 49.32 -55.81
C GLU RB 27 -32.67 50.08 -54.51
N LEU RB 28 -32.81 51.40 -54.55
CA LEU RB 28 -32.67 52.22 -53.36
C LEU RB 28 -34.01 52.51 -52.72
N GLY RB 29 -33.96 52.88 -51.45
CA GLY RB 29 -35.12 53.39 -50.77
C GLY RB 29 -34.82 54.76 -50.18
N ARG RB 30 -35.88 55.49 -49.88
CA ARG RB 30 -35.72 56.83 -49.34
C ARG RB 30 -36.57 56.99 -48.09
N PRO RB 31 -36.18 57.88 -47.18
CA PRO RB 31 -36.95 58.04 -45.93
C PRO RB 31 -38.38 58.49 -46.20
N ALA RB 32 -39.28 58.05 -45.33
CA ALA RB 32 -40.69 58.39 -45.46
C ALA RB 32 -40.88 59.90 -45.36
N ALA RB 33 -41.74 60.43 -46.24
CA ALA RB 33 -41.97 61.86 -46.27
C ALA RB 33 -42.60 62.35 -44.97
N ASN RB 34 -43.54 61.56 -44.43
CA ASN RB 34 -44.20 61.87 -43.16
C ASN RB 34 -44.88 63.24 -43.22
N THR RB 35 -45.79 63.38 -44.18
CA THR RB 35 -46.46 64.65 -44.40
C THR RB 35 -47.33 65.01 -43.19
N LYS RB 36 -47.10 66.19 -42.64
CA LYS RB 36 -47.87 66.69 -41.53
C LYS RB 36 -48.70 67.89 -41.97
N ILE RB 37 -49.51 68.42 -41.07
CA ILE RB 37 -50.45 69.49 -41.37
C ILE RB 37 -49.87 70.79 -40.88
N GLY RB 38 -49.74 71.77 -41.77
CA GLY RB 38 -49.19 73.05 -41.42
C GLY RB 38 -48.95 73.93 -42.63
N PRO RB 39 -48.14 74.98 -42.48
CA PRO RB 39 -47.80 75.83 -43.62
C PRO RB 39 -47.09 75.02 -44.71
N ARG RB 40 -47.36 75.39 -45.96
CA ARG RB 40 -46.89 74.59 -47.09
C ARG RB 40 -45.38 74.55 -47.17
N ARG RB 41 -44.84 73.34 -47.06
CA ARG RB 41 -43.40 73.11 -47.21
C ARG RB 41 -43.23 71.88 -48.09
N ILE RB 42 -42.69 72.06 -49.29
CA ILE RB 42 -42.51 70.98 -50.24
C ILE RB 42 -41.04 70.96 -50.67
N HIS RB 43 -40.40 69.81 -50.51
CA HIS RB 43 -39.04 69.61 -50.96
C HIS RB 43 -39.06 68.83 -52.27
N THR RB 44 -38.14 69.18 -53.17
CA THR RB 44 -38.02 68.53 -54.46
C THR RB 44 -36.84 67.58 -54.46
N VAL RB 45 -37.08 66.32 -54.78
CA VAL RB 45 -36.05 65.30 -54.77
C VAL RB 45 -35.91 64.72 -56.18
N ARG RB 46 -34.67 64.47 -56.58
CA ARG RB 46 -34.39 63.87 -57.87
C ARG RB 46 -34.48 62.36 -57.76
N VAL RB 47 -35.05 61.73 -58.79
CA VAL RB 47 -35.28 60.29 -58.78
C VAL RB 47 -34.57 59.65 -59.96
N ARG RB 48 -34.80 58.35 -60.16
CA ARG RB 48 -34.25 57.64 -61.29
C ARG RB 48 -34.67 58.30 -62.61
N GLY RB 49 -33.70 58.47 -63.51
CA GLY RB 49 -33.99 59.02 -64.81
C GLY RB 49 -34.16 60.52 -64.88
N GLY RB 50 -33.75 61.24 -63.84
CA GLY RB 50 -33.82 62.69 -63.87
C GLY RB 50 -35.21 63.28 -63.79
N ASN RB 51 -36.18 62.54 -63.26
CA ASN RB 51 -37.53 63.06 -63.11
C ASN RB 51 -37.64 63.80 -61.78
N LYS RB 52 -38.85 64.19 -61.41
CA LYS RB 52 -39.09 64.97 -60.21
C LYS RB 52 -40.17 64.33 -59.35
N LYS RB 53 -39.90 64.21 -58.06
CA LYS RB 53 -40.89 63.82 -57.07
C LYS RB 53 -40.97 64.90 -56.01
N TYR RB 54 -42.20 65.29 -55.66
CA TYR RB 54 -42.43 66.32 -54.66
C TYR RB 54 -42.60 65.66 -53.29
N ARG RB 55 -41.72 66.00 -52.37
CA ARG RB 55 -41.86 65.60 -50.97
C ARG RB 55 -42.61 66.70 -50.22
N ALA RB 56 -43.91 66.52 -50.07
CA ALA RB 56 -44.74 67.45 -49.31
C ALA RB 56 -44.53 67.16 -47.83
N LEU RB 57 -43.68 67.95 -47.17
CA LEU RB 57 -43.45 67.72 -45.75
C LEU RB 57 -44.56 68.30 -44.89
N ARG RB 58 -45.02 69.50 -45.22
CA ARG RB 58 -46.14 70.11 -44.51
C ARG RB 58 -47.12 70.70 -45.52
N LEU RB 59 -48.40 70.41 -45.34
CA LEU RB 59 -49.45 70.97 -46.18
C LEU RB 59 -50.66 71.32 -45.32
N ASP RB 60 -51.54 72.14 -45.89
CA ASP RB 60 -52.76 72.56 -45.21
C ASP RB 60 -53.99 72.56 -46.11
N VAL RB 61 -53.84 72.48 -47.43
CA VAL RB 61 -54.95 72.58 -48.35
C VAL RB 61 -54.88 71.42 -49.33
N GLY RB 62 -56.02 71.15 -49.96
CA GLY RB 62 -56.09 70.09 -50.95
C GLY RB 62 -57.33 70.25 -51.81
N ASN RB 63 -57.38 69.50 -52.90
CA ASN RB 63 -58.49 69.56 -53.84
C ASN RB 63 -59.35 68.32 -53.65
N PHE RB 64 -60.54 68.52 -53.07
CA PHE RB 64 -61.49 67.45 -52.84
C PHE RB 64 -62.72 67.64 -53.72
N SER RB 65 -63.31 66.53 -54.14
CA SER RB 65 -64.49 66.54 -55.00
C SER RB 65 -65.67 65.97 -54.25
N TRP RB 66 -66.82 66.64 -54.36
CA TRP RB 66 -68.04 66.11 -53.76
C TRP RB 66 -68.47 64.83 -54.45
N GLY RB 67 -68.55 64.84 -55.78
CA GLY RB 67 -68.95 63.66 -56.51
C GLY RB 67 -70.45 63.56 -56.71
N SER RB 68 -71.21 63.48 -55.63
CA SER RB 68 -72.67 63.40 -55.74
C SER RB 68 -73.23 64.65 -56.40
N GLU RB 69 -72.75 65.82 -56.01
CA GLU RB 69 -73.14 67.06 -56.63
C GLU RB 69 -72.19 67.48 -57.74
N CYS RB 70 -71.16 66.68 -58.01
CA CYS RB 70 -70.13 67.00 -59.02
C CYS RB 70 -69.49 68.36 -58.75
N CYS RB 71 -69.29 68.66 -57.47
CA CYS RB 71 -68.66 69.91 -57.04
C CYS RB 71 -67.26 69.61 -56.56
N THR RB 72 -66.30 70.42 -57.00
CA THR RB 72 -64.89 70.18 -56.72
C THR RB 72 -64.21 71.51 -56.44
N ARG RB 73 -63.81 71.73 -55.19
CA ARG RB 73 -63.22 72.99 -54.76
C ARG RB 73 -61.98 72.75 -53.93
N LYS RB 74 -61.22 73.82 -53.72
CA LYS RB 74 -60.02 73.80 -52.89
C LYS RB 74 -60.38 74.37 -51.53
N THR RB 75 -60.14 73.59 -50.48
CA THR RB 75 -60.54 73.96 -49.13
C THR RB 75 -59.35 73.82 -48.17
N ARG RB 76 -59.65 73.99 -46.88
CA ARG RB 76 -58.66 73.95 -45.82
C ARG RB 76 -58.78 72.63 -45.06
N ILE RB 77 -57.64 71.98 -44.83
CA ILE RB 77 -57.60 70.73 -44.08
C ILE RB 77 -57.41 71.07 -42.60
N ILE RB 78 -58.26 70.49 -41.75
CA ILE RB 78 -58.20 70.76 -40.32
C ILE RB 78 -57.34 69.71 -39.62
N ASP RB 79 -57.78 68.45 -39.68
CA ASP RB 79 -57.10 67.39 -38.93
C ASP RB 79 -57.49 66.04 -39.51
N VAL RB 80 -56.82 65.00 -39.01
CA VAL RB 80 -57.04 63.62 -39.44
C VAL RB 80 -57.84 62.91 -38.35
N VAL RB 81 -58.87 62.16 -38.76
CA VAL RB 81 -59.77 61.53 -37.80
C VAL RB 81 -59.68 60.01 -37.82
N TYR RB 82 -59.31 59.39 -38.92
CA TYR RB 82 -59.20 57.94 -38.96
C TYR RB 82 -58.21 57.51 -40.04
N ASN RB 83 -57.49 56.44 -39.73
CA ASN RB 83 -56.60 55.80 -40.68
C ASN RB 83 -56.73 54.30 -40.51
N ALA RB 84 -56.94 53.59 -41.61
CA ALA RB 84 -57.15 52.15 -41.52
C ALA RB 84 -55.86 51.40 -41.23
N SER RB 85 -54.73 51.91 -41.72
CA SER RB 85 -53.47 51.16 -41.58
C SER RB 85 -52.96 51.20 -40.14
N ASN RB 86 -52.69 52.39 -39.62
CA ASN RB 86 -52.08 52.51 -38.30
C ASN RB 86 -52.83 53.54 -37.46
N ASN RB 87 -52.93 53.26 -36.16
CA ASN RB 87 -53.55 54.19 -35.24
C ASN RB 87 -52.67 55.40 -34.97
N GLU RB 88 -51.34 55.21 -34.99
CA GLU RB 88 -50.42 56.29 -34.67
C GLU RB 88 -50.51 57.43 -35.68
N LEU RB 89 -50.88 57.12 -36.92
CA LEU RB 89 -50.96 58.15 -37.94
C LEU RB 89 -52.02 59.19 -37.61
N VAL RB 90 -53.15 58.75 -37.05
CA VAL RB 90 -54.19 59.71 -36.65
C VAL RB 90 -53.67 60.60 -35.53
N ARG RB 91 -52.99 60.03 -34.55
CA ARG RB 91 -52.46 60.83 -33.45
C ARG RB 91 -51.37 61.77 -33.94
N THR RB 92 -50.51 61.30 -34.83
CA THR RB 92 -49.42 62.12 -35.34
C THR RB 92 -49.86 63.07 -36.45
N LYS RB 93 -51.12 63.00 -36.88
CA LYS RB 93 -51.67 63.85 -37.93
C LYS RB 93 -50.84 63.74 -39.21
N THR RB 94 -50.47 62.52 -39.56
CA THR RB 94 -49.68 62.25 -40.75
C THR RB 94 -50.59 61.96 -41.93
N LEU RB 95 -50.38 62.69 -43.02
CA LEU RB 95 -51.24 62.57 -44.20
C LEU RB 95 -50.68 61.49 -45.12
N VAL RB 96 -51.50 60.49 -45.44
CA VAL RB 96 -51.12 59.43 -46.36
C VAL RB 96 -52.22 59.26 -47.39
N LYS RB 97 -52.07 58.25 -48.25
CA LYS RB 97 -52.95 58.11 -49.40
C LYS RB 97 -54.39 57.81 -49.00
N ASN RB 98 -54.61 56.94 -48.01
CA ASN RB 98 -55.94 56.43 -47.73
C ASN RB 98 -56.56 56.96 -46.44
N CYS RB 99 -55.83 57.74 -45.65
CA CYS RB 99 -56.40 58.27 -44.42
C CYS RB 99 -57.47 59.30 -44.73
N ILE RB 100 -58.42 59.45 -43.81
CA ILE RB 100 -59.53 60.38 -43.99
C ILE RB 100 -59.31 61.57 -43.08
N VAL RB 101 -59.68 62.76 -43.58
CA VAL RB 101 -59.39 64.02 -42.91
C VAL RB 101 -60.66 64.87 -42.85
N LEU RB 102 -60.63 65.87 -41.99
CA LEU RB 102 -61.71 66.83 -41.86
C LEU RB 102 -61.37 68.08 -42.68
N ILE RB 103 -62.30 68.51 -43.52
CA ILE RB 103 -62.11 69.68 -44.36
C ILE RB 103 -63.28 70.63 -44.15
N ASP RB 104 -63.03 71.91 -44.41
CA ASP RB 104 -64.08 72.92 -44.30
C ASP RB 104 -65.13 72.72 -45.38
N SER RB 105 -66.37 73.04 -45.05
CA SER RB 105 -67.48 72.96 -45.99
C SER RB 105 -67.79 74.28 -46.67
N THR RB 106 -67.01 75.33 -46.38
CA THR RB 106 -67.35 76.67 -46.84
C THR RB 106 -67.41 76.80 -48.37
N PRO RB 107 -66.41 76.35 -49.14
CA PRO RB 107 -66.55 76.51 -50.60
C PRO RB 107 -67.68 75.68 -51.18
N TYR RB 108 -67.84 74.44 -50.72
CA TYR RB 108 -68.95 73.61 -51.19
C TYR RB 108 -70.29 74.21 -50.78
N ARG RB 109 -70.37 74.77 -49.58
CA ARG RB 109 -71.61 75.44 -49.19
C ARG RB 109 -71.91 76.60 -50.12
N GLN RB 110 -70.95 77.51 -50.29
CA GLN RB 110 -71.11 78.64 -51.20
C GLN RB 110 -71.56 78.20 -52.57
N TRP RB 111 -70.99 77.10 -53.07
CA TRP RB 111 -71.46 76.56 -54.34
C TRP RB 111 -72.90 76.09 -54.24
N TYR RB 112 -73.29 75.50 -53.10
CA TYR RB 112 -74.65 74.99 -52.97
C TYR RB 112 -75.68 76.11 -52.99
N GLU RB 113 -75.44 77.20 -52.26
CA GLU RB 113 -76.35 78.34 -52.36
C GLU RB 113 -76.24 79.05 -53.71
N SER RB 114 -75.09 79.00 -54.37
CA SER RB 114 -75.01 79.64 -55.68
C SER RB 114 -75.76 78.86 -56.75
N HIS RB 115 -75.81 77.54 -56.64
CA HIS RB 115 -76.42 76.67 -57.64
C HIS RB 115 -77.86 76.30 -57.34
N TYR RB 116 -78.21 76.11 -56.07
CA TYR RB 116 -79.55 75.68 -55.69
C TYR RB 116 -80.35 76.76 -54.98
N ALA RB 117 -79.67 77.68 -54.28
CA ALA RB 117 -80.32 78.70 -53.45
C ALA RB 117 -81.16 78.06 -52.34
N LEU RB 118 -80.51 77.24 -51.51
CA LEU RB 118 -81.14 76.65 -50.34
C LEU RB 118 -80.29 76.91 -49.11
N PRO RB 119 -80.91 77.12 -47.94
CA PRO RB 119 -80.12 77.32 -46.72
C PRO RB 119 -79.45 76.01 -46.30
N LEU RB 120 -78.14 75.93 -46.51
CA LEU RB 120 -77.38 74.74 -46.15
C LEU RB 120 -76.42 75.10 -45.02
N GLY RB 121 -76.47 74.33 -43.94
CA GLY RB 121 -75.64 74.58 -42.79
C GLY RB 121 -76.14 75.65 -41.85
N ARG RB 122 -77.11 76.46 -42.29
CA ARG RB 122 -77.64 77.52 -41.44
C ARG RB 122 -78.58 76.94 -40.38
N LYS RB 123 -78.61 77.58 -39.22
CA LYS RB 123 -79.46 77.14 -38.12
C LYS RB 123 -80.78 77.90 -38.09
N LYS RB 124 -80.72 79.24 -38.03
CA LYS RB 124 -81.91 80.06 -38.05
C LYS RB 124 -81.90 81.15 -39.11
N GLY RB 125 -80.77 81.43 -39.75
CA GLY RB 125 -80.71 82.44 -40.78
C GLY RB 125 -80.79 83.85 -40.23
N ALA RB 126 -81.03 84.80 -41.15
CA ALA RB 126 -81.11 86.22 -40.84
C ALA RB 126 -79.85 86.71 -40.12
N LYS RB 127 -78.69 86.27 -40.61
CA LYS RB 127 -77.41 86.67 -40.03
C LYS RB 127 -76.43 87.27 -41.02
N LEU RB 128 -76.45 86.84 -42.28
CA LEU RB 128 -75.56 87.38 -43.32
C LEU RB 128 -76.39 88.13 -44.35
N THR RB 129 -77.35 88.93 -43.87
CA THR RB 129 -78.39 89.46 -44.73
C THR RB 129 -77.92 90.23 -45.97
N PRO RB 130 -76.91 91.10 -45.93
CA PRO RB 130 -76.52 91.81 -47.15
C PRO RB 130 -76.01 90.91 -48.27
N GLU RB 131 -75.80 89.62 -48.00
CA GLU RB 131 -75.42 88.66 -49.02
C GLU RB 131 -76.44 87.56 -49.19
N GLU RB 132 -76.89 86.94 -48.09
CA GLU RB 132 -77.87 85.86 -48.22
C GLU RB 132 -79.23 86.39 -48.68
N GLU RB 133 -79.60 87.61 -48.31
CA GLU RB 133 -80.79 88.22 -48.89
C GLU RB 133 -80.63 88.46 -50.38
N GLU RB 134 -79.44 88.86 -50.81
CA GLU RB 134 -79.19 89.03 -52.24
C GLU RB 134 -79.32 87.72 -53.00
N ILE RB 135 -78.81 86.62 -52.40
CA ILE RB 135 -78.82 85.34 -53.09
C ILE RB 135 -80.12 84.56 -52.98
N LEU RB 136 -80.95 84.84 -51.97
CA LEU RB 136 -82.21 84.09 -51.87
C LEU RB 136 -83.25 84.56 -52.88
N ASN RB 137 -83.36 85.86 -53.11
CA ASN RB 137 -84.38 86.41 -54.00
C ASN RB 137 -83.87 86.59 -55.43
N LYS RB 138 -82.84 87.42 -55.60
CA LYS RB 138 -82.18 87.67 -56.88
C LYS RB 138 -83.10 88.32 -57.92
N LYS RB 139 -84.36 88.59 -57.53
CA LYS RB 139 -85.40 89.23 -58.34
C LYS RB 139 -85.39 88.77 -59.81
N ARG RB 140 -85.27 87.46 -60.02
CA ARG RB 140 -84.96 86.97 -61.35
C ARG RB 140 -86.21 86.81 -62.19
N SER RB 141 -85.99 86.58 -63.49
CA SER RB 141 -87.04 86.53 -64.49
C SER RB 141 -87.82 85.22 -64.40
N LYS RB 142 -88.85 85.11 -65.23
CA LYS RB 142 -89.68 83.91 -65.23
C LYS RB 142 -88.91 82.69 -65.72
N LYS RB 143 -88.02 82.89 -66.70
CA LYS RB 143 -87.25 81.77 -67.24
C LYS RB 143 -86.22 81.27 -66.24
N ILE RB 144 -85.49 82.19 -65.60
CA ILE RB 144 -84.49 81.78 -64.63
C ILE RB 144 -85.16 81.18 -63.40
N GLN RB 145 -86.31 81.72 -63.01
CA GLN RB 145 -87.07 81.13 -61.91
C GLN RB 145 -87.58 79.74 -62.27
N LYS RB 146 -87.94 79.55 -63.55
CA LYS RB 146 -88.36 78.23 -64.01
C LYS RB 146 -87.19 77.26 -63.99
N LYS RB 147 -85.97 77.74 -64.21
CA LYS RB 147 -84.79 76.91 -64.01
C LYS RB 147 -84.60 76.57 -62.53
N TYR RB 148 -84.73 77.58 -61.66
CA TYR RB 148 -84.43 77.39 -60.24
C TYR RB 148 -85.42 76.43 -59.59
N ASP RB 149 -86.72 76.65 -59.78
CA ASP RB 149 -87.70 75.75 -59.18
C ASP RB 149 -87.68 74.38 -59.83
N GLU RB 150 -87.17 74.28 -61.06
CA GLU RB 150 -86.86 72.99 -61.64
C GLU RB 150 -85.74 72.29 -60.86
N ARG RB 151 -84.74 73.04 -60.42
CA ARG RB 151 -83.66 72.43 -59.64
C ARG RB 151 -83.95 72.36 -58.16
N LYS RB 152 -85.19 72.61 -57.73
CA LYS RB 152 -85.51 72.48 -56.31
C LYS RB 152 -85.92 71.06 -55.94
N LYS RB 153 -86.47 70.31 -56.88
CA LYS RB 153 -86.95 68.96 -56.57
C LYS RB 153 -85.78 68.03 -56.25
N ASN RB 154 -84.62 68.25 -56.87
CA ASN RB 154 -83.45 67.43 -56.68
C ASN RB 154 -82.43 68.07 -55.74
N ALA RB 155 -82.86 69.01 -54.92
CA ALA RB 155 -81.99 69.68 -53.94
C ALA RB 155 -82.01 68.98 -52.59
N LYS RB 156 -81.75 67.67 -52.59
CA LYS RB 156 -81.79 66.88 -51.37
C LYS RB 156 -80.39 66.40 -51.02
N ILE RB 157 -80.01 66.59 -49.75
CA ILE RB 157 -78.70 66.23 -49.24
C ILE RB 157 -78.89 65.17 -48.17
N SER RB 158 -77.96 64.23 -48.09
CA SER RB 158 -78.04 63.18 -47.07
C SER RB 158 -78.07 63.79 -45.68
N SER RB 159 -78.88 63.19 -44.81
CA SER RB 159 -79.06 63.73 -43.46
C SER RB 159 -77.75 63.74 -42.68
N LEU RB 160 -76.92 62.72 -42.86
CA LEU RB 160 -75.59 62.75 -42.26
C LEU RB 160 -74.76 63.88 -42.83
N LEU RB 161 -74.82 64.08 -44.14
CA LEU RB 161 -74.15 65.21 -44.76
C LEU RB 161 -74.76 66.53 -44.29
N GLU RB 162 -76.07 66.54 -44.05
CA GLU RB 162 -76.71 67.72 -43.48
C GLU RB 162 -76.14 68.05 -42.11
N GLU RB 163 -75.98 67.03 -41.27
CA GLU RB 163 -75.41 67.23 -39.94
C GLU RB 163 -73.98 67.74 -40.02
N GLN RB 164 -73.19 67.18 -40.93
CA GLN RB 164 -71.82 67.65 -41.08
C GLN RB 164 -71.77 69.09 -41.58
N PHE RB 165 -72.65 69.45 -42.51
CA PHE RB 165 -72.71 70.83 -42.97
C PHE RB 165 -73.13 71.78 -41.85
N GLN RB 166 -74.01 71.33 -40.96
CA GLN RB 166 -74.30 72.10 -39.76
C GLN RB 166 -73.05 72.26 -38.90
N GLN RB 167 -72.28 71.20 -38.75
CA GLN RB 167 -71.00 71.28 -38.05
C GLN RB 167 -69.99 72.15 -38.78
N GLY RB 168 -70.09 72.22 -40.11
CA GLY RB 168 -69.18 73.03 -40.90
C GLY RB 168 -67.87 72.37 -41.26
N LYS RB 169 -67.62 71.16 -40.80
CA LYS RB 169 -66.38 70.44 -41.07
C LYS RB 169 -66.72 69.11 -41.71
N LEU RB 170 -66.51 69.00 -43.02
CA LEU RB 170 -66.77 67.76 -43.74
C LEU RB 170 -65.57 66.83 -43.61
N LEU RB 171 -65.86 65.54 -43.54
CA LEU RB 171 -64.84 64.50 -43.48
C LEU RB 171 -64.74 63.84 -44.84
N ALA RB 172 -63.51 63.72 -45.34
CA ALA RB 172 -63.27 63.22 -46.68
C ALA RB 172 -62.01 62.36 -46.69
N CYS RB 173 -61.97 61.44 -47.65
CA CYS RB 173 -60.84 60.51 -47.79
C CYS RB 173 -59.88 61.03 -48.83
N ILE RB 174 -58.59 60.98 -48.52
CA ILE RB 174 -57.57 61.37 -49.48
C ILE RB 174 -57.50 60.34 -50.59
N ALA RB 175 -57.17 60.80 -51.80
CA ALA RB 175 -56.92 59.90 -52.92
C ALA RB 175 -55.48 59.96 -53.43
N SER RB 176 -54.85 61.12 -53.42
CA SER RB 176 -53.48 61.27 -53.90
C SER RB 176 -52.51 60.68 -52.88
N ARG RB 177 -51.24 60.60 -53.27
CA ARG RB 177 -50.20 60.01 -52.43
C ARG RB 177 -49.23 61.10 -51.98
N PRO RB 178 -49.32 61.55 -50.72
CA PRO RB 178 -48.38 62.56 -50.25
C PRO RB 178 -46.95 62.05 -50.24
N GLY RB 179 -46.01 62.94 -50.50
CA GLY RB 179 -44.63 62.57 -50.64
C GLY RB 179 -44.25 62.00 -51.99
N GLN RB 180 -45.21 61.90 -52.91
CA GLN RB 180 -44.97 61.47 -54.28
C GLN RB 180 -45.39 62.52 -55.29
N CYS RB 181 -46.53 63.18 -55.08
CA CYS RB 181 -47.01 64.21 -55.98
C CYS RB 181 -47.01 65.59 -55.36
N GLY RB 182 -46.90 65.70 -54.04
CA GLY RB 182 -46.88 67.00 -53.39
C GLY RB 182 -48.22 67.67 -53.23
N ARG RB 183 -49.30 66.89 -53.13
CA ARG RB 183 -50.63 67.43 -52.96
C ARG RB 183 -51.51 66.39 -52.30
N ALA RB 184 -52.63 66.84 -51.72
CA ALA RB 184 -53.46 66.02 -50.85
C ALA RB 184 -54.87 65.89 -51.40
N ASP RB 185 -54.97 65.60 -52.70
CA ASP RB 185 -56.27 65.52 -53.35
C ASP RB 185 -57.07 64.33 -52.81
N GLY RB 186 -58.39 64.46 -52.86
CA GLY RB 186 -59.26 63.42 -52.37
C GLY RB 186 -60.68 63.63 -52.83
N TYR RB 187 -61.60 62.94 -52.16
CA TYR RB 187 -63.01 62.97 -52.50
C TYR RB 187 -63.84 62.96 -51.23
N VAL RB 188 -65.00 63.61 -51.30
CA VAL RB 188 -65.87 63.76 -50.14
C VAL RB 188 -66.55 62.44 -49.83
N LEU RB 189 -66.48 62.02 -48.57
CA LEU RB 189 -67.08 60.77 -48.14
C LEU RB 189 -68.59 60.91 -48.02
N GLU RB 190 -69.31 59.94 -48.59
CA GLU RB 190 -70.76 59.96 -48.57
C GLU RB 190 -71.28 58.56 -48.85
N GLY RB 191 -72.55 58.33 -48.53
CA GLY RB 191 -73.16 57.05 -48.79
C GLY RB 191 -72.88 56.04 -47.70
N LYS RB 192 -72.96 54.76 -48.08
CA LYS RB 192 -72.69 53.68 -47.13
C LYS RB 192 -71.25 53.73 -46.64
N GLU RB 193 -70.33 54.25 -47.45
CA GLU RB 193 -68.96 54.46 -47.00
C GLU RB 193 -68.89 55.43 -45.84
N LEU RB 194 -69.68 56.50 -45.91
CA LEU RB 194 -69.73 57.47 -44.82
C LEU RB 194 -70.25 56.83 -43.54
N GLU RB 195 -71.29 56.01 -43.64
CA GLU RB 195 -71.81 55.34 -42.45
C GLU RB 195 -70.79 54.35 -41.90
N PHE RB 196 -70.06 53.65 -42.79
CA PHE RB 196 -69.02 52.72 -42.35
C PHE RB 196 -67.93 53.46 -41.56
N TYR RB 197 -67.44 54.56 -42.12
CA TYR RB 197 -66.40 55.33 -41.45
C TYR RB 197 -66.90 55.95 -40.15
N LEU RB 198 -68.13 56.45 -40.14
CA LEU RB 198 -68.70 57.03 -38.91
C LEU RB 198 -68.86 55.96 -37.84
N ARG RB 199 -69.28 54.76 -38.23
CA ARG RB 199 -69.37 53.67 -37.26
C ARG RB 199 -68.00 53.30 -36.72
N LYS RB 200 -66.98 53.30 -37.58
CA LYS RB 200 -65.62 53.06 -37.11
C LYS RB 200 -65.20 54.12 -36.09
N ILE RB 201 -65.46 55.39 -36.39
CA ILE RB 201 -65.09 56.47 -35.49
C ILE RB 201 -65.83 56.36 -34.17
N LYS RB 202 -67.14 56.10 -34.22
CA LYS RB 202 -67.94 56.04 -33.01
C LYS RB 202 -67.56 54.85 -32.14
N ALA RB 203 -67.28 53.70 -32.76
CA ALA RB 203 -66.82 52.55 -31.98
C ALA RB 203 -65.42 52.77 -31.44
N ARG RB 204 -64.62 53.63 -32.09
CA ARG RB 204 -63.28 53.91 -31.58
C ARG RB 204 -63.32 54.69 -30.28
N LYS RB 205 -64.21 55.67 -30.17
CA LYS RB 205 -64.26 56.52 -28.99
C LYS RB 205 -65.70 56.93 -28.71
N GLY RB 206 -66.06 56.99 -27.43
CA GLY RB 206 -67.39 57.38 -27.04
C GLY RB 206 -68.37 56.23 -26.99
N PRO SB 1 -10.28 41.20 -77.62
CA PRO SB 1 -8.83 41.39 -77.57
C PRO SB 1 -8.15 41.25 -78.93
N VAL SB 2 -7.31 40.23 -79.07
CA VAL SB 2 -6.52 40.09 -80.28
C VAL SB 2 -7.41 39.69 -81.46
N ALA SB 3 -6.89 39.92 -82.67
CA ALA SB 3 -7.60 39.63 -83.90
C ALA SB 3 -7.10 38.36 -84.58
N ARG SB 4 -6.64 37.38 -83.80
CA ARG SB 4 -6.12 36.14 -84.36
C ARG SB 4 -7.30 35.21 -84.65
N SER SB 5 -6.99 33.98 -85.04
CA SER SB 5 -8.02 32.95 -85.20
C SER SB 5 -7.71 31.68 -84.44
N TRP SB 6 -6.43 31.30 -84.34
CA TRP SB 6 -5.92 30.08 -83.73
C TRP SB 6 -6.80 28.86 -83.99
N VAL SB 7 -7.28 28.70 -85.21
CA VAL SB 7 -8.06 27.54 -85.60
C VAL SB 7 -7.14 26.62 -86.38
N CYS SB 8 -6.83 25.46 -85.80
CA CYS SB 8 -5.91 24.52 -86.42
C CYS SB 8 -6.28 23.12 -85.98
N ARG SB 9 -5.88 22.15 -86.80
CA ARG SB 9 -6.11 20.74 -86.48
C ARG SB 9 -4.91 19.93 -86.96
N LYS SB 10 -4.62 18.86 -86.25
CA LYS SB 10 -3.53 17.98 -86.63
C LYS SB 10 -3.89 17.23 -87.91
N THR SB 11 -2.85 16.88 -88.67
CA THR SB 11 -3.04 16.23 -89.96
C THR SB 11 -2.67 14.76 -89.96
N TYR SB 12 -2.37 14.18 -88.80
CA TYR SB 12 -1.94 12.78 -88.74
C TYR SB 12 -2.38 12.17 -87.42
N VAL SB 13 -2.43 10.84 -87.40
CA VAL SB 13 -2.81 10.08 -86.21
C VAL SB 13 -1.76 9.00 -85.97
N THR SB 14 -1.24 8.94 -84.75
CA THR SB 14 -0.28 7.91 -84.40
C THR SB 14 -0.96 6.54 -84.33
N PRO SB 15 -0.22 5.46 -84.57
CA PRO SB 15 -0.81 4.12 -84.45
C PRO SB 15 -1.21 3.82 -83.01
N ARG SB 16 -2.27 3.02 -82.87
CA ARG SB 16 -2.77 2.67 -81.55
C ARG SB 16 -1.75 1.88 -80.74
N ARG SB 17 -1.20 0.84 -81.34
CA ARG SB 17 -0.17 0.06 -80.68
C ARG SB 17 1.13 0.16 -81.46
N PRO SB 18 2.25 0.42 -80.81
CA PRO SB 18 3.52 0.49 -81.52
C PRO SB 18 4.25 -0.85 -81.53
N PHE SB 19 5.28 -0.90 -82.36
CA PHE SB 19 6.29 -1.96 -82.36
C PHE SB 19 5.67 -3.31 -82.75
N GLU SB 20 4.98 -3.30 -83.88
CA GLU SB 20 4.40 -4.50 -84.47
C GLU SB 20 4.96 -4.66 -85.88
N LYS SB 21 5.34 -5.89 -86.22
CA LYS SB 21 6.14 -6.12 -87.42
C LYS SB 21 5.36 -5.80 -88.70
N SER SB 22 4.09 -6.21 -88.76
CA SER SB 22 3.33 -6.07 -90.00
C SER SB 22 3.13 -4.61 -90.38
N ARG SB 23 2.64 -3.79 -89.45
CA ARG SB 23 2.41 -2.38 -89.73
C ARG SB 23 3.70 -1.65 -90.03
N LEU SB 24 4.76 -1.92 -89.27
CA LEU SB 24 6.05 -1.29 -89.53
C LEU SB 24 6.56 -1.64 -90.92
N ASP SB 25 6.49 -2.91 -91.30
CA ASP SB 25 6.99 -3.33 -92.59
C ASP SB 25 6.16 -2.74 -93.73
N GLN SB 26 4.83 -2.71 -93.58
CA GLN SB 26 4.00 -2.13 -94.63
C GLN SB 26 4.26 -0.64 -94.79
N GLU SB 27 4.38 0.08 -93.67
CA GLU SB 27 4.65 1.51 -93.76
C GLU SB 27 6.03 1.79 -94.36
N LEU SB 28 7.03 0.99 -93.99
CA LEU SB 28 8.36 1.17 -94.57
C LEU SB 28 8.35 0.84 -96.06
N LYS SB 29 7.59 -0.18 -96.46
CA LYS SB 29 7.45 -0.50 -97.87
C LYS SB 29 6.84 0.67 -98.64
N LEU SB 30 5.77 1.26 -98.12
CA LEU SB 30 5.14 2.39 -98.79
C LEU SB 30 6.08 3.59 -98.85
N ILE SB 31 6.83 3.83 -97.78
CA ILE SB 31 7.78 4.94 -97.78
C ILE SB 31 8.87 4.72 -98.82
N GLY SB 32 9.41 3.51 -98.88
CA GLY SB 32 10.45 3.22 -99.85
C GLY SB 32 9.95 3.32 -101.28
N GLU SB 33 8.71 2.90 -101.53
CA GLU SB 33 8.17 2.98 -102.88
C GLU SB 33 7.85 4.42 -103.28
N TYR SB 34 7.23 5.19 -102.40
CA TYR SB 34 6.82 6.56 -102.73
C TYR SB 34 7.88 7.60 -102.36
N GLY SB 35 9.02 7.17 -101.81
CA GLY SB 35 10.10 8.09 -101.49
C GLY SB 35 9.73 9.13 -100.46
N LEU SB 36 9.06 8.70 -99.39
CA LEU SB 36 8.62 9.62 -98.36
C LEU SB 36 9.71 9.81 -97.30
N ARG SB 37 9.66 10.97 -96.63
CA ARG SB 37 10.68 11.33 -95.67
C ARG SB 37 10.59 10.52 -94.37
N ASN SB 38 9.38 10.38 -93.82
CA ASN SB 38 9.22 9.71 -92.54
C ASN SB 38 7.80 9.18 -92.43
N LYS SB 39 7.49 8.57 -91.29
CA LYS SB 39 6.20 7.95 -91.08
C LYS SB 39 5.08 8.96 -90.86
N ARG SB 40 5.42 10.21 -90.58
CA ARG SB 40 4.38 11.20 -90.32
C ARG SB 40 3.55 11.48 -91.56
N GLU SB 41 4.19 11.68 -92.71
CA GLU SB 41 3.50 12.09 -93.92
C GLU SB 41 2.81 10.94 -94.64
N VAL SB 42 3.01 9.71 -94.18
CA VAL SB 42 2.15 8.60 -94.59
C VAL SB 42 1.01 8.38 -93.61
N TRP SB 43 1.21 8.63 -92.32
CA TRP SB 43 0.07 8.68 -91.41
C TRP SB 43 -0.88 9.80 -91.77
N ARG SB 44 -0.38 10.87 -92.40
CA ARG SB 44 -1.24 11.95 -92.84
C ARG SB 44 -2.20 11.48 -93.93
N VAL SB 45 -1.69 10.79 -94.94
CA VAL SB 45 -2.58 10.32 -96.01
C VAL SB 45 -3.47 9.20 -95.50
N LYS SB 46 -2.99 8.39 -94.55
CA LYS SB 46 -3.87 7.41 -93.91
C LYS SB 46 -5.01 8.09 -93.17
N PHE SB 47 -4.71 9.18 -92.47
CA PHE SB 47 -5.73 9.98 -91.81
C PHE SB 47 -6.73 10.53 -92.81
N THR SB 48 -6.24 11.03 -93.95
CA THR SB 48 -7.14 11.56 -94.97
C THR SB 48 -8.06 10.49 -95.51
N LEU SB 49 -7.52 9.30 -95.80
CA LEU SB 49 -8.34 8.20 -96.28
C LEU SB 49 -9.36 7.78 -95.23
N ALA SB 50 -8.95 7.72 -93.96
CA ALA SB 50 -9.89 7.35 -92.91
C ALA SB 50 -11.01 8.37 -92.78
N LYS SB 51 -10.69 9.66 -92.87
CA LYS SB 51 -11.70 10.70 -92.84
C LYS SB 51 -12.67 10.56 -94.00
N ILE SB 52 -12.15 10.33 -95.20
CA ILE SB 52 -13.01 10.20 -96.38
C ILE SB 52 -13.91 8.97 -96.25
N ARG SB 53 -13.34 7.86 -95.77
CA ARG SB 53 -14.12 6.64 -95.62
C ARG SB 53 -15.19 6.78 -94.54
N LYS SB 54 -14.87 7.48 -93.45
CA LYS SB 54 -15.86 7.74 -92.42
C LYS SB 54 -17.00 8.60 -92.96
N ALA SB 55 -16.66 9.63 -93.75
CA ALA SB 55 -17.69 10.46 -94.37
C ALA SB 55 -18.57 9.63 -95.30
N ALA SB 56 -17.95 8.76 -96.10
CA ALA SB 56 -18.71 7.92 -97.01
C ALA SB 56 -19.62 6.95 -96.26
N ARG SB 57 -19.13 6.37 -95.16
CA ARG SB 57 -19.96 5.50 -94.35
C ARG SB 57 -21.14 6.24 -93.76
N GLU SB 58 -20.89 7.45 -93.24
CA GLU SB 58 -21.97 8.27 -92.69
C GLU SB 58 -23.00 8.61 -93.75
N LEU SB 59 -22.54 8.91 -94.97
CA LEU SB 59 -23.47 9.15 -96.06
C LEU SB 59 -24.27 7.90 -96.40
N LEU SB 60 -23.63 6.74 -96.37
CA LEU SB 60 -24.32 5.49 -96.67
C LEU SB 60 -25.36 5.14 -95.61
N THR SB 61 -25.14 5.57 -94.37
CA THR SB 61 -26.13 5.31 -93.32
C THR SB 61 -27.45 6.02 -93.58
N LEU SB 62 -27.40 7.26 -94.10
CA LEU SB 62 -28.62 7.99 -94.37
C LEU SB 62 -29.41 7.34 -95.50
N ASP SB 63 -30.72 7.57 -95.48
CA ASP SB 63 -31.61 6.94 -96.45
C ASP SB 63 -31.38 7.50 -97.84
N GLU SB 64 -31.67 6.68 -98.85
CA GLU SB 64 -31.56 7.11 -100.24
C GLU SB 64 -32.58 8.20 -100.53
N LYS SB 65 -32.22 9.08 -101.47
CA LYS SB 65 -33.00 10.19 -102.01
C LYS SB 65 -33.04 11.36 -101.01
N ASP SB 66 -32.43 11.22 -99.84
CA ASP SB 66 -32.25 12.34 -98.92
C ASP SB 66 -31.38 13.39 -99.60
N PRO SB 67 -31.85 14.63 -99.76
CA PRO SB 67 -31.05 15.63 -100.50
C PRO SB 67 -29.69 15.91 -99.87
N ARG SB 68 -29.57 15.83 -98.55
CA ARG SB 68 -28.25 15.95 -97.94
C ARG SB 68 -27.33 14.83 -98.40
N ARG SB 69 -27.82 13.59 -98.36
CA ARG SB 69 -27.06 12.45 -98.84
C ARG SB 69 -26.68 12.61 -100.31
N LEU SB 70 -27.65 13.01 -101.14
CA LEU SB 70 -27.38 13.19 -102.56
C LEU SB 70 -26.32 14.24 -102.80
N PHE SB 71 -26.50 15.43 -102.21
CA PHE SB 71 -25.59 16.53 -102.47
C PHE SB 71 -24.18 16.22 -101.97
N GLU SB 72 -24.07 15.69 -100.75
CA GLU SB 72 -22.74 15.40 -100.24
C GLU SB 72 -22.09 14.23 -100.96
N GLY SB 73 -22.87 13.24 -101.40
CA GLY SB 73 -22.29 12.18 -102.21
C GLY SB 73 -21.75 12.69 -103.53
N ASN SB 74 -22.52 13.53 -104.22
CA ASN SB 74 -22.02 14.09 -105.47
C ASN SB 74 -20.82 15.01 -105.24
N ALA SB 75 -20.82 15.78 -104.16
CA ALA SB 75 -19.67 16.64 -103.89
C ALA SB 75 -18.41 15.81 -103.62
N LEU SB 76 -18.53 14.75 -102.81
CA LEU SB 76 -17.38 13.93 -102.52
C LEU SB 76 -16.90 13.18 -103.77
N LEU SB 77 -17.84 12.68 -104.58
CA LEU SB 77 -17.45 12.02 -105.82
C LEU SB 77 -16.76 12.98 -106.78
N ARG SB 78 -17.23 14.23 -106.85
CA ARG SB 78 -16.59 15.20 -107.72
C ARG SB 78 -15.18 15.53 -107.22
N ARG SB 79 -15.01 15.68 -105.91
CA ARG SB 79 -13.66 15.93 -105.39
C ARG SB 79 -12.77 14.72 -105.58
N LEU SB 80 -13.35 13.51 -105.60
CA LEU SB 80 -12.55 12.31 -105.85
C LEU SB 80 -12.12 12.24 -107.30
N VAL SB 81 -13.02 12.51 -108.24
CA VAL SB 81 -12.67 12.38 -109.65
C VAL SB 81 -11.81 13.55 -110.13
N ARG SB 82 -11.87 14.70 -109.48
CA ARG SB 82 -11.00 15.80 -109.89
C ARG SB 82 -9.54 15.49 -109.60
N ILE SB 83 -9.25 14.89 -108.45
CA ILE SB 83 -7.87 14.57 -108.09
C ILE SB 83 -7.40 13.28 -108.74
N GLY SB 84 -8.27 12.56 -109.45
CA GLY SB 84 -7.87 11.41 -110.22
C GLY SB 84 -7.80 10.10 -109.48
N VAL SB 85 -8.05 10.09 -108.16
CA VAL SB 85 -8.01 8.85 -107.41
C VAL SB 85 -9.20 7.96 -107.75
N LEU SB 86 -10.24 8.50 -108.36
CA LEU SB 86 -11.44 7.75 -108.70
C LEU SB 86 -11.68 7.79 -110.20
N ASP SB 87 -12.13 6.66 -110.74
CA ASP SB 87 -12.54 6.62 -112.13
C ASP SB 87 -13.77 7.50 -112.34
N GLU SB 88 -13.87 8.05 -113.55
CA GLU SB 88 -14.99 8.95 -113.85
C GLU SB 88 -16.33 8.25 -113.76
N GLY SB 89 -16.41 7.00 -114.25
CA GLY SB 89 -17.66 6.28 -114.22
C GLY SB 89 -18.01 5.62 -112.91
N LYS SB 90 -17.08 5.59 -111.95
CA LYS SB 90 -17.33 4.96 -110.66
C LYS SB 90 -17.95 5.96 -109.68
N MET SB 91 -19.16 6.39 -110.02
CA MET SB 91 -19.86 7.40 -109.22
C MET SB 91 -20.86 6.71 -108.29
N LYS SB 92 -20.30 5.93 -107.35
CA LYS SB 92 -21.09 5.25 -106.34
C LYS SB 92 -20.42 5.41 -104.98
N LEU SB 93 -21.23 5.33 -103.94
CA LEU SB 93 -20.71 5.45 -102.58
C LEU SB 93 -19.92 4.21 -102.17
N ASP SB 94 -20.23 3.05 -102.72
CA ASP SB 94 -19.53 1.82 -102.33
C ASP SB 94 -18.11 1.80 -102.85
N TYR SB 95 -17.86 2.33 -104.05
CA TYR SB 95 -16.52 2.34 -104.60
C TYR SB 95 -15.57 3.24 -103.82
N ILE SB 96 -16.11 4.15 -103.00
CA ILE SB 96 -15.27 4.95 -102.13
C ILE SB 96 -14.59 4.07 -101.10
N LEU SB 97 -15.31 3.10 -100.55
CA LEU SB 97 -14.76 2.22 -99.53
C LEU SB 97 -13.66 1.32 -100.07
N GLY SB 98 -13.67 1.01 -101.36
CA GLY SB 98 -12.66 0.16 -101.95
C GLY SB 98 -11.35 0.84 -102.24
N LEU SB 99 -11.25 2.13 -101.96
CA LEU SB 99 -10.04 2.89 -102.22
C LEU SB 99 -8.95 2.51 -101.21
N LYS SB 100 -7.71 2.85 -101.56
CA LYS SB 100 -6.55 2.59 -100.73
C LYS SB 100 -5.60 3.78 -100.80
N ILE SB 101 -4.69 3.85 -99.82
CA ILE SB 101 -3.77 4.98 -99.73
C ILE SB 101 -2.74 4.99 -100.86
N GLU SB 102 -2.55 3.87 -101.55
CA GLU SB 102 -1.66 3.87 -102.71
C GLU SB 102 -2.18 4.79 -103.81
N ASP SB 103 -3.49 4.85 -103.98
CA ASP SB 103 -4.07 5.72 -105.01
C ASP SB 103 -3.78 7.19 -104.71
N PHE SB 104 -3.97 7.61 -103.46
CA PHE SB 104 -3.67 9.00 -103.10
C PHE SB 104 -2.18 9.29 -103.20
N LEU SB 105 -1.34 8.35 -102.76
CA LEU SB 105 0.10 8.56 -102.82
C LEU SB 105 0.60 8.60 -104.26
N GLU SB 106 -0.12 7.95 -105.18
CA GLU SB 106 0.23 8.03 -106.59
C GLU SB 106 -0.02 9.41 -107.16
N ARG SB 107 -1.05 10.11 -106.69
CA ARG SB 107 -1.39 11.43 -107.21
C ARG SB 107 -0.49 12.54 -106.66
N ARG SB 108 0.54 12.20 -105.89
CA ARG SB 108 1.47 13.20 -105.42
C ARG SB 108 2.27 13.78 -106.57
N LEU SB 109 2.70 15.04 -106.42
CA LEU SB 109 3.57 15.65 -107.41
C LEU SB 109 4.90 14.91 -107.51
N GLN SB 110 5.43 14.47 -106.38
CA GLN SB 110 6.72 13.79 -106.37
C GLN SB 110 6.67 12.50 -107.18
N THR SB 111 5.56 11.75 -107.07
CA THR SB 111 5.41 10.55 -107.88
C THR SB 111 5.07 10.87 -109.32
N GLN SB 112 4.27 11.91 -109.55
CA GLN SB 112 3.84 12.22 -110.91
C GLN SB 112 4.99 12.69 -111.78
N VAL SB 113 5.91 13.48 -111.22
CA VAL SB 113 7.04 13.93 -112.03
C VAL SB 113 7.93 12.76 -112.40
N PHE SB 114 8.04 11.75 -111.52
CA PHE SB 114 8.79 10.56 -111.86
C PHE SB 114 8.08 9.73 -112.90
N LYS SB 115 6.74 9.63 -112.82
CA LYS SB 115 5.98 8.91 -113.83
C LYS SB 115 6.08 9.59 -115.18
N LEU SB 116 6.04 10.93 -115.20
CA LEU SB 116 6.16 11.66 -116.46
C LEU SB 116 7.56 11.59 -117.04
N GLY SB 117 8.54 11.07 -116.31
CA GLY SB 117 9.89 10.96 -116.81
C GLY SB 117 10.77 12.16 -116.56
N LEU SB 118 10.25 13.21 -115.90
CA LEU SB 118 11.06 14.37 -115.59
C LEU SB 118 12.14 14.07 -114.55
N ALA SB 119 12.03 12.95 -113.86
CA ALA SB 119 13.05 12.53 -112.90
C ALA SB 119 13.39 11.07 -113.14
N LYS SB 120 14.62 10.70 -112.80
CA LYS SB 120 15.09 9.34 -112.99
C LYS SB 120 14.78 8.44 -111.81
N SER SB 121 14.34 8.99 -110.68
CA SER SB 121 13.97 8.20 -109.52
C SER SB 121 13.07 9.05 -108.64
N ILE SB 122 12.42 8.38 -107.68
CA ILE SB 122 11.52 9.09 -106.78
C ILE SB 122 12.30 10.03 -105.85
N HIS SB 123 13.50 9.63 -105.42
CA HIS SB 123 14.32 10.51 -104.62
C HIS SB 123 14.88 11.66 -105.44
N HIS SB 124 15.29 11.38 -106.68
CA HIS SB 124 15.62 12.44 -107.61
C HIS SB 124 14.43 13.36 -107.84
N ALA SB 125 13.22 12.79 -107.87
CA ALA SB 125 12.02 13.60 -108.03
C ALA SB 125 11.85 14.56 -106.86
N ARG SB 126 12.00 14.06 -105.63
CA ARG SB 126 11.83 14.92 -104.46
C ARG SB 126 12.90 16.01 -104.40
N VAL SB 127 14.16 15.64 -104.64
CA VAL SB 127 15.22 16.65 -104.56
C VAL SB 127 15.14 17.62 -105.73
N LEU SB 128 14.51 17.21 -106.83
CA LEU SB 128 14.28 18.12 -107.94
C LEU SB 128 13.16 19.11 -107.61
N ILE SB 129 12.10 18.61 -106.97
CA ILE SB 129 10.98 19.47 -106.63
C ILE SB 129 11.37 20.49 -105.56
N ARG SB 130 12.19 20.06 -104.58
CA ARG SB 130 12.54 20.95 -103.48
C ARG SB 130 13.39 22.13 -103.93
N GLN SB 131 14.20 21.95 -104.97
CA GLN SB 131 15.07 23.02 -105.44
C GLN SB 131 14.42 23.90 -106.50
N ARG SB 132 13.08 23.92 -106.55
CA ARG SB 132 12.32 24.83 -107.41
C ARG SB 132 12.69 24.65 -108.89
N HIS SB 133 12.50 23.44 -109.39
CA HIS SB 133 12.71 23.16 -110.80
C HIS SB 133 11.44 22.79 -111.55
N ILE SB 134 10.36 22.47 -110.84
CA ILE SB 134 9.14 21.96 -111.43
C ILE SB 134 8.06 23.03 -111.32
N ARG SB 135 7.30 23.22 -112.40
CA ARG SB 135 6.19 24.14 -112.40
C ARG SB 135 4.95 23.46 -112.96
N VAL SB 136 3.79 23.98 -112.58
CA VAL SB 136 2.51 23.52 -113.08
C VAL SB 136 1.82 24.69 -113.75
N ARG SB 137 1.33 24.47 -114.98
CA ARG SB 137 0.72 25.52 -115.78
C ARG SB 137 1.72 26.65 -115.96
N LYS SB 138 1.72 27.60 -115.02
CA LYS SB 138 2.76 28.61 -114.92
C LYS SB 138 3.42 28.66 -113.54
N GLN SB 139 2.68 28.38 -112.48
CA GLN SB 139 3.21 28.49 -111.13
C GLN SB 139 4.20 27.36 -110.83
N VAL SB 140 5.28 27.68 -110.12
CA VAL SB 140 6.21 26.67 -109.66
C VAL SB 140 5.74 26.12 -108.32
N VAL SB 141 5.97 24.82 -108.10
CA VAL SB 141 5.57 24.14 -106.87
C VAL SB 141 6.81 23.54 -106.23
N ASN SB 142 7.00 23.81 -104.94
CA ASN SB 142 8.12 23.27 -104.17
C ASN SB 142 7.66 22.30 -103.09
N ILE SB 143 6.44 21.78 -103.21
CA ILE SB 143 5.86 20.89 -102.20
C ILE SB 143 5.72 19.50 -102.81
N PRO SB 144 6.46 18.51 -102.33
CA PRO SB 144 6.35 17.15 -102.91
C PRO SB 144 4.96 16.54 -102.79
N SER SB 145 4.23 16.86 -101.72
CA SER SB 145 2.90 16.31 -101.49
C SER SB 145 1.81 17.03 -102.26
N PHE SB 146 2.17 17.83 -103.26
CA PHE SB 146 1.19 18.55 -104.06
C PHE SB 146 0.39 17.54 -104.89
N ILE SB 147 -0.88 17.34 -104.53
CA ILE SB 147 -1.72 16.43 -105.28
C ILE SB 147 -2.16 17.11 -106.56
N VAL SB 148 -1.97 16.43 -107.69
CA VAL SB 148 -2.22 17.00 -109.01
C VAL SB 148 -3.58 16.52 -109.48
N ARG SB 149 -4.44 17.47 -109.85
CA ARG SB 149 -5.72 17.12 -110.41
C ARG SB 149 -5.56 16.61 -111.84
N LEU SB 150 -6.66 16.07 -112.38
CA LEU SB 150 -6.61 15.51 -113.73
C LEU SB 150 -6.34 16.59 -114.78
N ASP SB 151 -6.97 17.76 -114.63
CA ASP SB 151 -6.76 18.83 -115.59
C ASP SB 151 -5.35 19.40 -115.52
N SER SB 152 -4.74 19.40 -114.33
CA SER SB 152 -3.37 19.87 -114.16
C SER SB 152 -2.34 18.79 -114.43
N GLN SB 153 -2.77 17.57 -114.75
CA GLN SB 153 -1.82 16.49 -115.01
C GLN SB 153 -0.99 16.77 -116.25
N LYS SB 154 -1.59 17.31 -117.30
CA LYS SB 154 -0.88 17.56 -118.54
C LYS SB 154 0.09 18.74 -118.45
N HIS SB 155 -0.18 19.72 -117.61
CA HIS SB 155 0.59 20.96 -117.59
C HIS SB 155 1.77 20.93 -116.63
N ILE SB 156 2.23 19.74 -116.23
CA ILE SB 156 3.43 19.66 -115.40
C ILE SB 156 4.66 19.77 -116.30
N ASP SB 157 5.56 20.68 -115.94
CA ASP SB 157 6.71 20.99 -116.79
C ASP SB 157 7.79 21.62 -115.93
N PHE SB 158 9.01 21.61 -116.46
CA PHE SB 158 10.13 22.27 -115.80
C PHE SB 158 9.90 23.77 -115.71
N SER SB 159 10.44 24.36 -114.65
CA SER SB 159 10.40 25.81 -114.50
C SER SB 159 11.30 26.48 -115.54
N LEU SB 160 10.88 27.67 -115.97
CA LEU SB 160 11.68 28.41 -116.95
C LEU SB 160 13.02 28.86 -116.37
N ARG SB 161 13.02 29.36 -115.14
CA ARG SB 161 14.25 29.82 -114.52
C ARG SB 161 15.17 28.68 -114.12
N SER SB 162 14.65 27.46 -114.00
CA SER SB 162 15.48 26.33 -113.64
C SER SB 162 16.47 26.01 -114.76
N PRO SB 163 17.63 25.42 -114.42
CA PRO SB 163 18.59 25.05 -115.47
C PRO SB 163 18.21 23.74 -116.17
N TYR SB 164 16.92 23.60 -116.46
CA TYR SB 164 16.38 22.49 -117.23
C TYR SB 164 15.40 22.91 -118.31
N GLY SB 165 14.81 24.10 -118.22
CA GLY SB 165 14.03 24.67 -119.28
C GLY SB 165 14.85 25.70 -120.03
N GLY SB 166 14.66 26.97 -119.69
CA GLY SB 166 15.46 28.03 -120.27
C GLY SB 166 16.91 27.98 -119.82
N GLY SB 167 17.59 29.11 -120.03
CA GLY SB 167 19.01 29.20 -119.75
C GLY SB 167 19.34 29.38 -118.28
N ARG SB 168 20.31 30.26 -117.99
CA ARG SB 168 20.77 30.57 -116.65
C ARG SB 168 21.27 29.31 -115.94
N PRO SB 169 22.44 28.78 -116.32
CA PRO SB 169 22.94 27.57 -115.65
C PRO SB 169 23.29 27.81 -114.19
N GLY SB 170 23.38 26.74 -113.41
CA GLY SB 170 23.57 26.86 -111.97
C GLY SB 170 24.90 27.46 -111.58
N ARG SB 171 25.02 27.74 -110.29
CA ARG SB 171 26.19 28.45 -109.78
C ARG SB 171 27.46 27.61 -109.92
N VAL SB 172 27.33 26.29 -109.81
CA VAL SB 172 28.51 25.44 -109.90
C VAL SB 172 28.97 25.30 -111.34
N LYS SB 173 28.04 25.25 -112.30
CA LYS SB 173 28.41 25.29 -113.70
C LYS SB 173 29.12 26.59 -114.05
N ARG SB 174 28.60 27.71 -113.54
CA ARG SB 174 29.25 28.99 -113.77
C ARG SB 174 30.63 29.03 -113.13
N LYS SB 175 30.78 28.47 -111.92
CA LYS SB 175 32.08 28.42 -111.27
C LYS SB 175 33.06 27.58 -112.06
N ASN SB 176 32.62 26.44 -112.57
CA ASN SB 176 33.49 25.60 -113.39
C ASN SB 176 33.89 26.32 -114.67
N ALA SB 177 32.95 27.02 -115.31
CA ALA SB 177 33.26 27.76 -116.54
C ALA SB 177 34.26 28.88 -116.27
N LYS SB 178 34.09 29.62 -115.18
CA LYS SB 178 34.99 30.72 -114.91
C LYS SB 178 36.36 30.21 -114.45
N LYS SB 179 36.40 29.08 -113.74
CA LYS SB 179 37.67 28.43 -113.46
C LYS SB 179 38.37 28.00 -114.73
N GLY SB 180 37.63 27.43 -115.68
CA GLY SB 180 38.23 27.01 -116.93
C GLY SB 180 38.78 28.17 -117.75
N GLN SB 181 38.04 29.28 -117.81
CA GLN SB 181 38.55 30.42 -118.56
C GLN SB 181 39.66 31.16 -117.83
N GLY SB 182 39.69 31.10 -116.49
CA GLY SB 182 40.80 31.66 -115.76
C GLY SB 182 42.02 30.76 -115.73
N GLY SB 183 41.85 29.49 -116.10
CA GLY SB 183 42.97 28.58 -116.20
C GLY SB 183 43.52 28.49 -117.60
N ALA SB 184 42.64 28.47 -118.59
CA ALA SB 184 43.02 28.42 -120.00
C ALA SB 184 42.45 29.65 -120.71
N GLY SB 185 43.32 30.38 -121.40
CA GLY SB 185 42.92 31.60 -122.08
C GLY SB 185 42.02 31.36 -123.28
N ALA TB 1 -71.50 36.07 -45.14
CA ALA TB 1 -71.14 37.11 -44.19
C ALA TB 1 -71.02 38.47 -44.88
N ASP TB 2 -70.78 39.50 -44.10
CA ASP TB 2 -70.59 40.84 -44.64
C ASP TB 2 -69.25 40.91 -45.38
N ILE TB 3 -69.16 41.85 -46.32
CA ILE TB 3 -67.93 42.02 -47.10
C ILE TB 3 -67.00 43.07 -46.52
N GLN TB 4 -67.49 43.92 -45.63
CA GLN TB 4 -66.66 44.96 -45.02
C GLN TB 4 -66.02 44.41 -43.75
N THR TB 5 -65.09 43.48 -43.94
CA THR TB 5 -64.41 42.81 -42.84
C THR TB 5 -63.02 43.35 -42.58
N GLU TB 6 -62.66 44.48 -43.16
CA GLU TB 6 -61.34 45.08 -42.99
C GLU TB 6 -61.48 46.44 -42.32
N ARG TB 7 -60.33 46.98 -41.91
CA ARG TB 7 -60.30 48.31 -41.33
C ARG TB 7 -60.65 49.37 -42.36
N ALA TB 8 -60.24 49.18 -43.61
CA ALA TB 8 -60.54 50.12 -44.67
C ALA TB 8 -61.88 49.78 -45.32
N TYR TB 9 -62.37 50.72 -46.12
CA TYR TB 9 -63.60 50.49 -46.90
C TYR TB 9 -63.27 49.60 -48.09
N GLN TB 10 -64.03 48.51 -48.24
CA GLN TB 10 -63.81 47.60 -49.34
C GLN TB 10 -64.81 47.90 -50.45
N LYS TB 11 -64.31 48.18 -51.64
CA LYS TB 11 -65.17 48.57 -52.75
C LYS TB 11 -64.45 48.31 -54.06
N GLN TB 12 -65.24 48.26 -55.13
CA GLN TB 12 -64.67 48.19 -56.48
C GLN TB 12 -64.28 49.59 -56.93
N PRO TB 13 -63.03 49.83 -57.31
CA PRO TB 13 -62.61 51.20 -57.65
C PRO TB 13 -63.33 51.78 -58.85
N THR TB 14 -63.82 50.94 -59.77
CA THR TB 14 -64.48 51.46 -60.96
C THR TB 14 -65.86 52.03 -60.62
N ILE TB 15 -66.63 51.31 -59.81
CA ILE TB 15 -68.03 51.66 -59.57
C ILE TB 15 -68.09 52.89 -58.67
N PHE TB 16 -68.87 53.89 -59.10
CA PHE TB 16 -69.17 55.05 -58.28
C PHE TB 16 -70.47 54.78 -57.51
N GLN TB 17 -70.35 54.66 -56.20
CA GLN TB 17 -71.46 54.25 -55.35
C GLN TB 17 -72.51 55.33 -55.17
N ASN TB 18 -72.11 56.59 -55.11
CA ASN TB 18 -72.98 57.66 -54.64
C ASN TB 18 -73.62 58.42 -55.80
N LYS TB 19 -74.49 57.71 -56.53
CA LYS TB 19 -75.14 58.28 -57.71
C LYS TB 19 -76.50 58.89 -57.34
N LYS TB 20 -76.42 59.97 -56.56
CA LYS TB 20 -77.45 61.01 -56.44
C LYS TB 20 -78.86 60.42 -56.28
N ARG TB 21 -79.06 59.75 -55.15
CA ARG TB 21 -80.37 59.22 -54.81
C ARG TB 21 -81.38 60.36 -54.71
N VAL TB 22 -82.32 60.42 -55.65
CA VAL TB 22 -83.33 61.46 -55.73
C VAL TB 22 -84.70 60.80 -55.82
N LEU TB 23 -85.74 61.64 -55.98
CA LEU TB 23 -87.10 61.15 -55.88
C LEU TB 23 -87.46 60.20 -57.02
N LEU TB 24 -86.92 60.45 -58.21
CA LEU TB 24 -87.16 59.55 -59.34
C LEU TB 24 -86.51 58.19 -59.15
N GLY TB 25 -85.56 58.08 -58.23
CA GLY TB 25 -85.00 56.80 -57.84
C GLY TB 25 -85.79 56.23 -56.67
N GLU TB 26 -86.53 55.16 -56.94
CA GLU TB 26 -87.37 54.52 -55.93
C GLU TB 26 -86.47 53.77 -54.97
N THR TB 27 -86.14 54.42 -53.86
CA THR TB 27 -85.27 53.83 -52.83
C THR TB 27 -86.10 53.50 -51.61
N GLY TB 28 -86.09 52.24 -51.20
CA GLY TB 28 -85.37 51.17 -51.88
C GLY TB 28 -86.23 50.49 -52.93
N LYS TB 29 -85.69 49.46 -53.57
CA LYS TB 29 -84.33 48.96 -53.36
C LYS TB 29 -83.58 48.87 -54.69
N GLU TB 30 -82.41 49.50 -54.75
CA GLU TB 30 -81.58 49.51 -55.95
C GLU TB 30 -80.31 48.70 -55.68
N LYS TB 31 -80.09 47.67 -56.49
CA LYS TB 31 -78.91 46.84 -56.32
C LYS TB 31 -77.68 47.56 -56.84
N LEU TB 32 -76.57 47.37 -56.14
CA LEU TB 32 -75.31 47.99 -56.54
C LEU TB 32 -74.85 47.44 -57.88
N PRO TB 33 -74.55 48.29 -58.86
CA PRO TB 33 -73.94 47.80 -60.10
C PRO TB 33 -72.57 47.21 -59.82
N ARG TB 34 -72.28 46.10 -60.52
CA ARG TB 34 -71.06 45.35 -60.30
C ARG TB 34 -70.13 45.48 -61.49
N TYR TB 35 -68.85 45.71 -61.21
CA TYR TB 35 -67.85 45.83 -62.25
C TYR TB 35 -67.24 44.46 -62.54
N TYR TB 36 -67.18 44.10 -63.82
CA TYR TB 36 -66.57 42.84 -64.21
C TYR TB 36 -66.05 42.97 -65.63
N LYS TB 37 -65.10 42.11 -65.98
CA LYS TB 37 -64.55 42.06 -67.33
C LYS TB 37 -64.33 40.62 -67.73
N ASN TB 38 -64.35 40.37 -69.03
CA ASN TB 38 -63.89 39.09 -69.54
C ASN TB 38 -62.38 39.15 -69.76
N ILE TB 39 -61.71 38.02 -69.53
CA ILE TB 39 -60.25 38.00 -69.57
C ILE TB 39 -59.69 37.42 -70.86
N GLY TB 40 -60.54 37.10 -71.82
CA GLY TB 40 -60.06 36.60 -73.09
C GLY TB 40 -59.65 35.14 -73.05
N LEU TB 41 -59.02 34.71 -74.15
CA LEU TB 41 -58.56 33.33 -74.37
C LEU TB 41 -59.70 32.32 -74.23
N GLY TB 42 -60.94 32.73 -74.48
CA GLY TB 42 -62.08 31.84 -74.39
C GLY TB 42 -62.57 31.56 -72.99
N PHE TB 43 -61.97 32.17 -71.97
CA PHE TB 43 -62.38 31.90 -70.60
C PHE TB 43 -63.63 32.70 -70.24
N LYS TB 44 -64.71 31.99 -69.98
CA LYS TB 44 -65.96 32.59 -69.55
C LYS TB 44 -65.89 32.94 -68.07
N THR TB 45 -66.48 34.07 -67.72
CA THR TB 45 -66.55 34.45 -66.31
C THR TB 45 -67.66 33.67 -65.61
N PRO TB 46 -67.48 33.28 -64.35
CA PRO TB 46 -68.54 32.56 -63.64
C PRO TB 46 -69.68 33.49 -63.25
N LYS TB 47 -70.84 32.89 -62.99
CA LYS TB 47 -72.01 33.64 -62.55
C LYS TB 47 -71.78 34.30 -61.20
N GLU TB 48 -71.03 33.62 -60.31
CA GLU TB 48 -70.72 34.20 -59.01
C GLU TB 48 -69.91 35.47 -59.16
N ALA TB 49 -68.98 35.50 -60.12
CA ALA TB 49 -68.26 36.73 -60.42
C ALA TB 49 -69.19 37.80 -60.98
N ILE TB 50 -70.29 37.41 -61.61
CA ILE TB 50 -71.21 38.40 -62.17
C ILE TB 50 -72.04 39.04 -61.07
N GLU TB 51 -72.76 38.23 -60.29
CA GLU TB 51 -73.72 38.78 -59.34
C GLU TB 51 -73.31 38.54 -57.89
N GLY TB 52 -72.02 38.40 -57.63
CA GLY TB 52 -71.54 38.34 -56.27
C GLY TB 52 -71.50 39.71 -55.64
N THR TB 53 -71.22 39.73 -54.33
CA THR TB 53 -71.02 40.98 -53.61
C THR TB 53 -69.62 41.11 -53.04
N TYR TB 54 -68.73 40.17 -53.32
CA TYR TB 54 -67.39 40.19 -52.76
C TYR TB 54 -66.56 41.32 -53.36
N ILE TB 55 -65.44 41.61 -52.71
CA ILE TB 55 -64.50 42.62 -53.17
C ILE TB 55 -63.13 41.96 -53.25
N ASP TB 56 -62.47 42.07 -54.40
CA ASP TB 56 -61.13 41.54 -54.56
C ASP TB 56 -60.44 42.30 -55.68
N LYS TB 57 -59.38 43.03 -55.35
CA LYS TB 57 -58.58 43.70 -56.36
C LYS TB 57 -57.75 42.73 -57.19
N LYS TB 58 -57.52 41.51 -56.70
CA LYS TB 58 -56.75 40.51 -57.42
C LYS TB 58 -57.62 39.50 -58.15
N CYS TB 59 -58.94 39.63 -58.07
CA CYS TB 59 -59.81 38.75 -58.83
C CYS TB 59 -59.66 39.01 -60.32
N PRO TB 60 -59.41 37.99 -61.13
CA PRO TB 60 -59.26 38.21 -62.58
C PRO TB 60 -60.48 38.80 -63.23
N PHE TB 61 -61.67 38.56 -62.68
CA PHE TB 61 -62.90 39.06 -63.26
C PHE TB 61 -63.36 40.39 -62.66
N THR TB 62 -63.20 40.57 -61.34
CA THR TB 62 -63.68 41.77 -60.66
C THR TB 62 -62.55 42.55 -59.99
N GLY TB 63 -61.33 42.48 -60.53
CA GLY TB 63 -60.19 43.17 -59.95
C GLY TB 63 -59.29 43.74 -61.02
N ASN TB 64 -58.25 44.44 -60.55
CA ASN TB 64 -57.32 45.13 -61.44
C ASN TB 64 -56.08 44.26 -61.69
N VAL TB 65 -56.31 43.11 -62.32
CA VAL TB 65 -55.24 42.19 -62.66
C VAL TB 65 -55.46 41.71 -64.10
N SER TB 66 -54.37 41.60 -64.84
CA SER TB 66 -54.41 41.14 -66.23
C SER TB 66 -53.68 39.81 -66.33
N ILE TB 67 -54.24 38.90 -67.14
CA ILE TB 67 -53.66 37.57 -67.32
C ILE TB 67 -53.00 37.51 -68.70
N ARG TB 68 -51.69 37.27 -68.70
CA ARG TB 68 -50.91 37.19 -69.94
C ARG TB 68 -49.66 36.38 -69.66
N GLY TB 69 -49.06 35.85 -70.72
CA GLY TB 69 -47.84 35.08 -70.60
C GLY TB 69 -48.03 33.59 -70.77
N ARG TB 70 -47.82 32.83 -69.71
CA ARG TB 70 -47.94 31.37 -69.76
C ARG TB 70 -49.28 30.94 -69.17
N ILE TB 71 -49.86 29.91 -69.76
CA ILE TB 71 -51.07 29.28 -69.25
C ILE TB 71 -50.76 27.82 -68.98
N LEU TB 72 -51.12 27.33 -67.81
CA LEU TB 72 -50.82 25.96 -67.43
C LEU TB 72 -51.84 25.51 -66.39
N SER TB 73 -51.73 24.24 -65.99
CA SER TB 73 -52.72 23.61 -65.13
C SER TB 73 -52.00 22.93 -63.96
N GLY TB 74 -52.78 22.59 -62.94
CA GLY TB 74 -52.25 21.94 -61.76
C GLY TB 74 -53.34 21.28 -60.96
N VAL TB 75 -52.93 20.73 -59.81
CA VAL TB 75 -53.82 20.00 -58.91
C VAL TB 75 -53.84 20.71 -57.55
N VAL TB 76 -55.03 20.95 -57.03
CA VAL TB 76 -55.17 21.64 -55.75
C VAL TB 76 -54.66 20.74 -54.63
N THR TB 77 -53.79 21.29 -53.78
CA THR TB 77 -53.22 20.55 -52.67
C THR TB 77 -53.72 21.06 -51.33
N LYS TB 78 -53.60 22.35 -51.06
CA LYS TB 78 -54.08 22.93 -49.82
C LYS TB 78 -54.84 24.22 -50.13
N MET TB 79 -55.71 24.60 -49.20
CA MET TB 79 -56.49 25.83 -49.26
C MET TB 79 -56.39 26.57 -47.94
N LYS TB 80 -55.23 26.46 -47.31
CA LYS TB 80 -55.04 26.90 -45.93
C LYS TB 80 -54.80 28.40 -45.78
N MET TB 81 -54.63 29.12 -46.89
CA MET TB 81 -54.33 30.54 -46.81
C MET TB 81 -55.57 31.38 -47.03
N GLN TB 82 -55.37 32.69 -47.10
CA GLN TB 82 -56.46 33.64 -47.30
C GLN TB 82 -56.51 34.04 -48.77
N ARG TB 83 -57.63 33.74 -49.43
CA ARG TB 83 -57.89 34.08 -50.83
C ARG TB 83 -56.88 33.49 -51.80
N THR TB 84 -56.05 32.54 -51.36
CA THR TB 84 -55.05 31.95 -52.23
C THR TB 84 -54.78 30.52 -51.80
N ILE TB 85 -54.37 29.71 -52.76
CA ILE TB 85 -54.13 28.29 -52.54
C ILE TB 85 -52.78 27.92 -53.11
N VAL TB 86 -52.31 26.72 -52.75
CA VAL TB 86 -51.08 26.16 -53.28
C VAL TB 86 -51.46 24.91 -54.09
N ILE TB 87 -50.83 24.78 -55.25
CA ILE TB 87 -51.11 23.67 -56.17
C ILE TB 87 -49.82 22.97 -56.51
N ARG TB 88 -49.94 21.70 -56.88
CA ARG TB 88 -48.81 20.87 -57.24
C ARG TB 88 -48.88 20.52 -58.73
N ARG TB 89 -47.77 20.75 -59.44
CA ARG TB 89 -47.65 20.35 -60.83
C ARG TB 89 -46.67 19.19 -60.94
N ASP TB 90 -47.13 18.08 -61.51
CA ASP TB 90 -46.31 16.90 -61.69
C ASP TB 90 -45.88 16.81 -63.15
N TYR TB 91 -44.60 16.55 -63.37
CA TYR TB 91 -44.07 16.42 -64.72
C TYR TB 91 -42.98 15.36 -64.71
N LEU TB 92 -42.56 14.96 -65.90
CA LEU TB 92 -41.50 13.98 -66.07
C LEU TB 92 -40.30 14.65 -66.71
N HIS TB 93 -39.14 14.58 -66.06
CA HIS TB 93 -37.91 15.13 -66.58
C HIS TB 93 -37.09 14.00 -67.21
N TYR TB 94 -36.70 14.20 -68.47
CA TYR TB 94 -35.97 13.19 -69.21
C TYR TB 94 -34.49 13.23 -68.83
N ILE TB 95 -33.87 12.06 -68.77
CA ILE TB 95 -32.43 11.92 -68.56
C ILE TB 95 -31.85 11.28 -69.80
N ARG TB 96 -30.87 11.96 -70.42
CA ARG TB 96 -30.32 11.47 -71.67
C ARG TB 96 -29.49 10.23 -71.47
N LYS TB 97 -28.75 10.15 -70.36
CA LYS TB 97 -27.79 9.05 -70.18
C LYS TB 97 -28.50 7.70 -70.08
N TYR TB 98 -29.50 7.60 -69.22
CA TYR TB 98 -30.19 6.33 -69.00
C TYR TB 98 -31.38 6.15 -69.93
N ASN TB 99 -31.68 7.15 -70.76
CA ASN TB 99 -32.82 7.13 -71.69
C ASN TB 99 -34.14 6.91 -70.97
N ARG TB 100 -34.26 7.40 -69.73
CA ARG TB 100 -35.46 7.27 -68.94
C ARG TB 100 -35.83 8.62 -68.34
N PHE TB 101 -37.07 8.70 -67.84
CA PHE TB 101 -37.60 9.93 -67.29
C PHE TB 101 -37.37 9.98 -65.78
N GLU TB 102 -37.77 11.09 -65.19
CA GLU TB 102 -37.61 11.33 -63.76
C GLU TB 102 -38.85 12.02 -63.24
N LYS TB 103 -39.44 11.48 -62.17
CA LYS TB 103 -40.68 12.01 -61.64
C LYS TB 103 -40.39 13.20 -60.74
N ARG TB 104 -40.68 14.40 -61.22
CA ARG TB 104 -40.37 15.63 -60.53
C ARG TB 104 -41.66 16.43 -60.32
N HIS TB 105 -41.64 17.30 -59.32
CA HIS TB 105 -42.82 18.07 -58.99
C HIS TB 105 -42.41 19.41 -58.41
N LYS TB 106 -43.28 20.41 -58.58
CA LYS TB 106 -43.09 21.72 -57.99
C LYS TB 106 -44.42 22.23 -57.46
N ASN TB 107 -44.35 23.05 -56.42
CA ASN TB 107 -45.53 23.65 -55.84
C ASN TB 107 -45.58 25.14 -56.18
N MET TB 108 -46.77 25.62 -56.53
CA MET TB 108 -46.97 27.01 -56.91
C MET TB 108 -48.17 27.57 -56.16
N SER TB 109 -48.00 28.76 -55.60
CA SER TB 109 -49.07 29.45 -54.91
C SER TB 109 -49.80 30.34 -55.90
N VAL TB 110 -51.11 30.20 -55.98
CA VAL TB 110 -51.93 30.99 -56.90
C VAL TB 110 -53.06 31.64 -56.12
N HIS TB 111 -53.49 32.80 -56.60
CA HIS TB 111 -54.58 33.53 -55.96
C HIS TB 111 -55.91 32.92 -56.36
N LEU TB 112 -56.77 32.68 -55.37
CA LEU TB 112 -58.09 32.12 -55.58
C LEU TB 112 -59.13 33.22 -55.44
N SER TB 113 -59.82 33.53 -56.53
CA SER TB 113 -60.92 34.47 -56.46
C SER TB 113 -62.09 33.86 -55.68
N PRO TB 114 -62.84 34.67 -54.95
CA PRO TB 114 -64.02 34.14 -54.25
C PRO TB 114 -65.11 33.62 -55.16
N CYS TB 115 -65.00 33.86 -56.48
CA CYS TB 115 -65.99 33.36 -57.42
C CYS TB 115 -65.98 31.84 -57.53
N PHE TB 116 -64.94 31.18 -57.02
CA PHE TB 116 -64.87 29.73 -56.99
C PHE TB 116 -65.13 29.28 -55.55
N ARG TB 117 -66.37 28.89 -55.26
CA ARG TB 117 -66.74 28.49 -53.92
C ARG TB 117 -66.57 26.99 -53.68
N ASP TB 118 -67.03 26.15 -54.59
CA ASP TB 118 -66.94 24.70 -54.42
C ASP TB 118 -65.66 24.18 -55.07
N VAL TB 119 -64.56 24.39 -54.34
CA VAL TB 119 -63.25 23.87 -54.72
C VAL TB 119 -62.72 23.05 -53.54
N GLN TB 120 -62.27 21.84 -53.82
CA GLN TB 120 -61.75 20.94 -52.80
C GLN TB 120 -60.33 20.52 -53.13
N ILE TB 121 -59.69 19.85 -52.18
CA ILE TB 121 -58.34 19.34 -52.39
C ILE TB 121 -58.36 18.25 -53.43
N GLY TB 122 -57.44 18.33 -54.39
CA GLY TB 122 -57.36 17.36 -55.47
C GLY TB 122 -58.06 17.78 -56.74
N ASP TB 123 -58.77 18.91 -56.74
CA ASP TB 123 -59.43 19.37 -57.94
C ASP TB 123 -58.41 19.87 -58.96
N ILE TB 124 -58.79 19.82 -60.22
CA ILE TB 124 -57.91 20.21 -61.33
C ILE TB 124 -58.28 21.63 -61.74
N VAL TB 125 -57.27 22.49 -61.81
CA VAL TB 125 -57.46 23.89 -62.13
C VAL TB 125 -56.51 24.27 -63.26
N THR TB 126 -56.81 25.36 -63.95
CA THR TB 126 -55.93 25.95 -64.94
C THR TB 126 -55.68 27.41 -64.55
N VAL TB 127 -54.41 27.77 -64.38
CA VAL TB 127 -54.05 29.08 -63.88
C VAL TB 127 -53.35 29.87 -64.98
N GLY TB 128 -53.43 31.19 -64.87
CA GLY TB 128 -52.83 32.08 -65.85
C GLY TB 128 -51.82 33.00 -65.19
N GLU TB 129 -50.72 33.25 -65.89
CA GLU TB 129 -49.66 34.10 -65.37
C GLU TB 129 -50.13 35.54 -65.26
N CYS TB 130 -49.77 36.21 -64.17
CA CYS TB 130 -50.09 37.62 -64.00
C CYS TB 130 -48.93 38.36 -63.38
N ARG TB 131 -49.12 39.65 -63.08
CA ARG TB 131 -48.08 40.43 -62.42
C ARG TB 131 -47.90 39.92 -60.99
N PRO TB 132 -46.69 40.11 -60.41
CA PRO TB 132 -46.45 39.63 -59.04
C PRO TB 132 -47.45 40.17 -58.03
N LEU TB 133 -48.27 39.29 -57.48
CA LEU TB 133 -49.28 39.68 -56.51
C LEU TB 133 -48.74 39.70 -55.09
N SER TB 134 -47.80 38.83 -54.77
CA SER TB 134 -47.15 38.81 -53.47
C SER TB 134 -45.72 38.33 -53.69
N LYS TB 135 -45.07 37.92 -52.61
CA LYS TB 135 -43.67 37.48 -52.71
C LYS TB 135 -43.53 36.25 -53.58
N THR TB 136 -44.43 35.28 -53.42
CA THR TB 136 -44.35 34.02 -54.16
C THR TB 136 -45.60 33.71 -54.96
N VAL TB 137 -46.34 34.73 -55.43
CA VAL TB 137 -47.55 34.51 -56.21
C VAL TB 137 -47.39 35.23 -57.54
N ARG TB 138 -47.64 34.50 -58.64
CA ARG TB 138 -47.61 35.10 -59.97
C ARG TB 138 -48.75 34.61 -60.85
N PHE TB 139 -49.69 33.83 -60.32
CA PHE TB 139 -50.69 33.17 -61.14
C PHE TB 139 -52.06 33.28 -60.50
N ASN TB 140 -53.10 33.19 -61.34
CA ASN TB 140 -54.48 33.32 -60.92
C ASN TB 140 -55.31 32.16 -61.46
N VAL TB 141 -56.21 31.64 -60.63
CA VAL TB 141 -57.08 30.55 -61.04
C VAL TB 141 -58.03 31.04 -62.13
N LEU TB 142 -58.13 30.29 -63.22
CA LEU TB 142 -58.99 30.66 -64.32
C LEU TB 142 -60.17 29.71 -64.51
N LYS TB 143 -59.93 28.40 -64.45
CA LYS TB 143 -60.99 27.42 -64.62
C LYS TB 143 -60.79 26.31 -63.59
N VAL TB 144 -61.89 25.88 -62.98
CA VAL TB 144 -61.87 24.81 -62.00
C VAL TB 144 -62.71 23.65 -62.53
N THR TB 145 -62.10 22.48 -62.65
CA THR TB 145 -62.77 21.26 -63.07
C THR TB 145 -62.69 20.23 -61.96
N LYS TB 146 -63.83 19.64 -61.62
CA LYS TB 146 -63.88 18.68 -60.53
C LYS TB 146 -63.16 17.39 -60.90
N ALA TB 147 -62.69 16.68 -59.89
CA ALA TB 147 -61.94 15.44 -60.06
C ALA TB 147 -62.82 14.29 -59.58
N ALA TB 148 -63.62 13.74 -60.51
CA ALA TB 148 -64.52 12.62 -60.25
C ALA TB 148 -65.47 12.91 -59.09
N GLY TB 149 -65.95 14.15 -59.04
CA GLY TB 149 -66.86 14.56 -57.99
C GLY TB 149 -68.26 14.82 -58.48
N THR TB 150 -68.73 16.07 -58.33
CA THR TB 150 -70.05 16.53 -58.76
C THR TB 150 -71.19 15.73 -58.14
N LYS TB 151 -70.92 15.00 -57.06
CA LYS TB 151 -71.91 14.19 -56.38
C LYS TB 151 -71.41 13.92 -54.97
N LYS TB 152 -72.33 13.97 -54.01
CA LYS TB 152 -71.99 13.83 -52.60
C LYS TB 152 -72.73 12.65 -52.00
N GLN TB 153 -71.99 11.76 -51.35
CA GLN TB 153 -72.58 10.58 -50.74
C GLN TB 153 -73.04 10.86 -49.32
N GLY UB 1 -49.30 -16.10 -56.68
CA GLY UB 1 -49.27 -16.67 -55.35
C GLY UB 1 -50.16 -15.94 -54.37
N ARG UB 2 -50.24 -16.44 -53.14
CA ARG UB 2 -51.08 -15.83 -52.14
C ARG UB 2 -50.47 -14.53 -51.64
N MET UB 3 -51.33 -13.64 -51.13
CA MET UB 3 -50.87 -12.33 -50.67
C MET UB 3 -49.98 -12.46 -49.45
N HIS UB 4 -50.45 -13.18 -48.42
CA HIS UB 4 -49.75 -13.23 -47.15
C HIS UB 4 -49.36 -14.66 -46.76
N ALA UB 5 -49.39 -15.58 -47.71
CA ALA UB 5 -48.95 -16.95 -47.49
C ALA UB 5 -48.08 -17.36 -48.67
N PRO UB 6 -47.12 -18.25 -48.46
CA PRO UB 6 -46.28 -18.68 -49.58
C PRO UB 6 -46.93 -19.80 -50.36
N GLY UB 7 -48.20 -19.63 -50.69
CA GLY UB 7 -48.97 -20.63 -51.40
C GLY UB 7 -49.17 -20.25 -52.85
N LYS UB 8 -49.24 -21.27 -53.70
CA LYS UB 8 -49.47 -21.11 -55.12
C LYS UB 8 -50.65 -21.97 -55.54
N GLY UB 9 -51.74 -21.87 -54.78
CA GLY UB 9 -52.89 -22.71 -55.03
C GLY UB 9 -53.56 -22.41 -56.35
N LEU UB 10 -54.17 -23.45 -56.92
CA LEU UB 10 -54.85 -23.36 -58.19
C LEU UB 10 -56.34 -23.62 -58.09
N SER UB 11 -56.85 -23.87 -56.88
CA SER UB 11 -58.26 -24.20 -56.70
C SER UB 11 -59.15 -23.02 -57.07
N GLN UB 12 -59.82 -23.11 -58.21
CA GLN UB 12 -60.70 -22.06 -58.71
C GLN UB 12 -61.94 -22.72 -59.30
N SER UB 13 -62.69 -21.94 -60.08
CA SER UB 13 -63.90 -22.42 -60.73
C SER UB 13 -63.80 -22.17 -62.22
N ALA UB 14 -64.35 -23.08 -63.02
CA ALA UB 14 -64.31 -22.97 -64.48
C ALA UB 14 -65.71 -22.59 -64.96
N LEU UB 15 -65.92 -21.30 -65.15
CA LEU UB 15 -67.21 -20.83 -65.65
C LEU UB 15 -67.36 -21.26 -67.10
N PRO UB 16 -68.43 -21.96 -67.47
CA PRO UB 16 -68.51 -22.56 -68.81
C PRO UB 16 -68.64 -21.51 -69.90
N TYR UB 17 -68.32 -21.96 -71.12
CA TYR UB 17 -68.39 -21.09 -72.29
C TYR UB 17 -69.82 -20.70 -72.65
N ARG UB 18 -70.81 -21.49 -72.25
CA ARG UB 18 -72.19 -21.21 -72.61
C ARG UB 18 -72.78 -20.21 -71.63
N ARG UB 19 -72.81 -18.94 -72.02
CA ARG UB 19 -73.42 -17.90 -71.21
C ARG UB 19 -74.94 -17.98 -71.20
N SER UB 20 -75.52 -18.78 -72.09
CA SER UB 20 -76.98 -18.86 -72.20
C SER UB 20 -77.56 -19.65 -71.03
N VAL UB 21 -78.80 -19.33 -70.70
CA VAL UB 21 -79.54 -20.06 -69.66
C VAL UB 21 -79.85 -21.45 -70.16
N PRO UB 22 -79.67 -22.49 -69.34
CA PRO UB 22 -80.08 -23.84 -69.75
C PRO UB 22 -81.58 -23.90 -70.02
N THR UB 23 -81.96 -24.73 -70.99
CA THR UB 23 -83.36 -24.82 -71.40
C THR UB 23 -84.24 -25.39 -70.30
N TRP UB 24 -83.68 -26.22 -69.43
CA TRP UB 24 -84.48 -26.83 -68.37
C TRP UB 24 -84.70 -25.90 -67.18
N LEU UB 25 -84.14 -24.70 -67.19
CA LEU UB 25 -84.33 -23.76 -66.09
C LEU UB 25 -85.68 -23.08 -66.27
N LYS UB 26 -86.62 -23.36 -65.36
CA LYS UB 26 -87.94 -22.76 -65.42
C LYS UB 26 -88.06 -21.49 -64.58
N LEU UB 27 -87.00 -21.10 -63.88
CA LEU UB 27 -87.05 -19.88 -63.08
C LEU UB 27 -86.78 -18.67 -63.96
N THR UB 28 -87.64 -17.67 -63.84
CA THR UB 28 -87.48 -16.42 -64.58
C THR UB 28 -86.72 -15.40 -63.75
N SER UB 29 -86.37 -14.28 -64.39
CA SER UB 29 -85.53 -13.28 -63.74
C SER UB 29 -86.19 -12.71 -62.50
N ASP UB 30 -87.48 -12.38 -62.59
CA ASP UB 30 -88.21 -11.89 -61.42
C ASP UB 30 -88.31 -12.95 -60.33
N ASP UB 31 -88.44 -14.23 -60.73
CA ASP UB 31 -88.46 -15.31 -59.75
C ASP UB 31 -87.15 -15.36 -58.97
N VAL UB 32 -86.02 -15.29 -59.67
CA VAL UB 32 -84.73 -15.31 -59.00
C VAL UB 32 -84.56 -14.06 -58.14
N LYS UB 33 -85.04 -12.92 -58.61
CA LYS UB 33 -84.96 -11.69 -57.83
C LYS UB 33 -85.71 -11.83 -56.52
N GLU UB 34 -86.92 -12.41 -56.58
CA GLU UB 34 -87.70 -12.63 -55.36
C GLU UB 34 -87.01 -13.63 -54.44
N GLN UB 35 -86.39 -14.66 -55.00
CA GLN UB 35 -85.65 -15.61 -54.19
C GLN UB 35 -84.48 -14.93 -53.47
N ILE UB 36 -83.74 -14.09 -54.19
CA ILE UB 36 -82.63 -13.37 -53.58
C ILE UB 36 -83.12 -12.44 -52.50
N TYR UB 37 -84.24 -11.75 -52.73
CA TYR UB 37 -84.78 -10.85 -51.72
C TYR UB 37 -85.18 -11.62 -50.47
N LYS UB 38 -85.85 -12.76 -50.64
CA LYS UB 38 -86.27 -13.55 -49.49
C LYS UB 38 -85.08 -14.09 -48.72
N LEU UB 39 -84.04 -14.53 -49.43
CA LEU UB 39 -82.84 -15.01 -48.74
C LEU UB 39 -82.13 -13.87 -48.02
N ALA UB 40 -82.09 -12.69 -48.63
CA ALA UB 40 -81.43 -11.55 -48.00
C ALA UB 40 -82.15 -11.12 -46.73
N LYS UB 41 -83.49 -11.18 -46.74
CA LYS UB 41 -84.24 -10.85 -45.53
C LYS UB 41 -83.96 -11.84 -44.42
N LYS UB 42 -83.46 -13.03 -44.75
CA LYS UB 42 -82.97 -13.95 -43.74
C LYS UB 42 -81.56 -13.62 -43.29
N GLY UB 43 -80.94 -12.58 -43.83
CA GLY UB 43 -79.62 -12.17 -43.42
C GLY UB 43 -78.48 -12.89 -44.09
N LEU UB 44 -78.66 -13.37 -45.32
CA LEU UB 44 -77.63 -14.14 -46.00
C LEU UB 44 -76.75 -13.22 -46.84
N THR UB 45 -75.44 -13.42 -46.75
CA THR UB 45 -74.49 -12.67 -47.56
C THR UB 45 -74.58 -13.12 -49.01
N PRO UB 46 -74.20 -12.25 -49.96
CA PRO UB 46 -74.35 -12.60 -51.38
C PRO UB 46 -73.70 -13.91 -51.79
N SER UB 47 -72.54 -14.23 -51.22
CA SER UB 47 -71.89 -15.49 -51.55
C SER UB 47 -72.77 -16.67 -51.15
N GLN UB 48 -73.34 -16.62 -49.94
CA GLN UB 48 -74.24 -17.68 -49.51
C GLN UB 48 -75.53 -17.70 -50.34
N ILE UB 49 -76.01 -16.53 -50.77
CA ILE UB 49 -77.19 -16.50 -51.63
C ILE UB 49 -76.91 -17.23 -52.94
N GLY UB 50 -75.76 -16.95 -53.56
CA GLY UB 50 -75.40 -17.65 -54.78
C GLY UB 50 -75.21 -19.14 -54.55
N VAL UB 51 -74.61 -19.51 -53.42
CA VAL UB 51 -74.39 -20.91 -53.11
C VAL UB 51 -75.71 -21.65 -52.97
N ILE UB 52 -76.66 -21.08 -52.23
CA ILE UB 52 -77.96 -21.71 -52.05
C ILE UB 52 -78.69 -21.80 -53.37
N LEU UB 53 -78.64 -20.73 -54.17
CA LEU UB 53 -79.32 -20.72 -55.46
C LEU UB 53 -78.77 -21.79 -56.39
N ARG UB 54 -77.45 -21.98 -56.40
CA ARG UB 54 -76.86 -22.99 -57.27
C ARG UB 54 -77.10 -24.40 -56.74
N ASP UB 55 -77.06 -24.58 -55.42
CA ASP UB 55 -77.23 -25.92 -54.86
C ASP UB 55 -78.66 -26.42 -55.00
N SER UB 56 -79.63 -25.58 -54.65
CA SER UB 56 -81.02 -26.03 -54.57
C SER UB 56 -81.83 -25.66 -55.81
N HIS UB 57 -81.79 -24.40 -56.21
CA HIS UB 57 -82.64 -23.91 -57.29
C HIS UB 57 -82.06 -24.17 -58.67
N GLY UB 58 -80.84 -24.68 -58.76
CA GLY UB 58 -80.31 -25.13 -60.03
C GLY UB 58 -79.96 -24.04 -61.01
N VAL UB 59 -79.88 -22.79 -60.58
CA VAL UB 59 -79.46 -21.70 -61.44
C VAL UB 59 -77.94 -21.66 -61.50
N ALA UB 60 -77.40 -21.57 -62.72
CA ALA UB 60 -75.95 -21.61 -62.90
C ALA UB 60 -75.31 -20.31 -62.44
N GLN UB 61 -75.67 -19.21 -63.08
CA GLN UB 61 -75.16 -17.88 -62.73
C GLN UB 61 -76.34 -16.92 -62.70
N VAL UB 62 -76.45 -16.16 -61.61
CA VAL UB 62 -77.53 -15.19 -61.48
C VAL UB 62 -77.36 -14.09 -62.53
N ARG UB 63 -76.10 -13.73 -62.83
CA ARG UB 63 -75.84 -12.71 -63.84
C ARG UB 63 -76.22 -13.18 -65.23
N PHE UB 64 -76.09 -14.48 -65.51
CA PHE UB 64 -76.46 -15.00 -66.82
C PHE UB 64 -77.97 -15.00 -67.01
N VAL UB 65 -78.73 -15.25 -65.95
CA VAL UB 65 -80.17 -15.41 -66.08
C VAL UB 65 -80.92 -14.08 -65.87
N THR UB 66 -80.36 -13.16 -65.08
CA THR UB 66 -81.02 -11.88 -64.84
C THR UB 66 -80.34 -10.72 -65.54
N GLY UB 67 -79.11 -10.87 -66.00
CA GLY UB 67 -78.39 -9.81 -66.66
C GLY UB 67 -77.55 -8.94 -65.74
N ASN UB 68 -77.67 -9.11 -64.43
CA ASN UB 68 -76.91 -8.32 -63.47
C ASN UB 68 -76.47 -9.19 -62.32
N LYS UB 69 -75.44 -8.74 -61.62
CA LYS UB 69 -74.87 -9.53 -60.53
C LYS UB 69 -75.74 -9.41 -59.28
N ILE UB 70 -75.40 -10.23 -58.28
CA ILE UB 70 -76.23 -10.32 -57.07
C ILE UB 70 -76.21 -9.01 -56.30
N LEU UB 71 -75.01 -8.48 -56.05
CA LEU UB 71 -74.90 -7.26 -55.25
C LEU UB 71 -75.53 -6.07 -55.96
N ARG UB 72 -75.49 -6.05 -57.30
CA ARG UB 72 -76.16 -4.99 -58.04
C ARG UB 72 -77.66 -5.01 -57.78
N ILE UB 73 -78.27 -6.20 -57.82
CA ILE UB 73 -79.69 -6.32 -57.56
C ILE UB 73 -80.02 -5.92 -56.12
N LEU UB 74 -79.20 -6.38 -55.17
CA LEU UB 74 -79.44 -6.05 -53.77
C LEU UB 74 -79.34 -4.55 -53.53
N LYS UB 75 -78.36 -3.89 -54.15
CA LYS UB 75 -78.23 -2.45 -54.01
C LYS UB 75 -79.38 -1.73 -54.69
N SER UB 76 -79.85 -2.23 -55.83
CA SER UB 76 -81.01 -1.64 -56.50
C SER UB 76 -82.23 -1.70 -55.62
N LYS UB 77 -82.47 -2.84 -54.96
CA LYS UB 77 -83.56 -2.91 -54.01
C LYS UB 77 -83.29 -2.08 -52.76
N GLY UB 78 -82.03 -1.80 -52.47
CA GLY UB 78 -81.69 -0.90 -51.39
C GLY UB 78 -81.50 -1.55 -50.04
N LEU UB 79 -81.45 -2.88 -49.98
CA LEU UB 79 -81.18 -3.58 -48.72
C LEU UB 79 -79.76 -4.12 -48.66
N ALA UB 80 -78.90 -3.63 -49.55
CA ALA UB 80 -77.52 -4.11 -49.61
C ALA UB 80 -76.78 -3.76 -48.32
N PRO UB 81 -75.84 -4.61 -47.90
CA PRO UB 81 -75.09 -4.32 -46.67
C PRO UB 81 -74.29 -3.04 -46.79
N ASP UB 82 -74.20 -2.32 -45.67
CA ASP UB 82 -73.39 -1.11 -45.63
C ASP UB 82 -71.92 -1.43 -45.82
N LEU UB 83 -71.48 -2.53 -45.27
CA LEU UB 83 -70.10 -2.94 -45.41
C LEU UB 83 -69.98 -4.05 -46.45
N PRO UB 84 -68.88 -4.06 -47.20
CA PRO UB 84 -68.64 -5.17 -48.14
C PRO UB 84 -68.46 -6.48 -47.39
N GLU UB 85 -68.87 -7.57 -48.04
CA GLU UB 85 -68.87 -8.88 -47.41
C GLU UB 85 -67.45 -9.29 -47.00
N ASP UB 86 -66.49 -9.14 -47.91
CA ASP UB 86 -65.13 -9.51 -47.61
C ASP UB 86 -64.54 -8.64 -46.50
N LEU UB 87 -64.80 -7.33 -46.54
CA LEU UB 87 -64.35 -6.45 -45.47
C LEU UB 87 -65.01 -6.80 -44.14
N TYR UB 88 -66.30 -7.11 -44.16
CA TYR UB 88 -66.99 -7.49 -42.93
C TYR UB 88 -66.39 -8.74 -42.33
N HIS UB 89 -66.14 -9.75 -43.16
CA HIS UB 89 -65.55 -10.99 -42.64
C HIS UB 89 -64.12 -10.78 -42.17
N LEU UB 90 -63.36 -9.91 -42.85
CA LEU UB 90 -62.01 -9.62 -42.40
C LEU UB 90 -62.01 -8.93 -41.04
N ILE UB 91 -62.91 -7.96 -40.84
CA ILE UB 91 -63.02 -7.29 -39.55
C ILE UB 91 -63.48 -8.27 -38.47
N LYS UB 92 -64.42 -9.16 -38.82
CA LYS UB 92 -64.87 -10.19 -37.89
C LYS UB 92 -63.72 -11.08 -37.44
N LYS UB 93 -62.91 -11.54 -38.40
CA LYS UB 93 -61.80 -12.40 -38.08
C LYS UB 93 -60.75 -11.68 -37.24
N ALA UB 94 -60.49 -10.40 -37.56
CA ALA UB 94 -59.55 -9.61 -36.76
C ALA UB 94 -60.05 -9.46 -35.33
N VAL UB 95 -61.34 -9.19 -35.16
CA VAL UB 95 -61.91 -9.06 -33.83
C VAL UB 95 -61.80 -10.38 -33.07
N ALA UB 96 -62.07 -11.50 -33.75
CA ALA UB 96 -61.95 -12.81 -33.09
C ALA UB 96 -60.51 -13.10 -32.69
N VAL UB 97 -59.55 -12.76 -33.54
CA VAL UB 97 -58.15 -12.99 -33.21
C VAL UB 97 -57.74 -12.12 -32.02
N ARG UB 98 -58.18 -10.87 -31.99
CA ARG UB 98 -57.90 -10.03 -30.83
C ARG UB 98 -58.54 -10.60 -29.56
N LYS UB 99 -59.77 -11.10 -29.67
CA LYS UB 99 -60.45 -11.64 -28.49
C LYS UB 99 -59.75 -12.88 -27.97
N HIS UB 100 -59.20 -13.70 -28.87
CA HIS UB 100 -58.42 -14.84 -28.42
C HIS UB 100 -57.06 -14.38 -27.87
N LEU UB 101 -56.55 -13.25 -28.37
CA LEU UB 101 -55.23 -12.80 -27.99
C LEU UB 101 -55.21 -12.22 -26.57
N GLU UB 102 -56.30 -11.58 -26.14
CA GLU UB 102 -56.30 -10.94 -24.83
C GLU UB 102 -56.27 -11.93 -23.67
N ARG UB 103 -56.67 -13.19 -23.90
CA ARG UB 103 -56.46 -14.23 -22.90
C ARG UB 103 -55.19 -15.04 -23.14
N ASN UB 104 -54.59 -14.94 -24.31
CA ASN UB 104 -53.38 -15.69 -24.66
C ASN UB 104 -52.33 -14.69 -25.14
N ARG UB 105 -51.60 -14.09 -24.20
CA ARG UB 105 -50.56 -13.14 -24.57
C ARG UB 105 -49.36 -13.81 -25.19
N LYS UB 106 -49.14 -15.10 -24.92
CA LYS UB 106 -47.95 -15.79 -25.40
C LYS UB 106 -48.12 -16.37 -26.80
N ASP UB 107 -49.29 -16.18 -27.42
CA ASP UB 107 -49.52 -16.67 -28.79
C ASP UB 107 -48.98 -15.63 -29.78
N LYS UB 108 -47.65 -15.65 -29.94
CA LYS UB 108 -47.00 -14.79 -30.91
C LYS UB 108 -47.42 -15.11 -32.34
N ASP UB 109 -47.72 -16.39 -32.62
CA ASP UB 109 -48.31 -16.76 -33.90
C ASP UB 109 -49.61 -16.01 -34.13
N ALA UB 110 -50.45 -15.92 -33.10
CA ALA UB 110 -51.70 -15.20 -33.22
C ALA UB 110 -51.47 -13.71 -33.49
N LYS UB 111 -50.46 -13.11 -32.84
CA LYS UB 111 -50.15 -11.71 -33.12
C LYS UB 111 -49.70 -11.53 -34.56
N PHE UB 112 -48.89 -12.45 -35.06
CA PHE UB 112 -48.42 -12.35 -36.45
C PHE UB 112 -49.58 -12.46 -37.43
N ARG UB 113 -50.49 -13.41 -37.19
CA ARG UB 113 -51.67 -13.53 -38.05
C ARG UB 113 -52.54 -12.29 -37.94
N LEU UB 114 -52.65 -11.71 -36.75
CA LEU UB 114 -53.42 -10.48 -36.57
C LEU UB 114 -52.83 -9.34 -37.39
N ILE UB 115 -51.50 -9.22 -37.39
CA ILE UB 115 -50.86 -8.19 -38.19
C ILE UB 115 -51.14 -8.40 -39.67
N LEU UB 116 -51.08 -9.66 -40.12
CA LEU UB 116 -51.40 -9.95 -41.52
C LEU UB 116 -52.82 -9.55 -41.86
N ILE UB 117 -53.77 -9.93 -40.99
CA ILE UB 117 -55.18 -9.63 -41.24
C ILE UB 117 -55.42 -8.13 -41.26
N GLU UB 118 -54.80 -7.39 -40.33
CA GLU UB 118 -54.99 -5.94 -40.30
C GLU UB 118 -54.37 -5.27 -41.52
N SER UB 119 -53.24 -5.77 -42.00
CA SER UB 119 -52.68 -5.22 -43.24
C SER UB 119 -53.63 -5.44 -44.41
N ARG UB 120 -54.21 -6.64 -44.50
CA ARG UB 120 -55.19 -6.90 -45.54
C ARG UB 120 -56.40 -5.97 -45.40
N ILE UB 121 -56.86 -5.76 -44.16
CA ILE UB 121 -58.01 -4.91 -43.92
C ILE UB 121 -57.73 -3.48 -44.35
N HIS UB 122 -56.55 -2.96 -44.00
CA HIS UB 122 -56.20 -1.61 -44.40
C HIS UB 122 -56.09 -1.48 -45.91
N ARG UB 123 -55.47 -2.46 -46.59
CA ARG UB 123 -55.38 -2.36 -48.05
C ARG UB 123 -56.76 -2.42 -48.70
N LEU UB 124 -57.63 -3.32 -48.22
CA LEU UB 124 -58.96 -3.42 -48.80
C LEU UB 124 -59.78 -2.16 -48.52
N ALA UB 125 -59.64 -1.59 -47.33
CA ALA UB 125 -60.35 -0.36 -47.01
C ALA UB 125 -59.86 0.79 -47.87
N ARG UB 126 -58.55 0.85 -48.12
CA ARG UB 126 -58.02 1.86 -49.04
C ARG UB 126 -58.60 1.69 -50.43
N TYR UB 127 -58.68 0.45 -50.91
CA TYR UB 127 -59.29 0.22 -52.22
C TYR UB 127 -60.75 0.65 -52.25
N TYR UB 128 -61.51 0.33 -51.21
CA TYR UB 128 -62.92 0.69 -51.18
C TYR UB 128 -63.11 2.19 -51.08
N LYS UB 129 -62.23 2.88 -50.35
CA LYS UB 129 -62.30 4.34 -50.32
C LYS UB 129 -61.92 4.94 -51.67
N THR UB 130 -61.05 4.26 -52.41
CA THR UB 130 -60.77 4.72 -53.78
C THR UB 130 -62.01 4.61 -54.66
N LYS UB 131 -62.78 3.54 -54.50
CA LYS UB 131 -64.00 3.34 -55.26
C LYS UB 131 -65.16 4.17 -54.76
N ARG UB 132 -64.96 4.94 -53.68
CA ARG UB 132 -66.01 5.70 -53.01
C ARG UB 132 -67.14 4.81 -52.50
N VAL UB 133 -66.86 3.55 -52.24
CA VAL UB 133 -67.82 2.69 -51.56
C VAL UB 133 -67.94 3.08 -50.10
N LEU UB 134 -66.83 3.36 -49.45
CA LEU UB 134 -66.62 3.75 -48.07
C LEU UB 134 -66.48 5.26 -47.95
N PRO UB 135 -66.74 5.81 -46.77
CA PRO UB 135 -66.53 7.24 -46.58
C PRO UB 135 -65.06 7.59 -46.76
N PRO UB 136 -64.77 8.80 -47.25
CA PRO UB 136 -63.36 9.19 -47.45
C PRO UB 136 -62.56 9.26 -46.16
N ASN UB 137 -63.22 9.44 -45.02
CA ASN UB 137 -62.56 9.44 -43.72
C ASN UB 137 -62.72 8.14 -42.97
N TRP UB 138 -63.22 7.09 -43.63
CA TRP UB 138 -63.45 5.81 -42.96
C TRP UB 138 -62.12 5.24 -42.48
N LYS UB 139 -62.06 4.93 -41.19
CA LYS UB 139 -60.85 4.40 -40.58
C LYS UB 139 -61.21 3.23 -39.67
N TYR UB 140 -60.39 2.18 -39.72
CA TYR UB 140 -60.58 1.00 -38.89
C TYR UB 140 -59.74 1.14 -37.63
N GLU UB 141 -60.38 1.04 -36.48
CA GLU UB 141 -59.71 1.07 -35.19
C GLU UB 141 -59.95 -0.24 -34.46
N SER UB 142 -58.97 -0.67 -33.67
CA SER UB 142 -59.04 -1.97 -33.02
C SER UB 142 -60.19 -2.04 -32.01
N SER UB 143 -60.33 -1.01 -31.17
CA SER UB 143 -61.30 -1.08 -30.08
C SER UB 143 -62.73 -0.96 -30.59
N THR UB 144 -62.99 0.00 -31.47
CA THR UB 144 -64.35 0.31 -31.88
C THR UB 144 -64.96 -0.72 -32.82
N ALA UB 145 -64.14 -1.43 -33.60
CA ALA UB 145 -64.68 -2.33 -34.61
C ALA UB 145 -65.32 -3.58 -34.03
N SER UB 146 -65.16 -3.84 -32.74
CA SER UB 146 -65.71 -5.07 -32.16
C SER UB 146 -67.23 -5.08 -32.20
N ALA UB 147 -67.87 -3.91 -32.14
CA ALA UB 147 -69.32 -3.83 -32.16
C ALA UB 147 -69.89 -3.84 -33.57
N LEU UB 148 -69.05 -3.80 -34.60
CA LEU UB 148 -69.54 -3.74 -35.97
C LEU UB 148 -69.69 -5.11 -36.62
N VAL UB 149 -69.24 -6.17 -35.96
CA VAL UB 149 -69.30 -7.53 -36.50
C VAL UB 149 -69.81 -8.47 -35.42
N ALA UB 150 -70.32 -9.62 -35.86
CA ALA UB 150 -70.78 -10.69 -34.97
C ALA UB 150 -71.78 -10.20 -33.93
N ILE VB 4 -27.86 -81.46 6.96
CA ILE VB 4 -28.67 -80.26 6.91
C ILE VB 4 -28.60 -79.61 5.53
N SER VB 5 -27.39 -79.50 4.97
CA SER VB 5 -27.12 -79.01 3.62
C SER VB 5 -27.46 -77.53 3.44
N LEU VB 6 -28.03 -76.90 4.48
CA LEU VB 6 -28.52 -75.52 4.41
C LEU VB 6 -29.37 -75.29 3.16
N GLY VB 7 -30.20 -76.27 2.83
CA GLY VB 7 -31.02 -76.21 1.64
C GLY VB 7 -32.44 -76.61 1.91
N PRO VB 8 -33.32 -76.37 0.94
CA PRO VB 8 -34.72 -76.75 1.11
C PRO VB 8 -34.92 -78.25 0.96
N GLN VB 9 -36.10 -78.70 1.38
CA GLN VB 9 -36.48 -80.10 1.19
C GLN VB 9 -37.16 -80.22 -0.17
N VAL VB 10 -36.55 -80.99 -1.06
CA VAL VB 10 -36.97 -81.04 -2.46
C VAL VB 10 -37.07 -82.48 -2.91
N ALA VB 11 -37.77 -82.67 -4.03
CA ALA VB 11 -37.81 -83.96 -4.70
C ALA VB 11 -36.68 -84.07 -5.71
N GLU VB 12 -36.26 -85.29 -6.00
CA GLU VB 12 -35.19 -85.54 -6.95
C GLU VB 12 -35.55 -85.10 -8.37
N GLY VB 13 -36.78 -85.36 -8.80
CA GLY VB 13 -37.20 -85.08 -10.15
C GLY VB 13 -37.54 -83.64 -10.46
N GLU VB 14 -37.51 -82.76 -9.46
CA GLU VB 14 -37.78 -81.34 -9.67
C GLU VB 14 -36.63 -80.52 -9.10
N ASN VB 15 -36.49 -79.30 -9.63
CA ASN VB 15 -35.39 -78.41 -9.28
C ASN VB 15 -35.93 -77.09 -8.80
N VAL VB 16 -35.21 -76.48 -7.85
CA VAL VB 16 -35.58 -75.19 -7.29
C VAL VB 16 -34.98 -74.10 -8.17
N PHE VB 17 -35.72 -73.01 -8.33
CA PHE VB 17 -35.31 -71.92 -9.21
C PHE VB 17 -34.80 -70.73 -8.41
N GLY VB 18 -33.63 -70.23 -8.82
CA GLY VB 18 -33.12 -68.96 -8.36
C GLY VB 18 -33.12 -67.95 -9.49
N VAL VB 19 -32.58 -66.77 -9.19
CA VAL VB 19 -32.48 -65.69 -10.17
C VAL VB 19 -31.04 -65.19 -10.17
N CYS VB 20 -30.45 -65.10 -11.35
CA CYS VB 20 -29.11 -64.57 -11.52
C CYS VB 20 -29.19 -63.21 -12.19
N HIS VB 21 -28.68 -62.19 -11.53
CA HIS VB 21 -28.59 -60.85 -12.08
C HIS VB 21 -27.16 -60.61 -12.55
N ILE VB 22 -26.98 -60.46 -13.85
CA ILE VB 22 -25.66 -60.24 -14.44
C ILE VB 22 -25.58 -58.80 -14.90
N PHE VB 23 -24.99 -57.94 -14.06
CA PHE VB 23 -24.74 -56.55 -14.43
C PHE VB 23 -23.36 -56.52 -15.06
N ALA VB 24 -23.30 -56.91 -16.33
CA ALA VB 24 -22.03 -56.95 -17.06
C ALA VB 24 -21.88 -55.64 -17.82
N SER VB 25 -21.30 -54.67 -17.13
CA SER VB 25 -20.94 -53.39 -17.76
C SER VB 25 -19.46 -53.43 -18.13
N PHE VB 26 -18.93 -52.29 -18.53
CA PHE VB 26 -17.49 -52.16 -18.65
C PHE VB 26 -16.88 -51.87 -17.29
N ASN VB 27 -15.57 -52.16 -17.19
CA ASN VB 27 -14.73 -51.89 -16.03
C ASN VB 27 -15.05 -52.79 -14.84
N ASP VB 28 -16.13 -53.58 -14.93
CA ASP VB 28 -16.47 -54.61 -13.95
C ASP VB 28 -17.71 -55.34 -14.45
N THR VB 29 -17.93 -56.53 -13.89
CA THR VB 29 -19.14 -57.30 -14.15
C THR VB 29 -19.63 -57.91 -12.84
N PHE VB 30 -20.92 -58.23 -12.80
CA PHE VB 30 -21.57 -58.76 -11.61
C PHE VB 30 -22.20 -60.12 -11.90
N VAL VB 31 -22.07 -61.05 -10.96
CA VAL VB 31 -22.64 -62.38 -11.10
C VAL VB 31 -23.58 -62.57 -9.91
N HIS VB 32 -24.27 -61.49 -9.54
CA HIS VB 32 -25.19 -61.52 -8.40
C HIS VB 32 -26.30 -62.55 -8.64
N VAL VB 33 -26.57 -63.35 -7.61
CA VAL VB 33 -27.64 -64.35 -7.64
C VAL VB 33 -28.50 -64.16 -6.40
N THR VB 34 -29.80 -64.01 -6.62
CA THR VB 34 -30.77 -63.86 -5.53
C THR VB 34 -31.79 -64.99 -5.62
N ASP VB 35 -32.81 -64.92 -4.77
CA ASP VB 35 -33.87 -65.92 -4.77
C ASP VB 35 -34.87 -65.60 -5.89
N LEU VB 36 -36.01 -66.29 -5.88
CA LEU VB 36 -37.03 -66.02 -6.87
C LEU VB 36 -37.68 -64.67 -6.65
N SER VB 37 -37.83 -64.26 -5.39
CA SER VB 37 -38.41 -62.96 -5.09
C SER VB 37 -37.47 -61.81 -5.43
N GLY VB 38 -36.17 -62.04 -5.40
CA GLY VB 38 -35.19 -61.00 -5.62
C GLY VB 38 -34.84 -60.19 -4.39
N LYS VB 39 -35.63 -60.31 -3.32
CA LYS VB 39 -35.31 -59.60 -2.08
C LYS VB 39 -34.15 -60.25 -1.35
N GLU VB 40 -34.13 -61.59 -1.30
CA GLU VB 40 -33.11 -62.33 -0.58
C GLU VB 40 -32.07 -62.83 -1.56
N THR VB 41 -30.83 -62.40 -1.37
CA THR VB 41 -29.74 -62.75 -2.26
C THR VB 41 -29.07 -64.04 -1.80
N ILE VB 42 -28.47 -64.74 -2.75
CA ILE VB 42 -27.82 -66.03 -2.50
C ILE VB 42 -26.32 -65.81 -2.44
N CYS VB 43 -25.75 -65.31 -3.54
CA CYS VB 43 -24.33 -65.05 -3.62
C CYS VB 43 -24.09 -63.88 -4.58
N ARG VB 44 -23.06 -63.09 -4.28
CA ARG VB 44 -22.67 -61.96 -5.12
C ARG VB 44 -21.16 -61.96 -5.24
N VAL VB 45 -20.66 -62.32 -6.42
CA VAL VB 45 -19.23 -62.28 -6.71
C VAL VB 45 -19.04 -61.50 -8.01
N THR VB 46 -18.13 -60.54 -7.99
CA THR VB 46 -17.83 -59.71 -9.14
C THR VB 46 -16.46 -60.05 -9.70
N GLY VB 47 -16.16 -59.47 -10.86
CA GLY VB 47 -14.87 -59.73 -11.49
C GLY VB 47 -13.72 -59.10 -10.75
N GLY VB 48 -13.97 -58.00 -10.02
CA GLY VB 48 -12.91 -57.32 -9.31
C GLY VB 48 -12.38 -58.09 -8.11
N MET VB 49 -13.17 -59.00 -7.55
CA MET VB 49 -12.73 -59.79 -6.41
C MET VB 49 -12.12 -61.12 -6.82
N LYS VB 50 -11.92 -61.36 -8.11
CA LYS VB 50 -11.24 -62.55 -8.60
C LYS VB 50 -9.82 -62.28 -9.08
N VAL VB 51 -9.53 -61.07 -9.57
CA VAL VB 51 -8.20 -60.69 -9.98
C VAL VB 51 -7.77 -59.47 -9.19
N LYS VB 52 -6.50 -59.09 -9.34
CA LYS VB 52 -5.93 -57.97 -8.61
C LYS VB 52 -5.15 -57.07 -9.55
N ALA VB 53 -5.74 -56.74 -10.69
CA ALA VB 53 -5.04 -55.98 -11.72
C ALA VB 53 -5.74 -54.70 -12.15
N ASP VB 54 -7.05 -54.56 -11.91
CA ASP VB 54 -7.83 -53.35 -12.17
C ASP VB 54 -8.02 -53.13 -13.68
N ARG VB 55 -7.33 -53.90 -14.51
CA ARG VB 55 -7.60 -53.94 -15.93
C ARG VB 55 -8.58 -55.02 -16.32
N ASP VB 56 -8.59 -56.12 -15.57
CA ASP VB 56 -9.34 -57.31 -15.91
C ASP VB 56 -10.59 -57.48 -15.06
N GLU VB 57 -11.07 -56.40 -14.45
CA GLU VB 57 -12.26 -56.50 -13.61
C GLU VB 57 -13.49 -56.89 -14.42
N SER VB 58 -13.59 -56.38 -15.65
CA SER VB 58 -14.65 -56.77 -16.57
C SER VB 58 -14.20 -57.81 -17.58
N SER VB 59 -12.99 -58.36 -17.40
CA SER VB 59 -12.48 -59.33 -18.35
C SER VB 59 -13.30 -60.62 -18.31
N PRO VB 60 -13.39 -61.32 -19.44
CA PRO VB 60 -14.14 -62.59 -19.46
C PRO VB 60 -13.59 -63.63 -18.49
N TYR VB 61 -12.28 -63.62 -18.25
CA TYR VB 61 -11.68 -64.61 -17.36
C TYR VB 61 -12.16 -64.42 -15.92
N ALA VB 62 -12.18 -63.18 -15.44
CA ALA VB 62 -12.68 -62.90 -14.11
C ALA VB 62 -14.18 -63.21 -14.02
N ALA VB 63 -14.91 -62.98 -15.11
CA ALA VB 63 -16.32 -63.35 -15.13
C ALA VB 63 -16.49 -64.86 -15.01
N MET VB 64 -15.63 -65.63 -15.68
CA MET VB 64 -15.69 -67.08 -15.56
C MET VB 64 -15.39 -67.53 -14.13
N LEU VB 65 -14.38 -66.94 -13.52
CA LEU VB 65 -14.04 -67.30 -12.14
C LEU VB 65 -15.18 -66.97 -11.19
N ALA VB 66 -15.77 -65.78 -11.34
CA ALA VB 66 -16.89 -65.39 -10.49
C ALA VB 66 -18.09 -66.29 -10.70
N ALA VB 67 -18.36 -66.66 -11.95
CA ALA VB 67 -19.49 -67.55 -12.23
C ALA VB 67 -19.27 -68.92 -11.62
N GLN VB 68 -18.06 -69.48 -11.72
CA GLN VB 68 -17.81 -70.78 -11.11
C GLN VB 68 -17.92 -70.74 -9.59
N ASP VB 69 -17.41 -69.67 -8.96
CA ASP VB 69 -17.55 -69.55 -7.52
C ASP VB 69 -19.00 -69.40 -7.09
N VAL VB 70 -19.79 -68.59 -7.79
CA VAL VB 70 -21.20 -68.45 -7.48
C VAL VB 70 -21.92 -69.79 -7.70
N ALA VB 71 -21.50 -70.54 -8.72
CA ALA VB 71 -22.13 -71.82 -9.00
C ALA VB 71 -21.88 -72.83 -7.87
N GLN VB 72 -20.63 -72.92 -7.40
CA GLN VB 72 -20.37 -73.84 -6.31
C GLN VB 72 -21.04 -73.38 -5.01
N ARG VB 73 -21.12 -72.06 -4.79
CA ARG VB 73 -21.85 -71.56 -3.64
C ARG VB 73 -23.32 -71.93 -3.71
N CYS VB 74 -23.92 -71.80 -4.90
CA CYS VB 74 -25.32 -72.16 -5.07
C CYS VB 74 -25.54 -73.65 -4.85
N LYS VB 75 -24.63 -74.48 -5.36
CA LYS VB 75 -24.75 -75.91 -5.16
C LYS VB 75 -24.67 -76.28 -3.68
N GLU VB 76 -23.73 -75.68 -2.94
CA GLU VB 76 -23.67 -75.98 -1.52
C GLU VB 76 -24.81 -75.33 -0.75
N LEU VB 77 -25.55 -74.41 -1.38
CA LEU VB 77 -26.79 -73.90 -0.82
C LEU VB 77 -28.02 -74.54 -1.43
N GLY VB 78 -27.85 -75.62 -2.19
CA GLY VB 78 -28.96 -76.40 -2.71
C GLY VB 78 -29.84 -75.69 -3.73
N ILE VB 79 -29.24 -74.98 -4.67
CA ILE VB 79 -29.96 -74.36 -5.76
C ILE VB 79 -29.41 -74.92 -7.07
N THR VB 80 -30.30 -75.37 -7.96
CA THR VB 80 -29.90 -76.01 -9.20
C THR VB 80 -30.32 -75.26 -10.46
N ALA VB 81 -31.43 -74.52 -10.43
CA ALA VB 81 -31.92 -73.81 -11.60
C ALA VB 81 -31.92 -72.31 -11.32
N LEU VB 82 -31.62 -71.54 -12.36
CA LEU VB 82 -31.50 -70.09 -12.22
C LEU VB 82 -32.20 -69.39 -13.36
N HIS VB 83 -32.89 -68.31 -13.05
CA HIS VB 83 -33.34 -67.35 -14.06
C HIS VB 83 -32.25 -66.33 -14.33
N ILE VB 84 -32.15 -65.91 -15.59
CA ILE VB 84 -31.08 -65.03 -16.04
C ILE VB 84 -31.68 -63.67 -16.37
N LYS VB 85 -31.08 -62.62 -15.80
CA LYS VB 85 -31.49 -61.24 -16.05
C LYS VB 85 -30.24 -60.48 -16.46
N LEU VB 86 -29.93 -60.50 -17.77
CA LEU VB 86 -28.80 -59.74 -18.26
C LEU VB 86 -29.07 -58.24 -18.11
N ARG VB 87 -28.05 -57.52 -17.66
CA ARG VB 87 -28.18 -56.10 -17.39
C ARG VB 87 -26.93 -55.37 -17.86
N ALA VB 88 -27.12 -54.35 -18.69
CA ALA VB 88 -26.04 -53.47 -19.07
C ALA VB 88 -26.05 -52.23 -18.17
N THR VB 89 -25.27 -51.22 -18.52
CA THR VB 89 -25.21 -50.01 -17.72
C THR VB 89 -26.57 -49.31 -17.67
N GLY VB 90 -27.23 -49.20 -18.82
CA GLY VB 90 -28.54 -48.57 -18.84
C GLY VB 90 -28.45 -47.07 -18.67
N GLY VB 91 -29.59 -46.49 -18.28
CA GLY VB 91 -29.66 -45.05 -18.11
C GLY VB 91 -29.45 -44.34 -19.43
N ASN VB 92 -28.81 -43.17 -19.37
CA ASN VB 92 -28.40 -42.48 -20.57
C ASN VB 92 -27.06 -42.99 -21.11
N ARG VB 93 -26.42 -43.90 -20.41
CA ARG VB 93 -25.13 -44.45 -20.80
C ARG VB 93 -25.37 -45.64 -21.73
N THR VB 94 -24.32 -46.45 -21.96
CA THR VB 94 -24.38 -47.50 -22.96
C THR VB 94 -25.40 -48.57 -22.60
N LYS VB 95 -25.87 -49.29 -23.63
CA LYS VB 95 -26.87 -50.33 -23.48
C LYS VB 95 -26.37 -51.72 -23.84
N THR VB 96 -25.18 -51.83 -24.41
CA THR VB 96 -24.65 -53.13 -24.77
C THR VB 96 -24.01 -53.78 -23.55
N PRO VB 97 -24.36 -55.02 -23.23
CA PRO VB 97 -23.74 -55.70 -22.08
C PRO VB 97 -22.24 -55.87 -22.29
N GLY VB 98 -21.50 -55.83 -21.18
CA GLY VB 98 -20.07 -55.85 -21.23
C GLY VB 98 -19.52 -57.20 -21.64
N PRO VB 99 -18.19 -57.28 -21.75
CA PRO VB 99 -17.57 -58.52 -22.22
C PRO VB 99 -17.76 -59.71 -21.29
N GLY VB 100 -18.07 -59.49 -20.02
CA GLY VB 100 -18.17 -60.58 -19.08
C GLY VB 100 -19.45 -61.36 -19.12
N ALA VB 101 -20.48 -60.84 -19.80
CA ALA VB 101 -21.79 -61.50 -19.76
C ALA VB 101 -21.74 -62.89 -20.41
N GLN VB 102 -21.19 -62.97 -21.62
CA GLN VB 102 -21.15 -64.24 -22.33
C GLN VB 102 -20.34 -65.29 -21.58
N SER VB 103 -19.14 -64.92 -21.12
CA SER VB 103 -18.30 -65.87 -20.42
C SER VB 103 -18.90 -66.28 -19.08
N ALA VB 104 -19.50 -65.33 -18.36
CA ALA VB 104 -20.13 -65.68 -17.09
C ALA VB 104 -21.30 -66.63 -17.29
N LEU VB 105 -22.14 -66.36 -18.28
CA LEU VB 105 -23.29 -67.23 -18.51
C LEU VB 105 -22.85 -68.61 -19.01
N ARG VB 106 -21.85 -68.66 -19.87
CA ARG VB 106 -21.33 -69.94 -20.34
C ARG VB 106 -20.72 -70.73 -19.20
N ALA VB 107 -19.98 -70.07 -18.30
CA ALA VB 107 -19.40 -70.76 -17.17
C ALA VB 107 -20.49 -71.27 -16.22
N LEU VB 108 -21.54 -70.48 -16.02
CA LEU VB 108 -22.65 -70.95 -15.19
C LEU VB 108 -23.32 -72.17 -15.81
N ALA VB 109 -23.49 -72.16 -17.13
CA ALA VB 109 -24.11 -73.30 -17.80
C ALA VB 109 -23.24 -74.54 -17.71
N ARG VB 110 -21.93 -74.39 -17.93
CA ARG VB 110 -21.03 -75.53 -17.93
C ARG VB 110 -20.61 -75.97 -16.54
N SER VB 111 -21.02 -75.26 -15.50
CA SER VB 111 -20.72 -75.62 -14.13
C SER VB 111 -21.76 -76.57 -13.53
N GLY VB 112 -22.75 -76.98 -14.31
CA GLY VB 112 -23.81 -77.83 -13.81
C GLY VB 112 -25.05 -77.09 -13.37
N MET VB 113 -25.05 -75.77 -13.40
CA MET VB 113 -26.23 -75.01 -13.01
C MET VB 113 -27.24 -74.96 -14.15
N LYS VB 114 -28.42 -75.48 -13.90
CA LYS VB 114 -29.50 -75.43 -14.88
C LYS VB 114 -29.96 -73.99 -15.07
N ILE VB 115 -30.45 -73.69 -16.28
CA ILE VB 115 -30.80 -72.34 -16.67
C ILE VB 115 -32.26 -72.31 -17.09
N GLY VB 116 -33.01 -71.35 -16.53
CA GLY VB 116 -34.40 -71.17 -16.89
C GLY VB 116 -34.63 -70.01 -17.83
N ARG VB 117 -35.53 -69.11 -17.47
CA ARG VB 117 -35.84 -67.96 -18.31
C ARG VB 117 -34.68 -66.98 -18.36
N ILE VB 118 -34.48 -66.41 -19.55
CA ILE VB 118 -33.47 -65.39 -19.78
C ILE VB 118 -34.17 -64.15 -20.33
N GLU VB 119 -33.86 -62.99 -19.75
CA GLU VB 119 -34.52 -61.76 -20.16
C GLU VB 119 -33.58 -60.60 -19.88
N ASP VB 120 -33.70 -59.55 -20.70
CA ASP VB 120 -32.89 -58.35 -20.50
C ASP VB 120 -33.68 -57.33 -19.69
N VAL VB 121 -33.07 -56.84 -18.62
CA VAL VB 121 -33.70 -55.84 -17.77
C VAL VB 121 -32.84 -54.59 -17.72
N THR VB 122 -32.13 -54.32 -18.80
CA THR VB 122 -31.33 -53.10 -18.89
C THR VB 122 -32.25 -51.89 -18.79
N PRO VB 123 -31.97 -50.93 -17.92
CA PRO VB 123 -32.89 -49.81 -17.74
C PRO VB 123 -32.90 -48.90 -18.94
N ILE VB 124 -33.96 -48.97 -19.73
CA ILE VB 124 -34.15 -48.10 -20.88
C ILE VB 124 -35.05 -46.95 -20.44
N PRO VB 125 -34.54 -45.72 -20.38
CA PRO VB 125 -35.40 -44.59 -20.02
C PRO VB 125 -36.43 -44.33 -21.09
N SER VB 126 -37.63 -43.95 -20.66
CA SER VB 126 -38.58 -43.39 -21.62
C SER VB 126 -38.03 -42.11 -22.21
N ASP VB 127 -37.24 -41.38 -21.44
CA ASP VB 127 -36.20 -40.40 -21.77
C ASP VB 127 -35.45 -40.03 -20.50
N SER VB 128 -34.16 -39.77 -20.68
CA SER VB 128 -33.22 -39.57 -19.59
C SER VB 128 -32.82 -38.10 -19.50
N THR VB 129 -31.95 -37.82 -18.55
CA THR VB 129 -31.34 -36.51 -18.45
C THR VB 129 -30.22 -36.38 -19.46
N ARG VB 130 -29.54 -35.23 -19.43
CA ARG VB 130 -28.45 -34.99 -20.37
C ARG VB 130 -27.28 -35.90 -20.05
N ARG VB 131 -26.82 -36.62 -21.07
CA ARG VB 131 -25.70 -37.53 -20.91
C ARG VB 131 -24.40 -36.75 -20.72
N LYS VB 132 -23.55 -37.23 -19.82
CA LYS VB 132 -22.32 -36.52 -19.53
C LYS VB 132 -21.37 -36.61 -20.72
N GLY VB 133 -20.44 -35.65 -20.78
CA GLY VB 133 -19.48 -35.55 -21.86
C GLY VB 133 -19.60 -34.30 -22.71
N GLY VB 134 -20.62 -33.48 -22.49
CA GLY VB 134 -20.77 -32.25 -23.25
C GLY VB 134 -21.29 -32.51 -24.65
N ARG VB 135 -21.58 -31.40 -25.34
CA ARG VB 135 -22.10 -31.51 -26.70
C ARG VB 135 -21.02 -31.91 -27.71
N ARG VB 136 -19.75 -31.66 -27.40
CA ARG VB 136 -18.65 -32.06 -28.26
C ARG VB 136 -18.19 -33.49 -27.99
N GLY VB 137 -18.70 -34.13 -26.95
CA GLY VB 137 -18.40 -35.52 -26.73
C GLY VB 137 -17.05 -35.75 -26.08
N ARG VB 138 -16.75 -37.03 -25.87
CA ARG VB 138 -15.51 -37.47 -25.23
C ARG VB 138 -14.39 -37.42 -26.27
N ARG VB 139 -13.65 -36.32 -26.30
CA ARG VB 139 -12.61 -36.14 -27.30
C ARG VB 139 -11.44 -37.07 -27.02
N LEU VB 140 -11.06 -37.86 -28.02
CA LEU VB 140 -9.93 -38.77 -27.92
C LEU VB 140 -9.17 -38.82 -29.23
N MET WB 1 -25.51 -15.07 -100.65
CA MET WB 1 -25.32 -15.20 -102.09
C MET WB 1 -26.25 -14.25 -102.84
N GLN WB 2 -26.15 -14.28 -104.16
CA GLN WB 2 -26.99 -13.49 -105.06
C GLN WB 2 -26.86 -11.99 -104.76
N ASN WB 3 -25.67 -11.48 -105.06
CA ASN WB 3 -25.42 -10.04 -105.03
C ASN WB 3 -26.27 -9.33 -106.09
N ASP WB 4 -26.18 -8.00 -106.13
CA ASP WB 4 -27.05 -7.23 -107.03
C ASP WB 4 -26.85 -7.62 -108.49
N ALA WB 5 -25.64 -8.05 -108.86
CA ALA WB 5 -25.43 -8.57 -110.20
C ALA WB 5 -26.23 -9.86 -110.42
N GLY WB 6 -26.29 -10.73 -109.41
CA GLY WB 6 -27.17 -11.88 -109.50
C GLY WB 6 -26.52 -13.23 -109.27
N GLU WB 7 -25.21 -13.33 -109.47
CA GLU WB 7 -24.54 -14.62 -109.36
C GLU WB 7 -24.52 -15.10 -107.91
N PHE WB 8 -24.55 -16.42 -107.75
CA PHE WB 8 -24.55 -17.04 -106.43
C PHE WB 8 -23.13 -16.98 -105.87
N VAL WB 9 -22.86 -15.97 -105.04
CA VAL WB 9 -21.54 -15.82 -104.44
C VAL WB 9 -21.55 -16.63 -103.14
N ASP WB 10 -21.38 -17.94 -103.31
CA ASP WB 10 -21.32 -18.88 -102.20
C ASP WB 10 -20.83 -20.22 -102.72
N LEU WB 11 -19.82 -20.80 -102.06
CA LEU WB 11 -19.17 -21.97 -102.61
C LEU WB 11 -19.94 -23.26 -102.35
N TYR WB 12 -20.97 -23.23 -101.49
CA TYR WB 12 -21.93 -24.32 -101.46
C TYR WB 12 -23.20 -23.82 -100.76
N VAL WB 13 -24.24 -24.65 -100.83
CA VAL WB 13 -25.48 -24.39 -100.12
C VAL WB 13 -25.75 -25.57 -99.19
N PRO WB 14 -25.58 -25.42 -97.88
CA PRO WB 14 -25.75 -26.56 -96.98
C PRO WB 14 -27.19 -27.04 -96.93
N ARG WB 15 -27.34 -28.33 -96.68
CA ARG WB 15 -28.67 -28.92 -96.53
C ARG WB 15 -29.31 -28.45 -95.24
N LYS WB 16 -30.64 -28.44 -95.24
CA LYS WB 16 -31.43 -28.11 -94.06
C LYS WB 16 -32.08 -29.39 -93.56
N CYS WB 17 -32.26 -29.48 -92.25
CA CYS WB 17 -32.91 -30.65 -91.66
C CYS WB 17 -34.33 -30.78 -92.19
N SER WB 18 -34.71 -32.01 -92.52
CA SER WB 18 -36.04 -32.25 -93.03
C SER WB 18 -37.09 -32.35 -91.93
N ALA WB 19 -36.68 -32.26 -90.68
CA ALA WB 19 -37.60 -32.27 -89.54
C ALA WB 19 -37.62 -30.95 -88.80
N SER WB 20 -36.46 -30.49 -88.34
CA SER WB 20 -36.36 -29.25 -87.59
C SER WB 20 -36.12 -28.03 -88.47
N ASN WB 21 -35.90 -28.23 -89.76
CA ASN WB 21 -35.57 -27.16 -90.69
C ASN WB 21 -34.32 -26.39 -90.24
N ARG WB 22 -33.38 -27.12 -89.64
CA ARG WB 22 -32.13 -26.56 -89.18
C ARG WB 22 -31.00 -26.85 -90.15
N ILE WB 23 -30.03 -25.94 -90.20
CA ILE WB 23 -28.89 -26.10 -91.10
C ILE WB 23 -28.00 -27.24 -90.58
N ILE WB 24 -27.63 -28.13 -91.49
CA ILE WB 24 -26.70 -29.21 -91.17
C ILE WB 24 -25.29 -28.66 -91.29
N GLY WB 25 -24.57 -28.65 -90.18
CA GLY WB 25 -23.23 -28.07 -90.17
C GLY WB 25 -22.24 -28.94 -90.92
N ALA WB 26 -21.12 -28.31 -91.29
CA ALA WB 26 -20.08 -29.03 -92.03
C ALA WB 26 -19.41 -30.09 -91.17
N LYS WB 27 -19.22 -29.81 -89.87
CA LYS WB 27 -18.63 -30.77 -88.95
C LYS WB 27 -19.69 -31.51 -88.13
N ASP WB 28 -20.96 -31.29 -88.43
CA ASP WB 28 -22.05 -31.95 -87.70
C ASP WB 28 -22.11 -33.40 -88.20
N HIS WB 29 -21.26 -34.25 -87.62
CA HIS WB 29 -21.16 -35.63 -88.04
C HIS WB 29 -22.25 -36.51 -87.47
N ALA WB 30 -23.06 -36.00 -86.56
CA ALA WB 30 -24.20 -36.76 -86.06
C ALA WB 30 -25.35 -36.79 -87.06
N SER WB 31 -25.36 -35.92 -88.06
CA SER WB 31 -26.43 -35.88 -89.04
C SER WB 31 -26.43 -37.14 -89.89
N ILE WB 32 -27.61 -37.51 -90.38
CA ILE WB 32 -27.77 -38.65 -91.27
C ILE WB 32 -28.59 -38.23 -92.48
N GLN WB 33 -28.39 -38.95 -93.58
CA GLN WB 33 -29.20 -38.77 -94.78
C GLN WB 33 -29.43 -40.15 -95.38
N MET WB 34 -30.52 -40.78 -95.01
CA MET WB 34 -30.88 -42.09 -95.51
C MET WB 34 -31.78 -41.97 -96.73
N ASN WB 35 -31.94 -43.08 -97.43
CA ASN WB 35 -32.79 -43.15 -98.61
C ASN WB 35 -33.89 -44.17 -98.38
N VAL WB 36 -35.12 -43.80 -98.73
CA VAL WB 36 -36.27 -44.68 -98.62
C VAL WB 36 -36.63 -45.16 -100.01
N ALA WB 37 -36.57 -46.47 -100.21
CA ALA WB 37 -36.82 -47.07 -101.52
C ALA WB 37 -38.31 -47.37 -101.64
N GLU WB 38 -39.00 -46.61 -102.48
CA GLU WB 38 -40.39 -46.91 -102.77
C GLU WB 38 -40.48 -47.97 -103.87
N VAL WB 39 -41.54 -48.77 -103.81
CA VAL WB 39 -41.68 -49.92 -104.67
C VAL WB 39 -42.82 -49.67 -105.65
N ASP WB 40 -43.00 -50.60 -106.59
CA ASP WB 40 -44.03 -50.47 -107.59
C ASP WB 40 -45.41 -50.70 -106.97
N LYS WB 41 -46.45 -50.31 -107.72
CA LYS WB 41 -47.81 -50.38 -107.20
C LYS WB 41 -48.34 -51.81 -107.23
N VAL WB 42 -47.77 -52.66 -108.06
CA VAL WB 42 -48.39 -53.94 -108.37
C VAL WB 42 -47.64 -55.12 -107.72
N THR WB 43 -46.32 -55.19 -107.87
CA THR WB 43 -45.60 -56.37 -107.41
C THR WB 43 -44.81 -56.16 -106.13
N GLY WB 44 -44.85 -54.96 -105.55
CA GLY WB 44 -44.13 -54.72 -104.32
C GLY WB 44 -42.63 -54.86 -104.44
N ARG WB 45 -42.07 -54.61 -105.61
CA ARG WB 45 -40.64 -54.72 -105.84
C ARG WB 45 -40.03 -53.35 -106.10
N PHE WB 46 -38.78 -53.20 -105.68
CA PHE WB 46 -38.09 -51.92 -105.82
C PHE WB 46 -37.93 -51.55 -107.29
N ASN WB 47 -38.31 -50.31 -107.61
CA ASN WB 47 -38.31 -49.83 -108.99
C ASN WB 47 -37.07 -49.03 -109.34
N GLY WB 48 -36.09 -48.99 -108.46
CA GLY WB 48 -34.87 -48.24 -108.73
C GLY WB 48 -34.83 -46.83 -108.21
N GLN WB 49 -35.91 -46.07 -108.41
CA GLN WB 49 -35.95 -44.70 -107.92
C GLN WB 49 -36.48 -44.67 -106.49
N PHE WB 50 -35.93 -43.76 -105.68
CA PHE WB 50 -36.18 -43.74 -104.25
C PHE WB 50 -36.43 -42.30 -103.81
N LYS WB 51 -36.44 -42.10 -102.50
CA LYS WB 51 -36.57 -40.77 -101.92
C LYS WB 51 -35.68 -40.68 -100.69
N THR WB 52 -35.27 -39.46 -100.36
CA THR WB 52 -34.25 -39.22 -99.35
C THR WB 52 -34.81 -38.34 -98.24
N TYR WB 53 -34.42 -38.66 -97.00
CA TYR WB 53 -34.73 -37.84 -95.83
C TYR WB 53 -33.42 -37.50 -95.12
N ALA WB 54 -33.33 -36.28 -94.63
CA ALA WB 54 -32.14 -35.80 -93.93
C ALA WB 54 -32.52 -35.25 -92.57
N ILE WB 55 -31.85 -35.72 -91.52
CA ILE WB 55 -32.14 -35.31 -90.15
C ILE WB 55 -30.87 -34.74 -89.55
N CYS WB 56 -30.97 -33.57 -88.95
CA CYS WB 56 -29.83 -32.99 -88.26
C CYS WB 56 -29.52 -33.77 -87.00
N GLY WB 57 -28.28 -33.66 -86.54
CA GLY WB 57 -27.81 -34.49 -85.44
C GLY WB 57 -28.52 -34.24 -84.13
N ALA WB 58 -28.89 -32.98 -83.87
CA ALA WB 58 -29.52 -32.65 -82.59
C ALA WB 58 -30.85 -33.37 -82.41
N ILE WB 59 -31.66 -33.41 -83.47
CA ILE WB 59 -32.96 -34.09 -83.39
C ILE WB 59 -32.76 -35.58 -83.15
N ARG WB 60 -31.81 -36.20 -83.88
CA ARG WB 60 -31.49 -37.60 -83.64
C ARG WB 60 -30.51 -37.78 -82.49
N ARG WB 61 -30.27 -36.72 -81.71
CA ARG WB 61 -29.69 -36.85 -80.39
C ARG WB 61 -30.72 -36.78 -79.28
N MET WB 62 -31.75 -35.96 -79.45
CA MET WB 62 -32.81 -35.85 -78.45
C MET WB 62 -33.84 -36.96 -78.54
N GLY WB 63 -33.74 -37.82 -79.55
CA GLY WB 63 -34.55 -39.02 -79.62
C GLY WB 63 -35.78 -38.93 -80.49
N GLU WB 64 -36.06 -37.77 -81.08
CA GLU WB 64 -37.26 -37.61 -81.90
C GLU WB 64 -37.02 -37.95 -83.37
N SER WB 65 -35.91 -38.62 -83.67
CA SER WB 65 -35.62 -38.98 -85.06
C SER WB 65 -36.65 -39.95 -85.61
N ASP WB 66 -37.00 -40.98 -84.84
CA ASP WB 66 -37.94 -41.99 -85.34
C ASP WB 66 -39.31 -41.39 -85.60
N ASP WB 67 -39.78 -40.53 -84.70
CA ASP WB 67 -41.06 -39.85 -84.90
C ASP WB 67 -41.03 -38.99 -86.16
N SER WB 68 -39.93 -38.27 -86.38
CA SER WB 68 -39.82 -37.41 -87.54
C SER WB 68 -39.80 -38.22 -88.84
N ILE WB 69 -39.07 -39.33 -88.85
CA ILE WB 69 -39.04 -40.19 -90.03
C ILE WB 69 -40.41 -40.77 -90.30
N LEU WB 70 -41.11 -41.19 -89.24
CA LEU WB 70 -42.47 -41.69 -89.40
C LEU WB 70 -43.38 -40.62 -90.00
N ARG WB 71 -43.29 -39.38 -89.50
CA ARG WB 71 -44.14 -38.33 -90.01
C ARG WB 71 -43.84 -38.02 -91.47
N LEU WB 72 -42.55 -37.98 -91.83
CA LEU WB 72 -42.19 -37.71 -93.23
C LEU WB 72 -42.66 -38.84 -94.15
N ALA WB 73 -42.50 -40.09 -93.73
CA ALA WB 73 -42.97 -41.20 -94.54
C ALA WB 73 -44.49 -41.19 -94.68
N LYS WB 74 -45.19 -40.81 -93.60
CA LYS WB 74 -46.64 -40.69 -93.64
C LYS WB 74 -47.07 -39.61 -94.60
N ALA WB 75 -46.50 -38.41 -94.46
CA ALA WB 75 -46.92 -37.27 -95.27
C ALA WB 75 -46.58 -37.48 -96.74
N ASP WB 76 -45.42 -38.04 -97.03
CA ASP WB 76 -45.04 -38.23 -98.42
C ASP WB 76 -45.77 -39.41 -99.05
N GLY WB 77 -46.44 -40.23 -98.24
CA GLY WB 77 -47.27 -41.29 -98.77
C GLY WB 77 -46.71 -42.68 -98.65
N ILE WB 78 -45.55 -42.85 -98.01
CA ILE WB 78 -44.98 -44.18 -97.84
C ILE WB 78 -45.85 -45.03 -96.93
N VAL WB 79 -46.30 -44.46 -95.83
CA VAL WB 79 -47.09 -45.18 -94.84
C VAL WB 79 -48.56 -44.83 -95.01
N SER WB 80 -49.43 -45.82 -94.81
CA SER WB 80 -50.85 -45.62 -94.95
C SER WB 80 -51.37 -44.64 -93.90
N LYS WB 81 -52.47 -43.97 -94.22
CA LYS WB 81 -53.01 -42.94 -93.33
C LYS WB 81 -53.60 -43.54 -92.07
N ASN WB 82 -54.03 -44.80 -92.12
CA ASN WB 82 -54.60 -45.48 -90.97
C ASN WB 82 -53.55 -46.09 -90.05
N PHE WB 83 -52.32 -45.61 -90.12
CA PHE WB 83 -51.22 -46.09 -89.28
C PHE WB 83 -51.52 -45.87 -87.80
N VAL XB 1 -46.26 -11.10 -60.69
CA VAL XB 1 -47.37 -11.32 -61.59
C VAL XB 1 -46.94 -11.00 -63.02
N ARG XB 2 -47.68 -11.54 -63.99
CA ARG XB 2 -47.38 -11.27 -65.39
C ARG XB 2 -47.76 -9.82 -65.70
N MET XB 3 -46.75 -8.98 -65.92
CA MET XB 3 -46.96 -7.59 -66.28
C MET XB 3 -46.82 -7.32 -67.77
N ASN XB 4 -46.03 -8.13 -68.47
CA ASN XB 4 -45.79 -7.94 -69.90
C ASN XB 4 -46.27 -9.21 -70.62
N VAL XB 5 -47.44 -9.12 -71.24
CA VAL XB 5 -48.01 -10.26 -71.93
C VAL XB 5 -47.19 -10.59 -73.19
N LEU XB 6 -46.82 -9.56 -73.94
CA LEU XB 6 -46.05 -9.76 -75.17
C LEU XB 6 -44.71 -10.42 -74.89
N ALA XB 7 -44.04 -10.02 -73.81
CA ALA XB 7 -42.75 -10.61 -73.48
C ALA XB 7 -42.87 -12.09 -73.20
N ASP XB 8 -43.88 -12.49 -72.43
CA ASP XB 8 -44.09 -13.90 -72.13
C ASP XB 8 -44.42 -14.69 -73.39
N ALA XB 9 -45.29 -14.15 -74.24
CA ALA XB 9 -45.65 -14.87 -75.46
C ALA XB 9 -44.45 -15.04 -76.38
N LEU XB 10 -43.67 -13.97 -76.56
CA LEU XB 10 -42.49 -14.06 -77.42
C LEU XB 10 -41.45 -15.01 -76.85
N LYS XB 11 -41.26 -15.00 -75.53
CA LYS XB 11 -40.32 -15.92 -74.92
C LYS XB 11 -40.77 -17.37 -75.07
N SER XB 12 -42.08 -17.62 -74.94
CA SER XB 12 -42.60 -18.97 -75.16
C SER XB 12 -42.37 -19.42 -76.59
N ILE XB 13 -42.62 -18.52 -77.56
CA ILE XB 13 -42.38 -18.85 -78.96
C ILE XB 13 -40.90 -19.16 -79.19
N ASN XB 14 -40.01 -18.35 -78.61
CA ASN XB 14 -38.58 -18.57 -78.78
C ASN XB 14 -38.15 -19.90 -78.17
N ASN XB 15 -38.67 -20.23 -77.00
CA ASN XB 15 -38.32 -21.50 -76.36
C ASN XB 15 -38.81 -22.69 -77.16
N ALA XB 16 -40.04 -22.63 -77.67
CA ALA XB 16 -40.54 -23.71 -78.50
C ALA XB 16 -39.74 -23.84 -79.80
N GLU XB 17 -39.35 -22.70 -80.38
CA GLU XB 17 -38.53 -22.72 -81.58
C GLU XB 17 -37.18 -23.36 -81.30
N LYS XB 18 -36.56 -23.03 -80.18
CA LYS XB 18 -35.29 -23.65 -79.81
C LYS XB 18 -35.47 -25.14 -79.59
N ARG XB 19 -36.54 -25.55 -78.92
CA ARG XB 19 -36.78 -26.96 -78.67
C ARG XB 19 -37.22 -27.72 -79.90
N GLY XB 20 -37.52 -27.03 -81.00
CA GLY XB 20 -37.88 -27.68 -82.24
C GLY XB 20 -39.32 -28.09 -82.36
N LYS XB 21 -40.20 -27.63 -81.48
CA LYS XB 21 -41.61 -28.00 -81.54
C LYS XB 21 -42.25 -27.37 -82.77
N ARG XB 22 -43.15 -28.13 -83.40
CA ARG XB 22 -43.87 -27.64 -84.56
C ARG XB 22 -44.97 -26.65 -84.21
N GLN XB 23 -45.69 -26.89 -83.10
CA GLN XB 23 -46.77 -26.02 -82.68
C GLN XB 23 -46.50 -25.53 -81.27
N VAL XB 24 -46.89 -24.29 -81.01
CA VAL XB 24 -46.70 -23.66 -79.71
C VAL XB 24 -48.02 -23.01 -79.28
N LEU XB 25 -48.31 -23.07 -77.99
CA LEU XB 25 -49.47 -22.41 -77.41
C LEU XB 25 -48.99 -21.27 -76.53
N ILE XB 26 -49.47 -20.06 -76.82
CA ILE XB 26 -49.29 -18.90 -75.94
C ILE XB 26 -50.62 -18.58 -75.30
N ARG XB 27 -50.64 -18.50 -73.98
CA ARG XB 27 -51.93 -18.43 -73.30
C ARG XB 27 -52.57 -17.04 -73.36
N PRO XB 28 -51.91 -15.95 -72.94
CA PRO XB 28 -52.60 -14.65 -72.97
C PRO XB 28 -52.50 -14.02 -74.35
N CYS XB 29 -53.64 -13.80 -74.99
CA CYS XB 29 -53.68 -13.13 -76.27
C CYS XB 29 -54.05 -11.66 -76.11
N SER XB 30 -53.66 -10.86 -77.10
CA SER XB 30 -53.96 -9.44 -77.09
C SER XB 30 -53.86 -8.93 -78.52
N LYS XB 31 -54.42 -7.73 -78.73
CA LYS XB 31 -54.32 -7.10 -80.05
C LYS XB 31 -52.87 -6.87 -80.44
N VAL XB 32 -52.04 -6.47 -79.47
CA VAL XB 32 -50.63 -6.23 -79.74
C VAL XB 32 -49.96 -7.51 -80.22
N ILE XB 33 -50.26 -8.63 -79.56
CA ILE XB 33 -49.65 -9.90 -79.95
C ILE XB 33 -50.13 -10.33 -81.33
N VAL XB 34 -51.43 -10.13 -81.61
CA VAL XB 34 -51.96 -10.50 -82.91
C VAL XB 34 -51.29 -9.69 -84.01
N ARG XB 35 -51.10 -8.39 -83.79
CA ARG XB 35 -50.45 -7.56 -84.79
C ARG XB 35 -48.98 -7.94 -84.94
N PHE XB 36 -48.31 -8.25 -83.83
CA PHE XB 36 -46.92 -8.67 -83.88
C PHE XB 36 -46.76 -9.95 -84.69
N LEU XB 37 -47.63 -10.93 -84.43
CA LEU XB 37 -47.57 -12.18 -85.17
C LEU XB 37 -47.94 -11.98 -86.63
N THR XB 38 -48.85 -11.05 -86.92
CA THR XB 38 -49.15 -10.73 -88.32
C THR XB 38 -47.93 -10.17 -89.03
N VAL XB 39 -47.21 -9.26 -88.36
CA VAL XB 39 -46.00 -8.70 -88.94
C VAL XB 39 -44.96 -9.78 -89.17
N MET XB 40 -44.79 -10.68 -88.20
CA MET XB 40 -43.84 -11.77 -88.36
C MET XB 40 -44.24 -12.70 -89.51
N MET XB 41 -45.54 -13.00 -89.62
CA MET XB 41 -46.00 -13.96 -90.60
C MET XB 41 -45.95 -13.38 -92.02
N LYS XB 42 -46.16 -12.07 -92.15
CA LYS XB 42 -46.05 -11.45 -93.47
C LYS XB 42 -44.62 -11.55 -94.02
N HIS XB 43 -43.64 -11.66 -93.14
CA HIS XB 43 -42.26 -11.89 -93.56
C HIS XB 43 -41.93 -13.36 -93.67
N GLY XB 44 -42.89 -14.25 -93.44
CA GLY XB 44 -42.71 -15.67 -93.67
C GLY XB 44 -41.93 -16.39 -92.60
N TYR XB 45 -41.56 -15.73 -91.51
CA TYR XB 45 -40.79 -16.39 -90.46
C TYR XB 45 -41.58 -17.49 -89.78
N ILE XB 46 -42.90 -17.37 -89.71
CA ILE XB 46 -43.76 -18.33 -89.04
C ILE XB 46 -44.91 -18.70 -89.97
N GLY XB 47 -45.54 -19.83 -89.67
CA GLY XB 47 -46.69 -20.30 -90.41
C GLY XB 47 -47.97 -19.68 -89.91
N GLU XB 48 -49.09 -20.23 -90.39
CA GLU XB 48 -50.39 -19.73 -89.96
C GLU XB 48 -50.63 -20.05 -88.50
N PHE XB 49 -51.28 -19.11 -87.81
CA PHE XB 49 -51.62 -19.28 -86.40
C PHE XB 49 -53.13 -19.11 -86.22
N GLU XB 50 -53.68 -19.83 -85.25
CA GLU XB 50 -55.10 -19.86 -84.99
C GLU XB 50 -55.38 -19.43 -83.56
N ILE XB 51 -56.43 -18.62 -83.39
CA ILE XB 51 -56.78 -18.04 -82.10
C ILE XB 51 -57.93 -18.85 -81.51
N ILE XB 52 -57.75 -19.35 -80.29
CA ILE XB 52 -58.83 -20.03 -79.59
C ILE XB 52 -59.62 -19.00 -78.80
N ASP XB 53 -60.89 -18.83 -79.15
CA ASP XB 53 -61.73 -17.79 -78.57
C ASP XB 53 -62.53 -18.39 -77.42
N ASP XB 54 -62.04 -18.22 -76.20
CA ASP XB 54 -62.85 -18.36 -75.01
C ASP XB 54 -63.44 -16.99 -74.67
N HIS XB 55 -64.42 -17.00 -73.78
CA HIS XB 55 -64.97 -15.73 -73.33
C HIS XB 55 -63.98 -14.93 -72.50
N ARG XB 56 -62.93 -15.57 -71.99
CA ARG XB 56 -61.81 -14.88 -71.36
C ARG XB 56 -60.88 -14.36 -72.46
N ALA XB 57 -59.69 -13.92 -72.07
CA ALA XB 57 -58.68 -13.60 -73.06
C ALA XB 57 -58.30 -14.88 -73.82
N GLY XB 58 -58.26 -14.79 -75.14
CA GLY XB 58 -58.07 -15.95 -75.97
C GLY XB 58 -56.67 -16.52 -75.88
N LYS XB 59 -56.50 -17.69 -76.50
CA LYS XB 59 -55.20 -18.31 -76.67
C LYS XB 59 -54.90 -18.43 -78.15
N ILE XB 60 -53.60 -18.46 -78.47
CA ILE XB 60 -53.15 -18.54 -79.86
C ILE XB 60 -52.25 -19.76 -80.00
N VAL XB 61 -52.51 -20.58 -81.02
CA VAL XB 61 -51.63 -21.67 -81.39
C VAL XB 61 -50.96 -21.29 -82.70
N VAL XB 62 -49.63 -21.33 -82.72
CA VAL XB 62 -48.84 -20.85 -83.85
C VAL XB 62 -48.11 -22.03 -84.48
N ASN XB 63 -48.14 -22.09 -85.80
CA ASN XB 63 -47.37 -23.10 -86.52
C ASN XB 63 -45.98 -22.55 -86.81
N LEU XB 64 -44.95 -23.22 -86.31
CA LEU XB 64 -43.57 -22.77 -86.50
C LEU XB 64 -42.97 -23.48 -87.71
N THR XB 65 -42.47 -22.71 -88.65
CA THR XB 65 -41.81 -23.24 -89.84
C THR XB 65 -40.35 -23.59 -89.59
N GLY XB 66 -39.82 -23.30 -88.39
CA GLY XB 66 -38.47 -23.67 -88.04
C GLY XB 66 -37.39 -22.74 -88.51
N ARG XB 67 -37.73 -21.63 -89.17
CA ARG XB 67 -36.75 -20.72 -89.73
C ARG XB 67 -36.55 -19.49 -88.85
N LEU XB 68 -36.89 -19.60 -87.57
CA LEU XB 68 -36.78 -18.50 -86.62
C LEU XB 68 -35.55 -18.68 -85.76
N ASN XB 69 -34.78 -17.60 -85.60
CA ASN XB 69 -33.60 -17.61 -84.74
C ASN XB 69 -33.89 -17.03 -83.36
N LYS XB 70 -34.49 -15.84 -83.31
CA LYS XB 70 -34.73 -15.16 -82.04
C LYS XB 70 -35.85 -14.14 -82.24
N CYS XB 71 -36.74 -14.05 -81.26
CA CYS XB 71 -37.88 -13.15 -81.32
C CYS XB 71 -38.01 -12.39 -80.01
N GLY XB 72 -36.90 -11.83 -79.54
CA GLY XB 72 -36.86 -11.13 -78.27
C GLY XB 72 -37.69 -9.86 -78.29
N VAL XB 73 -37.82 -9.27 -77.11
CA VAL XB 73 -38.69 -8.12 -76.91
C VAL XB 73 -37.92 -7.04 -76.15
N ILE XB 74 -38.33 -5.79 -76.34
CA ILE XB 74 -37.82 -4.66 -75.58
C ILE XB 74 -38.90 -4.25 -74.59
N SER XB 75 -38.61 -4.39 -73.30
CA SER XB 75 -39.66 -4.25 -72.31
C SER XB 75 -40.01 -2.79 -72.02
N PRO XB 76 -39.07 -1.88 -71.68
CA PRO XB 76 -39.47 -0.47 -71.58
C PRO XB 76 -39.68 0.10 -72.96
N ARG XB 77 -40.92 0.40 -73.31
CA ARG XB 77 -41.29 0.79 -74.68
C ARG XB 77 -40.77 2.20 -74.94
N PHE XB 78 -39.49 2.27 -75.29
CA PHE XB 78 -38.82 3.55 -75.53
C PHE XB 78 -39.41 4.25 -76.74
N ASP XB 79 -39.53 5.57 -76.64
CA ASP XB 79 -39.85 6.39 -77.80
C ASP XB 79 -38.67 6.33 -78.76
N VAL XB 80 -38.93 5.91 -79.99
CA VAL XB 80 -37.89 5.74 -81.00
C VAL XB 80 -38.18 6.70 -82.14
N GLN XB 81 -37.18 7.50 -82.50
CA GLN XB 81 -37.32 8.47 -83.58
C GLN XB 81 -36.59 7.97 -84.83
N LEU XB 82 -36.93 8.59 -85.96
CA LEU XB 82 -36.25 8.25 -87.21
C LEU XB 82 -34.79 8.67 -87.16
N LYS XB 83 -34.48 9.75 -86.45
CA LYS XB 83 -33.09 10.19 -86.34
C LYS XB 83 -32.26 9.21 -85.54
N ASP XB 84 -32.87 8.51 -84.58
CA ASP XB 84 -32.16 7.57 -83.72
C ASP XB 84 -32.56 6.13 -83.98
N LEU XB 85 -33.27 5.85 -85.08
CA LEU XB 85 -33.68 4.49 -85.37
C LEU XB 85 -32.50 3.62 -85.80
N GLU XB 86 -31.48 4.21 -86.43
CA GLU XB 86 -30.38 3.41 -86.97
C GLU XB 86 -29.55 2.80 -85.85
N LYS XB 87 -29.37 3.52 -84.74
CA LYS XB 87 -28.61 2.97 -83.61
C LYS XB 87 -29.33 1.78 -83.00
N TRP XB 88 -30.65 1.87 -82.84
CA TRP XB 88 -31.42 0.71 -82.40
C TRP XB 88 -31.31 -0.43 -83.41
N GLN XB 89 -31.33 -0.08 -84.70
CA GLN XB 89 -31.33 -1.07 -85.76
C GLN XB 89 -30.04 -1.88 -85.76
N ASN XB 90 -28.90 -1.22 -85.66
CA ASN XB 90 -27.63 -1.93 -85.64
C ASN XB 90 -27.23 -2.34 -84.23
N ASN XB 91 -28.04 -2.01 -83.22
CA ASN XB 91 -27.86 -2.63 -81.91
C ASN XB 91 -28.61 -3.94 -81.76
N LEU XB 92 -29.77 -4.08 -82.42
CA LEU XB 92 -30.60 -5.26 -82.23
C LEU XB 92 -30.62 -6.20 -83.41
N LEU XB 93 -30.16 -5.78 -84.58
CA LEU XB 93 -30.28 -6.75 -85.66
C LEU XB 93 -28.94 -7.43 -85.91
N PRO XB 94 -28.98 -8.70 -86.30
CA PRO XB 94 -27.73 -9.40 -86.63
C PRO XB 94 -26.98 -8.80 -87.79
N SER XB 95 -27.67 -8.21 -88.76
CA SER XB 95 -27.03 -7.57 -89.90
C SER XB 95 -28.02 -6.61 -90.53
N ARG XB 96 -27.52 -5.80 -91.45
CA ARG XB 96 -28.39 -4.92 -92.23
C ARG XB 96 -29.03 -5.63 -93.40
N GLN XB 97 -28.69 -6.90 -93.64
CA GLN XB 97 -29.23 -7.65 -94.75
C GLN XB 97 -30.57 -8.31 -94.43
N PHE XB 98 -30.85 -8.58 -93.16
CA PHE XB 98 -32.10 -9.21 -92.78
C PHE XB 98 -32.40 -8.84 -91.34
N GLY XB 99 -33.47 -9.42 -90.81
CA GLY XB 99 -33.94 -9.09 -89.48
C GLY XB 99 -34.88 -7.92 -89.51
N PHE XB 100 -35.76 -7.83 -88.52
CA PHE XB 100 -36.71 -6.73 -88.46
C PHE XB 100 -36.92 -6.32 -87.01
N ILE XB 101 -37.34 -5.08 -86.82
CA ILE XB 101 -37.65 -4.54 -85.51
C ILE XB 101 -39.07 -4.00 -85.55
N VAL XB 102 -39.91 -4.52 -84.68
CA VAL XB 102 -41.31 -4.10 -84.60
C VAL XB 102 -41.42 -2.94 -83.62
N LEU XB 103 -42.04 -1.85 -84.07
CA LEU XB 103 -42.31 -0.71 -83.21
C LEU XB 103 -43.70 -0.19 -83.51
N THR XB 104 -44.45 0.11 -82.45
CA THR XB 104 -45.78 0.66 -82.61
C THR XB 104 -45.68 2.13 -82.97
N THR XB 105 -46.49 2.56 -83.93
CA THR XB 105 -46.47 3.93 -84.44
C THR XB 105 -47.89 4.47 -84.50
N SER XB 106 -47.98 5.76 -84.79
CA SER XB 106 -49.28 6.39 -85.03
C SER XB 106 -50.01 5.77 -86.22
N ALA XB 107 -49.28 5.19 -87.17
CA ALA XB 107 -49.90 4.50 -88.28
C ALA XB 107 -50.21 3.05 -87.97
N GLY XB 108 -49.83 2.55 -86.79
CA GLY XB 108 -50.14 1.20 -86.39
C GLY XB 108 -48.88 0.48 -85.93
N ILE XB 109 -48.95 -0.84 -85.96
CA ILE XB 109 -47.83 -1.70 -85.58
C ILE XB 109 -47.20 -2.24 -86.86
N MET XB 110 -45.90 -2.01 -87.03
CA MET XB 110 -45.22 -2.36 -88.25
C MET XB 110 -43.72 -2.40 -88.01
N ASP XB 111 -43.01 -3.01 -88.96
CA ASP XB 111 -41.57 -3.13 -88.85
C ASP XB 111 -40.89 -1.81 -89.21
N HIS XB 112 -39.58 -1.76 -88.96
CA HIS XB 112 -38.83 -0.52 -89.10
C HIS XB 112 -38.71 -0.08 -90.55
N GLU XB 113 -38.60 -1.02 -91.48
CA GLU XB 113 -38.48 -0.64 -92.89
C GLU XB 113 -39.72 0.09 -93.37
N GLU XB 114 -40.90 -0.42 -93.01
CA GLU XB 114 -42.13 0.26 -93.38
C GLU XB 114 -42.28 1.59 -92.65
N ALA XB 115 -41.77 1.66 -91.41
CA ALA XB 115 -41.81 2.91 -90.68
C ALA XB 115 -40.97 3.98 -91.37
N ARG XB 116 -39.78 3.62 -91.83
CA ARG XB 116 -38.95 4.58 -92.55
C ARG XB 116 -39.53 4.89 -93.92
N ARG XB 117 -40.23 3.92 -94.53
CA ARG XB 117 -40.80 4.15 -95.85
C ARG XB 117 -41.84 5.27 -95.82
N LYS XB 118 -42.69 5.29 -94.80
CA LYS XB 118 -43.71 6.30 -94.66
C LYS XB 118 -43.29 7.42 -93.71
N HIS XB 119 -42.02 7.42 -93.29
CA HIS XB 119 -41.40 8.53 -92.56
C HIS XB 119 -42.12 8.83 -91.24
N THR XB 120 -42.08 7.85 -90.34
CA THR XB 120 -42.61 8.06 -89.00
C THR XB 120 -41.90 7.14 -88.02
N GLY XB 121 -41.99 7.50 -86.74
CA GLY XB 121 -41.45 6.71 -85.66
C GLY XB 121 -42.51 6.36 -84.63
N GLY XB 122 -42.04 5.92 -83.45
CA GLY XB 122 -42.96 5.61 -82.38
C GLY XB 122 -42.25 4.83 -81.28
N LYS XB 123 -43.06 4.23 -80.40
CA LYS XB 123 -42.55 3.44 -79.30
C LYS XB 123 -42.05 2.09 -79.80
N ILE XB 124 -40.97 1.60 -79.18
CA ILE XB 124 -40.42 0.31 -79.56
C ILE XB 124 -41.32 -0.80 -79.05
N LEU XB 125 -41.39 -1.90 -79.81
CA LEU XB 125 -42.11 -3.09 -79.35
C LEU XB 125 -41.18 -4.29 -79.20
N GLY XB 126 -40.46 -4.66 -80.25
CA GLY XB 126 -39.61 -5.83 -80.18
C GLY XB 126 -38.94 -6.09 -81.50
N PHE XB 127 -38.21 -7.21 -81.56
CA PHE XB 127 -37.43 -7.55 -82.74
C PHE XB 127 -37.58 -9.05 -83.00
N PHE XB 128 -37.32 -9.43 -84.24
CA PHE XB 128 -37.30 -10.84 -84.60
C PHE XB 128 -36.40 -11.01 -85.82
N PHE XB 129 -35.69 -12.13 -85.87
CA PHE XB 129 -34.86 -12.45 -87.02
C PHE XB 129 -34.63 -13.96 -87.11
N GLY YB 1 -32.75 -8.76 -60.20
CA GLY YB 1 -32.15 -7.99 -61.28
C GLY YB 1 -32.13 -6.50 -61.03
N LYS YB 2 -32.37 -5.72 -62.07
CA LYS YB 2 -32.35 -4.27 -61.99
C LYS YB 2 -33.68 -3.68 -62.47
N CYS YB 3 -33.98 -2.49 -61.97
CA CYS YB 3 -35.18 -1.79 -62.40
C CYS YB 3 -35.03 -1.33 -63.84
N ARG YB 4 -36.15 -1.33 -64.57
CA ARG YB 4 -36.15 -0.95 -65.98
C ARG YB 4 -37.34 -0.08 -66.35
N GLY YB 5 -37.97 0.57 -65.38
CA GLY YB 5 -39.10 1.43 -65.66
C GLY YB 5 -38.68 2.70 -66.38
N LEU YB 6 -39.67 3.36 -66.98
CA LEU YB 6 -39.38 4.54 -67.78
C LEU YB 6 -39.07 5.77 -66.93
N ARG YB 7 -39.47 5.76 -65.67
CA ARG YB 7 -39.19 6.87 -64.76
C ARG YB 7 -38.40 6.39 -63.55
N THR YB 8 -37.50 5.44 -63.77
CA THR YB 8 -36.61 4.93 -62.74
C THR YB 8 -35.21 5.51 -62.84
N ALA YB 9 -35.00 6.50 -63.71
CA ALA YB 9 -33.67 7.07 -63.90
C ALA YB 9 -33.15 7.72 -62.62
N ARG YB 10 -34.06 8.23 -61.78
CA ARG YB 10 -33.65 8.75 -60.49
C ARG YB 10 -32.96 7.68 -59.65
N LYS YB 11 -33.58 6.50 -59.54
CA LYS YB 11 -32.97 5.42 -58.79
C LYS YB 11 -31.68 4.96 -59.45
N LEU YB 12 -31.64 4.90 -60.78
CA LEU YB 12 -30.43 4.47 -61.45
C LEU YB 12 -29.26 5.41 -61.18
N ARG YB 13 -29.48 6.73 -61.30
CA ARG YB 13 -28.41 7.66 -61.05
C ARG YB 13 -28.04 7.72 -59.57
N SER YB 14 -29.01 7.54 -58.67
CA SER YB 14 -28.69 7.48 -57.25
C SER YB 14 -27.82 6.27 -56.94
N HIS YB 15 -28.16 5.12 -57.51
CA HIS YB 15 -27.37 3.91 -57.26
C HIS YB 15 -26.00 4.00 -57.91
N ARG YB 16 -25.90 4.71 -59.03
CA ARG YB 16 -24.58 4.94 -59.63
C ARG YB 16 -23.72 5.81 -58.73
N ARG YB 17 -24.27 6.95 -58.28
CA ARG YB 17 -23.49 7.85 -57.43
C ARG YB 17 -23.27 7.26 -56.04
N ASP YB 18 -23.98 6.18 -55.70
CA ASP YB 18 -23.64 5.44 -54.49
C ASP YB 18 -22.53 4.44 -54.76
N GLN YB 19 -22.70 3.59 -55.78
CA GLN YB 19 -21.72 2.56 -56.09
C GLN YB 19 -20.41 3.11 -56.64
N LYS YB 20 -20.39 4.37 -57.09
CA LYS YB 20 -19.14 4.95 -57.58
C LYS YB 20 -18.17 5.27 -56.45
N TRP YB 21 -18.60 5.19 -55.18
CA TRP YB 21 -17.71 5.42 -54.07
C TRP YB 21 -16.93 4.18 -53.66
N HIS YB 22 -17.18 3.04 -54.30
CA HIS YB 22 -16.60 1.78 -53.86
C HIS YB 22 -15.42 1.32 -54.70
N ASP YB 23 -14.94 2.14 -55.64
CA ASP YB 23 -13.68 1.87 -56.31
C ASP YB 23 -12.65 2.91 -55.91
N LYS YB 24 -11.39 2.45 -55.79
CA LYS YB 24 -10.38 3.25 -55.13
C LYS YB 24 -10.02 4.51 -55.93
N GLN YB 25 -10.07 4.43 -57.26
CA GLN YB 25 -9.68 5.58 -58.08
C GLN YB 25 -10.65 6.73 -57.91
N TYR YB 26 -11.96 6.45 -57.96
CA TYR YB 26 -12.95 7.50 -57.75
C TYR YB 26 -12.85 8.06 -56.34
N LYS YB 27 -12.65 7.19 -55.35
CA LYS YB 27 -12.56 7.64 -53.97
C LYS YB 27 -11.36 8.55 -53.78
N LYS YB 28 -10.22 8.18 -54.38
CA LYS YB 28 -9.05 9.04 -54.35
C LYS YB 28 -9.31 10.38 -55.01
N ALA YB 29 -9.91 10.35 -56.21
CA ALA YB 29 -10.07 11.56 -57.00
C ALA YB 29 -11.12 12.51 -56.44
N HIS YB 30 -12.08 12.01 -55.67
CA HIS YB 30 -13.19 12.85 -55.25
C HIS YB 30 -13.33 13.00 -53.74
N LEU YB 31 -12.62 12.21 -52.93
CA LEU YB 31 -12.73 12.39 -51.48
C LEU YB 31 -11.92 13.59 -51.02
N GLY YB 32 -10.77 13.83 -51.62
CA GLY YB 32 -9.94 14.95 -51.27
C GLY YB 32 -9.03 14.73 -50.09
N THR YB 33 -9.22 13.65 -49.33
CA THR YB 33 -8.35 13.39 -48.19
C THR YB 33 -6.98 12.92 -48.66
N ALA YB 34 -6.91 12.23 -49.80
CA ALA YB 34 -5.61 11.86 -50.36
C ALA YB 34 -4.84 13.10 -50.82
N LEU YB 35 -5.55 14.13 -51.26
CA LEU YB 35 -4.90 15.38 -51.61
C LEU YB 35 -4.27 16.03 -50.38
N LYS YB 36 -4.96 15.98 -49.24
CA LYS YB 36 -4.35 16.42 -47.99
C LYS YB 36 -3.15 15.56 -47.63
N ALA YB 37 -3.26 14.25 -47.81
CA ALA YB 37 -2.14 13.36 -47.53
C ALA YB 37 -1.05 13.46 -48.59
N ASN YB 38 -1.34 14.04 -49.75
CA ASN YB 38 -0.36 14.12 -50.83
C ASN YB 38 0.72 15.13 -50.47
N PRO YB 39 1.99 14.72 -50.38
CA PRO YB 39 3.05 15.70 -50.09
C PRO YB 39 3.21 16.75 -51.18
N PHE YB 40 3.01 16.38 -52.45
CA PHE YB 40 3.09 17.36 -53.52
C PHE YB 40 1.85 18.23 -53.61
N GLY YB 41 0.76 17.82 -52.98
CA GLY YB 41 -0.49 18.56 -53.07
C GLY YB 41 -1.07 18.56 -54.47
N GLY YB 42 -1.01 17.44 -55.17
CA GLY YB 42 -1.51 17.39 -56.53
C GLY YB 42 -0.57 17.98 -57.56
N ALA YB 43 0.67 18.25 -57.19
CA ALA YB 43 1.65 18.83 -58.10
C ALA YB 43 2.47 17.73 -58.76
N SER YB 44 2.87 17.98 -60.00
CA SER YB 44 3.75 17.04 -60.69
C SER YB 44 5.16 17.12 -60.15
N HIS YB 45 5.66 18.33 -59.92
CA HIS YB 45 7.03 18.55 -59.49
C HIS YB 45 7.02 19.49 -58.28
N ALA YB 46 8.03 19.34 -57.43
CA ALA YB 46 8.14 20.20 -56.26
C ALA YB 46 9.60 20.52 -56.00
N LYS YB 47 9.82 21.63 -55.31
CA LYS YB 47 11.15 22.04 -54.89
C LYS YB 47 11.31 21.79 -53.39
N GLY YB 48 12.54 21.49 -52.99
CA GLY YB 48 12.81 21.25 -51.59
C GLY YB 48 14.28 21.46 -51.29
N ILE YB 49 14.60 21.37 -50.00
CA ILE YB 49 15.96 21.53 -49.50
C ILE YB 49 16.41 20.21 -48.92
N VAL YB 50 17.60 19.76 -49.34
CA VAL YB 50 18.13 18.46 -48.91
C VAL YB 50 18.46 18.54 -47.42
N LEU YB 51 17.95 17.58 -46.65
CA LEU YB 51 18.21 17.57 -45.22
C LEU YB 51 19.37 16.64 -44.87
N GLU YB 52 19.51 15.54 -45.60
CA GLU YB 52 20.47 14.49 -45.25
C GLU YB 52 20.61 13.55 -46.44
N LYS YB 53 21.65 12.72 -46.38
CA LYS YB 53 21.86 11.63 -47.33
C LYS YB 53 21.84 10.32 -46.56
N VAL YB 54 20.93 9.42 -46.93
CA VAL YB 54 20.76 8.15 -46.23
C VAL YB 54 20.74 7.02 -47.23
N GLY YB 55 21.01 5.82 -46.73
CA GLY YB 55 20.96 4.60 -47.53
C GLY YB 55 19.72 3.79 -47.18
N VAL YB 56 19.09 3.26 -48.22
CA VAL YB 56 17.86 2.49 -48.07
C VAL YB 56 18.15 1.05 -48.46
N GLU YB 57 17.81 0.12 -47.58
CA GLU YB 57 17.99 -1.29 -47.86
C GLU YB 57 16.95 -1.76 -48.87
N ALA YB 58 17.33 -2.76 -49.66
CA ALA YB 58 16.43 -3.30 -50.67
C ALA YB 58 15.42 -4.25 -50.03
N LYS YB 59 14.59 -4.89 -50.85
CA LYS YB 59 13.59 -5.84 -50.38
C LYS YB 59 14.25 -7.19 -50.08
N GLN YB 60 13.43 -8.19 -49.80
CA GLN YB 60 13.96 -9.52 -49.46
C GLN YB 60 14.73 -10.19 -50.59
N PRO YB 61 14.20 -10.35 -51.81
CA PRO YB 61 14.98 -11.11 -52.81
C PRO YB 61 16.21 -10.39 -53.29
N ASN YB 62 16.18 -9.07 -53.40
CA ASN YB 62 17.35 -8.32 -53.81
C ASN YB 62 18.17 -7.92 -52.60
N SER YB 63 19.31 -7.28 -52.84
CA SER YB 63 20.16 -6.80 -51.76
C SER YB 63 21.02 -5.66 -52.32
N ALA YB 64 20.72 -4.45 -51.88
CA ALA YB 64 21.45 -3.27 -52.32
C ALA YB 64 21.17 -2.13 -51.35
N ILE YB 65 21.93 -1.05 -51.51
CA ILE YB 65 21.75 0.17 -50.72
C ILE YB 65 21.31 1.26 -51.69
N ARG YB 66 20.02 1.52 -51.75
CA ARG YB 66 19.49 2.56 -52.63
C ARG YB 66 19.82 3.93 -52.03
N LYS YB 67 20.41 4.80 -52.84
CA LYS YB 67 20.89 6.10 -52.37
C LYS YB 67 19.74 7.09 -52.43
N CYS YB 68 19.16 7.40 -51.28
CA CYS YB 68 18.04 8.31 -51.20
C CYS YB 68 18.40 9.53 -50.35
N VAL YB 69 17.85 10.67 -50.73
CA VAL YB 69 18.10 11.93 -50.03
C VAL YB 69 16.83 12.33 -49.28
N ARG YB 70 17.00 12.78 -48.04
CA ARG YB 70 15.89 13.27 -47.25
C ARG YB 70 15.75 14.77 -47.48
N VAL YB 71 14.59 15.19 -47.96
CA VAL YB 71 14.37 16.55 -48.42
C VAL YB 71 13.11 17.10 -47.78
N GLN YB 72 13.18 18.31 -47.24
CA GLN YB 72 12.01 19.02 -46.77
C GLN YB 72 11.65 20.08 -47.81
N LEU YB 73 10.38 20.12 -48.21
CA LEU YB 73 9.97 20.96 -49.32
C LEU YB 73 9.99 22.44 -48.92
N ILE YB 74 10.25 23.30 -49.91
CA ILE YB 74 10.16 24.74 -49.68
C ILE YB 74 8.74 25.13 -49.29
N LYS YB 75 7.76 24.68 -50.08
CA LYS YB 75 6.37 24.88 -49.72
C LYS YB 75 5.95 23.85 -48.68
N ASN YB 76 5.08 24.27 -47.76
CA ASN YB 76 4.37 23.45 -46.79
C ASN YB 76 5.27 22.65 -45.85
N GLY YB 77 6.58 22.78 -45.99
CA GLY YB 77 7.52 22.26 -45.01
C GLY YB 77 7.45 20.79 -44.72
N LYS YB 78 6.93 19.98 -45.66
CA LYS YB 78 6.82 18.55 -45.41
C LYS YB 78 8.13 17.85 -45.76
N LYS YB 79 8.42 16.79 -45.04
CA LYS YB 79 9.67 16.03 -45.20
C LYS YB 79 9.38 14.73 -45.91
N ILE YB 80 10.07 14.50 -47.04
CA ILE YB 80 9.89 13.30 -47.85
C ILE YB 80 11.26 12.71 -48.15
N THR YB 81 11.24 11.48 -48.63
CA THR YB 81 12.45 10.75 -49.02
C THR YB 81 12.45 10.62 -50.54
N ALA YB 82 13.55 11.02 -51.18
CA ALA YB 82 13.66 11.02 -52.62
C ALA YB 82 14.89 10.22 -53.05
N PHE YB 83 14.72 9.40 -54.08
CA PHE YB 83 15.79 8.56 -54.59
C PHE YB 83 16.65 9.32 -55.58
N VAL YB 84 17.92 8.94 -55.65
CA VAL YB 84 18.82 9.47 -56.66
C VAL YB 84 19.00 8.40 -57.73
N PRO YB 85 18.35 8.55 -58.88
CA PRO YB 85 18.30 7.45 -59.87
C PRO YB 85 19.44 7.48 -60.89
N ASN YB 86 20.66 7.31 -60.38
CA ASN YB 86 21.84 7.20 -61.24
C ASN YB 86 22.95 6.54 -60.43
N ASP YB 87 24.04 6.19 -61.12
CA ASP YB 87 25.15 5.50 -60.46
C ASP YB 87 25.89 6.41 -59.50
N GLY YB 88 26.25 7.61 -59.95
CA GLY YB 88 27.10 8.45 -59.14
C GLY YB 88 26.68 9.89 -59.02
N CYS YB 89 25.41 10.18 -59.28
CA CYS YB 89 24.89 11.53 -59.09
C CYS YB 89 24.72 11.91 -57.63
N LEU YB 90 24.86 10.94 -56.70
CA LEU YB 90 24.89 11.28 -55.28
C LEU YB 90 26.08 12.17 -54.94
N ASN YB 91 27.18 12.01 -55.66
CA ASN YB 91 28.36 12.85 -55.43
C ASN YB 91 28.12 14.29 -55.84
N PHE YB 92 27.19 14.55 -56.76
CA PHE YB 92 26.80 15.91 -57.05
C PHE YB 92 25.86 16.49 -55.98
N ILE YB 93 25.36 15.65 -55.08
CA ILE YB 93 24.41 16.07 -54.06
C ILE YB 93 25.17 16.30 -52.76
N GLU YB 94 25.02 17.49 -52.19
CA GLU YB 94 25.55 17.81 -50.87
C GLU YB 94 24.43 18.38 -50.01
N GLU YB 95 24.77 18.76 -48.78
CA GLU YB 95 23.78 19.25 -47.85
C GLU YB 95 23.26 20.63 -48.26
N ASN YB 96 22.03 20.93 -47.85
CA ASN YB 96 21.37 22.21 -48.10
C ASN YB 96 21.28 22.54 -49.58
N ASP YB 97 21.11 21.54 -50.44
CA ASP YB 97 20.90 21.80 -51.86
C ASP YB 97 19.41 21.92 -52.15
N GLU YB 98 19.09 22.78 -53.11
CA GLU YB 98 17.71 22.94 -53.58
C GLU YB 98 17.51 21.98 -54.75
N VAL YB 99 16.67 20.98 -54.54
CA VAL YB 99 16.46 19.92 -55.53
C VAL YB 99 15.02 19.95 -56.01
N LEU YB 100 14.85 19.68 -57.29
CA LEU YB 100 13.54 19.58 -57.91
C LEU YB 100 13.14 18.11 -57.95
N VAL YB 101 12.12 17.75 -57.18
CA VAL YB 101 11.69 16.38 -57.04
C VAL YB 101 10.37 16.19 -57.76
N ALA YB 102 10.25 15.06 -58.46
CA ALA YB 102 9.03 14.69 -59.16
C ALA YB 102 8.57 13.32 -58.68
N GLY YB 103 7.51 12.83 -59.32
CA GLY YB 103 6.98 11.52 -58.97
C GLY YB 103 7.94 10.41 -59.32
N PHE YB 104 7.70 9.24 -58.73
CA PHE YB 104 8.61 8.12 -58.88
C PHE YB 104 8.04 7.03 -59.80
N GLY YB 105 6.85 7.24 -60.35
CA GLY YB 105 6.41 6.42 -61.47
C GLY YB 105 4.98 5.91 -61.49
N ARG YB 106 4.39 5.58 -60.34
CA ARG YB 106 3.10 4.89 -60.34
C ARG YB 106 2.13 5.54 -59.35
N LYS YB 107 2.02 6.86 -59.42
CA LYS YB 107 0.96 7.62 -58.73
C LYS YB 107 1.03 7.44 -57.21
N GLY YB 108 2.16 7.84 -56.64
CA GLY YB 108 2.33 7.78 -55.20
C GLY YB 108 2.44 6.40 -54.62
N HIS YB 109 2.86 5.42 -55.41
CA HIS YB 109 3.03 4.05 -54.94
C HIS YB 109 4.50 3.67 -55.05
N ALA YB 110 4.93 2.76 -54.18
CA ALA YB 110 6.32 2.32 -54.17
C ALA YB 110 6.66 1.55 -55.43
N VAL YB 111 7.87 1.77 -55.95
CA VAL YB 111 8.34 1.16 -57.18
C VAL YB 111 9.50 0.24 -56.84
N GLY YB 112 9.41 -1.01 -57.30
CA GLY YB 112 10.54 -1.91 -57.19
C GLY YB 112 10.85 -2.33 -55.76
N ASP YB 113 12.12 -2.61 -55.52
CA ASP YB 113 12.60 -3.15 -54.25
C ASP YB 113 12.85 -2.08 -53.20
N ILE YB 114 12.45 -0.84 -53.45
CA ILE YB 114 12.62 0.25 -52.48
C ILE YB 114 11.30 0.40 -51.72
N PRO YB 115 11.28 0.10 -50.42
CA PRO YB 115 10.00 0.15 -49.68
C PRO YB 115 9.62 1.58 -49.31
N GLY YB 116 8.45 2.00 -49.79
CA GLY YB 116 7.85 3.25 -49.34
C GLY YB 116 8.59 4.50 -49.72
N VAL YB 117 9.17 4.55 -50.92
CA VAL YB 117 9.79 5.76 -51.46
C VAL YB 117 9.06 6.12 -52.73
N ARG YB 118 8.52 7.34 -52.78
CA ARG YB 118 7.61 7.73 -53.85
C ARG YB 118 8.08 8.95 -54.64
N PHE YB 119 9.34 9.35 -54.51
CA PHE YB 119 9.85 10.51 -55.21
C PHE YB 119 11.30 10.28 -55.62
N LYS YB 120 11.75 11.08 -56.59
CA LYS YB 120 13.13 11.04 -57.05
C LYS YB 120 13.56 12.44 -57.48
N VAL YB 121 14.87 12.64 -57.56
CA VAL YB 121 15.44 13.95 -57.85
C VAL YB 121 15.58 14.11 -59.36
N VAL YB 122 15.18 15.26 -59.87
CA VAL YB 122 15.32 15.59 -61.28
C VAL YB 122 16.46 16.59 -61.50
N LYS YB 123 16.44 17.70 -60.77
CA LYS YB 123 17.46 18.72 -60.86
C LYS YB 123 18.01 19.02 -59.47
N VAL YB 124 19.26 19.48 -59.42
CA VAL YB 124 19.89 19.95 -58.20
C VAL YB 124 20.62 21.25 -58.51
N ALA YB 125 20.46 22.25 -57.64
CA ALA YB 125 21.10 23.56 -57.80
C ALA YB 125 20.78 24.16 -59.17
N ASN YB 126 19.55 23.92 -59.63
CA ASN YB 126 19.07 24.39 -60.93
C ASN YB 126 19.95 23.87 -62.07
N VAL YB 127 20.35 22.61 -61.98
CA VAL YB 127 20.93 21.90 -63.11
C VAL YB 127 20.51 20.44 -63.02
N SER YB 128 20.17 19.85 -64.16
CA SER YB 128 19.61 18.51 -64.20
C SER YB 128 20.65 17.48 -63.80
N LEU YB 129 20.19 16.43 -63.10
CA LEU YB 129 21.09 15.33 -62.77
C LEU YB 129 21.50 14.56 -64.02
N LEU YB 130 20.63 14.51 -65.03
CA LEU YB 130 20.98 13.84 -66.28
C LEU YB 130 22.14 14.53 -66.97
N ALA YB 131 22.14 15.86 -67.00
CA ALA YB 131 23.24 16.59 -67.63
C ALA YB 131 24.53 16.40 -66.85
N LEU YB 132 24.47 16.43 -65.52
CA LEU YB 132 25.67 16.23 -64.70
C LEU YB 132 26.21 14.82 -64.87
N TYR YB 133 25.33 13.83 -64.96
CA TYR YB 133 25.77 12.45 -65.18
C TYR YB 133 26.52 12.32 -66.50
N LYS YB 134 25.99 12.91 -67.55
CA LYS YB 134 26.63 12.88 -68.86
C LYS YB 134 27.82 13.83 -68.96
N GLY YB 135 28.03 14.67 -67.96
CA GLY YB 135 29.11 15.63 -68.02
C GLY YB 135 28.89 16.76 -68.98
N LYS YB 136 27.65 16.98 -69.41
CA LYS YB 136 27.36 18.04 -70.37
C LYS YB 136 27.57 19.43 -69.78
N LYS YB 137 27.35 19.59 -68.49
CA LYS YB 137 27.59 20.87 -67.83
C LYS YB 137 27.94 20.60 -66.37
N GLU YB 138 28.57 21.58 -65.74
CA GLU YB 138 29.35 21.39 -64.54
C GLU YB 138 28.62 21.96 -63.32
N ARG YB 139 29.06 21.54 -62.14
CA ARG YB 139 28.58 22.10 -60.89
C ARG YB 139 28.81 23.61 -60.86
N PRO YB 140 27.83 24.38 -60.38
CA PRO YB 140 27.96 25.84 -60.43
C PRO YB 140 28.94 26.38 -59.39
N ARG YB 141 30.23 26.30 -59.69
CA ARG YB 141 31.25 26.80 -58.78
C ARG YB 141 31.36 28.31 -58.87
N ASN ZB 1 13.16 46.13 -117.74
CA ASN ZB 1 12.42 47.13 -118.49
C ASN ZB 1 11.98 46.59 -119.86
N ASP ZB 2 12.78 45.66 -120.40
CA ASP ZB 2 12.47 45.12 -121.72
C ASP ZB 2 11.18 44.31 -121.72
N THR ZB 3 10.97 43.49 -120.68
CA THR ZB 3 9.75 42.70 -120.53
C THR ZB 3 9.07 43.16 -119.25
N VAL ZB 4 8.32 44.25 -119.35
CA VAL ZB 4 7.50 44.78 -118.27
C VAL ZB 4 6.23 45.33 -118.89
N THR ZB 5 5.08 44.81 -118.46
CA THR ZB 5 3.80 45.23 -119.00
C THR ZB 5 2.82 45.46 -117.86
N ILE ZB 6 2.02 46.51 -117.97
CA ILE ZB 6 1.02 46.86 -116.97
C ILE ZB 6 -0.36 46.45 -117.49
N ARG ZB 7 -0.97 45.50 -116.81
CA ARG ZB 7 -2.33 45.09 -117.11
C ARG ZB 7 -3.20 45.43 -115.91
N THR ZB 8 -4.32 46.08 -116.16
CA THR ZB 8 -5.25 46.46 -115.10
C THR ZB 8 -6.44 45.51 -115.10
N ARG ZB 9 -7.11 45.46 -113.94
CA ARG ZB 9 -8.33 44.68 -113.80
C ARG ZB 9 -9.12 45.27 -112.65
N LYS ZB 10 -10.42 44.94 -112.62
CA LYS ZB 10 -11.34 45.46 -111.61
C LYS ZB 10 -11.33 46.99 -111.60
N PHE ZB 11 -11.19 47.58 -112.78
CA PHE ZB 11 -11.18 49.03 -112.90
C PHE ZB 11 -12.57 49.60 -112.71
N MET ZB 12 -12.63 50.75 -112.05
CA MET ZB 12 -13.88 51.49 -111.87
C MET ZB 12 -13.54 52.89 -111.40
N THR ZB 13 -14.35 53.86 -111.82
CA THR ZB 13 -14.18 55.24 -111.43
C THR ZB 13 -15.31 55.65 -110.49
N ASN ZB 14 -14.98 56.46 -109.50
CA ASN ZB 14 -15.95 56.97 -108.54
C ASN ZB 14 -15.80 58.49 -108.41
N ARG ZB 15 -16.93 59.18 -108.48
CA ARG ZB 15 -16.94 60.63 -108.36
C ARG ZB 15 -17.08 61.11 -106.92
N LEU ZB 16 -17.38 60.19 -105.99
CA LEU ZB 16 -17.49 60.57 -104.59
C LEU ZB 16 -16.16 61.09 -104.06
N LEU ZB 17 -15.08 60.39 -104.36
CA LEU ZB 17 -13.73 60.82 -104.00
C LEU ZB 17 -12.98 61.39 -105.21
N GLN ZB 18 -13.63 61.48 -106.36
CA GLN ZB 18 -13.08 62.10 -107.56
C GLN ZB 18 -11.75 61.47 -107.96
N ARG ZB 19 -11.82 60.18 -108.30
CA ARG ZB 19 -10.63 59.43 -108.66
C ARG ZB 19 -11.05 58.22 -109.47
N LYS ZB 20 -10.05 57.56 -110.06
CA LYS ZB 20 -10.24 56.28 -110.72
C LYS ZB 20 -9.35 55.25 -110.03
N GLN ZB 21 -9.97 54.19 -109.51
CA GLN ZB 21 -9.26 53.19 -108.74
C GLN ZB 21 -9.29 51.85 -109.46
N MET ZB 22 -8.18 51.13 -109.36
CA MET ZB 22 -8.05 49.84 -110.04
C MET ZB 22 -6.99 49.03 -109.32
N VAL ZB 23 -7.04 47.72 -109.51
CA VAL ZB 23 -6.02 46.81 -109.03
C VAL ZB 23 -5.23 46.31 -110.23
N ILE ZB 24 -3.91 46.30 -110.12
CA ILE ZB 24 -3.03 46.08 -111.26
C ILE ZB 24 -2.04 44.97 -110.95
N ASP ZB 25 -1.51 44.37 -112.01
CA ASP ZB 25 -0.45 43.39 -111.90
C ASP ZB 25 0.54 43.58 -113.03
N VAL ZB 26 1.82 43.35 -112.74
CA VAL ZB 26 2.91 43.48 -113.70
C VAL ZB 26 3.73 42.21 -113.67
N LEU ZB 27 4.12 41.73 -114.85
CA LEU ZB 27 4.86 40.49 -114.98
C LEU ZB 27 6.35 40.82 -115.15
N HIS ZB 28 7.17 40.36 -114.20
CA HIS ZB 28 8.62 40.52 -114.25
C HIS ZB 28 9.21 39.11 -114.24
N PRO ZB 29 9.39 38.50 -115.42
CA PRO ZB 29 9.75 37.06 -115.46
C PRO ZB 29 11.07 36.73 -114.78
N GLY ZB 30 12.08 37.59 -114.85
CA GLY ZB 30 13.38 37.27 -114.31
C GLY ZB 30 14.03 38.40 -113.56
N LYS ZB 31 13.28 39.47 -113.33
CA LYS ZB 31 13.79 40.65 -112.64
C LYS ZB 31 13.23 40.69 -111.23
N ALA ZB 32 13.73 41.65 -110.45
CA ALA ZB 32 13.21 41.88 -109.11
C ALA ZB 32 11.82 42.49 -109.20
N THR ZB 33 11.22 42.74 -108.04
CA THR ZB 33 9.94 43.44 -108.01
C THR ZB 33 10.11 44.83 -108.60
N VAL ZB 34 9.23 45.19 -109.52
CA VAL ZB 34 9.38 46.47 -110.22
C VAL ZB 34 9.13 47.61 -109.25
N PRO ZB 35 10.06 48.55 -109.08
CA PRO ZB 35 9.85 49.64 -108.13
C PRO ZB 35 8.65 50.50 -108.49
N LYS ZB 36 7.91 50.91 -107.44
CA LYS ZB 36 6.66 51.63 -107.62
C LYS ZB 36 6.85 52.91 -108.44
N THR ZB 37 8.06 53.47 -108.41
CA THR ZB 37 8.37 54.62 -109.25
C THR ZB 37 8.16 54.29 -110.72
N GLU ZB 38 8.65 53.11 -111.16
CA GLU ZB 38 8.47 52.72 -112.56
C GLU ZB 38 7.00 52.59 -112.92
N ILE ZB 39 6.21 51.93 -112.06
CA ILE ZB 39 4.78 51.79 -112.30
C ILE ZB 39 4.12 53.16 -112.39
N ARG ZB 40 4.67 54.15 -111.67
CA ARG ZB 40 4.06 55.47 -111.68
C ARG ZB 40 4.01 56.05 -113.09
N GLU ZB 41 5.16 56.27 -113.73
CA GLU ZB 41 5.11 56.81 -115.09
C GLU ZB 41 4.58 55.80 -116.10
N LYS ZB 42 4.72 54.50 -115.85
CA LYS ZB 42 4.22 53.55 -116.84
C LYS ZB 42 2.70 53.56 -116.88
N LEU ZB 43 2.06 53.61 -115.71
CA LEU ZB 43 0.61 53.78 -115.63
C LEU ZB 43 0.20 55.16 -116.13
N ALA ZB 44 1.05 56.17 -115.93
CA ALA ZB 44 0.75 57.50 -116.47
C ALA ZB 44 0.68 57.46 -117.99
N LYS ZB 45 1.62 56.77 -118.64
CA LYS ZB 45 1.55 56.57 -120.08
C LYS ZB 45 0.36 55.68 -120.46
N MET ZB 46 0.01 54.74 -119.59
CA MET ZB 46 -1.15 53.89 -119.86
C MET ZB 46 -2.44 54.70 -119.92
N TYR ZB 47 -2.60 55.67 -119.02
CA TYR ZB 47 -3.84 56.43 -118.92
C TYR ZB 47 -3.68 57.90 -119.31
N LYS ZB 48 -2.62 58.25 -120.04
CA LYS ZB 48 -2.40 59.60 -120.55
C LYS ZB 48 -2.36 60.64 -119.43
N THR ZB 49 -1.73 60.28 -118.32
CA THR ZB 49 -1.61 61.17 -117.17
C THR ZB 49 -0.13 61.41 -116.87
N THR ZB 50 0.12 62.06 -115.74
CA THR ZB 50 1.46 62.41 -115.28
C THR ZB 50 1.83 61.59 -114.05
N PRO ZB 51 3.11 61.26 -113.88
CA PRO ZB 51 3.51 60.44 -112.73
C PRO ZB 51 3.67 61.22 -111.44
N ASP ZB 52 2.71 62.09 -111.14
CA ASP ZB 52 2.63 62.74 -109.85
C ASP ZB 52 1.27 62.55 -109.18
N VAL ZB 53 0.18 62.49 -109.94
CA VAL ZB 53 -1.12 62.11 -109.40
C VAL ZB 53 -1.20 60.60 -109.20
N ILE ZB 54 -0.25 59.84 -109.73
CA ILE ZB 54 -0.25 58.39 -109.58
C ILE ZB 54 0.03 58.03 -108.13
N PHE ZB 55 -0.67 57.02 -107.62
CA PHE ZB 55 -0.47 56.54 -106.26
C PHE ZB 55 -0.75 55.04 -106.26
N VAL ZB 56 0.28 54.24 -105.97
CA VAL ZB 56 0.16 52.80 -105.95
C VAL ZB 56 0.75 52.27 -104.65
N PHE ZB 57 0.32 51.07 -104.27
CA PHE ZB 57 0.71 50.45 -103.01
C PHE ZB 57 0.25 49.00 -103.04
N GLY ZB 58 0.55 48.27 -101.97
CA GLY ZB 58 0.09 46.91 -101.82
C GLY ZB 58 0.62 45.94 -102.85
N PHE ZB 59 1.90 46.03 -103.16
CA PHE ZB 59 2.52 45.18 -104.18
C PHE ZB 59 3.16 43.97 -103.52
N ARG ZB 60 2.50 42.82 -103.63
CA ARG ZB 60 3.00 41.55 -103.13
C ARG ZB 60 3.28 40.63 -104.31
N THR ZB 61 4.44 39.98 -104.29
CA THR ZB 61 4.85 39.11 -105.39
C THR ZB 61 4.48 37.67 -105.07
N HIS ZB 62 3.93 36.97 -106.06
CA HIS ZB 62 3.55 35.57 -105.87
C HIS ZB 62 4.80 34.70 -105.69
N PHE ZB 63 4.57 33.48 -105.24
CA PHE ZB 63 5.66 32.52 -105.06
C PHE ZB 63 6.32 32.22 -106.39
N GLY ZB 64 7.64 32.13 -106.37
CA GLY ZB 64 8.39 31.87 -107.60
C GLY ZB 64 8.57 33.07 -108.50
N GLY ZB 65 8.25 34.27 -108.02
CA GLY ZB 65 8.37 35.44 -108.86
C GLY ZB 65 7.28 35.50 -109.91
N GLY ZB 66 7.57 36.26 -110.97
CA GLY ZB 66 6.63 36.40 -112.06
C GLY ZB 66 5.62 37.51 -111.83
N LYS ZB 67 4.44 37.14 -111.36
CA LYS ZB 67 3.37 38.10 -111.16
C LYS ZB 67 3.42 38.70 -109.76
N THR ZB 68 3.33 40.03 -109.70
CA THR ZB 68 3.07 40.76 -108.47
C THR ZB 68 1.84 41.62 -108.71
N THR ZB 69 1.03 41.80 -107.67
CA THR ZB 69 -0.25 42.47 -107.77
C THR ZB 69 -0.32 43.63 -106.79
N GLY ZB 70 -0.79 44.79 -107.26
CA GLY ZB 70 -0.95 45.95 -106.41
C GLY ZB 70 -2.16 46.75 -106.82
N PHE ZB 71 -2.51 47.73 -105.98
CA PHE ZB 71 -3.68 48.56 -106.19
C PHE ZB 71 -3.23 49.94 -106.66
N GLY ZB 72 -3.78 50.40 -107.77
CA GLY ZB 72 -3.47 51.71 -108.31
C GLY ZB 72 -4.53 52.73 -107.96
N MET ZB 73 -4.09 53.96 -107.70
CA MET ZB 73 -4.98 55.07 -107.37
C MET ZB 73 -4.56 56.27 -108.20
N ILE ZB 74 -5.46 56.73 -109.07
CA ILE ZB 74 -5.20 57.93 -109.87
C ILE ZB 74 -6.36 58.88 -109.67
N TYR ZB 75 -6.06 60.17 -109.57
CA TYR ZB 75 -7.06 61.21 -109.38
C TYR ZB 75 -7.15 62.07 -110.64
N ASP ZB 76 -8.28 62.76 -110.77
CA ASP ZB 76 -8.43 63.72 -111.87
C ASP ZB 76 -7.50 64.91 -111.70
N SER ZB 77 -7.33 65.39 -110.47
CA SER ZB 77 -6.49 66.55 -110.20
C SER ZB 77 -5.64 66.30 -108.96
N LEU ZB 78 -4.49 66.97 -108.90
CA LEU ZB 78 -3.57 66.78 -107.78
C LEU ZB 78 -4.13 67.37 -106.48
N ASP ZB 79 -4.90 68.45 -106.57
CA ASP ZB 79 -5.47 69.04 -105.37
C ASP ZB 79 -6.44 68.09 -104.69
N TYR ZB 80 -7.24 67.37 -105.47
CA TYR ZB 80 -8.12 66.35 -104.90
C TYR ZB 80 -7.30 65.25 -104.23
N ALA ZB 81 -6.20 64.84 -104.87
CA ALA ZB 81 -5.30 63.87 -104.26
C ALA ZB 81 -4.75 64.37 -102.93
N LYS ZB 82 -4.48 65.67 -102.83
CA LYS ZB 82 -4.06 66.23 -101.55
C LYS ZB 82 -5.22 66.26 -100.56
N LYS ZB 83 -6.46 66.34 -101.05
CA LYS ZB 83 -7.60 66.41 -100.16
C LYS ZB 83 -7.90 65.07 -99.50
N ASN ZB 84 -8.24 64.06 -100.30
CA ASN ZB 84 -8.69 62.76 -99.79
C ASN ZB 84 -7.70 61.67 -100.20
N GLU ZB 85 -6.70 61.44 -99.34
CA GLU ZB 85 -5.68 60.41 -99.49
C GLU ZB 85 -4.94 60.29 -98.17
N PRO ZB 86 -4.56 59.07 -97.76
CA PRO ZB 86 -3.79 58.93 -96.52
C PRO ZB 86 -2.49 59.71 -96.54
N LYS ZB 87 -2.19 60.34 -95.40
CA LYS ZB 87 -1.06 61.26 -95.33
C LYS ZB 87 0.27 60.55 -95.48
N HIS ZB 88 0.34 59.27 -95.13
CA HIS ZB 88 1.59 58.55 -95.30
C HIS ZB 88 1.93 58.35 -96.76
N ARG ZB 89 0.93 58.17 -97.63
CA ARG ZB 89 1.20 58.12 -99.06
C ARG ZB 89 1.56 59.49 -99.60
N LEU ZB 90 1.04 60.56 -98.99
CA LEU ZB 90 1.49 61.90 -99.34
C LEU ZB 90 2.97 62.09 -98.99
N ALA ZB 91 3.39 61.55 -97.85
CA ALA ZB 91 4.79 61.67 -97.44
C ALA ZB 91 5.68 60.74 -98.26
N ARG ZB 92 5.11 59.65 -98.79
CA ARG ZB 92 5.90 58.72 -99.60
C ARG ZB 92 6.42 59.40 -100.87
N HIS ZB 93 5.63 60.30 -101.44
CA HIS ZB 93 6.06 61.09 -102.57
C HIS ZB 93 6.65 62.44 -102.16
N GLY ZB 94 6.74 62.71 -100.86
CA GLY ZB 94 7.35 63.91 -100.35
C GLY ZB 94 6.43 65.08 -100.15
N LEU ZB 95 5.14 64.95 -100.47
CA LEU ZB 95 4.20 66.06 -100.38
C LEU ZB 95 3.85 66.42 -98.93
N TYR ZB 96 4.17 65.56 -97.97
CA TYR ZB 96 3.80 65.78 -96.59
C TYR ZB 96 4.98 65.44 -95.69
N GLU ZB 97 5.12 66.18 -94.60
CA GLU ZB 97 6.21 65.99 -93.65
C GLU ZB 97 5.67 65.53 -92.30
N LYS ZB 98 6.33 64.53 -91.73
CA LYS ZB 98 6.00 64.04 -90.39
C LYS ZB 98 7.11 64.37 -89.40
N LYS ZB 99 7.68 65.57 -89.53
CA LYS ZB 99 8.78 66.00 -88.67
C LYS ZB 99 8.19 66.34 -87.31
N LYS ZB 100 8.03 65.32 -86.47
CA LYS ZB 100 7.38 65.49 -85.18
C LYS ZB 100 7.99 64.54 -84.17
N THR ZB 101 7.72 64.82 -82.89
CA THR ZB 101 8.35 64.12 -81.79
C THR ZB 101 7.65 62.80 -81.50
N SER ZB 102 8.12 62.13 -80.46
CA SER ZB 102 7.61 60.81 -80.09
C SER ZB 102 6.24 60.92 -79.45
N ARG ZB 103 5.49 59.81 -79.51
CA ARG ZB 103 4.23 59.71 -78.80
C ARG ZB 103 4.45 59.73 -77.29
N LYS ZB 104 5.52 59.10 -76.83
CA LYS ZB 104 5.86 59.11 -75.41
C LYS ZB 104 6.11 60.53 -74.91
N GLN ZB 105 6.92 61.29 -75.64
CA GLN ZB 105 7.21 62.66 -75.23
C GLN ZB 105 5.96 63.54 -75.27
N ARG ZB 106 5.12 63.33 -76.27
CA ARG ZB 106 3.85 64.04 -76.33
C ARG ZB 106 2.97 63.73 -75.13
N LYS ZB 107 2.92 62.46 -74.72
CA LYS ZB 107 2.16 62.11 -73.52
C LYS ZB 107 2.77 62.73 -72.27
N GLU ZB 108 4.11 62.78 -72.19
CA GLU ZB 108 4.76 63.44 -71.08
C GLU ZB 108 4.35 64.91 -70.99
N ARG ZB 109 4.41 65.61 -72.12
CA ARG ZB 109 4.04 67.02 -72.13
C ARG ZB 109 2.57 67.19 -71.77
N LYS ZB 110 1.70 66.32 -72.30
CA LYS ZB 110 0.27 66.45 -72.05
C LYS ZB 110 -0.05 66.22 -70.57
N ASN ZB 111 0.60 65.24 -69.95
CA ASN ZB 111 0.37 65.01 -68.52
C ASN ZB 111 0.98 66.12 -67.68
N ARG ZB 112 2.11 66.69 -68.11
CA ARG ZB 112 2.70 67.80 -67.38
C ARG ZB 112 1.81 69.04 -67.43
N MET ZB 113 1.16 69.27 -68.57
CA MET ZB 113 0.26 70.41 -68.68
C MET ZB 113 -0.99 70.24 -67.83
N LYS ZB 114 -1.28 69.03 -67.37
CA LYS ZB 114 -2.40 68.82 -66.47
C LYS ZB 114 -2.09 69.33 -65.06
N LYS ZB 115 -0.81 69.53 -64.75
CA LYS ZB 115 -0.44 70.07 -63.45
C LYS ZB 115 -0.64 71.58 -63.36
N VAL ZB 116 -0.45 72.30 -64.47
CA VAL ZB 116 -0.61 73.75 -64.49
C VAL ZB 116 -2.03 74.06 -64.95
N ARG ZB 117 -2.74 74.84 -64.14
CA ARG ZB 117 -4.16 75.13 -64.38
C ARG ZB 117 -4.32 76.58 -64.81
N GLY ZB 118 -4.92 76.80 -65.97
CA GLY ZB 118 -5.32 78.12 -66.38
C GLY ZB 118 -4.24 78.99 -66.96
N THR ZB 119 -3.16 79.22 -66.21
CA THR ZB 119 -2.13 80.17 -66.60
C THR ZB 119 -1.45 79.76 -67.89
N ALA ZB 120 -1.74 80.49 -68.97
CA ALA ZB 120 -1.25 80.12 -70.29
C ALA ZB 120 0.27 80.26 -70.38
N LYS ZB 121 0.83 81.31 -69.76
CA LYS ZB 121 2.28 81.48 -69.79
C LYS ZB 121 3.00 80.35 -69.07
N ALA ZB 122 2.36 79.75 -68.08
CA ALA ZB 122 2.92 78.55 -67.44
C ALA ZB 122 2.42 77.26 -68.07
N ASN ZB 123 1.23 77.28 -68.68
CA ASN ZB 123 0.76 76.10 -69.39
C ASN ZB 123 1.65 75.77 -70.57
N VAL ZB 124 2.09 76.79 -71.33
CA VAL ZB 124 3.10 76.57 -72.34
C VAL ZB 124 4.47 76.36 -71.73
N GLY ZB 125 4.67 76.77 -70.48
CA GLY ZB 125 5.89 76.56 -69.75
C GLY ZB 125 5.99 75.22 -69.05
N ALA ZB 126 4.97 74.37 -69.19
CA ALA ZB 126 5.01 73.05 -68.57
C ALA ZB 126 6.10 72.17 -69.20
N GLY ZB 127 6.28 72.26 -70.52
CA GLY ZB 127 7.29 71.53 -71.22
C GLY ZB 127 8.51 72.31 -71.63
N LYS ZB 128 8.62 73.59 -71.24
CA LYS ZB 128 9.79 74.39 -71.60
C LYS ZB 128 11.03 73.90 -70.86
N LYS ZB 129 10.91 73.68 -69.56
CA LYS ZB 129 12.05 73.24 -68.74
C LYS ZB 129 12.37 71.76 -68.94
N PRO ZB 130 11.41 70.82 -68.78
CA PRO ZB 130 11.80 69.41 -68.95
C PRO ZB 130 11.77 68.96 -70.41
N LYS ZB 131 12.81 69.35 -71.14
CA LYS ZB 131 12.97 68.98 -72.54
C LYS ZB 131 13.14 67.48 -72.72
N THR AC 1 -15.54 -26.61 -51.82
CA THR AC 1 -16.44 -27.28 -52.73
C THR AC 1 -17.52 -28.04 -51.97
N LYS AC 2 -18.75 -28.00 -52.48
CA LYS AC 2 -19.85 -28.75 -51.88
C LYS AC 2 -19.63 -30.24 -52.11
N LYS AC 3 -19.32 -30.96 -51.03
CA LYS AC 3 -19.03 -32.38 -51.15
C LYS AC 3 -20.27 -33.17 -51.53
N ARG AC 4 -21.37 -32.95 -50.82
CA ARG AC 4 -22.57 -33.75 -50.99
C ARG AC 4 -23.76 -32.86 -51.28
N ARG AC 5 -24.63 -33.32 -52.19
CA ARG AC 5 -25.84 -32.57 -52.51
C ARG AC 5 -26.77 -32.46 -51.31
N ASN AC 6 -26.86 -33.53 -50.52
CA ASN AC 6 -27.70 -33.55 -49.33
C ASN AC 6 -27.01 -32.93 -48.12
N ASN AC 7 -25.77 -32.45 -48.28
CA ASN AC 7 -24.95 -31.91 -47.21
C ASN AC 7 -24.71 -32.92 -46.10
N GLY AC 8 -24.64 -34.20 -46.44
CA GLY AC 8 -24.34 -35.21 -45.45
C GLY AC 8 -25.45 -35.52 -44.48
N ARG AC 9 -26.68 -35.13 -44.81
CA ARG AC 9 -27.81 -35.39 -43.93
C ARG AC 9 -29.09 -35.50 -44.76
N ALA AC 10 -30.17 -35.89 -44.09
CA ALA AC 10 -31.46 -36.07 -44.72
C ALA AC 10 -32.36 -34.86 -44.57
N LYS AC 11 -31.85 -33.75 -44.02
CA LYS AC 11 -32.67 -32.57 -43.80
C LYS AC 11 -32.97 -31.88 -45.13
N LYS AC 12 -34.24 -31.90 -45.52
CA LYS AC 12 -34.67 -31.27 -46.77
C LYS AC 12 -35.60 -30.09 -46.54
N GLY AC 13 -36.72 -30.29 -45.85
CA GLY AC 13 -37.65 -29.22 -45.61
C GLY AC 13 -37.81 -28.94 -44.13
N ARG AC 14 -36.72 -29.02 -43.38
CA ARG AC 14 -36.77 -28.88 -41.94
C ARG AC 14 -35.92 -27.68 -41.55
N GLY AC 15 -36.39 -26.93 -40.58
CA GLY AC 15 -35.60 -25.83 -40.08
C GLY AC 15 -34.68 -26.25 -38.96
N HIS AC 16 -35.11 -27.23 -38.16
CA HIS AC 16 -34.29 -27.74 -37.07
C HIS AC 16 -34.69 -29.17 -36.78
N VAL AC 17 -33.71 -30.00 -36.45
CA VAL AC 17 -33.91 -31.40 -36.10
C VAL AC 17 -33.31 -31.63 -34.71
N GLN AC 18 -34.06 -32.29 -33.84
CA GLN AC 18 -33.57 -32.53 -32.50
C GLN AC 18 -32.37 -33.49 -32.55
N PRO AC 19 -31.34 -33.23 -31.75
CA PRO AC 19 -30.12 -34.05 -31.82
C PRO AC 19 -30.17 -35.22 -30.87
N ILE AC 20 -29.23 -36.14 -31.07
CA ILE AC 20 -29.05 -37.31 -30.21
C ILE AC 20 -27.58 -37.42 -29.84
N ARG AC 21 -27.32 -38.06 -28.71
CA ARG AC 21 -25.97 -38.27 -28.22
C ARG AC 21 -25.36 -39.49 -28.89
N CYS AC 22 -24.10 -39.37 -29.28
CA CYS AC 22 -23.39 -40.50 -29.86
C CYS AC 22 -23.29 -41.62 -28.84
N THR AC 23 -23.60 -42.84 -29.28
CA THR AC 23 -23.55 -43.98 -28.35
C THR AC 23 -22.13 -44.33 -27.95
N ASN AC 24 -21.12 -43.81 -28.66
CA ASN AC 24 -19.74 -44.13 -28.33
C ASN AC 24 -19.07 -43.02 -27.53
N CYS AC 25 -19.14 -41.77 -27.99
CA CYS AC 25 -18.45 -40.67 -27.33
C CYS AC 25 -19.38 -39.63 -26.73
N ALA AC 26 -20.70 -39.82 -26.80
CA ALA AC 26 -21.68 -38.90 -26.22
C ALA AC 26 -21.58 -37.51 -26.85
N ARG AC 27 -21.48 -37.46 -28.16
CA ARG AC 27 -21.48 -36.19 -28.88
C ARG AC 27 -22.88 -35.88 -29.40
N CYS AC 28 -23.29 -34.63 -29.24
CA CYS AC 28 -24.58 -34.17 -29.76
C CYS AC 28 -24.53 -34.11 -31.27
N VAL AC 29 -25.22 -35.05 -31.93
CA VAL AC 29 -25.26 -35.10 -33.39
C VAL AC 29 -26.72 -34.94 -33.83
N PRO AC 30 -26.98 -34.15 -34.87
CA PRO AC 30 -28.35 -34.10 -35.42
C PRO AC 30 -28.79 -35.48 -35.86
N LYS AC 31 -30.07 -35.77 -35.61
CA LYS AC 31 -30.57 -37.14 -35.76
C LYS AC 31 -30.50 -37.61 -37.20
N ASP AC 32 -30.91 -36.78 -38.15
CA ASP AC 32 -30.91 -37.19 -39.55
C ASP AC 32 -29.51 -37.29 -40.13
N LYS AC 33 -28.54 -36.56 -39.58
CA LYS AC 33 -27.17 -36.63 -40.04
C LYS AC 33 -26.44 -37.86 -39.53
N ALA AC 34 -26.78 -38.33 -38.34
CA ALA AC 34 -26.01 -39.38 -37.69
C ALA AC 34 -26.19 -40.73 -38.37
N ILE AC 35 -25.19 -41.59 -38.22
CA ILE AC 35 -25.25 -42.96 -38.72
C ILE AC 35 -25.98 -43.82 -37.70
N LYS AC 36 -27.03 -44.50 -38.14
CA LYS AC 36 -27.85 -45.35 -37.29
C LYS AC 36 -27.65 -46.81 -37.66
N LYS AC 37 -27.24 -47.62 -36.69
CA LYS AC 37 -27.17 -49.06 -36.85
C LYS AC 37 -28.12 -49.70 -35.84
N PHE AC 38 -29.01 -50.55 -36.33
CA PHE AC 38 -29.91 -51.32 -35.48
C PHE AC 38 -29.41 -52.75 -35.47
N VAL AC 39 -28.68 -53.12 -34.42
CA VAL AC 39 -28.08 -54.44 -34.33
C VAL AC 39 -29.08 -55.40 -33.69
N ILE AC 40 -29.28 -56.54 -34.32
CA ILE AC 40 -30.15 -57.60 -33.82
C ILE AC 40 -29.26 -58.82 -33.64
N ARG AC 41 -28.73 -59.00 -32.43
CA ARG AC 41 -27.81 -60.08 -32.14
C ARG AC 41 -28.43 -61.01 -31.11
N ASN AC 42 -28.08 -62.29 -31.20
CA ASN AC 42 -28.55 -63.28 -30.25
C ASN AC 42 -28.10 -62.93 -28.84
N ILE AC 43 -28.95 -63.21 -27.86
CA ILE AC 43 -28.66 -62.86 -26.47
C ILE AC 43 -27.45 -63.60 -25.92
N VAL AC 44 -27.03 -64.68 -26.58
CA VAL AC 44 -25.80 -65.39 -26.21
C VAL AC 44 -24.95 -65.55 -27.46
N GLU AC 45 -23.68 -65.86 -27.24
CA GLU AC 45 -22.76 -66.03 -28.37
C GLU AC 45 -23.12 -67.27 -29.18
N ALA AC 46 -22.80 -67.22 -30.47
CA ALA AC 46 -23.15 -68.30 -31.38
C ALA AC 46 -22.39 -69.59 -31.09
N ALA AC 47 -21.28 -69.51 -30.36
CA ALA AC 47 -20.57 -70.73 -29.98
C ALA AC 47 -21.06 -71.28 -28.66
N ALA AC 48 -21.67 -70.44 -27.83
CA ALA AC 48 -22.13 -70.84 -26.51
C ALA AC 48 -23.59 -71.28 -26.51
N VAL AC 49 -24.24 -71.34 -27.67
CA VAL AC 49 -25.65 -71.69 -27.71
C VAL AC 49 -25.86 -73.13 -27.27
N ARG AC 50 -24.92 -74.03 -27.63
CA ARG AC 50 -25.10 -75.44 -27.33
C ARG AC 50 -25.02 -75.69 -25.82
N ASP AC 51 -24.12 -75.00 -25.14
CA ASP AC 51 -24.02 -75.18 -23.69
C ASP AC 51 -25.28 -74.72 -22.98
N ILE AC 52 -25.83 -73.58 -23.41
CA ILE AC 52 -27.09 -73.11 -22.85
C ILE AC 52 -28.21 -74.10 -23.14
N SER AC 53 -28.25 -74.61 -24.36
CA SER AC 53 -29.29 -75.57 -24.74
C SER AC 53 -29.20 -76.83 -23.90
N GLU AC 54 -27.98 -77.32 -23.66
CA GLU AC 54 -27.79 -78.46 -22.78
C GLU AC 54 -28.24 -78.13 -21.36
N ALA AC 55 -27.89 -76.95 -20.87
CA ALA AC 55 -28.25 -76.54 -19.52
C ALA AC 55 -29.66 -76.00 -19.42
N SER AC 56 -30.38 -75.88 -20.54
CA SER AC 56 -31.73 -75.36 -20.51
C SER AC 56 -32.67 -76.32 -19.80
N VAL AC 57 -33.46 -75.78 -18.87
CA VAL AC 57 -34.46 -76.59 -18.17
C VAL AC 57 -35.64 -76.96 -19.05
N PHE AC 58 -35.83 -76.26 -20.16
CA PHE AC 58 -36.90 -76.55 -21.09
C PHE AC 58 -36.34 -77.30 -22.29
N ASP AC 59 -37.26 -77.81 -23.12
CA ASP AC 59 -36.85 -78.54 -24.31
C ASP AC 59 -36.78 -77.64 -25.53
N ALA AC 60 -37.92 -77.12 -25.98
CA ALA AC 60 -37.97 -76.23 -27.13
C ALA AC 60 -38.01 -74.78 -26.65
N TYR AC 61 -36.89 -74.37 -26.07
CA TYR AC 61 -36.73 -73.00 -25.58
C TYR AC 61 -35.92 -72.20 -26.60
N VAL AC 62 -36.59 -71.29 -27.29
CA VAL AC 62 -35.94 -70.38 -28.23
C VAL AC 62 -35.23 -69.30 -27.43
N LEU AC 63 -33.95 -69.12 -27.70
CA LEU AC 63 -33.18 -68.10 -27.00
C LEU AC 63 -33.68 -66.71 -27.39
N PRO AC 64 -33.71 -65.76 -26.45
CA PRO AC 64 -34.16 -64.41 -26.78
C PRO AC 64 -33.17 -63.68 -27.66
N LYS AC 65 -33.64 -62.61 -28.27
CA LYS AC 65 -32.83 -61.74 -29.10
C LYS AC 65 -32.46 -60.48 -28.33
N LEU AC 66 -31.45 -59.77 -28.82
CA LEU AC 66 -31.04 -58.50 -28.23
C LEU AC 66 -31.22 -57.41 -29.27
N TYR AC 67 -32.01 -56.39 -28.92
CA TYR AC 67 -32.36 -55.32 -29.84
C TYR AC 67 -31.77 -54.02 -29.32
N VAL AC 68 -30.76 -53.51 -30.02
CA VAL AC 68 -30.09 -52.27 -29.65
C VAL AC 68 -29.96 -51.40 -30.89
N LYS AC 69 -30.34 -50.13 -30.76
CA LYS AC 69 -30.20 -49.17 -31.85
C LYS AC 69 -29.00 -48.26 -31.55
N LEU AC 70 -27.98 -48.36 -32.39
CA LEU AC 70 -26.73 -47.62 -32.18
C LEU AC 70 -26.74 -46.33 -32.99
N HIS AC 71 -26.23 -45.28 -32.39
CA HIS AC 71 -26.10 -43.97 -33.03
C HIS AC 71 -24.66 -43.52 -32.94
N TYR AC 72 -24.11 -43.10 -34.08
CA TYR AC 72 -22.72 -42.73 -34.17
C TYR AC 72 -22.57 -41.35 -34.79
N CYS AC 73 -21.69 -40.54 -34.20
CA CYS AC 73 -21.16 -39.41 -34.95
C CYS AC 73 -20.24 -39.94 -36.05
N VAL AC 74 -20.08 -39.13 -37.10
CA VAL AC 74 -19.24 -39.57 -38.20
C VAL AC 74 -17.80 -39.78 -37.75
N SER AC 75 -17.38 -39.10 -36.68
CA SER AC 75 -16.05 -39.35 -36.11
C SER AC 75 -15.94 -40.77 -35.60
N CYS AC 76 -16.80 -41.16 -34.66
CA CYS AC 76 -16.78 -42.52 -34.16
C CYS AC 76 -17.18 -43.52 -35.23
N ALA AC 77 -18.06 -43.13 -36.16
CA ALA AC 77 -18.46 -44.05 -37.21
C ALA AC 77 -17.27 -44.43 -38.09
N ILE AC 78 -16.51 -43.45 -38.55
CA ILE AC 78 -15.34 -43.75 -39.36
C ILE AC 78 -14.27 -44.44 -38.52
N HIS AC 79 -14.12 -44.02 -37.26
CA HIS AC 79 -13.12 -44.63 -36.40
C HIS AC 79 -13.45 -46.07 -36.06
N SER AC 80 -14.74 -46.41 -36.04
CA SER AC 80 -15.14 -47.78 -35.72
C SER AC 80 -15.29 -48.65 -36.95
N LYS AC 81 -14.95 -48.14 -38.13
CA LYS AC 81 -14.92 -48.89 -39.39
C LYS AC 81 -16.31 -49.37 -39.83
N VAL AC 82 -17.38 -48.84 -39.24
CA VAL AC 82 -18.71 -49.19 -39.71
C VAL AC 82 -18.94 -48.61 -41.10
N VAL AC 83 -18.45 -47.41 -41.36
CA VAL AC 83 -18.52 -46.79 -42.67
C VAL AC 83 -17.11 -46.57 -43.18
N ARG AC 84 -16.99 -46.37 -44.48
CA ARG AC 84 -15.70 -46.19 -45.13
C ARG AC 84 -15.78 -45.07 -46.14
N ASN AC 85 -14.64 -44.43 -46.38
CA ASN AC 85 -14.56 -43.44 -47.44
C ASN AC 85 -14.73 -44.10 -48.80
N ARG AC 86 -15.33 -43.34 -49.72
CA ARG AC 86 -15.67 -43.86 -51.04
C ARG AC 86 -15.29 -42.85 -52.11
N SER AC 87 -15.10 -43.34 -53.33
CA SER AC 87 -14.77 -42.47 -54.44
C SER AC 87 -15.96 -41.59 -54.81
N ARG AC 88 -15.69 -40.55 -55.58
CA ARG AC 88 -16.73 -39.56 -55.89
C ARG AC 88 -17.90 -40.18 -56.65
N GLU AC 89 -17.61 -41.05 -57.61
CA GLU AC 89 -18.69 -41.78 -58.26
C GLU AC 89 -19.37 -42.74 -57.30
N ALA AC 90 -18.58 -43.39 -56.43
CA ALA AC 90 -19.13 -44.37 -55.52
C ALA AC 90 -19.84 -43.76 -54.32
N ARG AC 91 -19.61 -42.47 -54.04
CA ARG AC 91 -20.33 -41.83 -52.95
C ARG AC 91 -21.80 -41.68 -53.25
N LYS AC 92 -22.18 -41.66 -54.53
CA LYS AC 92 -23.50 -41.23 -54.95
C LYS AC 92 -24.58 -42.28 -54.74
N ASP AC 93 -24.23 -43.51 -54.41
CA ASP AC 93 -25.25 -44.54 -54.20
C ASP AC 93 -25.69 -44.56 -52.74
N ARG AC 94 -26.89 -45.10 -52.51
CA ARG AC 94 -27.43 -45.25 -51.18
C ARG AC 94 -27.81 -46.68 -50.84
N THR AC 95 -27.52 -47.63 -51.73
CA THR AC 95 -27.90 -49.01 -51.49
C THR AC 95 -27.08 -49.59 -50.35
N PRO AC 96 -27.71 -50.16 -49.32
CA PRO AC 96 -26.95 -50.75 -48.24
C PRO AC 96 -26.20 -51.98 -48.71
N PRO AC 97 -25.09 -52.32 -48.06
CA PRO AC 97 -24.31 -53.48 -48.49
C PRO AC 97 -25.11 -54.76 -48.28
N PRO AC 98 -24.79 -55.81 -49.04
CA PRO AC 98 -25.56 -57.06 -48.93
C PRO AC 98 -25.40 -57.71 -47.56
N ARG AC 99 -26.45 -58.43 -47.15
CA ARG AC 99 -26.46 -59.09 -45.85
C ARG AC 99 -25.54 -60.31 -45.81
N PHE AC 100 -25.09 -60.80 -46.96
CA PHE AC 100 -24.27 -62.00 -47.08
C PHE AC 100 -24.95 -63.20 -46.41
N ARG AC 101 -26.11 -63.55 -46.94
CA ARG AC 101 -26.89 -64.68 -46.47
C ARG AC 101 -26.26 -66.05 -46.77
N PRO AC 102 -25.49 -66.24 -47.87
CA PRO AC 102 -25.01 -67.63 -47.95
C PRO AC 102 -23.73 -67.86 -47.15
N PRO BC 1 -42.41 -36.10 -78.82
CA PRO BC 1 -43.16 -35.72 -80.03
C PRO BC 1 -43.16 -34.23 -80.26
N LEU BC 2 -42.46 -33.78 -81.31
CA LEU BC 2 -42.33 -32.36 -81.59
C LEU BC 2 -43.49 -31.81 -82.42
N ALA BC 3 -44.41 -32.66 -82.85
CA ALA BC 3 -45.52 -32.24 -83.70
C ALA BC 3 -46.86 -32.59 -83.07
N LYS BC 4 -47.00 -32.31 -81.78
CA LYS BC 4 -48.26 -32.56 -81.11
C LYS BC 4 -49.32 -31.56 -81.57
N ASP BC 5 -50.46 -32.07 -82.01
CA ASP BC 5 -51.53 -31.23 -82.53
C ASP BC 5 -52.18 -30.56 -81.32
N LEU BC 6 -51.71 -29.35 -81.00
CA LEU BC 6 -52.33 -28.58 -79.93
C LEU BC 6 -53.73 -28.12 -80.31
N LEU BC 7 -53.96 -27.88 -81.60
CA LEU BC 7 -55.24 -27.33 -82.05
C LEU BC 7 -56.37 -28.34 -81.88
N HIS BC 8 -56.11 -29.61 -82.15
CA HIS BC 8 -57.15 -30.64 -82.23
C HIS BC 8 -56.79 -31.81 -81.34
N PRO BC 9 -56.93 -31.67 -80.03
CA PRO BC 9 -56.67 -32.80 -79.14
C PRO BC 9 -57.87 -33.73 -79.08
N SER BC 10 -57.58 -35.03 -78.90
CA SER BC 10 -58.65 -35.99 -78.73
C SER BC 10 -59.31 -35.77 -77.36
N PRO BC 11 -60.59 -36.13 -77.23
CA PRO BC 11 -61.31 -35.79 -75.99
C PRO BC 11 -60.75 -36.45 -74.72
N GLU BC 12 -59.99 -37.54 -74.86
CA GLU BC 12 -59.48 -38.23 -73.68
C GLU BC 12 -58.52 -37.36 -72.88
N GLU BC 13 -57.49 -36.82 -73.54
CA GLU BC 13 -56.58 -35.92 -72.85
C GLU BC 13 -57.22 -34.58 -72.57
N GLU BC 14 -58.26 -34.22 -73.32
CA GLU BC 14 -59.01 -33.00 -73.01
C GLU BC 14 -59.71 -33.14 -71.66
N LYS BC 15 -60.27 -34.32 -71.37
CA LYS BC 15 -60.97 -34.52 -70.11
C LYS BC 15 -60.02 -34.84 -68.97
N ARG BC 16 -58.90 -35.53 -69.24
CA ARG BC 16 -58.00 -35.88 -68.16
C ARG BC 16 -57.26 -34.67 -67.61
N LYS BC 17 -57.17 -33.58 -68.36
CA LYS BC 17 -56.42 -32.43 -67.92
C LYS BC 17 -57.18 -31.67 -66.83
N HIS BC 18 -56.47 -30.72 -66.22
CA HIS BC 18 -57.10 -29.80 -65.29
C HIS BC 18 -58.11 -28.93 -66.03
N LYS BC 19 -59.06 -28.39 -65.27
CA LYS BC 19 -60.11 -27.56 -65.89
C LYS BC 19 -59.52 -26.32 -66.55
N LYS BC 20 -58.56 -25.67 -65.90
CA LYS BC 20 -58.01 -24.43 -66.43
C LYS BC 20 -57.02 -24.69 -67.55
N LYS BC 21 -56.34 -25.82 -67.53
CA LYS BC 21 -55.31 -26.13 -68.51
C LYS BC 21 -55.88 -26.71 -69.79
N ARG BC 22 -57.20 -26.82 -69.91
CA ARG BC 22 -57.80 -27.24 -71.16
C ARG BC 22 -57.66 -26.12 -72.20
N LEU BC 23 -57.96 -26.47 -73.45
CA LEU BC 23 -57.94 -25.47 -74.51
C LEU BC 23 -58.98 -24.39 -74.25
N VAL BC 24 -60.18 -24.80 -73.85
CA VAL BC 24 -61.22 -23.90 -73.36
C VAL BC 24 -61.65 -24.41 -72.00
N GLN BC 25 -61.81 -23.50 -71.04
CA GLN BC 25 -62.19 -23.90 -69.69
C GLN BC 25 -63.52 -24.64 -69.71
N SER BC 26 -63.55 -25.77 -69.01
CA SER BC 26 -64.74 -26.61 -68.98
C SER BC 26 -64.92 -27.19 -67.59
N PRO BC 27 -66.04 -26.92 -66.93
CA PRO BC 27 -66.22 -27.42 -65.56
C PRO BC 27 -66.34 -28.93 -65.51
N ASN BC 28 -65.88 -29.49 -64.39
CA ASN BC 28 -66.01 -30.92 -64.15
C ASN BC 28 -67.28 -31.29 -63.40
N SER BC 29 -68.08 -30.31 -63.01
CA SER BC 29 -69.30 -30.55 -62.26
C SER BC 29 -70.49 -30.58 -63.21
N TYR BC 30 -71.68 -30.77 -62.64
CA TYR BC 30 -72.92 -30.86 -63.40
C TYR BC 30 -74.09 -30.70 -62.47
N PHE BC 31 -75.29 -30.83 -63.02
CA PHE BC 31 -76.53 -30.79 -62.26
C PHE BC 31 -77.33 -32.06 -62.53
N MET BC 32 -78.05 -32.51 -61.51
CA MET BC 32 -78.76 -33.78 -61.59
C MET BC 32 -80.17 -33.64 -61.07
N ASP BC 33 -81.06 -34.50 -61.56
CA ASP BC 33 -82.43 -34.59 -61.07
C ASP BC 33 -82.49 -35.71 -60.03
N VAL BC 34 -82.74 -35.35 -58.78
CA VAL BC 34 -82.77 -36.30 -57.68
C VAL BC 34 -84.22 -36.62 -57.34
N LYS BC 35 -84.51 -37.90 -57.20
CA LYS BC 35 -85.84 -38.38 -56.82
C LYS BC 35 -85.75 -38.99 -55.43
N CYS BC 36 -86.39 -38.35 -54.46
CA CYS BC 36 -86.49 -38.94 -53.14
C CYS BC 36 -87.55 -40.03 -53.15
N PRO BC 37 -87.27 -41.21 -52.62
CA PRO BC 37 -88.30 -42.25 -52.55
C PRO BC 37 -89.47 -41.82 -51.68
N GLY BC 38 -90.68 -42.19 -52.10
CA GLY BC 38 -91.87 -41.74 -51.43
C GLY BC 38 -92.34 -40.36 -51.83
N CYS BC 39 -91.74 -39.77 -52.87
CA CYS BC 39 -92.11 -38.44 -53.34
C CYS BC 39 -92.23 -38.45 -54.85
N TYR BC 40 -92.94 -37.46 -55.38
CA TYR BC 40 -93.17 -37.34 -56.81
C TYR BC 40 -92.35 -36.23 -57.45
N LYS BC 41 -91.97 -35.22 -56.68
CA LYS BC 41 -91.35 -34.01 -57.23
C LYS BC 41 -89.91 -34.27 -57.64
N ILE BC 42 -89.36 -33.31 -58.38
CA ILE BC 42 -88.00 -33.39 -58.92
C ILE BC 42 -87.22 -32.18 -58.42
N THR BC 43 -86.03 -32.42 -57.87
CA THR BC 43 -85.18 -31.38 -57.35
C THR BC 43 -83.83 -31.40 -58.06
N THR BC 44 -83.41 -30.23 -58.56
CA THR BC 44 -82.12 -30.09 -59.22
C THR BC 44 -81.06 -29.82 -58.17
N VAL BC 45 -80.01 -30.63 -58.16
CA VAL BC 45 -78.95 -30.56 -57.14
C VAL BC 45 -77.61 -30.46 -57.84
N PHE BC 46 -76.80 -29.50 -57.41
CA PHE BC 46 -75.43 -29.39 -57.90
C PHE BC 46 -74.63 -30.62 -57.52
N SER BC 47 -73.80 -31.08 -58.45
CA SER BC 47 -72.98 -32.27 -58.21
C SER BC 47 -71.98 -32.02 -57.08
N HIS BC 48 -71.41 -30.82 -57.04
CA HIS BC 48 -70.46 -30.43 -56.00
C HIS BC 48 -71.10 -29.51 -54.97
N ALA BC 49 -72.36 -29.77 -54.63
CA ALA BC 49 -73.11 -28.91 -53.72
C ALA BC 49 -72.45 -28.88 -52.34
N GLN BC 50 -72.45 -27.70 -51.73
CA GLN BC 50 -71.79 -27.49 -50.44
C GLN BC 50 -72.76 -27.45 -49.27
N THR BC 51 -74.06 -27.58 -49.52
CA THR BC 51 -75.06 -27.48 -48.47
C THR BC 51 -75.97 -28.69 -48.50
N VAL BC 52 -76.58 -28.99 -47.36
CA VAL BC 52 -77.51 -30.11 -47.24
C VAL BC 52 -78.80 -29.73 -47.96
N VAL BC 53 -79.16 -30.49 -48.98
CA VAL BC 53 -80.37 -30.23 -49.76
C VAL BC 53 -81.53 -30.99 -49.14
N LEU BC 54 -82.63 -30.28 -48.90
CA LEU BC 54 -83.81 -30.83 -48.26
C LEU BC 54 -85.01 -30.70 -49.18
N CYS BC 55 -85.83 -31.75 -49.23
CA CYS BC 55 -87.04 -31.71 -50.03
C CYS BC 55 -88.07 -30.79 -49.39
N VAL BC 56 -88.73 -29.99 -50.23
CA VAL BC 56 -89.78 -29.11 -49.72
C VAL BC 56 -91.02 -29.92 -49.33
N GLY BC 57 -91.34 -30.99 -50.06
CA GLY BC 57 -92.48 -31.81 -49.77
C GLY BC 57 -92.24 -32.93 -48.78
N CYS BC 58 -91.02 -33.06 -48.28
CA CYS BC 58 -90.70 -34.07 -47.28
C CYS BC 58 -89.46 -33.63 -46.53
N SER BC 59 -89.56 -33.53 -45.20
CA SER BC 59 -88.45 -33.07 -44.37
C SER BC 59 -87.38 -34.17 -44.32
N THR BC 60 -86.70 -34.34 -45.45
CA THR BC 60 -85.67 -35.35 -45.60
C THR BC 60 -84.48 -34.74 -46.32
N VAL BC 61 -83.31 -35.24 -46.00
CA VAL BC 61 -82.06 -34.76 -46.59
C VAL BC 61 -81.84 -35.48 -47.91
N LEU BC 62 -81.20 -34.79 -48.86
CA LEU BC 62 -80.86 -35.37 -50.15
C LEU BC 62 -79.38 -35.62 -50.33
N CYS BC 63 -78.53 -34.67 -49.95
CA CYS BC 63 -77.10 -34.85 -50.12
C CYS BC 63 -76.38 -34.39 -48.87
N GLN BC 64 -75.23 -35.01 -48.61
CA GLN BC 64 -74.31 -34.60 -47.58
C GLN BC 64 -73.08 -34.00 -48.23
N PRO BC 65 -72.80 -32.71 -48.01
CA PRO BC 65 -71.62 -32.10 -48.65
C PRO BC 65 -70.33 -32.73 -48.15
N THR BC 66 -69.44 -33.02 -49.09
CA THR BC 66 -68.15 -33.62 -48.77
C THR BC 66 -67.05 -32.74 -49.33
N GLY BC 67 -65.83 -33.27 -49.38
CA GLY BC 67 -64.71 -32.54 -49.94
C GLY BC 67 -64.93 -32.13 -51.39
N GLY BC 68 -65.17 -33.10 -52.26
CA GLY BC 68 -65.32 -32.80 -53.67
C GLY BC 68 -66.74 -32.85 -54.21
N LYS BC 69 -67.48 -33.88 -53.84
CA LYS BC 69 -68.80 -34.14 -54.41
C LYS BC 69 -69.79 -34.41 -53.30
N ALA BC 70 -71.00 -33.87 -53.43
CA ALA BC 70 -72.05 -34.14 -52.48
C ALA BC 70 -72.47 -35.60 -52.57
N ARG BC 71 -72.58 -36.25 -51.40
CA ARG BC 71 -72.96 -37.66 -51.35
C ARG BC 71 -74.47 -37.76 -51.21
N LEU BC 72 -75.12 -38.30 -52.24
CA LEU BC 72 -76.56 -38.46 -52.22
C LEU BC 72 -76.98 -39.47 -51.16
N THR BC 73 -78.16 -39.26 -50.59
CA THR BC 73 -78.72 -40.23 -49.66
C THR BC 73 -79.10 -41.50 -50.39
N GLU BC 74 -78.97 -42.63 -49.70
CA GLU BC 74 -79.29 -43.92 -50.30
C GLU BC 74 -80.77 -44.02 -50.60
N GLY BC 75 -81.10 -44.76 -51.65
CA GLY BC 75 -82.45 -44.85 -52.14
C GLY BC 75 -82.84 -43.75 -53.09
N CYS BC 76 -81.94 -42.81 -53.37
CA CYS BC 76 -82.21 -41.71 -54.27
C CYS BC 76 -81.50 -41.93 -55.59
N SER BC 77 -82.27 -42.00 -56.68
CA SER BC 77 -81.72 -42.15 -58.01
C SER BC 77 -81.60 -40.79 -58.68
N PHE BC 78 -80.73 -40.71 -59.68
CA PHE BC 78 -80.41 -39.44 -60.31
C PHE BC 78 -80.16 -39.64 -61.79
N ARG BC 79 -80.36 -38.57 -62.56
CA ARG BC 79 -79.98 -38.53 -63.96
C ARG BC 79 -79.32 -37.19 -64.26
N ARG BC 80 -78.62 -37.13 -65.38
CA ARG BC 80 -77.86 -35.95 -65.73
C ARG BC 80 -78.76 -34.85 -66.28
N LYS BC 81 -78.21 -33.65 -66.38
CA LYS BC 81 -78.83 -32.52 -67.08
C LYS BC 81 -78.06 -32.29 -68.37
N GLN BC 82 -78.74 -32.55 -69.50
CA GLN BC 82 -78.25 -32.33 -70.86
C GLN BC 82 -76.78 -32.75 -71.05
N HIS BC 83 -76.39 -33.83 -70.38
CA HIS BC 83 -75.01 -34.29 -70.31
C HIS BC 83 -74.09 -33.19 -69.80
N VAL CC 1 23.48 7.54 -39.60
CA VAL CC 1 23.39 6.64 -40.73
C VAL CC 1 24.17 5.35 -40.43
N HIS CC 2 23.74 4.24 -41.04
CA HIS CC 2 24.41 2.96 -40.83
C HIS CC 2 25.81 2.93 -41.44
N GLY CC 3 26.17 3.91 -42.26
CA GLY CC 3 27.53 4.02 -42.75
C GLY CC 3 27.86 3.12 -43.92
N SER CC 4 27.19 3.33 -45.06
CA SER CC 4 27.47 2.55 -46.26
C SER CC 4 27.45 3.40 -47.52
N LEU CC 5 27.48 4.72 -47.40
CA LEU CC 5 27.37 5.61 -48.55
C LEU CC 5 28.71 5.85 -49.24
N ALA CC 6 29.78 5.19 -48.81
CA ALA CC 6 31.10 5.43 -49.40
C ALA CC 6 31.24 4.82 -50.79
N ARG CC 7 30.30 3.96 -51.21
CA ARG CC 7 30.44 3.22 -52.44
C ARG CC 7 29.65 3.84 -53.59
N ALA CC 8 29.25 5.09 -53.50
CA ALA CC 8 28.52 5.74 -54.58
C ALA CC 8 29.43 5.95 -55.78
N GLY CC 9 28.91 5.66 -56.98
CA GLY CC 9 29.69 5.80 -58.19
C GLY CC 9 30.87 4.86 -58.28
N LYS CC 10 30.68 3.60 -57.90
CA LYS CC 10 31.82 2.68 -57.81
C LYS CC 10 32.15 2.06 -59.17
N VAL CC 11 31.20 1.34 -59.75
CA VAL CC 11 31.46 0.64 -61.00
C VAL CC 11 31.68 1.62 -62.14
N ARG CC 12 30.92 2.72 -62.17
CA ARG CC 12 31.20 3.77 -63.13
C ARG CC 12 32.57 4.39 -62.91
N GLY CC 13 33.11 4.30 -61.70
CA GLY CC 13 34.44 4.80 -61.41
C GLY CC 13 35.55 3.85 -61.84
N GLN CC 14 35.29 2.54 -61.78
CA GLN CC 14 36.32 1.58 -62.16
C GLN CC 14 36.21 1.10 -63.59
N THR CC 15 35.29 1.63 -64.37
CA THR CC 15 35.16 1.22 -65.77
C THR CC 15 36.26 1.87 -66.59
N PRO CC 16 37.02 1.12 -67.39
CA PRO CC 16 38.04 1.74 -68.24
C PRO CC 16 37.43 2.70 -69.24
N LYS CC 17 38.15 3.79 -69.51
CA LYS CC 17 37.66 4.85 -70.40
C LYS CC 17 38.19 4.57 -71.80
N VAL CC 18 37.31 4.12 -72.69
CA VAL CC 18 37.65 3.91 -74.10
C VAL CC 18 36.82 4.87 -74.94
N ALA CC 19 37.47 5.55 -75.87
CA ALA CC 19 36.83 6.60 -76.64
C ALA CC 19 36.03 6.01 -77.79
N LYS CC 20 35.06 6.80 -78.27
CA LYS CC 20 34.25 6.40 -79.41
C LYS CC 20 35.07 6.41 -80.68
N GLN CC 21 34.83 5.44 -81.55
CA GLN CC 21 35.47 5.41 -82.85
C GLN CC 21 34.92 6.50 -83.75
N GLU CC 22 35.81 7.17 -84.47
CA GLU CC 22 35.39 8.15 -85.47
C GLU CC 22 34.68 7.42 -86.61
N LYS CC 23 33.53 7.92 -87.02
CA LYS CC 23 32.74 7.27 -88.05
C LYS CC 23 32.18 8.31 -89.01
N LYS CC 24 31.87 7.84 -90.22
CA LYS CC 24 31.19 8.69 -91.21
C LYS CC 24 29.79 9.02 -90.73
N LYS CC 25 29.28 10.16 -91.18
CA LYS CC 25 27.95 10.59 -90.77
C LYS CC 25 26.89 9.62 -91.29
N LYS CC 26 25.76 9.58 -90.58
CA LYS CC 26 24.62 8.78 -90.99
C LYS CC 26 23.62 9.67 -91.73
N LYS CC 27 23.21 9.23 -92.92
CA LYS CC 27 22.18 9.94 -93.64
C LYS CC 27 20.88 9.91 -92.85
N THR CC 28 20.15 11.02 -92.85
CA THR CC 28 18.97 11.18 -92.01
C THR CC 28 17.76 11.49 -92.88
N GLY CC 29 16.59 11.44 -92.25
CA GLY CC 29 15.34 11.77 -92.92
C GLY CC 29 14.97 10.77 -93.99
N ARG CC 30 14.69 11.28 -95.20
CA ARG CC 30 14.28 10.42 -96.31
C ARG CC 30 15.38 9.46 -96.73
N ALA CC 31 16.65 9.91 -96.66
CA ALA CC 31 17.75 9.06 -97.08
C ALA CC 31 17.91 7.85 -96.18
N LYS CC 32 17.73 8.03 -94.87
CA LYS CC 32 17.82 6.91 -93.94
C LYS CC 32 16.72 5.89 -94.19
N ARG CC 33 15.49 6.37 -94.43
CA ARG CC 33 14.39 5.49 -94.76
C ARG CC 33 14.67 4.73 -96.05
N ARG CC 34 15.22 5.44 -97.04
CA ARG CC 34 15.62 4.80 -98.30
C ARG CC 34 16.62 3.68 -98.06
N MET CC 35 17.67 3.96 -97.28
CA MET CC 35 18.72 2.98 -97.07
C MET CC 35 18.21 1.76 -96.32
N GLN CC 36 17.44 1.98 -95.25
CA GLN CC 36 16.97 0.84 -94.48
C GLN CC 36 15.87 0.06 -95.20
N TYR CC 37 15.07 0.71 -96.05
CA TYR CC 37 14.14 -0.03 -96.88
C TYR CC 37 14.86 -0.85 -97.92
N ASN CC 38 15.93 -0.29 -98.51
CA ASN CC 38 16.72 -1.02 -99.49
C ASN CC 38 17.41 -2.22 -98.87
N ARG CC 39 17.85 -2.10 -97.61
CA ARG CC 39 18.53 -3.21 -96.95
C ARG CC 39 17.60 -4.40 -96.75
N ARG CC 40 16.36 -4.17 -96.33
CA ARG CC 40 15.50 -5.24 -95.87
C ARG CC 40 14.28 -5.49 -96.75
N PHE CC 41 14.21 -4.88 -97.93
CA PHE CC 41 13.09 -5.19 -98.80
C PHE CC 41 13.54 -5.64 -100.18
N VAL CC 42 14.62 -5.06 -100.68
CA VAL CC 42 15.17 -5.42 -101.99
C VAL CC 42 16.54 -6.03 -101.78
N ASN CC 43 16.56 -7.36 -101.58
CA ASN CC 43 17.77 -8.16 -101.43
C ASN CC 43 17.38 -9.62 -101.53
N VAL CC 44 18.27 -10.42 -102.13
CA VAL CC 44 18.08 -11.86 -102.24
C VAL CC 44 19.26 -12.53 -101.59
N VAL CC 45 19.01 -13.25 -100.49
CA VAL CC 45 20.04 -13.97 -99.76
C VAL CC 45 19.84 -15.47 -99.99
N PRO CC 46 20.79 -16.16 -100.62
CA PRO CC 46 20.67 -17.62 -100.79
C PRO CC 46 21.10 -18.43 -99.57
N THR CC 47 21.35 -17.79 -98.43
CA THR CC 47 21.89 -18.46 -97.26
C THR CC 47 20.78 -18.72 -96.24
N PHE CC 48 20.85 -19.89 -95.60
CA PHE CC 48 19.86 -20.27 -94.60
C PHE CC 48 20.14 -19.54 -93.29
N GLY CC 49 19.30 -19.79 -92.29
CA GLY CC 49 19.38 -19.11 -91.01
C GLY CC 49 18.01 -18.82 -90.42
N LYS CC 50 16.96 -19.21 -91.15
CA LYS CC 50 15.57 -19.06 -90.72
C LYS CC 50 15.22 -17.59 -90.43
N LYS CC 51 15.55 -16.72 -91.38
CA LYS CC 51 15.20 -15.29 -91.33
C LYS CC 51 15.80 -14.63 -90.08
N LYS CC 52 17.12 -14.68 -90.02
CA LYS CC 52 17.86 -14.23 -88.84
C LYS CC 52 17.70 -12.73 -88.66
N GLY CC 53 17.73 -12.30 -87.39
CA GLY CC 53 17.54 -10.92 -87.03
C GLY CC 53 18.64 -10.01 -87.55
N PRO CC 54 18.31 -8.73 -87.73
CA PRO CC 54 19.28 -7.80 -88.36
C PRO CC 54 20.53 -7.56 -87.52
N ASN CC 55 20.50 -7.87 -86.23
CA ASN CC 55 21.66 -7.72 -85.35
C ASN CC 55 22.24 -9.07 -84.97
N ALA CC 56 22.30 -9.99 -85.94
CA ALA CC 56 22.84 -11.31 -85.68
C ALA CC 56 24.26 -11.23 -85.13
N ASN CC 57 24.50 -11.93 -84.03
CA ASN CC 57 25.82 -11.95 -83.40
C ASN CC 57 26.63 -13.10 -84.01
N SER CC 58 26.91 -12.95 -85.30
CA SER CC 58 27.63 -13.97 -86.05
C SER CC 58 28.99 -13.44 -86.52
P A2M DC 27 3.57 25.14 -69.01
OP1 A2M DC 27 3.73 26.62 -69.21
O5' A2M DC 27 4.84 24.35 -68.00
C5' A2M DC 27 4.91 24.75 -66.72
C4' A2M DC 27 5.65 23.71 -65.88
O4' A2M DC 27 4.92 22.51 -65.87
C3' A2M DC 27 7.02 23.41 -66.45
O3' A2M DC 27 7.84 24.48 -66.11
C2' A2M DC 27 7.30 22.05 -65.87
O2' A2M DC 27 7.66 22.09 -64.51
C1' A2M DC 27 5.86 21.48 -66.01
CM' A2M DC 27 7.46 20.84 -63.92
N9 A2M DC 27 5.61 20.76 -67.22
C8 A2M DC 27 4.87 21.06 -68.37
N7 A2M DC 27 4.89 20.08 -69.28
C5 A2M DC 27 5.69 19.10 -68.69
C6 A2M DC 27 6.11 17.85 -69.07
N6 A2M DC 27 5.76 17.31 -70.29
N1 A2M DC 27 6.92 17.07 -68.29
C2 A2M DC 27 7.25 17.61 -67.09
N3 A2M DC 27 6.93 18.80 -66.56
C4 A2M DC 27 6.14 19.50 -67.40
OP2 A2M DC 27 3.81 24.23 -70.16
N1 PSU DC 93 -15.29 52.80 -70.02
C2 PSU DC 93 -14.05 52.88 -70.63
N3 PSU DC 93 -13.94 52.75 -71.99
C4 PSU DC 93 -15.06 52.56 -72.75
C5 PSU DC 93 -16.31 52.49 -72.14
C6 PSU DC 93 -16.40 52.61 -70.76
O2 PSU DC 93 -13.04 53.05 -69.93
O4 PSU DC 93 -14.94 52.47 -73.98
C1' PSU DC 93 -17.56 52.27 -72.96
C2' PSU DC 93 -17.49 50.81 -73.43
O2' PSU DC 93 -18.18 50.71 -74.67
C3' PSU DC 93 -18.25 50.11 -72.33
C4' PSU DC 93 -19.37 51.09 -72.03
O3' PSU DC 93 -18.71 48.82 -72.70
O4' PSU DC 93 -18.72 52.39 -72.17
C5' PSU DC 93 -20.02 50.98 -70.68
O5' PSU DC 93 -19.08 51.17 -69.63
P PSU DC 93 -19.50 50.94 -68.12
OP1 PSU DC 93 -20.38 49.76 -68.08
OP2 PSU DC 93 -18.27 50.93 -67.28
P A2M DC 99 -11.60 32.08 -58.16
OP1 A2M DC 99 -10.56 31.10 -58.61
O5' A2M DC 99 -11.02 33.41 -57.08
C5' A2M DC 99 -10.71 33.06 -55.83
C4' A2M DC 99 -11.21 34.12 -54.86
O4' A2M DC 99 -11.08 35.39 -55.46
C3' A2M DC 99 -12.67 33.91 -54.52
O3' A2M DC 99 -12.74 32.89 -53.57
C2' A2M DC 99 -13.11 35.32 -54.14
O2' A2M DC 99 -12.67 35.73 -52.87
C1' A2M DC 99 -12.29 36.06 -55.23
CM' A2M DC 99 -13.46 36.78 -52.40
N9 A2M DC 99 -12.96 36.25 -56.49
C8 A2M DC 99 -12.67 35.84 -57.80
N7 A2M DC 99 -13.60 36.24 -58.68
C5 A2M DC 99 -14.53 36.92 -57.91
C6 A2M DC 99 -15.71 37.58 -58.18
N6 A2M DC 99 -16.20 37.65 -59.47
N1 A2M DC 99 -16.45 38.20 -57.22
C2 A2M DC 99 -15.94 38.12 -55.96
N3 A2M DC 99 -14.83 37.53 -55.52
C4 A2M DC 99 -14.15 36.95 -56.54
OP2 A2M DC 99 -12.63 31.64 -57.17
N1 PSU DC 105 -27.95 30.99 -61.46
C2 PSU DC 105 -27.44 29.97 -62.24
N3 PSU DC 105 -26.26 30.14 -62.92
C4 PSU DC 105 -25.58 31.34 -62.83
C5 PSU DC 105 -26.11 32.37 -62.06
C6 PSU DC 105 -27.30 32.16 -61.38
O2 PSU DC 105 -28.04 28.89 -62.31
O4 PSU DC 105 -24.53 31.47 -63.44
C1' PSU DC 105 -25.40 33.68 -61.92
C2' PSU DC 105 -25.42 34.47 -63.23
O2' PSU DC 105 -24.25 35.27 -63.28
C3' PSU DC 105 -26.66 35.33 -63.04
C4' PSU DC 105 -26.60 35.67 -61.56
O3' PSU DC 105 -26.67 36.48 -63.88
O4' PSU DC 105 -26.07 34.47 -60.94
C5' PSU DC 105 -27.93 36.03 -60.93
O5' PSU DC 105 -28.90 35.04 -61.19
P PSU DC 105 -30.23 34.95 -60.32
OP1 PSU DC 105 -30.90 36.27 -60.38
OP2 PSU DC 105 -30.95 33.73 -60.75
N1 PSU DC 109 -35.33 32.54 -72.66
C2 PSU DC 109 -35.64 33.02 -71.41
N3 PSU DC 109 -36.88 32.78 -70.86
C4 PSU DC 109 -37.82 32.05 -71.57
C5 PSU DC 109 -37.50 31.57 -72.83
C6 PSU DC 109 -36.24 31.82 -73.36
O2 PSU DC 109 -34.81 33.67 -70.78
O4 PSU DC 109 -38.92 31.83 -71.08
C1' PSU DC 109 -38.49 30.75 -73.61
C2' PSU DC 109 -39.56 31.58 -74.32
O2' PSU DC 109 -40.76 30.83 -74.34
C3' PSU DC 109 -38.98 31.70 -75.72
C4' PSU DC 109 -38.29 30.35 -75.91
O3' PSU DC 109 -39.95 31.96 -76.70
O4' PSU DC 109 -37.79 30.02 -74.59
C5' PSU DC 109 -37.15 30.35 -76.90
O5' PSU DC 109 -36.24 31.39 -76.62
P PSU DC 109 -34.87 31.51 -77.44
OP1 PSU DC 109 -35.18 31.51 -78.88
OP2 PSU DC 109 -34.12 32.65 -76.84
N1 OMU DC 116 -37.85 53.18 -68.04
C2 OMU DC 116 -36.86 52.30 -68.75
N3 OMU DC 116 -37.34 51.34 -69.79
C4 OMU DC 116 -38.75 51.23 -70.09
C5 OMU DC 116 -39.73 52.09 -69.36
C6 OMU DC 116 -39.25 53.05 -68.34
O2 OMU DC 116 -35.67 52.39 -68.51
O4 OMU DC 116 -39.11 50.49 -70.88
C1' OMU DC 116 -37.40 54.13 -66.98
C2' OMU DC 116 -36.90 55.46 -67.53
O2' OMU DC 116 -35.82 55.90 -66.74
CM2 OMU DC 116 -34.73 55.04 -66.71
C3' OMU DC 116 -38.12 56.36 -67.33
C4' OMU DC 116 -38.75 55.79 -66.07
O3' OMU DC 116 -37.77 57.73 -67.20
O4' OMU DC 116 -38.48 54.38 -66.12
C5' OMU DC 116 -40.25 56.00 -65.96
O5' OMU DC 116 -40.93 55.39 -67.03
P OMU DC 116 -42.51 55.16 -66.98
OP1 OMU DC 116 -43.16 56.45 -66.57
OP2 OMU DC 116 -42.93 54.49 -68.28
N1 OMU DC 121 -34.98 60.01 -84.95
C2 OMU DC 121 -36.21 59.67 -84.14
N3 OMU DC 121 -36.45 60.31 -82.81
C4 OMU DC 121 -35.48 61.27 -82.29
C5 OMU DC 121 -34.27 61.61 -83.08
C6 OMU DC 121 -34.04 60.97 -84.40
O2 OMU DC 121 -37.02 58.87 -84.58
O4 OMU DC 121 -35.66 61.75 -81.28
C1' OMU DC 121 -34.75 59.38 -86.26
C2' OMU DC 121 -35.56 60.06 -87.37
O2' OMU DC 121 -35.78 59.12 -88.40
CM2 OMU DC 121 -36.96 58.38 -88.27
C3' OMU DC 121 -34.56 61.11 -87.83
C4' OMU DC 121 -33.26 60.33 -87.79
O3' OMU DC 121 -34.85 61.66 -89.09
O4' OMU DC 121 -33.39 59.49 -86.60
C5' OMU DC 121 -32.00 61.16 -87.70
O5' OMU DC 121 -32.13 62.19 -86.73
P OMU DC 121 -30.85 62.89 -86.12
OP1 OMU DC 121 -30.12 63.58 -87.23
OP2 OMU DC 121 -31.29 63.68 -84.91
P A2M DC 159 5.99 75.19 -50.48
OP1 A2M DC 159 6.22 75.55 -51.92
O5' A2M DC 159 5.36 73.50 -50.92
C5' A2M DC 159 6.03 72.82 -51.86
C4' A2M DC 159 5.81 71.30 -51.72
O4' A2M DC 159 5.86 70.91 -50.37
C3' A2M DC 159 4.47 70.90 -52.29
O3' A2M DC 159 4.70 70.75 -53.64
C2' A2M DC 159 4.09 69.69 -51.44
O2' A2M DC 159 4.73 68.49 -51.83
C1' A2M DC 159 4.69 70.17 -50.12
CM' A2M DC 159 4.73 67.55 -50.79
N9 A2M DC 159 3.83 70.95 -49.25
C8 A2M DC 159 3.10 72.12 -49.44
N7 A2M DC 159 2.40 72.51 -48.34
C5 A2M DC 159 2.73 71.53 -47.40
C6 A2M DC 159 2.38 71.31 -46.09
N6 A2M DC 159 1.53 72.16 -45.41
N1 A2M DC 159 2.85 70.25 -45.36
C2 A2M DC 159 3.67 69.42 -46.03
N3 A2M DC 159 4.12 69.47 -47.30
C4 A2M DC 159 3.61 70.55 -47.95
OP2 A2M DC 159 5.06 76.02 -49.65
P A2M DC 166 -12.33 90.49 -51.90
OP1 A2M DC 166 -13.46 91.35 -51.39
O5' A2M DC 166 -11.59 91.85 -52.83
C5' A2M DC 166 -11.00 92.80 -52.09
C4' A2M DC 166 -10.00 93.56 -52.93
O4' A2M DC 166 -8.79 92.82 -53.02
C3' A2M DC 166 -10.52 93.75 -54.34
O3' A2M DC 166 -11.51 94.73 -54.28
C2' A2M DC 166 -9.24 94.00 -55.11
O2' A2M DC 166 -8.70 95.27 -54.93
C1' A2M DC 166 -8.38 92.94 -54.37
CM' A2M DC 166 -7.88 95.59 -56.03
N9 A2M DC 166 -8.40 91.65 -54.99
C8 A2M DC 166 -8.92 90.42 -54.62
N7 A2M DC 166 -8.72 89.46 -55.55
C5 A2M DC 166 -8.03 90.14 -56.57
C6 A2M DC 166 -7.52 89.78 -57.79
N6 A2M DC 166 -7.62 88.49 -58.27
N1 A2M DC 166 -6.86 90.66 -58.60
C2 A2M DC 166 -6.77 91.93 -58.13
N3 A2M DC 166 -7.20 92.46 -56.98
C4 A2M DC 166 -7.83 91.50 -56.23
OP2 A2M DC 166 -12.65 89.26 -52.69
N1 OMU DC 172 -26.42 78.05 -77.18
C2 OMU DC 172 -25.95 76.66 -77.50
N3 OMU DC 172 -25.65 76.29 -78.92
C4 OMU DC 172 -25.82 77.27 -79.97
C5 OMU DC 172 -26.31 78.64 -79.64
C6 OMU DC 172 -26.60 79.01 -78.24
O2 OMU DC 172 -25.80 75.85 -76.61
O4 OMU DC 172 -25.60 77.00 -81.05
C1' OMU DC 172 -26.73 78.42 -75.78
C2' OMU DC 172 -25.54 78.98 -75.01
O2' OMU DC 172 -24.68 77.96 -74.56
CM2 OMU DC 172 -23.57 78.44 -73.86
C3' OMU DC 172 -26.26 79.73 -73.90
C4' OMU DC 172 -27.48 80.30 -74.62
O3' OMU DC 172 -26.70 78.80 -72.91
O4' OMU DC 172 -27.68 79.46 -75.79
C5' OMU DC 172 -27.37 81.75 -75.05
O5' OMU DC 172 -26.53 81.90 -76.19
P OMU DC 172 -25.68 83.23 -76.41
OP1 OMU DC 172 -24.86 83.06 -77.67
OP2 OMU DC 172 -26.60 84.41 -76.28
N1 OMC DC 174 -27.27 82.55 -65.24
C2 OMC DC 174 -27.69 83.90 -65.31
N3 OMC DC 174 -27.99 84.40 -66.52
C4 OMC DC 174 -27.90 83.68 -67.62
C5 OMC DC 174 -27.48 82.32 -67.58
C6 OMC DC 174 -27.17 81.81 -66.38
O2 OMC DC 174 -27.78 84.56 -64.29
N4 OMC DC 174 -28.21 84.25 -68.77
C1' OMC DC 174 -26.92 81.90 -63.95
C2' OMC DC 174 -28.15 81.53 -63.13
O2' OMC DC 174 -27.82 81.63 -61.76
CM2 OMC DC 174 -27.53 82.94 -61.33
C3' OMC DC 174 -28.35 80.08 -63.53
C4' OMC DC 174 -26.92 79.57 -63.64
O4' OMC DC 174 -26.22 80.71 -64.22
O3' OMC DC 174 -29.15 79.34 -62.63
C5' OMC DC 174 -26.71 78.35 -64.48
O5' OMC DC 174 -27.34 78.48 -65.75
P OMC DC 174 -27.37 77.26 -66.77
OP1 OMC DC 174 -27.79 76.02 -66.01
OP2 OMC DC 174 -28.16 77.70 -68.01
N1 OMU DC 293 -37.06 25.52 -67.04
C2 OMU DC 293 -36.01 26.24 -67.85
N3 OMU DC 293 -35.54 27.60 -67.44
C4 OMU DC 293 -36.08 28.21 -66.23
C5 OMU DC 293 -37.11 27.48 -65.42
C6 OMU DC 293 -37.58 26.14 -65.85
O2 OMU DC 293 -35.56 25.72 -68.86
O4 OMU DC 293 -35.72 29.23 -65.92
C1' OMU DC 293 -37.51 24.17 -67.48
C2' OMU DC 293 -36.74 23.05 -66.77
O2' OMU DC 293 -36.57 21.98 -67.68
CM2 OMU DC 293 -35.89 22.32 -68.85
C3' OMU DC 293 -37.73 22.66 -65.67
C4' OMU DC 293 -39.06 22.82 -66.37
O3' OMU DC 293 -37.53 21.36 -65.15
O4' OMU DC 293 -38.88 24.02 -67.16
C5' OMU DC 293 -40.27 22.97 -65.48
O5' OMU DC 293 -40.01 23.87 -64.41
P OMU DC 293 -41.22 24.54 -63.62
OP1 OMU DC 293 -42.06 23.45 -63.05
OP2 OMU DC 293 -40.66 25.63 -62.73
N1 PSU DC 345 -18.86 24.65 -52.07
C2 PSU DC 345 -19.86 24.91 -52.99
N3 PSU DC 345 -19.79 24.37 -54.25
C4 PSU DC 345 -18.73 23.58 -54.61
C5 PSU DC 345 -17.72 23.32 -53.69
C6 PSU DC 345 -17.81 23.86 -52.42
O2 PSU DC 345 -20.81 25.62 -52.67
O4 PSU DC 345 -18.68 23.09 -55.74
C1' PSU DC 345 -16.55 22.45 -54.05
C2' PSU DC 345 -15.56 23.22 -54.92
O2' PSU DC 345 -14.90 22.30 -55.77
C3' PSU DC 345 -14.61 23.76 -53.87
C4' PSU DC 345 -14.54 22.60 -52.87
O3' PSU DC 345 -13.33 24.10 -54.37
O4' PSU DC 345 -15.88 22.07 -52.88
C5' PSU DC 345 -14.15 22.99 -51.48
O5' PSU DC 345 -14.83 24.16 -51.07
P PSU DC 345 -14.83 24.63 -49.55
OP1 PSU DC 345 -13.42 24.91 -49.18
OP2 PSU DC 345 -15.85 25.68 -49.35
N1 OMU DC 367 -9.21 35.48 -76.01
C2 OMU DC 367 -7.82 35.88 -76.42
N3 OMU DC 367 -6.71 34.88 -76.39
C4 OMU DC 367 -7.00 33.51 -75.96
C5 OMU DC 367 -8.39 33.13 -75.57
C6 OMU DC 367 -9.48 34.13 -75.59
O2 OMU DC 367 -7.60 37.03 -76.78
O4 OMU DC 367 -6.16 32.74 -75.94
C1' OMU DC 367 -10.29 36.48 -76.04
C2' OMU DC 367 -11.62 35.95 -76.54
O2' OMU DC 367 -11.66 35.87 -77.95
CM2 OMU DC 367 -12.84 35.29 -78.42
C3' OMU DC 367 -12.58 36.97 -75.94
C4' OMU DC 367 -11.93 37.29 -74.59
O3' OMU DC 367 -12.57 38.14 -76.75
O4' OMU DC 367 -10.53 36.93 -74.73
C5' OMU DC 367 -12.52 36.59 -73.40
O5' OMU DC 367 -12.98 35.28 -73.74
P OMU DC 367 -12.80 34.07 -72.73
OP1 OMU DC 367 -13.80 34.24 -71.62
OP2 OMU DC 367 -12.79 32.78 -73.53
P OMG DC 375 -8.32 47.97 -55.33
OP1 OMG DC 375 -9.04 49.22 -54.82
OP2 OMG DC 375 -7.16 48.13 -56.29
O5' OMG DC 375 -7.82 47.15 -54.07
C5' OMG DC 375 -7.44 45.78 -54.20
C4' OMG DC 375 -7.41 45.10 -52.86
O4' OMG DC 375 -6.53 45.82 -51.96
C3' OMG DC 375 -8.72 45.03 -52.11
O3' OMG DC 375 -9.56 43.98 -52.55
C2' OMG DC 375 -8.28 44.90 -50.66
O2' OMG DC 375 -7.89 43.56 -50.38
CM2 OMG DC 375 -7.62 43.33 -49.03
C1' OMG DC 375 -7.03 45.78 -50.64
N9 OMG DC 375 -7.33 47.15 -50.20
C8 OMG DC 375 -7.34 48.30 -50.96
N7 OMG DC 375 -7.65 49.35 -50.25
C5 OMG DC 375 -7.86 48.88 -48.99
C6 OMG DC 375 -8.23 49.56 -47.80
O6 OMG DC 375 -8.44 50.75 -47.63
N1 OMG DC 375 -8.33 48.67 -46.73
C2 OMG DC 375 -8.12 47.32 -46.79
N2 OMG DC 375 -8.28 46.63 -45.65
N3 OMG DC 375 -7.79 46.69 -47.88
C4 OMG DC 375 -7.67 47.51 -48.94
N1 OMC DC 401 5.88 61.94 -46.56
C2 OMC DC 401 4.93 62.67 -45.82
N3 OMC DC 401 4.10 62.01 -44.99
C4 OMC DC 401 4.16 60.70 -44.85
C5 OMC DC 401 5.10 59.92 -45.58
C6 OMC DC 401 5.92 60.59 -46.42
O2 OMC DC 401 4.85 63.89 -45.93
N4 OMC DC 401 3.32 60.10 -44.01
C1' OMC DC 401 6.81 62.54 -47.53
C2' OMC DC 401 7.94 63.34 -46.89
O2' OMC DC 401 8.17 64.51 -47.66
CM2 OMC DC 401 7.13 65.45 -47.64
C3' OMC DC 401 9.12 62.39 -47.02
C4' OMC DC 401 8.82 61.65 -48.31
O4' OMC DC 401 7.39 61.51 -48.31
O3' OMC DC 401 10.38 63.04 -47.05
C5' OMC DC 401 9.46 60.30 -48.45
O5' OMC DC 401 9.15 59.47 -47.34
P OMC DC 401 9.26 57.88 -47.46
OP1 OMC DC 401 10.72 57.53 -47.73
OP2 OMC DC 401 8.55 57.28 -46.25
P A2M DC 407 -4.28 67.73 -43.85
OP1 A2M DC 407 -5.33 68.45 -44.64
O5' A2M DC 407 -3.38 67.22 -45.34
C5' A2M DC 407 -3.05 68.21 -46.19
C4' A2M DC 407 -1.96 67.74 -47.15
O4' A2M DC 407 -0.80 67.42 -46.40
C3' A2M DC 407 -2.38 66.51 -47.93
O3' A2M DC 407 -3.17 66.98 -48.98
C2' A2M DC 407 -1.05 65.83 -48.23
O2' A2M DC 407 -0.36 66.42 -49.30
C1' A2M DC 407 -0.35 66.18 -46.90
CM' A2M DC 407 1.00 66.07 -49.27
N9 A2M DC 407 -0.45 65.20 -45.85
C8 A2M DC 407 -1.08 65.21 -44.60
N7 A2M DC 407 -0.92 64.05 -43.92
C5 A2M DC 407 -0.17 63.27 -44.79
C6 A2M DC 407 0.34 61.99 -44.73
N6 A2M DC 407 0.13 61.18 -43.63
N1 A2M DC 407 1.06 61.44 -45.73
C2 A2M DC 407 1.25 62.23 -46.82
N3 A2M DC 407 0.85 63.49 -47.05
C4 A2M DC 407 0.14 63.96 -45.99
OP2 A2M DC 407 -4.69 66.63 -42.93
P A2M DC 423 8.79 27.82 -60.44
OP1 A2M DC 423 9.92 28.64 -61.01
O5' A2M DC 423 7.68 28.24 -61.82
C5' A2M DC 423 8.12 27.92 -63.04
C4' A2M DC 423 6.95 27.84 -64.01
O4' A2M DC 423 6.14 26.73 -63.66
C3' A2M DC 423 6.13 29.12 -63.96
O3' A2M DC 423 6.67 29.97 -64.95
C2' A2M DC 423 4.67 28.64 -64.07
O2' A2M DC 423 4.17 28.60 -65.38
C1' A2M DC 423 4.82 27.19 -63.52
CM' A2M DC 423 2.90 27.98 -65.40
N9 A2M DC 423 4.38 26.97 -62.16
C8 A2M DC 423 4.94 27.30 -60.92
N7 A2M DC 423 4.18 26.92 -59.87
C5 A2M DC 423 3.07 26.34 -60.48
C6 A2M DC 423 1.91 25.75 -60.00
N6 A2M DC 423 1.67 25.66 -58.64
N1 A2M DC 423 0.96 25.24 -60.81
C2 A2M DC 423 1.21 25.34 -62.14
N3 A2M DC 423 2.27 25.88 -62.78
C4 A2M DC 423 3.17 26.37 -61.90
OP2 A2M DC 423 8.31 28.12 -59.07
P OMG DC 448 -6.88 45.14 -76.16
OP1 OMG DC 448 -7.49 43.78 -75.86
OP2 OMG DC 448 -5.58 45.55 -75.46
O5' OMG DC 448 -6.63 45.22 -77.73
C5' OMG DC 448 -7.68 44.95 -78.65
C4' OMG DC 448 -7.53 45.78 -79.91
O4' OMG DC 448 -7.42 47.18 -79.55
C3' OMG DC 448 -6.28 45.52 -80.72
O3' OMG DC 448 -6.41 44.37 -81.55
C2' OMG DC 448 -6.10 46.82 -81.49
O2' OMG DC 448 -6.98 46.87 -82.60
CM2 OMG DC 448 -6.97 48.11 -83.27
C1' OMG DC 448 -6.56 47.85 -80.46
N9 OMG DC 448 -5.43 48.41 -79.70
C8 OMG DC 448 -5.19 48.32 -78.35
N7 OMG DC 448 -4.10 48.93 -77.99
C5 OMG DC 448 -3.59 49.45 -79.14
C6 OMG DC 448 -2.41 50.22 -79.37
O6 OMG DC 448 -1.58 50.59 -78.57
N1 OMG DC 448 -2.29 50.54 -80.73
C2 OMG DC 448 -3.16 50.18 -81.71
N2 OMG DC 448 -2.87 50.58 -82.95
N3 OMG DC 448 -4.24 49.48 -81.50
C4 OMG DC 448 -4.41 49.15 -80.22
N1 OMC DC 456 2.22 27.01 -76.65
C2 OMC DC 456 1.01 27.14 -77.37
N3 OMC DC 456 1.01 27.94 -78.46
C4 OMC DC 456 2.10 28.55 -78.86
C5 OMC DC 456 3.33 28.43 -78.16
C6 OMC DC 456 3.32 27.65 -77.07
O2 OMC DC 456 0.01 26.56 -76.99
N4 OMC DC 456 2.02 29.32 -79.95
C1' OMC DC 456 2.30 26.15 -75.44
C2' OMC DC 456 2.38 24.66 -75.79
O2' OMC DC 456 1.71 23.93 -74.78
CM2 OMC DC 456 0.32 24.18 -74.73
C3' OMC DC 456 3.89 24.42 -75.71
C4' OMC DC 456 4.28 25.31 -74.54
O4' OMC DC 456 3.46 26.49 -74.72
O3' OMC DC 456 4.23 23.06 -75.54
C5' OMC DC 456 5.73 25.70 -74.46
O5' OMC DC 456 6.48 25.13 -75.53
P OMC DC 456 7.19 26.06 -76.60
OP1 OMC DC 456 6.15 26.46 -77.65
OP2 OMC DC 456 7.97 27.13 -75.86
P A2M DC 515 10.65 52.51 -94.05
OP1 A2M DC 515 12.02 52.24 -93.55
O5' A2M DC 515 9.94 51.09 -93.15
C5' A2M DC 515 10.67 49.96 -93.14
C4' A2M DC 515 11.38 49.84 -91.78
O4' A2M DC 515 10.55 50.40 -90.77
C3' A2M DC 515 11.69 48.40 -91.43
O3' A2M DC 515 12.94 48.11 -92.00
C2' A2M DC 515 11.50 48.37 -89.91
O2' A2M DC 515 12.59 48.87 -89.17
C1' A2M DC 515 10.31 49.36 -89.85
CM' A2M DC 515 12.25 48.97 -87.81
N9 A2M DC 515 9.03 48.80 -90.12
C8 A2M DC 515 8.02 49.13 -91.04
N7 A2M DC 515 6.96 48.31 -90.98
C5 A2M DC 515 7.30 47.42 -89.97
C6 A2M DC 515 6.67 46.33 -89.41
N6 A2M DC 515 5.42 45.92 -89.82
N1 A2M DC 515 7.23 45.59 -88.41
C2 A2M DC 515 8.46 46.00 -88.01
N3 A2M DC 515 9.21 47.02 -88.44
C4 A2M DC 515 8.58 47.70 -89.42
OP2 A2M DC 515 10.39 52.54 -95.53
P OMG DC 540 13.38 -9.47 -75.95
OP1 OMG DC 540 13.23 -9.91 -77.40
OP2 OMG DC 540 13.66 -8.01 -75.61
O5' OMG DC 540 12.06 -9.93 -75.17
C5' OMG DC 540 11.52 -11.22 -75.33
C4' OMG DC 540 10.35 -11.42 -74.41
O4' OMG DC 540 10.79 -11.17 -73.07
C3' OMG DC 540 9.19 -10.46 -74.63
O3' OMG DC 540 8.25 -10.99 -75.55
C2' OMG DC 540 8.59 -10.25 -73.23
O2' OMG DC 540 7.51 -11.15 -73.04
CM2 OMG DC 540 6.91 -11.12 -71.77
C1' OMG DC 540 9.73 -10.67 -72.30
N9 OMG DC 540 10.28 -9.56 -71.47
C8 OMG DC 540 11.57 -9.11 -71.59
N7 OMG DC 540 11.87 -8.19 -70.72
C5 OMG DC 540 10.73 -8.03 -69.98
C6 OMG DC 540 10.47 -7.16 -68.90
O6 OMG DC 540 11.22 -6.34 -68.37
N1 OMG DC 540 9.16 -7.31 -68.43
C2 OMG DC 540 8.25 -8.18 -68.93
N2 OMG DC 540 7.04 -8.20 -68.35
N3 OMG DC 540 8.49 -9.00 -69.93
C4 OMG DC 540 9.73 -8.89 -70.42
N1 OMU DC 566 33.97 -12.74 -59.66
C2 OMU DC 566 34.85 -11.59 -60.07
N3 OMU DC 566 35.40 -10.66 -59.04
C4 OMU DC 566 35.08 -10.88 -57.63
C5 OMU DC 566 34.21 -12.02 -57.23
C6 OMU DC 566 33.66 -12.95 -58.26
O2 OMU DC 566 35.11 -11.42 -61.25
O4 OMU DC 566 35.48 -10.18 -56.84
C1' OMU DC 566 33.43 -13.66 -60.66
C2' OMU DC 566 33.23 -15.09 -60.14
O2' OMU DC 566 34.39 -15.88 -60.33
CM2 OMU DC 566 34.64 -16.77 -59.28
C3' OMU DC 566 32.02 -15.55 -60.93
C4' OMU DC 566 31.19 -14.28 -60.97
O3' OMU DC 566 32.44 -15.87 -62.26
O4' OMU DC 566 32.14 -13.19 -61.03
C5' OMU DC 566 30.29 -14.07 -59.77
O5' OMU DC 566 29.63 -15.27 -59.37
P OMU DC 566 29.62 -15.72 -57.85
OP1 OMU DC 566 28.44 -16.64 -57.62
OP2 OMU DC 566 31.01 -16.19 -57.51
P OMG DC 583 9.05 18.66 -85.03
OP1 OMG DC 583 8.62 18.16 -86.39
OP2 OMG DC 583 8.39 19.92 -84.45
O5' OMG DC 583 8.82 17.48 -83.97
C5' OMG DC 583 8.91 16.13 -84.37
C4' OMG DC 583 10.11 15.44 -83.76
O4' OMG DC 583 11.12 16.41 -83.41
C3' OMG DC 583 9.85 14.70 -82.45
O3' OMG DC 583 9.25 13.44 -82.63
C2' OMG DC 583 11.25 14.63 -81.82
O2' OMG DC 583 11.96 13.51 -82.34
CM2 OMG DC 583 13.34 13.50 -82.06
C1' OMG DC 583 11.90 15.91 -82.35
N9 OMG DC 583 12.02 16.97 -81.32
C8 OMG DC 583 11.26 18.11 -81.24
N7 OMG DC 583 11.61 18.85 -80.23
C5 OMG DC 583 12.65 18.19 -79.63
C6 OMG DC 583 13.41 18.53 -78.49
O6 OMG DC 583 13.34 19.51 -77.78
N1 OMG DC 583 14.37 17.53 -78.23
C2 OMG DC 583 14.56 16.40 -78.95
N2 OMG DC 583 15.53 15.58 -78.54
N3 OMG DC 583 13.85 16.09 -80.01
C4 OMG DC 583 12.91 17.00 -80.30
N1 PSU DC 588 2.55 12.60 -65.90
C2 PSU DC 588 1.94 13.28 -66.93
N3 PSU DC 588 1.16 14.38 -66.66
C4 PSU DC 588 1.01 14.80 -65.36
C5 PSU DC 588 1.63 14.11 -64.32
C6 PSU DC 588 2.42 13.00 -64.62
O2 PSU DC 588 2.08 12.89 -68.09
O4 PSU DC 588 0.33 15.79 -65.12
C1' PSU DC 588 1.46 14.57 -62.91
C2' PSU DC 588 0.10 14.16 -62.35
O2' PSU DC 588 -0.37 15.19 -61.50
C3' PSU DC 588 0.46 12.91 -61.56
C4' PSU DC 588 1.83 13.27 -61.00
O3' PSU DC 588 -0.48 12.61 -60.55
O4' PSU DC 588 2.46 14.02 -62.07
C5' PSU DC 588 2.70 12.10 -60.61
O5' PSU DC 588 2.82 11.16 -61.67
P PSU DC 588 3.97 10.07 -61.66
OP1 PSU DC 588 3.84 9.30 -60.40
OP2 PSU DC 588 4.00 9.33 -62.94
N1 PSU DC 590 -4.43 11.18 -66.18
C2 PSU DC 590 -3.77 10.96 -67.37
N3 PSU DC 590 -4.26 11.49 -68.54
C4 PSU DC 590 -5.41 12.24 -68.53
C5 PSU DC 590 -6.08 12.45 -67.32
C6 PSU DC 590 -5.56 11.91 -66.15
O2 PSU DC 590 -2.73 10.29 -67.39
O4 PSU DC 590 -5.86 12.71 -69.56
C1' PSU DC 590 -7.34 13.27 -67.29
C2' PSU DC 590 -8.57 12.45 -67.67
O2' PSU DC 590 -9.48 13.31 -68.35
C3' PSU DC 590 -9.12 12.05 -66.31
C4' PSU DC 590 -8.81 13.26 -65.45
O3' PSU DC 590 -10.50 11.75 -66.33
O4' PSU DC 590 -7.55 13.76 -65.98
C5' PSU DC 590 -8.68 13.01 -63.97
O5' PSU DC 590 -7.65 12.07 -63.70
P PSU DC 590 -7.04 11.93 -62.24
OP1 PSU DC 590 -8.16 11.76 -61.28
OP2 PSU DC 590 -5.96 10.92 -62.29
P A2M DC 607 -16.01 -18.61 -50.93
OP1 A2M DC 607 -15.65 -18.64 -49.48
O5' A2M DC 607 -14.89 -17.69 -51.99
C5' A2M DC 607 -15.30 -17.49 -53.25
C4' A2M DC 607 -14.18 -16.90 -54.07
O4' A2M DC 607 -14.43 -17.22 -55.40
C3' A2M DC 607 -14.17 -15.40 -53.90
O3' A2M DC 607 -13.41 -15.13 -52.76
C2' A2M DC 607 -13.68 -14.90 -55.26
O2' A2M DC 607 -12.31 -14.64 -55.29
C1' A2M DC 607 -14.00 -16.13 -56.16
CM' A2M DC 607 -11.87 -14.52 -56.62
N9 A2M DC 607 -14.90 -15.91 -57.25
C8 A2M DC 607 -16.13 -15.26 -57.35
N7 A2M DC 607 -16.64 -15.28 -58.60
C5 A2M DC 607 -15.68 -15.98 -59.32
C6 A2M DC 607 -15.56 -16.37 -60.65
N6 A2M DC 607 -16.53 -16.07 -61.57
N1 A2M DC 607 -14.51 -17.07 -61.11
C2 A2M DC 607 -13.56 -17.38 -60.19
N3 A2M DC 607 -13.50 -17.08 -58.88
C4 A2M DC 607 -14.60 -16.38 -58.50
OP2 A2M DC 607 -17.18 -17.77 -51.37
N1 PSU DC 620 -44.18 2.32 -57.09
C2 PSU DC 620 -44.75 1.06 -56.94
N3 PSU DC 620 -44.19 -0.02 -57.58
C4 PSU DC 620 -43.08 0.14 -58.38
C5 PSU DC 620 -42.52 1.42 -58.54
C6 PSU DC 620 -43.10 2.49 -57.87
O2 PSU DC 620 -45.74 0.91 -56.23
O4 PSU DC 620 -42.60 -0.83 -58.95
C1' PSU DC 620 -41.31 1.64 -59.38
C2' PSU DC 620 -41.58 1.50 -60.88
O2' PSU DC 620 -40.43 0.91 -61.48
C3' PSU DC 620 -41.73 2.95 -61.30
C4' PSU DC 620 -40.73 3.67 -60.41
O3' PSU DC 620 -41.46 3.16 -62.68
O4' PSU DC 620 -40.80 2.94 -59.16
C5' PSU DC 620 -41.01 5.12 -60.18
O5' PSU DC 620 -42.33 5.33 -59.69
P PSU DC 620 -42.73 6.70 -58.99
OP1 PSU DC 620 -42.50 7.79 -59.96
OP2 PSU DC 620 -44.07 6.57 -58.37
P OMG DC 622 -45.60 -0.41 -66.88
OP1 OMG DC 622 -45.03 -0.28 -68.28
OP2 OMG DC 622 -46.14 0.84 -66.16
O5' OMG DC 622 -46.76 -1.49 -66.91
C5' OMG DC 622 -47.81 -1.45 -65.95
C4' OMG DC 622 -48.23 -2.83 -65.53
O4' OMG DC 622 -47.85 -3.05 -64.15
C3' OMG DC 622 -49.74 -3.10 -65.58
O3' OMG DC 622 -50.12 -3.74 -66.78
C2' OMG DC 622 -50.02 -3.93 -64.33
O2' OMG DC 622 -49.75 -5.30 -64.57
CM2 OMG DC 622 -50.24 -6.14 -63.56
C1' OMG DC 622 -48.96 -3.39 -63.38
N9 OMG DC 622 -49.40 -2.20 -62.63
C8 OMG DC 622 -48.82 -0.95 -62.67
N7 OMG DC 622 -49.41 -0.09 -61.91
C5 OMG DC 622 -50.43 -0.79 -61.32
C6 OMG DC 622 -51.41 -0.38 -60.39
O6 OMG DC 622 -51.57 0.73 -59.89
N1 OMG DC 622 -52.26 -1.43 -60.06
C2 OMG DC 622 -52.19 -2.70 -60.55
N2 OMG DC 622 -53.10 -3.58 -60.11
N3 OMG DC 622 -51.28 -3.08 -61.41
C4 OMG DC 622 -50.44 -2.10 -61.77
N1 PSU DC 625 -58.55 -4.12 -71.80
C2 PSU DC 625 -59.28 -3.33 -70.93
N3 PSU DC 625 -60.65 -3.41 -70.92
C4 PSU DC 625 -61.30 -4.26 -71.77
C5 PSU DC 625 -60.56 -5.05 -72.65
C6 PSU DC 625 -59.18 -4.97 -72.64
O2 PSU DC 625 -58.69 -2.56 -70.17
O4 PSU DC 625 -62.53 -4.32 -71.75
C1' PSU DC 625 -61.26 -6.01 -73.58
C2' PSU DC 625 -61.86 -5.29 -74.79
O2' PSU DC 625 -63.06 -5.94 -75.15
C3' PSU DC 625 -60.78 -5.52 -75.84
C4' PSU DC 625 -60.27 -6.92 -75.49
O3' PSU DC 625 -61.26 -5.44 -77.17
O4' PSU DC 625 -60.35 -6.97 -74.05
C5' PSU DC 625 -58.87 -7.22 -75.95
O5' PSU DC 625 -57.94 -6.31 -75.40
P PSU DC 625 -56.38 -6.64 -75.38
OP1 PSU DC 625 -55.95 -6.89 -76.77
OP2 PSU DC 625 -55.70 -5.59 -74.59
N1 OMU DC 670 -61.25 13.19 -72.92
C2 OMU DC 670 -60.36 12.68 -71.81
N3 OMU DC 670 -59.63 11.39 -71.96
C4 OMU DC 670 -59.78 10.62 -73.18
C5 OMU DC 670 -60.67 11.12 -74.27
C6 OMU DC 670 -61.39 12.39 -74.11
O2 OMU DC 670 -60.22 13.33 -70.77
O4 OMU DC 670 -59.23 9.63 -73.30
C1' OMU DC 670 -62.00 14.46 -72.79
C2' OMU DC 670 -61.11 15.70 -72.79
O2' OMU DC 670 -61.66 16.64 -71.88
CM2 OMU DC 670 -61.46 16.33 -70.54
C3' OMU DC 670 -61.26 16.19 -74.22
C4' OMU DC 670 -62.69 15.82 -74.56
O3' OMU DC 670 -61.00 17.58 -74.37
O4' OMU DC 670 -62.89 14.56 -73.88
C5' OMU DC 670 -63.00 15.67 -76.03
O5' OMU DC 670 -64.09 14.79 -76.24
P OMU DC 670 -64.31 14.10 -77.67
OP1 OMU DC 670 -64.23 15.18 -78.70
OP2 OMU DC 670 -63.40 12.90 -77.76
N1 PSU DC 672 -54.09 12.95 -74.62
C2 PSU DC 672 -53.63 11.66 -74.80
N3 PSU DC 672 -52.74 11.11 -73.90
C4 PSU DC 672 -52.32 11.84 -72.82
C5 PSU DC 672 -52.79 13.14 -72.63
C6 PSU DC 672 -53.68 13.67 -73.56
O2 PSU DC 672 -54.01 11.00 -75.76
O4 PSU DC 672 -51.52 11.32 -72.04
C1' PSU DC 672 -52.37 14.00 -71.48
C2' PSU DC 672 -50.87 14.28 -71.56
O2' PSU DC 672 -50.39 14.55 -70.24
C3' PSU DC 672 -50.86 15.55 -72.40
C4' PSU DC 672 -52.08 16.30 -71.87
O3' PSU DC 672 -49.66 16.30 -72.29
O4' PSU DC 672 -53.03 15.24 -71.58
C5' PSU DC 672 -52.68 17.29 -72.83
O5' PSU DC 672 -53.21 18.41 -72.14
P PSU DC 672 -54.30 19.34 -72.83
OP1 PSU DC 672 -53.88 20.74 -72.66
OP2 PSU DC 672 -54.57 18.80 -74.18
N1 PSU DC 685 -19.04 27.65 -85.06
C2 PSU DC 685 -20.04 27.00 -84.38
N3 PSU DC 685 -19.74 26.26 -83.26
C4 PSU DC 685 -18.44 26.18 -82.83
C5 PSU DC 685 -17.43 26.83 -83.52
C6 PSU DC 685 -17.75 27.58 -84.64
O2 PSU DC 685 -21.21 27.08 -84.77
O4 PSU DC 685 -18.18 25.52 -81.82
C1' PSU DC 685 -16.01 26.75 -83.05
C2' PSU DC 685 -15.38 25.40 -83.42
O2' PSU DC 685 -14.43 25.07 -82.42
C3' PSU DC 685 -14.68 25.74 -84.72
C4' PSU DC 685 -14.20 27.15 -84.49
O3' PSU DC 685 -13.64 24.84 -85.05
O4' PSU DC 685 -15.23 27.76 -83.68
C5' PSU DC 685 -13.97 27.98 -85.72
O5' PSU DC 685 -15.10 27.94 -86.58
P PSU DC 685 -15.36 29.11 -87.64
OP1 PSU DC 685 -14.19 29.16 -88.56
OP2 PSU DC 685 -16.72 28.97 -88.21
N1 PSU DC 734 -51.96 4.59 -78.68
C2 PSU DC 734 -51.40 5.79 -78.28
N3 PSU DC 734 -50.14 5.81 -77.72
C4 PSU DC 734 -49.45 4.64 -77.56
C5 PSU DC 734 -50.01 3.43 -77.97
C6 PSU DC 734 -51.28 3.43 -78.53
O2 PSU DC 734 -52.03 6.84 -78.43
O4 PSU DC 734 -48.33 4.66 -77.06
C1' PSU DC 734 -49.25 2.15 -77.80
C2' PSU DC 734 -49.31 1.65 -76.34
O2' PSU DC 734 -48.07 1.03 -76.04
C3' PSU DC 734 -50.42 0.63 -76.42
C4' PSU DC 734 -50.24 0.02 -77.80
O3' PSU DC 734 -50.38 -0.35 -75.39
O4' PSU DC 734 -49.80 1.14 -78.61
C5' PSU DC 734 -51.47 -0.60 -78.41
O5' PSU DC 734 -52.57 0.28 -78.33
P PSU DC 734 -53.87 0.03 -79.22
OP1 PSU DC 734 -54.41 -1.31 -78.91
OP2 PSU DC 734 -54.74 1.21 -79.09
N1 PSU DC 737 -57.10 6.76 -70.03
C2 PSU DC 737 -57.60 7.33 -71.18
N3 PSU DC 737 -57.92 8.67 -71.21
C4 PSU DC 737 -57.73 9.44 -70.08
C5 PSU DC 737 -57.22 8.86 -68.93
C6 PSU DC 737 -56.90 7.51 -68.92
O2 PSU DC 737 -57.77 6.64 -72.17
O4 PSU DC 737 -58.01 10.64 -70.10
C1' PSU DC 737 -57.01 9.70 -67.70
C2' PSU DC 737 -58.34 9.87 -66.95
O2' PSU DC 737 -58.34 11.16 -66.36
C3' PSU DC 737 -58.22 8.79 -65.88
C4' PSU DC 737 -56.74 8.80 -65.55
O3' PSU DC 737 -59.04 9.02 -64.76
O4' PSU DC 737 -56.10 9.07 -66.82
C5' PSU DC 737 -56.19 7.51 -64.97
O5' PSU DC 737 -56.51 6.40 -65.77
P PSU DC 737 -55.74 5.02 -65.60
OP1 PSU DC 737 -55.91 4.57 -64.20
OP2 PSU DC 737 -56.14 4.12 -66.71
P OMG DC 738 -59.64 7.77 -63.93
OP1 OMG DC 738 -58.88 7.68 -62.61
OP2 OMG DC 738 -59.68 6.57 -64.86
O5' OMG DC 738 -61.14 8.20 -63.61
C5' OMG DC 738 -62.17 7.97 -64.56
C4' OMG DC 738 -62.83 9.26 -64.99
O4' OMG DC 738 -61.96 9.94 -65.93
C3' OMG DC 738 -64.16 9.10 -65.71
O3' OMG DC 738 -65.26 9.21 -64.82
C2' OMG DC 738 -64.15 10.17 -66.79
O2' OMG DC 738 -64.60 11.42 -66.28
CM2 OMG DC 738 -64.60 12.46 -67.22
C1' OMG DC 738 -62.67 10.30 -67.10
N9 OMG DC 738 -62.20 9.45 -68.20
C8 OMG DC 738 -61.41 8.32 -68.12
N7 OMG DC 738 -61.12 7.83 -69.29
C5 OMG DC 738 -61.72 8.68 -70.18
C6 OMG DC 738 -61.76 8.64 -71.60
O6 OMG DC 738 -61.24 7.84 -72.36
N1 OMG DC 738 -62.51 9.72 -72.10
C2 OMG DC 738 -63.11 10.69 -71.35
N2 OMG DC 738 -63.79 11.63 -72.03
N3 OMG DC 738 -63.09 10.71 -70.05
C4 OMG DC 738 -62.39 9.69 -69.52
N1 PSU DC 837 -10.80 -42.40 -5.20
C2 PSU DC 837 -11.41 -43.62 -5.39
N3 PSU DC 837 -12.77 -43.73 -5.36
C4 PSU DC 837 -13.55 -42.60 -5.16
C5 PSU DC 837 -12.92 -41.37 -4.96
C6 PSU DC 837 -11.54 -41.30 -4.99
O2 PSU DC 837 -10.72 -44.62 -5.58
O4 PSU DC 837 -14.77 -42.72 -5.13
C1' PSU DC 837 -13.72 -40.11 -4.74
C2' PSU DC 837 -14.49 -40.13 -3.42
O2' PSU DC 837 -15.73 -39.47 -3.62
C3' PSU DC 837 -13.58 -39.31 -2.51
C4' PSU DC 837 -12.99 -38.28 -3.46
O3' PSU DC 837 -14.27 -38.72 -1.42
O4' PSU DC 837 -12.85 -39.00 -4.71
C5' PSU DC 837 -11.68 -37.68 -3.05
O5' PSU DC 837 -10.66 -38.66 -2.96
P PSU DC 837 -9.22 -38.29 -2.38
OP1 PSU DC 837 -9.46 -37.20 -1.40
OP2 PSU DC 837 -8.55 -39.54 -1.95
N1 PSU DC 875 -53.88 -34.42 -25.09
C2 PSU DC 875 -53.74 -33.29 -24.32
N3 PSU DC 875 -54.64 -33.01 -23.33
C4 PSU DC 875 -55.70 -33.86 -23.10
C5 PSU DC 875 -55.86 -34.99 -23.89
C6 PSU DC 875 -54.93 -35.26 -24.89
O2 PSU DC 875 -52.79 -32.54 -24.51
O4 PSU DC 875 -56.52 -33.60 -22.22
C1' PSU DC 875 -57.01 -35.92 -23.66
C2' PSU DC 875 -58.29 -35.37 -24.29
O2' PSU DC 875 -59.39 -35.75 -23.49
C3' PSU DC 875 -58.31 -36.09 -25.62
C4' PSU DC 875 -57.76 -37.46 -25.26
O3' PSU DC 875 -59.59 -36.14 -26.22
O4' PSU DC 875 -56.76 -37.19 -24.25
C5' PSU DC 875 -57.13 -38.23 -26.39
O5' PSU DC 875 -56.11 -37.47 -27.03
P PSU DC 875 -55.10 -38.17 -28.04
OP1 PSU DC 875 -55.85 -38.96 -29.02
OP2 PSU DC 875 -54.16 -37.13 -28.52
P A2M DC 902 -41.88 -3.62 -33.00
OP1 A2M DC 902 -41.87 -3.27 -31.54
O5' A2M DC 902 -42.54 -5.27 -33.40
C5' A2M DC 902 -43.84 -5.47 -33.11
C4' A2M DC 902 -44.30 -6.80 -33.68
O4' A2M DC 902 -44.31 -6.74 -35.08
C3' A2M DC 902 -43.36 -7.94 -33.28
O3' A2M DC 902 -43.62 -8.24 -31.94
C2' A2M DC 902 -43.65 -8.95 -34.37
O2' A2M DC 902 -44.87 -9.62 -34.21
C1' A2M DC 902 -43.74 -7.96 -35.54
CM' A2M DC 902 -45.08 -10.51 -35.28
N9 A2M DC 902 -42.51 -7.68 -36.22
C8 A2M DC 902 -41.69 -6.55 -36.30
N7 A2M DC 902 -40.59 -6.74 -37.06
C5 A2M DC 902 -40.71 -8.06 -37.47
C6 A2M DC 902 -39.95 -8.90 -38.25
N6 A2M DC 902 -38.77 -8.48 -38.83
N1 A2M DC 902 -40.30 -10.19 -38.52
C2 A2M DC 902 -41.46 -10.60 -37.95
N3 A2M DC 902 -42.31 -9.94 -37.17
C4 A2M DC 902 -41.90 -8.67 -36.96
OP2 A2M DC 902 -40.57 -3.91 -33.68
N1 PSU DC 916 -32.71 -30.42 -11.99
C2 PSU DC 916 -32.58 -30.51 -13.36
N3 PSU DC 916 -32.49 -31.74 -13.97
C4 PSU DC 916 -32.54 -32.89 -13.21
C5 PSU DC 916 -32.67 -32.79 -11.83
C6 PSU DC 916 -32.76 -31.54 -11.24
O2 PSU DC 916 -32.53 -29.49 -14.04
O4 PSU DC 916 -32.46 -33.98 -13.76
C1' PSU DC 916 -32.73 -34.02 -10.97
C2' PSU DC 916 -31.35 -34.67 -10.88
O2' PSU DC 916 -31.52 -36.07 -10.81
C3' PSU DC 916 -30.85 -34.12 -9.55
C4' PSU DC 916 -32.11 -34.06 -8.71
O3' PSU DC 916 -29.82 -34.91 -8.97
O4' PSU DC 916 -33.15 -33.70 -9.66
C5' PSU DC 916 -32.11 -33.10 -7.55
O5' PSU DC 916 -31.00 -32.21 -7.62
P PSU DC 916 -31.11 -30.74 -7.00
OP1 PSU DC 916 -32.16 -30.78 -5.95
OP2 PSU DC 916 -29.77 -30.26 -6.64
N1 PSU DC 917 -29.38 -31.17 -12.68
C2 PSU DC 917 -29.33 -30.27 -13.72
N3 PSU DC 917 -29.19 -30.73 -15.00
C4 PSU DC 917 -29.08 -32.08 -15.25
C5 PSU DC 917 -29.11 -32.98 -14.18
C6 PSU DC 917 -29.27 -32.49 -12.89
O2 PSU DC 917 -29.43 -29.06 -13.51
O4 PSU DC 917 -28.95 -32.47 -16.41
C1' PSU DC 917 -29.01 -34.47 -14.41
C2' PSU DC 917 -27.63 -34.92 -14.88
O2' PSU DC 917 -27.78 -36.00 -15.78
C3' PSU DC 917 -27.00 -35.39 -13.58
C4' PSU DC 917 -28.18 -36.00 -12.84
O3' PSU DC 917 -25.94 -36.30 -13.77
O4' PSU DC 917 -29.30 -35.16 -13.21
C5' PSU DC 917 -28.07 -36.05 -11.34
O5' PSU DC 917 -28.07 -34.75 -10.77
P PSU DC 917 -28.28 -34.55 -9.21
OP1 PSU DC 917 -27.44 -35.58 -8.58
OP2 PSU DC 917 -28.08 -33.11 -8.89
N1 PSU DC 927 -0.53 -35.65 -15.57
C2 PSU DC 927 -0.44 -34.35 -16.00
N3 PSU DC 927 -0.35 -34.07 -17.34
C4 PSU DC 927 -0.36 -35.10 -18.26
C5 PSU DC 927 -0.44 -36.42 -17.82
C6 PSU DC 927 -0.54 -36.67 -16.46
O2 PSU DC 927 -0.43 -33.44 -15.19
O4 PSU DC 927 -0.28 -34.83 -19.46
C1' PSU DC 927 -0.48 -37.57 -18.78
C2' PSU DC 927 0.82 -37.85 -19.52
O2' PSU DC 927 0.51 -38.28 -20.83
C3' PSU DC 927 1.40 -39.00 -18.71
C4' PSU DC 927 0.17 -39.76 -18.26
O3' PSU DC 927 2.29 -39.82 -19.46
O4' PSU DC 927 -0.83 -38.73 -18.06
C5' PSU DC 927 0.34 -40.54 -16.99
O5' PSU DC 927 0.97 -39.76 -15.99
P PSU DC 927 0.71 -40.04 -14.44
OP1 PSU DC 927 1.33 -41.33 -14.10
OP2 PSU DC 927 1.10 -38.82 -13.71
N1 PSU DC 952 -30.26 -12.49 -33.71
C2 PSU DC 952 -30.51 -13.52 -32.81
N3 PSU DC 952 -29.57 -13.85 -31.86
C4 PSU DC 952 -28.38 -13.17 -31.81
C5 PSU DC 952 -28.13 -12.15 -32.72
C6 PSU DC 952 -29.09 -11.82 -33.66
O2 PSU DC 952 -31.57 -14.13 -32.85
O4 PSU DC 952 -27.54 -13.46 -30.96
C1' PSU DC 952 -26.83 -11.40 -32.65
C2' PSU DC 952 -25.74 -12.10 -33.44
O2' PSU DC 952 -24.51 -11.94 -32.75
C3' PSU DC 952 -25.74 -11.31 -34.74
C4' PSU DC 952 -26.07 -9.90 -34.28
O3' PSU DC 952 -24.51 -11.38 -35.44
O4' PSU DC 952 -26.99 -10.10 -33.19
C5' PSU DC 952 -26.70 -9.01 -35.32
O5' PSU DC 952 -27.98 -9.49 -35.71
P PSU DC 952 -29.28 -8.65 -35.37
OP1 PSU DC 952 -29.07 -7.25 -35.79
OP2 PSU DC 952 -30.48 -9.38 -35.87
N1 PSU DC 1045 -15.36 4.99 -34.58
C2 PSU DC 1045 -16.33 4.88 -35.56
N3 PSU DC 1045 -16.67 5.98 -36.32
C4 PSU DC 1045 -16.04 7.18 -36.09
C5 PSU DC 1045 -15.07 7.29 -35.10
C6 PSU DC 1045 -14.74 6.17 -34.35
O2 PSU DC 1045 -16.88 3.80 -35.76
O4 PSU DC 1045 -16.35 8.16 -36.78
C1' PSU DC 1045 -14.39 8.60 -34.85
C2' PSU DC 1045 -15.30 9.51 -34.01
O2' PSU DC 1045 -15.04 10.86 -34.37
C3' PSU DC 1045 -14.77 9.23 -32.60
C4' PSU DC 1045 -13.29 9.07 -32.84
O3' PSU DC 1045 -15.09 10.24 -31.67
O4' PSU DC 1045 -13.20 8.41 -34.13
C5' PSU DC 1045 -12.55 8.27 -31.80
O5' PSU DC 1045 -13.19 7.03 -31.57
P PSU DC 1045 -12.43 5.85 -30.80
OP1 PSU DC 1045 -11.91 6.43 -29.56
OP2 PSU DC 1045 -13.31 4.67 -30.76
N1 PSU DC 1048 -24.93 6.67 -30.69
C2 PSU DC 1048 -24.42 5.39 -30.67
N3 PSU DC 1048 -25.12 4.35 -31.22
C4 PSU DC 1048 -26.36 4.59 -31.78
C5 PSU DC 1048 -26.88 5.87 -31.79
C6 PSU DC 1048 -26.14 6.91 -31.23
O2 PSU DC 1048 -23.31 5.19 -30.17
O4 PSU DC 1048 -27.00 3.66 -32.27
C1' PSU DC 1048 -28.22 6.15 -32.40
C2' PSU DC 1048 -29.33 5.77 -31.40
O2' PSU DC 1048 -30.46 5.32 -32.14
C3' PSU DC 1048 -29.60 7.10 -30.75
C4' PSU DC 1048 -29.46 8.08 -31.91
O3' PSU DC 1048 -30.87 7.18 -30.12
O4' PSU DC 1048 -28.37 7.52 -32.70
C5' PSU DC 1048 -29.12 9.50 -31.54
O5' PSU DC 1048 -28.01 9.56 -30.66
P PSU DC 1048 -27.25 10.93 -30.41
OP1 PSU DC 1048 -28.22 11.96 -30.00
OP2 PSU DC 1048 -26.07 10.65 -29.54
N1 PSU DC 1103 43.20 -49.11 -35.43
C2 PSU DC 1103 41.95 -48.67 -35.07
N3 PSU DC 1103 40.92 -48.65 -35.99
C4 PSU DC 1103 41.15 -49.07 -37.28
C5 PSU DC 1103 42.41 -49.51 -37.65
C6 PSU DC 1103 43.44 -49.53 -36.70
O2 PSU DC 1103 41.74 -48.30 -33.91
O4 PSU DC 1103 40.23 -49.04 -38.10
C1' PSU DC 1103 42.68 -49.96 -39.05
C2' PSU DC 1103 42.81 -48.74 -39.96
O2' PSU DC 1103 42.35 -49.09 -41.26
C3' PSU DC 1103 44.32 -48.54 -39.96
C4' PSU DC 1103 44.84 -49.96 -39.96
O3' PSU DC 1103 44.79 -47.77 -41.06
O4' PSU DC 1103 43.90 -50.68 -39.12
C5' PSU DC 1103 46.24 -50.15 -39.45
O5' PSU DC 1103 46.39 -49.60 -38.16
P PSU DC 1103 47.73 -49.81 -37.32
OP1 PSU DC 1103 48.83 -49.63 -38.29
OP2 PSU DC 1103 47.65 -49.00 -36.09
N1 PSU DC 1115 43.69 -36.30 -45.91
C2 PSU DC 1115 43.25 -37.57 -46.25
N3 PSU DC 1115 42.73 -37.81 -47.49
C4 PSU DC 1115 42.63 -36.78 -48.41
C5 PSU DC 1115 43.06 -35.51 -48.06
C6 PSU DC 1115 43.60 -35.29 -46.80
O2 PSU DC 1115 43.34 -38.49 -45.43
O4 PSU DC 1115 42.16 -37.00 -49.53
C1' PSU DC 1115 42.96 -34.39 -49.05
C2' PSU DC 1115 41.52 -33.88 -49.11
O2' PSU DC 1115 41.27 -33.40 -50.43
C3' PSU DC 1115 41.57 -32.71 -48.12
C4' PSU DC 1115 42.96 -32.14 -48.37
O3' PSU DC 1115 40.54 -31.77 -48.29
O4' PSU DC 1115 43.78 -33.31 -48.65
C5' PSU DC 1115 43.56 -31.37 -47.23
O5' PSU DC 1115 43.82 -32.21 -46.12
P PSU DC 1115 44.76 -31.72 -44.93
OP1 PSU DC 1115 44.27 -30.38 -44.57
OP2 PSU DC 1115 44.79 -32.79 -43.91
O5' B8N DC 1119 24.74 -38.68 -42.78
C5' B8N DC 1119 25.48 -39.88 -42.65
C4' B8N DC 1119 24.56 -41.06 -42.44
O4' B8N DC 1119 23.24 -40.58 -42.17
C3' B8N DC 1119 24.39 -41.98 -43.64
O3' B8N DC 1119 25.42 -42.94 -43.72
C2' B8N DC 1119 23.01 -42.59 -43.42
O2' B8N DC 1119 23.11 -43.76 -42.63
C1' B8N DC 1119 22.28 -41.53 -42.60
C5 B8N DC 1119 21.14 -40.75 -43.37
C6 B8N DC 1119 21.49 -39.52 -43.99
N1 B8N DC 1119 20.31 -38.80 -44.70
C2 B8N DC 1119 18.88 -39.44 -44.66
N3 B8N DC 1119 18.64 -40.65 -44.00
C4 B8N DC 1119 19.59 -41.25 -43.42
C34 B8N DC 1119 14.46 -41.33 -44.20
CN1 B8N DC 1119 20.54 -37.52 -45.40
N34 B8N DC 1119 14.25 -40.76 -41.85
O2 B8N DC 1119 17.98 -38.87 -45.21
O4 B8N DC 1119 19.30 -42.28 -42.89
OP1 B8N DC 1119 25.22 -37.88 -45.12
OP2 B8N DC 1119 24.59 -36.21 -43.22
P B8N DC 1119 25.29 -37.47 -43.66
C31 B8N DC 1119 17.28 -41.23 -43.99
C32 B8N DC 1119 16.44 -40.64 -42.87
C33 B8N DC 1119 15.11 -41.38 -42.82
O36 B8N DC 1119 14.22 -40.22 -44.75
O35 B8N DC 1119 14.17 -42.40 -44.80
N1 OMC DC 1143 66.69 -27.41 -62.80
C2 OMC DC 1143 65.35 -27.83 -62.90
N3 OMC DC 1143 64.44 -27.20 -62.12
C4 OMC DC 1143 64.78 -26.24 -61.29
C5 OMC DC 1143 66.13 -25.80 -61.15
C6 OMC DC 1143 67.03 -26.43 -61.93
O2 OMC DC 1143 65.03 -28.72 -63.66
N4 OMC DC 1143 63.84 -25.68 -60.55
C1' OMC DC 1143 67.80 -28.01 -63.58
C2' OMC DC 1143 67.70 -27.70 -65.08
O2' OMC DC 1143 68.02 -28.88 -65.81
CM2 OMC DC 1143 66.89 -29.60 -66.22
C3' OMC DC 1143 68.79 -26.64 -65.26
C4' OMC DC 1143 69.82 -27.04 -64.22
O4' OMC DC 1143 69.02 -27.50 -63.10
O3' OMC DC 1143 69.34 -26.60 -66.56
C5' OMC DC 1143 70.76 -25.94 -63.78
O5' OMC DC 1143 70.94 -25.95 -62.37
P OMC DC 1143 70.80 -24.61 -61.53
OP1 OMC DC 1143 71.96 -23.71 -61.88
OP2 OMC DC 1143 69.37 -24.11 -61.68
N1 OMU DC 1159 78.56 -19.68 -75.05
C2 OMU DC 1159 79.45 -20.80 -75.53
N3 OMU DC 1159 80.94 -20.72 -75.32
C4 OMU DC 1159 81.50 -19.55 -74.65
C5 OMU DC 1159 80.59 -18.45 -74.17
C6 OMU DC 1159 79.13 -18.55 -74.39
O2 OMU DC 1159 78.98 -21.78 -76.09
O4 OMU DC 1159 82.62 -19.47 -74.48
C1' OMU DC 1159 77.10 -19.80 -75.27
C2' OMU DC 1159 76.44 -20.69 -74.21
O2' OMU DC 1159 75.36 -21.37 -74.81
CM2 OMU DC 1159 75.75 -22.41 -75.66
C3' OMU DC 1159 75.94 -19.64 -73.22
C4' OMU DC 1159 75.51 -18.51 -74.14
O3' OMU DC 1159 74.91 -20.11 -72.37
O4' OMU DC 1159 76.52 -18.51 -75.18
C5' OMU DC 1159 75.43 -17.14 -73.51
O5' OMU DC 1159 76.32 -16.22 -74.13
P OMU DC 1159 75.86 -14.74 -74.49
OP1 OMU DC 1159 74.71 -14.39 -73.60
OP2 OMU DC 1159 77.09 -13.86 -74.50
N1 OMU DC 1197 47.43 -36.40 -58.09
C2 OMU DC 1197 47.36 -37.43 -56.99
N3 OMU DC 1197 47.20 -38.88 -57.34
C4 OMU DC 1197 47.11 -39.28 -58.73
C5 OMU DC 1197 47.18 -38.25 -59.81
C6 OMU DC 1197 47.35 -36.81 -59.47
O2 OMU DC 1197 47.44 -37.09 -55.82
O4 OMU DC 1197 46.99 -40.38 -59.00
C1' OMU DC 1197 47.59 -34.98 -57.77
C2' OMU DC 1197 48.94 -34.40 -58.13
O2' OMU DC 1197 49.92 -34.66 -57.14
CM2 OMU DC 1197 51.20 -34.28 -57.50
C3' OMU DC 1197 48.61 -32.93 -58.32
C4' OMU DC 1197 47.20 -32.97 -58.90
O3' OMU DC 1197 48.58 -32.27 -57.05
O4' OMU DC 1197 46.64 -34.26 -58.52
C5' OMU DC 1197 47.09 -32.80 -60.40
O5' OMU DC 1197 47.96 -33.68 -61.10
P OMU DC 1197 48.77 -33.17 -62.36
OP1 OMU DC 1197 49.78 -34.24 -62.73
OP2 OMU DC 1197 47.78 -32.73 -63.39
P OMG DC 1199 43.32 -29.09 -55.88
OP1 OMG DC 1199 43.20 -29.72 -54.50
OP2 OMG DC 1199 43.26 -29.98 -57.12
O5' OMG DC 1199 42.19 -27.98 -56.03
C5' OMG DC 1199 42.25 -26.80 -55.24
C4' OMG DC 1199 41.40 -25.71 -55.84
O4' OMG DC 1199 42.05 -25.18 -57.01
C3' OMG DC 1199 40.04 -26.15 -56.35
O3' OMG DC 1199 39.08 -26.24 -55.31
C2' OMG DC 1199 39.70 -25.07 -57.39
O2' OMG DC 1199 39.11 -23.94 -56.75
CM2 OMG DC 1199 38.82 -22.87 -57.62
C1' OMG DC 1199 41.08 -24.68 -57.91
N9 OMG DC 1199 41.38 -25.21 -59.25
C8 OMG DC 1199 42.27 -26.20 -59.57
N7 OMG DC 1199 42.33 -26.43 -60.84
C5 OMG DC 1199 41.46 -25.55 -61.41
C6 OMG DC 1199 41.11 -25.34 -62.77
O6 OMG DC 1199 41.52 -25.91 -63.76
N1 OMG DC 1199 40.16 -24.32 -62.89
C2 OMG DC 1199 39.61 -23.61 -61.86
N2 OMG DC 1199 38.73 -22.67 -62.18
N3 OMG DC 1199 39.95 -23.80 -60.61
C4 OMG DC 1199 40.85 -24.78 -60.44
P 4AC DC 1208 29.52 -48.00 -65.13
OP1 4AC DC 1208 29.63 -49.42 -65.66
OP2 4AC DC 1208 28.50 -47.06 -65.73
O5' 4AC DC 1208 29.25 -48.08 -63.55
C5' 4AC DC 1208 30.27 -48.49 -62.66
C4' 4AC DC 1208 30.18 -47.73 -61.36
O4' 4AC DC 1208 30.43 -46.32 -61.61
C3' 4AC DC 1208 28.82 -47.75 -60.68
O3' 4AC DC 1208 28.60 -48.93 -59.92
C2' 4AC DC 1208 28.84 -46.48 -59.86
O2' 4AC DC 1208 29.61 -46.65 -58.68
C1' 4AC DC 1208 29.59 -45.53 -60.79
N1 4AC DC 1208 28.67 -44.76 -61.65
C2 4AC DC 1208 28.08 -43.60 -61.14
O2 4AC DC 1208 28.33 -43.27 -59.97
N3 4AC DC 1208 27.24 -42.89 -61.93
C4 4AC DC 1208 27.00 -43.28 -63.17
N4 4AC DC 1208 26.12 -42.48 -63.93
C5 4AC DC 1208 27.59 -44.43 -63.73
C6 4AC DC 1208 28.42 -45.14 -62.94
C7 4AC DC 1208 25.44 -41.37 -63.59
O7 4AC DC 1208 25.49 -40.85 -62.48
CM7 4AC DC 1208 24.61 -40.77 -64.69
N1 PSU DC 1238 -5.02 -62.12 -58.57
C2 PSU DC 1238 -4.19 -61.26 -59.26
N3 PSU DC 1238 -3.22 -61.75 -60.11
C4 PSU DC 1238 -3.09 -63.11 -60.27
C5 PSU DC 1238 -3.91 -63.98 -59.56
C6 PSU DC 1238 -4.87 -63.46 -58.72
O2 PSU DC 1238 -4.33 -60.05 -59.13
O4 PSU DC 1238 -2.22 -63.55 -61.03
C1' PSU DC 1238 -3.79 -65.47 -59.71
C2' PSU DC 1238 -2.56 -66.02 -58.99
O2' PSU DC 1238 -2.06 -67.13 -59.72
C3' PSU DC 1238 -3.15 -66.49 -57.67
C4' PSU DC 1238 -4.55 -66.96 -58.07
O3' PSU DC 1238 -2.40 -67.49 -57.04
O4' PSU DC 1238 -4.92 -66.07 -59.15
C5' PSU DC 1238 -5.59 -66.93 -56.99
O5' PSU DC 1238 -5.67 -65.64 -56.39
P PSU DC 1238 -6.81 -65.29 -55.34
OP1 PSU DC 1238 -6.77 -66.30 -54.26
OP2 PSU DC 1238 -6.68 -63.85 -54.99
P A2M DC 1254 5.36 -55.54 -79.48
OP1 A2M DC 1254 5.85 -56.67 -80.33
O5' A2M DC 1254 6.64 -54.54 -78.70
C5' A2M DC 1254 7.19 -53.60 -79.48
C4' A2M DC 1254 7.87 -52.55 -78.62
O4' A2M DC 1254 6.94 -51.54 -78.29
C3' A2M DC 1254 8.33 -53.15 -77.31
O3' A2M DC 1254 9.40 -53.99 -77.59
C2' A2M DC 1254 8.53 -51.88 -76.49
O2' A2M DC 1254 9.59 -51.08 -76.94
C1' A2M DC 1254 7.19 -51.25 -76.93
CM' A2M DC 1254 9.42 -49.75 -76.53
N9 A2M DC 1254 6.07 -51.66 -76.14
C8 A2M DC 1254 4.96 -52.48 -76.40
N7 A2M DC 1254 4.15 -52.61 -75.33
C5 A2M DC 1254 4.79 -51.85 -74.35
C6 A2M DC 1254 4.51 -51.55 -73.02
N6 A2M DC 1254 3.39 -52.05 -72.40
N1 A2M DC 1254 5.32 -50.76 -72.26
C2 A2M DC 1254 6.42 -50.28 -72.89
N3 A2M DC 1254 6.84 -50.46 -74.15
C4 A2M DC 1254 5.99 -51.27 -74.83
OP2 A2M DC 1254 4.70 -55.85 -78.17
N1 OMC DC 1262 25.98 -68.77 -66.44
C2 OMC DC 1262 25.52 -68.50 -65.14
N3 OMC DC 1262 24.20 -68.64 -64.89
C4 OMC DC 1262 23.35 -69.02 -65.83
C5 OMC DC 1262 23.79 -69.30 -67.16
C6 OMC DC 1262 25.10 -69.15 -67.40
O2 OMC DC 1262 26.30 -68.15 -64.28
N4 OMC DC 1262 22.06 -69.13 -65.52
C1' OMC DC 1262 27.40 -68.63 -66.83
C2' OMC DC 1262 28.26 -69.81 -66.36
O2' OMC DC 1262 29.54 -69.31 -65.99
CM2 OMC DC 1262 29.53 -68.55 -64.81
C3' OMC DC 1262 28.36 -70.64 -67.63
C4' OMC DC 1262 28.38 -69.59 -68.73
O4' OMC DC 1262 27.49 -68.56 -68.24
O3' OMC DC 1262 29.51 -71.47 -67.66
C5' OMC DC 1262 27.91 -70.05 -70.08
O5' OMC DC 1262 26.59 -70.56 -70.03
P OMC DC 1262 25.76 -70.82 -71.36
OP1 OMC DC 1262 26.62 -71.64 -72.31
OP2 OMC DC 1262 24.38 -71.35 -70.96
N1 OMU DC 1313 34.97 -96.17 -64.82
C2 OMU DC 1313 36.09 -96.26 -63.81
N3 OMU DC 1313 37.49 -96.49 -64.28
C4 OMU DC 1313 37.77 -96.62 -65.70
C5 OMU DC 1313 36.65 -96.53 -66.68
C6 OMU DC 1313 35.26 -96.30 -66.23
O2 OMU DC 1313 35.87 -96.15 -62.61
O4 OMU DC 1313 38.83 -96.80 -66.06
C1' OMU DC 1313 33.57 -95.94 -64.39
C2' OMU DC 1313 33.35 -94.57 -63.78
O2' OMU DC 1313 32.32 -94.66 -62.81
CM2 OMU DC 1313 32.78 -95.17 -61.59
C3' OMU DC 1313 32.86 -93.78 -64.99
C4' OMU DC 1313 32.03 -94.80 -65.74
O3' OMU DC 1313 32.15 -92.61 -64.65
O4' OMU DC 1313 32.74 -96.04 -65.53
C5' OMU DC 1313 31.86 -94.54 -67.22
O5' OMU DC 1313 32.38 -93.27 -67.58
P OMU DC 1313 33.00 -93.02 -69.03
OP1 OMU DC 1313 32.03 -93.57 -70.04
OP2 OMU DC 1313 33.44 -91.58 -69.09
P OMG DC 1361 25.09 -33.35 -56.49
OP1 OMG DC 1361 25.96 -32.54 -55.53
OP2 OMG DC 1361 25.75 -34.21 -57.57
O5' OMG DC 1361 24.13 -34.27 -55.63
C5' OMG DC 1361 24.23 -34.31 -54.21
C4' OMG DC 1361 24.81 -35.61 -53.74
O4' OMG DC 1361 24.12 -36.71 -54.38
C3' OMG DC 1361 26.28 -35.84 -54.07
O3' OMG DC 1361 27.15 -35.24 -53.12
C2' OMG DC 1361 26.39 -37.36 -54.13
O2' OMG DC 1361 26.45 -37.90 -52.82
CM2 OMG DC 1361 26.60 -39.30 -52.80
C1' OMG DC 1361 25.04 -37.72 -54.73
N9 OMG DC 1361 25.09 -37.80 -56.20
C8 OMG DC 1361 24.50 -36.92 -57.08
N7 OMG DC 1361 24.70 -37.23 -58.32
C5 OMG DC 1361 25.45 -38.38 -58.26
C6 OMG DC 1361 25.97 -39.16 -59.32
O6 OMG DC 1361 25.85 -38.99 -60.51
N1 OMG DC 1361 26.68 -40.26 -58.81
C2 OMG DC 1361 26.87 -40.54 -57.49
N2 OMG DC 1361 27.60 -41.63 -57.22
N3 OMG DC 1361 26.39 -39.81 -56.52
C4 OMG DC 1361 25.70 -38.75 -56.96
P G7M DC 1510 24.84 -56.26 -21.65
OP1 G7M DC 1510 24.38 -57.50 -20.92
OP2 G7M DC 1510 24.86 -56.24 -23.16
O5' G7M DC 1510 23.93 -55.05 -21.16
C5' G7M DC 1510 23.68 -54.82 -19.78
C4' G7M DC 1510 23.28 -53.40 -19.53
O4' G7M DC 1510 24.46 -52.58 -19.48
C3' G7M DC 1510 22.43 -52.76 -20.63
O3' G7M DC 1510 21.05 -52.99 -20.44
C2' G7M DC 1510 22.83 -51.28 -20.62
O2' G7M DC 1510 21.85 -50.51 -19.93
C1' G7M DC 1510 24.11 -51.26 -19.81
N9 G7M DC 1510 25.25 -50.64 -20.52
C8 G7M DC 1510 25.77 -51.72 -21.15
N7 G7M DC 1510 26.85 -51.29 -21.83
CN7 G7M DC 1510 27.63 -52.23 -22.64
C5 G7M DC 1510 26.99 -49.98 -21.61
C6 G7M DC 1510 28.03 -48.96 -22.10
O6 G7M DC 1510 28.91 -49.30 -22.83
N1 G7M DC 1510 27.94 -47.59 -21.70
C2 G7M DC 1510 26.88 -47.18 -20.82
N2 G7M DC 1510 26.78 -45.80 -20.40
N3 G7M DC 1510 25.90 -48.16 -20.35
C4 G7M DC 1510 26.00 -49.58 -20.78
N1 OMC DC 1574 4.16 -25.46 -43.64
C2 OMC DC 1574 3.30 -25.80 -42.58
N3 OMC DC 1574 3.84 -26.30 -41.45
C4 OMC DC 1574 5.13 -26.48 -41.33
C5 OMC DC 1574 6.04 -26.16 -42.37
C6 OMC DC 1574 5.49 -25.66 -43.50
O2 OMC DC 1574 2.10 -25.64 -42.69
N4 OMC DC 1574 5.60 -26.97 -40.19
C1' OMC DC 1574 3.68 -24.93 -44.93
C2' OMC DC 1574 3.22 -23.47 -44.83
O2' OMC DC 1574 2.09 -23.32 -45.68
CM2 OMC DC 1574 0.88 -23.74 -45.09
C3' OMC DC 1574 4.42 -22.72 -45.40
C4' OMC DC 1574 4.98 -23.69 -46.43
O4' OMC DC 1574 4.73 -25.00 -45.85
O3' OMC DC 1574 4.07 -21.47 -45.96
C5' OMC DC 1574 6.45 -23.54 -46.72
O5' OMC DC 1574 7.24 -23.92 -45.60
P OMC DC 1574 8.72 -24.48 -45.79
OP1 OMC DC 1574 9.46 -23.52 -46.71
OP2 OMC DC 1574 9.29 -24.80 -44.42
C2 6MZ DC 1703 -0.71 -24.93 -40.92
C4 6MZ DC 1703 -1.90 -25.10 -38.92
C5 6MZ DC 1703 -0.79 -25.42 -38.28
O1P 6MZ DC 1703 -6.18 -28.97 -35.36
O2P 6MZ DC 1703 -3.72 -28.35 -34.69
N9 6MZ DC 1703 -2.90 -25.12 -38.02
N3 6MZ DC 1703 -1.88 -24.86 -40.24
N1 6MZ DC 1703 0.43 -25.24 -40.26
C6 6MZ DC 1703 0.41 -25.50 -38.97
N6 6MZ DC 1703 1.70 -25.83 -38.33
C9 6MZ DC 1703 1.84 -26.95 -37.39
N7 6MZ DC 1703 -1.08 -25.61 -37.00
C8 6MZ DC 1703 -2.41 -25.43 -36.84
O5' 6MZ DC 1703 -5.50 -26.61 -35.08
C5' 6MZ DC 1703 -6.63 -26.29 -35.88
C4' 6MZ DC 1703 -6.22 -25.66 -37.18
O4' 6MZ DC 1703 -4.99 -24.92 -37.01
C1' 6MZ DC 1703 -4.33 -24.82 -38.25
C2' 6MZ DC 1703 -5.00 -25.80 -39.23
O2' 6MZ DC 1703 -5.78 -25.04 -40.13
C3' 6MZ DC 1703 -5.89 -26.62 -38.30
O3' 6MZ DC 1703 -7.06 -27.13 -38.94
P 6MZ DC 1703 -5.25 -28.10 -34.57
O3P 6MZ DC 1703 -5.64 -28.18 -33.09
P 4AC DC 1713 -14.84 -19.12 -36.96
OP1 4AC DC 1713 -14.30 -17.78 -37.40
OP2 4AC DC 1713 -14.41 -19.70 -35.63
O5' 4AC DC 1713 -16.42 -19.04 -36.98
C5' 4AC DC 1713 -17.13 -18.56 -38.11
C4' 4AC DC 1713 -18.60 -18.43 -37.83
O4' 4AC DC 1713 -19.20 -19.74 -37.69
C3' 4AC DC 1713 -18.95 -17.72 -36.53
O3' 4AC DC 1713 -18.91 -16.31 -36.65
C2' 4AC DC 1713 -20.33 -18.27 -36.21
O2' 4AC DC 1713 -21.32 -17.61 -36.96
C1' 4AC DC 1713 -20.21 -19.72 -36.70
N1 4AC DC 1713 -19.85 -20.67 -35.64
C2 4AC DC 1713 -20.78 -20.99 -34.64
O2 4AC DC 1713 -21.89 -20.45 -34.66
N3 4AC DC 1713 -20.43 -21.89 -33.69
C4 4AC DC 1713 -19.23 -22.43 -33.69
N4 4AC DC 1713 -19.02 -23.34 -32.62
C5 4AC DC 1713 -18.28 -22.14 -34.69
C6 4AC DC 1713 -18.62 -21.26 -35.64
C7 4AC DC 1713 -17.89 -24.01 -32.27
O7 4AC DC 1713 -16.82 -23.89 -32.85
CM7 4AC DC 1713 -18.05 -24.90 -31.08
C2 MA6 DC 1721 2.62 -20.85 -26.35
C4 MA6 DC 1721 1.16 -19.23 -25.54
C5 MA6 DC 1721 0.72 -20.08 -24.60
P MA6 DC 1721 -2.76 -15.47 -22.41
OP1 MA6 DC 1721 -3.71 -14.29 -22.52
OP2 MA6 DC 1721 -3.27 -16.82 -21.97
O5' MA6 DC 1721 -2.08 -15.67 -23.85
C5' MA6 DC 1721 -1.66 -14.56 -24.63
C4' MA6 DC 1721 -0.82 -15.01 -25.79
O4' MA6 DC 1721 0.32 -15.75 -25.29
C1' MA6 DC 1721 0.61 -16.85 -26.13
N9 MA6 DC 1721 0.47 -18.10 -25.37
N3 MA6 DC 1721 2.11 -19.60 -26.42
N1 MA6 DC 1721 2.18 -21.73 -25.40
C6 MA6 DC 1721 1.24 -21.36 -24.55
N6 MA6 DC 1721 1.07 -22.56 -23.74
C9 MA6 DC 1721 1.63 -23.86 -24.16
C10 MA6 DC 1721 0.33 -22.47 -22.45
N7 MA6 DC 1721 -0.23 -19.47 -23.86
C8 MA6 DC 1721 -0.39 -18.22 -24.33
C2' MA6 DC 1721 -0.34 -16.78 -27.32
O2' MA6 DC 1721 0.30 -16.05 -28.36
C3' MA6 DC 1721 -1.51 -15.98 -26.74
O3' MA6 DC 1721 -2.27 -15.32 -27.73
C2 MA6 DC 1722 0.65 -22.94 -29.23
C4 MA6 DC 1722 -0.78 -21.11 -28.96
C5 MA6 DC 1722 -1.33 -21.68 -27.88
P MA6 DC 1722 -3.84 -15.62 -27.86
OP1 MA6 DC 1722 -4.59 -14.37 -27.43
OP2 MA6 DC 1722 -4.12 -16.94 -27.17
O5' MA6 DC 1722 -4.07 -15.83 -29.42
C5' MA6 DC 1722 -4.25 -17.13 -29.96
C4' MA6 DC 1722 -3.05 -17.59 -30.74
O4' MA6 DC 1722 -1.92 -17.76 -29.83
C1' MA6 DC 1722 -1.20 -18.92 -30.17
N9 MA6 DC 1722 -1.41 -19.93 -29.12
N3 MA6 DC 1722 0.20 -21.72 -29.64
N1 MA6 DC 1722 0.09 -23.53 -28.12
C6 MA6 DC 1722 -0.87 -22.92 -27.45
N6 MA6 DC 1722 -1.17 -23.87 -26.39
C9 MA6 DC 1722 -1.89 -23.41 -25.21
C10 MA6 DC 1722 -0.76 -25.30 -26.50
N7 MA6 DC 1722 -2.28 -20.86 -27.38
C8 MA6 DC 1722 -2.35 -19.76 -28.16
C2' MA6 DC 1722 -1.74 -19.41 -31.51
O2' MA6 DC 1722 -1.05 -18.74 -32.55
C3' MA6 DC 1722 -3.17 -18.93 -31.42
O3' MA6 DC 1722 -3.84 -18.86 -32.67
N ILE FC 1 -73.97 87.43 26.68
CA ILE FC 1 -73.64 88.03 25.39
C ILE FC 1 -72.13 88.22 25.28
N MET FC 2 -71.65 88.49 24.07
CA MET FC 2 -70.22 88.60 23.80
C MET FC 2 -69.86 90.06 23.58
N ASN FC 3 -68.81 90.51 24.26
CA ASN FC 3 -68.18 91.78 23.96
C ASN FC 3 -66.70 91.53 23.67
N GLN FC 4 -65.97 92.62 23.39
CA GLN FC 4 -64.59 92.50 22.94
C GLN FC 4 -63.70 91.87 24.00
N GLU FC 5 -63.92 92.22 25.27
CA GLU FC 5 -63.12 91.64 26.35
C GLU FC 5 -63.39 90.15 26.47
N LYS FC 6 -64.66 89.73 26.36
CA LYS FC 6 -65.01 88.33 26.48
C LYS FC 6 -64.50 87.52 25.31
N LEU FC 7 -64.55 88.09 24.10
CA LEU FC 7 -64.09 87.37 22.91
C LEU FC 7 -62.59 87.12 22.94
N ALA FC 8 -61.80 88.13 23.31
CA ALA FC 8 -60.35 88.02 23.24
C ALA FC 8 -59.82 86.95 24.20
N LYS FC 9 -60.49 86.74 25.31
CA LYS FC 9 -60.09 85.69 26.25
C LYS FC 9 -60.74 84.36 25.91
N LEU FC 10 -61.89 84.37 25.23
CA LEU FC 10 -62.52 83.13 24.81
C LEU FC 10 -61.65 82.36 23.83
N GLN FC 11 -60.94 83.08 22.95
CA GLN FC 11 -60.05 82.44 22.01
C GLN FC 11 -59.02 81.56 22.71
N ALA FC 12 -58.62 81.94 23.92
CA ALA FC 12 -57.63 81.15 24.64
C ALA FC 12 -58.21 79.82 25.10
N GLN FC 13 -59.37 79.85 25.76
CA GLN FC 13 -59.86 78.63 26.41
C GLN FC 13 -60.30 77.58 25.40
N VAL FC 14 -60.80 78.00 24.23
CA VAL FC 14 -61.26 77.03 23.25
C VAL FC 14 -60.08 76.33 22.58
N ARG FC 15 -58.90 76.92 22.59
CA ARG FC 15 -57.70 76.31 22.02
C ARG FC 15 -57.02 75.49 23.11
N ILE FC 16 -57.05 74.16 22.96
CA ILE FC 16 -56.38 73.26 23.89
C ILE FC 16 -55.23 72.53 23.22
N GLY FC 17 -54.75 73.06 22.09
CA GLY FC 17 -53.65 72.43 21.40
C GLY FC 17 -53.24 73.26 20.19
N GLY FC 18 -52.22 72.79 19.51
CA GLY FC 18 -51.72 73.44 18.33
C GLY FC 18 -52.60 73.20 17.12
N LYS FC 19 -52.09 73.61 15.96
CA LYS FC 19 -52.83 73.46 14.72
C LYS FC 19 -53.10 71.99 14.42
N GLY FC 20 -54.34 71.68 14.08
CA GLY FC 20 -54.72 70.32 13.77
C GLY FC 20 -55.33 69.54 14.90
N THR FC 21 -55.69 70.19 16.00
CA THR FC 21 -56.35 69.54 17.12
C THR FC 21 -57.75 70.10 17.29
N ALA FC 22 -58.65 69.26 17.80
CA ALA FC 22 -60.04 69.66 17.97
C ALA FC 22 -60.17 70.76 19.01
N ARG FC 23 -61.13 71.65 18.79
CA ARG FC 23 -61.37 72.75 19.71
C ARG FC 23 -62.19 72.29 20.89
N ARG FC 24 -62.00 72.97 22.02
CA ARG FC 24 -62.81 72.71 23.20
C ARG FC 24 -64.25 73.15 22.96
N LYS FC 25 -65.19 72.31 23.38
CA LYS FC 25 -66.59 72.62 23.14
C LYS FC 25 -67.21 73.42 24.27
N LYS FC 26 -66.96 73.02 25.52
CA LYS FC 26 -67.59 73.68 26.65
C LYS FC 26 -66.76 73.44 27.91
N LYS FC 27 -66.99 74.31 28.90
CA LYS FC 27 -66.47 74.10 30.25
C LYS FC 27 -67.54 74.63 31.20
N VAL FC 28 -68.42 73.74 31.65
CA VAL FC 28 -69.59 74.12 32.43
C VAL FC 28 -69.42 73.61 33.85
N VAL FC 29 -69.65 74.48 34.82
CA VAL FC 29 -69.67 74.12 36.22
C VAL FC 29 -71.11 74.03 36.68
N HIS FC 30 -71.43 72.97 37.43
CA HIS FC 30 -72.76 72.78 37.98
C HIS FC 30 -72.63 72.03 39.30
N ARG FC 31 -73.25 72.56 40.34
CA ARG FC 31 -73.20 71.90 41.64
C ARG FC 31 -74.57 71.32 41.98
MG MG GC . -15.02 7.01 22.03
MG MG HC . 4.36 26.21 64.25
MG MG IC . -2.62 33.99 25.29
MG MG JC . 20.06 4.76 50.79
MG MG KC . -73.48 -8.21 61.95
MG MG LC . -6.63 -3.53 47.54
MG MG MC . 4.08 37.41 27.60
MG MG NC . 15.72 17.02 41.39
MG MG OC . 27.73 18.47 73.86
MG MG PC . -56.73 -33.79 83.52
MG MG QC . -16.66 -14.74 64.50
MG MG RC . -5.54 -17.00 82.99
MG MG SC . -0.41 17.54 42.54
MG MG TC . 15.33 30.29 42.49
MG MG UC . 12.87 28.17 54.60
MG MG VC . -19.95 19.97 69.60
MG MG WC . -23.37 47.99 76.85
MG MG XC . -8.66 12.22 18.95
MG MG YC . -9.28 10.59 61.56
MG MG ZC . 0.69 30.57 35.69
MG MG AD . 4.43 34.02 33.30
MG MG BD . -47.65 -4.90 64.95
MG MG CD . -42.30 -16.65 78.26
MG MG DD . -24.09 24.89 70.56
MG MG ED . -18.11 5.55 17.99
MG MG FD . 19.07 22.58 57.84
MG MG GD . -2.05 -0.61 53.15
MG MG HD . -40.18 30.39 108.35
MG MG ID . -29.93 35.64 98.05
MG MG JD . 13.11 7.75 54.57
MG MG KD . -3.21 17.01 40.31
MG MG LD . -30.90 -3.32 62.19
MG MG MD . 16.13 18.13 45.32
MG MG ND . 23.70 23.50 75.93
MG MG OD . 14.38 20.00 70.28
MG MG PD . -13.51 -4.57 45.80
MG MG QD . -14.60 -9.09 34.20
MG MG RD . -13.16 -13.92 53.41
MG MG SD . -8.14 -23.92 96.42
MG MG TD . -13.29 -42.11 70.07
MG MG UD . -12.08 10.01 55.71
MG MG VD . -40.60 -21.57 75.67
MG MG WD . -34.71 28.09 43.34
MG MG XD . 10.43 31.08 23.34
MG MG YD . 5.10 26.95 41.70
MG MG ZD . 18.24 16.45 56.93
MG MG AE . 8.43 13.08 50.88
MG MG BE . 28.46 16.66 64.76
MG MG CE . -5.52 -5.80 52.72
MG MG DE . -31.00 32.16 101.95
MG MG EE . -42.33 52.92 12.91
MG MG FE . 3.83 20.51 48.46
MG MG GE . 46.93 38.03 27.79
MG MG HE . -15.59 54.87 37.12
MG MG IE . -21.21 19.99 20.68
MG MG JE . -27.89 31.90 37.94
MG MG KE . -11.08 53.66 34.75
MG MG LE . 40.44 23.91 59.77
MG MG ME . -60.42 -37.46 78.26
MG MG NE . 45.41 -8.14 44.83
MG MG OE . -16.67 62.30 -2.35
MG MG PE . -63.29 19.25 25.67
MG MG QE . -15.33 22.15 12.22
MG MG RE . 43.04 -2.34 52.62
MG MG SE . -20.48 23.18 16.65
MG MG TE . 6.47 -1.38 47.31
MG MG UE . -63.35 9.46 35.49
MG MG VE . 33.23 34.55 57.07
MG MG WE . 53.77 -1.14 38.87
MG MG XE . -37.80 19.59 0.72
MG MG YE . -1.00 32.63 48.83
MG MG ZE . -20.17 52.27 85.35
MG MG AF . 51.67 44.80 71.32
MG MG BF . -61.37 13.23 38.25
MG MG CF . -39.32 34.43 40.57
MG MG DF . -61.73 41.91 35.39
MG MG EF . -34.77 24.04 0.94
MG MG FF . 14.56 -12.86 48.67
MG MG GF . -43.29 58.64 13.50
MG MG HF . -25.09 12.75 3.48
MG MG IF . -28.52 -0.34 8.48
MG MG JF . -9.52 35.76 17.93
MG MG KF . -7.01 -8.72 12.82
MG MG LF . -31.66 53.38 45.61
MG MG MF . -17.22 35.05 4.50
MG MG NF . -7.29 20.12 73.25
MG MG OF . -26.81 16.64 32.59
MG MG PF . -6.65 30.16 71.93
MG MG QF . 38.13 40.83 74.35
MG MG RF . -60.91 37.12 34.95
MG MG SF . -37.72 50.28 13.26
MG MG TF . -51.25 47.65 41.69
MG MG UF . -30.00 54.80 23.84
MG MG VF . 42.07 -7.55 52.03
MG MG WF . 36.37 35.88 46.52
MG MG XF . -33.63 55.97 31.11
MG MG YF . -47.21 43.56 50.75
MG MG ZF . -69.87 29.07 42.39
MG MG AG . 14.67 41.79 83.32
MG MG BG . -4.88 32.41 65.66
MG MG CG . -8.10 51.86 -3.53
MG MG DG . -25.85 -0.58 -2.90
MG MG EG . 34.85 43.11 99.08
MG MG FG . 9.32 -3.07 75.16
MG MG GG . -14.45 33.57 19.20
MG MG HG . 36.43 41.58 15.23
MG MG IG . 32.64 -18.61 94.70
MG MG JG . 39.62 44.52 53.26
MG MG KG . 41.94 54.29 59.34
MG MG LG . 87.94 21.46 103.05
MG MG MG . -41.88 14.71 30.04
MG MG NG . -1.30 28.45 -3.84
MG MG OG . 56.87 -12.66 28.73
MG MG PG . -17.96 -7.11 25.69
MG MG QG . -19.37 53.25 30.82
MG MG RG . 25.35 65.34 25.61
MG MG SG . 1.27 2.72 -4.67
MG MG TG . -8.24 -21.14 29.63
MG MG UG . 53.88 -47.76 50.98
MG MG VG . -2.38 0.61 -16.15
MG MG WG . 5.08 60.99 1.74
MG MG XG . 23.29 12.32 41.52
MG MG YG . -34.67 58.14 57.23
MG MG ZG . 38.16 -32.56 49.48
MG MG AH . 20.31 40.69 11.45
MG MG BH . -8.57 74.57 1.45
MG MG CH . -27.78 -18.39 97.69
MG MG DH . -14.07 -12.37 -1.13
MG MG EH . 47.51 64.50 13.22
MG MG FH . -41.22 17.44 106.11
MG MG GH . 54.74 21.16 -6.41
MG MG HH . 27.70 -27.98 86.74
MG MG IH . -51.30 40.78 24.05
MG MG JH . 35.20 -42.48 63.44
MG MG KH . 0.34 34.27 -1.45
MG MG LH . -19.37 -40.01 25.51
MG MG MH . -3.67 -6.64 -7.58
MG MG NH . -2.43 11.61 -9.05
MG MG OH . 22.78 54.18 15.94
MG MG PH . 3.90 35.64 2.04
MG MG QH . 19.15 42.45 38.98
MG MG RH . 34.57 18.89 16.83
MG MG SH . -4.14 53.79 40.99
MG MG TH . 52.11 54.32 14.72
MG MG UH . 78.31 42.66 78.07
MG MG VH . -35.93 45.89 33.05
MG MG WH . 42.04 46.00 -10.04
MG MG XH . -10.15 52.22 -7.43
MG MG YH . -22.76 23.79 -13.12
MG MG ZH . 51.44 -44.85 44.49
MG MG AI . -5.87 22.51 13.46
MG MG BI . -9.05 -2.49 40.87
MG MG CI . -36.32 38.41 31.11
MG MG DI . 9.26 -13.11 49.23
MG MG EI . 30.72 25.32 62.36
MG MG FI . -1.98 12.26 0.36
MG MG GI . -83.80 42.29 14.39
MG MG HI . 34.73 26.38 76.32
N1 SPM II . 52.39 -18.00 42.04
C2 SPM II . 52.10 -16.64 42.42
C3 SPM II . 53.09 -16.20 43.51
C4 SPM II . 52.81 -14.75 43.90
N5 SPM II . 53.13 -13.87 42.79
C6 SPM II . 52.41 -12.63 42.98
C7 SPM II . 52.62 -11.72 41.76
C8 SPM II . 51.49 -10.69 41.72
C9 SPM II . 52.08 -9.31 41.45
N10 SPM II . 51.01 -8.35 41.28
C11 SPM II . 51.58 -7.07 40.88
C12 SPM II . 50.51 -6.26 40.16
C13 SPM II . 49.92 -7.10 39.02
N14 SPM II . 49.35 -6.22 38.02
MG MG JI . 29.55 11.95 43.45
MG MG KI . -20.09 34.29 74.72
N1 SPD LI . 0.63 -12.08 51.40
C2 SPD LI . 1.30 -13.35 51.62
C3 SPD LI . 0.67 -14.05 52.81
C4 SPD LI . 1.01 -15.54 52.77
C5 SPD LI . 1.15 -16.07 54.18
N6 SPD LI . 1.54 -17.47 54.13
C7 SPD LI . 1.74 -17.97 55.47
C8 SPD LI . 1.81 -19.49 55.43
C9 SPD LI . 1.86 -20.03 56.85
N10 SPD LI . 1.50 -21.44 56.84
MG MG MI . -22.49 87.06 7.43
N1 SPM NI . 14.81 0.51 51.46
C2 SPM NI . 15.98 0.90 50.71
C3 SPM NI . 16.84 -0.32 50.43
C4 SPM NI . 16.09 -1.27 49.51
N5 SPM NI . 16.99 -2.31 49.03
C6 SPM NI . 18.00 -1.71 48.16
C7 SPM NI . 18.72 -2.81 47.38
C8 SPM NI . 19.41 -2.20 46.17
C9 SPM NI . 19.05 -3.03 44.94
N10 SPM NI . 20.16 -3.06 44.01
C11 SPM NI . 20.12 -1.88 43.15
C12 SPM NI . 21.11 -2.08 42.00
C13 SPM NI . 22.43 -2.61 42.57
N14 SPM NI . 22.52 -4.04 42.30
N1 SPM OI . -15.00 -26.29 60.77
C2 SPM OI . -14.15 -26.23 59.60
C3 SPM OI . -13.73 -24.78 59.34
C4 SPM OI . -14.98 -23.90 59.32
N5 SPM OI . -14.60 -22.52 59.08
C6 SPM OI . -15.78 -21.75 58.75
C7 SPM OI . -15.38 -20.61 57.83
C8 SPM OI . -15.60 -19.27 58.53
C9 SPM OI . -17.05 -18.84 58.33
N10 SPM OI . -17.26 -17.53 58.93
C11 SPM OI . -17.97 -16.69 57.99
C12 SPM OI . -19.12 -16.00 58.70
C13 SPM OI . -18.65 -15.50 60.07
N14 SPM OI . -19.78 -14.96 60.80
MG MG PI . -77.89 39.10 11.35
MG MG QI . -30.62 -3.73 6.89
N1 SPM RI . -28.38 -3.93 44.28
C2 SPM RI . -26.97 -4.04 43.96
C3 SPM RI . -26.49 -2.72 43.34
C4 SPM RI . -24.99 -2.80 43.07
N5 SPM RI . -24.62 -1.69 42.21
C6 SPM RI . -23.20 -1.45 42.29
C7 SPM RI . -22.46 -2.39 41.33
C8 SPM RI . -21.06 -1.84 41.13
C9 SPM RI . -20.26 -2.77 40.21
N10 SPM RI . -19.18 -2.00 39.63
C11 SPM RI . -18.02 -2.85 39.39
C12 SPM RI . -18.30 -3.76 38.20
C13 SPM RI . -17.04 -3.88 37.36
N14 SPM RI . -17.14 -5.04 36.49
MG MG SI . -28.05 18.51 17.46
MG MG TI . -71.54 -11.02 34.44
MG MG UI . -41.91 60.83 -1.43
MG MG VI . -38.88 55.96 -21.14
MG MG WI . 7.67 21.50 53.08
MG MG XI . 70.85 59.33 8.72
MG MG YI . -6.80 30.14 56.71
MG MG ZI . -15.58 -22.71 -0.95
MG MG AJ . -44.34 68.88 -2.17
MG MG BJ . -17.60 -1.50 100.78
MG MG CJ . -81.23 14.42 -14.95
MG MG DJ . -23.24 5.47 -4.14
MG MG EJ . -83.27 56.64 19.81
MG MG FJ . -39.17 -34.80 82.38
N1 SPD GJ . -29.64 21.39 21.73
C2 SPD GJ . -29.82 22.78 22.12
C3 SPD GJ . -28.47 23.48 22.14
C4 SPD GJ . -28.67 24.98 21.93
C5 SPD GJ . -27.54 25.54 21.06
N6 SPD GJ . -27.75 26.95 20.82
C7 SPD GJ . -26.71 27.46 19.94
C8 SPD GJ . -27.23 28.72 19.25
C9 SPD GJ . -26.10 29.35 18.42
N10 SPD GJ . -26.66 30.39 17.57
N1 SPD HJ . -42.68 -34.50 76.52
C2 SPD HJ . -41.33 -34.36 77.06
C3 SPD HJ . -40.72 -33.05 76.57
C4 SPD HJ . -41.71 -31.90 76.82
C5 SPD HJ . -40.98 -30.56 76.78
N6 SPD HJ . -41.81 -29.55 77.41
C7 SPD HJ . -41.23 -28.25 77.20
C8 SPD HJ . -41.89 -27.57 76.00
C9 SPD HJ . -41.03 -26.40 75.53
N10 SPD HJ . -41.57 -25.16 76.05
N1 SPD IJ . -36.04 30.01 9.97
C2 SPD IJ . -35.51 30.77 8.87
C3 SPD IJ . -34.07 31.18 9.17
C4 SPD IJ . -33.55 32.04 8.02
C5 SPD IJ . -32.40 31.31 7.32
N6 SPD IJ . -32.26 31.83 5.98
C7 SPD IJ . -30.94 31.50 5.46
C8 SPD IJ . -30.94 31.62 3.94
C9 SPD IJ . -30.51 33.02 3.52
N10 SPD IJ . -30.35 33.06 2.08
N1 SPD JJ . 29.81 25.24 43.45
C2 SPD JJ . 30.62 26.32 42.94
C3 SPD JJ . 29.84 27.08 41.86
C4 SPD JJ . 30.70 28.22 41.32
C5 SPD JJ . 30.08 28.77 40.03
N6 SPD JJ . 28.86 29.48 40.35
C7 SPD JJ . 28.39 30.18 39.17
C8 SPD JJ . 27.02 30.81 39.46
C9 SPD JJ . 26.58 31.67 38.28
N10 SPD JJ . 25.44 32.48 38.68
N1 SPD KJ . -63.68 -15.97 52.06
C2 SPD KJ . -64.72 -15.28 51.31
C3 SPD KJ . -65.64 -14.54 52.27
C4 SPD KJ . -66.91 -14.11 51.54
C5 SPD KJ . -66.73 -12.71 50.95
N6 SPD KJ . -67.19 -11.73 51.92
C7 SPD KJ . -67.76 -10.59 51.21
C8 SPD KJ . -68.58 -9.75 52.18
C9 SPD KJ . -69.20 -8.56 51.44
N10 SPD KJ . -70.15 -7.90 52.32
N1 SPD LJ . 7.91 51.63 67.97
C2 SPD LJ . 9.29 51.33 68.27
C3 SPD LJ . 10.20 52.34 67.59
C4 SPD LJ . 10.19 52.11 66.09
C5 SPD LJ . 11.30 52.93 65.42
N6 SPD LJ . 11.47 52.47 64.06
C7 SPD LJ . 12.53 53.24 63.42
C8 SPD LJ . 11.99 54.60 62.99
C9 SPD LJ . 12.32 54.84 61.52
N10 SPD LJ . 11.39 55.81 60.97
N1 SPM MJ . 23.21 55.73 19.46
C2 SPM MJ . 24.59 56.18 19.26
C3 SPM MJ . 24.96 57.19 20.34
C4 SPM MJ . 25.59 56.48 21.54
N5 SPM MJ . 24.70 55.43 22.02
C6 SPM MJ . 25.49 54.42 22.70
C7 SPM MJ . 25.01 53.03 22.29
C8 SPM MJ . 24.99 52.95 20.77
C9 SPM MJ . 25.39 51.56 20.31
N10 SPM MJ . 26.43 51.04 21.16
C11 SPM MJ . 26.86 49.74 20.69
C12 SPM MJ . 28.27 49.47 21.18
C13 SPM MJ . 29.06 48.74 20.10
N14 SPM MJ . 30.48 48.77 20.42
N1 SPD NJ . 29.18 61.24 8.61
C2 SPD NJ . 29.70 61.72 9.88
C3 SPD NJ . 29.14 60.84 11.00
C4 SPD NJ . 27.62 60.93 10.98
C5 SPD NJ . 27.04 59.65 11.55
N6 SPD NJ . 27.66 59.37 12.83
C7 SPD NJ . 26.97 58.29 13.49
C8 SPD NJ . 27.41 58.23 14.95
C9 SPD NJ . 26.41 57.43 15.77
N10 SPD NJ . 26.22 58.07 17.05
N1 SPD OJ . -19.69 9.56 58.15
C2 SPD OJ . -20.89 9.84 57.38
C3 SPD OJ . -22.11 9.81 58.30
C4 SPD OJ . -21.93 10.86 59.39
C5 SPD OJ . -22.98 10.65 60.47
N6 SPD OJ . -22.96 9.28 60.95
C7 SPD OJ . -24.31 8.78 61.05
C8 SPD OJ . -24.96 9.27 62.34
C9 SPD OJ . -24.83 8.20 63.42
N10 SPD OJ . -23.46 7.73 63.48
N1 SPM PJ . -8.97 10.63 -9.02
C2 SPM PJ . -8.85 9.78 -10.18
C3 SPM PJ . -9.48 8.43 -9.88
C4 SPM PJ . -9.04 7.94 -8.51
N5 SPM PJ . -9.74 6.72 -8.16
C6 SPM PJ . -9.07 6.07 -7.06
C7 SPM PJ . -9.36 6.84 -5.77
C8 SPM PJ . -10.83 6.71 -5.41
C9 SPM PJ . -11.12 5.28 -4.95
N10 SPM PJ . -11.86 5.32 -3.70
C11 SPM PJ . -13.20 4.82 -3.92
C12 SPM PJ . -13.89 4.63 -2.57
C13 SPM PJ . -12.88 4.09 -1.55
N14 SPM PJ . -13.58 3.42 -0.48
N1 SPM QJ . 14.34 54.45 41.90
C2 SPM QJ . 14.14 53.97 43.24
C3 SPM QJ . 15.49 53.60 43.85
C4 SPM QJ . 15.29 52.94 45.21
N5 SPM QJ . 16.55 52.41 45.69
C6 SPM QJ . 17.50 53.50 45.86
C7 SPM QJ . 18.92 53.00 45.63
C8 SPM QJ . 19.44 52.26 46.86
C9 SPM QJ . 20.96 52.26 46.85
N10 SPM QJ . 21.48 51.70 48.08
C11 SPM QJ . 21.25 52.65 49.16
C12 SPM QJ . 21.70 52.03 50.49
C13 SPM QJ . 21.61 53.07 51.59
N14 SPM QJ . 21.78 52.44 52.88
MG MG RJ . -6.32 58.00 67.50
MG MG SJ . 38.49 5.54 33.97
C1 3HE TJ . 3.71 -29.00 47.05
C2 3HE TJ . 5.19 -28.80 46.79
C3 3HE TJ . 6.00 -28.48 48.06
C4 3HE TJ . 5.08 -28.06 49.17
C5 3HE TJ . 3.96 -27.12 48.77
C6 3HE TJ . 3.12 -27.72 47.64
O2 3HE TJ . -1.05 -23.25 52.50
C12 3HE TJ . 0.08 -23.38 52.08
N 3HE TJ . 1.15 -22.86 52.78
C11 3HE TJ . 2.48 -22.93 52.46
O1 3HE TJ . 3.32 -22.37 53.14
C10 3HE TJ . 2.82 -23.72 51.23
C13 3HE TJ . 0.43 -24.08 50.81
C9 3HE TJ . 1.77 -24.78 50.93
C8 3HE TJ . 2.20 -25.56 49.69
C7 3HE TJ . 3.15 -26.70 49.99
O3 3HE TJ . 2.51 -27.81 50.59
O 3HE TJ . 5.22 -28.45 50.31
C14 3HE TJ . 6.89 -29.65 48.47
C 3HE TJ . 2.96 -29.47 45.81
C18 HMT UJ . 3.42 26.11 34.02
O3 HMT UJ . 3.48 24.69 33.87
C2 HMT UJ . 4.55 24.27 33.05
C1 HMT UJ . 5.85 24.05 33.60
C9 HMT UJ . 6.89 24.04 32.50
C12 HMT UJ . 8.02 23.66 33.58
C11 HMT UJ . 8.87 24.85 33.55
C10 HMT UJ . 8.18 25.89 32.71
N1 HMT UJ . 6.71 25.37 32.49
C8 HMT UJ . 7.23 25.94 31.21
C7 HMT UJ . 6.15 25.27 29.94
C6 HMT UJ . 6.44 23.56 29.60
C16 HMT UJ . 6.77 23.25 28.28
C15 HMT UJ . 7.02 21.92 27.89
O2 HMT UJ . 7.36 21.35 26.64
C17 HMT UJ . 7.54 19.97 26.83
O1 HMT UJ . 7.22 19.69 28.17
C14 HMT UJ . 6.93 20.92 28.82
C13 HMT UJ . 6.59 21.23 30.17
C5 HMT UJ . 6.33 22.55 30.58
C4 HMT UJ . 6.01 22.90 31.85
C3 HMT UJ . 4.39 23.20 32.11
O4 HMT UJ . 3.69 23.53 30.99
C19 HMT UJ . 2.54 22.67 30.83
O5 HMT UJ . 2.18 21.99 31.75
C20 HMT UJ . 1.75 22.60 29.51
C21 HMT UJ . 2.68 22.23 28.37
C22 HMT UJ . 2.83 20.68 28.32
O8 HMT UJ . 3.23 20.09 29.27
O7 HMT UJ . 2.48 19.97 27.15
C23 HMT UJ . 1.78 18.78 27.41
O6 HMT UJ . 0.75 21.62 29.62
C24 HMT UJ . 1.10 23.97 29.23
C25 HMT UJ . -0.01 24.22 30.31
C26 HMT UJ . 0.06 25.71 30.81
C27 HMT UJ . -1.13 26.05 31.76
C28 HMT UJ . -1.41 27.57 31.72
C29 HMT UJ . -2.41 25.29 31.34
O9 HMT UJ . -0.78 25.68 33.08
MG MG VJ . 45.23 22.66 56.17
MG MG WJ . 79.57 -19.78 38.83
MG MG XJ . 59.63 12.28 51.54
MG MG YJ . -11.97 52.28 70.48
MG MG ZJ . -13.21 34.04 85.73
MG MG AK . -75.31 -36.45 47.52
MG MG BK . -65.23 26.07 86.18
MG MG CK . -15.82 -3.42 18.28
N1 SPD DK . -35.11 -23.11 41.03
C2 SPD DK . -35.66 -22.44 42.18
C3 SPD DK . -36.02 -23.46 43.25
C4 SPD DK . -36.71 -22.77 44.43
C5 SPD DK . -37.45 -23.81 45.25
N6 SPD DK . -37.78 -23.27 46.55
C7 SPD DK . -38.93 -22.40 46.42
C8 SPD DK . -39.74 -22.45 47.71
C9 SPD DK . -38.92 -21.87 48.85
N10 SPD DK . -38.55 -20.50 48.53
MG MG EK . -24.25 41.94 37.53
MG MG FK . 5.64 40.06 5.52
MG MG GK . 2.58 41.51 68.35
ZN ZN HK . -79.07 1.28 0.88
MG MG IK . -44.25 12.76 34.44
ZN ZN JK . -47.23 10.91 52.75
ZN ZN KK . 53.66 41.67 10.82
ZN ZN LK . 18.84 -56.07 58.95
ZN ZN MK . -68.44 -2.34 -9.82
MG MG NK . 51.72 -72.43 -20.33
ZN ZN OK . -18.89 -40.44 -31.25
MG MG PK . -12.23 -30.74 -48.27
MG MG QK . -16.16 -7.48 -62.30
MG MG RK . 23.23 -2.69 -73.69
MG MG SK . -46.09 0.06 -52.58
MG MG TK . -52.99 -3.12 -70.22
MG MG UK . -38.35 -7.92 -60.65
MG MG VK . -12.98 29.89 -56.25
MG MG WK . -17.28 47.39 -60.38
MG MG XK . -27.42 64.30 -68.48
MG MG YK . -12.31 -45.74 -7.10
MG MG ZK . -17.20 -15.72 -50.78
MG MG AL . -12.18 -4.23 -51.29
MG MG BL . 16.00 -61.39 -67.20
MG MG CL . -10.28 -38.87 -32.97
MG MG DL . -24.07 86.38 -79.71
MG MG EL . -6.99 -29.75 -33.25
MG MG FL . -32.62 -15.30 -12.48
MG MG GL . -7.73 -30.44 -33.82
MG MG HL . -15.63 29.52 -69.10
MG MG IL . -7.49 -27.55 -32.61
MG MG JL . -16.83 50.90 -55.09
MG MG KL . -20.26 -33.45 -12.82
MG MG LL . -8.69 6.86 -69.76
MG MG ML . -33.28 -17.26 -25.94
MG MG NL . -31.04 -23.38 -38.85
MG MG OL . -16.25 38.93 -69.44
MG MG PL . 21.74 19.61 -89.97
#